data_8XLP
#
_entry.id   8XLP
#
_cell.length_a   1.00
_cell.length_b   1.00
_cell.length_c   1.00
_cell.angle_alpha   90.00
_cell.angle_beta   90.00
_cell.angle_gamma   90.00
#
_symmetry.space_group_name_H-M   'P 1'
#
loop_
_entity.id
_entity.type
_entity.pdbx_description
1 polymer 'Photosystem II protein D1'
2 polymer 'Photosystem II CP47 reaction center protein'
3 polymer 'Photosystem II CP43 reaction center protein'
4 polymer 'Photosystem II D2 protein'
5 polymer 'Cytochrome b559 subunit alpha'
6 polymer 'Cytochrome b559 subunit beta'
7 polymer 'Photosystem II reaction center protein H'
8 polymer 'Photosystem II reaction center protein I'
9 polymer 'Photosystem II reaction center protein K'
10 polymer 'Photosystem II reaction center protein L'
11 polymer 'Photosystem II protein M'
12 polymer 'Photosystem II reaction center protein T'
13 polymer 'Photosystem II protein W'
14 polymer 'Photosystem II reaction center X protein'
15 polymer 'Photosystem II reaction center protein Psb30'
16 polymer 'Photosystem II reaction center protein Z'
17 polymer NCP
18 polymer CAC2
19 polymer CAC3
20 polymer CAC4
21 polymer CAC5
22 polymer CAC6
23 polymer CAC1
24 non-polymer 'FE (II) ION'
25 non-polymer 'CHLOROPHYLL A'
26 non-polymer 'PHEOPHYTIN A'
27 non-polymer 1,3,3-trimethyl-2-[(1E,3E,5E,7E,9E,11E,13E,15E,17E)-3,7,12,16-tetramethyl-18-[(1R)-2,6,6-trimethylcyclohex-2-en-1-yl]octadeca-1,3,5,7,9,11,13,15,17-nonaenyl]cyclohexene
28 non-polymer 1,2-DI-O-ACYL-3-O-[6-DEOXY-6-SULFO-ALPHA-D-GLUCOPYRANOSYL]-SN-GLYCEROL
29 non-polymer 2,3-DIMETHYL-5-(3,7,11,15,19,23,27,31,35-NONAMETHYL-2,6,10,14,18,22,26,30,34-HEXATRIACONTANONAENYL-2,5-CYCLOHEXADIENE-1,4-DIONE-2,3-DIMETHYL-5-SOLANESYL-1,4-BENZOQUINONE
30 non-polymer 'BICARBONATE ION'
31 non-polymer 1,2-DIPALMITOYL-PHOSPHATIDYL-GLYCEROLE
32 non-polymer 'CHLORIDE ION'
33 non-polymer 'MANGANESE (II) ION'
34 non-polymer 1,2-DISTEAROYL-MONOGALACTOSYL-DIGLYCERIDE
35 non-polymer 'DIGALACTOSYL DIACYL GLYCEROL (DGDG)'
36 non-polymer 'PROTOPORPHYRIN IX CONTAINING FE'
37 non-polymer 'Chlorophyll c2'
38 non-polymer (1~{R})-3,5,5-trimethyl-4-[(3~{E},5~{E},7~{E},9~{E},11~{E},13~{E},15~{E})-3,7,12,16-tetramethyl-18-[(4~{R})-2,6,6-trimethyl-4-oxidanyl-cyclohexen-1-yl]octadeca-3,5,7,9,11,13,15-heptaen-1,17-diynyl]cyclohex-3-en-1-ol
39 non-polymer (1~{R})-3,5,5-trimethyl-4-[(3~{E},5~{E},7~{E},9~{E},11~{E},13~{E},15~{E},17~{E})-3,7,12,16-tetramethyl-18-(2,6,6-trimethylcyclohexen-1-yl)octadeca-3,5,7,9,11,13,15,17-octaen-1-ynyl]cyclohex-3-en-1-ol
40 water water
#
loop_
_entity_poly.entity_id
_entity_poly.type
_entity_poly.pdbx_seq_one_letter_code
_entity_poly.pdbx_strand_id
1 'polypeptide(L)'
;ESASLWERFCSWITSTDNRLYIGWFGVLMIPTLLTATTVYIIAFIAAPPVDIDGIREPVAGSLLYGNNIITGAVIPSSAS
IGIHFYPIWEAASLDEWLYNGGPYQLIVDHFLLGVCGWIGREWEFSYRLGMRPWISVAFTAPVAAASAVFLVYPIGQGSF
SDGMPLGISGTFNFMLVFQAEHNILMHPFHQLGVAGVFGGSLFSAMHGSLVTSSLIRETTENESANYGYKFGQEEETYNI
VAAHGYFGRLIFQYASFNNSRALHFFLGLWPVVGIWFTALGIMTMAFNLNGFNFNQSVVDSQGRVINTWADILNRANLGM
EVMHERNA
;
a,A
2 'polypeptide(L)'
;MGLPWYRVHTVVLNDPGRLIAVHLMHTALVAGWAGSMALYELAVFDPSDPVLNPMWRQGMFVMPFMARIGVTDSWGGWSI
TGESVANPGFWSFEGVALAHIGLSGLLFLAAVWHWVYWDLELFRDPRTGNPALDLPKIFGIHLLLSGVLCFGFGAFHVTG
AWGPGIWVSDAYGITGKVQPVAPAWGPEGFNPFNPSGVASHHIAAGILGFAAGIFHIAVRPPQRLYRALRMGNIETVLSS
SIAAVFWSAFITTGTMWYGSATTPIELFGPTRYQWDSGYFQQEIERRVENSLNEGLSLSEAWSRIPDKLAFYDYVGNNPA
KGGLFRAGPMNKGDGIAEAWLGHPIFQDKEGRELTVRRMPAFFETFPVILVDKDGIIRADIPFRRAESKYSIEQVGVTTS
FYGGKLNGQVFTDAPTVKKYARKAQLGEVMEFDRTTLESDGVFRSSPRGWYTFGHANFALLFFLGHLWHGSRTLFRDVFS
GIGAEVTEQVEFGAFQKLGDRSTKKQGAV
;
b,B
3 'polypeptide(L)'
;MKVFALGWLLKISLMKTLYSLRRFYHVETPFNSNLGIAGRDIESTGFAWWSGNSRLINVSGKLLGAHVAHAGLMVFWCGA
MTLFEVAHYIPEKPLYEQGLILLPHLATLGWGVGPGGEIVDIYPYFVVGILHIISSAVLGFGGVYHSLIGPDTLEESFPA
FGYDWRDKNKITTILGIHLVILGFGALLLVVKAMYVGGLYDTWAPGGGDVRIIDNPTLNPVVIIGYVLKSPWGGDGWIVS
VNNMEDIVGGHIWIGFTCIAGGFWHILTKPFAWARRAYVWSGEAYLSYSLVAVSLMGFIASQYSWYNNTAYPSEFYGPTG
PEASQSQAFTFLVRDQRLGASVASAQGPTGLGKYLMRSPSGEIILGGETQRFWDLRAPWIEPLRGPNGLDLNKIKNDIQP
WQERRAAEYMTHAPLGSLNSVGGVATEINSVNFVSPRSWLTCAHFLLGFVFYIGHLWHAGRARAAAAGFEKGINRENEPT
LSLRPID
;
c,C
4 'polypeptide(L)'
;MTIAIGQEEGRGWFDLMDDWLKRDRFVFVGWSGLLLFPTSYLSIGGWFTGTTFVTSWYTHGLASSYLEGCNFFTAAVSTP
ANSMGHSLLLLWGPEAQGDFTRWCQIGGLWAFCALHGSFGLIGFCLRQFEIARLVGIRPYNAIAFSGPIAIFVSVFLMYP
LGQASWFFAPSLGVAAIFRFLLFIQGFHNFTLNPFHMMGVAGILGAALLCAIHGATVQNTIFEDGDAANTFRAFTPTQAE
ETYSMVTANRFWSQIFGVAFSNKRWLHFFMLFVPLAGLWTSAIGIVGLALNLRAYDFVSQELRAAEDPEFETFYTKNILL
NEGIRSWMAAQDQPHENFIFPEEVLPRGNAL
;
d,D
5 'polypeptide(L)'
;MSGGSTGERPFSDIITSIRYWIIHSITIPALFVAGWLFVSTGLAYDIFGTPRPNEYFTQERQQVPLVNDRFSAKQELEDL
TKGL
;
e,E
6 'polypeptide(L)' MSKIKQPISYPIFTFRWLAIHGLAVPTVFFLGAITSMQFIQR f,F
7 'polypeptide(L)' MALRTRLGELLRPLNSEYGKVAPGWGTTPIMGFVMLLFAVFLLIILQIYNSSLIIENVDVDWASLGS h,H
8 'polypeptide(L)' MFTLKIVVYTTVTLFVSLFTFGFLSNDASRNPNRKDLE i,I
9 'polypeptide(L)' MEGIFLLAKLPEAYAVFKPIIDVAPVIPVFFLLLAFVWQAAVGFR k,K
10 'polypeptide(L)' MSGPNPNKQPVELNRTSLFWGLLLIFVLAVLFSSYFFN l,L
11 'polypeptide(L)' MNVSVAAYLAVLLGTFIPVVFLITLFIQSEARKAAESGQE m,M
12 'polypeptide(L)' METLVYTFLLIGTLGVLFFAVFFRDPPRIAKK t,T
13 'polypeptide(L)' MNANVAKALAPAVAAFSVAAPAFAEGTGEALGVDDGRLLVPLVLIPVFIAILFSNFASTQDNEDFFDTYDQRRK w,W
14 'polypeptide(L)' MTPSFSAFINSLLAGLFIVIIPIGTALLIVSQSDRLTRN x,X
15 'polypeptide(L)' MPNLQTVAQLISLFLILTSGPAIIVLIALRRGNL y,Y
16 'polypeptide(L)' MVAILQLLVSMLILLSFALVVSVPVILVSPGEWEKSKGLVYTGAGLWFGLVIMTAAFNSFVI z,Z
17 'polypeptide(L)'
;RTVLVLACSLLLFAPSSHAFAPAGVARVGMPLRGKSVSARSARVTPAKMAMDPSQLSHIADGAQTFLSTLDTVPFIDEVT
GEPQGFTSPKNHFASVIGLWVLFALPVWSAAYKQAGCTTPDWFGVSQVAEDAPGVGLLAKAAPEYNGPSFREGLEYVFSF
VWKPPILIAWKPRADLDRDAMDPARDTVVSSLYKGLGGALDKTAVYDEEDQLLILSDIVTFEETDLGRRREAIAEASGWY
TGNPSFGRSLIEYSEQTRKGKRDQGTVTISTEELAKLRAEAAKK
;
g,G
18 'polypeptide(L)'
;MLRTALIAACVASASAFVPASGFAPMAMKSRTSAVSSMRMQEGDFSAAVPFLKRPSNLDGAYIGDVGFDPLGFSDVFDLR
VLREAELKHGRFAMLAVLGFIVQELYTFPFFPKMAPVDAHDYFVKQGGGSQIIFWISFVELFGVVALFETLQGKREPGDF
AFDPLGLAKDEATLERYRLAEVKHARLAMIAIGGFIHQYWVTKQTVLEQLGNFKSLA
;
2,O
19 'polypeptide(L)'
;MAVLALACVAAASAFSSPALLGGVTRATRASAISGMKMQDRSYSMPFLSRPPALDGTMAGDVGFDPLGFSNYFDLKWLRE
AELKHGRICMLGCLGFITQEKIQLPLPGFDNKVATEAFFSVPAGGLWQIFFTLGAIEILSNGGKLAPADMFAEGRAPGDL
GFDPLNLSGDDAALRRFELAELKHARLAMIGLGGMLHQMLITKQAPLEQLANFQPIQYYGL
;
3,P
20 'polypeptide(L)'
;MAVVASASAFAPAGVLPRAATRAAAKSSAPTMQLYQEGILQGITVNAIPKAERPPGLDGTYVGDIGFDPLGFSSIIDMRW
LREAELKHGRVCMLAATGMIVQDVYQFPGVTKSFGDAKMTTLHDVAVKQGSMQQLLVWLGFLEIFGFVAIVQMLQGSDRQ
PGDFGFDPLNCAANPDALARRQLVELKNGRLAMIATAGMLHHFFITGKGPIQLITG
;
4,Q
21 'polypeptide(L)'
;MLRTTLALAAVAGAAAFAPSPAFAPKAATTRAVATQGPRMAVFGGDFSESVPFLKTPTNLDGSLPGDVGFDPLGFSEVFD
IRVLREAELKHGRIAMLATLGYLVQEAYVLPFFEKVPPIQAHDALVKSGGMSQILLWTSFLEIFGGIALFSTIQGRRYPG
DFSFDPLGLSQGKNADKLEQYQLAEIKHSRLAMLAFSGFVHQGFITKQGVLEQLGNFRPIPGFPEATFF
;
5,R
22 'polypeptide(L)'
;MDKHADIETEKSCIPGRIPRSRRCTLISIPRRVSDGCTLCSAAAIARGPTMQDNAMPFLERPPKLDGSLAGDVGFDPVGF
SNYFDLRWLRESELKHGRVCMLGVTGLLVQEAVCLPQFSNGKTPVDDFFVVPAAGLWQVFFAIGAVEFFSHGFKLTPGDM
FSEGREAGDFGFDPLNLSGNPDALARRRLVEVKNGRLAMIAFGGLLHQQLLTGQGTFEQLANFKAIA
;
6,S
23 'polypeptide(L)'
;MRFAFAALCASASAFTASPALFTRQSTRAAVSRGPSMQLYQEGVLQGLGVDAIPGTDRPKNLDGTLVGDIGFDPLGFSNW
LDLRWAREAEIKHGRVAMLAATGMIVQDVYKFPGVQQTFGDASMMKLHNVAVGQGAMQQLFLWITVLETLTGIPAIIQTL
KGSERQPGDFGFDPLGCGSNPEQLARRQLVELKNGRLAMIAVGGMVHHYLLVGRGPIEFIKNIPNFKNPLPPF
;
1,N
#
loop_
_chem_comp.id
_chem_comp.type
_chem_comp.name
_chem_comp.formula
BCT non-polymer 'BICARBONATE ION' 'C H O3 -1'
CL non-polymer 'CHLORIDE ION' 'Cl -1'
CLA non-polymer 'CHLOROPHYLL A' 'C55 H72 Mg N4 O5'
DGD saccharide 'DIGALACTOSYL DIACYL GLYCEROL (DGDG)' 'C51 H96 O15'
FE2 non-polymer 'FE (II) ION' 'Fe 2'
HEM non-polymer 'PROTOPORPHYRIN IX CONTAINING FE' 'C34 H32 Fe N4 O4'
IHT non-polymer (1~{R})-3,5,5-trimethyl-4-[(3~{E},5~{E},7~{E},9~{E},11~{E},13~{E},15~{E},17~{E})-3,7,12,16-tetramethyl-18-(2,6,6-trimethylcyclohexen-1-yl)octadeca-3,5,7,9,11,13,15,17-octaen-1-ynyl]cyclohex-3-en-1-ol 'C40 H54 O'
II0 non-polymer (1~{R})-3,5,5-trimethyl-4-[(3~{E},5~{E},7~{E},9~{E},11~{E},13~{E},15~{E})-3,7,12,16-tetramethyl-18-[(4~{R})-2,6,6-trimethyl-4-oxidanyl-cyclohexen-1-yl]octadeca-3,5,7,9,11,13,15-heptaen-1,17-diynyl]cyclohex-3-en-1-ol 'C40 H52 O2'
KC2 non-polymer 'Chlorophyll c2' 'C35 H28 Mg N4 O5'
LHG non-polymer 1,2-DIPALMITOYL-PHOSPHATIDYL-GLYCEROLE 'C38 H75 O10 P'
LMG non-polymer 1,2-DISTEAROYL-MONOGALACTOSYL-DIGLYCERIDE 'C45 H86 O10'
MN non-polymer 'MANGANESE (II) ION' 'Mn 2'
PHO non-polymer 'PHEOPHYTIN A' 'C55 H74 N4 O5'
PL9 non-polymer 2,3-DIMETHYL-5-(3,7,11,15,19,23,27,31,35-NONAMETHYL-2,6,10,14,18,22,26,30,34-HEXATRIACONTANONAENYL-2,5-CYCLOHEXADIENE-1,4-DIONE-2,3-DIMETHYL-5-SOLANESYL-1,4-BENZOQUINONE 'C53 H80 O2'
SQD non-polymer 1,2-DI-O-ACYL-3-O-[6-DEOXY-6-SULFO-ALPHA-D-GLUCOPYRANOSYL]-SN-GLYCEROL 'C41 H78 O12 S'
WVN non-polymer 1,3,3-trimethyl-2-[(1E,3E,5E,7E,9E,11E,13E,15E,17E)-3,7,12,16-tetramethyl-18-[(1R)-2,6,6-trimethylcyclohex-2-en-1-yl]octadeca-1,3,5,7,9,11,13,15,17-nonaenyl]cyclohexene 'C40 H56'
#
# COMPACT_ATOMS: atom_id res chain seq x y z
N SER A 2 -1.67 50.77 -17.29
CA SER A 2 -1.11 51.07 -18.61
C SER A 2 -0.52 52.47 -18.65
N ALA A 3 -1.32 53.45 -18.19
CA ALA A 3 -0.88 54.84 -18.23
C ALA A 3 0.31 55.10 -17.32
N SER A 4 0.29 54.53 -16.11
CA SER A 4 1.35 54.74 -15.14
C SER A 4 1.71 53.41 -14.49
N LEU A 5 2.80 53.43 -13.72
CA LEU A 5 3.19 52.24 -12.97
C LEU A 5 2.15 51.85 -11.94
N TRP A 6 1.59 52.84 -11.23
CA TRP A 6 0.53 52.56 -10.28
C TRP A 6 -0.72 52.05 -10.99
N GLU A 7 -1.02 52.57 -12.17
CA GLU A 7 -2.17 52.08 -12.93
C GLU A 7 -1.95 50.61 -13.35
N ARG A 8 -0.72 50.26 -13.75
CA ARG A 8 -0.43 48.88 -14.09
C ARG A 8 -0.55 47.97 -12.86
N PHE A 9 -0.07 48.44 -11.70
CA PHE A 9 -0.21 47.65 -10.48
C PHE A 9 -1.69 47.46 -10.11
N CYS A 10 -2.50 48.51 -10.26
CA CYS A 10 -3.92 48.41 -9.97
C CYS A 10 -4.61 47.45 -10.94
N SER A 11 -4.21 47.49 -12.22
CA SER A 11 -4.79 46.58 -13.20
C SER A 11 -4.43 45.13 -12.89
N TRP A 12 -3.19 44.89 -12.46
CA TRP A 12 -2.80 43.52 -12.11
C TRP A 12 -3.51 43.05 -10.85
N ILE A 13 -3.65 43.94 -9.85
CA ILE A 13 -4.28 43.55 -8.58
C ILE A 13 -5.74 43.19 -8.81
N THR A 14 -6.47 44.03 -9.54
CA THR A 14 -7.88 43.82 -9.81
C THR A 14 -8.12 43.04 -11.10
N SER A 15 -7.13 42.28 -11.57
CA SER A 15 -7.28 41.53 -12.80
C SER A 15 -8.12 40.27 -12.57
N THR A 16 -8.99 39.98 -13.53
CA THR A 16 -9.77 38.76 -13.53
C THR A 16 -9.06 37.60 -14.22
N ASP A 17 -7.87 37.84 -14.76
CA ASP A 17 -7.10 36.81 -15.45
C ASP A 17 -6.24 35.96 -14.52
N ASN A 18 -6.12 36.36 -13.26
CA ASN A 18 -5.39 35.54 -12.29
C ASN A 18 -6.17 34.28 -11.97
N ARG A 19 -5.44 33.22 -11.63
CA ARG A 19 -6.08 31.97 -11.23
C ARG A 19 -6.93 32.16 -9.98
N LEU A 20 -6.40 32.89 -9.01
CA LEU A 20 -7.16 33.33 -7.84
C LEU A 20 -7.19 34.85 -7.84
N TYR A 21 -8.38 35.42 -7.76
CA TYR A 21 -8.53 36.86 -7.73
C TYR A 21 -7.88 37.42 -6.46
N ILE A 22 -7.14 38.52 -6.61
CA ILE A 22 -6.46 39.11 -5.46
C ILE A 22 -7.28 40.28 -4.95
N GLY A 23 -7.35 41.35 -5.74
CA GLY A 23 -8.08 42.54 -5.32
C GLY A 23 -7.47 43.26 -4.13
N TRP A 24 -8.00 44.44 -3.83
CA TRP A 24 -7.45 45.25 -2.75
C TRP A 24 -7.73 44.62 -1.39
N PHE A 25 -8.91 44.02 -1.22
CA PHE A 25 -9.18 43.27 0.01
C PHE A 25 -8.27 42.07 0.13
N GLY A 26 -7.94 41.43 -1.00
CA GLY A 26 -6.98 40.34 -0.95
C GLY A 26 -5.57 40.78 -0.63
N VAL A 27 -5.24 42.03 -0.96
CA VAL A 27 -3.94 42.59 -0.58
C VAL A 27 -3.74 42.53 0.93
N LEU A 28 -4.81 42.68 1.71
CA LEU A 28 -4.75 42.49 3.15
C LEU A 28 -5.04 41.06 3.56
N MET A 29 -5.88 40.35 2.81
CA MET A 29 -6.31 39.01 3.21
C MET A 29 -5.18 37.99 3.09
N ILE A 30 -4.47 38.00 1.95
CA ILE A 30 -3.47 36.95 1.69
C ILE A 30 -2.34 36.96 2.70
N PRO A 31 -1.67 38.09 3.01
CA PRO A 31 -0.61 38.05 4.02
C PRO A 31 -1.09 37.62 5.40
N THR A 32 -2.22 38.16 5.86
CA THR A 32 -2.73 37.80 7.18
C THR A 32 -3.13 36.33 7.24
N LEU A 33 -3.85 35.84 6.23
CA LEU A 33 -4.27 34.44 6.23
C LEU A 33 -3.07 33.50 6.14
N LEU A 34 -2.09 33.83 5.30
CA LEU A 34 -0.91 32.97 5.18
C LEU A 34 -0.10 32.96 6.46
N THR A 35 0.06 34.13 7.10
CA THR A 35 0.77 34.20 8.37
C THR A 35 0.07 33.37 9.43
N ALA A 36 -1.26 33.54 9.56
CA ALA A 36 -2.00 32.76 10.55
C ALA A 36 -1.93 31.28 10.24
N THR A 37 -1.98 30.90 8.97
CA THR A 37 -1.93 29.50 8.58
C THR A 37 -0.59 28.87 8.97
N THR A 38 0.53 29.51 8.62
CA THR A 38 1.82 28.93 8.92
C THR A 38 2.09 28.92 10.43
N VAL A 39 1.69 29.98 11.14
CA VAL A 39 1.86 30.00 12.58
C VAL A 39 1.03 28.91 13.23
N TYR A 40 -0.19 28.69 12.74
CA TYR A 40 -1.04 27.63 13.28
C TYR A 40 -0.42 26.26 13.04
N ILE A 41 0.11 26.03 11.84
CA ILE A 41 0.72 24.73 11.55
C ILE A 41 1.94 24.49 12.44
N ILE A 42 2.81 25.50 12.55
CA ILE A 42 4.02 25.35 13.37
C ILE A 42 3.67 25.15 14.83
N ALA A 43 2.67 25.88 15.33
CA ALA A 43 2.25 25.72 16.72
C ALA A 43 1.60 24.36 16.96
N PHE A 44 0.73 23.92 16.04
CA PHE A 44 0.09 22.62 16.18
C PHE A 44 1.12 21.50 16.15
N ILE A 45 2.23 21.70 15.45
CA ILE A 45 3.25 20.65 15.37
C ILE A 45 4.17 20.69 16.59
N ALA A 46 4.67 21.87 16.97
CA ALA A 46 5.82 21.90 17.88
C ALA A 46 5.77 23.00 18.95
N ALA A 47 4.60 23.56 19.27
CA ALA A 47 4.56 24.62 20.27
C ALA A 47 4.79 24.07 21.67
N PRO A 48 5.45 24.83 22.54
CA PRO A 48 5.59 24.42 23.95
C PRO A 48 4.26 24.50 24.66
N PRO A 49 4.11 23.80 25.80
CA PRO A 49 2.86 23.91 26.56
C PRO A 49 2.64 25.31 27.09
N VAL A 50 1.36 25.68 27.21
CA VAL A 50 0.96 27.04 27.55
C VAL A 50 0.28 27.03 28.91
N ASP A 51 0.72 27.94 29.79
CA ASP A 51 0.09 28.13 31.10
C ASP A 51 -1.18 28.98 30.90
N ILE A 52 -2.25 28.30 30.49
CA ILE A 52 -3.47 29.00 30.13
C ILE A 52 -4.14 29.60 31.35
N ASP A 53 -4.14 28.88 32.47
CA ASP A 53 -4.79 29.36 33.68
C ASP A 53 -3.94 30.32 34.48
N GLY A 54 -2.67 30.50 34.11
CA GLY A 54 -1.83 31.48 34.77
C GLY A 54 -1.38 31.12 36.17
N ILE A 55 -1.47 29.85 36.54
CA ILE A 55 -1.06 29.42 37.88
C ILE A 55 0.09 28.43 37.77
N ARG A 56 0.92 28.60 36.74
CA ARG A 56 2.17 27.86 36.58
C ARG A 56 1.95 26.35 36.46
N GLU A 57 0.88 25.96 35.79
CA GLU A 57 0.65 24.57 35.38
C GLU A 57 0.31 24.57 33.90
N PRO A 58 1.30 24.40 33.03
CA PRO A 58 1.05 24.49 31.59
C PRO A 58 0.20 23.34 31.07
N VAL A 59 -0.48 23.61 29.96
CA VAL A 59 -1.32 22.63 29.27
C VAL A 59 -0.73 22.39 27.89
N ALA A 60 -0.47 21.13 27.57
CA ALA A 60 0.10 20.76 26.29
C ALA A 60 -1.00 20.59 25.24
N GLY A 61 -0.74 21.10 24.04
CA GLY A 61 -1.67 20.96 22.95
C GLY A 61 -1.01 20.66 21.63
N SER A 62 0.29 20.37 21.67
CA SER A 62 1.09 20.16 20.46
C SER A 62 1.32 18.68 20.22
N LEU A 63 1.54 18.33 18.95
CA LEU A 63 1.74 16.93 18.57
C LEU A 63 3.03 16.38 19.18
N LEU A 64 4.09 17.18 19.20
CA LEU A 64 5.37 16.71 19.73
C LEU A 64 5.38 16.56 21.24
N TYR A 65 4.35 17.03 21.94
CA TYR A 65 4.28 16.95 23.39
C TYR A 65 3.26 15.94 23.88
N GLY A 66 2.86 15.01 23.03
CA GLY A 66 1.99 13.93 23.43
C GLY A 66 0.53 14.08 23.04
N ASN A 67 0.23 14.74 21.92
CA ASN A 67 -1.13 14.91 21.45
C ASN A 67 -1.31 14.26 20.10
N ASN A 68 -2.53 13.83 19.83
CA ASN A 68 -2.94 13.38 18.51
C ASN A 68 -3.68 14.51 17.80
N ILE A 69 -4.27 14.21 16.64
CA ILE A 69 -5.00 15.22 15.89
C ILE A 69 -6.21 15.71 16.68
N ILE A 70 -6.94 14.78 17.31
CA ILE A 70 -8.15 15.14 18.04
C ILE A 70 -7.82 15.99 19.26
N THR A 71 -6.80 15.59 20.03
CA THR A 71 -6.47 16.28 21.27
C THR A 71 -5.55 17.47 21.07
N GLY A 72 -4.99 17.65 19.87
CA GLY A 72 -4.09 18.77 19.64
C GLY A 72 -4.85 20.07 19.45
N ALA A 73 -4.26 21.15 19.96
CA ALA A 73 -4.88 22.47 19.87
C ALA A 73 -3.81 23.54 20.09
N VAL A 74 -4.12 24.75 19.64
CA VAL A 74 -3.33 25.92 19.98
C VAL A 74 -3.97 26.53 21.22
N ILE A 75 -3.29 26.39 22.36
CA ILE A 75 -3.87 26.77 23.65
C ILE A 75 -4.09 28.27 23.69
N PRO A 76 -5.22 28.76 24.21
CA PRO A 76 -5.42 30.21 24.33
C PRO A 76 -4.38 30.85 25.24
N SER A 77 -4.33 32.18 25.18
CA SER A 77 -3.33 32.95 25.90
C SER A 77 -3.51 32.81 27.40
N SER A 78 -2.45 33.12 28.13
CA SER A 78 -2.45 33.00 29.58
C SER A 78 -3.46 33.95 30.20
N ALA A 79 -4.08 33.50 31.30
CA ALA A 79 -5.02 34.34 32.03
C ALA A 79 -4.34 35.56 32.64
N SER A 80 -3.05 35.48 32.90
CA SER A 80 -2.31 36.66 33.38
C SER A 80 -2.22 37.73 32.30
N ILE A 81 -2.20 37.33 31.03
CA ILE A 81 -2.19 38.29 29.94
C ILE A 81 -3.53 39.02 29.88
N GLY A 82 -4.63 38.32 30.10
CA GLY A 82 -5.93 38.93 29.95
C GLY A 82 -6.23 39.19 28.49
N ILE A 83 -6.67 40.41 28.18
CA ILE A 83 -6.89 40.82 26.80
C ILE A 83 -5.88 41.89 26.44
N HIS A 84 -4.74 41.90 27.13
CA HIS A 84 -3.64 42.77 26.74
C HIS A 84 -3.07 42.35 25.39
N PHE A 85 -2.70 43.33 24.59
CA PHE A 85 -2.07 43.06 23.31
C PHE A 85 -0.70 42.43 23.56
N TYR A 86 -0.48 41.22 23.03
CA TYR A 86 0.70 40.43 23.34
C TYR A 86 1.37 39.96 22.05
N PRO A 87 2.05 40.85 21.35
CA PRO A 87 2.87 40.43 20.20
C PRO A 87 4.19 39.85 20.69
N ILE A 88 5.03 39.44 19.72
CA ILE A 88 6.32 38.86 20.06
C ILE A 88 7.23 39.89 20.70
N TRP A 89 7.21 41.13 20.20
CA TRP A 89 8.12 42.15 20.71
C TRP A 89 7.72 42.69 22.08
N GLU A 90 6.52 42.38 22.56
CA GLU A 90 6.10 42.78 23.90
C GLU A 90 6.40 41.73 24.96
N ALA A 91 7.09 40.65 24.60
CA ALA A 91 7.52 39.64 25.54
C ALA A 91 9.02 39.73 25.76
N ALA A 92 9.44 39.39 26.97
CA ALA A 92 10.87 39.47 27.31
C ALA A 92 11.69 38.52 26.46
N SER A 93 11.20 37.29 26.25
CA SER A 93 11.90 36.31 25.44
C SER A 93 10.89 35.55 24.60
N LEU A 94 11.40 34.86 23.58
CA LEU A 94 10.55 34.02 22.74
C LEU A 94 9.97 32.87 23.55
N ASP A 95 10.73 32.32 24.49
CA ASP A 95 10.21 31.29 25.38
C ASP A 95 9.08 31.83 26.25
N GLU A 96 9.22 33.06 26.74
CA GLU A 96 8.14 33.68 27.51
C GLU A 96 6.90 33.90 26.66
N TRP A 97 7.10 34.31 25.40
CA TRP A 97 5.97 34.51 24.49
C TRP A 97 5.24 33.20 24.21
N LEU A 98 6.00 32.12 23.99
CA LEU A 98 5.38 30.82 23.77
C LEU A 98 4.71 30.28 25.03
N TYR A 99 5.25 30.62 26.20
CA TYR A 99 4.71 30.08 27.45
C TYR A 99 3.38 30.71 27.82
N ASN A 100 3.12 31.93 27.36
CA ASN A 100 1.92 32.67 27.72
C ASN A 100 0.84 32.64 26.66
N GLY A 101 1.00 31.83 25.61
CA GLY A 101 -0.03 31.71 24.59
C GLY A 101 -0.10 32.85 23.60
N GLY A 102 1.03 33.51 23.32
CA GLY A 102 1.11 34.53 22.29
C GLY A 102 0.75 34.10 20.90
N PRO A 103 1.19 32.91 20.42
CA PRO A 103 0.77 32.45 19.10
C PRO A 103 -0.74 32.36 18.94
N TYR A 104 -1.48 32.07 20.00
CA TYR A 104 -2.94 32.09 19.91
C TYR A 104 -3.45 33.47 19.52
N GLN A 105 -2.93 34.52 20.18
CA GLN A 105 -3.34 35.88 19.84
C GLN A 105 -2.93 36.22 18.42
N LEU A 106 -1.72 35.83 18.01
CA LEU A 106 -1.27 36.11 16.65
C LEU A 106 -2.20 35.48 15.62
N ILE A 107 -2.50 34.19 15.79
CA ILE A 107 -3.36 33.47 14.85
C ILE A 107 -4.76 34.08 14.85
N VAL A 108 -5.30 34.39 16.02
CA VAL A 108 -6.67 34.90 16.10
C VAL A 108 -6.77 36.25 15.40
N ASP A 109 -5.83 37.16 15.68
CA ASP A 109 -5.90 38.48 15.06
C ASP A 109 -5.71 38.41 13.55
N HIS A 110 -4.69 37.67 13.09
CA HIS A 110 -4.48 37.59 11.65
C HIS A 110 -5.61 36.85 10.95
N PHE A 111 -6.24 35.88 11.62
CA PHE A 111 -7.36 35.15 11.02
C PHE A 111 -8.60 36.01 10.94
N LEU A 112 -8.85 36.84 11.95
CA LEU A 112 -10.00 37.75 11.88
C LEU A 112 -9.80 38.79 10.78
N LEU A 113 -8.58 39.34 10.67
CA LEU A 113 -8.29 40.24 9.57
C LEU A 113 -8.46 39.53 8.22
N GLY A 114 -8.03 38.27 8.15
CA GLY A 114 -8.16 37.53 6.90
C GLY A 114 -9.59 37.24 6.52
N VAL A 115 -10.45 36.93 7.49
CA VAL A 115 -11.84 36.64 7.14
C VAL A 115 -12.59 37.93 6.79
N CYS A 116 -12.24 39.05 7.44
CA CYS A 116 -12.79 40.33 6.99
C CYS A 116 -12.35 40.63 5.56
N GLY A 117 -11.08 40.39 5.25
CA GLY A 117 -10.60 40.53 3.88
C GLY A 117 -11.29 39.58 2.92
N TRP A 118 -11.65 38.38 3.39
CA TRP A 118 -12.37 37.44 2.54
C TRP A 118 -13.77 37.93 2.22
N ILE A 119 -14.46 38.51 3.21
CA ILE A 119 -15.76 39.13 2.96
C ILE A 119 -15.63 40.23 1.91
N GLY A 120 -14.66 41.12 2.12
CA GLY A 120 -14.46 42.21 1.18
C GLY A 120 -14.05 41.73 -0.20
N ARG A 121 -13.28 40.65 -0.27
CA ARG A 121 -12.81 40.11 -1.55
C ARG A 121 -13.93 39.42 -2.29
N GLU A 122 -14.83 38.75 -1.58
CA GLU A 122 -16.03 38.21 -2.21
C GLU A 122 -16.86 39.32 -2.82
N TRP A 123 -17.06 40.41 -2.07
CA TRP A 123 -17.76 41.56 -2.66
C TRP A 123 -17.00 42.10 -3.87
N GLU A 124 -15.68 42.18 -3.78
CA GLU A 124 -14.88 42.79 -4.83
C GLU A 124 -14.96 42.00 -6.11
N PHE A 125 -14.86 40.67 -6.02
CA PHE A 125 -14.95 39.86 -7.23
C PHE A 125 -16.37 39.81 -7.76
N SER A 126 -17.38 39.91 -6.89
CA SER A 126 -18.75 40.04 -7.38
C SER A 126 -18.91 41.32 -8.18
N TYR A 127 -18.31 42.41 -7.71
CA TYR A 127 -18.37 43.68 -8.46
C TYR A 127 -17.58 43.59 -9.76
N ARG A 128 -16.42 42.91 -9.74
CA ARG A 128 -15.61 42.78 -10.95
C ARG A 128 -16.32 41.95 -12.00
N LEU A 129 -17.08 40.93 -11.59
CA LEU A 129 -17.80 40.08 -12.53
C LEU A 129 -19.16 40.64 -12.92
N GLY A 130 -19.60 41.74 -12.32
CA GLY A 130 -20.87 42.34 -12.66
C GLY A 130 -22.08 41.64 -12.09
N MET A 131 -21.89 40.81 -11.06
CA MET A 131 -22.98 40.11 -10.43
C MET A 131 -23.41 40.84 -9.15
N ARG A 132 -24.44 40.29 -8.48
CA ARG A 132 -24.95 40.94 -7.28
C ARG A 132 -24.03 40.66 -6.10
N PRO A 133 -23.93 41.59 -5.15
CA PRO A 133 -22.83 41.57 -4.18
C PRO A 133 -23.13 40.92 -2.83
N TRP A 134 -24.27 40.26 -2.64
CA TRP A 134 -24.71 39.87 -1.31
C TRP A 134 -24.31 38.46 -0.91
N ILE A 135 -23.34 37.85 -1.60
CA ILE A 135 -22.76 36.61 -1.09
C ILE A 135 -21.94 36.88 0.17
N SER A 136 -21.26 38.03 0.21
CA SER A 136 -20.50 38.42 1.40
C SER A 136 -21.42 38.63 2.60
N VAL A 137 -22.63 39.12 2.38
CA VAL A 137 -23.60 39.25 3.46
C VAL A 137 -23.94 37.87 4.04
N ALA A 138 -24.04 36.86 3.17
CA ALA A 138 -24.23 35.50 3.65
C ALA A 138 -23.01 35.01 4.43
N PHE A 139 -21.80 35.33 3.94
CA PHE A 139 -20.59 34.86 4.61
C PHE A 139 -20.32 35.60 5.92
N THR A 140 -21.01 36.72 6.17
CA THR A 140 -20.82 37.43 7.44
C THR A 140 -21.19 36.56 8.65
N ALA A 141 -22.14 35.63 8.48
CA ALA A 141 -22.60 34.86 9.63
C ALA A 141 -21.52 33.95 10.23
N PRO A 142 -20.84 33.09 9.46
CA PRO A 142 -19.72 32.34 10.07
C PRO A 142 -18.61 33.23 10.57
N VAL A 143 -18.35 34.35 9.90
CA VAL A 143 -17.35 35.30 10.38
C VAL A 143 -17.78 35.89 11.72
N ALA A 144 -19.07 36.22 11.84
CA ALA A 144 -19.58 36.72 13.11
C ALA A 144 -19.44 35.69 14.21
N ALA A 145 -19.75 34.42 13.89
CA ALA A 145 -19.61 33.36 14.89
C ALA A 145 -18.17 33.18 15.31
N ALA A 146 -17.23 33.20 14.35
CA ALA A 146 -15.82 33.07 14.67
C ALA A 146 -15.32 34.23 15.52
N SER A 147 -15.74 35.45 15.18
CA SER A 147 -15.33 36.60 15.97
C SER A 147 -15.94 36.58 17.37
N ALA A 148 -17.17 36.06 17.50
CA ALA A 148 -17.78 35.94 18.82
C ALA A 148 -17.07 34.93 19.68
N VAL A 149 -16.70 33.78 19.10
CA VAL A 149 -16.03 32.75 19.90
C VAL A 149 -14.54 33.02 20.10
N PHE A 150 -13.94 33.90 19.29
CA PHE A 150 -12.51 34.18 19.38
C PHE A 150 -12.19 35.54 19.97
N LEU A 151 -13.01 36.56 19.71
CA LEU A 151 -12.70 37.91 20.12
C LEU A 151 -13.72 38.51 21.08
N VAL A 152 -15.01 38.40 20.76
CA VAL A 152 -16.03 39.09 21.55
C VAL A 152 -16.15 38.48 22.95
N TYR A 153 -16.18 37.15 23.02
CA TYR A 153 -16.26 36.49 24.33
C TYR A 153 -15.04 36.77 25.21
N PRO A 154 -13.79 36.72 24.71
CA PRO A 154 -12.67 37.18 25.57
C PRO A 154 -12.78 38.62 26.00
N ILE A 155 -13.31 39.50 25.14
CA ILE A 155 -13.48 40.90 25.52
C ILE A 155 -14.48 41.04 26.66
N GLY A 156 -15.62 40.37 26.53
CA GLY A 156 -16.61 40.43 27.60
C GLY A 156 -16.15 39.79 28.89
N GLN A 157 -15.44 38.65 28.79
CA GLN A 157 -14.94 37.97 29.97
C GLN A 157 -13.66 38.60 30.52
N GLY A 158 -12.90 39.30 29.68
CA GLY A 158 -11.70 39.98 30.13
C GLY A 158 -10.40 39.21 29.98
N SER A 159 -10.40 38.10 29.26
CA SER A 159 -9.19 37.32 29.07
C SER A 159 -9.32 36.47 27.82
N PHE A 160 -8.24 36.42 27.02
CA PHE A 160 -8.21 35.54 25.87
C PHE A 160 -8.16 34.06 26.25
N SER A 161 -7.90 33.75 27.52
CA SER A 161 -7.96 32.37 27.97
C SER A 161 -9.36 31.78 27.91
N ASP A 162 -10.39 32.64 27.90
CA ASP A 162 -11.78 32.19 27.76
C ASP A 162 -12.17 31.96 26.31
N GLY A 163 -11.32 32.33 25.34
CA GLY A 163 -11.63 32.07 23.96
C GLY A 163 -11.56 30.59 23.61
N MET A 164 -12.17 30.25 22.48
CA MET A 164 -12.20 28.86 22.06
C MET A 164 -10.82 28.42 21.60
N PRO A 165 -10.30 27.32 22.14
CA PRO A 165 -9.00 26.82 21.68
C PRO A 165 -9.05 26.38 20.22
N LEU A 166 -7.92 26.52 19.54
CA LEU A 166 -7.82 26.17 18.12
C LEU A 166 -7.58 24.67 17.94
N GLY A 167 -8.58 23.90 18.33
CA GLY A 167 -8.50 22.46 18.27
C GLY A 167 -9.86 21.82 18.34
N ILE A 168 -9.85 20.49 18.46
CA ILE A 168 -11.07 19.69 18.48
C ILE A 168 -11.52 19.48 19.92
N SER A 169 -10.65 18.84 20.71
CA SER A 169 -10.95 18.66 22.13
C SER A 169 -11.03 19.99 22.85
N GLY A 170 -10.23 20.97 22.44
CA GLY A 170 -10.35 22.31 22.99
C GLY A 170 -11.69 22.94 22.67
N THR A 171 -12.19 22.70 21.46
CA THR A 171 -13.53 23.18 21.09
C THR A 171 -14.59 22.52 21.97
N PHE A 172 -14.48 21.21 22.19
CA PHE A 172 -15.44 20.51 23.05
C PHE A 172 -15.39 21.06 24.47
N ASN A 173 -14.18 21.32 24.98
CA ASN A 173 -14.04 21.91 26.30
C ASN A 173 -14.68 23.29 26.37
N PHE A 174 -14.50 24.09 25.32
CA PHE A 174 -15.14 25.40 25.25
C PHE A 174 -16.65 25.28 25.31
N MET A 175 -17.21 24.33 24.54
CA MET A 175 -18.66 24.13 24.54
C MET A 175 -19.17 23.70 25.92
N LEU A 176 -18.47 22.76 26.55
CA LEU A 176 -18.91 22.26 27.85
C LEU A 176 -18.82 23.35 28.93
N VAL A 177 -17.73 24.11 28.94
CA VAL A 177 -17.58 25.17 29.92
C VAL A 177 -18.60 26.29 29.68
N PHE A 178 -18.87 26.60 28.41
CA PHE A 178 -19.88 27.61 28.09
C PHE A 178 -21.26 27.16 28.54
N GLN A 179 -21.59 25.88 28.33
CA GLN A 179 -22.88 25.37 28.78
C GLN A 179 -22.98 25.39 30.30
N ALA A 180 -21.89 25.04 30.99
CA ALA A 180 -21.89 25.10 32.45
C ALA A 180 -22.11 26.51 32.96
N GLU A 181 -21.32 27.47 32.44
CA GLU A 181 -21.32 28.81 32.99
C GLU A 181 -22.58 29.59 32.61
N HIS A 182 -23.07 29.41 31.39
CA HIS A 182 -24.11 30.27 30.85
C HIS A 182 -25.42 29.57 30.53
N ASN A 183 -25.44 28.23 30.47
CA ASN A 183 -26.61 27.45 30.09
C ASN A 183 -27.11 27.88 28.70
N ILE A 184 -26.23 27.68 27.71
CA ILE A 184 -26.50 28.13 26.35
C ILE A 184 -27.64 27.33 25.73
N LEU A 185 -27.86 26.09 26.17
CA LEU A 185 -28.94 25.28 25.62
C LEU A 185 -30.30 25.91 25.87
N MET A 186 -30.48 26.55 27.02
CA MET A 186 -31.73 27.25 27.33
C MET A 186 -31.76 28.66 26.76
N HIS A 187 -30.70 29.11 26.12
CA HIS A 187 -30.71 30.44 25.51
C HIS A 187 -31.50 30.39 24.20
N PRO A 188 -32.48 31.26 24.02
CA PRO A 188 -33.29 31.21 22.79
C PRO A 188 -32.50 31.45 21.51
N PHE A 189 -31.37 32.15 21.58
CA PHE A 189 -30.60 32.41 20.36
C PHE A 189 -29.82 31.18 19.92
N HIS A 190 -29.31 30.39 20.85
CA HIS A 190 -28.73 29.10 20.44
C HIS A 190 -29.80 28.15 19.93
N GLN A 191 -31.01 28.23 20.47
CA GLN A 191 -32.12 27.46 19.92
C GLN A 191 -32.43 27.90 18.50
N LEU A 192 -32.39 29.21 18.24
CA LEU A 192 -32.57 29.70 16.87
C LEU A 192 -31.45 29.24 15.96
N GLY A 193 -30.22 29.20 16.46
CA GLY A 193 -29.12 28.70 15.66
C GLY A 193 -29.25 27.21 15.35
N VAL A 194 -29.70 26.43 16.34
CA VAL A 194 -29.94 25.01 16.11
C VAL A 194 -31.05 24.82 15.08
N ALA A 195 -32.12 25.61 15.19
CA ALA A 195 -33.17 25.57 14.18
C ALA A 195 -32.62 25.97 12.82
N GLY A 196 -31.72 26.93 12.79
CA GLY A 196 -31.13 27.35 11.52
C GLY A 196 -30.32 26.26 10.86
N VAL A 197 -29.45 25.59 11.63
CA VAL A 197 -28.60 24.55 11.03
C VAL A 197 -29.42 23.32 10.67
N PHE A 198 -30.38 22.93 11.52
CA PHE A 198 -31.23 21.79 11.21
C PHE A 198 -32.10 22.09 9.98
N GLY A 199 -32.67 23.29 9.91
CA GLY A 199 -33.43 23.67 8.73
C GLY A 199 -32.56 23.77 7.49
N GLY A 200 -31.32 24.23 7.64
CA GLY A 200 -30.41 24.27 6.51
C GLY A 200 -30.13 22.88 5.96
N SER A 201 -29.88 21.92 6.85
CA SER A 201 -29.68 20.54 6.41
C SER A 201 -30.94 19.98 5.76
N LEU A 202 -32.09 20.21 6.38
CA LEU A 202 -33.35 19.71 5.83
C LEU A 202 -33.63 20.31 4.46
N PHE A 203 -33.42 21.62 4.31
CA PHE A 203 -33.73 22.30 3.07
C PHE A 203 -32.74 21.97 1.98
N SER A 204 -31.45 21.79 2.33
CA SER A 204 -30.47 21.34 1.35
C SER A 204 -30.82 19.95 0.84
N ALA A 205 -31.17 19.03 1.76
CA ALA A 205 -31.55 17.68 1.35
C ALA A 205 -32.82 17.72 0.51
N MET A 206 -33.79 18.54 0.88
CA MET A 206 -35.06 18.61 0.16
C MET A 206 -34.86 19.19 -1.24
N HIS A 207 -34.09 20.28 -1.35
CA HIS A 207 -33.83 20.89 -2.65
C HIS A 207 -33.06 19.94 -3.56
N GLY A 208 -32.04 19.27 -3.00
CA GLY A 208 -31.30 18.29 -3.78
C GLY A 208 -32.17 17.14 -4.24
N SER A 209 -33.04 16.65 -3.35
CA SER A 209 -33.93 15.55 -3.71
C SER A 209 -34.91 15.96 -4.80
N LEU A 210 -35.46 17.17 -4.70
CA LEU A 210 -36.45 17.61 -5.68
C LEU A 210 -35.81 17.88 -7.03
N VAL A 211 -34.59 18.44 -7.05
CA VAL A 211 -33.92 18.69 -8.32
C VAL A 211 -33.46 17.38 -8.96
N THR A 212 -32.86 16.49 -8.16
CA THR A 212 -32.41 15.20 -8.69
C THR A 212 -33.58 14.32 -9.12
N SER A 213 -34.71 14.42 -8.42
CA SER A 213 -35.87 13.60 -8.75
C SER A 213 -36.47 13.99 -10.10
N SER A 214 -36.46 15.28 -10.42
CA SER A 214 -37.08 15.80 -11.63
C SER A 214 -36.05 16.12 -12.71
N LEU A 215 -34.94 15.40 -12.74
CA LEU A 215 -33.94 15.61 -13.79
C LEU A 215 -34.49 15.18 -15.14
N ILE A 216 -34.39 16.08 -16.12
CA ILE A 216 -34.87 15.77 -17.47
C ILE A 216 -33.92 14.79 -18.13
N ARG A 217 -34.49 13.78 -18.78
CA ARG A 217 -33.70 12.70 -19.37
C ARG A 217 -32.88 13.24 -20.53
N GLU A 218 -31.58 13.41 -20.31
CA GLU A 218 -30.64 13.87 -21.34
C GLU A 218 -29.45 12.93 -21.42
N THR A 219 -29.63 11.67 -21.04
CA THR A 219 -28.52 10.74 -20.90
C THR A 219 -29.03 9.32 -21.07
N THR A 220 -28.09 8.40 -21.30
CA THR A 220 -28.40 6.99 -21.45
C THR A 220 -28.09 6.24 -20.16
N GLU A 221 -28.54 4.98 -20.11
CA GLU A 221 -28.43 4.17 -18.90
C GLU A 221 -26.99 3.74 -18.61
N ASN A 222 -26.09 3.82 -19.59
CA ASN A 222 -24.72 3.37 -19.42
C ASN A 222 -23.79 4.47 -18.88
N GLU A 223 -24.32 5.64 -18.58
CA GLU A 223 -23.50 6.77 -18.13
C GLU A 223 -24.20 7.46 -16.97
N SER A 224 -23.45 8.29 -16.27
CA SER A 224 -23.98 9.05 -15.15
C SER A 224 -24.99 10.09 -15.64
N ALA A 225 -26.01 10.34 -14.82
CA ALA A 225 -27.01 11.34 -15.16
C ALA A 225 -26.45 12.76 -15.14
N ASN A 226 -25.33 12.97 -14.44
CA ASN A 226 -24.74 14.31 -14.37
C ASN A 226 -24.27 14.78 -15.75
N TYR A 227 -23.93 13.86 -16.64
CA TYR A 227 -23.56 14.23 -18.01
C TYR A 227 -24.76 14.71 -18.83
N GLY A 228 -25.97 14.53 -18.32
CA GLY A 228 -27.13 15.12 -18.97
C GLY A 228 -27.15 16.63 -18.91
N TYR A 229 -26.42 17.22 -17.99
CA TYR A 229 -26.24 18.67 -17.92
C TYR A 229 -24.89 19.03 -18.54
N LYS A 230 -24.90 20.04 -19.39
CA LYS A 230 -23.69 20.55 -20.03
C LYS A 230 -23.38 21.93 -19.45
N PHE A 231 -22.13 22.15 -19.07
CA PHE A 231 -21.73 23.43 -18.51
C PHE A 231 -21.92 24.54 -19.54
N GLY A 232 -22.61 25.60 -19.14
CA GLY A 232 -22.91 26.70 -20.03
C GLY A 232 -24.16 26.55 -20.85
N GLN A 233 -24.92 25.47 -20.67
CA GLN A 233 -26.15 25.29 -21.44
C GLN A 233 -27.19 26.33 -21.02
N GLU A 234 -28.04 26.71 -21.96
CA GLU A 234 -29.03 27.75 -21.73
C GLU A 234 -30.36 27.21 -21.24
N GLU A 235 -30.61 25.91 -21.37
CA GLU A 235 -31.86 25.31 -20.94
C GLU A 235 -31.74 24.82 -19.51
N GLU A 236 -32.90 24.64 -18.86
CA GLU A 236 -32.94 24.15 -17.50
C GLU A 236 -32.83 22.63 -17.47
N THR A 237 -32.00 22.12 -16.56
CA THR A 237 -31.70 20.70 -16.51
C THR A 237 -32.77 19.87 -15.79
N TYR A 238 -33.68 20.50 -15.06
CA TYR A 238 -34.71 19.77 -14.33
C TYR A 238 -36.04 20.49 -14.48
N ASN A 239 -37.12 19.72 -14.33
CA ASN A 239 -38.48 20.24 -14.49
C ASN A 239 -38.94 20.82 -13.16
N ILE A 240 -39.06 22.16 -13.10
CA ILE A 240 -39.51 22.83 -11.89
C ILE A 240 -40.97 22.46 -11.60
N VAL A 241 -41.78 22.33 -12.66
CA VAL A 241 -43.20 22.02 -12.48
C VAL A 241 -43.39 20.67 -11.82
N ALA A 242 -42.62 19.66 -12.25
CA ALA A 242 -42.76 18.33 -11.67
C ALA A 242 -42.38 18.31 -10.20
N ALA A 243 -41.27 18.97 -9.83
CA ALA A 243 -40.86 19.03 -8.44
C ALA A 243 -41.87 19.80 -7.60
N HIS A 244 -42.40 20.90 -8.15
CA HIS A 244 -43.41 21.67 -7.44
C HIS A 244 -44.67 20.85 -7.19
N GLY A 245 -45.11 20.10 -8.20
CA GLY A 245 -46.27 19.24 -8.01
C GLY A 245 -46.04 18.15 -7.00
N TYR A 246 -44.85 17.52 -7.04
CA TYR A 246 -44.53 16.50 -6.06
C TYR A 246 -44.52 17.07 -4.64
N PHE A 247 -43.93 18.26 -4.46
CA PHE A 247 -43.87 18.87 -3.14
C PHE A 247 -45.25 19.29 -2.67
N GLY A 248 -46.07 19.84 -3.56
CA GLY A 248 -47.43 20.23 -3.21
C GLY A 248 -48.38 19.08 -3.05
N ARG A 249 -48.00 17.88 -3.46
CA ARG A 249 -48.77 16.69 -3.13
C ARG A 249 -48.25 15.96 -1.90
N LEU A 250 -46.96 16.11 -1.58
CA LEU A 250 -46.42 15.52 -0.36
C LEU A 250 -47.01 16.19 0.88
N ILE A 251 -47.20 17.50 0.82
CA ILE A 251 -47.86 18.27 1.86
C ILE A 251 -49.09 18.88 1.18
N PHE A 252 -49.84 19.73 1.88
CA PHE A 252 -50.96 20.40 1.24
C PHE A 252 -50.46 21.33 0.13
N GLN A 253 -51.37 21.62 -0.81
CA GLN A 253 -50.99 22.29 -2.05
C GLN A 253 -50.41 23.67 -1.80
N TYR A 254 -50.93 24.38 -0.78
CA TYR A 254 -50.52 25.76 -0.56
C TYR A 254 -49.05 25.88 -0.20
N ALA A 255 -48.53 24.93 0.58
CA ALA A 255 -47.12 24.95 0.99
C ALA A 255 -46.26 24.45 -0.16
N SER A 256 -45.74 25.39 -0.95
CA SER A 256 -44.87 25.07 -2.08
C SER A 256 -44.23 26.36 -2.58
N PHE A 257 -42.97 26.25 -3.00
CA PHE A 257 -42.22 27.40 -3.53
C PHE A 257 -42.26 27.31 -5.05
N ASN A 258 -43.31 27.87 -5.64
CA ASN A 258 -43.42 27.89 -7.10
C ASN A 258 -42.32 28.73 -7.75
N ASN A 259 -41.98 29.85 -7.12
CA ASN A 259 -40.93 30.72 -7.65
C ASN A 259 -39.57 30.16 -7.25
N SER A 260 -38.73 29.87 -8.24
CA SER A 260 -37.39 29.34 -7.96
C SER A 260 -36.52 30.38 -7.28
N ARG A 261 -36.62 31.65 -7.71
CA ARG A 261 -35.81 32.70 -7.11
C ARG A 261 -36.19 32.90 -5.64
N ALA A 262 -37.49 32.88 -5.33
CA ALA A 262 -37.91 33.00 -3.94
C ALA A 262 -37.45 31.80 -3.12
N LEU A 263 -37.51 30.60 -3.71
CA LEU A 263 -37.04 29.40 -3.02
C LEU A 263 -35.56 29.51 -2.69
N HIS A 264 -34.75 29.96 -3.64
CA HIS A 264 -33.32 30.09 -3.38
C HIS A 264 -33.02 31.22 -2.41
N PHE A 265 -33.81 32.30 -2.45
CA PHE A 265 -33.66 33.35 -1.45
C PHE A 265 -33.93 32.82 -0.05
N PHE A 266 -34.98 32.01 0.10
CA PHE A 266 -35.27 31.39 1.40
C PHE A 266 -34.15 30.44 1.83
N LEU A 267 -33.62 29.67 0.87
CA LEU A 267 -32.49 28.77 1.15
C LEU A 267 -31.28 29.54 1.66
N GLY A 268 -30.97 30.68 1.03
CA GLY A 268 -29.89 31.51 1.53
C GLY A 268 -30.20 32.15 2.88
N LEU A 269 -31.46 32.54 3.08
CA LEU A 269 -31.83 33.34 4.23
C LEU A 269 -31.83 32.54 5.52
N TRP A 270 -32.42 31.34 5.50
CA TRP A 270 -32.72 30.63 6.76
C TRP A 270 -31.47 30.30 7.58
N PRO A 271 -30.47 29.58 7.06
CA PRO A 271 -29.30 29.28 7.91
C PRO A 271 -28.46 30.51 8.24
N VAL A 272 -28.41 31.50 7.34
CA VAL A 272 -27.67 32.73 7.63
C VAL A 272 -28.30 33.46 8.80
N VAL A 273 -29.63 33.56 8.82
CA VAL A 273 -30.32 34.20 9.94
C VAL A 273 -30.11 33.39 11.22
N GLY A 274 -30.16 32.06 11.13
CA GLY A 274 -29.92 31.25 12.31
C GLY A 274 -28.53 31.44 12.90
N ILE A 275 -27.51 31.45 12.04
CA ILE A 275 -26.14 31.64 12.52
C ILE A 275 -25.94 33.05 13.04
N TRP A 276 -26.59 34.04 12.42
CA TRP A 276 -26.56 35.40 12.96
C TRP A 276 -27.13 35.44 14.37
N PHE A 277 -28.27 34.76 14.58
CA PHE A 277 -28.89 34.75 15.90
C PHE A 277 -28.02 34.05 16.93
N THR A 278 -27.40 32.93 16.55
CA THR A 278 -26.56 32.23 17.53
C THR A 278 -25.29 33.00 17.84
N ALA A 279 -24.72 33.70 16.85
CA ALA A 279 -23.58 34.56 17.12
C ALA A 279 -23.96 35.72 18.03
N LEU A 280 -25.14 36.30 17.82
CA LEU A 280 -25.62 37.35 18.70
C LEU A 280 -25.85 36.83 20.11
N GLY A 281 -26.33 35.58 20.23
CA GLY A 281 -26.48 34.98 21.54
C GLY A 281 -25.15 34.79 22.26
N ILE A 282 -24.14 34.34 21.52
CA ILE A 282 -22.80 34.22 22.10
C ILE A 282 -22.27 35.58 22.55
N MET A 283 -22.50 36.61 21.73
CA MET A 283 -22.06 37.95 22.08
C MET A 283 -22.77 38.46 23.33
N THR A 284 -24.07 38.21 23.45
CA THR A 284 -24.81 38.64 24.62
C THR A 284 -24.36 37.90 25.88
N MET A 285 -24.16 36.58 25.77
CA MET A 285 -23.68 35.81 26.91
C MET A 285 -22.23 36.14 27.27
N ALA A 286 -21.48 36.74 26.34
CA ALA A 286 -20.15 37.25 26.68
C ALA A 286 -20.23 38.35 27.73
N PHE A 287 -21.32 39.11 27.75
CA PHE A 287 -21.57 40.13 28.75
C PHE A 287 -22.60 39.66 29.78
N ASN A 288 -22.71 38.34 29.95
CA ASN A 288 -23.52 37.71 30.99
C ASN A 288 -25.02 37.96 30.80
N LEU A 289 -25.47 37.87 29.55
CA LEU A 289 -26.91 37.81 29.26
C LEU A 289 -27.23 36.36 28.94
N ASN A 290 -27.37 35.56 30.00
CA ASN A 290 -27.40 34.11 29.90
C ASN A 290 -28.76 33.62 29.39
N GLY A 291 -28.94 32.30 29.40
CA GLY A 291 -30.16 31.69 28.93
C GLY A 291 -31.27 31.70 29.96
N PHE A 292 -32.36 31.03 29.61
CA PHE A 292 -33.51 30.92 30.49
C PHE A 292 -33.18 30.08 31.73
N ASN A 293 -33.78 30.45 32.85
CA ASN A 293 -33.58 29.76 34.13
C ASN A 293 -34.94 29.32 34.66
N PHE A 294 -35.28 28.05 34.42
CA PHE A 294 -36.52 27.46 34.93
C PHE A 294 -36.28 26.56 36.14
N ASN A 295 -35.18 26.77 36.87
CA ASN A 295 -34.87 25.95 38.03
C ASN A 295 -35.85 26.22 39.16
N GLN A 296 -36.25 25.14 39.85
CA GLN A 296 -37.17 25.21 40.99
C GLN A 296 -38.47 25.90 40.61
N SER A 297 -38.98 25.60 39.40
CA SER A 297 -40.20 26.22 38.92
C SER A 297 -41.46 25.52 39.40
N VAL A 298 -41.36 24.32 39.96
CA VAL A 298 -42.51 23.57 40.43
C VAL A 298 -42.29 23.21 41.90
N VAL A 299 -43.26 23.56 42.75
CA VAL A 299 -43.23 23.23 44.16
C VAL A 299 -44.59 22.64 44.53
N ASP A 300 -44.59 21.87 45.62
CA ASP A 300 -45.82 21.28 46.13
C ASP A 300 -46.49 22.23 47.12
N SER A 301 -47.53 21.76 47.79
CA SER A 301 -48.22 22.59 48.78
C SER A 301 -47.32 22.90 49.97
N GLN A 302 -46.55 21.92 50.42
CA GLN A 302 -45.68 22.10 51.59
C GLN A 302 -44.47 22.97 51.30
N GLY A 303 -44.18 23.26 50.03
CA GLY A 303 -43.05 24.08 49.67
C GLY A 303 -41.82 23.33 49.17
N ARG A 304 -41.87 22.00 49.14
CA ARG A 304 -40.75 21.23 48.61
C ARG A 304 -40.69 21.39 47.10
N VAL A 305 -39.46 21.51 46.59
CA VAL A 305 -39.26 21.71 45.15
C VAL A 305 -39.44 20.38 44.43
N ILE A 306 -40.31 20.38 43.42
CA ILE A 306 -40.49 19.23 42.54
C ILE A 306 -39.64 19.46 41.31
N ASN A 307 -38.67 18.58 41.08
CA ASN A 307 -37.70 18.77 40.01
C ASN A 307 -38.35 18.57 38.65
N THR A 308 -37.82 19.27 37.66
CA THR A 308 -38.19 19.11 36.25
C THR A 308 -36.93 18.68 35.48
N TRP A 309 -37.06 18.61 34.15
CA TRP A 309 -35.89 18.33 33.32
C TRP A 309 -34.90 19.48 33.36
N ALA A 310 -35.38 20.71 33.57
CA ALA A 310 -34.49 21.84 33.76
C ALA A 310 -33.63 21.67 35.01
N ASP A 311 -34.18 21.04 36.06
CA ASP A 311 -33.39 20.77 37.25
C ASP A 311 -32.28 19.76 36.98
N ILE A 312 -32.56 18.73 36.17
CA ILE A 312 -31.52 17.78 35.79
C ILE A 312 -30.45 18.47 34.95
N LEU A 313 -30.87 19.34 34.04
CA LEU A 313 -29.92 20.11 33.23
C LEU A 313 -29.04 20.98 34.13
N ASN A 314 -29.64 21.61 35.14
CA ASN A 314 -28.89 22.43 36.08
C ASN A 314 -27.92 21.59 36.91
N ARG A 315 -28.33 20.36 37.26
CA ARG A 315 -27.43 19.45 37.97
C ARG A 315 -26.21 19.12 37.11
N ALA A 316 -26.43 18.84 35.83
CA ALA A 316 -25.30 18.59 34.94
C ALA A 316 -24.40 19.82 34.79
N ASN A 317 -25.01 21.00 34.68
CA ASN A 317 -24.23 22.23 34.58
C ASN A 317 -23.41 22.46 35.84
N LEU A 318 -24.00 22.20 37.01
CA LEU A 318 -23.26 22.32 38.27
C LEU A 318 -22.12 21.31 38.35
N GLY A 319 -22.35 20.09 37.87
CA GLY A 319 -21.28 19.10 37.85
C GLY A 319 -20.13 19.50 36.97
N MET A 320 -20.43 20.16 35.84
CA MET A 320 -19.35 20.68 34.99
C MET A 320 -18.65 21.86 35.65
N GLU A 321 -19.41 22.75 36.29
CA GLU A 321 -18.85 23.96 36.85
C GLU A 321 -17.92 23.67 38.04
N VAL A 322 -18.32 22.73 38.91
CA VAL A 322 -17.49 22.42 40.07
C VAL A 322 -16.15 21.82 39.62
N MET A 323 -16.13 21.12 38.49
CA MET A 323 -14.88 20.61 37.94
C MET A 323 -14.06 21.71 37.29
N HIS A 324 -14.71 22.62 36.55
CA HIS A 324 -13.96 23.68 35.88
C HIS A 324 -13.30 24.61 36.88
N GLU A 325 -14.02 25.00 37.94
CA GLU A 325 -13.49 25.91 38.94
C GLU A 325 -12.44 25.18 39.78
N ARG A 326 -11.16 25.41 39.47
CA ARG A 326 -10.08 24.72 40.16
C ARG A 326 -9.89 25.21 41.60
N ASN A 327 -10.43 26.37 41.93
CA ASN A 327 -10.33 26.92 43.27
C ASN A 327 -11.64 26.68 44.03
N ALA A 328 -11.76 27.27 45.21
CA ALA A 328 -12.94 27.12 46.04
C ALA A 328 -14.15 27.80 45.41
N GLY B 2 -18.85 6.29 -20.03
CA GLY B 2 -18.79 4.94 -19.49
C GLY B 2 -19.46 4.81 -18.14
N LEU B 3 -19.35 3.62 -17.55
CA LEU B 3 -19.97 3.39 -16.26
C LEU B 3 -19.22 4.11 -15.14
N PRO B 4 -19.92 4.72 -14.20
CA PRO B 4 -19.25 5.25 -13.01
C PRO B 4 -18.70 4.12 -12.14
N TRP B 5 -17.83 4.51 -11.20
CA TRP B 5 -17.19 3.51 -10.34
C TRP B 5 -18.19 2.75 -9.48
N TYR B 6 -19.33 3.36 -9.18
CA TYR B 6 -20.31 2.76 -8.28
C TYR B 6 -21.36 1.92 -9.01
N ARG B 7 -21.24 1.75 -10.33
CA ARG B 7 -22.18 0.93 -11.09
C ARG B 7 -21.50 -0.21 -11.84
N VAL B 8 -20.21 -0.44 -11.59
CA VAL B 8 -19.42 -1.31 -12.46
C VAL B 8 -19.99 -2.73 -12.48
N HIS B 9 -20.28 -3.28 -11.30
CA HIS B 9 -20.77 -4.65 -11.21
C HIS B 9 -22.11 -4.84 -11.87
N THR B 10 -22.83 -3.76 -12.19
CA THR B 10 -24.06 -3.87 -12.95
C THR B 10 -23.84 -4.43 -14.35
N VAL B 11 -22.59 -4.69 -14.77
CA VAL B 11 -22.40 -5.42 -16.02
C VAL B 11 -22.91 -6.84 -15.92
N VAL B 12 -22.95 -7.42 -14.72
CA VAL B 12 -23.40 -8.81 -14.60
C VAL B 12 -24.86 -8.84 -14.19
N LEU B 13 -25.55 -7.71 -14.35
CA LEU B 13 -26.98 -7.66 -14.03
C LEU B 13 -27.80 -8.51 -15.00
N ASN B 14 -27.46 -8.46 -16.29
CA ASN B 14 -28.21 -9.16 -17.33
C ASN B 14 -27.48 -10.39 -17.85
N ASP B 15 -26.41 -10.82 -17.18
CA ASP B 15 -25.65 -12.00 -17.58
C ASP B 15 -25.74 -13.03 -16.46
N PRO B 16 -26.64 -14.02 -16.57
CA PRO B 16 -26.77 -15.02 -15.48
C PRO B 16 -25.50 -15.80 -15.20
N GLY B 17 -24.73 -16.14 -16.24
CA GLY B 17 -23.52 -16.92 -16.03
C GLY B 17 -22.48 -16.19 -15.21
N ARG B 18 -22.22 -14.93 -15.56
CA ARG B 18 -21.24 -14.16 -14.81
C ARG B 18 -21.80 -13.68 -13.48
N LEU B 19 -23.12 -13.56 -13.34
CA LEU B 19 -23.70 -13.34 -12.02
C LEU B 19 -23.44 -14.54 -11.10
N ILE B 20 -23.62 -15.75 -11.63
CA ILE B 20 -23.27 -16.95 -10.87
C ILE B 20 -21.78 -16.97 -10.56
N ALA B 21 -20.96 -16.51 -11.51
CA ALA B 21 -19.52 -16.48 -11.30
C ALA B 21 -19.14 -15.54 -10.15
N VAL B 22 -19.71 -14.34 -10.14
CA VAL B 22 -19.36 -13.38 -9.08
C VAL B 22 -19.93 -13.81 -7.73
N HIS B 23 -21.12 -14.42 -7.72
CA HIS B 23 -21.63 -14.98 -6.47
C HIS B 23 -20.76 -16.12 -5.97
N LEU B 24 -20.25 -16.95 -6.88
CA LEU B 24 -19.31 -18.01 -6.51
C LEU B 24 -18.02 -17.42 -5.94
N MET B 25 -17.55 -16.31 -6.52
CA MET B 25 -16.36 -15.64 -6.00
C MET B 25 -16.60 -15.10 -4.60
N HIS B 26 -17.78 -14.50 -4.35
CA HIS B 26 -18.06 -13.99 -3.01
C HIS B 26 -18.14 -15.13 -2.00
N THR B 27 -18.77 -16.24 -2.38
CA THR B 27 -18.84 -17.40 -1.48
C THR B 27 -17.44 -17.96 -1.22
N ALA B 28 -16.58 -17.99 -2.24
CA ALA B 28 -15.21 -18.43 -2.06
C ALA B 28 -14.46 -17.53 -1.09
N LEU B 29 -14.65 -16.21 -1.24
CA LEU B 29 -14.00 -15.27 -0.32
C LEU B 29 -14.50 -15.46 1.11
N VAL B 30 -15.80 -15.67 1.28
CA VAL B 30 -16.36 -15.86 2.61
C VAL B 30 -15.85 -17.14 3.26
N ALA B 31 -15.82 -18.24 2.49
CA ALA B 31 -15.31 -19.50 3.02
C ALA B 31 -13.82 -19.42 3.34
N GLY B 32 -13.06 -18.74 2.48
CA GLY B 32 -11.64 -18.55 2.75
C GLY B 32 -11.41 -17.71 3.99
N TRP B 33 -12.23 -16.68 4.20
CA TRP B 33 -12.13 -15.90 5.43
C TRP B 33 -12.45 -16.77 6.64
N ALA B 34 -13.47 -17.61 6.53
CA ALA B 34 -13.81 -18.49 7.65
C ALA B 34 -12.66 -19.40 8.01
N GLY B 35 -12.06 -20.04 6.99
CA GLY B 35 -10.94 -20.93 7.25
C GLY B 35 -9.73 -20.21 7.82
N SER B 36 -9.39 -19.06 7.23
CA SER B 36 -8.24 -18.30 7.70
C SER B 36 -8.45 -17.77 9.12
N MET B 37 -9.66 -17.29 9.42
CA MET B 37 -9.96 -16.81 10.76
C MET B 37 -9.90 -17.94 11.78
N ALA B 38 -10.42 -19.12 11.42
CA ALA B 38 -10.34 -20.27 12.32
C ALA B 38 -8.88 -20.66 12.57
N LEU B 39 -8.06 -20.67 11.52
CA LEU B 39 -6.64 -21.01 11.68
C LEU B 39 -5.91 -19.99 12.55
N TYR B 40 -6.19 -18.70 12.34
CA TYR B 40 -5.57 -17.67 13.16
C TYR B 40 -5.99 -17.78 14.62
N GLU B 41 -7.28 -18.02 14.86
CA GLU B 41 -7.76 -18.18 16.23
C GLU B 41 -7.12 -19.41 16.89
N LEU B 42 -6.98 -20.51 16.15
CA LEU B 42 -6.30 -21.68 16.68
C LEU B 42 -4.85 -21.37 17.01
N ALA B 43 -4.17 -20.60 16.16
CA ALA B 43 -2.81 -20.18 16.44
C ALA B 43 -2.72 -19.26 17.66
N VAL B 44 -3.81 -18.57 18.00
CA VAL B 44 -3.79 -17.64 19.12
C VAL B 44 -4.35 -18.30 20.38
N PHE B 45 -5.31 -19.21 20.22
CA PHE B 45 -6.07 -19.72 21.36
C PHE B 45 -5.19 -20.50 22.32
N ASP B 46 -5.49 -20.35 23.61
CA ASP B 46 -4.79 -21.05 24.68
C ASP B 46 -5.77 -21.92 25.46
N PRO B 47 -5.73 -23.24 25.29
CA PRO B 47 -6.70 -24.10 25.99
C PRO B 47 -6.25 -24.51 27.38
N SER B 48 -5.25 -23.81 27.93
CA SER B 48 -4.67 -24.20 29.21
C SER B 48 -5.67 -24.08 30.36
N ASP B 49 -6.45 -23.00 30.39
CA ASP B 49 -7.34 -22.70 31.50
C ASP B 49 -8.75 -22.46 30.97
N PRO B 50 -9.52 -23.53 30.75
CA PRO B 50 -10.87 -23.36 30.20
C PRO B 50 -11.84 -22.63 31.11
N VAL B 51 -11.61 -22.61 32.42
CA VAL B 51 -12.59 -22.04 33.35
C VAL B 51 -12.32 -20.56 33.61
N LEU B 52 -11.05 -20.15 33.76
CA LEU B 52 -10.71 -18.77 34.04
C LEU B 52 -10.11 -18.03 32.86
N ASN B 53 -9.78 -18.73 31.77
CA ASN B 53 -9.39 -18.10 30.51
C ASN B 53 -10.15 -18.76 29.37
N PRO B 54 -11.48 -18.56 29.31
CA PRO B 54 -12.27 -19.24 28.26
C PRO B 54 -12.06 -18.63 26.88
N MET B 55 -12.80 -19.14 25.90
CA MET B 55 -12.67 -18.66 24.53
C MET B 55 -13.13 -17.22 24.39
N TRP B 56 -14.19 -16.84 25.11
CA TRP B 56 -14.70 -15.47 25.00
C TRP B 56 -13.82 -14.45 25.71
N ARG B 57 -12.88 -14.89 26.54
CA ARG B 57 -11.91 -13.98 27.12
C ARG B 57 -10.66 -13.82 26.25
N GLN B 58 -10.54 -14.61 25.19
CA GLN B 58 -9.38 -14.56 24.30
C GLN B 58 -9.73 -13.97 22.94
N GLY B 59 -10.89 -13.36 22.79
CA GLY B 59 -11.25 -12.73 21.54
C GLY B 59 -11.63 -13.66 20.42
N MET B 60 -12.01 -14.90 20.73
CA MET B 60 -12.37 -15.87 19.71
C MET B 60 -13.75 -15.53 19.15
N PHE B 61 -13.85 -15.46 17.82
CA PHE B 61 -15.08 -15.06 17.16
C PHE B 61 -15.76 -16.21 16.43
N VAL B 62 -15.05 -16.91 15.56
CA VAL B 62 -15.65 -18.03 14.84
C VAL B 62 -15.58 -19.34 15.63
N MET B 63 -14.64 -19.46 16.57
CA MET B 63 -14.58 -20.65 17.41
C MET B 63 -15.84 -20.86 18.25
N PRO B 64 -16.47 -19.83 18.85
CA PRO B 64 -17.77 -20.09 19.49
C PRO B 64 -18.82 -20.63 18.55
N PHE B 65 -18.87 -20.17 17.30
CA PHE B 65 -19.85 -20.68 16.36
C PHE B 65 -19.51 -22.10 15.91
N MET B 66 -18.23 -22.46 15.88
CA MET B 66 -17.86 -23.86 15.65
C MET B 66 -18.27 -24.73 16.83
N ALA B 67 -18.07 -24.25 18.05
CA ALA B 67 -18.38 -25.04 19.24
C ALA B 67 -19.88 -25.10 19.52
N ARG B 68 -20.66 -24.18 18.94
CA ARG B 68 -22.10 -24.17 19.20
C ARG B 68 -22.77 -25.45 18.70
N ILE B 69 -22.34 -25.97 17.56
CA ILE B 69 -23.04 -27.10 16.94
C ILE B 69 -22.14 -28.31 16.74
N GLY B 70 -21.19 -28.53 17.66
CA GLY B 70 -20.51 -29.80 17.70
C GLY B 70 -19.01 -29.82 17.75
N VAL B 71 -18.36 -28.91 17.03
CA VAL B 71 -16.89 -28.94 16.90
C VAL B 71 -16.29 -28.43 18.20
N THR B 72 -15.85 -29.36 19.05
CA THR B 72 -15.21 -29.01 20.31
C THR B 72 -13.81 -29.59 20.47
N ASP B 73 -13.51 -30.70 19.82
CA ASP B 73 -12.20 -31.31 19.93
C ASP B 73 -11.21 -30.65 18.97
N SER B 74 -9.93 -30.89 19.23
CA SER B 74 -8.85 -30.35 18.41
C SER B 74 -7.81 -31.44 18.16
N TRP B 75 -7.11 -31.31 17.03
CA TRP B 75 -6.05 -32.25 16.68
C TRP B 75 -4.85 -32.16 17.62
N GLY B 76 -4.77 -31.14 18.45
CA GLY B 76 -3.73 -31.01 19.46
C GLY B 76 -3.98 -31.77 20.74
N GLY B 77 -5.02 -32.61 20.79
CA GLY B 77 -5.29 -33.41 21.96
C GLY B 77 -6.00 -32.68 23.08
N TRP B 78 -6.70 -31.59 22.79
CA TRP B 78 -7.43 -30.84 23.80
C TRP B 78 -8.83 -30.53 23.30
N SER B 79 -9.70 -30.16 24.23
CA SER B 79 -11.08 -29.80 23.94
C SER B 79 -11.44 -28.51 24.66
N ILE B 80 -12.51 -27.87 24.17
CA ILE B 80 -12.97 -26.62 24.77
C ILE B 80 -13.42 -26.84 26.21
N THR B 81 -14.09 -27.97 26.46
CA THR B 81 -14.54 -28.29 27.82
C THR B 81 -13.39 -28.62 28.76
N GLY B 82 -12.18 -28.80 28.25
CA GLY B 82 -11.03 -29.13 29.06
C GLY B 82 -10.76 -30.62 29.18
N GLU B 83 -11.63 -31.46 28.66
CA GLU B 83 -11.44 -32.91 28.73
C GLU B 83 -10.54 -33.35 27.58
N SER B 84 -9.41 -33.97 27.91
CA SER B 84 -8.48 -34.43 26.90
C SER B 84 -9.10 -35.54 26.05
N VAL B 85 -8.80 -35.54 24.76
CA VAL B 85 -9.35 -36.49 23.81
C VAL B 85 -8.20 -37.25 23.17
N ALA B 86 -8.32 -38.58 23.10
CA ALA B 86 -7.28 -39.40 22.51
C ALA B 86 -7.38 -39.42 20.99
N ASN B 87 -8.57 -39.73 20.46
CA ASN B 87 -8.83 -39.74 19.03
C ASN B 87 -9.74 -38.56 18.70
N PRO B 88 -9.18 -37.39 18.36
CA PRO B 88 -10.03 -36.22 18.12
C PRO B 88 -10.97 -36.35 16.94
N GLY B 89 -10.58 -37.07 15.90
CA GLY B 89 -11.35 -37.15 14.68
C GLY B 89 -11.01 -36.02 13.72
N PHE B 90 -11.44 -36.20 12.47
CA PHE B 90 -11.12 -35.22 11.43
C PHE B 90 -11.81 -33.88 11.68
N TRP B 91 -13.08 -33.91 12.10
CA TRP B 91 -13.87 -32.69 12.23
C TRP B 91 -13.55 -31.95 13.54
N SER B 92 -12.27 -31.61 13.69
CA SER B 92 -11.82 -30.70 14.72
C SER B 92 -11.87 -29.28 14.17
N PHE B 93 -11.37 -28.31 14.95
CA PHE B 93 -11.31 -26.94 14.45
C PHE B 93 -10.36 -26.84 13.26
N GLU B 94 -9.20 -27.51 13.33
CA GLU B 94 -8.26 -27.52 12.22
C GLU B 94 -8.88 -28.17 10.98
N GLY B 95 -9.58 -29.28 11.17
CA GLY B 95 -10.23 -29.94 10.04
C GLY B 95 -11.30 -29.08 9.40
N VAL B 96 -12.10 -28.39 10.22
CA VAL B 96 -13.13 -27.49 9.69
C VAL B 96 -12.50 -26.34 8.93
N ALA B 97 -11.43 -25.77 9.47
CA ALA B 97 -10.75 -24.67 8.79
C ALA B 97 -10.17 -25.13 7.44
N LEU B 98 -9.52 -26.29 7.42
CA LEU B 98 -8.98 -26.80 6.16
C LEU B 98 -10.07 -27.13 5.16
N ALA B 99 -11.20 -27.67 5.64
CA ALA B 99 -12.32 -27.93 4.75
C ALA B 99 -12.88 -26.65 4.15
N HIS B 100 -13.00 -25.59 4.96
CA HIS B 100 -13.48 -24.32 4.44
C HIS B 100 -12.50 -23.72 3.43
N ILE B 101 -11.19 -23.85 3.69
CA ILE B 101 -10.20 -23.33 2.74
C ILE B 101 -10.25 -24.09 1.42
N GLY B 102 -10.35 -25.43 1.48
CA GLY B 102 -10.47 -26.21 0.27
C GLY B 102 -11.75 -25.90 -0.49
N LEU B 103 -12.85 -25.68 0.24
CA LEU B 103 -14.09 -25.26 -0.39
C LEU B 103 -13.94 -23.90 -1.05
N SER B 104 -13.21 -22.98 -0.41
CA SER B 104 -12.95 -21.68 -1.03
C SER B 104 -12.19 -21.84 -2.33
N GLY B 105 -11.18 -22.71 -2.36
CA GLY B 105 -10.44 -22.94 -3.58
C GLY B 105 -11.30 -23.55 -4.69
N LEU B 106 -12.12 -24.54 -4.33
CA LEU B 106 -13.00 -25.15 -5.32
C LEU B 106 -14.02 -24.16 -5.86
N LEU B 107 -14.57 -23.31 -4.98
CA LEU B 107 -15.51 -22.29 -5.42
C LEU B 107 -14.82 -21.26 -6.31
N PHE B 108 -13.56 -20.93 -6.02
CA PHE B 108 -12.80 -20.03 -6.88
C PHE B 108 -12.62 -20.63 -8.28
N LEU B 109 -12.28 -21.91 -8.35
CA LEU B 109 -12.15 -22.57 -9.65
C LEU B 109 -13.48 -22.59 -10.40
N ALA B 110 -14.57 -22.88 -9.69
CA ALA B 110 -15.89 -22.87 -10.31
C ALA B 110 -16.27 -21.48 -10.80
N ALA B 111 -15.93 -20.44 -10.03
CA ALA B 111 -16.20 -19.07 -10.45
C ALA B 111 -15.41 -18.73 -11.71
N VAL B 112 -14.14 -19.16 -11.78
CA VAL B 112 -13.33 -18.94 -12.97
C VAL B 112 -13.98 -19.60 -14.18
N TRP B 113 -14.42 -20.86 -14.02
CA TRP B 113 -15.04 -21.57 -15.13
C TRP B 113 -16.32 -20.87 -15.58
N HIS B 114 -17.17 -20.46 -14.63
CA HIS B 114 -18.44 -19.85 -15.00
C HIS B 114 -18.24 -18.47 -15.61
N TRP B 115 -17.22 -17.73 -15.17
CA TRP B 115 -16.91 -16.45 -15.81
C TRP B 115 -16.43 -16.66 -17.25
N VAL B 116 -15.56 -17.65 -17.47
CA VAL B 116 -15.07 -17.90 -18.82
C VAL B 116 -16.19 -18.48 -19.69
N TYR B 117 -16.91 -19.47 -19.18
CA TYR B 117 -18.01 -20.10 -19.92
C TYR B 117 -19.32 -19.50 -19.42
N TRP B 118 -19.63 -18.31 -19.94
CA TRP B 118 -20.82 -17.57 -19.53
C TRP B 118 -22.02 -17.83 -20.44
N ASP B 119 -21.79 -18.16 -21.71
CA ASP B 119 -22.87 -18.28 -22.68
C ASP B 119 -23.32 -19.74 -22.73
N LEU B 120 -24.38 -20.04 -21.99
CA LEU B 120 -24.96 -21.37 -21.94
C LEU B 120 -26.43 -21.31 -22.36
N GLU B 121 -26.89 -22.37 -23.01
CA GLU B 121 -28.29 -22.45 -23.43
C GLU B 121 -29.24 -22.47 -22.26
N LEU B 122 -28.77 -22.88 -21.07
CA LEU B 122 -29.63 -22.91 -19.89
C LEU B 122 -30.08 -21.51 -19.49
N PHE B 123 -29.21 -20.52 -19.68
CA PHE B 123 -29.49 -19.15 -19.25
C PHE B 123 -30.31 -18.36 -20.25
N ARG B 124 -30.65 -18.94 -21.40
CA ARG B 124 -31.40 -18.24 -22.44
C ARG B 124 -32.83 -18.79 -22.49
N ASP B 125 -33.79 -17.88 -22.63
CA ASP B 125 -35.19 -18.26 -22.67
C ASP B 125 -35.50 -19.02 -23.96
N PRO B 126 -36.20 -20.15 -23.89
CA PRO B 126 -36.58 -20.86 -25.12
C PRO B 126 -37.46 -20.03 -26.05
N ARG B 127 -38.36 -19.20 -25.50
CA ARG B 127 -39.27 -18.44 -26.36
C ARG B 127 -38.53 -17.29 -27.05
N THR B 128 -37.69 -16.57 -26.31
CA THR B 128 -36.94 -15.45 -26.87
C THR B 128 -35.46 -15.66 -26.59
N GLY B 129 -34.63 -15.52 -27.64
CA GLY B 129 -33.23 -15.90 -27.57
C GLY B 129 -32.41 -15.12 -26.57
N ASN B 130 -32.89 -13.96 -26.12
CA ASN B 130 -32.16 -13.17 -25.14
C ASN B 130 -32.12 -13.91 -23.80
N PRO B 131 -31.02 -13.74 -23.05
CA PRO B 131 -30.92 -14.43 -21.76
C PRO B 131 -31.95 -13.94 -20.76
N ALA B 132 -32.39 -14.85 -19.91
CA ALA B 132 -33.40 -14.53 -18.90
C ALA B 132 -33.33 -15.56 -17.79
N LEU B 133 -33.94 -15.21 -16.65
CA LEU B 133 -34.04 -16.10 -15.50
C LEU B 133 -35.49 -16.15 -15.03
N ASP B 134 -36.02 -17.36 -14.92
CA ASP B 134 -37.40 -17.56 -14.43
C ASP B 134 -37.36 -17.50 -12.90
N LEU B 135 -37.34 -16.26 -12.39
CA LEU B 135 -37.14 -16.03 -10.96
C LEU B 135 -38.14 -16.75 -10.05
N PRO B 136 -39.45 -16.82 -10.35
CA PRO B 136 -40.33 -17.61 -9.46
C PRO B 136 -39.97 -19.08 -9.36
N LYS B 137 -39.65 -19.73 -10.49
CA LYS B 137 -39.26 -21.14 -10.45
C LYS B 137 -37.94 -21.33 -9.71
N ILE B 138 -36.98 -20.44 -9.95
CA ILE B 138 -35.70 -20.50 -9.23
C ILE B 138 -35.93 -20.35 -7.74
N PHE B 139 -36.81 -19.42 -7.35
CA PHE B 139 -37.14 -19.25 -5.94
C PHE B 139 -37.76 -20.50 -5.36
N GLY B 140 -38.68 -21.12 -6.10
CA GLY B 140 -39.28 -22.36 -5.61
C GLY B 140 -38.25 -23.46 -5.41
N ILE B 141 -37.34 -23.62 -6.38
CA ILE B 141 -36.32 -24.66 -6.29
C ILE B 141 -35.40 -24.42 -5.11
N HIS B 142 -34.92 -23.17 -4.96
CA HIS B 142 -34.01 -22.87 -3.86
C HIS B 142 -34.71 -22.90 -2.51
N LEU B 143 -36.01 -22.56 -2.47
CA LEU B 143 -36.77 -22.68 -1.23
C LEU B 143 -36.95 -24.14 -0.84
N LEU B 144 -37.19 -25.01 -1.82
CA LEU B 144 -37.25 -26.44 -1.52
C LEU B 144 -35.92 -26.95 -1.02
N LEU B 145 -34.82 -26.49 -1.64
CA LEU B 145 -33.47 -26.88 -1.18
C LEU B 145 -33.27 -26.42 0.26
N SER B 146 -33.61 -25.17 0.57
CA SER B 146 -33.43 -24.64 1.92
C SER B 146 -34.30 -25.36 2.93
N GLY B 147 -35.52 -25.73 2.55
CA GLY B 147 -36.37 -26.51 3.43
C GLY B 147 -35.80 -27.89 3.72
N VAL B 148 -35.26 -28.54 2.69
CA VAL B 148 -34.62 -29.84 2.88
C VAL B 148 -33.43 -29.71 3.82
N LEU B 149 -32.60 -28.69 3.62
CA LEU B 149 -31.45 -28.48 4.49
C LEU B 149 -31.88 -28.19 5.92
N CYS B 150 -32.91 -27.37 6.10
CA CYS B 150 -33.40 -27.03 7.43
C CYS B 150 -33.94 -28.27 8.14
N PHE B 151 -34.74 -29.08 7.44
CA PHE B 151 -35.27 -30.30 8.04
C PHE B 151 -34.16 -31.29 8.38
N GLY B 152 -33.16 -31.40 7.50
CA GLY B 152 -32.04 -32.29 7.79
C GLY B 152 -31.24 -31.84 8.99
N PHE B 153 -30.98 -30.53 9.10
CA PHE B 153 -30.25 -30.01 10.25
C PHE B 153 -31.03 -30.22 11.54
N GLY B 154 -32.33 -29.93 11.52
CA GLY B 154 -33.13 -30.08 12.74
C GLY B 154 -33.32 -31.52 13.14
N ALA B 155 -33.55 -32.41 12.17
CA ALA B 155 -33.95 -33.77 12.49
C ALA B 155 -32.75 -34.69 12.75
N PHE B 156 -31.63 -34.45 12.07
CA PHE B 156 -30.48 -35.34 12.17
C PHE B 156 -29.35 -34.74 12.99
N HIS B 157 -28.88 -33.54 12.65
CA HIS B 157 -27.74 -32.96 13.35
C HIS B 157 -28.10 -32.57 14.78
N VAL B 158 -29.20 -31.81 14.95
CA VAL B 158 -29.51 -31.25 16.27
C VAL B 158 -30.00 -32.33 17.21
N THR B 159 -30.88 -33.22 16.74
CA THR B 159 -31.42 -34.26 17.60
C THR B 159 -30.43 -35.40 17.85
N GLY B 160 -29.30 -35.42 17.16
CA GLY B 160 -28.29 -36.43 17.39
C GLY B 160 -28.58 -37.79 16.80
N ALA B 161 -29.67 -37.93 16.03
CA ALA B 161 -29.94 -39.19 15.36
C ALA B 161 -28.85 -39.52 14.35
N TRP B 162 -28.44 -38.53 13.56
CA TRP B 162 -27.29 -38.64 12.67
C TRP B 162 -26.47 -37.36 12.76
N GLY B 163 -26.18 -36.92 14.00
CA GLY B 163 -25.40 -35.73 14.21
C GLY B 163 -24.83 -35.65 15.61
N PRO B 164 -24.01 -34.62 15.86
CA PRO B 164 -23.41 -34.48 17.20
C PRO B 164 -24.30 -33.79 18.22
N GLY B 165 -25.34 -33.10 17.78
CA GLY B 165 -26.15 -32.29 18.69
C GLY B 165 -25.73 -30.85 18.68
N ILE B 166 -26.19 -30.13 19.71
CA ILE B 166 -25.89 -28.71 19.87
C ILE B 166 -25.37 -28.47 21.28
N TRP B 167 -24.78 -27.29 21.49
CA TRP B 167 -24.23 -26.95 22.78
C TRP B 167 -25.35 -26.61 23.75
N VAL B 168 -25.39 -27.32 24.88
CA VAL B 168 -26.34 -27.08 25.95
C VAL B 168 -25.58 -26.86 27.24
N SER B 169 -25.92 -25.81 27.97
CA SER B 169 -25.33 -25.50 29.25
C SER B 169 -26.41 -25.43 30.31
N ASP B 170 -25.98 -25.32 31.57
CA ASP B 170 -26.90 -25.18 32.69
C ASP B 170 -27.37 -23.73 32.76
N ALA B 171 -28.13 -23.40 33.81
CA ALA B 171 -28.66 -22.04 33.96
C ALA B 171 -27.57 -21.02 34.23
N TYR B 172 -26.40 -21.44 34.72
CA TYR B 172 -25.34 -20.50 35.09
C TYR B 172 -24.02 -20.82 34.39
N GLY B 173 -24.05 -21.62 33.33
CA GLY B 173 -22.88 -21.86 32.51
C GLY B 173 -21.72 -22.51 33.21
N ILE B 174 -21.97 -23.53 34.02
CA ILE B 174 -20.93 -24.26 34.73
C ILE B 174 -20.57 -25.56 34.02
N THR B 175 -21.58 -26.34 33.63
CA THR B 175 -21.39 -27.62 32.96
C THR B 175 -22.17 -27.60 31.65
N GLY B 176 -21.48 -27.25 30.56
CA GLY B 176 -22.10 -27.24 29.24
C GLY B 176 -21.26 -28.00 28.25
N LYS B 177 -21.94 -28.68 27.33
CA LYS B 177 -21.26 -29.50 26.33
C LYS B 177 -22.20 -29.71 25.16
N VAL B 178 -21.66 -30.31 24.10
CA VAL B 178 -22.45 -30.62 22.91
C VAL B 178 -23.20 -31.93 23.14
N GLN B 179 -24.51 -31.87 23.13
CA GLN B 179 -25.37 -33.03 23.35
C GLN B 179 -26.57 -32.93 22.42
N PRO B 180 -27.16 -34.07 22.08
CA PRO B 180 -28.43 -34.04 21.33
C PRO B 180 -29.57 -33.51 22.19
N VAL B 181 -30.54 -32.89 21.51
CA VAL B 181 -31.76 -32.42 22.16
C VAL B 181 -32.96 -32.99 21.42
N ALA B 182 -33.98 -33.40 22.18
CA ALA B 182 -35.20 -33.86 21.55
C ALA B 182 -36.13 -32.66 21.27
N PRO B 183 -36.88 -32.68 20.18
CA PRO B 183 -37.75 -31.54 19.87
C PRO B 183 -38.84 -31.34 20.90
N ALA B 184 -39.21 -30.08 21.12
CA ALA B 184 -40.31 -29.69 22.01
C ALA B 184 -41.41 -29.08 21.17
N TRP B 185 -42.50 -29.81 20.99
CA TRP B 185 -43.58 -29.39 20.10
C TRP B 185 -44.67 -28.60 20.82
N GLY B 186 -44.57 -28.44 22.13
CA GLY B 186 -45.54 -27.65 22.87
C GLY B 186 -45.20 -26.17 22.86
N PRO B 187 -45.93 -25.38 23.64
CA PRO B 187 -45.60 -23.95 23.76
C PRO B 187 -44.25 -23.70 24.39
N GLU B 188 -43.70 -24.67 25.12
CA GLU B 188 -42.39 -24.52 25.75
C GLU B 188 -41.25 -24.49 24.75
N GLY B 189 -41.51 -24.78 23.48
CA GLY B 189 -40.50 -24.67 22.45
C GLY B 189 -40.32 -23.29 21.86
N PHE B 190 -41.05 -22.29 22.36
CA PHE B 190 -41.00 -20.95 21.79
C PHE B 190 -40.28 -19.92 22.65
N ASN B 191 -39.95 -20.25 23.89
CA ASN B 191 -39.08 -19.31 24.60
C ASN B 191 -37.64 -19.46 24.08
N PRO B 192 -36.91 -18.36 23.95
CA PRO B 192 -35.57 -18.44 23.35
C PRO B 192 -34.56 -19.25 24.16
N PHE B 193 -34.84 -19.51 25.44
CA PHE B 193 -33.90 -20.18 26.33
C PHE B 193 -34.14 -21.68 26.41
N ASN B 194 -34.74 -22.27 25.39
CA ASN B 194 -34.98 -23.72 25.36
C ASN B 194 -34.32 -24.31 24.12
N PRO B 195 -33.22 -25.08 24.28
CA PRO B 195 -32.56 -25.66 23.09
C PRO B 195 -33.44 -26.62 22.30
N SER B 196 -34.40 -27.28 22.94
CA SER B 196 -35.32 -28.17 22.23
C SER B 196 -36.15 -27.40 21.20
N GLY B 197 -36.43 -26.12 21.49
CA GLY B 197 -37.15 -25.30 20.53
C GLY B 197 -36.43 -25.14 19.22
N VAL B 198 -35.09 -25.17 19.25
CA VAL B 198 -34.33 -25.06 18.02
C VAL B 198 -34.58 -26.27 17.11
N ALA B 199 -34.52 -27.47 17.69
CA ALA B 199 -34.75 -28.69 16.91
C ALA B 199 -36.18 -28.73 16.38
N SER B 200 -37.16 -28.44 17.23
CA SER B 200 -38.55 -28.46 16.79
C SER B 200 -38.79 -27.42 15.71
N HIS B 201 -38.20 -26.23 15.88
CA HIS B 201 -38.33 -25.16 14.89
C HIS B 201 -37.77 -25.57 13.55
N HIS B 202 -36.53 -26.07 13.54
CA HIS B 202 -35.91 -26.40 12.27
C HIS B 202 -36.65 -27.53 11.57
N ILE B 203 -37.14 -28.53 12.32
CA ILE B 203 -37.90 -29.61 11.69
C ILE B 203 -39.20 -29.07 11.08
N ALA B 204 -39.99 -28.33 11.86
CA ALA B 204 -41.29 -27.88 11.37
C ALA B 204 -41.14 -26.87 10.25
N ALA B 205 -40.23 -25.90 10.40
CA ALA B 205 -39.98 -24.91 9.37
C ALA B 205 -39.42 -25.55 8.12
N GLY B 206 -38.59 -26.59 8.25
CA GLY B 206 -38.11 -27.29 7.08
C GLY B 206 -39.23 -27.97 6.31
N ILE B 207 -40.15 -28.61 7.04
CA ILE B 207 -41.30 -29.25 6.38
C ILE B 207 -42.15 -28.20 5.67
N LEU B 208 -42.43 -27.10 6.35
CA LEU B 208 -43.24 -26.03 5.75
C LEU B 208 -42.54 -25.42 4.55
N GLY B 209 -41.22 -25.24 4.64
CA GLY B 209 -40.46 -24.71 3.51
C GLY B 209 -40.44 -25.67 2.34
N PHE B 210 -40.38 -26.97 2.61
CA PHE B 210 -40.48 -27.96 1.54
C PHE B 210 -41.82 -27.85 0.82
N ALA B 211 -42.90 -27.74 1.59
CA ALA B 211 -44.23 -27.56 0.98
C ALA B 211 -44.31 -26.26 0.19
N ALA B 212 -43.77 -25.18 0.75
CA ALA B 212 -43.80 -23.88 0.09
C ALA B 212 -42.98 -23.90 -1.19
N GLY B 213 -41.84 -24.58 -1.18
CA GLY B 213 -41.04 -24.72 -2.39
C GLY B 213 -41.78 -25.52 -3.46
N ILE B 214 -42.49 -26.58 -3.04
CA ILE B 214 -43.31 -27.33 -3.99
C ILE B 214 -44.35 -26.41 -4.61
N PHE B 215 -45.01 -25.59 -3.79
CA PHE B 215 -46.03 -24.68 -4.30
C PHE B 215 -45.43 -23.67 -5.27
N HIS B 216 -44.37 -22.96 -4.84
CA HIS B 216 -43.77 -21.92 -5.66
C HIS B 216 -43.10 -22.47 -6.91
N ILE B 217 -42.82 -23.77 -6.95
CA ILE B 217 -42.40 -24.41 -8.20
C ILE B 217 -43.61 -24.67 -9.10
N ALA B 218 -44.68 -25.24 -8.52
CA ALA B 218 -45.80 -25.70 -9.34
C ALA B 218 -46.65 -24.55 -9.86
N VAL B 219 -46.88 -23.52 -9.04
CA VAL B 219 -47.86 -22.48 -9.34
C VAL B 219 -47.15 -21.22 -9.82
N ARG B 220 -47.60 -20.69 -10.96
CA ARG B 220 -47.08 -19.44 -11.51
C ARG B 220 -47.67 -18.24 -10.76
N PRO B 221 -46.93 -17.13 -10.71
CA PRO B 221 -47.43 -15.97 -9.98
C PRO B 221 -48.63 -15.35 -10.67
N PRO B 222 -49.50 -14.66 -9.93
CA PRO B 222 -50.56 -13.88 -10.56
C PRO B 222 -49.98 -12.75 -11.40
N GLN B 223 -50.70 -12.37 -12.45
CA GLN B 223 -50.28 -11.25 -13.29
C GLN B 223 -50.24 -9.95 -12.48
N ARG B 224 -51.17 -9.79 -11.55
CA ARG B 224 -51.20 -8.59 -10.71
C ARG B 224 -49.92 -8.48 -9.87
N LEU B 225 -49.51 -9.57 -9.24
CA LEU B 225 -48.28 -9.55 -8.45
C LEU B 225 -47.05 -9.46 -9.35
N TYR B 226 -47.09 -10.08 -10.53
CA TYR B 226 -45.96 -10.02 -11.44
C TYR B 226 -45.70 -8.59 -11.91
N ARG B 227 -46.77 -7.84 -12.18
CA ARG B 227 -46.60 -6.44 -12.57
C ARG B 227 -46.33 -5.53 -11.38
N ALA B 228 -46.91 -5.84 -10.21
CA ALA B 228 -46.73 -4.97 -9.06
C ALA B 228 -45.32 -5.09 -8.48
N LEU B 229 -44.83 -6.31 -8.32
CA LEU B 229 -43.53 -6.55 -7.72
C LEU B 229 -42.40 -6.61 -8.73
N ARG B 230 -42.68 -6.43 -10.02
CA ARG B 230 -41.67 -6.47 -11.09
C ARG B 230 -40.88 -7.77 -11.04
N MET B 231 -41.60 -8.89 -10.97
CA MET B 231 -40.98 -10.20 -10.78
C MET B 231 -40.09 -10.63 -11.93
N GLY B 232 -40.18 -9.98 -13.09
CA GLY B 232 -39.25 -10.25 -14.16
C GLY B 232 -37.92 -9.55 -14.05
N ASN B 233 -37.73 -8.77 -12.98
CA ASN B 233 -36.51 -8.00 -12.75
C ASN B 233 -35.76 -8.59 -11.57
N ILE B 234 -34.45 -8.78 -11.75
CA ILE B 234 -33.61 -9.33 -10.69
C ILE B 234 -33.46 -8.37 -9.52
N GLU B 235 -33.62 -7.06 -9.76
CA GLU B 235 -33.37 -6.08 -8.72
C GLU B 235 -34.44 -6.13 -7.63
N THR B 236 -35.67 -6.51 -7.97
CA THR B 236 -36.68 -6.67 -6.92
C THR B 236 -36.34 -7.87 -6.03
N VAL B 237 -35.75 -8.92 -6.61
CA VAL B 237 -35.27 -10.04 -5.81
C VAL B 237 -34.15 -9.58 -4.89
N LEU B 238 -33.25 -8.74 -5.42
CA LEU B 238 -32.17 -8.20 -4.59
C LEU B 238 -32.72 -7.38 -3.44
N SER B 239 -33.71 -6.52 -3.72
CA SER B 239 -34.28 -5.67 -2.67
C SER B 239 -34.99 -6.50 -1.60
N SER B 240 -35.79 -7.47 -2.03
CA SER B 240 -36.50 -8.32 -1.06
C SER B 240 -35.54 -9.15 -0.24
N SER B 241 -34.48 -9.68 -0.88
CA SER B 241 -33.48 -10.45 -0.15
C SER B 241 -32.73 -9.59 0.84
N ILE B 242 -32.42 -8.36 0.48
CA ILE B 242 -31.76 -7.43 1.41
C ILE B 242 -32.68 -7.11 2.57
N ALA B 243 -33.98 -6.96 2.30
CA ALA B 243 -34.94 -6.70 3.37
C ALA B 243 -34.99 -7.86 4.35
N ALA B 244 -35.15 -9.08 3.84
CA ALA B 244 -35.17 -10.25 4.72
C ALA B 244 -33.84 -10.42 5.45
N VAL B 245 -32.74 -10.05 4.78
CA VAL B 245 -31.41 -10.21 5.36
C VAL B 245 -31.21 -9.27 6.53
N PHE B 246 -31.64 -8.01 6.40
CA PHE B 246 -31.49 -7.09 7.53
C PHE B 246 -32.51 -7.40 8.63
N TRP B 247 -33.67 -7.94 8.26
CA TRP B 247 -34.60 -8.45 9.27
C TRP B 247 -33.95 -9.54 10.12
N SER B 248 -33.34 -10.52 9.46
CA SER B 248 -32.66 -11.59 10.18
C SER B 248 -31.45 -11.07 10.95
N ALA B 249 -30.75 -10.06 10.41
CA ALA B 249 -29.62 -9.48 11.13
C ALA B 249 -30.08 -8.81 12.42
N PHE B 250 -31.18 -8.06 12.36
CA PHE B 250 -31.73 -7.46 13.57
C PHE B 250 -32.14 -8.52 14.58
N ILE B 251 -32.77 -9.60 14.11
CA ILE B 251 -33.21 -10.65 15.02
C ILE B 251 -32.01 -11.32 15.69
N THR B 252 -30.97 -11.62 14.92
CA THR B 252 -29.78 -12.26 15.48
C THR B 252 -29.04 -11.31 16.43
N THR B 253 -29.01 -10.02 16.10
CA THR B 253 -28.43 -9.04 17.00
C THR B 253 -29.17 -9.00 18.33
N GLY B 254 -30.50 -9.01 18.28
CA GLY B 254 -31.28 -9.03 19.50
C GLY B 254 -31.06 -10.29 20.32
N THR B 255 -31.02 -11.45 19.66
CA THR B 255 -30.82 -12.70 20.39
C THR B 255 -29.43 -12.77 20.99
N MET B 256 -28.42 -12.25 20.28
CA MET B 256 -27.06 -12.24 20.83
C MET B 256 -26.96 -11.29 22.03
N TRP B 257 -27.55 -10.10 21.92
CA TRP B 257 -27.39 -9.11 22.99
C TRP B 257 -28.21 -9.49 24.22
N TYR B 258 -29.45 -9.91 24.04
CA TYR B 258 -30.31 -10.26 25.16
C TYR B 258 -30.04 -11.66 25.70
N GLY B 259 -29.48 -12.55 24.88
CA GLY B 259 -29.21 -13.91 25.29
C GLY B 259 -30.25 -14.88 24.80
N SER B 260 -29.82 -16.12 24.58
CA SER B 260 -30.69 -17.17 24.05
C SER B 260 -30.00 -18.51 24.26
N ALA B 261 -30.73 -19.58 23.98
CA ALA B 261 -30.13 -20.91 23.99
C ALA B 261 -29.11 -21.07 22.88
N THR B 262 -29.22 -20.29 21.81
CA THR B 262 -28.25 -20.30 20.72
C THR B 262 -27.06 -19.38 20.97
N THR B 263 -27.03 -18.69 22.11
CA THR B 263 -25.89 -17.88 22.52
C THR B 263 -25.48 -18.28 23.93
N PRO B 264 -24.80 -19.42 24.07
CA PRO B 264 -24.43 -19.90 25.40
C PRO B 264 -23.43 -18.96 26.09
N ILE B 265 -23.54 -18.90 27.41
CA ILE B 265 -22.64 -18.05 28.19
C ILE B 265 -21.22 -18.57 28.15
N GLU B 266 -21.03 -19.90 28.10
CA GLU B 266 -19.69 -20.46 28.06
C GLU B 266 -18.99 -20.24 26.73
N LEU B 267 -19.73 -19.87 25.68
CA LEU B 267 -19.15 -19.65 24.37
C LEU B 267 -19.01 -18.18 24.02
N PHE B 268 -19.95 -17.33 24.45
CA PHE B 268 -19.93 -15.92 24.11
C PHE B 268 -19.75 -14.99 25.31
N GLY B 269 -19.75 -15.51 26.53
CA GLY B 269 -19.61 -14.69 27.70
C GLY B 269 -20.95 -14.25 28.26
N PRO B 270 -20.93 -13.65 29.45
CA PRO B 270 -22.18 -13.17 30.05
C PRO B 270 -22.75 -12.00 29.28
N THR B 271 -24.06 -11.81 29.42
CA THR B 271 -24.74 -10.64 28.90
C THR B 271 -24.68 -9.50 29.93
N ARG B 272 -24.98 -8.29 29.46
CA ARG B 272 -24.99 -7.14 30.37
C ARG B 272 -26.16 -7.19 31.33
N TYR B 273 -27.28 -7.80 30.92
CA TYR B 273 -28.45 -7.85 31.78
C TYR B 273 -28.30 -8.88 32.89
N GLN B 274 -27.35 -9.81 32.77
CA GLN B 274 -27.04 -10.68 33.89
C GLN B 274 -26.29 -9.94 34.98
N TRP B 275 -25.46 -8.96 34.61
CA TRP B 275 -24.82 -8.10 35.60
C TRP B 275 -25.79 -7.07 36.15
N ASP B 276 -26.69 -6.56 35.31
CA ASP B 276 -27.64 -5.54 35.75
C ASP B 276 -28.56 -6.08 36.84
N SER B 277 -29.04 -7.32 36.68
CA SER B 277 -29.95 -7.93 37.64
C SER B 277 -29.24 -8.74 38.71
N GLY B 278 -27.90 -8.81 38.66
CA GLY B 278 -27.16 -9.63 39.60
C GLY B 278 -27.50 -11.10 39.46
N TYR B 279 -27.52 -11.59 38.22
CA TYR B 279 -27.96 -12.96 37.96
C TYR B 279 -27.05 -13.99 38.62
N PHE B 280 -25.73 -13.77 38.55
CA PHE B 280 -24.81 -14.71 39.18
C PHE B 280 -24.61 -14.40 40.66
N GLN B 281 -24.69 -13.13 41.06
CA GLN B 281 -24.51 -12.76 42.46
C GLN B 281 -25.59 -13.37 43.34
N GLN B 282 -26.84 -13.35 42.88
CA GLN B 282 -27.93 -13.95 43.64
C GLN B 282 -27.74 -15.45 43.81
N GLU B 283 -27.29 -16.12 42.74
CA GLU B 283 -27.04 -17.56 42.83
C GLU B 283 -25.90 -17.87 43.79
N ILE B 284 -24.83 -17.06 43.75
CA ILE B 284 -23.70 -17.28 44.65
C ILE B 284 -24.15 -17.10 46.11
N GLU B 285 -24.91 -16.03 46.37
CA GLU B 285 -25.40 -15.80 47.73
C GLU B 285 -26.36 -16.91 48.17
N ARG B 286 -27.19 -17.40 47.25
CA ARG B 286 -28.11 -18.48 47.57
C ARG B 286 -27.36 -19.76 47.91
N ARG B 287 -26.32 -20.09 47.15
CA ARG B 287 -25.50 -21.26 47.45
C ARG B 287 -24.80 -21.11 48.79
N VAL B 288 -24.27 -19.91 49.08
CA VAL B 288 -23.61 -19.68 50.36
C VAL B 288 -24.59 -19.83 51.51
N GLU B 289 -25.80 -19.28 51.36
CA GLU B 289 -26.81 -19.39 52.40
C GLU B 289 -27.23 -20.84 52.62
N ASN B 290 -27.39 -21.60 51.53
CA ASN B 290 -27.74 -23.02 51.64
C ASN B 290 -26.64 -23.79 52.35
N SER B 291 -25.38 -23.50 52.02
CA SER B 291 -24.27 -24.17 52.70
C SER B 291 -24.22 -23.80 54.18
N LEU B 292 -24.50 -22.54 54.50
CA LEU B 292 -24.53 -22.11 55.90
C LEU B 292 -25.66 -22.78 56.67
N ASN B 293 -26.79 -23.05 56.00
CA ASN B 293 -27.91 -23.71 56.68
C ASN B 293 -27.57 -25.16 57.03
N GLU B 294 -26.69 -25.80 56.27
CA GLU B 294 -26.31 -27.19 56.50
C GLU B 294 -25.20 -27.33 57.54
N GLY B 295 -24.92 -26.29 58.32
CA GLY B 295 -23.94 -26.35 59.38
C GLY B 295 -22.53 -25.97 58.99
N LEU B 296 -22.26 -25.77 57.69
CA LEU B 296 -20.93 -25.38 57.26
C LEU B 296 -20.64 -23.93 57.66
N SER B 297 -19.38 -23.65 57.96
CA SER B 297 -18.96 -22.31 58.32
C SER B 297 -18.87 -21.41 57.09
N LEU B 298 -18.61 -20.13 57.33
CA LEU B 298 -18.56 -19.16 56.23
C LEU B 298 -17.41 -19.46 55.28
N SER B 299 -16.24 -19.83 55.82
CA SER B 299 -15.11 -20.17 54.97
C SER B 299 -15.40 -21.40 54.12
N GLU B 300 -16.01 -22.43 54.73
CA GLU B 300 -16.40 -23.61 53.97
C GLU B 300 -17.48 -23.29 52.95
N ALA B 301 -18.44 -22.44 53.32
CA ALA B 301 -19.51 -22.08 52.40
C ALA B 301 -18.98 -21.34 51.18
N TRP B 302 -18.04 -20.41 51.38
CA TRP B 302 -17.45 -19.69 50.26
C TRP B 302 -16.42 -20.53 49.52
N SER B 303 -15.88 -21.58 50.15
CA SER B 303 -14.97 -22.48 49.45
C SER B 303 -15.69 -23.46 48.54
N ARG B 304 -17.00 -23.65 48.72
CA ARG B 304 -17.78 -24.50 47.83
C ARG B 304 -18.21 -23.78 46.57
N ILE B 305 -17.98 -22.47 46.46
CA ILE B 305 -18.36 -21.71 45.28
C ILE B 305 -17.34 -21.98 44.18
N PRO B 306 -17.77 -22.43 43.00
CA PRO B 306 -16.83 -22.67 41.91
C PRO B 306 -16.19 -21.37 41.42
N ASP B 307 -14.97 -21.50 40.90
CA ASP B 307 -14.26 -20.34 40.38
C ASP B 307 -14.94 -19.77 39.15
N LYS B 308 -15.52 -20.63 38.31
CA LYS B 308 -16.19 -20.17 37.10
C LYS B 308 -17.41 -19.31 37.42
N LEU B 309 -18.21 -19.75 38.40
CA LEU B 309 -19.40 -18.99 38.79
C LEU B 309 -19.03 -17.63 39.37
N ALA B 310 -17.97 -17.58 40.18
CA ALA B 310 -17.49 -16.30 40.70
C ALA B 310 -16.95 -15.42 39.59
N PHE B 311 -16.27 -16.02 38.61
CA PHE B 311 -15.74 -15.26 37.50
C PHE B 311 -16.85 -14.68 36.62
N TYR B 312 -18.00 -15.35 36.58
CA TYR B 312 -19.15 -14.78 35.87
C TYR B 312 -19.67 -13.52 36.53
N ASP B 313 -19.53 -13.41 37.85
CA ASP B 313 -19.97 -12.23 38.59
C ASP B 313 -18.86 -11.19 38.69
N TYR B 314 -18.32 -10.79 37.54
CA TYR B 314 -17.24 -9.82 37.45
C TYR B 314 -17.57 -8.83 36.35
N VAL B 315 -17.49 -7.53 36.66
CA VAL B 315 -17.91 -6.51 35.71
C VAL B 315 -16.96 -6.41 34.52
N GLY B 316 -15.75 -6.96 34.63
CA GLY B 316 -14.86 -6.98 33.48
C GLY B 316 -15.32 -7.91 32.39
N ASN B 317 -16.18 -8.89 32.72
CA ASN B 317 -16.78 -9.77 31.74
C ASN B 317 -18.08 -9.23 31.17
N ASN B 318 -18.51 -8.06 31.63
CA ASN B 318 -19.70 -7.42 31.07
C ASN B 318 -19.40 -6.94 29.66
N PRO B 319 -20.21 -7.32 28.66
CA PRO B 319 -19.97 -6.84 27.29
C PRO B 319 -20.15 -5.34 27.13
N ALA B 320 -20.82 -4.68 28.06
CA ALA B 320 -21.07 -3.24 27.99
C ALA B 320 -20.04 -2.44 28.78
N LYS B 321 -18.81 -2.94 28.89
CA LYS B 321 -17.74 -2.23 29.57
C LYS B 321 -16.55 -1.94 28.68
N GLY B 322 -16.60 -2.32 27.40
CA GLY B 322 -15.49 -2.13 26.49
C GLY B 322 -15.52 -0.77 25.82
N GLY B 323 -14.75 -0.67 24.74
CA GLY B 323 -14.66 0.56 23.98
C GLY B 323 -14.66 0.28 22.49
N LEU B 324 -15.04 1.30 21.73
CA LEU B 324 -15.10 1.16 20.28
C LEU B 324 -13.72 0.90 19.69
N PHE B 325 -12.70 1.61 20.18
CA PHE B 325 -11.35 1.46 19.67
C PHE B 325 -10.42 0.79 20.68
N ARG B 326 -10.98 0.15 21.70
CA ARG B 326 -10.21 -0.71 22.59
C ARG B 326 -10.17 -2.08 21.94
N ALA B 327 -9.12 -2.34 21.18
CA ALA B 327 -9.03 -3.52 20.35
C ALA B 327 -8.41 -4.69 21.11
N GLY B 328 -8.68 -5.89 20.62
CA GLY B 328 -8.08 -7.09 21.16
C GLY B 328 -8.98 -7.83 22.14
N PRO B 329 -8.47 -8.91 22.73
CA PRO B 329 -9.25 -9.69 23.67
C PRO B 329 -9.38 -8.98 25.02
N MET B 330 -10.29 -9.50 25.84
CA MET B 330 -10.49 -8.96 27.18
C MET B 330 -9.27 -9.18 28.06
N ASN B 331 -8.49 -10.22 27.77
CA ASN B 331 -7.23 -10.43 28.48
C ASN B 331 -6.25 -9.30 28.19
N LYS B 332 -6.24 -8.79 26.96
CA LYS B 332 -5.48 -7.58 26.66
C LYS B 332 -6.00 -6.38 27.46
N GLY B 333 -7.27 -6.40 27.86
CA GLY B 333 -7.83 -5.31 28.62
C GLY B 333 -7.50 -5.33 30.09
N ASP B 334 -7.88 -6.38 30.80
CA ASP B 334 -7.71 -6.43 32.26
C ASP B 334 -6.78 -7.54 32.71
N GLY B 335 -5.92 -8.03 31.83
CA GLY B 335 -5.01 -9.12 32.16
C GLY B 335 -5.71 -10.47 32.05
N ILE B 336 -4.91 -11.52 32.20
CA ILE B 336 -5.43 -12.88 32.20
C ILE B 336 -5.72 -13.28 33.64
N ALA B 337 -6.92 -13.81 33.88
CA ALA B 337 -7.31 -14.22 35.22
C ALA B 337 -6.56 -15.49 35.61
N GLU B 338 -5.96 -15.47 36.81
CA GLU B 338 -5.20 -16.59 37.31
C GLU B 338 -5.99 -17.42 38.32
N ALA B 339 -6.50 -16.77 39.37
CA ALA B 339 -7.25 -17.47 40.40
C ALA B 339 -8.20 -16.50 41.09
N TRP B 340 -9.22 -17.08 41.72
CA TRP B 340 -10.18 -16.30 42.51
C TRP B 340 -9.59 -16.00 43.88
N LEU B 341 -9.61 -14.73 44.27
CA LEU B 341 -9.06 -14.33 45.55
C LEU B 341 -10.03 -14.54 46.72
N GLY B 342 -11.30 -14.81 46.44
CA GLY B 342 -12.28 -15.03 47.49
C GLY B 342 -13.16 -13.82 47.72
N HIS B 343 -14.28 -14.06 48.38
CA HIS B 343 -15.24 -12.99 48.66
C HIS B 343 -14.76 -12.15 49.83
N PRO B 344 -14.67 -10.83 49.68
CA PRO B 344 -14.27 -9.98 50.79
C PRO B 344 -15.47 -9.48 51.59
N ILE B 345 -15.24 -9.36 52.90
CA ILE B 345 -16.24 -8.84 53.84
C ILE B 345 -15.59 -7.72 54.63
N PHE B 346 -16.24 -6.56 54.66
CA PHE B 346 -15.71 -5.37 55.30
C PHE B 346 -16.48 -5.11 56.59
N GLN B 347 -15.74 -4.87 57.67
CA GLN B 347 -16.33 -4.53 58.96
C GLN B 347 -15.66 -3.28 59.51
N ASP B 348 -16.46 -2.38 60.05
CA ASP B 348 -15.93 -1.17 60.68
C ASP B 348 -15.53 -1.47 62.11
N LYS B 349 -15.22 -0.42 62.89
CA LYS B 349 -14.81 -0.61 64.28
C LYS B 349 -15.94 -1.19 65.12
N GLU B 350 -17.17 -0.76 64.87
CA GLU B 350 -18.31 -1.30 65.61
C GLU B 350 -18.52 -2.77 65.31
N GLY B 351 -18.31 -3.17 64.05
CA GLY B 351 -18.55 -4.53 63.62
C GLY B 351 -19.67 -4.71 62.63
N ARG B 352 -20.25 -3.61 62.12
CA ARG B 352 -21.32 -3.72 61.13
C ARG B 352 -20.78 -4.26 59.82
N GLU B 353 -21.56 -5.13 59.19
CA GLU B 353 -21.19 -5.68 57.89
C GLU B 353 -21.29 -4.58 56.83
N LEU B 354 -20.23 -4.44 56.03
CA LEU B 354 -20.17 -3.42 54.99
C LEU B 354 -19.98 -4.08 53.64
N THR B 355 -20.77 -3.63 52.65
CA THR B 355 -20.66 -4.10 51.28
C THR B 355 -20.39 -2.92 50.37
N VAL B 356 -19.50 -3.11 49.41
CA VAL B 356 -19.16 -2.09 48.44
C VAL B 356 -20.17 -2.16 47.30
N ARG B 357 -20.76 -1.01 46.97
CA ARG B 357 -21.76 -0.97 45.91
C ARG B 357 -21.12 -1.31 44.56
N ARG B 358 -21.77 -2.20 43.81
CA ARG B 358 -21.26 -2.62 42.52
C ARG B 358 -21.26 -1.47 41.53
N MET B 359 -20.23 -1.43 40.68
CA MET B 359 -20.15 -0.40 39.66
C MET B 359 -21.16 -0.69 38.56
N PRO B 360 -22.08 0.23 38.26
CA PRO B 360 -22.97 0.03 37.10
C PRO B 360 -22.19 0.07 35.80
N ALA B 361 -22.68 -0.70 34.82
CA ALA B 361 -22.02 -0.75 33.49
C ALA B 361 -22.02 0.65 32.86
N PHE B 362 -22.97 1.50 33.26
CA PHE B 362 -23.08 2.87 32.69
C PHE B 362 -21.86 3.71 33.06
N PHE B 363 -21.45 3.68 34.34
CA PHE B 363 -20.34 4.54 34.73
C PHE B 363 -18.93 4.10 34.32
N GLU B 364 -18.20 5.02 33.68
CA GLU B 364 -16.79 4.76 33.40
C GLU B 364 -15.97 4.76 34.69
N THR B 365 -16.25 5.72 35.58
CA THR B 365 -15.63 5.79 36.90
C THR B 365 -16.74 5.91 37.94
N PHE B 366 -16.73 5.02 38.92
CA PHE B 366 -17.76 5.01 39.93
C PHE B 366 -17.16 5.19 41.32
N PRO B 367 -17.77 6.01 42.18
CA PRO B 367 -17.25 6.20 43.53
C PRO B 367 -17.27 4.92 44.35
N VAL B 368 -16.29 4.80 45.24
CA VAL B 368 -16.19 3.63 46.12
C VAL B 368 -16.98 3.93 47.39
N ILE B 369 -18.09 3.21 47.58
CA ILE B 369 -19.02 3.45 48.67
C ILE B 369 -19.24 2.14 49.40
N LEU B 370 -19.14 2.16 50.73
CA LEU B 370 -19.43 1.01 51.58
C LEU B 370 -20.67 1.30 52.39
N VAL B 371 -21.65 0.40 52.32
CA VAL B 371 -22.92 0.57 53.01
C VAL B 371 -23.19 -0.65 53.87
N ASP B 372 -23.93 -0.45 54.96
CA ASP B 372 -24.30 -1.53 55.84
C ASP B 372 -25.59 -2.20 55.34
N LYS B 373 -26.15 -3.10 56.14
CA LYS B 373 -27.37 -3.80 55.74
C LYS B 373 -28.55 -2.85 55.65
N ASP B 374 -28.60 -1.84 56.52
CA ASP B 374 -29.67 -0.85 56.45
C ASP B 374 -29.61 -0.04 55.16
N GLY B 375 -28.39 0.32 54.73
CA GLY B 375 -28.20 1.12 53.54
C GLY B 375 -27.48 2.44 53.77
N ILE B 376 -27.11 2.75 55.01
CA ILE B 376 -26.45 4.02 55.32
C ILE B 376 -24.99 3.94 54.90
N ILE B 377 -24.46 5.06 54.43
CA ILE B 377 -23.06 5.15 54.01
C ILE B 377 -22.18 5.21 55.26
N ARG B 378 -21.22 4.30 55.34
CA ARG B 378 -20.29 4.25 56.46
C ARG B 378 -18.87 4.61 56.08
N ALA B 379 -18.37 4.12 54.95
CA ALA B 379 -17.02 4.41 54.50
C ALA B 379 -17.04 4.76 53.02
N ASP B 380 -16.10 5.59 52.62
CA ASP B 380 -15.95 5.94 51.22
C ASP B 380 -14.51 6.40 50.98
N ILE B 381 -14.07 6.26 49.73
CA ILE B 381 -12.78 6.77 49.30
C ILE B 381 -13.00 8.16 48.73
N PRO B 382 -12.34 9.19 49.25
CA PRO B 382 -12.50 10.54 48.70
C PRO B 382 -12.03 10.61 47.25
N PHE B 383 -12.46 11.67 46.57
CA PHE B 383 -12.28 11.76 45.12
C PHE B 383 -10.82 11.68 44.71
N ARG B 384 -10.06 12.75 44.90
CA ARG B 384 -8.61 12.65 44.69
C ARG B 384 -7.83 13.04 45.93
N ARG B 385 -7.98 14.30 46.35
CA ARG B 385 -7.23 14.89 47.47
C ARG B 385 -8.16 15.73 48.35
N ALA B 386 -9.33 15.18 48.69
CA ALA B 386 -10.40 15.96 49.30
C ALA B 386 -10.52 15.66 50.80
N GLU B 387 -10.95 16.68 51.55
CA GLU B 387 -11.26 16.51 52.96
C GLU B 387 -12.38 15.50 53.14
N SER B 388 -12.22 14.63 54.14
CA SER B 388 -13.15 13.52 54.34
C SER B 388 -13.51 13.38 55.81
N LYS B 389 -14.69 12.82 56.06
CA LYS B 389 -15.11 12.42 57.38
C LYS B 389 -15.47 10.95 57.47
N TYR B 390 -15.51 10.23 56.35
CA TYR B 390 -15.82 8.81 56.30
C TYR B 390 -14.73 8.03 55.56
N SER B 391 -13.48 8.50 55.66
CA SER B 391 -12.39 7.82 54.99
C SER B 391 -12.12 6.45 55.63
N ILE B 392 -11.62 5.52 54.81
CA ILE B 392 -11.37 4.17 55.28
C ILE B 392 -10.32 4.17 56.39
N GLU B 393 -9.31 5.03 56.28
CA GLU B 393 -8.33 5.18 57.34
C GLU B 393 -8.93 5.72 58.62
N GLN B 394 -10.07 6.42 58.54
CA GLN B 394 -10.69 7.01 59.72
C GLN B 394 -11.74 6.09 60.35
N VAL B 395 -12.58 5.46 59.52
CA VAL B 395 -13.58 4.52 60.04
C VAL B 395 -12.91 3.23 60.54
N GLY B 396 -11.67 2.97 60.12
CA GLY B 396 -10.99 1.75 60.53
C GLY B 396 -11.60 0.49 59.95
N VAL B 397 -11.93 0.50 58.66
CA VAL B 397 -12.53 -0.65 58.02
C VAL B 397 -11.49 -1.74 57.82
N THR B 398 -11.84 -2.97 58.19
CA THR B 398 -10.98 -4.13 58.02
C THR B 398 -11.70 -5.15 57.13
N THR B 399 -10.96 -5.76 56.21
CA THR B 399 -11.52 -6.71 55.26
C THR B 399 -11.00 -8.11 55.55
N SER B 400 -11.87 -9.09 55.38
CA SER B 400 -11.53 -10.50 55.55
C SER B 400 -12.05 -11.28 54.35
N PHE B 401 -11.21 -12.16 53.81
CA PHE B 401 -11.55 -12.91 52.61
C PHE B 401 -11.98 -14.33 52.98
N TYR B 402 -13.08 -14.78 52.38
CA TYR B 402 -13.56 -16.15 52.55
C TYR B 402 -13.54 -16.83 51.19
N GLY B 403 -12.90 -17.99 51.13
CA GLY B 403 -12.72 -18.71 49.88
C GLY B 403 -11.52 -18.21 49.11
N GLY B 404 -11.19 -18.94 48.05
CA GLY B 404 -10.12 -18.54 47.16
C GLY B 404 -8.74 -18.66 47.78
N LYS B 405 -7.78 -17.96 47.17
CA LYS B 405 -6.41 -17.97 47.66
C LYS B 405 -6.31 -17.32 49.04
N LEU B 406 -7.00 -16.20 49.23
CA LEU B 406 -6.89 -15.41 50.45
C LEU B 406 -7.84 -15.88 51.55
N ASN B 407 -8.29 -17.13 51.49
CA ASN B 407 -9.22 -17.65 52.48
C ASN B 407 -8.60 -17.60 53.88
N GLY B 408 -9.34 -17.04 54.83
CA GLY B 408 -8.87 -16.93 56.20
C GLY B 408 -7.95 -15.76 56.47
N GLN B 409 -7.68 -14.92 55.47
CA GLN B 409 -6.77 -13.79 55.64
C GLN B 409 -7.55 -12.52 55.92
N VAL B 410 -7.08 -11.75 56.90
CA VAL B 410 -7.71 -10.50 57.31
C VAL B 410 -6.70 -9.38 57.17
N PHE B 411 -7.13 -8.27 56.58
CA PHE B 411 -6.29 -7.10 56.38
C PHE B 411 -6.84 -5.93 57.20
N THR B 412 -5.92 -5.12 57.73
CA THR B 412 -6.28 -4.05 58.66
C THR B 412 -5.86 -2.67 58.18
N ASP B 413 -4.68 -2.53 57.57
CA ASP B 413 -4.18 -1.22 57.18
C ASP B 413 -5.00 -0.64 56.04
N ALA B 414 -5.13 0.69 56.06
CA ALA B 414 -5.98 1.39 55.11
C ALA B 414 -5.63 1.18 53.64
N PRO B 415 -4.35 1.20 53.20
CA PRO B 415 -4.10 1.08 51.74
C PRO B 415 -4.59 -0.23 51.14
N THR B 416 -4.29 -1.37 51.76
CA THR B 416 -4.73 -2.65 51.18
C THR B 416 -6.26 -2.79 51.28
N VAL B 417 -6.87 -2.26 52.35
CA VAL B 417 -8.32 -2.33 52.47
C VAL B 417 -9.00 -1.51 51.39
N LYS B 418 -8.50 -0.30 51.11
CA LYS B 418 -9.11 0.51 50.06
C LYS B 418 -8.82 -0.06 48.67
N LYS B 419 -7.66 -0.68 48.48
CA LYS B 419 -7.39 -1.36 47.21
C LYS B 419 -8.37 -2.51 47.01
N TYR B 420 -8.61 -3.31 48.05
CA TYR B 420 -9.55 -4.42 47.93
C TYR B 420 -10.98 -3.92 47.77
N ALA B 421 -11.32 -2.78 48.37
CA ALA B 421 -12.64 -2.20 48.14
C ALA B 421 -12.80 -1.75 46.69
N ARG B 422 -11.76 -1.13 46.13
CA ARG B 422 -11.81 -0.73 44.72
C ARG B 422 -11.93 -1.94 43.81
N LYS B 423 -11.23 -3.03 44.13
CA LYS B 423 -11.34 -4.24 43.32
C LYS B 423 -12.69 -4.92 43.51
N ALA B 424 -13.28 -4.83 44.71
CA ALA B 424 -14.57 -5.45 44.99
C ALA B 424 -15.75 -4.68 44.43
N GLN B 425 -15.58 -3.37 44.17
CA GLN B 425 -16.63 -2.63 43.49
C GLN B 425 -16.86 -3.11 42.06
N LEU B 426 -15.94 -3.88 41.51
CA LEU B 426 -16.07 -4.47 40.18
C LEU B 426 -16.72 -5.84 40.22
N GLY B 427 -17.16 -6.30 41.39
CA GLY B 427 -17.74 -7.62 41.52
C GLY B 427 -16.87 -8.55 42.34
N GLU B 428 -16.78 -9.82 41.93
CA GLU B 428 -15.90 -10.75 42.60
C GLU B 428 -14.43 -10.37 42.34
N VAL B 429 -13.64 -10.41 43.40
CA VAL B 429 -12.24 -9.99 43.33
C VAL B 429 -11.43 -11.11 42.68
N MET B 430 -10.71 -10.77 41.62
CA MET B 430 -9.90 -11.73 40.86
C MET B 430 -8.47 -11.22 40.76
N GLU B 431 -7.54 -12.16 40.65
CA GLU B 431 -6.13 -11.84 40.42
C GLU B 431 -5.82 -12.01 38.95
N PHE B 432 -5.16 -11.01 38.37
CA PHE B 432 -4.81 -11.01 36.96
C PHE B 432 -3.31 -10.82 36.78
N ASP B 433 -2.78 -11.44 35.74
CA ASP B 433 -1.42 -11.16 35.29
C ASP B 433 -1.49 -10.35 34.00
N ARG B 434 -0.73 -9.26 33.94
CA ARG B 434 -0.76 -8.34 32.83
C ARG B 434 0.55 -8.27 32.06
N THR B 435 1.48 -9.18 32.33
CA THR B 435 2.79 -9.14 31.70
C THR B 435 2.87 -9.99 30.44
N THR B 436 2.04 -11.02 30.32
CA THR B 436 2.12 -11.89 29.14
C THR B 436 1.59 -11.20 27.89
N LEU B 437 0.61 -10.30 28.04
CA LEU B 437 0.04 -9.59 26.91
C LEU B 437 0.21 -8.08 27.01
N GLU B 438 0.94 -7.58 28.02
CA GLU B 438 1.14 -6.16 28.25
C GLU B 438 -0.21 -5.42 28.35
N SER B 439 -1.05 -5.91 29.26
CA SER B 439 -2.39 -5.36 29.42
C SER B 439 -2.34 -3.94 29.97
N ASP B 440 -3.22 -3.08 29.46
CA ASP B 440 -3.23 -1.68 29.86
C ASP B 440 -4.02 -1.49 31.16
N GLY B 441 -5.30 -1.87 31.16
CA GLY B 441 -6.11 -1.73 32.35
C GLY B 441 -7.54 -1.28 32.08
N VAL B 442 -7.85 -1.00 30.81
CA VAL B 442 -9.19 -0.58 30.41
C VAL B 442 -9.93 -1.80 29.86
N PHE B 443 -11.18 -1.96 30.28
CA PHE B 443 -11.95 -3.14 29.94
C PHE B 443 -12.22 -3.21 28.43
N ARG B 444 -12.14 -4.43 27.89
CA ARG B 444 -12.49 -4.70 26.51
C ARG B 444 -13.92 -5.24 26.43
N SER B 445 -14.33 -5.60 25.23
CA SER B 445 -15.66 -6.14 24.99
C SER B 445 -15.59 -7.61 24.62
N SER B 446 -16.59 -8.36 25.05
CA SER B 446 -16.69 -9.77 24.71
C SER B 446 -17.08 -9.92 23.24
N PRO B 447 -16.86 -11.11 22.65
CA PRO B 447 -17.31 -11.32 21.27
C PRO B 447 -18.80 -11.12 21.07
N ARG B 448 -19.61 -11.31 22.13
CA ARG B 448 -21.04 -11.02 22.05
C ARG B 448 -21.28 -9.57 21.68
N GLY B 449 -20.61 -8.65 22.38
CA GLY B 449 -20.80 -7.23 22.10
C GLY B 449 -20.30 -6.82 20.73
N TRP B 450 -19.16 -7.38 20.31
CA TRP B 450 -18.64 -7.06 18.98
C TRP B 450 -19.57 -7.56 17.88
N TYR B 451 -20.10 -8.78 18.03
CA TYR B 451 -21.08 -9.28 17.08
C TYR B 451 -22.32 -8.39 17.05
N THR B 452 -22.80 -7.98 18.22
CA THR B 452 -23.99 -7.13 18.29
C THR B 452 -23.75 -5.81 17.58
N PHE B 453 -22.61 -5.17 17.84
CA PHE B 453 -22.28 -3.90 17.21
C PHE B 453 -22.19 -4.03 15.70
N GLY B 454 -21.39 -5.01 15.23
CA GLY B 454 -21.19 -5.16 13.81
C GLY B 454 -22.47 -5.47 13.06
N HIS B 455 -23.27 -6.41 13.58
CA HIS B 455 -24.47 -6.80 12.87
C HIS B 455 -25.60 -5.78 13.02
N ALA B 456 -25.62 -4.98 14.09
CA ALA B 456 -26.58 -3.90 14.17
C ALA B 456 -26.28 -2.82 13.13
N ASN B 457 -25.01 -2.43 13.02
CA ASN B 457 -24.65 -1.45 11.98
C ASN B 457 -24.90 -2.02 10.59
N PHE B 458 -24.61 -3.31 10.39
CA PHE B 458 -24.88 -3.95 9.11
C PHE B 458 -26.38 -3.95 8.81
N ALA B 459 -27.21 -4.21 9.81
CA ALA B 459 -28.65 -4.21 9.61
C ALA B 459 -29.16 -2.82 9.22
N LEU B 460 -28.63 -1.77 9.86
CA LEU B 460 -29.05 -0.42 9.50
C LEU B 460 -28.63 -0.06 8.07
N LEU B 461 -27.37 -0.36 7.73
CA LEU B 461 -26.90 -0.09 6.37
C LEU B 461 -27.65 -0.91 5.33
N PHE B 462 -28.06 -2.13 5.69
CA PHE B 462 -28.86 -2.92 4.77
C PHE B 462 -30.32 -2.48 4.70
N PHE B 463 -30.84 -1.83 5.73
CA PHE B 463 -32.12 -1.15 5.57
C PHE B 463 -32.00 -0.02 4.56
N LEU B 464 -30.90 0.73 4.62
CA LEU B 464 -30.64 1.74 3.60
C LEU B 464 -30.54 1.11 2.21
N GLY B 465 -29.86 -0.04 2.12
CA GLY B 465 -29.75 -0.74 0.84
C GLY B 465 -31.07 -1.25 0.33
N HIS B 466 -31.93 -1.75 1.23
CA HIS B 466 -33.28 -2.16 0.85
C HIS B 466 -34.04 -0.99 0.25
N LEU B 467 -33.98 0.18 0.91
CA LEU B 467 -34.65 1.36 0.38
C LEU B 467 -34.13 1.72 -1.00
N TRP B 468 -32.80 1.76 -1.16
CA TRP B 468 -32.22 2.18 -2.44
C TRP B 468 -32.57 1.20 -3.55
N HIS B 469 -32.38 -0.10 -3.33
CA HIS B 469 -32.59 -1.07 -4.40
C HIS B 469 -34.08 -1.27 -4.69
N GLY B 470 -34.95 -1.14 -3.69
CA GLY B 470 -36.38 -1.17 -3.97
C GLY B 470 -36.82 0.02 -4.78
N SER B 471 -36.29 1.20 -4.46
CA SER B 471 -36.57 2.38 -5.28
C SER B 471 -36.04 2.18 -6.70
N ARG B 472 -34.88 1.54 -6.83
CA ARG B 472 -34.30 1.31 -8.16
C ARG B 472 -35.17 0.38 -9.00
N THR B 473 -35.64 -0.73 -8.41
CA THR B 473 -36.42 -1.67 -9.19
C THR B 473 -37.85 -1.19 -9.43
N LEU B 474 -38.41 -0.38 -8.53
CA LEU B 474 -39.76 0.13 -8.73
C LEU B 474 -39.78 1.39 -9.61
N PHE B 475 -38.62 1.97 -9.92
CA PHE B 475 -38.55 3.18 -10.73
C PHE B 475 -37.55 3.02 -11.86
N ARG B 476 -37.45 1.81 -12.43
CA ARG B 476 -36.46 1.56 -13.46
C ARG B 476 -36.75 2.34 -14.74
N ASP B 477 -38.03 2.55 -15.07
CA ASP B 477 -38.37 3.29 -16.28
C ASP B 477 -37.94 4.75 -16.22
N VAL B 478 -37.72 5.29 -15.02
CA VAL B 478 -37.37 6.69 -14.86
C VAL B 478 -35.94 6.83 -14.32
N PHE B 479 -35.14 5.77 -14.44
CA PHE B 479 -33.78 5.80 -13.91
C PHE B 479 -32.92 6.86 -14.59
N SER B 480 -33.01 6.97 -15.91
CA SER B 480 -32.23 7.97 -16.62
C SER B 480 -32.76 9.38 -16.42
N GLY B 481 -34.03 9.53 -16.08
CA GLY B 481 -34.63 10.82 -15.88
C GLY B 481 -36.07 10.83 -16.32
N ILE B 482 -36.73 11.97 -16.08
CA ILE B 482 -38.13 12.15 -16.43
C ILE B 482 -38.21 12.67 -17.85
N GLY B 483 -39.34 12.43 -18.50
CA GLY B 483 -39.58 12.84 -19.86
C GLY B 483 -40.37 14.13 -19.96
N ALA B 484 -41.12 14.27 -21.04
CA ALA B 484 -41.95 15.45 -21.27
C ALA B 484 -43.41 15.25 -20.93
N GLU B 485 -43.84 14.02 -20.68
CA GLU B 485 -45.23 13.74 -20.31
C GLU B 485 -45.51 13.95 -18.83
N VAL B 486 -44.47 14.06 -18.01
CA VAL B 486 -44.67 14.18 -16.57
C VAL B 486 -45.24 15.54 -16.19
N THR B 487 -44.91 16.59 -16.95
CA THR B 487 -45.35 17.94 -16.58
C THR B 487 -46.86 18.12 -16.73
N GLU B 488 -47.52 17.26 -17.51
CA GLU B 488 -48.98 17.37 -17.65
C GLU B 488 -49.70 16.68 -16.50
N GLN B 489 -49.27 15.46 -16.15
CA GLN B 489 -49.88 14.74 -15.05
C GLN B 489 -49.55 15.34 -13.69
N VAL B 490 -48.48 16.13 -13.59
CA VAL B 490 -48.12 16.76 -12.33
C VAL B 490 -48.86 18.07 -12.11
N GLU B 491 -49.52 18.61 -13.14
CA GLU B 491 -50.30 19.83 -12.98
C GLU B 491 -51.46 19.60 -12.03
N PHE B 492 -51.63 20.53 -11.08
CA PHE B 492 -52.73 20.44 -10.13
C PHE B 492 -54.05 20.61 -10.86
N GLY B 493 -55.00 19.71 -10.59
CA GLY B 493 -56.23 19.68 -11.35
C GLY B 493 -56.05 19.04 -12.71
N ALA B 494 -57.13 19.08 -13.48
CA ALA B 494 -57.19 18.53 -14.85
C ALA B 494 -56.88 17.04 -14.89
N PHE B 495 -57.01 16.34 -13.76
CA PHE B 495 -56.81 14.89 -13.72
C PHE B 495 -57.61 14.36 -12.54
N GLN B 496 -58.63 13.55 -12.82
CA GLN B 496 -59.48 13.01 -11.76
C GLN B 496 -58.69 12.09 -10.84
N LYS B 497 -57.81 11.26 -11.40
CA LYS B 497 -56.95 10.37 -10.64
C LYS B 497 -55.50 10.71 -10.94
N LEU B 498 -54.68 10.76 -9.89
CA LEU B 498 -53.26 11.08 -10.05
C LEU B 498 -52.55 9.99 -10.82
N GLY B 499 -51.79 10.39 -11.85
CA GLY B 499 -51.05 9.44 -12.66
C GLY B 499 -51.92 8.48 -13.45
N ASP B 500 -53.08 8.94 -13.91
CA ASP B 500 -53.98 8.12 -14.71
C ASP B 500 -54.42 8.94 -15.91
N ARG B 501 -53.93 8.54 -17.10
CA ARG B 501 -54.24 9.28 -18.31
C ARG B 501 -55.69 9.16 -18.72
N SER B 502 -56.32 8.00 -18.47
CA SER B 502 -57.70 7.79 -18.90
C SER B 502 -58.66 8.71 -18.16
N THR B 503 -58.45 8.91 -16.87
CA THR B 503 -59.32 9.79 -16.09
C THR B 503 -59.09 11.24 -16.48
N LYS B 504 -60.20 11.94 -16.76
CA LYS B 504 -60.18 13.34 -17.19
C LYS B 504 -59.27 13.58 -18.39
N ALA C 38 -48.16 57.05 -10.34
CA ALA C 38 -48.55 57.08 -8.94
C ALA C 38 -47.34 57.15 -8.03
N GLY C 39 -46.37 56.27 -8.28
CA GLY C 39 -45.15 56.24 -7.49
C GLY C 39 -45.27 55.53 -6.16
N ARG C 40 -46.39 54.85 -5.90
CA ARG C 40 -46.61 54.17 -4.63
C ARG C 40 -47.03 52.72 -4.88
N ASP C 41 -46.44 52.10 -5.90
CA ASP C 41 -46.72 50.70 -6.22
C ASP C 41 -45.54 50.13 -6.99
N ILE C 42 -45.48 48.80 -7.04
CA ILE C 42 -44.38 48.12 -7.72
C ILE C 42 -44.45 48.35 -9.23
N GLU C 43 -45.66 48.60 -9.77
CA GLU C 43 -45.81 48.79 -11.20
C GLU C 43 -45.10 50.04 -11.68
N SER C 44 -45.15 51.13 -10.91
CA SER C 44 -44.56 52.40 -11.30
C SER C 44 -43.19 52.65 -10.68
N THR C 45 -42.78 51.86 -9.69
CA THR C 45 -41.50 52.05 -9.02
C THR C 45 -40.55 50.87 -9.13
N GLY C 46 -41.05 49.65 -9.32
CA GLY C 46 -40.21 48.47 -9.33
C GLY C 46 -39.86 47.94 -7.96
N PHE C 47 -40.34 48.56 -6.89
CA PHE C 47 -40.08 48.12 -5.52
C PHE C 47 -41.35 47.56 -4.93
N ALA C 48 -41.24 46.40 -4.28
CA ALA C 48 -42.38 45.78 -3.62
C ALA C 48 -42.70 46.52 -2.32
N TRP C 49 -43.78 46.10 -1.65
CA TRP C 49 -44.21 46.76 -0.43
C TRP C 49 -43.18 46.61 0.68
N TRP C 50 -42.57 45.42 0.81
CA TRP C 50 -41.59 45.19 1.85
C TRP C 50 -40.27 45.92 1.61
N SER C 51 -40.09 46.50 0.42
CA SER C 51 -39.00 47.43 0.15
C SER C 51 -39.54 48.82 -0.18
N GLY C 52 -40.73 49.12 0.34
CA GLY C 52 -41.47 50.29 -0.13
C GLY C 52 -40.83 51.62 0.17
N ASN C 53 -40.12 51.74 1.30
CA ASN C 53 -39.44 52.98 1.60
C ASN C 53 -38.30 53.26 0.61
N SER C 54 -37.88 52.25 -0.16
CA SER C 54 -36.94 52.47 -1.26
C SER C 54 -37.55 53.39 -2.33
N ARG C 55 -38.87 53.52 -2.37
CA ARG C 55 -39.52 54.47 -3.27
C ARG C 55 -39.30 55.91 -2.84
N LEU C 56 -38.73 56.14 -1.65
CA LEU C 56 -38.50 57.48 -1.12
C LEU C 56 -37.13 58.03 -1.49
N ILE C 57 -36.33 57.30 -2.24
CA ILE C 57 -34.97 57.74 -2.55
C ILE C 57 -34.98 58.98 -3.42
N ASN C 58 -35.82 59.01 -4.46
CA ASN C 58 -35.80 60.06 -5.46
C ASN C 58 -36.87 61.13 -5.24
N VAL C 59 -37.61 61.07 -4.13
CA VAL C 59 -38.54 62.12 -3.74
C VAL C 59 -38.03 62.73 -2.44
N SER C 60 -37.86 64.05 -2.42
CA SER C 60 -37.19 64.72 -1.33
C SER C 60 -38.12 65.09 -0.18
N GLY C 61 -39.32 65.61 -0.49
CA GLY C 61 -40.22 66.03 0.57
C GLY C 61 -40.71 64.88 1.43
N LYS C 62 -41.08 63.77 0.80
CA LYS C 62 -41.53 62.61 1.57
C LYS C 62 -40.39 61.99 2.36
N LEU C 63 -39.17 62.01 1.81
CA LEU C 63 -38.01 61.52 2.55
C LEU C 63 -37.75 62.37 3.79
N LEU C 64 -37.84 63.70 3.63
CA LEU C 64 -37.69 64.59 4.77
C LEU C 64 -38.78 64.34 5.81
N GLY C 65 -40.01 64.13 5.36
CA GLY C 65 -41.09 63.82 6.28
C GLY C 65 -40.86 62.51 7.03
N ALA C 66 -40.36 61.50 6.33
CA ALA C 66 -40.07 60.23 6.98
C ALA C 66 -39.00 60.39 8.05
N HIS C 67 -37.94 61.14 7.73
CA HIS C 67 -36.88 61.36 8.71
C HIS C 67 -37.38 62.16 9.91
N VAL C 68 -38.19 63.19 9.68
CA VAL C 68 -38.72 63.98 10.79
C VAL C 68 -39.67 63.14 11.65
N ALA C 69 -40.47 62.27 11.01
CA ALA C 69 -41.35 61.39 11.75
C ALA C 69 -40.56 60.40 12.61
N HIS C 70 -39.48 59.85 12.07
CA HIS C 70 -38.65 58.94 12.86
C HIS C 70 -37.98 59.67 14.02
N ALA C 71 -37.54 60.92 13.79
CA ALA C 71 -37.01 61.72 14.87
C ALA C 71 -38.06 61.95 15.95
N GLY C 72 -39.29 62.23 15.55
CA GLY C 72 -40.38 62.35 16.50
C GLY C 72 -40.61 61.07 17.28
N LEU C 73 -40.49 59.92 16.61
CA LEU C 73 -40.60 58.64 17.31
C LEU C 73 -39.50 58.48 18.35
N MET C 74 -38.27 58.85 18.00
CA MET C 74 -37.16 58.74 18.95
C MET C 74 -37.37 59.64 20.16
N VAL C 75 -37.80 60.88 19.92
CA VAL C 75 -38.03 61.81 21.04
C VAL C 75 -39.20 61.34 21.89
N PHE C 76 -40.24 60.78 21.25
CA PHE C 76 -41.37 60.25 21.99
C PHE C 76 -40.95 59.08 22.87
N TRP C 77 -40.11 58.18 22.34
CA TRP C 77 -39.63 57.08 23.16
C TRP C 77 -38.80 57.59 24.33
N CYS C 78 -37.95 58.59 24.08
CA CYS C 78 -37.14 59.15 25.16
C CYS C 78 -38.03 59.69 26.28
N GLY C 79 -39.00 60.54 25.92
CA GLY C 79 -39.87 61.12 26.92
C GLY C 79 -40.72 60.08 27.64
N ALA C 80 -41.31 59.16 26.88
CA ALA C 80 -42.17 58.14 27.46
C ALA C 80 -41.39 57.21 28.38
N MET C 81 -40.18 56.81 27.99
CA MET C 81 -39.39 55.94 28.83
C MET C 81 -38.88 56.66 30.07
N THR C 82 -38.56 57.96 29.95
CA THR C 82 -38.19 58.73 31.13
C THR C 82 -39.35 58.80 32.11
N LEU C 83 -40.56 59.06 31.61
CA LEU C 83 -41.74 59.08 32.49
C LEU C 83 -42.00 57.71 33.09
N PHE C 84 -41.80 56.64 32.31
CA PHE C 84 -41.97 55.29 32.82
C PHE C 84 -40.99 54.98 33.93
N GLU C 85 -39.72 55.41 33.76
CA GLU C 85 -38.71 55.13 34.78
C GLU C 85 -38.93 55.95 36.04
N VAL C 86 -39.33 57.22 35.90
CA VAL C 86 -39.59 58.01 37.10
C VAL C 86 -40.88 57.55 37.78
N ALA C 87 -41.80 56.95 37.03
CA ALA C 87 -43.01 56.41 37.63
C ALA C 87 -42.76 55.12 38.39
N HIS C 88 -41.68 54.40 38.08
CA HIS C 88 -41.34 53.15 38.73
C HIS C 88 -40.15 53.29 39.66
N TYR C 89 -39.68 54.50 39.91
CA TYR C 89 -38.50 54.71 40.73
C TYR C 89 -38.85 54.55 42.20
N ILE C 90 -38.17 53.62 42.88
CA ILE C 90 -38.32 53.41 44.31
C ILE C 90 -37.17 54.13 45.00
N PRO C 91 -37.44 55.08 45.91
CA PRO C 91 -36.34 55.91 46.46
C PRO C 91 -35.26 55.13 47.21
N GLU C 92 -35.63 54.06 47.92
CA GLU C 92 -34.62 53.36 48.72
C GLU C 92 -33.64 52.59 47.85
N LYS C 93 -34.12 51.98 46.77
CA LYS C 93 -33.25 51.22 45.90
C LYS C 93 -32.37 52.14 45.06
N PRO C 94 -31.15 51.71 44.74
CA PRO C 94 -30.32 52.48 43.80
C PRO C 94 -30.88 52.41 42.39
N LEU C 95 -30.34 53.26 41.53
CA LEU C 95 -30.82 53.33 40.14
C LEU C 95 -30.55 52.03 39.40
N TYR C 96 -29.38 51.41 39.61
CA TYR C 96 -29.02 50.23 38.85
C TYR C 96 -29.75 48.97 39.30
N GLU C 97 -30.42 49.00 40.45
CA GLU C 97 -31.17 47.85 40.92
C GLU C 97 -32.62 47.86 40.48
N GLN C 98 -33.04 48.86 39.69
CA GLN C 98 -34.43 48.99 39.27
C GLN C 98 -34.59 48.88 37.76
N GLY C 99 -33.55 48.48 37.03
CA GLY C 99 -33.65 48.35 35.59
C GLY C 99 -33.87 49.66 34.86
N LEU C 100 -33.17 50.71 35.28
CA LEU C 100 -33.30 52.04 34.69
C LEU C 100 -32.04 52.39 33.90
N ILE C 101 -32.23 52.95 32.71
CA ILE C 101 -31.11 53.28 31.84
C ILE C 101 -31.06 54.75 31.45
N LEU C 102 -32.18 55.48 31.50
CA LEU C 102 -32.17 56.90 31.15
C LEU C 102 -31.95 57.79 32.37
N LEU C 103 -32.51 57.38 33.51
CA LEU C 103 -32.22 58.08 34.77
C LEU C 103 -30.74 58.11 35.12
N PRO C 104 -29.96 57.03 34.96
CA PRO C 104 -28.51 57.18 35.13
C PRO C 104 -27.88 58.18 34.17
N HIS C 105 -28.38 58.26 32.93
CA HIS C 105 -27.87 59.26 31.98
C HIS C 105 -28.16 60.68 32.48
N LEU C 106 -29.36 60.90 33.02
CA LEU C 106 -29.69 62.21 33.56
C LEU C 106 -28.92 62.51 34.84
N ALA C 107 -28.62 61.48 35.64
CA ALA C 107 -27.89 61.69 36.88
C ALA C 107 -26.42 62.00 36.62
N THR C 108 -25.85 61.41 35.56
CA THR C 108 -24.47 61.71 35.19
C THR C 108 -24.30 63.18 34.82
N LEU C 109 -25.35 63.80 34.27
CA LEU C 109 -25.32 65.21 33.92
C LEU C 109 -25.44 66.12 35.14
N GLY C 110 -25.72 65.57 36.31
CA GLY C 110 -25.77 66.34 37.54
C GLY C 110 -27.15 66.68 38.05
N TRP C 111 -28.20 66.42 37.26
CA TRP C 111 -29.55 66.75 37.68
C TRP C 111 -30.06 65.77 38.74
N GLY C 112 -30.61 66.32 39.82
CA GLY C 112 -31.28 65.50 40.81
C GLY C 112 -30.42 64.53 41.58
N VAL C 113 -29.13 64.82 41.71
CA VAL C 113 -28.20 63.92 42.41
C VAL C 113 -27.34 64.75 43.36
N GLY C 114 -27.14 64.22 44.57
CA GLY C 114 -26.31 64.87 45.55
C GLY C 114 -24.99 64.14 45.73
N PRO C 115 -24.29 64.43 46.83
CA PRO C 115 -23.01 63.75 47.09
C PRO C 115 -23.20 62.25 47.29
N GLY C 116 -22.22 61.49 46.82
CA GLY C 116 -22.24 60.04 46.95
C GLY C 116 -23.14 59.33 45.97
N GLY C 117 -23.70 60.04 44.99
CA GLY C 117 -24.57 59.42 44.01
C GLY C 117 -26.01 59.24 44.43
N GLU C 118 -26.38 59.69 45.62
CA GLU C 118 -27.76 59.58 46.07
C GLU C 118 -28.65 60.53 45.28
N ILE C 119 -29.88 60.09 45.01
CA ILE C 119 -30.83 60.86 44.21
C ILE C 119 -31.70 61.67 45.16
N VAL C 120 -31.71 62.99 44.98
CA VAL C 120 -32.48 63.86 45.85
C VAL C 120 -33.94 63.93 45.42
N ASP C 121 -34.18 64.41 44.20
CA ASP C 121 -35.53 64.52 43.66
C ASP C 121 -35.54 64.07 42.21
N ILE C 122 -36.69 63.57 41.77
CA ILE C 122 -36.86 63.08 40.41
C ILE C 122 -37.59 64.10 39.53
N TYR C 123 -37.86 65.29 40.05
CA TYR C 123 -38.58 66.30 39.27
C TYR C 123 -37.85 66.76 38.01
N PRO C 124 -36.53 67.04 38.01
CA PRO C 124 -35.88 67.36 36.73
C PRO C 124 -35.95 66.26 35.70
N TYR C 125 -35.91 64.99 36.13
CA TYR C 125 -36.10 63.89 35.21
C TYR C 125 -37.50 63.92 34.60
N PHE C 126 -38.50 64.22 35.43
CA PHE C 126 -39.87 64.37 34.95
C PHE C 126 -39.97 65.52 33.94
N VAL C 127 -39.28 66.62 34.20
CA VAL C 127 -39.29 67.76 33.28
C VAL C 127 -38.66 67.36 31.95
N VAL C 128 -37.54 66.63 32.00
CA VAL C 128 -36.89 66.17 30.77
C VAL C 128 -37.82 65.28 29.97
N GLY C 129 -38.47 64.33 30.66
CA GLY C 129 -39.39 63.44 29.96
C GLY C 129 -40.57 64.18 29.36
N ILE C 130 -41.12 65.15 30.10
CA ILE C 130 -42.24 65.94 29.59
C ILE C 130 -41.83 66.76 28.37
N LEU C 131 -40.66 67.40 28.44
CA LEU C 131 -40.20 68.21 27.32
C LEU C 131 -39.98 67.38 26.08
N HIS C 132 -39.33 66.22 26.23
CA HIS C 132 -39.13 65.35 25.07
C HIS C 132 -40.46 64.85 24.52
N ILE C 133 -41.36 64.39 25.40
CA ILE C 133 -42.62 63.81 24.93
C ILE C 133 -43.54 64.88 24.33
N ILE C 134 -43.34 66.16 24.67
CA ILE C 134 -44.15 67.22 24.07
C ILE C 134 -43.56 67.68 22.75
N SER C 135 -42.23 67.84 22.67
CA SER C 135 -41.60 68.14 21.39
C SER C 135 -41.79 67.02 20.37
N SER C 136 -42.04 65.79 20.86
CA SER C 136 -42.33 64.68 19.96
C SER C 136 -43.60 64.92 19.17
N ALA C 137 -44.59 65.58 19.77
CA ALA C 137 -45.83 65.89 19.04
C ALA C 137 -45.56 66.84 17.88
N VAL C 138 -44.74 67.86 18.12
CA VAL C 138 -44.40 68.82 17.05
C VAL C 138 -43.62 68.12 15.95
N LEU C 139 -42.64 67.29 16.32
CA LEU C 139 -41.86 66.58 15.31
C LEU C 139 -42.72 65.59 14.53
N GLY C 140 -43.64 64.92 15.20
CA GLY C 140 -44.53 64.00 14.51
C GLY C 140 -45.47 64.70 13.56
N PHE C 141 -45.99 65.87 13.97
CA PHE C 141 -46.81 66.66 13.05
C PHE C 141 -46.00 67.11 11.84
N GLY C 142 -44.75 67.54 12.05
CA GLY C 142 -43.91 67.91 10.93
C GLY C 142 -43.64 66.77 9.98
N GLY C 143 -43.36 65.58 10.53
CA GLY C 143 -43.15 64.41 9.69
C GLY C 143 -44.38 64.03 8.90
N VAL C 144 -45.55 64.03 9.56
CA VAL C 144 -46.80 63.70 8.88
C VAL C 144 -47.09 64.70 7.78
N TYR C 145 -46.88 65.99 8.05
CA TYR C 145 -47.13 67.02 7.05
C TYR C 145 -46.21 66.86 5.85
N HIS C 146 -44.90 66.76 6.10
CA HIS C 146 -43.96 66.65 4.99
C HIS C 146 -44.05 65.30 4.28
N SER C 147 -44.69 64.29 4.90
CA SER C 147 -44.84 62.99 4.25
C SER C 147 -46.12 62.89 3.42
N LEU C 148 -47.26 63.30 3.97
CA LEU C 148 -48.55 63.01 3.36
C LEU C 148 -49.01 64.12 2.42
N ILE C 149 -49.17 65.35 2.94
CA ILE C 149 -49.74 66.43 2.16
C ILE C 149 -48.70 67.41 1.64
N GLY C 150 -47.46 67.32 2.10
CA GLY C 150 -46.41 68.15 1.59
C GLY C 150 -46.01 67.74 0.19
N PRO C 151 -45.29 68.61 -0.53
CA PRO C 151 -44.86 68.26 -1.89
C PRO C 151 -43.92 67.05 -1.88
N ASP C 152 -44.09 66.20 -2.89
CA ASP C 152 -43.24 65.02 -3.01
C ASP C 152 -41.78 65.42 -3.26
N THR C 153 -41.56 66.42 -4.10
CA THR C 153 -40.23 66.92 -4.40
C THR C 153 -40.10 68.35 -3.90
N LEU C 154 -38.88 68.73 -3.52
CA LEU C 154 -38.64 70.03 -2.92
C LEU C 154 -38.01 71.04 -3.86
N GLU C 155 -37.22 70.59 -4.84
CA GLU C 155 -36.42 71.53 -5.64
C GLU C 155 -37.29 72.39 -6.54
N GLU C 156 -38.45 71.91 -6.98
CA GLU C 156 -39.29 72.70 -7.87
C GLU C 156 -40.01 73.82 -7.14
N SER C 157 -40.23 73.68 -5.83
CA SER C 157 -40.90 74.70 -5.03
C SER C 157 -40.00 75.40 -4.03
N PHE C 158 -39.04 74.68 -3.44
CA PHE C 158 -38.09 75.24 -2.48
C PHE C 158 -36.68 74.87 -2.95
N PRO C 159 -36.11 75.64 -3.87
CA PRO C 159 -34.77 75.29 -4.40
C PRO C 159 -33.68 75.30 -3.36
N ALA C 160 -33.84 76.03 -2.25
CA ALA C 160 -32.82 76.07 -1.21
C ALA C 160 -32.73 74.75 -0.44
N PHE C 161 -33.77 73.91 -0.50
CA PHE C 161 -33.78 72.64 0.21
C PHE C 161 -33.69 71.42 -0.68
N GLY C 162 -33.92 71.57 -1.99
CA GLY C 162 -33.88 70.44 -2.88
C GLY C 162 -32.47 69.94 -3.15
N TYR C 163 -32.38 68.70 -3.63
CA TYR C 163 -31.11 68.09 -3.95
C TYR C 163 -31.35 66.96 -4.95
N ASP C 164 -30.24 66.41 -5.46
CA ASP C 164 -30.28 65.39 -6.49
C ASP C 164 -29.54 64.12 -6.12
N TRP C 165 -28.87 64.10 -4.97
CA TRP C 165 -27.99 63.03 -4.48
C TRP C 165 -26.69 62.96 -5.30
N ARG C 166 -26.58 63.78 -6.34
CA ARG C 166 -25.39 63.85 -7.15
C ARG C 166 -24.75 65.23 -7.19
N ASP C 167 -25.46 66.26 -6.73
CA ASP C 167 -24.88 67.60 -6.59
C ASP C 167 -24.02 67.59 -5.33
N LYS C 168 -22.72 67.41 -5.52
CA LYS C 168 -21.81 67.24 -4.38
C LYS C 168 -21.78 68.48 -3.50
N ASN C 169 -21.85 69.67 -4.12
CA ASN C 169 -21.78 70.90 -3.34
C ASN C 169 -22.97 71.03 -2.39
N LYS C 170 -24.18 70.73 -2.86
CA LYS C 170 -25.37 70.84 -2.01
C LYS C 170 -25.34 69.81 -0.88
N ILE C 171 -24.93 68.58 -1.18
CA ILE C 171 -24.87 67.55 -0.16
C ILE C 171 -23.82 67.90 0.89
N THR C 172 -22.67 68.43 0.46
CA THR C 172 -21.67 68.90 1.42
C THR C 172 -22.17 70.08 2.24
N THR C 173 -23.00 70.95 1.64
CA THR C 173 -23.58 72.05 2.38
C THR C 173 -24.51 71.54 3.49
N ILE C 174 -25.36 70.58 3.16
CA ILE C 174 -26.25 69.99 4.17
C ILE C 174 -25.45 69.29 5.25
N LEU C 175 -24.41 68.55 4.85
CA LEU C 175 -23.51 67.91 5.80
C LEU C 175 -22.86 68.93 6.72
N GLY C 176 -22.43 70.06 6.17
CA GLY C 176 -21.80 71.09 6.98
C GLY C 176 -22.77 71.73 7.97
N ILE C 177 -24.01 71.97 7.53
CA ILE C 177 -25.01 72.55 8.42
C ILE C 177 -25.28 71.62 9.60
N HIS C 178 -25.48 70.32 9.30
CA HIS C 178 -25.74 69.39 10.39
C HIS C 178 -24.49 69.15 11.24
N LEU C 179 -23.30 69.31 10.66
CA LEU C 179 -22.06 69.28 11.44
C LEU C 179 -22.00 70.44 12.43
N VAL C 180 -22.41 71.63 11.98
CA VAL C 180 -22.46 72.78 12.88
C VAL C 180 -23.47 72.52 13.99
N ILE C 181 -24.60 71.89 13.66
CA ILE C 181 -25.59 71.56 14.69
C ILE C 181 -24.99 70.60 15.72
N LEU C 182 -24.28 69.57 15.26
CA LEU C 182 -23.66 68.62 16.19
C LEU C 182 -22.59 69.29 17.05
N GLY C 183 -21.78 70.16 16.45
CA GLY C 183 -20.79 70.88 17.22
C GLY C 183 -21.41 71.77 18.27
N PHE C 184 -22.52 72.43 17.93
CA PHE C 184 -23.22 73.23 18.92
C PHE C 184 -23.83 72.37 20.03
N GLY C 185 -24.27 71.15 19.70
CA GLY C 185 -24.71 70.25 20.75
C GLY C 185 -23.59 69.84 21.69
N ALA C 186 -22.41 69.57 21.15
CA ALA C 186 -21.26 69.25 21.98
C ALA C 186 -20.88 70.44 22.87
N LEU C 187 -20.91 71.65 22.30
CA LEU C 187 -20.63 72.85 23.09
C LEU C 187 -21.72 73.09 24.12
N LEU C 188 -22.96 72.68 23.85
CA LEU C 188 -24.02 72.76 24.85
C LEU C 188 -23.73 71.84 26.03
N LEU C 189 -23.26 70.63 25.75
CA LEU C 189 -22.81 69.74 26.82
C LEU C 189 -21.67 70.38 27.60
N VAL C 190 -20.73 71.02 26.89
CA VAL C 190 -19.63 71.70 27.56
C VAL C 190 -20.13 72.81 28.48
N VAL C 191 -21.09 73.60 28.01
CA VAL C 191 -21.66 74.69 28.81
C VAL C 191 -22.35 74.13 30.05
N LYS C 192 -23.09 73.02 29.89
CA LYS C 192 -23.67 72.34 31.04
C LYS C 192 -22.59 71.89 32.01
N ALA C 193 -21.46 71.42 31.48
CA ALA C 193 -20.37 70.93 32.33
C ALA C 193 -19.72 72.06 33.13
N MET C 194 -19.51 73.21 32.50
CA MET C 194 -18.69 74.27 33.10
C MET C 194 -19.50 75.39 33.71
N TYR C 195 -20.73 75.64 33.24
CA TYR C 195 -21.48 76.81 33.68
C TYR C 195 -22.77 76.46 34.39
N VAL C 196 -23.62 75.62 33.80
CA VAL C 196 -24.96 75.35 34.32
C VAL C 196 -24.88 74.07 35.16
N GLY C 197 -24.63 74.24 36.46
CA GLY C 197 -24.70 73.15 37.41
C GLY C 197 -23.50 72.24 37.53
N GLY C 198 -22.85 71.94 36.41
CA GLY C 198 -21.73 71.02 36.41
C GLY C 198 -22.15 69.58 36.20
N LEU C 199 -21.16 68.70 36.24
CA LEU C 199 -21.37 67.28 36.00
C LEU C 199 -21.01 66.48 37.24
N TYR C 200 -21.60 65.29 37.36
CA TYR C 200 -21.25 64.39 38.43
C TYR C 200 -19.86 63.80 38.19
N ASP C 201 -19.04 63.79 39.23
CA ASP C 201 -17.69 63.25 39.16
C ASP C 201 -17.53 62.18 40.23
N THR C 202 -17.21 60.95 39.81
CA THR C 202 -16.94 59.88 40.75
C THR C 202 -15.58 60.04 41.41
N TRP C 203 -14.67 60.78 40.79
CA TRP C 203 -13.30 60.92 41.28
C TRP C 203 -13.14 62.06 42.28
N ALA C 204 -14.24 62.71 42.67
CA ALA C 204 -14.18 63.67 43.75
C ALA C 204 -13.83 62.98 45.05
N PRO C 205 -13.11 63.65 45.95
CA PRO C 205 -12.71 63.01 47.21
C PRO C 205 -13.91 62.61 48.05
N GLY C 206 -13.79 61.46 48.72
CA GLY C 206 -14.87 60.95 49.56
C GLY C 206 -16.14 60.63 48.81
N GLY C 207 -16.02 60.02 47.63
CA GLY C 207 -17.17 59.72 46.81
C GLY C 207 -17.46 60.82 45.79
N GLY C 208 -18.28 60.48 44.81
CA GLY C 208 -18.59 61.41 43.75
C GLY C 208 -19.49 62.54 44.22
N ASP C 209 -19.49 63.62 43.43
CA ASP C 209 -20.27 64.80 43.74
C ASP C 209 -20.47 65.60 42.46
N VAL C 210 -21.48 66.46 42.46
CA VAL C 210 -21.72 67.34 41.33
C VAL C 210 -20.72 68.49 41.41
N ARG C 211 -19.83 68.57 40.42
CA ARG C 211 -18.74 69.53 40.41
C ARG C 211 -18.77 70.32 39.11
N ILE C 212 -18.40 71.59 39.23
CA ILE C 212 -18.18 72.45 38.05
C ILE C 212 -16.79 72.18 37.50
N ILE C 213 -16.72 71.86 36.20
CA ILE C 213 -15.44 71.58 35.57
C ILE C 213 -14.76 72.90 35.24
N ASP C 214 -13.93 73.39 36.15
CA ASP C 214 -13.33 74.72 35.99
C ASP C 214 -12.32 74.75 34.85
N ASN C 215 -11.41 73.77 34.83
CA ASN C 215 -10.29 73.76 33.87
C ASN C 215 -10.29 72.43 33.10
N PRO C 216 -11.01 72.35 31.99
CA PRO C 216 -10.92 71.16 31.14
C PRO C 216 -9.57 71.08 30.44
N THR C 217 -9.24 69.88 29.99
CA THR C 217 -7.96 69.61 29.34
C THR C 217 -8.06 70.00 27.87
N LEU C 218 -7.57 71.19 27.53
CA LEU C 218 -7.54 71.66 26.15
C LEU C 218 -6.23 71.34 25.45
N ASN C 219 -5.31 70.66 26.11
CA ASN C 219 -4.02 70.33 25.51
C ASN C 219 -4.23 69.29 24.42
N PRO C 220 -3.84 69.57 23.17
CA PRO C 220 -4.08 68.61 22.09
C PRO C 220 -3.35 67.29 22.25
N VAL C 221 -2.24 67.25 22.99
CA VAL C 221 -1.48 66.01 23.14
C VAL C 221 -2.31 64.95 23.85
N VAL C 222 -3.01 65.34 24.91
CA VAL C 222 -3.82 64.38 25.68
C VAL C 222 -4.94 63.81 24.81
N ILE C 223 -5.63 64.70 24.08
CA ILE C 223 -6.75 64.26 23.25
C ILE C 223 -6.26 63.34 22.13
N ILE C 224 -5.15 63.71 21.48
CA ILE C 224 -4.62 62.90 20.39
C ILE C 224 -4.14 61.55 20.93
N GLY C 225 -3.51 61.54 22.11
CA GLY C 225 -3.11 60.28 22.71
C GLY C 225 -4.28 59.39 23.05
N TYR C 226 -5.39 60.00 23.50
CA TYR C 226 -6.61 59.22 23.72
C TYR C 226 -7.14 58.64 22.42
N VAL C 227 -7.15 59.45 21.34
CA VAL C 227 -7.65 58.98 20.05
C VAL C 227 -6.72 57.92 19.47
N LEU C 228 -5.41 58.08 19.69
CA LEU C 228 -4.42 57.17 19.13
C LEU C 228 -3.98 56.09 20.13
N LYS C 229 -4.66 55.95 21.26
CA LYS C 229 -4.27 54.93 22.22
C LYS C 229 -4.64 53.54 21.71
N SER C 230 -3.96 52.53 22.25
CA SER C 230 -4.27 51.15 21.92
C SER C 230 -5.62 50.76 22.49
N PRO C 231 -6.41 49.95 21.77
CA PRO C 231 -7.72 49.52 22.28
C PRO C 231 -7.70 48.25 23.12
N TRP C 232 -6.52 47.65 23.35
CA TRP C 232 -6.43 46.37 24.02
C TRP C 232 -6.40 46.55 25.53
N GLY C 233 -6.17 45.45 26.26
CA GLY C 233 -6.21 45.51 27.71
C GLY C 233 -5.08 46.36 28.27
N GLY C 234 -5.43 47.18 29.26
CA GLY C 234 -4.49 48.07 29.90
C GLY C 234 -4.41 49.47 29.31
N ASP C 235 -4.87 49.65 28.07
CA ASP C 235 -4.88 50.96 27.44
C ASP C 235 -6.31 51.43 27.16
N GLY C 236 -7.10 50.65 26.43
CA GLY C 236 -8.52 50.90 26.30
C GLY C 236 -8.95 51.95 25.31
N TRP C 237 -8.00 52.61 24.65
CA TRP C 237 -8.27 53.64 23.63
C TRP C 237 -9.09 54.76 24.28
N ILE C 238 -10.20 55.21 23.68
CA ILE C 238 -10.95 56.34 24.23
C ILE C 238 -11.89 55.93 25.36
N VAL C 239 -12.10 54.62 25.57
CA VAL C 239 -12.97 54.16 26.64
C VAL C 239 -12.34 54.40 28.00
N SER C 240 -11.02 54.56 28.07
CA SER C 240 -10.29 54.64 29.33
C SER C 240 -10.17 56.05 29.88
N VAL C 241 -10.89 57.02 29.32
CA VAL C 241 -10.86 58.37 29.88
C VAL C 241 -11.43 58.32 31.29
N ASN C 242 -10.63 58.73 32.28
CA ASN C 242 -10.92 58.45 33.68
C ASN C 242 -11.10 59.73 34.51
N ASN C 243 -11.29 60.87 33.86
CA ASN C 243 -11.56 62.09 34.60
C ASN C 243 -12.49 62.98 33.78
N MET C 244 -13.24 63.83 34.48
CA MET C 244 -14.23 64.67 33.80
C MET C 244 -13.57 65.81 33.04
N GLU C 245 -12.39 66.27 33.49
CA GLU C 245 -11.71 67.35 32.79
C GLU C 245 -11.33 66.93 31.37
N ASP C 246 -10.83 65.71 31.20
CA ASP C 246 -10.51 65.21 29.86
C ASP C 246 -11.77 65.10 29.01
N ILE C 247 -12.89 64.67 29.60
CA ILE C 247 -14.14 64.57 28.86
C ILE C 247 -14.58 65.94 28.36
N VAL C 248 -14.54 66.94 29.23
CA VAL C 248 -14.99 68.28 28.86
C VAL C 248 -14.07 68.89 27.82
N GLY C 249 -12.76 68.71 27.98
CA GLY C 249 -11.82 69.23 26.99
C GLY C 249 -11.97 68.56 25.64
N GLY C 250 -12.15 67.24 25.64
CA GLY C 250 -12.38 66.54 24.39
C GLY C 250 -13.67 66.95 23.72
N HIS C 251 -14.71 67.23 24.50
CA HIS C 251 -15.96 67.71 23.91
C HIS C 251 -15.84 69.14 23.41
N ILE C 252 -15.01 69.97 24.07
CA ILE C 252 -14.69 71.29 23.52
C ILE C 252 -14.04 71.15 22.16
N TRP C 253 -13.02 70.28 22.07
CA TRP C 253 -12.34 70.07 20.80
C TRP C 253 -13.28 69.51 19.74
N ILE C 254 -14.14 68.57 20.13
CA ILE C 254 -15.09 67.98 19.18
C ILE C 254 -16.06 69.03 18.68
N GLY C 255 -16.60 69.86 19.57
CA GLY C 255 -17.54 70.88 19.15
C GLY C 255 -16.93 71.91 18.22
N PHE C 256 -15.74 72.41 18.57
CA PHE C 256 -15.11 73.42 17.72
C PHE C 256 -14.65 72.81 16.40
N THR C 257 -14.14 71.57 16.43
CA THR C 257 -13.74 70.88 15.21
C THR C 257 -14.94 70.64 14.31
N CYS C 258 -16.09 70.27 14.88
CA CYS C 258 -17.28 70.04 14.09
C CYS C 258 -17.79 71.35 13.49
N ILE C 259 -17.72 72.45 14.24
CA ILE C 259 -18.12 73.75 13.68
C ILE C 259 -17.21 74.14 12.52
N ALA C 260 -15.90 73.97 12.72
CA ALA C 260 -14.94 74.32 11.67
C ALA C 260 -15.13 73.45 10.43
N GLY C 261 -15.31 72.15 10.63
CA GLY C 261 -15.55 71.25 9.51
C GLY C 261 -16.87 71.51 8.81
N GLY C 262 -17.90 71.91 9.57
CA GLY C 262 -19.16 72.27 8.96
C GLY C 262 -19.05 73.50 8.08
N PHE C 263 -18.37 74.53 8.59
CA PHE C 263 -18.14 75.72 7.76
C PHE C 263 -17.29 75.37 6.54
N TRP C 264 -16.30 74.50 6.73
CA TRP C 264 -15.47 74.05 5.62
C TRP C 264 -16.30 73.38 4.54
N HIS C 265 -17.09 72.37 4.92
CA HIS C 265 -17.90 71.63 3.94
C HIS C 265 -18.99 72.50 3.32
N ILE C 266 -19.44 73.53 4.04
CA ILE C 266 -20.37 74.48 3.44
C ILE C 266 -19.67 75.32 2.37
N LEU C 267 -18.44 75.75 2.65
CA LEU C 267 -17.73 76.66 1.77
C LEU C 267 -16.84 75.97 0.75
N THR C 268 -16.78 74.63 0.73
CA THR C 268 -15.90 73.93 -0.19
C THR C 268 -16.68 72.87 -0.96
N LYS C 269 -15.99 72.27 -1.93
CA LYS C 269 -16.45 71.16 -2.75
C LYS C 269 -15.47 70.01 -2.59
N PRO C 270 -15.94 68.76 -2.68
CA PRO C 270 -15.03 67.62 -2.56
C PRO C 270 -13.92 67.66 -3.60
N PHE C 271 -12.72 67.27 -3.19
CA PHE C 271 -11.54 67.32 -4.03
C PHE C 271 -11.55 66.18 -5.04
N ALA C 272 -10.57 66.22 -5.95
CA ALA C 272 -10.51 65.23 -7.03
C ALA C 272 -10.32 63.82 -6.50
N TRP C 273 -9.49 63.65 -5.46
CA TRP C 273 -9.30 62.33 -4.88
C TRP C 273 -10.56 61.83 -4.20
N ALA C 274 -11.35 62.73 -3.61
CA ALA C 274 -12.60 62.31 -2.97
C ALA C 274 -13.70 62.04 -3.99
N ARG C 275 -13.75 62.80 -5.08
CA ARG C 275 -14.79 62.62 -6.08
C ARG C 275 -14.66 61.27 -6.79
N ARG C 276 -13.43 60.86 -7.10
CA ARG C 276 -13.22 59.62 -7.83
C ARG C 276 -13.26 58.39 -6.94
N ALA C 277 -13.29 58.55 -5.62
CA ALA C 277 -13.23 57.43 -4.70
C ALA C 277 -14.59 56.98 -4.17
N TYR C 278 -15.55 57.89 -4.08
CA TYR C 278 -16.84 57.60 -3.47
C TYR C 278 -17.93 57.50 -4.52
N VAL C 279 -18.95 56.69 -4.20
CA VAL C 279 -20.19 56.68 -4.97
C VAL C 279 -21.08 57.79 -4.47
N TRP C 280 -21.67 58.55 -5.38
CA TRP C 280 -22.45 59.74 -5.03
C TRP C 280 -23.92 59.43 -5.30
N SER C 281 -24.57 58.84 -4.29
CA SER C 281 -25.99 58.51 -4.34
C SER C 281 -26.48 58.40 -2.91
N GLY C 282 -27.81 58.41 -2.76
CA GLY C 282 -28.41 58.36 -1.44
C GLY C 282 -28.07 57.08 -0.69
N GLU C 283 -28.07 55.94 -1.40
CA GLU C 283 -27.79 54.66 -0.75
C GLU C 283 -26.34 54.59 -0.29
N ALA C 284 -25.42 55.18 -1.05
CA ALA C 284 -24.01 55.18 -0.65
C ALA C 284 -23.82 55.99 0.63
N TYR C 285 -24.44 57.17 0.69
CA TYR C 285 -24.35 57.98 1.91
C TYR C 285 -24.99 57.27 3.08
N LEU C 286 -26.10 56.57 2.83
CA LEU C 286 -26.74 55.76 3.86
C LEU C 286 -25.79 54.69 4.38
N SER C 287 -25.07 54.01 3.48
CA SER C 287 -24.14 52.98 3.89
C SER C 287 -22.99 53.56 4.72
N TYR C 288 -22.50 54.73 4.32
CA TYR C 288 -21.45 55.39 5.10
C TYR C 288 -21.94 55.70 6.51
N SER C 289 -23.15 56.25 6.62
CA SER C 289 -23.73 56.51 7.94
C SER C 289 -23.93 55.22 8.71
N LEU C 290 -24.28 54.14 8.02
CA LEU C 290 -24.52 52.86 8.69
C LEU C 290 -23.23 52.31 9.30
N VAL C 291 -22.13 52.34 8.56
CA VAL C 291 -20.88 51.83 9.13
C VAL C 291 -20.40 52.75 10.25
N ALA C 292 -20.61 54.06 10.11
CA ALA C 292 -20.22 54.99 11.17
C ALA C 292 -20.99 54.70 12.46
N VAL C 293 -22.32 54.51 12.36
CA VAL C 293 -23.10 54.27 13.56
C VAL C 293 -22.86 52.86 14.10
N SER C 294 -22.47 51.91 13.25
CA SER C 294 -22.08 50.59 13.73
C SER C 294 -20.84 50.68 14.61
N LEU C 295 -19.81 51.39 14.13
CA LEU C 295 -18.62 51.59 14.94
C LEU C 295 -18.95 52.34 16.23
N MET C 296 -19.84 53.35 16.13
CA MET C 296 -20.25 54.09 17.32
C MET C 296 -20.97 53.19 18.32
N GLY C 297 -21.80 52.28 17.83
CA GLY C 297 -22.50 51.35 18.71
C GLY C 297 -21.55 50.41 19.43
N PHE C 298 -20.55 49.89 18.71
CA PHE C 298 -19.53 49.07 19.37
C PHE C 298 -18.78 49.87 20.44
N ILE C 299 -18.42 51.12 20.11
CA ILE C 299 -17.71 51.96 21.07
C ILE C 299 -18.56 52.24 22.29
N ALA C 300 -19.86 52.50 22.10
CA ALA C 300 -20.76 52.77 23.22
C ALA C 300 -20.96 51.54 24.08
N SER C 301 -21.06 50.36 23.45
CA SER C 301 -21.16 49.13 24.24
C SER C 301 -19.92 48.94 25.10
N GLN C 302 -18.75 49.18 24.55
CA GLN C 302 -17.53 49.07 25.35
C GLN C 302 -17.46 50.14 26.43
N TYR C 303 -17.97 51.34 26.13
CA TYR C 303 -18.02 52.40 27.14
C TYR C 303 -18.91 52.00 28.31
N SER C 304 -20.09 51.45 28.02
CA SER C 304 -20.99 51.02 29.08
C SER C 304 -20.41 49.84 29.85
N TRP C 305 -19.67 48.95 29.19
CA TRP C 305 -19.13 47.79 29.87
C TRP C 305 -17.94 48.13 30.76
N TYR C 306 -17.04 49.00 30.30
CA TYR C 306 -15.78 49.24 30.99
C TYR C 306 -15.68 50.58 31.69
N ASN C 307 -16.14 51.67 31.08
CA ASN C 307 -15.91 52.99 31.65
C ASN C 307 -16.80 53.22 32.86
N ASN C 308 -16.20 53.70 33.96
CA ASN C 308 -16.94 54.05 35.16
C ASN C 308 -16.83 55.54 35.49
N THR C 309 -16.37 56.35 34.55
CA THR C 309 -16.27 57.79 34.73
C THR C 309 -17.41 58.52 34.04
N ALA C 310 -17.62 58.29 32.74
CA ALA C 310 -18.81 58.75 32.07
C ALA C 310 -20.03 57.90 32.39
N TYR C 311 -19.84 56.74 32.99
CA TYR C 311 -20.92 55.85 33.42
C TYR C 311 -20.69 55.52 34.89
N PRO C 312 -21.08 56.41 35.80
CA PRO C 312 -20.78 56.21 37.22
C PRO C 312 -21.39 54.92 37.77
N SER C 313 -20.64 54.27 38.67
CA SER C 313 -21.10 53.02 39.24
C SER C 313 -22.19 53.21 40.29
N GLU C 314 -22.40 54.44 40.75
CA GLU C 314 -23.52 54.69 41.65
C GLU C 314 -24.85 54.75 40.90
N PHE C 315 -24.81 54.86 39.57
CA PHE C 315 -26.01 54.91 38.74
C PHE C 315 -26.18 53.69 37.85
N TYR C 316 -25.12 53.25 37.18
CA TYR C 316 -25.15 52.10 36.30
C TYR C 316 -24.73 50.82 36.99
N GLY C 317 -24.30 50.88 38.25
CA GLY C 317 -23.75 49.74 38.92
C GLY C 317 -22.29 49.54 38.60
N PRO C 318 -21.61 48.69 39.36
CA PRO C 318 -20.20 48.42 39.07
C PRO C 318 -20.04 47.64 37.78
N THR C 319 -18.86 47.78 37.18
CA THR C 319 -18.53 46.92 36.05
C THR C 319 -18.13 45.54 36.55
N GLY C 320 -18.03 44.59 35.62
CA GLY C 320 -17.62 43.24 35.94
C GLY C 320 -16.27 43.16 36.61
N PRO C 321 -15.25 43.76 36.00
CA PRO C 321 -13.96 43.91 36.71
C PRO C 321 -14.10 44.64 38.04
N GLU C 322 -14.93 45.68 38.08
CA GLU C 322 -15.14 46.41 39.33
C GLU C 322 -15.76 45.52 40.39
N ALA C 323 -16.75 44.71 40.01
CA ALA C 323 -17.39 43.81 40.97
C ALA C 323 -16.41 42.75 41.48
N SER C 324 -15.63 42.16 40.57
CA SER C 324 -14.66 41.14 40.98
C SER C 324 -13.60 41.71 41.91
N GLN C 325 -13.05 42.87 41.55
CA GLN C 325 -12.05 43.51 42.40
C GLN C 325 -12.65 43.96 43.72
N SER C 326 -13.92 44.37 43.73
CA SER C 326 -14.56 44.76 44.98
C SER C 326 -14.75 43.55 45.90
N GLN C 327 -15.13 42.40 45.33
CA GLN C 327 -15.23 41.19 46.13
C GLN C 327 -13.87 40.80 46.71
N ALA C 328 -12.82 40.86 45.89
CA ALA C 328 -11.48 40.55 46.37
C ALA C 328 -11.04 41.53 47.47
N PHE C 329 -11.34 42.82 47.28
CA PHE C 329 -10.97 43.82 48.27
C PHE C 329 -11.74 43.64 49.57
N THR C 330 -13.02 43.28 49.49
CA THR C 330 -13.79 43.01 50.70
C THR C 330 -13.23 41.81 51.45
N PHE C 331 -12.84 40.76 50.72
CA PHE C 331 -12.21 39.62 51.38
C PHE C 331 -10.88 40.01 52.01
N LEU C 332 -10.11 40.87 51.33
CA LEU C 332 -8.85 41.35 51.88
C LEU C 332 -9.08 42.16 53.16
N VAL C 333 -10.10 43.01 53.17
CA VAL C 333 -10.41 43.81 54.36
C VAL C 333 -10.84 42.90 55.51
N ARG C 334 -11.70 41.93 55.23
CA ARG C 334 -12.12 41.01 56.29
C ARG C 334 -11.00 40.07 56.72
N ASP C 335 -9.93 39.96 55.93
CA ASP C 335 -8.74 39.25 56.41
C ASP C 335 -7.86 40.15 57.27
N GLN C 336 -7.71 41.41 56.90
CA GLN C 336 -6.90 42.34 57.70
C GLN C 336 -7.52 42.55 59.07
N ARG C 337 -8.80 42.89 59.11
CA ARG C 337 -9.54 42.87 60.37
C ARG C 337 -9.73 41.43 60.82
N LEU C 338 -9.82 41.24 62.13
CA LEU C 338 -9.94 39.92 62.74
C LEU C 338 -8.75 39.06 62.35
N GLY C 339 -8.90 38.25 61.31
CA GLY C 339 -7.82 37.45 60.79
C GLY C 339 -7.98 35.94 60.93
N ALA C 340 -9.20 35.43 61.10
CA ALA C 340 -9.43 34.01 61.27
C ALA C 340 -9.63 33.28 59.94
N SER C 341 -9.60 33.98 58.81
CA SER C 341 -9.82 33.36 57.51
C SER C 341 -8.51 32.86 56.91
N VAL C 342 -7.84 32.00 57.67
CA VAL C 342 -6.56 31.38 57.31
C VAL C 342 -5.53 32.45 56.94
N ALA C 343 -5.66 33.64 57.56
CA ALA C 343 -4.72 34.73 57.30
C ALA C 343 -4.67 35.61 58.54
N SER C 344 -3.67 35.37 59.40
CA SER C 344 -3.47 36.17 60.59
C SER C 344 -2.13 36.91 60.62
N ALA C 345 -1.16 36.50 59.80
CA ALA C 345 0.15 37.13 59.75
C ALA C 345 0.62 37.17 58.31
N GLN C 346 1.90 37.45 58.11
CA GLN C 346 2.51 37.48 56.78
C GLN C 346 2.99 36.11 56.32
N GLY C 347 2.69 35.05 57.07
CA GLY C 347 3.10 33.71 56.73
C GLY C 347 2.57 33.20 55.40
N PRO C 348 1.26 33.32 55.17
CA PRO C 348 0.72 32.95 53.84
C PRO C 348 1.31 33.80 52.73
N THR C 349 1.62 33.16 51.61
CA THR C 349 2.22 33.77 50.44
C THR C 349 3.47 34.59 50.78
N GLY C 350 3.82 35.54 49.92
CA GLY C 350 4.91 36.45 50.22
C GLY C 350 4.36 37.74 50.80
N LEU C 351 3.31 38.26 50.19
CA LEU C 351 2.58 39.42 50.70
C LEU C 351 1.43 38.92 51.57
N GLY C 352 0.48 39.81 51.86
CA GLY C 352 -0.72 39.41 52.57
C GLY C 352 -1.65 38.57 51.69
N LYS C 353 -2.72 38.10 52.32
CA LYS C 353 -3.70 37.30 51.60
C LYS C 353 -4.41 38.14 50.54
N TYR C 354 -4.84 37.46 49.47
CA TYR C 354 -5.48 38.09 48.32
C TYR C 354 -4.58 39.14 47.68
N LEU C 355 -3.28 38.86 47.66
CA LEU C 355 -2.30 39.75 47.05
C LEU C 355 -1.31 38.92 46.24
N MET C 356 -0.84 39.48 45.14
CA MET C 356 0.15 38.84 44.28
C MET C 356 0.80 39.99 43.51
N ARG C 357 1.68 39.64 42.58
CA ARG C 357 2.41 40.62 41.78
C ARG C 357 1.91 40.54 40.35
N SER C 358 1.78 41.71 39.72
CA SER C 358 1.35 41.78 38.33
C SER C 358 2.43 41.28 37.36
N PRO C 359 2.05 41.04 36.10
CA PRO C 359 3.08 40.66 35.11
C PRO C 359 4.20 41.69 34.96
N SER C 360 3.92 42.96 35.23
CA SER C 360 4.95 43.99 35.24
C SER C 360 5.57 44.21 36.60
N GLY C 361 5.18 43.44 37.62
CA GLY C 361 5.80 43.49 38.93
C GLY C 361 5.03 44.23 40.00
N GLU C 362 3.96 44.93 39.65
CA GLU C 362 3.22 45.70 40.63
C GLU C 362 2.36 44.78 41.51
N ILE C 363 2.01 45.27 42.68
CA ILE C 363 1.21 44.52 43.63
C ILE C 363 -0.27 44.66 43.27
N ILE C 364 -0.93 43.53 43.08
CA ILE C 364 -2.34 43.49 42.69
C ILE C 364 -3.08 42.49 43.56
N LEU C 365 -4.40 42.51 43.46
CA LEU C 365 -5.24 41.55 44.19
C LEU C 365 -5.10 40.16 43.58
N GLY C 366 -4.94 39.15 44.43
CA GLY C 366 -4.76 37.79 43.96
C GLY C 366 -6.07 37.06 43.69
N GLY C 367 -5.94 35.92 43.03
CA GLY C 367 -7.06 35.09 42.65
C GLY C 367 -7.59 35.05 41.23
N GLU C 368 -8.88 34.76 41.09
CA GLU C 368 -9.51 34.79 39.74
C GLU C 368 -9.64 36.23 39.28
N THR C 369 -9.43 37.20 40.17
CA THR C 369 -9.58 38.64 39.83
C THR C 369 -8.32 39.11 39.09
N GLN C 370 -7.20 38.39 39.27
CA GLN C 370 -5.89 38.84 38.74
C GLN C 370 -6.09 39.38 37.32
N ARG C 371 -7.00 38.79 36.56
CA ARG C 371 -7.26 39.20 35.18
C ARG C 371 -7.83 40.62 35.09
N PHE C 372 -8.30 41.17 36.20
CA PHE C 372 -8.91 42.50 36.24
C PHE C 372 -8.05 43.51 37.00
N TRP C 373 -6.73 43.36 36.94
CA TRP C 373 -5.84 44.28 37.66
C TRP C 373 -5.77 45.65 37.02
N ASP C 374 -6.27 45.82 35.79
CA ASP C 374 -6.26 47.11 35.13
C ASP C 374 -7.39 48.03 35.60
N LEU C 375 -8.28 47.54 36.46
CA LEU C 375 -9.39 48.36 36.93
C LEU C 375 -8.91 49.54 37.77
N ARG C 376 -9.48 50.71 37.51
CA ARG C 376 -9.27 51.89 38.34
C ARG C 376 -10.63 52.39 38.80
N ALA C 377 -10.86 52.35 40.11
CA ALA C 377 -12.14 52.74 40.69
C ALA C 377 -11.91 53.76 41.80
N PRO C 378 -12.86 54.69 42.00
CA PRO C 378 -12.65 55.74 43.00
C PRO C 378 -12.46 55.23 44.42
N TRP C 379 -13.12 54.13 44.78
CA TRP C 379 -13.02 53.58 46.12
C TRP C 379 -11.71 52.83 46.37
N ILE C 380 -10.90 52.59 45.35
CA ILE C 380 -9.65 51.87 45.49
C ILE C 380 -8.43 52.71 45.14
N GLU C 381 -8.61 53.87 44.49
CA GLU C 381 -7.47 54.72 44.17
C GLU C 381 -6.69 55.23 45.38
N PRO C 382 -7.32 55.72 46.47
CA PRO C 382 -6.51 56.16 47.62
C PRO C 382 -5.66 55.06 48.25
N LEU C 383 -6.00 53.80 48.03
CA LEU C 383 -5.24 52.68 48.57
C LEU C 383 -4.14 52.19 47.64
N ARG C 384 -3.97 52.82 46.48
CA ARG C 384 -2.98 52.40 45.49
C ARG C 384 -1.85 53.41 45.46
N GLY C 385 -0.61 52.91 45.47
CA GLY C 385 0.55 53.76 45.43
C GLY C 385 1.34 53.61 44.14
N PRO C 386 2.58 54.09 44.13
CA PRO C 386 3.42 53.97 42.92
C PRO C 386 3.67 52.52 42.50
N ASN C 387 3.81 51.61 43.47
CA ASN C 387 4.05 50.21 43.17
C ASN C 387 2.76 49.40 43.10
N GLY C 388 1.60 50.03 43.25
CA GLY C 388 0.32 49.36 43.24
C GLY C 388 -0.37 49.50 44.59
N LEU C 389 -1.07 48.43 44.99
CA LEU C 389 -1.75 48.43 46.28
C LEU C 389 -0.74 48.32 47.41
N ASP C 390 -0.80 49.25 48.36
CA ASP C 390 0.09 49.27 49.51
C ASP C 390 -0.65 48.67 50.70
N LEU C 391 -0.08 47.61 51.28
CA LEU C 391 -0.77 46.88 52.34
C LEU C 391 -0.99 47.75 53.57
N ASN C 392 0.04 48.51 53.98
CA ASN C 392 -0.11 49.37 55.15
C ASN C 392 -1.12 50.48 54.91
N LYS C 393 -1.18 51.00 53.68
CA LYS C 393 -2.15 52.04 53.36
C LYS C 393 -3.58 51.49 53.42
N ILE C 394 -3.77 50.24 53.00
CA ILE C 394 -5.07 49.60 53.17
C ILE C 394 -5.37 49.37 54.65
N LYS C 395 -4.33 49.02 55.43
CA LYS C 395 -4.52 48.80 56.85
C LYS C 395 -4.96 50.06 57.58
N ASN C 396 -4.35 51.21 57.23
CA ASN C 396 -4.54 52.44 57.99
C ASN C 396 -5.38 53.49 57.28
N ASP C 397 -5.08 53.77 56.01
CA ASP C 397 -5.71 54.88 55.30
C ASP C 397 -7.00 54.48 54.59
N ILE C 398 -7.69 53.44 55.07
CA ILE C 398 -8.94 53.00 54.50
C ILE C 398 -10.09 53.79 55.13
N GLN C 399 -11.15 54.01 54.37
CA GLN C 399 -12.30 54.78 54.82
C GLN C 399 -13.55 53.90 54.83
N PRO C 400 -14.49 54.17 55.74
CA PRO C 400 -15.73 53.36 55.77
C PRO C 400 -16.55 53.40 54.49
N TRP C 401 -16.57 54.55 53.80
CA TRP C 401 -17.35 54.65 52.56
C TRP C 401 -16.76 53.76 51.47
N GLN C 402 -15.44 53.61 51.44
CA GLN C 402 -14.82 52.69 50.49
C GLN C 402 -15.26 51.25 50.77
N GLU C 403 -15.32 50.86 52.04
CA GLU C 403 -15.78 49.52 52.39
C GLU C 403 -17.24 49.32 52.01
N ARG C 404 -18.07 50.33 52.25
CA ARG C 404 -19.49 50.23 51.88
C ARG C 404 -19.66 50.11 50.37
N ARG C 405 -18.91 50.91 49.61
CA ARG C 405 -18.95 50.81 48.15
C ARG C 405 -18.48 49.43 47.67
N ALA C 406 -17.41 48.91 48.27
CA ALA C 406 -16.90 47.60 47.87
C ALA C 406 -17.92 46.50 48.16
N ALA C 407 -18.56 46.56 49.34
CA ALA C 407 -19.54 45.53 49.69
C ALA C 407 -20.76 45.60 48.76
N GLU C 408 -21.28 46.82 48.52
CA GLU C 408 -22.47 46.95 47.70
C GLU C 408 -22.19 46.61 46.24
N TYR C 409 -20.95 46.81 45.77
CA TYR C 409 -20.60 46.37 44.43
C TYR C 409 -20.34 44.87 44.36
N MET C 410 -19.87 44.29 45.47
CA MET C 410 -19.72 42.83 45.53
C MET C 410 -21.07 42.14 45.49
N THR C 411 -22.09 42.72 46.14
CA THR C 411 -23.41 42.11 46.14
C THR C 411 -23.98 41.99 44.73
N HIS C 412 -23.83 43.04 43.93
CA HIS C 412 -24.41 43.11 42.58
C HIS C 412 -23.27 43.05 41.55
N ALA C 413 -23.06 41.87 40.97
CA ALA C 413 -21.97 41.64 40.04
C ALA C 413 -22.50 41.36 38.65
N PRO C 414 -22.08 42.13 37.63
CA PRO C 414 -22.47 41.78 36.25
C PRO C 414 -21.94 40.46 35.72
N LEU C 415 -20.66 40.17 35.96
CA LEU C 415 -20.08 38.89 35.56
C LEU C 415 -20.59 37.69 36.36
N GLY C 416 -21.19 37.94 37.52
CA GLY C 416 -21.64 36.87 38.38
C GLY C 416 -20.70 36.46 39.48
N SER C 417 -21.03 36.79 40.72
CA SER C 417 -20.16 36.50 41.85
C SER C 417 -20.44 35.12 42.44
N PHE C 433 -29.44 38.95 38.74
CA PHE C 433 -29.55 40.42 38.69
C PHE C 433 -28.88 40.72 37.35
N VAL C 434 -29.62 41.28 36.39
CA VAL C 434 -28.98 41.69 35.11
C VAL C 434 -28.59 43.17 35.23
N SER C 435 -27.28 43.45 35.19
CA SER C 435 -26.79 44.82 35.32
C SER C 435 -27.29 45.68 34.17
N PRO C 436 -27.64 46.94 34.42
CA PRO C 436 -27.96 47.85 33.31
C PRO C 436 -26.81 48.01 32.34
N ARG C 437 -25.57 47.91 32.82
CA ARG C 437 -24.42 47.88 31.93
C ARG C 437 -24.50 46.68 30.98
N SER C 438 -24.92 45.52 31.49
CA SER C 438 -25.08 44.35 30.64
C SER C 438 -26.11 44.59 29.55
N TRP C 439 -27.26 45.16 29.92
CA TRP C 439 -28.30 45.43 28.94
C TRP C 439 -27.82 46.40 27.87
N LEU C 440 -27.21 47.51 28.31
CA LEU C 440 -26.72 48.51 27.35
C LEU C 440 -25.67 47.91 26.43
N THR C 441 -24.70 47.17 26.99
CA THR C 441 -23.61 46.62 26.21
C THR C 441 -24.13 45.60 25.20
N CYS C 442 -24.98 44.67 25.64
CA CYS C 442 -25.51 43.65 24.73
C CYS C 442 -26.35 44.29 23.64
N ALA C 443 -27.23 45.23 24.00
CA ALA C 443 -28.11 45.85 23.04
C ALA C 443 -27.32 46.61 21.98
N HIS C 444 -26.38 47.46 22.41
CA HIS C 444 -25.66 48.26 21.43
C HIS C 444 -24.59 47.47 20.67
N PHE C 445 -24.06 46.38 21.24
CA PHE C 445 -23.21 45.50 20.46
C PHE C 445 -24.00 44.79 19.36
N LEU C 446 -25.20 44.31 19.69
CA LEU C 446 -26.06 43.71 18.68
C LEU C 446 -26.44 44.73 17.60
N LEU C 447 -26.75 45.96 18.03
CA LEU C 447 -27.09 47.00 17.06
C LEU C 447 -25.90 47.35 16.17
N GLY C 448 -24.70 47.41 16.74
CA GLY C 448 -23.51 47.65 15.92
C GLY C 448 -23.28 46.56 14.90
N PHE C 449 -23.46 45.30 15.31
CA PHE C 449 -23.29 44.20 14.36
C PHE C 449 -24.33 44.24 13.24
N VAL C 450 -25.60 44.41 13.60
CA VAL C 450 -26.64 44.41 12.56
C VAL C 450 -26.51 45.63 11.66
N PHE C 451 -26.00 46.74 12.18
CA PHE C 451 -25.79 47.90 11.33
C PHE C 451 -24.53 47.79 10.49
N TYR C 452 -23.53 47.03 10.92
CA TYR C 452 -22.46 46.65 10.01
C TYR C 452 -23.00 45.79 8.86
N ILE C 453 -23.91 44.87 9.17
CA ILE C 453 -24.56 44.08 8.12
C ILE C 453 -25.31 44.99 7.16
N GLY C 454 -26.06 45.96 7.70
CA GLY C 454 -26.79 46.88 6.86
C GLY C 454 -25.88 47.74 6.01
N HIS C 455 -24.75 48.18 6.57
CA HIS C 455 -23.77 48.93 5.79
C HIS C 455 -23.24 48.09 4.64
N LEU C 456 -22.90 46.83 4.90
CA LEU C 456 -22.39 45.98 3.83
C LEU C 456 -23.43 45.80 2.74
N TRP C 457 -24.68 45.53 3.12
CA TRP C 457 -25.76 45.35 2.15
C TRP C 457 -25.95 46.61 1.31
N HIS C 458 -26.11 47.76 1.97
CA HIS C 458 -26.43 48.99 1.25
C HIS C 458 -25.24 49.49 0.44
N ALA C 459 -24.01 49.27 0.91
CA ALA C 459 -22.84 49.67 0.13
C ALA C 459 -22.69 48.80 -1.12
N GLY C 460 -22.85 47.47 -0.97
CA GLY C 460 -22.81 46.61 -2.13
C GLY C 460 -23.89 46.95 -3.14
N ARG C 461 -25.11 47.23 -2.67
CA ARG C 461 -26.17 47.57 -3.59
C ARG C 461 -25.96 48.94 -4.22
N ALA C 462 -25.38 49.89 -3.48
CA ALA C 462 -25.06 51.19 -4.06
C ALA C 462 -24.03 51.04 -5.18
N ARG C 463 -23.00 50.23 -4.94
CA ARG C 463 -22.01 49.98 -5.99
C ARG C 463 -22.64 49.32 -7.20
N ALA C 464 -23.49 48.31 -6.97
CA ALA C 464 -24.13 47.61 -8.08
C ALA C 464 -25.06 48.53 -8.87
N ALA C 465 -25.80 49.39 -8.16
CA ALA C 465 -26.75 50.28 -8.82
C ALA C 465 -26.02 51.39 -9.59
N ALA C 466 -24.93 51.92 -9.02
CA ALA C 466 -24.14 52.91 -9.74
C ALA C 466 -23.50 52.29 -10.97
N ALA C 467 -22.94 51.09 -10.85
CA ALA C 467 -22.39 50.40 -12.00
C ALA C 467 -23.48 50.00 -12.98
N GLY C 468 -24.63 49.52 -12.47
CA GLY C 468 -25.77 49.25 -13.32
C GLY C 468 -26.11 47.79 -13.53
N PHE C 469 -25.83 46.95 -12.53
CA PHE C 469 -26.22 45.54 -12.62
C PHE C 469 -26.81 45.03 -11.29
N GLU C 470 -27.50 45.89 -10.55
CA GLU C 470 -28.14 45.48 -9.32
C GLU C 470 -29.42 44.69 -9.55
N LYS C 471 -29.95 44.70 -10.77
CA LYS C 471 -31.15 43.95 -11.11
C LYS C 471 -30.85 42.59 -11.73
N GLY C 472 -29.58 42.27 -11.96
CA GLY C 472 -29.18 40.98 -12.51
C GLY C 472 -28.20 41.13 -13.65
N ILE C 473 -27.86 39.99 -14.24
CA ILE C 473 -26.93 39.91 -15.35
C ILE C 473 -27.67 40.17 -16.65
N ASN C 474 -27.04 40.93 -17.55
CA ASN C 474 -27.74 41.46 -18.72
C ASN C 474 -28.21 40.36 -19.67
N ARG C 475 -27.48 39.24 -19.74
CA ARG C 475 -27.81 38.05 -20.53
C ARG C 475 -27.63 38.30 -22.03
N GLU C 476 -27.37 39.54 -22.43
CA GLU C 476 -27.05 39.85 -23.82
C GLU C 476 -25.55 40.05 -24.01
N ASN C 477 -24.92 40.80 -23.11
CA ASN C 477 -23.46 40.94 -23.06
C ASN C 477 -23.03 40.54 -21.65
N GLU C 478 -22.84 39.24 -21.46
CA GLU C 478 -22.47 38.72 -20.14
C GLU C 478 -20.99 38.96 -19.89
N PRO C 479 -20.63 39.59 -18.77
CA PRO C 479 -19.21 39.94 -18.54
C PRO C 479 -18.26 38.75 -18.53
N THR C 480 -18.68 37.61 -17.97
CA THR C 480 -17.78 36.46 -17.90
C THR C 480 -17.63 35.75 -19.23
N LEU C 481 -18.55 35.97 -20.18
CA LEU C 481 -18.42 35.37 -21.50
C LEU C 481 -17.37 36.08 -22.35
N SER C 482 -17.04 37.33 -22.04
CA SER C 482 -15.98 38.02 -22.76
C SER C 482 -14.60 37.69 -22.19
N LEU C 483 -14.53 37.39 -20.90
CA LEU C 483 -13.26 37.00 -20.30
C LEU C 483 -12.84 35.63 -20.81
N ARG C 484 -11.54 35.48 -21.06
CA ARG C 484 -11.02 34.18 -21.45
C ARG C 484 -11.07 33.22 -20.26
N PRO C 485 -11.28 31.94 -20.51
CA PRO C 485 -11.31 30.97 -19.40
C PRO C 485 -9.96 30.84 -18.72
N ILE C 486 -10.00 30.51 -17.43
CA ILE C 486 -8.83 30.37 -16.58
C ILE C 486 -8.00 31.65 -16.57
N ARG D 11 -64.77 -2.32 -12.90
CA ARG D 11 -63.53 -2.73 -12.24
C ARG D 11 -63.84 -3.39 -10.90
N GLY D 12 -62.81 -3.98 -10.29
CA GLY D 12 -62.97 -4.63 -9.00
C GLY D 12 -62.97 -3.65 -7.85
N TRP D 13 -63.20 -4.19 -6.65
CA TRP D 13 -63.21 -3.35 -5.45
C TRP D 13 -61.83 -2.76 -5.18
N PHE D 14 -60.78 -3.55 -5.38
CA PHE D 14 -59.42 -3.04 -5.16
C PHE D 14 -59.10 -1.91 -6.13
N ASP D 15 -59.50 -2.06 -7.40
CA ASP D 15 -59.26 -1.00 -8.37
C ASP D 15 -60.01 0.27 -8.03
N LEU D 16 -61.25 0.15 -7.57
CA LEU D 16 -62.03 1.33 -7.18
C LEU D 16 -61.43 2.01 -5.96
N MET D 17 -60.98 1.23 -4.98
CA MET D 17 -60.32 1.82 -3.81
C MET D 17 -59.02 2.51 -4.20
N ASP D 18 -58.27 1.91 -5.12
CA ASP D 18 -57.04 2.55 -5.61
C ASP D 18 -57.36 3.85 -6.34
N ASP D 19 -58.43 3.86 -7.14
CA ASP D 19 -58.84 5.09 -7.81
C ASP D 19 -59.23 6.17 -6.82
N TRP D 20 -59.98 5.80 -5.77
CA TRP D 20 -60.42 6.79 -4.79
C TRP D 20 -59.24 7.33 -3.98
N LEU D 21 -58.33 6.46 -3.55
CA LEU D 21 -57.18 6.90 -2.77
C LEU D 21 -56.22 7.77 -3.58
N LYS D 22 -56.24 7.65 -4.90
CA LYS D 22 -55.33 8.40 -5.76
C LYS D 22 -55.96 9.68 -6.30
N ARG D 23 -57.17 10.03 -5.87
CA ARG D 23 -57.84 11.22 -6.39
C ARG D 23 -57.09 12.49 -5.99
N ASP D 24 -57.09 13.46 -6.91
CA ASP D 24 -56.41 14.73 -6.69
C ASP D 24 -57.27 15.58 -5.77
N ARG D 25 -57.05 15.43 -4.48
CA ARG D 25 -57.71 16.25 -3.47
C ARG D 25 -56.71 17.27 -2.92
N PHE D 26 -57.18 18.08 -1.96
CA PHE D 26 -56.29 19.05 -1.33
C PHE D 26 -55.19 18.35 -0.54
N VAL D 27 -55.53 17.26 0.14
CA VAL D 27 -54.57 16.43 0.86
C VAL D 27 -54.58 15.05 0.22
N PHE D 28 -53.44 14.66 -0.35
CA PHE D 28 -53.32 13.33 -0.95
C PHE D 28 -53.37 12.27 0.14
N VAL D 29 -54.14 11.20 -0.11
CA VAL D 29 -54.29 10.13 0.87
C VAL D 29 -53.42 8.94 0.46
N GLY D 30 -53.76 8.31 -0.67
CA GLY D 30 -53.02 7.15 -1.13
C GLY D 30 -53.15 5.93 -0.25
N TRP D 31 -52.58 4.81 -0.71
CA TRP D 31 -52.56 3.61 0.12
C TRP D 31 -51.70 3.79 1.35
N SER D 32 -50.57 4.50 1.21
CA SER D 32 -49.70 4.78 2.35
C SER D 32 -50.37 5.64 3.40
N GLY D 33 -51.40 6.41 3.02
CA GLY D 33 -52.12 7.21 3.99
C GLY D 33 -52.80 6.37 5.06
N LEU D 34 -53.29 5.18 4.69
CA LEU D 34 -53.95 4.30 5.65
C LEU D 34 -53.05 3.93 6.81
N LEU D 35 -51.73 3.93 6.60
CA LEU D 35 -50.77 3.74 7.67
C LEU D 35 -50.28 5.05 8.26
N LEU D 36 -50.10 6.07 7.42
CA LEU D 36 -49.48 7.31 7.88
C LEU D 36 -50.41 8.13 8.75
N PHE D 37 -51.63 8.42 8.26
CA PHE D 37 -52.50 9.37 8.95
C PHE D 37 -52.89 8.91 10.35
N PRO D 38 -53.39 7.68 10.59
CA PRO D 38 -53.72 7.32 11.97
C PRO D 38 -52.52 7.25 12.89
N THR D 39 -51.40 6.65 12.44
CA THR D 39 -50.23 6.52 13.30
C THR D 39 -49.63 7.88 13.65
N SER D 40 -49.46 8.75 12.66
CA SER D 40 -48.91 10.07 12.92
C SER D 40 -49.85 10.90 13.78
N TYR D 41 -51.15 10.85 13.50
CA TYR D 41 -52.13 11.59 14.29
C TYR D 41 -52.11 11.12 15.74
N LEU D 42 -52.08 9.81 15.97
CA LEU D 42 -52.05 9.29 17.33
C LEU D 42 -50.76 9.65 18.04
N SER D 43 -49.62 9.60 17.34
CA SER D 43 -48.35 9.96 17.96
C SER D 43 -48.33 11.42 18.39
N ILE D 44 -48.78 12.31 17.50
CA ILE D 44 -48.79 13.74 17.83
C ILE D 44 -49.78 14.02 18.97
N GLY D 45 -50.97 13.42 18.89
CA GLY D 45 -51.95 13.63 19.96
C GLY D 45 -51.49 13.07 21.29
N GLY D 46 -50.83 11.92 21.28
CA GLY D 46 -50.28 11.38 22.50
C GLY D 46 -49.18 12.23 23.09
N TRP D 47 -48.33 12.81 22.24
CA TRP D 47 -47.31 13.73 22.73
C TRP D 47 -47.95 14.96 23.37
N PHE D 48 -48.99 15.51 22.72
CA PHE D 48 -49.68 16.66 23.31
C PHE D 48 -50.34 16.30 24.64
N THR D 49 -50.97 15.13 24.70
CA THR D 49 -51.62 14.68 25.92
C THR D 49 -50.61 14.48 27.05
N GLY D 50 -49.46 13.88 26.73
CA GLY D 50 -48.44 13.69 27.75
C GLY D 50 -47.84 14.99 28.24
N THR D 51 -47.55 15.92 27.33
CA THR D 51 -47.00 17.20 27.73
C THR D 51 -48.03 18.11 28.39
N THR D 52 -49.32 17.81 28.24
CA THR D 52 -50.37 18.61 28.85
C THR D 52 -50.87 18.05 30.18
N PHE D 53 -51.05 16.74 30.29
CA PHE D 53 -51.67 16.14 31.46
C PHE D 53 -50.81 15.12 32.18
N VAL D 54 -50.07 14.29 31.45
CA VAL D 54 -49.41 13.13 32.04
C VAL D 54 -48.15 13.55 32.78
N THR D 55 -47.98 13.04 33.99
CA THR D 55 -46.84 13.33 34.84
C THR D 55 -45.73 12.30 34.64
N SER D 56 -44.56 12.62 35.20
CA SER D 56 -43.42 11.71 35.22
C SER D 56 -42.98 11.41 36.65
N TRP D 57 -43.87 11.61 37.62
CA TRP D 57 -43.51 11.54 39.03
C TRP D 57 -43.17 10.10 39.46
N TYR D 58 -43.84 9.11 38.88
CA TYR D 58 -43.63 7.72 39.27
C TYR D 58 -42.60 7.00 38.43
N THR D 59 -42.03 7.65 37.42
CA THR D 59 -41.00 7.06 36.57
C THR D 59 -39.65 7.73 36.73
N HIS D 60 -39.61 9.07 36.71
CA HIS D 60 -38.38 9.82 36.85
C HIS D 60 -38.29 10.65 38.12
N GLY D 61 -39.37 10.73 38.90
CA GLY D 61 -39.41 11.64 40.02
C GLY D 61 -39.40 13.09 39.57
N LEU D 62 -40.05 13.39 38.46
CA LEU D 62 -40.06 14.73 37.87
C LEU D 62 -41.47 15.14 37.52
N ALA D 63 -41.71 16.44 37.51
CA ALA D 63 -42.95 17.01 36.99
C ALA D 63 -42.69 17.47 35.56
N SER D 64 -43.37 16.84 34.60
CA SER D 64 -43.28 17.24 33.19
C SER D 64 -44.69 17.24 32.61
N SER D 65 -45.39 18.37 32.79
CA SER D 65 -46.72 18.59 32.23
C SER D 65 -47.18 20.01 32.52
N TYR D 66 -48.05 20.55 31.66
CA TYR D 66 -48.60 21.87 31.91
C TYR D 66 -49.49 21.88 33.15
N LEU D 67 -50.15 20.76 33.44
CA LEU D 67 -50.99 20.67 34.63
C LEU D 67 -50.18 20.80 35.91
N GLU D 68 -48.93 20.35 35.90
CA GLU D 68 -48.05 20.45 37.05
C GLU D 68 -47.32 21.79 37.14
N GLY D 69 -47.40 22.63 36.11
CA GLY D 69 -46.78 23.94 36.13
C GLY D 69 -45.64 24.13 35.15
N CYS D 70 -45.36 23.14 34.30
CA CYS D 70 -44.26 23.26 33.36
C CYS D 70 -44.67 24.13 32.17
N ASN D 71 -43.65 24.70 31.53
CA ASN D 71 -43.82 25.49 30.32
C ASN D 71 -43.47 24.63 29.11
N PHE D 72 -43.40 25.26 27.94
CA PHE D 72 -43.10 24.53 26.71
C PHE D 72 -41.73 23.86 26.76
N PHE D 73 -40.75 24.52 27.38
CA PHE D 73 -39.40 23.97 27.40
C PHE D 73 -39.29 22.78 28.36
N THR D 74 -39.92 22.88 29.53
CA THR D 74 -39.74 21.88 30.57
C THR D 74 -40.78 20.76 30.54
N ALA D 75 -41.81 20.87 29.70
CA ALA D 75 -42.78 19.80 29.58
C ALA D 75 -42.30 18.74 28.61
N ALA D 76 -42.51 17.47 28.96
CA ALA D 76 -42.02 16.38 28.15
C ALA D 76 -42.87 15.14 28.38
N VAL D 77 -42.86 14.25 27.39
CA VAL D 77 -43.39 12.90 27.55
C VAL D 77 -42.22 12.02 27.95
N SER D 78 -42.09 11.76 29.25
CA SER D 78 -40.90 11.10 29.76
C SER D 78 -40.94 9.60 29.46
N THR D 79 -39.74 9.02 29.41
CA THR D 79 -39.59 7.61 29.11
C THR D 79 -40.13 6.77 30.25
N PRO D 80 -40.48 5.50 29.98
CA PRO D 80 -41.01 4.64 31.04
C PRO D 80 -40.02 4.41 32.17
N ALA D 81 -40.54 3.86 33.27
CA ALA D 81 -39.72 3.58 34.43
C ALA D 81 -38.70 2.49 34.13
N ASN D 82 -37.55 2.58 34.80
CA ASN D 82 -36.50 1.59 34.62
C ASN D 82 -36.92 0.21 35.13
N SER D 83 -37.94 0.14 35.99
CA SER D 83 -38.45 -1.15 36.42
C SER D 83 -38.98 -1.96 35.23
N MET D 84 -39.68 -1.29 34.32
CA MET D 84 -39.98 -1.92 33.04
C MET D 84 -38.69 -2.13 32.27
N GLY D 85 -38.58 -3.29 31.62
CA GLY D 85 -37.43 -3.54 30.78
C GLY D 85 -37.62 -2.90 29.43
N HIS D 86 -37.36 -3.66 28.36
CA HIS D 86 -37.72 -3.20 27.02
C HIS D 86 -39.11 -3.69 26.64
N SER D 87 -40.07 -3.44 27.54
CA SER D 87 -41.44 -3.87 27.32
C SER D 87 -42.13 -2.99 26.30
N LEU D 88 -43.01 -3.62 25.50
CA LEU D 88 -43.83 -2.86 24.57
C LEU D 88 -44.81 -1.94 25.29
N LEU D 89 -45.12 -2.23 26.55
CA LEU D 89 -46.01 -1.42 27.39
C LEU D 89 -47.36 -1.22 26.73
N LEU D 90 -47.91 -2.31 26.19
CA LEU D 90 -49.26 -2.29 25.64
C LEU D 90 -50.25 -1.93 26.74
N LEU D 91 -51.29 -1.17 26.36
CA LEU D 91 -52.32 -0.78 27.32
C LEU D 91 -52.97 -2.01 27.95
N TRP D 92 -53.14 -3.06 27.18
CA TRP D 92 -53.67 -4.34 27.66
C TRP D 92 -52.57 -5.25 28.19
N GLY D 93 -51.32 -4.81 28.21
CA GLY D 93 -50.21 -5.63 28.62
C GLY D 93 -50.21 -5.90 30.11
N PRO D 94 -49.36 -6.85 30.55
CA PRO D 94 -49.36 -7.23 31.97
C PRO D 94 -48.95 -6.11 32.92
N GLU D 95 -48.23 -5.10 32.43
CA GLU D 95 -47.84 -4.00 33.30
C GLU D 95 -49.03 -3.11 33.66
N ALA D 96 -49.85 -2.77 32.67
CA ALA D 96 -51.00 -1.90 32.88
C ALA D 96 -52.31 -2.66 33.07
N GLN D 97 -52.48 -3.78 32.36
CA GLN D 97 -53.67 -4.63 32.47
C GLN D 97 -54.95 -3.87 32.18
N GLY D 98 -54.90 -2.98 31.18
CA GLY D 98 -56.07 -2.26 30.74
C GLY D 98 -56.37 -0.98 31.48
N ASP D 99 -55.64 -0.68 32.56
CA ASP D 99 -55.89 0.53 33.34
C ASP D 99 -55.17 1.70 32.68
N PHE D 100 -55.95 2.66 32.19
CA PHE D 100 -55.37 3.82 31.49
C PHE D 100 -54.52 4.66 32.42
N THR D 101 -54.99 4.86 33.66
CA THR D 101 -54.26 5.71 34.61
C THR D 101 -52.91 5.12 34.96
N ARG D 102 -52.86 3.82 35.28
CA ARG D 102 -51.59 3.18 35.59
C ARG D 102 -50.69 3.13 34.35
N TRP D 103 -51.28 2.96 33.17
CA TRP D 103 -50.50 2.97 31.93
C TRP D 103 -49.83 4.31 31.70
N CYS D 104 -50.55 5.41 31.97
CA CYS D 104 -49.95 6.73 31.85
C CYS D 104 -48.91 6.98 32.94
N GLN D 105 -49.15 6.46 34.15
CA GLN D 105 -48.23 6.70 35.25
C GLN D 105 -46.91 5.97 35.06
N ILE D 106 -46.93 4.77 34.44
CA ILE D 106 -45.70 4.01 34.24
C ILE D 106 -44.93 4.42 33.00
N GLY D 107 -45.38 5.45 32.29
CA GLY D 107 -44.69 5.90 31.10
C GLY D 107 -45.10 5.19 29.82
N GLY D 108 -46.24 4.48 29.82
CA GLY D 108 -46.69 3.80 28.63
C GLY D 108 -47.04 4.73 27.48
N LEU D 109 -47.36 5.99 27.78
CA LEU D 109 -47.64 6.95 26.72
C LEU D 109 -46.39 7.24 25.89
N TRP D 110 -45.21 7.19 26.50
CA TRP D 110 -43.97 7.33 25.73
C TRP D 110 -43.83 6.20 24.72
N ALA D 111 -44.10 4.96 25.14
CA ALA D 111 -44.03 3.83 24.22
C ALA D 111 -45.07 3.96 23.12
N PHE D 112 -46.28 4.42 23.48
CA PHE D 112 -47.33 4.68 22.50
C PHE D 112 -46.84 5.66 21.44
N CYS D 113 -46.32 6.81 21.89
CA CYS D 113 -45.85 7.83 20.95
C CYS D 113 -44.70 7.31 20.10
N ALA D 114 -43.75 6.61 20.72
CA ALA D 114 -42.58 6.15 19.97
C ALA D 114 -42.95 5.13 18.91
N LEU D 115 -43.79 4.16 19.26
CA LEU D 115 -44.16 3.12 18.31
C LEU D 115 -45.03 3.67 17.19
N HIS D 116 -46.08 4.43 17.54
CA HIS D 116 -46.95 4.98 16.49
C HIS D 116 -46.20 6.02 15.65
N GLY D 117 -45.20 6.69 16.22
CA GLY D 117 -44.38 7.61 15.46
C GLY D 117 -43.41 6.94 14.53
N SER D 118 -42.83 5.81 14.95
CA SER D 118 -42.00 5.04 14.03
C SER D 118 -42.82 4.52 12.86
N PHE D 119 -44.04 4.02 13.14
CA PHE D 119 -44.89 3.59 12.04
C PHE D 119 -45.37 4.77 11.20
N GLY D 120 -45.52 5.95 11.81
CA GLY D 120 -45.83 7.14 11.03
C GLY D 120 -44.69 7.56 10.11
N LEU D 121 -43.46 7.44 10.58
CA LEU D 121 -42.30 7.70 9.73
C LEU D 121 -42.23 6.72 8.57
N ILE D 122 -42.51 5.45 8.85
CA ILE D 122 -42.57 4.45 7.77
C ILE D 122 -43.68 4.82 6.78
N GLY D 123 -44.83 5.23 7.28
CA GLY D 123 -45.93 5.62 6.41
C GLY D 123 -45.61 6.85 5.57
N PHE D 124 -44.89 7.81 6.15
CA PHE D 124 -44.51 9.00 5.40
C PHE D 124 -43.47 8.67 4.33
N CYS D 125 -42.55 7.76 4.63
CA CYS D 125 -41.60 7.31 3.62
C CYS D 125 -42.31 6.60 2.48
N LEU D 126 -43.29 5.74 2.81
CA LEU D 126 -44.10 5.10 1.78
C LEU D 126 -44.92 6.12 1.01
N ARG D 127 -45.38 7.18 1.68
CA ARG D 127 -46.10 8.25 0.99
C ARG D 127 -45.22 8.95 -0.02
N GLN D 128 -43.97 9.24 0.35
CA GLN D 128 -43.03 9.83 -0.60
C GLN D 128 -42.81 8.91 -1.79
N PHE D 129 -42.63 7.61 -1.53
CA PHE D 129 -42.47 6.64 -2.61
C PHE D 129 -43.68 6.63 -3.54
N GLU D 130 -44.89 6.62 -2.96
CA GLU D 130 -46.11 6.52 -3.74
C GLU D 130 -46.35 7.78 -4.58
N ILE D 131 -46.12 8.95 -3.99
CA ILE D 131 -46.32 10.19 -4.73
C ILE D 131 -45.27 10.34 -5.82
N ALA D 132 -44.03 9.90 -5.56
CA ALA D 132 -43.02 9.90 -6.60
C ALA D 132 -43.40 8.97 -7.74
N ARG D 133 -43.95 7.80 -7.42
CA ARG D 133 -44.37 6.86 -8.46
C ARG D 133 -45.53 7.41 -9.28
N LEU D 134 -46.51 8.03 -8.63
CA LEU D 134 -47.67 8.53 -9.33
C LEU D 134 -47.33 9.77 -10.17
N VAL D 135 -46.53 10.68 -9.63
CA VAL D 135 -46.11 11.85 -10.39
C VAL D 135 -45.25 11.45 -11.58
N GLY D 136 -44.36 10.49 -11.39
CA GLY D 136 -43.50 10.03 -12.46
C GLY D 136 -42.10 10.59 -12.38
N ILE D 137 -41.56 10.67 -11.17
CA ILE D 137 -40.21 11.20 -10.93
C ILE D 137 -39.41 10.15 -10.17
N ARG D 138 -38.11 10.37 -10.13
CA ARG D 138 -37.22 9.50 -9.40
C ARG D 138 -37.47 9.66 -7.89
N PRO D 139 -37.35 8.59 -7.11
CA PRO D 139 -37.65 8.65 -5.68
C PRO D 139 -36.43 9.00 -4.84
N TYR D 140 -35.85 10.17 -5.08
CA TYR D 140 -34.74 10.62 -4.25
C TYR D 140 -35.22 11.22 -2.93
N ASN D 141 -36.50 11.56 -2.84
CA ASN D 141 -37.15 11.62 -1.54
C ASN D 141 -37.49 10.21 -1.10
N ALA D 142 -37.67 10.04 0.22
CA ALA D 142 -37.82 8.75 0.91
C ALA D 142 -36.50 7.99 0.95
N ILE D 143 -35.49 8.52 0.26
CA ILE D 143 -34.11 8.14 0.47
C ILE D 143 -33.35 9.21 1.24
N ALA D 144 -33.67 10.48 0.99
CA ALA D 144 -33.25 11.55 1.88
C ALA D 144 -33.87 11.40 3.25
N PHE D 145 -35.16 11.05 3.29
CA PHE D 145 -35.87 10.86 4.55
C PHE D 145 -35.35 9.64 5.32
N SER D 146 -34.61 8.76 4.64
CA SER D 146 -33.97 7.65 5.33
C SER D 146 -32.98 8.16 6.38
N GLY D 147 -32.44 9.35 6.19
CA GLY D 147 -31.60 9.98 7.18
C GLY D 147 -32.31 10.22 8.50
N PRO D 148 -33.39 11.01 8.48
CA PRO D 148 -34.20 11.16 9.70
C PRO D 148 -34.76 9.85 10.24
N ILE D 149 -35.11 8.90 9.36
CA ILE D 149 -35.60 7.61 9.82
C ILE D 149 -34.51 6.88 10.60
N ALA D 150 -33.28 6.89 10.08
CA ALA D 150 -32.16 6.26 10.77
C ALA D 150 -31.86 6.97 12.08
N ILE D 151 -31.95 8.30 12.09
CA ILE D 151 -31.74 9.05 13.34
C ILE D 151 -32.74 8.60 14.39
N PHE D 152 -34.02 8.56 14.03
CA PHE D 152 -35.05 8.18 14.99
C PHE D 152 -34.86 6.74 15.45
N VAL D 153 -34.57 5.82 14.52
CA VAL D 153 -34.42 4.41 14.86
C VAL D 153 -33.23 4.21 15.80
N SER D 154 -32.09 4.84 15.48
CA SER D 154 -30.90 4.65 16.29
C SER D 154 -31.05 5.29 17.67
N VAL D 155 -31.63 6.49 17.74
CA VAL D 155 -31.64 7.24 18.98
C VAL D 155 -32.79 6.82 19.89
N PHE D 156 -34.01 6.73 19.36
CA PHE D 156 -35.17 6.46 20.19
C PHE D 156 -35.51 4.98 20.32
N LEU D 157 -35.00 4.13 19.43
CA LEU D 157 -35.29 2.70 19.49
C LEU D 157 -34.05 1.87 19.77
N MET D 158 -32.99 1.98 18.96
CA MET D 158 -31.86 1.08 19.10
C MET D 158 -31.05 1.37 20.37
N TYR D 159 -30.87 2.64 20.70
CA TYR D 159 -30.10 2.99 21.90
C TYR D 159 -30.74 2.47 23.19
N PRO D 160 -32.04 2.72 23.47
CA PRO D 160 -32.61 2.11 24.69
C PRO D 160 -32.64 0.60 24.65
N LEU D 161 -32.82 -0.01 23.46
CA LEU D 161 -32.82 -1.47 23.37
C LEU D 161 -31.46 -2.04 23.72
N GLY D 162 -30.39 -1.34 23.35
CA GLY D 162 -29.06 -1.75 23.77
C GLY D 162 -28.77 -1.47 25.22
N GLN D 163 -29.47 -0.51 25.83
CA GLN D 163 -29.27 -0.16 27.22
C GLN D 163 -30.16 -1.01 28.12
N ALA D 164 -30.29 -0.62 29.39
CA ALA D 164 -31.04 -1.42 30.35
C ALA D 164 -32.53 -1.46 30.02
N SER D 165 -33.10 -0.34 29.60
CA SER D 165 -34.55 -0.25 29.41
C SER D 165 -34.86 0.96 28.54
N TRP D 166 -36.17 1.23 28.37
CA TRP D 166 -36.60 2.43 27.67
C TRP D 166 -36.30 3.70 28.45
N PHE D 167 -35.95 3.57 29.74
CA PHE D 167 -35.72 4.74 30.60
C PHE D 167 -34.62 5.64 30.04
N PHE D 168 -33.58 5.06 29.45
CA PHE D 168 -32.44 5.81 28.98
C PHE D 168 -32.60 6.33 27.55
N ALA D 169 -33.78 6.13 26.95
CA ALA D 169 -34.09 6.77 25.69
C ALA D 169 -34.35 8.25 25.93
N PRO D 170 -34.28 9.08 24.88
CA PRO D 170 -34.64 10.49 25.04
C PRO D 170 -36.13 10.64 25.32
N SER D 171 -36.45 11.49 26.30
CA SER D 171 -37.83 11.86 26.54
C SER D 171 -38.25 12.96 25.56
N LEU D 172 -39.53 12.94 25.19
CA LEU D 172 -40.04 13.79 24.12
C LEU D 172 -40.31 15.19 24.68
N GLY D 173 -39.23 15.95 24.83
CA GLY D 173 -39.34 17.32 25.32
C GLY D 173 -38.07 18.09 25.06
N VAL D 174 -38.18 19.42 25.16
CA VAL D 174 -37.06 20.30 24.88
C VAL D 174 -35.97 20.14 25.94
N ALA D 175 -36.30 20.44 27.19
CA ALA D 175 -35.35 20.27 28.28
C ALA D 175 -34.96 18.81 28.45
N ALA D 176 -35.89 17.90 28.14
CA ALA D 176 -35.55 16.47 28.15
C ALA D 176 -34.50 16.13 27.12
N ILE D 177 -34.61 16.72 25.92
CA ILE D 177 -33.60 16.50 24.89
C ILE D 177 -32.26 17.09 25.30
N PHE D 178 -32.27 18.28 25.91
CA PHE D 178 -31.03 18.87 26.40
C PHE D 178 -30.38 17.99 27.48
N ARG D 179 -31.22 17.46 28.38
CA ARG D 179 -30.71 16.53 29.40
C ARG D 179 -30.07 15.35 28.67
N PHE D 180 -30.76 14.77 27.68
CA PHE D 180 -30.23 13.61 26.97
C PHE D 180 -28.88 13.93 26.36
N LEU D 181 -28.74 15.12 25.77
CA LEU D 181 -27.45 15.54 25.22
C LEU D 181 -26.36 15.53 26.29
N LEU D 182 -26.62 16.18 27.42
CA LEU D 182 -25.61 16.27 28.46
C LEU D 182 -25.33 14.91 29.11
N PHE D 183 -26.37 14.08 29.26
CA PHE D 183 -26.19 12.74 29.81
C PHE D 183 -25.33 11.87 28.92
N ILE D 184 -25.56 11.91 27.61
CA ILE D 184 -24.76 11.13 26.68
C ILE D 184 -23.32 11.66 26.66
N GLN D 185 -23.15 12.98 26.72
CA GLN D 185 -21.80 13.53 26.78
C GLN D 185 -21.06 13.07 28.03
N GLY D 186 -21.75 13.08 29.18
CA GLY D 186 -21.12 12.68 30.42
C GLY D 186 -20.77 11.20 30.47
N PHE D 187 -21.69 10.35 30.02
CA PHE D 187 -21.51 8.91 30.18
C PHE D 187 -20.85 8.22 28.99
N HIS D 188 -20.72 8.90 27.85
CA HIS D 188 -20.15 8.29 26.66
C HIS D 188 -19.04 9.11 26.02
N ASN D 189 -18.91 10.39 26.35
CA ASN D 189 -17.99 11.31 25.67
C ASN D 189 -18.26 11.30 24.16
N PHE D 190 -19.52 11.55 23.80
CA PHE D 190 -19.97 11.40 22.41
C PHE D 190 -19.34 12.44 21.48
N THR D 191 -18.89 13.57 22.01
CA THR D 191 -18.17 14.53 21.16
C THR D 191 -16.88 13.92 20.63
N LEU D 192 -16.21 13.08 21.42
CA LEU D 192 -14.99 12.42 20.98
C LEU D 192 -15.25 11.31 19.98
N ASN D 193 -16.49 10.91 19.78
CA ASN D 193 -16.80 9.83 18.84
C ASN D 193 -16.59 10.30 17.41
N PRO D 194 -15.77 9.61 16.61
CA PRO D 194 -15.54 10.07 15.23
C PRO D 194 -16.78 10.05 14.35
N PHE D 195 -17.70 9.11 14.58
CA PHE D 195 -18.93 9.07 13.80
C PHE D 195 -19.80 10.30 14.09
N HIS D 196 -19.86 10.72 15.36
CA HIS D 196 -20.54 11.96 15.69
C HIS D 196 -19.85 13.15 15.05
N MET D 197 -18.51 13.11 14.96
CA MET D 197 -17.78 14.18 14.28
C MET D 197 -18.16 14.24 12.79
N MET D 198 -18.28 13.09 12.14
CA MET D 198 -18.72 13.07 10.75
C MET D 198 -20.15 13.57 10.62
N GLY D 199 -21.00 13.26 11.60
CA GLY D 199 -22.36 13.79 11.57
C GLY D 199 -22.40 15.30 11.71
N VAL D 200 -21.60 15.84 12.63
CA VAL D 200 -21.52 17.29 12.80
C VAL D 200 -21.00 17.95 11.52
N ALA D 201 -19.98 17.34 10.91
CA ALA D 201 -19.46 17.85 9.64
C ALA D 201 -20.53 17.83 8.56
N GLY D 202 -21.32 16.75 8.50
CA GLY D 202 -22.38 16.68 7.51
C GLY D 202 -23.45 17.72 7.71
N ILE D 203 -23.89 17.93 8.95
CA ILE D 203 -24.94 18.91 9.22
C ILE D 203 -24.45 20.33 8.93
N LEU D 204 -23.25 20.66 9.43
CA LEU D 204 -22.72 22.00 9.21
C LEU D 204 -22.42 22.25 7.74
N GLY D 205 -21.90 21.24 7.03
CA GLY D 205 -21.69 21.37 5.60
C GLY D 205 -22.98 21.50 4.82
N ALA D 206 -24.04 20.83 5.26
CA ALA D 206 -25.34 20.98 4.61
C ALA D 206 -25.89 22.38 4.80
N ALA D 207 -25.78 22.92 6.01
CA ALA D 207 -26.20 24.31 6.24
C ALA D 207 -25.36 25.27 5.40
N LEU D 208 -24.05 25.03 5.33
CA LEU D 208 -23.16 25.84 4.49
C LEU D 208 -23.59 25.77 3.02
N LEU D 209 -23.89 24.57 2.54
CA LEU D 209 -24.30 24.40 1.14
C LEU D 209 -25.61 25.11 0.88
N CYS D 210 -26.58 25.00 1.79
CA CYS D 210 -27.85 25.68 1.62
C CYS D 210 -27.66 27.18 1.52
N ALA D 211 -26.93 27.76 2.48
CA ALA D 211 -26.72 29.21 2.49
C ALA D 211 -25.95 29.66 1.26
N ILE D 212 -24.86 28.96 0.93
CA ILE D 212 -24.00 29.40 -0.16
C ILE D 212 -24.70 29.23 -1.51
N HIS D 213 -25.49 28.16 -1.67
CA HIS D 213 -26.21 27.96 -2.92
C HIS D 213 -27.32 28.98 -3.08
N GLY D 214 -28.04 29.29 -1.99
CA GLY D 214 -29.06 30.33 -2.08
C GLY D 214 -28.47 31.68 -2.44
N ALA D 215 -27.38 32.06 -1.76
CA ALA D 215 -26.74 33.34 -2.05
C ALA D 215 -26.18 33.36 -3.47
N THR D 216 -25.57 32.26 -3.91
CA THR D 216 -25.00 32.20 -5.25
C THR D 216 -26.06 32.33 -6.33
N VAL D 217 -27.19 31.64 -6.15
CA VAL D 217 -28.27 31.74 -7.13
C VAL D 217 -28.87 33.14 -7.11
N GLN D 218 -29.11 33.70 -5.93
CA GLN D 218 -29.71 35.02 -5.84
C GLN D 218 -28.79 36.11 -6.40
N ASN D 219 -27.48 35.90 -6.34
CA ASN D 219 -26.52 36.91 -6.78
C ASN D 219 -26.01 36.67 -8.20
N THR D 220 -26.50 35.64 -8.90
CA THR D 220 -26.11 35.38 -10.27
C THR D 220 -27.32 35.32 -11.21
N ILE D 221 -28.46 35.89 -10.79
CA ILE D 221 -29.65 35.87 -11.61
C ILE D 221 -29.45 36.71 -12.86
N PHE D 222 -30.12 36.32 -13.95
CA PHE D 222 -30.18 37.13 -15.14
C PHE D 222 -31.16 38.28 -14.94
N GLU D 223 -30.85 39.42 -15.57
CA GLU D 223 -31.73 40.59 -15.52
C GLU D 223 -32.88 40.35 -16.48
N ASP D 224 -33.89 39.63 -16.00
CA ASP D 224 -35.06 39.27 -16.78
C ASP D 224 -36.26 40.17 -16.48
N GLY D 225 -36.06 41.28 -15.78
CA GLY D 225 -37.14 42.18 -15.47
C GLY D 225 -36.62 43.59 -15.26
N ASP D 226 -37.52 44.56 -15.44
CA ASP D 226 -37.20 45.96 -15.28
C ASP D 226 -37.39 46.45 -13.84
N ALA D 227 -37.96 45.62 -12.97
CA ALA D 227 -38.20 46.01 -11.59
C ALA D 227 -36.96 45.75 -10.74
N ALA D 228 -36.75 46.62 -9.75
CA ALA D 228 -35.64 46.44 -8.83
C ALA D 228 -35.79 45.15 -8.03
N ASN D 229 -36.99 44.85 -7.57
CA ASN D 229 -37.28 43.57 -6.95
C ASN D 229 -37.38 42.51 -8.03
N THR D 230 -36.54 41.48 -7.94
CA THR D 230 -36.33 40.53 -9.03
C THR D 230 -37.09 39.23 -8.85
N PHE D 231 -37.99 39.15 -7.87
CA PHE D 231 -38.75 37.91 -7.69
C PHE D 231 -39.82 37.76 -8.75
N ARG D 232 -40.28 38.87 -9.33
CA ARG D 232 -41.31 38.81 -10.37
C ARG D 232 -40.76 38.37 -11.71
N ALA D 233 -39.44 38.43 -11.91
CA ALA D 233 -38.83 38.11 -13.20
C ALA D 233 -38.85 36.64 -13.52
N PHE D 234 -39.19 35.76 -12.57
CA PHE D 234 -39.24 34.33 -12.81
C PHE D 234 -40.67 33.86 -12.97
N THR D 235 -40.87 32.94 -13.92
CA THR D 235 -42.12 32.23 -14.10
C THR D 235 -41.82 30.74 -14.20
N PRO D 236 -42.68 29.88 -13.62
CA PRO D 236 -42.38 28.44 -13.62
C PRO D 236 -42.27 27.83 -15.01
N THR D 237 -43.02 28.34 -15.98
CA THR D 237 -42.97 27.81 -17.35
C THR D 237 -41.84 28.46 -18.14
N GLN D 238 -40.62 28.24 -17.67
CA GLN D 238 -39.42 28.79 -18.28
C GLN D 238 -38.56 27.68 -18.84
N ALA D 239 -38.16 27.82 -20.10
CA ALA D 239 -37.21 26.92 -20.73
C ALA D 239 -35.77 27.40 -20.58
N GLU D 240 -35.57 28.57 -19.96
CA GLU D 240 -34.24 29.15 -19.77
C GLU D 240 -33.91 29.18 -18.28
N GLU D 241 -32.63 29.01 -17.96
CA GLU D 241 -32.18 29.09 -16.59
C GLU D 241 -32.31 30.52 -16.07
N THR D 242 -32.72 30.65 -14.81
CA THR D 242 -32.96 31.96 -14.22
C THR D 242 -31.69 32.59 -13.65
N TYR D 243 -30.60 31.85 -13.54
CA TYR D 243 -29.35 32.41 -13.04
C TYR D 243 -28.19 31.87 -13.88
N SER D 244 -27.09 32.63 -13.88
CA SER D 244 -25.93 32.33 -14.71
C SER D 244 -25.04 31.33 -13.97
N MET D 245 -24.98 30.10 -14.49
CA MET D 245 -24.09 29.10 -13.92
C MET D 245 -22.63 29.42 -14.24
N VAL D 246 -22.37 30.00 -15.42
CA VAL D 246 -21.00 30.31 -15.81
C VAL D 246 -20.41 31.40 -14.90
N THR D 247 -21.20 32.45 -14.62
CA THR D 247 -20.73 33.52 -13.75
C THR D 247 -20.47 33.00 -12.34
N ALA D 248 -21.37 32.15 -11.83
CA ALA D 248 -21.18 31.57 -10.51
C ALA D 248 -19.94 30.69 -10.46
N ASN D 249 -19.73 29.88 -11.49
CA ASN D 249 -18.55 29.01 -11.55
C ASN D 249 -17.28 29.84 -11.58
N ARG D 250 -17.26 30.92 -12.38
CA ARG D 250 -16.08 31.77 -12.43
C ARG D 250 -15.82 32.43 -11.08
N PHE D 251 -16.89 32.93 -10.44
CA PHE D 251 -16.76 33.59 -9.14
C PHE D 251 -16.17 32.63 -8.10
N TRP D 252 -16.74 31.44 -7.98
CA TRP D 252 -16.27 30.52 -6.95
C TRP D 252 -14.95 29.86 -7.31
N SER D 253 -14.60 29.78 -8.60
CA SER D 253 -13.32 29.22 -8.99
C SER D 253 -12.18 30.19 -8.77
N GLN D 254 -12.43 31.51 -8.90
CA GLN D 254 -11.39 32.48 -8.63
C GLN D 254 -11.43 33.04 -7.22
N ILE D 255 -12.47 32.72 -6.43
CA ILE D 255 -12.55 33.13 -5.03
C ILE D 255 -12.11 32.00 -4.11
N PHE D 256 -12.66 30.80 -4.30
CA PHE D 256 -12.37 29.67 -3.43
C PHE D 256 -11.33 28.71 -4.02
N GLY D 257 -11.06 28.79 -5.32
CA GLY D 257 -10.15 27.90 -5.99
C GLY D 257 -10.81 26.73 -6.69
N VAL D 258 -12.05 26.41 -6.32
CA VAL D 258 -12.79 25.33 -6.95
C VAL D 258 -14.26 25.72 -6.97
N ALA D 259 -14.99 25.22 -7.97
CA ALA D 259 -16.38 25.60 -8.14
C ALA D 259 -17.13 24.47 -8.84
N PHE D 260 -18.43 24.42 -8.60
CA PHE D 260 -19.30 23.50 -9.31
C PHE D 260 -19.45 23.94 -10.76
N SER D 261 -19.41 22.96 -11.68
CA SER D 261 -19.73 23.20 -13.08
C SER D 261 -20.96 22.43 -13.54
N ASN D 262 -21.41 21.43 -12.79
CA ASN D 262 -22.58 20.63 -13.13
C ASN D 262 -23.65 20.90 -12.07
N LYS D 263 -24.82 21.35 -12.51
CA LYS D 263 -25.92 21.61 -11.58
C LYS D 263 -26.41 20.31 -10.94
N ARG D 264 -26.49 19.24 -11.73
CA ARG D 264 -26.97 17.97 -11.20
C ARG D 264 -26.05 17.44 -10.11
N TRP D 265 -24.73 17.52 -10.33
CA TRP D 265 -23.78 17.10 -9.30
C TRP D 265 -23.88 18.00 -8.07
N LEU D 266 -24.09 19.30 -8.26
CA LEU D 266 -24.23 20.21 -7.13
C LEU D 266 -25.44 19.85 -6.28
N HIS D 267 -26.58 19.59 -6.91
CA HIS D 267 -27.77 19.26 -6.14
C HIS D 267 -27.68 17.87 -5.51
N PHE D 268 -27.05 16.92 -6.20
CA PHE D 268 -26.82 15.62 -5.58
C PHE D 268 -25.89 15.73 -4.38
N PHE D 269 -24.89 16.61 -4.45
CA PHE D 269 -23.99 16.83 -3.32
C PHE D 269 -24.72 17.47 -2.15
N MET D 270 -25.56 18.47 -2.44
CA MET D 270 -26.38 19.07 -1.39
C MET D 270 -27.33 18.07 -0.77
N LEU D 271 -27.75 17.07 -1.54
CA LEU D 271 -28.52 15.97 -0.97
C LEU D 271 -27.64 15.05 -0.14
N PHE D 272 -26.44 14.75 -0.63
CA PHE D 272 -25.64 13.66 -0.08
C PHE D 272 -25.04 14.03 1.27
N VAL D 273 -24.61 15.29 1.43
CA VAL D 273 -23.88 15.68 2.64
C VAL D 273 -24.71 15.48 3.92
N PRO D 274 -25.94 16.03 4.04
CA PRO D 274 -26.69 15.78 5.28
C PRO D 274 -27.06 14.32 5.49
N LEU D 275 -27.37 13.61 4.41
CA LEU D 275 -27.73 12.20 4.52
C LEU D 275 -26.56 11.37 5.04
N ALA D 276 -25.37 11.60 4.48
CA ALA D 276 -24.18 10.88 4.95
C ALA D 276 -23.86 11.24 6.39
N GLY D 277 -23.98 12.53 6.75
CA GLY D 277 -23.76 12.92 8.14
C GLY D 277 -24.71 12.24 9.10
N LEU D 278 -25.99 12.21 8.75
CA LEU D 278 -26.99 11.56 9.61
C LEU D 278 -26.72 10.07 9.74
N TRP D 279 -26.35 9.40 8.65
CA TRP D 279 -26.10 7.97 8.73
C TRP D 279 -24.85 7.67 9.55
N THR D 280 -23.80 8.49 9.43
CA THR D 280 -22.62 8.31 10.26
C THR D 280 -22.94 8.52 11.74
N SER D 281 -23.73 9.56 12.05
CA SER D 281 -24.13 9.79 13.43
C SER D 281 -24.98 8.63 13.95
N ALA D 282 -25.81 8.05 13.08
CA ALA D 282 -26.60 6.89 13.47
C ALA D 282 -25.71 5.69 13.78
N ILE D 283 -24.65 5.50 12.99
CA ILE D 283 -23.68 4.44 13.30
C ILE D 283 -23.05 4.70 14.66
N GLY D 284 -22.68 5.94 14.94
CA GLY D 284 -22.10 6.27 16.24
C GLY D 284 -23.05 6.00 17.40
N ILE D 285 -24.32 6.34 17.23
CA ILE D 285 -25.30 6.11 18.30
C ILE D 285 -25.56 4.62 18.48
N VAL D 286 -25.58 3.86 17.38
CA VAL D 286 -25.68 2.40 17.49
C VAL D 286 -24.49 1.85 18.27
N GLY D 287 -23.30 2.39 18.01
CA GLY D 287 -22.14 2.01 18.82
C GLY D 287 -22.31 2.36 20.29
N LEU D 288 -22.89 3.53 20.56
CA LEU D 288 -23.14 3.93 21.95
C LEU D 288 -24.16 3.03 22.62
N ALA D 289 -25.07 2.42 21.85
CA ALA D 289 -26.13 1.62 22.42
C ALA D 289 -25.62 0.46 23.26
N LEU D 290 -24.41 -0.04 22.95
CA LEU D 290 -23.82 -1.14 23.68
C LEU D 290 -22.65 -0.69 24.56
N ASN D 291 -22.58 0.61 24.85
CA ASN D 291 -21.46 1.24 25.58
C ASN D 291 -20.13 1.02 24.87
N LEU D 292 -20.16 0.78 23.55
CA LEU D 292 -18.94 0.63 22.75
C LEU D 292 -18.58 2.01 22.23
N ARG D 293 -17.97 2.80 23.11
CA ARG D 293 -17.77 4.22 22.90
C ARG D 293 -16.29 4.55 22.77
N ALA D 294 -15.99 5.57 21.96
CA ALA D 294 -14.65 6.14 21.88
C ALA D 294 -14.47 7.16 23.02
N TYR D 295 -14.56 6.64 24.25
CA TYR D 295 -14.57 7.50 25.42
C TYR D 295 -13.19 8.10 25.69
N ASP D 296 -12.15 7.30 25.60
CA ASP D 296 -10.83 7.70 26.07
C ASP D 296 -9.75 7.21 25.12
N PHE D 297 -8.62 7.91 25.15
CA PHE D 297 -7.40 7.48 24.48
C PHE D 297 -6.49 6.84 25.52
N VAL D 298 -6.14 5.57 25.30
CA VAL D 298 -5.39 4.81 26.31
C VAL D 298 -4.01 5.43 26.53
N SER D 299 -3.35 5.85 25.44
CA SER D 299 -2.02 6.44 25.56
C SER D 299 -2.04 7.71 26.38
N GLN D 300 -3.04 8.57 26.16
CA GLN D 300 -3.16 9.80 26.93
C GLN D 300 -3.44 9.52 28.40
N GLU D 301 -4.30 8.55 28.70
CA GLU D 301 -4.57 8.19 30.08
C GLU D 301 -3.31 7.66 30.77
N LEU D 302 -2.55 6.81 30.07
CA LEU D 302 -1.31 6.29 30.65
C LEU D 302 -0.30 7.40 30.87
N ARG D 303 -0.21 8.35 29.93
CA ARG D 303 0.69 9.48 30.10
C ARG D 303 0.29 10.34 31.29
N ALA D 304 -1.00 10.58 31.46
CA ALA D 304 -1.47 11.40 32.57
C ALA D 304 -1.31 10.67 33.90
N ALA D 305 -1.39 9.34 33.90
CA ALA D 305 -1.27 8.59 35.15
C ALA D 305 0.16 8.63 35.69
N GLU D 306 1.15 8.54 34.80
CA GLU D 306 2.56 8.53 35.19
C GLU D 306 3.19 9.92 35.15
N ASP D 307 2.41 10.96 34.86
CA ASP D 307 2.94 12.32 34.79
C ASP D 307 1.85 13.27 35.26
N PRO D 308 1.87 13.67 36.54
CA PRO D 308 0.84 14.60 37.04
C PRO D 308 0.90 15.98 36.40
N GLU D 309 2.03 16.37 35.81
CA GLU D 309 2.16 17.66 35.16
C GLU D 309 1.71 17.62 33.70
N PHE D 310 1.28 16.47 33.20
CA PHE D 310 0.79 16.35 31.83
C PHE D 310 -0.71 16.59 31.83
N GLU D 311 -1.15 17.64 31.13
CA GLU D 311 -2.56 17.95 31.00
C GLU D 311 -2.85 18.45 29.61
N THR D 312 -3.92 17.92 29.01
CA THR D 312 -4.44 18.38 27.73
C THR D 312 -5.92 18.66 27.89
N PHE D 313 -6.52 19.29 26.88
CA PHE D 313 -7.96 19.55 26.93
C PHE D 313 -8.78 18.27 26.94
N TYR D 314 -8.23 17.18 26.42
CA TYR D 314 -8.93 15.89 26.49
C TYR D 314 -9.06 15.42 27.93
N THR D 315 -8.01 15.57 28.74
CA THR D 315 -8.10 15.19 30.15
C THR D 315 -9.07 16.08 30.91
N LYS D 316 -9.12 17.37 30.57
CA LYS D 316 -10.10 18.27 31.15
C LYS D 316 -11.52 17.84 30.78
N ASN D 317 -11.70 17.39 29.53
CA ASN D 317 -13.00 16.87 29.11
C ASN D 317 -13.38 15.61 29.88
N ILE D 318 -12.39 14.75 30.14
CA ILE D 318 -12.64 13.55 30.94
C ILE D 318 -13.08 13.92 32.35
N LEU D 319 -12.40 14.90 32.95
CA LEU D 319 -12.80 15.37 34.28
C LEU D 319 -14.20 15.97 34.27
N LEU D 320 -14.52 16.75 33.22
CA LEU D 320 -15.85 17.32 33.10
C LEU D 320 -16.92 16.25 32.97
N ASN D 321 -16.64 15.20 32.19
CA ASN D 321 -17.60 14.11 32.05
C ASN D 321 -17.78 13.37 33.37
N GLU D 322 -16.69 13.16 34.11
CA GLU D 322 -16.80 12.52 35.42
C GLU D 322 -17.64 13.36 36.37
N GLY D 323 -17.43 14.69 36.36
CA GLY D 323 -18.26 15.56 37.18
C GLY D 323 -19.73 15.52 36.79
N ILE D 324 -20.00 15.51 35.47
CA ILE D 324 -21.38 15.41 34.99
C ILE D 324 -22.03 14.15 35.52
N ARG D 325 -21.34 13.00 35.35
CA ARG D 325 -21.90 11.73 35.79
C ARG D 325 -22.15 11.73 37.29
N SER D 326 -21.16 12.15 38.08
CA SER D 326 -21.29 12.07 39.53
C SER D 326 -22.37 13.01 40.05
N TRP D 327 -22.47 14.22 39.51
CA TRP D 327 -23.42 15.19 40.02
C TRP D 327 -24.81 15.07 39.40
N MET D 328 -24.99 14.25 38.36
CA MET D 328 -26.32 14.04 37.81
C MET D 328 -26.86 12.64 38.03
N ALA D 329 -26.05 11.70 38.54
CA ALA D 329 -26.52 10.33 38.72
C ALA D 329 -27.67 10.24 39.73
N ALA D 330 -27.58 11.01 40.82
CA ALA D 330 -28.54 10.85 41.91
C ALA D 330 -29.96 11.21 41.47
N GLN D 331 -30.11 12.31 40.73
CA GLN D 331 -31.44 12.75 40.32
C GLN D 331 -31.84 12.28 38.93
N ASP D 332 -30.87 11.94 38.06
CA ASP D 332 -31.20 11.48 36.72
C ASP D 332 -31.58 10.00 36.71
N GLN D 333 -31.09 9.22 37.68
CA GLN D 333 -31.42 7.80 37.81
C GLN D 333 -31.91 7.55 39.23
N PRO D 334 -33.13 8.01 39.56
CA PRO D 334 -33.62 7.83 40.93
C PRO D 334 -33.90 6.38 41.29
N HIS D 335 -34.09 5.51 40.30
CA HIS D 335 -34.35 4.10 40.57
C HIS D 335 -33.14 3.41 41.18
N GLU D 336 -31.93 3.86 40.84
CA GLU D 336 -30.72 3.26 41.38
C GLU D 336 -30.50 3.61 42.84
N ASN D 337 -31.20 4.63 43.36
CA ASN D 337 -31.06 5.08 44.74
C ASN D 337 -29.61 5.48 45.06
N PHE D 338 -28.99 6.20 44.13
CA PHE D 338 -27.62 6.66 44.34
C PHE D 338 -27.56 7.68 45.46
N ILE D 339 -26.66 7.45 46.43
CA ILE D 339 -26.40 8.38 47.51
C ILE D 339 -24.90 8.62 47.55
N PHE D 340 -24.48 9.82 47.13
CA PHE D 340 -23.07 10.16 47.06
C PHE D 340 -22.74 11.22 48.09
N PRO D 341 -21.86 10.94 49.06
CA PRO D 341 -21.44 11.98 49.99
C PRO D 341 -20.66 13.08 49.30
N GLU D 342 -20.66 14.25 49.94
CA GLU D 342 -19.97 15.42 49.38
C GLU D 342 -18.47 15.18 49.23
N GLU D 343 -17.90 14.37 50.12
CA GLU D 343 -16.48 14.03 50.01
C GLU D 343 -16.07 13.27 48.75
N VAL D 344 -16.93 12.40 48.25
CA VAL D 344 -16.60 11.64 47.05
C VAL D 344 -17.04 12.32 45.73
N LEU D 345 -17.76 13.42 45.85
CA LEU D 345 -18.21 14.16 44.68
C LEU D 345 -16.96 14.84 44.16
N PRO D 346 -16.62 14.67 42.88
CA PRO D 346 -15.44 15.36 42.33
C PRO D 346 -15.63 16.87 42.31
N ARG D 347 -14.52 17.58 42.48
CA ARG D 347 -14.50 19.03 42.44
C ARG D 347 -13.14 19.47 41.93
N GLY D 348 -13.09 20.73 41.45
CA GLY D 348 -11.82 21.29 41.02
C GLY D 348 -10.85 21.48 42.17
N ASN D 349 -11.34 21.98 43.31
CA ASN D 349 -10.50 22.10 44.48
C ASN D 349 -10.10 20.72 45.03
N ALA D 350 -10.99 19.74 44.89
CA ALA D 350 -10.71 18.40 45.41
C ALA D 350 -9.56 17.73 44.66
N LEU D 351 -9.41 18.06 43.38
CA LEU D 351 -8.34 17.51 42.53
C LEU D 351 -6.95 17.69 43.11
N TYR E 20 -71.76 28.26 8.70
CA TYR E 20 -70.42 28.15 9.28
C TYR E 20 -70.38 28.76 10.67
N TRP E 21 -70.54 30.08 10.73
CA TRP E 21 -70.45 30.78 12.02
C TRP E 21 -71.61 30.43 12.94
N ILE E 22 -72.75 30.04 12.38
CA ILE E 22 -73.93 29.75 13.20
C ILE E 22 -73.69 28.54 14.10
N ILE E 23 -73.17 27.46 13.50
CA ILE E 23 -72.91 26.21 14.28
C ILE E 23 -71.71 26.43 15.20
N HIS E 24 -70.65 27.07 14.70
CA HIS E 24 -69.41 27.24 15.51
C HIS E 24 -69.46 28.32 16.58
N SER E 25 -70.57 29.05 16.64
CA SER E 25 -70.70 30.12 17.63
C SER E 25 -71.34 29.44 18.84
N ILE E 26 -71.78 28.18 18.69
CA ILE E 26 -72.27 27.37 19.79
C ILE E 26 -71.29 26.24 20.12
N THR E 27 -70.77 25.57 19.09
CA THR E 27 -69.93 24.40 19.34
C THR E 27 -68.58 24.80 19.93
N ILE E 28 -67.90 25.81 19.35
CA ILE E 28 -66.56 26.16 19.82
C ILE E 28 -66.54 26.69 21.25
N PRO E 29 -67.39 27.65 21.65
CA PRO E 29 -67.36 28.09 23.06
C PRO E 29 -67.71 26.98 24.04
N ALA E 30 -68.67 26.12 23.69
CA ALA E 30 -69.02 24.99 24.57
C ALA E 30 -67.84 24.05 24.73
N LEU E 31 -67.13 23.77 23.64
CA LEU E 31 -65.96 22.91 23.72
C LEU E 31 -64.84 23.54 24.54
N PHE E 32 -64.65 24.85 24.40
CA PHE E 32 -63.65 25.55 25.21
C PHE E 32 -64.02 25.48 26.69
N VAL E 33 -65.30 25.65 27.01
CA VAL E 33 -65.74 25.58 28.41
C VAL E 33 -65.58 24.17 28.94
N ALA E 34 -65.84 23.15 28.10
CA ALA E 34 -65.62 21.77 28.50
C ALA E 34 -64.15 21.50 28.79
N GLY E 35 -63.26 22.02 27.94
CA GLY E 35 -61.84 21.90 28.20
C GLY E 35 -61.42 22.59 29.48
N TRP E 36 -62.01 23.76 29.75
CA TRP E 36 -61.75 24.47 31.01
C TRP E 36 -62.19 23.64 32.21
N LEU E 37 -63.40 23.07 32.14
CA LEU E 37 -63.94 22.31 33.25
C LEU E 37 -63.25 20.97 33.44
N PHE E 38 -62.60 20.44 32.39
CA PHE E 38 -61.83 19.21 32.54
C PHE E 38 -60.68 19.39 33.51
N VAL E 39 -60.15 20.61 33.63
CA VAL E 39 -59.08 20.92 34.57
C VAL E 39 -59.62 21.51 35.87
N SER E 40 -60.58 22.43 35.77
CA SER E 40 -61.06 23.13 36.97
C SER E 40 -61.82 22.19 37.92
N THR E 41 -62.50 21.19 37.40
CA THR E 41 -63.23 20.24 38.23
C THR E 41 -62.34 19.12 38.76
N GLY E 42 -61.07 19.06 38.36
CA GLY E 42 -60.16 18.05 38.84
C GLY E 42 -60.27 16.71 38.15
N LEU E 43 -60.97 16.63 37.01
CA LEU E 43 -61.12 15.35 36.32
C LEU E 43 -59.83 14.92 35.64
N ALA E 44 -58.98 15.88 35.24
CA ALA E 44 -57.73 15.54 34.59
C ALA E 44 -56.81 14.77 35.52
N TYR E 45 -56.73 15.19 36.78
CA TYR E 45 -55.90 14.48 37.76
C TYR E 45 -56.37 13.04 37.95
N ASP E 46 -57.68 12.84 38.04
CA ASP E 46 -58.21 11.49 38.23
C ASP E 46 -57.99 10.63 37.00
N ILE E 47 -58.20 11.18 35.80
CA ILE E 47 -58.11 10.39 34.58
C ILE E 47 -56.65 10.01 34.30
N PHE E 48 -55.75 10.98 34.40
CA PHE E 48 -54.36 10.76 33.99
C PHE E 48 -53.43 10.43 35.16
N GLY E 49 -53.95 10.41 36.39
CA GLY E 49 -53.11 10.05 37.52
C GLY E 49 -52.11 11.10 37.93
N THR E 50 -52.20 12.31 37.40
CA THR E 50 -51.28 13.36 37.77
C THR E 50 -51.53 13.80 39.21
N PRO E 51 -50.51 13.78 40.07
CA PRO E 51 -50.73 14.16 41.48
C PRO E 51 -51.07 15.64 41.61
N ARG E 52 -51.99 15.93 42.51
CA ARG E 52 -52.31 17.30 42.87
C ARG E 52 -51.15 17.90 43.67
N PRO E 53 -51.06 19.23 43.74
CA PRO E 53 -49.94 19.86 44.47
C PRO E 53 -49.86 19.48 45.94
N ASN E 54 -50.95 19.00 46.54
CA ASN E 54 -50.95 18.64 47.96
C ASN E 54 -50.72 17.15 48.20
N GLU E 55 -50.49 16.35 47.15
CA GLU E 55 -50.34 14.91 47.29
C GLU E 55 -49.14 14.41 46.49
N TYR E 56 -48.03 15.14 46.57
CA TYR E 56 -46.77 14.65 46.02
C TYR E 56 -46.05 13.71 46.99
N PHE E 57 -46.09 14.01 48.29
CA PHE E 57 -45.48 13.18 49.31
C PHE E 57 -46.52 12.89 50.38
N THR E 58 -46.71 11.61 50.69
CA THR E 58 -47.60 11.22 51.77
C THR E 58 -46.87 11.31 53.11
N GLN E 59 -47.63 11.16 54.19
CA GLN E 59 -47.03 11.18 55.53
C GLN E 59 -46.10 10.00 55.74
N GLU E 60 -46.50 8.81 55.30
CA GLU E 60 -45.64 7.64 55.47
C GLU E 60 -44.48 7.65 54.48
N ARG E 61 -44.73 8.06 53.23
CA ARG E 61 -43.72 8.08 52.19
C ARG E 61 -43.36 9.53 51.88
N GLN E 62 -42.24 9.98 52.43
CA GLN E 62 -41.70 11.31 52.16
C GLN E 62 -40.68 11.30 51.03
N GLN E 63 -40.44 10.15 50.41
CA GLN E 63 -39.47 10.01 49.34
C GLN E 63 -40.16 10.06 47.99
N VAL E 64 -39.38 9.98 46.93
CA VAL E 64 -39.92 9.94 45.57
C VAL E 64 -40.48 8.55 45.31
N PRO E 65 -41.75 8.43 44.91
CA PRO E 65 -42.33 7.10 44.64
C PRO E 65 -41.91 6.60 43.27
N LEU E 66 -41.34 5.40 43.23
CA LEU E 66 -40.85 4.80 42.00
C LEU E 66 -41.31 3.35 41.90
N VAL E 67 -41.73 2.96 40.71
CA VAL E 67 -42.11 1.58 40.47
C VAL E 67 -40.86 0.71 40.47
N ASN E 68 -40.94 -0.45 41.11
CA ASN E 68 -39.81 -1.36 41.26
C ASN E 68 -39.92 -2.63 40.44
N ASP E 69 -41.13 -3.14 40.22
CA ASP E 69 -41.34 -4.37 39.45
C ASP E 69 -42.33 -4.10 38.33
N ARG E 70 -42.04 -4.67 37.15
CA ARG E 70 -42.89 -4.44 35.99
C ARG E 70 -44.19 -5.24 36.06
N PHE E 71 -44.14 -6.46 36.57
CA PHE E 71 -45.31 -7.33 36.59
C PHE E 71 -46.24 -7.06 37.77
N SER E 72 -45.79 -6.30 38.76
CA SER E 72 -46.63 -5.87 39.87
C SER E 72 -46.78 -4.35 39.90
N ALA E 73 -46.63 -3.73 38.74
CA ALA E 73 -46.66 -2.27 38.65
C ALA E 73 -48.03 -1.71 39.03
N LYS E 74 -49.10 -2.38 38.60
CA LYS E 74 -50.45 -1.89 38.90
C LYS E 74 -50.72 -1.92 40.40
N GLN E 75 -50.39 -3.03 41.05
CA GLN E 75 -50.58 -3.13 42.50
C GLN E 75 -49.68 -2.17 43.25
N GLU E 76 -48.44 -2.00 42.79
CA GLU E 76 -47.51 -1.07 43.44
C GLU E 76 -48.02 0.36 43.33
N LEU E 77 -48.54 0.75 42.17
CA LEU E 77 -49.09 2.08 42.01
C LEU E 77 -50.36 2.27 42.83
N GLU E 78 -51.18 1.21 42.95
CA GLU E 78 -52.35 1.28 43.81
C GLU E 78 -51.95 1.50 45.25
N ASP E 79 -50.90 0.82 45.70
CA ASP E 79 -50.40 1.03 47.06
C ASP E 79 -49.84 2.43 47.24
N LEU E 80 -49.08 2.91 46.26
CA LEU E 80 -48.46 4.24 46.38
C LEU E 80 -49.51 5.34 46.34
N THR E 81 -50.51 5.22 45.48
CA THR E 81 -51.52 6.25 45.30
C THR E 81 -52.76 6.05 46.16
N LYS E 82 -52.75 5.05 47.05
CA LYS E 82 -53.90 4.83 47.93
C LYS E 82 -54.09 5.99 48.89
N GLY E 83 -53.00 6.52 49.44
CA GLY E 83 -53.08 7.64 50.34
C GLY E 83 -53.04 8.98 49.65
N PRO F 11 -69.83 17.39 2.04
CA PRO F 11 -70.73 18.22 2.87
C PRO F 11 -70.66 17.84 4.34
N ILE F 12 -71.54 16.95 4.77
CA ILE F 12 -71.55 16.51 6.17
C ILE F 12 -70.28 15.74 6.48
N PHE F 13 -69.89 14.81 5.59
CA PHE F 13 -68.69 14.00 5.77
C PHE F 13 -67.79 14.17 4.56
N THR F 14 -66.56 14.63 4.80
CA THR F 14 -65.53 14.72 3.77
C THR F 14 -64.19 14.47 4.44
N PHE F 15 -63.22 14.02 3.66
CA PHE F 15 -61.89 13.76 4.21
C PHE F 15 -61.27 15.04 4.77
N ARG F 16 -61.39 16.14 4.03
CA ARG F 16 -60.94 17.42 4.55
C ARG F 16 -61.71 17.82 5.81
N TRP F 17 -63.03 17.64 5.80
CA TRP F 17 -63.86 17.98 6.94
C TRP F 17 -63.50 17.14 8.17
N LEU F 18 -63.38 15.82 7.98
CA LEU F 18 -63.04 14.93 9.08
C LEU F 18 -61.64 15.20 9.61
N ALA F 19 -60.68 15.43 8.72
CA ALA F 19 -59.31 15.72 9.14
C ALA F 19 -59.24 17.05 9.89
N ILE F 20 -59.97 18.05 9.41
CA ILE F 20 -59.98 19.36 10.07
C ILE F 20 -60.56 19.24 11.48
N HIS F 21 -61.71 18.58 11.61
CA HIS F 21 -62.34 18.48 12.91
C HIS F 21 -61.58 17.54 13.84
N GLY F 22 -60.85 16.57 13.27
CA GLY F 22 -59.93 15.80 14.07
C GLY F 22 -58.80 16.64 14.63
N LEU F 23 -58.38 17.65 13.87
CA LEU F 23 -57.30 18.55 14.30
C LEU F 23 -57.82 19.85 14.91
N ALA F 24 -59.13 19.92 15.17
CA ALA F 24 -59.73 21.16 15.73
C ALA F 24 -60.42 20.87 17.07
N VAL F 25 -61.23 19.81 17.13
CA VAL F 25 -62.00 19.52 18.39
C VAL F 25 -61.02 19.22 19.54
N PRO F 26 -59.92 18.43 19.39
CA PRO F 26 -58.94 18.28 20.48
C PRO F 26 -58.18 19.60 20.69
N THR F 27 -57.90 20.35 19.61
CA THR F 27 -57.13 21.58 19.73
C THR F 27 -57.85 22.58 20.64
N VAL F 28 -59.15 22.77 20.42
CA VAL F 28 -59.91 23.69 21.26
C VAL F 28 -60.04 23.16 22.68
N PHE F 29 -60.23 21.84 22.82
CA PHE F 29 -60.30 21.25 24.16
C PHE F 29 -59.01 21.47 24.93
N PHE F 30 -57.87 21.25 24.28
CA PHE F 30 -56.58 21.44 24.94
C PHE F 30 -56.30 22.92 25.21
N LEU F 31 -56.73 23.81 24.32
CA LEU F 31 -56.59 25.24 24.58
C LEU F 31 -57.39 25.66 25.80
N GLY F 32 -58.62 25.17 25.93
CA GLY F 32 -59.40 25.43 27.13
C GLY F 32 -58.75 24.87 28.39
N ALA F 33 -58.21 23.65 28.28
CA ALA F 33 -57.54 23.04 29.42
C ALA F 33 -56.31 23.84 29.86
N ILE F 34 -55.51 24.30 28.89
CA ILE F 34 -54.31 25.07 29.21
C ILE F 34 -54.68 26.44 29.78
N THR F 35 -55.73 27.06 29.23
CA THR F 35 -56.20 28.36 29.77
C THR F 35 -56.63 28.16 31.23
N SER F 36 -57.32 27.07 31.54
CA SER F 36 -57.69 26.76 32.95
C SER F 36 -56.42 26.55 33.78
N MET F 37 -55.42 25.85 33.22
CA MET F 37 -54.13 25.61 33.93
C MET F 37 -53.47 26.95 34.26
N GLN F 38 -53.69 27.97 33.43
CA GLN F 38 -53.04 29.26 33.68
C GLN F 38 -53.57 29.93 34.94
N PHE F 39 -54.81 29.64 35.33
CA PHE F 39 -55.43 30.25 36.50
C PHE F 39 -55.40 29.35 37.72
N ILE F 40 -54.65 28.24 37.68
CA ILE F 40 -54.49 27.39 38.85
C ILE F 40 -53.66 28.13 39.91
N GLN F 41 -53.92 27.81 41.18
CA GLN F 41 -53.30 28.51 42.30
C GLN F 41 -51.78 28.49 42.25
N ARG F 42 -51.19 27.48 41.61
CA ARG F 42 -49.73 27.34 41.48
C ARG F 42 -49.04 28.62 40.99
N ALA G 2 -24.24 -20.05 -27.83
CA ALA G 2 -24.58 -20.61 -26.53
C ALA G 2 -24.20 -22.09 -26.46
N LEU G 3 -23.39 -22.43 -25.46
CA LEU G 3 -22.90 -23.79 -25.32
C LEU G 3 -23.98 -24.72 -24.80
N ARG G 4 -24.07 -25.91 -25.39
CA ARG G 4 -24.98 -26.96 -24.95
C ARG G 4 -24.21 -27.96 -24.09
N THR G 5 -24.75 -28.25 -22.91
CA THR G 5 -24.13 -29.19 -21.98
C THR G 5 -25.17 -30.17 -21.46
N ARG G 6 -24.67 -31.28 -20.92
CA ARG G 6 -25.55 -32.28 -20.33
C ARG G 6 -26.32 -31.70 -19.13
N LEU G 7 -25.61 -30.98 -18.25
CA LEU G 7 -26.27 -30.35 -17.12
C LEU G 7 -27.19 -29.22 -17.58
N GLY G 8 -26.83 -28.54 -18.66
CA GLY G 8 -27.69 -27.49 -19.18
C GLY G 8 -29.01 -28.01 -19.72
N GLU G 9 -28.96 -29.11 -20.48
CA GLU G 9 -30.19 -29.70 -20.99
C GLU G 9 -30.96 -30.44 -19.91
N LEU G 10 -30.27 -30.90 -18.86
CA LEU G 10 -30.96 -31.51 -17.73
C LEU G 10 -31.81 -30.47 -16.99
N LEU G 11 -31.28 -29.27 -16.81
CA LEU G 11 -31.94 -28.22 -16.05
C LEU G 11 -32.69 -27.23 -16.92
N ARG G 12 -32.75 -27.45 -18.24
CA ARG G 12 -33.38 -26.49 -19.13
C ARG G 12 -34.87 -26.28 -18.85
N PRO G 13 -35.71 -27.31 -18.66
CA PRO G 13 -37.14 -27.04 -18.39
C PRO G 13 -37.38 -26.21 -17.14
N LEU G 14 -36.48 -26.26 -16.17
CA LEU G 14 -36.63 -25.43 -14.97
C LEU G 14 -36.48 -23.95 -15.29
N ASN G 15 -35.78 -23.61 -16.37
CA ASN G 15 -35.59 -22.22 -16.78
C ASN G 15 -36.19 -21.97 -18.16
N SER G 16 -37.41 -22.47 -18.38
CA SER G 16 -38.06 -22.40 -19.68
C SER G 16 -39.26 -21.47 -19.72
N GLU G 17 -40.04 -21.39 -18.64
CA GLU G 17 -41.27 -20.60 -18.65
C GLU G 17 -41.03 -19.23 -18.01
N TYR G 18 -40.21 -18.43 -18.68
CA TYR G 18 -39.96 -17.06 -18.26
C TYR G 18 -41.14 -16.18 -18.64
N GLY G 19 -41.62 -15.40 -17.68
CA GLY G 19 -42.71 -14.48 -17.92
C GLY G 19 -44.10 -15.11 -17.91
N LYS G 20 -44.19 -16.42 -17.69
CA LYS G 20 -45.48 -17.09 -17.67
C LYS G 20 -46.19 -16.75 -16.36
N VAL G 21 -47.42 -16.23 -16.46
CA VAL G 21 -48.14 -15.74 -15.31
C VAL G 21 -49.53 -16.36 -15.27
N ALA G 22 -50.09 -16.40 -14.07
CA ALA G 22 -51.47 -16.83 -13.86
C ALA G 22 -52.42 -15.69 -14.20
N PRO G 23 -53.69 -16.00 -14.49
CA PRO G 23 -54.67 -14.94 -14.73
C PRO G 23 -54.88 -14.08 -13.49
N GLY G 24 -55.73 -13.06 -13.66
CA GLY G 24 -55.95 -12.01 -12.68
C GLY G 24 -56.07 -12.40 -11.23
N TRP G 25 -55.14 -11.89 -10.42
CA TRP G 25 -55.10 -12.00 -8.96
C TRP G 25 -54.74 -13.40 -8.46
N GLY G 26 -54.69 -14.38 -9.36
CA GLY G 26 -54.19 -15.72 -9.07
C GLY G 26 -54.60 -16.32 -7.74
N THR G 27 -53.60 -16.56 -6.87
CA THR G 27 -53.82 -17.05 -5.52
C THR G 27 -53.45 -15.99 -4.49
N THR G 28 -53.75 -14.72 -4.78
CA THR G 28 -53.44 -13.66 -3.83
C THR G 28 -54.17 -13.74 -2.49
N PRO G 29 -55.48 -14.06 -2.42
CA PRO G 29 -56.10 -14.16 -1.08
C PRO G 29 -55.45 -15.19 -0.18
N ILE G 30 -55.01 -16.33 -0.75
CA ILE G 30 -54.32 -17.34 0.05
C ILE G 30 -53.01 -16.78 0.59
N MET G 31 -52.26 -16.06 -0.26
CA MET G 31 -51.01 -15.45 0.17
C MET G 31 -51.25 -14.43 1.28
N GLY G 32 -52.30 -13.62 1.15
CA GLY G 32 -52.62 -12.66 2.19
C GLY G 32 -53.02 -13.32 3.51
N PHE G 33 -53.79 -14.40 3.42
CA PHE G 33 -54.17 -15.13 4.64
C PHE G 33 -52.95 -15.74 5.32
N VAL G 34 -52.05 -16.34 4.54
CA VAL G 34 -50.85 -16.93 5.13
C VAL G 34 -49.95 -15.85 5.71
N MET G 35 -49.87 -14.68 5.06
CA MET G 35 -49.11 -13.57 5.62
C MET G 35 -49.72 -13.07 6.91
N LEU G 36 -51.05 -13.04 6.99
CA LEU G 36 -51.71 -12.64 8.24
C LEU G 36 -51.41 -13.63 9.36
N LEU G 37 -51.45 -14.93 9.05
CA LEU G 37 -51.09 -15.94 10.05
C LEU G 37 -49.64 -15.78 10.49
N PHE G 38 -48.74 -15.51 9.54
CA PHE G 38 -47.34 -15.31 9.87
C PHE G 38 -47.14 -14.08 10.75
N ALA G 39 -47.88 -13.01 10.47
CA ALA G 39 -47.81 -11.80 11.30
C ALA G 39 -48.30 -12.09 12.71
N VAL G 40 -49.39 -12.85 12.85
CA VAL G 40 -49.89 -13.22 14.18
C VAL G 40 -48.86 -14.06 14.91
N PHE G 41 -48.23 -15.01 14.22
CA PHE G 41 -47.20 -15.85 14.83
C PHE G 41 -46.01 -15.01 15.29
N LEU G 42 -45.58 -14.06 14.45
CA LEU G 42 -44.47 -13.19 14.83
C LEU G 42 -44.82 -12.33 16.03
N LEU G 43 -46.06 -11.81 16.08
CA LEU G 43 -46.49 -11.06 17.25
C LEU G 43 -46.47 -11.93 18.51
N ILE G 44 -46.94 -13.17 18.39
CA ILE G 44 -46.96 -14.08 19.54
C ILE G 44 -45.54 -14.31 20.07
N ILE G 45 -44.62 -14.67 19.17
CA ILE G 45 -43.27 -14.98 19.62
C ILE G 45 -42.55 -13.73 20.13
N LEU G 46 -42.83 -12.57 19.53
CA LEU G 46 -42.22 -11.32 20.00
C LEU G 46 -42.71 -10.99 21.41
N GLN G 47 -44.02 -11.09 21.65
CA GLN G 47 -44.54 -10.78 22.98
C GLN G 47 -44.13 -11.82 24.00
N ILE G 48 -43.86 -13.07 23.57
CA ILE G 48 -43.31 -14.05 24.47
C ILE G 48 -41.96 -13.78 25.12
N TYR G 49 -40.97 -13.39 24.30
CA TYR G 49 -39.61 -13.01 24.78
C TYR G 49 -39.68 -11.62 25.42
N ASN G 50 -40.50 -10.73 24.85
CA ASN G 50 -40.71 -9.38 25.43
C ASN G 50 -41.34 -9.51 26.82
N SER G 51 -41.78 -10.73 27.18
CA SER G 51 -42.43 -10.98 28.50
C SER G 51 -43.81 -10.32 28.56
N SER G 52 -44.25 -9.66 27.49
CA SER G 52 -45.60 -9.12 27.50
C SER G 52 -46.65 -10.21 27.33
N LEU G 53 -46.23 -11.46 27.11
CA LEU G 53 -47.15 -12.57 26.92
C LEU G 53 -46.60 -13.79 27.64
N ILE G 54 -47.38 -14.34 28.56
CA ILE G 54 -47.04 -15.56 29.28
C ILE G 54 -48.11 -16.60 28.97
N ILE G 55 -47.70 -17.78 28.50
CA ILE G 55 -48.68 -18.74 28.02
C ILE G 55 -49.02 -19.75 29.10
N GLU G 56 -48.07 -20.63 29.41
CA GLU G 56 -48.05 -21.51 30.58
C GLU G 56 -46.75 -22.31 30.53
N ASN G 57 -46.15 -22.58 31.70
CA ASN G 57 -44.94 -23.38 31.81
C ASN G 57 -43.80 -22.87 30.92
N VAL G 58 -43.90 -21.65 30.44
CA VAL G 58 -42.91 -21.04 29.57
C VAL G 58 -42.24 -19.92 30.36
N ASP G 59 -40.98 -20.10 30.68
CA ASP G 59 -40.22 -19.17 31.50
C ASP G 59 -39.09 -18.61 30.66
N VAL G 60 -39.27 -17.41 30.12
CA VAL G 60 -38.25 -16.74 29.33
C VAL G 60 -37.22 -16.20 30.31
N ASP G 61 -36.17 -16.97 30.57
CA ASP G 61 -35.19 -16.69 31.60
C ASP G 61 -34.03 -17.67 31.44
N TRP G 62 -32.84 -17.23 31.84
CA TRP G 62 -31.70 -18.14 31.86
C TRP G 62 -31.91 -19.27 32.86
N ALA G 63 -32.59 -18.98 33.97
CA ALA G 63 -32.82 -19.98 35.02
C ALA G 63 -33.65 -21.15 34.51
N SER G 64 -34.38 -20.99 33.41
CA SER G 64 -35.12 -22.10 32.82
C SER G 64 -34.21 -23.15 32.20
N LEU G 65 -32.92 -22.85 32.01
CA LEU G 65 -32.01 -23.85 31.45
C LEU G 65 -31.79 -25.02 32.42
N GLY G 66 -31.74 -24.72 33.71
CA GLY G 66 -31.55 -25.75 34.72
C GLY G 66 -30.78 -25.28 35.94
N MET H 1 14.15 42.21 19.81
CA MET H 1 12.71 42.29 19.60
C MET H 1 12.33 43.54 18.82
N PHE H 2 13.17 44.57 18.89
CA PHE H 2 12.90 45.81 18.18
C PHE H 2 12.96 45.63 16.67
N THR H 3 13.91 44.83 16.18
CA THR H 3 14.02 44.60 14.74
C THR H 3 12.80 43.88 14.20
N LEU H 4 12.28 42.90 14.94
CA LEU H 4 11.05 42.25 14.53
C LEU H 4 9.90 43.24 14.50
N LYS H 5 9.83 44.13 15.49
CA LYS H 5 8.77 45.12 15.53
C LYS H 5 8.86 46.07 14.34
N ILE H 6 10.06 46.52 13.99
CA ILE H 6 10.19 47.45 12.87
C ILE H 6 9.89 46.75 11.55
N VAL H 7 10.26 45.47 11.42
CA VAL H 7 9.93 44.72 10.21
C VAL H 7 8.41 44.55 10.08
N VAL H 8 7.75 44.20 11.19
CA VAL H 8 6.30 44.03 11.17
C VAL H 8 5.60 45.35 10.86
N TYR H 9 6.08 46.44 11.45
CA TYR H 9 5.50 47.76 11.17
C TYR H 9 5.68 48.14 9.72
N THR H 10 6.86 47.89 9.15
CA THR H 10 7.11 48.17 7.74
C THR H 10 6.15 47.38 6.85
N THR H 11 6.01 46.08 7.12
CA THR H 11 5.16 45.23 6.30
C THR H 11 3.70 45.65 6.39
N VAL H 12 3.21 45.89 7.61
CA VAL H 12 1.81 46.26 7.82
C VAL H 12 1.53 47.61 7.18
N THR H 13 2.43 48.58 7.36
CA THR H 13 2.24 49.89 6.75
C THR H 13 2.23 49.80 5.24
N LEU H 14 3.12 48.99 4.67
CA LEU H 14 3.14 48.82 3.21
C LEU H 14 1.83 48.24 2.70
N PHE H 15 1.34 47.16 3.34
CA PHE H 15 0.12 46.52 2.84
C PHE H 15 -1.10 47.41 3.06
N VAL H 16 -1.18 48.11 4.19
CA VAL H 16 -2.31 49.00 4.45
C VAL H 16 -2.29 50.17 3.48
N SER H 17 -1.11 50.72 3.18
CA SER H 17 -1.02 51.81 2.22
C SER H 17 -1.41 51.34 0.82
N LEU H 18 -0.99 50.12 0.44
CA LEU H 18 -1.39 49.58 -0.85
C LEU H 18 -2.90 49.44 -0.94
N PHE H 19 -3.52 48.90 0.12
CA PHE H 19 -4.98 48.77 0.17
C PHE H 19 -5.65 50.14 0.04
N THR H 20 -5.21 51.11 0.85
CA THR H 20 -5.85 52.41 0.89
C THR H 20 -5.74 53.14 -0.44
N PHE H 21 -4.55 53.19 -1.02
CA PHE H 21 -4.38 53.88 -2.29
C PHE H 21 -4.92 53.09 -3.46
N GLY H 22 -5.08 51.78 -3.33
CA GLY H 22 -5.74 51.02 -4.38
C GLY H 22 -7.24 51.27 -4.43
N PHE H 23 -7.87 51.37 -3.26
CA PHE H 23 -9.29 51.72 -3.25
C PHE H 23 -9.54 53.20 -3.50
N LEU H 24 -8.49 54.03 -3.50
CA LEU H 24 -8.61 55.42 -3.91
C LEU H 24 -8.42 55.61 -5.41
N SER H 25 -8.01 54.58 -6.13
CA SER H 25 -7.68 54.71 -7.55
C SER H 25 -8.90 54.45 -8.44
N ASN H 26 -10.01 55.13 -8.13
CA ASN H 26 -11.27 55.03 -8.88
C ASN H 26 -11.70 53.57 -9.05
N ASP H 27 -11.94 52.92 -7.91
CA ASP H 27 -12.27 51.50 -7.91
C ASP H 27 -13.65 51.23 -8.52
N ALA H 28 -14.56 52.20 -8.41
CA ALA H 28 -15.91 52.00 -8.96
C ALA H 28 -15.89 51.89 -10.48
N SER H 29 -14.90 52.51 -11.14
CA SER H 29 -14.80 52.42 -12.59
C SER H 29 -14.35 51.04 -13.06
N ARG H 30 -13.83 50.21 -12.15
CA ARG H 30 -13.35 48.87 -12.52
C ARG H 30 -14.49 47.86 -12.45
N ASN H 31 -15.48 48.08 -13.30
CA ASN H 31 -16.63 47.22 -13.46
C ASN H 31 -16.87 46.96 -14.93
N PRO H 32 -17.45 45.80 -15.29
CA PRO H 32 -17.62 45.47 -16.71
C PRO H 32 -18.58 46.37 -17.46
N ASN H 33 -19.44 47.11 -16.77
CA ASN H 33 -20.39 48.01 -17.43
C ASN H 33 -19.81 49.40 -17.65
N ARG H 34 -18.56 49.63 -17.29
CA ARG H 34 -17.94 50.94 -17.47
C ARG H 34 -17.57 51.15 -18.93
N LYS H 35 -17.91 52.32 -19.46
CA LYS H 35 -17.60 52.66 -20.84
C LYS H 35 -16.64 53.84 -20.91
N LYS I 9 -41.25 57.51 41.62
CA LYS I 9 -42.67 57.85 41.75
C LYS I 9 -42.97 59.20 41.10
N LEU I 10 -44.12 59.28 40.43
CA LEU I 10 -44.55 60.51 39.82
C LEU I 10 -44.93 61.55 40.88
N PRO I 11 -44.94 62.82 40.53
CA PRO I 11 -45.45 63.84 41.45
C PRO I 11 -46.90 63.57 41.85
N GLU I 12 -47.32 64.26 42.91
CA GLU I 12 -48.63 63.97 43.52
C GLU I 12 -49.76 64.25 42.55
N ALA I 13 -49.67 65.33 41.78
CA ALA I 13 -50.73 65.68 40.84
C ALA I 13 -50.80 64.70 39.68
N TYR I 14 -49.66 64.10 39.30
CA TYR I 14 -49.58 63.25 38.12
C TYR I 14 -49.61 61.76 38.46
N ALA I 15 -49.86 61.41 39.73
CA ALA I 15 -49.85 60.00 40.11
C ALA I 15 -50.98 59.22 39.44
N VAL I 16 -52.17 59.81 39.34
CA VAL I 16 -53.32 59.12 38.77
C VAL I 16 -53.13 58.83 37.29
N PHE I 17 -52.22 59.55 36.63
CA PHE I 17 -51.90 59.28 35.23
C PHE I 17 -50.73 58.32 35.07
N LYS I 18 -50.44 57.54 36.11
CA LYS I 18 -49.48 56.45 35.97
C LYS I 18 -49.86 55.41 34.91
N PRO I 19 -51.11 54.94 34.78
CA PRO I 19 -51.40 53.90 33.78
C PRO I 19 -51.04 54.27 32.35
N ILE I 20 -51.49 55.42 31.86
CA ILE I 20 -51.24 55.80 30.47
C ILE I 20 -49.75 55.94 30.23
N ILE I 21 -49.02 56.50 31.19
CA ILE I 21 -47.56 56.58 31.09
C ILE I 21 -46.96 55.19 30.95
N ASP I 22 -47.47 54.23 31.72
CA ASP I 22 -46.99 52.85 31.60
C ASP I 22 -47.27 52.28 30.21
N VAL I 23 -48.34 52.75 29.56
CA VAL I 23 -48.63 52.32 28.21
C VAL I 23 -47.71 53.02 27.21
N ALA I 24 -47.21 54.21 27.56
CA ALA I 24 -46.56 55.09 26.60
C ALA I 24 -45.34 54.50 25.89
N PRO I 25 -44.35 53.90 26.56
CA PRO I 25 -43.09 53.59 25.85
C PRO I 25 -43.22 52.54 24.75
N VAL I 26 -44.27 51.72 24.75
CA VAL I 26 -44.40 50.63 23.77
C VAL I 26 -45.22 51.12 22.58
N ILE I 27 -45.53 52.42 22.55
CA ILE I 27 -46.26 52.99 21.42
C ILE I 27 -45.52 52.88 20.10
N PRO I 28 -44.19 53.14 20.00
CA PRO I 28 -43.53 53.03 18.68
C PRO I 28 -43.68 51.67 18.02
N VAL I 29 -43.67 50.58 18.79
CA VAL I 29 -43.87 49.25 18.22
C VAL I 29 -45.20 49.20 17.48
N PHE I 30 -46.26 49.71 18.11
CA PHE I 30 -47.56 49.78 17.46
C PHE I 30 -47.48 50.55 16.15
N PHE I 31 -46.68 51.64 16.14
CA PHE I 31 -46.47 52.40 14.91
C PHE I 31 -46.00 51.49 13.79
N LEU I 32 -44.99 50.65 14.08
CA LEU I 32 -44.53 49.68 13.10
C LEU I 32 -45.68 48.79 12.65
N LEU I 33 -46.42 48.25 13.62
CA LEU I 33 -47.59 47.43 13.30
C LEU I 33 -48.59 48.24 12.49
N LEU I 34 -48.78 49.51 12.87
CA LEU I 34 -49.72 50.36 12.14
C LEU I 34 -49.33 50.46 10.68
N ALA I 35 -48.02 50.59 10.41
CA ALA I 35 -47.55 50.65 9.03
C ALA I 35 -48.00 49.40 8.28
N PHE I 36 -47.80 48.22 8.89
CA PHE I 36 -48.22 46.99 8.26
C PHE I 36 -49.72 46.99 8.00
N VAL I 37 -50.50 47.52 8.96
CA VAL I 37 -51.94 47.61 8.80
C VAL I 37 -52.27 48.42 7.56
N TRP I 38 -51.57 49.54 7.37
CA TRP I 38 -51.79 50.35 6.18
C TRP I 38 -51.46 49.56 4.92
N GLN I 39 -50.35 48.82 4.94
CA GLN I 39 -50.04 47.97 3.80
C GLN I 39 -51.06 46.86 3.63
N ALA I 40 -51.66 46.40 4.75
CA ALA I 40 -52.76 45.46 4.63
C ALA I 40 -54.01 46.12 4.08
N ALA I 41 -54.22 47.40 4.38
CA ALA I 41 -55.42 48.08 3.93
C ALA I 41 -55.44 48.26 2.42
N VAL I 42 -54.28 48.61 1.83
CA VAL I 42 -54.20 48.87 0.40
C VAL I 42 -53.95 47.61 -0.42
N GLY I 43 -53.94 46.43 0.22
CA GLY I 43 -53.70 45.20 -0.50
C GLY I 43 -52.26 44.91 -0.83
N PHE I 44 -51.31 45.49 -0.08
CA PHE I 44 -49.88 45.31 -0.30
C PHE I 44 -49.47 45.67 -1.73
N ARG I 45 -50.04 46.77 -2.24
CA ARG I 45 -49.71 47.23 -3.59
C ARG I 45 -48.32 47.86 -3.61
N SER J 2 -18.48 -19.30 -23.91
CA SER J 2 -17.46 -18.28 -24.09
C SER J 2 -17.81 -17.36 -25.26
N GLY J 3 -16.80 -16.66 -25.79
CA GLY J 3 -17.00 -15.75 -26.88
C GLY J 3 -17.05 -14.31 -26.42
N PRO J 4 -17.29 -13.39 -27.35
CA PRO J 4 -17.38 -11.96 -26.98
C PRO J 4 -18.60 -11.69 -26.11
N ASN J 5 -18.36 -11.05 -24.97
CA ASN J 5 -19.43 -10.75 -24.02
C ASN J 5 -20.05 -9.40 -24.36
N PRO J 6 -21.35 -9.34 -24.65
CA PRO J 6 -21.96 -8.04 -25.01
C PRO J 6 -22.17 -7.10 -23.84
N ASN J 7 -22.00 -7.57 -22.59
CA ASN J 7 -22.28 -6.74 -21.42
C ASN J 7 -21.05 -5.96 -20.95
N LYS J 8 -19.93 -6.04 -21.65
CA LYS J 8 -18.74 -5.30 -21.26
C LYS J 8 -18.95 -3.81 -21.47
N GLN J 9 -18.65 -3.02 -20.45
CA GLN J 9 -18.80 -1.58 -20.51
C GLN J 9 -17.54 -0.88 -20.01
N PRO J 10 -17.13 0.21 -20.65
CA PRO J 10 -15.97 0.96 -20.15
C PRO J 10 -16.28 1.66 -18.83
N VAL J 11 -15.23 1.86 -18.04
CA VAL J 11 -15.34 2.50 -16.73
C VAL J 11 -14.52 3.78 -16.75
N GLU J 12 -15.13 4.88 -16.32
CA GLU J 12 -14.50 6.18 -16.34
C GLU J 12 -14.55 6.81 -14.96
N LEU J 13 -13.45 7.45 -14.56
CA LEU J 13 -13.38 8.23 -13.33
C LEU J 13 -12.89 9.61 -13.68
N ASN J 14 -13.65 10.63 -13.30
CA ASN J 14 -13.25 12.00 -13.60
C ASN J 14 -12.10 12.43 -12.70
N ARG J 15 -11.43 13.52 -13.11
CA ARG J 15 -10.42 14.13 -12.26
C ARG J 15 -11.07 14.72 -11.01
N THR J 16 -12.28 15.28 -11.15
CA THR J 16 -13.04 15.71 -9.99
C THR J 16 -13.36 14.54 -9.07
N SER J 17 -13.77 13.40 -9.64
CA SER J 17 -14.05 12.22 -8.85
C SER J 17 -12.79 11.71 -8.16
N LEU J 18 -11.66 11.72 -8.88
CA LEU J 18 -10.36 11.28 -8.30
C LEU J 18 -10.06 12.15 -7.08
N PHE J 19 -10.11 13.48 -7.24
CA PHE J 19 -9.77 14.41 -6.13
C PHE J 19 -10.76 14.23 -4.98
N TRP J 20 -12.06 14.06 -5.28
CA TRP J 20 -13.07 13.79 -4.21
C TRP J 20 -12.67 12.54 -3.45
N GLY J 21 -12.28 11.47 -4.16
CA GLY J 21 -11.91 10.23 -3.51
C GLY J 21 -10.65 10.36 -2.68
N LEU J 22 -9.62 11.02 -3.22
CA LEU J 22 -8.39 11.21 -2.46
C LEU J 22 -8.62 12.05 -1.22
N LEU J 23 -9.42 13.12 -1.34
CA LEU J 23 -9.73 13.94 -0.18
C LEU J 23 -10.50 13.16 0.86
N LEU J 24 -11.48 12.35 0.44
CA LEU J 24 -12.25 11.55 1.38
C LEU J 24 -11.37 10.55 2.12
N ILE J 25 -10.50 9.86 1.38
CA ILE J 25 -9.64 8.86 2.00
C ILE J 25 -8.66 9.50 2.98
N PHE J 26 -8.04 10.62 2.57
CA PHE J 26 -7.09 11.29 3.46
C PHE J 26 -7.78 11.86 4.70
N VAL J 27 -8.98 12.42 4.53
CA VAL J 27 -9.69 12.99 5.68
C VAL J 27 -10.14 11.89 6.63
N LEU J 28 -10.62 10.76 6.09
CA LEU J 28 -10.99 9.64 6.96
C LEU J 28 -9.77 9.09 7.69
N ALA J 29 -8.62 9.04 7.01
CA ALA J 29 -7.39 8.60 7.66
C ALA J 29 -6.99 9.55 8.78
N VAL J 30 -7.07 10.86 8.54
CA VAL J 30 -6.75 11.83 9.59
C VAL J 30 -7.69 11.67 10.77
N LEU J 31 -8.98 11.46 10.50
CA LEU J 31 -9.97 11.35 11.57
C LEU J 31 -9.75 10.09 12.40
N PHE J 32 -9.54 8.94 11.75
CA PHE J 32 -9.49 7.67 12.45
C PHE J 32 -8.09 7.25 12.87
N SER J 33 -7.05 8.00 12.52
CA SER J 33 -5.70 7.63 12.92
C SER J 33 -5.52 7.75 14.44
N SER J 34 -6.08 8.80 15.04
CA SER J 34 -5.96 8.98 16.48
C SER J 34 -6.65 7.84 17.24
N TYR J 35 -7.77 7.37 16.71
CA TYR J 35 -8.51 6.29 17.36
C TYR J 35 -7.86 4.94 17.14
N PHE J 36 -7.29 4.71 15.94
CA PHE J 36 -6.56 3.47 15.70
C PHE J 36 -5.31 3.40 16.57
N PHE J 37 -4.57 4.51 16.67
CA PHE J 37 -3.42 4.57 17.57
C PHE J 37 -3.84 4.57 19.03
N ASN J 38 -5.06 5.02 19.33
CA ASN J 38 -5.65 4.97 20.67
C ASN J 38 -4.78 5.68 21.71
N ASN K 2 5.29 1.08 22.20
CA ASN K 2 4.05 1.33 22.91
C ASN K 2 2.85 1.17 21.97
N VAL K 3 2.79 2.01 20.95
CA VAL K 3 1.71 1.95 19.98
C VAL K 3 1.83 0.66 19.17
N SER K 4 0.69 0.04 18.89
CA SER K 4 0.67 -1.26 18.24
C SER K 4 1.18 -1.19 16.80
N VAL K 5 1.78 -2.30 16.36
CA VAL K 5 2.15 -2.47 14.95
C VAL K 5 0.91 -2.42 14.08
N ALA K 6 -0.16 -3.07 14.53
CA ALA K 6 -1.40 -3.15 13.77
C ALA K 6 -2.01 -1.77 13.54
N ALA K 7 -1.83 -0.83 14.48
CA ALA K 7 -2.42 0.49 14.30
C ALA K 7 -1.78 1.23 13.13
N TYR K 8 -0.45 1.26 13.08
CA TYR K 8 0.24 1.88 11.95
C TYR K 8 -0.08 1.15 10.65
N LEU K 9 -0.09 -0.19 10.69
CA LEU K 9 -0.40 -0.95 9.49
C LEU K 9 -1.79 -0.62 8.96
N ALA K 10 -2.77 -0.57 9.86
CA ALA K 10 -4.15 -0.25 9.47
C ALA K 10 -4.23 1.14 8.86
N VAL K 11 -3.63 2.14 9.52
CA VAL K 11 -3.72 3.51 9.02
C VAL K 11 -3.08 3.61 7.62
N LEU K 12 -1.85 3.11 7.48
CA LEU K 12 -1.14 3.25 6.22
C LEU K 12 -1.83 2.49 5.09
N LEU K 13 -2.29 1.26 5.36
CA LEU K 13 -2.89 0.46 4.30
C LEU K 13 -4.28 0.99 3.93
N GLY K 14 -5.11 1.33 4.92
CA GLY K 14 -6.41 1.91 4.63
C GLY K 14 -6.33 3.28 4.00
N THR K 15 -5.19 3.95 4.10
CA THR K 15 -4.98 5.15 3.31
C THR K 15 -4.56 4.81 1.88
N PHE K 16 -3.56 3.94 1.73
CA PHE K 16 -2.92 3.76 0.43
C PHE K 16 -3.79 2.97 -0.55
N ILE K 17 -4.42 1.88 -0.08
CA ILE K 17 -5.14 0.99 -1.00
C ILE K 17 -6.29 1.69 -1.71
N PRO K 18 -7.21 2.40 -1.03
CA PRO K 18 -8.21 3.17 -1.80
C PRO K 18 -7.59 4.24 -2.68
N VAL K 19 -6.50 4.86 -2.21
CA VAL K 19 -5.84 5.90 -2.99
C VAL K 19 -5.29 5.34 -4.30
N VAL K 20 -4.59 4.21 -4.23
CA VAL K 20 -4.04 3.62 -5.44
C VAL K 20 -5.15 3.08 -6.34
N PHE K 21 -6.26 2.60 -5.74
CA PHE K 21 -7.40 2.17 -6.55
C PHE K 21 -7.97 3.35 -7.35
N LEU K 22 -8.18 4.48 -6.69
CA LEU K 22 -8.71 5.66 -7.37
C LEU K 22 -7.75 6.17 -8.43
N ILE K 23 -6.44 6.19 -8.12
CA ILE K 23 -5.45 6.65 -9.08
C ILE K 23 -5.41 5.73 -10.30
N THR K 24 -5.48 4.41 -10.08
CA THR K 24 -5.50 3.47 -11.19
C THR K 24 -6.73 3.67 -12.07
N LEU K 25 -7.90 3.86 -11.43
CA LEU K 25 -9.12 4.07 -12.20
C LEU K 25 -9.05 5.35 -13.02
N PHE K 26 -8.55 6.44 -12.42
CA PHE K 26 -8.43 7.70 -13.14
C PHE K 26 -7.44 7.60 -14.29
N ILE K 27 -6.31 6.93 -14.07
CA ILE K 27 -5.32 6.76 -15.13
C ILE K 27 -5.88 5.92 -16.28
N GLN K 28 -6.65 4.89 -15.93
CA GLN K 28 -7.30 4.08 -16.97
C GLN K 28 -8.29 4.91 -17.78
N SER K 29 -9.09 5.74 -17.12
CA SER K 29 -10.05 6.58 -17.83
C SER K 29 -9.34 7.58 -18.73
N GLU K 30 -8.28 8.22 -18.23
CA GLU K 30 -7.53 9.17 -19.05
C GLU K 30 -6.86 8.47 -20.22
N ALA K 31 -6.39 7.23 -20.02
CA ALA K 31 -5.81 6.46 -21.10
C ALA K 31 -6.83 6.18 -22.18
N ARG K 32 -8.05 5.81 -21.80
CA ARG K 32 -9.11 5.60 -22.78
C ARG K 32 -9.42 6.89 -23.53
N LYS K 33 -9.50 8.02 -22.81
CA LYS K 33 -9.79 9.30 -23.45
C LYS K 33 -8.70 9.68 -24.44
N ALA K 34 -7.42 9.49 -24.07
CA ALA K 34 -6.32 9.84 -24.95
C ALA K 34 -6.26 8.92 -26.16
N ALA K 35 -6.55 7.62 -25.97
CA ALA K 35 -6.51 6.68 -27.07
C ALA K 35 -7.64 6.96 -28.07
N GLU K 36 -8.84 7.25 -27.57
CA GLU K 36 -9.95 7.53 -28.48
C GLU K 36 -9.77 8.86 -29.20
N SER K 37 -9.26 9.86 -28.51
CA SER K 37 -9.01 11.16 -29.14
C SER K 37 -7.73 11.12 -29.98
N GLY K 38 -7.59 12.11 -30.85
CA GLY K 38 -6.40 12.23 -31.67
C GLY K 38 -5.13 12.48 -30.87
N GLN K 39 -4.11 11.66 -31.09
CA GLN K 39 -2.84 11.79 -30.40
C GLN K 39 -1.67 11.49 -31.34
N MET L 1 6.61 8.58 17.23
CA MET L 1 6.62 8.16 15.84
C MET L 1 5.28 8.44 15.18
N GLU L 2 4.21 8.42 15.96
CA GLU L 2 2.88 8.72 15.45
C GLU L 2 2.74 10.18 15.02
N THR L 3 3.57 11.07 15.57
CA THR L 3 3.57 12.47 15.14
C THR L 3 3.99 12.57 13.67
N LEU L 4 4.95 11.73 13.26
CA LEU L 4 5.34 11.69 11.85
C LEU L 4 4.17 11.29 10.97
N VAL L 5 3.38 10.30 11.40
CA VAL L 5 2.22 9.87 10.62
C VAL L 5 1.18 10.99 10.56
N TYR L 6 0.94 11.67 11.68
CA TYR L 6 -0.03 12.76 11.69
C TYR L 6 0.40 13.89 10.75
N THR L 7 1.67 14.28 10.82
CA THR L 7 2.18 15.34 9.95
C THR L 7 2.13 14.92 8.49
N PHE L 8 2.46 13.66 8.20
CA PHE L 8 2.40 13.16 6.83
C PHE L 8 0.97 13.22 6.30
N LEU L 9 -0.01 12.81 7.11
CA LEU L 9 -1.40 12.85 6.68
C LEU L 9 -1.86 14.28 6.43
N LEU L 10 -1.51 15.21 7.33
CA LEU L 10 -1.92 16.60 7.15
C LEU L 10 -1.29 17.21 5.90
N ILE L 11 0.00 16.95 5.68
CA ILE L 11 0.68 17.49 4.50
C ILE L 11 0.12 16.86 3.23
N GLY L 12 -0.22 15.57 3.27
CA GLY L 12 -0.84 14.94 2.12
C GLY L 12 -2.20 15.54 1.79
N THR L 13 -3.00 15.82 2.82
CA THR L 13 -4.30 16.47 2.60
C THR L 13 -4.12 17.85 2.00
N LEU L 14 -3.16 18.63 2.52
CA LEU L 14 -2.90 19.95 1.97
C LEU L 14 -2.43 19.88 0.52
N GLY L 15 -1.59 18.90 0.21
CA GLY L 15 -1.15 18.72 -1.17
C GLY L 15 -2.28 18.31 -2.09
N VAL L 16 -3.18 17.46 -1.59
CA VAL L 16 -4.36 17.09 -2.38
C VAL L 16 -5.22 18.32 -2.67
N LEU L 17 -5.39 19.20 -1.66
CA LEU L 17 -6.11 20.45 -1.89
C LEU L 17 -5.41 21.31 -2.94
N PHE L 18 -4.07 21.40 -2.85
CA PHE L 18 -3.30 22.21 -3.80
C PHE L 18 -3.47 21.68 -5.22
N PHE L 19 -3.38 20.36 -5.40
CA PHE L 19 -3.52 19.78 -6.73
C PHE L 19 -4.96 19.88 -7.24
N ALA L 20 -5.94 19.80 -6.34
CA ALA L 20 -7.33 19.97 -6.76
C ALA L 20 -7.59 21.40 -7.21
N VAL L 21 -6.95 22.38 -6.58
CA VAL L 21 -7.15 23.77 -6.97
C VAL L 21 -6.43 24.08 -8.28
N PHE L 22 -5.12 23.80 -8.33
CA PHE L 22 -4.30 24.27 -9.44
C PHE L 22 -4.13 23.25 -10.57
N PHE L 23 -4.72 22.06 -10.45
CA PHE L 23 -4.65 21.07 -11.52
C PHE L 23 -6.02 20.43 -11.77
N ARG L 24 -7.08 21.21 -11.59
CA ARG L 24 -8.43 20.71 -11.83
C ARG L 24 -8.67 20.55 -13.32
N ASP L 25 -9.77 19.88 -13.65
CA ASP L 25 -10.20 19.80 -15.04
C ASP L 25 -10.75 21.17 -15.44
N PRO L 26 -10.19 21.82 -16.46
CA PRO L 26 -10.63 23.19 -16.80
C PRO L 26 -12.02 23.18 -17.40
N PRO L 27 -12.96 23.92 -16.78
CA PRO L 27 -14.33 23.97 -17.32
C PRO L 27 -14.36 24.64 -18.70
N ARG L 28 -15.21 24.10 -19.56
CA ARG L 28 -15.41 24.63 -20.90
C ARG L 28 -16.87 24.52 -21.29
N ILE L 29 -17.30 25.38 -22.20
CA ILE L 29 -18.68 25.34 -22.69
C ILE L 29 -18.79 24.26 -23.77
N ALA L 30 -19.76 23.38 -23.62
CA ALA L 30 -19.98 22.31 -24.58
C ALA L 30 -21.21 22.57 -25.43
N GLU M 29 3.70 55.25 23.56
CA GLU M 29 2.30 55.48 23.22
C GLU M 29 2.12 55.87 21.76
N ALA M 30 1.14 56.74 21.51
CA ALA M 30 0.72 57.17 20.18
C ALA M 30 0.35 55.92 19.38
N LEU M 31 0.78 55.78 18.13
CA LEU M 31 0.40 54.62 17.33
C LEU M 31 1.26 53.40 17.69
N GLY M 32 1.30 53.07 18.97
CA GLY M 32 2.22 52.04 19.43
C GLY M 32 3.67 52.40 19.23
N VAL M 33 3.98 53.68 19.10
CA VAL M 33 5.31 54.15 18.72
C VAL M 33 6.03 54.56 20.00
N ASP M 34 6.74 53.61 20.59
CA ASP M 34 7.59 53.88 21.74
C ASP M 34 9.02 54.20 21.36
N ASP M 35 9.38 54.09 20.08
CA ASP M 35 10.70 54.43 19.58
C ASP M 35 10.54 55.28 18.33
N GLY M 36 11.34 56.34 18.22
CA GLY M 36 11.20 57.27 17.12
C GLY M 36 11.42 56.65 15.75
N ARG M 37 12.30 55.65 15.68
CA ARG M 37 12.58 54.98 14.40
C ARG M 37 11.34 54.33 13.81
N LEU M 38 10.40 53.91 14.66
CA LEU M 38 9.13 53.35 14.18
C LEU M 38 8.34 54.34 13.33
N LEU M 39 8.60 55.64 13.48
CA LEU M 39 7.92 56.63 12.66
C LEU M 39 8.44 56.65 11.23
N VAL M 40 9.61 56.09 10.97
CA VAL M 40 10.17 56.08 9.61
C VAL M 40 9.31 55.23 8.67
N PRO M 41 8.97 53.97 8.99
CA PRO M 41 8.06 53.24 8.09
C PRO M 41 6.67 53.82 8.02
N LEU M 42 6.18 54.43 9.10
CA LEU M 42 4.80 54.92 9.15
C LEU M 42 4.58 56.17 8.32
N VAL M 43 5.64 56.82 7.83
CA VAL M 43 5.54 58.05 7.04
C VAL M 43 6.14 57.87 5.66
N LEU M 44 7.37 57.33 5.57
CA LEU M 44 8.05 57.20 4.30
C LEU M 44 7.31 56.27 3.35
N ILE M 45 6.84 55.12 3.85
CA ILE M 45 6.09 54.19 3.02
C ILE M 45 4.77 54.77 2.53
N PRO M 46 3.91 55.38 3.38
CA PRO M 46 2.70 56.00 2.82
C PRO M 46 2.99 57.13 1.84
N VAL M 47 4.06 57.90 2.06
CA VAL M 47 4.41 58.96 1.13
C VAL M 47 4.85 58.38 -0.21
N PHE M 48 5.75 57.40 -0.18
CA PHE M 48 6.31 56.83 -1.40
C PHE M 48 5.20 56.27 -2.29
N ILE M 49 4.33 55.43 -1.71
CA ILE M 49 3.18 54.92 -2.45
C ILE M 49 2.34 56.06 -2.99
N ALA M 50 2.12 57.09 -2.16
CA ALA M 50 1.38 58.27 -2.60
C ALA M 50 2.03 58.89 -3.83
N ILE M 51 3.37 58.96 -3.84
CA ILE M 51 4.07 59.49 -5.00
C ILE M 51 3.73 58.68 -6.24
N LEU M 52 3.74 57.35 -6.11
CA LEU M 52 3.28 56.49 -7.20
C LEU M 52 1.85 56.81 -7.55
N PHE M 53 0.98 56.94 -6.54
CA PHE M 53 -0.40 57.31 -6.77
C PHE M 53 -0.50 58.66 -7.46
N SER M 54 0.45 59.56 -7.19
CA SER M 54 0.45 60.85 -7.86
C SER M 54 0.56 60.68 -9.37
N ASN M 55 1.44 59.75 -9.82
CA ASN M 55 1.56 59.49 -11.25
C ASN M 55 0.25 59.00 -11.84
N PHE M 56 -0.55 58.29 -11.04
CA PHE M 56 -1.90 57.96 -11.46
C PHE M 56 -2.79 59.21 -11.48
N ALA M 57 -2.75 59.98 -10.39
CA ALA M 57 -3.71 61.07 -10.21
C ALA M 57 -3.53 62.16 -11.26
N SER M 58 -2.27 62.47 -11.61
CA SER M 58 -2.03 63.47 -12.64
C SER M 58 -2.51 63.01 -14.01
N THR M 59 -2.56 61.69 -14.24
CA THR M 59 -2.98 61.19 -15.54
C THR M 59 -4.49 61.30 -15.74
N GLN M 60 -5.26 61.17 -14.66
CA GLN M 60 -6.72 61.16 -14.76
C GLN M 60 -7.27 62.56 -15.00
N ASP M 61 -8.40 62.62 -15.68
CA ASP M 61 -9.12 63.87 -15.88
C ASP M 61 -9.82 64.24 -14.58
N ASN M 62 -9.44 65.38 -13.99
CA ASN M 62 -9.93 65.78 -12.68
C ASN M 62 -11.02 66.85 -12.75
N GLU M 63 -11.81 66.85 -13.81
CA GLU M 63 -12.92 67.78 -13.94
C GLU M 63 -14.19 67.17 -13.34
N ASP M 64 -15.16 68.03 -13.04
CA ASP M 64 -16.45 67.58 -12.54
C ASP M 64 -17.18 66.77 -13.61
N PHE M 65 -18.03 65.85 -13.16
CA PHE M 65 -18.71 64.95 -14.08
C PHE M 65 -20.22 64.93 -13.84
N PHE M 66 -20.65 65.23 -12.61
CA PHE M 66 -22.06 65.21 -12.22
C PHE M 66 -22.68 63.84 -12.51
N ASP M 67 -22.17 62.84 -11.79
CA ASP M 67 -22.65 61.47 -11.93
C ASP M 67 -22.44 60.75 -10.60
N THR M 68 -23.02 59.55 -10.51
CA THR M 68 -22.84 58.74 -9.31
C THR M 68 -21.37 58.35 -9.11
N TYR M 69 -20.69 58.01 -10.20
CA TYR M 69 -19.26 57.70 -10.14
C TYR M 69 -18.62 58.12 -11.45
N ASP M 70 -17.30 58.26 -11.42
CA ASP M 70 -16.54 58.73 -12.57
C ASP M 70 -16.09 57.53 -13.39
N GLN M 71 -16.59 57.44 -14.62
CA GLN M 71 -16.19 56.38 -15.53
C GLN M 71 -14.91 56.69 -16.30
N ARG M 72 -14.39 57.90 -16.16
CA ARG M 72 -13.15 58.28 -16.84
C ARG M 72 -11.96 57.73 -16.08
N ARG M 73 -11.19 56.86 -16.73
CA ARG M 73 -10.03 56.24 -16.09
C ARG M 73 -9.09 55.65 -17.14
N MET N 1 -53.94 -21.37 30.07
CA MET N 1 -54.57 -20.08 29.80
C MET N 1 -54.21 -19.07 30.89
N THR N 2 -53.81 -17.88 30.49
CA THR N 2 -53.39 -16.81 31.39
C THR N 2 -54.11 -15.53 31.01
N PRO N 3 -54.25 -14.59 31.95
CA PRO N 3 -54.85 -13.29 31.60
C PRO N 3 -54.09 -12.55 30.52
N SER N 4 -52.78 -12.76 30.41
CA SER N 4 -52.00 -12.10 29.36
C SER N 4 -52.42 -12.55 27.98
N PHE N 5 -52.65 -13.86 27.80
CA PHE N 5 -53.06 -14.35 26.49
C PHE N 5 -54.50 -13.97 26.17
N SER N 6 -55.37 -13.94 27.18
CA SER N 6 -56.72 -13.43 26.98
C SER N 6 -56.69 -11.97 26.54
N ALA N 7 -55.81 -11.16 27.16
CA ALA N 7 -55.63 -9.79 26.74
C ALA N 7 -55.10 -9.70 25.31
N PHE N 8 -54.18 -10.59 24.94
CA PHE N 8 -53.64 -10.59 23.58
C PHE N 8 -54.72 -10.91 22.56
N ILE N 9 -55.54 -11.92 22.83
CA ILE N 9 -56.62 -12.29 21.91
C ILE N 9 -57.64 -11.16 21.82
N ASN N 10 -58.01 -10.56 22.96
CA ASN N 10 -58.93 -9.44 22.94
C ASN N 10 -58.32 -8.24 22.21
N SER N 11 -57.01 -8.06 22.29
CA SER N 11 -56.34 -6.99 21.55
C SER N 11 -56.41 -7.24 20.05
N LEU N 12 -56.21 -8.49 19.62
CA LEU N 12 -56.37 -8.82 18.21
C LEU N 12 -57.80 -8.55 17.75
N LEU N 13 -58.78 -8.96 18.55
CA LEU N 13 -60.18 -8.72 18.19
C LEU N 13 -60.50 -7.24 18.13
N ALA N 14 -59.98 -6.46 19.09
CA ALA N 14 -60.22 -5.02 19.12
C ALA N 14 -59.56 -4.32 17.94
N GLY N 15 -58.33 -4.72 17.60
CA GLY N 15 -57.67 -4.16 16.44
C GLY N 15 -58.40 -4.50 15.15
N LEU N 16 -59.01 -5.69 15.08
CA LEU N 16 -59.79 -6.05 13.90
C LEU N 16 -61.07 -5.24 13.82
N PHE N 17 -61.83 -5.17 14.92
CA PHE N 17 -63.19 -4.66 14.87
C PHE N 17 -63.30 -3.15 15.12
N ILE N 18 -62.25 -2.50 15.63
CA ILE N 18 -62.29 -1.08 15.88
C ILE N 18 -61.42 -0.29 14.91
N VAL N 19 -60.36 -0.88 14.38
CA VAL N 19 -59.43 -0.21 13.48
C VAL N 19 -59.56 -0.74 12.05
N ILE N 20 -59.36 -2.05 11.87
CA ILE N 20 -59.29 -2.62 10.53
C ILE N 20 -60.68 -2.64 9.88
N ILE N 21 -61.66 -3.25 10.54
CA ILE N 21 -62.99 -3.38 9.96
C ILE N 21 -63.67 -2.04 9.70
N PRO N 22 -63.72 -1.09 10.65
CA PRO N 22 -64.41 0.18 10.34
C PRO N 22 -63.74 0.98 9.23
N ILE N 23 -62.41 1.12 9.27
CA ILE N 23 -61.71 1.88 8.24
C ILE N 23 -61.87 1.21 6.89
N GLY N 24 -61.71 -0.12 6.84
CA GLY N 24 -61.87 -0.83 5.58
C GLY N 24 -63.28 -0.73 5.02
N THR N 25 -64.29 -0.86 5.89
CA THR N 25 -65.68 -0.75 5.45
C THR N 25 -65.98 0.65 4.93
N ALA N 26 -65.52 1.69 5.63
CA ALA N 26 -65.75 3.05 5.18
C ALA N 26 -65.04 3.31 3.85
N LEU N 27 -63.80 2.84 3.72
CA LEU N 27 -63.07 3.03 2.48
C LEU N 27 -63.76 2.33 1.32
N LEU N 28 -64.21 1.08 1.53
CA LEU N 28 -64.90 0.35 0.47
C LEU N 28 -66.21 1.04 0.09
N ILE N 29 -66.98 1.48 1.09
CA ILE N 29 -68.27 2.12 0.81
C ILE N 29 -68.07 3.41 0.02
N VAL N 30 -67.12 4.25 0.44
CA VAL N 30 -66.90 5.51 -0.25
C VAL N 30 -66.34 5.29 -1.65
N SER N 31 -65.45 4.29 -1.80
CA SER N 31 -64.89 4.01 -3.12
C SER N 31 -65.96 3.49 -4.08
N GLN N 32 -66.86 2.64 -3.60
CA GLN N 32 -67.92 2.13 -4.46
C GLN N 32 -68.95 3.22 -4.78
N SER N 33 -69.25 4.07 -3.79
CA SER N 33 -70.24 5.13 -4.01
C SER N 33 -69.72 6.18 -5.00
N ASP N 34 -68.47 6.59 -4.85
CA ASP N 34 -67.87 7.61 -5.71
C ASP N 34 -66.98 6.90 -6.73
N ARG N 35 -67.59 6.47 -7.84
CA ARG N 35 -66.86 5.79 -8.91
C ARG N 35 -65.90 6.71 -9.65
N LEU N 36 -66.04 8.03 -9.49
CA LEU N 36 -65.19 8.99 -10.19
C LEU N 36 -63.74 8.88 -9.72
N ASN O 3 -57.32 44.56 39.95
CA ASN O 3 -56.87 45.91 40.27
C ASN O 3 -57.54 46.94 39.35
N LEU O 4 -57.97 48.06 39.94
CA LEU O 4 -58.54 49.14 39.15
C LEU O 4 -57.49 49.78 38.26
N GLN O 5 -56.24 49.87 38.73
CA GLN O 5 -55.18 50.41 37.91
C GLN O 5 -54.88 49.52 36.70
N THR O 6 -55.00 48.20 36.87
CA THR O 6 -54.87 47.30 35.72
C THR O 6 -55.97 47.55 34.70
N VAL O 7 -57.20 47.78 35.17
CA VAL O 7 -58.30 48.11 34.26
C VAL O 7 -58.03 49.42 33.54
N ALA O 8 -57.50 50.42 34.26
CA ALA O 8 -57.17 51.70 33.63
C ALA O 8 -56.08 51.52 32.57
N GLN O 9 -55.06 50.71 32.88
CA GLN O 9 -54.01 50.44 31.90
C GLN O 9 -54.58 49.77 30.65
N LEU O 10 -55.46 48.78 30.84
CA LEU O 10 -56.05 48.09 29.71
C LEU O 10 -56.91 49.02 28.87
N ILE O 11 -57.69 49.89 29.52
CA ILE O 11 -58.56 50.82 28.79
C ILE O 11 -57.73 51.83 28.00
N SER O 12 -56.68 52.38 28.63
CA SER O 12 -55.81 53.32 27.93
C SER O 12 -55.09 52.64 26.76
N LEU O 13 -54.64 51.40 26.97
CA LEU O 13 -53.99 50.66 25.89
C LEU O 13 -54.96 50.41 24.74
N PHE O 14 -56.21 50.06 25.07
CA PHE O 14 -57.22 49.84 24.04
C PHE O 14 -57.51 51.11 23.25
N LEU O 15 -57.63 52.25 23.93
CA LEU O 15 -57.89 53.50 23.23
C LEU O 15 -56.72 53.89 22.33
N ILE O 16 -55.49 53.73 22.82
CA ILE O 16 -54.31 54.04 22.01
C ILE O 16 -54.23 53.11 20.80
N LEU O 17 -54.49 51.82 21.02
CA LEU O 17 -54.48 50.86 19.91
C LEU O 17 -55.60 51.12 18.92
N THR O 18 -56.72 51.67 19.37
CA THR O 18 -57.80 52.01 18.45
C THR O 18 -57.47 53.27 17.64
N SER O 19 -56.76 54.21 18.26
CA SER O 19 -56.50 55.50 17.60
C SER O 19 -55.73 55.35 16.29
N GLY O 20 -54.89 54.33 16.18
CA GLY O 20 -54.09 54.13 14.99
C GLY O 20 -54.91 53.72 13.79
N PRO O 21 -55.48 52.52 13.81
CA PRO O 21 -56.35 52.08 12.71
C PRO O 21 -57.60 52.94 12.51
N ALA O 22 -58.00 53.72 13.51
CA ALA O 22 -59.16 54.60 13.32
C ALA O 22 -58.88 55.64 12.24
N ILE O 23 -57.66 56.16 12.19
CA ILE O 23 -57.28 57.12 11.15
C ILE O 23 -57.39 56.49 9.77
N ILE O 24 -56.89 55.25 9.63
CA ILE O 24 -56.95 54.55 8.36
C ILE O 24 -58.39 54.27 7.96
N VAL O 25 -59.22 53.87 8.93
CA VAL O 25 -60.63 53.59 8.64
C VAL O 25 -61.35 54.86 8.20
N LEU O 26 -61.09 55.97 8.88
CA LEU O 26 -61.73 57.23 8.48
C LEU O 26 -61.27 57.68 7.11
N ILE O 27 -59.98 57.49 6.79
CA ILE O 27 -59.49 57.82 5.45
C ILE O 27 -60.17 56.96 4.39
N ALA O 28 -60.33 55.66 4.68
CA ALA O 28 -61.01 54.77 3.74
C ALA O 28 -62.47 55.18 3.56
N LEU O 29 -63.14 55.57 4.65
CA LEU O 29 -64.52 56.03 4.54
C LEU O 29 -64.61 57.29 3.71
N ARG O 30 -63.69 58.23 3.90
CA ARG O 30 -63.64 59.45 3.09
C ARG O 30 -62.91 59.25 1.77
N ARG O 31 -62.36 58.06 1.53
CA ARG O 31 -61.73 57.69 0.26
C ARG O 31 -60.61 58.65 -0.12
N GLY O 32 -59.75 58.95 0.87
CA GLY O 32 -58.60 59.81 0.66
C GLY O 32 -57.39 59.03 0.20
N ASN O 33 -56.25 59.72 0.19
CA ASN O 33 -54.99 59.11 -0.23
C ASN O 33 -54.48 58.21 0.88
N LEU O 34 -54.80 56.93 0.80
CA LEU O 34 -54.40 55.97 1.82
C LEU O 34 -53.15 55.19 1.39
N MET P 1 -56.26 73.00 44.28
CA MET P 1 -55.20 73.42 43.36
C MET P 1 -54.69 72.23 42.55
N VAL P 2 -54.86 71.04 43.10
CA VAL P 2 -54.42 69.82 42.44
C VAL P 2 -55.51 69.25 41.52
N ALA P 3 -56.77 69.31 41.96
CA ALA P 3 -57.86 68.81 41.14
C ALA P 3 -58.00 69.63 39.85
N ILE P 4 -57.78 70.93 39.93
CA ILE P 4 -57.83 71.77 38.74
C ILE P 4 -56.75 71.35 37.74
N LEU P 5 -55.54 71.10 38.24
CA LEU P 5 -54.45 70.65 37.36
C LEU P 5 -54.75 69.29 36.76
N GLN P 6 -55.32 68.37 37.55
CA GLN P 6 -55.65 67.05 37.03
C GLN P 6 -56.72 67.14 35.93
N LEU P 7 -57.75 67.95 36.16
CA LEU P 7 -58.78 68.15 35.14
C LEU P 7 -58.18 68.79 33.88
N LEU P 8 -57.28 69.76 34.07
CA LEU P 8 -56.67 70.44 32.93
C LEU P 8 -55.84 69.49 32.09
N VAL P 9 -55.03 68.64 32.73
CA VAL P 9 -54.19 67.74 31.96
C VAL P 9 -55.02 66.58 31.39
N SER P 10 -56.13 66.21 32.04
CA SER P 10 -57.05 65.26 31.43
C SER P 10 -57.67 65.83 30.17
N MET P 11 -58.05 67.11 30.21
CA MET P 11 -58.55 67.79 29.01
C MET P 11 -57.46 67.84 27.93
N LEU P 12 -56.22 68.06 28.35
CA LEU P 12 -55.10 68.06 27.41
C LEU P 12 -54.93 66.70 26.75
N ILE P 13 -55.06 65.62 27.53
CA ILE P 13 -54.97 64.26 26.97
C ILE P 13 -56.10 64.02 25.97
N LEU P 14 -57.32 64.43 26.32
CA LEU P 14 -58.46 64.24 25.42
C LEU P 14 -58.27 65.04 24.13
N LEU P 15 -57.78 66.27 24.23
CA LEU P 15 -57.56 67.09 23.05
C LEU P 15 -56.42 66.54 22.19
N SER P 16 -55.38 66.01 22.83
CA SER P 16 -54.30 65.37 22.09
C SER P 16 -54.80 64.15 21.32
N PHE P 17 -55.63 63.34 21.97
CA PHE P 17 -56.22 62.18 21.30
C PHE P 17 -57.08 62.62 20.12
N ALA P 18 -57.91 63.64 20.32
CA ALA P 18 -58.78 64.12 19.25
C ALA P 18 -57.97 64.67 18.09
N LEU P 19 -56.92 65.45 18.37
CA LEU P 19 -56.08 65.99 17.32
C LEU P 19 -55.34 64.90 16.58
N VAL P 20 -54.82 63.90 17.30
CA VAL P 20 -54.13 62.78 16.66
C VAL P 20 -55.08 62.03 15.72
N VAL P 21 -56.33 61.84 16.15
CA VAL P 21 -57.29 61.15 15.29
C VAL P 21 -57.68 62.01 14.09
N SER P 22 -57.85 63.32 14.30
CA SER P 22 -58.49 64.17 13.30
C SER P 22 -57.52 64.76 12.28
N VAL P 23 -56.38 65.29 12.72
CA VAL P 23 -55.54 66.10 11.84
C VAL P 23 -55.05 65.34 10.60
N PRO P 24 -54.49 64.12 10.72
CA PRO P 24 -54.17 63.39 9.48
C PRO P 24 -55.41 63.09 8.64
N VAL P 25 -56.54 62.80 9.28
CA VAL P 25 -57.77 62.55 8.54
C VAL P 25 -58.24 63.81 7.82
N ILE P 26 -58.20 64.96 8.49
CA ILE P 26 -58.63 66.20 7.87
C ILE P 26 -57.71 66.59 6.71
N LEU P 27 -56.39 66.44 6.91
CA LEU P 27 -55.45 66.86 5.89
C LEU P 27 -55.46 65.93 4.68
N VAL P 28 -55.49 64.62 4.90
CA VAL P 28 -55.42 63.67 3.79
C VAL P 28 -56.72 63.69 2.98
N SER P 29 -57.86 63.78 3.66
CA SER P 29 -59.15 63.70 2.97
C SER P 29 -59.32 64.88 2.02
N PRO P 30 -59.63 64.64 0.74
CA PRO P 30 -59.87 65.76 -0.18
C PRO P 30 -61.06 66.63 0.21
N GLY P 31 -62.07 66.04 0.85
CA GLY P 31 -63.23 66.83 1.24
C GLY P 31 -62.93 67.84 2.32
N GLU P 32 -62.13 67.45 3.31
CA GLU P 32 -61.84 68.31 4.44
C GLU P 32 -60.72 69.30 4.10
N TRP P 33 -60.36 70.13 5.09
CA TRP P 33 -59.31 71.15 5.04
C TRP P 33 -59.72 72.34 4.18
N GLU P 34 -60.88 72.27 3.53
CA GLU P 34 -61.43 73.43 2.85
C GLU P 34 -62.57 74.07 3.64
N LYS P 35 -63.54 73.27 4.07
CA LYS P 35 -64.61 73.75 4.94
C LYS P 35 -64.25 73.68 6.42
N SER P 36 -63.13 73.04 6.77
CA SER P 36 -62.74 72.84 8.15
C SER P 36 -61.25 73.06 8.33
N LYS P 37 -60.69 74.07 7.65
CA LYS P 37 -59.28 74.38 7.85
C LYS P 37 -59.05 75.08 9.17
N GLY P 38 -59.95 76.01 9.55
CA GLY P 38 -59.79 76.73 10.80
C GLY P 38 -59.98 75.89 12.04
N LEU P 39 -60.68 74.76 11.92
CA LEU P 39 -60.84 73.86 13.05
C LEU P 39 -59.50 73.30 13.50
N VAL P 40 -58.62 72.96 12.55
CA VAL P 40 -57.29 72.46 12.90
C VAL P 40 -56.49 73.53 13.62
N TYR P 41 -56.56 74.77 13.14
CA TYR P 41 -55.85 75.87 13.80
C TYR P 41 -56.36 76.08 15.22
N THR P 42 -57.68 76.09 15.39
CA THR P 42 -58.25 76.28 16.73
C THR P 42 -57.87 75.13 17.65
N GLY P 43 -57.90 73.90 17.15
CA GLY P 43 -57.53 72.77 17.97
C GLY P 43 -56.07 72.79 18.40
N ALA P 44 -55.17 73.12 17.47
CA ALA P 44 -53.76 73.19 17.80
C ALA P 44 -53.46 74.33 18.76
N GLY P 45 -54.10 75.49 18.54
CA GLY P 45 -53.93 76.60 19.47
C GLY P 45 -54.44 76.28 20.86
N LEU P 46 -55.59 75.60 20.93
CA LEU P 46 -56.12 75.18 22.23
C LEU P 46 -55.21 74.16 22.89
N TRP P 47 -54.60 73.27 22.10
CA TRP P 47 -53.66 72.29 22.64
C TRP P 47 -52.45 72.98 23.25
N PHE P 48 -51.88 73.95 22.53
CA PHE P 48 -50.73 74.67 23.07
C PHE P 48 -51.12 75.51 24.28
N GLY P 49 -52.31 76.11 24.27
CA GLY P 49 -52.78 76.84 25.43
C GLY P 49 -52.97 75.95 26.65
N LEU P 50 -53.49 74.74 26.43
CA LEU P 50 -53.63 73.78 27.52
C LEU P 50 -52.27 73.36 28.05
N VAL P 51 -51.29 73.18 27.16
CA VAL P 51 -49.94 72.84 27.60
C VAL P 51 -49.36 73.96 28.47
N ILE P 52 -49.53 75.21 28.04
CA ILE P 52 -49.03 76.35 28.80
C ILE P 52 -49.73 76.44 30.15
N MET P 53 -51.05 76.22 30.17
CA MET P 53 -51.80 76.30 31.43
C MET P 53 -51.42 75.18 32.38
N THR P 54 -51.18 73.97 31.85
CA THR P 54 -50.72 72.88 32.71
C THR P 54 -49.34 73.19 33.29
N ALA P 55 -48.45 73.75 32.47
CA ALA P 55 -47.15 74.16 32.96
C ALA P 55 -47.26 75.20 34.07
N ALA P 56 -48.22 76.12 33.92
CA ALA P 56 -48.45 77.14 34.94
C ALA P 56 -48.98 76.54 36.24
N PHE P 57 -50.00 75.69 36.15
CA PHE P 57 -50.65 75.13 37.34
C PHE P 57 -49.80 74.06 38.01
N ASN P 58 -48.79 73.52 37.31
CA ASN P 58 -47.86 72.60 37.93
C ASN P 58 -47.05 73.30 39.00
N SER P 59 -46.74 74.58 38.78
CA SER P 59 -45.90 75.35 39.75
C SER P 59 -46.59 75.45 41.10
N PHE P 60 -47.90 75.75 41.10
CA PHE P 60 -48.66 75.86 42.34
C PHE P 60 -48.95 74.54 43.03
N VAL P 61 -48.69 73.41 42.38
CA VAL P 61 -48.86 72.12 43.01
C VAL P 61 -47.52 71.58 43.49
N PRO Q 83 13.30 -90.72 -0.06
CA PRO Q 83 13.09 -90.33 -1.46
C PRO Q 83 12.39 -88.98 -1.62
N GLN Q 84 12.99 -88.08 -2.39
CA GLN Q 84 12.47 -86.75 -2.61
C GLN Q 84 12.48 -86.40 -4.09
N GLY Q 85 11.56 -85.53 -4.49
CA GLY Q 85 11.56 -85.00 -5.84
C GLY Q 85 11.32 -86.07 -6.89
N PHE Q 86 12.16 -86.05 -7.92
CA PHE Q 86 12.02 -86.96 -9.06
C PHE Q 86 12.30 -88.41 -8.71
N THR Q 87 12.72 -88.72 -7.48
CA THR Q 87 12.91 -90.09 -7.03
C THR Q 87 11.86 -90.52 -6.02
N SER Q 88 10.94 -89.65 -5.64
CA SER Q 88 9.91 -89.99 -4.67
C SER Q 88 8.83 -90.83 -5.33
N PRO Q 89 8.43 -91.96 -4.72
CA PRO Q 89 7.33 -92.75 -5.31
C PRO Q 89 6.02 -92.01 -5.43
N LYS Q 90 5.73 -91.09 -4.50
CA LYS Q 90 4.53 -90.27 -4.61
C LYS Q 90 4.57 -89.43 -5.89
N ASN Q 91 5.74 -88.89 -6.22
CA ASN Q 91 5.87 -88.13 -7.46
C ASN Q 91 5.75 -89.04 -8.68
N HIS Q 92 6.16 -90.30 -8.57
CA HIS Q 92 5.95 -91.25 -9.66
C HIS Q 92 4.47 -91.50 -9.88
N PHE Q 93 3.71 -91.71 -8.79
CA PHE Q 93 2.27 -91.87 -8.90
C PHE Q 93 1.62 -90.63 -9.49
N ALA Q 94 2.04 -89.45 -9.05
CA ALA Q 94 1.50 -88.21 -9.58
C ALA Q 94 1.82 -88.04 -11.07
N SER Q 95 3.02 -88.44 -11.48
CA SER Q 95 3.38 -88.38 -12.89
C SER Q 95 2.54 -89.33 -13.73
N VAL Q 96 2.25 -90.53 -13.20
CA VAL Q 96 1.40 -91.47 -13.92
C VAL Q 96 -0.02 -90.92 -14.04
N ILE Q 97 -0.54 -90.33 -12.96
CA ILE Q 97 -1.87 -89.72 -13.02
C ILE Q 97 -1.90 -88.56 -14.01
N GLY Q 98 -0.85 -87.74 -14.02
CA GLY Q 98 -0.78 -86.64 -14.96
C GLY Q 98 -0.69 -87.10 -16.40
N LEU Q 99 0.05 -88.18 -16.65
CA LEU Q 99 0.10 -88.76 -17.99
C LEU Q 99 -1.25 -89.31 -18.41
N TRP Q 100 -1.98 -89.93 -17.46
CA TRP Q 100 -3.34 -90.36 -17.74
C TRP Q 100 -4.23 -89.19 -18.13
N VAL Q 101 -4.13 -88.08 -17.39
CA VAL Q 101 -4.94 -86.90 -17.68
C VAL Q 101 -4.57 -86.33 -19.05
N LEU Q 102 -3.27 -86.28 -19.36
CA LEU Q 102 -2.82 -85.74 -20.65
C LEU Q 102 -3.26 -86.63 -21.81
N PHE Q 103 -3.25 -87.94 -21.62
CA PHE Q 103 -3.72 -88.87 -22.64
C PHE Q 103 -5.23 -88.98 -22.71
N ALA Q 104 -5.95 -88.47 -21.72
CA ALA Q 104 -7.41 -88.55 -21.74
C ALA Q 104 -7.99 -87.77 -22.90
N LEU Q 105 -7.47 -86.58 -23.18
CA LEU Q 105 -8.01 -85.77 -24.27
C LEU Q 105 -7.85 -86.44 -25.63
N PRO Q 106 -6.68 -86.93 -26.05
CA PRO Q 106 -6.62 -87.54 -27.40
C PRO Q 106 -7.45 -88.81 -27.54
N VAL Q 107 -7.28 -89.79 -26.63
CA VAL Q 107 -7.96 -91.07 -26.77
C VAL Q 107 -9.47 -90.90 -26.72
N TRP Q 108 -9.96 -90.29 -25.64
CA TRP Q 108 -11.40 -90.18 -25.47
C TRP Q 108 -12.01 -89.12 -26.37
N SER Q 109 -11.26 -88.08 -26.72
CA SER Q 109 -11.75 -87.13 -27.71
C SER Q 109 -11.92 -87.80 -29.07
N ALA Q 110 -10.97 -88.66 -29.46
CA ALA Q 110 -11.10 -89.39 -30.71
C ALA Q 110 -12.28 -90.36 -30.66
N ALA Q 111 -12.45 -91.05 -29.53
CA ALA Q 111 -13.59 -91.95 -29.37
C ALA Q 111 -14.91 -91.19 -29.49
N TYR Q 112 -14.96 -89.98 -28.91
CA TYR Q 112 -16.13 -89.13 -29.06
C TYR Q 112 -16.33 -88.70 -30.51
N LYS Q 113 -15.24 -88.42 -31.22
CA LYS Q 113 -15.35 -88.01 -32.62
C LYS Q 113 -15.87 -89.15 -33.49
N GLN Q 114 -15.49 -90.39 -33.17
CA GLN Q 114 -16.02 -91.54 -33.90
C GLN Q 114 -17.50 -91.73 -33.63
N ALA Q 115 -17.89 -91.70 -32.35
CA ALA Q 115 -19.30 -91.80 -31.94
C ALA Q 115 -19.55 -90.74 -30.88
N GLY Q 116 -20.27 -89.68 -31.26
CA GLY Q 116 -20.46 -88.53 -30.40
C GLY Q 116 -21.90 -88.26 -30.01
N CYS Q 117 -22.61 -89.31 -29.59
CA CYS Q 117 -24.04 -89.25 -29.30
C CYS Q 117 -24.83 -88.89 -30.56
N THR Q 118 -24.29 -89.24 -31.72
CA THR Q 118 -24.94 -88.97 -33.00
C THR Q 118 -25.86 -90.14 -33.36
N THR Q 119 -26.83 -90.38 -32.48
CA THR Q 119 -27.79 -91.44 -32.60
C THR Q 119 -29.18 -90.83 -32.75
N PRO Q 120 -30.00 -91.30 -33.70
CA PRO Q 120 -31.36 -90.75 -33.83
C PRO Q 120 -32.21 -90.91 -32.58
N ASP Q 121 -31.99 -91.97 -31.80
CA ASP Q 121 -32.69 -92.12 -30.53
C ASP Q 121 -32.11 -91.27 -29.42
N TRP Q 122 -30.90 -90.73 -29.61
CA TRP Q 122 -30.23 -89.96 -28.57
C TRP Q 122 -30.74 -88.53 -28.59
N PHE Q 123 -31.56 -88.18 -27.61
CA PHE Q 123 -31.99 -86.80 -27.38
C PHE Q 123 -32.53 -86.70 -25.97
N GLY Q 124 -32.49 -85.50 -25.40
CA GLY Q 124 -32.99 -85.30 -24.07
C GLY Q 124 -34.49 -85.45 -23.98
N VAL Q 125 -34.97 -85.69 -22.76
CA VAL Q 125 -36.40 -85.84 -22.51
C VAL Q 125 -36.77 -85.08 -21.25
N SER Q 126 -37.91 -84.40 -21.29
CA SER Q 126 -38.45 -83.69 -20.14
C SER Q 126 -39.90 -84.10 -19.97
N GLN Q 127 -40.31 -84.32 -18.72
CA GLN Q 127 -41.69 -84.71 -18.44
C GLN Q 127 -42.65 -83.53 -18.53
N VAL Q 128 -42.14 -82.30 -18.54
CA VAL Q 128 -43.00 -81.14 -18.66
C VAL Q 128 -43.55 -81.05 -20.08
N ALA Q 129 -44.78 -80.55 -20.19
CA ALA Q 129 -45.37 -80.30 -21.50
C ALA Q 129 -44.65 -79.13 -22.19
N GLU Q 130 -44.52 -79.22 -23.51
CA GLU Q 130 -43.81 -78.19 -24.26
C GLU Q 130 -44.57 -76.88 -24.35
N ASP Q 131 -45.85 -76.86 -23.99
CA ASP Q 131 -46.65 -75.64 -23.99
C ASP Q 131 -46.78 -75.02 -22.61
N ALA Q 132 -45.99 -75.49 -21.64
CA ALA Q 132 -46.03 -74.92 -20.30
C ALA Q 132 -45.54 -73.47 -20.34
N PRO Q 133 -46.08 -72.60 -19.48
CA PRO Q 133 -45.63 -71.21 -19.46
C PRO Q 133 -44.15 -71.10 -19.11
N GLY Q 134 -43.46 -70.19 -19.80
CA GLY Q 134 -42.04 -70.02 -19.66
C GLY Q 134 -41.21 -70.73 -20.72
N VAL Q 135 -41.81 -71.62 -21.50
CA VAL Q 135 -41.09 -72.30 -22.58
C VAL Q 135 -40.99 -71.36 -23.76
N GLY Q 136 -39.77 -71.11 -24.23
CA GLY Q 136 -39.57 -70.21 -25.34
C GLY Q 136 -40.04 -70.80 -26.65
N LEU Q 137 -40.40 -69.92 -27.59
CA LEU Q 137 -40.82 -70.38 -28.91
C LEU Q 137 -39.66 -70.98 -29.68
N LEU Q 138 -38.48 -70.37 -29.59
CA LEU Q 138 -37.29 -70.87 -30.26
C LEU Q 138 -36.14 -70.92 -29.28
N ALA Q 139 -35.31 -71.96 -29.41
CA ALA Q 139 -34.20 -72.17 -28.50
C ALA Q 139 -33.05 -71.22 -28.83
N LYS Q 140 -32.39 -70.71 -27.77
CA LYS Q 140 -31.24 -69.83 -27.89
C LYS Q 140 -31.57 -68.58 -28.69
N ALA Q 141 -32.55 -67.81 -28.19
CA ALA Q 141 -32.97 -66.59 -28.85
C ALA Q 141 -31.92 -65.50 -28.70
N ALA Q 142 -31.67 -64.77 -29.78
CA ALA Q 142 -30.69 -63.68 -29.81
C ALA Q 142 -31.34 -62.45 -30.43
N PRO Q 143 -32.12 -61.69 -29.65
CA PRO Q 143 -32.72 -60.47 -30.17
C PRO Q 143 -31.65 -59.44 -30.57
N GLU Q 144 -31.99 -58.64 -31.58
CA GLU Q 144 -31.01 -57.71 -32.15
C GLU Q 144 -30.73 -56.55 -31.20
N TYR Q 145 -31.76 -56.02 -30.56
CA TYR Q 145 -31.66 -54.88 -29.63
C TYR Q 145 -31.06 -53.65 -30.32
N ASN Q 146 -31.85 -53.10 -31.25
CA ASN Q 146 -31.54 -51.79 -31.81
C ASN Q 146 -32.15 -50.71 -30.91
N GLY Q 147 -31.58 -50.61 -29.70
CA GLY Q 147 -32.13 -49.73 -28.69
C GLY Q 147 -31.09 -48.85 -28.03
N PRO Q 148 -31.39 -48.36 -26.83
CA PRO Q 148 -30.49 -47.44 -26.15
C PRO Q 148 -29.18 -48.11 -25.74
N SER Q 149 -28.16 -47.27 -25.59
CA SER Q 149 -26.83 -47.74 -25.23
C SER Q 149 -26.77 -48.08 -23.74
N PHE Q 150 -25.62 -48.62 -23.33
CA PHE Q 150 -25.42 -49.03 -21.95
C PHE Q 150 -25.44 -47.84 -20.99
N ARG Q 151 -24.85 -46.72 -21.41
CA ARG Q 151 -24.82 -45.53 -20.56
C ARG Q 151 -26.23 -45.00 -20.32
N GLU Q 152 -27.08 -45.02 -21.33
CA GLU Q 152 -28.47 -44.60 -21.15
C GLU Q 152 -29.19 -45.52 -20.18
N GLY Q 153 -28.90 -46.83 -20.24
CA GLY Q 153 -29.48 -47.75 -19.27
C GLY Q 153 -29.04 -47.46 -17.84
N LEU Q 154 -27.75 -47.17 -17.66
CA LEU Q 154 -27.25 -46.83 -16.33
C LEU Q 154 -27.89 -45.54 -15.84
N GLU Q 155 -28.06 -44.55 -16.72
CA GLU Q 155 -28.72 -43.31 -16.35
C GLU Q 155 -30.19 -43.56 -15.98
N TYR Q 156 -30.85 -44.48 -16.67
CA TYR Q 156 -32.22 -44.86 -16.33
C TYR Q 156 -32.29 -45.52 -14.95
N VAL Q 157 -31.33 -46.40 -14.66
CA VAL Q 157 -31.27 -47.05 -13.35
C VAL Q 157 -31.01 -46.02 -12.25
N PHE Q 158 -30.20 -45.00 -12.54
CA PHE Q 158 -29.99 -43.95 -11.56
C PHE Q 158 -31.24 -43.07 -11.41
N SER Q 159 -31.92 -42.80 -12.52
CA SER Q 159 -33.18 -42.06 -12.46
C SER Q 159 -34.25 -42.81 -11.70
N PHE Q 160 -34.10 -44.13 -11.55
CA PHE Q 160 -34.95 -44.86 -10.62
C PHE Q 160 -34.87 -44.27 -9.22
N VAL Q 161 -33.67 -43.89 -8.78
CA VAL Q 161 -33.48 -43.44 -7.41
C VAL Q 161 -33.45 -41.92 -7.24
N TRP Q 162 -33.23 -41.15 -8.32
CA TRP Q 162 -33.32 -39.70 -8.19
C TRP Q 162 -34.53 -39.09 -8.89
N LYS Q 163 -35.26 -39.86 -9.69
CA LYS Q 163 -36.41 -39.31 -10.41
C LYS Q 163 -37.47 -40.38 -10.67
N PRO Q 164 -38.06 -40.98 -9.64
CA PRO Q 164 -39.05 -42.04 -9.87
C PRO Q 164 -40.41 -41.46 -10.23
N PRO Q 165 -41.27 -42.24 -10.89
CA PRO Q 165 -42.56 -41.71 -11.36
C PRO Q 165 -43.59 -41.54 -10.25
N ILE Q 166 -43.12 -41.51 -9.00
CA ILE Q 166 -44.03 -41.49 -7.86
C ILE Q 166 -44.89 -40.22 -7.86
N LEU Q 167 -44.26 -39.06 -7.99
CA LEU Q 167 -44.96 -37.78 -7.79
C LEU Q 167 -45.62 -37.22 -9.04
N ILE Q 168 -45.34 -37.76 -10.23
CA ILE Q 168 -45.99 -37.22 -11.43
C ILE Q 168 -47.45 -37.61 -11.52
N ALA Q 169 -47.91 -38.55 -10.70
CA ALA Q 169 -49.32 -38.91 -10.67
C ALA Q 169 -50.16 -37.77 -10.14
N TRP Q 170 -49.65 -37.03 -9.16
CA TRP Q 170 -50.37 -35.91 -8.56
C TRP Q 170 -50.07 -34.63 -9.35
N LYS Q 171 -50.66 -34.57 -10.54
CA LYS Q 171 -50.57 -33.43 -11.43
C LYS Q 171 -51.96 -33.02 -11.87
N PRO Q 172 -52.16 -31.75 -12.23
CA PRO Q 172 -53.48 -31.31 -12.71
C PRO Q 172 -53.89 -32.03 -13.98
N ARG Q 173 -55.19 -32.24 -14.11
CA ARG Q 173 -55.76 -33.00 -15.22
C ARG Q 173 -55.54 -32.30 -16.56
N VAL Q 205 -50.18 -17.90 -20.59
CA VAL Q 205 -50.26 -16.44 -20.61
C VAL Q 205 -48.93 -15.84 -20.16
N TYR Q 206 -48.39 -14.93 -20.96
CA TYR Q 206 -47.12 -14.30 -20.68
C TYR Q 206 -47.32 -12.80 -20.46
N ASP Q 207 -46.61 -12.26 -19.47
CA ASP Q 207 -46.72 -10.85 -19.13
C ASP Q 207 -46.22 -9.94 -20.25
N GLU Q 208 -45.32 -10.45 -21.11
CA GLU Q 208 -44.80 -9.78 -22.32
C GLU Q 208 -44.33 -8.35 -22.07
N GLU Q 209 -44.03 -8.00 -20.82
CA GLU Q 209 -43.49 -6.69 -20.47
C GLU Q 209 -42.01 -6.83 -20.16
N ASP Q 210 -41.21 -5.89 -20.66
CA ASP Q 210 -39.75 -5.99 -20.53
C ASP Q 210 -39.34 -5.96 -19.06
N GLN Q 211 -39.78 -4.95 -18.31
CA GLN Q 211 -39.48 -4.75 -16.89
C GLN Q 211 -38.00 -4.52 -16.64
N LEU Q 212 -37.19 -4.48 -17.70
CA LEU Q 212 -35.77 -4.15 -17.63
C LEU Q 212 -35.44 -2.95 -18.52
N LEU Q 213 -36.45 -2.17 -18.89
CA LEU Q 213 -36.32 -1.15 -19.92
C LEU Q 213 -36.31 0.23 -19.28
N ILE Q 214 -35.22 0.97 -19.50
CA ILE Q 214 -35.20 2.40 -19.26
C ILE Q 214 -35.89 3.07 -20.44
N LEU Q 215 -36.57 4.20 -20.18
CA LEU Q 215 -37.27 4.89 -21.26
C LEU Q 215 -36.29 5.37 -22.32
N SER Q 216 -35.15 5.94 -21.91
CA SER Q 216 -34.01 6.22 -22.77
C SER Q 216 -34.40 7.07 -23.99
N ASP Q 217 -35.26 8.07 -23.76
CA ASP Q 217 -35.67 8.99 -24.80
C ASP Q 217 -35.09 10.36 -24.47
N ILE Q 218 -34.28 10.89 -25.39
CA ILE Q 218 -33.61 12.17 -25.17
C ILE Q 218 -34.60 13.30 -25.42
N VAL Q 219 -34.70 14.22 -24.47
CA VAL Q 219 -35.59 15.37 -24.57
C VAL Q 219 -34.81 16.48 -25.24
N THR Q 220 -35.05 16.68 -26.55
CA THR Q 220 -34.33 17.70 -27.30
C THR Q 220 -34.78 19.10 -26.89
N PHE Q 221 -33.82 20.01 -26.81
CA PHE Q 221 -34.07 21.41 -26.51
C PHE Q 221 -33.61 22.26 -27.70
N GLU Q 222 -34.47 23.18 -28.14
CA GLU Q 222 -34.15 24.03 -29.27
C GLU Q 222 -33.29 25.21 -28.83
N GLU Q 223 -32.62 25.82 -29.81
CA GLU Q 223 -31.74 26.96 -29.57
C GLU Q 223 -32.32 28.19 -30.25
N THR Q 224 -32.31 29.31 -29.53
CA THR Q 224 -32.86 30.57 -30.02
C THR Q 224 -31.74 31.52 -30.42
N ASP Q 225 -32.13 32.70 -30.91
CA ASP Q 225 -31.15 33.69 -31.36
C ASP Q 225 -30.32 34.21 -30.20
N LEU Q 226 -30.94 34.38 -29.03
CA LEU Q 226 -30.21 34.84 -27.85
C LEU Q 226 -29.13 33.84 -27.45
N GLY Q 227 -29.48 32.55 -27.46
CA GLY Q 227 -28.48 31.53 -27.17
C GLY Q 227 -27.37 31.48 -28.21
N ARG Q 228 -27.72 31.73 -29.48
CA ARG Q 228 -26.71 31.76 -30.52
C ARG Q 228 -25.76 32.95 -30.35
N ARG Q 229 -26.30 34.11 -29.95
CA ARG Q 229 -25.44 35.26 -29.70
C ARG Q 229 -24.51 35.00 -28.52
N ARG Q 230 -25.04 34.39 -27.45
CA ARG Q 230 -24.19 34.02 -26.32
C ARG Q 230 -23.12 33.02 -26.73
N GLU Q 231 -23.48 32.05 -27.58
CA GLU Q 231 -22.53 31.06 -28.06
C GLU Q 231 -21.44 31.72 -28.89
N ALA Q 232 -21.81 32.67 -29.76
CA ALA Q 232 -20.81 33.36 -30.58
C ALA Q 232 -19.86 34.19 -29.70
N ILE Q 233 -20.40 34.89 -28.71
CA ILE Q 233 -19.56 35.67 -27.80
C ILE Q 233 -18.61 34.78 -27.03
N ALA Q 234 -19.10 33.63 -26.55
CA ALA Q 234 -18.23 32.69 -25.84
C ALA Q 234 -17.17 32.09 -26.77
N GLU Q 235 -17.55 31.82 -28.04
CA GLU Q 235 -16.59 31.28 -29.00
C GLU Q 235 -15.47 32.27 -29.27
N ALA Q 236 -15.81 33.57 -29.36
CA ALA Q 236 -14.79 34.59 -29.59
C ALA Q 236 -13.78 34.67 -28.45
N SER Q 237 -14.16 34.26 -27.24
CA SER Q 237 -13.28 34.30 -26.08
C SER Q 237 -12.59 32.97 -25.81
N GLY Q 238 -12.77 31.98 -26.66
CA GLY Q 238 -12.11 30.70 -26.47
C GLY Q 238 -12.73 29.81 -25.41
N TRP Q 239 -14.03 29.97 -25.13
CA TRP Q 239 -14.69 29.13 -24.14
C TRP Q 239 -15.04 27.74 -24.67
N TYR Q 240 -14.89 27.51 -25.98
CA TYR Q 240 -15.18 26.21 -26.56
C TYR Q 240 -13.93 25.42 -26.96
N THR Q 241 -12.77 26.06 -27.03
CA THR Q 241 -11.52 25.38 -27.32
C THR Q 241 -10.85 24.96 -26.02
N GLY Q 242 -9.64 24.41 -26.13
CA GLY Q 242 -8.91 23.98 -24.96
C GLY Q 242 -9.15 22.52 -24.62
N ASN Q 243 -10.05 22.27 -23.66
CA ASN Q 243 -10.36 20.91 -23.26
C ASN Q 243 -11.69 20.50 -23.88
N PRO Q 244 -11.69 19.64 -24.90
CA PRO Q 244 -12.95 19.25 -25.54
C PRO Q 244 -13.71 18.16 -24.82
N SER Q 245 -13.05 17.40 -23.96
CA SER Q 245 -13.68 16.27 -23.28
C SER Q 245 -14.34 16.64 -21.96
N PHE Q 246 -14.29 17.91 -21.56
CA PHE Q 246 -14.91 18.33 -20.31
C PHE Q 246 -16.42 18.23 -20.39
N GLY Q 247 -17.03 17.74 -19.31
CA GLY Q 247 -18.48 17.65 -19.23
C GLY Q 247 -19.10 16.54 -20.05
N ARG Q 248 -18.29 15.68 -20.65
CA ARG Q 248 -18.78 14.60 -21.50
C ARG Q 248 -18.32 13.26 -20.94
N SER Q 249 -19.22 12.28 -20.98
CA SER Q 249 -18.87 10.94 -20.51
C SER Q 249 -17.89 10.28 -21.47
N LEU Q 250 -17.32 9.16 -21.00
CA LEU Q 250 -16.36 8.43 -21.83
C LEU Q 250 -17.02 7.91 -23.10
N ILE Q 251 -18.22 7.36 -22.99
CA ILE Q 251 -18.89 6.80 -24.17
C ILE Q 251 -19.32 7.91 -25.12
N GLU Q 252 -19.79 9.04 -24.58
CA GLU Q 252 -20.19 10.17 -25.43
C GLU Q 252 -19.00 10.74 -26.18
N TYR Q 253 -17.89 10.94 -25.48
CA TYR Q 253 -16.68 11.44 -26.12
C TYR Q 253 -16.14 10.45 -27.15
N SER Q 254 -16.20 9.16 -26.83
CA SER Q 254 -15.76 8.13 -27.76
C SER Q 254 -16.60 8.16 -29.03
N GLU Q 255 -17.92 8.24 -28.89
CA GLU Q 255 -18.80 8.24 -30.04
C GLU Q 255 -18.61 9.50 -30.88
N GLN Q 256 -18.40 10.64 -30.25
CA GLN Q 256 -18.19 11.86 -31.03
C GLN Q 256 -16.83 11.87 -31.71
N THR Q 257 -15.82 11.23 -31.11
CA THR Q 257 -14.52 11.15 -31.77
C THR Q 257 -14.49 10.11 -32.88
N ARG Q 258 -15.32 9.06 -32.79
CA ARG Q 258 -15.33 8.05 -33.83
C ARG Q 258 -15.85 8.61 -35.15
N LYS Q 259 -16.86 9.48 -35.10
CA LYS Q 259 -17.46 10.06 -36.30
C LYS Q 259 -17.51 11.58 -36.16
N GLY Q 260 -16.42 12.24 -36.54
CA GLY Q 260 -16.35 13.69 -36.54
C GLY Q 260 -16.48 14.33 -35.16
N SER R 2 -12.93 -43.27 -29.03
CA SER R 2 -14.15 -43.22 -29.83
C SER R 2 -14.78 -44.61 -29.95
N ALA R 3 -13.96 -45.59 -30.31
CA ALA R 3 -14.47 -46.95 -30.49
C ALA R 3 -14.97 -47.55 -29.18
N SER R 4 -14.23 -47.35 -28.10
CA SER R 4 -14.59 -47.91 -26.80
C SER R 4 -14.40 -46.86 -25.73
N LEU R 5 -14.85 -47.20 -24.51
CA LEU R 5 -14.66 -46.32 -23.37
C LEU R 5 -13.18 -46.15 -23.06
N TRP R 6 -12.42 -47.24 -23.10
CA TRP R 6 -10.98 -47.15 -22.87
C TRP R 6 -10.30 -46.34 -23.96
N GLU R 7 -10.76 -46.48 -25.21
CA GLU R 7 -10.20 -45.67 -26.30
C GLU R 7 -10.48 -44.19 -26.07
N ARG R 8 -11.68 -43.85 -25.61
CA ARG R 8 -11.98 -42.46 -25.30
C ARG R 8 -11.12 -41.94 -24.16
N PHE R 9 -10.91 -42.76 -23.13
CA PHE R 9 -10.03 -42.36 -22.02
C PHE R 9 -8.60 -42.14 -22.50
N CYS R 10 -8.11 -43.03 -23.37
CA CYS R 10 -6.77 -42.87 -23.92
C CYS R 10 -6.66 -41.62 -24.78
N SER R 11 -7.69 -41.34 -25.56
CA SER R 11 -7.70 -40.13 -26.39
C SER R 11 -7.68 -38.87 -25.53
N TRP R 12 -8.44 -38.87 -24.43
CA TRP R 12 -8.44 -37.71 -23.55
C TRP R 12 -7.11 -37.56 -22.82
N ILE R 13 -6.52 -38.67 -22.38
CA ILE R 13 -5.25 -38.61 -21.65
C ILE R 13 -4.14 -38.07 -22.53
N THR R 14 -4.03 -38.60 -23.75
CA THR R 14 -3.00 -38.18 -24.69
C THR R 14 -3.46 -37.05 -25.60
N SER R 15 -4.45 -36.29 -25.19
CA SER R 15 -4.96 -35.19 -26.01
C SER R 15 -4.03 -33.99 -25.94
N THR R 16 -3.82 -33.35 -27.09
CA THR R 16 -3.06 -32.12 -27.17
C THR R 16 -3.93 -30.89 -26.97
N ASP R 17 -5.24 -31.06 -26.80
CA ASP R 17 -6.16 -29.95 -26.62
C ASP R 17 -6.26 -29.49 -25.16
N ASN R 18 -5.70 -30.24 -24.22
CA ASN R 18 -5.69 -29.82 -22.84
C ASN R 18 -4.75 -28.63 -22.66
N ARG R 19 -5.06 -27.78 -21.68
CA ARG R 19 -4.20 -26.64 -21.37
C ARG R 19 -2.82 -27.12 -20.93
N LEU R 20 -2.77 -28.14 -20.08
CA LEU R 20 -1.54 -28.83 -19.72
C LEU R 20 -1.65 -30.27 -20.17
N TYR R 21 -0.67 -30.73 -20.95
CA TYR R 21 -0.67 -32.10 -21.42
C TYR R 21 -0.54 -33.06 -20.24
N ILE R 22 -1.32 -34.13 -20.26
CA ILE R 22 -1.30 -35.08 -19.16
C ILE R 22 -0.45 -36.28 -19.56
N GLY R 23 -0.93 -37.05 -20.53
CA GLY R 23 -0.20 -38.24 -20.94
C GLY R 23 -0.10 -39.33 -19.90
N TRP R 24 0.40 -40.49 -20.30
CA TRP R 24 0.48 -41.63 -19.38
C TRP R 24 1.53 -41.39 -18.31
N PHE R 25 2.65 -40.76 -18.66
CA PHE R 25 3.62 -40.38 -17.63
C PHE R 25 3.04 -39.35 -16.68
N GLY R 26 2.20 -38.45 -17.19
CA GLY R 26 1.54 -37.50 -16.30
C GLY R 26 0.52 -38.15 -15.39
N VAL R 27 -0.05 -39.28 -15.82
CA VAL R 27 -0.96 -40.04 -14.96
C VAL R 27 -0.27 -40.44 -13.66
N LEU R 28 1.03 -40.71 -13.71
CA LEU R 28 1.80 -40.95 -12.50
C LEU R 28 2.41 -39.68 -11.92
N MET R 29 2.73 -38.70 -12.76
CA MET R 29 3.44 -37.50 -12.32
C MET R 29 2.54 -36.60 -11.48
N ILE R 30 1.32 -36.34 -11.96
CA ILE R 30 0.46 -35.36 -11.30
C ILE R 30 0.08 -35.77 -9.88
N PRO R 31 -0.39 -37.00 -9.61
CA PRO R 31 -0.71 -37.35 -8.21
C PRO R 31 0.50 -37.29 -7.29
N THR R 32 1.64 -37.83 -7.72
CA THR R 32 2.83 -37.83 -6.87
C THR R 32 3.32 -36.41 -6.61
N LEU R 33 3.39 -35.58 -7.67
CA LEU R 33 3.86 -34.21 -7.50
C LEU R 33 2.91 -33.40 -6.63
N LEU R 34 1.60 -33.56 -6.83
CA LEU R 34 0.64 -32.82 -6.01
C LEU R 34 0.69 -33.26 -4.56
N THR R 35 0.81 -34.57 -4.31
CA THR R 35 0.92 -35.06 -2.94
C THR R 35 2.18 -34.51 -2.27
N ALA R 36 3.32 -34.59 -2.96
CA ALA R 36 4.56 -34.07 -2.40
C ALA R 36 4.48 -32.57 -2.16
N THR R 37 3.83 -31.83 -3.07
CA THR R 37 3.69 -30.39 -2.92
C THR R 37 2.87 -30.03 -1.70
N THR R 38 1.69 -30.64 -1.54
CA THR R 38 0.84 -30.28 -0.41
C THR R 38 1.46 -30.74 0.91
N VAL R 39 2.10 -31.91 0.94
CA VAL R 39 2.75 -32.36 2.16
C VAL R 39 3.92 -31.44 2.51
N TYR R 40 4.66 -30.99 1.50
CA TYR R 40 5.76 -30.06 1.75
C TYR R 40 5.26 -28.75 2.30
N ILE R 41 4.16 -28.23 1.74
CA ILE R 41 3.62 -26.96 2.24
C ILE R 41 3.14 -27.11 3.68
N ILE R 42 2.41 -28.19 3.97
CA ILE R 42 1.89 -28.41 5.32
C ILE R 42 3.03 -28.59 6.31
N ALA R 43 4.07 -29.34 5.93
CA ALA R 43 5.21 -29.53 6.81
C ALA R 43 5.99 -28.24 7.02
N PHE R 44 6.22 -27.47 5.95
CA PHE R 44 6.93 -26.22 6.08
C PHE R 44 6.18 -25.23 6.95
N ILE R 45 4.85 -25.32 6.98
CA ILE R 45 4.06 -24.39 7.79
C ILE R 45 3.99 -24.86 9.24
N ALA R 46 3.67 -26.15 9.47
CA ALA R 46 3.25 -26.55 10.81
C ALA R 46 3.80 -27.90 11.29
N ALA R 47 4.90 -28.39 10.75
CA ALA R 47 5.40 -29.69 11.18
C ALA R 47 6.03 -29.60 12.58
N PRO R 48 5.88 -30.64 13.39
CA PRO R 48 6.58 -30.68 14.68
C PRO R 48 8.08 -30.85 14.47
N PRO R 49 8.90 -30.49 15.46
CA PRO R 49 10.35 -30.69 15.32
C PRO R 49 10.70 -32.17 15.20
N VAL R 50 11.78 -32.43 14.47
CA VAL R 50 12.18 -33.80 14.11
C VAL R 50 13.51 -34.11 14.79
N ASP R 51 13.56 -35.27 15.46
CA ASP R 51 14.79 -35.78 16.06
C ASP R 51 15.63 -36.41 14.96
N ILE R 52 16.35 -35.55 14.24
CA ILE R 52 17.10 -36.01 13.06
C ILE R 52 18.29 -36.87 13.46
N ASP R 53 18.98 -36.50 14.55
CA ASP R 53 20.16 -37.25 14.98
C ASP R 53 19.80 -38.48 15.80
N GLY R 54 18.53 -38.66 16.17
CA GLY R 54 18.12 -39.86 16.87
C GLY R 54 18.58 -39.96 18.30
N ILE R 55 18.97 -38.85 18.92
CA ILE R 55 19.43 -38.87 20.31
C ILE R 55 18.50 -38.00 21.16
N ARG R 56 17.22 -37.94 20.78
CA ARG R 56 16.17 -37.30 21.57
C ARG R 56 16.43 -35.80 21.79
N GLU R 57 16.98 -35.14 20.77
CA GLU R 57 17.05 -33.68 20.74
C GLU R 57 16.51 -33.21 19.40
N PRO R 58 15.22 -32.89 19.33
CA PRO R 58 14.61 -32.54 18.04
C PRO R 58 15.13 -31.22 17.49
N VAL R 59 15.04 -31.09 16.17
CA VAL R 59 15.43 -29.88 15.45
C VAL R 59 14.20 -29.31 14.77
N ALA R 60 13.91 -28.04 15.04
CA ALA R 60 12.76 -27.37 14.47
C ALA R 60 13.09 -26.80 13.09
N GLY R 61 12.16 -26.96 12.16
CA GLY R 61 12.33 -26.43 10.82
C GLY R 61 11.07 -25.83 10.26
N SER R 62 10.05 -25.69 11.10
CA SER R 62 8.74 -25.20 10.67
C SER R 62 8.55 -23.74 11.04
N LEU R 63 7.68 -23.06 10.27
CA LEU R 63 7.43 -21.65 10.49
C LEU R 63 6.77 -21.41 11.85
N LEU R 64 5.82 -22.27 12.24
CA LEU R 64 5.11 -22.08 13.50
C LEU R 64 5.96 -22.38 14.72
N TYR R 65 7.16 -22.95 14.55
CA TYR R 65 8.03 -23.29 15.66
C TYR R 65 9.25 -22.37 15.77
N GLY R 66 9.17 -21.19 15.15
CA GLY R 66 10.22 -20.20 15.27
C GLY R 66 11.19 -20.10 14.11
N ASN R 67 10.75 -20.38 12.89
CA ASN R 67 11.60 -20.28 11.71
C ASN R 67 11.04 -19.25 10.74
N ASN R 68 11.94 -18.65 9.97
CA ASN R 68 11.58 -17.80 8.86
C ASN R 68 11.68 -18.62 7.57
N ILE R 69 11.55 -17.94 6.43
CA ILE R 69 11.64 -18.62 5.14
C ILE R 69 13.03 -19.20 4.93
N ILE R 70 14.07 -18.44 5.28
CA ILE R 70 15.44 -18.89 5.07
C ILE R 70 15.77 -20.08 5.95
N THR R 71 15.41 -20.01 7.24
CA THR R 71 15.76 -21.05 8.19
C THR R 71 14.78 -22.22 8.20
N GLY R 72 13.63 -22.09 7.53
CA GLY R 72 12.66 -23.16 7.53
C GLY R 72 13.07 -24.28 6.59
N ALA R 73 12.77 -25.52 7.00
CA ALA R 73 13.10 -26.68 6.21
C ALA R 73 12.26 -27.87 6.67
N VAL R 74 12.15 -28.86 5.80
CA VAL R 74 11.58 -30.16 6.16
C VAL R 74 12.74 -31.04 6.59
N ILE R 75 12.83 -31.29 7.89
CA ILE R 75 14.00 -31.97 8.46
C ILE R 75 14.06 -33.40 7.93
N PRO R 76 15.24 -33.91 7.56
CA PRO R 76 15.34 -35.31 7.13
C PRO R 76 14.94 -36.27 8.23
N SER R 77 14.74 -37.52 7.83
CA SER R 77 14.24 -38.55 8.73
C SER R 77 15.25 -38.85 9.82
N SER R 78 14.76 -39.45 10.90
CA SER R 78 15.59 -39.75 12.06
C SER R 78 16.68 -40.75 11.70
N ALA R 79 17.84 -40.58 12.33
CA ALA R 79 18.95 -41.51 12.12
C ALA R 79 18.62 -42.91 12.62
N SER R 80 17.71 -43.03 13.59
CA SER R 80 17.27 -44.34 14.03
C SER R 80 16.49 -45.07 12.93
N ILE R 81 15.80 -44.31 12.07
CA ILE R 81 15.09 -44.93 10.96
C ILE R 81 16.09 -45.48 9.95
N GLY R 82 17.19 -44.77 9.70
CA GLY R 82 18.13 -45.19 8.68
C GLY R 82 17.53 -45.00 7.31
N ILE R 83 17.60 -46.02 6.47
CA ILE R 83 16.97 -46.00 5.16
C ILE R 83 15.84 -47.00 5.13
N HIS R 84 15.29 -47.31 6.30
CA HIS R 84 14.08 -48.13 6.37
C HIS R 84 12.91 -47.39 5.77
N PHE R 85 12.07 -48.13 5.05
CA PHE R 85 10.84 -47.56 4.50
C PHE R 85 9.92 -47.16 5.64
N TYR R 86 9.56 -45.88 5.70
CA TYR R 86 8.82 -45.32 6.83
C TYR R 86 7.59 -44.55 6.35
N PRO R 87 6.55 -45.27 5.92
CA PRO R 87 5.27 -44.61 5.61
C PRO R 87 4.51 -44.32 6.90
N ILE R 88 3.32 -43.73 6.73
CA ILE R 88 2.50 -43.38 7.89
C ILE R 88 2.01 -44.64 8.60
N TRP R 89 1.64 -45.67 7.84
CA TRP R 89 1.08 -46.87 8.45
C TRP R 89 2.13 -47.75 9.13
N GLU R 90 3.41 -47.47 8.93
CA GLU R 90 4.47 -48.21 9.61
C GLU R 90 4.92 -47.53 10.91
N ALA R 91 4.24 -46.47 11.32
CA ALA R 91 4.52 -45.80 12.59
C ALA R 91 3.39 -46.10 13.57
N ALA R 92 3.75 -46.17 14.85
CA ALA R 92 2.76 -46.48 15.89
C ALA R 92 1.69 -45.39 15.97
N SER R 93 2.09 -44.12 15.88
CA SER R 93 1.16 -43.02 15.93
C SER R 93 1.59 -41.95 14.92
N LEU R 94 0.66 -41.05 14.61
CA LEU R 94 0.97 -39.93 13.73
C LEU R 94 2.01 -39.01 14.37
N ASP R 95 1.95 -38.84 15.69
CA ASP R 95 2.97 -38.07 16.38
C ASP R 95 4.34 -38.72 16.26
N GLU R 96 4.40 -40.05 16.37
CA GLU R 96 5.65 -40.76 16.19
C GLU R 96 6.17 -40.62 14.76
N TRP R 97 5.26 -40.67 13.78
CA TRP R 97 5.67 -40.50 12.38
C TRP R 97 6.23 -39.10 12.14
N LEU R 98 5.58 -38.07 12.69
CA LEU R 98 6.09 -36.71 12.54
C LEU R 98 7.39 -36.51 13.30
N TYR R 99 7.57 -37.20 14.43
CA TYR R 99 8.75 -37.01 15.25
C TYR R 99 10.01 -37.60 14.62
N ASN R 100 9.85 -38.61 13.75
CA ASN R 100 10.98 -39.30 13.16
C ASN R 100 11.28 -38.86 11.73
N GLY R 101 10.63 -37.80 11.25
CA GLY R 101 10.91 -37.31 9.92
C GLY R 101 10.31 -38.09 8.78
N GLY R 102 9.17 -38.75 9.00
CA GLY R 102 8.44 -39.42 7.95
C GLY R 102 7.99 -38.58 6.80
N PRO R 103 7.47 -37.36 7.02
CA PRO R 103 7.11 -36.50 5.89
C PRO R 103 8.27 -36.22 4.94
N TYR R 104 9.51 -36.20 5.44
CA TYR R 104 10.65 -36.05 4.55
C TYR R 104 10.73 -37.21 3.56
N GLN R 105 10.58 -38.44 4.05
CA GLN R 105 10.59 -39.60 3.17
C GLN R 105 9.43 -39.56 2.19
N LEU R 106 8.24 -39.17 2.67
CA LEU R 106 7.07 -39.09 1.79
C LEU R 106 7.32 -38.11 0.65
N ILE R 107 7.78 -36.89 0.99
CA ILE R 107 8.03 -35.87 -0.02
C ILE R 107 9.12 -36.31 -0.98
N VAL R 108 10.21 -36.89 -0.46
CA VAL R 108 11.33 -37.29 -1.31
C VAL R 108 10.90 -38.35 -2.31
N ASP R 109 10.20 -39.39 -1.83
CA ASP R 109 9.79 -40.47 -2.72
C ASP R 109 8.80 -39.98 -3.78
N HIS R 110 7.77 -39.24 -3.35
CA HIS R 110 6.79 -38.76 -4.32
C HIS R 110 7.40 -37.75 -5.28
N PHE R 111 8.39 -36.96 -4.84
CA PHE R 111 9.04 -35.99 -5.71
C PHE R 111 9.93 -36.68 -6.74
N LEU R 112 10.64 -37.74 -6.32
CA LEU R 112 11.45 -38.47 -7.28
C LEU R 112 10.57 -39.18 -8.32
N LEU R 113 9.47 -39.77 -7.89
CA LEU R 113 8.52 -40.34 -8.84
C LEU R 113 7.97 -39.26 -9.77
N GLY R 114 7.69 -38.07 -9.23
CA GLY R 114 7.16 -37.00 -10.05
C GLY R 114 8.16 -36.48 -11.07
N VAL R 115 9.43 -36.38 -10.70
CA VAL R 115 10.42 -35.88 -11.67
C VAL R 115 10.72 -36.94 -12.73
N CYS R 116 10.69 -38.23 -12.36
CA CYS R 116 10.78 -39.27 -13.39
C CYS R 116 9.59 -39.18 -14.34
N GLY R 117 8.38 -38.97 -13.79
CA GLY R 117 7.22 -38.76 -14.63
C GLY R 117 7.32 -37.52 -15.49
N TRP R 118 8.00 -36.48 -14.98
CA TRP R 118 8.20 -35.26 -15.77
C TRP R 118 9.13 -35.51 -16.95
N ILE R 119 10.20 -36.29 -16.73
CA ILE R 119 11.07 -36.69 -17.84
C ILE R 119 10.28 -37.45 -18.90
N GLY R 120 9.52 -38.44 -18.45
CA GLY R 120 8.72 -39.23 -19.38
C GLY R 120 7.66 -38.40 -20.08
N ARG R 121 7.08 -37.43 -19.38
CA ARG R 121 6.02 -36.60 -19.96
C ARG R 121 6.60 -35.61 -20.97
N GLU R 122 7.80 -35.10 -20.73
CA GLU R 122 8.48 -34.29 -21.73
C GLU R 122 8.73 -35.10 -22.99
N TRP R 123 9.21 -36.34 -22.84
CA TRP R 123 9.35 -37.20 -24.02
C TRP R 123 8.00 -37.43 -24.69
N GLU R 124 6.95 -37.65 -23.89
CA GLU R 124 5.65 -38.01 -24.45
C GLU R 124 5.07 -36.86 -25.25
N PHE R 125 5.16 -35.64 -24.74
CA PHE R 125 4.63 -34.52 -25.51
C PHE R 125 5.51 -34.19 -26.70
N SER R 126 6.82 -34.43 -26.61
CA SER R 126 7.66 -34.30 -27.80
C SER R 126 7.23 -35.27 -28.88
N TYR R 127 6.89 -36.51 -28.50
CA TYR R 127 6.41 -37.48 -29.47
C TYR R 127 5.04 -37.10 -30.02
N ARG R 128 4.16 -36.57 -29.15
CA ARG R 128 2.83 -36.16 -29.60
C ARG R 128 2.90 -35.00 -30.58
N LEU R 129 3.84 -34.07 -30.39
CA LEU R 129 3.97 -32.93 -31.27
C LEU R 129 4.82 -33.23 -32.51
N GLY R 130 5.43 -34.41 -32.60
CA GLY R 130 6.23 -34.75 -33.76
C GLY R 130 7.61 -34.15 -33.77
N MET R 131 8.10 -33.68 -32.64
CA MET R 131 9.44 -33.09 -32.55
C MET R 131 10.42 -34.12 -32.01
N ARG R 132 11.70 -33.69 -31.91
CA ARG R 132 12.73 -34.60 -31.45
C ARG R 132 12.66 -34.76 -29.94
N PRO R 133 13.03 -35.93 -29.42
CA PRO R 133 12.67 -36.31 -28.04
C PRO R 133 13.73 -36.04 -26.97
N TRP R 134 14.83 -35.36 -27.27
CA TRP R 134 15.98 -35.34 -26.38
C TRP R 134 16.00 -34.15 -25.43
N ILE R 135 14.88 -33.46 -25.25
CA ILE R 135 14.79 -32.48 -24.17
C ILE R 135 14.80 -33.18 -22.81
N SER R 136 14.16 -34.35 -22.74
CA SER R 136 14.17 -35.13 -21.50
C SER R 136 15.58 -35.59 -21.14
N VAL R 137 16.41 -35.89 -22.14
CA VAL R 137 17.80 -36.23 -21.88
C VAL R 137 18.52 -35.05 -21.21
N ALA R 138 18.21 -33.83 -21.66
CA ALA R 138 18.76 -32.66 -21.00
C ALA R 138 18.24 -32.52 -19.57
N PHE R 139 16.94 -32.80 -19.36
CA PHE R 139 16.36 -32.66 -18.03
C PHE R 139 16.81 -33.76 -17.07
N THR R 140 17.41 -34.84 -17.59
CA THR R 140 17.89 -35.89 -16.70
C THR R 140 18.95 -35.39 -15.72
N ALA R 141 19.73 -34.37 -16.10
CA ALA R 141 20.82 -33.93 -15.24
C ALA R 141 20.36 -33.31 -13.92
N PRO R 142 19.45 -32.34 -13.88
CA PRO R 142 18.93 -31.90 -12.56
C PRO R 142 18.20 -32.99 -11.81
N VAL R 143 17.51 -33.90 -12.51
CA VAL R 143 16.88 -35.04 -11.85
C VAL R 143 17.94 -35.94 -11.23
N ALA R 144 19.03 -36.18 -11.95
CA ALA R 144 20.13 -36.96 -11.40
C ALA R 144 20.72 -36.31 -10.17
N ALA R 145 20.90 -34.99 -10.22
CA ALA R 145 21.45 -34.27 -9.06
C ALA R 145 20.51 -34.36 -7.86
N ALA R 146 19.20 -34.19 -8.10
CA ALA R 146 18.23 -34.28 -7.02
C ALA R 146 18.18 -35.68 -6.42
N SER R 147 18.24 -36.71 -7.27
CA SER R 147 18.24 -38.08 -6.76
C SER R 147 19.53 -38.40 -6.01
N ALA R 148 20.66 -37.84 -6.46
CA ALA R 148 21.91 -38.05 -5.75
C ALA R 148 21.90 -37.39 -4.37
N VAL R 149 21.36 -36.16 -4.28
CA VAL R 149 21.36 -35.48 -2.99
C VAL R 149 20.23 -35.94 -2.09
N PHE R 150 19.20 -36.58 -2.63
CA PHE R 150 18.05 -37.01 -1.84
C PHE R 150 17.99 -38.51 -1.59
N LEU R 151 18.43 -39.32 -2.55
CA LEU R 151 18.27 -40.77 -2.45
C LEU R 151 19.60 -41.51 -2.44
N VAL R 152 20.49 -41.21 -3.39
CA VAL R 152 21.72 -42.00 -3.54
C VAL R 152 22.65 -41.81 -2.35
N TYR R 153 22.83 -40.57 -1.92
CA TYR R 153 23.70 -40.30 -0.76
C TYR R 153 23.16 -40.93 0.53
N PRO R 154 21.87 -40.86 0.85
CA PRO R 154 21.38 -41.64 2.02
C PRO R 154 21.58 -43.14 1.87
N ILE R 155 21.45 -43.68 0.65
CA ILE R 155 21.66 -45.11 0.45
C ILE R 155 23.12 -45.48 0.74
N GLY R 156 24.05 -44.70 0.20
CA GLY R 156 25.46 -44.97 0.44
C GLY R 156 25.86 -44.77 1.89
N GLN R 157 25.33 -43.73 2.53
CA GLN R 157 25.63 -43.47 3.94
C GLN R 157 24.83 -44.34 4.89
N GLY R 158 23.66 -44.83 4.47
CA GLY R 158 22.87 -45.72 5.29
C GLY R 158 21.79 -45.06 6.12
N SER R 159 21.49 -43.79 5.89
CA SER R 159 20.45 -43.10 6.65
C SER R 159 19.94 -41.92 5.84
N PHE R 160 18.61 -41.75 5.84
CA PHE R 160 18.01 -40.57 5.21
C PHE R 160 18.33 -39.28 5.96
N SER R 161 18.86 -39.37 7.19
CA SER R 161 19.28 -38.18 7.91
C SER R 161 20.46 -37.48 7.24
N ASP R 162 21.22 -38.19 6.41
CA ASP R 162 22.32 -37.62 5.65
C ASP R 162 21.85 -36.93 4.37
N GLY R 163 20.58 -37.08 4.00
CA GLY R 163 20.07 -36.41 2.82
C GLY R 163 19.96 -34.91 3.02
N MET R 164 19.85 -34.20 1.89
CA MET R 164 19.77 -32.74 1.95
C MET R 164 18.42 -32.31 2.50
N PRO R 165 18.39 -31.46 3.53
CA PRO R 165 17.11 -30.97 4.05
C PRO R 165 16.38 -30.14 3.01
N LEU R 166 15.06 -30.18 3.07
CA LEU R 166 14.20 -29.45 2.12
C LEU R 166 14.05 -27.99 2.56
N GLY R 167 15.16 -27.27 2.52
CA GLY R 167 15.18 -25.89 2.94
C GLY R 167 16.40 -25.17 2.41
N ILE R 168 16.58 -23.95 2.90
CA ILE R 168 17.68 -23.08 2.46
C ILE R 168 18.86 -23.25 3.39
N SER R 169 18.66 -22.95 4.67
CA SER R 169 19.72 -23.16 5.66
C SER R 169 20.06 -24.63 5.79
N GLY R 170 19.07 -25.52 5.64
CA GLY R 170 19.38 -26.94 5.60
C GLY R 170 20.25 -27.32 4.43
N THR R 171 20.00 -26.70 3.27
CA THR R 171 20.85 -26.93 2.10
C THR R 171 22.27 -26.45 2.37
N PHE R 172 22.42 -25.28 2.99
CA PHE R 172 23.76 -24.78 3.32
C PHE R 172 24.47 -25.71 4.29
N ASN R 173 23.74 -26.22 5.29
CA ASN R 173 24.31 -27.18 6.22
C ASN R 173 24.74 -28.45 5.52
N PHE R 174 23.93 -28.93 4.57
CA PHE R 174 24.30 -30.10 3.79
C PHE R 174 25.59 -29.86 3.02
N MET R 175 25.71 -28.68 2.38
CA MET R 175 26.92 -28.36 1.63
C MET R 175 28.15 -28.32 2.54
N LEU R 176 28.01 -27.66 3.69
CA LEU R 176 29.15 -27.52 4.60
C LEU R 176 29.58 -28.87 5.17
N VAL R 177 28.61 -29.70 5.57
CA VAL R 177 28.94 -31.02 6.11
C VAL R 177 29.54 -31.91 5.03
N PHE R 178 29.03 -31.83 3.81
CA PHE R 178 29.59 -32.61 2.71
C PHE R 178 31.02 -32.19 2.42
N GLN R 179 31.29 -30.88 2.43
CA GLN R 179 32.65 -30.41 2.22
C GLN R 179 33.59 -30.87 3.32
N ALA R 180 33.10 -30.84 4.57
CA ALA R 180 33.91 -31.30 5.70
C ALA R 180 34.22 -32.80 5.57
N GLU R 181 33.20 -33.60 5.25
CA GLU R 181 33.37 -35.05 5.26
C GLU R 181 34.18 -35.54 4.06
N HIS R 182 33.93 -34.98 2.87
CA HIS R 182 34.43 -35.56 1.64
C HIS R 182 35.38 -34.66 0.86
N ASN R 183 35.49 -33.37 1.21
CA ASN R 183 36.30 -32.41 0.48
C ASN R 183 35.88 -32.35 -0.99
N ILE R 184 34.62 -31.98 -1.19
CA ILE R 184 34.03 -31.97 -2.53
C ILE R 184 34.69 -30.93 -3.42
N LEU R 185 35.22 -29.86 -2.83
CA LEU R 185 35.88 -28.83 -3.64
C LEU R 185 37.08 -29.37 -4.38
N MET R 186 37.81 -30.30 -3.78
CA MET R 186 38.94 -30.94 -4.43
C MET R 186 38.54 -32.13 -5.30
N HIS R 187 37.26 -32.47 -5.33
CA HIS R 187 36.80 -33.56 -6.19
C HIS R 187 36.72 -33.06 -7.64
N PRO R 188 37.36 -33.74 -8.58
CA PRO R 188 37.34 -33.27 -9.98
C PRO R 188 35.95 -33.20 -10.59
N PHE R 189 34.99 -33.99 -10.11
CA PHE R 189 33.66 -33.97 -10.69
C PHE R 189 32.87 -32.74 -10.25
N HIS R 190 33.04 -32.28 -9.01
CA HIS R 190 32.45 -31.00 -8.63
C HIS R 190 33.13 -29.85 -9.35
N GLN R 191 34.43 -29.97 -9.64
CA GLN R 191 35.10 -28.97 -10.46
C GLN R 191 34.52 -28.95 -11.86
N LEU R 192 34.23 -30.13 -12.42
CA LEU R 192 33.57 -30.19 -13.73
C LEU R 192 32.18 -29.59 -13.68
N GLY R 193 31.45 -29.82 -12.59
CA GLY R 193 30.13 -29.20 -12.44
C GLY R 193 30.20 -27.69 -12.32
N VAL R 194 31.19 -27.17 -11.59
CA VAL R 194 31.40 -25.73 -11.49
C VAL R 194 31.75 -25.16 -12.86
N ALA R 195 32.62 -25.84 -13.59
CA ALA R 195 32.93 -25.43 -14.96
C ALA R 195 31.68 -25.45 -15.82
N GLY R 196 30.82 -26.45 -15.62
CA GLY R 196 29.59 -26.53 -16.39
C GLY R 196 28.65 -25.38 -16.14
N VAL R 197 28.43 -25.04 -14.86
CA VAL R 197 27.49 -23.96 -14.56
C VAL R 197 28.08 -22.60 -14.94
N PHE R 198 29.39 -22.39 -14.70
CA PHE R 198 30.01 -21.14 -15.10
C PHE R 198 30.02 -20.98 -16.62
N GLY R 199 30.33 -22.06 -17.34
CA GLY R 199 30.26 -22.01 -18.78
C GLY R 199 28.84 -21.83 -19.29
N GLY R 200 27.87 -22.42 -18.62
CA GLY R 200 26.48 -22.21 -19.00
C GLY R 200 26.07 -20.76 -18.86
N SER R 201 26.44 -20.12 -17.75
CA SER R 201 26.16 -18.70 -17.58
C SER R 201 26.88 -17.87 -18.63
N LEU R 202 28.16 -18.15 -18.86
CA LEU R 202 28.93 -17.41 -19.86
C LEU R 202 28.34 -17.56 -21.25
N PHE R 203 27.97 -18.78 -21.62
CA PHE R 203 27.46 -19.04 -22.96
C PHE R 203 26.05 -18.51 -23.15
N SER R 204 25.22 -18.55 -22.11
CA SER R 204 23.90 -17.93 -22.18
C SER R 204 24.02 -16.43 -22.37
N ALA R 205 24.90 -15.79 -21.59
CA ALA R 205 25.13 -14.36 -21.74
C ALA R 205 25.69 -14.02 -23.12
N MET R 206 26.63 -14.83 -23.60
CA MET R 206 27.25 -14.57 -24.90
C MET R 206 26.26 -14.73 -26.04
N HIS R 207 25.46 -15.80 -26.00
CA HIS R 207 24.46 -16.04 -27.04
C HIS R 207 23.40 -14.95 -27.04
N GLY R 208 22.93 -14.56 -25.84
CA GLY R 208 21.98 -13.47 -25.76
C GLY R 208 22.55 -12.16 -26.27
N SER R 209 23.80 -11.86 -25.92
CA SER R 209 24.44 -10.64 -26.38
C SER R 209 24.61 -10.62 -27.89
N LEU R 210 24.99 -11.76 -28.47
CA LEU R 210 25.22 -11.79 -29.92
C LEU R 210 23.90 -11.73 -30.69
N VAL R 211 22.85 -12.37 -30.18
CA VAL R 211 21.57 -12.29 -30.88
C VAL R 211 20.95 -10.91 -30.72
N THR R 212 20.99 -10.34 -29.52
CA THR R 212 20.44 -9.00 -29.29
C THR R 212 21.22 -7.93 -30.03
N SER R 213 22.54 -8.12 -30.14
CA SER R 213 23.39 -7.14 -30.82
C SER R 213 23.09 -7.07 -32.31
N SER R 214 22.79 -8.21 -32.92
CA SER R 214 22.57 -8.29 -34.36
C SER R 214 21.09 -8.38 -34.73
N LEU R 215 20.22 -7.78 -33.91
CA LEU R 215 18.80 -7.78 -34.22
C LEU R 215 18.53 -6.94 -35.46
N ILE R 216 17.82 -7.52 -36.43
CA ILE R 216 17.49 -6.79 -37.65
C ILE R 216 16.41 -5.76 -37.35
N ARG R 217 16.61 -4.55 -37.87
CA ARG R 217 15.73 -3.42 -37.58
C ARG R 217 14.35 -3.67 -38.17
N GLU R 218 13.39 -4.02 -37.32
CA GLU R 218 12.01 -4.25 -37.73
C GLU R 218 11.06 -3.43 -36.85
N THR R 219 11.53 -2.33 -36.30
CA THR R 219 10.78 -1.58 -35.30
C THR R 219 11.24 -0.13 -35.31
N THR R 220 10.43 0.72 -34.70
CA THR R 220 10.73 2.14 -34.58
C THR R 220 11.26 2.46 -33.19
N GLU R 221 11.78 3.68 -33.04
CA GLU R 221 12.43 4.09 -31.80
C GLU R 221 11.45 4.28 -30.64
N ASN R 222 10.15 4.42 -30.92
CA ASN R 222 9.16 4.66 -29.89
C ASN R 222 8.60 3.39 -29.27
N GLU R 223 9.08 2.22 -29.67
CA GLU R 223 8.57 0.95 -29.19
C GLU R 223 9.74 0.01 -28.90
N SER R 224 9.44 -1.04 -28.15
CA SER R 224 10.44 -2.04 -27.81
C SER R 224 10.88 -2.80 -29.05
N ALA R 225 12.16 -3.19 -29.07
CA ALA R 225 12.71 -3.95 -30.18
C ALA R 225 12.13 -5.36 -30.25
N ASN R 226 11.58 -5.87 -29.15
CA ASN R 226 10.99 -7.21 -29.16
C ASN R 226 9.80 -7.31 -30.10
N TYR R 227 9.10 -6.19 -30.33
CA TYR R 227 8.01 -6.18 -31.29
C TYR R 227 8.49 -6.29 -32.74
N GLY R 228 9.80 -6.16 -32.98
CA GLY R 228 10.33 -6.43 -34.31
C GLY R 228 10.25 -7.89 -34.71
N TYR R 229 10.09 -8.79 -33.73
CA TYR R 229 9.86 -10.20 -34.00
C TYR R 229 8.38 -10.49 -33.83
N LYS R 230 7.80 -11.21 -34.79
CA LYS R 230 6.41 -11.63 -34.75
C LYS R 230 6.35 -13.14 -34.53
N PHE R 231 5.52 -13.57 -33.59
CA PHE R 231 5.38 -14.99 -33.32
C PHE R 231 4.86 -15.73 -34.55
N GLY R 232 5.55 -16.79 -34.92
CA GLY R 232 5.20 -17.56 -36.10
C GLY R 232 5.78 -17.06 -37.40
N GLN R 233 6.61 -16.02 -37.38
CA GLN R 233 7.21 -15.52 -38.60
C GLN R 233 8.21 -16.53 -39.15
N GLU R 234 8.35 -16.54 -40.47
CA GLU R 234 9.20 -17.51 -41.15
C GLU R 234 10.62 -17.02 -41.35
N GLU R 235 10.87 -15.72 -41.23
CA GLU R 235 12.19 -15.17 -41.42
C GLU R 235 12.95 -15.11 -40.09
N GLU R 236 14.27 -15.03 -40.19
CA GLU R 236 15.12 -14.95 -39.02
C GLU R 236 15.17 -13.51 -38.49
N THR R 237 15.06 -13.37 -37.17
CA THR R 237 14.97 -12.05 -36.56
C THR R 237 16.32 -11.38 -36.35
N TYR R 238 17.43 -12.10 -36.48
CA TYR R 238 18.75 -11.52 -36.28
C TYR R 238 19.69 -12.04 -37.35
N ASN R 239 20.75 -11.25 -37.61
CA ASN R 239 21.73 -11.57 -38.64
C ASN R 239 22.80 -12.48 -38.04
N ILE R 240 22.79 -13.75 -38.45
CA ILE R 240 23.79 -14.69 -37.96
C ILE R 240 25.19 -14.30 -38.45
N VAL R 241 25.28 -13.79 -39.68
CA VAL R 241 26.57 -13.42 -40.25
C VAL R 241 27.22 -12.30 -39.45
N ALA R 242 26.43 -11.29 -39.05
CA ALA R 242 26.99 -10.17 -38.30
C ALA R 242 27.51 -10.62 -36.94
N ALA R 243 26.74 -11.46 -36.23
CA ALA R 243 27.17 -11.96 -34.94
C ALA R 243 28.41 -12.84 -35.08
N HIS R 244 28.44 -13.67 -36.11
CA HIS R 244 29.60 -14.53 -36.35
C HIS R 244 30.85 -13.70 -36.63
N GLY R 245 30.71 -12.65 -37.44
CA GLY R 245 31.85 -11.78 -37.71
C GLY R 245 32.33 -11.04 -36.47
N TYR R 246 31.38 -10.55 -35.65
CA TYR R 246 31.77 -9.89 -34.41
C TYR R 246 32.50 -10.85 -33.48
N PHE R 247 32.00 -12.09 -33.35
CA PHE R 247 32.64 -13.05 -32.47
C PHE R 247 34.01 -13.47 -33.00
N GLY R 248 34.13 -13.66 -34.31
CA GLY R 248 35.40 -14.01 -34.90
C GLY R 248 36.39 -12.87 -34.99
N ARG R 249 35.95 -11.64 -34.73
CA ARG R 249 36.88 -10.53 -34.57
C ARG R 249 37.21 -10.25 -33.12
N LEU R 250 36.31 -10.59 -32.18
CA LEU R 250 36.61 -10.43 -30.77
C LEU R 250 37.72 -11.38 -30.33
N ILE R 251 37.73 -12.59 -30.87
CA ILE R 251 38.79 -13.57 -30.65
C ILE R 251 39.36 -13.84 -32.04
N PHE R 252 40.29 -14.78 -32.16
CA PHE R 252 40.79 -15.14 -33.48
C PHE R 252 39.68 -15.74 -34.33
N GLN R 253 39.88 -15.67 -35.65
CA GLN R 253 38.81 -15.97 -36.60
C GLN R 253 38.35 -17.43 -36.48
N TYR R 254 39.27 -18.33 -36.19
CA TYR R 254 38.94 -19.77 -36.18
C TYR R 254 37.92 -20.10 -35.10
N ALA R 255 38.01 -19.45 -33.95
CA ALA R 255 37.10 -19.72 -32.83
C ALA R 255 35.78 -19.01 -33.10
N SER R 256 34.82 -19.74 -33.66
CA SER R 256 33.48 -19.23 -33.90
C SER R 256 32.58 -20.40 -34.26
N PHE R 257 31.29 -20.24 -33.99
CA PHE R 257 30.27 -21.24 -34.32
C PHE R 257 29.45 -20.70 -35.49
N ASN R 258 29.93 -20.98 -36.71
CA ASN R 258 29.21 -20.55 -37.90
C ASN R 258 27.88 -21.27 -38.04
N ASN R 259 27.84 -22.55 -37.69
CA ASN R 259 26.61 -23.32 -37.75
C ASN R 259 25.76 -23.03 -36.51
N SER R 260 24.54 -22.54 -36.73
CA SER R 260 23.66 -22.23 -35.61
C SER R 260 23.22 -23.51 -34.89
N ARG R 261 22.95 -24.57 -35.64
CA ARG R 261 22.53 -25.83 -35.03
C ARG R 261 23.64 -26.41 -34.16
N ALA R 262 24.89 -26.36 -34.63
CA ALA R 262 26.01 -26.83 -33.82
C ALA R 262 26.20 -25.97 -32.59
N LEU R 263 26.02 -24.65 -32.73
CA LEU R 263 26.12 -23.74 -31.60
C LEU R 263 25.08 -24.08 -30.53
N HIS R 264 23.84 -24.31 -30.95
CA HIS R 264 22.79 -24.63 -29.98
C HIS R 264 22.99 -26.03 -29.39
N PHE R 265 23.53 -26.97 -30.17
CA PHE R 265 23.85 -28.28 -29.61
C PHE R 265 24.91 -28.15 -28.53
N PHE R 266 25.94 -27.32 -28.76
CA PHE R 266 26.96 -27.08 -27.73
C PHE R 266 26.36 -26.40 -26.50
N LEU R 267 25.45 -25.44 -26.73
CA LEU R 267 24.78 -24.77 -25.62
C LEU R 267 23.99 -25.76 -24.77
N GLY R 268 23.28 -26.69 -25.41
CA GLY R 268 22.60 -27.73 -24.65
C GLY R 268 23.55 -28.69 -23.97
N LEU R 269 24.67 -29.01 -24.63
CA LEU R 269 25.55 -30.08 -24.18
C LEU R 269 26.34 -29.68 -22.94
N TRP R 270 26.92 -28.48 -22.94
CA TRP R 270 27.94 -28.15 -21.93
C TRP R 270 27.40 -28.17 -20.50
N PRO R 271 26.35 -27.43 -20.13
CA PRO R 271 25.89 -27.50 -18.73
C PRO R 271 25.27 -28.84 -18.36
N VAL R 272 24.63 -29.53 -19.31
CA VAL R 272 24.08 -30.85 -19.04
C VAL R 272 25.19 -31.83 -18.69
N VAL R 273 26.28 -31.81 -19.44
CA VAL R 273 27.43 -32.68 -19.15
C VAL R 273 28.04 -32.30 -17.80
N GLY R 274 28.15 -31.00 -17.52
CA GLY R 274 28.68 -30.58 -16.23
C GLY R 274 27.86 -31.07 -15.05
N ILE R 275 26.53 -30.92 -15.15
CA ILE R 275 25.66 -31.36 -14.07
C ILE R 275 25.66 -32.88 -13.95
N TRP R 276 25.76 -33.59 -15.09
CA TRP R 276 25.90 -35.03 -15.04
C TRP R 276 27.16 -35.43 -14.28
N PHE R 277 28.27 -34.74 -14.56
CA PHE R 277 29.52 -35.07 -13.87
C PHE R 277 29.44 -34.76 -12.39
N THR R 278 28.82 -33.64 -12.01
CA THR R 278 28.76 -33.32 -10.58
C THR R 278 27.80 -34.27 -9.84
N ALA R 279 26.73 -34.71 -10.51
CA ALA R 279 25.86 -35.71 -9.90
C ALA R 279 26.58 -37.04 -9.74
N LEU R 280 27.38 -37.43 -10.74
CA LEU R 280 28.18 -38.64 -10.62
C LEU R 280 29.20 -38.52 -9.51
N GLY R 281 29.77 -37.33 -9.32
CA GLY R 281 30.69 -37.12 -8.21
C GLY R 281 30.01 -37.27 -6.86
N ILE R 282 28.80 -36.72 -6.73
CA ILE R 282 28.04 -36.90 -5.49
C ILE R 282 27.74 -38.37 -5.25
N MET R 283 27.35 -39.09 -6.31
CA MET R 283 27.08 -40.52 -6.18
C MET R 283 28.31 -41.30 -5.75
N THR R 284 29.48 -40.97 -6.32
CA THR R 284 30.71 -41.66 -5.95
C THR R 284 31.12 -41.34 -4.51
N MET R 285 31.00 -40.08 -4.10
CA MET R 285 31.32 -39.72 -2.72
C MET R 285 30.31 -40.27 -1.72
N ALA R 286 29.11 -40.64 -2.19
CA ALA R 286 28.18 -41.36 -1.34
C ALA R 286 28.75 -42.69 -0.88
N PHE R 287 29.61 -43.31 -1.70
CA PHE R 287 30.29 -44.55 -1.34
C PHE R 287 31.76 -44.29 -1.00
N ASN R 288 32.04 -43.08 -0.51
CA ASN R 288 33.34 -42.70 0.05
C ASN R 288 34.46 -42.76 -0.98
N LEU R 289 34.16 -42.34 -2.21
CA LEU R 289 35.20 -42.09 -3.21
C LEU R 289 35.43 -40.58 -3.23
N ASN R 290 36.19 -40.11 -2.25
CA ASN R 290 36.31 -38.69 -1.98
C ASN R 290 37.27 -38.03 -2.97
N GLY R 291 37.42 -36.71 -2.83
CA GLY R 291 38.24 -35.93 -3.73
C GLY R 291 39.72 -36.07 -3.46
N PHE R 292 40.49 -35.25 -4.17
CA PHE R 292 41.94 -35.29 -4.08
C PHE R 292 42.40 -34.86 -2.69
N ASN R 293 43.49 -35.48 -2.23
CA ASN R 293 44.09 -35.21 -0.92
C ASN R 293 45.53 -34.79 -1.15
N PHE R 294 45.79 -33.48 -1.14
CA PHE R 294 47.13 -32.93 -1.27
C PHE R 294 47.70 -32.45 0.06
N ASN R 295 47.18 -32.95 1.17
CA ASN R 295 47.65 -32.53 2.48
C ASN R 295 49.06 -33.03 2.74
N GLN R 296 49.86 -32.16 3.37
CA GLN R 296 51.27 -32.46 3.72
C GLN R 296 52.07 -32.89 2.48
N SER R 297 51.84 -32.21 1.36
CA SER R 297 52.51 -32.55 0.12
C SER R 297 53.89 -31.91 -0.01
N VAL R 298 54.22 -30.92 0.83
CA VAL R 298 55.50 -30.23 0.77
C VAL R 298 56.18 -30.35 2.13
N VAL R 299 57.42 -30.84 2.15
CA VAL R 299 58.22 -30.93 3.35
C VAL R 299 59.61 -30.36 3.05
N ASP R 300 60.28 -29.94 4.12
CA ASP R 300 61.63 -29.40 4.00
C ASP R 300 62.64 -30.54 4.11
N SER R 301 63.93 -30.19 4.19
CA SER R 301 64.97 -31.20 4.33
C SER R 301 64.87 -31.92 5.67
N GLN R 302 64.57 -31.19 6.74
CA GLN R 302 64.51 -31.78 8.08
C GLN R 302 63.26 -32.63 8.28
N GLY R 303 62.29 -32.57 7.37
CA GLY R 303 61.07 -33.35 7.49
C GLY R 303 59.86 -32.61 8.01
N ARG R 304 60.00 -31.32 8.34
CA ARG R 304 58.86 -30.54 8.78
C ARG R 304 57.93 -30.26 7.60
N VAL R 305 56.64 -30.34 7.84
CA VAL R 305 55.65 -30.13 6.79
C VAL R 305 55.51 -28.64 6.51
N ILE R 306 55.66 -28.27 5.24
CA ILE R 306 55.42 -26.90 4.78
C ILE R 306 54.00 -26.84 4.24
N ASN R 307 53.16 -26.03 4.87
CA ASN R 307 51.75 -25.99 4.52
C ASN R 307 51.54 -25.34 3.16
N THR R 308 50.48 -25.77 2.48
CA THR R 308 50.01 -25.18 1.23
C THR R 308 48.58 -24.68 1.46
N TRP R 309 47.95 -24.20 0.38
CA TRP R 309 46.55 -23.81 0.47
C TRP R 309 45.65 -25.00 0.72
N ALA R 310 46.06 -26.19 0.26
CA ALA R 310 45.31 -27.40 0.58
C ALA R 310 45.33 -27.67 2.08
N ASP R 311 46.42 -27.33 2.77
CA ASP R 311 46.46 -27.50 4.21
C ASP R 311 45.49 -26.56 4.92
N ILE R 312 45.36 -25.32 4.43
CA ILE R 312 44.39 -24.39 4.99
C ILE R 312 42.96 -24.89 4.74
N LEU R 313 42.72 -25.42 3.55
CA LEU R 313 41.41 -26.02 3.23
C LEU R 313 41.12 -27.19 4.17
N ASN R 314 42.13 -28.02 4.43
CA ASN R 314 41.95 -29.14 5.35
C ASN R 314 41.71 -28.67 6.77
N ARG R 315 42.35 -27.56 7.17
CA ARG R 315 42.09 -26.98 8.49
C ARG R 315 40.63 -26.53 8.61
N ALA R 316 40.11 -25.88 7.57
CA ALA R 316 38.71 -25.47 7.58
C ALA R 316 37.78 -26.68 7.62
N ASN R 317 38.11 -27.72 6.84
CA ASN R 317 37.30 -28.95 6.85
C ASN R 317 37.31 -29.60 8.22
N LEU R 318 38.47 -29.63 8.88
CA LEU R 318 38.56 -30.17 10.23
C LEU R 318 37.76 -29.35 11.22
N GLY R 319 37.79 -28.02 11.08
CA GLY R 319 37.00 -27.17 11.94
C GLY R 319 35.50 -27.41 11.79
N MET R 320 35.05 -27.66 10.56
CA MET R 320 33.66 -28.02 10.36
C MET R 320 33.34 -29.41 10.93
N GLU R 321 34.26 -30.36 10.67
CA GLU R 321 34.04 -31.77 11.08
C GLU R 321 33.78 -31.89 12.58
N VAL R 322 34.62 -31.26 13.41
CA VAL R 322 34.47 -31.44 14.88
C VAL R 322 33.09 -30.92 15.31
N MET R 323 32.66 -29.77 14.78
CA MET R 323 31.34 -29.19 15.14
C MET R 323 30.19 -30.11 14.69
N HIS R 324 30.29 -30.69 13.49
CA HIS R 324 29.20 -31.55 12.97
C HIS R 324 29.03 -32.80 13.86
N GLU R 325 30.15 -33.40 14.28
CA GLU R 325 30.11 -34.63 15.12
C GLU R 325 29.91 -34.25 16.59
N ARG R 326 28.69 -34.40 17.11
CA ARG R 326 28.39 -34.06 18.53
C ARG R 326 28.99 -35.12 19.46
N ASN R 327 29.39 -36.26 18.91
CA ASN R 327 30.03 -37.33 19.73
C ASN R 327 31.55 -37.14 19.70
N ALA R 328 32.29 -37.96 20.45
CA ALA R 328 33.77 -37.89 20.45
C ALA R 328 34.29 -37.94 19.00
N GLY S 2 3.70 1.52 -27.90
CA GLY S 2 4.07 2.66 -27.08
C GLY S 2 5.39 2.47 -26.36
N LEU S 3 5.73 3.43 -25.49
CA LEU S 3 6.99 3.36 -24.76
C LEU S 3 6.93 2.28 -23.69
N PRO S 4 7.98 1.49 -23.52
CA PRO S 4 8.06 0.59 -22.37
C PRO S 4 8.20 1.36 -21.07
N TRP S 5 7.99 0.65 -19.96
CA TRP S 5 8.03 1.29 -18.65
C TRP S 5 9.41 1.86 -18.32
N TYR S 6 10.46 1.29 -18.90
CA TYR S 6 11.83 1.70 -18.58
C TYR S 6 12.35 2.80 -19.49
N ARG S 7 11.52 3.33 -20.40
CA ARG S 7 11.94 4.41 -21.28
C ARG S 7 11.06 5.65 -21.16
N VAL S 8 10.14 5.68 -20.19
CA VAL S 8 9.09 6.69 -20.16
C VAL S 8 9.69 8.10 -20.08
N HIS S 9 10.64 8.29 -19.17
CA HIS S 9 11.22 9.62 -18.97
C HIS S 9 11.98 10.11 -20.19
N THR S 10 12.29 9.24 -21.15
CA THR S 10 12.88 9.69 -22.40
C THR S 10 11.96 10.61 -23.20
N VAL S 11 10.74 10.86 -22.74
CA VAL S 11 9.93 11.90 -23.38
C VAL S 11 10.55 13.27 -23.19
N VAL S 12 11.31 13.49 -22.11
CA VAL S 12 11.88 14.81 -21.87
C VAL S 12 13.31 14.86 -22.37
N LEU S 13 13.69 13.89 -23.21
CA LEU S 13 15.04 13.88 -23.78
C LEU S 13 15.24 15.04 -24.74
N ASN S 14 14.24 15.34 -25.57
CA ASN S 14 14.33 16.37 -26.59
C ASN S 14 13.56 17.63 -26.23
N ASP S 15 13.09 17.74 -24.98
CA ASP S 15 12.36 18.93 -24.53
C ASP S 15 13.15 19.59 -23.42
N PRO S 16 13.92 20.65 -23.71
CA PRO S 16 14.73 21.29 -22.66
C PRO S 16 13.90 21.85 -21.51
N GLY S 17 12.72 22.40 -21.79
CA GLY S 17 11.92 22.98 -20.71
C GLY S 17 11.45 21.94 -19.71
N ARG S 18 10.92 20.83 -20.20
CA ARG S 18 10.48 19.78 -19.30
C ARG S 18 11.63 18.99 -18.70
N LEU S 19 12.79 18.95 -19.38
CA LEU S 19 13.99 18.42 -18.74
C LEU S 19 14.39 19.26 -17.53
N ILE S 20 14.36 20.59 -17.69
CA ILE S 20 14.61 21.48 -16.56
C ILE S 20 13.55 21.28 -15.48
N ALA S 21 12.31 21.04 -15.89
CA ALA S 21 11.24 20.82 -14.92
C ALA S 21 11.48 19.56 -14.10
N VAL S 22 11.84 18.45 -14.75
CA VAL S 22 12.05 17.21 -14.01
C VAL S 22 13.33 17.27 -13.17
N HIS S 23 14.36 17.97 -13.64
CA HIS S 23 15.55 18.17 -12.80
C HIS S 23 15.21 19.04 -11.59
N LEU S 24 14.36 20.06 -11.78
CA LEU S 24 13.88 20.87 -10.65
C LEU S 24 13.09 20.03 -9.66
N MET S 25 12.28 19.10 -10.17
CA MET S 25 11.54 18.20 -9.30
C MET S 25 12.46 17.29 -8.50
N HIS S 26 13.51 16.76 -9.13
CA HIS S 26 14.45 15.91 -8.39
C HIS S 26 15.19 16.71 -7.33
N THR S 27 15.60 17.94 -7.65
CA THR S 27 16.26 18.78 -6.66
C THR S 27 15.31 19.12 -5.51
N ALA S 28 14.04 19.36 -5.82
CA ALA S 28 13.04 19.62 -4.78
C ALA S 28 12.88 18.40 -3.88
N LEU S 29 12.82 17.20 -4.46
CA LEU S 29 12.71 15.99 -3.66
C LEU S 29 13.94 15.79 -2.78
N VAL S 30 15.12 16.06 -3.31
CA VAL S 30 16.35 15.89 -2.54
C VAL S 30 16.41 16.89 -1.38
N ALA S 31 16.07 18.16 -1.65
CA ALA S 31 16.07 19.17 -0.60
C ALA S 31 15.02 18.87 0.47
N GLY S 32 13.84 18.42 0.05
CA GLY S 32 12.82 18.03 1.01
C GLY S 32 13.24 16.85 1.86
N TRP S 33 13.93 15.88 1.24
CA TRP S 33 14.47 14.78 2.03
C TRP S 33 15.50 15.26 3.03
N ALA S 34 16.36 16.19 2.63
CA ALA S 34 17.35 16.73 3.55
C ALA S 34 16.69 17.41 4.75
N GLY S 35 15.69 18.26 4.48
CA GLY S 35 15.00 18.94 5.57
C GLY S 35 14.26 17.98 6.48
N SER S 36 13.54 17.02 5.89
CA SER S 36 12.78 16.06 6.67
C SER S 36 13.69 15.17 7.50
N MET S 37 14.82 14.72 6.93
CA MET S 37 15.77 13.91 7.66
C MET S 37 16.39 14.68 8.81
N ALA S 38 16.73 15.96 8.58
CA ALA S 38 17.25 16.78 9.65
C ALA S 38 16.24 16.95 10.78
N LEU S 39 14.97 17.19 10.42
CA LEU S 39 13.94 17.34 11.44
C LEU S 39 13.73 16.05 12.23
N TYR S 40 13.71 14.91 11.54
CA TYR S 40 13.56 13.62 12.23
C TYR S 40 14.74 13.36 13.16
N GLU S 41 15.96 13.63 12.69
CA GLU S 41 17.13 13.43 13.53
C GLU S 41 17.09 14.35 14.75
N LEU S 42 16.66 15.60 14.57
CA LEU S 42 16.50 16.50 15.71
C LEU S 42 15.46 15.98 16.69
N ALA S 43 14.36 15.43 16.18
CA ALA S 43 13.35 14.83 17.05
C ALA S 43 13.88 13.59 17.78
N VAL S 44 14.90 12.93 17.23
CA VAL S 44 15.44 11.72 17.84
C VAL S 44 16.66 12.03 18.69
N PHE S 45 17.45 13.03 18.29
CA PHE S 45 18.76 13.27 18.89
C PHE S 45 18.65 13.66 20.37
N ASP S 46 19.60 13.16 21.15
CA ASP S 46 19.68 13.45 22.59
C ASP S 46 21.00 14.14 22.88
N PRO S 47 21.01 15.45 23.15
CA PRO S 47 22.27 16.16 23.41
C PRO S 47 22.71 16.10 24.86
N SER S 48 22.14 15.18 25.64
CA SER S 48 22.41 15.13 27.07
C SER S 48 23.86 14.78 27.36
N ASP S 49 24.43 13.81 26.63
CA ASP S 49 25.75 13.28 26.92
C ASP S 49 26.60 13.34 25.65
N PRO S 50 27.21 14.49 25.35
CA PRO S 50 28.00 14.61 24.11
C PRO S 50 29.24 13.73 24.07
N VAL S 51 29.78 13.31 25.22
CA VAL S 51 31.05 12.59 25.23
C VAL S 51 30.84 11.08 25.16
N LEU S 52 29.84 10.55 25.86
CA LEU S 52 29.59 9.11 25.86
C LEU S 52 28.37 8.69 25.07
N ASN S 53 27.55 9.64 24.61
CA ASN S 53 26.47 9.37 23.68
C ASN S 53 26.51 10.39 22.55
N PRO S 54 27.56 10.35 21.70
CA PRO S 54 27.68 11.36 20.65
C PRO S 54 26.69 11.17 19.52
N MET S 55 26.79 12.01 18.49
CA MET S 55 25.86 11.93 17.36
C MET S 55 26.04 10.63 16.57
N TRP S 56 27.27 10.16 16.43
CA TRP S 56 27.51 8.94 15.66
C TRP S 56 27.09 7.67 16.40
N ARG S 57 26.82 7.77 17.70
CA ARG S 57 26.25 6.65 18.45
C ARG S 57 24.74 6.64 18.41
N GLN S 58 24.11 7.69 17.89
CA GLN S 58 22.66 7.79 17.83
C GLN S 58 22.12 7.66 16.41
N GLY S 59 22.95 7.22 15.46
CA GLY S 59 22.48 7.01 14.11
C GLY S 59 22.25 8.26 13.30
N MET S 60 22.86 9.39 13.70
CA MET S 60 22.67 10.63 12.97
C MET S 60 23.46 10.61 11.67
N PHE S 61 22.79 10.92 10.56
CA PHE S 61 23.39 10.83 9.25
C PHE S 61 23.66 12.21 8.63
N VAL S 62 22.64 13.07 8.55
CA VAL S 62 22.84 14.40 7.98
C VAL S 62 23.34 15.40 9.01
N MET S 63 23.10 15.16 10.30
CA MET S 63 23.64 16.06 11.33
C MET S 63 25.16 16.13 11.33
N PRO S 64 25.92 15.03 11.16
CA PRO S 64 27.38 15.20 10.99
C PRO S 64 27.77 16.09 9.82
N PHE S 65 27.05 16.01 8.70
CA PHE S 65 27.39 16.86 7.56
C PHE S 65 26.99 18.31 7.82
N MET S 66 25.95 18.54 8.62
CA MET S 66 25.64 19.91 9.05
C MET S 66 26.72 20.45 9.98
N ALA S 67 27.19 19.61 10.92
CA ALA S 67 28.19 20.05 11.88
C ALA S 67 29.58 20.16 11.28
N ARG S 68 29.82 19.53 10.13
CA ARG S 68 31.15 19.58 9.52
C ARG S 68 31.54 21.00 9.12
N ILE S 69 30.59 21.79 8.63
CA ILE S 69 30.93 23.10 8.08
C ILE S 69 30.19 24.22 8.78
N GLY S 70 29.94 24.07 10.09
CA GLY S 70 29.53 25.23 10.87
C GLY S 70 28.32 25.09 11.76
N VAL S 71 27.29 24.37 11.30
CA VAL S 71 26.02 24.31 12.02
C VAL S 71 26.21 23.40 13.22
N THR S 72 26.41 23.99 14.40
CA THR S 72 26.56 23.24 15.64
C THR S 72 25.55 23.62 16.71
N ASP S 73 25.03 24.84 16.70
CA ASP S 73 24.07 25.27 17.70
C ASP S 73 22.66 24.83 17.31
N SER S 74 21.77 24.87 18.30
CA SER S 74 20.37 24.50 18.11
C SER S 74 19.47 25.52 18.81
N TRP S 75 18.25 25.64 18.30
CA TRP S 75 17.27 26.55 18.90
C TRP S 75 16.81 26.09 20.27
N GLY S 76 17.11 24.86 20.67
CA GLY S 76 16.81 24.35 21.99
C GLY S 76 17.80 24.74 23.06
N GLY S 77 18.75 25.62 22.76
CA GLY S 77 19.71 26.06 23.75
C GLY S 77 20.85 25.11 24.02
N TRP S 78 21.17 24.22 23.09
CA TRP S 78 22.26 23.28 23.23
C TRP S 78 23.11 23.25 21.97
N SER S 79 24.31 22.71 22.10
CA SER S 79 25.25 22.58 21.00
C SER S 79 25.83 21.17 20.98
N ILE S 80 26.39 20.80 19.82
CA ILE S 80 26.98 19.47 19.66
C ILE S 80 28.18 19.31 20.60
N THR S 81 28.99 20.37 20.74
CA THR S 81 30.13 20.32 21.64
C THR S 81 29.74 20.25 23.11
N GLY S 82 28.47 20.48 23.44
CA GLY S 82 28.01 20.46 24.80
C GLY S 82 27.99 21.80 25.48
N GLU S 83 28.52 22.85 24.84
CA GLU S 83 28.52 24.18 25.42
C GLU S 83 27.18 24.85 25.16
N SER S 84 26.49 25.25 26.22
CA SER S 84 25.19 25.89 26.09
C SER S 84 25.34 27.25 25.40
N VAL S 85 24.37 27.59 24.57
CA VAL S 85 24.38 28.84 23.80
C VAL S 85 23.14 29.64 24.16
N ALA S 86 23.33 30.93 24.42
CA ALA S 86 22.21 31.79 24.78
C ALA S 86 21.44 32.27 23.55
N ASN S 87 22.16 32.82 22.57
CA ASN S 87 21.56 33.26 21.31
C ASN S 87 22.03 32.31 20.20
N PRO S 88 21.27 31.25 19.92
CA PRO S 88 21.72 30.27 18.92
C PRO S 88 21.85 30.83 17.51
N GLY S 89 21.01 31.79 17.14
CA GLY S 89 20.97 32.27 15.78
C GLY S 89 20.04 31.45 14.90
N PHE S 90 19.72 32.02 13.73
CA PHE S 90 18.78 31.36 12.83
C PHE S 90 19.37 30.08 12.24
N TRP S 91 20.65 30.09 11.89
CA TRP S 91 21.27 28.96 11.19
C TRP S 91 21.66 27.85 12.17
N SER S 92 20.65 27.37 12.89
CA SER S 92 20.79 26.17 13.69
C SER S 92 20.38 24.97 12.83
N PHE S 93 20.32 23.78 13.44
CA PHE S 93 19.85 22.61 12.69
C PHE S 93 18.41 22.77 12.26
N GLU S 94 17.55 23.29 13.15
CA GLU S 94 16.16 23.53 12.82
C GLU S 94 16.03 24.56 11.70
N GLY S 95 16.82 25.64 11.77
CA GLY S 95 16.78 26.64 10.73
C GLY S 95 17.23 26.10 9.37
N VAL S 96 18.29 25.29 9.36
CA VAL S 96 18.76 24.68 8.13
C VAL S 96 17.69 23.74 7.55
N ALA S 97 17.05 22.95 8.41
CA ALA S 97 16.01 22.04 7.94
C ALA S 97 14.84 22.80 7.35
N LEU S 98 14.39 23.87 8.03
CA LEU S 98 13.28 24.66 7.51
C LEU S 98 13.65 25.37 6.21
N ALA S 99 14.90 25.84 6.11
CA ALA S 99 15.35 26.45 4.87
C ALA S 99 15.36 25.45 3.73
N HIS S 100 15.82 24.22 3.98
CA HIS S 100 15.81 23.20 2.94
C HIS S 100 14.39 22.82 2.53
N ILE S 101 13.46 22.76 3.49
CA ILE S 101 12.07 22.46 3.16
C ILE S 101 11.45 23.57 2.32
N GLY S 102 11.67 24.82 2.71
CA GLY S 102 11.16 25.93 1.91
C GLY S 102 11.77 25.97 0.53
N LEU S 103 13.07 25.66 0.42
CA LEU S 103 13.71 25.55 -0.88
C LEU S 103 13.09 24.44 -1.71
N SER S 104 12.78 23.31 -1.08
CA SER S 104 12.10 22.22 -1.79
C SER S 104 10.77 22.68 -2.33
N GLY S 105 9.99 23.41 -1.53
CA GLY S 105 8.72 23.91 -2.01
C GLY S 105 8.86 24.89 -3.16
N LEU S 106 9.82 25.81 -3.06
CA LEU S 106 10.04 26.77 -4.14
C LEU S 106 10.48 26.08 -5.41
N LEU S 107 11.35 25.07 -5.29
CA LEU S 107 11.77 24.31 -6.46
C LEU S 107 10.61 23.51 -7.05
N PHE S 108 9.70 23.01 -6.21
CA PHE S 108 8.52 22.34 -6.72
C PHE S 108 7.64 23.29 -7.53
N LEU S 109 7.43 24.50 -7.01
CA LEU S 109 6.66 25.49 -7.76
C LEU S 109 7.33 25.85 -9.09
N ALA S 110 8.66 26.02 -9.06
CA ALA S 110 9.39 26.31 -10.28
C ALA S 110 9.30 25.16 -11.28
N ALA S 111 9.36 23.92 -10.79
CA ALA S 111 9.22 22.75 -11.67
C ALA S 111 7.83 22.71 -12.29
N VAL S 112 6.80 23.03 -11.51
CA VAL S 112 5.45 23.08 -12.05
C VAL S 112 5.34 24.13 -13.15
N TRP S 113 5.90 25.32 -12.91
CA TRP S 113 5.86 26.37 -13.91
C TRP S 113 6.59 25.96 -15.19
N HIS S 114 7.78 25.37 -15.03
CA HIS S 114 8.57 25.00 -16.21
C HIS S 114 7.94 23.85 -16.98
N TRP S 115 7.29 22.92 -16.27
CA TRP S 115 6.54 21.86 -16.96
C TRP S 115 5.37 22.43 -17.74
N VAL S 116 4.63 23.36 -17.15
CA VAL S 116 3.49 23.96 -17.85
C VAL S 116 3.97 24.86 -18.99
N TYR S 117 4.94 25.72 -18.72
CA TYR S 117 5.49 26.62 -19.72
C TYR S 117 6.80 26.02 -20.25
N TRP S 118 6.64 25.07 -21.17
CA TRP S 118 7.79 24.36 -21.75
C TRP S 118 8.29 24.98 -23.04
N ASP S 119 7.42 25.63 -23.81
CA ASP S 119 7.77 26.14 -25.13
C ASP S 119 8.26 27.57 -25.00
N LEU S 120 9.58 27.74 -24.92
CA LEU S 120 10.20 29.05 -24.83
C LEU S 120 11.16 29.24 -26.00
N GLU S 121 11.29 30.49 -26.46
CA GLU S 121 12.20 30.81 -27.55
C GLU S 121 13.66 30.58 -27.16
N LEU S 122 13.97 30.58 -25.86
CA LEU S 122 15.34 30.35 -25.42
C LEU S 122 15.80 28.94 -25.76
N PHE S 123 14.90 27.97 -25.71
CA PHE S 123 15.24 26.57 -25.91
C PHE S 123 15.27 26.17 -27.39
N ARG S 124 14.96 27.09 -28.30
CA ARG S 124 14.94 26.80 -29.72
C ARG S 124 16.13 27.46 -30.41
N ASP S 125 16.76 26.72 -31.31
CA ASP S 125 17.93 27.22 -32.02
C ASP S 125 17.53 28.34 -32.98
N PRO S 126 18.25 29.46 -32.99
CA PRO S 126 17.94 30.52 -33.96
C PRO S 126 18.07 30.09 -35.41
N ARG S 127 19.04 29.23 -35.73
CA ARG S 127 19.24 28.81 -37.11
C ARG S 127 18.14 27.87 -37.58
N THR S 128 17.79 26.88 -36.75
CA THR S 128 16.77 25.90 -37.07
C THR S 128 15.71 25.90 -35.97
N GLY S 129 14.44 25.99 -36.36
CA GLY S 129 13.35 26.21 -35.42
C GLY S 129 13.17 25.10 -34.40
N ASN S 130 13.71 23.91 -34.66
CA ASN S 130 13.59 22.82 -33.72
C ASN S 130 14.37 23.12 -32.44
N PRO S 131 13.87 22.66 -31.29
CA PRO S 131 14.57 22.93 -30.02
C PRO S 131 15.93 22.25 -29.96
N ALA S 132 16.87 22.92 -29.29
CA ALA S 132 18.22 22.41 -29.17
C ALA S 132 18.89 23.06 -27.96
N LEU S 133 20.00 22.46 -27.53
CA LEU S 133 20.81 22.98 -26.44
C LEU S 133 22.26 23.03 -26.88
N ASP S 134 22.89 24.19 -26.74
CA ASP S 134 24.30 24.36 -27.07
C ASP S 134 25.12 23.86 -25.88
N LEU S 135 25.27 22.54 -25.83
CA LEU S 135 25.89 21.89 -24.67
C LEU S 135 27.29 22.40 -24.31
N PRO S 136 28.21 22.68 -25.26
CA PRO S 136 29.50 23.24 -24.83
C PRO S 136 29.39 24.59 -24.13
N LYS S 137 28.56 25.49 -24.64
CA LYS S 137 28.40 26.79 -23.99
C LYS S 137 27.74 26.65 -22.62
N ILE S 138 26.74 25.77 -22.52
CA ILE S 138 26.09 25.51 -21.23
C ILE S 138 27.10 24.95 -20.24
N PHE S 139 27.96 24.03 -20.70
CA PHE S 139 28.99 23.50 -19.84
C PHE S 139 29.96 24.57 -19.38
N GLY S 140 30.36 25.47 -20.28
CA GLY S 140 31.23 26.56 -19.89
C GLY S 140 30.60 27.46 -18.85
N ILE S 141 29.33 27.81 -19.05
CA ILE S 141 28.63 28.69 -18.10
C ILE S 141 28.52 28.02 -16.73
N HIS S 142 28.09 26.76 -16.71
CA HIS S 142 27.92 26.06 -15.44
C HIS S 142 29.25 25.76 -14.77
N LEU S 143 30.32 25.55 -15.56
CA LEU S 143 31.65 25.38 -15.00
C LEU S 143 32.15 26.67 -14.37
N LEU S 144 31.88 27.81 -15.01
CA LEU S 144 32.23 29.09 -14.40
C LEU S 144 31.46 29.31 -13.11
N LEU S 145 30.17 28.95 -13.10
CA LEU S 145 29.37 29.06 -11.88
C LEU S 145 29.94 28.18 -10.77
N SER S 146 30.29 26.94 -11.11
CA SER S 146 30.84 26.03 -10.10
C SER S 146 32.18 26.51 -9.60
N GLY S 147 33.01 27.08 -10.48
CA GLY S 147 34.28 27.64 -10.04
C GLY S 147 34.10 28.82 -9.11
N VAL S 148 33.13 29.70 -9.41
CA VAL S 148 32.84 30.82 -8.52
C VAL S 148 32.37 30.32 -7.17
N LEU S 149 31.48 29.32 -7.16
CA LEU S 149 31.00 28.77 -5.90
C LEU S 149 32.13 28.12 -5.11
N CYS S 150 33.01 27.38 -5.79
CA CYS S 150 34.12 26.72 -5.13
C CYS S 150 35.08 27.73 -4.51
N PHE S 151 35.41 28.78 -5.27
CA PHE S 151 36.30 29.82 -4.76
C PHE S 151 35.67 30.56 -3.59
N GLY S 152 34.37 30.84 -3.67
CA GLY S 152 33.70 31.51 -2.57
C GLY S 152 33.66 30.66 -1.32
N PHE S 153 33.40 29.36 -1.47
CA PHE S 153 33.39 28.46 -0.31
C PHE S 153 34.77 28.35 0.31
N GLY S 154 35.81 28.19 -0.52
CA GLY S 154 37.15 28.06 0.03
C GLY S 154 37.67 29.34 0.66
N ALA S 155 37.41 30.48 0.03
CA ALA S 155 38.04 31.73 0.45
C ALA S 155 37.28 32.41 1.57
N PHE S 156 35.95 32.29 1.61
CA PHE S 156 35.14 33.00 2.59
C PHE S 156 34.62 32.08 3.70
N HIS S 157 33.93 31.00 3.33
CA HIS S 157 33.32 30.14 4.35
C HIS S 157 34.39 29.39 5.15
N VAL S 158 35.31 28.72 4.45
CA VAL S 158 36.26 27.83 5.13
C VAL S 158 37.30 28.64 5.91
N THR S 159 37.83 29.69 5.30
CA THR S 159 38.86 30.50 5.96
C THR S 159 38.30 31.41 7.04
N GLY S 160 36.97 31.53 7.15
CA GLY S 160 36.36 32.33 8.18
C GLY S 160 36.40 33.83 7.95
N ALA S 161 36.88 34.28 6.79
CA ALA S 161 36.84 35.71 6.48
C ALA S 161 35.40 36.21 6.40
N TRP S 162 34.54 35.46 5.72
CA TRP S 162 33.10 35.71 5.72
C TRP S 162 32.35 34.39 5.88
N GLY S 163 32.77 33.60 6.87
CA GLY S 163 32.14 32.33 7.13
C GLY S 163 32.45 31.79 8.51
N PRO S 164 31.82 30.68 8.87
CA PRO S 164 32.06 30.09 10.21
C PRO S 164 33.30 29.22 10.30
N GLY S 165 33.86 28.78 9.17
CA GLY S 165 34.95 27.83 9.19
C GLY S 165 34.46 26.40 9.01
N ILE S 166 35.35 25.46 9.34
CA ILE S 166 35.07 24.04 9.22
C ILE S 166 35.41 23.37 10.54
N TRP S 167 34.94 22.13 10.69
CA TRP S 167 35.17 21.37 11.91
C TRP S 167 36.61 20.88 11.94
N VAL S 168 37.34 21.23 13.00
CA VAL S 168 38.70 20.78 13.22
C VAL S 168 38.76 20.13 14.59
N SER S 169 39.36 18.94 14.65
CA SER S 169 39.56 18.22 15.89
C SER S 169 41.05 17.95 16.10
N ASP S 170 41.38 17.43 17.27
CA ASP S 170 42.75 17.06 17.57
C ASP S 170 43.04 15.69 16.96
N ALA S 171 44.23 15.15 17.25
CA ALA S 171 44.63 13.87 16.70
C ALA S 171 43.78 12.71 17.21
N TYR S 172 43.14 12.87 18.37
CA TYR S 172 42.39 11.77 18.98
C TYR S 172 40.93 12.16 19.26
N GLY S 173 40.45 13.24 18.66
CA GLY S 173 39.05 13.60 18.74
C GLY S 173 38.54 13.92 20.14
N ILE S 174 39.30 14.68 20.91
CA ILE S 174 38.90 15.06 22.26
C ILE S 174 38.33 16.47 22.29
N THR S 175 39.01 17.42 21.65
CA THR S 175 38.59 18.82 21.61
C THR S 175 38.50 19.24 20.14
N GLY S 176 37.31 19.18 19.58
CA GLY S 176 37.07 19.60 18.21
C GLY S 176 35.89 20.54 18.12
N LYS S 177 35.98 21.51 17.22
CA LYS S 177 34.95 22.52 17.07
C LYS S 177 35.08 23.15 15.69
N VAL S 178 34.10 23.98 15.34
CA VAL S 178 34.12 24.67 14.07
C VAL S 178 34.97 25.93 14.21
N GLN S 179 36.05 25.99 13.44
CA GLN S 179 36.98 27.11 13.46
C GLN S 179 37.44 27.40 12.04
N PRO S 180 37.85 28.63 11.77
CA PRO S 180 38.47 28.94 10.48
C PRO S 180 39.83 28.29 10.35
N VAL S 181 40.19 27.97 9.10
CA VAL S 181 41.52 27.45 8.79
C VAL S 181 42.15 28.31 7.70
N ALA S 182 43.45 28.56 7.84
CA ALA S 182 44.15 29.30 6.79
C ALA S 182 44.64 28.33 5.73
N PRO S 183 44.66 28.73 4.45
CA PRO S 183 45.09 27.80 3.39
C PRO S 183 46.56 27.42 3.53
N ALA S 184 46.86 26.18 3.12
CA ALA S 184 48.22 25.66 3.09
C ALA S 184 48.60 25.42 1.64
N TRP S 185 49.47 26.27 1.10
CA TRP S 185 49.83 26.22 -0.32
C TRP S 185 51.05 25.36 -0.60
N GLY S 186 51.69 24.81 0.43
CA GLY S 186 52.82 23.94 0.24
C GLY S 186 52.40 22.50 -0.01
N PRO S 187 53.37 21.58 -0.04
CA PRO S 187 53.03 20.16 -0.18
C PRO S 187 52.26 19.60 1.00
N GLU S 188 52.29 20.27 2.15
CA GLU S 188 51.56 19.84 3.33
C GLU S 188 50.05 19.99 3.18
N GLY S 189 49.58 20.66 2.14
CA GLY S 189 48.17 20.76 1.87
C GLY S 189 47.56 19.60 1.12
N PHE S 190 48.35 18.57 0.81
CA PHE S 190 47.87 17.45 0.00
C PHE S 190 47.65 16.17 0.78
N ASN S 191 48.11 16.09 2.03
CA ASN S 191 47.70 14.91 2.79
C ASN S 191 46.25 15.07 3.23
N PRO S 192 45.46 13.99 3.23
CA PRO S 192 44.04 14.12 3.54
C PRO S 192 43.74 14.56 4.96
N PHE S 193 44.71 14.47 5.87
CA PHE S 193 44.48 14.77 7.29
C PHE S 193 44.88 16.19 7.66
N ASN S 194 44.86 17.12 6.70
CA ASN S 194 45.16 18.51 6.96
C ASN S 194 43.99 19.39 6.54
N PRO S 195 43.24 19.98 7.49
CA PRO S 195 42.08 20.81 7.11
C PRO S 195 42.45 22.03 6.28
N SER S 196 43.66 22.55 6.43
CA SER S 196 44.10 23.68 5.61
C SER S 196 44.14 23.34 4.13
N GLY S 197 44.42 22.07 3.83
CA GLY S 197 44.40 21.62 2.45
C GLY S 197 43.05 21.79 1.79
N VAL S 198 41.97 21.67 2.56
CA VAL S 198 40.63 21.86 2.01
C VAL S 198 40.45 23.30 1.52
N ALA S 199 40.84 24.27 2.34
CA ALA S 199 40.71 25.67 1.96
C ALA S 199 41.58 25.99 0.75
N SER S 200 42.84 25.56 0.79
CA SER S 200 43.73 25.84 -0.33
C SER S 200 43.23 25.17 -1.61
N HIS S 201 42.73 23.94 -1.49
CA HIS S 201 42.20 23.21 -2.64
C HIS S 201 41.01 23.94 -3.24
N HIS S 202 40.04 24.31 -2.42
CA HIS S 202 38.84 24.93 -2.96
C HIS S 202 39.16 26.28 -3.59
N ILE S 203 40.08 27.06 -2.99
CA ILE S 203 40.45 28.34 -3.59
C ILE S 203 41.13 28.14 -4.95
N ALA S 204 42.15 27.28 -5.00
CA ALA S 204 42.91 27.10 -6.23
C ALA S 204 42.05 26.44 -7.32
N ALA S 205 41.31 25.39 -6.96
CA ALA S 205 40.44 24.72 -7.92
C ALA S 205 39.33 25.64 -8.40
N GLY S 206 38.82 26.52 -7.53
CA GLY S 206 37.83 27.49 -7.97
C GLY S 206 38.39 28.46 -8.98
N ILE S 207 39.61 28.95 -8.75
CA ILE S 207 40.24 29.85 -9.73
C ILE S 207 40.45 29.13 -11.06
N LEU S 208 40.97 27.90 -11.00
CA LEU S 208 41.20 27.14 -12.22
C LEU S 208 39.89 26.83 -12.94
N GLY S 209 38.83 26.52 -12.19
CA GLY S 209 37.54 26.27 -12.80
C GLY S 209 36.94 27.52 -13.42
N PHE S 210 37.16 28.68 -12.79
CA PHE S 210 36.75 29.94 -13.39
C PHE S 210 37.43 30.16 -14.74
N ALA S 211 38.75 29.94 -14.78
CA ALA S 211 39.47 30.07 -16.04
C ALA S 211 38.99 29.06 -17.08
N ALA S 212 38.76 27.81 -16.65
CA ALA S 212 38.29 26.77 -17.56
C ALA S 212 36.90 27.08 -18.09
N GLY S 213 36.03 27.64 -17.24
CA GLY S 213 34.71 28.05 -17.70
C GLY S 213 34.79 29.17 -18.71
N ILE S 214 35.69 30.13 -18.48
CA ILE S 214 35.91 31.19 -19.46
C ILE S 214 36.34 30.59 -20.80
N PHE S 215 37.27 29.63 -20.76
CA PHE S 215 37.74 29.00 -21.99
C PHE S 215 36.61 28.26 -22.69
N HIS S 216 35.91 27.37 -21.97
CA HIS S 216 34.86 26.56 -22.58
C HIS S 216 33.66 27.39 -23.01
N ILE S 217 33.52 28.61 -22.50
CA ILE S 217 32.54 29.54 -23.06
C ILE S 217 33.06 30.16 -24.35
N ALA S 218 34.31 30.63 -24.35
CA ALA S 218 34.82 31.41 -25.48
C ALA S 218 35.12 30.54 -26.69
N VAL S 219 35.66 29.34 -26.48
CA VAL S 219 36.21 28.53 -27.56
C VAL S 219 35.25 27.40 -27.90
N ARG S 220 34.93 27.26 -29.19
CA ARG S 220 34.09 26.19 -29.69
C ARG S 220 34.89 24.88 -29.79
N PRO S 221 34.20 23.73 -29.66
CA PRO S 221 34.92 22.46 -29.71
C PRO S 221 35.46 22.18 -31.09
N PRO S 222 36.54 21.38 -31.19
CA PRO S 222 36.99 20.92 -32.51
C PRO S 222 35.96 20.01 -33.16
N GLN S 223 35.97 19.99 -34.49
CA GLN S 223 35.04 19.14 -35.22
C GLN S 223 35.28 17.66 -34.93
N ARG S 224 36.55 17.27 -34.80
CA ARG S 224 36.86 15.87 -34.50
C ARG S 224 36.29 15.44 -33.15
N LEU S 225 36.43 16.30 -32.14
CA LEU S 225 35.86 15.98 -30.83
C LEU S 225 34.34 16.06 -30.85
N TYR S 226 33.78 16.97 -31.62
CA TYR S 226 32.32 17.09 -31.72
C TYR S 226 31.72 15.83 -32.34
N ARG S 227 32.37 15.29 -33.38
CA ARG S 227 31.87 14.06 -33.99
C ARG S 227 32.17 12.84 -33.12
N ALA S 228 33.36 12.82 -32.48
CA ALA S 228 33.78 11.63 -31.74
C ALA S 228 32.97 11.47 -30.46
N LEU S 229 32.79 12.56 -29.71
CA LEU S 229 32.09 12.49 -28.43
C LEU S 229 30.59 12.73 -28.57
N ARG S 230 30.09 12.95 -29.79
CA ARG S 230 28.67 13.21 -30.05
C ARG S 230 28.16 14.37 -29.20
N MET S 231 28.89 15.49 -29.23
CA MET S 231 28.61 16.62 -28.36
C MET S 231 27.26 17.28 -28.65
N GLY S 232 26.64 17.00 -29.78
CA GLY S 232 25.30 17.47 -30.04
C GLY S 232 24.20 16.63 -29.40
N ASN S 233 24.57 15.59 -28.67
CA ASN S 233 23.63 14.68 -28.03
C ASN S 233 23.72 14.84 -26.52
N ILE S 234 22.56 14.96 -25.87
CA ILE S 234 22.51 15.10 -24.42
C ILE S 234 22.96 13.83 -23.70
N GLU S 235 22.83 12.67 -24.35
CA GLU S 235 23.13 11.41 -23.68
C GLU S 235 24.62 11.24 -23.43
N THR S 236 25.48 11.81 -24.26
CA THR S 236 26.91 11.76 -23.97
C THR S 236 27.24 12.61 -22.75
N VAL S 237 26.54 13.73 -22.57
CA VAL S 237 26.68 14.51 -21.35
C VAL S 237 26.24 13.71 -20.15
N LEU S 238 25.12 12.98 -20.29
CA LEU S 238 24.65 12.12 -19.20
C LEU S 238 25.68 11.06 -18.86
N SER S 239 26.26 10.42 -19.87
CA SER S 239 27.23 9.35 -19.63
C SER S 239 28.49 9.90 -18.96
N SER S 240 29.01 11.03 -19.45
CA SER S 240 30.21 11.61 -18.85
C SER S 240 29.94 12.10 -17.42
N SER S 241 28.77 12.68 -17.18
CA SER S 241 28.42 13.12 -15.84
C SER S 241 28.28 11.94 -14.89
N ILE S 242 27.71 10.83 -15.36
CA ILE S 242 27.60 9.63 -14.54
C ILE S 242 28.98 9.07 -14.24
N ALA S 243 29.88 9.12 -15.22
CA ALA S 243 31.26 8.66 -15.01
C ALA S 243 31.96 9.48 -13.93
N ALA S 244 31.90 10.81 -14.06
CA ALA S 244 32.52 11.66 -13.06
C ALA S 244 31.85 11.50 -11.70
N VAL S 245 30.54 11.24 -11.70
CA VAL S 245 29.78 11.11 -10.47
C VAL S 245 30.18 9.84 -9.72
N PHE S 246 30.34 8.72 -10.43
CA PHE S 246 30.77 7.51 -9.72
C PHE S 246 32.25 7.57 -9.36
N TRP S 247 33.06 8.30 -10.13
CA TRP S 247 34.43 8.57 -9.74
C TRP S 247 34.48 9.31 -8.40
N SER S 248 33.70 10.38 -8.28
CA SER S 248 33.64 11.13 -7.03
C SER S 248 33.03 10.30 -5.90
N ALA S 249 32.07 9.44 -6.22
CA ALA S 249 31.48 8.57 -5.20
C ALA S 249 32.50 7.60 -4.65
N PHE S 250 33.32 7.00 -5.52
CA PHE S 250 34.39 6.12 -5.07
C PHE S 250 35.39 6.89 -4.21
N ILE S 251 35.75 8.11 -4.61
CA ILE S 251 36.72 8.89 -3.85
C ILE S 251 36.17 9.23 -2.46
N THR S 252 34.90 9.64 -2.40
CA THR S 252 34.30 9.98 -1.10
C THR S 252 34.13 8.74 -0.23
N THR S 253 33.80 7.60 -0.84
CA THR S 253 33.74 6.35 -0.10
C THR S 253 35.09 6.00 0.51
N GLY S 254 36.16 6.14 -0.28
CA GLY S 254 37.49 5.88 0.25
C GLY S 254 37.88 6.83 1.37
N THR S 255 37.59 8.12 1.21
CA THR S 255 37.94 9.09 2.24
C THR S 255 37.14 8.85 3.52
N MET S 256 35.86 8.47 3.39
CA MET S 256 35.05 8.18 4.56
C MET S 256 35.55 6.92 5.27
N TRP S 257 35.86 5.86 4.53
CA TRP S 257 36.24 4.61 5.16
C TRP S 257 37.63 4.68 5.77
N TYR S 258 38.60 5.24 5.04
CA TYR S 258 39.96 5.33 5.54
C TYR S 258 40.17 6.48 6.50
N GLY S 259 39.34 7.51 6.42
CA GLY S 259 39.47 8.66 7.30
C GLY S 259 40.13 9.83 6.60
N SER S 260 39.78 11.04 7.04
CA SER S 260 40.29 12.27 6.45
C SER S 260 39.98 13.42 7.40
N ALA S 261 40.52 14.60 7.08
CA ALA S 261 40.15 15.80 7.79
C ALA S 261 38.69 16.19 7.55
N THR S 262 38.12 15.76 6.44
CA THR S 262 36.72 15.99 6.13
C THR S 262 35.79 14.94 6.73
N THR S 263 36.34 13.95 7.44
CA THR S 263 35.55 12.95 8.15
C THR S 263 36.03 12.89 9.61
N PRO S 264 35.67 13.89 10.41
CA PRO S 264 36.15 13.91 11.80
C PRO S 264 35.63 12.74 12.61
N ILE S 265 36.45 12.30 13.57
CA ILE S 265 36.08 11.18 14.44
C ILE S 265 34.92 11.57 15.35
N GLU S 266 34.87 12.83 15.80
CA GLU S 266 33.79 13.26 16.69
C GLU S 266 32.46 13.37 15.98
N LEU S 267 32.43 13.39 14.64
CA LEU S 267 31.20 13.50 13.88
C LEU S 267 30.75 12.18 13.27
N PHE S 268 31.68 11.34 12.82
CA PHE S 268 31.35 10.09 12.16
C PHE S 268 31.78 8.85 12.93
N GLY S 269 32.53 8.99 14.02
CA GLY S 269 33.00 7.86 14.78
C GLY S 269 34.36 7.39 14.34
N PRO S 270 34.96 6.48 15.10
CA PRO S 270 36.28 5.95 14.73
C PRO S 270 36.21 5.11 13.47
N THR S 271 37.36 5.01 12.80
CA THR S 271 37.51 4.10 11.68
C THR S 271 37.94 2.72 12.18
N ARG S 272 37.81 1.73 11.29
CA ARG S 272 38.21 0.37 11.67
C ARG S 272 39.73 0.25 11.77
N TYR S 273 40.48 1.04 11.00
CA TYR S 273 41.92 0.95 11.01
C TYR S 273 42.52 1.60 12.26
N GLN S 274 41.75 2.43 12.96
CA GLN S 274 42.21 2.92 14.27
C GLN S 274 42.13 1.81 15.32
N TRP S 275 41.15 0.92 15.21
CA TRP S 275 41.10 -0.23 16.10
C TRP S 275 42.12 -1.30 15.68
N ASP S 276 42.32 -1.46 14.37
CA ASP S 276 43.27 -2.47 13.88
C ASP S 276 44.69 -2.18 14.37
N SER S 277 45.10 -0.92 14.33
CA SER S 277 46.44 -0.54 14.75
C SER S 277 46.53 -0.14 16.22
N GLY S 278 45.42 -0.17 16.95
CA GLY S 278 45.41 0.27 18.33
C GLY S 278 45.74 1.74 18.46
N TYR S 279 45.11 2.57 17.61
CA TYR S 279 45.46 3.98 17.56
C TYR S 279 45.17 4.69 18.88
N PHE S 280 44.03 4.38 19.50
CA PHE S 280 43.71 5.01 20.78
C PHE S 280 44.33 4.28 21.96
N GLN S 281 44.51 2.95 21.85
CA GLN S 281 45.11 2.19 22.94
C GLN S 281 46.55 2.62 23.20
N GLN S 282 47.32 2.84 22.12
CA GLN S 282 48.69 3.28 22.28
C GLN S 282 48.76 4.65 22.95
N GLU S 283 47.87 5.57 22.57
CA GLU S 283 47.84 6.88 23.20
C GLU S 283 47.46 6.79 24.67
N ILE S 284 46.50 5.93 25.00
CA ILE S 284 46.10 5.77 26.40
C ILE S 284 47.27 5.23 27.23
N GLU S 285 47.94 4.20 26.70
CA GLU S 285 49.10 3.64 27.41
C GLU S 285 50.22 4.65 27.53
N ARG S 286 50.43 5.47 26.49
CA ARG S 286 51.47 6.49 26.54
C ARG S 286 51.16 7.55 27.59
N ARG S 287 49.89 7.98 27.67
CA ARG S 287 49.49 8.93 28.71
C ARG S 287 49.66 8.34 30.10
N VAL S 288 49.29 7.07 30.26
CA VAL S 288 49.43 6.41 31.56
C VAL S 288 50.90 6.31 31.95
N GLU S 289 51.76 5.94 31.00
CA GLU S 289 53.19 5.85 31.28
C GLU S 289 53.79 7.21 31.62
N ASN S 290 53.38 8.26 30.90
CA ASN S 290 53.87 9.59 31.21
C ASN S 290 53.43 10.04 32.60
N SER S 291 52.17 9.74 32.97
CA SER S 291 51.71 10.08 34.31
C SER S 291 52.46 9.30 35.37
N LEU S 292 52.76 8.01 35.10
CA LEU S 292 53.52 7.22 36.05
C LEU S 292 54.95 7.73 36.21
N ASN S 293 55.53 8.28 35.14
CA ASN S 293 56.88 8.82 35.23
C ASN S 293 56.94 10.07 36.10
N GLU S 294 55.84 10.82 36.19
CA GLU S 294 55.80 12.04 36.99
C GLU S 294 55.48 11.78 38.46
N GLY S 295 55.59 10.53 38.92
CA GLY S 295 55.38 10.20 40.31
C GLY S 295 53.96 9.81 40.68
N LEU S 296 53.00 9.98 39.78
CA LEU S 296 51.63 9.61 40.08
C LEU S 296 51.47 8.09 40.12
N SER S 297 50.58 7.62 40.98
CA SER S 297 50.32 6.21 41.12
C SER S 297 49.47 5.71 39.95
N LEU S 298 49.27 4.38 39.91
CA LEU S 298 48.53 3.77 38.81
C LEU S 298 47.07 4.22 38.81
N SER S 299 46.44 4.31 39.98
CA SER S 299 45.07 4.79 40.06
C SER S 299 44.95 6.24 39.59
N GLU S 300 45.88 7.09 40.02
CA GLU S 300 45.88 8.47 39.55
C GLU S 300 46.17 8.56 38.06
N ALA S 301 47.10 7.73 37.56
CA ALA S 301 47.43 7.74 36.14
C ALA S 301 46.23 7.35 35.28
N TRP S 302 45.50 6.32 35.69
CA TRP S 302 44.32 5.91 34.95
C TRP S 302 43.12 6.83 35.19
N SER S 303 43.13 7.60 36.28
CA SER S 303 42.07 8.56 36.52
C SER S 303 42.24 9.83 35.68
N ARG S 304 43.44 10.07 35.15
CA ARG S 304 43.67 11.22 34.27
C ARG S 304 43.24 10.95 32.83
N ILE S 305 42.89 9.70 32.51
CA ILE S 305 42.46 9.34 31.16
C ILE S 305 41.03 9.83 30.95
N PRO S 306 40.77 10.64 29.92
CA PRO S 306 39.39 11.08 29.66
C PRO S 306 38.49 9.93 29.26
N ASP S 307 37.21 10.08 29.57
CA ASP S 307 36.23 9.06 29.23
C ASP S 307 36.05 8.94 27.72
N LYS S 308 36.15 10.06 27.01
CA LYS S 308 35.98 10.05 25.55
C LYS S 308 37.07 9.22 24.87
N LEU S 309 38.32 9.38 25.31
CA LEU S 309 39.42 8.63 24.72
C LEU S 309 39.27 7.14 24.98
N ALA S 310 38.86 6.76 26.19
CA ALA S 310 38.62 5.35 26.49
C ALA S 310 37.46 4.79 25.69
N PHE S 311 36.41 5.60 25.49
CA PHE S 311 35.27 5.17 24.69
C PHE S 311 35.66 5.00 23.23
N TYR S 312 36.64 5.77 22.75
CA TYR S 312 37.16 5.54 21.40
C TYR S 312 37.87 4.20 21.29
N ASP S 313 38.50 3.74 22.36
CA ASP S 313 39.19 2.45 22.36
C ASP S 313 38.23 1.34 22.79
N TYR S 314 37.13 1.22 22.03
CA TYR S 314 36.10 0.23 22.28
C TYR S 314 35.67 -0.37 20.95
N VAL S 315 35.63 -1.71 20.87
CA VAL S 315 35.35 -2.37 19.61
C VAL S 315 33.89 -2.20 19.19
N GLY S 316 33.00 -1.83 20.11
CA GLY S 316 31.63 -1.57 19.73
C GLY S 316 31.47 -0.32 18.88
N ASN S 317 32.44 0.58 18.93
CA ASN S 317 32.47 1.76 18.08
C ASN S 317 33.17 1.51 16.75
N ASN S 318 33.68 0.31 16.54
CA ASN S 318 34.29 -0.03 15.26
C ASN S 318 33.21 -0.11 14.19
N PRO S 319 33.35 0.61 13.07
CA PRO S 319 32.34 0.52 12.00
C PRO S 319 32.25 -0.84 11.34
N ALA S 320 33.28 -1.70 11.50
CA ALA S 320 33.30 -3.02 10.89
C ALA S 320 32.82 -4.10 11.84
N LYS S 321 31.91 -3.76 12.77
CA LYS S 321 31.35 -4.73 13.69
C LYS S 321 29.84 -4.85 13.58
N GLY S 322 29.21 -4.13 12.67
CA GLY S 322 27.77 -4.14 12.52
C GLY S 322 27.28 -5.24 11.60
N GLY S 323 26.03 -5.09 11.16
CA GLY S 323 25.43 -6.06 10.27
C GLY S 323 24.62 -5.35 9.20
N LEU S 324 24.41 -6.08 8.10
CA LEU S 324 23.65 -5.52 6.97
C LEU S 324 22.21 -5.23 7.36
N PHE S 325 21.58 -6.14 8.11
CA PHE S 325 20.19 -5.98 8.52
C PHE S 325 20.06 -5.71 10.02
N ARG S 326 21.15 -5.34 10.67
CA ARG S 326 21.11 -4.85 12.04
C ARG S 326 20.84 -3.35 11.96
N ALA S 327 19.56 -2.99 12.04
CA ALA S 327 19.14 -1.62 11.79
C ALA S 327 19.15 -0.79 13.06
N GLY S 328 19.22 0.53 12.88
CA GLY S 328 19.15 1.46 13.97
C GLY S 328 20.50 1.96 14.45
N PRO S 329 20.49 2.77 15.49
CA PRO S 329 21.75 3.32 16.02
C PRO S 329 22.54 2.26 16.78
N MET S 330 23.80 2.61 17.06
CA MET S 330 24.66 1.72 17.84
C MET S 330 24.17 1.57 19.26
N ASN S 331 23.46 2.57 19.77
CA ASN S 331 22.84 2.45 21.09
C ASN S 331 21.77 1.36 21.10
N LYS S 332 21.02 1.23 20.00
CA LYS S 332 20.12 0.10 19.84
C LYS S 332 20.89 -1.22 19.83
N GLY S 333 22.16 -1.20 19.43
CA GLY S 333 22.96 -2.41 19.39
C GLY S 333 23.51 -2.85 20.73
N ASP S 334 24.33 -2.02 21.37
CA ASP S 334 25.00 -2.41 22.60
C ASP S 334 24.59 -1.56 23.80
N GLY S 335 23.42 -0.93 23.74
CA GLY S 335 22.97 -0.06 24.82
C GLY S 335 23.60 1.31 24.74
N ILE S 336 23.11 2.21 25.60
CA ILE S 336 23.67 3.55 25.71
C ILE S 336 24.74 3.54 26.77
N ALA S 337 25.91 4.08 26.44
CA ALA S 337 27.02 4.12 27.38
C ALA S 337 26.76 5.14 28.47
N GLU S 338 26.92 4.73 29.73
CA GLU S 338 26.68 5.59 30.87
C GLU S 338 27.98 6.15 31.45
N ALA S 339 28.93 5.28 31.79
CA ALA S 339 30.19 5.72 32.36
C ALA S 339 31.27 4.69 32.10
N TRP S 340 32.52 5.14 32.18
CA TRP S 340 33.68 4.26 32.03
C TRP S 340 33.92 3.52 33.34
N LEU S 341 34.04 2.20 33.26
CA LEU S 341 34.28 1.40 34.46
C LEU S 341 35.74 1.35 34.88
N GLY S 342 36.66 1.79 34.02
CA GLY S 342 38.06 1.79 34.36
C GLY S 342 38.81 0.65 33.69
N HIS S 343 40.13 0.80 33.65
CA HIS S 343 40.97 -0.21 33.02
C HIS S 343 41.15 -1.40 33.95
N PRO S 344 40.87 -2.62 33.50
CA PRO S 344 41.10 -3.80 34.34
C PRO S 344 42.49 -4.39 34.15
N ILE S 345 43.03 -4.91 35.25
CA ILE S 345 44.32 -5.58 35.27
C ILE S 345 44.14 -6.94 35.93
N PHE S 346 44.57 -7.99 35.25
CA PHE S 346 44.38 -9.36 35.70
C PHE S 346 45.71 -9.92 36.19
N GLN S 347 45.68 -10.53 37.39
CA GLN S 347 46.86 -11.17 37.96
C GLN S 347 46.50 -12.58 38.40
N ASP S 348 47.39 -13.53 38.11
CA ASP S 348 47.19 -14.91 38.53
C ASP S 348 47.68 -15.07 39.98
N LYS S 349 47.77 -16.32 40.43
CA LYS S 349 48.23 -16.57 41.80
C LYS S 349 49.68 -16.16 41.99
N GLU S 350 50.52 -16.39 40.98
CA GLU S 350 51.92 -15.99 41.07
C GLU S 350 52.05 -14.47 41.15
N GLY S 351 51.22 -13.75 40.41
CA GLY S 351 51.30 -12.31 40.33
C GLY S 351 51.68 -11.75 38.98
N ARG S 352 51.78 -12.60 37.95
CA ARG S 352 52.11 -12.11 36.62
C ARG S 352 50.98 -11.27 36.05
N GLU S 353 51.35 -10.17 35.38
CA GLU S 353 50.37 -9.32 34.73
C GLU S 353 49.76 -10.05 33.55
N LEU S 354 48.43 -10.05 33.47
CA LEU S 354 47.70 -10.73 32.41
C LEU S 354 46.85 -9.73 31.65
N THR S 355 46.90 -9.80 30.32
CA THR S 355 46.09 -8.97 29.45
C THR S 355 45.25 -9.85 28.55
N VAL S 356 43.99 -9.46 28.36
CA VAL S 356 43.08 -10.19 27.49
C VAL S 356 43.28 -9.71 26.06
N ARG S 357 43.47 -10.64 25.14
CA ARG S 357 43.70 -10.29 23.75
C ARG S 357 42.45 -9.64 23.17
N ARG S 358 42.65 -8.51 22.48
CA ARG S 358 41.54 -7.79 21.89
C ARG S 358 40.88 -8.60 20.78
N MET S 359 39.56 -8.49 20.69
CA MET S 359 38.82 -9.18 19.64
C MET S 359 39.06 -8.49 18.30
N PRO S 360 39.60 -9.15 17.24
CA PRO S 360 39.71 -8.48 15.93
C PRO S 360 38.33 -8.22 15.34
N ALA S 361 38.22 -7.18 14.49
CA ALA S 361 36.90 -6.82 13.89
C ALA S 361 36.47 -8.03 13.05
N PHE S 362 37.42 -8.81 12.53
CA PHE S 362 37.07 -9.95 11.63
C PHE S 362 36.18 -10.97 12.36
N PHE S 363 36.55 -11.36 13.58
CA PHE S 363 35.77 -12.39 14.31
C PHE S 363 34.41 -12.04 14.89
N GLU S 364 33.37 -12.79 14.52
CA GLU S 364 32.08 -12.60 15.17
C GLU S 364 32.14 -13.05 16.63
N THR S 365 32.76 -14.19 16.89
CA THR S 365 32.99 -14.69 18.24
C THR S 365 34.47 -15.01 18.39
N PHE S 366 35.09 -14.46 19.43
CA PHE S 366 36.51 -14.65 19.64
C PHE S 366 36.77 -15.27 21.01
N PRO S 367 37.67 -16.25 21.09
CA PRO S 367 37.97 -16.87 22.39
C PRO S 367 38.58 -15.89 23.37
N VAL S 368 38.29 -16.09 24.65
CA VAL S 368 38.80 -15.25 25.72
C VAL S 368 40.14 -15.83 26.17
N ILE S 369 41.22 -15.09 25.90
CA ILE S 369 42.58 -15.55 26.16
C ILE S 369 43.30 -14.50 26.99
N LEU S 370 43.95 -14.91 28.07
CA LEU S 370 44.77 -14.03 28.89
C LEU S 370 46.23 -14.43 28.74
N VAL S 371 47.07 -13.46 28.39
CA VAL S 371 48.50 -13.71 28.17
C VAL S 371 49.30 -12.77 29.05
N ASP S 372 50.50 -13.21 29.41
CA ASP S 372 51.41 -12.40 30.20
C ASP S 372 52.24 -11.51 29.29
N LYS S 373 53.24 -10.82 29.85
CA LYS S 373 54.07 -9.94 29.05
C LYS S 373 54.92 -10.71 28.06
N ASP S 374 55.35 -11.92 28.41
CA ASP S 374 56.11 -12.74 27.47
C ASP S 374 55.25 -13.14 26.27
N GLY S 375 53.98 -13.47 26.51
CA GLY S 375 53.08 -13.91 25.46
C GLY S 375 52.50 -15.29 25.67
N ILE S 376 52.86 -16.00 26.75
CA ILE S 376 52.37 -17.35 26.99
C ILE S 376 50.93 -17.28 27.51
N ILE S 377 50.14 -18.27 27.11
CA ILE S 377 48.74 -18.35 27.55
C ILE S 377 48.71 -18.85 28.99
N ARG S 378 48.06 -18.09 29.86
CA ARG S 378 47.92 -18.44 31.27
C ARG S 378 46.51 -18.81 31.67
N ALA S 379 45.52 -18.05 31.23
CA ALA S 379 44.12 -18.32 31.56
C ALA S 379 43.27 -18.21 30.31
N ASP S 380 42.18 -18.97 30.29
CA ASP S 380 41.24 -18.92 29.19
C ASP S 380 39.88 -19.42 29.65
N ILE S 381 38.85 -18.96 28.96
CA ILE S 381 37.49 -19.43 29.19
C ILE S 381 37.22 -20.57 28.21
N PRO S 382 36.86 -21.77 28.68
CA PRO S 382 36.57 -22.87 27.76
C PRO S 382 35.38 -22.54 26.88
N PHE S 383 35.32 -23.20 25.72
CA PHE S 383 34.31 -22.92 24.71
C PHE S 383 32.90 -23.08 25.26
N ARG S 384 32.52 -24.31 25.62
CA ARG S 384 31.20 -24.56 26.21
C ARG S 384 31.23 -25.94 26.85
N ARG S 385 31.13 -25.99 28.18
CA ARG S 385 31.05 -27.25 28.94
C ARG S 385 32.21 -28.18 28.60
N ALA S 386 33.41 -27.61 28.46
CA ALA S 386 34.57 -28.34 27.99
C ALA S 386 35.60 -28.51 29.11
N GLU S 387 36.29 -29.65 29.09
CA GLU S 387 37.36 -29.90 30.04
C GLU S 387 38.49 -28.89 29.85
N SER S 388 39.01 -28.37 30.96
CA SER S 388 40.00 -27.30 30.91
C SER S 388 41.12 -27.57 31.90
N LYS S 389 42.29 -27.01 31.61
CA LYS S 389 43.41 -26.98 32.52
C LYS S 389 43.90 -25.57 32.82
N TYR S 390 43.37 -24.55 32.13
CA TYR S 390 43.72 -23.15 32.33
C TYR S 390 42.49 -22.31 32.60
N SER S 391 41.48 -22.88 33.23
CA SER S 391 40.25 -22.14 33.53
C SER S 391 40.53 -21.05 34.56
N ILE S 392 39.74 -19.98 34.48
CA ILE S 392 39.92 -18.84 35.37
C ILE S 392 39.67 -19.25 36.81
N GLU S 393 38.71 -20.13 37.05
CA GLU S 393 38.47 -20.66 38.38
C GLU S 393 39.64 -21.51 38.88
N GLN S 394 40.46 -22.04 37.99
CA GLN S 394 41.59 -22.89 38.38
C GLN S 394 42.88 -22.10 38.54
N VAL S 395 43.17 -21.18 37.61
CA VAL S 395 44.37 -20.35 37.73
C VAL S 395 44.22 -19.33 38.86
N GLY S 396 42.99 -19.07 39.31
CA GLY S 396 42.77 -18.08 40.36
C GLY S 396 43.06 -16.66 39.93
N VAL S 397 42.61 -16.26 38.74
CA VAL S 397 42.86 -14.93 38.24
C VAL S 397 41.98 -13.93 38.99
N THR S 398 42.59 -12.83 39.44
CA THR S 398 41.89 -11.75 40.11
C THR S 398 42.09 -10.46 39.32
N THR S 399 41.02 -9.69 39.19
CA THR S 399 41.03 -8.46 38.41
C THR S 399 40.90 -7.25 39.33
N SER S 400 41.61 -6.18 38.98
CA SER S 400 41.56 -4.92 39.73
C SER S 400 41.38 -3.79 38.72
N PHE S 401 40.48 -2.87 39.03
CA PHE S 401 40.15 -1.77 38.13
C PHE S 401 40.84 -0.50 38.58
N TYR S 402 41.44 0.21 37.64
CA TYR S 402 42.06 1.51 37.88
C TYR S 402 41.35 2.56 37.04
N GLY S 403 40.90 3.63 37.68
CA GLY S 403 40.12 4.65 37.03
C GLY S 403 38.64 4.29 36.95
N GLY S 404 37.85 5.27 36.52
CA GLY S 404 36.43 5.04 36.32
C GLY S 404 35.66 4.85 37.62
N LYS S 405 34.46 4.28 37.47
CA LYS S 405 33.61 4.03 38.63
C LYS S 405 34.23 2.99 39.56
N LEU S 406 34.81 1.93 39.00
CA LEU S 406 35.33 0.81 39.77
C LEU S 406 36.77 1.03 40.23
N ASN S 407 37.23 2.28 40.29
CA ASN S 407 38.59 2.57 40.70
C ASN S 407 38.85 2.07 42.11
N GLY S 408 39.95 1.33 42.28
CA GLY S 408 40.32 0.78 43.56
C GLY S 408 39.61 -0.49 43.96
N GLN S 409 38.74 -1.03 43.10
CA GLN S 409 37.98 -2.23 43.41
C GLN S 409 38.67 -3.46 42.82
N VAL S 410 38.76 -4.51 43.62
CA VAL S 410 39.40 -5.77 43.23
C VAL S 410 38.38 -6.89 43.36
N PHE S 411 38.31 -7.74 42.34
CA PHE S 411 37.39 -8.88 42.33
C PHE S 411 38.20 -10.18 42.32
N THR S 412 37.66 -11.19 43.00
CA THR S 412 38.37 -12.44 43.21
C THR S 412 37.63 -13.65 42.69
N ASP S 413 36.31 -13.71 42.84
CA ASP S 413 35.56 -14.89 42.44
C ASP S 413 35.54 -15.05 40.92
N ALA S 414 35.53 -16.31 40.49
CA ALA S 414 35.64 -16.62 39.06
C ALA S 414 34.54 -16.02 38.18
N PRO S 415 33.25 -16.04 38.54
CA PRO S 415 32.24 -15.52 37.59
C PRO S 415 32.43 -14.05 37.23
N THR S 416 32.62 -13.17 38.21
CA THR S 416 32.80 -11.76 37.88
C THR S 416 34.11 -11.50 37.14
N VAL S 417 35.16 -12.26 37.47
CA VAL S 417 36.44 -12.10 36.78
C VAL S 417 36.30 -12.52 35.31
N LYS S 418 35.63 -13.63 35.03
CA LYS S 418 35.47 -14.04 33.65
C LYS S 418 34.51 -13.12 32.89
N LYS S 419 33.50 -12.58 33.57
CA LYS S 419 32.63 -11.59 32.94
C LYS S 419 33.43 -10.34 32.56
N TYR S 420 34.28 -9.86 33.46
CA TYR S 420 35.10 -8.69 33.16
C TYR S 420 36.13 -8.99 32.10
N ALA S 421 36.65 -10.21 32.04
CA ALA S 421 37.55 -10.59 30.95
C ALA S 421 36.83 -10.59 29.61
N ARG S 422 35.60 -11.11 29.57
CA ARG S 422 34.82 -11.08 28.34
C ARG S 422 34.51 -9.65 27.92
N LYS S 423 34.23 -8.77 28.87
CA LYS S 423 33.98 -7.37 28.53
C LYS S 423 35.25 -6.65 28.12
N ALA S 424 36.40 -7.03 28.69
CA ALA S 424 37.67 -6.40 28.37
C ALA S 424 38.26 -6.88 27.05
N GLN S 425 37.86 -8.06 26.57
CA GLN S 425 38.28 -8.48 25.23
C GLN S 425 37.71 -7.59 24.13
N LEU S 426 36.70 -6.77 24.45
CA LEU S 426 36.12 -5.81 23.52
C LEU S 426 36.80 -4.46 23.58
N GLY S 427 37.87 -4.32 24.37
CA GLY S 427 38.55 -3.06 24.53
C GLY S 427 38.37 -2.48 25.92
N GLU S 428 38.19 -1.17 26.02
CA GLU S 428 37.93 -0.55 27.31
C GLU S 428 36.55 -0.96 27.82
N VAL S 429 36.48 -1.31 29.10
CA VAL S 429 35.24 -1.81 29.69
C VAL S 429 34.31 -0.63 29.97
N MET S 430 33.10 -0.71 29.45
CA MET S 430 32.11 0.35 29.59
C MET S 430 30.82 -0.24 30.16
N GLU S 431 30.07 0.61 30.87
CA GLU S 431 28.77 0.25 31.39
C GLU S 431 27.70 0.81 30.46
N PHE S 432 26.74 -0.04 30.11
CA PHE S 432 25.67 0.33 29.20
C PHE S 432 24.31 0.07 29.85
N ASP S 433 23.34 0.92 29.52
CA ASP S 433 21.94 0.64 29.85
C ASP S 433 21.21 0.27 28.58
N ARG S 434 20.45 -0.83 28.64
CA ARG S 434 19.76 -1.39 27.48
C ARG S 434 18.25 -1.34 27.62
N THR S 435 17.72 -0.64 28.61
CA THR S 435 16.28 -0.61 28.84
C THR S 435 15.58 0.55 28.15
N THR S 436 16.29 1.65 27.89
CA THR S 436 15.65 2.81 27.27
C THR S 436 15.33 2.56 25.81
N LEU S 437 16.13 1.75 25.11
CA LEU S 437 15.90 1.44 23.72
C LEU S 437 15.67 -0.03 23.44
N GLU S 438 15.60 -0.87 24.50
CA GLU S 438 15.44 -2.31 24.37
C GLU S 438 16.53 -2.91 23.49
N SER S 439 17.79 -2.70 23.89
CA SER S 439 18.95 -3.12 23.05
C SER S 439 19.22 -4.62 23.05
N ASP S 440 19.26 -5.25 21.87
CA ASP S 440 19.51 -6.71 21.73
C ASP S 440 20.90 -7.16 22.20
N GLY S 441 21.97 -6.42 21.90
CA GLY S 441 23.34 -6.88 22.25
C GLY S 441 24.30 -6.95 21.06
N VAL S 442 23.80 -7.16 19.84
CA VAL S 442 24.63 -7.32 18.65
C VAL S 442 25.04 -5.94 18.16
N PHE S 443 26.33 -5.79 17.84
CA PHE S 443 26.87 -4.48 17.48
C PHE S 443 26.27 -3.96 16.18
N ARG S 444 26.00 -2.66 16.16
CA ARG S 444 25.54 -1.97 14.96
C ARG S 444 26.72 -1.31 14.26
N SER S 445 26.43 -0.57 13.20
CA SER S 445 27.44 0.13 12.43
C SER S 445 27.30 1.64 12.61
N SER S 446 28.44 2.32 12.58
CA SER S 446 28.46 3.77 12.68
C SER S 446 27.96 4.37 11.36
N PRO S 447 27.58 5.66 11.37
CA PRO S 447 27.18 6.30 10.10
C PRO S 447 28.29 6.30 9.05
N ARG S 448 29.55 6.25 9.48
CA ARG S 448 30.65 6.12 8.53
C ARG S 448 30.53 4.86 7.70
N GLY S 449 30.27 3.72 8.35
CA GLY S 449 30.15 2.47 7.62
C GLY S 449 28.93 2.43 6.73
N TRP S 450 27.81 2.98 7.19
CA TRP S 450 26.60 3.01 6.36
C TRP S 450 26.81 3.89 5.13
N TYR S 451 27.44 5.05 5.30
CA TYR S 451 27.75 5.90 4.15
C TYR S 451 28.67 5.16 3.18
N THR S 452 29.70 4.48 3.70
CA THR S 452 30.63 3.76 2.85
C THR S 452 29.93 2.68 2.04
N PHE S 453 29.07 1.90 2.71
CA PHE S 453 28.32 0.84 2.04
C PHE S 453 27.42 1.39 0.95
N GLY S 454 26.59 2.39 1.31
CA GLY S 454 25.64 2.94 0.36
C GLY S 454 26.32 3.55 -0.84
N HIS S 455 27.34 4.37 -0.62
CA HIS S 455 27.97 5.05 -1.73
C HIS S 455 28.89 4.14 -2.54
N ALA S 456 29.43 3.08 -1.95
CA ALA S 456 30.17 2.10 -2.75
C ALA S 456 29.25 1.35 -3.69
N ASN S 457 28.10 0.89 -3.18
CA ASN S 457 27.13 0.23 -4.07
C ASN S 457 26.61 1.19 -5.13
N PHE S 458 26.37 2.45 -4.74
CA PHE S 458 25.93 3.45 -5.70
C PHE S 458 26.99 3.69 -6.77
N ALA S 459 28.27 3.71 -6.39
CA ALA S 459 29.34 3.91 -7.36
C ALA S 459 29.42 2.74 -8.34
N LEU S 460 29.25 1.51 -7.85
CA LEU S 460 29.28 0.37 -8.75
C LEU S 460 28.09 0.40 -9.73
N LEU S 461 26.89 0.68 -9.21
CA LEU S 461 25.72 0.75 -10.09
C LEU S 461 25.83 1.90 -11.07
N PHE S 462 26.48 3.00 -10.68
CA PHE S 462 26.68 4.11 -11.60
C PHE S 462 27.81 3.84 -12.60
N PHE S 463 28.76 2.96 -12.28
CA PHE S 463 29.67 2.48 -13.32
C PHE S 463 28.88 1.69 -14.37
N LEU S 464 27.95 0.84 -13.91
CA LEU S 464 27.07 0.16 -14.86
C LEU S 464 26.27 1.15 -15.69
N GLY S 465 25.76 2.21 -15.05
CA GLY S 465 25.03 3.23 -15.78
C GLY S 465 25.88 3.99 -16.77
N HIS S 466 27.13 4.28 -16.41
CA HIS S 466 28.07 4.90 -17.34
C HIS S 466 28.25 4.02 -18.57
N LEU S 467 28.45 2.72 -18.36
CA LEU S 467 28.60 1.81 -19.49
C LEU S 467 27.37 1.83 -20.37
N TRP S 468 26.18 1.71 -19.76
CA TRP S 468 24.94 1.63 -20.55
C TRP S 468 24.70 2.92 -21.34
N HIS S 469 24.79 4.07 -20.67
CA HIS S 469 24.46 5.32 -21.34
C HIS S 469 25.53 5.72 -22.35
N GLY S 470 26.80 5.39 -22.10
CA GLY S 470 27.82 5.63 -23.10
C GLY S 470 27.62 4.77 -24.34
N SER S 471 27.26 3.49 -24.13
CA SER S 471 26.91 2.65 -25.26
C SER S 471 25.70 3.20 -26.01
N ARG S 472 24.73 3.74 -25.28
CA ARG S 472 23.54 4.29 -25.90
C ARG S 472 23.86 5.50 -26.77
N THR S 473 24.68 6.42 -26.27
CA THR S 473 24.97 7.62 -27.04
C THR S 473 25.97 7.36 -28.16
N LEU S 474 26.86 6.37 -28.00
CA LEU S 474 27.81 6.06 -29.07
C LEU S 474 27.22 5.14 -30.13
N PHE S 475 26.04 4.56 -29.89
CA PHE S 475 25.41 3.63 -30.81
C PHE S 475 23.96 4.02 -31.08
N ARG S 476 23.67 5.33 -31.14
CA ARG S 476 22.30 5.78 -31.31
C ARG S 476 21.76 5.42 -32.69
N ASP S 477 22.60 5.44 -33.72
CA ASP S 477 22.15 5.12 -35.07
C ASP S 477 21.69 3.68 -35.21
N VAL S 478 22.13 2.79 -34.31
CA VAL S 478 21.80 1.37 -34.37
C VAL S 478 20.91 0.95 -33.20
N PHE S 479 20.28 1.93 -32.54
CA PHE S 479 19.45 1.63 -31.37
C PHE S 479 18.27 0.73 -31.72
N SER S 480 17.60 1.01 -32.84
CA SER S 480 16.46 0.18 -33.23
C SER S 480 16.89 -1.17 -33.79
N GLY S 481 18.11 -1.28 -34.28
CA GLY S 481 18.60 -2.54 -34.83
C GLY S 481 19.54 -2.28 -35.98
N ILE S 482 20.11 -3.37 -36.48
CA ILE S 482 21.04 -3.31 -37.60
C ILE S 482 20.27 -3.39 -38.91
N GLY S 483 20.86 -2.87 -39.97
CA GLY S 483 20.25 -2.85 -41.28
C GLY S 483 20.73 -3.98 -42.16
N ALA S 484 20.74 -3.72 -43.47
CA ALA S 484 21.17 -4.71 -44.46
C ALA S 484 22.59 -4.48 -44.94
N GLU S 485 23.20 -3.34 -44.64
CA GLU S 485 24.56 -3.06 -45.06
C GLU S 485 25.61 -3.66 -44.13
N VAL S 486 25.21 -4.11 -42.93
CA VAL S 486 26.17 -4.61 -41.96
C VAL S 486 26.72 -5.97 -42.37
N THR S 487 25.93 -6.78 -43.08
CA THR S 487 26.38 -8.12 -43.44
C THR S 487 27.51 -8.12 -44.46
N GLU S 488 27.71 -7.02 -45.19
CA GLU S 488 28.82 -6.95 -46.13
C GLU S 488 30.12 -6.56 -45.44
N GLN S 489 30.07 -5.54 -44.59
CA GLN S 489 31.26 -5.11 -43.86
C GLN S 489 31.69 -6.11 -42.81
N VAL S 490 30.79 -6.98 -42.35
CA VAL S 490 31.15 -7.99 -41.36
C VAL S 490 31.77 -9.23 -41.97
N GLU S 491 31.68 -9.39 -43.29
CA GLU S 491 32.30 -10.52 -43.96
C GLU S 491 33.81 -10.48 -43.80
N PHE S 492 34.40 -11.62 -43.43
CA PHE S 492 35.84 -11.70 -43.28
C PHE S 492 36.50 -11.55 -44.64
N GLY S 493 37.51 -10.68 -44.71
CA GLY S 493 38.11 -10.32 -45.97
C GLY S 493 37.26 -9.33 -46.74
N ALA S 494 37.69 -9.04 -47.97
CA ALA S 494 37.04 -8.13 -48.89
C ALA S 494 36.89 -6.72 -48.33
N PHE S 495 37.70 -6.36 -47.32
CA PHE S 495 37.70 -5.02 -46.76
C PHE S 495 39.06 -4.79 -46.14
N GLN S 496 39.82 -3.84 -46.70
CA GLN S 496 41.16 -3.56 -46.19
C GLN S 496 41.12 -3.01 -44.76
N LYS S 497 40.16 -2.14 -44.48
CA LYS S 497 39.95 -1.59 -43.15
C LYS S 497 38.55 -1.95 -42.66
N LEU S 498 38.46 -2.38 -41.41
CA LEU S 498 37.19 -2.78 -40.83
C LEU S 498 36.26 -1.57 -40.71
N GLY S 499 35.03 -1.72 -41.19
CA GLY S 499 34.05 -0.65 -41.12
C GLY S 499 34.42 0.57 -41.94
N ASP S 500 35.06 0.37 -43.09
CA ASP S 500 35.44 1.46 -43.99
C ASP S 500 35.04 1.08 -45.40
N ARG S 501 34.02 1.76 -45.93
CA ARG S 501 33.51 1.42 -47.26
C ARG S 501 34.50 1.79 -48.36
N SER S 502 35.26 2.88 -48.18
CA SER S 502 36.18 3.33 -49.22
C SER S 502 37.29 2.32 -49.46
N THR S 503 37.83 1.73 -48.39
CA THR S 503 38.90 0.75 -48.53
C THR S 503 38.36 -0.54 -49.13
N LYS S 504 39.05 -1.02 -50.17
CA LYS S 504 38.67 -2.24 -50.89
C LYS S 504 37.22 -2.20 -51.38
N ALA T 38 28.69 -46.91 -51.48
CA ALA T 38 29.80 -47.29 -50.60
C ALA T 38 29.29 -47.73 -49.23
N GLY T 39 28.43 -46.92 -48.65
CA GLY T 39 27.87 -47.22 -47.34
C GLY T 39 28.78 -46.93 -46.17
N ARG T 40 29.91 -46.27 -46.39
CA ARG T 40 30.87 -45.96 -45.34
C ARG T 40 31.21 -44.47 -45.34
N ASP T 41 30.21 -43.64 -45.63
CA ASP T 41 30.39 -42.19 -45.61
C ASP T 41 29.04 -41.53 -45.38
N ILE T 42 29.09 -40.25 -45.01
CA ILE T 42 27.85 -39.51 -44.72
C ILE T 42 27.05 -39.28 -46.00
N GLU T 43 27.72 -39.25 -47.17
CA GLU T 43 27.03 -39.00 -48.42
C GLU T 43 26.05 -40.12 -48.75
N SER T 44 26.44 -41.38 -48.50
CA SER T 44 25.61 -42.52 -48.85
C SER T 44 24.81 -43.07 -47.67
N THR T 45 25.10 -42.64 -46.44
CA THR T 45 24.40 -43.14 -45.27
C THR T 45 23.66 -42.07 -44.48
N GLY T 46 24.08 -40.81 -44.55
CA GLY T 46 23.49 -39.76 -43.75
C GLY T 46 24.02 -39.68 -42.33
N PHE T 47 24.95 -40.54 -41.95
CA PHE T 47 25.54 -40.54 -40.62
C PHE T 47 26.98 -40.05 -40.70
N ALA T 48 27.35 -39.16 -39.80
CA ALA T 48 28.72 -38.65 -39.73
C ALA T 48 29.64 -39.71 -39.13
N TRP T 49 30.94 -39.38 -39.09
CA TRP T 49 31.92 -40.33 -38.57
C TRP T 49 31.71 -40.61 -37.09
N TRP T 50 31.38 -39.58 -36.31
CA TRP T 50 31.18 -39.75 -34.87
C TRP T 50 29.90 -40.50 -34.55
N SER T 51 29.02 -40.71 -35.53
CA SER T 51 27.88 -41.61 -35.40
C SER T 51 28.01 -42.80 -36.35
N GLY T 52 29.26 -43.14 -36.72
CA GLY T 52 29.50 -44.04 -37.83
C GLY T 52 29.01 -45.45 -37.62
N ASN T 53 29.06 -45.95 -36.39
CA ASN T 53 28.55 -47.30 -36.13
C ASN T 53 27.04 -47.37 -36.34
N SER T 54 26.35 -46.23 -36.41
CA SER T 54 24.95 -46.22 -36.81
C SER T 54 24.76 -46.71 -38.24
N ARG T 55 25.81 -46.70 -39.05
CA ARG T 55 25.76 -47.29 -40.38
C ARG T 55 25.69 -48.81 -40.35
N LEU T 56 25.87 -49.42 -39.17
CA LEU T 56 25.86 -50.87 -39.03
C LEU T 56 24.48 -51.43 -38.71
N ILE T 57 23.45 -50.58 -38.63
CA ILE T 57 22.12 -51.04 -38.23
C ILE T 57 21.53 -51.97 -39.29
N ASN T 58 21.64 -51.60 -40.56
CA ASN T 58 20.97 -52.33 -41.65
C ASN T 58 21.88 -53.31 -42.38
N VAL T 59 23.11 -53.50 -41.91
CA VAL T 59 23.99 -54.53 -42.44
C VAL T 59 24.26 -55.53 -41.32
N SER T 60 24.01 -56.81 -41.60
CA SER T 60 24.00 -57.84 -40.56
C SER T 60 25.38 -58.44 -40.31
N GLY T 61 26.14 -58.73 -41.36
CA GLY T 61 27.44 -59.35 -41.18
C GLY T 61 28.42 -58.46 -40.43
N LYS T 62 28.49 -57.19 -40.82
CA LYS T 62 29.39 -56.26 -40.13
C LYS T 62 28.94 -56.01 -38.70
N LEU T 63 27.64 -55.98 -38.45
CA LEU T 63 27.14 -55.84 -37.08
C LEU T 63 27.54 -57.03 -36.23
N LEU T 64 27.40 -58.24 -36.77
CA LEU T 64 27.83 -59.45 -36.06
C LEU T 64 29.32 -59.41 -35.80
N GLY T 65 30.11 -58.96 -36.78
CA GLY T 65 31.54 -58.84 -36.56
C GLY T 65 31.90 -57.84 -35.48
N ALA T 66 31.20 -56.70 -35.46
CA ALA T 66 31.44 -55.70 -34.42
C ALA T 66 31.13 -56.27 -33.03
N HIS T 67 30.02 -57.00 -32.91
CA HIS T 67 29.68 -57.58 -31.62
C HIS T 67 30.68 -58.65 -31.19
N VAL T 68 31.12 -59.49 -32.13
CA VAL T 68 32.11 -60.51 -31.79
C VAL T 68 33.45 -59.87 -31.42
N ALA T 69 33.82 -58.79 -32.11
CA ALA T 69 35.05 -58.08 -31.76
C ALA T 69 34.97 -57.44 -30.38
N HIS T 70 33.82 -56.87 -30.03
CA HIS T 70 33.67 -56.32 -28.69
C HIS T 70 33.69 -57.40 -27.63
N ALA T 71 33.10 -58.57 -27.93
CA ALA T 71 33.19 -59.69 -27.00
C ALA T 71 34.64 -60.13 -26.83
N GLY T 72 35.41 -60.17 -27.92
CA GLY T 72 36.83 -60.47 -27.81
C GLY T 72 37.57 -59.44 -26.96
N LEU T 73 37.20 -58.17 -27.08
CA LEU T 73 37.78 -57.14 -26.23
C LEU T 73 37.47 -57.40 -24.77
N MET T 74 36.24 -57.76 -24.46
CA MET T 74 35.86 -58.03 -23.07
C MET T 74 36.64 -59.23 -22.51
N VAL T 75 36.75 -60.30 -23.29
CA VAL T 75 37.47 -61.49 -22.83
C VAL T 75 38.96 -61.17 -22.69
N PHE T 76 39.51 -60.36 -23.60
CA PHE T 76 40.90 -59.96 -23.49
C PHE T 76 41.15 -59.14 -22.24
N TRP T 77 40.24 -58.21 -21.92
CA TRP T 77 40.41 -57.44 -20.70
C TRP T 77 40.33 -58.34 -19.47
N CYS T 78 39.40 -59.30 -19.48
CA CYS T 78 39.30 -60.22 -18.35
C CYS T 78 40.60 -60.98 -18.14
N GLY T 79 41.12 -61.60 -19.21
CA GLY T 79 42.35 -62.36 -19.08
C GLY T 79 43.54 -61.51 -18.70
N ALA T 80 43.68 -60.35 -19.35
CA ALA T 80 44.82 -59.47 -19.09
C ALA T 80 44.77 -58.92 -17.67
N MET T 81 43.60 -58.53 -17.18
CA MET T 81 43.49 -58.02 -15.82
C MET T 81 43.69 -59.12 -14.79
N THR T 82 43.25 -60.35 -15.09
CA THR T 82 43.54 -61.46 -14.19
C THR T 82 45.04 -61.71 -14.09
N LEU T 83 45.73 -61.69 -15.24
CA LEU T 83 47.18 -61.85 -15.22
C LEU T 83 47.88 -60.70 -14.50
N PHE T 84 47.36 -59.47 -14.68
CA PHE T 84 47.91 -58.32 -14.00
C PHE T 84 47.75 -58.44 -12.48
N GLU T 85 46.58 -58.92 -12.03
CA GLU T 85 46.33 -59.04 -10.60
C GLU T 85 47.15 -60.17 -9.99
N VAL T 86 47.28 -61.30 -10.69
CA VAL T 86 48.10 -62.37 -10.13
C VAL T 86 49.58 -62.01 -10.19
N ALA T 87 49.97 -61.13 -11.12
CA ALA T 87 51.35 -60.67 -11.18
C ALA T 87 51.69 -59.70 -10.06
N HIS T 88 50.69 -59.02 -9.49
CA HIS T 88 50.90 -58.05 -8.43
C HIS T 88 50.42 -58.56 -7.07
N TYR T 89 50.06 -59.84 -6.98
CA TYR T 89 49.53 -60.39 -5.73
C TYR T 89 50.66 -60.64 -4.74
N ILE T 90 50.56 -60.00 -3.58
CA ILE T 90 51.50 -60.21 -2.48
C ILE T 90 50.88 -61.20 -1.51
N PRO T 91 51.52 -62.34 -1.23
CA PRO T 91 50.85 -63.39 -0.44
C PRO T 91 50.45 -62.97 0.96
N GLU T 92 51.25 -62.13 1.63
CA GLU T 92 50.93 -61.78 3.02
C GLU T 92 49.71 -60.88 3.12
N LYS T 93 49.56 -59.95 2.18
CA LYS T 93 48.42 -59.05 2.22
C LYS T 93 47.14 -59.77 1.80
N PRO T 94 46.00 -59.38 2.35
CA PRO T 94 44.71 -59.91 1.86
C PRO T 94 44.40 -59.36 0.48
N LEU T 95 43.39 -59.98 -0.14
CA LEU T 95 43.00 -59.60 -1.49
C LEU T 95 42.48 -58.15 -1.54
N TYR T 96 41.69 -57.75 -0.55
CA TYR T 96 41.07 -56.42 -0.57
C TYR T 96 42.04 -55.30 -0.25
N GLU T 97 43.24 -55.60 0.22
CA GLU T 97 44.24 -54.57 0.50
C GLU T 97 45.18 -54.33 -0.67
N GLN T 98 44.99 -55.02 -1.79
CA GLN T 98 45.88 -54.89 -2.93
C GLN T 98 45.18 -54.34 -4.17
N GLY T 99 43.96 -53.84 -4.03
CA GLY T 99 43.25 -53.28 -5.17
C GLY T 99 42.89 -54.30 -6.23
N LEU T 100 42.44 -55.49 -5.83
CA LEU T 100 42.12 -56.57 -6.74
C LEU T 100 40.61 -56.79 -6.75
N ILE T 101 40.04 -56.96 -7.94
CA ILE T 101 38.61 -57.12 -8.09
C ILE T 101 38.21 -58.41 -8.79
N LEU T 102 39.08 -59.03 -9.59
CA LEU T 102 38.75 -60.27 -10.26
C LEU T 102 39.18 -61.49 -9.46
N LEU T 103 40.32 -61.39 -8.76
CA LEU T 103 40.72 -62.44 -7.84
C LEU T 103 39.70 -62.71 -6.74
N PRO T 104 39.06 -61.71 -6.11
CA PRO T 104 37.93 -62.02 -5.22
C PRO T 104 36.80 -62.78 -5.90
N HIS T 105 36.50 -62.44 -7.17
CA HIS T 105 35.47 -63.17 -7.90
C HIS T 105 35.85 -64.62 -8.09
N LEU T 106 37.13 -64.89 -8.41
CA LEU T 106 37.58 -66.26 -8.56
C LEU T 106 37.64 -66.99 -7.23
N ALA T 107 37.93 -66.28 -6.14
CA ALA T 107 37.99 -66.90 -4.83
C ALA T 107 36.61 -67.24 -4.30
N THR T 108 35.60 -66.43 -4.63
CA THR T 108 34.24 -66.74 -4.22
C THR T 108 33.76 -68.04 -4.85
N LEU T 109 34.26 -68.38 -6.03
CA LEU T 109 33.91 -69.63 -6.70
C LEU T 109 34.61 -70.83 -6.09
N GLY T 110 35.56 -70.63 -5.18
CA GLY T 110 36.21 -71.71 -4.47
C GLY T 110 37.60 -72.05 -4.96
N TRP T 111 38.05 -71.48 -6.07
CA TRP T 111 39.37 -71.79 -6.61
C TRP T 111 40.45 -71.13 -5.78
N GLY T 112 41.47 -71.90 -5.40
CA GLY T 112 42.66 -71.36 -4.78
C GLY T 112 42.46 -70.73 -3.42
N VAL T 113 41.44 -71.16 -2.67
CA VAL T 113 41.14 -70.60 -1.36
C VAL T 113 40.90 -71.74 -0.38
N GLY T 114 41.46 -71.60 0.82
CA GLY T 114 41.27 -72.58 1.87
C GLY T 114 40.34 -72.07 2.96
N PRO T 115 40.36 -72.72 4.12
CA PRO T 115 39.52 -72.27 5.24
C PRO T 115 39.92 -70.89 5.72
N GLY T 116 38.92 -70.12 6.14
CA GLY T 116 39.15 -68.78 6.63
C GLY T 116 39.40 -67.72 5.58
N GLY T 117 39.24 -68.06 4.30
CA GLY T 117 39.47 -67.11 3.23
C GLY T 117 40.90 -66.93 2.80
N GLU T 118 41.84 -67.67 3.38
CA GLU T 118 43.24 -67.57 2.99
C GLU T 118 43.44 -68.17 1.61
N ILE T 119 44.33 -67.55 0.83
CA ILE T 119 44.60 -67.97 -0.54
C ILE T 119 45.78 -68.93 -0.53
N VAL T 120 45.56 -70.14 -1.06
CA VAL T 120 46.61 -71.15 -1.06
C VAL T 120 47.56 -70.95 -2.23
N ASP T 121 47.04 -71.03 -3.45
CA ASP T 121 47.84 -70.86 -4.65
C ASP T 121 47.07 -70.01 -5.65
N ILE T 122 47.83 -69.30 -6.49
CA ILE T 122 47.25 -68.42 -7.51
C ILE T 122 47.28 -69.06 -8.89
N TYR T 123 47.67 -70.33 -8.99
CA TYR T 123 47.74 -71.00 -10.29
C TYR T 123 46.38 -71.13 -11.00
N PRO T 124 45.27 -71.52 -10.34
CA PRO T 124 43.98 -71.53 -11.06
C PRO T 124 43.58 -70.16 -11.58
N TYR T 125 43.90 -69.09 -10.85
CA TYR T 125 43.63 -67.74 -11.36
C TYR T 125 44.44 -67.47 -12.61
N PHE T 126 45.70 -67.91 -12.62
CA PHE T 126 46.54 -67.79 -13.81
C PHE T 126 45.95 -68.56 -14.97
N VAL T 127 45.44 -69.76 -14.71
CA VAL T 127 44.83 -70.58 -15.76
C VAL T 127 43.59 -69.88 -16.32
N VAL T 128 42.77 -69.29 -15.45
CA VAL T 128 41.58 -68.57 -15.90
C VAL T 128 41.98 -67.39 -16.79
N GLY T 129 42.98 -66.63 -16.34
CA GLY T 129 43.44 -65.51 -17.14
C GLY T 129 43.99 -65.93 -18.49
N ILE T 130 44.76 -67.02 -18.51
CA ILE T 130 45.33 -67.53 -19.76
C ILE T 130 44.23 -67.98 -20.70
N LEU T 131 43.24 -68.72 -20.18
CA LEU T 131 42.17 -69.21 -21.04
C LEU T 131 41.37 -68.07 -21.63
N HIS T 132 41.03 -67.05 -20.81
CA HIS T 132 40.31 -65.90 -21.35
C HIS T 132 41.16 -65.15 -22.37
N ILE T 133 42.43 -64.88 -22.06
CA ILE T 133 43.26 -64.10 -22.96
C ILE T 133 43.60 -64.85 -24.24
N ILE T 134 43.49 -66.18 -24.25
CA ILE T 134 43.72 -66.94 -25.48
C ILE T 134 42.44 -67.06 -26.30
N SER T 135 41.29 -67.31 -25.66
CA SER T 135 40.03 -67.27 -26.38
C SER T 135 39.74 -65.89 -26.96
N SER T 136 40.32 -64.85 -26.37
CA SER T 136 40.15 -63.50 -26.90
C SER T 136 40.74 -63.39 -28.30
N ALA T 137 41.84 -64.08 -28.58
CA ALA T 137 42.41 -64.05 -29.92
C ALA T 137 41.46 -64.65 -30.95
N VAL T 138 40.82 -65.77 -30.60
CA VAL T 138 39.86 -66.41 -31.51
C VAL T 138 38.66 -65.50 -31.73
N LEU T 139 38.14 -64.91 -30.65
CA LEU T 139 36.99 -64.01 -30.78
C LEU T 139 37.35 -62.77 -31.60
N GLY T 140 38.56 -62.23 -31.39
CA GLY T 140 38.98 -61.08 -32.16
C GLY T 140 39.16 -61.38 -33.64
N PHE T 141 39.71 -62.56 -33.95
CA PHE T 141 39.79 -62.97 -35.35
C PHE T 141 38.41 -63.11 -35.96
N GLY T 142 37.47 -63.70 -35.21
CA GLY T 142 36.11 -63.83 -35.73
C GLY T 142 35.46 -62.49 -35.97
N GLY T 143 35.65 -61.54 -35.05
CA GLY T 143 35.11 -60.21 -35.25
C GLY T 143 35.71 -59.50 -36.44
N VAL T 144 37.04 -59.60 -36.58
CA VAL T 144 37.71 -58.95 -37.71
C VAL T 144 37.25 -59.57 -39.03
N TYR T 145 37.13 -60.90 -39.07
CA TYR T 145 36.67 -61.56 -40.29
C TYR T 145 35.25 -61.16 -40.65
N HIS T 146 34.32 -61.27 -39.69
CA HIS T 146 32.93 -60.94 -39.97
C HIS T 146 32.72 -59.44 -40.18
N SER T 147 33.68 -58.59 -39.80
CA SER T 147 33.56 -57.15 -40.01
C SER T 147 34.15 -56.70 -41.35
N LEU T 148 35.37 -57.13 -41.66
CA LEU T 148 36.12 -56.54 -42.77
C LEU T 148 35.89 -57.27 -44.09
N ILE T 149 36.21 -58.57 -44.13
CA ILE T 149 36.14 -59.32 -45.38
C ILE T 149 34.91 -60.21 -45.48
N GLY T 150 34.15 -60.37 -44.39
CA GLY T 150 32.91 -61.12 -44.44
C GLY T 150 31.85 -60.35 -45.19
N PRO T 151 30.78 -61.04 -45.58
CA PRO T 151 29.69 -60.36 -46.31
C PRO T 151 29.03 -59.29 -45.44
N ASP T 152 28.67 -58.17 -46.06
CA ASP T 152 28.01 -57.08 -45.35
C ASP T 152 26.65 -57.52 -44.83
N THR T 153 25.90 -58.25 -45.65
CA THR T 153 24.59 -58.75 -45.29
C THR T 153 24.63 -60.27 -45.25
N LEU T 154 23.80 -60.86 -44.37
CA LEU T 154 23.83 -62.30 -44.16
C LEU T 154 22.68 -63.05 -44.82
N GLU T 155 21.53 -62.41 -45.01
CA GLU T 155 20.35 -63.14 -45.46
C GLU T 155 20.47 -63.63 -46.90
N GLU T 156 21.23 -62.92 -47.74
CA GLU T 156 21.35 -63.34 -49.14
C GLU T 156 22.25 -64.56 -49.29
N SER T 157 23.18 -64.79 -48.36
CA SER T 157 24.08 -65.92 -48.41
C SER T 157 23.83 -66.96 -47.33
N PHE T 158 23.44 -66.53 -46.14
CA PHE T 158 23.14 -67.43 -45.02
C PHE T 158 21.76 -67.07 -44.49
N PRO T 159 20.70 -67.59 -45.11
CA PRO T 159 19.33 -67.24 -44.68
C PRO T 159 19.02 -67.64 -43.24
N ALA T 160 19.70 -68.65 -42.70
CA ALA T 160 19.44 -69.07 -41.33
C ALA T 160 19.92 -68.06 -40.30
N PHE T 161 20.81 -67.14 -40.68
CA PHE T 161 21.34 -66.14 -39.75
C PHE T 161 20.87 -64.73 -40.05
N GLY T 162 20.32 -64.48 -41.24
CA GLY T 162 19.89 -63.14 -41.58
C GLY T 162 18.63 -62.71 -40.86
N TYR T 163 18.40 -61.41 -40.82
CA TYR T 163 17.22 -60.84 -40.18
C TYR T 163 16.97 -59.45 -40.76
N ASP T 164 15.82 -58.88 -40.38
CA ASP T 164 15.36 -57.60 -40.90
C ASP T 164 15.08 -56.56 -39.82
N TRP T 165 15.17 -56.94 -38.54
CA TRP T 165 14.82 -56.15 -37.38
C TRP T 165 13.30 -55.96 -37.26
N ARG T 166 12.55 -56.47 -38.24
CA ARG T 166 11.10 -56.40 -38.23
C ARG T 166 10.44 -57.77 -38.32
N ASP T 167 11.18 -58.81 -38.65
CA ASP T 167 10.66 -60.18 -38.60
C ASP T 167 10.66 -60.61 -37.14
N LYS T 168 9.49 -60.51 -36.50
CA LYS T 168 9.40 -60.76 -35.06
C LYS T 168 9.75 -62.20 -34.72
N ASN T 169 9.36 -63.15 -35.58
CA ASN T 169 9.63 -64.55 -35.30
C ASN T 169 11.13 -64.84 -35.26
N LYS T 170 11.88 -64.31 -36.22
CA LYS T 170 13.32 -64.55 -36.26
C LYS T 170 14.04 -63.90 -35.07
N ILE T 171 13.64 -62.68 -34.71
CA ILE T 171 14.25 -62.00 -33.58
C ILE T 171 13.94 -62.74 -32.28
N THR T 172 12.70 -63.22 -32.13
CA THR T 172 12.38 -64.04 -30.97
C THR T 172 13.14 -65.35 -30.96
N THR T 173 13.41 -65.93 -32.14
CA THR T 173 14.21 -67.15 -32.19
C THR T 173 15.64 -66.91 -31.71
N ILE T 174 16.24 -65.80 -32.17
CA ILE T 174 17.60 -65.46 -31.71
C ILE T 174 17.59 -65.18 -30.21
N LEU T 175 16.59 -64.46 -29.74
CA LEU T 175 16.44 -64.21 -28.30
C LEU T 175 16.33 -65.50 -27.52
N GLY T 176 15.55 -66.45 -28.04
CA GLY T 176 15.41 -67.73 -27.35
C GLY T 176 16.69 -68.54 -27.32
N ILE T 177 17.45 -68.53 -28.42
CA ILE T 177 18.72 -69.24 -28.46
C ILE T 177 19.68 -68.67 -27.43
N HIS T 178 19.79 -67.33 -27.38
CA HIS T 178 20.70 -66.73 -26.42
C HIS T 178 20.17 -66.87 -24.99
N LEU T 179 18.85 -66.96 -24.82
CA LEU T 179 18.27 -67.27 -23.51
C LEU T 179 18.67 -68.68 -23.06
N VAL T 180 18.65 -69.64 -23.97
CA VAL T 180 19.09 -70.99 -23.64
C VAL T 180 20.57 -70.98 -23.27
N ILE T 181 21.37 -70.18 -23.97
CA ILE T 181 22.80 -70.06 -23.63
C ILE T 181 22.97 -69.51 -22.21
N LEU T 182 22.22 -68.46 -21.87
CA LEU T 182 22.32 -67.88 -20.53
C LEU T 182 21.86 -68.86 -19.45
N GLY T 183 20.77 -69.60 -19.73
CA GLY T 183 20.31 -70.60 -18.78
C GLY T 183 21.33 -71.70 -18.56
N PHE T 184 22.00 -72.12 -19.64
CA PHE T 184 23.06 -73.10 -19.51
C PHE T 184 24.26 -72.55 -18.74
N GLY T 185 24.55 -71.26 -18.88
CA GLY T 185 25.59 -70.65 -18.05
C GLY T 185 25.23 -70.65 -16.58
N ALA T 186 23.97 -70.33 -16.26
CA ALA T 186 23.52 -70.39 -14.87
C ALA T 186 23.59 -71.81 -14.33
N LEU T 187 23.19 -72.79 -15.13
CA LEU T 187 23.30 -74.18 -14.71
C LEU T 187 24.75 -74.62 -14.59
N LEU T 188 25.65 -74.03 -15.37
CA LEU T 188 27.07 -74.31 -15.21
C LEU T 188 27.58 -73.79 -13.87
N LEU T 189 27.14 -72.59 -13.47
CA LEU T 189 27.46 -72.11 -12.14
C LEU T 189 26.89 -73.05 -11.07
N VAL T 190 25.67 -73.54 -11.29
CA VAL T 190 25.07 -74.49 -10.35
C VAL T 190 25.90 -75.76 -10.23
N VAL T 191 26.36 -76.29 -11.37
CA VAL T 191 27.17 -77.50 -11.37
C VAL T 191 28.49 -77.27 -10.64
N LYS T 192 29.11 -76.10 -10.86
CA LYS T 192 30.29 -75.73 -10.09
C LYS T 192 29.99 -75.69 -8.59
N ALA T 193 28.80 -75.19 -8.23
CA ALA T 193 28.43 -75.07 -6.84
C ALA T 193 28.23 -76.44 -6.18
N MET T 194 27.60 -77.37 -6.88
CA MET T 194 27.17 -78.62 -6.27
C MET T 194 28.08 -79.80 -6.58
N TYR T 195 28.80 -79.78 -7.69
CA TYR T 195 29.57 -80.95 -8.12
C TYR T 195 31.06 -80.71 -8.19
N VAL T 196 31.50 -79.66 -8.88
CA VAL T 196 32.92 -79.44 -9.14
C VAL T 196 33.43 -78.47 -8.07
N GLY T 197 33.94 -79.02 -6.98
CA GLY T 197 34.64 -78.26 -5.96
C GLY T 197 33.79 -77.53 -4.93
N GLY T 198 32.65 -76.98 -5.35
CA GLY T 198 31.82 -76.21 -4.46
C GLY T 198 32.18 -74.75 -4.44
N LEU T 199 31.46 -74.01 -3.59
CA LEU T 199 31.64 -72.57 -3.48
C LEU T 199 32.11 -72.19 -2.08
N TYR T 200 32.78 -71.05 -1.99
CA TYR T 200 33.16 -70.53 -0.68
C TYR T 200 31.93 -70.03 0.07
N ASP T 201 31.85 -70.38 1.34
CA ASP T 201 30.74 -69.98 2.20
C ASP T 201 31.32 -69.28 3.42
N THR T 202 30.91 -68.02 3.63
CA THR T 202 31.31 -67.30 4.83
C THR T 202 30.54 -67.77 6.06
N TRP T 203 29.39 -68.39 5.88
CA TRP T 203 28.52 -68.79 6.98
C TRP T 203 28.85 -70.18 7.51
N ALA T 204 29.91 -70.81 7.01
CA ALA T 204 30.37 -72.05 7.59
C ALA T 204 30.88 -71.79 9.01
N PRO T 205 30.73 -72.76 9.92
CA PRO T 205 31.17 -72.54 11.30
C PRO T 205 32.67 -72.29 11.40
N GLY T 206 33.04 -71.41 12.32
CA GLY T 206 34.44 -71.07 12.52
C GLY T 206 35.09 -70.43 11.31
N GLY T 207 34.40 -69.53 10.65
CA GLY T 207 34.91 -68.90 9.45
C GLY T 207 34.48 -69.62 8.19
N GLY T 208 34.63 -68.93 7.06
CA GLY T 208 34.22 -69.48 5.79
C GLY T 208 35.12 -70.61 5.32
N ASP T 209 34.58 -71.41 4.40
CA ASP T 209 35.29 -72.55 3.86
C ASP T 209 34.66 -72.92 2.52
N VAL T 210 35.42 -73.64 1.71
CA VAL T 210 34.91 -74.14 0.43
C VAL T 210 34.01 -75.35 0.73
N ARG T 211 32.72 -75.21 0.43
CA ARG T 211 31.74 -76.23 0.75
C ARG T 211 30.95 -76.60 -0.49
N ILE T 212 30.59 -77.88 -0.58
CA ILE T 212 29.69 -78.38 -1.60
C ILE T 212 28.26 -78.08 -1.18
N ILE T 213 27.50 -77.42 -2.05
CA ILE T 213 26.12 -77.08 -1.74
C ILE T 213 25.25 -78.30 -2.02
N ASP T 214 25.04 -79.11 -0.98
CA ASP T 214 24.34 -80.39 -1.15
C ASP T 214 22.86 -80.18 -1.48
N ASN T 215 22.18 -79.34 -0.71
CA ASN T 215 20.73 -79.13 -0.83
C ASN T 215 20.42 -77.66 -1.03
N PRO T 216 20.39 -77.19 -2.28
CA PRO T 216 19.95 -75.81 -2.54
C PRO T 216 18.46 -75.66 -2.31
N THR T 217 18.04 -74.41 -2.12
CA THR T 217 16.65 -74.10 -1.83
C THR T 217 15.88 -74.03 -3.15
N LEU T 218 15.17 -75.11 -3.48
CA LEU T 218 14.34 -75.15 -4.67
C LEU T 218 12.90 -74.76 -4.39
N ASN T 219 12.57 -74.40 -3.15
CA ASN T 219 11.20 -74.02 -2.81
C ASN T 219 10.84 -72.70 -3.47
N PRO T 220 9.80 -72.64 -4.30
CA PRO T 220 9.48 -71.38 -5.00
C PRO T 220 9.11 -70.24 -4.08
N VAL T 221 8.60 -70.52 -2.88
CA VAL T 221 8.17 -69.46 -1.97
C VAL T 221 9.34 -68.58 -1.57
N VAL T 222 10.49 -69.19 -1.26
CA VAL T 222 11.66 -68.42 -0.83
C VAL T 222 12.15 -67.53 -1.96
N ILE T 223 12.24 -68.09 -3.18
CA ILE T 223 12.73 -67.32 -4.32
C ILE T 223 11.78 -66.18 -4.65
N ILE T 224 10.47 -66.44 -4.65
CA ILE T 224 9.50 -65.40 -4.95
C ILE T 224 9.52 -64.32 -3.87
N GLY T 225 9.66 -64.71 -2.60
CA GLY T 225 9.77 -63.72 -1.54
C GLY T 225 11.02 -62.87 -1.68
N TYR T 226 12.12 -63.47 -2.12
CA TYR T 226 13.32 -62.68 -2.41
C TYR T 226 13.07 -61.70 -3.55
N VAL T 227 12.40 -62.14 -4.61
CA VAL T 227 12.14 -61.28 -5.76
C VAL T 227 11.16 -60.17 -5.38
N LEU T 228 10.17 -60.49 -4.54
CA LEU T 228 9.13 -59.54 -4.17
C LEU T 228 9.41 -58.82 -2.86
N LYS T 229 10.61 -59.00 -2.29
CA LYS T 229 10.92 -58.33 -1.03
C LYS T 229 11.08 -56.83 -1.23
N SER T 230 10.90 -56.09 -0.14
CA SER T 230 11.10 -54.65 -0.17
C SER T 230 12.58 -54.33 -0.36
N PRO T 231 12.91 -53.29 -1.12
CA PRO T 231 14.32 -52.92 -1.33
C PRO T 231 14.88 -51.95 -0.30
N TRP T 232 14.11 -51.56 0.71
CA TRP T 232 14.53 -50.54 1.66
C TRP T 232 15.32 -51.16 2.80
N GLY T 233 15.64 -50.34 3.80
CA GLY T 233 16.48 -50.81 4.89
C GLY T 233 15.79 -51.89 5.71
N GLY T 234 16.55 -52.94 6.04
CA GLY T 234 16.06 -54.05 6.81
C GLY T 234 15.53 -55.22 5.99
N ASP T 235 15.20 -54.99 4.72
CA ASP T 235 14.74 -56.05 3.83
C ASP T 235 15.71 -56.29 2.68
N GLY T 236 16.02 -55.25 1.90
CA GLY T 236 17.11 -55.32 0.95
C GLY T 236 16.80 -56.00 -0.37
N TRP T 237 15.59 -56.51 -0.56
CA TRP T 237 15.15 -57.17 -1.81
C TRP T 237 16.09 -58.35 -2.08
N ILE T 238 16.63 -58.50 -3.29
CA ILE T 238 17.45 -59.66 -3.61
C ILE T 238 18.89 -59.52 -3.14
N VAL T 239 19.30 -58.32 -2.72
CA VAL T 239 20.66 -58.12 -2.23
C VAL T 239 20.89 -58.81 -0.90
N SER T 240 19.81 -59.11 -0.15
CA SER T 240 19.92 -59.61 1.21
C SER T 240 19.99 -61.12 1.29
N VAL T 241 20.20 -61.82 0.18
CA VAL T 241 20.35 -63.27 0.23
C VAL T 241 21.63 -63.59 1.02
N ASN T 242 21.47 -64.33 2.12
CA ASN T 242 22.52 -64.44 3.12
C ASN T 242 23.03 -65.87 3.29
N ASN T 243 22.72 -66.76 2.36
CA ASN T 243 23.24 -68.12 2.43
C ASN T 243 23.47 -68.65 1.01
N MET T 244 24.40 -69.59 0.89
CA MET T 244 24.75 -70.11 -0.43
C MET T 244 23.69 -71.03 -0.99
N GLU T 245 22.92 -71.70 -0.11
CA GLU T 245 21.87 -72.60 -0.60
C GLU T 245 20.80 -71.83 -1.36
N ASP T 246 20.40 -70.67 -0.85
CA ASP T 246 19.45 -69.82 -1.57
C ASP T 246 20.02 -69.36 -2.90
N ILE T 247 21.31 -69.02 -2.95
CA ILE T 247 21.93 -68.60 -4.19
C ILE T 247 21.89 -69.71 -5.23
N VAL T 248 22.26 -70.92 -4.81
CA VAL T 248 22.30 -72.04 -5.74
C VAL T 248 20.89 -72.42 -6.21
N GLY T 249 19.92 -72.41 -5.30
CA GLY T 249 18.55 -72.70 -5.71
C GLY T 249 17.97 -71.66 -6.64
N GLY T 250 18.25 -70.38 -6.36
CA GLY T 250 17.80 -69.33 -7.26
C GLY T 250 18.45 -69.41 -8.62
N HIS T 251 19.72 -69.81 -8.66
CA HIS T 251 20.37 -69.96 -9.97
C HIS T 251 19.85 -71.20 -10.70
N ILE T 252 19.47 -72.25 -9.97
CA ILE T 252 18.79 -73.39 -10.60
C ILE T 252 17.49 -72.92 -11.26
N TRP T 253 16.70 -72.15 -10.50
CA TRP T 253 15.43 -71.64 -11.04
C TRP T 253 15.67 -70.72 -12.22
N ILE T 254 16.68 -69.86 -12.14
CA ILE T 254 16.97 -68.93 -13.21
C ILE T 254 17.41 -69.69 -14.47
N GLY T 255 18.27 -70.69 -14.31
CA GLY T 255 18.72 -71.45 -15.47
C GLY T 255 17.60 -72.22 -16.14
N PHE T 256 16.78 -72.92 -15.35
CA PHE T 256 15.69 -73.68 -15.95
C PHE T 256 14.62 -72.77 -16.53
N THR T 257 14.34 -71.63 -15.87
CA THR T 257 13.39 -70.67 -16.40
C THR T 257 13.89 -70.06 -17.70
N CYS T 258 15.19 -69.77 -17.79
CA CYS T 258 15.75 -69.22 -19.01
C CYS T 258 15.72 -70.23 -20.14
N ILE T 259 15.98 -71.50 -19.83
CA ILE T 259 15.88 -72.54 -20.86
C ILE T 259 14.44 -72.66 -21.36
N ALA T 260 13.48 -72.69 -20.44
CA ALA T 260 12.07 -72.80 -20.82
C ALA T 260 11.62 -71.59 -21.63
N GLY T 261 12.00 -70.39 -21.20
CA GLY T 261 11.65 -69.19 -21.95
C GLY T 261 12.33 -69.12 -23.29
N GLY T 262 13.56 -69.62 -23.39
CA GLY T 262 14.23 -69.66 -24.68
C GLY T 262 13.53 -70.59 -25.66
N PHE T 263 13.17 -71.79 -25.20
CA PHE T 263 12.40 -72.70 -26.04
C PHE T 263 11.05 -72.10 -26.41
N TRP T 264 10.42 -71.41 -25.46
CA TRP T 264 9.15 -70.74 -25.73
C TRP T 264 9.29 -69.70 -26.83
N HIS T 265 10.25 -68.79 -26.69
CA HIS T 265 10.43 -67.72 -27.68
C HIS T 265 10.90 -68.27 -29.02
N ILE T 266 11.59 -69.41 -29.03
CA ILE T 266 11.93 -70.06 -30.28
C ILE T 266 10.68 -70.61 -30.96
N LEU T 267 9.79 -71.22 -30.19
CA LEU T 267 8.62 -71.90 -30.75
C LEU T 267 7.38 -71.02 -30.84
N THR T 268 7.44 -69.75 -30.42
CA THR T 268 6.26 -68.90 -30.44
C THR T 268 6.57 -67.59 -31.16
N LYS T 269 5.52 -66.80 -31.35
CA LYS T 269 5.55 -65.47 -31.92
C LYS T 269 4.93 -64.50 -30.93
N PRO T 270 5.38 -63.24 -30.89
CA PRO T 270 4.80 -62.27 -29.96
C PRO T 270 3.30 -62.11 -30.16
N PHE T 271 2.58 -61.98 -29.05
CA PHE T 271 1.13 -61.90 -29.06
C PHE T 271 0.68 -60.51 -29.52
N ALA T 272 -0.65 -60.37 -29.67
CA ALA T 272 -1.22 -59.13 -30.19
C ALA T 272 -0.95 -57.96 -29.27
N TRP T 273 -1.02 -58.17 -27.96
CA TRP T 273 -0.75 -57.09 -27.02
C TRP T 273 0.72 -56.70 -27.05
N ALA T 274 1.63 -57.64 -27.29
CA ALA T 274 3.05 -57.32 -27.37
C ALA T 274 3.40 -56.66 -28.70
N ARG T 275 2.77 -57.07 -29.79
CA ARG T 275 3.09 -56.51 -31.10
C ARG T 275 2.70 -55.04 -31.19
N ARG T 276 1.55 -54.66 -30.63
CA ARG T 276 1.08 -53.29 -30.72
C ARG T 276 1.73 -52.37 -29.69
N ALA T 277 2.48 -52.91 -28.72
CA ALA T 277 3.05 -52.11 -27.65
C ALA T 277 4.49 -51.72 -27.87
N TYR T 278 5.26 -52.52 -28.61
CA TYR T 278 6.69 -52.31 -28.76
C TYR T 278 7.02 -51.80 -30.16
N VAL T 279 8.09 -51.03 -30.25
CA VAL T 279 8.69 -50.68 -31.54
C VAL T 279 9.61 -51.80 -31.97
N TRP T 280 9.51 -52.21 -33.23
CA TRP T 280 10.24 -53.37 -33.74
C TRP T 280 11.33 -52.86 -34.68
N SER T 281 12.48 -52.53 -34.09
CA SER T 281 13.65 -52.08 -34.83
C SER T 281 14.87 -52.33 -33.96
N GLY T 282 16.05 -52.26 -34.60
CA GLY T 282 17.28 -52.54 -33.88
C GLY T 282 17.54 -51.57 -32.75
N GLU T 283 17.25 -50.29 -32.97
CA GLU T 283 17.50 -49.28 -31.93
C GLU T 283 16.56 -49.48 -30.74
N ALA T 284 15.33 -49.90 -30.99
CA ALA T 284 14.40 -50.16 -29.89
C ALA T 284 14.88 -51.31 -29.02
N TYR T 285 15.31 -52.41 -29.67
CA TYR T 285 15.84 -53.54 -28.91
C TYR T 285 17.10 -53.13 -28.15
N LEU T 286 17.93 -52.29 -28.77
CA LEU T 286 19.11 -51.77 -28.07
C LEU T 286 18.72 -50.98 -26.84
N SER T 287 17.68 -50.15 -26.94
CA SER T 287 17.24 -49.36 -25.79
C SER T 287 16.70 -50.26 -24.68
N TYR T 288 15.97 -51.32 -25.06
CA TYR T 288 15.49 -52.27 -24.05
C TYR T 288 16.65 -52.92 -23.32
N SER T 289 17.66 -53.36 -24.08
CA SER T 289 18.84 -53.94 -23.45
C SER T 289 19.57 -52.92 -22.58
N LEU T 290 19.57 -51.65 -23.00
CA LEU T 290 20.24 -50.61 -22.25
C LEU T 290 19.59 -50.38 -20.89
N VAL T 291 18.25 -50.30 -20.86
CA VAL T 291 17.59 -50.09 -19.58
C VAL T 291 17.73 -51.34 -18.70
N ALA T 292 17.72 -52.53 -19.31
CA ALA T 292 17.91 -53.75 -18.54
C ALA T 292 19.29 -53.77 -17.89
N VAL T 293 20.33 -53.45 -18.64
CA VAL T 293 21.68 -53.49 -18.08
C VAL T 293 21.91 -52.33 -17.12
N SER T 294 21.19 -51.21 -17.30
CA SER T 294 21.27 -50.14 -16.31
C SER T 294 20.73 -50.58 -14.96
N LEU T 295 19.55 -51.22 -14.97
CA LEU T 295 19.00 -51.76 -13.73
C LEU T 295 19.92 -52.82 -13.14
N MET T 296 20.51 -53.67 -13.99
CA MET T 296 21.44 -54.68 -13.52
C MET T 296 22.68 -54.04 -12.89
N GLY T 297 23.18 -52.95 -13.47
CA GLY T 297 24.33 -52.27 -12.90
C GLY T 297 24.03 -51.67 -11.54
N PHE T 298 22.85 -51.05 -11.39
CA PHE T 298 22.46 -50.56 -10.07
C PHE T 298 22.38 -51.70 -9.06
N ILE T 299 21.78 -52.83 -9.47
CA ILE T 299 21.64 -53.98 -8.57
C ILE T 299 23.02 -54.51 -8.18
N ALA T 300 23.95 -54.58 -9.13
CA ALA T 300 25.29 -55.08 -8.84
C ALA T 300 26.05 -54.14 -7.93
N SER T 301 25.89 -52.83 -8.12
CA SER T 301 26.53 -51.88 -7.22
C SER T 301 26.02 -52.05 -5.80
N GLN T 302 24.70 -52.24 -5.64
CA GLN T 302 24.16 -52.47 -4.30
C GLN T 302 24.61 -53.82 -3.74
N TYR T 303 24.75 -54.82 -4.60
CA TYR T 303 25.26 -56.13 -4.17
C TYR T 303 26.68 -56.00 -3.63
N SER T 304 27.54 -55.29 -4.35
CA SER T 304 28.92 -55.10 -3.91
C SER T 304 28.98 -54.25 -2.65
N TRP T 305 28.08 -53.29 -2.49
CA TRP T 305 28.13 -52.42 -1.32
C TRP T 305 27.61 -53.12 -0.07
N TYR T 306 26.54 -53.90 -0.17
CA TYR T 306 25.86 -54.44 0.99
C TYR T 306 26.05 -55.93 1.22
N ASN T 307 26.00 -56.75 0.17
CA ASN T 307 26.00 -58.20 0.35
C ASN T 307 27.39 -58.68 0.72
N ASN T 308 27.46 -59.52 1.77
CA ASN T 308 28.71 -60.13 2.19
C ASN T 308 28.67 -61.65 2.08
N THR T 309 27.69 -62.19 1.37
CA THR T 309 27.57 -63.63 1.14
C THR T 309 28.08 -64.02 -0.25
N ALA T 310 27.54 -63.40 -1.29
CA ALA T 310 28.10 -63.54 -2.62
C ALA T 310 29.36 -62.71 -2.81
N TYR T 311 29.65 -61.79 -1.90
CA TYR T 311 30.86 -60.97 -1.91
C TYR T 311 31.52 -61.10 -0.55
N PRO T 312 32.27 -62.17 -0.31
CA PRO T 312 32.84 -62.42 1.02
C PRO T 312 33.76 -61.31 1.47
N SER T 313 33.70 -61.01 2.78
CA SER T 313 34.52 -59.94 3.34
C SER T 313 35.98 -60.33 3.47
N GLU T 314 36.31 -61.62 3.37
CA GLU T 314 37.71 -62.01 3.36
C GLU T 314 38.38 -61.73 2.01
N PHE T 315 37.60 -61.45 0.98
CA PHE T 315 38.12 -61.15 -0.36
C PHE T 315 37.87 -59.72 -0.79
N TYR T 316 36.65 -59.21 -0.59
CA TYR T 316 36.29 -57.85 -0.95
C TYR T 316 36.45 -56.85 0.19
N GLY T 317 36.79 -57.32 1.38
CA GLY T 317 36.83 -56.47 2.54
C GLY T 317 35.46 -56.33 3.17
N PRO T 318 35.40 -55.80 4.38
CA PRO T 318 34.11 -55.59 5.04
C PRO T 318 33.33 -54.48 4.36
N THR T 319 32.01 -54.56 4.49
CA THR T 319 31.17 -53.45 4.05
C THR T 319 31.25 -52.32 5.08
N GLY T 320 30.73 -51.16 4.69
CA GLY T 320 30.70 -50.00 5.56
C GLY T 320 29.97 -50.25 6.87
N PRO T 321 28.73 -50.74 6.79
CA PRO T 321 28.05 -51.19 8.01
C PRO T 321 28.83 -52.27 8.75
N GLU T 322 29.46 -53.19 8.02
CA GLU T 322 30.26 -54.23 8.66
C GLU T 322 31.44 -53.64 9.40
N ALA T 323 32.12 -52.67 8.78
CA ALA T 323 33.27 -52.03 9.44
C ALA T 323 32.84 -51.25 10.68
N SER T 324 31.74 -50.50 10.59
CA SER T 324 31.28 -49.73 11.74
C SER T 324 30.86 -50.64 12.89
N GLN T 325 30.10 -51.70 12.58
CA GLN T 325 29.69 -52.64 13.62
C GLN T 325 30.89 -53.41 14.18
N SER T 326 31.91 -53.67 13.35
CA SER T 326 33.10 -54.35 13.86
C SER T 326 33.89 -53.45 14.80
N GLN T 327 33.98 -52.15 14.49
CA GLN T 327 34.62 -51.23 15.41
C GLN T 327 33.87 -51.15 16.73
N ALA T 328 32.53 -51.06 16.66
CA ALA T 328 31.73 -51.03 17.87
C ALA T 328 31.88 -52.31 18.68
N PHE T 329 31.91 -53.46 17.99
CA PHE T 329 32.07 -54.74 18.68
C PHE T 329 33.45 -54.87 19.32
N THR T 330 34.49 -54.39 18.63
CA THR T 330 35.83 -54.41 19.21
C THR T 330 35.89 -53.55 20.47
N PHE T 331 35.27 -52.36 20.42
CA PHE T 331 35.22 -51.53 21.63
C PHE T 331 34.43 -52.21 22.74
N LEU T 332 33.34 -52.89 22.39
CA LEU T 332 32.57 -53.64 23.39
C LEU T 332 33.40 -54.75 24.02
N VAL T 333 34.17 -55.47 23.20
CA VAL T 333 35.02 -56.54 23.72
C VAL T 333 36.10 -55.99 24.64
N ARG T 334 36.74 -54.89 24.23
CA ARG T 334 37.76 -54.29 25.08
C ARG T 334 37.17 -53.62 26.30
N ASP T 335 35.85 -53.39 26.33
CA ASP T 335 35.21 -52.96 27.57
C ASP T 335 34.88 -54.14 28.48
N GLN T 336 34.43 -55.25 27.90
CA GLN T 336 34.13 -56.44 28.70
C GLN T 336 35.39 -56.99 29.36
N ARG T 337 36.44 -57.21 28.57
CA ARG T 337 37.75 -57.49 29.14
C ARG T 337 38.29 -56.22 29.81
N LEU T 338 39.12 -56.42 30.84
CA LEU T 338 39.69 -55.32 31.62
C LEU T 338 38.56 -54.50 32.24
N GLY T 339 38.17 -53.42 31.58
CA GLY T 339 37.06 -52.60 32.01
C GLY T 339 37.41 -51.19 32.47
N ALA T 340 38.55 -50.64 32.06
CA ALA T 340 38.97 -49.31 32.47
C ALA T 340 38.46 -48.22 31.55
N SER T 341 37.73 -48.56 30.49
CA SER T 341 37.25 -47.57 29.53
C SER T 341 35.87 -47.05 29.95
N VAL T 342 35.83 -46.50 31.16
CA VAL T 342 34.63 -45.93 31.78
C VAL T 342 33.48 -46.94 31.76
N ALA T 343 33.82 -48.23 31.81
CA ALA T 343 32.80 -49.28 31.83
C ALA T 343 33.38 -50.49 32.57
N SER T 344 33.05 -50.60 33.86
CA SER T 344 33.48 -51.72 34.66
C SER T 344 32.33 -52.56 35.22
N ALA T 345 31.10 -52.03 35.22
CA ALA T 345 29.95 -52.75 35.74
C ALA T 345 28.75 -52.39 34.87
N GLN T 346 27.55 -52.71 35.36
CA GLN T 346 26.30 -52.41 34.67
C GLN T 346 25.77 -51.03 34.98
N GLY T 347 26.54 -50.21 35.71
CA GLY T 347 26.13 -48.87 36.05
C GLY T 347 25.87 -47.95 34.88
N PRO T 348 26.81 -47.86 33.92
CA PRO T 348 26.55 -47.08 32.71
C PRO T 348 25.37 -47.63 31.92
N THR T 349 24.54 -46.72 31.42
CA THR T 349 23.32 -47.02 30.66
C THR T 349 22.42 -48.01 31.39
N GLY T 350 21.56 -48.70 30.65
CA GLY T 350 20.75 -49.76 31.21
C GLY T 350 21.40 -51.10 30.99
N LEU T 351 21.88 -51.33 29.77
CA LEU T 351 22.66 -52.50 29.43
C LEU T 351 24.15 -52.18 29.60
N GLY T 352 25.02 -53.02 29.04
CA GLY T 352 26.43 -52.73 29.03
C GLY T 352 26.78 -51.60 28.09
N LYS T 353 28.06 -51.23 28.10
CA LYS T 353 28.53 -50.17 27.22
C LYS T 353 28.45 -50.59 25.76
N TYR T 354 28.27 -49.60 24.88
CA TYR T 354 28.10 -49.81 23.45
C TYR T 354 26.90 -50.71 23.15
N LEU T 355 25.84 -50.56 23.95
CA LEU T 355 24.62 -51.31 23.76
C LEU T 355 23.42 -50.37 23.93
N MET T 356 22.37 -50.64 23.17
CA MET T 356 21.13 -49.87 23.25
C MET T 356 20.06 -50.80 22.68
N ARG T 357 18.84 -50.30 22.55
CA ARG T 357 17.72 -51.07 22.06
C ARG T 357 17.32 -50.53 20.69
N SER T 358 16.97 -51.43 19.79
CA SER T 358 16.53 -51.05 18.45
C SER T 358 15.17 -50.40 18.45
N PRO T 359 14.78 -49.76 17.33
CA PRO T 359 13.41 -49.21 17.25
C PRO T 359 12.33 -50.25 17.46
N SER T 360 12.58 -51.51 17.15
CA SER T 360 11.64 -52.59 17.42
C SER T 360 11.87 -53.25 18.77
N GLY T 361 12.84 -52.77 19.56
CA GLY T 361 13.06 -53.25 20.91
C GLY T 361 14.22 -54.20 21.10
N GLU T 362 14.84 -54.67 20.02
CA GLU T 362 15.94 -55.62 20.14
C GLU T 362 17.22 -54.94 20.61
N ILE T 363 18.12 -55.73 21.18
CA ILE T 363 19.39 -55.22 21.69
C ILE T 363 20.38 -55.10 20.53
N ILE T 364 20.93 -53.90 20.34
CA ILE T 364 21.86 -53.62 19.26
C ILE T 364 23.05 -52.86 19.83
N LEU T 365 24.09 -52.73 19.00
CA LEU T 365 25.26 -51.95 19.38
C LEU T 365 24.92 -50.47 19.39
N GLY T 366 25.32 -49.78 20.46
CA GLY T 366 25.03 -48.36 20.60
C GLY T 366 26.05 -47.47 19.92
N GLY T 367 25.73 -46.18 19.90
CA GLY T 367 26.62 -45.19 19.32
C GLY T 367 26.18 -44.72 17.94
N GLU T 368 27.13 -44.26 17.14
CA GLU T 368 26.81 -43.80 15.79
C GLU T 368 26.48 -44.96 14.85
N THR T 369 26.86 -46.19 15.22
CA THR T 369 26.60 -47.36 14.41
C THR T 369 25.17 -47.88 14.54
N GLN T 370 24.30 -47.16 15.26
CA GLN T 370 22.93 -47.59 15.45
C GLN T 370 22.20 -47.75 14.11
N ARG T 371 22.53 -46.92 13.12
CA ARG T 371 21.91 -47.02 11.81
C ARG T 371 22.27 -48.31 11.08
N PHE T 372 23.31 -49.03 11.53
CA PHE T 372 23.77 -50.24 10.88
C PHE T 372 23.41 -51.50 11.67
N TRP T 373 22.29 -51.45 12.40
CA TRP T 373 21.86 -52.60 13.19
C TRP T 373 21.29 -53.72 12.33
N ASP T 374 21.03 -53.48 11.05
CA ASP T 374 20.54 -54.51 10.15
C ASP T 374 21.64 -55.41 9.61
N LEU T 375 22.90 -55.12 9.93
CA LEU T 375 24.01 -55.92 9.43
C LEU T 375 23.98 -57.33 10.02
N ARG T 376 24.19 -58.33 9.16
CA ARG T 376 24.37 -59.71 9.57
C ARG T 376 25.71 -60.19 9.03
N ALA T 377 26.63 -60.51 9.92
CA ALA T 377 27.98 -60.93 9.54
C ALA T 377 28.32 -62.23 10.24
N PRO T 378 29.11 -63.10 9.59
CA PRO T 378 29.41 -64.41 10.19
C PRO T 378 30.11 -64.35 11.54
N TRP T 379 30.95 -63.34 11.78
CA TRP T 379 31.67 -63.23 13.03
C TRP T 379 30.80 -62.70 14.18
N ILE T 380 29.58 -62.25 13.89
CA ILE T 380 28.70 -61.73 14.93
C ILE T 380 27.42 -62.54 15.09
N GLU T 381 27.10 -63.43 14.15
CA GLU T 381 25.90 -64.25 14.28
C GLU T 381 25.89 -65.16 15.52
N PRO T 382 26.97 -65.88 15.87
CA PRO T 382 26.91 -66.72 17.09
C PRO T 382 26.66 -65.93 18.36
N LEU T 383 26.93 -64.63 18.37
CA LEU T 383 26.71 -63.79 19.54
C LEU T 383 25.34 -63.16 19.58
N ARG T 384 24.49 -63.43 18.60
CA ARG T 384 23.16 -62.85 18.50
C ARG T 384 22.11 -63.90 18.81
N GLY T 385 21.14 -63.54 19.65
CA GLY T 385 20.08 -64.44 20.03
C GLY T 385 18.73 -64.00 19.51
N PRO T 386 17.65 -64.58 20.07
CA PRO T 386 16.30 -64.18 19.64
C PRO T 386 15.99 -62.70 19.87
N ASN T 387 16.49 -62.14 20.96
CA ASN T 387 16.27 -60.73 21.27
C ASN T 387 17.36 -59.82 20.72
N GLY T 388 18.34 -60.37 20.00
CA GLY T 388 19.45 -59.60 19.49
C GLY T 388 20.77 -60.05 20.11
N LEU T 389 21.66 -59.09 20.33
CA LEU T 389 22.95 -59.40 20.95
C LEU T 389 22.75 -59.71 22.43
N ASP T 390 23.24 -60.87 22.85
CA ASP T 390 23.15 -61.30 24.24
C ASP T 390 24.48 -61.02 24.93
N LEU T 391 24.44 -60.23 26.01
CA LEU T 391 25.67 -59.78 26.65
C LEU T 391 26.46 -60.95 27.24
N ASN T 392 25.77 -61.88 27.90
CA ASN T 392 26.47 -63.02 28.48
C ASN T 392 27.06 -63.92 27.40
N LYS T 393 26.38 -64.06 26.27
CA LYS T 393 26.91 -64.86 25.17
C LYS T 393 28.16 -64.23 24.59
N ILE T 394 28.21 -62.90 24.51
CA ILE T 394 29.43 -62.21 24.10
C ILE T 394 30.52 -62.40 25.15
N LYS T 395 30.13 -62.39 26.43
CA LYS T 395 31.11 -62.57 27.50
C LYS T 395 31.76 -63.95 27.46
N ASN T 396 30.97 -64.98 27.19
CA ASN T 396 31.42 -66.37 27.32
C ASN T 396 31.63 -67.08 25.99
N ASP T 397 30.66 -67.01 25.09
CA ASP T 397 30.67 -67.80 23.86
C ASP T 397 31.38 -67.10 22.70
N ILE T 398 32.30 -66.19 23.00
CA ILE T 398 33.05 -65.48 21.97
C ILE T 398 34.27 -66.31 21.60
N GLN T 399 34.70 -66.20 20.35
CA GLN T 399 35.83 -66.95 19.85
C GLN T 399 36.94 -66.01 19.41
N PRO T 400 38.21 -66.44 19.49
CA PRO T 400 39.32 -65.56 19.07
C PRO T 400 39.27 -65.17 17.60
N TRP T 401 38.80 -66.05 16.71
CA TRP T 401 38.75 -65.71 15.30
C TRP T 401 37.73 -64.62 15.03
N GLN T 402 36.63 -64.58 15.80
CA GLN T 402 35.68 -63.48 15.68
C GLN T 402 36.32 -62.16 16.06
N GLU T 403 37.12 -62.15 17.14
CA GLU T 403 37.82 -60.92 17.54
C GLU T 403 38.82 -60.49 16.47
N ARG T 404 39.55 -61.45 15.90
CA ARG T 404 40.52 -61.11 14.85
C ARG T 404 39.82 -60.54 13.63
N ARG T 405 38.71 -61.15 13.22
CA ARG T 405 37.94 -60.63 12.09
C ARG T 405 37.42 -59.22 12.38
N ALA T 406 36.91 -59.00 13.59
CA ALA T 406 36.39 -57.69 13.95
C ALA T 406 37.49 -56.63 13.94
N ALA T 407 38.67 -56.96 14.48
CA ALA T 407 39.77 -56.00 14.49
C ALA T 407 40.24 -55.69 13.07
N GLU T 408 40.43 -56.72 12.24
CA GLU T 408 40.94 -56.50 10.90
C GLU T 408 39.92 -55.77 10.02
N TYR T 409 38.62 -55.94 10.29
CA TYR T 409 37.61 -55.18 9.58
C TYR T 409 37.49 -53.76 10.12
N MET T 410 37.79 -53.55 11.41
CA MET T 410 37.84 -52.21 11.98
C MET T 410 38.99 -51.41 11.37
N THR T 411 40.12 -52.06 11.11
CA THR T 411 41.27 -51.36 10.54
C THR T 411 40.95 -50.80 9.16
N HIS T 412 40.24 -51.57 8.33
CA HIS T 412 39.90 -51.16 6.96
C HIS T 412 38.41 -50.87 6.90
N ALA T 413 38.06 -49.58 6.92
CA ALA T 413 36.66 -49.16 6.91
C ALA T 413 36.34 -48.44 5.62
N PRO T 414 35.34 -48.90 4.85
CA PRO T 414 34.94 -48.14 3.66
C PRO T 414 34.46 -46.73 3.99
N LEU T 415 33.73 -46.55 5.09
CA LEU T 415 33.26 -45.22 5.48
C LEU T 415 34.32 -44.44 6.25
N GLY T 416 35.05 -45.10 7.12
CA GLY T 416 36.09 -44.45 7.91
C GLY T 416 36.09 -44.96 9.35
N SER T 417 37.20 -44.71 10.03
CA SER T 417 37.34 -45.10 11.43
C SER T 417 38.05 -44.02 12.24
N PHE T 433 42.85 -45.84 2.73
CA PHE T 433 42.40 -47.09 2.13
C PHE T 433 41.08 -46.91 1.40
N VAL T 434 41.08 -47.21 0.10
CA VAL T 434 39.88 -47.20 -0.72
C VAL T 434 39.46 -48.64 -0.94
N SER T 435 38.27 -48.99 -0.46
CA SER T 435 37.83 -50.38 -0.50
C SER T 435 37.55 -50.81 -1.94
N PRO T 436 37.84 -52.07 -2.29
CA PRO T 436 37.39 -52.59 -3.60
C PRO T 436 35.88 -52.57 -3.75
N ARG T 437 35.14 -52.74 -2.64
CA ARG T 437 33.69 -52.58 -2.69
C ARG T 437 33.31 -51.18 -3.13
N SER T 438 34.02 -50.17 -2.64
CA SER T 438 33.76 -48.79 -3.05
C SER T 438 33.99 -48.61 -4.55
N TRP T 439 35.10 -49.17 -5.06
CA TRP T 439 35.38 -49.05 -6.49
C TRP T 439 34.30 -49.72 -7.33
N LEU T 440 33.93 -50.96 -6.97
CA LEU T 440 32.90 -51.67 -7.72
C LEU T 440 31.57 -50.94 -7.68
N THR T 441 31.17 -50.49 -6.48
CA THR T 441 29.88 -49.83 -6.33
C THR T 441 29.83 -48.52 -7.11
N CYS T 442 30.86 -47.68 -6.97
CA CYS T 442 30.88 -46.41 -7.68
C CYS T 442 30.90 -46.63 -9.18
N ALA T 443 31.75 -47.54 -9.67
CA ALA T 443 31.88 -47.77 -11.09
C ALA T 443 30.57 -48.26 -11.69
N HIS T 444 29.95 -49.28 -11.07
CA HIS T 444 28.74 -49.82 -11.66
C HIS T 444 27.52 -48.94 -11.42
N PHE T 445 27.50 -48.12 -10.37
CA PHE T 445 26.43 -47.13 -10.24
C PHE T 445 26.52 -46.07 -11.33
N LEU T 446 27.74 -45.59 -11.61
CA LEU T 446 27.95 -44.65 -12.71
C LEU T 446 27.56 -45.27 -14.03
N LEU T 447 27.94 -46.54 -14.25
CA LEU T 447 27.59 -47.22 -15.48
C LEU T 447 26.07 -47.40 -15.62
N GLY T 448 25.40 -47.73 -14.51
CA GLY T 448 23.95 -47.84 -14.56
C GLY T 448 23.27 -46.53 -14.90
N PHE T 449 23.77 -45.42 -14.33
CA PHE T 449 23.19 -44.12 -14.63
C PHE T 449 23.41 -43.74 -16.09
N VAL T 450 24.65 -43.89 -16.59
CA VAL T 450 24.92 -43.49 -17.97
C VAL T 450 24.20 -44.40 -18.95
N PHE T 451 23.97 -45.67 -18.58
CA PHE T 451 23.23 -46.54 -19.47
C PHE T 451 21.72 -46.31 -19.39
N TYR T 452 21.21 -45.79 -18.27
CA TYR T 452 19.86 -45.26 -18.27
C TYR T 452 19.73 -44.08 -19.21
N ILE T 453 20.74 -43.20 -19.22
CA ILE T 453 20.77 -42.08 -20.16
C ILE T 453 20.76 -42.61 -21.60
N GLY T 454 21.59 -43.61 -21.88
CA GLY T 454 21.64 -44.18 -23.20
C GLY T 454 20.33 -44.83 -23.61
N HIS T 455 19.67 -45.52 -22.66
CA HIS T 455 18.37 -46.09 -22.94
C HIS T 455 17.36 -45.01 -23.29
N LEU T 456 17.34 -43.92 -22.53
CA LEU T 456 16.40 -42.83 -22.83
C LEU T 456 16.66 -42.26 -24.21
N TRP T 457 17.94 -42.00 -24.52
CA TRP T 457 18.29 -41.44 -25.83
C TRP T 457 17.87 -42.38 -26.96
N HIS T 458 18.26 -43.65 -26.87
CA HIS T 458 18.01 -44.59 -27.96
C HIS T 458 16.53 -44.94 -28.07
N ALA T 459 15.79 -44.99 -26.95
CA ALA T 459 14.36 -45.24 -27.03
C ALA T 459 13.62 -44.07 -27.65
N GLY T 460 13.96 -42.84 -27.25
CA GLY T 460 13.36 -41.68 -27.88
C GLY T 460 13.65 -41.61 -29.36
N ARG T 461 14.89 -41.90 -29.76
CA ARG T 461 15.22 -41.86 -31.17
C ARG T 461 14.56 -43.00 -31.93
N ALA T 462 14.42 -44.18 -31.31
CA ALA T 462 13.71 -45.27 -31.97
C ALA T 462 12.25 -44.91 -32.21
N ARG T 463 11.60 -44.29 -31.22
CA ARG T 463 10.23 -43.84 -31.40
C ARG T 463 10.13 -42.79 -32.50
N ALA T 464 11.05 -41.83 -32.51
CA ALA T 464 11.02 -40.78 -33.52
C ALA T 464 11.26 -41.34 -34.92
N ALA T 465 12.20 -42.30 -35.04
CA ALA T 465 12.52 -42.86 -36.34
C ALA T 465 11.40 -43.76 -36.85
N ALA T 466 10.78 -44.53 -35.95
CA ALA T 466 9.62 -45.33 -36.35
C ALA T 466 8.46 -44.46 -36.79
N ALA T 467 8.19 -43.39 -36.02
CA ALA T 467 7.13 -42.45 -36.42
C ALA T 467 7.53 -41.68 -37.67
N GLY T 468 8.79 -41.27 -37.77
CA GLY T 468 9.29 -40.67 -38.98
C GLY T 468 9.59 -39.18 -38.91
N PHE T 469 9.99 -38.69 -37.74
CA PHE T 469 10.40 -37.29 -37.61
C PHE T 469 11.67 -37.15 -36.77
N GLU T 470 12.57 -38.13 -36.84
CA GLU T 470 13.83 -38.03 -36.11
C GLU T 470 14.83 -37.09 -36.79
N LYS T 471 14.58 -36.70 -38.03
CA LYS T 471 15.44 -35.77 -38.75
C LYS T 471 14.97 -34.33 -38.66
N GLY T 472 13.83 -34.07 -38.04
CA GLY T 472 13.32 -32.72 -37.87
C GLY T 472 11.86 -32.62 -38.23
N ILE T 473 11.35 -31.39 -38.19
CA ILE T 473 9.96 -31.09 -38.50
C ILE T 473 9.83 -30.88 -40.00
N ASN T 474 8.73 -31.40 -40.57
CA ASN T 474 8.60 -31.50 -42.02
C ASN T 474 8.57 -30.14 -42.71
N ARG T 475 8.04 -29.11 -42.01
CA ARG T 475 7.96 -27.72 -42.46
C ARG T 475 6.93 -27.53 -43.58
N GLU T 476 6.40 -28.62 -44.12
CA GLU T 476 5.33 -28.56 -45.11
C GLU T 476 3.97 -28.83 -44.48
N ASN T 477 3.88 -29.86 -43.66
CA ASN T 477 2.69 -30.14 -42.83
C ASN T 477 3.17 -30.21 -41.39
N GLU T 478 3.24 -29.05 -40.74
CA GLU T 478 3.71 -28.97 -39.38
C GLU T 478 2.60 -29.41 -38.42
N PRO T 479 2.88 -30.36 -37.52
CA PRO T 479 1.80 -30.89 -36.67
C PRO T 479 1.14 -29.85 -35.78
N THR T 480 1.89 -28.89 -35.25
CA THR T 480 1.29 -27.90 -34.35
C THR T 480 0.49 -26.85 -35.11
N LEU T 481 0.70 -26.70 -36.41
CA LEU T 481 -0.10 -25.75 -37.18
C LEU T 481 -1.51 -26.27 -37.43
N SER T 482 -1.71 -27.59 -37.41
CA SER T 482 -3.05 -28.15 -37.57
C SER T 482 -3.83 -28.13 -36.26
N LEU T 483 -3.14 -28.22 -35.13
CA LEU T 483 -3.81 -28.14 -33.83
C LEU T 483 -4.32 -26.72 -33.59
N ARG T 484 -5.51 -26.62 -33.03
CA ARG T 484 -6.04 -25.31 -32.66
C ARG T 484 -5.26 -24.75 -31.49
N PRO T 485 -5.09 -23.43 -31.42
CA PRO T 485 -4.35 -22.83 -30.31
C PRO T 485 -5.08 -23.03 -28.98
N ILE T 486 -4.29 -23.08 -27.91
CA ILE T 486 -4.78 -23.30 -26.54
C ILE T 486 -5.56 -24.60 -26.45
N ARG U 11 46.32 11.87 -45.63
CA ARG U 11 45.70 11.95 -44.31
C ARG U 11 46.76 12.22 -43.24
N GLY U 12 46.31 12.51 -42.02
CA GLY U 12 47.22 12.78 -40.93
C GLY U 12 47.78 11.50 -40.31
N TRP U 13 48.68 11.70 -39.36
CA TRP U 13 49.29 10.55 -38.67
C TRP U 13 48.26 9.78 -37.86
N PHE U 14 47.34 10.50 -37.20
CA PHE U 14 46.30 9.83 -36.42
C PHE U 14 45.40 9.00 -37.32
N ASP U 15 45.04 9.54 -38.48
CA ASP U 15 44.18 8.80 -39.42
C ASP U 15 44.89 7.55 -39.93
N LEU U 16 46.18 7.65 -40.24
CA LEU U 16 46.92 6.48 -40.71
C LEU U 16 47.06 5.43 -39.62
N MET U 17 47.31 5.85 -38.38
CA MET U 17 47.37 4.88 -37.28
C MET U 17 46.02 4.22 -37.05
N ASP U 18 44.93 4.99 -37.17
CA ASP U 18 43.60 4.42 -37.04
C ASP U 18 43.32 3.42 -38.16
N ASP U 19 43.76 3.73 -39.39
CA ASP U 19 43.60 2.80 -40.50
C ASP U 19 44.38 1.51 -40.25
N TRP U 20 45.62 1.63 -39.75
CA TRP U 20 46.43 0.44 -39.53
C TRP U 20 45.88 -0.41 -38.39
N LEU U 21 45.43 0.22 -37.30
CA LEU U 21 44.89 -0.54 -36.18
C LEU U 21 43.57 -1.23 -36.52
N LYS U 22 42.86 -0.72 -37.51
CA LYS U 22 41.56 -1.27 -37.91
C LYS U 22 41.66 -2.28 -39.05
N ARG U 23 42.87 -2.63 -39.48
CA ARG U 23 43.02 -3.55 -40.60
C ARG U 23 42.52 -4.94 -40.25
N ASP U 24 41.90 -5.60 -41.23
CA ASP U 24 41.35 -6.95 -41.05
C ASP U 24 42.49 -7.95 -41.07
N ARG U 25 43.07 -8.19 -39.89
CA ARG U 25 44.09 -9.20 -39.72
C ARG U 25 43.50 -10.43 -39.03
N PHE U 26 44.34 -11.43 -38.78
CA PHE U 26 43.88 -12.62 -38.07
C PHE U 26 43.49 -12.28 -36.64
N VAL U 27 44.24 -11.40 -35.98
CA VAL U 27 43.91 -10.91 -34.65
C VAL U 27 43.68 -9.41 -34.75
N PHE U 28 42.46 -8.97 -34.44
CA PHE U 28 42.15 -7.55 -34.46
C PHE U 28 42.90 -6.84 -33.34
N VAL U 29 43.49 -5.69 -33.65
CA VAL U 29 44.25 -4.93 -32.66
C VAL U 29 43.42 -3.76 -32.15
N GLY U 30 43.13 -2.81 -33.04
CA GLY U 30 42.37 -1.63 -32.65
C GLY U 30 43.08 -0.71 -31.68
N TRP U 31 42.46 0.44 -31.40
CA TRP U 31 43.01 1.34 -30.39
C TRP U 31 42.98 0.73 -29.01
N SER U 32 41.90 0.00 -28.69
CA SER U 32 41.80 -0.67 -27.40
C SER U 32 42.86 -1.74 -27.21
N GLY U 33 43.43 -2.27 -28.30
CA GLY U 33 44.49 -3.24 -28.18
C GLY U 33 45.73 -2.70 -27.49
N LEU U 34 46.03 -1.42 -27.70
CA LEU U 34 47.20 -0.79 -27.08
C LEU U 34 47.13 -0.85 -25.57
N LEU U 35 45.93 -0.92 -25.00
CA LEU U 35 45.77 -1.12 -23.57
C LEU U 35 45.56 -2.58 -23.21
N LEU U 36 44.86 -3.34 -24.07
CA LEU U 36 44.48 -4.71 -23.71
C LEU U 36 45.68 -5.65 -23.79
N PHE U 37 46.36 -5.69 -24.93
CA PHE U 37 47.39 -6.70 -25.16
C PHE U 37 48.55 -6.64 -24.15
N PRO U 38 49.20 -5.49 -23.91
CA PRO U 38 50.29 -5.51 -22.91
C PRO U 38 49.81 -5.81 -21.50
N THR U 39 48.70 -5.22 -21.06
CA THR U 39 48.23 -5.45 -19.70
C THR U 39 47.81 -6.90 -19.49
N SER U 40 47.03 -7.46 -20.40
CA SER U 40 46.59 -8.84 -20.28
C SER U 40 47.78 -9.80 -20.37
N TYR U 41 48.69 -9.54 -21.31
CA TYR U 41 49.87 -10.39 -21.45
C TYR U 41 50.72 -10.38 -20.19
N LEU U 42 50.94 -9.19 -19.61
CA LEU U 42 51.73 -9.09 -18.39
C LEU U 42 51.03 -9.75 -17.22
N SER U 43 49.70 -9.61 -17.12
CA SER U 43 48.97 -10.24 -16.02
C SER U 43 49.07 -11.76 -16.10
N ILE U 44 48.87 -12.32 -17.29
CA ILE U 44 48.94 -13.77 -17.47
C ILE U 44 50.36 -14.27 -17.22
N GLY U 45 51.35 -13.57 -17.76
CA GLY U 45 52.73 -13.97 -17.55
C GLY U 45 53.16 -13.88 -16.10
N GLY U 46 52.70 -12.84 -15.40
CA GLY U 46 53.00 -12.73 -13.99
C GLY U 46 52.34 -13.81 -13.16
N TRP U 47 51.11 -14.20 -13.52
CA TRP U 47 50.46 -15.31 -12.83
C TRP U 47 51.23 -16.61 -13.05
N PHE U 48 51.65 -16.86 -14.29
CA PHE U 48 52.45 -18.06 -14.55
C PHE U 48 53.78 -18.03 -13.79
N THR U 49 54.44 -16.88 -13.75
CA THR U 49 55.69 -16.74 -13.03
C THR U 49 55.50 -16.98 -11.54
N GLY U 50 54.44 -16.42 -10.96
CA GLY U 50 54.17 -16.62 -9.54
C GLY U 50 53.84 -18.06 -9.20
N THR U 51 53.01 -18.70 -10.02
CA THR U 51 52.66 -20.09 -9.77
C THR U 51 53.80 -21.05 -10.09
N THR U 52 54.80 -20.61 -10.85
CA THR U 52 55.94 -21.45 -11.19
C THR U 52 57.14 -21.26 -10.28
N PHE U 53 57.47 -20.02 -9.92
CA PHE U 53 58.70 -19.74 -9.19
C PHE U 53 58.48 -19.05 -7.85
N VAL U 54 57.54 -18.11 -7.76
CA VAL U 54 57.44 -17.23 -6.59
C VAL U 54 56.78 -17.97 -5.44
N THR U 55 57.37 -17.84 -4.26
CA THR U 55 56.86 -18.47 -3.04
C THR U 55 55.95 -17.54 -2.27
N SER U 56 55.26 -18.10 -1.28
CA SER U 56 54.41 -17.34 -0.36
C SER U 56 54.88 -17.51 1.08
N TRP U 57 56.14 -17.91 1.28
CA TRP U 57 56.64 -18.27 2.60
C TRP U 57 56.73 -17.07 3.53
N TYR U 58 57.04 -15.89 3.00
CA TYR U 58 57.23 -14.70 3.81
C TYR U 58 55.97 -13.85 3.94
N THR U 59 54.88 -14.24 3.29
CA THR U 59 53.61 -13.53 3.38
C THR U 59 52.52 -14.34 4.07
N HIS U 60 52.37 -15.61 3.70
CA HIS U 60 51.34 -16.48 4.28
C HIS U 60 51.92 -17.64 5.06
N GLY U 61 53.23 -17.84 5.05
CA GLY U 61 53.81 -19.04 5.63
C GLY U 61 53.41 -20.29 4.87
N LEU U 62 53.30 -20.20 3.55
CA LEU U 62 52.85 -21.30 2.72
C LEU U 62 53.79 -21.45 1.53
N ALA U 63 53.86 -22.68 1.01
CA ALA U 63 54.53 -22.95 -0.26
C ALA U 63 53.48 -23.01 -1.36
N SER U 64 53.56 -22.07 -2.30
CA SER U 64 52.65 -22.04 -3.45
C SER U 64 53.49 -21.75 -4.70
N SER U 65 54.07 -22.81 -5.27
CA SER U 65 54.83 -22.73 -6.52
C SER U 65 55.24 -24.13 -6.96
N TYR U 66 55.42 -24.33 -8.27
CA TYR U 66 55.90 -25.60 -8.77
C TYR U 66 57.33 -25.89 -8.30
N LEU U 67 58.14 -24.84 -8.13
CA LEU U 67 59.51 -25.02 -7.66
C LEU U 67 59.54 -25.59 -6.24
N GLU U 68 58.55 -25.27 -5.43
CA GLU U 68 58.46 -25.78 -4.07
C GLU U 68 57.80 -27.15 -3.97
N GLY U 69 57.22 -27.65 -5.06
CA GLY U 69 56.60 -28.96 -5.08
C GLY U 69 55.09 -28.96 -5.25
N CYS U 70 54.47 -27.81 -5.47
CA CYS U 70 53.03 -27.75 -5.62
C CYS U 70 52.61 -28.20 -7.02
N ASN U 71 51.36 -28.65 -7.12
CA ASN U 71 50.75 -29.04 -8.38
C ASN U 71 49.86 -27.90 -8.87
N PHE U 72 49.09 -28.16 -9.92
CA PHE U 72 48.22 -27.13 -10.50
C PHE U 72 47.18 -26.64 -9.50
N PHE U 73 46.67 -27.54 -8.65
CA PHE U 73 45.61 -27.15 -7.73
C PHE U 73 46.16 -26.30 -6.58
N THR U 74 47.33 -26.66 -6.05
CA THR U 74 47.85 -26.03 -4.85
C THR U 74 48.79 -24.86 -5.13
N ALA U 75 49.16 -24.63 -6.39
CA ALA U 75 50.00 -23.48 -6.72
C ALA U 75 49.14 -22.24 -6.90
N ALA U 76 49.63 -21.11 -6.38
CA ALA U 76 48.87 -19.88 -6.42
C ALA U 76 49.82 -18.70 -6.35
N VAL U 77 49.33 -17.56 -6.85
CA VAL U 77 49.99 -16.27 -6.65
C VAL U 77 49.32 -15.66 -5.43
N SER U 78 49.97 -15.80 -4.27
CA SER U 78 49.35 -15.42 -3.02
C SER U 78 49.33 -13.90 -2.84
N THR U 79 48.38 -13.44 -2.04
CA THR U 79 48.21 -12.02 -1.78
C THR U 79 49.37 -11.50 -0.95
N PRO U 80 49.63 -10.19 -0.99
CA PRO U 80 50.73 -9.61 -0.22
C PRO U 80 50.57 -9.82 1.28
N ALA U 81 51.66 -9.57 2.00
CA ALA U 81 51.67 -9.71 3.45
C ALA U 81 50.75 -8.68 4.10
N ASN U 82 50.17 -9.06 5.24
CA ASN U 82 49.30 -8.15 5.98
C ASN U 82 50.06 -6.96 6.54
N SER U 83 51.39 -7.05 6.65
CA SER U 83 52.18 -5.89 7.07
C SER U 83 52.01 -4.74 6.09
N MET U 84 52.02 -5.03 4.79
CA MET U 84 51.61 -4.05 3.80
C MET U 84 50.13 -3.74 3.99
N GLY U 85 49.78 -2.46 3.89
CA GLY U 85 48.38 -2.08 3.95
C GLY U 85 47.72 -2.28 2.61
N HIS U 86 46.99 -1.27 2.15
CA HIS U 86 46.49 -1.29 0.78
C HIS U 86 47.47 -0.59 -0.16
N SER U 87 48.73 -1.00 -0.08
CA SER U 87 49.78 -0.39 -0.88
C SER U 87 49.70 -0.87 -2.32
N LEU U 88 50.04 0.02 -3.25
CA LEU U 88 50.12 -0.36 -4.65
C LEU U 88 51.24 -1.35 -4.90
N LEU U 89 52.23 -1.41 -4.02
CA LEU U 89 53.36 -2.34 -4.10
C LEU U 89 54.08 -2.22 -5.44
N LEU U 90 54.33 -0.97 -5.84
CA LEU U 90 55.12 -0.71 -7.02
C LEU U 90 56.52 -1.28 -6.84
N LEU U 91 57.10 -1.80 -7.93
CA LEU U 91 58.45 -2.36 -7.87
C LEU U 91 59.45 -1.32 -7.39
N TRP U 92 59.26 -0.07 -7.79
CA TRP U 92 60.07 1.05 -7.33
C TRP U 92 59.56 1.66 -6.03
N GLY U 93 58.49 1.12 -5.46
CA GLY U 93 57.88 1.69 -4.28
C GLY U 93 58.74 1.52 -3.05
N PRO U 94 58.39 2.22 -1.96
CA PRO U 94 59.21 2.17 -0.74
C PRO U 94 59.30 0.80 -0.10
N GLU U 95 58.35 -0.09 -0.36
CA GLU U 95 58.40 -1.43 0.21
C GLU U 95 59.51 -2.25 -0.43
N ALA U 96 59.60 -2.23 -1.76
CA ALA U 96 60.58 -3.02 -2.50
C ALA U 96 61.83 -2.22 -2.86
N GLN U 97 61.68 -0.93 -3.18
CA GLN U 97 62.80 -0.04 -3.51
C GLN U 97 63.62 -0.57 -4.68
N GLY U 98 62.94 -1.14 -5.68
CA GLY U 98 63.58 -1.59 -6.90
C GLY U 98 64.13 -3.00 -6.85
N ASP U 99 64.10 -3.66 -5.70
CA ASP U 99 64.64 -5.02 -5.59
C ASP U 99 63.57 -6.00 -6.03
N PHE U 100 63.84 -6.72 -7.13
CA PHE U 100 62.87 -7.66 -7.68
C PHE U 100 62.62 -8.83 -6.72
N THR U 101 63.69 -9.32 -6.07
CA THR U 101 63.55 -10.48 -5.18
C THR U 101 62.67 -10.13 -3.98
N ARG U 102 62.93 -8.99 -3.33
CA ARG U 102 62.11 -8.59 -2.20
C ARG U 102 60.69 -8.26 -2.63
N TRP U 103 60.53 -7.70 -3.83
CA TRP U 103 59.20 -7.41 -4.36
C TRP U 103 58.40 -8.70 -4.55
N CYS U 104 59.04 -9.76 -5.06
CA CYS U 104 58.35 -11.03 -5.20
C CYS U 104 58.09 -11.67 -3.84
N GLN U 105 59.02 -11.52 -2.89
CA GLN U 105 58.85 -12.15 -1.59
C GLN U 105 57.72 -11.51 -0.78
N ILE U 106 57.50 -10.20 -0.93
CA ILE U 106 56.45 -9.51 -0.18
C ILE U 106 55.08 -9.63 -0.83
N GLY U 107 54.96 -10.36 -1.93
CA GLY U 107 53.68 -10.49 -2.60
C GLY U 107 53.37 -9.42 -3.61
N GLY U 108 54.36 -8.65 -4.05
CA GLY U 108 54.13 -7.61 -5.04
C GLY U 108 53.69 -8.13 -6.39
N LEU U 109 54.01 -9.39 -6.69
CA LEU U 109 53.56 -9.97 -7.95
C LEU U 109 52.05 -10.12 -7.99
N TRP U 110 51.41 -10.35 -6.83
CA TRP U 110 49.95 -10.38 -6.78
C TRP U 110 49.38 -9.03 -7.17
N ALA U 111 49.95 -7.94 -6.64
CA ALA U 111 49.48 -6.61 -7.00
C ALA U 111 49.72 -6.32 -8.47
N PHE U 112 50.88 -6.75 -8.99
CA PHE U 112 51.17 -6.63 -10.42
C PHE U 112 50.09 -7.31 -11.25
N CYS U 113 49.80 -8.57 -10.94
CA CYS U 113 48.79 -9.32 -11.69
C CYS U 113 47.42 -8.67 -11.56
N ALA U 114 47.03 -8.27 -10.35
CA ALA U 114 45.69 -7.73 -10.12
C ALA U 114 45.50 -6.41 -10.87
N LEU U 115 46.48 -5.50 -10.78
CA LEU U 115 46.33 -4.21 -11.44
C LEU U 115 46.38 -4.34 -12.95
N HIS U 116 47.37 -5.06 -13.49
CA HIS U 116 47.43 -5.21 -14.93
C HIS U 116 46.27 -6.01 -15.47
N GLY U 117 45.70 -6.91 -14.66
CA GLY U 117 44.51 -7.64 -15.06
C GLY U 117 43.24 -6.83 -15.04
N SER U 118 43.11 -5.93 -14.07
CA SER U 118 41.98 -4.99 -14.09
C SER U 118 42.05 -4.10 -15.31
N PHE U 119 43.25 -3.59 -15.63
CA PHE U 119 43.38 -2.79 -16.83
C PHE U 119 43.19 -3.62 -18.10
N GLY U 120 43.55 -4.91 -18.05
CA GLY U 120 43.26 -5.79 -19.18
C GLY U 120 41.77 -6.04 -19.37
N LEU U 121 41.03 -6.16 -18.27
CA LEU U 121 39.58 -6.28 -18.37
C LEU U 121 38.96 -5.01 -18.94
N ILE U 122 39.46 -3.85 -18.52
CA ILE U 122 39.00 -2.59 -19.10
C ILE U 122 39.31 -2.54 -20.60
N GLY U 123 40.52 -2.98 -20.97
CA GLY U 123 40.89 -2.99 -22.38
C GLY U 123 40.05 -3.95 -23.20
N PHE U 124 39.69 -5.10 -22.62
CA PHE U 124 38.85 -6.06 -23.34
C PHE U 124 37.42 -5.52 -23.50
N CYS U 125 36.91 -4.83 -22.48
CA CYS U 125 35.60 -4.20 -22.60
C CYS U 125 35.63 -3.12 -23.69
N LEU U 126 36.69 -2.31 -23.72
CA LEU U 126 36.84 -1.33 -24.80
C LEU U 126 37.00 -2.01 -26.15
N ARG U 127 37.64 -3.17 -26.19
CA ARG U 127 37.76 -3.92 -27.44
C ARG U 127 36.39 -4.38 -27.93
N GLN U 128 35.55 -4.87 -27.02
CA GLN U 128 34.20 -5.24 -27.40
C GLN U 128 33.43 -4.04 -27.94
N PHE U 129 33.56 -2.89 -27.26
CA PHE U 129 32.90 -1.68 -27.74
C PHE U 129 33.38 -1.29 -29.13
N GLU U 130 34.70 -1.34 -29.35
CA GLU U 130 35.27 -0.90 -30.62
C GLU U 130 34.89 -1.84 -31.76
N ILE U 131 34.92 -3.15 -31.52
CA ILE U 131 34.56 -4.10 -32.56
C ILE U 131 33.07 -4.02 -32.86
N ALA U 132 32.23 -3.79 -31.84
CA ALA U 132 30.82 -3.58 -32.08
C ALA U 132 30.57 -2.33 -32.91
N ARG U 133 31.32 -1.26 -32.62
CA ARG U 133 31.16 -0.03 -33.40
C ARG U 133 31.61 -0.21 -34.85
N LEU U 134 32.72 -0.90 -35.06
CA LEU U 134 33.24 -1.07 -36.41
C LEU U 134 32.38 -2.02 -37.23
N VAL U 135 31.93 -3.13 -36.62
CA VAL U 135 31.07 -4.07 -37.31
C VAL U 135 29.73 -3.42 -37.64
N GLY U 136 29.18 -2.64 -36.72
CA GLY U 136 27.92 -1.97 -36.94
C GLY U 136 26.76 -2.66 -36.25
N ILE U 137 26.98 -3.13 -35.03
CA ILE U 137 25.97 -3.82 -34.25
C ILE U 137 25.82 -3.12 -32.90
N ARG U 138 24.75 -3.46 -32.21
CA ARG U 138 24.52 -2.91 -30.88
C ARG U 138 25.55 -3.47 -29.90
N PRO U 139 25.99 -2.68 -28.93
CA PRO U 139 27.03 -3.13 -27.99
C PRO U 139 26.47 -3.83 -26.76
N TYR U 140 25.75 -4.93 -26.96
CA TYR U 140 25.26 -5.70 -25.83
C TYR U 140 26.34 -6.62 -25.26
N ASN U 141 27.41 -6.85 -25.99
CA ASN U 141 28.67 -7.22 -25.36
C ASN U 141 29.33 -5.96 -24.80
N ALA U 142 30.22 -6.17 -23.82
CA ALA U 142 30.85 -5.13 -23.01
C ALA U 142 29.85 -4.54 -22.02
N ILE U 143 28.58 -4.93 -22.14
CA ILE U 143 27.60 -4.76 -21.09
C ILE U 143 27.31 -6.07 -20.38
N ALA U 144 27.32 -7.17 -21.12
CA ALA U 144 27.37 -8.49 -20.50
C ALA U 144 28.68 -8.70 -19.75
N PHE U 145 29.79 -8.26 -20.34
CA PHE U 145 31.09 -8.37 -19.69
C PHE U 145 31.21 -7.48 -18.46
N SER U 146 30.30 -6.51 -18.31
CA SER U 146 30.26 -5.71 -17.10
C SER U 146 29.98 -6.57 -15.88
N GLY U 147 29.33 -7.72 -16.07
CA GLY U 147 29.13 -8.68 -15.01
C GLY U 147 30.43 -9.21 -14.45
N PRO U 148 31.24 -9.87 -15.30
CA PRO U 148 32.58 -10.29 -14.85
C PRO U 148 33.45 -9.15 -14.37
N ILE U 149 33.35 -7.97 -14.98
CA ILE U 149 34.11 -6.82 -14.51
C ILE U 149 33.72 -6.45 -13.09
N ALA U 150 32.41 -6.42 -12.81
CA ALA U 150 31.95 -6.12 -11.46
C ALA U 150 32.36 -7.20 -10.48
N ILE U 151 32.33 -8.47 -10.91
CA ILE U 151 32.78 -9.56 -10.04
C ILE U 151 34.23 -9.35 -9.65
N PHE U 152 35.09 -9.09 -10.64
CA PHE U 152 36.51 -8.91 -10.36
C PHE U 152 36.76 -7.68 -9.48
N VAL U 153 36.07 -6.57 -9.78
CA VAL U 153 36.27 -5.34 -9.02
C VAL U 153 35.83 -5.52 -7.58
N SER U 154 34.66 -6.14 -7.36
CA SER U 154 34.14 -6.30 -6.00
C SER U 154 34.98 -7.29 -5.20
N VAL U 155 35.39 -8.40 -5.82
CA VAL U 155 36.02 -9.48 -5.08
C VAL U 155 37.52 -9.23 -4.89
N PHE U 156 38.23 -8.87 -5.96
CA PHE U 156 39.68 -8.76 -5.89
C PHE U 156 40.17 -7.35 -5.55
N LEU U 157 39.32 -6.34 -5.71
CA LEU U 157 39.73 -4.96 -5.41
C LEU U 157 38.94 -4.35 -4.26
N MET U 158 37.61 -4.33 -4.34
CA MET U 158 36.83 -3.62 -3.33
C MET U 158 36.85 -4.33 -1.98
N TYR U 159 36.77 -5.66 -1.99
CA TYR U 159 36.78 -6.39 -0.72
C TYR U 159 38.08 -6.23 0.07
N PRO U 160 39.28 -6.42 -0.50
CA PRO U 160 40.49 -6.14 0.29
C PRO U 160 40.63 -4.68 0.68
N LEU U 161 40.17 -3.75 -0.17
CA LEU U 161 40.24 -2.34 0.19
C LEU U 161 39.38 -2.02 1.39
N GLY U 162 38.22 -2.67 1.49
CA GLY U 162 37.40 -2.52 2.68
C GLY U 162 37.95 -3.24 3.89
N GLN U 163 38.78 -4.25 3.69
CA GLN U 163 39.36 -5.02 4.78
C GLN U 163 40.67 -4.38 5.22
N ALA U 164 41.46 -5.11 6.03
CA ALA U 164 42.69 -4.56 6.58
C ALA U 164 43.73 -4.29 5.51
N SER U 165 43.87 -5.18 4.53
CA SER U 165 44.94 -5.08 3.55
C SER U 165 44.61 -5.96 2.35
N TRP U 166 45.56 -6.04 1.41
CA TRP U 166 45.42 -6.95 0.28
C TRP U 166 45.48 -8.41 0.69
N PHE U 167 45.93 -8.69 1.92
CA PHE U 167 46.12 -10.07 2.38
C PHE U 167 44.82 -10.87 2.30
N PHE U 168 43.69 -10.23 2.59
CA PHE U 168 42.40 -10.92 2.65
C PHE U 168 41.70 -11.00 1.30
N ALA U 169 42.35 -10.52 0.24
CA ALA U 169 41.85 -10.74 -1.10
C ALA U 169 42.06 -12.20 -1.50
N PRO U 170 41.33 -12.68 -2.51
CA PRO U 170 41.60 -14.05 -3.00
C PRO U 170 42.96 -14.14 -3.66
N SER U 171 43.69 -15.20 -3.32
CA SER U 171 44.93 -15.49 -4.02
C SER U 171 44.64 -16.22 -5.32
N LEU U 172 45.48 -15.97 -6.32
CA LEU U 172 45.22 -16.44 -7.69
C LEU U 172 45.63 -17.91 -7.81
N GLY U 173 44.77 -18.78 -7.31
CA GLY U 173 45.00 -20.21 -7.38
C GLY U 173 43.74 -20.99 -7.10
N VAL U 174 43.77 -22.27 -7.47
CA VAL U 174 42.59 -23.13 -7.31
C VAL U 174 42.31 -23.38 -5.84
N ALA U 175 43.27 -24.00 -5.14
CA ALA U 175 43.10 -24.24 -3.70
C ALA U 175 43.01 -22.93 -2.93
N ALA U 176 43.68 -21.88 -3.43
CA ALA U 176 43.55 -20.56 -2.82
C ALA U 176 42.12 -20.04 -2.94
N ILE U 177 41.49 -20.24 -4.09
CA ILE U 177 40.10 -19.83 -4.27
C ILE U 177 39.17 -20.63 -3.37
N PHE U 178 39.43 -21.94 -3.24
CA PHE U 178 38.62 -22.75 -2.33
C PHE U 178 38.77 -22.29 -0.89
N ARG U 179 40.01 -21.97 -0.49
CA ARG U 179 40.24 -21.41 0.83
C ARG U 179 39.50 -20.10 1.01
N PHE U 180 39.49 -19.25 -0.01
CA PHE U 180 38.76 -17.98 0.07
C PHE U 180 37.27 -18.23 0.27
N LEU U 181 36.71 -19.20 -0.46
CA LEU U 181 35.31 -19.56 -0.28
C LEU U 181 35.02 -19.95 1.16
N LEU U 182 35.81 -20.89 1.70
CA LEU U 182 35.54 -21.36 3.05
C LEU U 182 35.80 -20.29 4.10
N PHE U 183 36.81 -19.44 3.87
CA PHE U 183 37.11 -18.35 4.79
C PHE U 183 35.97 -17.33 4.84
N ILE U 184 35.44 -16.98 3.67
CA ILE U 184 34.32 -16.04 3.63
C ILE U 184 33.08 -16.66 4.26
N GLN U 185 32.84 -17.95 4.03
CA GLN U 185 31.71 -18.62 4.68
C GLN U 185 31.86 -18.61 6.19
N GLY U 186 33.07 -18.89 6.69
CA GLY U 186 33.28 -18.92 8.12
C GLY U 186 33.16 -17.56 8.78
N PHE U 187 33.73 -16.52 8.17
CA PHE U 187 33.81 -15.22 8.81
C PHE U 187 32.66 -14.29 8.45
N HIS U 188 31.85 -14.61 7.45
CA HIS U 188 30.77 -13.74 7.03
C HIS U 188 29.42 -14.43 6.91
N ASN U 189 29.38 -15.77 6.86
CA ASN U 189 28.16 -16.53 6.58
C ASN U 189 27.54 -16.06 5.26
N PHE U 190 28.35 -16.08 4.21
CA PHE U 190 27.95 -15.50 2.92
C PHE U 190 26.84 -16.27 2.25
N THR U 191 26.64 -17.55 2.59
CA THR U 191 25.50 -18.28 2.05
C THR U 191 24.19 -17.67 2.53
N LEU U 192 24.16 -17.15 3.77
CA LEU U 192 22.97 -16.52 4.30
C LEU U 192 22.72 -15.15 3.69
N ASN U 193 23.67 -14.59 2.95
CA ASN U 193 23.49 -13.26 2.38
C ASN U 193 22.48 -13.31 1.25
N PRO U 194 21.42 -12.49 1.28
CA PRO U 194 20.41 -12.54 0.21
C PRO U 194 20.95 -12.16 -1.16
N PHE U 195 21.92 -11.25 -1.24
CA PHE U 195 22.50 -10.89 -2.52
C PHE U 195 23.26 -12.05 -3.14
N HIS U 196 23.99 -12.81 -2.30
CA HIS U 196 24.61 -14.04 -2.79
C HIS U 196 23.57 -15.05 -3.23
N MET U 197 22.43 -15.10 -2.55
CA MET U 197 21.34 -15.99 -2.98
C MET U 197 20.82 -15.59 -4.35
N MET U 198 20.66 -14.29 -4.60
CA MET U 198 20.25 -13.82 -5.91
C MET U 198 21.31 -14.15 -6.97
N GLY U 199 22.59 -14.04 -6.60
CA GLY U 199 23.64 -14.42 -7.52
C GLY U 199 23.62 -15.90 -7.87
N VAL U 200 23.41 -16.75 -6.87
CA VAL U 200 23.31 -18.19 -7.11
C VAL U 200 22.11 -18.49 -8.00
N ALA U 201 20.98 -17.83 -7.73
CA ALA U 201 19.80 -17.99 -8.57
C ALA U 201 20.08 -17.57 -10.00
N GLY U 202 20.78 -16.45 -10.18
CA GLY U 202 21.11 -16.00 -11.52
C GLY U 202 22.01 -16.97 -12.27
N ILE U 203 23.05 -17.47 -11.61
CA ILE U 203 23.97 -18.38 -12.28
C ILE U 203 23.29 -19.70 -12.63
N LEU U 204 22.55 -20.27 -11.68
CA LEU U 204 21.86 -21.53 -11.93
C LEU U 204 20.77 -21.38 -12.98
N GLY U 205 20.04 -20.25 -12.95
CA GLY U 205 19.05 -19.99 -13.97
C GLY U 205 19.66 -19.76 -15.35
N ALA U 206 20.85 -19.15 -15.40
CA ALA U 206 21.52 -18.99 -16.68
C ALA U 206 21.97 -20.33 -17.24
N ALA U 207 22.49 -21.21 -16.39
CA ALA U 207 22.84 -22.55 -16.85
C ALA U 207 21.60 -23.31 -17.32
N LEU U 208 20.50 -23.18 -16.56
CA LEU U 208 19.24 -23.79 -16.95
C LEU U 208 18.77 -23.26 -18.31
N LEU U 209 18.85 -21.95 -18.51
CA LEU U 209 18.43 -21.35 -19.77
C LEU U 209 19.29 -21.83 -20.92
N CYS U 210 20.61 -21.89 -20.72
CA CYS U 210 21.50 -22.38 -21.76
C CYS U 210 21.15 -23.81 -22.17
N ALA U 211 21.04 -24.70 -21.17
CA ALA U 211 20.73 -26.10 -21.47
C ALA U 211 19.37 -26.25 -22.13
N ILE U 212 18.35 -25.58 -21.57
CA ILE U 212 16.98 -25.76 -22.06
C ILE U 212 16.83 -25.14 -23.45
N HIS U 213 17.49 -24.01 -23.71
CA HIS U 213 17.40 -23.39 -25.02
C HIS U 213 18.13 -24.22 -26.07
N GLY U 214 19.31 -24.76 -25.72
CA GLY U 214 20.00 -25.63 -26.65
C GLY U 214 19.20 -26.86 -26.99
N ALA U 215 18.64 -27.52 -25.97
CA ALA U 215 17.84 -28.72 -26.21
C ALA U 215 16.57 -28.39 -27.00
N THR U 216 15.93 -27.26 -26.68
CA THR U 216 14.71 -26.87 -27.37
C THR U 216 14.97 -26.59 -28.85
N VAL U 217 16.06 -25.87 -29.14
CA VAL U 217 16.39 -25.58 -30.53
C VAL U 217 16.77 -26.87 -31.27
N GLN U 218 17.58 -27.72 -30.64
CA GLN U 218 18.00 -28.96 -31.29
C GLN U 218 16.83 -29.91 -31.53
N ASN U 219 15.80 -29.86 -30.68
CA ASN U 219 14.68 -30.77 -30.79
C ASN U 219 13.49 -30.19 -31.54
N THR U 220 13.59 -28.96 -32.04
CA THR U 220 12.52 -28.34 -32.82
C THR U 220 13.00 -27.91 -34.21
N ILE U 221 14.11 -28.47 -34.68
CA ILE U 221 14.65 -28.10 -35.99
C ILE U 221 13.69 -28.55 -37.09
N PHE U 222 13.70 -27.81 -38.19
CA PHE U 222 13.00 -28.24 -39.39
C PHE U 222 13.80 -29.30 -40.12
N GLU U 223 13.09 -30.23 -40.76
CA GLU U 223 13.74 -31.28 -41.54
C GLU U 223 14.17 -30.67 -42.87
N ASP U 224 15.34 -30.03 -42.85
CA ASP U 224 15.90 -29.37 -44.01
C ASP U 224 16.97 -30.19 -44.72
N GLY U 225 17.09 -31.47 -44.37
CA GLY U 225 18.07 -32.32 -45.01
C GLY U 225 17.63 -33.78 -44.96
N ASP U 226 18.19 -34.55 -45.89
CA ASP U 226 17.90 -35.98 -45.99
C ASP U 226 18.80 -36.83 -45.11
N ALA U 227 19.84 -36.24 -44.52
CA ALA U 227 20.78 -36.99 -43.69
C ALA U 227 20.26 -37.10 -42.26
N ALA U 228 20.56 -38.23 -41.62
CA ALA U 228 20.17 -38.43 -40.24
C ALA U 228 20.86 -37.43 -39.32
N ASN U 229 22.15 -37.16 -39.56
CA ASN U 229 22.84 -36.09 -38.86
C ASN U 229 22.41 -34.76 -39.46
N THR U 230 21.86 -33.89 -38.62
CA THR U 230 21.16 -32.69 -39.08
C THR U 230 22.01 -31.43 -38.99
N PHE U 231 23.31 -31.55 -38.70
CA PHE U 231 24.15 -30.35 -38.63
C PHE U 231 24.44 -29.81 -40.01
N ARG U 232 24.41 -30.66 -41.04
CA ARG U 232 24.67 -30.21 -42.40
C ARG U 232 23.50 -29.44 -43.01
N ALA U 233 22.31 -29.57 -42.44
CA ALA U 233 21.12 -28.95 -43.02
C ALA U 233 21.08 -27.44 -42.84
N PHE U 234 21.98 -26.86 -42.05
CA PHE U 234 22.01 -25.42 -41.84
C PHE U 234 23.14 -24.79 -42.64
N THR U 235 22.85 -23.63 -43.22
CA THR U 235 23.85 -22.79 -43.85
C THR U 235 23.68 -21.36 -43.33
N PRO U 236 24.79 -20.63 -43.12
CA PRO U 236 24.68 -19.29 -42.53
C PRO U 236 23.86 -18.31 -43.37
N THR U 237 23.88 -18.44 -44.69
CA THR U 237 23.13 -17.55 -45.57
C THR U 237 21.70 -18.05 -45.74
N GLN U 238 20.97 -18.10 -44.63
CA GLN U 238 19.59 -18.55 -44.59
C GLN U 238 18.67 -17.40 -44.23
N ALA U 239 17.63 -17.21 -45.03
CA ALA U 239 16.57 -16.26 -44.72
C ALA U 239 15.43 -16.90 -43.93
N GLU U 240 15.50 -18.20 -43.68
CA GLU U 240 14.48 -18.93 -42.95
C GLU U 240 15.03 -19.42 -41.61
N GLU U 241 14.16 -19.46 -40.60
CA GLU U 241 14.55 -19.98 -39.31
C GLU U 241 14.83 -21.48 -39.39
N THR U 242 15.85 -21.93 -38.68
CA THR U 242 16.27 -23.32 -38.73
C THR U 242 15.49 -24.21 -37.77
N TYR U 243 14.71 -23.64 -36.85
CA TYR U 243 13.90 -24.42 -35.93
C TYR U 243 12.53 -23.78 -35.77
N SER U 244 11.57 -24.59 -35.38
CA SER U 244 10.17 -24.16 -35.28
C SER U 244 9.94 -23.50 -33.92
N MET U 245 9.72 -22.19 -33.94
CA MET U 245 9.38 -21.49 -32.71
C MET U 245 7.97 -21.82 -32.22
N VAL U 246 7.05 -22.07 -33.16
CA VAL U 246 5.67 -22.39 -32.79
C VAL U 246 5.60 -23.73 -32.07
N THR U 247 6.31 -24.75 -32.60
CA THR U 247 6.32 -26.06 -31.97
C THR U 247 6.93 -26.00 -30.58
N ALA U 248 8.04 -25.26 -30.44
CA ALA U 248 8.68 -25.10 -29.14
C ALA U 248 7.77 -24.38 -28.15
N ASN U 249 7.10 -23.33 -28.61
CA ASN U 249 6.17 -22.60 -27.74
C ASN U 249 5.03 -23.49 -27.29
N ARG U 250 4.46 -24.28 -28.20
CA ARG U 250 3.39 -25.20 -27.84
C ARG U 250 3.87 -26.23 -26.83
N PHE U 251 5.06 -26.80 -27.07
CA PHE U 251 5.61 -27.81 -26.18
C PHE U 251 5.79 -27.26 -24.77
N TRP U 252 6.44 -26.11 -24.65
CA TRP U 252 6.72 -25.58 -23.33
C TRP U 252 5.50 -24.95 -22.68
N SER U 253 4.50 -24.54 -23.46
CA SER U 253 3.27 -24.01 -22.88
C SER U 253 2.37 -25.12 -22.36
N GLN U 254 2.38 -26.30 -22.98
CA GLN U 254 1.58 -27.40 -22.46
C GLN U 254 2.37 -28.33 -21.54
N ILE U 255 3.68 -28.17 -21.43
CA ILE U 255 4.49 -28.95 -20.51
C ILE U 255 4.76 -28.18 -19.21
N PHE U 256 5.21 -26.93 -19.32
CA PHE U 256 5.56 -26.13 -18.17
C PHE U 256 4.47 -25.15 -17.76
N GLY U 257 3.51 -24.87 -18.64
CA GLY U 257 2.46 -23.92 -18.39
C GLY U 257 2.72 -22.54 -18.97
N VAL U 258 3.98 -22.22 -19.28
CA VAL U 258 4.33 -20.95 -19.88
C VAL U 258 5.49 -21.18 -20.83
N ALA U 259 5.56 -20.35 -21.88
CA ALA U 259 6.59 -20.53 -22.90
C ALA U 259 6.92 -19.18 -23.53
N PHE U 260 8.14 -19.09 -24.05
CA PHE U 260 8.53 -17.92 -24.82
C PHE U 260 7.81 -17.90 -26.16
N SER U 261 7.34 -16.71 -26.57
CA SER U 261 6.81 -16.51 -27.90
C SER U 261 7.63 -15.53 -28.72
N ASN U 262 8.50 -14.75 -28.11
CA ASN U 262 9.36 -13.79 -28.80
C ASN U 262 10.81 -14.25 -28.65
N LYS U 263 11.48 -14.45 -29.79
CA LYS U 263 12.89 -14.86 -29.76
C LYS U 263 13.77 -13.77 -29.16
N ARG U 264 13.49 -12.51 -29.50
CA ARG U 264 14.30 -11.41 -28.99
C ARG U 264 14.20 -11.29 -27.48
N TRP U 265 12.98 -11.43 -26.94
CA TRP U 265 12.81 -11.42 -25.49
C TRP U 265 13.50 -12.61 -24.84
N LEU U 266 13.44 -13.79 -25.48
CA LEU U 266 14.11 -14.97 -24.95
C LEU U 266 15.61 -14.76 -24.86
N HIS U 267 16.22 -14.22 -25.91
CA HIS U 267 17.67 -14.04 -25.89
C HIS U 267 18.07 -12.89 -24.95
N PHE U 268 17.26 -11.84 -24.86
CA PHE U 268 17.53 -10.81 -23.87
C PHE U 268 17.43 -11.34 -22.45
N PHE U 269 16.48 -12.25 -22.20
CA PHE U 269 16.35 -12.87 -20.88
C PHE U 269 17.56 -13.75 -20.56
N MET U 270 18.00 -14.54 -21.54
CA MET U 270 19.20 -15.36 -21.37
C MET U 270 20.43 -14.49 -21.13
N LEU U 271 20.43 -13.27 -21.68
CA LEU U 271 21.49 -12.32 -21.35
C LEU U 271 21.31 -11.77 -19.94
N PHE U 272 20.08 -11.44 -19.56
CA PHE U 272 19.82 -10.65 -18.38
C PHE U 272 20.04 -11.44 -17.10
N VAL U 273 19.67 -12.72 -17.09
CA VAL U 273 19.71 -13.50 -15.86
C VAL U 273 21.13 -13.61 -15.28
N PRO U 274 22.15 -14.05 -16.02
CA PRO U 274 23.49 -14.12 -15.41
C PRO U 274 24.05 -12.76 -15.03
N LEU U 275 23.77 -11.73 -15.84
CA LEU U 275 24.26 -10.38 -15.54
C LEU U 275 23.66 -9.85 -14.25
N ALA U 276 22.35 -10.01 -14.08
CA ALA U 276 21.69 -9.58 -12.85
C ALA U 276 22.20 -10.37 -11.65
N GLY U 277 22.39 -11.68 -11.81
CA GLY U 277 22.95 -12.47 -10.72
C GLY U 277 24.33 -12.02 -10.31
N LEU U 278 25.19 -11.77 -11.30
CA LEU U 278 26.55 -11.31 -10.99
C LEU U 278 26.55 -9.95 -10.32
N TRP U 279 25.69 -9.04 -10.76
CA TRP U 279 25.65 -7.72 -10.14
C TRP U 279 25.11 -7.78 -8.72
N THR U 280 24.11 -8.63 -8.47
CA THR U 280 23.62 -8.80 -7.10
C THR U 280 24.69 -9.40 -6.20
N SER U 281 25.42 -10.40 -6.70
CA SER U 281 26.50 -10.97 -5.91
C SER U 281 27.60 -9.95 -5.66
N ALA U 282 27.85 -9.07 -6.64
CA ALA U 282 28.83 -8.00 -6.44
C ALA U 282 28.37 -7.04 -5.35
N ILE U 283 27.08 -6.72 -5.31
CA ILE U 283 26.55 -5.89 -4.23
C ILE U 283 26.76 -6.58 -2.88
N GLY U 284 26.51 -7.89 -2.82
CA GLY U 284 26.72 -8.62 -1.59
C GLY U 284 28.17 -8.62 -1.13
N ILE U 285 29.11 -8.78 -2.08
CA ILE U 285 30.53 -8.79 -1.73
C ILE U 285 30.97 -7.39 -1.31
N VAL U 286 30.44 -6.34 -1.95
CA VAL U 286 30.73 -4.98 -1.51
C VAL U 286 30.23 -4.77 -0.08
N GLY U 287 29.06 -5.32 0.25
CA GLY U 287 28.59 -5.29 1.63
C GLY U 287 29.52 -6.05 2.57
N LEU U 288 30.04 -7.19 2.12
CA LEU U 288 30.99 -7.95 2.93
C LEU U 288 32.29 -7.19 3.16
N ALA U 289 32.65 -6.31 2.22
CA ALA U 289 33.93 -5.60 2.29
C ALA U 289 34.08 -4.80 3.58
N LEU U 290 32.96 -4.33 4.14
CA LEU U 290 32.97 -3.55 5.37
C LEU U 290 32.46 -4.34 6.57
N ASN U 291 32.46 -5.67 6.47
CA ASN U 291 31.89 -6.57 7.48
C ASN U 291 30.41 -6.29 7.74
N LEU U 292 29.72 -5.68 6.77
CA LEU U 292 28.29 -5.42 6.87
C LEU U 292 27.56 -6.62 6.27
N ARG U 293 27.49 -7.68 7.06
CA ARG U 293 27.08 -8.99 6.61
C ARG U 293 25.76 -9.40 7.24
N ALA U 294 24.96 -10.16 6.48
CA ALA U 294 23.77 -10.81 7.01
C ALA U 294 24.16 -12.12 7.70
N TYR U 295 24.97 -11.98 8.75
CA TYR U 295 25.56 -13.14 9.41
C TYR U 295 24.52 -13.92 10.21
N ASP U 296 23.68 -13.22 10.97
CA ASP U 296 22.83 -13.86 11.94
C ASP U 296 21.44 -13.22 11.95
N PHE U 297 20.47 -14.00 12.41
CA PHE U 297 19.13 -13.51 12.70
C PHE U 297 19.03 -13.28 14.20
N VAL U 298 18.72 -12.04 14.60
CA VAL U 298 18.73 -11.67 16.01
C VAL U 298 17.66 -12.44 16.78
N SER U 299 16.47 -12.60 16.18
CA SER U 299 15.39 -13.32 16.85
C SER U 299 15.76 -14.77 17.11
N GLN U 300 16.39 -15.43 16.13
CA GLN U 300 16.79 -16.82 16.29
C GLN U 300 17.87 -16.95 17.36
N GLU U 301 18.84 -16.02 17.39
CA GLU U 301 19.87 -16.05 18.43
C GLU U 301 19.27 -15.86 19.82
N LEU U 302 18.33 -14.92 19.95
CA LEU U 302 17.67 -14.70 21.23
C LEU U 302 16.86 -15.92 21.66
N ARG U 303 16.18 -16.56 20.71
CA ARG U 303 15.42 -17.78 21.02
C ARG U 303 16.33 -18.90 21.46
N ALA U 304 17.49 -19.06 20.80
CA ALA U 304 18.42 -20.12 21.18
C ALA U 304 19.10 -19.82 22.51
N ALA U 305 19.29 -18.55 22.84
CA ALA U 305 19.95 -18.20 24.09
C ALA U 305 19.08 -18.52 25.30
N GLU U 306 17.77 -18.28 25.19
CA GLU U 306 16.84 -18.51 26.29
C GLU U 306 16.17 -19.87 26.21
N ASP U 307 16.55 -20.72 25.25
CA ASP U 307 15.96 -22.04 25.10
C ASP U 307 17.02 -22.98 24.58
N PRO U 308 17.68 -23.73 25.47
CA PRO U 308 18.73 -24.67 25.01
C PRO U 308 18.20 -25.80 24.15
N GLU U 309 16.91 -26.11 24.21
CA GLU U 309 16.31 -27.16 23.39
C GLU U 309 15.86 -26.67 22.03
N PHE U 310 16.05 -25.38 21.73
CA PHE U 310 15.70 -24.83 20.43
C PHE U 310 16.91 -24.92 19.51
N GLU U 311 16.78 -25.68 18.42
CA GLU U 311 17.85 -25.81 17.45
C GLU U 311 17.25 -25.85 16.05
N THR U 312 17.84 -25.07 15.14
CA THR U 312 17.51 -25.09 13.73
C THR U 312 18.81 -25.27 12.95
N PHE U 313 18.67 -25.52 11.65
CA PHE U 313 19.86 -25.67 10.81
C PHE U 313 20.66 -24.37 10.72
N TYR U 314 20.02 -23.23 10.94
CA TYR U 314 20.75 -21.96 10.97
C TYR U 314 21.72 -21.91 12.15
N THR U 315 21.29 -22.39 13.32
CA THR U 315 22.18 -22.42 14.48
C THR U 315 23.33 -23.40 14.26
N LYS U 316 23.05 -24.53 13.61
CA LYS U 316 24.12 -25.46 13.26
C LYS U 316 25.10 -24.82 12.29
N ASN U 317 24.60 -24.02 11.35
CA ASN U 317 25.49 -23.28 10.44
C ASN U 317 26.33 -22.26 11.20
N ILE U 318 25.75 -21.60 12.20
CA ILE U 318 26.50 -20.66 13.02
C ILE U 318 27.62 -21.39 13.76
N LEU U 319 27.32 -22.56 14.32
CA LEU U 319 28.35 -23.35 15.00
C LEU U 319 29.43 -23.80 14.03
N LEU U 320 29.05 -24.20 12.81
CA LEU U 320 30.02 -24.61 11.81
C LEU U 320 30.93 -23.44 11.43
N ASN U 321 30.36 -22.24 11.27
CA ASN U 321 31.17 -21.07 10.95
C ASN U 321 32.13 -20.74 12.08
N GLU U 322 31.69 -20.94 13.33
CA GLU U 322 32.59 -20.72 14.49
C GLU U 322 33.76 -21.71 14.40
N GLY U 323 33.48 -22.96 14.03
CA GLY U 323 34.55 -23.97 13.90
C GLY U 323 35.56 -23.60 12.84
N ILE U 324 35.10 -23.19 11.65
CA ILE U 324 36.03 -22.75 10.57
C ILE U 324 36.90 -21.60 11.12
N ARG U 325 36.28 -20.60 11.74
CA ARG U 325 37.04 -19.41 12.20
C ARG U 325 38.14 -19.81 13.19
N SER U 326 37.80 -20.59 14.22
CA SER U 326 38.79 -20.92 15.29
C SER U 326 39.84 -21.92 14.80
N TRP U 327 39.45 -22.92 14.00
CA TRP U 327 40.41 -23.98 13.58
C TRP U 327 41.20 -23.58 12.34
N MET U 328 40.92 -22.42 11.75
CA MET U 328 41.73 -21.94 10.59
C MET U 328 42.44 -20.63 10.94
N ALA U 329 41.98 -19.88 11.94
CA ALA U 329 42.59 -18.58 12.21
C ALA U 329 44.09 -18.67 12.39
N ALA U 330 44.57 -19.73 13.07
CA ALA U 330 45.98 -19.82 13.41
C ALA U 330 46.87 -19.91 12.17
N GLN U 331 46.48 -20.72 11.20
CA GLN U 331 47.31 -20.91 10.01
C GLN U 331 46.91 -20.01 8.85
N ASP U 332 45.66 -19.53 8.81
CA ASP U 332 45.22 -18.67 7.72
C ASP U 332 45.66 -17.22 7.92
N GLN U 333 45.87 -16.82 9.17
CA GLN U 333 46.34 -15.47 9.50
C GLN U 333 47.56 -15.60 10.40
N PRO U 334 48.70 -16.02 9.84
CA PRO U 334 49.91 -16.20 10.67
C PRO U 334 50.46 -14.89 11.22
N HIS U 335 50.14 -13.76 10.59
CA HIS U 335 50.64 -12.46 11.07
C HIS U 335 50.04 -12.10 12.42
N GLU U 336 48.81 -12.54 12.71
CA GLU U 336 48.17 -12.25 13.97
C GLU U 336 48.78 -13.02 15.13
N ASN U 337 49.56 -14.06 14.85
CA ASN U 337 50.17 -14.92 15.87
C ASN U 337 49.12 -15.51 16.81
N PHE U 338 48.03 -15.99 16.23
CA PHE U 338 46.97 -16.61 17.02
C PHE U 338 47.47 -17.91 17.64
N ILE U 339 47.29 -18.05 18.95
CA ILE U 339 47.60 -19.27 19.68
C ILE U 339 46.36 -19.64 20.47
N PHE U 340 45.66 -20.69 20.04
CA PHE U 340 44.44 -21.15 20.69
C PHE U 340 44.69 -22.50 21.34
N PRO U 341 44.57 -22.61 22.66
CA PRO U 341 44.66 -23.92 23.31
C PRO U 341 43.51 -24.82 22.90
N GLU U 342 43.73 -26.13 23.08
CA GLU U 342 42.73 -27.13 22.69
C GLU U 342 41.43 -26.95 23.48
N GLU U 343 41.51 -26.44 24.71
CA GLU U 343 40.31 -26.23 25.51
C GLU U 343 39.40 -25.16 24.92
N VAL U 344 39.97 -24.13 24.32
CA VAL U 344 39.14 -23.05 23.78
C VAL U 344 38.63 -23.36 22.38
N LEU U 345 39.19 -24.36 21.71
CA LEU U 345 38.73 -24.72 20.38
C LEU U 345 37.34 -25.35 20.46
N PRO U 346 36.36 -24.82 19.74
CA PRO U 346 35.01 -25.42 19.77
C PRO U 346 35.01 -26.82 19.18
N ARG U 347 34.19 -27.68 19.77
CA ARG U 347 34.02 -29.06 19.31
C ARG U 347 32.58 -29.47 19.47
N GLY U 348 32.15 -30.43 18.64
CA GLY U 348 30.81 -30.97 18.78
C GLY U 348 30.63 -31.70 20.10
N ASN U 349 31.60 -32.55 20.45
CA ASN U 349 31.63 -33.11 21.80
C ASN U 349 31.99 -32.02 22.79
N ALA U 350 31.35 -32.07 23.96
CA ALA U 350 31.47 -31.03 25.00
C ALA U 350 31.14 -29.65 24.40
N LEU U 351 29.87 -29.52 24.02
CA LEU U 351 29.36 -28.28 23.44
C LEU U 351 28.59 -27.50 24.50
N TYR V 20 61.38 -22.88 -41.61
CA TYR V 20 60.62 -23.05 -40.38
C TYR V 20 61.29 -24.06 -39.46
N TRP V 21 61.31 -25.33 -39.90
CA TRP V 21 61.89 -26.39 -39.07
C TRP V 21 63.40 -26.23 -38.92
N ILE V 22 64.06 -25.58 -39.87
CA ILE V 22 65.51 -25.41 -39.79
C ILE V 22 65.88 -24.52 -38.61
N ILE V 23 65.21 -23.37 -38.47
CA ILE V 23 65.46 -22.47 -37.35
C ILE V 23 64.94 -23.08 -36.05
N HIS V 24 63.77 -23.71 -36.10
CA HIS V 24 63.13 -24.24 -34.90
C HIS V 24 63.76 -25.54 -34.40
N SER V 25 64.66 -26.16 -35.17
CA SER V 25 65.38 -27.33 -34.68
C SER V 25 66.59 -26.96 -33.84
N ILE V 26 66.90 -25.66 -33.74
CA ILE V 26 68.02 -25.17 -32.94
C ILE V 26 67.55 -24.27 -31.81
N THR V 27 66.65 -23.33 -32.11
CA THR V 27 66.20 -22.37 -31.11
C THR V 27 65.37 -23.03 -30.01
N ILE V 28 64.42 -23.89 -30.40
CA ILE V 28 63.51 -24.52 -29.45
C ILE V 28 64.24 -25.44 -28.48
N PRO V 29 65.07 -26.40 -28.92
CA PRO V 29 65.78 -27.23 -27.92
C PRO V 29 66.74 -26.44 -27.04
N ALA V 30 67.42 -25.43 -27.60
CA ALA V 30 68.30 -24.60 -26.79
C ALA V 30 67.52 -23.84 -25.73
N LEU V 31 66.35 -23.32 -26.10
CA LEU V 31 65.51 -22.62 -25.14
C LEU V 31 64.99 -23.57 -24.06
N PHE V 32 64.63 -24.80 -24.44
CA PHE V 32 64.21 -25.79 -23.46
C PHE V 32 65.34 -26.12 -22.49
N VAL V 33 66.56 -26.27 -23.01
CA VAL V 33 67.70 -26.55 -22.14
C VAL V 33 68.01 -25.36 -21.24
N ALA V 34 67.84 -24.14 -21.75
CA ALA V 34 68.02 -22.95 -20.92
C ALA V 34 67.00 -22.91 -19.79
N GLY V 35 65.74 -23.23 -20.10
CA GLY V 35 64.73 -23.32 -19.06
C GLY V 35 65.05 -24.39 -18.02
N TRP V 36 65.56 -25.54 -18.49
CA TRP V 36 65.98 -26.59 -17.58
C TRP V 36 67.10 -26.11 -16.65
N LEU V 37 68.11 -25.45 -17.22
CA LEU V 37 69.25 -25.00 -16.44
C LEU V 37 68.89 -23.83 -15.52
N PHE V 38 67.83 -23.09 -15.83
CA PHE V 38 67.39 -22.03 -14.92
C PHE V 38 66.96 -22.59 -13.57
N VAL V 39 66.49 -23.84 -13.54
CA VAL V 39 66.11 -24.51 -12.30
C VAL V 39 67.23 -25.38 -11.77
N SER V 40 67.88 -26.15 -12.64
CA SER V 40 68.87 -27.12 -12.18
C SER V 40 70.11 -26.44 -11.61
N THR V 41 70.48 -25.26 -12.11
CA THR V 41 71.63 -24.54 -11.58
C THR V 41 71.30 -23.70 -10.36
N GLY V 42 70.03 -23.66 -9.95
CA GLY V 42 69.65 -22.90 -8.77
C GLY V 42 69.47 -21.42 -8.98
N LEU V 43 69.42 -20.95 -10.23
CA LEU V 43 69.27 -19.52 -10.49
C LEU V 43 67.86 -19.04 -10.16
N ALA V 44 66.86 -19.90 -10.28
CA ALA V 44 65.49 -19.51 -9.97
C ALA V 44 65.32 -19.13 -8.51
N TYR V 45 65.94 -19.90 -7.61
CA TYR V 45 65.85 -19.59 -6.19
C TYR V 45 66.48 -18.23 -5.89
N ASP V 46 67.63 -17.94 -6.49
CA ASP V 46 68.30 -16.67 -6.25
C ASP V 46 67.51 -15.50 -6.83
N ILE V 47 66.96 -15.67 -8.04
CA ILE V 47 66.27 -14.56 -8.70
C ILE V 47 64.95 -14.27 -8.01
N PHE V 48 64.17 -15.30 -7.69
CA PHE V 48 62.83 -15.10 -7.17
C PHE V 48 62.74 -15.20 -5.65
N GLY V 49 63.86 -15.48 -4.97
CA GLY V 49 63.83 -15.55 -3.52
C GLY V 49 63.15 -16.75 -2.94
N THR V 50 62.82 -17.75 -3.76
CA THR V 50 62.16 -18.94 -3.26
C THR V 50 63.14 -19.75 -2.41
N PRO V 51 62.79 -20.08 -1.17
CA PRO V 51 63.73 -20.82 -0.32
C PRO V 51 63.94 -22.25 -0.83
N ARG V 52 65.18 -22.70 -0.73
CA ARG V 52 65.51 -24.08 -1.02
C ARG V 52 64.96 -24.99 0.07
N PRO V 53 64.80 -26.29 -0.21
CA PRO V 53 64.22 -27.18 0.81
C PRO V 53 65.02 -27.26 2.10
N ASN V 54 66.30 -26.89 2.10
CA ASN V 54 67.12 -26.95 3.29
C ASN V 54 67.21 -25.62 4.05
N GLU V 55 66.51 -24.59 3.58
CA GLU V 55 66.59 -23.26 4.20
C GLU V 55 65.20 -22.66 4.40
N TYR V 56 64.26 -23.49 4.89
CA TYR V 56 62.97 -22.97 5.29
C TYR V 56 63.01 -22.41 6.72
N PHE V 57 63.73 -23.08 7.61
CA PHE V 57 63.89 -22.64 8.99
C PHE V 57 65.37 -22.57 9.32
N THR V 58 65.81 -21.42 9.83
CA THR V 58 67.19 -21.29 10.28
C THR V 58 67.32 -21.83 11.70
N GLN V 59 68.58 -21.92 12.16
CA GLN V 59 68.83 -22.39 13.53
C GLN V 59 68.28 -21.42 14.55
N GLU V 60 68.48 -20.11 14.33
CA GLU V 60 67.97 -19.12 15.28
C GLU V 60 66.47 -18.95 15.16
N ARG V 61 65.94 -18.96 13.94
CA ARG V 61 64.52 -18.77 13.69
C ARG V 61 63.91 -20.10 13.24
N GLN V 62 63.25 -20.79 14.16
CA GLN V 62 62.54 -22.02 13.86
C GLN V 62 61.06 -21.78 13.56
N GLN V 63 60.62 -20.53 13.56
CA GLN V 63 59.24 -20.18 13.31
C GLN V 63 59.06 -19.77 11.85
N VAL V 64 57.81 -19.46 11.50
CA VAL V 64 57.50 -18.98 10.15
C VAL V 64 57.94 -17.52 10.04
N PRO V 65 58.77 -17.18 9.04
CA PRO V 65 59.23 -15.79 8.89
C PRO V 65 58.16 -14.94 8.21
N LEU V 66 57.78 -13.85 8.85
CA LEU V 66 56.73 -12.97 8.34
C LEU V 66 57.19 -11.52 8.43
N VAL V 67 56.90 -10.76 7.38
CA VAL V 67 57.20 -9.33 7.38
C VAL V 67 56.25 -8.62 8.33
N ASN V 68 56.79 -7.69 9.12
CA ASN V 68 56.02 -6.98 10.13
C ASN V 68 55.77 -5.52 9.80
N ASP V 69 56.69 -4.85 9.10
CA ASP V 69 56.53 -3.44 8.75
C ASP V 69 56.69 -3.28 7.24
N ARG V 70 55.85 -2.43 6.65
CA ARG V 70 55.88 -2.23 5.20
C ARG V 70 57.06 -1.37 4.76
N PHE V 71 57.42 -0.36 5.55
CA PHE V 71 58.47 0.57 5.15
C PHE V 71 59.87 0.05 5.47
N SER V 72 60.00 -1.01 6.27
CA SER V 72 61.28 -1.65 6.53
C SER V 72 61.26 -3.09 6.04
N ALA V 73 60.44 -3.37 5.02
CA ALA V 73 60.29 -4.73 4.53
C ALA V 73 61.58 -5.25 3.89
N LYS V 74 62.27 -4.39 3.15
CA LYS V 74 63.50 -4.81 2.49
C LYS V 74 64.57 -5.20 3.51
N GLN V 75 64.76 -4.36 4.53
CA GLN V 75 65.75 -4.66 5.56
C GLN V 75 65.34 -5.88 6.38
N GLU V 76 64.03 -6.01 6.67
CA GLU V 76 63.56 -7.17 7.42
C GLU V 76 63.78 -8.46 6.64
N LEU V 77 63.53 -8.45 5.33
CA LEU V 77 63.76 -9.63 4.51
C LEU V 77 65.26 -9.92 4.38
N GLU V 78 66.09 -8.87 4.32
CA GLU V 78 67.53 -9.08 4.31
C GLU V 78 68.00 -9.74 5.60
N ASP V 79 67.45 -9.32 6.74
CA ASP V 79 67.78 -9.95 8.00
C ASP V 79 67.29 -11.40 8.06
N LEU V 80 66.06 -11.65 7.58
CA LEU V 80 65.51 -13.00 7.63
C LEU V 80 66.25 -13.95 6.69
N THR V 81 66.59 -13.48 5.50
CA THR V 81 67.23 -14.32 4.50
C THR V 81 68.75 -14.27 4.53
N LYS V 82 69.33 -13.58 5.51
CA LYS V 82 70.80 -13.51 5.62
C LYS V 82 71.39 -14.88 5.92
N GLY V 83 70.75 -15.64 6.80
CA GLY V 83 71.21 -16.97 7.14
C GLY V 83 70.67 -18.05 6.23
N PRO W 11 57.00 -10.62 -42.48
CA PRO W 11 58.16 -11.51 -42.58
C PRO W 11 58.96 -11.58 -41.28
N ILE W 12 60.00 -10.75 -41.18
CA ILE W 12 60.80 -10.72 -39.96
C ILE W 12 59.97 -10.22 -38.78
N PHE W 13 59.22 -9.13 -38.99
CA PHE W 13 58.39 -8.55 -37.96
C PHE W 13 56.95 -8.47 -38.44
N THR W 14 56.05 -9.14 -37.72
CA THR W 14 54.62 -9.06 -37.95
C THR W 14 53.93 -9.16 -36.60
N PHE W 15 52.74 -8.57 -36.50
CA PHE W 15 51.97 -8.60 -35.23
C PHE W 15 51.77 -10.08 -34.86
N ARG W 16 51.26 -10.89 -35.79
CA ARG W 16 51.05 -12.31 -35.49
C ARG W 16 52.36 -12.96 -35.05
N TRP W 17 53.46 -12.68 -35.77
CA TRP W 17 54.76 -13.24 -35.40
C TRP W 17 55.22 -12.84 -34.00
N LEU W 18 55.12 -11.55 -33.67
CA LEU W 18 55.56 -11.08 -32.36
C LEU W 18 54.69 -11.65 -31.25
N ALA W 19 53.37 -11.67 -31.44
CA ALA W 19 52.50 -12.23 -30.41
C ALA W 19 52.75 -13.73 -30.22
N ILE W 20 52.97 -14.45 -31.33
CA ILE W 20 53.25 -15.88 -31.23
C ILE W 20 54.54 -16.11 -30.47
N HIS W 21 55.57 -15.31 -30.73
CA HIS W 21 56.87 -15.54 -30.05
C HIS W 21 56.76 -15.07 -28.58
N GLY W 22 56.03 -14.00 -28.31
CA GLY W 22 55.80 -13.58 -26.94
C GLY W 22 55.09 -14.64 -26.13
N LEU W 23 54.19 -15.38 -26.77
CA LEU W 23 53.60 -16.54 -26.11
C LEU W 23 54.61 -17.69 -26.00
N ALA W 24 55.26 -18.02 -27.12
CA ALA W 24 56.10 -19.25 -27.20
C ALA W 24 57.44 -19.17 -26.47
N VAL W 25 58.20 -18.08 -26.58
CA VAL W 25 59.55 -18.08 -25.97
C VAL W 25 59.44 -18.28 -24.45
N PRO W 26 58.51 -17.64 -23.70
CA PRO W 26 58.30 -17.98 -22.28
C PRO W 26 57.69 -19.38 -22.15
N THR W 27 56.79 -19.78 -23.04
CA THR W 27 56.15 -21.09 -22.90
C THR W 27 57.18 -22.22 -22.91
N VAL W 28 58.11 -22.18 -23.86
CA VAL W 28 59.14 -23.21 -23.92
C VAL W 28 60.09 -23.09 -22.73
N PHE W 29 60.42 -21.87 -22.32
CA PHE W 29 61.27 -21.68 -21.15
C PHE W 29 60.62 -22.26 -19.90
N PHE W 30 59.32 -22.01 -19.70
CA PHE W 30 58.61 -22.53 -18.55
C PHE W 30 58.44 -24.04 -18.62
N LEU W 31 58.24 -24.58 -19.83
CA LEU W 31 58.18 -26.04 -19.97
C LEU W 31 59.50 -26.69 -19.58
N GLY W 32 60.62 -26.10 -20.01
CA GLY W 32 61.91 -26.60 -19.58
C GLY W 32 62.10 -26.49 -18.07
N ALA W 33 61.67 -25.37 -17.49
CA ALA W 33 61.79 -25.19 -16.05
C ALA W 33 60.96 -26.21 -15.28
N ILE W 34 59.73 -26.47 -15.73
CA ILE W 34 58.87 -27.44 -15.04
C ILE W 34 59.40 -28.86 -15.21
N THR W 35 59.91 -29.18 -16.41
CA THR W 35 60.50 -30.52 -16.62
C THR W 35 61.70 -30.70 -15.67
N SER W 36 62.51 -29.65 -15.49
CA SER W 36 63.62 -29.71 -14.52
C SER W 36 63.05 -29.89 -13.10
N MET W 37 61.96 -29.18 -12.78
CA MET W 37 61.32 -29.30 -11.44
C MET W 37 60.87 -30.75 -11.21
N GLN W 38 60.53 -31.47 -12.29
CA GLN W 38 60.04 -32.83 -12.12
C GLN W 38 61.14 -33.77 -11.63
N PHE W 39 62.39 -33.46 -11.91
CA PHE W 39 63.51 -34.30 -11.52
C PHE W 39 64.26 -33.78 -10.29
N ILE W 40 63.68 -32.80 -9.59
CA ILE W 40 64.26 -32.34 -8.34
C ILE W 40 64.12 -33.43 -7.29
N GLN W 41 65.06 -33.46 -6.34
CA GLN W 41 65.13 -34.51 -5.33
C GLN W 41 63.84 -34.65 -4.53
N ARG W 42 63.06 -33.58 -4.41
CA ARG W 42 61.79 -33.58 -3.68
C ARG W 42 60.86 -34.73 -4.05
N ALA X 2 6.19 29.37 -29.39
CA ALA X 2 7.27 29.57 -28.42
C ALA X 2 7.12 30.92 -27.72
N LEU X 3 7.05 30.88 -26.40
CA LEU X 3 6.83 32.09 -25.62
C LEU X 3 8.13 32.89 -25.55
N ARG X 4 8.02 34.20 -25.73
CA ARG X 4 9.15 35.12 -25.58
C ARG X 4 9.05 35.78 -24.21
N THR X 5 10.15 35.80 -23.48
CA THR X 5 10.20 36.38 -22.15
C THR X 5 11.44 37.26 -22.04
N ARG X 6 11.44 38.13 -21.02
CA ARG X 6 12.59 38.99 -20.78
C ARG X 6 13.83 38.16 -20.44
N LEU X 7 13.68 37.16 -19.57
CA LEU X 7 14.80 36.29 -19.25
C LEU X 7 15.20 35.43 -20.44
N GLY X 8 14.23 35.04 -21.28
CA GLY X 8 14.56 34.27 -22.46
C GLY X 8 15.39 35.05 -23.47
N GLU X 9 15.02 36.32 -23.72
CA GLU X 9 15.79 37.14 -24.63
C GLU X 9 17.10 37.61 -24.01
N LEU X 10 17.16 37.69 -22.68
CA LEU X 10 18.42 38.00 -22.00
C LEU X 10 19.44 36.87 -22.20
N LEU X 11 18.99 35.62 -22.11
CA LEU X 11 19.88 34.47 -22.20
C LEU X 11 19.93 33.85 -23.59
N ARG X 12 19.24 34.43 -24.57
CA ARG X 12 19.18 33.83 -25.91
C ARG X 12 20.54 33.70 -26.59
N PRO X 13 21.43 34.70 -26.60
CA PRO X 13 22.74 34.50 -27.27
C PRO X 13 23.56 33.37 -26.68
N LEU X 14 23.37 33.05 -25.40
CA LEU X 14 24.08 31.92 -24.80
C LEU X 14 23.65 30.59 -25.39
N ASN X 15 22.43 30.51 -25.93
CA ASN X 15 21.93 29.29 -26.54
C ASN X 15 21.62 29.51 -28.02
N SER X 16 22.55 30.16 -28.73
CA SER X 16 22.34 30.52 -30.12
C SER X 16 23.23 29.76 -31.10
N GLU X 17 24.46 29.45 -30.72
CA GLU X 17 25.41 28.80 -31.64
C GLU X 17 25.45 27.29 -31.41
N TYR X 18 24.30 26.65 -31.70
CA TYR X 18 24.22 25.20 -31.63
C TYR X 18 24.91 24.58 -32.84
N GLY X 19 25.77 23.60 -32.59
CA GLY X 19 26.46 22.90 -33.65
C GLY X 19 27.65 23.61 -34.24
N LYS X 20 27.98 24.80 -33.74
CA LYS X 20 29.12 25.55 -34.26
C LYS X 20 30.41 24.92 -33.75
N VAL X 21 31.30 24.57 -34.66
CA VAL X 21 32.51 23.83 -34.32
C VAL X 21 33.73 24.54 -34.90
N ALA X 22 34.87 24.26 -34.28
CA ALA X 22 36.16 24.75 -34.75
C ALA X 22 36.66 23.89 -35.91
N PRO X 23 37.62 24.39 -36.69
CA PRO X 23 38.25 23.56 -37.73
C PRO X 23 38.92 22.32 -37.13
N GLY X 24 39.49 21.52 -38.03
CA GLY X 24 39.67 20.09 -37.85
C GLY X 24 40.04 19.54 -36.48
N TRP X 25 41.17 19.93 -35.89
CA TRP X 25 41.56 19.38 -34.60
C TRP X 25 41.59 20.43 -33.48
N GLY X 26 41.13 21.65 -33.75
CA GLY X 26 41.00 22.71 -32.76
C GLY X 26 42.15 22.88 -31.79
N THR X 27 41.85 22.72 -30.51
CA THR X 27 42.80 22.79 -29.41
C THR X 27 42.97 21.43 -28.74
N THR X 28 42.94 20.36 -29.54
CA THR X 28 43.10 19.01 -28.98
C THR X 28 44.45 18.77 -28.33
N PRO X 29 45.61 19.17 -28.90
CA PRO X 29 46.87 18.93 -28.18
C PRO X 29 46.93 19.61 -26.81
N ILE X 30 46.36 20.80 -26.68
CA ILE X 30 46.32 21.48 -25.39
C ILE X 30 45.50 20.68 -24.39
N MET X 31 44.34 20.17 -24.84
CA MET X 31 43.51 19.35 -23.98
C MET X 31 44.23 18.08 -23.55
N GLY X 32 44.95 17.44 -24.47
CA GLY X 32 45.71 16.25 -24.12
C GLY X 32 46.82 16.54 -23.13
N PHE X 33 47.52 17.66 -23.32
CA PHE X 33 48.57 18.04 -22.38
C PHE X 33 48.01 18.31 -20.99
N VAL X 34 46.88 19.03 -20.91
CA VAL X 34 46.28 19.31 -19.61
C VAL X 34 45.77 18.03 -18.97
N MET X 35 45.23 17.10 -19.77
CA MET X 35 44.81 15.81 -19.23
C MET X 35 46.00 15.01 -18.70
N LEU X 36 47.13 15.09 -19.40
CA LEU X 36 48.34 14.41 -18.91
C LEU X 36 48.81 15.00 -17.60
N LEU X 37 48.79 16.33 -17.48
CA LEU X 37 49.14 16.97 -16.21
C LEU X 37 48.18 16.56 -15.11
N PHE X 38 46.88 16.49 -15.42
CA PHE X 38 45.89 16.07 -14.43
C PHE X 38 46.12 14.63 -14.00
N ALA X 39 46.48 13.76 -14.94
CA ALA X 39 46.77 12.36 -14.60
C ALA X 39 47.99 12.27 -13.70
N VAL X 40 49.04 13.06 -13.98
CA VAL X 40 50.22 13.08 -13.12
C VAL X 40 49.86 13.57 -11.73
N PHE X 41 49.04 14.62 -11.64
CA PHE X 41 48.61 15.15 -10.35
C PHE X 41 47.81 14.11 -9.56
N LEU X 42 46.91 13.40 -10.25
CA LEU X 42 46.12 12.37 -9.59
C LEU X 42 47.00 11.23 -9.10
N LEU X 43 48.00 10.84 -9.90
CA LEU X 43 48.95 9.82 -9.45
C LEU X 43 49.72 10.28 -8.22
N ILE X 44 50.14 11.55 -8.21
CA ILE X 44 50.89 12.07 -7.07
C ILE X 44 50.04 12.03 -5.81
N ILE X 45 48.81 12.54 -5.88
CA ILE X 45 47.98 12.57 -4.68
C ILE X 45 47.56 11.17 -4.24
N LEU X 46 47.34 10.26 -5.20
CA LEU X 46 47.01 8.88 -4.85
C LEU X 46 48.16 8.20 -4.13
N GLN X 47 49.38 8.35 -4.65
CA GLN X 47 50.52 7.72 -4.00
C GLN X 47 50.85 8.38 -2.67
N ILE X 48 50.50 9.67 -2.50
CA ILE X 48 50.65 10.31 -1.20
C ILE X 48 49.66 9.70 -0.20
N TYR X 49 48.39 9.56 -0.60
CA TYR X 49 47.39 8.93 0.29
C TYR X 49 47.77 7.46 0.52
N ASN X 50 48.20 6.76 -0.55
CA ASN X 50 48.53 5.34 -0.44
C ASN X 50 49.79 5.09 0.39
N SER X 51 50.52 6.14 0.76
CA SER X 51 51.79 6.10 1.47
C SER X 51 52.91 5.47 0.64
N SER X 52 52.70 5.32 -0.66
CA SER X 52 53.78 4.93 -1.57
C SER X 52 54.64 6.11 -1.97
N LEU X 53 54.28 7.32 -1.55
CA LEU X 53 55.03 8.53 -1.88
C LEU X 53 55.10 9.41 -0.65
N ILE X 54 56.31 9.73 -0.20
CA ILE X 54 56.55 10.64 0.91
C ILE X 54 57.34 11.81 0.37
N ILE X 55 56.84 13.02 0.60
CA ILE X 55 57.45 14.18 -0.05
C ILE X 55 58.44 14.87 0.87
N GLU X 56 57.91 15.54 1.91
CA GLU X 56 58.65 16.05 3.07
C GLU X 56 57.63 16.72 3.99
N ASN X 57 57.81 16.59 5.30
CA ASN X 57 56.94 17.22 6.29
C ASN X 57 55.46 16.89 6.09
N VAL X 58 55.16 15.87 5.31
CA VAL X 58 53.80 15.45 5.00
C VAL X 58 53.60 14.09 5.66
N ASP X 59 52.75 14.06 6.68
CA ASP X 59 52.50 12.86 7.46
C ASP X 59 51.05 12.47 7.28
N VAL X 60 50.79 11.50 6.40
CA VAL X 60 49.43 11.00 6.18
C VAL X 60 49.10 10.10 7.36
N ASP X 61 48.44 10.67 8.37
CA ASP X 61 48.19 10.01 9.64
C ASP X 61 47.24 10.89 10.45
N TRP X 62 46.45 10.24 11.30
CA TRP X 62 45.60 10.99 12.22
C TRP X 62 46.44 11.80 13.20
N ALA X 63 47.60 11.27 13.61
CA ALA X 63 48.46 11.94 14.57
C ALA X 63 48.96 13.28 14.06
N SER X 64 48.93 13.52 12.75
CA SER X 64 49.31 14.81 12.19
C SER X 64 48.31 15.91 12.53
N LEU X 65 47.12 15.57 13.02
CA LEU X 65 46.15 16.60 13.37
C LEU X 65 46.61 17.40 14.59
N GLY X 66 47.27 16.75 15.54
CA GLY X 66 47.77 17.42 16.72
C GLY X 66 47.80 16.55 17.96
N MET Y 1 -4.39 -47.22 11.11
CA MET Y 1 -3.32 -47.10 10.12
C MET Y 1 -3.57 -48.03 8.93
N PHE Y 2 -4.32 -49.11 9.17
CA PHE Y 2 -4.59 -50.07 8.10
C PHE Y 2 -5.48 -49.46 7.02
N THR Y 3 -6.46 -48.65 7.41
CA THR Y 3 -7.34 -48.02 6.42
C THR Y 3 -6.58 -47.06 5.53
N LEU Y 4 -5.65 -46.30 6.09
CA LEU Y 4 -4.80 -45.45 5.27
C LEU Y 4 -3.96 -46.28 4.32
N LYS Y 5 -3.43 -47.40 4.78
CA LYS Y 5 -2.63 -48.27 3.93
C LYS Y 5 -3.45 -48.83 2.78
N ILE Y 6 -4.69 -49.27 3.06
CA ILE Y 6 -5.52 -49.85 2.00
C ILE Y 6 -5.93 -48.77 1.00
N VAL Y 7 -6.19 -47.54 1.48
CA VAL Y 7 -6.52 -46.45 0.57
C VAL Y 7 -5.33 -46.11 -0.33
N VAL Y 8 -4.12 -46.04 0.26
CA VAL Y 8 -2.93 -45.74 -0.52
C VAL Y 8 -2.66 -46.84 -1.53
N TYR Y 9 -2.80 -48.10 -1.12
CA TYR Y 9 -2.60 -49.22 -2.04
C TYR Y 9 -3.61 -49.18 -3.18
N THR Y 10 -4.88 -48.89 -2.87
CA THR Y 10 -5.90 -48.76 -3.91
C THR Y 10 -5.53 -47.67 -4.91
N THR Y 11 -5.15 -46.50 -4.41
CA THR Y 11 -4.83 -45.37 -5.29
C THR Y 11 -3.60 -45.67 -6.16
N VAL Y 12 -2.55 -46.19 -5.55
CA VAL Y 12 -1.32 -46.47 -6.28
C VAL Y 12 -1.56 -47.56 -7.32
N THR Y 13 -2.29 -48.61 -6.95
CA THR Y 13 -2.59 -49.68 -7.90
C THR Y 13 -3.42 -49.15 -9.07
N LEU Y 14 -4.41 -48.29 -8.78
CA LEU Y 14 -5.23 -47.72 -9.85
C LEU Y 14 -4.38 -46.90 -10.81
N PHE Y 15 -3.53 -46.02 -10.28
CA PHE Y 15 -2.74 -45.16 -11.16
C PHE Y 15 -1.70 -45.95 -11.94
N VAL Y 16 -1.06 -46.93 -11.30
CA VAL Y 16 -0.07 -47.76 -11.99
C VAL Y 16 -0.73 -48.59 -13.08
N SER Y 17 -1.92 -49.14 -12.80
CA SER Y 17 -2.64 -49.90 -13.81
C SER Y 17 -3.05 -49.01 -14.98
N LEU Y 18 -3.50 -47.79 -14.69
CA LEU Y 18 -3.85 -46.86 -15.76
C LEU Y 18 -2.64 -46.55 -16.63
N PHE Y 19 -1.48 -46.30 -16.01
CA PHE Y 19 -0.24 -46.05 -16.74
C PHE Y 19 0.11 -47.25 -17.62
N THR Y 20 0.11 -48.45 -17.03
CA THR Y 20 0.55 -49.65 -17.73
C THR Y 20 -0.35 -49.98 -18.92
N PHE Y 21 -1.67 -49.96 -18.70
CA PHE Y 21 -2.58 -50.27 -19.79
C PHE Y 21 -2.73 -49.13 -20.79
N GLY Y 22 -2.38 -47.89 -20.39
CA GLY Y 22 -2.36 -46.80 -21.35
C GLY Y 22 -1.19 -46.90 -22.30
N PHE Y 23 -0.01 -47.26 -21.79
CA PHE Y 23 1.13 -47.46 -22.68
C PHE Y 23 1.05 -48.78 -23.44
N LEU Y 24 0.13 -49.67 -23.09
CA LEU Y 24 -0.14 -50.87 -23.86
C LEU Y 24 -1.16 -50.65 -24.98
N SER Y 25 -1.81 -49.49 -25.01
CA SER Y 25 -2.88 -49.23 -25.97
C SER Y 25 -2.36 -48.62 -27.26
N ASN Y 26 -1.34 -49.25 -27.85
CA ASN Y 26 -0.71 -48.83 -29.10
C ASN Y 26 -0.31 -47.35 -29.05
N ASP Y 27 0.59 -47.04 -28.12
CA ASP Y 27 0.99 -45.65 -27.89
C ASP Y 27 1.80 -45.10 -29.05
N ALA Y 28 2.53 -45.96 -29.76
CA ALA Y 28 3.34 -45.50 -30.89
C ALA Y 28 2.48 -44.95 -32.03
N SER Y 29 1.26 -45.45 -32.17
CA SER Y 29 0.36 -44.95 -33.20
C SER Y 29 -0.14 -43.54 -32.92
N ARG Y 30 0.01 -43.05 -31.69
CA ARG Y 30 -0.47 -41.72 -31.31
C ARG Y 30 0.59 -40.67 -31.61
N ASN Y 31 0.91 -40.54 -32.89
CA ASN Y 31 1.86 -39.57 -33.40
C ASN Y 31 1.25 -38.87 -34.62
N PRO Y 32 1.64 -37.61 -34.87
CA PRO Y 32 1.01 -36.87 -35.98
C PRO Y 32 1.30 -37.42 -37.36
N ASN Y 33 2.33 -38.25 -37.52
CA ASN Y 33 2.66 -38.83 -38.81
C ASN Y 33 1.94 -40.15 -39.07
N ARG Y 34 1.08 -40.59 -38.15
CA ARG Y 34 0.35 -41.84 -38.33
C ARG Y 34 -0.79 -41.65 -39.33
N LYS Y 35 -0.93 -42.59 -40.25
CA LYS Y 35 -1.98 -42.54 -41.25
C LYS Y 35 -2.92 -43.74 -41.11
N LYS Z 9 52.06 -62.95 -7.38
CA LYS Z 9 53.26 -63.18 -8.17
C LYS Z 9 53.03 -64.25 -9.24
N LEU Z 10 53.60 -64.02 -10.42
CA LEU Z 10 53.51 -64.99 -11.50
C LEU Z 10 54.33 -66.23 -11.18
N PRO Z 11 54.03 -67.35 -11.84
CA PRO Z 11 54.89 -68.54 -11.70
C PRO Z 11 56.32 -68.26 -12.12
N GLU Z 12 57.21 -69.16 -11.71
CA GLU Z 12 58.65 -68.93 -11.89
C GLU Z 12 59.02 -68.82 -13.36
N ALA Z 13 58.44 -69.66 -14.21
CA ALA Z 13 58.77 -69.61 -15.63
C ALA Z 13 58.22 -68.37 -16.31
N TYR Z 14 57.14 -67.80 -15.78
CA TYR Z 14 56.47 -66.67 -16.40
C TYR Z 14 56.80 -65.33 -15.74
N ALA Z 15 57.75 -65.31 -14.80
CA ALA Z 15 58.07 -64.07 -14.10
C ALA Z 15 58.67 -63.03 -15.03
N VAL Z 16 59.56 -63.45 -15.93
CA VAL Z 16 60.25 -62.52 -16.81
C VAL Z 16 59.29 -61.83 -17.78
N PHE Z 17 58.11 -62.41 -18.01
CA PHE Z 17 57.09 -61.79 -18.84
C PHE Z 17 56.12 -60.93 -18.02
N LYS Z 18 56.54 -60.49 -16.84
CA LYS Z 18 55.74 -59.52 -16.09
C LYS Z 18 55.51 -58.19 -16.81
N PRO Z 19 56.51 -57.55 -17.46
CA PRO Z 19 56.24 -56.23 -18.06
C PRO Z 19 55.14 -56.21 -19.11
N ILE Z 20 55.17 -57.15 -20.07
CA ILE Z 20 54.17 -57.16 -21.13
C ILE Z 20 52.78 -57.37 -20.55
N ILE Z 21 52.65 -58.26 -19.57
CA ILE Z 21 51.40 -58.45 -18.87
C ILE Z 21 50.94 -57.14 -18.22
N ASP Z 22 51.89 -56.39 -17.64
CA ASP Z 22 51.54 -55.09 -17.06
C ASP Z 22 51.02 -54.13 -18.11
N VAL Z 23 51.49 -54.25 -19.36
CA VAL Z 23 50.98 -53.41 -20.43
C VAL Z 23 49.64 -53.91 -20.93
N ALA Z 24 49.34 -55.20 -20.70
CA ALA Z 24 48.19 -55.85 -21.34
C ALA Z 24 46.84 -55.21 -21.04
N PRO Z 25 46.44 -54.92 -19.80
CA PRO Z 25 45.03 -54.53 -19.55
C PRO Z 25 44.62 -53.20 -20.20
N VAL Z 26 45.56 -52.33 -20.55
CA VAL Z 26 45.22 -51.01 -21.06
C VAL Z 26 45.17 -51.05 -22.58
N ILE Z 27 45.29 -52.26 -23.15
CA ILE Z 27 45.22 -52.41 -24.60
C ILE Z 27 43.87 -51.99 -25.18
N PRO Z 28 42.71 -52.36 -24.60
CA PRO Z 28 41.44 -51.92 -25.22
C PRO Z 28 41.32 -50.42 -25.43
N VAL Z 29 41.84 -49.60 -24.49
CA VAL Z 29 41.81 -48.15 -24.67
C VAL Z 29 42.48 -47.77 -25.98
N PHE Z 30 43.66 -48.35 -26.23
CA PHE Z 30 44.36 -48.09 -27.50
C PHE Z 30 43.50 -48.47 -28.68
N PHE Z 31 42.73 -49.57 -28.57
CA PHE Z 31 41.81 -49.95 -29.63
C PHE Z 31 40.86 -48.81 -29.95
N LEU Z 32 40.27 -48.20 -28.92
CA LEU Z 32 39.43 -47.02 -29.13
C LEU Z 32 40.21 -45.94 -29.87
N LEU Z 33 41.42 -45.63 -29.38
CA LEU Z 33 42.26 -44.65 -30.06
C LEU Z 33 42.54 -45.09 -31.48
N LEU Z 34 42.79 -46.39 -31.68
CA LEU Z 34 43.07 -46.89 -33.01
C LEU Z 34 41.91 -46.58 -33.96
N ALA Z 35 40.67 -46.75 -33.46
CA ALA Z 35 39.51 -46.43 -34.28
C ALA Z 35 39.56 -44.99 -34.75
N PHE Z 36 39.84 -44.07 -33.82
CA PHE Z 36 39.95 -42.66 -34.19
C PHE Z 36 41.06 -42.46 -35.20
N VAL Z 37 42.19 -43.15 -35.02
CA VAL Z 37 43.29 -43.05 -35.98
C VAL Z 37 42.82 -43.49 -37.36
N TRP Z 38 42.04 -44.57 -37.41
CA TRP Z 38 41.50 -45.02 -38.68
C TRP Z 38 40.59 -43.94 -39.27
N GLN Z 39 39.74 -43.34 -38.43
CA GLN Z 39 38.90 -42.25 -38.91
C GLN Z 39 39.74 -41.04 -39.30
N ALA Z 40 40.90 -40.87 -38.67
CA ALA Z 40 41.81 -39.82 -39.11
C ALA Z 40 42.47 -40.17 -40.43
N ALA Z 41 42.69 -41.47 -40.69
CA ALA Z 41 43.37 -41.86 -41.92
C ALA Z 41 42.51 -41.61 -43.15
N VAL Z 42 41.21 -41.88 -43.05
CA VAL Z 42 40.31 -41.73 -44.19
C VAL Z 42 39.75 -40.32 -44.32
N GLY Z 43 40.19 -39.38 -43.49
CA GLY Z 43 39.69 -38.02 -43.57
C GLY Z 43 38.34 -37.79 -42.93
N PHE Z 44 37.93 -38.66 -41.99
CA PHE Z 44 36.65 -38.57 -41.30
C PHE Z 44 35.48 -38.54 -42.28
N ARG Z 45 35.56 -39.38 -43.31
CA ARG Z 45 34.50 -39.48 -44.31
C ARG Z 45 33.29 -40.22 -43.74
N SER AA 2 3.40 26.91 -23.45
CA SER AA 2 2.36 25.88 -23.31
C SER AA 2 1.91 25.38 -24.68
N GLY AA 3 0.72 24.78 -24.72
CA GLY AA 3 0.19 24.23 -25.95
C GLY AA 3 0.37 22.74 -26.04
N PRO AA 4 -0.02 22.15 -27.17
CA PRO AA 4 0.14 20.70 -27.35
C PRO AA 4 1.60 20.31 -27.42
N ASN AA 5 2.00 19.35 -26.58
CA ASN AA 5 3.38 18.91 -26.53
C ASN AA 5 3.59 17.77 -27.52
N PRO AA 6 4.49 17.92 -28.50
CA PRO AA 6 4.68 16.85 -29.50
C PRO AA 6 5.42 15.62 -28.98
N ASN AA 7 6.01 15.69 -27.79
CA ASN AA 7 6.83 14.60 -27.27
C ASN AA 7 6.02 13.60 -26.44
N LYS AA 8 4.71 13.78 -26.35
CA LYS AA 8 3.87 12.84 -25.59
C LYS AA 8 3.82 11.50 -26.30
N GLN AA 9 4.07 10.42 -25.56
CA GLN AA 9 4.04 9.08 -26.11
C GLN AA 9 3.23 8.16 -25.19
N PRO AA 10 2.44 7.26 -25.77
CA PRO AA 10 1.71 6.30 -24.94
C PRO AA 10 2.66 5.29 -24.29
N VAL AA 11 2.22 4.77 -23.15
CA VAL AA 11 2.99 3.79 -22.38
C VAL AA 11 2.19 2.50 -22.33
N GLU AA 12 2.85 1.39 -22.65
CA GLU AA 12 2.20 0.09 -22.70
C GLU AA 12 2.96 -0.90 -21.83
N LEU AA 13 2.21 -1.73 -21.11
CA LEU AA 13 2.75 -2.83 -20.33
C LEU AA 13 2.02 -4.10 -20.74
N ASN AA 14 2.77 -5.11 -21.17
CA ASN AA 14 2.15 -6.36 -21.57
C ASN AA 14 1.67 -7.14 -20.35
N ARG AA 15 0.79 -8.10 -20.61
CA ARG AA 15 0.38 -9.02 -19.55
C ARG AA 15 1.55 -9.89 -19.11
N THR AA 16 2.41 -10.27 -20.06
CA THR AA 16 3.66 -10.95 -19.71
C THR AA 16 4.54 -10.07 -18.84
N SER AA 17 4.66 -8.79 -19.18
CA SER AA 17 5.45 -7.87 -18.37
C SER AA 17 4.84 -7.68 -16.99
N LEU AA 18 3.52 -7.59 -16.93
CA LEU AA 18 2.82 -7.45 -15.61
C LEU AA 18 3.17 -8.65 -14.74
N PHE AA 19 3.00 -9.87 -15.27
CA PHE AA 19 3.26 -11.11 -14.49
C PHE AA 19 4.75 -11.17 -14.11
N TRP AA 20 5.66 -10.81 -15.03
CA TRP AA 20 7.10 -10.78 -14.69
C TRP AA 20 7.34 -9.84 -13.52
N GLY AA 21 6.71 -8.66 -13.53
CA GLY AA 21 6.88 -7.71 -12.47
C GLY AA 21 6.30 -8.18 -11.15
N LEU AA 22 5.08 -8.75 -11.19
CA LEU AA 22 4.47 -9.27 -9.97
C LEU AA 22 5.30 -10.40 -9.38
N LEU AA 23 5.79 -11.31 -10.23
CA LEU AA 23 6.62 -12.41 -9.74
C LEU AA 23 7.91 -11.89 -9.13
N LEU AA 24 8.56 -10.91 -9.78
CA LEU AA 24 9.79 -10.35 -9.25
C LEU AA 24 9.56 -9.69 -7.89
N ILE AA 25 8.48 -8.90 -7.78
CA ILE AA 25 8.22 -8.20 -6.52
C ILE AA 25 7.90 -9.19 -5.41
N PHE AA 26 7.06 -10.20 -5.69
CA PHE AA 26 6.72 -11.17 -4.66
C PHE AA 26 7.93 -12.01 -4.26
N VAL AA 27 8.78 -12.39 -5.21
CA VAL AA 27 9.95 -13.19 -4.89
C VAL AA 27 10.96 -12.37 -4.08
N LEU AA 28 11.16 -11.10 -4.44
CA LEU AA 28 12.03 -10.23 -3.65
C LEU AA 28 11.48 -10.04 -2.25
N ALA AA 29 10.15 -9.90 -2.11
CA ALA AA 29 9.55 -9.78 -0.79
C ALA AA 29 9.78 -11.04 0.03
N VAL AA 30 9.60 -12.21 -0.58
CA VAL AA 30 9.82 -13.47 0.12
C VAL AA 30 11.27 -13.58 0.57
N LEU AA 31 12.20 -13.18 -0.31
CA LEU AA 31 13.62 -13.30 0.01
C LEU AA 31 14.02 -12.35 1.14
N PHE AA 32 13.59 -11.09 1.08
CA PHE AA 32 14.06 -10.08 2.02
C PHE AA 32 13.18 -9.93 3.25
N SER AA 33 12.05 -10.64 3.33
CA SER AA 33 11.20 -10.55 4.52
C SER AA 33 11.90 -11.11 5.76
N SER AA 34 12.61 -12.22 5.61
CA SER AA 34 13.30 -12.80 6.75
C SER AA 34 14.39 -11.87 7.28
N TYR AA 35 15.07 -11.16 6.37
CA TYR AA 35 16.12 -10.24 6.78
C TYR AA 35 15.57 -8.96 7.38
N PHE AA 36 14.47 -8.45 6.83
CA PHE AA 36 13.82 -7.29 7.43
C PHE AA 36 13.27 -7.62 8.81
N PHE AA 37 12.67 -8.79 8.97
CA PHE AA 37 12.23 -9.25 10.29
C PHE AA 37 13.39 -9.71 11.15
N ASN AA 38 14.55 -9.97 10.55
CA ASN AA 38 15.79 -10.27 11.27
C ASN AA 38 15.65 -11.40 12.27
N ASN BA 2 10.99 -10.19 15.04
CA ASN BA 2 11.04 -9.60 16.37
C ASN BA 2 11.15 -8.07 16.28
N VAL BA 3 11.51 -7.58 15.10
CA VAL BA 3 11.62 -6.14 14.90
C VAL BA 3 10.24 -5.50 14.96
N SER BA 4 10.22 -4.18 15.13
CA SER BA 4 9.00 -3.44 15.40
C SER BA 4 8.16 -3.22 14.14
N VAL BA 5 7.20 -2.30 14.23
CA VAL BA 5 6.26 -2.02 13.15
C VAL BA 5 6.97 -1.64 11.87
N ALA BA 6 8.19 -1.09 11.97
CA ALA BA 6 8.91 -0.63 10.79
C ALA BA 6 9.21 -1.77 9.83
N ALA BA 7 9.55 -2.96 10.36
CA ALA BA 7 9.85 -4.09 9.49
C ALA BA 7 8.61 -4.58 8.74
N TYR BA 8 7.47 -4.67 9.44
CA TYR BA 8 6.22 -5.04 8.79
C TYR BA 8 5.82 -4.02 7.73
N LEU BA 9 5.98 -2.73 8.05
CA LEU BA 9 5.69 -1.68 7.09
C LEU BA 9 6.60 -1.79 5.87
N ALA BA 10 7.88 -2.07 6.09
CA ALA BA 10 8.82 -2.22 4.97
C ALA BA 10 8.38 -3.36 4.06
N VAL BA 11 8.08 -4.53 4.64
CA VAL BA 11 7.70 -5.68 3.83
C VAL BA 11 6.41 -5.39 3.06
N LEU BA 12 5.37 -4.93 3.77
CA LEU BA 12 4.07 -4.74 3.14
C LEU BA 12 4.10 -3.64 2.09
N LEU BA 13 4.76 -2.52 2.38
CA LEU BA 13 4.78 -1.41 1.43
C LEU BA 13 5.67 -1.72 0.23
N GLY BA 14 6.86 -2.29 0.46
CA GLY BA 14 7.71 -2.68 -0.64
C GLY BA 14 7.13 -3.80 -1.48
N THR BA 15 6.15 -4.54 -0.95
CA THR BA 15 5.41 -5.46 -1.79
C THR BA 15 4.32 -4.73 -2.57
N PHE BA 16 3.50 -3.93 -1.87
CA PHE BA 16 2.27 -3.40 -2.47
C PHE BA 16 2.53 -2.28 -3.47
N ILE BA 17 3.42 -1.34 -3.16
CA ILE BA 17 3.61 -0.16 -4.02
C ILE BA 17 4.11 -0.55 -5.42
N PRO BA 18 5.15 -1.37 -5.59
CA PRO BA 18 5.47 -1.83 -6.95
C PRO BA 18 4.35 -2.63 -7.59
N VAL BA 19 3.62 -3.42 -6.78
CA VAL BA 19 2.53 -4.24 -7.32
C VAL BA 19 1.41 -3.35 -7.86
N VAL BA 20 1.02 -2.33 -7.09
CA VAL BA 20 -0.05 -1.45 -7.56
C VAL BA 20 0.44 -0.60 -8.73
N PHE BA 21 1.73 -0.25 -8.76
CA PHE BA 21 2.28 0.46 -9.92
C PHE BA 21 2.17 -0.38 -11.19
N LEU BA 22 2.57 -1.65 -11.10
CA LEU BA 22 2.50 -2.55 -12.25
C LEU BA 22 1.06 -2.78 -12.67
N ILE BA 23 0.16 -2.96 -11.71
CA ILE BA 23 -1.25 -3.19 -12.02
C ILE BA 23 -1.85 -1.96 -12.69
N THR BA 24 -1.53 -0.76 -12.20
CA THR BA 24 -2.02 0.46 -12.82
C THR BA 24 -1.52 0.60 -14.24
N LEU BA 25 -0.23 0.31 -14.46
CA LEU BA 25 0.33 0.41 -15.80
C LEU BA 25 -0.32 -0.58 -16.76
N PHE BA 26 -0.52 -1.82 -16.31
CA PHE BA 26 -1.15 -2.83 -17.14
C PHE BA 26 -2.60 -2.46 -17.46
N ILE BA 27 -3.33 -1.95 -16.47
CA ILE BA 27 -4.71 -1.56 -16.69
C ILE BA 27 -4.80 -0.38 -17.66
N GLN BA 28 -3.86 0.56 -17.55
CA GLN BA 28 -3.81 1.68 -18.49
C GLN BA 28 -3.54 1.20 -19.92
N SER BA 29 -2.59 0.25 -20.07
CA SER BA 29 -2.29 -0.27 -21.40
C SER BA 29 -3.49 -1.02 -21.99
N GLU BA 30 -4.15 -1.84 -21.17
CA GLU BA 30 -5.33 -2.56 -21.65
C GLU BA 30 -6.46 -1.59 -22.00
N ALA BA 31 -6.58 -0.51 -21.23
CA ALA BA 31 -7.59 0.50 -21.52
C ALA BA 31 -7.33 1.17 -22.86
N ARG BA 32 -6.07 1.50 -23.14
CA ARG BA 32 -5.73 2.07 -24.45
C ARG BA 32 -6.02 1.08 -25.57
N LYS BA 33 -5.67 -0.19 -25.36
CA LYS BA 33 -5.92 -1.22 -26.37
C LYS BA 33 -7.41 -1.37 -26.65
N ALA BA 34 -8.23 -1.39 -25.59
CA ALA BA 34 -9.67 -1.55 -25.77
C ALA BA 34 -10.30 -0.31 -26.40
N ALA BA 35 -9.81 0.88 -26.04
CA ALA BA 35 -10.34 2.11 -26.62
C ALA BA 35 -10.01 2.21 -28.11
N GLU BA 36 -8.78 1.87 -28.49
CA GLU BA 36 -8.39 1.95 -29.90
C GLU BA 36 -9.09 0.89 -30.74
N SER BA 37 -9.27 -0.31 -30.17
CA SER BA 37 -9.96 -1.37 -30.88
C SER BA 37 -11.47 -1.17 -30.81
N GLY BA 38 -12.18 -1.89 -31.69
CA GLY BA 38 -13.63 -1.84 -31.70
C GLY BA 38 -14.26 -2.38 -30.43
N GLN BA 39 -15.13 -1.59 -29.81
CA GLN BA 39 -15.81 -2.00 -28.59
C GLN BA 39 -17.26 -1.51 -28.57
N MET CA 1 3.54 -13.67 14.57
CA MET CA 1 2.78 -12.86 13.61
C MET CA 1 3.48 -12.82 12.26
N GLU CA 2 4.80 -12.93 12.28
CA GLU CA 2 5.58 -12.95 11.04
C GLU CA 2 5.30 -14.21 10.22
N THR CA 3 4.86 -15.30 10.86
CA THR CA 3 4.48 -16.50 10.13
C THR CA 3 3.31 -16.21 9.20
N LEU CA 4 2.37 -15.37 9.65
CA LEU CA 4 1.26 -14.97 8.79
C LEU CA 4 1.76 -14.23 7.56
N VAL CA 5 2.74 -13.34 7.73
CA VAL CA 5 3.30 -12.61 6.60
C VAL CA 5 4.00 -13.56 5.64
N TYR CA 6 4.77 -14.51 6.18
CA TYR CA 6 5.47 -15.47 5.34
C TYR CA 6 4.49 -16.30 4.52
N THR CA 7 3.45 -16.82 5.19
CA THR CA 7 2.44 -17.62 4.50
C THR CA 7 1.71 -16.80 3.45
N PHE CA 8 1.38 -15.55 3.78
CA PHE CA 8 0.71 -14.67 2.82
C PHE CA 8 1.58 -14.44 1.59
N LEU CA 9 2.88 -14.21 1.79
CA LEU CA 9 3.77 -14.00 0.65
C LEU CA 9 3.89 -15.25 -0.21
N LEU CA 10 4.02 -16.42 0.42
CA LEU CA 10 4.12 -17.66 -0.34
C LEU CA 10 2.85 -17.93 -1.13
N ILE CA 11 1.67 -17.74 -0.51
CA ILE CA 11 0.41 -17.98 -1.19
C ILE CA 11 0.22 -16.96 -2.31
N GLY CA 12 0.64 -15.72 -2.10
CA GLY CA 12 0.56 -14.73 -3.17
C GLY CA 12 1.43 -15.08 -4.35
N THR CA 13 2.65 -15.57 -4.08
CA THR CA 13 3.52 -16.01 -5.17
C THR CA 13 2.92 -17.18 -5.94
N LEU CA 14 2.35 -18.15 -5.21
CA LEU CA 14 1.71 -19.29 -5.88
C LEU CA 14 0.50 -18.84 -6.71
N GLY CA 15 -0.28 -17.89 -6.20
CA GLY CA 15 -1.40 -17.36 -6.96
C GLY CA 15 -0.94 -16.60 -8.20
N VAL CA 16 0.16 -15.85 -8.09
CA VAL CA 16 0.73 -15.17 -9.25
C VAL CA 16 1.14 -16.19 -10.31
N LEU CA 17 1.76 -17.29 -9.88
CA LEU CA 17 2.11 -18.36 -10.82
C LEU CA 17 0.87 -18.94 -11.48
N PHE CA 18 -0.19 -19.18 -10.68
CA PHE CA 18 -1.43 -19.73 -11.22
C PHE CA 18 -2.04 -18.81 -12.27
N PHE CA 19 -2.10 -17.51 -11.97
CA PHE CA 19 -2.67 -16.55 -12.92
C PHE CA 19 -1.78 -16.37 -14.15
N ALA CA 20 -0.47 -16.47 -13.98
CA ALA CA 20 0.43 -16.39 -15.13
C ALA CA 20 0.25 -17.60 -16.05
N VAL CA 21 -0.01 -18.78 -15.47
CA VAL CA 21 -0.19 -19.97 -16.28
C VAL CA 21 -1.54 -19.95 -16.98
N PHE CA 22 -2.62 -19.79 -16.22
CA PHE CA 22 -3.97 -19.99 -16.74
C PHE CA 22 -4.64 -18.71 -17.22
N PHE CA 23 -3.99 -17.56 -17.13
CA PHE CA 23 -4.55 -16.31 -17.64
C PHE CA 23 -3.52 -15.51 -18.42
N ARG CA 24 -2.61 -16.21 -19.09
CA ARG CA 24 -1.60 -15.55 -19.91
C ARG CA 24 -2.22 -14.95 -21.16
N ASP CA 25 -1.45 -14.11 -21.83
CA ASP CA 25 -1.86 -13.60 -23.14
C ASP CA 25 -1.77 -14.74 -24.15
N PRO CA 26 -2.86 -15.13 -24.81
CA PRO CA 26 -2.82 -16.29 -25.70
C PRO CA 26 -2.01 -16.00 -26.95
N PRO CA 27 -0.97 -16.80 -27.21
CA PRO CA 27 -0.16 -16.58 -28.41
C PRO CA 27 -0.98 -16.80 -29.69
N ARG CA 28 -0.71 -15.97 -30.69
CA ARG CA 28 -1.35 -16.06 -31.99
C ARG CA 28 -0.35 -15.71 -33.07
N ILE CA 29 -0.59 -16.22 -34.28
CA ILE CA 29 0.28 -15.92 -35.40
C ILE CA 29 -0.12 -14.58 -36.00
N ALA CA 30 0.85 -13.69 -36.17
CA ALA CA 30 0.60 -12.38 -36.73
C ALA CA 30 1.08 -12.30 -38.18
N GLU DA 29 5.24 -59.38 4.52
CA GLU DA 29 6.20 -59.33 3.44
C GLU DA 29 5.53 -59.30 2.07
N ALA DA 30 6.13 -59.97 1.10
CA ALA DA 30 5.69 -59.98 -0.30
C ALA DA 30 5.64 -58.53 -0.78
N LEU DA 31 4.59 -58.10 -1.48
CA LEU DA 31 4.52 -56.72 -1.98
C LEU DA 31 4.09 -55.77 -0.87
N GLY DA 32 4.79 -55.79 0.27
CA GLY DA 32 4.35 -55.04 1.43
C GLY DA 32 3.01 -55.49 1.97
N VAL DA 33 2.60 -56.71 1.67
CA VAL DA 33 1.25 -57.20 1.97
C VAL DA 33 1.37 -58.02 3.25
N ASP DA 34 1.17 -57.35 4.39
CA ASP DA 34 1.11 -58.02 5.68
C ASP DA 34 -0.30 -58.38 6.10
N ASP DA 35 -1.31 -57.98 5.33
CA ASP DA 35 -2.70 -58.33 5.57
C ASP DA 35 -3.33 -58.77 4.27
N GLY DA 36 -4.13 -59.84 4.33
CA GLY DA 36 -4.69 -60.42 3.12
C GLY DA 36 -5.60 -59.47 2.35
N ARG DA 37 -6.30 -58.59 3.07
CA ARG DA 37 -7.22 -57.65 2.42
C ARG DA 37 -6.48 -56.74 1.44
N LEU DA 38 -5.20 -56.45 1.70
CA LEU DA 38 -4.40 -55.65 0.78
C LEU DA 38 -4.29 -56.28 -0.60
N LEU DA 39 -4.50 -57.60 -0.71
CA LEU DA 39 -4.48 -58.24 -2.02
C LEU DA 39 -5.71 -57.91 -2.86
N VAL DA 40 -6.78 -57.43 -2.25
CA VAL DA 40 -8.00 -57.11 -2.99
C VAL DA 40 -7.76 -55.94 -3.96
N PRO DA 41 -7.22 -54.79 -3.54
CA PRO DA 41 -6.93 -53.75 -4.54
C PRO DA 41 -5.86 -54.14 -5.54
N LEU DA 42 -4.90 -54.97 -5.14
CA LEU DA 42 -3.77 -55.33 -6.00
C LEU DA 42 -4.16 -56.28 -7.12
N VAL DA 43 -5.35 -56.86 -7.09
CA VAL DA 43 -5.79 -57.81 -8.10
C VAL DA 43 -7.06 -57.33 -8.81
N LEU DA 44 -8.06 -56.91 -8.04
CA LEU DA 44 -9.33 -56.51 -8.64
C LEU DA 44 -9.18 -55.27 -9.51
N ILE DA 45 -8.44 -54.27 -9.06
CA ILE DA 45 -8.23 -53.06 -9.86
C ILE DA 45 -7.45 -53.35 -11.15
N PRO DA 46 -6.31 -54.06 -11.12
CA PRO DA 46 -5.66 -54.38 -12.41
C PRO DA 46 -6.53 -55.21 -13.34
N VAL DA 47 -7.34 -56.12 -12.79
CA VAL DA 47 -8.22 -56.93 -13.63
C VAL DA 47 -9.29 -56.06 -14.26
N PHE DA 48 -9.96 -55.23 -13.45
CA PHE DA 48 -11.07 -54.40 -13.93
C PHE DA 48 -10.62 -53.50 -15.08
N ILE DA 49 -9.52 -52.77 -14.87
CA ILE DA 49 -8.95 -51.95 -15.94
C ILE DA 49 -8.64 -52.81 -17.16
N ALA DA 50 -8.07 -54.00 -16.93
CA ALA DA 50 -7.78 -54.93 -18.02
C ALA DA 50 -9.05 -55.25 -18.79
N ILE DA 51 -10.16 -55.45 -18.08
CA ILE DA 51 -11.43 -55.72 -18.74
C ILE DA 51 -11.79 -54.56 -19.67
N LEU DA 52 -11.64 -53.32 -19.18
CA LEU DA 52 -11.81 -52.16 -20.04
C LEU DA 52 -10.85 -52.22 -21.21
N PHE DA 53 -9.58 -52.51 -20.93
CA PHE DA 53 -8.60 -52.65 -21.99
C PHE DA 53 -8.99 -53.74 -22.97
N SER DA 54 -9.67 -54.78 -22.49
CA SER DA 54 -10.15 -55.84 -23.38
C SER DA 54 -11.07 -55.27 -24.45
N ASN DA 55 -11.98 -54.37 -24.05
CA ASN DA 55 -12.87 -53.75 -25.02
C ASN DA 55 -12.09 -52.97 -26.07
N PHE DA 56 -10.94 -52.41 -25.68
CA PHE DA 56 -10.05 -51.83 -26.68
C PHE DA 56 -9.41 -52.92 -27.53
N ALA DA 57 -8.87 -53.96 -26.88
CA ALA DA 57 -8.05 -54.94 -27.59
C ALA DA 57 -8.86 -55.71 -28.62
N SER DA 58 -10.10 -56.05 -28.29
CA SER DA 58 -10.95 -56.76 -29.25
C SER DA 58 -11.29 -55.87 -30.44
N THR DA 59 -11.30 -54.55 -30.27
CA THR DA 59 -11.65 -53.67 -31.37
C THR DA 59 -10.53 -53.55 -32.39
N GLN DA 60 -9.28 -53.66 -31.95
CA GLN DA 60 -8.14 -53.45 -32.84
C GLN DA 60 -7.91 -54.67 -33.73
N ASP DA 61 -7.36 -54.41 -34.92
CA ASP DA 61 -6.96 -55.48 -35.82
C ASP DA 61 -5.67 -56.10 -35.31
N ASN DA 62 -5.73 -57.40 -34.98
CA ASN DA 62 -4.63 -58.09 -34.33
C ASN DA 62 -3.83 -58.97 -35.29
N GLU DA 63 -3.77 -58.59 -36.56
CA GLU DA 63 -2.98 -59.32 -37.54
C GLU DA 63 -1.55 -58.76 -37.60
N ASP DA 64 -0.64 -59.56 -38.16
CA ASP DA 64 0.72 -59.11 -38.36
C ASP DA 64 0.78 -57.97 -39.37
N PHE DA 65 1.79 -57.12 -39.22
CA PHE DA 65 1.89 -55.93 -40.06
C PHE DA 65 3.27 -55.80 -40.70
N PHE DA 66 4.29 -56.38 -40.08
CA PHE DA 66 5.68 -56.30 -40.54
C PHE DA 66 6.12 -54.85 -40.72
N ASP DA 67 6.16 -54.15 -39.59
CA ASP DA 67 6.57 -52.75 -39.58
C ASP DA 67 7.19 -52.45 -38.22
N THR DA 68 7.79 -51.26 -38.12
CA THR DA 68 8.38 -50.83 -36.85
C THR DA 68 7.30 -50.68 -35.77
N TYR DA 69 6.15 -50.13 -36.15
CA TYR DA 69 5.03 -50.00 -35.21
C TYR DA 69 3.73 -50.13 -36.00
N ASP DA 70 2.65 -50.42 -35.28
CA ASP DA 70 1.35 -50.64 -35.88
C ASP DA 70 0.59 -49.31 -35.94
N GLN DA 71 0.31 -48.84 -37.15
CA GLN DA 71 -0.46 -47.62 -37.34
C GLN DA 71 -1.96 -47.85 -37.31
N ARG DA 72 -2.40 -49.11 -37.26
CA ARG DA 72 -3.82 -49.42 -37.22
C ARG DA 72 -4.34 -49.24 -35.79
N ARG DA 73 -5.28 -48.32 -35.62
CA ARG DA 73 -5.84 -48.03 -34.30
C ARG DA 73 -7.17 -47.28 -34.44
N MET EA 1 63.28 16.50 -0.74
CA MET EA 1 63.51 15.40 -1.66
C MET EA 1 63.70 14.09 -0.89
N THR EA 2 63.01 13.05 -1.33
CA THR EA 2 63.03 11.74 -0.70
C THR EA 2 63.28 10.68 -1.75
N PRO EA 3 63.80 9.51 -1.35
CA PRO EA 3 63.96 8.41 -2.32
C PRO EA 3 62.66 7.98 -2.97
N SER EA 4 61.53 8.11 -2.26
CA SER EA 4 60.24 7.75 -2.84
C SER EA 4 59.89 8.65 -4.02
N PHE EA 5 60.14 9.95 -3.90
CA PHE EA 5 59.82 10.86 -5.00
C PHE EA 5 60.78 10.67 -6.17
N SER EA 6 62.05 10.39 -5.88
CA SER EA 6 62.99 10.07 -6.96
C SER EA 6 62.56 8.81 -7.69
N ALA EA 7 62.08 7.81 -6.94
CA ALA EA 7 61.55 6.60 -7.56
C ALA EA 7 60.32 6.90 -8.40
N PHE EA 8 59.45 7.80 -7.93
CA PHE EA 8 58.26 8.17 -8.69
C PHE EA 8 58.63 8.85 -10.01
N ILE EA 9 59.58 9.79 -9.96
CA ILE EA 9 60.01 10.49 -11.17
C ILE EA 9 60.68 9.51 -12.13
N ASN EA 10 61.54 8.62 -11.61
CA ASN EA 10 62.16 7.62 -12.46
C ASN EA 10 61.12 6.65 -13.03
N SER EA 11 60.05 6.38 -12.29
CA SER EA 11 58.98 5.54 -12.80
C SER EA 11 58.24 6.22 -13.95
N LEU EA 12 57.98 7.52 -13.82
CA LEU EA 12 57.37 8.26 -14.92
C LEU EA 12 58.28 8.23 -16.16
N LEU EA 13 59.58 8.45 -15.95
CA LEU EA 13 60.52 8.42 -17.07
C LEU EA 13 60.58 7.04 -17.71
N ALA EA 14 60.59 5.98 -16.90
CA ALA EA 14 60.64 4.62 -17.42
C ALA EA 14 59.37 4.26 -18.16
N GLY EA 15 58.20 4.66 -17.64
CA GLY EA 15 56.96 4.43 -18.35
C GLY EA 15 56.90 5.19 -19.66
N LEU EA 16 57.50 6.38 -19.71
CA LEU EA 16 57.54 7.12 -20.96
C LEU EA 16 58.47 6.46 -21.98
N PHE EA 17 59.69 6.12 -21.55
CA PHE EA 17 60.74 5.72 -22.50
C PHE EA 17 60.79 4.24 -22.79
N ILE EA 18 60.13 3.40 -21.99
CA ILE EA 18 60.13 1.97 -22.21
C ILE EA 18 58.79 1.45 -22.71
N VAL EA 19 57.69 2.11 -22.37
CA VAL EA 19 56.34 1.67 -22.75
C VAL EA 19 55.73 2.62 -23.79
N ILE EA 20 55.62 3.90 -23.45
CA ILE EA 20 54.90 4.84 -24.31
C ILE EA 20 55.69 5.14 -25.58
N ILE EA 21 56.93 5.59 -25.42
CA ILE EA 21 57.73 5.99 -26.60
C ILE EA 21 57.99 4.82 -27.55
N PRO EA 22 58.45 3.64 -27.10
CA PRO EA 22 58.71 2.56 -28.08
C PRO EA 22 57.45 2.09 -28.80
N ILE EA 23 56.36 1.86 -28.07
CA ILE EA 23 55.13 1.38 -28.70
C ILE EA 23 54.58 2.44 -29.66
N GLY EA 24 54.56 3.71 -29.24
CA GLY EA 24 54.08 4.76 -30.11
C GLY EA 24 54.93 4.92 -31.35
N THR EA 25 56.25 4.87 -31.20
CA THR EA 25 57.16 5.00 -32.33
C THR EA 25 56.96 3.85 -33.32
N ALA EA 26 56.88 2.61 -32.81
CA ALA EA 26 56.66 1.47 -33.68
C ALA EA 26 55.32 1.56 -34.40
N LEU EA 27 54.27 1.96 -33.67
CA LEU EA 27 52.95 2.10 -34.28
C LEU EA 27 52.97 3.13 -35.39
N LEU EA 28 53.59 4.30 -35.13
CA LEU EA 28 53.66 5.33 -36.15
C LEU EA 28 54.46 4.88 -37.36
N ILE EA 29 55.60 4.22 -37.12
CA ILE EA 29 56.46 3.79 -38.23
C ILE EA 29 55.73 2.77 -39.10
N VAL EA 30 55.09 1.78 -38.48
CA VAL EA 30 54.41 0.75 -39.26
C VAL EA 30 53.17 1.33 -39.97
N SER EA 31 52.44 2.23 -39.29
CA SER EA 31 51.26 2.83 -39.92
C SER EA 31 51.65 3.66 -41.13
N GLN EA 32 52.67 4.51 -41.00
CA GLN EA 32 53.10 5.33 -42.13
C GLN EA 32 53.72 4.49 -43.23
N SER EA 33 54.47 3.45 -42.86
CA SER EA 33 55.08 2.59 -43.88
C SER EA 33 54.03 1.82 -44.67
N ASP EA 34 53.03 1.28 -43.99
CA ASP EA 34 51.96 0.52 -44.65
C ASP EA 34 50.73 1.42 -44.76
N ARG EA 35 50.68 2.19 -45.85
CA ARG EA 35 49.57 3.10 -46.09
C ARG EA 35 48.26 2.38 -46.40
N LEU EA 36 48.31 1.09 -46.72
CA LEU EA 36 47.12 0.33 -47.06
C LEU EA 36 46.18 0.18 -45.86
N ASN FA 3 65.67 -48.72 -14.03
CA ASN FA 3 65.29 -50.12 -13.88
C ASN FA 3 65.19 -50.81 -15.24
N LEU FA 4 65.71 -52.03 -15.30
CA LEU FA 4 65.61 -52.82 -16.53
C LEU FA 4 64.15 -53.20 -16.81
N GLN FA 5 63.36 -53.45 -15.77
CA GLN FA 5 61.95 -53.76 -15.96
C GLN FA 5 61.18 -52.57 -16.50
N THR FA 6 61.55 -51.35 -16.10
CA THR FA 6 60.94 -50.16 -16.68
C THR FA 6 61.26 -50.06 -18.17
N VAL FA 7 62.50 -50.38 -18.55
CA VAL FA 7 62.87 -50.39 -19.96
C VAL FA 7 62.07 -51.44 -20.72
N ALA FA 8 61.90 -52.62 -20.13
CA ALA FA 8 61.11 -53.67 -20.77
C ALA FA 8 59.66 -53.25 -20.94
N GLN FA 9 59.08 -52.60 -19.92
CA GLN FA 9 57.71 -52.09 -20.03
C GLN FA 9 57.60 -51.05 -21.14
N LEU FA 10 58.56 -50.14 -21.22
CA LEU FA 10 58.52 -49.11 -22.26
C LEU FA 10 58.66 -49.72 -23.64
N ILE FA 11 59.54 -50.71 -23.81
CA ILE FA 11 59.73 -51.35 -25.10
C ILE FA 11 58.46 -52.10 -25.52
N SER FA 12 57.86 -52.85 -24.59
CA SER FA 12 56.63 -53.57 -24.90
C SER FA 12 55.49 -52.61 -25.23
N LEU FA 13 55.39 -51.50 -24.48
CA LEU FA 13 54.37 -50.50 -24.77
C LEU FA 13 54.59 -49.87 -26.15
N PHE FA 14 55.85 -49.60 -26.50
CA PHE FA 14 56.15 -49.05 -27.81
C PHE FA 14 55.78 -50.01 -28.92
N LEU FA 15 56.08 -51.30 -28.75
CA LEU FA 15 55.74 -52.29 -29.77
C LEU FA 15 54.23 -52.42 -29.92
N ILE FA 16 53.49 -52.45 -28.80
CA ILE FA 16 52.05 -52.55 -28.87
C ILE FA 16 51.45 -51.31 -29.52
N LEU FA 17 51.94 -50.12 -29.17
CA LEU FA 17 51.46 -48.88 -29.75
C LEU FA 17 51.81 -48.78 -31.23
N THR FA 18 52.90 -49.43 -31.66
CA THR FA 18 53.26 -49.44 -33.07
C THR FA 18 52.38 -50.41 -33.85
N SER FA 19 52.00 -51.53 -33.23
CA SER FA 19 51.26 -52.57 -33.94
C SER FA 19 49.91 -52.07 -34.48
N GLY FA 20 49.31 -51.08 -33.82
CA GLY FA 20 48.03 -50.57 -34.23
C GLY FA 20 48.10 -49.81 -35.54
N PRO FA 21 48.76 -48.65 -35.53
CA PRO FA 21 48.92 -47.88 -36.78
C PRO FA 21 49.71 -48.59 -37.86
N ALA FA 22 50.49 -49.62 -37.52
CA ALA FA 22 51.22 -50.38 -38.54
C ALA FA 22 50.26 -51.05 -39.51
N ILE FA 23 49.15 -51.59 -39.01
CA ILE FA 23 48.16 -52.21 -39.88
C ILE FA 23 47.57 -51.18 -40.84
N ILE FA 24 47.25 -49.99 -40.33
CA ILE FA 24 46.68 -48.94 -41.18
C ILE FA 24 47.70 -48.49 -42.23
N VAL FA 25 48.97 -48.36 -41.83
CA VAL FA 25 50.01 -47.96 -42.77
C VAL FA 25 50.19 -49.02 -43.86
N LEU FA 26 50.19 -50.30 -43.49
CA LEU FA 26 50.33 -51.37 -44.48
C LEU FA 26 49.13 -51.40 -45.42
N ILE FA 27 47.92 -51.17 -44.90
CA ILE FA 27 46.74 -51.12 -45.75
C ILE FA 27 46.84 -49.96 -46.73
N ALA FA 28 47.30 -48.79 -46.26
CA ALA FA 28 47.48 -47.65 -47.14
C ALA FA 28 48.53 -47.92 -48.21
N LEU FA 29 49.62 -48.60 -47.84
CA LEU FA 29 50.64 -48.96 -48.81
C LEU FA 29 50.08 -49.92 -49.86
N ARG FA 30 49.30 -50.90 -49.44
CA ARG FA 30 48.65 -51.82 -50.37
C ARG FA 30 47.36 -51.26 -50.94
N ARG FA 31 46.94 -50.07 -50.50
CA ARG FA 31 45.78 -49.36 -51.05
C ARG FA 31 44.51 -50.20 -50.95
N GLY FA 32 44.30 -50.84 -49.80
CA GLY FA 32 43.12 -51.63 -49.56
C GLY FA 32 41.97 -50.78 -49.02
N ASN FA 33 40.93 -51.48 -48.58
CA ASN FA 33 39.75 -50.82 -48.01
C ASN FA 33 40.09 -50.32 -46.62
N LEU FA 34 40.45 -49.04 -46.51
CA LEU FA 34 40.81 -48.45 -45.23
C LEU FA 34 39.65 -47.64 -44.66
N MET GA 1 64.63 -77.04 -18.18
CA MET GA 1 63.21 -77.29 -18.42
C MET GA 1 62.43 -75.98 -18.42
N VAL GA 2 62.98 -74.98 -17.74
CA VAL GA 2 62.33 -73.67 -17.65
C VAL GA 2 62.75 -72.76 -18.79
N ALA GA 3 64.02 -72.82 -19.18
CA ALA GA 3 64.50 -71.99 -20.28
C ALA GA 3 63.84 -72.36 -21.59
N ILE GA 4 63.61 -73.67 -21.81
CA ILE GA 4 62.93 -74.11 -23.01
C ILE GA 4 61.51 -73.54 -23.07
N LEU GA 5 60.81 -73.57 -21.93
CA LEU GA 5 59.45 -73.03 -21.88
C LEU GA 5 59.45 -71.52 -22.10
N GLN GA 6 60.43 -70.81 -21.52
CA GLN GA 6 60.51 -69.37 -21.71
C GLN GA 6 60.76 -69.02 -23.18
N LEU GA 7 61.68 -69.75 -23.82
CA LEU GA 7 61.93 -69.54 -25.25
C LEU GA 7 60.70 -69.86 -26.07
N LEU GA 8 59.99 -70.93 -25.71
CA LEU GA 8 58.80 -71.33 -26.46
C LEU GA 8 57.70 -70.28 -26.38
N VAL GA 9 57.43 -69.75 -25.18
CA VAL GA 9 56.37 -68.76 -25.06
C VAL GA 9 56.83 -67.39 -25.61
N SER GA 10 58.13 -67.12 -25.61
CA SER GA 10 58.63 -65.93 -26.30
C SER GA 10 58.40 -66.04 -27.81
N MET GA 11 58.66 -67.22 -28.37
CA MET GA 11 58.36 -67.47 -29.77
C MET GA 11 56.86 -67.34 -30.02
N LEU GA 12 56.04 -67.80 -29.08
CA LEU GA 12 54.59 -67.66 -29.20
C LEU GA 12 54.18 -66.18 -29.21
N ILE GA 13 54.80 -65.36 -28.36
CA ILE GA 13 54.52 -63.93 -28.34
C ILE GA 13 54.91 -63.29 -29.66
N LEU GA 14 56.09 -63.64 -30.19
CA LEU GA 14 56.53 -63.09 -31.47
C LEU GA 14 55.59 -63.49 -32.60
N LEU GA 15 55.16 -64.75 -32.61
CA LEU GA 15 54.25 -65.22 -33.66
C LEU GA 15 52.87 -64.57 -33.53
N SER GA 16 52.40 -64.36 -32.29
CA SER GA 16 51.14 -63.67 -32.09
C SER GA 16 51.22 -62.24 -32.59
N PHE GA 17 52.32 -61.55 -32.31
CA PHE GA 17 52.51 -60.19 -32.82
C PHE GA 17 52.53 -60.17 -34.34
N ALA GA 18 53.26 -61.12 -34.95
CA ALA GA 18 53.34 -61.18 -36.40
C ALA GA 18 51.98 -61.46 -37.03
N LEU GA 19 51.21 -62.40 -36.45
CA LEU GA 19 49.88 -62.69 -36.97
C LEU GA 19 48.95 -61.51 -36.81
N VAL GA 20 49.01 -60.82 -35.67
CA VAL GA 20 48.16 -59.65 -35.44
C VAL GA 20 48.48 -58.56 -36.48
N VAL GA 21 49.76 -58.37 -36.79
CA VAL GA 21 50.13 -57.38 -37.79
C VAL GA 21 49.70 -57.82 -39.19
N SER GA 22 49.85 -59.11 -39.51
CA SER GA 22 49.76 -59.56 -40.89
C SER GA 22 48.34 -59.93 -41.32
N VAL GA 23 47.61 -60.69 -40.50
CA VAL GA 23 46.35 -61.30 -40.94
C VAL GA 23 45.32 -60.27 -41.41
N PRO GA 24 45.02 -59.20 -40.65
CA PRO GA 24 44.11 -58.18 -41.22
C PRO GA 24 44.67 -57.53 -42.46
N VAL GA 25 45.98 -57.31 -42.52
CA VAL GA 25 46.59 -56.71 -43.71
C VAL GA 25 46.49 -57.66 -44.89
N ILE GA 26 46.75 -58.95 -44.69
CA ILE GA 26 46.67 -59.92 -45.78
C ILE GA 26 45.23 -60.05 -46.28
N LEU GA 27 44.27 -60.10 -45.35
CA LEU GA 27 42.88 -60.32 -45.75
C LEU GA 27 42.29 -59.09 -46.42
N VAL GA 28 42.54 -57.89 -45.88
CA VAL GA 28 41.93 -56.69 -46.43
C VAL GA 28 42.55 -56.33 -47.79
N SER GA 29 43.86 -56.50 -47.92
CA SER GA 29 44.55 -56.10 -49.15
C SER GA 29 44.06 -56.94 -50.32
N PRO GA 30 43.62 -56.32 -51.42
CA PRO GA 30 43.20 -57.10 -52.60
C PRO GA 30 44.33 -57.90 -53.22
N GLY GA 31 45.58 -57.43 -53.11
CA GLY GA 31 46.69 -58.16 -53.69
C GLY GA 31 46.98 -59.47 -52.97
N GLU GA 32 46.89 -59.46 -51.64
CA GLU GA 32 47.23 -60.64 -50.86
C GLU GA 32 46.04 -61.60 -50.78
N TRP GA 33 46.24 -62.71 -50.06
CA TRP GA 33 45.27 -63.77 -49.81
C TRP GA 33 45.03 -64.62 -51.06
N GLU GA 34 45.63 -64.26 -52.19
CA GLU GA 34 45.61 -65.11 -53.37
C GLU GA 34 46.94 -65.82 -53.58
N LYS GA 35 48.05 -65.07 -53.56
CA LYS GA 35 49.38 -65.67 -53.61
C LYS GA 35 49.91 -66.06 -52.24
N SER GA 36 49.25 -65.66 -51.16
CA SER GA 36 49.71 -65.92 -49.80
C SER GA 36 48.57 -66.34 -48.89
N LYS GA 37 47.65 -67.16 -49.42
CA LYS GA 37 46.57 -67.66 -48.57
C LYS GA 37 47.08 -68.74 -47.61
N GLY GA 38 47.95 -69.62 -48.09
CA GLY GA 38 48.47 -70.70 -47.25
C GLY GA 38 49.38 -70.21 -46.14
N LEU GA 39 49.98 -69.03 -46.30
CA LEU GA 39 50.82 -68.48 -45.24
C LEU GA 39 50.01 -68.21 -43.98
N VAL GA 40 48.78 -67.71 -44.13
CA VAL GA 40 47.92 -67.47 -42.97
C VAL GA 40 47.57 -68.78 -42.28
N TYR GA 41 47.26 -69.82 -43.06
CA TYR GA 41 46.95 -71.12 -42.48
C TYR GA 41 48.15 -71.69 -41.73
N THR GA 42 49.35 -71.60 -42.32
CA THR GA 42 50.54 -72.10 -41.66
C THR GA 42 50.83 -71.32 -40.38
N GLY GA 43 50.66 -69.99 -40.43
CA GLY GA 43 50.90 -69.19 -39.24
C GLY GA 43 49.94 -69.49 -38.11
N ALA GA 44 48.65 -69.64 -38.44
CA ALA GA 44 47.67 -69.97 -37.41
C ALA GA 44 47.89 -71.37 -36.84
N GLY GA 45 48.22 -72.33 -37.70
CA GLY GA 45 48.52 -73.67 -37.21
C GLY GA 45 49.75 -73.70 -36.33
N LEU GA 46 50.79 -72.93 -36.70
CA LEU GA 46 51.98 -72.84 -35.87
C LEU GA 46 51.68 -72.15 -34.54
N TRP GA 47 50.79 -71.15 -34.57
CA TRP GA 47 50.40 -70.47 -33.33
C TRP GA 47 49.69 -71.44 -32.38
N PHE GA 48 48.74 -72.21 -32.90
CA PHE GA 48 48.04 -73.18 -32.06
C PHE GA 48 48.99 -74.27 -31.58
N GLY GA 49 49.92 -74.70 -32.43
CA GLY GA 49 50.90 -75.69 -32.00
C GLY GA 49 51.80 -75.16 -30.90
N LEU GA 50 52.21 -73.90 -31.00
CA LEU GA 50 53.02 -73.28 -29.95
C LEU GA 50 52.22 -73.18 -28.65
N VAL GA 51 50.93 -72.85 -28.74
CA VAL GA 51 50.09 -72.80 -27.54
C VAL GA 51 50.02 -74.17 -26.88
N ILE GA 52 49.81 -75.22 -27.68
CA ILE GA 52 49.74 -76.57 -27.14
C ILE GA 52 51.07 -76.98 -26.51
N MET GA 53 52.18 -76.66 -27.18
CA MET GA 53 53.49 -77.01 -26.64
C MET GA 53 53.80 -76.26 -25.35
N THR GA 54 53.41 -74.98 -25.26
CA THR GA 54 53.59 -74.24 -24.02
C THR GA 54 52.77 -74.85 -22.89
N ALA GA 55 51.53 -75.24 -23.20
CA ALA GA 55 50.69 -75.90 -22.20
C ALA GA 55 51.32 -77.22 -21.74
N ALA GA 56 51.94 -77.94 -22.67
CA ALA GA 56 52.62 -79.19 -22.31
C ALA GA 56 53.82 -78.94 -21.41
N PHE GA 57 54.69 -78.00 -21.79
CA PHE GA 57 55.90 -77.74 -21.03
C PHE GA 57 55.63 -77.04 -19.70
N ASN GA 58 54.47 -76.36 -19.61
CA ASN GA 58 54.10 -75.67 -18.34
C ASN GA 58 53.96 -76.75 -17.27
N SER GA 59 53.53 -77.95 -17.69
CA SER GA 59 53.31 -79.07 -16.75
C SER GA 59 54.62 -79.50 -16.08
N PHE GA 60 55.72 -79.57 -16.83
CA PHE GA 60 57.02 -80.06 -16.27
C PHE GA 60 57.68 -78.98 -15.41
N VAL GA 61 57.22 -77.73 -15.51
CA VAL GA 61 57.83 -76.63 -14.77
C VAL GA 61 57.03 -76.35 -13.51
N ASP HA 44 -78.45 -27.56 -10.66
CA ASP HA 44 -78.27 -28.15 -9.34
C ASP HA 44 -78.76 -29.59 -9.30
N PHE HA 45 -77.98 -30.50 -9.89
CA PHE HA 45 -78.34 -31.90 -10.02
C PHE HA 45 -77.17 -32.80 -9.63
N SER HA 46 -76.56 -32.50 -8.47
CA SER HA 46 -75.47 -33.33 -7.97
C SER HA 46 -75.94 -34.72 -7.55
N ALA HA 47 -77.24 -34.90 -7.34
CA ALA HA 47 -77.91 -36.17 -7.05
C ALA HA 47 -77.62 -36.72 -5.66
N ALA HA 48 -76.70 -36.10 -4.93
CA ALA HA 48 -76.48 -36.41 -3.52
C ALA HA 48 -76.60 -35.18 -2.63
N VAL HA 49 -76.10 -34.05 -3.09
CA VAL HA 49 -76.35 -32.75 -2.47
C VAL HA 49 -77.12 -31.90 -3.48
N PRO HA 50 -78.43 -31.73 -3.27
CA PRO HA 50 -79.29 -31.21 -4.36
C PRO HA 50 -78.98 -29.78 -4.80
N PHE HA 51 -78.29 -28.99 -3.99
CA PHE HA 51 -78.07 -27.57 -4.29
C PHE HA 51 -76.67 -27.28 -4.81
N LEU HA 52 -75.86 -28.30 -5.10
CA LEU HA 52 -74.47 -28.07 -5.44
C LEU HA 52 -74.08 -28.46 -6.85
N LYS HA 53 -75.00 -29.04 -7.64
CA LYS HA 53 -74.80 -29.35 -9.06
C LYS HA 53 -73.77 -30.46 -9.28
N ARG HA 54 -73.92 -31.23 -10.35
CA ARG HA 54 -72.98 -32.29 -10.63
C ARG HA 54 -71.61 -31.71 -10.97
N PRO HA 55 -70.52 -32.22 -10.40
CA PRO HA 55 -69.19 -31.78 -10.81
C PRO HA 55 -68.92 -32.12 -12.27
N SER HA 56 -68.06 -31.31 -12.89
CA SER HA 56 -67.91 -31.33 -14.34
C SER HA 56 -67.44 -32.69 -14.84
N ASN HA 57 -66.45 -33.28 -14.17
CA ASN HA 57 -65.90 -34.56 -14.59
C ASN HA 57 -66.38 -35.74 -13.75
N LEU HA 58 -67.40 -35.54 -12.92
CA LEU HA 58 -67.94 -36.62 -12.09
C LEU HA 58 -69.14 -37.27 -12.76
N ASP HA 59 -68.90 -37.80 -13.96
CA ASP HA 59 -69.91 -38.61 -14.62
C ASP HA 59 -70.00 -39.98 -13.96
N GLY HA 60 -71.09 -40.70 -14.26
CA GLY HA 60 -71.38 -41.96 -13.62
C GLY HA 60 -70.53 -43.14 -14.09
N ALA HA 61 -69.39 -42.86 -14.71
CA ALA HA 61 -68.50 -43.93 -15.17
C ALA HA 61 -67.93 -44.72 -14.00
N TYR HA 62 -67.57 -44.03 -12.92
CA TYR HA 62 -66.93 -44.68 -11.78
C TYR HA 62 -67.97 -45.18 -10.77
N ILE HA 63 -67.63 -46.30 -10.13
CA ILE HA 63 -68.52 -46.89 -9.15
C ILE HA 63 -68.49 -46.08 -7.86
N GLY HA 64 -69.68 -45.83 -7.30
CA GLY HA 64 -69.79 -44.99 -6.13
C GLY HA 64 -69.89 -43.51 -6.43
N ASP HA 65 -69.94 -43.13 -7.70
CA ASP HA 65 -70.02 -41.72 -8.09
C ASP HA 65 -71.44 -41.23 -7.86
N VAL HA 66 -71.66 -40.58 -6.71
CA VAL HA 66 -72.94 -39.95 -6.41
C VAL HA 66 -72.86 -38.44 -6.58
N GLY HA 67 -71.80 -37.92 -7.18
CA GLY HA 67 -71.63 -36.51 -7.36
C GLY HA 67 -71.15 -35.76 -6.14
N PHE HA 68 -70.68 -36.45 -5.12
CA PHE HA 68 -70.23 -35.81 -3.88
C PHE HA 68 -68.80 -35.32 -4.05
N ASP HA 69 -68.66 -34.05 -4.44
CA ASP HA 69 -67.36 -33.38 -4.47
C ASP HA 69 -67.59 -31.88 -4.31
N PRO HA 70 -67.92 -31.45 -3.08
CA PRO HA 70 -68.18 -30.01 -2.88
C PRO HA 70 -66.94 -29.15 -3.06
N LEU HA 71 -65.84 -29.53 -2.43
CA LEU HA 71 -64.57 -28.84 -2.66
C LEU HA 71 -64.00 -29.22 -4.02
N GLY HA 72 -63.09 -28.39 -4.51
CA GLY HA 72 -62.48 -28.66 -5.80
C GLY HA 72 -61.26 -29.56 -5.69
N PHE HA 73 -61.45 -30.84 -5.96
CA PHE HA 73 -60.36 -31.80 -5.97
C PHE HA 73 -60.31 -32.62 -7.24
N SER HA 74 -61.45 -32.99 -7.80
CA SER HA 74 -61.47 -33.72 -9.07
C SER HA 74 -61.16 -32.81 -10.25
N ASP HA 75 -61.38 -31.50 -10.12
CA ASP HA 75 -61.01 -30.54 -11.14
C ASP HA 75 -59.56 -30.11 -11.03
N VAL HA 76 -58.88 -30.46 -9.94
CA VAL HA 76 -57.48 -30.10 -9.75
C VAL HA 76 -56.54 -31.29 -9.87
N PHE HA 77 -57.05 -32.53 -9.77
CA PHE HA 77 -56.22 -33.71 -9.88
C PHE HA 77 -56.90 -34.74 -10.77
N ASP HA 78 -56.10 -35.66 -11.29
CA ASP HA 78 -56.61 -36.71 -12.15
C ASP HA 78 -57.56 -37.62 -11.38
N LEU HA 79 -58.71 -37.93 -11.98
CA LEU HA 79 -59.70 -38.75 -11.30
C LEU HA 79 -59.25 -40.19 -11.16
N ARG HA 80 -58.45 -40.68 -12.10
CA ARG HA 80 -57.91 -42.04 -11.98
C ARG HA 80 -56.98 -42.16 -10.79
N VAL HA 81 -56.08 -41.19 -10.61
CA VAL HA 81 -55.18 -41.20 -9.46
C VAL HA 81 -55.96 -41.07 -8.16
N LEU HA 82 -57.00 -40.23 -8.17
CA LEU HA 82 -57.83 -40.06 -6.98
C LEU HA 82 -58.55 -41.36 -6.61
N ARG HA 83 -59.08 -42.08 -7.61
CA ARG HA 83 -59.74 -43.35 -7.33
C ARG HA 83 -58.74 -44.40 -6.85
N GLU HA 84 -57.53 -44.42 -7.44
CA GLU HA 84 -56.50 -45.35 -6.97
C GLU HA 84 -56.12 -45.07 -5.52
N ALA HA 85 -55.93 -43.80 -5.17
CA ALA HA 85 -55.61 -43.44 -3.80
C ALA HA 85 -56.77 -43.77 -2.86
N GLU HA 86 -58.00 -43.53 -3.31
CA GLU HA 86 -59.16 -43.84 -2.48
C GLU HA 86 -59.25 -45.33 -2.19
N LEU HA 87 -59.05 -46.16 -3.22
CA LEU HA 87 -59.11 -47.60 -3.02
C LEU HA 87 -57.97 -48.10 -2.15
N LYS HA 88 -56.76 -47.56 -2.34
CA LYS HA 88 -55.65 -47.98 -1.48
C LYS HA 88 -55.88 -47.59 -0.03
N HIS HA 89 -56.33 -46.35 0.22
CA HIS HA 89 -56.65 -45.92 1.58
C HIS HA 89 -57.73 -46.81 2.19
N GLY HA 90 -58.78 -47.11 1.42
CA GLY HA 90 -59.87 -47.92 1.94
C GLY HA 90 -59.49 -49.36 2.21
N ARG HA 91 -58.67 -49.95 1.34
CA ARG HA 91 -58.21 -51.33 1.56
C ARG HA 91 -57.31 -51.40 2.80
N PHE HA 92 -56.40 -50.44 2.95
CA PHE HA 92 -55.60 -50.38 4.16
C PHE HA 92 -56.48 -50.22 5.40
N ALA HA 93 -57.53 -49.40 5.29
CA ALA HA 93 -58.41 -49.17 6.43
C ALA HA 93 -59.23 -50.41 6.78
N MET HA 94 -59.70 -51.14 5.76
CA MET HA 94 -60.45 -52.38 6.01
C MET HA 94 -59.57 -53.41 6.69
N LEU HA 95 -58.35 -53.60 6.19
CA LEU HA 95 -57.42 -54.51 6.84
C LEU HA 95 -57.09 -54.05 8.26
N ALA HA 96 -56.97 -52.73 8.45
CA ALA HA 96 -56.65 -52.19 9.77
C ALA HA 96 -57.79 -52.43 10.76
N VAL HA 97 -59.04 -52.25 10.32
CA VAL HA 97 -60.18 -52.48 11.21
C VAL HA 97 -60.28 -53.96 11.57
N LEU HA 98 -60.13 -54.84 10.58
CA LEU HA 98 -60.15 -56.26 10.87
C LEU HA 98 -59.03 -56.66 11.83
N GLY HA 99 -57.84 -56.09 11.63
CA GLY HA 99 -56.74 -56.34 12.55
C GLY HA 99 -57.02 -55.82 13.95
N PHE HA 100 -57.60 -54.62 14.05
CA PHE HA 100 -57.92 -54.07 15.36
C PHE HA 100 -58.90 -54.96 16.12
N ILE HA 101 -59.85 -55.56 15.41
CA ILE HA 101 -60.76 -56.50 16.06
C ILE HA 101 -60.02 -57.77 16.46
N VAL HA 102 -59.26 -58.36 15.53
CA VAL HA 102 -58.72 -59.71 15.75
C VAL HA 102 -57.61 -59.70 16.79
N GLN HA 103 -56.71 -58.71 16.74
CA GLN HA 103 -55.61 -58.64 17.70
C GLN HA 103 -56.11 -58.52 19.12
N GLU HA 104 -57.14 -57.69 19.33
CA GLU HA 104 -57.77 -57.62 20.65
C GLU HA 104 -58.47 -58.92 21.01
N LEU HA 105 -59.14 -59.54 20.03
CA LEU HA 105 -59.92 -60.77 20.35
C LEU HA 105 -58.97 -61.93 20.61
N TYR HA 106 -57.86 -62.01 19.85
CA TYR HA 106 -56.90 -63.14 19.98
C TYR HA 106 -55.54 -62.62 19.54
N THR HA 107 -54.51 -62.83 20.35
CA THR HA 107 -53.12 -62.50 19.89
C THR HA 107 -52.38 -63.84 19.83
N PHE HA 108 -51.35 -63.96 18.99
CA PHE HA 108 -50.66 -65.26 18.80
C PHE HA 108 -50.06 -65.88 20.08
N PRO HA 109 -49.78 -67.20 20.11
CA PRO HA 109 -49.10 -67.81 21.26
C PRO HA 109 -47.86 -66.97 21.58
N PHE HA 110 -47.22 -66.42 20.54
CA PHE HA 110 -46.07 -65.55 20.72
C PHE HA 110 -46.53 -64.09 20.65
N PHE HA 111 -45.59 -63.19 20.96
CA PHE HA 111 -45.77 -61.75 21.19
C PHE HA 111 -46.55 -61.53 22.48
N PRO HA 112 -46.25 -60.46 23.23
CA PRO HA 112 -46.99 -60.21 24.47
C PRO HA 112 -48.40 -59.69 24.18
N LYS HA 113 -49.24 -59.75 25.21
CA LYS HA 113 -50.61 -59.25 25.11
C LYS HA 113 -50.58 -57.72 25.15
N MET HA 114 -50.92 -57.08 24.04
CA MET HA 114 -50.80 -55.64 23.92
C MET HA 114 -52.01 -55.06 23.19
N ALA HA 115 -52.22 -53.77 23.42
CA ALA HA 115 -53.16 -53.00 22.62
C ALA HA 115 -52.54 -52.69 21.25
N PRO HA 116 -53.38 -52.43 20.23
CA PRO HA 116 -52.83 -52.22 18.88
C PRO HA 116 -51.83 -51.08 18.74
N VAL HA 117 -52.05 -49.94 19.41
CA VAL HA 117 -51.10 -48.84 19.31
C VAL HA 117 -49.80 -49.19 20.03
N ASP HA 118 -49.92 -49.77 21.23
CA ASP HA 118 -48.74 -50.31 21.91
C ASP HA 118 -48.10 -51.41 21.08
N ALA HA 119 -48.91 -52.16 20.31
CA ALA HA 119 -48.33 -53.14 19.41
C ALA HA 119 -47.50 -52.48 18.32
N HIS HA 120 -47.97 -51.36 17.74
CA HIS HA 120 -47.15 -50.63 16.76
C HIS HA 120 -45.85 -50.19 17.37
N ASP HA 121 -45.89 -49.63 18.58
CA ASP HA 121 -44.65 -49.18 19.22
C ASP HA 121 -43.70 -50.35 19.50
N TYR HA 122 -44.23 -51.45 20.04
CA TYR HA 122 -43.40 -52.60 20.37
C TYR HA 122 -42.77 -53.22 19.12
N PHE HA 123 -43.53 -53.33 18.04
CA PHE HA 123 -42.98 -53.90 16.82
C PHE HA 123 -42.11 -52.90 16.06
N VAL HA 124 -42.23 -51.60 16.35
CA VAL HA 124 -41.23 -50.64 15.91
C VAL HA 124 -39.89 -50.96 16.57
N LYS HA 125 -39.92 -51.17 17.88
CA LYS HA 125 -38.66 -51.41 18.59
C LYS HA 125 -38.16 -52.84 18.44
N GLN HA 126 -38.99 -53.77 17.99
CA GLN HA 126 -38.61 -55.18 17.92
C GLN HA 126 -37.96 -55.52 16.57
N GLY HA 127 -38.68 -55.31 15.48
CA GLY HA 127 -38.17 -55.66 14.17
C GLY HA 127 -39.23 -56.22 13.23
N GLY HA 128 -40.34 -56.69 13.79
CA GLY HA 128 -41.44 -57.17 12.96
C GLY HA 128 -42.09 -56.06 12.16
N GLY HA 129 -42.23 -54.88 12.76
CA GLY HA 129 -42.74 -53.74 12.03
C GLY HA 129 -41.85 -53.36 10.85
N SER HA 130 -40.52 -53.50 11.03
CA SER HA 130 -39.60 -53.28 9.92
C SER HA 130 -39.84 -54.29 8.80
N GLN HA 131 -40.10 -55.55 9.16
CA GLN HA 131 -40.41 -56.56 8.15
C GLN HA 131 -41.69 -56.23 7.39
N ILE HA 132 -42.73 -55.83 8.11
CA ILE HA 132 -44.00 -55.50 7.46
C ILE HA 132 -43.84 -54.28 6.55
N ILE HA 133 -43.09 -53.28 7.02
CA ILE HA 133 -42.82 -52.11 6.19
C ILE HA 133 -42.02 -52.50 4.96
N PHE HA 134 -41.05 -53.40 5.12
CA PHE HA 134 -40.25 -53.85 3.99
C PHE HA 134 -41.12 -54.53 2.93
N TRP HA 135 -42.03 -55.41 3.36
CA TRP HA 135 -42.83 -56.13 2.38
C TRP HA 135 -43.91 -55.25 1.76
N ILE HA 136 -44.50 -54.35 2.55
CA ILE HA 136 -45.45 -53.40 2.00
C ILE HA 136 -44.76 -52.50 0.97
N SER HA 137 -43.53 -52.06 1.28
CA SER HA 137 -42.76 -51.26 0.34
C SER HA 137 -42.41 -52.05 -0.91
N PHE HA 138 -42.11 -53.34 -0.74
CA PHE HA 138 -41.82 -54.20 -1.89
C PHE HA 138 -43.02 -54.30 -2.82
N VAL HA 139 -44.21 -54.45 -2.26
CA VAL HA 139 -45.42 -54.50 -3.08
C VAL HA 139 -45.70 -53.12 -3.71
N GLU HA 140 -45.48 -52.05 -2.94
CA GLU HA 140 -45.69 -50.70 -3.46
C GLU HA 140 -44.69 -50.32 -4.53
N LEU HA 141 -43.55 -51.01 -4.59
CA LEU HA 141 -42.60 -50.77 -5.68
C LEU HA 141 -43.22 -51.09 -7.03
N PHE HA 142 -43.95 -52.19 -7.12
CA PHE HA 142 -44.72 -52.51 -8.33
C PHE HA 142 -46.04 -51.75 -8.38
N GLY HA 143 -46.57 -51.34 -7.24
CA GLY HA 143 -47.71 -50.43 -7.25
C GLY HA 143 -47.40 -49.11 -7.93
N VAL HA 144 -46.14 -48.66 -7.82
CA VAL HA 144 -45.70 -47.46 -8.54
C VAL HA 144 -45.84 -47.67 -10.04
N VAL HA 145 -45.41 -48.83 -10.54
CA VAL HA 145 -45.52 -49.13 -11.96
C VAL HA 145 -46.99 -49.24 -12.36
N ALA HA 146 -47.82 -49.83 -11.50
CA ALA HA 146 -49.25 -49.92 -11.78
C ALA HA 146 -49.88 -48.54 -11.89
N LEU HA 147 -49.52 -47.63 -10.99
CA LEU HA 147 -50.03 -46.26 -11.05
C LEU HA 147 -49.50 -45.53 -12.29
N PHE HA 148 -48.25 -45.83 -12.70
CA PHE HA 148 -47.72 -45.26 -13.93
C PHE HA 148 -48.52 -45.73 -15.14
N GLU HA 149 -48.87 -47.02 -15.17
CA GLU HA 149 -49.76 -47.53 -16.21
C GLU HA 149 -51.09 -46.80 -16.18
N THR HA 150 -51.69 -46.67 -14.99
CA THR HA 150 -52.98 -45.98 -14.85
C THR HA 150 -52.89 -44.55 -15.38
N LEU HA 151 -51.76 -43.88 -15.15
CA LEU HA 151 -51.52 -42.58 -15.77
C LEU HA 151 -51.51 -42.71 -17.29
N GLN HA 152 -50.81 -43.72 -17.82
CA GLN HA 152 -50.79 -43.92 -19.27
C GLN HA 152 -52.15 -44.41 -19.78
N GLY HA 153 -52.75 -45.37 -19.08
CA GLY HA 153 -53.98 -46.03 -19.48
C GLY HA 153 -53.81 -47.53 -19.39
N LYS HA 154 -54.71 -48.25 -20.06
CA LYS HA 154 -54.69 -49.72 -20.15
C LYS HA 154 -54.86 -50.40 -18.79
N ARG HA 155 -55.22 -49.65 -17.75
CA ARG HA 155 -55.42 -50.22 -16.42
C ARG HA 155 -56.45 -49.39 -15.68
N GLU HA 156 -57.47 -50.05 -15.15
CA GLU HA 156 -58.46 -49.37 -14.33
C GLU HA 156 -57.85 -48.98 -13.00
N PRO HA 157 -58.27 -47.86 -12.41
CA PRO HA 157 -57.72 -47.45 -11.11
C PRO HA 157 -58.10 -48.43 -10.02
N GLY HA 158 -57.09 -48.89 -9.28
CA GLY HA 158 -57.30 -49.85 -8.21
C GLY HA 158 -57.42 -51.30 -8.67
N ASP HA 159 -57.31 -51.56 -9.97
CA ASP HA 159 -57.44 -52.92 -10.50
C ASP HA 159 -56.07 -53.56 -10.59
N PHE HA 160 -55.84 -54.58 -9.74
CA PHE HA 160 -54.62 -55.37 -9.78
C PHE HA 160 -54.85 -56.77 -10.30
N ALA HA 161 -56.04 -57.05 -10.84
CA ALA HA 161 -56.43 -58.37 -11.36
C ALA HA 161 -56.28 -59.46 -10.30
N PHE HA 162 -56.45 -59.09 -9.03
CA PHE HA 162 -56.32 -60.03 -7.92
C PHE HA 162 -57.70 -60.62 -7.61
N ASP HA 163 -57.89 -61.88 -7.99
CA ASP HA 163 -59.15 -62.58 -7.75
C ASP HA 163 -58.92 -64.08 -7.79
N PRO HA 164 -58.27 -64.66 -6.77
CA PRO HA 164 -57.95 -66.10 -6.83
C PRO HA 164 -59.16 -67.01 -6.79
N LEU HA 165 -60.14 -66.69 -5.92
CA LEU HA 165 -61.30 -67.55 -5.76
C LEU HA 165 -62.29 -67.46 -6.91
N GLY HA 166 -62.03 -66.64 -7.92
CA GLY HA 166 -62.90 -66.53 -9.07
C GLY HA 166 -64.26 -65.94 -8.77
N LEU HA 167 -64.33 -64.98 -7.85
CA LEU HA 167 -65.60 -64.34 -7.54
C LEU HA 167 -65.92 -63.29 -8.61
N ALA HA 168 -67.06 -62.62 -8.43
CA ALA HA 168 -67.52 -61.55 -9.32
C ALA HA 168 -67.62 -62.02 -10.77
N LYS HA 169 -68.10 -63.25 -10.97
CA LYS HA 169 -68.39 -63.72 -12.31
C LYS HA 169 -69.57 -62.95 -12.89
N ASP HA 170 -69.48 -62.62 -14.18
CA ASP HA 170 -70.43 -61.81 -14.92
C ASP HA 170 -70.34 -60.35 -14.48
N GLU HA 171 -70.73 -59.41 -15.35
CA GLU HA 171 -70.47 -58.00 -15.10
C GLU HA 171 -71.34 -57.44 -13.98
N ALA HA 172 -72.58 -57.91 -13.85
CA ALA HA 172 -73.48 -57.37 -12.84
C ALA HA 172 -72.98 -57.66 -11.43
N THR HA 173 -72.52 -58.89 -11.19
CA THR HA 173 -71.93 -59.22 -9.90
C THR HA 173 -70.67 -58.42 -9.64
N LEU HA 174 -69.87 -58.19 -10.68
CA LEU HA 174 -68.67 -57.38 -10.52
C LEU HA 174 -69.02 -55.94 -10.14
N GLU HA 175 -70.05 -55.36 -10.75
CA GLU HA 175 -70.46 -54.00 -10.40
C GLU HA 175 -70.99 -53.94 -8.97
N ARG HA 176 -71.79 -54.93 -8.57
CA ARG HA 176 -72.28 -54.96 -7.19
C ARG HA 176 -71.14 -55.09 -6.20
N TYR HA 177 -70.16 -55.93 -6.50
CA TYR HA 177 -69.00 -56.08 -5.62
C TYR HA 177 -68.15 -54.82 -5.60
N ARG HA 178 -68.07 -54.10 -6.72
CA ARG HA 178 -67.36 -52.82 -6.74
C ARG HA 178 -68.04 -51.81 -5.84
N LEU HA 179 -69.37 -51.72 -5.91
CA LEU HA 179 -70.10 -50.79 -5.05
C LEU HA 179 -69.92 -51.15 -3.58
N ALA HA 180 -70.03 -52.44 -3.25
CA ALA HA 180 -69.81 -52.88 -1.88
C ALA HA 180 -68.39 -52.58 -1.41
N GLU HA 181 -67.41 -52.79 -2.30
CA GLU HA 181 -66.02 -52.54 -1.94
C GLU HA 181 -65.78 -51.07 -1.65
N VAL HA 182 -66.32 -50.17 -2.48
CA VAL HA 182 -66.11 -48.75 -2.26
C VAL HA 182 -66.80 -48.29 -0.98
N LYS HA 183 -68.04 -48.74 -0.76
CA LYS HA 183 -68.75 -48.34 0.46
C LYS HA 183 -68.04 -48.84 1.70
N HIS HA 184 -67.61 -50.11 1.70
CA HIS HA 184 -66.88 -50.66 2.83
C HIS HA 184 -65.54 -49.95 3.02
N ALA HA 185 -64.88 -49.57 1.93
CA ALA HA 185 -63.61 -48.86 2.02
C ALA HA 185 -63.77 -47.51 2.73
N ARG HA 186 -64.77 -46.73 2.31
CA ARG HA 186 -65.02 -45.44 2.97
C ARG HA 186 -65.44 -45.62 4.42
N LEU HA 187 -66.32 -46.59 4.69
CA LEU HA 187 -66.78 -46.83 6.06
C LEU HA 187 -65.61 -47.22 6.96
N ALA HA 188 -64.72 -48.09 6.48
CA ALA HA 188 -63.56 -48.48 7.27
C ALA HA 188 -62.55 -47.34 7.40
N MET HA 189 -62.46 -46.48 6.39
CA MET HA 189 -61.61 -45.29 6.51
C MET HA 189 -62.06 -44.42 7.68
N ILE HA 190 -63.37 -44.24 7.83
CA ILE HA 190 -63.86 -43.51 8.99
C ILE HA 190 -63.65 -44.32 10.27
N ALA HA 191 -63.90 -45.63 10.22
CA ALA HA 191 -63.93 -46.46 11.42
C ALA HA 191 -62.55 -46.65 12.04
N ILE HA 192 -61.49 -46.74 11.23
CA ILE HA 192 -60.17 -46.95 11.80
C ILE HA 192 -59.70 -45.72 12.56
N GLY HA 193 -59.95 -44.53 11.99
CA GLY HA 193 -59.69 -43.31 12.72
C GLY HA 193 -60.51 -43.21 13.99
N GLY HA 194 -61.78 -43.65 13.92
CA GLY HA 194 -62.59 -43.70 15.13
C GLY HA 194 -61.99 -44.58 16.20
N PHE HA 195 -61.56 -45.78 15.82
CA PHE HA 195 -60.95 -46.71 16.77
C PHE HA 195 -59.71 -46.10 17.40
N ILE HA 196 -58.83 -45.54 16.59
CA ILE HA 196 -57.54 -45.06 17.09
C ILE HA 196 -57.73 -43.84 17.98
N HIS HA 197 -58.58 -42.89 17.58
CA HIS HA 197 -58.77 -41.70 18.42
C HIS HA 197 -59.52 -42.04 19.70
N GLN HA 198 -60.46 -42.99 19.65
CA GLN HA 198 -61.15 -43.40 20.86
C GLN HA 198 -60.21 -44.12 21.83
N TYR HA 199 -59.30 -44.94 21.30
CA TYR HA 199 -58.29 -45.55 22.17
C TYR HA 199 -57.36 -44.49 22.77
N TRP HA 200 -56.97 -43.50 21.97
CA TRP HA 200 -56.10 -42.45 22.49
C TRP HA 200 -56.78 -41.61 23.56
N VAL HA 201 -58.10 -41.44 23.47
CA VAL HA 201 -58.80 -40.59 24.43
C VAL HA 201 -59.15 -41.37 25.69
N THR HA 202 -59.82 -42.53 25.54
CA THR HA 202 -60.32 -43.26 26.68
C THR HA 202 -59.36 -44.30 27.24
N LYS HA 203 -58.23 -44.55 26.56
CA LYS HA 203 -57.26 -45.57 26.95
C LYS HA 203 -57.89 -46.95 27.03
N GLN HA 204 -58.92 -47.20 26.22
CA GLN HA 204 -59.59 -48.50 26.17
C GLN HA 204 -59.71 -48.95 24.73
N THR HA 205 -59.60 -50.25 24.50
CA THR HA 205 -59.76 -50.80 23.16
C THR HA 205 -61.25 -50.89 22.82
N VAL HA 206 -61.53 -51.15 21.54
CA VAL HA 206 -62.86 -50.88 20.97
C VAL HA 206 -63.92 -51.79 21.60
N LEU HA 207 -63.70 -53.10 21.59
CA LEU HA 207 -64.68 -54.00 22.18
C LEU HA 207 -64.64 -53.94 23.70
N GLU HA 208 -63.48 -53.63 24.27
CA GLU HA 208 -63.40 -53.34 25.70
C GLU HA 208 -64.19 -52.08 26.04
N GLN HA 209 -64.30 -51.14 25.11
CA GLN HA 209 -65.08 -49.93 25.34
C GLN HA 209 -66.57 -50.12 25.06
N LEU HA 210 -66.93 -51.10 24.23
CA LEU HA 210 -68.34 -51.31 23.90
C LEU HA 210 -69.15 -51.67 25.14
N GLY HA 211 -68.63 -52.55 25.98
CA GLY HA 211 -69.19 -52.80 27.30
C GLY HA 211 -68.40 -52.01 28.33
N ASN HA 212 -69.11 -51.54 29.37
CA ASN HA 212 -68.54 -50.63 30.36
C ASN HA 212 -68.00 -49.37 29.67
N PHE HA 213 -68.95 -48.60 29.13
CA PHE HA 213 -68.63 -47.51 28.22
C PHE HA 213 -67.73 -46.47 28.87
N LYS HA 214 -68.06 -46.07 30.11
CA LYS HA 214 -67.29 -45.08 30.88
C LYS HA 214 -67.16 -43.76 30.10
N SER HA 215 -68.31 -43.12 29.95
CA SER HA 215 -68.38 -41.88 29.17
C SER HA 215 -67.48 -40.81 29.78
N LEU HA 216 -66.85 -40.04 28.89
CA LEU HA 216 -65.93 -38.97 29.30
C LEU HA 216 -66.65 -37.89 30.09
N ASP IA 40 -50.61 -58.68 -24.93
CA ASP IA 40 -51.27 -57.53 -24.36
C ASP IA 40 -50.92 -57.37 -22.88
N ARG IA 41 -51.29 -58.36 -22.08
CA ARG IA 41 -50.99 -58.39 -20.67
C ARG IA 41 -49.76 -59.25 -20.40
N SER IA 42 -49.16 -59.04 -19.22
CA SER IA 42 -47.90 -59.70 -18.89
C SER IA 42 -48.07 -61.19 -18.62
N TYR IA 43 -49.19 -61.56 -17.98
CA TYR IA 43 -49.53 -62.91 -17.51
C TYR IA 43 -48.70 -63.30 -16.28
N SER IA 44 -47.68 -62.50 -15.96
CA SER IA 44 -46.98 -62.64 -14.69
C SER IA 44 -47.55 -61.68 -13.66
N MET IA 45 -47.71 -60.41 -14.06
CA MET IA 45 -48.45 -59.39 -13.32
C MET IA 45 -49.55 -58.91 -14.26
N PRO IA 46 -50.75 -59.48 -14.18
CA PRO IA 46 -51.80 -59.19 -15.17
C PRO IA 46 -52.32 -57.76 -15.14
N PHE IA 47 -51.77 -56.89 -14.29
CA PHE IA 47 -52.18 -55.50 -14.20
C PHE IA 47 -51.16 -54.55 -14.82
N LEU IA 48 -50.13 -55.08 -15.49
CA LEU IA 48 -48.99 -54.27 -15.88
C LEU IA 48 -48.67 -54.29 -17.37
N SER IA 49 -49.38 -55.10 -18.18
CA SER IA 49 -49.19 -55.22 -19.62
C SER IA 49 -47.85 -55.87 -19.97
N ARG IA 50 -47.80 -56.52 -21.13
CA ARG IA 50 -46.59 -57.23 -21.53
C ARG IA 50 -45.47 -56.24 -21.85
N PRO IA 51 -44.25 -56.47 -21.37
CA PRO IA 51 -43.11 -55.62 -21.76
C PRO IA 51 -42.88 -55.68 -23.26
N PRO IA 52 -42.51 -54.55 -23.87
CA PRO IA 52 -42.34 -54.53 -25.35
C PRO IA 52 -41.27 -55.48 -25.86
N ALA IA 53 -40.19 -55.66 -25.11
CA ALA IA 53 -39.07 -56.49 -25.56
C ALA IA 53 -39.19 -57.95 -25.12
N LEU IA 54 -40.21 -58.30 -24.33
CA LEU IA 54 -40.35 -59.66 -23.82
C LEU IA 54 -41.38 -60.41 -24.66
N ASP IA 55 -40.92 -60.95 -25.79
CA ASP IA 55 -41.72 -61.86 -26.59
C ASP IA 55 -41.55 -63.29 -26.07
N GLY IA 56 -42.35 -64.20 -26.63
CA GLY IA 56 -42.31 -65.59 -26.21
C GLY IA 56 -41.14 -66.37 -26.77
N THR IA 57 -40.25 -65.69 -27.49
CA THR IA 57 -39.11 -66.36 -28.11
C THR IA 57 -38.12 -66.88 -27.06
N MET IA 58 -37.75 -66.02 -26.10
CA MET IA 58 -36.75 -66.40 -25.12
C MET IA 58 -37.33 -67.35 -24.09
N ALA IA 59 -36.48 -68.27 -23.61
CA ALA IA 59 -36.90 -69.21 -22.58
C ALA IA 59 -37.05 -68.50 -21.24
N GLY IA 60 -37.87 -69.09 -20.38
CA GLY IA 60 -38.14 -68.51 -19.07
C GLY IA 60 -38.91 -67.22 -19.09
N ASP IA 61 -39.54 -66.87 -20.22
CA ASP IA 61 -40.23 -65.59 -20.36
C ASP IA 61 -41.69 -65.80 -19.99
N VAL IA 62 -42.06 -65.28 -18.82
CA VAL IA 62 -43.46 -65.19 -18.41
C VAL IA 62 -43.95 -63.75 -18.40
N GLY IA 63 -43.16 -62.83 -18.95
CA GLY IA 63 -43.53 -61.43 -18.97
C GLY IA 63 -43.21 -60.66 -17.72
N PHE IA 64 -42.32 -61.18 -16.87
CA PHE IA 64 -41.99 -60.53 -15.60
C PHE IA 64 -40.84 -59.56 -15.82
N ASP IA 65 -41.18 -58.28 -16.01
CA ASP IA 65 -40.20 -57.20 -16.08
C ASP IA 65 -40.88 -55.90 -15.68
N PRO IA 66 -41.28 -55.73 -14.42
CA PRO IA 66 -41.97 -54.50 -14.02
C PRO IA 66 -41.15 -53.24 -14.23
N LEU IA 67 -39.84 -53.31 -13.98
CA LEU IA 67 -38.94 -52.21 -14.26
C LEU IA 67 -38.35 -52.41 -15.65
N GLY IA 68 -38.36 -51.37 -16.46
CA GLY IA 68 -38.00 -51.51 -17.86
C GLY IA 68 -36.53 -51.77 -18.13
N PHE IA 69 -35.99 -52.85 -17.54
CA PHE IA 69 -34.60 -53.21 -17.80
C PHE IA 69 -34.40 -53.70 -19.23
N SER IA 70 -35.34 -54.49 -19.75
CA SER IA 70 -35.21 -55.00 -21.10
C SER IA 70 -35.34 -53.88 -22.13
N ASN IA 71 -36.04 -52.80 -21.80
CA ASN IA 71 -36.18 -51.69 -22.73
C ASN IA 71 -34.88 -50.90 -22.85
N TYR IA 72 -34.08 -50.85 -21.79
CA TYR IA 72 -32.87 -50.04 -21.77
C TYR IA 72 -31.58 -50.85 -21.75
N PHE IA 73 -31.66 -52.17 -21.63
CA PHE IA 73 -30.48 -53.03 -21.68
C PHE IA 73 -30.70 -54.14 -22.68
N ASP IA 74 -29.60 -54.61 -23.26
CA ASP IA 74 -29.66 -55.71 -24.23
C ASP IA 74 -30.14 -56.98 -23.56
N LEU IA 75 -31.11 -57.66 -24.18
CA LEU IA 75 -31.66 -58.88 -23.59
C LEU IA 75 -30.64 -60.01 -23.56
N LYS IA 76 -29.74 -60.05 -24.55
CA LYS IA 76 -28.71 -61.09 -24.55
C LYS IA 76 -27.77 -60.90 -23.37
N TRP IA 77 -27.35 -59.67 -23.09
CA TRP IA 77 -26.49 -59.40 -21.94
C TRP IA 77 -27.20 -59.73 -20.63
N LEU IA 78 -28.48 -59.36 -20.53
CA LEU IA 78 -29.25 -59.66 -19.33
C LEU IA 78 -29.38 -61.16 -19.10
N ARG IA 79 -29.66 -61.92 -20.18
CA ARG IA 79 -29.79 -63.37 -20.04
C ARG IA 79 -28.46 -64.02 -19.71
N GLU IA 80 -27.36 -63.53 -20.31
CA GLU IA 80 -26.04 -64.08 -19.97
C GLU IA 80 -25.70 -63.82 -18.51
N ALA IA 81 -25.97 -62.61 -18.03
CA ALA IA 81 -25.72 -62.29 -16.62
C ALA IA 81 -26.59 -63.14 -15.70
N GLU IA 82 -27.87 -63.31 -16.07
CA GLU IA 82 -28.77 -64.12 -15.26
C GLU IA 82 -28.30 -65.56 -15.18
N LEU IA 83 -27.91 -66.14 -16.32
CA LEU IA 83 -27.45 -67.52 -16.33
C LEU IA 83 -26.14 -67.67 -15.57
N LYS IA 84 -25.23 -66.72 -15.71
CA LYS IA 84 -23.96 -66.81 -14.97
C LYS IA 84 -24.18 -66.73 -13.47
N HIS IA 85 -24.98 -65.75 -13.01
CA HIS IA 85 -25.31 -65.64 -11.60
C HIS IA 85 -25.96 -66.92 -11.09
N GLY IA 86 -26.91 -67.46 -11.86
CA GLY IA 86 -27.64 -68.64 -11.42
C GLY IA 86 -26.79 -69.91 -11.38
N ARG IA 87 -25.92 -70.09 -12.37
CA ARG IA 87 -25.02 -71.24 -12.37
C ARG IA 87 -24.03 -71.17 -11.21
N ILE IA 88 -23.48 -69.98 -10.97
CA ILE IA 88 -22.59 -69.80 -9.82
C ILE IA 88 -23.35 -70.10 -8.53
N CYS IA 89 -24.62 -69.70 -8.47
CA CYS IA 89 -25.40 -69.97 -7.25
C CYS IA 89 -25.77 -71.43 -7.10
N MET IA 90 -26.02 -72.15 -8.20
CA MET IA 90 -26.25 -73.59 -8.13
C MET IA 90 -25.02 -74.29 -7.57
N LEU IA 91 -23.84 -73.96 -8.11
CA LEU IA 91 -22.60 -74.52 -7.58
C LEU IA 91 -22.38 -74.11 -6.12
N GLY IA 92 -22.76 -72.89 -5.77
CA GLY IA 92 -22.57 -72.43 -4.40
C GLY IA 92 -23.47 -73.13 -3.40
N CYS IA 93 -24.73 -73.39 -3.78
CA CYS IA 93 -25.62 -74.15 -2.91
C CYS IA 93 -25.14 -75.58 -2.74
N LEU IA 94 -24.71 -76.20 -3.85
CA LEU IA 94 -24.15 -77.55 -3.75
C LEU IA 94 -22.92 -77.57 -2.85
N GLY IA 95 -22.09 -76.54 -2.95
CA GLY IA 95 -20.93 -76.44 -2.07
C GLY IA 95 -21.32 -76.22 -0.61
N PHE IA 96 -22.34 -75.40 -0.37
CA PHE IA 96 -22.81 -75.16 0.98
C PHE IA 96 -23.26 -76.47 1.64
N ILE IA 97 -23.96 -77.32 0.88
CA ILE IA 97 -24.38 -78.61 1.42
C ILE IA 97 -23.16 -79.52 1.60
N THR IA 98 -22.30 -79.61 0.59
CA THR IA 98 -21.23 -80.60 0.58
C THR IA 98 -20.17 -80.32 1.63
N GLN IA 99 -19.76 -79.05 1.77
CA GLN IA 99 -18.72 -78.70 2.71
C GLN IA 99 -19.14 -78.98 4.15
N GLU IA 100 -20.43 -78.80 4.45
CA GLU IA 100 -20.96 -79.29 5.70
C GLU IA 100 -20.87 -80.81 5.77
N LYS IA 101 -21.25 -81.49 4.68
CA LYS IA 101 -21.25 -82.94 4.69
C LYS IA 101 -19.83 -83.52 4.60
N ILE IA 102 -19.01 -83.00 3.70
CA ILE IA 102 -17.69 -83.57 3.40
C ILE IA 102 -16.67 -82.45 3.33
N GLN IA 103 -15.50 -82.67 3.92
CA GLN IA 103 -14.40 -81.73 3.85
C GLN IA 103 -13.14 -82.43 3.35
N LEU IA 104 -12.29 -81.67 2.67
CA LEU IA 104 -11.00 -82.21 2.26
C LEU IA 104 -10.09 -82.37 3.47
N PRO IA 105 -9.24 -83.40 3.49
CA PRO IA 105 -8.38 -83.63 4.67
C PRO IA 105 -7.23 -82.65 4.81
N LEU IA 106 -7.10 -81.68 3.90
CA LEU IA 106 -6.03 -80.70 3.99
C LEU IA 106 -6.23 -79.81 5.22
N PRO IA 107 -5.15 -79.35 5.84
CA PRO IA 107 -5.28 -78.48 7.02
C PRO IA 107 -5.97 -77.18 6.68
N GLY IA 108 -6.80 -76.69 7.60
CA GLY IA 108 -7.56 -75.48 7.40
C GLY IA 108 -8.81 -75.64 6.57
N PHE IA 109 -9.13 -76.86 6.13
CA PHE IA 109 -10.27 -77.14 5.27
C PHE IA 109 -11.41 -77.82 6.02
N ASP IA 110 -11.46 -77.69 7.34
CA ASP IA 110 -12.35 -78.48 8.18
C ASP IA 110 -13.36 -77.61 8.91
N ASN IA 111 -13.95 -76.65 8.21
CA ASN IA 111 -14.91 -75.72 8.81
C ASN IA 111 -16.32 -76.06 8.32
N LYS IA 112 -17.22 -76.35 9.25
CA LYS IA 112 -18.60 -76.64 8.90
C LYS IA 112 -19.28 -75.43 8.29
N VAL IA 113 -19.04 -74.25 8.86
CA VAL IA 113 -19.66 -73.02 8.38
C VAL IA 113 -18.91 -72.55 7.15
N ALA IA 114 -19.62 -72.39 6.03
CA ALA IA 114 -18.99 -72.03 4.77
C ALA IA 114 -18.44 -70.61 4.80
N THR IA 115 -19.17 -69.68 5.43
CA THR IA 115 -18.70 -68.30 5.52
C THR IA 115 -17.41 -68.21 6.31
N GLU IA 116 -17.30 -68.97 7.39
CA GLU IA 116 -16.04 -69.08 8.11
C GLU IA 116 -15.02 -69.93 7.37
N ALA IA 117 -15.49 -70.89 6.56
CA ALA IA 117 -14.59 -71.70 5.76
C ALA IA 117 -13.87 -70.87 4.71
N PHE IA 118 -14.48 -69.77 4.26
CA PHE IA 118 -13.80 -68.88 3.33
C PHE IA 118 -12.54 -68.28 3.96
N PHE IA 119 -12.62 -67.88 5.23
CA PHE IA 119 -11.48 -67.28 5.91
C PHE IA 119 -10.54 -68.30 6.53
N SER IA 120 -11.01 -69.53 6.76
CA SER IA 120 -10.11 -70.55 7.28
C SER IA 120 -9.18 -71.09 6.19
N VAL IA 121 -9.67 -71.19 4.96
CA VAL IA 121 -8.85 -71.68 3.84
C VAL IA 121 -7.75 -70.66 3.54
N PRO IA 122 -6.53 -71.10 3.26
CA PRO IA 122 -5.46 -70.15 2.93
C PRO IA 122 -5.82 -69.28 1.73
N ALA IA 123 -5.42 -68.01 1.80
CA ALA IA 123 -5.79 -67.05 0.76
C ALA IA 123 -5.13 -67.35 -0.57
N GLY IA 124 -3.96 -68.00 -0.55
CA GLY IA 124 -3.30 -68.35 -1.80
C GLY IA 124 -4.13 -69.29 -2.66
N GLY IA 125 -4.79 -70.26 -2.03
CA GLY IA 125 -5.67 -71.14 -2.77
C GLY IA 125 -6.88 -70.42 -3.34
N LEU IA 126 -7.46 -69.50 -2.58
CA LEU IA 126 -8.59 -68.72 -3.08
C LEU IA 126 -8.17 -67.85 -4.26
N TRP IA 127 -6.97 -67.27 -4.20
CA TRP IA 127 -6.50 -66.48 -5.34
C TRP IA 127 -6.18 -67.36 -6.55
N GLN IA 128 -5.70 -68.59 -6.30
CA GLN IA 128 -5.54 -69.54 -7.40
C GLN IA 128 -6.89 -69.84 -8.05
N ILE IA 129 -7.92 -70.03 -7.24
CA ILE IA 129 -9.28 -70.27 -7.77
C ILE IA 129 -9.75 -69.06 -8.58
N PHE IA 130 -9.52 -67.85 -8.05
CA PHE IA 130 -9.96 -66.64 -8.73
C PHE IA 130 -9.26 -66.50 -10.08
N PHE IA 131 -7.95 -66.73 -10.13
CA PHE IA 131 -7.23 -66.62 -11.39
C PHE IA 131 -7.65 -67.70 -12.38
N THR IA 132 -7.92 -68.91 -11.88
CA THR IA 132 -8.39 -69.98 -12.76
C THR IA 132 -9.75 -69.64 -13.36
N LEU IA 133 -10.66 -69.12 -12.54
CA LEU IA 133 -11.98 -68.74 -13.04
C LEU IA 133 -11.89 -67.57 -14.01
N GLY IA 134 -10.99 -66.63 -13.76
CA GLY IA 134 -10.78 -65.54 -14.71
C GLY IA 134 -10.24 -66.03 -16.04
N ALA IA 135 -9.31 -66.98 -16.00
CA ALA IA 135 -8.80 -67.58 -17.24
C ALA IA 135 -9.91 -68.31 -17.98
N ILE IA 136 -10.77 -69.03 -17.25
CA ILE IA 136 -11.89 -69.73 -17.87
C ILE IA 136 -12.84 -68.74 -18.53
N GLU IA 137 -13.14 -67.64 -17.85
CA GLU IA 137 -14.02 -66.62 -18.43
C GLU IA 137 -13.42 -66.02 -19.69
N ILE IA 138 -12.14 -65.66 -19.64
CA ILE IA 138 -11.48 -65.04 -20.79
C ILE IA 138 -11.44 -66.01 -21.97
N LEU IA 139 -11.12 -67.28 -21.70
CA LEU IA 139 -11.08 -68.27 -22.77
C LEU IA 139 -12.46 -68.52 -23.36
N SER IA 140 -13.49 -68.57 -22.51
CA SER IA 140 -14.85 -68.81 -23.00
C SER IA 140 -15.34 -67.65 -23.86
N ASN IA 141 -15.11 -66.42 -23.41
CA ASN IA 141 -15.56 -65.26 -24.18
C ASN IA 141 -14.60 -64.89 -25.30
N GLY IA 142 -13.37 -65.41 -25.27
CA GLY IA 142 -12.39 -65.10 -26.30
C GLY IA 142 -11.99 -63.65 -26.34
N GLY IA 143 -11.84 -63.02 -25.18
CA GLY IA 143 -11.47 -61.61 -25.11
C GLY IA 143 -12.62 -60.65 -25.30
N LYS IA 144 -13.85 -61.14 -25.53
CA LYS IA 144 -15.01 -60.30 -25.74
C LYS IA 144 -15.79 -60.23 -24.42
N LEU IA 145 -15.30 -59.38 -23.51
CA LEU IA 145 -15.82 -59.30 -22.16
C LEU IA 145 -16.78 -58.15 -21.95
N ALA IA 146 -17.10 -57.39 -23.00
CA ALA IA 146 -17.96 -56.23 -22.89
C ALA IA 146 -19.28 -56.47 -23.63
N PRO IA 147 -20.37 -55.83 -23.21
CA PRO IA 147 -21.66 -56.02 -23.92
C PRO IA 147 -21.63 -55.56 -25.37
N ALA IA 148 -20.68 -54.71 -25.75
CA ALA IA 148 -20.58 -54.27 -27.14
C ALA IA 148 -20.02 -55.35 -28.04
N ASP IA 149 -19.17 -56.24 -27.51
CA ASP IA 149 -18.49 -57.24 -28.32
C ASP IA 149 -18.74 -58.68 -27.89
N MET IA 150 -19.38 -58.92 -26.74
CA MET IA 150 -19.56 -60.30 -26.27
C MET IA 150 -20.42 -61.10 -27.25
N PHE IA 151 -21.46 -60.49 -27.81
CA PHE IA 151 -22.34 -61.16 -28.76
C PHE IA 151 -22.14 -60.63 -30.18
N ALA IA 152 -20.96 -60.08 -30.48
CA ALA IA 152 -20.68 -59.62 -31.83
C ALA IA 152 -20.67 -60.77 -32.81
N GLU IA 153 -20.17 -61.93 -32.40
CA GLU IA 153 -20.18 -63.13 -33.21
C GLU IA 153 -21.42 -64.00 -32.96
N GLY IA 154 -22.37 -63.52 -32.16
CA GLY IA 154 -23.55 -64.27 -31.84
C GLY IA 154 -23.40 -65.05 -30.55
N ARG IA 155 -23.10 -66.35 -30.68
CA ARG IA 155 -22.67 -67.23 -29.59
C ARG IA 155 -23.81 -67.57 -28.63
N ALA IA 156 -24.96 -66.91 -28.79
CA ALA IA 156 -26.18 -67.06 -27.97
C ALA IA 156 -25.95 -66.66 -26.51
N PRO IA 157 -26.97 -66.16 -25.82
CA PRO IA 157 -26.80 -65.79 -24.41
C PRO IA 157 -26.66 -67.04 -23.54
N GLY IA 158 -25.54 -67.13 -22.84
CA GLY IA 158 -25.30 -68.24 -21.92
C GLY IA 158 -24.78 -69.51 -22.56
N ASP IA 159 -24.59 -69.53 -23.89
CA ASP IA 159 -24.10 -70.71 -24.58
C ASP IA 159 -22.58 -70.59 -24.68
N LEU IA 160 -21.88 -71.24 -23.75
CA LEU IA 160 -20.43 -71.25 -23.72
C LEU IA 160 -19.84 -72.47 -24.42
N GLY IA 161 -20.66 -73.28 -25.07
CA GLY IA 161 -20.18 -74.46 -25.76
C GLY IA 161 -19.96 -75.67 -24.88
N PHE IA 162 -20.41 -75.64 -23.63
CA PHE IA 162 -20.24 -76.76 -22.71
C PHE IA 162 -21.42 -77.70 -22.87
N ASP IA 163 -21.20 -78.82 -23.55
CA ASP IA 163 -22.23 -79.83 -23.77
C ASP IA 163 -21.59 -81.18 -24.07
N PRO IA 164 -20.97 -81.83 -23.09
CA PRO IA 164 -20.36 -83.15 -23.36
C PRO IA 164 -21.36 -84.19 -23.84
N LEU IA 165 -22.58 -84.16 -23.33
CA LEU IA 165 -23.65 -85.03 -23.77
C LEU IA 165 -24.56 -84.24 -24.71
N ASN IA 166 -24.80 -84.78 -25.90
CA ASN IA 166 -25.58 -84.05 -26.90
C ASN IA 166 -27.06 -84.07 -26.52
N LEU IA 167 -27.42 -83.31 -25.49
CA LEU IA 167 -28.79 -83.22 -25.02
C LEU IA 167 -29.55 -82.05 -25.64
N SER IA 168 -28.93 -81.30 -26.54
CA SER IA 168 -29.57 -80.18 -27.23
C SER IA 168 -30.01 -80.55 -28.64
N GLY IA 169 -29.98 -81.83 -29.00
CA GLY IA 169 -30.37 -82.22 -30.35
C GLY IA 169 -31.83 -81.96 -30.64
N ASP IA 170 -32.71 -82.32 -29.71
CA ASP IA 170 -34.14 -82.07 -29.86
C ASP IA 170 -34.46 -80.64 -29.47
N ASP IA 171 -35.24 -79.95 -30.29
CA ASP IA 171 -35.52 -78.54 -30.06
C ASP IA 171 -36.46 -78.34 -28.87
N ALA IA 172 -37.53 -79.14 -28.79
CA ALA IA 172 -38.46 -79.03 -27.67
C ALA IA 172 -37.77 -79.42 -26.37
N ALA IA 173 -36.96 -80.48 -26.40
CA ALA IA 173 -36.20 -80.87 -25.22
C ALA IA 173 -35.22 -79.78 -24.81
N LEU IA 174 -34.58 -79.14 -25.79
CA LEU IA 174 -33.65 -78.04 -25.48
C LEU IA 174 -34.38 -76.86 -24.86
N ARG IA 175 -35.57 -76.52 -25.36
CA ARG IA 175 -36.33 -75.42 -24.79
C ARG IA 175 -36.78 -75.73 -23.36
N ARG IA 176 -37.25 -76.96 -23.12
CA ARG IA 176 -37.64 -77.34 -21.77
C ARG IA 176 -36.44 -77.38 -20.83
N PHE IA 177 -35.29 -77.83 -21.32
CA PHE IA 177 -34.07 -77.81 -20.52
C PHE IA 177 -33.64 -76.39 -20.19
N GLU IA 178 -33.81 -75.47 -21.15
CA GLU IA 178 -33.50 -74.06 -20.88
C GLU IA 178 -34.41 -73.49 -19.81
N LEU IA 179 -35.71 -73.81 -19.88
CA LEU IA 179 -36.63 -73.35 -18.83
C LEU IA 179 -36.26 -73.93 -17.47
N ALA IA 180 -35.92 -75.23 -17.44
CA ALA IA 180 -35.52 -75.85 -16.18
C ALA IA 180 -34.24 -75.22 -15.64
N GLU IA 181 -33.28 -74.93 -16.52
CA GLU IA 181 -32.03 -74.30 -16.10
C GLU IA 181 -32.29 -72.91 -15.52
N LEU IA 182 -33.15 -72.12 -16.17
CA LEU IA 182 -33.46 -70.80 -15.66
C LEU IA 182 -34.18 -70.86 -14.31
N LYS IA 183 -35.14 -71.77 -14.17
CA LYS IA 183 -35.84 -71.92 -12.90
C LYS IA 183 -34.90 -72.34 -11.79
N HIS IA 184 -34.02 -73.32 -12.06
CA HIS IA 184 -33.05 -73.74 -11.07
C HIS IA 184 -32.08 -72.62 -10.74
N ALA IA 185 -31.71 -71.82 -11.74
CA ALA IA 185 -30.79 -70.70 -11.53
C ALA IA 185 -31.39 -69.67 -10.58
N ARG IA 186 -32.64 -69.27 -10.82
CA ARG IA 186 -33.29 -68.29 -9.96
C ARG IA 186 -33.51 -68.85 -8.56
N LEU IA 187 -33.95 -70.11 -8.47
CA LEU IA 187 -34.16 -70.73 -7.17
C LEU IA 187 -32.85 -70.83 -6.39
N ALA IA 188 -31.76 -71.15 -7.09
CA ALA IA 188 -30.46 -71.26 -6.43
C ALA IA 188 -29.94 -69.90 -6.00
N MET IA 189 -30.20 -68.85 -6.79
CA MET IA 189 -29.83 -67.50 -6.36
C MET IA 189 -30.53 -67.15 -5.05
N ILE IA 190 -31.83 -67.36 -4.99
CA ILE IA 190 -32.58 -67.03 -3.78
C ILE IA 190 -32.13 -67.91 -2.61
N GLY IA 191 -31.93 -69.21 -2.86
CA GLY IA 191 -31.53 -70.11 -1.80
C GLY IA 191 -30.14 -69.84 -1.28
N LEU IA 192 -29.20 -69.49 -2.17
CA LEU IA 192 -27.86 -69.14 -1.74
C LEU IA 192 -27.86 -67.86 -0.92
N GLY IA 193 -28.64 -66.86 -1.34
CA GLY IA 193 -28.78 -65.66 -0.53
C GLY IA 193 -29.30 -65.97 0.85
N GLY IA 194 -30.35 -66.80 0.93
CA GLY IA 194 -30.92 -67.14 2.22
C GLY IA 194 -29.95 -67.91 3.10
N MET IA 195 -29.29 -68.92 2.54
CA MET IA 195 -28.35 -69.73 3.31
C MET IA 195 -27.16 -68.90 3.77
N LEU IA 196 -26.65 -68.01 2.91
CA LEU IA 196 -25.52 -67.17 3.30
C LEU IA 196 -25.89 -66.20 4.41
N HIS IA 197 -27.05 -65.54 4.31
CA HIS IA 197 -27.43 -64.61 5.37
C HIS IA 197 -27.74 -65.33 6.67
N GLN IA 198 -28.39 -66.50 6.59
CA GLN IA 198 -28.67 -67.26 7.81
C GLN IA 198 -27.39 -67.81 8.43
N MET IA 199 -26.40 -68.15 7.61
CA MET IA 199 -25.09 -68.53 8.12
C MET IA 199 -24.39 -67.35 8.79
N LEU IA 200 -24.54 -66.15 8.23
CA LEU IA 200 -23.98 -64.96 8.85
C LEU IA 200 -24.63 -64.70 10.21
N ILE IA 201 -25.93 -64.91 10.31
CA ILE IA 201 -26.64 -64.63 11.56
C ILE IA 201 -26.31 -65.70 12.61
N THR IA 202 -26.60 -66.96 12.31
CA THR IA 202 -26.56 -68.01 13.30
C THR IA 202 -25.19 -68.63 13.51
N LYS IA 203 -24.24 -68.36 12.61
CA LYS IA 203 -22.93 -69.02 12.60
C LYS IA 203 -23.07 -70.54 12.54
N GLN IA 204 -24.13 -71.02 11.89
CA GLN IA 204 -24.42 -72.44 11.77
C GLN IA 204 -24.63 -72.81 10.31
N ALA IA 205 -24.16 -74.00 9.94
CA ALA IA 205 -24.39 -74.50 8.59
C ALA IA 205 -25.87 -74.75 8.36
N PRO IA 206 -26.35 -74.66 7.09
CA PRO IA 206 -27.79 -74.71 6.83
C PRO IA 206 -28.51 -75.96 7.34
N LEU IA 207 -28.03 -77.14 6.96
CA LEU IA 207 -28.64 -78.37 7.47
C LEU IA 207 -28.44 -78.49 8.98
N GLU IA 208 -27.28 -78.06 9.47
CA GLU IA 208 -27.04 -78.01 10.91
C GLU IA 208 -28.00 -77.03 11.58
N GLN IA 209 -28.27 -75.90 10.93
CA GLN IA 209 -29.18 -74.90 11.50
C GLN IA 209 -30.63 -75.38 11.48
N LEU IA 210 -30.98 -76.26 10.53
CA LEU IA 210 -32.35 -76.77 10.47
C LEU IA 210 -32.71 -77.53 11.74
N ALA IA 211 -31.81 -78.38 12.22
CA ALA IA 211 -31.95 -78.93 13.56
C ALA IA 211 -31.54 -77.86 14.58
N ASN IA 212 -32.07 -78.00 15.80
CA ASN IA 212 -31.90 -77.06 16.91
C ASN IA 212 -32.04 -75.62 16.42
N PHE IA 213 -33.25 -75.26 15.97
CA PHE IA 213 -33.46 -74.07 15.15
C PHE IA 213 -32.97 -72.81 15.85
N GLN IA 214 -33.31 -72.64 17.14
CA GLN IA 214 -32.82 -71.53 17.96
C GLN IA 214 -33.08 -70.18 17.33
N PRO IA 215 -34.33 -69.65 17.41
CA PRO IA 215 -34.67 -68.38 16.74
C PRO IA 215 -33.71 -67.22 16.98
N ILE IA 216 -33.80 -66.21 16.12
CA ILE IA 216 -32.71 -65.24 15.93
C ILE IA 216 -32.37 -64.51 17.22
N GLN IA 217 -33.37 -64.25 18.07
CA GLN IA 217 -33.11 -63.49 19.29
C GLN IA 217 -32.25 -64.26 20.28
N TYR IA 218 -32.08 -65.57 20.10
CA TYR IA 218 -31.20 -66.34 20.97
C TYR IA 218 -29.74 -65.91 20.81
N TYR IA 219 -29.32 -65.63 19.58
CA TYR IA 219 -27.94 -65.23 19.33
C TYR IA 219 -27.71 -63.78 19.73
N ARG JA 53 -65.06 -83.39 -19.19
CA ARG JA 53 -63.80 -84.13 -19.14
C ARG JA 53 -62.61 -83.17 -19.15
N PRO JA 54 -61.61 -83.46 -18.32
CA PRO JA 54 -60.43 -82.61 -18.27
C PRO JA 54 -59.67 -82.67 -19.59
N PRO JA 55 -59.07 -81.56 -20.01
CA PRO JA 55 -58.24 -81.60 -21.23
C PRO JA 55 -56.99 -82.44 -21.03
N GLY JA 56 -56.57 -83.09 -22.11
CA GLY JA 56 -55.36 -83.88 -22.08
C GLY JA 56 -55.47 -85.21 -21.37
N LEU JA 57 -56.69 -85.63 -21.00
CA LEU JA 57 -56.90 -86.89 -20.29
C LEU JA 57 -57.80 -87.76 -21.15
N ASP JA 58 -57.19 -88.52 -22.06
CA ASP JA 58 -57.92 -89.42 -22.92
C ASP JA 58 -58.18 -90.74 -22.22
N GLY JA 59 -59.11 -91.53 -22.77
CA GLY JA 59 -59.52 -92.78 -22.19
C GLY JA 59 -58.61 -93.96 -22.49
N THR JA 60 -57.50 -93.74 -23.19
CA THR JA 60 -56.60 -94.83 -23.54
C THR JA 60 -55.87 -95.41 -22.34
N TYR JA 61 -55.88 -94.73 -21.19
CA TYR JA 61 -55.24 -95.21 -19.98
C TYR JA 61 -56.27 -95.87 -19.07
N VAL JA 62 -55.90 -97.02 -18.51
CA VAL JA 62 -56.80 -97.74 -17.62
C VAL JA 62 -56.97 -96.97 -16.31
N GLY JA 63 -58.09 -97.22 -15.65
CA GLY JA 63 -58.39 -96.52 -14.41
C GLY JA 63 -58.79 -95.08 -14.58
N ASP JA 64 -59.25 -94.70 -15.77
CA ASP JA 64 -59.64 -93.32 -16.05
C ASP JA 64 -61.14 -93.15 -15.86
N ILE JA 65 -61.52 -92.19 -15.02
CA ILE JA 65 -62.93 -91.82 -14.85
C ILE JA 65 -63.06 -90.32 -15.07
N GLY JA 66 -62.08 -89.73 -15.74
CA GLY JA 66 -62.07 -88.29 -15.94
C GLY JA 66 -61.93 -87.50 -14.66
N PHE JA 67 -61.08 -87.96 -13.75
CA PHE JA 67 -60.88 -87.33 -12.45
C PHE JA 67 -59.59 -86.51 -12.49
N ASP JA 68 -59.73 -85.20 -12.66
CA ASP JA 68 -58.58 -84.30 -12.65
C ASP JA 68 -59.02 -82.87 -12.38
N PRO JA 69 -59.37 -82.52 -11.13
CA PRO JA 69 -59.74 -81.13 -10.84
C PRO JA 69 -58.64 -80.13 -11.14
N LEU JA 70 -57.38 -80.51 -10.89
CA LEU JA 70 -56.24 -79.66 -11.18
C LEU JA 70 -55.52 -80.19 -12.42
N GLY JA 71 -55.23 -79.31 -13.37
CA GLY JA 71 -54.70 -79.73 -14.65
C GLY JA 71 -53.26 -80.20 -14.62
N PHE JA 72 -52.97 -81.23 -13.81
CA PHE JA 72 -51.64 -81.83 -13.82
C PHE JA 72 -51.34 -82.50 -15.15
N SER JA 73 -52.34 -83.17 -15.74
CA SER JA 73 -52.16 -83.81 -17.04
C SER JA 73 -52.03 -82.82 -18.18
N SER JA 74 -52.36 -81.55 -17.95
CA SER JA 74 -52.24 -80.53 -18.98
C SER JA 74 -50.87 -79.88 -19.01
N ILE JA 75 -50.05 -80.06 -17.97
CA ILE JA 75 -48.71 -79.49 -17.91
C ILE JA 75 -47.62 -80.53 -17.80
N ILE JA 76 -47.97 -81.80 -17.55
CA ILE JA 76 -47.00 -82.87 -17.37
C ILE JA 76 -47.43 -84.06 -18.22
N ASP JA 77 -46.45 -84.72 -18.84
CA ASP JA 77 -46.72 -85.86 -19.69
C ASP JA 77 -47.46 -86.95 -18.93
N MET JA 78 -48.47 -87.53 -19.59
CA MET JA 78 -49.29 -88.55 -18.95
C MET JA 78 -48.52 -89.85 -18.74
N ARG JA 79 -47.52 -90.14 -19.59
CA ARG JA 79 -46.68 -91.30 -19.39
C ARG JA 79 -45.91 -91.19 -18.07
N TRP JA 80 -45.31 -90.02 -17.83
CA TRP JA 80 -44.61 -89.79 -16.58
C TRP JA 80 -45.57 -89.86 -15.39
N LEU JA 81 -46.76 -89.29 -15.53
CA LEU JA 81 -47.73 -89.30 -14.44
C LEU JA 81 -48.17 -90.72 -14.11
N ARG JA 82 -48.42 -91.54 -15.12
CA ARG JA 82 -48.85 -92.92 -14.87
C ARG JA 82 -47.71 -93.75 -14.29
N GLU JA 83 -46.48 -93.53 -14.77
CA GLU JA 83 -45.33 -94.23 -14.19
C GLU JA 83 -45.16 -93.86 -12.73
N ALA JA 84 -45.27 -92.57 -12.41
CA ALA JA 84 -45.17 -92.13 -11.02
C ALA JA 84 -46.30 -92.69 -10.17
N GLU JA 85 -47.52 -92.73 -10.73
CA GLU JA 85 -48.66 -93.27 -10.00
C GLU JA 85 -48.47 -94.74 -9.69
N LEU JA 86 -48.02 -95.52 -10.67
CA LEU JA 86 -47.81 -96.95 -10.44
C LEU JA 86 -46.67 -97.20 -9.46
N LYS JA 87 -45.57 -96.44 -9.58
CA LYS JA 87 -44.47 -96.62 -8.64
C LYS JA 87 -44.90 -96.25 -7.21
N HIS JA 88 -45.62 -95.13 -7.05
CA HIS JA 88 -46.12 -94.76 -5.73
C HIS JA 88 -47.07 -95.83 -5.19
N GLY JA 89 -47.94 -96.37 -6.04
CA GLY JA 89 -48.88 -97.38 -5.58
C GLY JA 89 -48.21 -98.67 -5.15
N ARG JA 90 -47.24 -99.14 -5.94
CA ARG JA 90 -46.52 -100.36 -5.58
C ARG JA 90 -45.69 -100.16 -4.31
N VAL JA 91 -45.01 -99.02 -4.19
CA VAL JA 91 -44.24 -98.72 -3.00
C VAL JA 91 -45.16 -98.66 -1.78
N CYS JA 92 -46.37 -98.09 -1.95
CA CYS JA 92 -47.30 -97.99 -0.84
C CYS JA 92 -47.91 -99.34 -0.48
N MET JA 93 -48.16 -100.21 -1.46
CA MET JA 93 -48.59 -101.57 -1.15
C MET JA 93 -47.55 -102.28 -0.29
N LEU JA 94 -46.28 -102.23 -0.72
CA LEU JA 94 -45.22 -102.86 0.05
C LEU JA 94 -45.10 -102.22 1.44
N ALA JA 95 -45.20 -100.89 1.52
CA ALA JA 95 -45.05 -100.19 2.78
C ALA JA 95 -46.19 -100.54 3.75
N ALA JA 96 -47.43 -100.55 3.27
CA ALA JA 96 -48.55 -100.89 4.14
C ALA JA 96 -48.46 -102.34 4.61
N THR JA 97 -48.11 -103.25 3.72
CA THR JA 97 -47.93 -104.65 4.11
C THR JA 97 -46.84 -104.78 5.17
N GLY JA 98 -45.73 -104.07 4.98
CA GLY JA 98 -44.65 -104.13 5.94
C GLY JA 98 -45.01 -103.52 7.28
N MET JA 99 -45.73 -102.41 7.27
CA MET JA 99 -46.13 -101.77 8.52
C MET JA 99 -47.12 -102.64 9.29
N ILE JA 100 -47.97 -103.38 8.58
CA ILE JA 100 -48.86 -104.32 9.25
C ILE JA 100 -48.08 -105.50 9.81
N VAL JA 101 -47.15 -106.05 9.02
CA VAL JA 101 -46.44 -107.26 9.42
C VAL JA 101 -45.49 -106.98 10.58
N GLN JA 102 -44.84 -105.81 10.59
CA GLN JA 102 -43.83 -105.49 11.59
C GLN JA 102 -44.41 -105.41 13.00
N ASP JA 103 -45.73 -105.31 13.15
CA ASP JA 103 -46.35 -105.39 14.45
C ASP JA 103 -46.60 -106.82 14.91
N VAL JA 104 -46.32 -107.82 14.09
CA VAL JA 104 -46.64 -109.20 14.41
C VAL JA 104 -45.39 -110.06 14.52
N TYR JA 105 -44.65 -110.18 13.41
CA TYR JA 105 -43.54 -111.13 13.36
C TYR JA 105 -42.29 -110.58 14.03
N GLN JA 106 -41.78 -109.45 13.52
CA GLN JA 106 -40.58 -108.75 13.96
C GLN JA 106 -39.29 -109.53 13.73
N PHE JA 107 -39.34 -110.69 13.05
CA PHE JA 107 -38.19 -111.49 12.64
C PHE JA 107 -37.41 -112.05 13.84
N PRO JA 108 -36.52 -113.05 13.65
CA PRO JA 108 -35.85 -113.66 14.80
C PRO JA 108 -34.96 -112.72 15.62
N GLY JA 109 -33.99 -112.08 14.99
CA GLY JA 109 -32.97 -111.36 15.72
C GLY JA 109 -33.13 -109.86 15.83
N VAL JA 110 -34.17 -109.31 15.17
CA VAL JA 110 -34.39 -107.87 15.19
C VAL JA 110 -34.78 -107.39 16.59
N THR JA 111 -35.43 -108.26 17.38
CA THR JA 111 -35.86 -107.86 18.72
C THR JA 111 -34.78 -107.43 19.69
N LYS JA 112 -33.64 -108.14 19.72
CA LYS JA 112 -32.53 -107.73 20.56
C LYS JA 112 -31.61 -106.63 19.98
N SER JA 113 -31.82 -106.34 18.69
CA SER JA 113 -31.00 -105.38 17.96
C SER JA 113 -31.69 -104.04 18.14
N PHE JA 114 -32.92 -103.92 17.67
CA PHE JA 114 -33.64 -102.66 17.67
C PHE JA 114 -34.51 -102.46 18.91
N GLY JA 115 -34.43 -103.37 19.88
CA GLY JA 115 -35.36 -103.32 20.99
C GLY JA 115 -36.74 -103.70 20.49
N ASP JA 116 -37.72 -102.85 20.76
CA ASP JA 116 -39.06 -103.05 20.20
C ASP JA 116 -39.22 -102.30 18.88
N ALA JA 117 -39.13 -100.97 18.92
CA ALA JA 117 -39.13 -100.06 17.76
C ALA JA 117 -40.45 -100.08 17.00
N LYS JA 118 -40.77 -98.97 16.33
CA LYS JA 118 -42.03 -98.88 15.60
C LYS JA 118 -42.06 -97.69 14.64
N MET JA 119 -42.29 -97.97 13.35
CA MET JA 119 -42.65 -96.97 12.33
C MET JA 119 -41.54 -95.93 12.22
N THR JA 120 -41.79 -94.66 12.56
CA THR JA 120 -40.77 -93.62 12.44
C THR JA 120 -39.58 -93.89 13.35
N THR JA 121 -39.84 -94.35 14.58
CA THR JA 121 -38.75 -94.76 15.46
C THR JA 121 -37.97 -95.91 14.86
N LEU JA 122 -38.66 -96.83 14.18
CA LEU JA 122 -37.96 -97.93 13.52
C LEU JA 122 -37.05 -97.41 12.40
N HIS JA 123 -37.53 -96.42 11.63
CA HIS JA 123 -36.67 -95.78 10.63
C HIS JA 123 -35.46 -95.13 11.29
N ASP JA 124 -35.67 -94.45 12.42
CA ASP JA 124 -34.58 -93.76 13.10
C ASP JA 124 -33.53 -94.73 13.63
N VAL JA 125 -33.96 -95.86 14.16
CA VAL JA 125 -32.99 -96.86 14.64
C VAL JA 125 -32.30 -97.53 13.47
N ALA JA 126 -33.04 -97.83 12.40
CA ALA JA 126 -32.50 -98.61 11.30
C ALA JA 126 -31.52 -97.80 10.46
N VAL JA 127 -31.74 -96.49 10.34
CA VAL JA 127 -30.74 -95.66 9.64
C VAL JA 127 -29.43 -95.65 10.41
N LYS JA 128 -29.51 -95.73 11.75
CA LYS JA 128 -28.30 -95.81 12.57
C LYS JA 128 -27.66 -97.18 12.51
N GLN JA 129 -28.46 -98.23 12.29
CA GLN JA 129 -27.90 -99.58 12.21
C GLN JA 129 -27.19 -99.81 10.89
N GLY JA 130 -27.92 -99.72 9.77
CA GLY JA 130 -27.33 -99.94 8.47
C GLY JA 130 -28.23 -100.63 7.47
N SER JA 131 -29.38 -101.13 7.93
CA SER JA 131 -30.33 -101.76 7.01
C SER JA 131 -30.87 -100.75 6.01
N MET JA 132 -31.17 -99.53 6.48
CA MET JA 132 -31.70 -98.49 5.60
C MET JA 132 -30.69 -98.09 4.54
N GLN JA 133 -29.41 -98.05 4.88
CA GLN JA 133 -28.39 -97.73 3.89
C GLN JA 133 -28.34 -98.80 2.80
N GLN JA 134 -28.39 -100.08 3.19
CA GLN JA 134 -28.38 -101.16 2.21
C GLN JA 134 -29.60 -101.12 1.31
N LEU JA 135 -30.78 -100.93 1.91
CA LEU JA 135 -31.99 -100.85 1.10
C LEU JA 135 -31.94 -99.66 0.17
N LEU JA 136 -31.46 -98.51 0.65
CA LEU JA 136 -31.38 -97.32 -0.18
C LEU JA 136 -30.43 -97.54 -1.36
N VAL JA 137 -29.24 -98.11 -1.11
CA VAL JA 137 -28.29 -98.26 -2.20
C VAL JA 137 -28.77 -99.29 -3.22
N TRP JA 138 -29.41 -100.37 -2.77
CA TRP JA 138 -29.85 -101.39 -3.72
C TRP JA 138 -31.07 -100.93 -4.51
N LEU JA 139 -32.01 -100.25 -3.84
CA LEU JA 139 -33.14 -99.70 -4.58
C LEU JA 139 -32.72 -98.54 -5.49
N GLY JA 140 -31.68 -97.80 -5.12
CA GLY JA 140 -31.13 -96.82 -6.05
C GLY JA 140 -30.47 -97.46 -7.25
N PHE JA 141 -29.80 -98.60 -7.04
CA PHE JA 141 -29.26 -99.34 -8.17
C PHE JA 141 -30.37 -99.80 -9.11
N LEU JA 142 -31.48 -100.30 -8.54
CA LEU JA 142 -32.64 -100.65 -9.37
C LEU JA 142 -33.23 -99.43 -10.06
N GLU JA 143 -33.32 -98.30 -9.34
CA GLU JA 143 -33.94 -97.11 -9.88
C GLU JA 143 -33.09 -96.44 -10.94
N ILE JA 144 -31.79 -96.75 -11.02
CA ILE JA 144 -31.00 -96.30 -12.15
C ILE JA 144 -31.55 -96.88 -13.45
N PHE JA 145 -31.79 -98.19 -13.47
CA PHE JA 145 -32.37 -98.81 -14.66
C PHE JA 145 -33.83 -98.43 -14.82
N GLY JA 146 -34.53 -98.14 -13.71
CA GLY JA 146 -35.85 -97.54 -13.82
C GLY JA 146 -35.83 -96.19 -14.52
N PHE JA 147 -34.83 -95.37 -14.21
CA PHE JA 147 -34.63 -94.09 -14.88
C PHE JA 147 -34.34 -94.30 -16.35
N VAL JA 148 -33.52 -95.30 -16.67
CA VAL JA 148 -33.24 -95.62 -18.07
C VAL JA 148 -34.53 -96.03 -18.79
N ALA JA 149 -35.36 -96.83 -18.14
CA ALA JA 149 -36.63 -97.25 -18.73
C ALA JA 149 -37.55 -96.05 -18.97
N ILE JA 150 -37.63 -95.14 -18.00
CA ILE JA 150 -38.46 -93.94 -18.16
C ILE JA 150 -37.95 -93.08 -19.30
N VAL JA 151 -36.62 -92.92 -19.41
CA VAL JA 151 -36.04 -92.13 -20.48
C VAL JA 151 -36.34 -92.76 -21.84
N GLN JA 152 -36.20 -94.10 -21.94
CA GLN JA 152 -36.49 -94.77 -23.20
C GLN JA 152 -37.96 -94.68 -23.56
N MET JA 153 -38.85 -94.76 -22.56
CA MET JA 153 -40.28 -94.61 -22.81
C MET JA 153 -40.60 -93.21 -23.31
N LEU JA 154 -40.00 -92.18 -22.71
CA LEU JA 154 -40.25 -90.81 -23.16
C LEU JA 154 -39.63 -90.54 -24.52
N GLN JA 155 -38.53 -91.22 -24.85
CA GLN JA 155 -37.90 -91.07 -26.15
C GLN JA 155 -38.66 -91.75 -27.27
N GLY JA 156 -39.56 -92.67 -26.94
CA GLY JA 156 -40.33 -93.39 -27.94
C GLY JA 156 -39.89 -94.83 -28.10
N SER JA 157 -40.66 -95.75 -27.51
CA SER JA 157 -40.36 -97.17 -27.57
C SER JA 157 -41.65 -97.94 -27.32
N ASP JA 158 -41.56 -99.27 -27.44
CA ASP JA 158 -42.70 -100.12 -27.16
C ASP JA 158 -43.05 -100.19 -25.68
N ARG JA 159 -42.20 -99.67 -24.81
CA ARG JA 159 -42.46 -99.72 -23.37
C ARG JA 159 -43.62 -98.80 -23.00
N GLN JA 160 -44.36 -99.22 -21.99
CA GLN JA 160 -45.49 -98.49 -21.43
C GLN JA 160 -45.24 -98.23 -19.95
N PRO JA 161 -45.87 -97.21 -19.37
CA PRO JA 161 -45.66 -96.92 -17.95
C PRO JA 161 -46.01 -98.10 -17.07
N GLY JA 162 -45.12 -98.41 -16.12
CA GLY JA 162 -45.30 -99.54 -15.22
C GLY JA 162 -44.95 -100.89 -15.79
N ASP JA 163 -44.49 -100.95 -17.05
CA ASP JA 163 -44.17 -102.23 -17.70
C ASP JA 163 -42.68 -102.48 -17.53
N PHE JA 164 -42.32 -103.15 -16.43
CA PHE JA 164 -40.95 -103.56 -16.19
C PHE JA 164 -40.68 -104.99 -16.62
N GLY JA 165 -41.66 -105.68 -17.19
CA GLY JA 165 -41.46 -107.05 -17.63
C GLY JA 165 -41.40 -108.08 -16.52
N PHE JA 166 -41.74 -107.71 -15.29
CA PHE JA 166 -41.64 -108.62 -14.15
C PHE JA 166 -42.94 -109.44 -14.07
N ASP JA 167 -42.95 -110.52 -14.85
CA ASP JA 167 -44.06 -111.49 -14.84
C ASP JA 167 -43.48 -112.90 -14.82
N PRO JA 168 -42.87 -113.31 -13.70
CA PRO JA 168 -42.26 -114.64 -13.64
C PRO JA 168 -43.26 -115.78 -13.68
N LEU JA 169 -44.47 -115.57 -13.17
CA LEU JA 169 -45.49 -116.62 -13.11
C LEU JA 169 -46.32 -116.70 -14.38
N ASN JA 170 -46.04 -115.85 -15.37
CA ASN JA 170 -46.77 -115.84 -16.64
C ASN JA 170 -48.27 -115.62 -16.43
N CYS JA 171 -48.60 -114.74 -15.49
CA CYS JA 171 -50.00 -114.42 -15.22
C CYS JA 171 -50.62 -113.51 -16.28
N ALA JA 172 -49.82 -112.96 -17.20
CA ALA JA 172 -50.31 -112.06 -18.22
C ALA JA 172 -50.58 -112.76 -19.55
N ALA JA 173 -50.65 -114.09 -19.55
CA ALA JA 173 -50.92 -114.82 -20.78
C ALA JA 173 -52.29 -114.47 -21.36
N ASN JA 174 -53.30 -114.40 -20.51
CA ASN JA 174 -54.64 -114.01 -20.95
C ASN JA 174 -54.71 -112.48 -21.04
N PRO JA 175 -55.02 -111.91 -22.21
CA PRO JA 175 -55.01 -110.43 -22.32
C PRO JA 175 -56.07 -109.74 -21.48
N ASP JA 176 -57.29 -110.29 -21.45
CA ASP JA 176 -58.35 -109.67 -20.66
C ASP JA 176 -58.06 -109.75 -19.16
N ALA JA 177 -57.42 -110.85 -18.72
CA ALA JA 177 -56.99 -110.95 -17.34
C ALA JA 177 -55.98 -109.86 -16.99
N LEU JA 178 -55.03 -109.59 -17.88
CA LEU JA 178 -54.08 -108.50 -17.66
C LEU JA 178 -54.78 -107.15 -17.65
N ALA JA 179 -55.77 -106.96 -18.54
CA ALA JA 179 -56.51 -105.71 -18.57
C ALA JA 179 -57.25 -105.46 -17.26
N ARG JA 180 -57.88 -106.51 -16.73
CA ARG JA 180 -58.53 -106.39 -15.42
C ARG JA 180 -57.51 -106.16 -14.31
N ARG JA 181 -56.39 -106.87 -14.36
CA ARG JA 181 -55.38 -106.77 -13.30
C ARG JA 181 -54.71 -105.40 -13.27
N GLN JA 182 -54.65 -104.71 -14.41
CA GLN JA 182 -54.11 -103.35 -14.40
C GLN JA 182 -54.97 -102.43 -13.52
N LEU JA 183 -56.29 -102.48 -13.71
CA LEU JA 183 -57.20 -101.69 -12.88
C LEU JA 183 -57.16 -102.16 -11.43
N VAL JA 184 -57.06 -103.47 -11.21
CA VAL JA 184 -56.95 -103.99 -9.85
C VAL JA 184 -55.70 -103.43 -9.17
N GLU JA 185 -54.58 -103.45 -9.87
CA GLU JA 185 -53.33 -102.92 -9.32
C GLU JA 185 -53.44 -101.44 -9.03
N LEU JA 186 -54.05 -100.67 -9.94
CA LEU JA 186 -54.20 -99.23 -9.71
C LEU JA 186 -55.05 -98.95 -8.47
N LYS JA 187 -56.22 -99.59 -8.37
CA LYS JA 187 -57.10 -99.28 -7.24
C LYS JA 187 -56.52 -99.77 -5.92
N ASN JA 188 -55.91 -100.97 -5.89
CA ASN JA 188 -55.29 -101.42 -4.65
C ASN JA 188 -54.10 -100.54 -4.29
N GLY JA 189 -53.38 -100.01 -5.28
CA GLY JA 189 -52.29 -99.10 -5.00
C GLY JA 189 -52.74 -97.77 -4.44
N ARG JA 190 -53.84 -97.22 -4.98
CA ARG JA 190 -54.40 -95.98 -4.43
C ARG JA 190 -54.91 -96.19 -3.01
N LEU JA 191 -55.59 -97.31 -2.77
CA LEU JA 191 -56.00 -97.66 -1.42
C LEU JA 191 -54.80 -97.81 -0.49
N ALA JA 192 -53.70 -98.36 -1.01
CA ALA JA 192 -52.49 -98.53 -0.22
C ALA JA 192 -51.86 -97.18 0.11
N MET JA 193 -51.88 -96.23 -0.83
CA MET JA 193 -51.40 -94.88 -0.54
C MET JA 193 -52.20 -94.26 0.60
N ILE JA 194 -53.53 -94.33 0.50
CA ILE JA 194 -54.38 -93.75 1.54
C ILE JA 194 -54.13 -94.44 2.88
N ALA JA 195 -54.03 -95.77 2.87
CA ALA JA 195 -53.85 -96.52 4.11
C ALA JA 195 -52.49 -96.25 4.74
N THR JA 196 -51.43 -96.16 3.93
CA THR JA 196 -50.11 -95.87 4.46
C THR JA 196 -50.06 -94.48 5.08
N ALA JA 197 -50.68 -93.50 4.40
CA ALA JA 197 -50.77 -92.16 4.98
C ALA JA 197 -51.53 -92.18 6.30
N GLY JA 198 -52.63 -92.92 6.34
CA GLY JA 198 -53.40 -93.01 7.58
C GLY JA 198 -52.61 -93.64 8.71
N MET JA 199 -51.91 -94.74 8.43
CA MET JA 199 -51.10 -95.39 9.46
C MET JA 199 -50.00 -94.47 9.95
N LEU JA 200 -49.34 -93.75 9.03
CA LEU JA 200 -48.28 -92.83 9.42
C LEU JA 200 -48.80 -91.74 10.35
N HIS JA 201 -49.92 -91.09 9.98
CA HIS JA 201 -50.40 -90.00 10.81
C HIS JA 201 -51.05 -90.50 12.11
N HIS JA 202 -51.66 -91.69 12.11
CA HIS JA 202 -52.16 -92.25 13.36
C HIS JA 202 -51.01 -92.57 14.31
N PHE JA 203 -49.88 -93.08 13.79
CA PHE JA 203 -48.70 -93.27 14.62
C PHE JA 203 -48.15 -91.94 15.12
N PHE JA 204 -48.25 -90.89 14.30
CA PHE JA 204 -47.77 -89.57 14.77
C PHE JA 204 -48.58 -89.16 16.01
N ILE JA 205 -49.91 -89.14 15.92
CA ILE JA 205 -50.78 -88.70 17.05
C ILE JA 205 -50.67 -89.60 18.29
N THR JA 206 -50.61 -90.93 18.12
CA THR JA 206 -50.68 -91.83 19.31
C THR JA 206 -49.40 -92.64 19.56
N GLY JA 207 -48.51 -92.77 18.59
CA GLY JA 207 -47.36 -93.64 18.78
C GLY JA 207 -47.72 -95.11 18.83
N LYS JA 208 -48.72 -95.53 18.05
CA LYS JA 208 -49.13 -96.93 17.99
C LYS JA 208 -49.16 -97.38 16.54
N GLY JA 209 -48.95 -98.67 16.33
CA GLY JA 209 -48.95 -99.23 15.00
C GLY JA 209 -50.36 -99.47 14.49
N PRO JA 210 -50.44 -99.99 13.27
CA PRO JA 210 -51.76 -100.28 12.68
C PRO JA 210 -52.56 -101.32 13.47
N ILE JA 211 -51.90 -102.26 14.12
CA ILE JA 211 -52.61 -103.30 14.86
C ILE JA 211 -52.88 -102.88 16.31
N GLN JA 212 -52.05 -102.00 16.88
CA GLN JA 212 -52.28 -101.53 18.24
C GLN JA 212 -53.56 -100.71 18.35
N LEU JA 213 -54.00 -100.10 17.25
CA LEU JA 213 -55.31 -99.45 17.25
C LEU JA 213 -56.42 -100.48 17.19
N ILE JA 214 -56.25 -101.52 16.36
CA ILE JA 214 -57.27 -102.57 16.25
C ILE JA 214 -57.31 -103.42 17.52
N THR JA 215 -56.15 -103.82 18.01
CA THR JA 215 -56.08 -104.66 19.21
C THR JA 215 -55.64 -103.84 20.43
N PHE KA 47 -36.59 -105.82 -27.76
CA PHE KA 47 -36.02 -105.40 -26.49
C PHE KA 47 -34.65 -106.03 -26.25
N SER KA 48 -33.93 -105.51 -25.25
CA SER KA 48 -32.60 -106.03 -24.93
C SER KA 48 -32.71 -107.43 -24.32
N GLU KA 49 -31.71 -108.26 -24.62
CA GLU KA 49 -31.70 -109.63 -24.11
C GLU KA 49 -31.49 -109.65 -22.60
N SER KA 50 -30.49 -108.92 -22.12
CA SER KA 50 -30.17 -108.94 -20.69
C SER KA 50 -31.26 -108.24 -19.88
N VAL KA 51 -31.70 -107.07 -20.32
CA VAL KA 51 -32.70 -106.28 -19.63
C VAL KA 51 -33.99 -106.34 -20.46
N PRO KA 52 -35.02 -107.07 -20.01
CA PRO KA 52 -36.24 -107.22 -20.81
C PRO KA 52 -36.98 -105.91 -21.08
N PHE KA 53 -36.97 -104.96 -20.15
CA PHE KA 53 -37.74 -103.73 -20.33
C PHE KA 53 -36.95 -102.64 -21.04
N LEU KA 54 -35.74 -102.92 -21.48
CA LEU KA 54 -34.93 -101.98 -22.26
C LEU KA 54 -34.71 -102.44 -23.69
N LYS KA 55 -34.44 -101.47 -24.56
CA LYS KA 55 -34.14 -101.76 -25.97
C LYS KA 55 -32.68 -102.13 -26.19
N THR KA 56 -32.42 -102.73 -27.35
CA THR KA 56 -31.06 -103.10 -27.70
C THR KA 56 -30.29 -101.80 -27.89
N PRO KA 57 -29.15 -101.60 -27.22
CA PRO KA 57 -28.47 -100.31 -27.25
C PRO KA 57 -27.80 -99.99 -28.58
N THR KA 58 -28.61 -99.82 -29.63
CA THR KA 58 -28.17 -99.40 -30.97
C THR KA 58 -26.94 -100.15 -31.46
N ASN KA 59 -25.78 -99.48 -31.42
CA ASN KA 59 -24.53 -100.06 -31.90
C ASN KA 59 -23.98 -101.05 -30.86
N LEU KA 60 -24.73 -102.16 -30.70
CA LEU KA 60 -24.35 -103.21 -29.76
C LEU KA 60 -24.94 -104.51 -30.30
N ASP KA 61 -24.11 -105.30 -30.97
CA ASP KA 61 -24.54 -106.53 -31.61
C ASP KA 61 -23.48 -107.60 -31.34
N GLY KA 62 -23.60 -108.73 -32.04
CA GLY KA 62 -22.73 -109.86 -31.82
C GLY KA 62 -21.31 -109.71 -32.32
N SER KA 63 -20.95 -108.52 -32.84
CA SER KA 63 -19.58 -108.30 -33.31
C SER KA 63 -18.57 -108.43 -32.16
N LEU KA 64 -18.91 -107.86 -31.00
CA LEU KA 64 -17.94 -108.02 -29.92
C LEU KA 64 -18.35 -109.16 -29.00
N PRO KA 65 -17.39 -109.92 -28.48
CA PRO KA 65 -17.71 -111.06 -27.62
C PRO KA 65 -18.40 -110.63 -26.33
N GLY KA 66 -19.29 -111.49 -25.85
CA GLY KA 66 -20.02 -111.23 -24.62
C GLY KA 66 -20.95 -110.05 -24.69
N ASP KA 67 -21.68 -109.90 -25.80
CA ASP KA 67 -22.62 -108.80 -25.99
C ASP KA 67 -24.01 -109.34 -25.70
N VAL KA 68 -24.47 -109.15 -24.47
CA VAL KA 68 -25.82 -109.52 -24.07
C VAL KA 68 -26.76 -108.32 -24.17
N GLY KA 69 -26.33 -107.25 -24.83
CA GLY KA 69 -27.16 -106.06 -24.94
C GLY KA 69 -27.26 -105.25 -23.67
N PHE KA 70 -26.31 -105.40 -22.75
CA PHE KA 70 -26.36 -104.70 -21.46
C PHE KA 70 -25.60 -103.39 -21.59
N ASP KA 71 -26.32 -102.31 -21.85
CA ASP KA 71 -25.76 -100.97 -21.84
C ASP KA 71 -26.88 -99.97 -21.55
N PRO KA 72 -27.43 -99.97 -20.32
CA PRO KA 72 -28.56 -99.06 -20.03
C PRO KA 72 -28.20 -97.59 -20.19
N LEU KA 73 -27.01 -97.19 -19.75
CA LEU KA 73 -26.51 -95.85 -20.00
C LEU KA 73 -25.72 -95.85 -21.29
N GLY KA 74 -25.98 -94.86 -22.15
CA GLY KA 74 -25.42 -94.88 -23.48
C GLY KA 74 -23.93 -94.64 -23.56
N PHE KA 75 -23.15 -95.44 -22.84
CA PHE KA 75 -21.69 -95.31 -22.89
C PHE KA 75 -21.16 -95.65 -24.29
N SER KA 76 -21.73 -96.68 -24.92
CA SER KA 76 -21.31 -97.08 -26.26
C SER KA 76 -21.70 -96.06 -27.32
N GLU KA 77 -22.53 -95.08 -26.98
CA GLU KA 77 -22.89 -94.00 -27.89
C GLU KA 77 -22.14 -92.70 -27.62
N VAL KA 78 -21.79 -92.43 -26.36
CA VAL KA 78 -20.94 -91.28 -26.07
C VAL KA 78 -19.52 -91.51 -26.58
N PHE KA 79 -19.03 -92.75 -26.50
CA PHE KA 79 -17.69 -93.09 -26.92
C PHE KA 79 -17.73 -94.30 -27.85
N ASP KA 80 -16.62 -94.52 -28.56
CA ASP KA 80 -16.52 -95.66 -29.46
C ASP KA 80 -16.57 -96.96 -28.68
N ILE KA 81 -17.25 -97.96 -29.25
CA ILE KA 81 -17.41 -99.24 -28.58
C ILE KA 81 -16.08 -99.99 -28.52
N ARG KA 82 -15.21 -99.81 -29.51
CA ARG KA 82 -13.94 -100.53 -29.52
C ARG KA 82 -12.96 -99.96 -28.48
N VAL KA 83 -12.96 -98.64 -28.30
CA VAL KA 83 -12.15 -98.06 -27.24
C VAL KA 83 -12.64 -98.52 -25.87
N LEU KA 84 -13.96 -98.60 -25.70
CA LEU KA 84 -14.53 -99.09 -24.45
C LEU KA 84 -14.18 -100.57 -24.24
N ARG KA 85 -14.16 -101.35 -25.32
CA ARG KA 85 -13.76 -102.75 -25.19
C ARG KA 85 -12.29 -102.88 -24.82
N GLU KA 86 -11.43 -102.03 -25.37
CA GLU KA 86 -10.02 -102.02 -24.97
C GLU KA 86 -9.88 -101.67 -23.49
N ALA KA 87 -10.63 -100.66 -23.03
CA ALA KA 87 -10.60 -100.31 -21.61
C ALA KA 87 -11.11 -101.46 -20.75
N GLU KA 88 -12.19 -102.12 -21.18
CA GLU KA 88 -12.74 -103.23 -20.43
C GLU KA 88 -11.77 -104.39 -20.35
N LEU KA 89 -11.08 -104.69 -21.44
CA LEU KA 89 -10.11 -105.78 -21.42
C LEU KA 89 -8.92 -105.46 -20.54
N LYS KA 90 -8.42 -104.22 -20.59
CA LYS KA 90 -7.33 -103.84 -19.69
C LYS KA 90 -7.76 -103.95 -18.24
N HIS KA 91 -8.92 -103.39 -17.90
CA HIS KA 91 -9.43 -103.47 -16.53
C HIS KA 91 -9.59 -104.92 -16.09
N GLY KA 92 -10.18 -105.75 -16.94
CA GLY KA 92 -10.44 -107.14 -16.58
C GLY KA 92 -9.18 -107.98 -16.43
N ARG KA 93 -8.20 -107.78 -17.31
CA ARG KA 93 -6.95 -108.51 -17.19
C ARG KA 93 -6.18 -108.10 -15.93
N ILE KA 94 -6.14 -106.79 -15.65
CA ILE KA 94 -5.49 -106.33 -14.42
C ILE KA 94 -6.25 -106.86 -13.20
N ALA KA 95 -7.58 -106.94 -13.30
CA ALA KA 95 -8.38 -107.46 -12.19
C ALA KA 95 -8.16 -108.96 -11.97
N MET KA 96 -8.02 -109.72 -13.06
CA MET KA 96 -7.72 -111.14 -12.93
C MET KA 96 -6.36 -111.35 -12.26
N LEU KA 97 -5.35 -110.60 -12.71
CA LEU KA 97 -4.04 -110.69 -12.08
C LEU KA 97 -4.11 -110.28 -10.62
N ALA KA 98 -4.87 -109.23 -10.31
CA ALA KA 98 -4.98 -108.76 -8.94
C ALA KA 98 -5.70 -109.76 -8.04
N THR KA 99 -6.74 -110.42 -8.57
CA THR KA 99 -7.46 -111.42 -7.78
C THR KA 99 -6.56 -112.62 -7.48
N LEU KA 100 -5.86 -113.12 -8.50
CA LEU KA 100 -4.93 -114.23 -8.27
C LEU KA 100 -3.84 -113.83 -7.30
N GLY KA 101 -3.33 -112.60 -7.43
CA GLY KA 101 -2.30 -112.13 -6.51
C GLY KA 101 -2.80 -112.00 -5.09
N TYR KA 102 -4.02 -111.50 -4.91
CA TYR KA 102 -4.61 -111.41 -3.57
C TYR KA 102 -4.71 -112.79 -2.94
N LEU KA 103 -5.23 -113.77 -3.70
CA LEU KA 103 -5.37 -115.12 -3.16
C LEU KA 103 -4.02 -115.73 -2.80
N VAL KA 104 -3.04 -115.62 -3.69
CA VAL KA 104 -1.75 -116.25 -3.44
C VAL KA 104 -1.00 -115.54 -2.31
N GLN KA 105 -1.05 -114.20 -2.29
CA GLN KA 105 -0.36 -113.45 -1.25
C GLN KA 105 -0.95 -113.72 0.13
N GLU KA 106 -2.27 -113.85 0.21
CA GLU KA 106 -2.87 -114.29 1.48
C GLU KA 106 -2.43 -115.71 1.82
N ALA KA 107 -2.37 -116.59 0.81
CA ALA KA 107 -2.00 -117.98 1.07
C ALA KA 107 -0.50 -118.12 1.31
N TYR KA 108 0.33 -117.47 0.50
CA TYR KA 108 1.76 -117.72 0.49
C TYR KA 108 2.52 -116.41 0.29
N VAL KA 109 3.76 -116.38 0.79
CA VAL KA 109 4.65 -115.24 0.58
C VAL KA 109 6.02 -115.77 0.19
N LEU KA 110 6.73 -114.98 -0.61
CA LEU KA 110 8.09 -115.32 -1.01
C LEU KA 110 9.04 -115.23 0.19
N PRO KA 111 10.21 -115.92 0.22
CA PRO KA 111 11.05 -115.91 1.42
C PRO KA 111 11.78 -114.57 1.65
N PHE KA 112 11.81 -113.69 0.64
CA PHE KA 112 12.58 -112.43 0.76
C PHE KA 112 11.62 -111.23 0.91
N PHE KA 113 10.34 -111.51 1.18
CA PHE KA 113 9.34 -110.43 1.34
C PHE KA 113 8.63 -110.59 2.70
N GLU KA 114 8.36 -109.47 3.38
CA GLU KA 114 7.69 -109.51 4.71
C GLU KA 114 6.26 -110.03 4.54
N LYS KA 115 5.82 -110.88 5.48
CA LYS KA 115 4.45 -111.41 5.44
C LYS KA 115 3.50 -110.36 6.01
N VAL KA 116 2.76 -109.71 5.12
CA VAL KA 116 1.82 -108.66 5.51
C VAL KA 116 0.55 -108.80 4.68
N PRO KA 117 -0.55 -108.21 5.14
CA PRO KA 117 -1.75 -108.16 4.31
C PRO KA 117 -1.48 -107.38 3.02
N PRO KA 118 -2.23 -107.68 1.96
CA PRO KA 118 -1.92 -107.06 0.64
C PRO KA 118 -1.94 -105.54 0.63
N ILE KA 119 -2.87 -104.91 1.35
CA ILE KA 119 -2.84 -103.45 1.46
C ILE KA 119 -1.58 -103.01 2.20
N GLN KA 120 -1.25 -103.72 3.29
CA GLN KA 120 0.01 -103.47 3.96
C GLN KA 120 1.20 -103.78 3.07
N ALA KA 121 1.07 -104.74 2.15
CA ALA KA 121 2.14 -105.00 1.20
C ALA KA 121 2.35 -103.82 0.26
N HIS KA 122 1.26 -103.23 -0.24
CA HIS KA 122 1.36 -102.03 -1.08
C HIS KA 122 2.02 -100.90 -0.31
N ASP KA 123 1.58 -100.68 0.94
CA ASP KA 123 2.15 -99.61 1.75
C ASP KA 123 3.63 -99.83 2.04
N ALA KA 124 4.01 -101.07 2.33
CA ALA KA 124 5.40 -101.37 2.66
C ALA KA 124 6.30 -101.25 1.45
N LEU KA 125 5.86 -101.73 0.28
CA LEU KA 125 6.70 -101.68 -0.90
C LEU KA 125 6.67 -100.34 -1.62
N VAL KA 126 5.73 -99.46 -1.29
CA VAL KA 126 5.81 -98.10 -1.80
C VAL KA 126 7.06 -97.40 -1.29
N LYS KA 127 7.34 -97.55 0.02
CA LYS KA 127 8.54 -96.97 0.60
C LYS KA 127 9.79 -97.82 0.36
N SER KA 128 9.63 -99.02 -0.21
CA SER KA 128 10.78 -99.89 -0.47
C SER KA 128 11.32 -99.75 -1.88
N GLY KA 129 10.52 -99.24 -2.81
CA GLY KA 129 10.94 -99.07 -4.19
C GLY KA 129 10.46 -100.14 -5.15
N GLY KA 130 9.95 -101.26 -4.64
CA GLY KA 130 9.42 -102.29 -5.52
C GLY KA 130 8.20 -101.82 -6.29
N MET KA 131 7.31 -101.08 -5.62
CA MET KA 131 6.17 -100.50 -6.31
C MET KA 131 6.61 -99.53 -7.40
N SER KA 132 7.70 -98.79 -7.16
CA SER KA 132 8.26 -97.92 -8.20
C SER KA 132 8.74 -98.73 -9.39
N GLN KA 133 9.39 -99.88 -9.15
CA GLN KA 133 9.82 -100.75 -10.23
C GLN KA 133 8.65 -101.27 -11.04
N ILE KA 134 7.60 -101.73 -10.35
CA ILE KA 134 6.41 -102.24 -11.02
C ILE KA 134 5.76 -101.13 -11.85
N LEU KA 135 5.65 -99.92 -11.28
CA LEU KA 135 5.08 -98.80 -12.00
C LEU KA 135 5.90 -98.45 -13.23
N LEU KA 136 7.22 -98.45 -13.10
CA LEU KA 136 8.09 -98.11 -14.22
C LEU KA 136 7.93 -99.10 -15.38
N TRP KA 137 8.00 -100.41 -15.07
CA TRP KA 137 7.92 -101.40 -16.14
C TRP KA 137 6.51 -101.46 -16.73
N THR KA 138 5.48 -101.34 -15.90
CA THR KA 138 4.11 -101.32 -16.41
C THR KA 138 3.88 -100.11 -17.31
N SER KA 139 4.42 -98.94 -16.94
CA SER KA 139 4.30 -97.76 -17.78
C SER KA 139 5.06 -97.93 -19.09
N PHE KA 140 6.23 -98.57 -19.03
CA PHE KA 140 6.99 -98.83 -20.26
C PHE KA 140 6.20 -99.71 -21.21
N LEU KA 141 5.55 -100.76 -20.69
CA LEU KA 141 4.70 -101.58 -21.55
C LEU KA 141 3.47 -100.81 -22.02
N GLU KA 142 2.89 -99.97 -21.16
CA GLU KA 142 1.65 -99.28 -21.50
C GLU KA 142 1.87 -98.12 -22.46
N ILE KA 143 3.09 -97.64 -22.64
CA ILE KA 143 3.34 -96.69 -23.72
C ILE KA 143 3.05 -97.35 -25.07
N PHE KA 144 3.60 -98.55 -25.28
CA PHE KA 144 3.27 -99.29 -26.49
C PHE KA 144 1.82 -99.74 -26.50
N GLY KA 145 1.24 -99.99 -25.32
CA GLY KA 145 -0.19 -100.26 -25.26
C GLY KA 145 -1.03 -99.10 -25.75
N GLY KA 146 -0.65 -97.87 -25.38
CA GLY KA 146 -1.35 -96.70 -25.88
C GLY KA 146 -1.13 -96.48 -27.36
N ILE KA 147 0.06 -96.81 -27.86
CA ILE KA 147 0.29 -96.78 -29.30
C ILE KA 147 -0.65 -97.75 -30.01
N ALA KA 148 -0.80 -98.95 -29.47
CA ALA KA 148 -1.72 -99.93 -30.03
C ALA KA 148 -3.17 -99.44 -29.94
N LEU KA 149 -3.52 -98.76 -28.86
CA LEU KA 149 -4.86 -98.20 -28.72
C LEU KA 149 -5.13 -97.12 -29.77
N PHE KA 150 -4.14 -96.26 -30.03
CA PHE KA 150 -4.28 -95.27 -31.08
C PHE KA 150 -4.38 -95.93 -32.45
N SER KA 151 -3.70 -97.05 -32.65
CA SER KA 151 -3.92 -97.83 -33.86
C SER KA 151 -5.34 -98.38 -33.93
N THR KA 152 -5.87 -98.80 -32.78
CA THR KA 152 -7.23 -99.33 -32.71
C THR KA 152 -8.26 -98.25 -33.07
N ILE KA 153 -8.01 -97.01 -32.64
CA ILE KA 153 -8.95 -95.92 -32.90
C ILE KA 153 -9.14 -95.71 -34.40
N GLN KA 154 -8.05 -95.73 -35.16
CA GLN KA 154 -8.16 -95.61 -36.61
C GLN KA 154 -8.42 -96.97 -37.26
N GLY KA 155 -9.44 -97.67 -36.78
CA GLY KA 155 -9.75 -99.00 -37.31
C GLY KA 155 -8.63 -99.99 -37.04
N ARG KA 156 -8.24 -100.71 -38.09
CA ARG KA 156 -7.09 -101.62 -38.08
C ARG KA 156 -7.23 -102.74 -37.07
N ARG KA 157 -6.39 -102.73 -36.03
CA ARG KA 157 -6.29 -103.87 -35.13
C ARG KA 157 -7.53 -103.99 -34.25
N TYR KA 158 -7.80 -105.23 -33.82
CA TYR KA 158 -8.92 -105.52 -32.95
C TYR KA 158 -8.66 -104.92 -31.56
N PRO KA 159 -9.71 -104.46 -30.88
CA PRO KA 159 -9.52 -103.88 -29.54
C PRO KA 159 -9.07 -104.94 -28.54
N GLY KA 160 -8.02 -104.61 -27.78
CA GLY KA 160 -7.50 -105.53 -26.79
C GLY KA 160 -6.69 -106.67 -27.35
N ASP KA 161 -6.39 -106.66 -28.65
CA ASP KA 161 -5.63 -107.72 -29.30
C ASP KA 161 -4.18 -107.31 -29.45
N PHE KA 162 -3.28 -108.05 -28.83
CA PHE KA 162 -1.85 -107.78 -28.92
C PHE KA 162 -1.08 -108.92 -29.58
N SER KA 163 -1.78 -109.92 -30.14
CA SER KA 163 -1.18 -111.09 -30.77
C SER KA 163 -0.29 -111.87 -29.80
N PHE KA 164 -0.58 -111.78 -28.51
CA PHE KA 164 0.23 -112.42 -27.48
C PHE KA 164 -0.21 -113.87 -27.35
N ASP KA 165 0.65 -114.80 -27.76
CA ASP KA 165 0.32 -116.22 -27.72
C ASP KA 165 1.58 -117.06 -27.69
N PRO KA 166 2.27 -117.16 -26.54
CA PRO KA 166 3.44 -118.04 -26.46
C PRO KA 166 3.11 -119.50 -26.72
N LEU KA 167 1.92 -119.95 -26.35
CA LEU KA 167 1.49 -121.32 -26.56
C LEU KA 167 0.50 -121.39 -27.71
N GLY KA 168 0.35 -122.59 -28.26
CA GLY KA 168 -0.54 -122.78 -29.39
C GLY KA 168 -2.00 -122.92 -28.99
N LEU KA 169 -2.59 -121.84 -28.47
CA LEU KA 169 -3.97 -121.82 -28.04
C LEU KA 169 -4.73 -120.79 -28.87
N SER KA 170 -5.58 -121.28 -29.78
CA SER KA 170 -6.42 -120.47 -30.66
C SER KA 170 -5.60 -119.62 -31.62
N GLN KA 171 -4.33 -119.97 -31.86
CA GLN KA 171 -3.51 -119.29 -32.85
C GLN KA 171 -3.53 -120.04 -34.18
N GLY KA 172 -3.09 -121.28 -34.16
CA GLY KA 172 -3.22 -122.15 -35.31
C GLY KA 172 -3.70 -123.51 -34.87
N LYS KA 173 -4.47 -124.17 -35.76
CA LYS KA 173 -5.13 -125.45 -35.54
C LYS KA 173 -6.26 -125.35 -34.52
N ASN KA 174 -6.46 -124.18 -33.89
CA ASN KA 174 -7.51 -124.00 -32.89
C ASN KA 174 -8.24 -122.69 -33.06
N ALA KA 175 -8.22 -122.09 -34.27
CA ALA KA 175 -8.88 -120.81 -34.49
C ALA KA 175 -10.39 -120.92 -34.29
N ASP KA 176 -10.97 -122.09 -34.56
CA ASP KA 176 -12.41 -122.27 -34.42
C ASP KA 176 -12.86 -122.12 -32.98
N LYS KA 177 -11.96 -122.28 -32.00
CA LYS KA 177 -12.29 -122.02 -30.59
C LYS KA 177 -12.04 -120.59 -30.17
N LEU KA 178 -11.39 -119.78 -31.00
CA LEU KA 178 -10.89 -118.47 -30.59
C LEU KA 178 -12.01 -117.60 -30.02
N GLU KA 179 -13.10 -117.46 -30.77
CA GLU KA 179 -14.24 -116.67 -30.31
C GLU KA 179 -14.73 -117.18 -28.96
N GLN KA 180 -14.85 -118.50 -28.81
CA GLN KA 180 -15.20 -119.10 -27.53
C GLN KA 180 -14.28 -118.62 -26.43
N TYR KA 181 -12.96 -118.74 -26.68
CA TYR KA 181 -11.97 -118.25 -25.73
C TYR KA 181 -12.23 -116.80 -25.39
N GLN KA 182 -12.46 -115.98 -26.43
CA GLN KA 182 -12.72 -114.56 -26.22
C GLN KA 182 -13.87 -114.36 -25.25
N LEU KA 183 -14.98 -115.08 -25.49
CA LEU KA 183 -16.12 -114.98 -24.59
C LEU KA 183 -15.70 -115.31 -23.16
N ALA KA 184 -15.04 -116.47 -22.99
CA ALA KA 184 -14.59 -116.87 -21.67
C ALA KA 184 -13.77 -115.77 -21.04
N GLU KA 185 -12.83 -115.21 -21.81
CA GLU KA 185 -11.93 -114.20 -21.29
C GLU KA 185 -12.71 -113.05 -20.67
N ILE KA 186 -13.63 -112.47 -21.44
CA ILE KA 186 -14.30 -111.26 -20.95
C ILE KA 186 -15.13 -111.60 -19.74
N LYS KA 187 -15.76 -112.79 -19.75
CA LYS KA 187 -16.55 -113.20 -18.59
C LYS KA 187 -15.68 -113.22 -17.35
N HIS KA 188 -14.54 -113.92 -17.44
CA HIS KA 188 -13.61 -113.96 -16.32
C HIS KA 188 -13.23 -112.55 -15.92
N SER KA 189 -12.89 -111.73 -16.92
CA SER KA 189 -12.57 -110.33 -16.70
C SER KA 189 -13.62 -109.67 -15.82
N ARG KA 190 -14.87 -109.71 -16.29
CA ARG KA 190 -15.95 -109.06 -15.56
C ARG KA 190 -16.06 -109.64 -14.15
N LEU KA 191 -16.01 -110.98 -14.05
CA LEU KA 191 -16.11 -111.62 -12.75
C LEU KA 191 -14.99 -111.14 -11.85
N ALA KA 192 -13.76 -111.11 -12.36
CA ALA KA 192 -12.64 -110.66 -11.56
C ALA KA 192 -12.84 -109.21 -11.15
N MET KA 193 -13.34 -108.38 -12.06
CA MET KA 193 -13.54 -106.97 -11.75
C MET KA 193 -14.49 -106.79 -10.58
N LEU KA 194 -15.38 -107.75 -10.36
CA LEU KA 194 -16.19 -107.71 -9.16
C LEU KA 194 -15.46 -108.35 -7.99
N ALA KA 195 -14.88 -109.54 -8.22
CA ALA KA 195 -14.42 -110.38 -7.12
C ALA KA 195 -13.35 -109.69 -6.29
N PHE KA 196 -12.29 -109.21 -6.96
CA PHE KA 196 -11.23 -108.47 -6.28
C PHE KA 196 -11.82 -107.33 -5.46
N SER KA 197 -12.75 -106.59 -6.06
CA SER KA 197 -13.40 -105.48 -5.36
C SER KA 197 -13.97 -105.95 -4.04
N GLY KA 198 -14.81 -106.99 -4.10
CA GLY KA 198 -15.41 -107.52 -2.88
C GLY KA 198 -14.33 -107.87 -1.88
N PHE KA 199 -13.30 -108.59 -2.35
CA PHE KA 199 -12.17 -108.97 -1.52
C PHE KA 199 -11.69 -107.78 -0.69
N VAL KA 200 -11.26 -106.71 -1.37
CA VAL KA 200 -10.61 -105.64 -0.65
C VAL KA 200 -11.59 -104.99 0.32
N HIS KA 201 -12.84 -104.80 -0.12
CA HIS KA 201 -13.79 -104.14 0.76
C HIS KA 201 -14.17 -105.04 1.91
N GLN KA 202 -14.23 -106.35 1.68
CA GLN KA 202 -14.41 -107.27 2.80
C GLN KA 202 -13.22 -107.18 3.74
N GLY KA 203 -12.00 -107.09 3.18
CA GLY KA 203 -10.83 -106.87 4.01
C GLY KA 203 -10.90 -105.54 4.76
N PHE KA 204 -11.67 -104.59 4.24
CA PHE KA 204 -11.80 -103.32 4.92
C PHE KA 204 -12.80 -103.37 6.07
N ILE KA 205 -13.74 -104.33 6.06
CA ILE KA 205 -14.84 -104.26 7.01
C ILE KA 205 -14.66 -105.29 8.11
N THR KA 206 -14.04 -106.43 7.79
CA THR KA 206 -13.89 -107.51 8.76
C THR KA 206 -12.47 -107.67 9.29
N LYS KA 207 -11.49 -106.98 8.69
CA LYS KA 207 -10.07 -107.11 9.04
C LYS KA 207 -9.60 -108.55 8.94
N GLN KA 208 -10.14 -109.28 7.96
CA GLN KA 208 -9.83 -110.69 7.76
C GLN KA 208 -9.50 -110.93 6.29
N GLY KA 209 -8.66 -111.94 6.05
CA GLY KA 209 -8.44 -112.40 4.70
C GLY KA 209 -9.68 -113.11 4.16
N VAL KA 210 -9.72 -113.24 2.83
CA VAL KA 210 -10.87 -113.87 2.20
C VAL KA 210 -10.95 -115.35 2.57
N LEU KA 211 -9.80 -116.01 2.68
CA LEU KA 211 -9.78 -117.38 3.17
C LEU KA 211 -10.10 -117.44 4.66
N GLU KA 212 -9.68 -116.44 5.42
CA GLU KA 212 -10.05 -116.36 6.82
C GLU KA 212 -11.55 -116.15 6.99
N GLN KA 213 -12.14 -115.29 6.16
CA GLN KA 213 -13.59 -115.08 6.22
C GLN KA 213 -14.35 -116.33 5.77
N LEU KA 214 -13.83 -117.06 4.78
CA LEU KA 214 -14.46 -118.31 4.38
C LEU KA 214 -14.36 -119.36 5.49
N GLY KA 215 -13.20 -119.46 6.13
CA GLY KA 215 -13.05 -120.42 7.23
C GLY KA 215 -13.86 -120.04 8.45
N ASN KA 216 -13.85 -118.76 8.82
CA ASN KA 216 -14.57 -118.26 10.00
C ASN KA 216 -15.45 -117.10 9.53
N PHE KA 217 -16.69 -117.43 9.16
CA PHE KA 217 -17.62 -116.42 8.62
C PHE KA 217 -18.39 -115.76 9.76
N ARG KA 218 -17.65 -115.00 10.55
CA ARG KA 218 -18.31 -114.20 11.58
C ARG KA 218 -18.92 -112.96 10.95
N PRO KA 219 -19.97 -112.39 11.56
CA PRO KA 219 -20.61 -111.21 10.98
C PRO KA 219 -19.75 -109.96 11.04
N ILE KA 220 -20.31 -108.84 10.60
CA ILE KA 220 -19.60 -107.55 10.64
C ILE KA 220 -19.26 -107.21 12.08
N PRO KA 221 -18.02 -106.81 12.39
CA PRO KA 221 -17.62 -106.60 13.79
C PRO KA 221 -18.48 -105.57 14.51
N GLY KA 222 -18.84 -105.89 15.75
CA GLY KA 222 -19.66 -105.05 16.58
C GLY KA 222 -21.17 -105.23 16.38
N PHE KA 223 -21.58 -105.80 15.27
CA PHE KA 223 -22.99 -106.00 14.92
C PHE KA 223 -23.67 -107.17 15.63
N PRO KA 224 -22.99 -108.32 15.87
CA PRO KA 224 -23.64 -109.36 16.68
C PRO KA 224 -24.12 -108.89 18.06
N GLU KA 225 -23.39 -107.96 18.68
CA GLU KA 225 -23.86 -107.37 19.93
C GLU KA 225 -25.07 -106.48 19.69
N ALA KA 226 -25.06 -105.74 18.58
CA ALA KA 226 -26.20 -104.94 18.10
C ALA KA 226 -26.53 -103.88 19.14
N THR KA 227 -27.74 -103.86 19.71
CA THR KA 227 -28.17 -102.88 20.70
C THR KA 227 -28.04 -101.45 20.16
N PHE KA 228 -28.83 -101.18 19.13
CA PHE KA 228 -28.90 -99.85 18.54
C PHE KA 228 -30.01 -98.99 19.14
N PHE KA 229 -30.78 -99.53 20.08
CA PHE KA 229 -31.86 -98.77 20.70
C PHE KA 229 -31.93 -99.06 22.19
N ASN LA 54 7.30 -109.39 -37.14
CA ASN LA 54 7.85 -108.09 -36.74
C ASN LA 54 8.02 -108.00 -35.23
N ALA LA 55 8.64 -106.92 -34.77
CA ALA LA 55 8.79 -106.69 -33.35
C ALA LA 55 7.49 -106.26 -32.68
N MET LA 56 6.55 -105.70 -33.44
CA MET LA 56 5.25 -105.27 -32.93
C MET LA 56 4.19 -105.86 -33.84
N PRO LA 57 3.79 -107.12 -33.61
CA PRO LA 57 2.76 -107.74 -34.47
C PRO LA 57 1.44 -107.01 -34.45
N PHE LA 58 1.06 -106.41 -33.32
CA PHE LA 58 -0.21 -105.70 -33.24
C PHE LA 58 -0.16 -104.35 -33.95
N LEU LA 59 1.03 -103.84 -34.25
CA LEU LA 59 1.20 -102.60 -34.99
C LEU LA 59 1.55 -102.89 -36.44
N GLU LA 60 1.61 -101.82 -37.23
CA GLU LA 60 2.03 -101.90 -38.63
C GLU LA 60 3.48 -101.49 -38.76
N ARG LA 61 4.10 -101.91 -39.86
CA ARG LA 61 5.49 -101.56 -40.10
C ARG LA 61 5.62 -100.05 -40.31
N PRO LA 62 6.70 -99.44 -39.82
CA PRO LA 62 6.89 -98.01 -40.04
C PRO LA 62 7.05 -97.72 -41.53
N PRO LA 63 6.56 -96.57 -41.99
CA PRO LA 63 6.62 -96.25 -43.42
C PRO LA 63 8.04 -96.09 -43.94
N LYS LA 64 8.84 -95.31 -43.24
CA LYS LA 64 10.22 -95.04 -43.67
C LYS LA 64 11.16 -96.22 -43.41
N LEU LA 65 10.73 -97.22 -42.64
CA LEU LA 65 11.59 -98.34 -42.29
C LEU LA 65 11.51 -99.40 -43.38
N ASP LA 66 12.62 -99.62 -44.07
CA ASP LA 66 12.75 -100.69 -45.05
C ASP LA 66 13.98 -101.52 -44.71
N GLY LA 67 13.96 -102.79 -45.11
CA GLY LA 67 14.98 -103.74 -44.72
C GLY LA 67 16.36 -103.54 -45.34
N SER LA 68 16.59 -102.38 -45.95
CA SER LA 68 17.91 -102.11 -46.53
C SER LA 68 18.98 -102.02 -45.45
N LEU LA 69 18.68 -101.37 -44.32
CA LEU LA 69 19.62 -101.25 -43.23
C LEU LA 69 19.65 -102.52 -42.39
N ALA LA 70 20.82 -102.82 -41.84
CA ALA LA 70 20.98 -104.00 -41.01
C ALA LA 70 20.28 -103.80 -39.66
N GLY LA 71 19.92 -104.91 -39.04
CA GLY LA 71 19.23 -104.85 -37.76
C GLY LA 71 17.81 -104.32 -37.84
N ASP LA 72 17.21 -104.29 -39.02
CA ASP LA 72 15.86 -103.77 -39.18
C ASP LA 72 14.85 -104.86 -38.80
N VAL LA 73 14.15 -104.63 -37.70
CA VAL LA 73 13.07 -105.51 -37.25
C VAL LA 73 11.71 -104.83 -37.33
N GLY LA 74 11.65 -103.61 -37.87
CA GLY LA 74 10.41 -102.86 -37.87
C GLY LA 74 10.05 -102.31 -36.51
N PHE LA 75 11.03 -102.16 -35.62
CA PHE LA 75 10.79 -101.70 -34.26
C PHE LA 75 10.92 -100.19 -34.21
N ASP LA 76 9.78 -99.50 -34.39
CA ASP LA 76 9.74 -98.02 -34.27
C ASP LA 76 8.30 -97.62 -33.87
N PRO LA 77 7.86 -97.87 -32.63
CA PRO LA 77 6.48 -97.58 -32.20
C PRO LA 77 6.15 -96.07 -32.27
N VAL LA 78 7.10 -95.23 -31.87
CA VAL LA 78 6.91 -93.75 -31.99
C VAL LA 78 7.38 -93.64 -33.44
N GLY LA 79 7.42 -92.43 -33.99
CA GLY LA 79 7.71 -92.24 -35.43
C GLY LA 79 8.95 -91.37 -35.39
N PHE LA 80 10.04 -91.81 -34.76
CA PHE LA 80 11.29 -91.07 -34.82
C PHE LA 80 11.82 -91.00 -36.24
N SER LA 81 11.74 -92.11 -36.98
CA SER LA 81 12.15 -92.09 -38.38
C SER LA 81 11.19 -91.29 -39.24
N ASN LA 82 9.93 -91.16 -38.81
CA ASN LA 82 8.97 -90.36 -39.57
C ASN LA 82 9.26 -88.88 -39.45
N TYR LA 83 9.85 -88.44 -38.32
CA TYR LA 83 10.10 -87.03 -38.08
C TYR LA 83 11.55 -86.62 -38.29
N PHE LA 84 12.48 -87.57 -38.30
CA PHE LA 84 13.90 -87.28 -38.46
C PHE LA 84 14.48 -88.17 -39.54
N ASP LA 85 15.59 -87.71 -40.12
CA ASP LA 85 16.25 -88.45 -41.19
C ASP LA 85 16.75 -89.80 -40.69
N LEU LA 86 16.47 -90.85 -41.46
CA LEU LA 86 16.89 -92.19 -41.08
C LEU LA 86 18.41 -92.33 -41.12
N ARG LA 87 19.07 -91.63 -42.05
CA ARG LA 87 20.53 -91.67 -42.10
C ARG LA 87 21.15 -91.06 -40.84
N TRP LA 88 20.60 -89.92 -40.40
CA TRP LA 88 21.09 -89.30 -39.16
C TRP LA 88 20.84 -90.20 -37.96
N LEU LA 89 19.66 -90.81 -37.89
CA LEU LA 89 19.34 -91.69 -36.76
C LEU LA 89 20.24 -92.91 -36.75
N ARG LA 90 20.53 -93.48 -37.93
CA ARG LA 90 21.41 -94.64 -37.98
C ARG LA 90 22.85 -94.26 -37.64
N GLU LA 91 23.30 -93.09 -38.07
CA GLU LA 91 24.62 -92.61 -37.69
C GLU LA 91 24.73 -92.44 -36.17
N SER LA 92 23.70 -91.84 -35.56
CA SER LA 92 23.70 -91.67 -34.11
C SER LA 92 23.65 -93.03 -33.40
N GLU LA 93 22.87 -93.97 -33.94
CA GLU LA 93 22.79 -95.30 -33.33
C GLU LA 93 24.13 -96.01 -33.37
N LEU LA 94 24.81 -95.97 -34.53
CA LEU LA 94 26.13 -96.59 -34.64
C LEU LA 94 27.14 -95.92 -33.72
N LYS LA 95 27.09 -94.58 -33.64
CA LYS LA 95 28.02 -93.86 -32.76
C LYS LA 95 27.79 -94.23 -31.30
N HIS LA 96 26.53 -94.22 -30.85
CA HIS LA 96 26.22 -94.63 -29.48
C HIS LA 96 26.68 -96.06 -29.22
N GLY LA 97 26.43 -96.96 -30.17
CA GLY LA 97 26.79 -98.36 -29.97
C GLY LA 97 28.29 -98.58 -29.89
N ARG LA 98 29.05 -97.92 -30.76
CA ARG LA 98 30.51 -98.06 -30.73
C ARG LA 98 31.09 -97.44 -29.45
N VAL LA 99 30.59 -96.26 -29.06
CA VAL LA 99 31.04 -95.65 -27.82
C VAL LA 99 30.71 -96.55 -26.64
N CYS LA 100 29.57 -97.23 -26.69
CA CYS LA 100 29.18 -98.12 -25.60
C CYS LA 100 29.99 -99.42 -25.58
N MET LA 101 30.37 -99.95 -26.74
CA MET LA 101 31.30 -101.08 -26.76
C MET LA 101 32.61 -100.70 -26.11
N LEU LA 102 33.16 -99.53 -26.49
CA LEU LA 102 34.40 -99.07 -25.89
C LEU LA 102 34.23 -98.83 -24.39
N GLY LA 103 33.07 -98.30 -23.99
CA GLY LA 103 32.82 -98.06 -22.58
C GLY LA 103 32.70 -99.34 -21.76
N VAL LA 104 32.06 -100.37 -22.33
CA VAL LA 104 31.95 -101.65 -21.65
C VAL LA 104 33.33 -102.25 -21.47
N THR LA 105 34.16 -102.21 -22.52
CA THR LA 105 35.52 -102.73 -22.38
C THR LA 105 36.32 -101.92 -21.36
N GLY LA 106 36.13 -100.60 -21.32
CA GLY LA 106 36.81 -99.80 -20.32
C GLY LA 106 36.39 -100.13 -18.91
N LEU LA 107 35.08 -100.32 -18.69
CA LEU LA 107 34.59 -100.69 -17.37
C LEU LA 107 35.12 -102.06 -16.95
N LEU LA 108 35.21 -103.00 -17.89
CA LEU LA 108 35.68 -104.34 -17.55
C LEU LA 108 37.20 -104.41 -17.43
N VAL LA 109 37.94 -103.45 -17.97
CA VAL LA 109 39.40 -103.48 -17.95
C VAL LA 109 39.96 -102.64 -16.80
N GLN LA 110 39.43 -101.43 -16.60
CA GLN LA 110 39.99 -100.51 -15.61
C GLN LA 110 39.89 -101.07 -14.19
N GLU LA 111 38.97 -101.99 -13.94
CA GLU LA 111 38.92 -102.66 -12.66
C GLU LA 111 40.09 -103.63 -12.47
N ALA LA 112 40.71 -104.07 -13.56
CA ALA LA 112 41.82 -105.02 -13.52
C ALA LA 112 43.17 -104.40 -13.88
N VAL LA 113 43.20 -103.46 -14.83
CA VAL LA 113 44.44 -102.85 -15.29
C VAL LA 113 44.38 -101.36 -15.01
N CYS LA 114 45.41 -100.82 -14.37
CA CYS LA 114 45.55 -99.40 -14.12
C CYS LA 114 46.90 -98.93 -14.66
N LEU LA 115 46.88 -97.79 -15.34
CA LEU LA 115 48.12 -97.23 -15.87
C LEU LA 115 49.05 -96.82 -14.73
N PRO LA 116 50.37 -97.07 -14.88
CA PRO LA 116 51.29 -96.72 -13.79
C PRO LA 116 51.32 -95.24 -13.46
N GLN LA 117 51.13 -94.37 -14.45
CA GLN LA 117 51.11 -92.92 -14.23
C GLN LA 117 49.71 -92.43 -13.92
N PHE LA 118 49.05 -93.10 -12.97
CA PHE LA 118 47.66 -92.79 -12.63
C PHE LA 118 47.35 -93.38 -11.26
N SER LA 119 46.25 -92.92 -10.67
CA SER LA 119 45.75 -93.44 -9.41
C SER LA 119 44.58 -94.38 -9.70
N ASN LA 120 44.56 -95.53 -9.03
CA ASN LA 120 43.51 -96.52 -9.22
C ASN LA 120 42.40 -96.27 -8.20
N GLY LA 121 41.21 -95.92 -8.70
CA GLY LA 121 40.06 -95.74 -7.84
C GLY LA 121 39.41 -97.06 -7.48
N LYS LA 122 38.43 -96.97 -6.57
CA LYS LA 122 37.75 -98.17 -6.09
C LYS LA 122 36.94 -98.82 -7.20
N THR LA 123 36.34 -98.00 -8.06
CA THR LA 123 35.55 -98.44 -9.20
C THR LA 123 35.99 -97.66 -10.43
N PRO LA 124 35.71 -98.18 -11.64
CA PRO LA 124 36.02 -97.40 -12.85
C PRO LA 124 35.33 -96.04 -12.89
N VAL LA 125 34.11 -95.94 -12.33
CA VAL LA 125 33.49 -94.62 -12.18
C VAL LA 125 34.34 -93.73 -11.29
N ASP LA 126 34.94 -94.30 -10.24
CA ASP LA 126 35.89 -93.55 -9.43
C ASP LA 126 37.23 -93.39 -10.15
N ASP LA 127 37.56 -94.31 -11.06
CA ASP LA 127 38.73 -94.12 -11.91
C ASP LA 127 38.58 -92.86 -12.76
N PHE LA 128 37.35 -92.53 -13.16
CA PHE LA 128 37.12 -91.25 -13.82
C PHE LA 128 37.43 -90.08 -12.90
N PHE LA 129 37.01 -90.17 -11.63
CA PHE LA 129 37.15 -89.03 -10.73
C PHE LA 129 38.60 -88.80 -10.32
N VAL LA 130 39.37 -89.88 -10.13
CA VAL LA 130 40.75 -89.73 -9.69
C VAL LA 130 41.67 -89.22 -10.79
N VAL LA 131 41.22 -89.21 -12.03
CA VAL LA 131 42.00 -88.66 -13.14
C VAL LA 131 41.97 -87.14 -13.04
N PRO LA 132 43.11 -86.45 -13.23
CA PRO LA 132 43.09 -84.99 -13.22
C PRO LA 132 42.19 -84.43 -14.30
N ALA LA 133 41.55 -83.30 -13.97
CA ALA LA 133 40.59 -82.68 -14.89
C ALA LA 133 41.23 -82.24 -16.20
N ALA LA 134 42.53 -81.93 -16.16
CA ALA LA 134 43.23 -81.57 -17.40
C ALA LA 134 43.26 -82.75 -18.37
N GLY LA 135 43.46 -83.96 -17.86
CA GLY LA 135 43.39 -85.14 -18.72
C GLY LA 135 42.00 -85.36 -19.28
N LEU LA 136 40.97 -85.13 -18.47
CA LEU LA 136 39.60 -85.28 -18.97
C LEU LA 136 39.30 -84.27 -20.07
N TRP LA 137 39.74 -83.03 -19.90
CA TRP LA 137 39.57 -82.03 -20.95
C TRP LA 137 40.22 -82.26 -22.31
N GLN LA 138 41.44 -82.79 -22.28
CA GLN LA 138 42.15 -83.16 -23.54
C GLN LA 138 41.43 -84.35 -24.18
N VAL LA 139 40.94 -85.29 -23.37
CA VAL LA 139 40.20 -86.46 -23.83
C VAL LA 139 39.04 -85.84 -24.60
N PHE LA 140 38.34 -84.89 -23.97
CA PHE LA 140 37.19 -84.24 -24.60
C PHE LA 140 37.59 -83.55 -25.89
N PHE LA 141 38.67 -82.77 -25.86
CA PHE LA 141 39.05 -82.00 -27.04
C PHE LA 141 39.71 -82.86 -28.12
N ALA LA 142 40.41 -83.93 -27.75
CA ALA LA 142 40.91 -84.87 -28.76
C ALA LA 142 39.75 -85.58 -29.44
N ILE LA 143 38.73 -85.97 -28.67
CA ILE LA 143 37.55 -86.58 -29.28
C ILE LA 143 36.85 -85.60 -30.19
N GLY LA 144 36.78 -84.32 -29.77
CA GLY LA 144 36.20 -83.30 -30.64
C GLY LA 144 36.97 -83.12 -31.94
N ALA LA 145 38.30 -83.13 -31.86
CA ALA LA 145 39.12 -83.04 -33.07
C ALA LA 145 38.90 -84.25 -33.97
N VAL LA 146 38.76 -85.44 -33.37
CA VAL LA 146 38.47 -86.65 -34.14
C VAL LA 146 37.12 -86.51 -34.85
N GLU LA 147 36.12 -85.96 -34.15
CA GLU LA 147 34.82 -85.73 -34.76
C GLU LA 147 34.92 -84.76 -35.93
N PHE LA 148 35.69 -83.68 -35.76
CA PHE LA 148 35.88 -82.70 -36.83
C PHE LA 148 36.54 -83.33 -38.04
N PHE LA 149 37.59 -84.15 -37.81
CA PHE LA 149 38.30 -84.76 -38.93
C PHE LA 149 37.45 -85.81 -39.63
N SER LA 150 36.68 -86.60 -38.87
CA SER LA 150 35.91 -87.68 -39.47
C SER LA 150 34.68 -87.16 -40.21
N HIS LA 151 34.02 -86.13 -39.67
CA HIS LA 151 32.83 -85.60 -40.32
C HIS LA 151 33.14 -84.58 -41.40
N GLY LA 152 34.41 -84.24 -41.60
CA GLY LA 152 34.78 -83.26 -42.62
C GLY LA 152 34.22 -81.88 -42.38
N PHE LA 153 34.18 -81.45 -41.11
CA PHE LA 153 33.63 -80.15 -40.72
C PHE LA 153 32.20 -79.97 -41.20
N LYS LA 154 31.37 -80.99 -40.97
CA LYS LA 154 29.97 -81.03 -41.37
C LYS LA 154 29.11 -81.52 -40.22
N LEU LA 155 29.31 -80.91 -39.05
CA LEU LA 155 28.66 -81.39 -37.82
C LEU LA 155 27.15 -81.26 -37.90
N THR LA 156 26.65 -80.17 -38.48
CA THR LA 156 25.21 -79.94 -38.55
C THR LA 156 24.55 -81.01 -39.42
N PRO LA 157 23.33 -81.43 -39.07
CA PRO LA 157 22.66 -82.48 -39.84
C PRO LA 157 22.43 -82.13 -41.30
N GLY LA 158 22.19 -80.85 -41.61
CA GLY LA 158 22.06 -80.46 -43.00
C GLY LA 158 23.35 -80.59 -43.78
N ASP LA 159 24.48 -80.20 -43.17
CA ASP LA 159 25.76 -80.29 -43.85
C ASP LA 159 26.23 -81.74 -43.96
N MET LA 160 25.88 -82.59 -43.00
CA MET LA 160 26.30 -83.98 -43.04
C MET LA 160 25.53 -84.73 -44.13
N PHE LA 161 26.09 -85.87 -44.54
CA PHE LA 161 25.56 -86.74 -45.58
C PHE LA 161 25.47 -86.06 -46.95
N SER LA 162 26.13 -84.92 -47.12
CA SER LA 162 26.08 -84.22 -48.40
C SER LA 162 26.87 -84.97 -49.47
N GLU LA 163 28.09 -85.39 -49.14
CA GLU LA 163 28.97 -86.08 -50.08
C GLU LA 163 28.86 -87.60 -49.90
N GLY LA 164 27.64 -88.11 -50.08
CA GLY LA 164 27.40 -89.53 -49.95
C GLY LA 164 27.47 -90.02 -48.52
N ARG LA 165 28.54 -90.75 -48.20
CA ARG LA 165 28.93 -91.26 -46.89
C ARG LA 165 27.95 -92.31 -46.34
N GLU LA 166 26.87 -92.61 -47.04
CA GLU LA 166 25.83 -93.57 -46.62
C GLU LA 166 25.31 -93.13 -45.26
N ALA LA 167 25.30 -94.00 -44.25
CA ALA LA 167 24.83 -93.63 -42.91
C ALA LA 167 25.70 -94.35 -41.90
N GLY LA 168 26.43 -93.59 -41.09
CA GLY LA 168 27.31 -94.18 -40.10
C GLY LA 168 28.61 -94.74 -40.64
N ASP LA 169 28.99 -94.37 -41.86
CA ASP LA 169 30.20 -94.86 -42.49
C ASP LA 169 31.23 -93.74 -42.54
N PHE LA 170 32.44 -94.02 -42.07
CA PHE LA 170 33.54 -93.06 -42.06
C PHE LA 170 34.71 -93.49 -42.92
N GLY LA 171 34.98 -94.78 -43.02
CA GLY LA 171 36.15 -95.29 -43.70
C GLY LA 171 37.20 -95.68 -42.69
N PHE LA 172 37.22 -96.97 -42.33
CA PHE LA 172 38.14 -97.46 -41.31
C PHE LA 172 38.34 -98.95 -41.55
N ASP LA 173 39.47 -99.31 -42.14
CA ASP LA 173 39.81 -100.71 -42.42
C ASP LA 173 41.32 -100.88 -42.45
N PRO LA 174 41.96 -100.91 -41.28
CA PRO LA 174 43.38 -101.29 -41.25
C PRO LA 174 43.63 -102.69 -41.80
N LEU LA 175 42.70 -103.62 -41.54
CA LEU LA 175 42.70 -104.94 -42.14
C LEU LA 175 41.44 -105.08 -42.97
N ASN LA 176 41.61 -105.50 -44.23
CA ASN LA 176 40.50 -105.55 -45.17
C ASN LA 176 39.63 -106.76 -44.86
N LEU LA 177 38.56 -106.54 -44.09
CA LEU LA 177 37.57 -107.56 -43.80
C LEU LA 177 36.17 -107.10 -44.25
N SER LA 178 36.12 -106.27 -45.29
CA SER LA 178 34.87 -105.67 -45.74
C SER LA 178 34.71 -105.76 -47.25
N GLY LA 179 35.38 -106.70 -47.90
CA GLY LA 179 35.32 -106.83 -49.35
C GLY LA 179 33.99 -107.34 -49.88
N ASN LA 180 33.67 -108.59 -49.57
CA ASN LA 180 32.44 -109.20 -50.09
C ASN LA 180 31.21 -108.57 -49.45
N PRO LA 181 30.19 -108.23 -50.24
CA PRO LA 181 29.01 -107.56 -49.66
C PRO LA 181 28.22 -108.40 -48.68
N ASP LA 182 28.14 -109.71 -48.87
CA ASP LA 182 27.36 -110.55 -47.96
C ASP LA 182 27.99 -110.62 -46.58
N ALA LA 183 29.30 -110.89 -46.54
CA ALA LA 183 30.00 -110.88 -45.26
C ALA LA 183 29.99 -109.48 -44.64
N LEU LA 184 30.06 -108.44 -45.47
CA LEU LA 184 29.96 -107.08 -44.95
C LEU LA 184 28.62 -106.83 -44.27
N ALA LA 185 27.52 -107.31 -44.89
CA ALA LA 185 26.20 -107.16 -44.29
C ALA LA 185 26.10 -107.94 -42.99
N ARG LA 186 26.67 -109.15 -42.95
CA ARG LA 186 26.68 -109.92 -41.71
C ARG LA 186 27.46 -109.20 -40.62
N ARG LA 187 28.60 -108.61 -40.97
CA ARG LA 187 29.37 -107.84 -40.01
C ARG LA 187 28.59 -106.62 -39.53
N ARG LA 188 27.83 -105.98 -40.43
CA ARG LA 188 27.00 -104.85 -40.03
C ARG LA 188 25.92 -105.27 -39.03
N LEU LA 189 25.27 -106.40 -39.28
CA LEU LA 189 24.24 -106.89 -38.37
C LEU LA 189 24.83 -107.23 -37.01
N VAL LA 190 25.98 -107.91 -37.00
CA VAL LA 190 26.66 -108.22 -35.74
C VAL LA 190 27.05 -106.95 -35.02
N GLU LA 191 27.54 -105.95 -35.77
CA GLU LA 191 27.98 -104.69 -35.18
C GLU LA 191 26.82 -103.97 -34.51
N VAL LA 192 25.67 -103.89 -35.19
CA VAL LA 192 24.55 -103.14 -34.62
C VAL LA 192 23.96 -103.88 -33.42
N LYS LA 193 23.86 -105.22 -33.50
CA LYS LA 193 23.33 -105.97 -32.37
C LYS LA 193 24.23 -105.85 -31.15
N ASN LA 194 25.55 -106.02 -31.34
CA ASN LA 194 26.48 -105.89 -30.23
C ASN LA 194 26.52 -104.45 -29.73
N GLY LA 195 26.30 -103.45 -30.59
CA GLY LA 195 26.25 -102.07 -30.13
C GLY LA 195 25.05 -101.78 -29.24
N ARG LA 196 23.87 -102.27 -29.63
CA ARG LA 196 22.69 -102.10 -28.78
C ARG LA 196 22.86 -102.84 -27.46
N LEU LA 197 23.39 -104.06 -27.52
CA LEU LA 197 23.68 -104.81 -26.31
C LEU LA 197 24.70 -104.08 -25.44
N ALA LA 198 25.67 -103.41 -26.09
CA ALA LA 198 26.67 -102.64 -25.35
C ALA LA 198 26.06 -101.42 -24.68
N MET LA 199 25.09 -100.77 -25.35
CA MET LA 199 24.37 -99.67 -24.71
C MET LA 199 23.69 -100.14 -23.43
N ILE LA 200 22.91 -101.21 -23.54
CA ILE LA 200 22.18 -101.72 -22.38
C ILE LA 200 23.16 -102.15 -21.29
N ALA LA 201 24.21 -102.87 -21.69
CA ALA LA 201 25.16 -103.40 -20.72
C ALA LA 201 25.97 -102.30 -20.05
N PHE LA 202 26.37 -101.27 -20.80
CA PHE LA 202 27.10 -100.17 -20.19
C PHE LA 202 26.23 -99.42 -19.20
N GLY LA 203 24.95 -99.18 -19.55
CA GLY LA 203 24.05 -98.58 -18.58
C GLY LA 203 23.96 -99.39 -17.31
N GLY LA 204 23.78 -100.71 -17.45
CA GLY LA 204 23.66 -101.56 -16.28
C GLY LA 204 24.92 -101.58 -15.43
N LEU LA 205 26.08 -101.74 -16.07
CA LEU LA 205 27.34 -101.79 -15.35
C LEU LA 205 27.63 -100.48 -14.64
N LEU LA 206 27.44 -99.35 -15.33
CA LEU LA 206 27.70 -98.05 -14.71
C LEU LA 206 26.78 -97.81 -13.52
N HIS LA 207 25.49 -98.14 -13.66
CA HIS LA 207 24.56 -97.86 -12.56
C HIS LA 207 24.76 -98.81 -11.38
N GLN LA 208 25.09 -100.07 -11.65
CA GLN LA 208 25.38 -101.00 -10.57
C GLN LA 208 26.67 -100.62 -9.84
N GLN LA 209 27.69 -100.17 -10.57
CA GLN LA 209 28.90 -99.67 -9.93
C GLN LA 209 28.62 -98.43 -9.10
N LEU LA 210 27.78 -97.53 -9.60
CA LEU LA 210 27.44 -96.33 -8.84
C LEU LA 210 26.65 -96.67 -7.58
N LEU LA 211 25.76 -97.65 -7.65
CA LEU LA 211 24.94 -98.00 -6.49
C LEU LA 211 25.73 -98.79 -5.46
N THR LA 212 26.24 -99.96 -5.85
CA THR LA 212 26.92 -100.84 -4.90
C THR LA 212 28.32 -100.37 -4.56
N GLY LA 213 28.94 -99.55 -5.39
CA GLY LA 213 30.30 -99.14 -5.15
C GLY LA 213 31.32 -100.24 -5.32
N GLN LA 214 31.01 -101.24 -6.15
CA GLN LA 214 31.86 -102.41 -6.34
C GLN LA 214 32.07 -102.67 -7.82
N GLY LA 215 33.23 -103.27 -8.14
CA GLY LA 215 33.50 -103.67 -9.50
C GLY LA 215 32.62 -104.83 -9.94
N THR LA 216 32.47 -104.96 -11.26
CA THR LA 216 31.51 -105.90 -11.81
C THR LA 216 31.87 -107.35 -11.48
N PHE LA 217 33.12 -107.75 -11.73
CA PHE LA 217 33.57 -109.09 -11.38
C PHE LA 217 33.58 -109.28 -9.86
N GLU LA 218 33.96 -108.25 -9.11
CA GLU LA 218 33.91 -108.30 -7.65
C GLU LA 218 32.47 -108.35 -7.14
N GLN LA 219 31.55 -107.67 -7.82
CA GLN LA 219 30.13 -107.82 -7.49
C GLN LA 219 29.63 -109.22 -7.80
N LEU LA 220 30.19 -109.85 -8.84
CA LEU LA 220 29.86 -111.25 -9.12
C LEU LA 220 30.45 -112.18 -8.09
N ALA LA 221 31.53 -111.76 -7.41
CA ALA LA 221 32.10 -112.57 -6.34
C ALA LA 221 31.14 -112.67 -5.15
N ASN LA 222 30.59 -111.54 -4.71
CA ASN LA 222 29.58 -111.50 -3.66
C ASN LA 222 28.45 -110.57 -4.09
N PHE LA 223 27.23 -111.11 -4.15
CA PHE LA 223 26.11 -110.34 -4.70
C PHE LA 223 25.76 -109.15 -3.81
N LYS LA 224 25.59 -109.39 -2.50
CA LYS LA 224 25.19 -108.36 -1.53
C LYS LA 224 23.93 -107.63 -1.98
N ALA LA 225 22.83 -108.39 -2.03
CA ALA LA 225 21.55 -107.83 -2.43
C ALA LA 225 21.12 -106.73 -1.46
N ILE LA 226 20.69 -105.60 -2.02
CA ILE LA 226 20.34 -104.42 -1.24
C ILE LA 226 19.10 -104.67 -0.39
N PRO MA 83 -2.38 84.38 32.58
CA PRO MA 83 -3.83 84.11 32.52
C PRO MA 83 -4.20 83.08 31.44
N GLN MA 84 -5.40 83.20 30.89
CA GLN MA 84 -5.91 82.21 29.94
C GLN MA 84 -5.20 82.36 28.59
N GLY MA 85 -5.58 81.48 27.65
CA GLY MA 85 -4.98 81.51 26.34
C GLY MA 85 -5.33 82.77 25.55
N PHE MA 86 -6.60 83.18 25.60
CA PHE MA 86 -7.05 84.36 24.87
C PHE MA 86 -6.88 85.65 25.68
N THR MA 87 -6.42 85.57 26.92
CA THR MA 87 -6.19 86.75 27.74
C THR MA 87 -4.71 86.96 28.08
N SER MA 88 -3.83 86.08 27.62
CA SER MA 88 -2.40 86.24 27.89
C SER MA 88 -1.82 87.34 27.02
N PRO MA 89 -1.04 88.27 27.59
CA PRO MA 89 -0.40 89.30 26.76
C PRO MA 89 0.54 88.73 25.72
N LYS MA 90 1.21 87.61 26.01
CA LYS MA 90 2.06 86.98 25.00
C LYS MA 90 1.25 86.54 23.80
N ASN MA 91 0.05 86.01 24.03
CA ASN MA 91 -0.83 85.64 22.92
C ASN MA 91 -1.33 86.86 22.17
N HIS MA 92 -1.51 88.00 22.86
CA HIS MA 92 -1.86 89.23 22.16
C HIS MA 92 -0.74 89.68 21.23
N PHE MA 93 0.51 89.62 21.71
CA PHE MA 93 1.66 89.95 20.87
C PHE MA 93 1.74 88.99 19.68
N ALA MA 94 1.52 87.70 19.93
CA ALA MA 94 1.57 86.71 18.85
C ALA MA 94 0.46 86.96 17.83
N SER MA 95 -0.73 87.36 18.30
CA SER MA 95 -1.83 87.67 17.39
C SER MA 95 -1.51 88.90 16.54
N VAL MA 96 -0.86 89.91 17.14
CA VAL MA 96 -0.47 91.09 16.38
C VAL MA 96 0.57 90.72 15.32
N ILE MA 97 1.55 89.88 15.70
CA ILE MA 97 2.56 89.44 14.73
C ILE MA 97 1.91 88.63 13.61
N GLY MA 98 0.96 87.76 13.96
CA GLY MA 98 0.27 86.98 12.94
C GLY MA 98 -0.57 87.84 12.01
N LEU MA 99 -1.22 88.87 12.55
CA LEU MA 99 -1.95 89.80 11.70
C LEU MA 99 -1.01 90.57 10.78
N TRP MA 100 0.17 90.94 11.28
CA TRP MA 100 1.18 91.56 10.43
C TRP MA 100 1.57 90.63 9.28
N VAL MA 101 1.81 89.35 9.60
CA VAL MA 101 2.19 88.38 8.57
C VAL MA 101 1.07 88.20 7.56
N LEU MA 102 -0.18 88.14 8.03
CA LEU MA 102 -1.30 87.95 7.13
C LEU MA 102 -1.52 89.16 6.23
N PHE MA 103 -1.29 90.36 6.77
CA PHE MA 103 -1.40 91.59 5.98
C PHE MA 103 -0.19 91.85 5.10
N ALA MA 104 0.92 91.14 5.34
CA ALA MA 104 2.12 91.35 4.52
C ALA MA 104 1.87 91.00 3.06
N LEU MA 105 1.18 89.89 2.80
CA LEU MA 105 0.92 89.49 1.42
C LEU MA 105 0.10 90.50 0.63
N PRO MA 106 -1.06 91.00 1.11
CA PRO MA 106 -1.80 91.96 0.28
C PRO MA 106 -1.07 93.28 0.07
N VAL MA 107 -0.62 93.94 1.14
CA VAL MA 107 -0.03 95.26 1.04
C VAL MA 107 1.24 95.22 0.18
N TRP MA 108 2.18 94.35 0.55
CA TRP MA 108 3.45 94.34 -0.15
C TRP MA 108 3.36 93.64 -1.50
N SER MA 109 2.44 92.68 -1.65
CA SER MA 109 2.20 92.11 -2.97
C SER MA 109 1.63 93.16 -3.92
N ALA MA 110 0.73 94.01 -3.44
CA ALA MA 110 0.20 95.08 -4.27
C ALA MA 110 1.29 96.10 -4.61
N ALA MA 111 2.12 96.44 -3.63
CA ALA MA 111 3.23 97.36 -3.90
C ALA MA 111 4.18 96.78 -4.94
N TYR MA 112 4.43 95.47 -4.88
CA TYR MA 112 5.22 94.80 -5.90
C TYR MA 112 4.54 94.83 -7.26
N LYS MA 113 3.22 94.66 -7.27
CA LYS MA 113 2.50 94.69 -8.54
C LYS MA 113 2.56 96.08 -9.18
N GLN MA 114 2.52 97.13 -8.36
CA GLN MA 114 2.65 98.49 -8.89
C GLN MA 114 4.05 98.72 -9.45
N ALA MA 115 5.08 98.35 -8.70
CA ALA MA 115 6.47 98.46 -9.14
C ALA MA 115 7.18 97.15 -8.77
N GLY MA 116 7.46 96.32 -9.77
CA GLY MA 116 7.99 94.99 -9.54
C GLY MA 116 9.36 94.75 -10.13
N CYS MA 117 10.28 95.69 -9.89
CA CYS MA 117 11.62 95.68 -10.49
C CYS MA 117 11.53 95.76 -12.01
N THR MA 118 10.47 96.39 -12.50
CA THR MA 118 10.27 96.57 -13.94
C THR MA 118 10.93 97.86 -14.40
N THR MA 119 12.24 97.92 -14.19
CA THR MA 119 13.07 99.05 -14.53
C THR MA 119 14.08 98.64 -15.59
N PRO MA 120 14.26 99.43 -16.65
CA PRO MA 120 15.26 99.06 -17.67
C PRO MA 120 16.67 98.92 -17.13
N ASP MA 121 17.03 99.69 -16.10
CA ASP MA 121 18.33 99.53 -15.48
C ASP MA 121 18.38 98.35 -14.52
N TRP MA 122 17.23 97.79 -14.14
CA TRP MA 122 17.20 96.69 -13.19
C TRP MA 122 17.47 95.37 -13.91
N PHE MA 123 18.66 94.83 -13.71
CA PHE MA 123 19.00 93.49 -14.17
C PHE MA 123 20.23 93.03 -13.41
N GLY MA 124 20.39 91.72 -13.28
CA GLY MA 124 21.53 91.18 -12.58
C GLY MA 124 22.83 91.44 -13.33
N VAL MA 125 23.93 91.37 -12.59
CA VAL MA 125 25.26 91.57 -13.15
C VAL MA 125 26.20 90.51 -12.60
N SER MA 126 27.05 89.97 -13.47
CA SER MA 126 28.07 89.02 -13.09
C SER MA 126 29.41 89.47 -13.66
N GLN MA 127 30.46 89.35 -12.85
CA GLN MA 127 31.79 89.74 -13.29
C GLN MA 127 32.42 88.74 -14.25
N VAL MA 128 31.87 87.53 -14.32
CA VAL MA 128 32.39 86.52 -15.23
C VAL MA 128 32.04 86.89 -16.66
N ALA MA 129 32.95 86.58 -17.58
CA ALA MA 129 32.67 86.78 -19.00
C ALA MA 129 31.61 85.80 -19.46
N GLU MA 130 30.76 86.25 -20.39
CA GLU MA 130 29.65 85.42 -20.87
C GLU MA 130 30.13 84.27 -21.75
N ASP MA 131 31.38 84.26 -22.18
CA ASP MA 131 31.92 83.18 -22.99
C ASP MA 131 32.74 82.20 -22.15
N ALA MA 132 32.68 82.30 -20.84
CA ALA MA 132 33.40 81.37 -19.98
C ALA MA 132 32.84 79.96 -20.16
N PRO MA 133 33.69 78.94 -20.05
CA PRO MA 133 33.20 77.56 -20.20
C PRO MA 133 32.18 77.21 -19.12
N GLY MA 134 31.14 76.49 -19.53
CA GLY MA 134 30.03 76.17 -18.66
C GLY MA 134 28.82 77.07 -18.81
N VAL MA 135 28.96 78.21 -19.50
CA VAL MA 135 27.82 79.09 -19.74
C VAL MA 135 26.99 78.52 -20.87
N GLY MA 136 25.70 78.31 -20.61
CA GLY MA 136 24.83 77.75 -21.61
C GLY MA 136 24.54 78.74 -22.73
N LEU MA 137 24.22 78.20 -23.90
CA LEU MA 137 23.87 79.07 -25.03
C LEU MA 137 22.53 79.76 -24.81
N LEU MA 138 21.56 79.06 -24.24
CA LEU MA 138 20.24 79.62 -23.96
C LEU MA 138 19.84 79.29 -22.53
N ALA MA 139 19.20 80.24 -21.87
CA ALA MA 139 18.80 80.07 -20.48
C ALA MA 139 17.58 79.16 -20.38
N LYS MA 140 17.57 78.32 -19.34
CA LYS MA 140 16.48 77.40 -19.04
C LYS MA 140 16.19 76.47 -20.22
N ALA MA 141 17.22 75.68 -20.57
CA ALA MA 141 17.09 74.74 -21.67
C ALA MA 141 16.20 73.56 -21.27
N ALA MA 142 15.32 73.17 -22.19
CA ALA MA 142 14.40 72.05 -21.98
C ALA MA 142 14.48 71.12 -23.18
N PRO MA 143 15.48 70.23 -23.23
CA PRO MA 143 15.56 69.26 -24.32
C PRO MA 143 14.37 68.31 -24.34
N GLU MA 144 14.00 67.88 -25.54
CA GLU MA 144 12.79 67.08 -25.69
C GLU MA 144 12.98 65.67 -25.14
N TYR MA 145 14.15 65.06 -25.38
CA TYR MA 145 14.47 63.70 -24.93
C TYR MA 145 13.47 62.68 -25.48
N ASN MA 146 13.56 62.48 -26.79
CA ASN MA 146 12.86 61.37 -27.44
C ASN MA 146 13.76 60.13 -27.39
N GLY MA 147 13.96 59.63 -26.17
CA GLY MA 147 14.89 58.56 -25.93
C GLY MA 147 14.32 57.42 -25.10
N PRO MA 148 15.21 56.64 -24.48
CA PRO MA 148 14.76 55.48 -23.70
C PRO MA 148 13.97 55.88 -22.46
N SER MA 149 13.13 54.96 -22.01
CA SER MA 149 12.29 55.18 -20.85
C SER MA 149 13.10 55.07 -19.57
N PHE MA 150 12.44 55.37 -18.44
CA PHE MA 150 13.09 55.34 -17.14
C PHE MA 150 13.53 53.93 -16.76
N ARG MA 151 12.71 52.93 -17.07
CA ARG MA 151 13.05 51.55 -16.73
C ARG MA 151 14.29 51.09 -17.49
N GLU MA 152 14.43 51.48 -18.75
CA GLU MA 152 15.64 51.15 -19.51
C GLU MA 152 16.87 51.81 -18.89
N GLY MA 153 16.71 53.05 -18.40
CA GLY MA 153 17.81 53.69 -17.72
C GLY MA 153 18.22 52.98 -16.45
N LEU MA 154 17.23 52.53 -15.67
CA LEU MA 154 17.54 51.77 -14.46
C LEU MA 154 18.22 50.45 -14.79
N GLU MA 155 17.78 49.79 -15.86
CA GLU MA 155 18.42 48.56 -16.29
C GLU MA 155 19.85 48.82 -16.76
N TYR MA 156 20.08 49.95 -17.41
CA TYR MA 156 21.44 50.34 -17.80
C TYR MA 156 22.33 50.58 -16.58
N VAL MA 157 21.79 51.25 -15.56
CA VAL MA 157 22.55 51.48 -14.33
C VAL MA 157 22.85 50.16 -13.62
N PHE MA 158 21.91 49.20 -13.68
CA PHE MA 158 22.20 47.89 -13.11
C PHE MA 158 23.23 47.12 -13.94
N SER MA 159 23.15 47.24 -15.27
CA SER MA 159 24.14 46.63 -16.15
C SER MA 159 25.52 47.22 -15.93
N PHE MA 160 25.61 48.42 -15.36
CA PHE MA 160 26.89 48.92 -14.90
C PHE MA 160 27.56 47.95 -13.93
N VAL MA 161 26.78 47.35 -13.04
CA VAL MA 161 27.35 46.50 -11.99
C VAL MA 161 27.27 45.01 -12.29
N TRP MA 162 26.42 44.57 -13.22
CA TRP MA 162 26.43 43.15 -13.59
C TRP MA 162 26.95 42.88 -15.00
N LYS MA 163 27.20 43.92 -15.80
CA LYS MA 163 27.69 43.70 -17.15
C LYS MA 163 28.50 44.90 -17.64
N PRO MA 164 29.64 45.22 -17.01
CA PRO MA 164 30.41 46.39 -17.44
C PRO MA 164 31.26 46.06 -18.66
N PRO MA 165 31.67 47.07 -19.43
CA PRO MA 165 32.43 46.81 -20.67
C PRO MA 165 33.88 46.41 -20.44
N ILE MA 166 34.18 45.98 -19.21
CA ILE MA 166 35.56 45.69 -18.81
C ILE MA 166 36.16 44.58 -19.66
N LEU MA 167 35.45 43.45 -19.77
CA LEU MA 167 36.03 42.26 -20.37
C LEU MA 167 35.84 42.14 -21.88
N ILE MA 168 34.98 42.96 -22.49
CA ILE MA 168 34.78 42.85 -23.93
C ILE MA 168 35.97 43.37 -24.73
N ALA MA 169 36.88 44.09 -24.10
CA ALA MA 169 38.08 44.55 -24.79
C ALA MA 169 38.99 43.37 -25.15
N TRP MA 170 39.03 42.36 -24.30
CA TRP MA 170 39.86 41.17 -24.55
C TRP MA 170 39.06 40.15 -25.36
N LYS MA 171 38.88 40.49 -26.64
CA LYS MA 171 38.19 39.66 -27.61
C LYS MA 171 39.04 39.51 -28.85
N PRO MA 172 38.85 38.42 -29.61
CA PRO MA 172 39.61 38.26 -30.85
C PRO MA 172 39.33 39.36 -31.85
N ARG MA 173 40.36 39.70 -32.62
CA ARG MA 173 40.29 40.81 -33.58
C ARG MA 173 39.31 40.51 -34.71
N VAL MA 205 31.30 27.46 -38.95
CA VAL MA 205 31.21 26.10 -39.43
C VAL MA 205 30.32 25.27 -38.51
N TYR MA 206 29.33 24.60 -39.09
CA TYR MA 206 28.39 23.79 -38.34
C TYR MA 206 28.54 22.32 -38.73
N ASP MA 207 28.46 21.45 -37.71
CA ASP MA 207 28.61 20.01 -37.94
C ASP MA 207 27.49 19.43 -38.78
N GLU MA 208 26.32 20.08 -38.78
CA GLU MA 208 25.14 19.76 -39.61
C GLU MA 208 24.76 18.27 -39.57
N GLU MA 209 25.18 17.55 -38.54
CA GLU MA 209 24.81 16.15 -38.34
C GLU MA 209 23.80 16.06 -37.22
N ASP MA 210 22.77 15.23 -37.42
CA ASP MA 210 21.65 15.16 -36.49
C ASP MA 210 22.12 14.69 -35.11
N GLN MA 211 22.83 13.56 -35.06
CA GLN MA 211 23.35 12.94 -33.84
C GLN MA 211 22.24 12.51 -32.88
N LEU MA 212 20.98 12.70 -33.28
CA LEU MA 212 19.82 12.25 -32.53
C LEU MA 212 18.93 11.35 -33.37
N LEU MA 213 19.48 10.80 -34.46
CA LEU MA 213 18.70 10.11 -35.49
C LEU MA 213 18.92 8.61 -35.39
N ILE MA 214 17.84 7.88 -35.14
CA ILE MA 214 17.83 6.44 -35.36
C ILE MA 214 17.65 6.19 -36.86
N LEU MA 215 18.26 5.12 -37.37
CA LEU MA 215 18.16 4.82 -38.80
C LEU MA 215 16.71 4.58 -39.21
N SER MA 216 15.96 3.81 -38.41
CA SER MA 216 14.50 3.67 -38.52
C SER MA 216 14.07 3.26 -39.92
N ASP MA 217 14.80 2.32 -40.51
CA ASP MA 217 14.47 1.77 -41.81
C ASP MA 217 14.04 0.32 -41.63
N ILE MA 218 12.82 0.01 -42.04
CA ILE MA 218 12.27 -1.33 -41.87
C ILE MA 218 12.83 -2.24 -42.95
N VAL MA 219 13.37 -3.39 -42.53
CA VAL MA 219 13.95 -4.36 -43.46
C VAL MA 219 12.81 -5.32 -43.86
N THR MA 220 12.27 -5.10 -45.05
CA THR MA 220 11.15 -5.91 -45.52
C THR MA 220 11.61 -7.32 -45.86
N PHE MA 221 10.78 -8.30 -45.52
CA PHE MA 221 11.03 -9.70 -45.84
C PHE MA 221 9.89 -10.21 -46.74
N GLU MA 222 10.27 -10.87 -47.83
CA GLU MA 222 9.29 -11.38 -48.77
C GLU MA 222 8.72 -12.72 -48.29
N GLU MA 223 7.57 -13.08 -48.84
CA GLU MA 223 6.86 -14.31 -48.50
C GLU MA 223 6.85 -15.23 -49.69
N THR MA 224 7.14 -16.51 -49.47
CA THR MA 224 7.22 -17.51 -50.52
C THR MA 224 5.97 -18.39 -50.47
N ASP MA 225 5.91 -19.34 -51.42
CA ASP MA 225 4.76 -20.24 -51.49
C ASP MA 225 4.68 -21.15 -50.27
N LEU MA 226 5.82 -21.59 -49.75
CA LEU MA 226 5.85 -22.43 -48.55
C LEU MA 226 5.26 -21.69 -47.36
N GLY MA 227 5.66 -20.42 -47.18
CA GLY MA 227 5.10 -19.62 -46.11
C GLY MA 227 3.60 -19.39 -46.29
N ARG MA 228 3.16 -19.23 -47.54
CA ARG MA 228 1.73 -19.06 -47.79
C ARG MA 228 0.95 -20.33 -47.48
N ARG MA 229 1.51 -21.50 -47.80
CA ARG MA 229 0.84 -22.75 -47.44
C ARG MA 229 0.76 -22.92 -45.94
N ARG MA 230 1.83 -22.60 -45.23
CA ARG MA 230 1.81 -22.65 -43.76
C ARG MA 230 0.79 -21.67 -43.20
N GLU MA 231 0.71 -20.47 -43.78
CA GLU MA 231 -0.26 -19.47 -43.34
C GLU MA 231 -1.68 -19.95 -43.56
N ALA MA 232 -1.95 -20.57 -44.71
CA ALA MA 232 -3.29 -21.09 -44.98
C ALA MA 232 -3.67 -22.21 -44.01
N ILE MA 233 -2.72 -23.12 -43.74
CA ILE MA 233 -2.99 -24.20 -42.80
C ILE MA 233 -3.25 -23.65 -41.41
N ALA MA 234 -2.48 -22.66 -40.98
CA ALA MA 234 -2.70 -22.04 -39.67
C ALA MA 234 -4.03 -21.30 -39.63
N GLU MA 235 -4.41 -20.64 -40.73
CA GLU MA 235 -5.69 -19.93 -40.80
C GLU MA 235 -6.85 -20.91 -40.67
N ALA MA 236 -6.75 -22.08 -41.29
CA ALA MA 236 -7.81 -23.08 -41.19
C ALA MA 236 -8.00 -23.57 -39.77
N SER MA 237 -6.97 -23.49 -38.92
CA SER MA 237 -7.04 -23.96 -37.54
C SER MA 237 -7.33 -22.83 -36.56
N GLY MA 238 -7.57 -21.62 -37.04
CA GLY MA 238 -7.89 -20.52 -36.15
C GLY MA 238 -6.71 -19.91 -35.42
N TRP MA 239 -5.50 -20.03 -35.97
CA TRP MA 239 -4.31 -19.46 -35.35
C TRP MA 239 -4.20 -17.95 -35.55
N TYR MA 240 -5.04 -17.36 -36.41
CA TYR MA 240 -5.01 -15.93 -36.66
C TYR MA 240 -6.17 -15.17 -36.03
N THR MA 241 -7.23 -15.87 -35.62
CA THR MA 241 -8.35 -15.24 -34.94
C THR MA 241 -8.14 -15.29 -33.43
N GLY MA 242 -9.15 -14.84 -32.68
CA GLY MA 242 -9.05 -14.83 -31.24
C GLY MA 242 -8.53 -13.53 -30.69
N ASN MA 243 -7.23 -13.47 -30.38
CA ASN MA 243 -6.61 -12.27 -29.86
C ASN MA 243 -5.84 -11.57 -30.97
N PRO MA 244 -6.33 -10.46 -31.51
CA PRO MA 244 -5.62 -9.81 -32.61
C PRO MA 244 -4.49 -8.91 -32.17
N SER MA 245 -4.46 -8.50 -30.90
CA SER MA 245 -3.47 -7.55 -30.40
C SER MA 245 -2.22 -8.23 -29.86
N PHE MA 246 -2.14 -9.56 -29.88
CA PHE MA 246 -0.96 -10.25 -29.37
C PHE MA 246 0.24 -9.99 -30.27
N GLY MA 247 1.39 -9.79 -29.64
CA GLY MA 247 2.63 -9.62 -30.37
C GLY MA 247 2.79 -8.27 -31.04
N ARG MA 248 1.88 -7.34 -30.80
CA ARG MA 248 1.91 -6.03 -31.41
C ARG MA 248 1.98 -4.95 -30.34
N SER MA 249 2.81 -3.94 -30.58
CA SER MA 249 2.93 -2.82 -29.66
C SER MA 249 1.65 -2.00 -29.65
N LEU MA 250 1.54 -1.11 -28.65
CA LEU MA 250 0.36 -0.27 -28.54
C LEU MA 250 0.21 0.65 -29.74
N ILE MA 251 1.31 1.26 -30.18
CA ILE MA 251 1.24 2.19 -31.31
C ILE MA 251 0.94 1.45 -32.61
N GLU MA 252 1.53 0.25 -32.79
CA GLU MA 252 1.26 -0.53 -33.99
C GLU MA 252 -0.20 -0.96 -34.05
N TYR MA 253 -0.74 -1.44 -32.93
CA TYR MA 253 -2.14 -1.84 -32.88
C TYR MA 253 -3.05 -0.64 -33.10
N SER MA 254 -2.66 0.54 -32.58
CA SER MA 254 -3.44 1.78 -32.83
C SER MA 254 -3.43 2.06 -34.34
N GLU MA 255 -2.24 2.19 -34.92
CA GLU MA 255 -2.11 2.51 -36.36
C GLU MA 255 -2.98 1.54 -37.17
N GLN MA 256 -2.95 0.25 -36.85
CA GLN MA 256 -3.68 -0.70 -37.68
C GLN MA 256 -5.19 -0.63 -37.43
N THR MA 257 -5.61 -0.28 -36.22
CA THR MA 257 -7.05 -0.13 -35.97
C THR MA 257 -7.60 1.17 -36.54
N ARG MA 258 -6.77 2.22 -36.62
CA ARG MA 258 -7.25 3.50 -37.14
C ARG MA 258 -7.62 3.40 -38.62
N LYS MA 259 -6.83 2.65 -39.41
CA LYS MA 259 -7.07 2.49 -40.84
C LYS MA 259 -7.09 1.00 -41.18
N GLY MA 260 -8.26 0.38 -41.06
CA GLY MA 260 -8.45 -1.00 -41.44
C GLY MA 260 -7.65 -2.00 -40.64
N TYR NA 40 -93.54 -14.47 -4.93
CA TYR NA 40 -94.46 -13.39 -5.30
C TYR NA 40 -95.07 -12.73 -4.07
N GLN NA 41 -96.01 -13.43 -3.44
CA GLN NA 41 -96.71 -12.97 -2.23
C GLN NA 41 -97.23 -11.54 -2.40
N GLU NA 42 -98.13 -11.38 -3.37
CA GLU NA 42 -98.85 -10.15 -3.66
C GLU NA 42 -97.93 -9.05 -4.17
N GLY NA 43 -98.51 -7.95 -4.65
CA GLY NA 43 -97.77 -6.76 -4.99
C GLY NA 43 -97.63 -5.78 -3.84
N VAL NA 44 -97.97 -6.21 -2.62
CA VAL NA 44 -97.96 -5.36 -1.45
C VAL NA 44 -97.10 -6.01 -0.37
N LEU NA 45 -96.39 -5.18 0.38
CA LEU NA 45 -95.54 -5.48 1.53
C LEU NA 45 -94.19 -6.11 1.14
N GLN NA 46 -93.99 -6.52 -0.11
CA GLN NA 46 -92.68 -6.98 -0.54
C GLN NA 46 -92.35 -6.66 -1.99
N GLY NA 47 -93.22 -5.98 -2.72
CA GLY NA 47 -93.08 -5.82 -4.15
C GLY NA 47 -92.96 -4.37 -4.59
N LEU NA 48 -92.93 -4.20 -5.91
CA LEU NA 48 -92.83 -2.86 -6.49
C LEU NA 48 -94.11 -2.09 -6.22
N GLY NA 49 -93.96 -0.78 -6.00
CA GLY NA 49 -95.06 0.06 -5.59
C GLY NA 49 -95.21 0.21 -4.09
N VAL NA 50 -94.44 -0.52 -3.29
CA VAL NA 50 -94.43 -0.40 -1.84
C VAL NA 50 -93.08 0.19 -1.45
N ASP NA 51 -93.10 1.43 -0.96
CA ASP NA 51 -91.88 2.14 -0.57
C ASP NA 51 -91.96 2.51 0.91
N ALA NA 52 -90.86 2.33 1.62
CA ALA NA 52 -90.79 2.73 3.03
C ALA NA 52 -90.74 4.25 3.17
N ILE NA 53 -90.21 4.94 2.18
CA ILE NA 53 -90.11 6.39 2.15
C ILE NA 53 -91.15 6.93 1.17
N PRO NA 54 -91.41 8.24 1.11
CA PRO NA 54 -92.28 8.75 0.05
C PRO NA 54 -91.77 8.50 -1.36
N GLY NA 55 -90.48 8.19 -1.51
CA GLY NA 55 -89.95 7.77 -2.79
C GLY NA 55 -88.94 8.72 -3.41
N THR NA 56 -87.67 8.38 -3.26
CA THR NA 56 -86.59 9.07 -3.97
C THR NA 56 -86.27 8.35 -5.28
N ASP NA 57 -87.33 8.10 -6.07
CA ASP NA 57 -87.29 7.43 -7.36
C ASP NA 57 -86.83 5.97 -7.26
N ARG NA 58 -86.62 5.48 -6.02
CA ARG NA 58 -86.23 4.12 -5.67
C ARG NA 58 -84.82 3.79 -6.16
N PRO NA 59 -84.07 2.97 -5.44
CA PRO NA 59 -82.78 2.49 -5.99
C PRO NA 59 -82.99 1.76 -7.30
N LYS NA 60 -82.06 1.97 -8.23
CA LYS NA 60 -82.23 1.44 -9.58
C LYS NA 60 -82.06 -0.08 -9.63
N ASN NA 61 -81.29 -0.64 -8.71
CA ASN NA 61 -81.04 -2.08 -8.70
C ASN NA 61 -82.04 -2.86 -7.85
N LEU NA 62 -83.00 -2.17 -7.23
CA LEU NA 62 -84.01 -2.81 -6.39
C LEU NA 62 -85.35 -2.76 -7.09
N ASP NA 63 -85.97 -3.92 -7.28
CA ASP NA 63 -87.30 -4.04 -7.86
C ASP NA 63 -88.04 -5.16 -7.13
N GLY NA 64 -89.27 -5.42 -7.58
CA GLY NA 64 -90.11 -6.39 -6.92
C GLY NA 64 -89.74 -7.84 -7.12
N THR NA 65 -88.69 -8.12 -7.90
CA THR NA 65 -88.29 -9.51 -8.16
C THR NA 65 -87.81 -10.19 -6.89
N LEU NA 66 -87.00 -9.51 -6.08
CA LEU NA 66 -86.46 -10.11 -4.87
C LEU NA 66 -87.47 -10.08 -3.73
N VAL NA 67 -87.35 -11.06 -2.84
CA VAL NA 67 -88.25 -11.17 -1.71
C VAL NA 67 -87.93 -10.10 -0.67
N GLY NA 68 -88.98 -9.58 -0.02
CA GLY NA 68 -88.80 -8.59 1.01
C GLY NA 68 -88.30 -7.24 0.55
N ASP NA 69 -88.49 -6.93 -0.74
CA ASP NA 69 -87.98 -5.68 -1.32
C ASP NA 69 -89.06 -4.62 -1.16
N ILE NA 70 -88.99 -3.85 -0.08
CA ILE NA 70 -89.87 -2.72 0.12
C ILE NA 70 -89.15 -1.45 -0.33
N GLY NA 71 -88.02 -1.64 -1.02
CA GLY NA 71 -87.25 -0.51 -1.52
C GLY NA 71 -86.59 0.34 -0.45
N PHE NA 72 -86.12 -0.29 0.63
CA PHE NA 72 -85.42 0.42 1.70
C PHE NA 72 -83.92 0.27 1.46
N ASP NA 73 -83.27 1.37 1.07
CA ASP NA 73 -81.84 1.39 0.87
C ASP NA 73 -81.35 2.84 0.89
N PRO NA 74 -81.25 3.45 2.09
CA PRO NA 74 -80.77 4.84 2.15
C PRO NA 74 -79.38 5.04 1.60
N LEU NA 75 -78.49 4.07 1.78
CA LEU NA 75 -77.18 4.08 1.17
C LEU NA 75 -77.25 3.43 -0.21
N GLY NA 76 -76.18 3.61 -0.98
CA GLY NA 76 -76.13 3.05 -2.32
C GLY NA 76 -75.55 1.65 -2.37
N PHE NA 77 -75.91 0.81 -1.40
CA PHE NA 77 -75.38 -0.54 -1.33
C PHE NA 77 -75.82 -1.38 -2.52
N SER NA 78 -77.09 -1.26 -2.92
CA SER NA 78 -77.72 -2.16 -3.88
C SER NA 78 -76.93 -2.34 -5.18
N ASN NA 79 -76.60 -1.22 -5.85
CA ASN NA 79 -76.01 -1.32 -7.19
C ASN NA 79 -74.59 -1.88 -7.14
N TRP NA 80 -73.74 -1.37 -6.26
CA TRP NA 80 -72.35 -1.81 -6.23
C TRP NA 80 -72.24 -3.24 -5.72
N LEU NA 81 -73.01 -3.57 -4.68
CA LEU NA 81 -72.93 -4.89 -4.09
C LEU NA 81 -73.72 -5.90 -4.92
N ASP NA 82 -73.18 -7.11 -5.01
CA ASP NA 82 -73.92 -8.17 -5.66
C ASP NA 82 -75.14 -8.52 -4.82
N LEU NA 83 -76.32 -8.53 -5.46
CA LEU NA 83 -77.55 -8.81 -4.72
C LEU NA 83 -77.68 -10.28 -4.35
N ARG NA 84 -77.05 -11.18 -5.11
CA ARG NA 84 -77.03 -12.58 -4.74
C ARG NA 84 -76.22 -12.80 -3.46
N TRP NA 85 -75.00 -12.24 -3.42
CA TRP NA 85 -74.17 -12.34 -2.23
C TRP NA 85 -74.81 -11.63 -1.04
N ALA NA 86 -75.38 -10.45 -1.28
CA ALA NA 86 -76.02 -9.70 -0.21
C ALA NA 86 -77.23 -10.45 0.36
N ARG NA 87 -78.05 -11.04 -0.51
CA ARG NA 87 -79.21 -11.78 -0.03
C ARG NA 87 -78.78 -13.06 0.69
N GLU NA 88 -77.73 -13.73 0.20
CA GLU NA 88 -77.19 -14.90 0.89
C GLU NA 88 -76.71 -14.53 2.28
N ALA NA 89 -75.97 -13.43 2.39
CA ALA NA 89 -75.49 -12.97 3.69
C ALA NA 89 -76.64 -12.59 4.61
N GLU NA 90 -77.67 -11.94 4.07
CA GLU NA 90 -78.83 -11.56 4.88
C GLU NA 90 -79.54 -12.80 5.41
N ILE NA 91 -79.74 -13.80 4.56
CA ILE NA 91 -80.44 -15.01 4.99
C ILE NA 91 -79.61 -15.77 6.02
N LYS NA 92 -78.30 -15.88 5.80
CA LYS NA 92 -77.44 -16.54 6.78
C LYS NA 92 -77.46 -15.82 8.12
N HIS NA 93 -77.32 -14.48 8.11
CA HIS NA 93 -77.36 -13.72 9.35
C HIS NA 93 -78.70 -13.89 10.05
N GLY NA 94 -79.80 -13.90 9.29
CA GLY NA 94 -81.11 -14.05 9.89
C GLY NA 94 -81.33 -15.41 10.53
N ARG NA 95 -80.92 -16.47 9.82
CA ARG NA 95 -81.06 -17.82 10.37
C ARG NA 95 -80.21 -18.00 11.62
N VAL NA 96 -78.96 -17.53 11.58
CA VAL NA 96 -78.09 -17.65 12.74
C VAL NA 96 -78.63 -16.83 13.90
N ALA NA 97 -79.20 -15.66 13.60
CA ALA NA 97 -79.75 -14.80 14.66
C ALA NA 97 -81.00 -15.41 15.28
N MET NA 98 -81.86 -16.02 14.47
CA MET NA 98 -83.03 -16.72 15.00
C MET NA 98 -82.61 -17.85 15.94
N LEU NA 99 -81.65 -18.66 15.49
CA LEU NA 99 -81.16 -19.74 16.33
C LEU NA 99 -80.55 -19.21 17.62
N ALA NA 100 -79.77 -18.12 17.53
CA ALA NA 100 -79.10 -17.57 18.70
C ALA NA 100 -80.10 -16.99 19.71
N ALA NA 101 -81.09 -16.25 19.22
CA ALA NA 101 -82.08 -15.65 20.10
C ALA NA 101 -82.90 -16.74 20.81
N THR NA 102 -83.35 -17.74 20.05
CA THR NA 102 -84.10 -18.84 20.66
C THR NA 102 -83.22 -19.61 21.65
N GLY NA 103 -81.95 -19.78 21.32
CA GLY NA 103 -81.05 -20.47 22.23
C GLY NA 103 -80.84 -19.73 23.53
N MET NA 104 -80.64 -18.42 23.45
CA MET NA 104 -80.49 -17.62 24.67
C MET NA 104 -81.75 -17.66 25.52
N ILE NA 105 -82.93 -17.53 24.87
CA ILE NA 105 -84.19 -17.55 25.62
C ILE NA 105 -84.38 -18.89 26.31
N VAL NA 106 -84.15 -19.99 25.59
CA VAL NA 106 -84.35 -21.32 26.19
C VAL NA 106 -83.30 -21.58 27.27
N GLN NA 107 -82.05 -21.17 27.04
CA GLN NA 107 -80.98 -21.38 28.01
C GLN NA 107 -81.29 -20.67 29.32
N ASP NA 108 -81.83 -19.45 29.25
CA ASP NA 108 -82.30 -18.81 30.48
C ASP NA 108 -83.52 -19.53 31.05
N VAL NA 109 -84.41 -20.02 30.17
CA VAL NA 109 -85.61 -20.69 30.65
C VAL NA 109 -85.28 -22.09 31.18
N TYR NA 110 -84.53 -22.87 30.41
CA TYR NA 110 -84.38 -24.30 30.69
C TYR NA 110 -82.97 -24.76 30.32
N LYS NA 111 -82.37 -25.54 31.22
CA LYS NA 111 -81.09 -26.17 30.95
C LYS NA 111 -81.33 -27.64 30.62
N PHE NA 112 -80.58 -28.15 29.64
CA PHE NA 112 -80.70 -29.55 29.26
C PHE NA 112 -80.24 -30.44 30.41
N PRO NA 113 -80.73 -31.68 30.48
CA PRO NA 113 -80.31 -32.59 31.56
C PRO NA 113 -78.81 -32.83 31.54
N GLY NA 114 -78.18 -32.60 32.69
CA GLY NA 114 -76.75 -32.75 32.82
C GLY NA 114 -75.93 -31.51 32.57
N VAL NA 115 -76.54 -30.42 32.08
CA VAL NA 115 -75.83 -29.17 31.96
C VAL NA 115 -75.50 -28.59 33.33
N GLN NA 116 -76.28 -28.95 34.35
CA GLN NA 116 -75.90 -28.66 35.72
C GLN NA 116 -74.66 -29.47 36.09
N GLN NA 117 -74.16 -29.25 37.32
CA GLN NA 117 -72.86 -29.75 37.79
C GLN NA 117 -71.73 -29.13 36.98
N THR NA 118 -72.06 -28.21 36.08
CA THR NA 118 -71.13 -27.65 35.11
C THR NA 118 -71.59 -26.23 34.78
N PHE NA 119 -70.61 -25.39 34.43
CA PHE NA 119 -70.79 -24.05 33.87
C PHE NA 119 -71.28 -23.02 34.90
N GLY NA 120 -71.69 -23.48 36.08
CA GLY NA 120 -72.29 -22.55 37.03
C GLY NA 120 -73.49 -21.83 36.44
N ASP NA 121 -73.53 -20.50 36.62
CA ASP NA 121 -74.57 -19.67 36.04
C ASP NA 121 -74.51 -19.66 34.52
N ALA NA 122 -73.45 -19.06 33.96
CA ALA NA 122 -73.11 -19.12 32.54
C ALA NA 122 -74.29 -18.78 31.63
N SER NA 123 -74.71 -17.51 31.70
CA SER NA 123 -75.88 -17.11 30.92
C SER NA 123 -75.53 -16.89 29.44
N MET NA 124 -74.71 -15.88 29.16
CA MET NA 124 -74.43 -15.52 27.77
C MET NA 124 -72.96 -15.64 27.37
N MET NA 125 -72.07 -14.91 28.04
CA MET NA 125 -70.69 -14.78 27.58
C MET NA 125 -69.70 -15.57 28.41
N LYS NA 126 -69.92 -15.66 29.73
CA LYS NA 126 -69.17 -16.63 30.53
C LYS NA 126 -69.44 -18.04 30.03
N LEU NA 127 -70.65 -18.29 29.51
CA LEU NA 127 -70.94 -19.58 28.91
C LEU NA 127 -70.04 -19.85 27.71
N HIS NA 128 -69.83 -18.85 26.84
CA HIS NA 128 -68.94 -19.02 25.69
C HIS NA 128 -67.53 -19.39 26.14
N ASN NA 129 -67.00 -18.65 27.14
CA ASN NA 129 -65.62 -18.89 27.57
C ASN NA 129 -65.46 -20.24 28.26
N VAL NA 130 -66.35 -20.57 29.19
CA VAL NA 130 -66.25 -21.83 29.90
C VAL NA 130 -66.45 -23.01 28.96
N ALA NA 131 -67.33 -22.86 27.97
CA ALA NA 131 -67.60 -23.97 27.06
C ALA NA 131 -66.49 -24.13 26.02
N VAL NA 132 -65.87 -23.04 25.56
CA VAL NA 132 -64.69 -23.21 24.70
C VAL NA 132 -63.54 -23.78 25.52
N GLY NA 133 -63.50 -23.50 26.82
CA GLY NA 133 -62.53 -24.17 27.67
C GLY NA 133 -62.79 -25.66 27.78
N GLN NA 134 -64.05 -26.05 27.96
CA GLN NA 134 -64.38 -27.46 28.08
C GLN NA 134 -64.21 -28.20 26.75
N GLY NA 135 -64.78 -27.65 25.68
CA GLY NA 135 -64.69 -28.30 24.38
C GLY NA 135 -66.01 -28.48 23.68
N ALA NA 136 -67.11 -28.08 24.33
CA ALA NA 136 -68.42 -28.16 23.69
C ALA NA 136 -68.51 -27.23 22.49
N MET NA 137 -68.16 -25.96 22.70
CA MET NA 137 -68.15 -25.01 21.59
C MET NA 137 -67.05 -25.33 20.60
N GLN NA 138 -65.98 -26.02 21.03
CA GLN NA 138 -64.98 -26.50 20.08
C GLN NA 138 -65.58 -27.53 19.13
N GLN NA 139 -66.36 -28.47 19.67
CA GLN NA 139 -67.06 -29.43 18.82
C GLN NA 139 -68.04 -28.74 17.90
N LEU NA 140 -68.81 -27.79 18.43
CA LEU NA 140 -69.77 -27.06 17.60
C LEU NA 140 -69.08 -26.29 16.49
N PHE NA 141 -67.97 -25.62 16.81
CA PHE NA 141 -67.22 -24.88 15.79
C PHE NA 141 -66.65 -25.81 14.74
N LEU NA 142 -66.16 -26.99 15.15
CA LEU NA 142 -65.67 -27.96 14.18
C LEU NA 142 -66.77 -28.40 13.22
N TRP NA 143 -67.96 -28.72 13.75
CA TRP NA 143 -69.00 -29.24 12.89
C TRP NA 143 -69.61 -28.15 12.01
N ILE NA 144 -69.74 -26.93 12.52
CA ILE NA 144 -70.20 -25.84 11.67
C ILE NA 144 -69.13 -25.46 10.65
N THR NA 145 -67.85 -25.65 10.99
CA THR NA 145 -66.79 -25.47 9.99
C THR NA 145 -66.93 -26.48 8.86
N VAL NA 146 -67.22 -27.73 9.21
CA VAL NA 146 -67.49 -28.75 8.18
C VAL NA 146 -68.68 -28.33 7.33
N LEU NA 147 -69.76 -27.89 7.98
CA LEU NA 147 -70.96 -27.49 7.25
C LEU NA 147 -70.70 -26.32 6.31
N GLU NA 148 -69.94 -25.32 6.78
CA GLU NA 148 -69.66 -24.15 5.95
C GLU NA 148 -68.69 -24.46 4.83
N THR NA 149 -67.72 -25.36 5.07
CA THR NA 149 -66.76 -25.72 4.04
C THR NA 149 -67.42 -26.56 2.95
N LEU NA 150 -68.34 -27.46 3.33
CA LEU NA 150 -68.90 -28.38 2.36
C LEU NA 150 -70.21 -27.91 1.77
N THR NA 151 -70.91 -26.97 2.42
CA THR NA 151 -72.14 -26.42 1.88
C THR NA 151 -72.02 -24.94 1.54
N GLY NA 152 -71.59 -24.11 2.48
CA GLY NA 152 -71.59 -22.68 2.30
C GLY NA 152 -70.70 -22.18 1.18
N ILE NA 153 -69.40 -22.50 1.26
CA ILE NA 153 -68.46 -22.02 0.24
C ILE NA 153 -68.81 -22.49 -1.16
N PRO NA 154 -69.03 -23.78 -1.42
CA PRO NA 154 -69.34 -24.18 -2.81
C PRO NA 154 -70.67 -23.62 -3.31
N ALA NA 155 -71.70 -23.58 -2.46
CA ALA NA 155 -72.99 -23.06 -2.89
C ALA NA 155 -72.90 -21.58 -3.23
N ILE NA 156 -72.22 -20.79 -2.40
CA ILE NA 156 -72.12 -19.36 -2.69
C ILE NA 156 -71.24 -19.12 -3.92
N ILE NA 157 -70.19 -19.94 -4.09
CA ILE NA 157 -69.34 -19.79 -5.27
C ILE NA 157 -70.13 -20.09 -6.54
N GLN NA 158 -70.90 -21.18 -6.54
CA GLN NA 158 -71.69 -21.52 -7.72
C GLN NA 158 -72.81 -20.51 -7.96
N THR NA 159 -73.42 -19.99 -6.89
CA THR NA 159 -74.45 -18.97 -7.05
C THR NA 159 -73.88 -17.70 -7.67
N LEU NA 160 -72.68 -17.30 -7.24
CA LEU NA 160 -72.03 -16.15 -7.85
C LEU NA 160 -71.63 -16.38 -9.30
N LYS NA 161 -71.50 -17.65 -9.71
CA LYS NA 161 -71.14 -17.97 -11.09
C LYS NA 161 -72.35 -18.09 -12.01
N GLY NA 162 -73.57 -17.97 -11.48
CA GLY NA 162 -74.76 -18.05 -12.30
C GLY NA 162 -75.55 -19.33 -12.19
N SER NA 163 -75.46 -20.06 -11.09
CA SER NA 163 -76.21 -21.29 -10.92
C SER NA 163 -77.69 -20.96 -10.70
N GLU NA 164 -78.53 -21.97 -10.96
CA GLU NA 164 -79.97 -21.83 -10.77
C GLU NA 164 -80.37 -21.76 -9.30
N ARG NA 165 -79.46 -22.06 -8.38
CA ARG NA 165 -79.77 -21.99 -6.96
C ARG NA 165 -79.93 -20.54 -6.52
N GLN NA 166 -81.05 -20.24 -5.84
CA GLN NA 166 -81.26 -18.93 -5.28
C GLN NA 166 -80.43 -18.76 -4.01
N PRO NA 167 -80.04 -17.53 -3.68
CA PRO NA 167 -79.29 -17.30 -2.44
C PRO NA 167 -80.08 -17.75 -1.21
N GLY NA 168 -79.38 -18.39 -0.27
CA GLY NA 168 -80.00 -18.88 0.94
C GLY NA 168 -80.75 -20.18 0.79
N ASP NA 169 -80.75 -20.79 -0.39
CA ASP NA 169 -81.49 -22.02 -0.64
C ASP NA 169 -80.54 -23.21 -0.55
N PHE NA 170 -80.85 -24.15 0.34
CA PHE NA 170 -80.07 -25.37 0.48
C PHE NA 170 -80.92 -26.62 0.28
N GLY NA 171 -82.13 -26.48 -0.27
CA GLY NA 171 -82.99 -27.62 -0.54
C GLY NA 171 -83.34 -28.43 0.69
N PHE NA 172 -83.32 -27.81 1.87
CA PHE NA 172 -83.57 -28.51 3.13
C PHE NA 172 -85.07 -28.46 3.41
N ASP NA 173 -85.75 -29.57 3.15
CA ASP NA 173 -87.19 -29.69 3.44
C ASP NA 173 -87.51 -31.15 3.70
N PRO NA 174 -87.10 -31.69 4.85
CA PRO NA 174 -87.48 -33.07 5.19
C PRO NA 174 -88.97 -33.27 5.31
N LEU NA 175 -89.70 -32.24 5.75
CA LEU NA 175 -91.15 -32.24 5.80
C LEU NA 175 -91.70 -31.47 4.61
N GLY NA 176 -92.94 -31.78 4.25
CA GLY NA 176 -93.58 -31.12 3.12
C GLY NA 176 -94.13 -29.75 3.45
N CYS NA 177 -93.28 -28.87 3.98
CA CYS NA 177 -93.71 -27.53 4.35
C CYS NA 177 -93.65 -26.53 3.20
N GLY NA 178 -93.04 -26.88 2.08
CA GLY NA 178 -92.91 -25.97 0.97
C GLY NA 178 -93.28 -26.58 -0.37
N SER NA 179 -94.18 -27.56 -0.36
CA SER NA 179 -94.61 -28.19 -1.61
C SER NA 179 -95.37 -27.21 -2.50
N ASN NA 180 -96.25 -26.41 -1.91
CA ASN NA 180 -97.06 -25.47 -2.67
C ASN NA 180 -96.34 -24.12 -2.76
N PRO NA 181 -96.04 -23.63 -3.97
CA PRO NA 181 -95.37 -22.31 -4.08
C PRO NA 181 -96.19 -21.16 -3.51
N GLU NA 182 -97.52 -21.27 -3.52
CA GLU NA 182 -98.35 -20.21 -2.97
C GLU NA 182 -98.07 -20.01 -1.48
N GLN NA 183 -97.91 -21.11 -0.74
CA GLN NA 183 -97.47 -21.00 0.65
C GLN NA 183 -95.96 -20.76 0.75
N LEU NA 184 -95.19 -21.18 -0.25
CA LEU NA 184 -93.74 -21.05 -0.17
C LEU NA 184 -93.29 -19.59 -0.24
N ALA NA 185 -93.98 -18.77 -1.05
CA ALA NA 185 -93.65 -17.35 -1.11
C ALA NA 185 -93.91 -16.67 0.23
N ARG NA 186 -95.05 -16.97 0.86
CA ARG NA 186 -95.34 -16.44 2.17
C ARG NA 186 -94.33 -16.93 3.19
N ARG NA 187 -93.91 -18.19 3.09
CA ARG NA 187 -92.89 -18.72 3.98
C ARG NA 187 -91.57 -17.98 3.81
N GLN NA 188 -91.18 -17.66 2.57
CA GLN NA 188 -89.97 -16.90 2.33
C GLN NA 188 -90.06 -15.50 2.95
N LEU NA 189 -91.20 -14.83 2.77
CA LEU NA 189 -91.37 -13.51 3.36
C LEU NA 189 -91.33 -13.56 4.89
N VAL NA 190 -91.98 -14.57 5.47
CA VAL NA 190 -91.97 -14.74 6.92
C VAL NA 190 -90.56 -15.01 7.42
N GLU NA 191 -89.82 -15.85 6.70
CA GLU NA 191 -88.45 -16.15 7.09
C GLU NA 191 -87.58 -14.90 7.06
N LEU NA 192 -87.71 -14.09 6.00
CA LEU NA 192 -86.94 -12.86 5.91
C LEU NA 192 -87.28 -11.90 7.04
N LYS NA 193 -88.57 -11.69 7.30
CA LYS NA 193 -88.97 -10.74 8.34
C LYS NA 193 -88.54 -11.22 9.73
N ASN NA 194 -88.70 -12.52 10.01
CA ASN NA 194 -88.32 -13.02 11.32
C ASN NA 194 -86.80 -12.99 11.50
N GLY NA 195 -86.03 -13.25 10.44
CA GLY NA 195 -84.58 -13.10 10.55
C GLY NA 195 -84.15 -11.67 10.77
N ARG NA 196 -84.78 -10.72 10.06
CA ARG NA 196 -84.47 -9.31 10.27
C ARG NA 196 -84.80 -8.87 11.69
N LEU NA 197 -85.93 -9.35 12.22
CA LEU NA 197 -86.28 -9.07 13.61
C LEU NA 197 -85.27 -9.70 14.56
N ALA NA 198 -84.86 -10.94 14.27
CA ALA NA 198 -84.01 -11.68 15.19
C ALA NA 198 -82.60 -11.13 15.26
N MET NA 199 -82.10 -10.54 14.17
CA MET NA 199 -80.79 -9.88 14.23
C MET NA 199 -80.79 -8.77 15.28
N ILE NA 200 -81.79 -7.88 15.19
CA ILE NA 200 -81.92 -6.79 16.15
C ILE NA 200 -82.16 -7.34 17.56
N ALA NA 201 -82.97 -8.40 17.67
CA ALA NA 201 -83.27 -8.97 18.98
C ALA NA 201 -82.03 -9.54 19.65
N VAL NA 202 -81.23 -10.31 18.90
CA VAL NA 202 -80.03 -10.90 19.49
C VAL NA 202 -78.99 -9.82 19.78
N GLY NA 203 -78.89 -8.78 18.94
CA GLY NA 203 -78.02 -7.67 19.27
C GLY NA 203 -78.42 -6.99 20.57
N GLY NA 204 -79.73 -6.80 20.76
CA GLY NA 204 -80.21 -6.22 22.00
C GLY NA 204 -79.92 -7.10 23.20
N MET NA 205 -80.13 -8.41 23.05
CA MET NA 205 -79.82 -9.34 24.14
C MET NA 205 -78.35 -9.27 24.53
N VAL NA 206 -77.47 -9.25 23.52
CA VAL NA 206 -76.03 -9.21 23.79
C VAL NA 206 -75.66 -7.90 24.50
N HIS NA 207 -76.20 -6.77 24.02
CA HIS NA 207 -75.82 -5.49 24.61
C HIS NA 207 -76.37 -5.33 26.02
N HIS NA 208 -77.61 -5.79 26.26
CA HIS NA 208 -78.16 -5.77 27.60
C HIS NA 208 -77.35 -6.67 28.55
N TYR NA 209 -76.92 -7.85 28.08
CA TYR NA 209 -76.03 -8.66 28.91
C TYR NA 209 -74.70 -7.97 29.17
N LEU NA 210 -74.13 -7.29 28.17
CA LEU NA 210 -72.88 -6.59 28.35
C LEU NA 210 -73.01 -5.47 29.39
N LEU NA 211 -74.15 -4.80 29.38
CA LEU NA 211 -74.38 -3.74 30.36
C LEU NA 211 -74.62 -4.29 31.76
N VAL NA 212 -75.44 -5.33 31.88
CA VAL NA 212 -75.94 -5.77 33.16
C VAL NA 212 -75.34 -7.11 33.63
N GLY NA 213 -74.92 -7.97 32.71
CA GLY NA 213 -74.58 -9.32 33.08
C GLY NA 213 -75.79 -10.21 33.28
N ARG NA 214 -76.91 -9.89 32.62
CA ARG NA 214 -78.18 -10.57 32.82
C ARG NA 214 -78.80 -10.92 31.49
N GLY NA 215 -79.27 -12.18 31.36
CA GLY NA 215 -79.82 -12.67 30.12
C GLY NA 215 -81.21 -12.15 29.85
N PRO NA 216 -81.79 -12.57 28.72
CA PRO NA 216 -83.03 -11.93 28.23
C PRO NA 216 -84.23 -12.14 29.13
N ILE NA 217 -84.50 -13.39 29.52
CA ILE NA 217 -85.65 -13.67 30.38
C ILE NA 217 -85.50 -12.97 31.72
N GLU NA 218 -84.31 -13.09 32.32
CA GLU NA 218 -84.06 -12.41 33.58
C GLU NA 218 -84.10 -10.89 33.43
N PHE NA 219 -83.68 -10.39 32.27
CA PHE NA 219 -83.81 -8.96 31.99
C PHE NA 219 -85.27 -8.54 31.96
N ILE NA 220 -86.13 -9.39 31.41
CA ILE NA 220 -87.57 -9.12 31.42
C ILE NA 220 -88.11 -9.15 32.84
N LYS NA 221 -87.61 -10.09 33.66
CA LYS NA 221 -88.15 -10.29 35.00
C LYS NA 221 -87.98 -9.04 35.86
N ASN NA 222 -86.78 -8.48 35.90
CA ASN NA 222 -86.52 -7.26 36.66
C ASN NA 222 -86.26 -6.11 35.70
N ILE NA 223 -87.11 -5.09 35.76
CA ILE NA 223 -87.01 -3.91 34.91
C ILE NA 223 -85.97 -2.90 35.39
N PRO NA 224 -85.89 -2.54 36.69
CA PRO NA 224 -84.96 -1.47 37.10
C PRO NA 224 -83.50 -1.76 36.76
N ASN NA 225 -82.77 -0.69 36.47
CA ASN NA 225 -81.41 -0.76 35.95
C ASN NA 225 -80.38 -1.09 37.02
N PHE NA 226 -80.59 -0.60 38.26
CA PHE NA 226 -79.52 -0.55 39.24
C PHE NA 226 -78.97 -1.92 39.62
N LYS NA 227 -79.78 -2.97 39.49
CA LYS NA 227 -79.31 -4.31 39.81
C LYS NA 227 -78.33 -4.78 38.75
N ASN NA 228 -77.09 -5.07 39.15
CA ASN NA 228 -76.03 -5.48 38.25
C ASN NA 228 -75.40 -6.76 38.76
N PRO NA 229 -75.97 -7.93 38.43
CA PRO NA 229 -75.45 -9.22 38.86
C PRO NA 229 -74.14 -9.60 38.16
N ASP OA 44 60.72 36.32 -44.58
CA ASP OA 44 61.38 36.48 -43.29
C ASP OA 44 61.94 37.89 -43.12
N PHE OA 45 61.05 38.84 -42.88
CA PHE OA 45 61.40 40.26 -42.78
C PHE OA 45 60.74 40.89 -41.54
N SER OA 46 60.88 40.22 -40.39
CA SER OA 46 60.34 40.77 -39.15
C SER OA 46 61.10 42.01 -38.69
N ALA OA 47 62.31 42.24 -39.21
CA ALA OA 47 63.13 43.43 -39.00
C ALA OA 47 63.74 43.51 -37.60
N ALA OA 48 63.33 42.63 -36.70
CA ALA OA 48 63.97 42.50 -35.39
C ALA OA 48 64.46 41.09 -35.13
N VAL OA 49 63.68 40.09 -35.52
CA VAL OA 49 64.11 38.70 -35.57
C VAL OA 49 64.09 38.24 -37.03
N PRO OA 50 65.26 38.14 -37.65
CA PRO OA 50 65.30 38.04 -39.13
C PRO OA 50 64.66 36.78 -39.70
N PHE OA 51 64.48 35.72 -38.92
CA PHE OA 51 63.99 34.45 -39.44
C PHE OA 51 62.52 34.19 -39.13
N LEU OA 52 61.79 35.18 -38.60
CA LEU OA 52 60.44 34.94 -38.14
C LEU OA 52 59.35 35.69 -38.91
N LYS OA 53 59.72 36.55 -39.87
CA LYS OA 53 58.79 37.24 -40.77
C LYS OA 53 57.93 38.27 -40.04
N ARG OA 54 57.53 39.32 -40.72
CA ARG OA 54 56.70 40.34 -40.10
C ARG OA 54 55.33 39.76 -39.77
N PRO OA 55 54.81 39.99 -38.56
CA PRO OA 55 53.44 39.57 -38.25
C PRO OA 55 52.43 40.29 -39.13
N SER OA 56 51.29 39.62 -39.35
CA SER OA 56 50.35 40.05 -40.39
C SER OA 56 49.81 41.46 -40.11
N ASN OA 57 49.44 41.74 -38.87
CA ASN OA 57 48.87 43.03 -38.51
C ASN OA 57 49.86 43.95 -37.79
N LEU OA 58 51.14 43.61 -37.79
CA LEU OA 58 52.16 44.43 -37.14
C LEU OA 58 52.82 45.37 -38.15
N ASP OA 59 52.01 46.20 -38.79
CA ASP OA 59 52.55 47.25 -39.63
C ASP OA 59 53.13 48.38 -38.77
N GLY OA 60 53.91 49.24 -39.42
CA GLY OA 60 54.62 50.29 -38.72
C GLY OA 60 53.78 51.46 -38.27
N ALA OA 61 52.47 51.28 -38.18
CA ALA OA 61 51.59 52.35 -37.73
C ALA OA 61 51.86 52.71 -36.27
N TYR OA 62 52.10 51.71 -35.43
CA TYR OA 62 52.28 51.94 -34.00
C TYR OA 62 53.74 52.21 -33.67
N ILE OA 63 53.94 53.06 -32.66
CA ILE OA 63 55.29 53.42 -32.23
C ILE OA 63 55.91 52.27 -31.45
N GLY OA 64 57.17 51.98 -31.76
CA GLY OA 64 57.85 50.85 -31.16
C GLY OA 64 57.61 49.53 -31.87
N ASP OA 65 56.91 49.54 -33.00
CA ASP OA 65 56.62 48.32 -33.75
C ASP OA 65 57.87 47.90 -34.51
N VAL OA 66 58.63 46.99 -33.93
CA VAL OA 66 59.78 46.41 -34.61
C VAL OA 66 59.49 45.01 -35.13
N GLY OA 67 58.22 44.60 -35.14
CA GLY OA 67 57.84 43.28 -35.59
C GLY OA 67 58.07 42.16 -34.61
N PHE OA 68 58.32 42.49 -33.34
CA PHE OA 68 58.59 41.48 -32.31
C PHE OA 68 57.27 40.95 -31.78
N ASP OA 69 56.81 39.83 -32.36
CA ASP OA 69 55.66 39.09 -31.85
C ASP OA 69 55.80 37.63 -32.28
N PRO OA 70 56.72 36.90 -31.65
CA PRO OA 70 56.91 35.48 -32.06
C PRO OA 70 55.71 34.61 -31.75
N LEU OA 71 55.19 34.69 -30.53
CA LEU OA 71 53.96 33.99 -30.19
C LEU OA 71 52.77 34.70 -30.80
N GLY OA 72 51.66 33.98 -30.91
CA GLY OA 72 50.46 34.55 -31.48
C GLY OA 72 49.61 35.26 -30.45
N PHE OA 73 49.74 36.58 -30.40
CA PHE OA 73 48.92 37.41 -29.51
C PHE OA 73 48.24 38.56 -30.24
N SER OA 74 48.91 39.18 -31.21
CA SER OA 74 48.27 40.24 -31.99
C SER OA 74 47.26 39.69 -32.98
N ASP OA 75 47.40 38.43 -33.39
CA ASP OA 75 46.42 37.77 -34.23
C ASP OA 75 45.26 37.19 -33.45
N VAL OA 76 45.37 37.15 -32.13
CA VAL OA 76 44.31 36.61 -31.27
C VAL OA 76 43.62 37.69 -30.45
N PHE OA 77 44.17 38.90 -30.37
CA PHE OA 77 43.54 39.99 -29.64
C PHE OA 77 43.69 41.28 -30.43
N ASP OA 78 42.82 42.25 -30.11
CA ASP OA 78 42.85 43.54 -30.77
C ASP OA 78 44.15 44.27 -30.43
N LEU OA 79 44.77 44.85 -31.46
CA LEU OA 79 46.05 45.51 -31.26
C LEU OA 79 45.90 46.81 -30.47
N ARG OA 80 44.76 47.49 -30.61
CA ARG OA 80 44.51 48.70 -29.83
C ARG OA 80 44.43 48.38 -28.34
N VAL OA 81 43.71 47.32 -27.98
CA VAL OA 81 43.62 46.91 -26.58
C VAL OA 81 44.99 46.49 -26.05
N LEU OA 82 45.75 45.77 -26.89
CA LEU OA 82 47.09 45.35 -26.48
C LEU OA 82 48.01 46.54 -26.23
N ARG OA 83 47.95 47.55 -27.09
CA ARG OA 83 48.76 48.75 -26.89
C ARG OA 83 48.32 49.52 -25.64
N GLU OA 84 47.00 49.60 -25.41
CA GLU OA 84 46.50 50.27 -24.21
C GLU OA 84 46.99 49.55 -22.95
N ALA OA 85 46.90 48.23 -22.93
CA ALA OA 85 47.38 47.46 -21.79
C ALA OA 85 48.89 47.60 -21.63
N GLU OA 86 49.62 47.61 -22.74
CA GLU OA 86 51.07 47.76 -22.67
C GLU OA 86 51.46 49.11 -22.07
N LEU OA 87 50.79 50.18 -22.51
CA LEU OA 87 51.09 51.50 -21.97
C LEU OA 87 50.69 51.62 -20.51
N LYS OA 88 49.55 51.05 -20.13
CA LYS OA 88 49.15 51.11 -18.72
C LYS OA 88 50.12 50.33 -17.84
N HIS OA 89 50.51 49.11 -18.25
CA HIS OA 89 51.50 48.33 -17.50
C HIS OA 89 52.80 49.10 -17.39
N GLY OA 90 53.26 49.71 -18.49
CA GLY OA 90 54.53 50.41 -18.47
C GLY OA 90 54.51 51.69 -17.63
N ARG OA 91 53.40 52.43 -17.67
CA ARG OA 91 53.29 53.63 -16.85
C ARG OA 91 53.25 53.26 -15.36
N PHE OA 92 52.50 52.22 -15.01
CA PHE OA 92 52.51 51.74 -13.63
C PHE OA 92 53.91 51.31 -13.23
N ALA OA 93 54.64 50.64 -14.13
CA ALA OA 93 55.99 50.18 -13.81
C ALA OA 93 56.96 51.33 -13.66
N MET OA 94 56.85 52.37 -14.49
CA MET OA 94 57.73 53.53 -14.37
C MET OA 94 57.50 54.24 -13.04
N LEU OA 95 56.22 54.45 -12.69
CA LEU OA 95 55.93 55.06 -11.39
C LEU OA 95 56.40 54.18 -10.25
N ALA OA 96 56.28 52.86 -10.41
CA ALA OA 96 56.72 51.94 -9.37
C ALA OA 96 58.23 51.96 -9.18
N VAL OA 97 58.98 52.03 -10.28
CA VAL OA 97 60.45 52.09 -10.17
C VAL OA 97 60.88 53.39 -9.51
N LEU OA 98 60.27 54.51 -9.94
CA LEU OA 98 60.60 55.79 -9.32
C LEU OA 98 60.25 55.79 -7.83
N GLY OA 99 59.11 55.20 -7.48
CA GLY OA 99 58.76 55.08 -6.07
C GLY OA 99 59.72 54.20 -5.29
N PHE OA 100 60.14 53.08 -5.89
CA PHE OA 100 61.08 52.19 -5.22
C PHE OA 100 62.40 52.91 -4.94
N ILE OA 101 62.83 53.77 -5.85
CA ILE OA 101 64.04 54.56 -5.58
C ILE OA 101 63.79 55.59 -4.48
N VAL OA 102 62.70 56.36 -4.61
CA VAL OA 102 62.50 57.53 -3.75
C VAL OA 102 62.18 57.12 -2.32
N GLN OA 103 61.32 56.12 -2.13
CA GLN OA 103 60.94 55.68 -0.79
C GLN OA 103 62.15 55.19 -0.01
N GLU OA 104 63.03 54.43 -0.67
CA GLU OA 104 64.29 54.03 -0.02
C GLU OA 104 65.18 55.23 0.23
N LEU OA 105 65.19 56.21 -0.67
CA LEU OA 105 66.09 57.34 -0.52
C LEU OA 105 65.67 58.25 0.62
N TYR OA 106 64.47 58.82 0.55
CA TYR OA 106 64.08 59.89 1.46
C TYR OA 106 63.04 59.49 2.50
N THR OA 107 61.85 59.03 2.07
CA THR OA 107 60.67 58.76 2.89
C THR OA 107 60.12 60.02 3.55
N PHE OA 108 58.83 60.02 3.90
CA PHE OA 108 58.19 61.19 4.48
C PHE OA 108 58.53 61.22 5.96
N PRO OA 109 58.46 62.40 6.60
CA PRO OA 109 58.66 62.44 8.06
C PRO OA 109 57.66 61.58 8.83
N PHE OA 110 56.42 61.52 8.39
CA PHE OA 110 55.49 60.53 8.92
C PHE OA 110 55.67 59.20 8.19
N PHE OA 111 54.99 58.17 8.71
CA PHE OA 111 55.13 56.75 8.36
C PHE OA 111 56.48 56.24 8.86
N PRO OA 112 56.56 54.98 9.30
CA PRO OA 112 57.84 54.44 9.76
C PRO OA 112 58.77 54.15 8.59
N LYS OA 113 60.05 53.98 8.92
CA LYS OA 113 61.08 53.65 7.94
C LYS OA 113 60.93 52.18 7.55
N MET OA 114 60.52 51.93 6.31
CA MET OA 114 60.22 50.58 5.87
C MET OA 114 60.74 50.35 4.45
N ALA OA 115 60.92 49.06 4.13
CA ALA OA 115 61.17 48.64 2.77
C ALA OA 115 59.86 48.70 1.97
N PRO OA 116 59.94 48.83 0.64
CA PRO OA 116 58.71 48.97 -0.16
C PRO OA 116 57.71 47.83 -0.03
N VAL OA 117 58.15 46.58 0.04
CA VAL OA 117 57.21 45.47 0.18
C VAL OA 117 56.57 45.48 1.57
N ASP OA 118 57.41 45.69 2.59
CA ASP OA 118 56.88 45.91 3.93
C ASP OA 118 56.00 47.14 3.97
N ALA OA 119 56.29 48.15 3.14
CA ALA OA 119 55.40 49.30 3.05
C ALA OA 119 54.04 48.91 2.49
N HIS OA 120 54.00 48.05 1.46
CA HIS OA 120 52.71 47.57 0.95
C HIS OA 120 51.93 46.86 2.04
N ASP OA 121 52.60 45.97 2.79
CA ASP OA 121 51.90 45.26 3.85
C ASP OA 121 51.39 46.20 4.94
N TYR OA 122 52.24 47.14 5.37
CA TYR OA 122 51.85 48.06 6.43
C TYR OA 122 50.69 48.96 6.01
N PHE OA 123 50.71 49.45 4.77
CA PHE OA 123 49.63 50.30 4.30
C PHE OA 123 48.39 49.49 3.91
N VAL OA 124 48.54 48.19 3.70
CA VAL OA 124 47.38 47.31 3.64
C VAL OA 124 46.68 47.30 4.99
N LYS OA 125 47.45 47.12 6.06
CA LYS OA 125 46.83 47.04 7.38
C LYS OA 125 46.47 48.40 7.97
N GLN OA 126 47.02 49.49 7.42
CA GLN OA 126 46.79 50.82 7.99
C GLN OA 126 45.53 51.47 7.42
N GLY OA 127 45.49 51.66 6.09
CA GLY OA 127 44.37 52.32 5.47
C GLY OA 127 44.75 53.21 4.31
N GLY OA 128 46.03 53.60 4.25
CA GLY OA 128 46.51 54.39 3.13
C GLY OA 128 46.48 53.63 1.83
N GLY OA 129 46.82 52.35 1.87
CA GLY OA 129 46.70 51.52 0.68
C GLY OA 129 45.28 51.42 0.17
N SER OA 130 44.31 51.40 1.09
CA SER OA 130 42.91 51.43 0.69
C SER OA 130 42.57 52.73 -0.02
N GLN OA 131 43.12 53.85 0.47
CA GLN OA 131 42.89 55.13 -0.18
C GLN OA 131 43.48 55.16 -1.60
N ILE OA 132 44.71 54.65 -1.75
CA ILE OA 132 45.35 54.64 -3.06
C ILE OA 132 44.59 53.73 -4.01
N ILE OA 133 44.15 52.56 -3.52
CA ILE OA 133 43.34 51.67 -4.35
C ILE OA 133 42.03 52.33 -4.74
N PHE OA 134 41.41 53.06 -3.81
CA PHE OA 134 40.16 53.74 -4.10
C PHE OA 134 40.34 54.78 -5.21
N TRP OA 135 41.41 55.57 -5.14
CA TRP OA 135 41.59 56.62 -6.14
C TRP OA 135 42.04 56.05 -7.48
N ILE OA 136 42.88 55.01 -7.47
CA ILE OA 136 43.26 54.35 -8.71
C ILE OA 136 42.03 53.73 -9.36
N SER OA 137 41.16 53.12 -8.57
CA SER OA 137 39.91 52.56 -9.08
C SER OA 137 39.00 53.65 -9.62
N PHE OA 138 38.97 54.80 -8.95
CA PHE OA 138 38.17 55.92 -9.43
C PHE OA 138 38.63 56.40 -10.80
N VAL OA 139 39.95 56.49 -10.99
CA VAL OA 139 40.48 56.87 -12.30
C VAL OA 139 40.23 55.77 -13.33
N GLU OA 140 40.37 54.50 -12.93
CA GLU OA 140 40.13 53.39 -13.85
C GLU OA 140 38.65 53.27 -14.22
N LEU OA 141 37.75 53.83 -13.42
CA LEU OA 141 36.34 53.83 -13.79
C LEU OA 141 36.12 54.58 -15.10
N PHE OA 142 36.78 55.72 -15.26
CA PHE OA 142 36.76 56.45 -16.53
C PHE OA 142 37.74 55.85 -17.54
N GLY OA 143 38.78 55.18 -17.08
CA GLY OA 143 39.62 54.41 -17.99
C GLY OA 143 38.85 53.33 -18.71
N VAL OA 144 37.84 52.75 -18.06
CA VAL OA 144 36.95 51.79 -18.71
C VAL OA 144 36.25 52.44 -19.89
N VAL OA 145 35.73 53.65 -19.68
CA VAL OA 145 35.04 54.35 -20.77
C VAL OA 145 36.02 54.71 -21.88
N ALA OA 146 37.25 55.10 -21.51
CA ALA OA 146 38.27 55.39 -22.52
C ALA OA 146 38.60 54.16 -23.35
N LEU OA 147 38.73 52.99 -22.70
CA LEU OA 147 38.97 51.76 -23.43
C LEU OA 147 37.77 51.37 -24.30
N PHE OA 148 36.55 51.66 -23.82
CA PHE OA 148 35.36 51.42 -24.64
C PHE OA 148 35.38 52.30 -25.89
N GLU OA 149 35.79 53.56 -25.74
CA GLU OA 149 35.97 54.42 -26.90
C GLU OA 149 37.01 53.83 -27.85
N THR OA 150 38.16 53.42 -27.30
CA THR OA 150 39.22 52.84 -28.11
C THR OA 150 38.72 51.62 -28.89
N LEU OA 151 37.86 50.82 -28.27
CA LEU OA 151 37.19 49.74 -28.98
C LEU OA 151 36.32 50.29 -30.11
N GLN OA 152 35.57 51.35 -29.83
CA GLN OA 152 34.75 51.96 -30.89
C GLN OA 152 35.63 52.70 -31.90
N GLY OA 153 36.61 53.47 -31.43
CA GLY OA 153 37.44 54.32 -32.24
C GLY OA 153 37.50 55.72 -31.66
N LYS OA 154 37.93 56.68 -32.47
CA LYS OA 154 38.01 58.09 -32.12
C LYS OA 154 38.97 58.36 -30.97
N ARG OA 155 39.79 57.38 -30.58
CA ARG OA 155 40.75 57.56 -29.50
C ARG OA 155 41.94 56.64 -29.74
N GLU OA 156 43.14 57.21 -29.73
CA GLU OA 156 44.34 56.41 -29.85
C GLU OA 156 44.56 55.60 -28.57
N PRO OA 157 45.13 54.40 -28.69
CA PRO OA 157 45.37 53.58 -27.49
C PRO OA 157 46.39 54.24 -26.57
N GLY OA 158 46.03 54.36 -25.30
CA GLY OA 158 46.88 54.99 -24.32
C GLY OA 158 46.86 56.51 -24.32
N ASP OA 159 46.07 57.13 -25.18
CA ASP OA 159 46.02 58.58 -25.29
C ASP OA 159 44.90 59.11 -24.39
N PHE OA 160 45.28 59.80 -23.31
CA PHE OA 160 44.34 60.45 -22.42
C PHE OA 160 44.37 61.97 -22.55
N ALA OA 161 45.06 62.49 -23.57
CA ALA OA 161 45.22 63.94 -23.79
C ALA OA 161 45.81 64.66 -22.59
N PHE OA 162 46.62 63.95 -21.81
CA PHE OA 162 47.23 64.50 -20.60
C PHE OA 162 48.59 65.10 -20.98
N ASP OA 163 48.66 66.43 -21.01
CA ASP OA 163 49.90 67.14 -21.33
C ASP OA 163 49.82 68.56 -20.80
N PRO OA 164 49.92 68.76 -19.47
CA PRO OA 164 49.76 70.12 -18.93
C PRO OA 164 50.88 71.07 -19.32
N LEU OA 165 52.12 70.61 -19.30
CA LEU OA 165 53.26 71.49 -19.57
C LEU OA 165 53.41 71.82 -21.06
N GLY OA 166 52.55 71.31 -21.92
CA GLY OA 166 52.61 71.62 -23.33
C GLY OA 166 53.84 71.09 -24.05
N LEU OA 167 54.33 69.91 -23.65
CA LEU OA 167 55.47 69.32 -24.31
C LEU OA 167 55.03 68.66 -25.61
N ALA OA 168 56.00 68.06 -26.31
CA ALA OA 168 55.77 67.35 -27.58
C ALA OA 168 55.09 68.24 -28.62
N LYS OA 169 55.50 69.49 -28.68
CA LYS OA 169 55.02 70.37 -29.75
C LYS OA 169 55.59 69.91 -31.08
N ASP OA 170 54.74 69.95 -32.12
CA ASP OA 170 55.03 69.48 -33.48
C ASP OA 170 55.07 67.95 -33.50
N GLU OA 171 54.81 67.35 -34.66
CA GLU OA 171 54.60 65.90 -34.72
C GLU OA 171 55.89 65.12 -34.51
N ALA OA 172 57.03 65.65 -34.99
CA ALA OA 172 58.28 64.92 -34.87
C ALA OA 172 58.69 64.73 -33.41
N THR OA 173 58.57 65.80 -32.61
CA THR OA 173 58.85 65.69 -31.18
C THR OA 173 57.88 64.73 -30.50
N LEU OA 174 56.62 64.75 -30.92
CA LEU OA 174 55.64 63.82 -30.36
C LEU OA 174 56.00 62.37 -30.67
N GLU OA 175 56.45 62.10 -31.88
CA GLU OA 175 56.86 60.73 -32.23
C GLU OA 175 58.09 60.30 -31.46
N ARG OA 176 59.06 61.20 -31.31
CA ARG OA 176 60.25 60.87 -30.52
C ARG OA 176 59.89 60.60 -29.06
N TYR OA 177 58.98 61.41 -28.50
CA TYR OA 177 58.55 61.20 -27.12
C TYR OA 177 57.75 59.90 -26.99
N ARG OA 178 56.96 59.55 -28.01
CA ARG OA 178 56.26 58.27 -28.00
C ARG OA 178 57.22 57.10 -27.97
N LEU OA 179 58.26 57.16 -28.81
CA LEU OA 179 59.26 56.09 -28.82
C LEU OA 179 59.97 55.98 -27.48
N ALA OA 180 60.37 57.13 -26.92
CA ALA OA 180 61.02 57.13 -25.61
C ALA OA 180 60.08 56.59 -24.53
N GLU OA 181 58.80 56.95 -24.60
CA GLU OA 181 57.82 56.48 -23.61
C GLU OA 181 57.65 54.98 -23.68
N VAL OA 182 57.55 54.43 -24.88
CA VAL OA 182 57.37 52.98 -25.01
C VAL OA 182 58.60 52.23 -24.54
N LYS OA 183 59.80 52.70 -24.94
CA LYS OA 183 61.02 52.03 -24.51
C LYS OA 183 61.19 52.09 -23.00
N HIS OA 184 60.95 53.26 -22.40
CA HIS OA 184 61.05 53.38 -20.94
C HIS OA 184 59.99 52.54 -20.25
N ALA OA 185 58.79 52.44 -20.83
CA ALA OA 185 57.73 51.62 -20.25
C ALA OA 185 58.14 50.15 -20.18
N ARG OA 186 58.65 49.61 -21.30
CA ARG OA 186 59.10 48.21 -21.30
C ARG OA 186 60.28 47.99 -20.36
N LEU OA 187 61.24 48.92 -20.37
CA LEU OA 187 62.41 48.79 -19.50
C LEU OA 187 62.01 48.80 -18.03
N ALA OA 188 61.08 49.69 -17.65
CA ALA OA 188 60.62 49.73 -16.27
C ALA OA 188 59.76 48.51 -15.93
N MET OA 189 59.02 47.97 -16.91
CA MET OA 189 58.28 46.73 -16.67
C MET OA 189 59.22 45.61 -16.28
N ILE OA 190 60.36 45.51 -16.95
CA ILE OA 190 61.36 44.51 -16.54
C ILE OA 190 61.98 44.90 -15.20
N ALA OA 191 62.28 46.18 -15.01
CA ALA OA 191 63.06 46.63 -13.86
C ALA OA 191 62.29 46.51 -12.54
N ILE OA 192 60.98 46.73 -12.54
CA ILE OA 192 60.24 46.66 -11.29
C ILE OA 192 60.16 45.21 -10.80
N GLY OA 193 59.94 44.27 -11.72
CA GLY OA 193 60.01 42.86 -11.36
C GLY OA 193 61.39 42.48 -10.88
N GLY OA 194 62.43 43.03 -11.51
CA GLY OA 194 63.79 42.80 -11.03
C GLY OA 194 63.99 43.27 -9.60
N PHE OA 195 63.53 44.49 -9.31
CA PHE OA 195 63.65 45.04 -7.96
C PHE OA 195 62.95 44.16 -6.95
N ILE OA 196 61.69 43.80 -7.25
CA ILE OA 196 60.88 43.08 -6.27
C ILE OA 196 61.41 41.67 -6.03
N HIS OA 197 61.79 40.96 -7.09
CA HIS OA 197 62.31 39.61 -6.90
C HIS OA 197 63.68 39.62 -6.24
N GLN OA 198 64.51 40.63 -6.53
CA GLN OA 198 65.81 40.72 -5.86
C GLN OA 198 65.65 41.03 -4.38
N TYR OA 199 64.69 41.90 -4.03
CA TYR OA 199 64.41 42.13 -2.62
C TYR OA 199 63.88 40.87 -1.94
N TRP OA 200 63.01 40.13 -2.63
CA TRP OA 200 62.48 38.90 -2.03
C TRP OA 200 63.57 37.85 -1.83
N VAL OA 201 64.59 37.82 -2.70
CA VAL OA 201 65.62 36.80 -2.59
C VAL OA 201 66.69 37.21 -1.59
N THR OA 202 67.26 38.40 -1.74
CA THR OA 202 68.40 38.81 -0.94
C THR OA 202 68.02 39.56 0.33
N LYS OA 203 66.73 39.89 0.51
CA LYS OA 203 66.25 40.67 1.66
C LYS OA 203 66.95 42.02 1.78
N GLN OA 204 67.36 42.59 0.64
CA GLN OA 204 68.00 43.90 0.58
C GLN OA 204 67.33 44.76 -0.47
N THR OA 205 67.24 46.05 -0.20
CA THR OA 205 66.68 46.98 -1.18
C THR OA 205 67.72 47.30 -2.25
N VAL OA 206 67.24 47.93 -3.34
CA VAL OA 206 67.99 47.96 -4.59
C VAL OA 206 69.30 48.73 -4.44
N LEU OA 207 69.24 49.97 -3.94
CA LEU OA 207 70.47 50.74 -3.79
C LEU OA 207 71.29 50.24 -2.60
N GLU OA 208 70.63 49.68 -1.60
CA GLU OA 208 71.33 48.98 -0.53
C GLU OA 208 72.05 47.74 -1.07
N GLN OA 209 71.52 47.13 -2.13
CA GLN OA 209 72.17 45.97 -2.75
C GLN OA 209 73.26 46.38 -3.74
N LEU OA 210 73.18 47.58 -4.31
CA LEU OA 210 74.17 48.01 -5.30
C LEU OA 210 75.57 48.05 -4.69
N GLY OA 211 75.71 48.61 -3.49
CA GLY OA 211 76.94 48.51 -2.73
C GLY OA 211 76.80 47.39 -1.71
N ASN OA 212 77.90 46.69 -1.44
CA ASN OA 212 77.92 45.48 -0.61
C ASN OA 212 76.96 44.45 -1.20
N PHE OA 213 77.37 43.95 -2.37
CA PHE OA 213 76.49 43.15 -3.22
C PHE OA 213 76.03 41.88 -2.51
N LYS OA 214 76.94 41.17 -1.85
CA LYS OA 214 76.64 39.94 -1.10
C LYS OA 214 75.98 38.89 -2.00
N SER OA 215 76.77 38.43 -2.97
CA SER OA 215 76.29 37.48 -3.96
C SER OA 215 75.78 36.21 -3.30
N LEU OA 216 74.68 35.68 -3.85
CA LEU OA 216 74.05 34.47 -3.32
C LEU OA 216 74.99 33.27 -3.42
N ASP PA 40 32.83 67.68 -30.92
CA ASP PA 40 33.58 66.46 -31.19
C ASP PA 40 34.11 65.86 -29.89
N ARG PA 41 34.96 66.61 -29.20
CA ARG PA 41 35.52 66.18 -27.92
C ARG PA 41 34.74 66.82 -26.77
N SER PA 42 34.90 66.23 -25.58
CA SER PA 42 34.11 66.64 -24.42
C SER PA 42 34.55 68.01 -23.88
N TYR PA 43 35.86 68.27 -23.92
CA TYR PA 43 36.53 69.44 -23.35
C TYR PA 43 36.58 69.39 -21.82
N SER PA 44 35.86 68.45 -21.22
CA SER PA 44 36.02 68.15 -19.80
C SER PA 44 36.96 66.98 -19.62
N MET PA 45 36.74 65.91 -20.38
CA MET PA 45 37.66 64.78 -20.51
C MET PA 45 38.00 64.69 -22.00
N PRO PA 46 39.08 65.32 -22.45
CA PRO PA 46 39.36 65.43 -23.89
C PRO PA 46 39.66 64.10 -24.57
N PHE PA 47 39.60 62.97 -23.86
CA PHE PA 47 39.85 61.66 -24.43
C PHE PA 47 38.58 60.85 -24.60
N LEU PA 48 37.41 61.45 -24.39
CA LEU PA 48 36.17 60.69 -24.28
C LEU PA 48 35.07 61.12 -25.24
N SER PA 49 35.29 62.18 -26.03
CA SER PA 49 34.33 62.71 -27.01
C SER PA 49 33.09 63.31 -26.34
N ARG PA 50 32.46 64.27 -27.01
CA ARG PA 50 31.31 64.95 -26.44
C ARG PA 50 30.12 63.99 -26.33
N PRO PA 51 29.40 63.98 -25.22
CA PRO PA 51 28.17 63.18 -25.12
C PRO PA 51 27.14 63.64 -26.13
N PRO PA 52 26.39 62.71 -26.72
CA PRO PA 52 25.42 63.11 -27.77
C PRO PA 52 24.34 64.07 -27.29
N ALA PA 53 23.89 63.94 -26.04
CA ALA PA 53 22.80 64.76 -25.52
C ALA PA 53 23.28 66.03 -24.83
N LEU PA 54 24.59 66.23 -24.69
CA LEU PA 54 25.13 67.39 -23.99
C LEU PA 54 25.58 68.43 -25.01
N ASP PA 55 24.62 69.23 -25.46
CA ASP PA 55 24.91 70.40 -26.26
C ASP PA 55 25.20 71.60 -25.36
N GLY PA 56 25.63 72.69 -25.99
CA GLY PA 56 25.98 73.89 -25.23
C GLY PA 56 24.77 74.69 -24.79
N THR PA 57 23.56 74.18 -25.03
CA THR PA 57 22.36 74.91 -24.67
C THR PA 57 22.18 75.00 -23.16
N MET PA 58 22.33 73.88 -22.45
CA MET PA 58 22.09 73.86 -21.02
C MET PA 58 23.24 74.52 -20.27
N ALA PA 59 22.91 75.18 -19.17
CA ALA PA 59 23.91 75.81 -18.33
C ALA PA 59 24.73 74.75 -17.58
N GLY PA 60 25.95 75.14 -17.20
CA GLY PA 60 26.84 74.23 -16.51
C GLY PA 60 27.35 73.08 -17.33
N ASP PA 61 27.19 73.13 -18.65
CA ASP PA 61 27.55 72.01 -19.53
C ASP PA 61 28.98 72.23 -20.00
N VAL PA 62 29.90 71.43 -19.47
CA VAL PA 62 31.27 71.34 -19.96
C VAL PA 62 31.53 70.02 -20.66
N GLY PA 63 30.49 69.23 -20.90
CA GLY PA 63 30.64 67.93 -21.53
C GLY PA 63 31.02 66.81 -20.59
N PHE PA 64 30.81 66.98 -19.29
CA PHE PA 64 31.20 65.97 -18.31
C PHE PA 64 30.02 65.00 -18.11
N ASP PA 65 30.08 63.87 -18.81
CA ASP PA 65 29.14 62.78 -18.61
C ASP PA 65 29.78 61.47 -19.07
N PRO PA 66 30.82 60.99 -18.36
CA PRO PA 66 31.49 59.76 -18.82
C PRO PA 66 30.57 58.55 -18.88
N LEU PA 67 29.65 58.43 -17.92
CA LEU PA 67 28.64 57.39 -17.95
C LEU PA 67 27.40 57.93 -18.62
N GLY PA 68 26.85 57.17 -19.56
CA GLY PA 68 25.77 57.68 -20.40
C GLY PA 68 24.44 57.88 -19.70
N PHE PA 69 24.44 58.69 -18.64
CA PHE PA 69 23.19 58.98 -17.94
C PHE PA 69 22.27 59.84 -18.78
N SER PA 70 22.83 60.84 -19.49
CA SER PA 70 22.00 61.70 -20.33
C SER PA 70 21.42 60.95 -21.52
N ASN PA 71 22.09 59.89 -21.97
CA ASN PA 71 21.57 59.10 -23.08
C ASN PA 71 20.36 58.27 -22.66
N TYR PA 72 20.31 57.84 -21.40
CA TYR PA 72 19.26 56.95 -20.92
C TYR PA 72 18.30 57.61 -19.94
N PHE PA 73 18.53 58.85 -19.54
CA PHE PA 73 17.63 59.58 -18.66
C PHE PA 73 17.34 60.95 -19.23
N ASP PA 74 16.15 61.47 -18.94
CA ASP PA 74 15.77 62.79 -19.39
C ASP PA 74 16.65 63.87 -18.78
N LEU PA 75 17.17 64.77 -19.62
CA LEU PA 75 18.06 65.81 -19.13
C LEU PA 75 17.35 66.79 -18.20
N LYS PA 76 16.06 67.04 -18.45
CA LYS PA 76 15.31 67.93 -17.57
C LYS PA 76 15.18 67.34 -16.17
N TRP PA 77 14.88 66.03 -16.08
CA TRP PA 77 14.80 65.37 -14.79
C TRP PA 77 16.15 65.36 -14.08
N LEU PA 78 17.23 65.09 -14.82
CA LEU PA 78 18.56 65.09 -14.24
C LEU PA 78 18.94 66.48 -13.71
N ARG PA 79 18.64 67.53 -14.48
CA ARG PA 79 18.96 68.89 -14.04
C ARG PA 79 18.11 69.29 -12.84
N GLU PA 80 16.83 68.91 -12.82
CA GLU PA 80 15.99 69.21 -11.66
C GLU PA 80 16.50 68.51 -10.41
N ALA PA 81 16.88 67.24 -10.53
CA ALA PA 81 17.44 66.51 -9.39
C ALA PA 81 18.75 67.12 -8.93
N GLU PA 82 19.60 67.50 -9.88
CA GLU PA 82 20.89 68.13 -9.54
C GLU PA 82 20.68 69.43 -8.80
N LEU PA 83 19.78 70.28 -9.30
CA LEU PA 83 19.52 71.56 -8.65
C LEU PA 83 18.89 71.37 -7.27
N LYS PA 84 17.97 70.41 -7.14
CA LYS PA 84 17.36 70.17 -5.82
C LYS PA 84 18.38 69.69 -4.81
N HIS PA 85 19.20 68.69 -5.19
CA HIS PA 85 20.25 68.21 -4.32
C HIS PA 85 21.20 69.34 -3.92
N GLY PA 86 21.60 70.15 -4.89
CA GLY PA 86 22.55 71.21 -4.62
C GLY PA 86 22.00 72.34 -3.76
N ARG PA 87 20.74 72.73 -3.98
CA ARG PA 87 20.13 73.75 -3.13
C ARG PA 87 19.96 73.25 -1.71
N ILE PA 88 19.53 72.00 -1.54
CA ILE PA 88 19.43 71.41 -0.22
C ILE PA 88 20.80 71.38 0.45
N CYS PA 89 21.84 71.11 -0.33
CA CYS PA 89 23.20 71.06 0.24
C CYS PA 89 23.73 72.46 0.57
N MET PA 90 23.38 73.47 -0.22
CA MET PA 90 23.75 74.84 0.13
C MET PA 90 23.12 75.24 1.46
N LEU PA 91 21.82 74.97 1.60
CA LEU PA 91 21.15 75.25 2.88
C LEU PA 91 21.76 74.43 4.01
N GLY PA 92 22.15 73.19 3.71
CA GLY PA 92 22.71 72.33 4.74
C GLY PA 92 24.08 72.79 5.22
N CYS PA 93 24.93 73.26 4.29
CA CYS PA 93 26.22 73.80 4.68
C CYS PA 93 26.06 75.09 5.50
N LEU PA 94 25.15 75.96 5.06
CA LEU PA 94 24.87 77.17 5.84
C LEU PA 94 24.38 76.81 7.24
N GLY PA 95 23.53 75.78 7.34
CA GLY PA 95 23.08 75.33 8.64
C GLY PA 95 24.18 74.74 9.48
N PHE PA 96 25.09 73.98 8.86
CA PHE PA 96 26.22 73.39 9.57
C PHE PA 96 27.08 74.48 10.19
N ILE PA 97 27.30 75.58 9.46
CA ILE PA 97 28.07 76.68 10.02
C ILE PA 97 27.27 77.40 11.11
N THR PA 98 26.00 77.70 10.83
CA THR PA 98 25.21 78.56 11.71
C THR PA 98 24.90 77.89 13.04
N GLN PA 99 24.52 76.60 13.02
CA GLN PA 99 24.16 75.90 14.24
C GLN PA 99 25.35 75.79 15.18
N GLU PA 100 26.55 75.64 14.64
CA GLU PA 100 27.75 75.79 15.45
C GLU PA 100 27.85 77.21 15.99
N LYS PA 101 27.62 78.20 15.13
CA LYS PA 101 27.76 79.60 15.57
C LYS PA 101 26.61 80.04 16.46
N ILE PA 102 25.37 79.74 16.07
CA ILE PA 102 24.19 80.24 16.75
C ILE PA 102 23.19 79.11 16.94
N GLN PA 103 22.59 79.05 18.13
CA GLN PA 103 21.55 78.08 18.44
C GLN PA 103 20.31 78.78 18.95
N LEU PA 104 19.16 78.19 18.69
CA LEU PA 104 17.92 78.70 19.25
C LEU PA 104 17.87 78.42 20.76
N PRO PA 105 17.29 79.32 21.55
CA PRO PA 105 17.26 79.12 23.01
C PRO PA 105 16.30 78.04 23.48
N LEU PA 106 15.58 77.38 22.57
CA LEU PA 106 14.67 76.32 22.97
C LEU PA 106 15.43 75.13 23.54
N PRO PA 107 14.85 74.42 24.51
CA PRO PA 107 15.55 73.27 25.10
C PRO PA 107 15.78 72.17 24.06
N GLY PA 108 16.94 71.52 24.17
CA GLY PA 108 17.33 70.49 23.24
C GLY PA 108 17.92 71.00 21.93
N PHE PA 109 18.05 72.31 21.77
CA PHE PA 109 18.52 72.92 20.54
C PHE PA 109 19.94 73.45 20.65
N ASP PA 110 20.72 72.96 21.61
CA ASP PA 110 22.00 73.54 21.99
C ASP PA 110 23.16 72.59 21.74
N ASN PA 111 23.15 71.93 20.58
CA ASN PA 111 24.18 70.96 20.24
C ASN PA 111 25.10 71.55 19.17
N LYS PA 112 26.40 71.63 19.47
CA LYS PA 112 27.36 72.14 18.49
C LYS PA 112 27.45 71.21 17.28
N VAL PA 113 27.46 69.90 17.53
CA VAL PA 113 27.58 68.92 16.45
C VAL PA 113 26.22 68.76 15.78
N ALA PA 114 26.16 69.01 14.47
CA ALA PA 114 24.89 68.97 13.75
C ALA PA 114 24.33 67.55 13.67
N THR PA 115 25.20 66.56 13.47
CA THR PA 115 24.73 65.18 13.42
C THR PA 115 24.10 64.74 14.73
N GLU PA 116 24.70 65.15 15.85
CA GLU PA 116 24.08 64.93 17.16
C GLU PA 116 22.91 65.87 17.40
N ALA PA 117 22.94 67.06 16.78
CA ALA PA 117 21.82 67.99 16.92
C ALA PA 117 20.56 67.43 16.27
N PHE PA 118 20.70 66.57 15.25
CA PHE PA 118 19.53 65.93 14.66
C PHE PA 118 18.80 65.08 15.69
N PHE PA 119 19.54 64.32 16.50
CA PHE PA 119 18.93 63.45 17.49
C PHE PA 119 18.60 64.16 18.80
N SER PA 120 19.23 65.31 19.08
CA SER PA 120 18.88 66.06 20.28
C SER PA 120 17.56 66.80 20.11
N VAL PA 121 17.28 67.29 18.92
CA VAL PA 121 16.03 68.02 18.65
C VAL PA 121 14.86 67.04 18.75
N PRO PA 122 13.73 67.44 19.36
CA PRO PA 122 12.58 66.53 19.42
C PRO PA 122 12.11 66.08 18.04
N ALA PA 123 11.70 64.82 17.96
CA ALA PA 123 11.34 64.23 16.67
C ALA PA 123 10.07 64.85 16.10
N GLY PA 124 9.18 65.36 16.95
CA GLY PA 124 7.97 66.00 16.46
C GLY PA 124 8.26 67.21 15.60
N GLY PA 125 9.25 68.01 16.00
CA GLY PA 125 9.64 69.15 15.19
C GLY PA 125 10.24 68.74 13.86
N LEU PA 126 11.06 67.69 13.85
CA LEU PA 126 11.63 67.19 12.60
C LEU PA 126 10.54 66.67 11.67
N TRP PA 127 9.53 66.00 12.22
CA TRP PA 127 8.42 65.53 11.38
C TRP PA 127 7.57 66.70 10.89
N GLN PA 128 7.43 67.76 11.70
CA GLN PA 128 6.77 68.96 11.22
C GLN PA 128 7.53 69.57 10.04
N ILE PA 129 8.86 69.60 10.14
CA ILE PA 129 9.69 70.09 9.04
C ILE PA 129 9.51 69.22 7.80
N PHE PA 130 9.51 67.90 7.98
CA PHE PA 130 9.37 66.99 6.85
C PHE PA 130 8.01 67.18 6.15
N PHE PA 131 6.94 67.29 6.94
CA PHE PA 131 5.62 67.49 6.35
C PHE PA 131 5.53 68.85 5.65
N THR PA 132 6.13 69.88 6.23
CA THR PA 132 6.13 71.19 5.59
C THR PA 132 6.88 71.17 4.26
N LEU PA 133 8.04 70.50 4.22
CA LEU PA 133 8.80 70.40 2.98
C LEU PA 133 8.06 69.57 1.94
N GLY PA 134 7.38 68.51 2.38
CA GLY PA 134 6.57 67.74 1.45
C GLY PA 134 5.42 68.54 0.87
N ALA PA 135 4.77 69.35 1.70
CA ALA PA 135 3.71 70.24 1.20
C ALA PA 135 4.28 71.25 0.22
N ILE PA 136 5.47 71.79 0.50
CA ILE PA 136 6.10 72.74 -0.40
C ILE PA 136 6.41 72.07 -1.74
N GLU PA 137 6.94 70.85 -1.71
CA GLU PA 137 7.24 70.13 -2.95
C GLU PA 137 5.98 69.87 -3.76
N ILE PA 138 4.92 69.40 -3.09
CA ILE PA 138 3.67 69.09 -3.78
C ILE PA 138 3.06 70.35 -4.39
N LEU PA 139 3.08 71.46 -3.65
CA LEU PA 139 2.54 72.71 -4.15
C LEU PA 139 3.36 73.24 -5.33
N SER PA 140 4.70 73.12 -5.24
CA SER PA 140 5.56 73.61 -6.32
C SER PA 140 5.35 72.81 -7.59
N ASN PA 141 5.31 71.49 -7.48
CA ASN PA 141 5.13 70.65 -8.66
C ASN PA 141 3.67 70.53 -9.08
N GLY PA 142 2.73 70.91 -8.22
CA GLY PA 142 1.32 70.83 -8.55
C GLY PA 142 0.83 69.42 -8.78
N GLY PA 143 1.30 68.47 -7.98
CA GLY PA 143 0.91 67.08 -8.12
C GLY PA 143 1.65 66.32 -9.19
N LYS PA 144 2.57 66.97 -9.90
CA LYS PA 144 3.33 66.31 -10.97
C LYS PA 144 4.70 65.94 -10.41
N LEU PA 145 4.73 64.83 -9.68
CA LEU PA 145 5.90 64.40 -8.94
C LEU PA 145 6.70 63.32 -9.67
N ALA PA 146 6.30 62.93 -10.88
CA ALA PA 146 6.96 61.87 -11.62
C ALA PA 146 7.65 62.44 -12.86
N PRO PA 147 8.72 61.80 -13.34
CA PRO PA 147 9.39 62.30 -14.55
C PRO PA 147 8.50 62.28 -15.79
N ALA PA 148 7.43 61.49 -15.80
CA ALA PA 148 6.52 61.48 -16.95
C ALA PA 148 5.66 62.72 -17.01
N ASP PA 149 5.35 63.33 -15.86
CA ASP PA 149 4.43 64.46 -15.82
C ASP PA 149 5.01 65.74 -15.21
N MET PA 150 6.21 65.69 -14.61
CA MET PA 150 6.76 66.88 -13.97
C MET PA 150 6.99 68.00 -14.96
N PHE PA 151 7.47 67.68 -16.16
CA PHE PA 151 7.72 68.66 -17.21
C PHE PA 151 6.70 68.55 -18.35
N ALA PA 152 5.51 68.02 -18.07
CA ALA PA 152 4.48 67.95 -19.09
C ALA PA 152 4.03 69.33 -19.51
N GLU PA 153 3.96 70.26 -18.57
CA GLU PA 153 3.63 71.66 -18.86
C GLU PA 153 4.86 72.51 -19.12
N GLY PA 154 6.04 71.90 -19.18
CA GLY PA 154 7.28 72.64 -19.37
C GLY PA 154 7.95 72.99 -18.06
N ARG PA 155 7.76 74.24 -17.63
CA ARG PA 155 8.11 74.73 -16.29
C ARG PA 155 9.61 74.86 -16.08
N ALA PA 156 10.41 74.39 -17.05
CA ALA PA 156 11.88 74.40 -17.06
C ALA PA 156 12.47 73.57 -15.92
N PRO PA 157 13.66 72.98 -16.11
CA PRO PA 157 14.27 72.21 -15.02
C PRO PA 157 14.77 73.12 -13.92
N GLY PA 158 14.26 72.91 -12.71
CA GLY PA 158 14.68 73.68 -11.55
C GLY PA 158 14.02 75.02 -11.39
N ASP PA 159 13.12 75.41 -12.29
CA ASP PA 159 12.43 76.70 -12.21
C ASP PA 159 11.11 76.50 -11.46
N LEU PA 160 11.14 76.77 -10.16
CA LEU PA 160 9.96 76.64 -9.32
C LEU PA 160 9.20 77.95 -9.17
N GLY PA 161 9.58 78.99 -9.91
CA GLY PA 161 8.91 80.27 -9.83
C GLY PA 161 9.34 81.16 -8.67
N PHE PA 162 10.41 80.80 -7.97
CA PHE PA 162 10.91 81.58 -6.84
C PHE PA 162 11.87 82.63 -7.36
N ASP PA 163 11.42 83.87 -7.44
CA ASP PA 163 12.24 84.98 -7.90
C ASP PA 163 11.68 86.30 -7.38
N PRO PA 164 11.79 86.58 -6.08
CA PRO PA 164 11.26 87.87 -5.57
C PRO PA 164 11.91 89.09 -6.20
N LEU PA 165 13.21 89.01 -6.50
CA LEU PA 165 13.92 90.07 -7.21
C LEU PA 165 14.05 89.66 -8.67
N ASN PA 166 13.63 90.54 -9.57
CA ASN PA 166 13.63 90.21 -10.99
C ASN PA 166 15.06 90.25 -11.54
N LEU PA 167 15.86 89.26 -11.16
CA LEU PA 167 17.24 89.16 -11.60
C LEU PA 167 17.40 88.30 -12.84
N SER PA 168 16.31 87.79 -13.41
CA SER PA 168 16.35 86.98 -14.61
C SER PA 168 15.95 87.77 -15.86
N GLY PA 169 15.84 89.10 -15.74
CA GLY PA 169 15.44 89.90 -16.90
C GLY PA 169 16.45 89.86 -18.02
N ASP PA 170 17.73 90.01 -17.69
CA ASP PA 170 18.78 89.94 -18.69
C ASP PA 170 19.13 88.48 -18.98
N ASP PA 171 19.25 88.15 -20.26
CA ASP PA 171 19.48 86.76 -20.65
C ASP PA 171 20.89 86.31 -20.32
N ALA PA 172 21.90 87.13 -20.63
CA ALA PA 172 23.27 86.79 -20.31
C ALA PA 172 23.48 86.72 -18.80
N ALA PA 173 22.90 87.68 -18.06
CA ALA PA 173 22.98 87.64 -16.61
C ALA PA 173 22.30 86.39 -16.06
N LEU PA 174 21.16 86.00 -16.63
CA LEU PA 174 20.48 84.79 -16.19
C LEU PA 174 21.32 83.54 -16.45
N ARG PA 175 21.98 83.48 -17.62
CA ARG PA 175 22.82 82.32 -17.92
C ARG PA 175 24.02 82.25 -16.98
N ARG PA 176 24.66 83.38 -16.71
CA ARG PA 176 25.78 83.39 -15.78
C ARG PA 176 25.33 83.05 -14.36
N PHE PA 177 24.15 83.52 -13.96
CA PHE PA 177 23.60 83.16 -12.65
C PHE PA 177 23.29 81.67 -12.57
N GLU PA 178 22.81 81.09 -13.67
CA GLU PA 178 22.57 79.64 -13.69
C GLU PA 178 23.87 78.87 -13.54
N LEU PA 179 24.92 79.31 -14.24
CA LEU PA 179 26.22 78.65 -14.07
C LEU PA 179 26.73 78.77 -12.64
N ALA PA 180 26.60 79.97 -12.06
CA ALA PA 180 27.03 80.17 -10.68
C ALA PA 180 26.22 79.29 -9.71
N GLU PA 181 24.92 79.19 -9.95
CA GLU PA 181 24.07 78.35 -9.09
C GLU PA 181 24.47 76.89 -9.19
N LEU PA 182 24.74 76.40 -10.41
CA LEU PA 182 25.15 75.01 -10.57
C LEU PA 182 26.51 74.74 -9.92
N LYS PA 183 27.46 75.65 -10.09
CA LYS PA 183 28.77 75.48 -9.46
C LYS PA 183 28.67 75.48 -7.94
N HIS PA 184 27.89 76.42 -7.39
CA HIS PA 184 27.68 76.45 -5.94
C HIS PA 184 26.96 75.20 -5.46
N ALA PA 185 26.02 74.69 -6.26
CA ALA PA 185 25.28 73.48 -5.90
C ALA PA 185 26.20 72.28 -5.80
N ARG PA 186 27.06 72.08 -6.81
CA ARG PA 186 27.98 70.95 -6.79
C ARG PA 186 29.01 71.09 -5.68
N LEU PA 187 29.55 72.31 -5.49
CA LEU PA 187 30.50 72.54 -4.43
C LEU PA 187 29.87 72.30 -3.06
N ALA PA 188 28.61 72.71 -2.88
CA ALA PA 188 27.93 72.51 -1.61
C ALA PA 188 27.61 71.03 -1.37
N MET PA 189 27.28 70.29 -2.43
CA MET PA 189 27.10 68.85 -2.29
C MET PA 189 28.36 68.19 -1.77
N ILE PA 190 29.50 68.49 -2.40
CA ILE PA 190 30.76 67.89 -1.97
C ILE PA 190 31.12 68.35 -0.56
N GLY PA 191 30.95 69.64 -0.28
CA GLY PA 191 31.30 70.16 1.03
C GLY PA 191 30.43 69.62 2.15
N LEU PA 192 29.13 69.47 1.89
CA LEU PA 192 28.23 68.89 2.88
C LEU PA 192 28.58 67.43 3.14
N GLY PA 193 28.88 66.67 2.08
CA GLY PA 193 29.33 65.31 2.29
C GLY PA 193 30.57 65.24 3.16
N GLY PA 194 31.55 66.10 2.86
CA GLY PA 194 32.78 66.10 3.63
C GLY PA 194 32.56 66.50 5.08
N MET PA 195 31.79 67.57 5.31
CA MET PA 195 31.54 68.02 6.67
C MET PA 195 30.73 66.99 7.46
N LEU PA 196 29.75 66.36 6.83
CA LEU PA 196 28.96 65.34 7.52
C LEU PA 196 29.80 64.12 7.89
N HIS PA 197 30.63 63.63 6.96
CA HIS PA 197 31.44 62.46 7.30
C HIS PA 197 32.52 62.80 8.35
N GLN PA 198 33.11 64.00 8.26
CA GLN PA 198 34.10 64.40 9.26
C GLN PA 198 33.45 64.62 10.63
N MET PA 199 32.20 65.10 10.64
CA MET PA 199 31.45 65.20 11.89
C MET PA 199 31.15 63.82 12.46
N LEU PA 200 30.84 62.85 11.59
CA LEU PA 200 30.62 61.49 12.05
C LEU PA 200 31.89 60.89 12.65
N ILE PA 201 33.04 61.18 12.06
CA ILE PA 201 34.29 60.62 12.56
C ILE PA 201 34.72 61.30 13.86
N THR PA 202 34.91 62.61 13.82
CA THR PA 202 35.55 63.34 14.92
C THR PA 202 34.59 63.73 16.03
N LYS PA 203 33.27 63.65 15.79
CA LYS PA 203 32.26 64.17 16.72
C LYS PA 203 32.49 65.65 17.03
N GLN PA 204 33.03 66.39 16.06
CA GLN PA 204 33.34 67.80 16.22
C GLN PA 204 32.74 68.60 15.08
N ALA PA 205 32.25 69.80 15.39
CA ALA PA 205 31.71 70.68 14.37
C ALA PA 205 32.83 71.13 13.42
N PRO PA 206 32.50 71.45 12.14
CA PRO PA 206 33.55 71.70 11.14
C PRO PA 206 34.54 72.80 11.49
N LEU PA 207 34.05 74.01 11.81
CA LEU PA 207 34.96 75.08 12.22
C LEU PA 207 35.65 74.74 13.52
N GLU PA 208 34.93 74.07 14.44
CA GLU PA 208 35.55 73.59 15.67
C GLU PA 208 36.61 72.54 15.37
N GLN PA 209 36.36 71.68 14.38
CA GLN PA 209 37.34 70.64 14.03
C GLN PA 209 38.55 71.24 13.33
N LEU PA 210 38.40 72.38 12.66
CA LEU PA 210 39.54 73.00 11.98
C LEU PA 210 40.62 73.39 12.98
N ALA PA 211 40.24 73.98 14.10
CA ALA PA 211 41.16 74.12 15.22
C ALA PA 211 41.30 72.78 15.93
N ASN PA 212 42.43 72.60 16.62
CA ASN PA 212 42.82 71.36 17.30
C ASN PA 212 42.52 70.15 16.42
N PHE PA 213 43.23 70.05 15.29
CA PHE PA 213 42.81 69.17 14.20
C PHE PA 213 42.69 67.72 14.65
N GLN PA 214 43.69 67.21 15.40
CA GLN PA 214 43.64 65.88 16.00
C GLN PA 214 43.37 64.78 14.98
N PRO PA 215 44.38 64.38 14.18
CA PRO PA 215 44.17 63.39 13.10
C PRO PA 215 43.40 62.14 13.50
N ILE PA 216 42.89 61.43 12.49
CA ILE PA 216 41.79 60.47 12.67
C ILE PA 216 42.17 59.36 13.65
N GLN PA 217 43.45 58.95 13.67
CA GLN PA 217 43.86 57.85 14.54
C GLN PA 217 43.77 58.21 16.02
N TYR PA 218 43.66 59.51 16.35
CA TYR PA 218 43.50 59.91 17.74
C TYR PA 218 42.17 59.42 18.32
N TYR PA 219 41.10 59.48 17.53
CA TYR PA 219 39.79 59.04 17.99
C TYR PA 219 39.69 57.52 18.02
N ARG QA 53 50.31 90.81 -27.52
CA ARG QA 53 49.37 91.40 -26.57
C ARG QA 53 48.30 90.39 -26.17
N PRO QA 54 47.98 90.33 -24.87
CA PRO QA 54 46.95 89.40 -24.42
C PRO QA 54 45.59 89.78 -24.98
N PRO QA 55 44.75 88.79 -25.30
CA PRO QA 55 43.39 89.10 -25.76
C PRO QA 55 42.55 89.73 -24.66
N GLY QA 56 41.66 90.64 -25.07
CA GLY QA 56 40.76 91.28 -24.13
C GLY QA 56 41.39 92.34 -23.26
N LEU QA 57 42.63 92.74 -23.55
CA LEU QA 57 43.33 93.75 -22.75
C LEU QA 57 43.67 94.92 -23.68
N ASP QA 58 42.72 95.85 -23.81
CA ASP QA 58 42.92 97.02 -24.64
C ASP QA 58 43.67 98.10 -23.85
N GLY QA 59 44.19 99.08 -24.59
CA GLY QA 59 44.97 100.15 -24.00
C GLY QA 59 44.18 101.28 -23.38
N THR QA 60 42.85 101.19 -23.37
CA THR QA 60 42.01 102.24 -22.80
C THR QA 60 42.14 102.37 -21.30
N TYR QA 61 42.74 101.39 -20.63
CA TYR QA 61 42.94 101.45 -19.18
C TYR QA 61 44.36 101.90 -18.87
N VAL QA 62 44.48 102.81 -17.89
CA VAL QA 62 45.79 103.31 -17.50
C VAL QA 62 46.59 102.21 -16.82
N GLY QA 63 47.91 102.34 -16.86
CA GLY QA 63 48.79 101.35 -16.27
C GLY QA 63 48.89 100.05 -17.05
N ASP QA 64 48.55 100.08 -18.34
CA ASP QA 64 48.57 98.89 -19.17
C ASP QA 64 49.90 98.80 -19.92
N ILE QA 65 50.59 97.68 -19.76
CA ILE QA 65 51.81 97.40 -20.52
C ILE QA 65 51.65 96.05 -21.21
N GLY QA 66 50.41 95.60 -21.34
CA GLY QA 66 50.16 94.28 -21.90
C GLY QA 66 50.68 93.14 -21.07
N PHE QA 67 50.53 93.23 -19.74
CA PHE QA 67 51.06 92.23 -18.81
C PHE QA 67 49.89 91.37 -18.35
N ASP QA 68 49.78 90.17 -18.94
CA ASP QA 68 48.76 89.21 -18.54
C ASP QA 68 49.13 87.81 -18.99
N PRO QA 69 50.09 87.15 -18.33
CA PRO QA 69 50.43 85.76 -18.72
C PRO QA 69 49.26 84.80 -18.60
N LEU QA 70 48.40 84.98 -17.60
CA LEU QA 70 47.21 84.15 -17.42
C LEU QA 70 45.98 84.96 -17.82
N GLY QA 71 45.13 84.36 -18.64
CA GLY QA 71 44.01 85.09 -19.21
C GLY QA 71 42.89 85.41 -18.24
N PHE QA 72 43.21 86.14 -17.16
CA PHE QA 72 42.17 86.58 -16.24
C PHE QA 72 41.24 87.59 -16.91
N SER QA 73 41.79 88.48 -17.72
CA SER QA 73 40.97 89.46 -18.44
C SER QA 73 40.13 88.83 -19.55
N SER QA 74 40.41 87.58 -19.93
CA SER QA 74 39.62 86.91 -20.95
C SER QA 74 38.41 86.18 -20.38
N ILE QA 75 38.36 85.97 -19.06
CA ILE QA 75 37.25 85.29 -18.42
C ILE QA 75 36.51 86.16 -17.41
N ILE QA 76 37.06 87.32 -17.06
CA ILE QA 76 36.47 88.21 -16.05
C ILE QA 76 36.45 89.62 -16.61
N ASP QA 77 35.36 90.35 -16.35
CA ASP QA 77 35.21 91.71 -16.84
C ASP QA 77 36.36 92.60 -16.35
N MET QA 78 36.87 93.42 -17.27
CA MET QA 78 38.00 94.28 -16.93
C MET QA 78 37.60 95.40 -15.97
N ARG QA 79 36.34 95.82 -15.98
CA ARG QA 79 35.88 96.80 -15.01
C ARG QA 79 35.97 96.25 -13.60
N TRP QA 80 35.51 95.01 -13.40
CA TRP QA 80 35.62 94.36 -12.10
C TRP QA 80 37.08 94.16 -11.71
N LEU QA 81 37.92 93.76 -12.66
CA LEU QA 81 39.33 93.54 -12.37
C LEU QA 81 40.02 94.84 -11.94
N ARG QA 82 39.74 95.94 -12.63
CA ARG QA 82 40.35 97.21 -12.28
C ARG QA 82 39.82 97.74 -10.95
N GLU QA 83 38.52 97.57 -10.69
CA GLU QA 83 37.98 97.96 -9.39
C GLU QA 83 38.63 97.16 -8.26
N ALA QA 84 38.78 95.84 -8.45
CA ALA QA 84 39.43 95.02 -7.45
C ALA QA 84 40.89 95.41 -7.28
N GLU QA 85 41.58 95.71 -8.38
CA GLU QA 85 42.98 96.10 -8.30
C GLU QA 85 43.14 97.41 -7.52
N LEU QA 86 42.29 98.40 -7.80
CA LEU QA 86 42.39 99.67 -7.11
C LEU QA 86 42.02 99.53 -5.63
N LYS QA 87 40.98 98.75 -5.32
CA LYS QA 87 40.63 98.54 -3.92
C LYS QA 87 41.74 97.81 -3.16
N HIS QA 88 42.32 96.76 -3.77
CA HIS QA 88 43.44 96.07 -3.13
C HIS QA 88 44.63 97.02 -2.94
N GLY QA 89 44.92 97.85 -3.95
CA GLY QA 89 46.04 98.77 -3.83
C GLY QA 89 45.86 99.82 -2.75
N ARG QA 90 44.67 100.40 -2.67
CA ARG QA 90 44.39 101.40 -1.63
C ARG QA 90 44.41 100.76 -0.24
N VAL QA 91 43.80 99.59 -0.10
CA VAL QA 91 43.82 98.88 1.18
C VAL QA 91 45.26 98.55 1.58
N CYS QA 92 46.09 98.17 0.61
CA CYS QA 92 47.48 97.83 0.90
C CYS QA 92 48.31 99.06 1.24
N MET QA 93 48.04 100.19 0.59
CA MET QA 93 48.70 101.44 0.97
C MET QA 93 48.40 101.77 2.43
N LEU QA 94 47.12 101.74 2.80
CA LEU QA 94 46.75 102.02 4.18
C LEU QA 94 47.35 101.00 5.14
N ALA QA 95 47.36 99.73 4.75
CA ALA QA 95 47.89 98.68 5.62
C ALA QA 95 49.39 98.82 5.83
N ALA QA 96 50.15 99.08 4.76
CA ALA QA 96 51.59 99.25 4.89
C ALA QA 96 51.92 100.48 5.72
N THR QA 97 51.21 101.59 5.49
CA THR QA 97 51.43 102.79 6.30
C THR QA 97 51.14 102.50 7.77
N GLY QA 98 50.05 101.79 8.04
CA GLY QA 98 49.72 101.47 9.42
C GLY QA 98 50.70 100.54 10.08
N MET QA 99 51.19 99.53 9.33
CA MET QA 99 52.16 98.60 9.89
C MET QA 99 53.48 99.29 10.19
N ILE QA 100 53.85 100.28 9.37
CA ILE QA 100 55.05 101.06 9.66
C ILE QA 100 54.83 101.95 10.88
N VAL QA 101 53.68 102.62 10.94
CA VAL QA 101 53.45 103.60 12.01
C VAL QA 101 53.29 102.91 13.36
N GLN QA 102 52.65 101.74 13.38
CA GLN QA 102 52.36 101.05 14.64
C GLN QA 102 53.61 100.61 15.39
N ASP QA 103 54.77 100.59 14.72
CA ASP QA 103 56.03 100.35 15.40
C ASP QA 103 56.63 101.59 16.04
N VAL QA 104 56.02 102.76 15.84
CA VAL QA 104 56.61 104.01 16.31
C VAL QA 104 55.72 104.70 17.34
N TYR QA 105 54.51 105.06 16.94
CA TYR QA 105 53.65 105.88 17.80
C TYR QA 105 52.95 105.05 18.86
N GLN QA 106 52.14 104.08 18.43
CA GLN QA 106 51.33 103.18 19.25
C GLN QA 106 50.22 103.88 20.02
N PHE QA 107 50.00 105.19 19.81
CA PHE QA 107 48.88 105.97 20.37
C PHE QA 107 48.99 106.08 21.89
N PRO QA 108 48.24 107.01 22.53
CA PRO QA 108 48.41 107.20 23.99
C PRO QA 108 48.05 105.98 24.85
N GLY QA 109 46.82 105.47 24.72
CA GLY QA 109 46.33 104.48 25.66
C GLY QA 109 46.38 103.04 25.21
N VAL QA 110 46.81 102.81 23.97
CA VAL QA 110 46.86 101.44 23.44
C VAL QA 110 47.93 100.62 24.17
N THR QA 111 48.99 101.27 24.65
CA THR QA 111 50.06 100.54 25.33
C THR QA 111 49.65 99.77 26.59
N LYS QA 112 48.79 100.36 27.42
CA LYS QA 112 48.30 99.66 28.61
C LYS QA 112 47.16 98.67 28.34
N SER QA 113 46.56 98.77 27.16
CA SER QA 113 45.41 97.97 26.79
C SER QA 113 45.94 96.68 26.15
N PHE QA 114 46.68 96.82 25.05
CA PHE QA 114 47.15 95.69 24.27
C PHE QA 114 48.53 95.22 24.69
N GLY QA 115 49.10 95.79 25.74
CA GLY QA 115 50.49 95.51 26.07
C GLY QA 115 51.38 96.14 25.01
N ASP QA 116 52.26 95.33 24.42
CA ASP QA 116 53.06 95.79 23.30
C ASP QA 116 52.37 95.48 21.97
N ALA QA 117 52.18 94.19 21.67
CA ALA QA 117 51.45 93.67 20.51
C ALA QA 117 52.10 94.03 19.17
N LYS QA 118 51.88 93.19 18.15
CA LYS QA 118 52.49 93.42 16.85
C LYS QA 118 51.87 92.58 15.75
N MET QA 119 51.36 93.24 14.71
CA MET QA 119 50.98 92.62 13.43
C MET QA 119 49.91 91.56 13.66
N THR QA 120 50.19 90.27 13.42
CA THR QA 120 49.18 89.23 13.61
C THR QA 120 48.75 89.11 15.06
N THR QA 121 49.69 89.21 15.99
CA THR QA 121 49.33 89.25 17.40
C THR QA 121 48.46 90.45 17.72
N LEU QA 122 48.73 91.59 17.07
CA LEU QA 122 47.90 92.77 17.26
C LEU QA 122 46.47 92.52 16.77
N HIS QA 123 46.33 91.84 15.62
CA HIS QA 123 44.99 91.45 15.14
C HIS QA 123 44.31 90.53 16.15
N ASP QA 124 45.06 89.58 16.70
CA ASP QA 124 44.49 88.62 17.65
C ASP QA 124 44.01 89.29 18.93
N VAL QA 125 44.78 90.26 19.44
CA VAL QA 125 44.35 90.98 20.63
C VAL QA 125 43.19 91.91 20.32
N ALA QA 126 43.22 92.57 19.15
CA ALA QA 126 42.22 93.59 18.84
C ALA QA 126 40.87 92.97 18.50
N VAL QA 127 40.85 91.77 17.91
CA VAL QA 127 39.57 91.10 17.69
C VAL QA 127 38.93 90.76 19.03
N LYS QA 128 39.75 90.45 20.04
CA LYS QA 128 39.23 90.17 21.38
C LYS QA 128 38.81 91.45 22.10
N GLN QA 129 39.44 92.58 21.78
CA GLN QA 129 39.06 93.84 22.42
C GLN QA 129 37.76 94.39 21.86
N GLY QA 130 37.72 94.68 20.56
CA GLY QA 130 36.52 95.22 19.95
C GLY QA 130 36.76 96.26 18.87
N SER QA 131 38.01 96.70 18.72
CA SER QA 131 38.34 97.64 17.65
C SER QA 131 38.13 97.01 16.28
N MET QA 132 38.51 95.74 16.12
CA MET QA 132 38.35 95.06 14.84
C MET QA 132 36.88 94.90 14.47
N GLN QA 133 36.02 94.64 15.45
CA GLN QA 133 34.59 94.55 15.18
C GLN QA 133 34.05 95.88 14.67
N GLN QA 134 34.43 96.98 15.31
CA GLN QA 134 33.97 98.30 14.88
C GLN QA 134 34.46 98.63 13.48
N LEU QA 135 35.75 98.37 13.22
CA LEU QA 135 36.28 98.64 11.88
C LEU QA 135 35.60 97.78 10.84
N LEU QA 136 35.37 96.50 11.16
CA LEU QA 136 34.70 95.60 10.21
C LEU QA 136 33.29 96.06 9.90
N VAL QA 137 32.52 96.44 10.93
CA VAL QA 137 31.13 96.81 10.67
C VAL QA 137 31.05 98.13 9.91
N TRP QA 138 31.94 99.09 10.22
CA TRP QA 138 31.86 100.36 9.52
C TRP QA 138 32.37 100.27 8.09
N LEU QA 139 33.45 99.50 7.87
CA LEU QA 139 33.92 99.30 6.51
C LEU QA 139 32.95 98.43 5.71
N GLY QA 140 32.22 97.52 6.37
CA GLY QA 140 31.16 96.80 5.68
C GLY QA 140 30.01 97.71 5.31
N PHE QA 141 29.68 98.67 6.17
CA PHE QA 141 28.67 99.67 5.82
C PHE QA 141 29.10 100.47 4.60
N LEU QA 142 30.37 100.87 4.55
CA LEU QA 142 30.89 101.55 3.36
C LEU QA 142 30.88 100.64 2.14
N GLU QA 143 31.24 99.37 2.32
CA GLU QA 143 31.34 98.44 1.21
C GLU QA 143 29.97 98.03 0.68
N ILE QA 144 28.90 98.25 1.45
CA ILE QA 144 27.57 98.07 0.88
C ILE QA 144 27.34 99.05 -0.28
N PHE QA 145 27.66 100.33 -0.04
CA PHE QA 145 27.52 101.32 -1.11
C PHE QA 145 28.59 101.13 -2.17
N GLY QA 146 29.75 100.59 -1.79
CA GLY QA 146 30.72 100.17 -2.79
C GLY QA 146 30.19 99.09 -3.71
N PHE QA 147 29.46 98.12 -3.13
CA PHE QA 147 28.80 97.08 -3.92
C PHE QA 147 27.75 97.68 -4.84
N VAL QA 148 26.98 98.66 -4.32
CA VAL QA 148 26.01 99.35 -5.15
C VAL QA 148 26.69 100.05 -6.33
N ALA QA 149 27.83 100.70 -6.06
CA ALA QA 149 28.57 101.39 -7.12
C ALA QA 149 29.07 100.40 -8.16
N ILE QA 150 29.60 99.25 -7.71
CA ILE QA 150 30.08 98.24 -8.66
C ILE QA 150 28.93 97.70 -9.51
N VAL QA 151 27.77 97.46 -8.88
CA VAL QA 151 26.61 96.98 -9.61
C VAL QA 151 26.15 98.00 -10.65
N GLN QA 152 26.10 99.27 -10.26
CA GLN QA 152 25.70 100.31 -11.20
C GLN QA 152 26.70 100.46 -12.34
N MET QA 153 28.00 100.33 -12.04
CA MET QA 153 29.01 100.38 -13.09
C MET QA 153 28.86 99.23 -14.06
N LEU QA 154 28.62 98.02 -13.56
CA LEU QA 154 28.44 96.87 -14.43
C LEU QA 154 27.14 96.95 -15.22
N GLN QA 155 26.12 97.59 -14.65
CA GLN QA 155 24.85 97.76 -15.35
C GLN QA 155 24.91 98.82 -16.45
N GLY QA 156 25.93 99.68 -16.43
CA GLY QA 156 26.05 100.72 -17.43
C GLY QA 156 25.75 102.09 -16.89
N SER QA 157 26.79 102.86 -16.61
CA SER QA 157 26.65 104.21 -16.08
C SER QA 157 27.92 104.98 -16.40
N ASP QA 158 27.90 106.27 -16.04
CA ASP QA 158 29.08 107.11 -16.24
C ASP QA 158 30.21 106.78 -15.27
N ARG QA 159 29.95 105.96 -14.26
CA ARG QA 159 30.97 105.61 -13.28
C ARG QA 159 32.04 104.72 -13.91
N GLN QA 160 33.27 104.89 -13.43
CA GLN QA 160 34.43 104.14 -13.85
C GLN QA 160 35.04 103.43 -12.63
N PRO QA 161 35.79 102.35 -12.84
CA PRO QA 161 36.39 101.64 -11.71
C PRO QA 161 37.29 102.54 -10.88
N GLY QA 162 37.12 102.48 -9.56
CA GLY QA 162 37.88 103.30 -8.64
C GLY QA 162 37.40 104.74 -8.50
N ASP QA 163 36.33 105.13 -9.19
CA ASP QA 163 35.82 106.50 -9.14
C ASP QA 163 34.71 106.55 -8.09
N PHE QA 164 35.11 106.85 -6.86
CA PHE QA 164 34.16 107.04 -5.77
C PHE QA 164 33.82 108.50 -5.52
N GLY QA 165 34.38 109.42 -6.33
CA GLY QA 165 34.10 110.83 -6.16
C GLY QA 165 34.77 111.48 -4.97
N PHE QA 166 35.70 110.80 -4.31
CA PHE QA 166 36.37 111.33 -3.12
C PHE QA 166 37.53 112.21 -3.56
N ASP QA 167 37.23 113.47 -3.85
CA ASP QA 167 38.23 114.47 -4.19
C ASP QA 167 37.92 115.76 -3.44
N PRO QA 168 38.08 115.76 -2.11
CA PRO QA 168 37.73 116.96 -1.34
C PRO QA 168 38.65 118.15 -1.61
N LEU QA 169 39.91 117.91 -1.96
CA LEU QA 169 40.87 118.98 -2.18
C LEU QA 169 40.86 119.51 -3.61
N ASN QA 170 39.98 118.97 -4.47
CA ASN QA 170 39.85 119.38 -5.87
C ASN QA 170 41.18 119.25 -6.62
N CYS QA 171 41.91 118.17 -6.33
CA CYS QA 171 43.17 117.90 -7.01
C CYS QA 171 43.00 117.40 -8.44
N ALA QA 172 41.77 117.07 -8.85
CA ALA QA 172 41.51 116.55 -10.18
C ALA QA 172 41.05 117.63 -11.16
N ALA QA 173 41.24 118.90 -10.81
CA ALA QA 173 40.83 119.99 -11.71
C ALA QA 173 41.60 119.93 -13.03
N ASN QA 174 42.90 119.71 -12.96
CA ASN QA 174 43.71 119.58 -14.17
C ASN QA 174 43.57 118.16 -14.72
N PRO QA 175 43.11 117.98 -15.96
CA PRO QA 175 42.90 116.61 -16.47
C PRO QA 175 44.18 115.81 -16.62
N ASP QA 176 45.25 116.42 -17.13
CA ASP QA 176 46.51 115.69 -17.28
C ASP QA 176 47.11 115.32 -15.94
N ALA QA 177 46.94 116.17 -14.93
CA ALA QA 177 47.39 115.82 -13.58
C ALA QA 177 46.65 114.59 -13.06
N LEU QA 178 45.34 114.52 -13.29
CA LEU QA 178 44.57 113.34 -12.91
C LEU QA 178 45.03 112.10 -13.67
N ALA QA 179 45.32 112.27 -14.97
CA ALA QA 179 45.79 111.15 -15.78
C ALA QA 179 47.11 110.60 -15.27
N ARG QA 180 48.03 111.49 -14.89
CA ARG QA 180 49.29 111.06 -14.30
C ARG QA 180 49.05 110.42 -12.93
N ARG QA 181 48.17 111.01 -12.12
CA ARG QA 181 47.93 110.53 -10.77
C ARG QA 181 47.27 109.16 -10.75
N GLN QA 182 46.50 108.82 -11.80
CA GLN QA 182 45.95 107.47 -11.87
C GLN QA 182 47.05 106.42 -11.95
N LEU QA 183 48.03 106.63 -12.83
CA LEU QA 183 49.17 105.72 -12.92
C LEU QA 183 50.00 105.75 -11.65
N VAL QA 184 50.17 106.93 -11.04
CA VAL QA 184 50.89 107.02 -9.77
C VAL QA 184 50.20 106.17 -8.71
N GLU QA 185 48.88 106.29 -8.61
CA GLU QA 185 48.12 105.53 -7.63
C GLU QA 185 48.23 104.04 -7.89
N LEU QA 186 48.15 103.62 -9.16
CA LEU QA 186 48.27 102.20 -9.49
C LEU QA 186 49.63 101.64 -9.09
N LYS QA 187 50.70 102.32 -9.49
CA LYS QA 187 52.04 101.78 -9.21
C LYS QA 187 52.35 101.81 -7.72
N ASN QA 188 51.98 102.89 -7.00
CA ASN QA 188 52.21 102.91 -5.56
C ASN QA 188 51.36 101.85 -4.86
N GLY QA 189 50.16 101.58 -5.37
CA GLY QA 189 49.33 100.53 -4.80
C GLY QA 189 49.89 99.14 -5.01
N ARG QA 190 50.43 98.87 -6.20
CA ARG QA 190 51.08 97.58 -6.45
C ARG QA 190 52.32 97.41 -5.59
N LEU QA 191 53.12 98.47 -5.46
CA LEU QA 191 54.26 98.44 -4.55
C LEU QA 191 53.81 98.21 -3.11
N ALA QA 192 52.67 98.79 -2.73
CA ALA QA 192 52.14 98.61 -1.39
C ALA QA 192 51.68 97.18 -1.16
N MET QA 193 51.07 96.55 -2.17
CA MET QA 193 50.71 95.14 -2.07
C MET QA 193 51.95 94.28 -1.82
N ILE QA 194 52.99 94.50 -2.63
CA ILE QA 194 54.21 93.72 -2.48
C ILE QA 194 54.83 93.97 -1.11
N ALA QA 195 54.87 95.22 -0.67
CA ALA QA 195 55.49 95.56 0.61
C ALA QA 195 54.70 95.01 1.79
N THR QA 196 53.38 95.06 1.74
CA THR QA 196 52.56 94.51 2.82
C THR QA 196 52.74 93.00 2.91
N ALA QA 197 52.77 92.32 1.76
CA ALA QA 197 53.03 90.89 1.76
C ALA QA 197 54.40 90.58 2.36
N GLY QA 198 55.41 91.37 1.99
CA GLY QA 198 56.74 91.18 2.54
C GLY QA 198 56.80 91.37 4.04
N MET QA 199 56.18 92.45 4.54
CA MET QA 199 56.15 92.69 5.98
C MET QA 199 55.43 91.57 6.72
N LEU QA 200 54.30 91.10 6.17
CA LEU QA 200 53.57 90.01 6.81
C LEU QA 200 54.41 88.75 6.90
N HIS QA 201 55.05 88.34 5.81
CA HIS QA 201 55.82 87.10 5.86
C HIS QA 201 57.13 87.26 6.64
N HIS QA 202 57.74 88.44 6.64
CA HIS QA 202 58.91 88.66 7.50
C HIS QA 202 58.53 88.58 8.97
N PHE QA 203 57.37 89.13 9.34
CA PHE QA 203 56.88 88.96 10.71
C PHE QA 203 56.59 87.50 11.02
N PHE QA 204 56.09 86.74 10.04
CA PHE QA 204 55.85 85.29 10.29
C PHE QA 204 57.18 84.63 10.68
N ILE QA 205 58.21 84.77 9.84
CA ILE QA 205 59.53 84.09 10.09
C ILE QA 205 60.22 84.59 11.37
N THR QA 206 60.20 85.90 11.66
CA THR QA 206 61.02 86.41 12.80
C THR QA 206 60.19 87.00 13.95
N GLY QA 207 58.91 87.31 13.74
CA GLY QA 207 58.17 87.98 14.79
C GLY QA 207 58.62 89.40 15.05
N LYS QA 208 59.04 90.11 14.01
CA LYS QA 208 59.48 91.50 14.13
C LYS QA 208 58.73 92.36 13.12
N GLY QA 209 58.57 93.63 13.46
CA GLY QA 209 57.88 94.55 12.59
C GLY QA 209 58.77 95.04 11.46
N PRO QA 210 58.20 95.91 10.62
CA PRO QA 210 58.98 96.47 9.51
C PRO QA 210 60.17 97.30 9.95
N ILE QA 211 60.09 97.94 11.11
CA ILE QA 211 61.20 98.78 11.58
C ILE QA 211 62.19 97.98 12.42
N GLN QA 212 61.74 96.90 13.08
CA GLN QA 212 62.65 96.09 13.87
C GLN QA 212 63.68 95.39 12.99
N LEU QA 213 63.36 95.17 11.72
CA LEU QA 213 64.38 94.66 10.80
C LEU QA 213 65.36 95.76 10.42
N ILE QA 214 64.85 96.98 10.17
CA ILE QA 214 65.72 98.09 9.81
C ILE QA 214 66.56 98.53 11.01
N THR QA 215 65.92 98.68 12.18
CA THR QA 215 66.62 99.11 13.37
C THR QA 215 66.87 97.94 14.33
N PHE RA 47 24.27 112.17 -11.60
CA PHE RA 47 24.48 111.35 -10.41
C PHE RA 47 23.54 111.76 -9.28
N SER RA 48 23.47 110.91 -8.25
CA SER RA 48 22.63 111.20 -7.11
C SER RA 48 23.18 112.36 -6.29
N GLU RA 49 22.28 113.16 -5.72
CA GLU RA 49 22.69 114.31 -4.92
C GLU RA 49 23.37 113.87 -3.63
N SER RA 50 22.75 112.95 -2.90
CA SER RA 50 23.29 112.52 -1.62
C SER RA 50 24.57 111.71 -1.80
N VAL RA 51 24.57 110.76 -2.73
CA VAL RA 51 25.71 109.91 -3.00
C VAL RA 51 26.31 110.31 -4.34
N PRO RA 52 27.47 110.97 -4.35
CA PRO RA 52 28.03 111.45 -5.63
C PRO RA 52 28.36 110.35 -6.63
N PHE RA 53 28.79 109.18 -6.19
CA PHE RA 53 29.20 108.12 -7.11
C PHE RA 53 28.05 107.22 -7.53
N LEU RA 54 26.83 107.51 -7.10
CA LEU RA 54 25.65 106.76 -7.52
C LEU RA 54 24.69 107.59 -8.38
N LYS RA 55 23.88 106.89 -9.17
CA LYS RA 55 22.87 107.52 -10.00
C LYS RA 55 21.62 107.82 -9.18
N THR RA 56 20.80 108.74 -9.70
CA THR RA 56 19.56 109.09 -9.02
C THR RA 56 18.68 107.86 -9.20
N PRO RA 57 18.08 107.34 -8.11
CA PRO RA 57 17.37 106.05 -8.22
C PRO RA 57 16.04 106.08 -8.96
N THR RA 58 16.09 106.29 -10.28
CA THR RA 58 14.94 106.25 -11.18
C THR RA 58 13.72 106.99 -10.65
N ASN RA 59 12.74 106.25 -10.15
CA ASN RA 59 11.50 106.83 -9.64
C ASN RA 59 11.73 107.42 -8.25
N LEU RA 60 12.54 108.48 -8.24
CA LEU RA 60 12.86 109.18 -7.00
C LEU RA 60 13.16 110.64 -7.36
N ASP RA 61 12.17 111.50 -7.19
CA ASP RA 61 12.28 112.91 -7.57
C ASP RA 61 11.67 113.76 -6.45
N GLY RA 62 11.49 115.05 -6.73
CA GLY RA 62 11.00 115.99 -5.75
C GLY RA 62 9.54 115.85 -5.38
N SER RA 63 8.83 114.85 -5.92
CA SER RA 63 7.43 114.66 -5.57
C SER RA 63 7.26 114.35 -4.08
N LEU RA 64 8.13 113.50 -3.54
CA LEU RA 64 7.97 113.25 -2.11
C LEU RA 64 8.94 114.11 -1.31
N PRO RA 65 8.51 114.59 -0.14
CA PRO RA 65 9.37 115.46 0.68
C PRO RA 65 10.62 114.74 1.16
N GLY RA 66 11.69 115.50 1.29
CA GLY RA 66 12.96 114.95 1.74
C GLY RA 66 13.58 113.93 0.82
N ASP RA 67 13.53 114.18 -0.50
CA ASP RA 67 14.10 113.27 -1.49
C ASP RA 67 15.45 113.82 -1.89
N VAL RA 68 16.50 113.32 -1.25
CA VAL RA 68 17.87 113.67 -1.59
C VAL RA 68 18.47 112.65 -2.56
N GLY RA 69 17.65 111.78 -3.14
CA GLY RA 69 18.15 110.75 -4.03
C GLY RA 69 18.87 109.62 -3.33
N PHE RA 70 18.62 109.42 -2.05
CA PHE RA 70 19.31 108.38 -1.28
C PHE RA 70 18.48 107.10 -1.32
N ASP RA 71 18.84 106.21 -2.24
CA ASP RA 71 18.25 104.87 -2.31
C ASP RA 71 19.24 103.94 -2.99
N PRO RA 72 20.39 103.63 -2.36
CA PRO RA 72 21.38 102.78 -3.02
C PRO RA 72 20.87 101.39 -3.37
N LEU RA 73 20.09 100.79 -2.48
CA LEU RA 73 19.42 99.53 -2.77
C LEU RA 73 18.04 99.85 -3.33
N GLY RA 74 17.67 99.16 -4.42
CA GLY RA 74 16.46 99.53 -5.14
C GLY RA 74 15.17 99.18 -4.43
N PHE RA 75 15.01 99.66 -3.19
CA PHE RA 75 13.77 99.45 -2.46
C PHE RA 75 12.59 100.13 -3.14
N SER RA 76 12.80 101.34 -3.65
CA SER RA 76 11.74 102.06 -4.34
C SER RA 76 11.36 101.43 -5.67
N GLU RA 77 12.14 100.47 -6.16
CA GLU RA 77 11.82 99.75 -7.37
C GLU RA 77 11.23 98.36 -7.11
N VAL RA 78 11.63 97.71 -6.02
CA VAL RA 78 10.99 96.45 -5.64
C VAL RA 78 9.57 96.69 -5.15
N PHE RA 79 9.34 97.81 -4.49
CA PHE RA 79 8.02 98.15 -3.95
C PHE RA 79 7.65 99.56 -4.35
N ASP RA 80 6.35 99.88 -4.21
CA ASP RA 80 5.87 101.22 -4.52
C ASP RA 80 6.48 102.23 -3.57
N ILE RA 81 6.81 103.41 -4.11
CA ILE RA 81 7.44 104.45 -3.30
C ILE RA 81 6.46 105.04 -2.29
N ARG RA 82 5.17 105.07 -2.62
CA ARG RA 82 4.19 105.65 -1.70
C ARG RA 82 3.92 104.73 -0.51
N VAL RA 83 3.89 103.42 -0.74
CA VAL RA 83 3.76 102.47 0.36
C VAL RA 83 4.98 102.57 1.28
N LEU RA 84 6.17 102.70 0.69
CA LEU RA 84 7.38 102.86 1.48
C LEU RA 84 7.37 104.17 2.26
N ARG RA 85 6.81 105.24 1.68
CA ARG RA 85 6.69 106.50 2.40
C ARG RA 85 5.71 106.38 3.55
N GLU RA 86 4.61 105.65 3.35
CA GLU RA 86 3.69 105.40 4.45
C GLU RA 86 4.36 104.64 5.59
N ALA RA 87 5.14 103.60 5.23
CA ALA RA 87 5.88 102.86 6.24
C ALA RA 87 6.90 103.74 6.96
N GLU RA 88 7.60 104.58 6.19
CA GLU RA 88 8.59 105.48 6.78
C GLU RA 88 7.94 106.47 7.74
N LEU RA 89 6.79 107.01 7.36
CA LEU RA 89 6.11 107.97 8.24
C LEU RA 89 5.60 107.29 9.50
N LYS RA 90 5.04 106.08 9.39
CA LYS RA 90 4.61 105.36 10.58
C LYS RA 90 5.79 105.08 11.51
N HIS RA 91 6.89 104.56 10.94
CA HIS RA 91 8.08 104.28 11.75
C HIS RA 91 8.61 105.55 12.41
N GLY RA 92 8.69 106.64 11.66
CA GLY RA 92 9.24 107.87 12.19
C GLY RA 92 8.38 108.52 13.26
N ARG RA 93 7.05 108.51 13.07
CA ARG RA 93 6.16 109.05 14.09
C ARG RA 93 6.21 108.23 15.37
N ILE RA 94 6.21 106.89 15.24
CA ILE RA 94 6.32 106.05 16.41
C ILE RA 94 7.67 106.26 17.08
N ALA RA 95 8.73 106.49 16.29
CA ALA RA 95 10.06 106.72 16.84
C ALA RA 95 10.14 108.06 17.57
N MET RA 96 9.49 109.10 17.03
CA MET RA 96 9.45 110.38 17.71
C MET RA 96 8.73 110.27 19.05
N LEU RA 97 7.57 109.60 19.06
CA LEU RA 97 6.86 109.40 20.31
C LEU RA 97 7.70 108.58 21.28
N ALA RA 98 8.40 107.56 20.79
CA ALA RA 98 9.22 106.71 21.65
C ALA RA 98 10.42 107.48 22.22
N THR RA 99 11.04 108.34 21.42
CA THR RA 99 12.16 109.14 21.91
C THR RA 99 11.71 110.11 22.99
N LEU RA 100 10.61 110.82 22.75
CA LEU RA 100 10.08 111.73 23.76
C LEU RA 100 9.70 110.97 25.02
N GLY RA 101 9.09 109.79 24.86
CA GLY RA 101 8.72 108.99 26.01
C GLY RA 101 9.92 108.49 26.79
N TYR RA 102 10.97 108.08 26.10
CA TYR RA 102 12.20 107.65 26.77
C TYR RA 102 12.77 108.80 27.61
N LEU RA 103 12.86 109.99 27.01
CA LEU RA 103 13.40 111.13 27.72
C LEU RA 103 12.57 111.48 28.94
N VAL RA 104 11.24 111.55 28.78
CA VAL RA 104 10.39 111.97 29.89
C VAL RA 104 10.34 110.90 30.97
N GLN RA 105 10.27 109.62 30.59
CA GLN RA 105 10.21 108.54 31.56
C GLN RA 105 11.50 108.45 32.37
N GLU RA 106 12.65 108.66 31.73
CA GLU RA 106 13.88 108.77 32.50
C GLU RA 106 13.86 109.99 33.41
N ALA RA 107 13.33 111.12 32.92
CA ALA RA 107 13.30 112.33 33.73
C ALA RA 107 12.23 112.26 34.81
N TYR RA 108 11.03 111.80 34.46
CA TYR RA 108 9.87 111.92 35.33
C TYR RA 108 9.01 110.66 35.23
N VAL RA 109 8.26 110.38 36.30
CA VAL RA 109 7.31 109.27 36.31
C VAL RA 109 6.01 109.77 36.95
N LEU RA 110 4.90 109.19 36.50
CA LEU RA 110 3.59 109.51 37.06
C LEU RA 110 3.49 109.00 38.49
N PRO RA 111 2.61 109.54 39.39
CA PRO RA 111 2.62 109.09 40.80
C PRO RA 111 2.36 107.59 40.97
N PHE RA 112 1.23 107.08 40.46
CA PHE RA 112 0.85 105.66 40.65
C PHE RA 112 1.87 104.72 39.99
N PHE RA 113 2.36 105.07 38.80
CA PHE RA 113 3.30 104.16 38.07
C PHE RA 113 4.62 104.03 38.82
N GLU RA 114 5.20 102.81 38.82
CA GLU RA 114 6.48 102.56 39.55
C GLU RA 114 7.65 103.18 38.78
N LYS RA 115 8.69 103.59 39.50
CA LYS RA 115 9.84 104.23 38.85
C LYS RA 115 10.84 103.15 38.46
N VAL RA 116 10.88 102.85 37.16
CA VAL RA 116 11.78 101.82 36.63
C VAL RA 116 12.36 102.30 35.30
N PRO RA 117 13.47 101.71 34.88
CA PRO RA 117 13.99 102.00 33.54
C PRO RA 117 12.96 101.61 32.47
N PRO RA 118 13.00 102.27 31.31
CA PRO RA 118 11.95 102.05 30.30
C PRO RA 118 11.81 100.60 29.84
N ILE RA 119 12.91 99.87 29.68
CA ILE RA 119 12.81 98.45 29.38
C ILE RA 119 12.16 97.71 30.52
N GLN RA 120 12.56 98.04 31.76
CA GLN RA 120 11.88 97.49 32.92
C GLN RA 120 10.43 97.93 32.98
N ALA RA 121 10.12 99.13 32.48
CA ALA RA 121 8.72 99.56 32.43
C ALA RA 121 7.90 98.69 31.48
N HIS RA 122 8.47 98.38 30.30
CA HIS RA 122 7.79 97.46 29.37
C HIS RA 122 7.58 96.10 30.02
N ASP RA 123 8.63 95.57 30.66
CA ASP RA 123 8.52 94.26 31.30
C ASP RA 123 7.49 94.25 32.42
N ALA RA 124 7.45 95.33 33.22
CA ALA RA 124 6.53 95.39 34.34
C ALA RA 124 5.09 95.55 33.88
N LEU RA 125 4.84 96.38 32.87
CA LEU RA 125 3.48 96.60 32.43
C LEU RA 125 2.97 95.54 31.46
N VAL RA 126 3.84 94.68 30.94
CA VAL RA 126 3.36 93.53 30.18
C VAL RA 126 2.56 92.61 31.09
N LYS RA 127 3.07 92.35 32.30
CA LYS RA 127 2.36 91.53 33.27
C LYS RA 127 1.29 92.29 34.03
N SER RA 128 1.21 93.62 33.85
CA SER RA 128 0.21 94.41 34.54
C SER RA 128 -1.05 94.66 33.72
N GLY RA 129 -0.97 94.50 32.39
CA GLY RA 129 -2.10 94.70 31.52
C GLY RA 129 -2.15 96.05 30.82
N GLY RA 130 -1.33 97.01 31.25
CA GLY RA 130 -1.29 98.29 30.56
C GLY RA 130 -0.77 98.18 29.14
N MET RA 131 0.26 97.35 28.93
CA MET RA 131 0.75 97.10 27.59
C MET RA 131 -0.31 96.45 26.72
N SER RA 132 -1.14 95.59 27.31
CA SER RA 132 -2.27 95.01 26.57
C SER RA 132 -3.26 96.09 26.15
N GLN RA 133 -3.54 97.05 27.04
CA GLN RA 133 -4.43 98.16 26.69
C GLN RA 133 -3.87 98.99 25.55
N ILE RA 134 -2.57 99.32 25.64
CA ILE RA 134 -1.92 100.10 24.59
C ILE RA 134 -1.97 99.35 23.27
N LEU RA 135 -1.68 98.04 23.30
CA LEU RA 135 -1.72 97.23 22.09
C LEU RA 135 -3.11 97.18 21.49
N LEU RA 136 -4.12 97.03 22.34
CA LEU RA 136 -5.50 96.96 21.86
C LEU RA 136 -5.93 98.24 21.17
N TRP RA 137 -5.68 99.39 21.83
CA TRP RA 137 -6.13 100.65 21.24
C TRP RA 137 -5.31 101.02 20.01
N THR RA 138 -4.00 100.74 20.03
CA THR RA 138 -3.17 101.00 18.86
C THR RA 138 -3.60 100.13 17.69
N SER RA 139 -3.94 98.86 17.94
CA SER RA 139 -4.43 97.99 16.89
C SER RA 139 -5.78 98.46 16.35
N PHE RA 140 -6.64 98.96 17.24
CA PHE RA 140 -7.92 99.50 16.80
C PHE RA 140 -7.74 100.68 15.86
N LEU RA 141 -6.81 101.59 16.20
CA LEU RA 141 -6.51 102.70 15.30
C LEU RA 141 -5.84 102.21 14.01
N GLU RA 142 -4.97 101.21 14.11
CA GLU RA 142 -4.21 100.77 12.96
C GLU RA 142 -5.04 99.91 12.00
N ILE RA 143 -6.19 99.39 12.40
CA ILE RA 143 -7.09 98.79 11.43
C ILE RA 143 -7.55 99.83 10.41
N PHE RA 144 -8.01 100.99 10.90
CA PHE RA 144 -8.35 102.08 10.01
C PHE RA 144 -7.12 102.64 9.31
N GLY RA 145 -5.96 102.59 9.96
CA GLY RA 145 -4.72 102.94 9.29
C GLY RA 145 -4.43 102.06 8.09
N GLY RA 146 -4.64 100.75 8.24
CA GLY RA 146 -4.46 99.84 7.13
C GLY RA 146 -5.50 100.04 6.03
N ILE RA 147 -6.73 100.40 6.42
CA ILE RA 147 -7.73 100.77 5.42
C ILE RA 147 -7.26 101.98 4.62
N ALA RA 148 -6.72 102.98 5.31
CA ALA RA 148 -6.18 104.15 4.63
C ALA RA 148 -4.99 103.79 3.74
N LEU RA 149 -4.15 102.84 4.19
CA LEU RA 149 -3.03 102.40 3.37
C LEU RA 149 -3.51 101.71 2.10
N PHE RA 150 -4.55 100.87 2.22
CA PHE RA 150 -5.13 100.25 1.03
C PHE RA 150 -5.75 101.28 0.10
N SER RA 151 -6.31 102.35 0.66
CA SER RA 151 -6.75 103.47 -0.18
C SER RA 151 -5.56 104.14 -0.87
N THR RA 152 -4.43 104.24 -0.16
CA THR RA 152 -3.23 104.84 -0.73
C THR RA 152 -2.70 104.01 -1.90
N ILE RA 153 -2.77 102.68 -1.78
CA ILE RA 153 -2.25 101.80 -2.82
C ILE RA 153 -2.95 102.06 -4.15
N GLN RA 154 -4.28 102.21 -4.13
CA GLN RA 154 -5.02 102.53 -5.33
C GLN RA 154 -5.04 104.03 -5.59
N GLY RA 155 -3.87 104.65 -5.59
CA GLY RA 155 -3.78 106.09 -5.79
C GLY RA 155 -4.46 106.85 -4.67
N ARG RA 156 -5.30 107.82 -5.06
CA ARG RA 156 -6.16 108.58 -4.14
C ARG RA 156 -5.35 109.37 -3.10
N ARG RA 157 -5.47 108.99 -1.83
CA ARG RA 157 -4.92 109.79 -0.75
C ARG RA 157 -3.39 109.77 -0.73
N TYR RA 158 -2.83 110.84 -0.21
CA TYR RA 158 -1.38 110.96 -0.08
C TYR RA 158 -0.86 109.97 0.97
N PRO RA 159 0.33 109.41 0.77
CA PRO RA 159 0.87 108.46 1.75
C PRO RA 159 1.17 109.14 3.07
N GLY RA 160 0.70 108.51 4.16
CA GLY RA 160 0.92 109.05 5.48
C GLY RA 160 0.05 110.24 5.84
N ASP RA 161 -0.93 110.57 5.01
CA ASP RA 161 -1.81 111.72 5.24
C ASP RA 161 -3.12 111.23 5.82
N PHE RA 162 -3.45 111.68 7.02
CA PHE RA 162 -4.71 111.33 7.69
C PHE RA 162 -5.59 112.54 7.94
N SER RA 163 -5.23 113.70 7.39
CA SER RA 163 -5.97 114.96 7.58
C SER RA 163 -6.08 115.34 9.06
N PHE RA 164 -5.12 114.89 9.88
CA PHE RA 164 -5.15 115.15 11.31
C PHE RA 164 -4.57 116.53 11.58
N ASP RA 165 -5.41 117.45 12.02
CA ASP RA 165 -4.99 118.82 12.26
C ASP RA 165 -5.93 119.51 13.25
N PRO RA 166 -5.83 119.20 14.55
CA PRO RA 166 -6.67 119.92 15.53
C PRO RA 166 -6.40 121.42 15.56
N LEU RA 167 -5.17 121.83 15.32
CA LEU RA 167 -4.81 123.24 15.30
C LEU RA 167 -4.63 123.73 13.86
N GLY RA 168 -4.70 125.04 13.70
CA GLY RA 168 -4.59 125.64 12.38
C GLY RA 168 -3.16 125.78 11.91
N LEU RA 169 -2.49 124.64 11.67
CA LEU RA 169 -1.10 124.62 11.21
C LEU RA 169 -1.06 123.96 9.85
N SER RA 170 -0.82 124.76 8.81
CA SER RA 170 -0.71 124.33 7.41
C SER RA 170 -2.00 123.71 6.89
N GLN RA 171 -3.14 124.00 7.53
CA GLN RA 171 -4.44 123.58 7.02
C GLN RA 171 -5.10 124.68 6.20
N GLY RA 172 -5.33 125.82 6.82
CA GLY RA 172 -5.79 127.00 6.10
C GLY RA 172 -5.01 128.21 6.57
N LYS RA 173 -4.82 129.15 5.65
CA LYS RA 173 -4.03 130.36 5.81
C LYS RA 173 -2.54 130.08 5.93
N ASN RA 174 -2.13 128.79 5.96
CA ASN RA 174 -0.73 128.43 6.10
C ASN RA 174 -0.35 127.28 5.16
N ALA RA 175 -1.11 127.07 4.09
CA ALA RA 175 -0.81 125.98 3.17
C ALA RA 175 0.54 126.15 2.49
N ASP RA 176 0.98 127.40 2.29
CA ASP RA 176 2.27 127.66 1.65
C ASP RA 176 3.45 127.13 2.47
N LYS RA 177 3.26 126.91 3.77
CA LYS RA 177 4.29 126.30 4.59
C LYS RA 177 4.19 124.78 4.66
N LEU RA 178 3.11 124.20 4.15
CA LEU RA 178 2.81 122.78 4.37
C LEU RA 178 3.97 121.89 3.92
N GLU RA 179 4.42 122.07 2.69
CA GLU RA 179 5.54 121.28 2.18
C GLU RA 179 6.75 121.42 3.09
N GLN RA 180 7.06 122.65 3.52
CA GLN RA 180 8.14 122.88 4.48
C GLN RA 180 7.94 122.02 5.72
N TYR RA 181 6.74 122.09 6.31
CA TYR RA 181 6.41 121.26 7.45
C TYR RA 181 6.67 119.80 7.15
N GLN RA 182 6.19 119.34 5.98
CA GLN RA 182 6.39 117.95 5.58
C GLN RA 182 7.86 117.58 5.63
N LEU RA 183 8.71 118.43 5.03
CA LEU RA 183 10.15 118.18 5.05
C LEU RA 183 10.63 118.04 6.49
N ALA RA 184 10.30 119.03 7.33
CA ALA RA 184 10.72 118.99 8.72
C ALA RA 184 10.29 117.68 9.35
N GLU RA 185 9.04 117.30 9.12
CA GLU RA 185 8.49 116.10 9.75
C GLU RA 185 9.37 114.90 9.44
N ILE RA 186 9.63 114.65 8.16
CA ILE RA 186 10.34 113.42 7.83
C ILE RA 186 11.74 113.46 8.39
N LYS RA 187 12.37 114.65 8.36
CA LYS RA 187 13.70 114.78 8.93
C LYS RA 187 13.69 114.36 10.38
N HIS RA 188 12.77 114.95 11.16
CA HIS RA 188 12.65 114.57 12.57
C HIS RA 188 12.42 113.09 12.69
N SER RA 189 11.50 112.56 11.86
CA SER RA 189 11.22 111.14 11.81
C SER RA 189 12.52 110.34 11.71
N ARG RA 190 13.29 110.63 10.66
CA ARG RA 190 14.52 109.90 10.43
C ARG RA 190 15.46 110.05 11.62
N LEU RA 191 15.61 111.29 12.11
CA LEU RA 191 16.49 111.53 13.24
C LEU RA 191 16.03 110.72 14.44
N ALA RA 192 14.72 110.73 14.72
CA ALA RA 192 14.21 109.97 15.84
C ALA RA 192 14.47 108.48 15.64
N MET RA 193 14.28 108.00 14.40
CA MET RA 193 14.49 106.58 14.13
C MET RA 193 15.91 106.16 14.44
N LEU RA 194 16.86 107.09 14.39
CA LEU RA 194 18.20 106.77 14.85
C LEU RA 194 18.32 106.98 16.35
N ALA RA 195 17.83 108.12 16.84
CA ALA RA 195 18.15 108.56 18.20
C ALA RA 195 17.67 107.57 19.24
N PHE RA 196 16.38 107.22 19.18
CA PHE RA 196 15.82 106.22 20.08
C PHE RA 196 16.65 104.95 20.07
N SER RA 197 17.01 104.49 18.86
CA SER RA 197 17.83 103.29 18.72
C SER RA 197 19.10 103.41 19.55
N GLY RA 198 19.84 104.49 19.33
CA GLY RA 198 21.06 104.68 20.10
C GLY RA 198 20.79 104.63 21.58
N PHE RA 199 19.74 105.37 21.99
CA PHE RA 199 19.32 105.39 23.39
C PHE RA 199 19.28 103.97 23.96
N VAL RA 200 18.44 103.12 23.36
CA VAL RA 200 18.21 101.82 23.99
C VAL RA 200 19.49 101.01 23.99
N HIS RA 201 20.26 101.06 22.89
CA HIS RA 201 21.47 100.26 22.84
C HIS RA 201 22.52 100.83 23.77
N GLN RA 202 22.56 102.15 23.95
CA GLN RA 202 23.42 102.71 24.97
C GLN RA 202 22.98 102.25 26.35
N GLY RA 203 21.65 102.22 26.58
CA GLY RA 203 21.14 101.66 27.81
C GLY RA 203 21.49 100.19 27.98
N PHE RA 204 21.74 99.50 26.86
CA PHE RA 204 22.11 98.10 26.95
C PHE RA 204 23.58 97.91 27.28
N ILE RA 205 24.43 98.91 27.02
CA ILE RA 205 25.86 98.66 27.12
C ILE RA 205 26.43 99.31 28.37
N THR RA 206 25.85 100.43 28.80
CA THR RA 206 26.38 101.16 29.94
C THR RA 206 25.52 101.03 31.20
N LYS RA 207 24.31 100.47 31.09
CA LYS RA 207 23.37 100.36 32.21
C LYS RA 207 23.07 101.73 32.81
N GLN RA 208 23.02 102.75 31.95
CA GLN RA 208 22.79 104.12 32.37
C GLN RA 208 21.72 104.76 31.50
N GLY RA 209 20.99 105.70 32.07
CA GLY RA 209 20.10 106.52 31.29
C GLY RA 209 20.87 107.46 30.38
N VAL RA 210 20.17 107.97 29.37
CA VAL RA 210 20.83 108.86 28.40
C VAL RA 210 21.24 110.16 29.07
N LEU RA 211 20.42 110.66 30.01
CA LEU RA 211 20.81 111.83 30.78
C LEU RA 211 21.92 111.49 31.78
N GLU RA 212 21.91 110.26 32.31
CA GLU RA 212 23.00 109.81 33.17
C GLU RA 212 24.30 109.71 32.38
N GLN RA 213 24.24 109.18 31.16
CA GLN RA 213 25.44 109.09 30.33
C GLN RA 213 25.92 110.47 29.91
N LEU RA 214 25.01 111.40 29.65
CA LEU RA 214 25.42 112.77 29.36
C LEU RA 214 26.07 113.44 30.56
N GLY RA 215 25.49 113.25 31.76
CA GLY RA 215 26.08 113.83 32.95
C GLY RA 215 27.39 113.19 33.34
N ASN RA 216 27.47 111.86 33.25
CA ASN RA 216 28.68 111.10 33.60
C ASN RA 216 29.03 110.21 32.42
N PHE RA 217 29.86 110.73 31.53
CA PHE RA 217 30.22 110.02 30.30
C PHE RA 217 31.44 109.12 30.56
N ARG RA 218 31.20 108.10 31.37
CA ARG RA 218 32.24 107.10 31.57
C ARG RA 218 32.27 106.15 30.37
N PRO RA 219 33.42 105.53 30.09
CA PRO RA 219 33.50 104.63 28.93
C PRO RA 219 32.70 103.35 29.10
N ILE RA 220 32.82 102.45 28.13
CA ILE RA 220 32.14 101.15 28.18
C ILE RA 220 32.64 100.38 29.40
N PRO RA 221 31.75 99.80 30.21
CA PRO RA 221 32.19 99.16 31.47
C PRO RA 221 33.21 98.04 31.24
N GLY RA 222 34.23 98.02 32.09
CA GLY RA 222 35.29 97.05 32.01
C GLY RA 222 36.43 97.41 31.08
N PHE RA 223 36.19 98.32 30.14
CA PHE RA 223 37.18 98.72 29.14
C PHE RA 223 38.25 99.71 29.64
N PRO RA 224 37.94 100.65 30.53
CA PRO RA 224 39.04 101.48 31.08
C PRO RA 224 40.14 100.67 31.75
N GLU RA 225 39.81 99.53 32.37
CA GLU RA 225 40.84 98.66 32.91
C GLU RA 225 41.62 97.97 31.79
N ALA RA 226 40.91 97.61 30.71
CA ALA RA 226 41.50 97.07 29.47
C ALA RA 226 42.25 95.79 29.79
N THR RA 227 43.56 95.71 29.54
CA THR RA 227 44.39 94.53 29.78
C THR RA 227 43.84 93.31 29.03
N PHE RA 228 43.88 93.43 27.70
CA PHE RA 228 43.47 92.34 26.82
C PHE RA 228 44.63 91.44 26.40
N PHE RA 229 45.84 91.74 26.86
CA PHE RA 229 47.01 90.94 26.52
C PHE RA 229 47.94 90.79 27.70
N ASN SA 54 -16.68 114.44 6.97
CA ASN SA 54 -17.03 113.05 7.20
C ASN SA 54 -16.32 112.51 8.44
N ALA SA 55 -16.68 111.28 8.83
CA ALA SA 55 -16.02 110.64 9.96
C ALA SA 55 -14.62 110.16 9.62
N MET SA 56 -14.34 109.93 8.34
CA MET SA 56 -13.02 109.49 7.87
C MET SA 56 -12.60 110.40 6.73
N PRO SA 57 -12.04 111.57 7.05
CA PRO SA 57 -11.61 112.50 5.99
C PRO SA 57 -10.58 111.92 5.04
N PHE SA 58 -9.69 111.05 5.54
CA PHE SA 58 -8.68 110.45 4.67
C PHE SA 58 -9.25 109.37 3.76
N LEU SA 59 -10.45 108.88 4.05
CA LEU SA 59 -11.12 107.89 3.21
C LEU SA 59 -12.19 108.56 2.38
N GLU SA 60 -12.79 107.77 1.49
CA GLU SA 60 -13.91 108.20 0.67
C GLU SA 60 -15.22 107.73 1.27
N ARG SA 61 -16.31 108.40 0.90
CA ARG SA 61 -17.62 108.01 1.39
C ARG SA 61 -17.99 106.62 0.86
N PRO SA 62 -18.65 105.81 1.68
CA PRO SA 62 -19.07 104.49 1.20
C PRO SA 62 -20.07 104.64 0.06
N PRO SA 63 -20.04 103.71 -0.90
CA PRO SA 63 -20.93 103.83 -2.07
C PRO SA 63 -22.40 103.70 -1.71
N LYS SA 64 -22.75 102.67 -0.94
CA LYS SA 64 -24.14 102.44 -0.58
C LYS SA 64 -24.65 103.39 0.50
N LEU SA 65 -23.77 104.15 1.14
CA LEU SA 65 -24.17 105.04 2.22
C LEU SA 65 -24.61 106.38 1.63
N ASP SA 66 -25.89 106.70 1.79
CA ASP SA 66 -26.45 107.99 1.42
C ASP SA 66 -27.19 108.57 2.61
N GLY SA 67 -27.27 109.90 2.65
CA GLY SA 67 -27.80 110.60 3.80
C GLY SA 67 -29.29 110.47 4.05
N SER SA 68 -29.94 109.53 3.37
CA SER SA 68 -31.37 109.31 3.59
C SER SA 68 -31.64 108.83 5.01
N LEU SA 69 -30.83 107.90 5.52
CA LEU SA 69 -31.02 107.38 6.86
C LEU SA 69 -30.44 108.34 7.89
N ALA SA 70 -31.05 108.37 9.07
CA ALA SA 70 -30.60 109.23 10.14
C ALA SA 70 -29.29 108.71 10.72
N GLY SA 71 -28.53 109.63 11.32
CA GLY SA 71 -27.26 109.26 11.90
C GLY SA 71 -26.19 108.90 10.90
N ASP SA 72 -26.37 109.27 9.64
CA ASP SA 72 -25.40 108.94 8.60
C ASP SA 72 -24.26 109.96 8.63
N VAL SA 73 -23.07 109.50 9.00
CA VAL SA 73 -21.86 110.31 8.98
C VAL SA 73 -20.84 109.79 7.97
N GLY SA 74 -21.22 108.79 7.18
CA GLY SA 74 -20.27 108.16 6.27
C GLY SA 74 -19.27 107.28 6.96
N PHE SA 75 -19.64 106.77 8.15
CA PHE SA 75 -18.69 105.95 8.96
C PHE SA 75 -18.78 104.46 8.58
N ASP SA 76 -18.24 104.07 7.42
CA ASP SA 76 -18.16 102.62 7.09
C ASP SA 76 -16.74 102.30 6.60
N PRO SA 77 -15.70 102.27 7.48
CA PRO SA 77 -14.31 102.03 7.04
C PRO SA 77 -14.19 100.64 6.42
N VAL SA 78 -14.85 99.64 7.00
CA VAL SA 78 -14.90 98.29 6.38
C VAL SA 78 -16.32 98.24 5.80
N GLY SA 79 -16.47 97.86 4.52
CA GLY SA 79 -17.79 97.99 3.89
C GLY SA 79 -18.77 96.88 4.16
N PHE SA 80 -19.32 96.84 5.38
CA PHE SA 80 -20.41 95.86 5.68
C PHE SA 80 -21.59 96.19 4.78
N SER SA 81 -21.90 97.49 4.60
CA SER SA 81 -23.03 97.93 3.75
C SER SA 81 -22.80 97.51 2.30
N ASN SA 82 -21.54 97.34 1.90
CA ASN SA 82 -21.25 96.89 0.54
C ASN SA 82 -21.57 95.40 0.37
N TYR SA 83 -21.46 94.61 1.44
CA TYR SA 83 -21.66 93.17 1.36
C TYR SA 83 -23.00 92.72 1.91
N PHE SA 84 -23.69 93.54 2.69
CA PHE SA 84 -24.97 93.19 3.29
C PHE SA 84 -25.97 94.30 3.04
N ASP SA 85 -27.25 93.93 3.09
CA ASP SA 85 -28.32 94.89 2.84
C ASP SA 85 -28.32 95.98 3.90
N LEU SA 86 -28.42 97.24 3.45
CA LEU SA 86 -28.43 98.36 4.37
C LEU SA 86 -29.68 98.38 5.24
N ARG SA 87 -30.81 97.93 4.69
CA ARG SA 87 -32.03 97.85 5.49
C ARG SA 87 -31.89 96.85 6.63
N TRP SA 88 -31.31 95.68 6.34
CA TRP SA 88 -31.07 94.69 7.39
C TRP SA 88 -30.10 95.22 8.44
N LEU SA 89 -29.03 95.87 8.00
CA LEU SA 89 -28.05 96.42 8.95
C LEU SA 89 -28.67 97.51 9.82
N ARG SA 90 -29.51 98.36 9.23
CA ARG SA 90 -30.16 99.41 10.02
C ARG SA 90 -31.18 98.82 10.99
N GLU SA 91 -31.90 97.78 10.57
CA GLU SA 91 -32.82 97.09 11.48
C GLU SA 91 -32.07 96.49 12.66
N SER SA 92 -30.94 95.83 12.38
CA SER SA 92 -30.13 95.25 13.46
C SER SA 92 -29.56 96.34 14.36
N GLU SA 93 -29.14 97.46 13.78
CA GLU SA 93 -28.60 98.56 14.58
C GLU SA 93 -29.66 99.12 15.52
N LEU SA 94 -30.88 99.36 15.00
CA LEU SA 94 -31.95 99.87 15.84
C LEU SA 94 -32.34 98.87 16.92
N LYS SA 95 -32.38 97.58 16.57
CA LYS SA 95 -32.71 96.56 17.56
C LYS SA 95 -31.66 96.51 18.67
N HIS SA 96 -30.38 96.48 18.31
CA HIS SA 96 -29.31 96.49 19.31
C HIS SA 96 -29.40 97.74 20.19
N GLY SA 97 -29.66 98.90 19.57
CA GLY SA 97 -29.70 100.13 20.33
C GLY SA 97 -30.86 100.19 21.30
N ARG SA 98 -32.04 99.76 20.87
CA ARG SA 98 -33.20 99.74 21.76
C ARG SA 98 -33.02 98.74 22.89
N VAL SA 99 -32.51 97.54 22.57
CA VAL SA 99 -32.22 96.56 23.61
C VAL SA 99 -31.21 97.11 24.60
N CYS SA 100 -30.23 97.87 24.11
CA CYS SA 100 -29.22 98.44 25.00
C CYS SA 100 -29.74 99.59 25.84
N MET SA 101 -30.66 100.40 25.31
CA MET SA 101 -31.33 101.41 26.15
C MET SA 101 -32.07 100.73 27.29
N LEU SA 102 -32.85 99.69 26.96
CA LEU SA 102 -33.57 98.97 28.00
C LEU SA 102 -32.62 98.31 28.99
N GLY SA 103 -31.49 97.79 28.48
CA GLY SA 103 -30.51 97.18 29.37
C GLY SA 103 -29.82 98.17 30.29
N VAL SA 104 -29.52 99.36 29.79
CA VAL SA 104 -28.93 100.40 30.63
C VAL SA 104 -29.90 100.80 31.73
N THR SA 105 -31.18 101.00 31.37
CA THR SA 105 -32.17 101.33 32.38
C THR SA 105 -32.32 100.19 33.40
N GLY SA 106 -32.27 98.95 32.94
CA GLY SA 106 -32.35 97.82 33.86
C GLY SA 106 -31.17 97.76 34.81
N LEU SA 107 -29.96 98.00 34.30
CA LEU SA 107 -28.77 98.01 35.14
C LEU SA 107 -28.84 99.15 36.17
N LEU SA 108 -29.36 100.31 35.77
CA LEU SA 108 -29.43 101.44 36.68
C LEU SA 108 -30.59 101.35 37.66
N VAL SA 109 -31.60 100.52 37.38
CA VAL SA 109 -32.77 100.42 38.22
C VAL SA 109 -32.67 99.23 39.18
N GLN SA 110 -32.24 98.07 38.70
CA GLN SA 110 -32.23 96.86 39.52
C GLN SA 110 -31.30 96.99 40.72
N GLU SA 111 -30.31 97.88 40.65
CA GLU SA 111 -29.48 98.15 41.82
C GLU SA 111 -30.24 98.91 42.89
N ALA SA 112 -31.32 99.59 42.53
CA ALA SA 112 -32.12 100.38 43.46
C ALA SA 112 -33.49 99.78 43.76
N VAL SA 113 -34.14 99.16 42.79
CA VAL SA 113 -35.48 98.60 42.95
C VAL SA 113 -35.41 97.10 42.69
N CYS SA 114 -35.95 96.31 43.62
CA CYS SA 114 -36.06 94.88 43.48
C CYS SA 114 -37.52 94.47 43.68
N LEU SA 115 -37.99 93.57 42.83
CA LEU SA 115 -39.37 93.09 42.95
C LEU SA 115 -39.53 92.29 44.25
N PRO SA 116 -40.66 92.44 44.94
CA PRO SA 116 -40.85 91.71 46.21
C PRO SA 116 -40.82 90.20 46.06
N GLN SA 117 -41.31 89.69 44.93
CA GLN SA 117 -41.31 88.24 44.67
C GLN SA 117 -40.02 87.80 43.98
N PHE SA 118 -38.88 88.22 44.53
CA PHE SA 118 -37.58 87.96 43.93
C PHE SA 118 -36.50 88.15 44.98
N SER SA 119 -35.32 87.63 44.67
CA SER SA 119 -34.14 87.81 45.51
C SER SA 119 -33.26 88.89 44.91
N ASN SA 120 -32.76 89.79 45.75
CA ASN SA 120 -31.91 90.88 45.29
C ASN SA 120 -30.45 90.44 45.37
N GLY SA 121 -29.78 90.36 44.21
CA GLY SA 121 -28.38 90.04 44.19
C GLY SA 121 -27.50 91.25 44.48
N LYS SA 122 -26.20 90.98 44.61
CA LYS SA 122 -25.26 92.05 44.93
C LYS SA 122 -25.15 93.06 43.80
N THR SA 123 -25.22 92.59 42.55
CA THR SA 123 -25.17 93.40 41.36
C THR SA 123 -26.31 92.99 40.44
N PRO SA 124 -26.71 93.86 39.49
CA PRO SA 124 -27.71 93.44 38.50
C PRO SA 124 -27.30 92.21 37.69
N VAL SA 125 -26.00 92.05 37.41
CA VAL SA 125 -25.53 90.82 36.79
C VAL SA 125 -25.82 89.63 37.71
N ASP SA 126 -25.66 89.83 39.02
CA ASP SA 126 -26.06 88.79 39.96
C ASP SA 126 -27.57 88.72 40.12
N ASP SA 127 -28.27 89.84 39.88
CA ASP SA 127 -29.73 89.79 39.82
C ASP SA 127 -30.20 88.86 38.71
N PHE SA 128 -29.45 88.77 37.62
CA PHE SA 128 -29.75 87.77 36.60
C PHE SA 128 -29.61 86.36 37.16
N PHE SA 129 -28.54 86.10 37.92
CA PHE SA 129 -28.25 84.75 38.37
C PHE SA 129 -29.24 84.28 39.44
N VAL SA 130 -29.65 85.18 40.34
CA VAL SA 130 -30.56 84.80 41.41
C VAL SA 130 -31.98 84.55 40.94
N VAL SA 131 -32.32 84.95 39.72
CA VAL SA 131 -33.62 84.67 39.14
C VAL SA 131 -33.68 83.19 38.76
N PRO SA 132 -34.78 82.50 39.07
CA PRO SA 132 -34.89 81.09 38.65
C PRO SA 132 -34.83 80.95 37.13
N ALA SA 133 -34.24 79.84 36.68
CA ALA SA 133 -34.03 79.62 35.25
C ALA SA 133 -35.35 79.55 34.49
N ALA SA 134 -36.42 79.11 35.14
CA ALA SA 134 -37.73 79.06 34.48
C ALA SA 134 -38.20 80.45 34.08
N GLY SA 135 -37.96 81.45 34.94
CA GLY SA 135 -38.27 82.82 34.59
C GLY SA 135 -37.43 83.34 33.44
N LEU SA 136 -36.15 82.97 33.42
CA LEU SA 136 -35.29 83.37 32.31
C LEU SA 136 -35.77 82.78 30.99
N TRP SA 137 -36.19 81.52 31.01
CA TRP SA 137 -36.71 80.90 29.80
C TRP SA 137 -38.01 81.40 29.18
N GLN SA 138 -38.98 81.77 30.01
CA GLN SA 138 -40.16 82.48 29.46
C GLN SA 138 -39.93 83.97 29.04
N VAL SA 139 -38.88 84.55 29.64
CA VAL SA 139 -38.39 85.87 29.22
C VAL SA 139 -37.94 85.59 27.79
N PHE SA 140 -37.11 84.56 27.62
CA PHE SA 140 -36.58 84.22 26.30
C PHE SA 140 -37.69 83.90 25.32
N PHE SA 141 -38.64 83.05 25.72
CA PHE SA 141 -39.69 82.64 24.81
C PHE SA 141 -40.75 83.72 24.58
N ALA SA 142 -41.02 84.57 25.58
CA ALA SA 142 -41.90 85.69 25.35
C ALA SA 142 -41.27 86.69 24.37
N ILE SA 143 -39.96 86.93 24.50
CA ILE SA 143 -39.27 87.79 23.55
C ILE SA 143 -39.31 87.17 22.15
N GLY SA 144 -39.14 85.84 22.07
CA GLY SA 144 -39.24 85.17 20.78
C GLY SA 144 -40.62 85.31 20.16
N ALA SA 145 -41.67 85.18 20.97
CA ALA SA 145 -43.03 85.37 20.47
C ALA SA 145 -43.25 86.81 20.01
N VAL SA 146 -42.69 87.77 20.74
CA VAL SA 146 -42.76 89.18 20.31
C VAL SA 146 -42.07 89.36 18.98
N GLU SA 147 -40.90 88.73 18.80
CA GLU SA 147 -40.20 88.79 17.51
C GLU SA 147 -41.05 88.21 16.39
N PHE SA 148 -41.67 87.05 16.65
CA PHE SA 148 -42.52 86.42 15.65
C PHE SA 148 -43.69 87.32 15.27
N PHE SA 149 -44.34 87.94 16.26
CA PHE SA 149 -45.50 88.78 15.98
C PHE SA 149 -45.10 90.07 15.26
N SER SA 150 -43.96 90.66 15.65
CA SER SA 150 -43.56 91.92 15.06
C SER SA 150 -43.02 91.75 13.64
N HIS SA 151 -42.27 90.68 13.39
CA HIS SA 151 -41.72 90.47 12.06
C HIS SA 151 -42.69 89.78 11.10
N GLY SA 152 -43.87 89.40 11.57
CA GLY SA 152 -44.83 88.74 10.71
C GLY SA 152 -44.37 87.40 10.18
N PHE SA 153 -43.65 86.63 11.00
CA PHE SA 153 -43.11 85.32 10.64
C PHE SA 153 -42.22 85.42 9.39
N LYS SA 154 -41.33 86.39 9.40
CA LYS SA 154 -40.40 86.66 8.32
C LYS SA 154 -39.00 86.87 8.86
N LEU SA 155 -38.56 85.94 9.71
CA LEU SA 155 -37.29 86.10 10.42
C LEU SA 155 -36.11 86.12 9.46
N THR SA 156 -36.13 85.30 8.42
CA THR SA 156 -35.01 85.23 7.50
C THR SA 156 -34.85 86.56 6.76
N PRO SA 157 -33.60 86.96 6.45
CA PRO SA 157 -33.39 88.25 5.78
C PRO SA 157 -34.07 88.36 4.43
N GLY SA 158 -34.17 87.26 3.69
CA GLY SA 158 -34.89 87.29 2.42
C GLY SA 158 -36.37 87.54 2.59
N ASP SA 159 -36.99 86.88 3.58
CA ASP SA 159 -38.42 87.06 3.82
C ASP SA 159 -38.73 88.43 4.40
N MET SA 160 -37.81 88.98 5.19
CA MET SA 160 -38.05 90.28 5.80
C MET SA 160 -37.95 91.38 4.75
N PHE SA 161 -38.53 92.54 5.06
CA PHE SA 161 -38.60 93.72 4.22
C PHE SA 161 -39.36 93.48 2.91
N SER SA 162 -40.12 92.39 2.82
CA SER SA 162 -40.87 92.10 1.60
C SER SA 162 -42.05 93.05 1.44
N GLU SA 163 -42.81 93.25 2.51
CA GLU SA 163 -44.00 94.11 2.47
C GLU SA 163 -43.66 95.51 2.98
N GLY SA 164 -42.71 96.15 2.31
CA GLY SA 164 -42.30 97.48 2.67
C GLY SA 164 -41.51 97.53 3.97
N ARG SA 165 -42.14 98.04 5.03
CA ARG SA 165 -41.67 98.12 6.42
C ARG SA 165 -40.46 99.03 6.59
N GLU SA 166 -39.92 99.62 5.51
CA GLU SA 166 -38.75 100.51 5.53
C GLU SA 166 -37.59 99.73 6.17
N ALA SA 167 -36.93 100.26 7.18
CA ALA SA 167 -35.84 99.58 7.85
C ALA SA 167 -35.91 99.90 9.34
N GLY SA 168 -36.12 98.86 10.15
CA GLY SA 168 -36.23 99.05 11.59
C GLY SA 168 -37.55 99.63 12.06
N ASP SA 169 -38.57 99.61 11.22
CA ASP SA 169 -39.88 100.15 11.57
C ASP SA 169 -40.87 99.01 11.78
N PHE SA 170 -41.56 99.04 12.91
CA PHE SA 170 -42.54 98.02 13.27
C PHE SA 170 -43.96 98.57 13.39
N GLY SA 171 -44.11 99.81 13.83
CA GLY SA 171 -45.41 100.39 14.11
C GLY SA 171 -45.67 100.37 15.60
N PHE SA 172 -45.35 101.50 16.27
CA PHE SA 172 -45.49 101.58 17.72
C PHE SA 172 -45.64 103.06 18.08
N ASP SA 173 -46.88 103.48 18.36
CA ASP SA 173 -47.16 104.86 18.73
C ASP SA 173 -48.41 104.90 19.61
N PRO SA 174 -48.27 104.53 20.89
CA PRO SA 174 -49.38 104.76 21.83
C PRO SA 174 -49.75 106.23 21.94
N LEU SA 175 -48.76 107.12 21.89
CA LEU SA 175 -48.97 108.56 21.81
C LEU SA 175 -48.40 109.05 20.48
N ASN SA 176 -49.20 109.78 19.73
CA ASN SA 176 -48.82 110.21 18.39
C ASN SA 176 -47.81 111.35 18.49
N LEU SA 177 -46.53 111.01 18.41
CA LEU SA 177 -45.44 111.98 18.38
C LEU SA 177 -44.59 111.81 17.11
N SER SA 178 -45.22 111.31 16.04
CA SER SA 178 -44.50 110.99 14.81
C SER SA 178 -45.22 111.53 13.57
N GLY SA 179 -46.04 112.56 13.72
CA GLY SA 179 -46.79 113.10 12.60
C GLY SA 179 -45.96 113.85 11.60
N ASN SA 180 -45.39 114.99 12.01
CA ASN SA 180 -44.63 115.84 11.09
C ASN SA 180 -43.32 115.15 10.71
N PRO SA 181 -42.95 115.15 9.42
CA PRO SA 181 -41.72 114.44 9.02
C PRO SA 181 -40.44 115.02 9.57
N ASP SA 182 -40.35 116.34 9.75
CA ASP SA 182 -39.12 116.94 10.25
C ASP SA 182 -38.86 116.55 11.70
N ALA SA 183 -39.88 116.68 12.56
CA ALA SA 183 -39.73 116.24 13.93
C ALA SA 183 -39.52 114.74 14.00
N LEU SA 184 -40.14 113.97 13.10
CA LEU SA 184 -39.90 112.52 13.05
C LEU SA 184 -38.43 112.21 12.74
N ALA SA 185 -37.84 112.94 11.79
CA ALA SA 185 -36.44 112.74 11.47
C ALA SA 185 -35.54 113.12 12.63
N ARG SA 186 -35.88 114.21 13.34
CA ARG SA 186 -35.11 114.59 14.52
C ARG SA 186 -35.19 113.51 15.60
N ARG SA 187 -36.39 112.94 15.80
CA ARG SA 187 -36.55 111.86 16.76
C ARG SA 187 -35.75 110.63 16.33
N ARG SA 188 -35.70 110.35 15.03
CA ARG SA 188 -34.90 109.23 14.53
C ARG SA 188 -33.43 109.43 14.82
N LEU SA 189 -32.92 110.65 14.59
CA LEU SA 189 -31.52 110.94 14.85
C LEU SA 189 -31.20 110.81 16.35
N VAL SA 190 -32.07 111.36 17.19
CA VAL SA 190 -31.89 111.24 18.64
C VAL SA 190 -31.92 109.77 19.05
N GLU SA 191 -32.86 109.00 18.46
CA GLU SA 191 -33.00 107.59 18.80
C GLU SA 191 -31.74 106.81 18.45
N VAL SA 192 -31.18 107.03 17.25
CA VAL SA 192 -30.02 106.25 16.85
C VAL SA 192 -28.78 106.65 17.65
N LYS SA 193 -28.62 107.96 17.92
CA LYS SA 193 -27.47 108.40 18.71
C LYS SA 193 -27.54 107.85 20.13
N ASN SA 194 -28.71 107.95 20.77
CA ASN SA 194 -28.86 107.41 22.12
C ASN SA 194 -28.76 105.89 22.13
N GLY SA 195 -29.15 105.22 21.04
CA GLY SA 195 -28.99 103.77 20.97
C GLY SA 195 -27.53 103.34 20.90
N ARG SA 196 -26.73 104.02 20.07
CA ARG SA 196 -25.30 103.72 20.01
C ARG SA 196 -24.62 104.02 21.34
N LEU SA 197 -24.97 105.17 21.94
CA LEU SA 197 -24.46 105.49 23.27
C LEU SA 197 -24.89 104.45 24.29
N ALA SA 198 -26.11 103.92 24.17
CA ALA SA 198 -26.59 102.89 25.07
C ALA SA 198 -25.82 101.59 24.89
N MET SA 199 -25.47 101.25 23.65
CA MET SA 199 -24.63 100.08 23.41
C MET SA 199 -23.30 100.21 24.15
N ILE SA 200 -22.61 101.34 23.93
CA ILE SA 200 -21.31 101.54 24.57
C ILE SA 200 -21.45 101.55 26.09
N ALA SA 201 -22.48 102.26 26.58
CA ALA SA 201 -22.67 102.40 28.02
C ALA SA 201 -23.05 101.09 28.67
N PHE SA 202 -23.90 100.28 28.02
CA PHE SA 202 -24.27 98.99 28.59
C PHE SA 202 -23.07 98.06 28.64
N GLY SA 203 -22.24 98.06 27.60
CA GLY SA 203 -21.01 97.28 27.65
C GLY SA 203 -20.14 97.69 28.81
N GLY SA 204 -19.95 99.00 28.99
CA GLY SA 204 -19.10 99.49 30.07
C GLY SA 204 -19.66 99.14 31.45
N LEU SA 205 -20.97 99.38 31.64
CA LEU SA 205 -21.59 99.12 32.94
C LEU SA 205 -21.54 97.63 33.28
N LEU SA 206 -21.88 96.77 32.30
CA LEU SA 206 -21.88 95.33 32.55
C LEU SA 206 -20.47 94.83 32.89
N HIS SA 207 -19.45 95.30 32.15
CA HIS SA 207 -18.11 94.79 32.39
C HIS SA 207 -17.52 95.34 33.69
N GLN SA 208 -17.81 96.59 34.03
CA GLN SA 208 -17.36 97.13 35.31
C GLN SA 208 -18.03 96.45 36.48
N GLN SA 209 -19.33 96.15 36.35
CA GLN SA 209 -20.01 95.38 37.40
C GLN SA 209 -19.43 93.98 37.53
N LEU SA 210 -19.11 93.35 36.40
CA LEU SA 210 -18.52 92.01 36.44
C LEU SA 210 -17.14 92.03 37.08
N LEU SA 211 -16.34 93.06 36.81
CA LEU SA 211 -14.99 93.12 37.33
C LEU SA 211 -14.98 93.51 38.81
N THR SA 212 -15.49 94.70 39.13
CA THR SA 212 -15.44 95.20 40.50
C THR SA 212 -16.43 94.53 41.43
N GLY SA 213 -17.50 93.94 40.89
CA GLY SA 213 -18.53 93.35 41.73
C GLY SA 213 -19.35 94.37 42.49
N GLN SA 214 -19.46 95.59 41.96
CA GLN SA 214 -20.15 96.68 42.64
C GLN SA 214 -21.14 97.33 41.69
N GLY SA 215 -22.20 97.90 42.26
CA GLY SA 215 -23.16 98.66 41.48
C GLY SA 215 -22.57 99.96 40.98
N THR SA 216 -23.18 100.48 39.91
CA THR SA 216 -22.61 101.63 39.21
C THR SA 216 -22.58 102.88 40.09
N PHE SA 217 -23.71 103.22 40.72
CA PHE SA 217 -23.74 104.36 41.63
C PHE SA 217 -22.88 104.10 42.87
N GLU SA 218 -22.88 102.87 43.36
CA GLU SA 218 -22.01 102.49 44.47
C GLU SA 218 -20.53 102.52 44.07
N GLN SA 219 -20.23 102.15 42.82
CA GLN SA 219 -18.86 102.32 42.33
C GLN SA 219 -18.50 103.80 42.21
N LEU SA 220 -19.47 104.65 41.91
CA LEU SA 220 -19.23 106.08 41.90
C LEU SA 220 -19.04 106.62 43.31
N ALA SA 221 -19.58 105.93 44.31
CA ALA SA 221 -19.37 106.34 45.70
C ALA SA 221 -17.91 106.16 46.11
N ASN SA 222 -17.32 105.01 45.81
CA ASN SA 222 -15.90 104.76 46.04
C ASN SA 222 -15.31 104.10 44.80
N PHE SA 223 -14.28 104.74 44.22
CA PHE SA 223 -13.74 104.26 42.94
C PHE SA 223 -13.07 102.90 43.09
N LYS SA 224 -12.17 102.77 44.07
CA LYS SA 224 -11.40 101.53 44.31
C LYS SA 224 -10.68 101.09 43.03
N ALA SA 225 -9.73 101.92 42.59
CA ALA SA 225 -8.96 101.61 41.40
C ALA SA 225 -8.18 100.32 41.58
N ILE SA 226 -8.25 99.44 40.59
CA ILE SA 226 -7.64 98.13 40.66
C ILE SA 226 -6.11 98.22 40.69
N TYR TA 40 75.07 23.51 -52.46
CA TYR TA 40 75.50 22.67 -53.57
C TYR TA 40 76.64 21.74 -53.14
N GLN TA 41 77.83 22.30 -52.99
CA GLN TA 41 79.04 21.58 -52.59
C GLN TA 41 79.24 20.31 -53.42
N GLU TA 42 79.41 20.52 -54.72
CA GLU TA 42 79.73 19.48 -55.71
C GLU TA 42 78.57 18.52 -55.90
N GLY TA 43 78.68 17.65 -56.91
CA GLY TA 43 77.76 16.55 -57.10
C GLY TA 43 78.20 15.28 -56.42
N VAL TA 44 79.21 15.36 -55.54
CA VAL TA 44 79.78 14.21 -54.87
C VAL TA 44 79.74 14.44 -53.38
N LEU TA 45 79.50 13.36 -52.62
CA LEU TA 45 79.47 13.23 -51.17
C LEU TA 45 78.22 13.83 -50.54
N GLN TA 46 77.39 14.58 -51.27
CA GLN TA 46 76.12 15.03 -50.72
C GLN TA 46 75.00 15.11 -51.75
N GLY TA 47 75.24 14.75 -53.01
CA GLY TA 47 74.30 15.00 -54.07
C GLY TA 47 73.81 13.74 -54.76
N LEU TA 48 73.02 13.96 -55.81
CA LEU TA 48 72.49 12.85 -56.60
C LEU TA 48 73.61 12.14 -57.34
N GLY TA 49 73.49 10.82 -57.46
CA GLY TA 49 74.54 10.00 -58.00
C GLY TA 49 75.50 9.43 -56.97
N VAL TA 50 75.38 9.84 -55.71
CA VAL TA 50 76.19 9.28 -54.62
C VAL TA 50 75.24 8.49 -53.73
N ASP TA 51 75.41 7.17 -53.70
CA ASP TA 51 74.57 6.28 -52.93
C ASP TA 51 75.43 5.50 -51.93
N ALA TA 52 74.94 5.36 -50.71
CA ALA TA 52 75.64 4.57 -49.70
C ALA TA 52 75.54 3.08 -50.00
N ILE TA 53 74.47 2.66 -50.67
CA ILE TA 53 74.23 1.26 -51.04
C ILE TA 53 74.49 1.14 -52.55
N PRO TA 54 74.53 -0.07 -53.12
CA PRO TA 54 74.60 -0.18 -54.59
C PRO TA 54 73.41 0.43 -55.30
N GLY TA 55 72.29 0.66 -54.61
CA GLY TA 55 71.18 1.39 -55.18
C GLY TA 55 69.92 0.57 -55.36
N THR TA 56 68.98 0.74 -54.43
CA THR TA 56 67.63 0.20 -54.57
C THR TA 56 66.70 1.24 -55.20
N ASP TA 57 67.15 1.80 -56.33
CA ASP TA 57 66.44 2.81 -57.11
C ASP TA 57 66.27 4.12 -56.35
N ARG TA 58 66.84 4.21 -55.13
CA ARG TA 58 66.86 5.38 -54.25
C ARG TA 58 65.46 5.71 -53.74
N PRO TA 59 65.32 6.22 -52.52
CA PRO TA 59 64.01 6.72 -52.08
C PRO TA 59 63.51 7.82 -52.99
N LYS TA 60 62.20 7.80 -53.25
CA LYS TA 60 61.62 8.71 -54.24
C LYS TA 60 61.61 10.15 -53.75
N ASN TA 61 61.56 10.37 -52.43
CA ASN TA 61 61.49 11.70 -51.87
C ASN TA 61 62.87 12.28 -51.56
N LEU TA 62 63.94 11.54 -51.81
CA LEU TA 62 65.30 12.00 -51.54
C LEU TA 62 66.01 12.26 -52.87
N ASP TA 63 66.52 13.48 -53.02
CA ASP TA 63 67.29 13.88 -54.19
C ASP TA 63 68.42 14.80 -53.73
N GLY TA 64 69.19 15.29 -54.69
CA GLY TA 64 70.36 16.10 -54.37
C GLY TA 64 70.07 17.50 -53.90
N THR TA 65 68.80 17.91 -53.83
CA THR TA 65 68.47 19.26 -53.41
C THR TA 65 68.85 19.51 -51.95
N LEU TA 66 68.58 18.54 -51.08
CA LEU TA 66 68.87 18.72 -49.65
C LEU TA 66 70.33 18.45 -49.35
N VAL TA 67 70.83 19.11 -48.31
CA VAL TA 67 72.22 18.97 -47.91
C VAL TA 67 72.44 17.62 -47.25
N GLY TA 68 73.61 17.02 -47.49
CA GLY TA 68 73.96 15.76 -46.86
C GLY TA 68 73.15 14.58 -47.34
N ASP TA 69 72.55 14.67 -48.52
CA ASP TA 69 71.70 13.59 -49.05
C ASP TA 69 72.56 12.63 -49.85
N ILE TA 70 73.04 11.58 -49.18
CA ILE TA 70 73.77 10.51 -49.85
C ILE TA 70 72.80 9.38 -50.17
N GLY TA 71 71.51 9.66 -50.01
CA GLY TA 71 70.48 8.67 -50.27
C GLY TA 71 70.47 7.50 -49.32
N PHE TA 72 70.75 7.73 -48.04
CA PHE TA 72 70.70 6.69 -47.02
C PHE TA 72 69.35 6.77 -46.32
N ASP TA 73 68.50 5.78 -46.57
CA ASP TA 73 67.20 5.69 -45.93
C ASP TA 73 66.68 4.26 -46.04
N PRO TA 74 67.20 3.33 -45.24
CA PRO TA 74 66.72 1.93 -45.33
C PRO TA 74 65.24 1.79 -45.02
N LEU TA 75 64.72 2.58 -44.09
CA LEU TA 75 63.29 2.63 -43.84
C LEU TA 75 62.63 3.66 -44.76
N GLY TA 76 61.30 3.62 -44.80
CA GLY TA 76 60.56 4.54 -45.65
C GLY TA 76 60.20 5.84 -44.95
N PHE TA 77 61.14 6.38 -44.16
CA PHE TA 77 60.88 7.61 -43.42
C PHE TA 77 60.64 8.79 -44.35
N SER TA 78 61.46 8.91 -45.40
CA SER TA 78 61.52 10.09 -46.26
C SER TA 78 60.16 10.56 -46.77
N ASN TA 79 59.40 9.68 -47.43
CA ASN TA 79 58.17 10.10 -48.09
C ASN TA 79 57.10 10.50 -47.08
N TRP TA 80 56.87 9.67 -46.06
CA TRP TA 80 55.80 9.97 -45.11
C TRP TA 80 56.13 11.17 -44.24
N LEU TA 81 57.38 11.26 -43.79
CA LEU TA 81 57.77 12.35 -42.91
C LEU TA 81 58.01 13.62 -43.71
N ASP TA 82 57.63 14.75 -43.13
CA ASP TA 82 57.96 16.02 -43.74
C ASP TA 82 59.46 16.23 -43.69
N LEU TA 83 60.07 16.50 -44.84
CA LEU TA 83 61.52 16.66 -44.88
C LEU TA 83 61.98 17.96 -44.25
N ARG TA 84 61.12 18.97 -44.21
CA ARG TA 84 61.45 20.21 -43.51
C ARG TA 84 61.52 19.98 -42.01
N TRP TA 85 60.50 19.33 -41.45
CA TRP TA 85 60.49 19.00 -40.03
C TRP TA 85 61.62 18.03 -39.68
N ALA TA 86 61.84 17.02 -40.53
CA ALA TA 86 62.90 16.05 -40.27
C ALA TA 86 64.28 16.71 -40.29
N ARG TA 87 64.52 17.59 -41.26
CA ARG TA 87 65.81 18.27 -41.33
C ARG TA 87 65.99 19.24 -40.17
N GLU TA 88 64.91 19.92 -39.76
CA GLU TA 88 64.98 20.80 -38.59
C GLU TA 88 65.33 20.00 -37.34
N ALA TA 89 64.68 18.84 -37.16
CA ALA TA 89 64.97 17.99 -36.01
C ALA TA 89 66.39 17.46 -36.06
N GLU TA 90 66.88 17.09 -37.25
CA GLU TA 90 68.24 16.60 -37.39
C GLU TA 90 69.25 17.68 -37.03
N ILE TA 91 69.03 18.91 -37.51
CA ILE TA 91 69.97 19.99 -37.22
C ILE TA 91 69.94 20.34 -35.73
N LYS TA 92 68.74 20.39 -35.13
CA LYS TA 92 68.65 20.67 -33.70
C LYS TA 92 69.35 19.59 -32.88
N HIS TA 93 69.10 18.31 -33.20
CA HIS TA 93 69.77 17.23 -32.48
C HIS TA 93 71.28 17.30 -32.64
N GLY TA 94 71.75 17.62 -33.85
CA GLY TA 94 73.18 17.71 -34.08
C GLY TA 94 73.84 18.84 -33.32
N ARG TA 95 73.22 20.02 -33.33
CA ARG TA 95 73.77 21.15 -32.60
C ARG TA 95 73.79 20.89 -31.10
N VAL TA 96 72.70 20.35 -30.57
CA VAL TA 96 72.65 20.04 -29.14
C VAL TA 96 73.68 18.98 -28.78
N ALA TA 97 73.86 17.99 -29.67
CA ALA TA 97 74.83 16.92 -29.41
C ALA TA 97 76.26 17.42 -29.47
N MET TA 98 76.56 18.33 -30.40
CA MET TA 98 77.89 18.93 -30.45
C MET TA 98 78.18 19.70 -29.16
N LEU TA 99 77.22 20.52 -28.73
CA LEU TA 99 77.40 21.26 -27.49
C LEU TA 99 77.56 20.32 -26.30
N ALA TA 100 76.78 19.25 -26.25
CA ALA TA 100 76.84 18.32 -25.12
C ALA TA 100 78.15 17.56 -25.08
N ALA TA 101 78.63 17.09 -26.23
CA ALA TA 101 79.89 16.36 -26.27
C ALA TA 101 81.06 17.25 -25.88
N THR TA 102 81.10 18.47 -26.43
CA THR TA 102 82.16 19.40 -26.06
C THR TA 102 82.07 19.76 -24.59
N GLY TA 103 80.85 19.91 -24.06
CA GLY TA 103 80.69 20.23 -22.65
C GLY TA 103 81.20 19.13 -21.75
N MET TA 104 80.86 17.88 -22.07
CA MET TA 104 81.34 16.75 -21.28
C MET TA 104 82.87 16.66 -21.33
N ILE TA 105 83.45 16.83 -22.52
CA ILE TA 105 84.90 16.74 -22.66
C ILE TA 105 85.58 17.83 -21.84
N VAL TA 106 85.08 19.07 -21.95
CA VAL TA 106 85.72 20.17 -21.22
C VAL TA 106 85.49 20.02 -19.71
N GLN TA 107 84.29 19.58 -19.31
CA GLN TA 107 84.00 19.41 -17.89
C GLN TA 107 84.91 18.38 -17.25
N ASP TA 108 85.19 17.28 -17.96
CA ASP TA 108 86.21 16.36 -17.46
C ASP TA 108 87.59 16.99 -17.50
N VAL TA 109 87.89 17.78 -18.54
CA VAL TA 109 89.21 18.39 -18.66
C VAL TA 109 89.36 19.54 -17.66
N TYR TA 110 88.39 20.44 -17.61
CA TYR TA 110 88.57 21.70 -16.90
C TYR TA 110 87.25 22.13 -16.25
N LYS TA 111 87.34 22.55 -15.00
CA LYS TA 111 86.20 23.13 -14.29
C LYS TA 111 86.34 24.65 -14.26
N PHE TA 112 85.23 25.34 -14.44
CA PHE TA 112 85.25 26.80 -14.40
C PHE TA 112 85.60 27.28 -12.99
N PRO TA 113 86.17 28.48 -12.86
CA PRO TA 113 86.53 28.98 -11.54
C PRO TA 113 85.30 29.10 -10.63
N GLY TA 114 85.40 28.49 -9.46
CA GLY TA 114 84.32 28.47 -8.49
C GLY TA 114 83.38 27.29 -8.59
N VAL TA 115 83.51 26.45 -9.63
CA VAL TA 115 82.73 25.22 -9.69
C VAL TA 115 83.18 24.24 -8.61
N GLN TA 116 84.43 24.36 -8.15
CA GLN TA 116 84.86 23.65 -6.95
C GLN TA 116 84.12 24.21 -5.74
N GLN TA 117 84.39 23.60 -4.57
CA GLN TA 117 83.64 23.82 -3.33
C GLN TA 117 82.19 23.37 -3.49
N THR TA 118 81.87 22.78 -4.65
CA THR TA 118 80.51 22.45 -5.02
C THR TA 118 80.56 21.23 -5.95
N PHE TA 119 79.48 20.45 -5.92
CA PHE TA 119 79.19 19.34 -6.83
C PHE TA 119 80.06 18.12 -6.60
N GLY TA 120 81.11 18.23 -5.79
CA GLY TA 120 82.05 17.13 -5.66
C GLY TA 120 82.63 16.73 -7.01
N ASP TA 121 82.63 15.42 -7.27
CA ASP TA 121 83.09 14.88 -8.55
C ASP TA 121 82.17 15.31 -9.69
N ALA TA 122 80.94 14.80 -9.70
CA ALA TA 122 79.85 15.24 -10.59
C ALA TA 122 80.28 15.29 -12.06
N SER TA 123 80.55 14.10 -12.61
CA SER TA 123 81.03 14.04 -13.99
C SER TA 123 79.88 14.23 -14.99
N MET TA 124 78.95 13.27 -15.05
CA MET TA 124 77.91 13.32 -16.07
C MET TA 124 76.50 13.42 -15.50
N MET TA 125 76.07 12.46 -14.70
CA MET TA 125 74.66 12.33 -14.31
C MET TA 125 74.41 12.76 -12.88
N LYS TA 126 75.33 12.48 -11.96
CA LYS TA 126 75.26 13.11 -10.65
C LYS TA 126 75.33 14.62 -10.78
N LEU TA 127 76.05 15.12 -11.78
CA LEU TA 127 76.08 16.54 -12.05
C LEU TA 127 74.69 17.08 -12.38
N HIS TA 128 73.94 16.36 -13.23
CA HIS TA 128 72.56 16.78 -13.56
C HIS TA 128 71.70 16.86 -12.30
N ASN TA 129 71.76 15.83 -11.46
CA ASN TA 129 70.90 15.80 -10.28
C ASN TA 129 71.28 16.88 -9.26
N VAL TA 130 72.57 17.00 -8.96
CA VAL TA 130 73.00 17.99 -7.96
C VAL TA 130 72.76 19.41 -8.49
N ALA TA 131 72.91 19.63 -9.79
CA ALA TA 131 72.71 20.97 -10.33
C ALA TA 131 71.24 21.34 -10.45
N VAL TA 132 70.36 20.37 -10.77
CA VAL TA 132 68.94 20.68 -10.72
C VAL TA 132 68.50 20.89 -9.28
N GLY TA 133 69.17 20.23 -8.32
CA GLY TA 133 68.92 20.54 -6.92
C GLY TA 133 69.33 21.95 -6.56
N GLN TA 134 70.52 22.38 -7.02
CA GLN TA 134 70.99 23.73 -6.70
C GLN TA 134 70.17 24.80 -7.42
N GLY TA 135 69.99 24.64 -8.73
CA GLY TA 135 69.24 25.62 -9.50
C GLY TA 135 69.95 26.12 -10.74
N ALA TA 136 71.17 25.65 -10.97
CA ALA TA 136 71.91 26.03 -12.18
C ALA TA 136 71.21 25.49 -13.43
N MET TA 137 70.92 24.20 -13.43
CA MET TA 137 70.19 23.62 -14.56
C MET TA 137 68.76 24.10 -14.61
N GLN TA 138 68.20 24.54 -13.47
CA GLN TA 138 66.88 25.19 -13.50
C GLN TA 138 66.94 26.50 -14.28
N GLN TA 139 67.97 27.31 -14.04
CA GLN TA 139 68.17 28.54 -14.81
C GLN TA 139 68.38 28.23 -16.28
N LEU TA 140 69.22 27.23 -16.57
CA LEU TA 140 69.47 26.87 -17.96
C LEU TA 140 68.19 26.39 -18.65
N PHE TA 141 67.40 25.56 -17.98
CA PHE TA 141 66.15 25.08 -18.55
C PHE TA 141 65.18 26.23 -18.78
N LEU TA 142 65.12 27.19 -17.85
CA LEU TA 142 64.26 28.36 -18.04
C LEU TA 142 64.67 29.16 -19.28
N TRP TA 143 65.97 29.41 -19.43
CA TRP TA 143 66.39 30.25 -20.56
C TRP TA 143 66.29 29.52 -21.88
N ILE TA 144 66.57 28.20 -21.91
CA ILE TA 144 66.36 27.46 -23.15
C ILE TA 144 64.87 27.31 -23.44
N THR TA 145 64.03 27.28 -22.41
CA THR TA 145 62.59 27.30 -22.63
C THR TA 145 62.16 28.60 -23.29
N VAL TA 146 62.71 29.73 -22.82
CA VAL TA 146 62.45 31.01 -23.48
C VAL TA 146 62.91 30.97 -24.93
N LEU TA 147 64.12 30.45 -25.16
CA LEU TA 147 64.66 30.39 -26.52
C LEU TA 147 63.80 29.53 -27.43
N GLU TA 148 63.35 28.37 -26.94
CA GLU TA 148 62.54 27.47 -27.75
C GLU TA 148 61.13 28.02 -27.97
N THR TA 149 60.57 28.71 -26.98
CA THR TA 149 59.24 29.27 -27.14
C THR TA 149 59.24 30.44 -28.12
N LEU TA 150 60.29 31.27 -28.08
CA LEU TA 150 60.30 32.48 -28.87
C LEU TA 150 61.01 32.31 -30.22
N THR TA 151 61.84 31.29 -30.38
CA THR TA 151 62.49 31.03 -31.66
C THR TA 151 62.07 29.71 -32.27
N GLY TA 152 62.17 28.61 -31.53
CA GLY TA 152 61.92 27.30 -32.09
C GLY TA 152 60.51 27.07 -32.60
N ILE TA 153 59.52 27.24 -31.71
CA ILE TA 153 58.13 27.00 -32.09
C ILE TA 153 57.68 27.88 -33.25
N PRO TA 154 57.83 29.22 -33.21
CA PRO TA 154 57.34 30.02 -34.34
C PRO TA 154 58.09 29.75 -35.63
N ALA TA 155 59.41 29.54 -35.56
CA ALA TA 155 60.17 29.29 -36.78
C ALA TA 155 59.78 27.97 -37.42
N ILE TA 156 59.60 26.91 -36.62
CA ILE TA 156 59.23 25.63 -37.20
C ILE TA 156 57.79 25.69 -37.73
N ILE TA 157 56.91 26.42 -37.03
CA ILE TA 157 55.53 26.55 -37.51
C ILE TA 157 55.49 27.29 -38.84
N GLN TA 158 56.24 28.38 -38.97
CA GLN TA 158 56.26 29.12 -40.23
C GLN TA 158 56.93 28.32 -41.34
N THR TA 159 57.98 27.57 -41.01
CA THR TA 159 58.65 26.74 -42.01
C THR TA 159 57.70 25.65 -42.52
N LEU TA 160 56.92 25.04 -41.63
CA LEU TA 160 55.94 24.06 -42.07
C LEU TA 160 54.82 24.69 -42.89
N LYS TA 161 54.59 25.99 -42.78
CA LYS TA 161 53.56 26.67 -43.54
C LYS TA 161 54.03 27.16 -44.91
N GLY TA 162 55.32 27.00 -45.22
CA GLY TA 162 55.85 27.42 -46.50
C GLY TA 162 56.68 28.67 -46.51
N SER TA 163 57.29 29.03 -45.38
CA SER TA 163 58.13 30.22 -45.32
C SER TA 163 59.44 29.99 -46.08
N GLU TA 164 60.08 31.10 -46.46
CA GLU TA 164 61.35 31.04 -47.17
C GLU TA 164 62.50 30.58 -46.29
N ARG TA 165 62.30 30.50 -44.98
CA ARG TA 165 63.35 30.05 -44.08
C ARG TA 165 63.60 28.56 -44.24
N GLN TA 166 64.85 28.18 -44.43
CA GLN TA 166 65.23 26.79 -44.50
C GLN TA 166 65.24 26.17 -43.10
N PRO TA 167 65.00 24.87 -42.98
CA PRO TA 167 65.05 24.23 -41.65
C PRO TA 167 66.43 24.37 -41.03
N GLY TA 168 66.45 24.64 -39.73
CA GLY TA 168 67.68 24.81 -38.99
C GLY TA 168 68.35 26.16 -39.16
N ASP TA 169 67.75 27.08 -39.89
CA ASP TA 169 68.33 28.40 -40.14
C ASP TA 169 67.70 29.42 -39.21
N PHE TA 170 68.55 30.08 -38.41
CA PHE TA 170 68.12 31.14 -37.51
C PHE TA 170 68.81 32.47 -37.79
N GLY TA 171 69.48 32.60 -38.94
CA GLY TA 171 70.15 33.83 -39.29
C GLY TA 171 71.21 34.28 -38.31
N PHE TA 172 71.80 33.35 -37.57
CA PHE TA 172 72.78 33.67 -36.54
C PHE TA 172 74.16 33.67 -37.18
N ASP TA 173 74.69 34.87 -37.45
CA ASP TA 173 76.04 35.02 -38.00
C ASP TA 173 76.59 36.37 -37.56
N PRO TA 174 76.95 36.50 -36.27
CA PRO TA 174 77.59 37.75 -35.84
C PRO TA 174 78.91 38.03 -36.53
N LEU TA 175 79.65 37.00 -36.89
CA LEU TA 175 80.87 37.12 -37.68
C LEU TA 175 80.57 36.77 -39.13
N GLY TA 176 81.42 37.29 -40.03
CA GLY TA 176 81.24 37.04 -41.44
C GLY TA 176 81.75 35.68 -41.90
N CYS TA 177 81.26 34.62 -41.26
CA CYS TA 177 81.69 33.27 -41.59
C CYS TA 177 80.90 32.65 -42.74
N GLY TA 178 79.79 33.26 -43.16
CA GLY TA 178 78.98 32.69 -44.22
C GLY TA 178 78.59 33.70 -45.29
N SER TA 179 79.43 34.71 -45.50
CA SER TA 179 79.13 35.71 -46.53
C SER TA 179 79.17 35.10 -47.93
N ASN TA 180 80.15 34.24 -48.20
CA ASN TA 180 80.29 33.64 -49.52
C ASN TA 180 79.52 32.32 -49.57
N PRO TA 181 78.54 32.17 -50.48
CA PRO TA 181 77.81 30.90 -50.56
C PRO TA 181 78.68 29.71 -50.91
N GLU TA 182 79.78 29.93 -51.64
CA GLU TA 182 80.68 28.83 -51.99
C GLU TA 182 81.26 28.19 -50.74
N GLN TA 183 81.65 28.99 -49.76
CA GLN TA 183 82.06 28.45 -48.47
C GLN TA 183 80.87 28.07 -47.60
N LEU TA 184 79.70 28.69 -47.82
CA LEU TA 184 78.55 28.41 -46.97
C LEU TA 184 78.00 27.01 -47.21
N ALA TA 185 78.03 26.53 -48.45
CA ALA TA 185 77.58 25.16 -48.73
C ALA TA 185 78.49 24.14 -48.03
N ARG TA 186 79.81 24.36 -48.10
CA ARG TA 186 80.74 23.48 -47.40
C ARG TA 186 80.52 23.56 -45.89
N ARG TA 187 80.25 24.76 -45.39
CA ARG TA 187 79.96 24.91 -43.96
C ARG TA 187 78.71 24.14 -43.56
N GLN TA 188 77.67 24.16 -44.40
CA GLN TA 188 76.47 23.40 -44.11
C GLN TA 188 76.74 21.90 -44.09
N LEU TA 189 77.52 21.41 -45.06
CA LEU TA 189 77.86 20.00 -45.09
C LEU TA 189 78.69 19.60 -43.87
N VAL TA 190 79.66 20.45 -43.49
CA VAL TA 190 80.48 20.18 -42.32
C VAL TA 190 79.63 20.17 -41.06
N GLU TA 191 78.70 21.12 -40.95
CA GLU TA 191 77.82 21.17 -39.78
C GLU TA 191 76.97 19.90 -39.68
N LEU TA 192 76.40 19.46 -40.80
CA LEU TA 192 75.60 18.24 -40.80
C LEU TA 192 76.42 17.04 -40.39
N LYS TA 193 77.61 16.87 -40.98
CA LYS TA 193 78.43 15.70 -40.67
C LYS TA 193 78.91 15.71 -39.23
N ASN TA 194 79.32 16.88 -38.73
CA ASN TA 194 79.79 16.96 -37.34
C ASN TA 194 78.65 16.73 -36.35
N GLY TA 195 77.45 17.22 -36.67
CA GLY TA 195 76.31 16.92 -35.82
C GLY TA 195 75.94 15.45 -35.80
N ARG TA 196 75.96 14.81 -36.98
CA ARG TA 196 75.68 13.38 -37.05
C ARG TA 196 76.72 12.58 -36.27
N LEU TA 197 77.99 12.98 -36.36
CA LEU TA 197 79.03 12.33 -35.56
C LEU TA 197 78.81 12.57 -34.08
N ALA TA 198 78.42 13.80 -33.71
CA ALA TA 198 78.32 14.16 -32.30
C ALA TA 198 77.14 13.49 -31.62
N MET TA 199 76.06 13.21 -32.34
CA MET TA 199 74.95 12.44 -31.75
C MET TA 199 75.44 11.08 -31.26
N ILE TA 200 76.13 10.36 -32.14
CA ILE TA 200 76.67 9.05 -31.79
C ILE TA 200 77.71 9.18 -30.68
N ALA TA 201 78.55 10.22 -30.75
CA ALA TA 201 79.59 10.42 -29.75
C ALA TA 201 79.00 10.66 -28.35
N VAL TA 202 77.99 11.53 -28.26
CA VAL TA 202 77.39 11.82 -26.96
C VAL TA 202 76.60 10.62 -26.45
N GLY TA 203 75.95 9.87 -27.35
CA GLY TA 203 75.31 8.64 -26.92
C GLY TA 203 76.31 7.64 -26.34
N GLY TA 204 77.47 7.52 -26.98
CA GLY TA 204 78.50 6.65 -26.46
C GLY TA 204 79.03 7.11 -25.12
N MET TA 205 79.24 8.42 -24.98
CA MET TA 205 79.70 8.96 -23.69
C MET TA 205 78.69 8.65 -22.59
N VAL TA 206 77.41 8.86 -22.86
CA VAL TA 206 76.37 8.60 -21.87
C VAL TA 206 76.35 7.13 -21.48
N HIS TA 207 76.41 6.23 -22.48
CA HIS TA 207 76.31 4.81 -22.18
C HIS TA 207 77.54 4.29 -21.45
N HIS TA 208 78.72 4.77 -21.83
CA HIS TA 208 79.94 4.41 -21.10
C HIS TA 208 79.89 4.91 -19.66
N TYR TA 209 79.38 6.14 -19.44
CA TYR TA 209 79.21 6.59 -18.06
C TYR TA 209 78.19 5.74 -17.30
N LEU TA 210 77.10 5.35 -17.97
CA LEU TA 210 76.09 4.50 -17.31
C LEU TA 210 76.68 3.16 -16.91
N LEU TA 211 77.57 2.61 -17.74
CA LEU TA 211 78.20 1.33 -17.43
C LEU TA 211 79.23 1.47 -16.32
N VAL TA 212 80.07 2.50 -16.40
CA VAL TA 212 81.25 2.60 -15.55
C VAL TA 212 81.14 3.68 -14.47
N GLY TA 213 80.37 4.73 -14.70
CA GLY TA 213 80.43 5.89 -13.83
C GLY TA 213 81.62 6.78 -14.11
N ARG TA 214 82.13 6.77 -15.34
CA ARG TA 214 83.36 7.46 -15.69
C ARG TA 214 83.15 8.25 -16.99
N GLY TA 215 83.58 9.52 -16.99
CA GLY TA 215 83.38 10.39 -18.12
C GLY TA 215 84.33 10.09 -19.26
N PRO TA 216 84.20 10.88 -20.34
CA PRO TA 216 84.88 10.51 -21.60
C PRO TA 216 86.40 10.57 -21.51
N ILE TA 217 86.96 11.66 -21.00
CA ILE TA 217 88.42 11.79 -20.91
C ILE TA 217 88.98 10.72 -19.99
N GLU TA 218 88.36 10.55 -18.83
CA GLU TA 218 88.79 9.51 -17.90
C GLU TA 218 88.58 8.11 -18.48
N PHE TA 219 87.54 7.93 -19.29
CA PHE TA 219 87.35 6.66 -19.99
C PHE TA 219 88.49 6.40 -20.96
N ILE TA 220 88.97 7.45 -21.62
CA ILE TA 220 90.13 7.31 -22.51
C ILE TA 220 91.38 6.98 -21.71
N LYS TA 221 91.51 7.60 -20.52
CA LYS TA 221 92.74 7.43 -19.73
C LYS TA 221 92.97 5.99 -19.33
N ASN TA 222 91.94 5.33 -18.79
CA ASN TA 222 92.03 3.92 -18.40
C ASN TA 222 91.17 3.08 -19.32
N ILE TA 223 91.81 2.17 -20.05
CA ILE TA 223 91.13 1.29 -20.99
C ILE TA 223 90.46 0.09 -20.33
N PRO TA 224 91.09 -0.64 -19.38
CA PRO TA 224 90.46 -1.86 -18.84
C PRO TA 224 89.10 -1.61 -18.20
N ASN TA 225 88.23 -2.61 -18.32
CA ASN TA 225 86.82 -2.51 -17.94
C ASN TA 225 86.62 -2.61 -16.43
N PHE TA 226 87.44 -3.40 -15.73
CA PHE TA 226 87.10 -3.84 -14.38
C PHE TA 226 87.00 -2.68 -13.39
N LYS TA 227 87.70 -1.58 -13.64
CA LYS TA 227 87.62 -0.43 -12.74
C LYS TA 227 86.25 0.24 -12.88
N ASN TA 228 85.50 0.28 -11.77
CA ASN TA 228 84.15 0.84 -11.76
C ASN TA 228 84.06 1.86 -10.63
N PRO TA 229 84.45 3.12 -10.89
CA PRO TA 229 84.39 4.19 -9.88
C PRO TA 229 82.96 4.63 -9.58
FE FE2 UA . -30.88 25.11 -6.93
MG CLA VA . -24.67 24.30 19.91
CHA CLA VA . -22.65 26.85 18.72
CHB CLA VA . -25.78 23.77 16.68
CHC CLA VA . -26.00 21.25 20.85
CHD CLA VA . -22.91 24.42 22.99
NA CLA VA . -24.30 25.19 18.05
C1A CLA VA . -23.42 26.25 17.77
C2A CLA VA . -23.44 26.62 16.29
C3A CLA VA . -24.65 25.82 15.75
C4A CLA VA . -24.94 24.84 16.89
CMA CLA VA . -25.83 26.71 15.48
CAA CLA VA . -22.17 26.16 15.61
CBA CLA VA . -22.21 26.49 14.13
CGA CLA VA . -20.84 26.85 13.66
O1A CLA VA . -19.95 26.10 13.27
O2A CLA VA . -20.60 28.19 13.73
NB CLA VA . -25.68 22.83 18.96
C1B CLA VA . -26.09 22.82 17.66
C2B CLA VA . -26.97 21.65 17.40
C3B CLA VA . -27.03 20.95 18.57
C4B CLA VA . -26.22 21.67 19.58
CMB CLA VA . -27.56 21.35 16.10
CAB CLA VA . -27.70 19.71 18.86
CBB CLA VA . -27.31 18.50 18.47
NC CLA VA . -24.52 23.09 21.62
C1C CLA VA . -25.20 21.92 21.82
C2C CLA VA . -24.93 21.39 23.15
C3C CLA VA . -23.99 22.25 23.73
C4C CLA VA . -23.77 23.33 22.77
CMC CLA VA . -25.49 20.15 23.68
CAC CLA VA . -23.41 22.15 25.07
CBC CLA VA . -22.08 21.44 25.08
ND CLA VA . -23.17 25.36 20.73
C1D CLA VA . -22.61 25.38 22.05
C2D CLA VA . -21.70 26.54 22.16
C3D CLA VA . -21.70 27.15 20.92
C4D CLA VA . -22.60 26.35 20.07
CMD CLA VA . -20.98 26.92 23.36
CAD CLA VA . -21.18 28.24 20.11
OBD CLA VA . -20.42 29.16 20.42
CBD CLA VA . -21.74 28.05 18.67
CGD CLA VA . -22.50 29.27 18.22
O1D CLA VA . -23.58 29.67 18.66
O2D CLA VA . -21.88 29.98 17.24
CED CLA VA . -21.20 31.16 17.63
C1 CLA VA . -20.69 28.96 12.52
C2 CLA VA . -19.46 28.72 11.70
C3 CLA VA . -18.19 28.96 12.07
C4 CLA VA . -17.80 29.52 13.38
C5 CLA VA . -17.08 28.67 11.13
C6 CLA VA . -16.28 29.91 10.80
C7 CLA VA . -15.54 29.73 9.50
C8 CLA VA . -14.47 30.81 9.29
C9 CLA VA . -15.10 32.13 8.93
C10 CLA VA . -13.48 30.37 8.22
C11 CLA VA . -12.87 29.02 8.55
C12 CLA VA . -11.97 28.53 7.43
C13 CLA VA . -10.92 27.56 7.96
C14 CLA VA . -10.13 28.17 9.10
C15 CLA VA . -9.98 27.10 6.86
C16 CLA VA . -10.72 26.35 5.77
C17 CLA VA . -9.76 25.77 4.76
C18 CLA VA . -10.47 25.26 3.51
C19 CLA VA . -9.49 24.59 2.56
C20 CLA VA . -11.56 24.28 3.89
MG CLA WA . -35.16 18.53 18.85
CHA CLA WA . -34.70 21.99 18.93
CHB CLA WA . -38.24 19.03 17.43
CHC CLA WA . -35.24 15.24 17.89
CHD CLA WA . -31.70 18.18 19.60
NA CLA WA . -36.28 20.23 18.34
C1A CLA WA . -35.91 21.58 18.43
C2A CLA WA . -37.04 22.50 17.96
C3A CLA WA . -38.22 21.53 17.74
C4A CLA WA . -37.55 20.16 17.83
CMA CLA WA . -39.30 21.69 18.77
CAA CLA WA . -36.69 23.31 16.72
CBA CLA WA . -37.01 22.57 15.42
CGA CLA WA . -35.72 22.17 14.78
O1A CLA WA . -35.00 21.20 15.05
O2A CLA WA . -35.33 23.02 13.79
NB CLA WA . -36.43 17.40 17.78
C1B CLA WA . -37.72 17.73 17.47
C2B CLA WA . -38.54 16.51 17.19
C3B CLA WA . -37.70 15.44 17.32
C4B CLA WA . -36.36 15.98 17.69
CMB CLA WA . -39.96 16.58 16.84
CAB CLA WA . -37.92 14.02 17.15
CBB CLA WA . -39.00 13.34 17.55
NC CLA WA . -33.75 16.99 18.83
C1C CLA WA . -34.01 15.71 18.42
C2C CLA WA . -32.83 14.87 18.56
C3C CLA WA . -31.80 15.71 18.99
C4C CLA WA . -32.38 17.04 19.16
CMC CLA WA . -32.78 13.44 18.23
CAC CLA WA . -30.40 15.33 19.27
CBC CLA WA . -30.25 14.57 20.56
ND CLA WA . -33.60 19.72 19.38
C1D CLA WA . -32.25 19.44 19.72
C2D CLA WA . -31.61 20.70 20.16
C3D CLA WA . -32.51 21.71 19.90
C4D CLA WA . -33.71 21.05 19.35
CMD CLA WA . -30.27 20.81 20.73
CAD CLA WA . -32.80 23.13 20.00
OBD CLA WA . -32.17 24.02 20.56
CBD CLA WA . -34.11 23.37 19.20
CGD CLA WA . -35.05 24.32 19.88
O1D CLA WA . -35.46 25.40 19.43
O2D CLA WA . -35.46 23.94 21.12
CED CLA WA . -36.40 24.80 21.78
C1 CLA WA . -36.17 23.06 12.62
C2 CLA WA . -36.12 21.69 12.02
C3 CLA WA . -36.91 21.33 10.99
C4 CLA WA . -37.88 22.26 10.38
CHA PHO XA . -17.32 30.11 3.34
CHB PHO XA . -15.63 27.02 6.66
CHC PHO XA . -20.05 26.71 8.76
CHD PHO XA . -21.87 29.78 5.42
NA PHO XA . -16.78 28.43 5.00
C1A PHO XA . -16.40 29.35 3.98
C2A PHO XA . -14.87 29.32 3.79
C3A PHO XA . -14.47 28.06 4.59
C4A PHO XA . -15.71 27.82 5.46
CMA PHO XA . -14.18 26.89 3.70
CAA PHO XA . -14.15 30.55 4.27
CBA PHO XA . -12.71 30.52 3.79
CGA PHO XA . -11.84 31.47 4.55
O1A PHO XA . -12.10 32.13 5.55
O2A PHO XA . -10.58 31.56 4.01
NB PHO XA . -17.98 27.10 7.43
C1B PHO XA . -16.64 26.72 7.51
C2B PHO XA . -16.50 25.89 8.75
C3B PHO XA . -17.73 25.80 9.35
C4B PHO XA . -18.72 26.57 8.52
CMB PHO XA . -15.21 25.32 9.15
CAB PHO XA . -18.15 25.12 10.55
CBB PHO XA . -17.49 25.09 11.71
NC PHO XA . -20.64 28.29 6.97
C1C PHO XA . -20.97 27.53 8.01
C2C PHO XA . -22.43 27.65 8.31
C3C PHO XA . -22.96 28.51 7.36
C4C PHO XA . -21.82 28.93 6.49
CMC PHO XA . -23.11 26.95 9.40
CAC PHO XA . -24.34 28.95 7.20
CBC PHO XA . -24.55 30.41 7.55
ND PHO XA . -19.52 29.49 4.59
C1D PHO XA . -20.80 30.07 4.52
C2D PHO XA . -20.83 30.97 3.39
C3D PHO XA . -19.52 30.99 2.87
C4D PHO XA . -18.72 30.10 3.70
CMD PHO XA . -21.99 31.71 2.90
CAD PHO XA . -18.65 31.56 1.85
OBD PHO XA . -18.93 32.28 0.91
CBD PHO XA . -17.20 31.08 2.19
CGD PHO XA . -16.60 30.45 0.95
O1D PHO XA . -15.69 30.84 0.23
O2D PHO XA . -17.23 29.27 0.64
CED PHO XA . -16.51 28.35 -0.18
C1 PHO XA . -9.89 30.34 3.68
C2 PHO XA . -8.81 30.18 4.69
C3 PHO XA . -7.73 29.42 4.47
C4 PHO XA . -7.52 28.66 3.21
C5 PHO XA . -6.67 29.28 5.51
C6 PHO XA . -7.13 29.72 6.89
C7 PHO XA . -6.60 28.83 7.99
C8 PHO XA . -6.40 29.58 9.30
C9 PHO XA . -5.82 30.96 9.07
C10 PHO XA . -5.47 28.77 10.21
C11 PHO XA . -6.26 28.04 11.27
C12 PHO XA . -7.04 29.01 12.13
C13 PHO XA . -8.33 28.39 12.66
C14 PHO XA . -9.05 29.36 13.58
C15 PHO XA . -8.05 27.07 13.37
C16 PHO XA . -9.22 26.57 14.19
C17 PHO XA . -9.39 25.07 14.02
C18 PHO XA . -10.09 24.44 15.22
C19 PHO XA . -11.41 25.12 15.51
C20 PHO XA . -10.33 22.97 14.95
MG CLA YA . 1.03 40.61 11.06
CHA CLA YA . 1.46 41.14 14.46
CHB CLA YA . -1.54 42.90 11.09
CHC CLA YA . 1.20 40.85 7.62
CHD CLA YA . 4.17 38.92 11.02
NA CLA YA . 0.11 41.77 12.54
C1A CLA YA . 0.45 41.85 13.90
C2A CLA YA . -0.50 42.81 14.64
C3A CLA YA . -1.60 43.09 13.60
C4A CLA YA . -0.98 42.57 12.30
CMA CLA YA . -2.89 42.39 13.92
CAA CLA YA . 0.24 44.06 15.10
CBA CLA YA . 0.25 45.18 14.09
CGA CLA YA . 1.08 46.31 14.62
O1A CLA YA . 1.18 46.70 15.79
O2A CLA YA . 1.79 46.97 13.66
NB CLA YA . 0.02 41.64 9.65
C1B CLA YA . -1.03 42.48 9.85
C2B CLA YA . -1.60 42.94 8.54
C3B CLA YA . -0.82 42.37 7.56
C4B CLA YA . 0.21 41.53 8.24
CMB CLA YA . -2.73 43.87 8.46
CAB CLA YA . -0.87 42.48 6.13
CBB CLA YA . -1.98 42.39 5.38
NC CLA YA . 2.39 39.94 9.60
C1C CLA YA . 2.22 40.09 8.25
C2C CLA YA . 3.30 39.44 7.52
C3C CLA YA . 4.19 38.97 8.49
C4C CLA YA . 3.60 39.28 9.79
CMC CLA YA . 3.42 39.38 6.06
CAC CLA YA . 5.45 38.24 8.25
CBC CLA YA . 6.66 39.14 8.36
ND CLA YA . 2.48 40.08 12.37
C1D CLA YA . 3.66 39.29 12.25
C2D CLA YA . 4.18 38.98 13.59
C3D CLA YA . 3.36 39.65 14.49
C4D CLA YA . 2.35 40.34 13.67
CMD CLA YA . 5.35 38.14 13.85
CAD CLA YA . 3.08 39.94 15.88
OBD CLA YA . 3.64 39.52 16.89
CBD CLA YA . 1.90 40.96 15.90
CGD CLA YA . 0.77 40.45 16.75
O1D CLA YA . 0.41 40.85 17.86
O2D CLA YA . 0.08 39.43 16.19
CED CLA YA . -1.31 39.66 15.95
C1 CLA YA . 1.10 47.99 12.91
C2 CLA YA . 0.84 49.11 13.85
C3 CLA YA . 0.19 50.24 13.50
C4 CLA YA . -0.05 51.34 14.46
C5 CLA YA . -0.31 50.44 12.10
C6 CLA YA . -1.81 50.27 11.99
C7 CLA YA . -2.49 51.60 11.72
C8 CLA YA . -3.97 51.42 11.37
C9 CLA YA . -4.47 52.65 10.64
C10 CLA YA . -4.80 51.16 12.62
C11 CLA YA . -6.28 51.09 12.30
C12 CLA YA . -7.11 50.71 13.51
C13 CLA YA . -6.88 49.24 13.89
C14 CLA YA . -7.81 48.34 13.10
C15 CLA YA . -7.07 49.02 15.39
C10 WVN ZA . -0.56 40.20 -3.80
C11 WVN ZA . 7.06 30.19 16.56
C12 WVN ZA . 0.43 39.24 -4.47
C13 WVN ZA . 1.26 40.14 -2.03
C14 WVN ZA . 1.87 39.76 -4.38
C01 WVN ZA . 8.78 28.39 17.28
C02 WVN ZA . 7.37 29.00 17.51
C03 WVN ZA . 8.94 27.12 18.10
C04 WVN ZA . 7.89 26.10 17.65
C05 WVN ZA . 6.24 27.93 17.46
C06 WVN ZA . -0.17 40.56 -2.36
C07 WVN ZA . 9.79 29.39 17.82
C08 WVN ZA . 9.18 28.09 15.83
C09 WVN ZA . 6.50 26.69 17.81
C15 WVN ZA . 2.12 40.38 -3.01
C16 WVN ZA . 4.82 28.38 17.79
C17 WVN ZA . -1.17 39.89 -1.40
C18 WVN ZA . -0.31 42.07 -2.22
C19 WVN ZA . 6.50 30.09 15.36
C20 WVN ZA . 1.57 38.91 -1.19
C21 WVN ZA . 3.40 41.20 -2.76
C22 WVN ZA . 6.22 31.34 14.53
C23 WVN ZA . 2.22 39.00 -0.04
C24 WVN ZA . 5.59 32.56 15.20
C25 WVN ZA . 2.55 37.74 0.76
C26 WVN ZA . 6.52 31.34 13.24
C27 WVN ZA . 2.19 36.38 0.17
C28 WVN ZA . 3.17 37.86 1.91
C29 WVN ZA . 6.18 32.59 12.43
C30 WVN ZA . 3.57 36.63 2.75
C31 WVN ZA . 5.90 32.46 11.16
C32 WVN ZA . 5.51 33.67 10.31
C33 WVN ZA . 3.13 36.47 3.97
C34 WVN ZA . 3.58 35.27 4.79
C35 WVN ZA . 5.20 35.00 10.99
C36 WVN ZA . 5.41 33.52 9.01
C37 WVN ZA . 3.96 35.48 6.03
C38 WVN ZA . 3.61 33.86 4.20
C39 WVN ZA . 4.98 34.66 8.10
C40 WVN ZA . 4.41 34.37 6.95
O6 SQD AB . -41.56 36.20 -2.27
C44 SQD AB . -40.78 37.34 -1.92
C45 SQD AB . -39.67 36.95 -0.95
C46 SQD AB . -39.09 38.20 -0.32
O47 SQD AB . -40.19 36.11 0.07
C7 SQD AB . -39.68 34.75 0.00
O49 SQD AB . -38.88 34.47 -0.89
C8 SQD AB . -40.09 33.72 1.01
C9 SQD AB . -39.55 34.09 2.39
C10 SQD AB . -40.49 35.07 3.08
C11 SQD AB . -39.72 36.08 3.93
C12 SQD AB . -39.04 35.40 5.11
C13 SQD AB . -40.07 34.83 6.08
C14 SQD AB . -39.39 34.28 7.32
C15 SQD AB . -38.43 33.16 6.97
C16 SQD AB . -37.63 32.73 8.20
C17 SQD AB . -36.77 33.89 8.69
C18 SQD AB . -36.10 33.54 10.01
C19 SQD AB . -35.21 32.30 9.85
C20 SQD AB . -34.79 31.76 11.21
C21 SQD AB . -33.93 30.52 11.07
C22 SQD AB . -33.73 29.84 12.40
O48 SQD AB . -39.87 38.54 0.83
C23 SQD AB . -39.39 39.55 1.76
O10 SQD AB . -38.45 40.25 1.42
C24 SQD AB . -40.05 39.72 3.10
C25 SQD AB . -41.55 39.98 2.92
C26 SQD AB . -42.24 40.00 4.27
C27 SQD AB . -41.59 41.03 5.19
C28 SQD AB . -41.99 40.81 6.64
C29 SQD AB . -41.17 41.69 7.57
C1 SQD AB . -42.07 36.33 -3.60
C2 SQD AB . -43.09 35.24 -3.91
O2 SQD AB . -42.54 33.95 -3.62
C3 SQD AB . -43.46 35.35 -5.38
O3 SQD AB . -44.45 34.37 -5.71
C4 SQD AB . -43.99 36.75 -5.68
O4 SQD AB . -44.08 36.92 -7.10
C5 SQD AB . -43.09 37.85 -5.12
C6 SQD AB . -43.80 39.20 -5.20
O5 SQD AB . -42.73 37.59 -3.76
S SQD AB . -42.81 40.40 -4.60
O7 SQD AB . -41.45 40.11 -4.94
O8 SQD AB . -43.26 41.83 -5.26
O9 SQD AB . -42.94 40.47 -3.17
C2 PL9 BB . -39.72 23.21 -2.92
C3 PL9 BB . -38.37 22.93 -2.92
C4 PL9 BB . -37.64 22.91 -4.16
C5 PL9 BB . -38.36 23.20 -5.40
C6 PL9 BB . -39.71 23.47 -5.37
C1 PL9 BB . -40.43 23.48 -4.12
C7 PL9 BB . -37.71 22.65 -1.65
C8 PL9 BB . -38.43 23.13 -0.43
C9 PL9 BB . -37.79 23.76 0.55
C10 PL9 BB . -36.35 23.64 0.76
C11 PL9 BB . -38.46 24.94 1.19
C12 PL9 BB . -39.94 24.62 1.41
C13 PL9 BB . -40.02 23.76 2.62
C14 PL9 BB . -41.12 23.66 3.37
C15 PL9 BB . -42.34 24.44 3.08
C16 PL9 BB . -41.15 22.90 4.65
C17 PL9 BB . -41.75 23.68 5.83
C18 PL9 BB . -41.67 22.85 7.08
C19 PL9 BB . -42.69 22.21 7.67
C20 PL9 BB . -42.74 22.04 9.13
C21 PL9 BB . -43.89 21.83 6.85
C22 PL9 BB . -44.15 20.31 6.83
C23 PL9 BB . -45.31 20.02 7.72
C24 PL9 BB . -45.59 18.79 8.14
C25 PL9 BB . -45.09 17.57 7.46
C26 PL9 BB . -46.10 18.62 9.52
C27 PL9 BB . -47.09 17.44 9.59
C28 PL9 BB . -47.85 17.53 10.85
C29 PL9 BB . -47.61 18.46 11.78
C52 PL9 BB . -37.60 23.18 -6.65
C53 PL9 BB . -40.48 23.77 -6.58
O1 PL9 BB . -36.43 22.67 -4.13
O2 PL9 BB . -41.65 23.73 -4.02
O6 SQD CB . 13.94 36.58 19.26
C44 SQD CB . 13.77 37.68 18.37
C45 SQD CB . 13.47 37.16 16.96
C46 SQD CB . 12.36 36.13 16.99
O47 SQD CB . 13.06 38.23 16.11
C7 SQD CB . 14.07 38.56 15.11
O49 SQD CB . 15.22 38.75 15.47
C8 SQD CB . 13.68 38.65 13.66
C9 SQD CB . 14.48 39.73 12.95
C10 SQD CB . 14.43 39.53 11.45
C11 SQD CB . 13.00 39.34 10.94
C12 SQD CB . 12.98 38.89 9.48
C13 SQD CB . 11.56 38.56 9.03
O48 SQD CB . 12.17 35.69 15.64
C23 SQD CB . 10.85 35.35 15.13
O10 SQD CB . 9.93 35.18 15.92
C24 SQD CB . 10.65 35.22 13.64
C25 SQD CB . 9.15 35.14 13.34
C26 SQD CB . 8.91 35.03 11.84
C27 SQD CB . 9.19 36.34 11.13
C28 SQD CB . 8.65 36.29 9.69
C29 SQD CB . 9.34 35.17 8.90
C30 SQD CB . 8.64 34.94 7.57
C31 SQD CB . 8.49 36.22 6.77
C32 SQD CB . 7.71 35.98 5.49
C33 SQD CB . 7.65 37.24 4.64
C1 SQD CB . 14.55 36.99 20.48
C2 SQD CB . 14.56 35.82 21.45
O2 SQD CB . 13.48 35.95 22.38
C3 SQD CB . 15.88 35.76 22.23
O3 SQD CB . 16.87 35.08 21.44
C4 SQD CB . 16.38 37.15 22.59
O4 SQD CB . 15.48 37.76 23.52
C5 SQD CB . 16.51 38.02 21.34
C6 SQD CB . 17.98 38.27 21.03
O5 SQD CB . 15.89 37.40 20.22
S SQD CB . 18.12 39.33 19.74
O7 SQD CB . 17.20 40.42 19.94
O8 SQD CB . 19.65 39.91 19.69
O9 SQD CB . 17.81 38.66 18.52
C BCT DB . -31.70 25.36 -9.34
O1 BCT DB . -31.94 25.80 -10.47
O2 BCT DB . -32.30 24.66 -8.55
O3 BCT DB . -30.44 25.79 -8.80
O1 LHG EB . -35.42 45.60 -2.55
C1 LHG EB . -34.48 45.84 -3.61
C2 LHG EB . -33.18 45.14 -3.30
O2 LHG EB . -32.42 45.05 -4.52
C3 LHG EB . -33.45 43.76 -2.71
O3 LHG EB . -32.92 42.73 -3.53
P LHG EB . -33.90 41.79 -4.39
O4 LHG EB . -33.90 42.29 -5.81
O5 LHG EB . -35.20 41.64 -3.66
O6 LHG EB . -33.08 40.40 -4.32
C4 LHG EB . -33.52 39.33 -3.51
C5 LHG EB . -32.82 39.28 -2.15
C6 LHG EB . -31.33 39.01 -2.38
O7 LHG EB . -32.99 40.50 -1.46
C7 LHG EB . -34.04 40.48 -0.45
O9 LHG EB . -35.13 40.03 -0.73
C8 LHG EB . -33.73 41.01 0.93
C9 LHG EB . -35.01 41.16 1.75
C10 LHG EB . -34.78 40.63 3.16
O8 LHG EB . -30.76 38.48 -1.18
C23 LHG EB . -29.58 37.62 -1.26
O10 LHG EB . -28.75 37.83 -2.11
C24 LHG EB . -29.41 36.50 -0.26
C11 LHG EB . -36.10 40.34 3.84
C12 LHG EB . -35.98 39.22 4.86
C13 LHG EB . -36.98 39.41 5.98
C14 LHG EB . -36.95 38.23 6.95
C15 LHG EB . -35.82 38.39 7.97
C25 LHG EB . -28.21 36.78 0.65
C26 LHG EB . -28.34 36.04 1.97
C27 LHG EB . -28.20 36.99 3.15
C28 LHG EB . -29.57 37.45 3.66
C29 LHG EB . -29.59 38.96 3.89
C30 LHG EB . -30.98 39.44 4.29
C31 LHG EB . -30.91 40.27 5.57
C32 LHG EB . -32.26 40.28 6.28
C33 LHG EB . -32.48 41.60 7.02
C34 LHG EB . -33.95 41.99 7.06
C35 LHG EB . -34.18 43.36 6.42
C36 LHG EB . -35.64 43.55 6.02
C37 LHG EB . -35.80 44.77 5.11
C38 LHG EB . -36.44 44.40 3.80
CL CL FB . -12.06 22.44 32.02
MN MN GB . -14.91 33.00 32.24
MN MN HB . -16.13 27.37 35.21
MG CLA IB . -48.50 -25.41 18.10
CHA CLA IB . -49.22 -28.27 19.93
CHB CLA IB . -47.26 -27.36 15.58
CHC CLA IB . -47.21 -22.60 16.58
CHD CLA IB . -49.17 -23.47 21.01
NA CLA IB . -48.30 -27.48 17.82
C1A CLA IB . -48.68 -28.51 18.68
C2A CLA IB . -48.36 -29.89 18.07
C3A CLA IB . -47.78 -29.54 16.68
C4A CLA IB . -47.77 -28.02 16.67
CMA CLA IB . -46.40 -30.11 16.49
CAA CLA IB . -49.58 -30.79 17.86
CBA CLA IB . -50.92 -30.09 17.68
CGA CLA IB . -51.01 -29.37 16.37
O1A CLA IB . -50.79 -28.18 16.12
O2A CLA IB . -51.41 -30.17 15.33
NB CLA IB . -47.39 -25.06 16.45
C1B CLA IB . -47.17 -25.97 15.46
C2B CLA IB . -46.79 -25.27 14.19
C3B CLA IB . -46.77 -23.93 14.46
C4B CLA IB . -47.14 -23.78 15.90
CMB CLA IB . -46.47 -25.99 12.95
CAB CLA IB . -46.44 -22.81 13.61
CBB CLA IB . -45.35 -22.06 13.72
NC CLA IB . -48.25 -23.42 18.69
C1C CLA IB . -47.73 -22.43 17.90
C2C CLA IB . -47.75 -21.15 18.60
C3C CLA IB . -48.27 -21.40 19.87
C4C CLA IB . -48.59 -22.82 19.91
CMC CLA IB . -47.26 -19.89 18.05
CAC CLA IB . -48.47 -20.43 20.95
CBC CLA IB . -47.25 -20.23 21.81
ND CLA IB . -49.10 -25.72 20.01
C1D CLA IB . -49.41 -24.83 21.07
C2D CLA IB . -50.01 -25.60 22.19
C3D CLA IB . -49.97 -26.93 21.80
C4D CLA IB . -49.37 -26.94 20.45
CMD CLA IB . -50.50 -25.01 23.43
CAD CLA IB . -50.28 -28.30 22.17
OBD CLA IB . -50.83 -28.73 23.17
CBD CLA IB . -49.75 -29.20 21.01
CGD CLA IB . -48.71 -30.19 21.48
O1D CLA IB . -48.40 -31.26 20.95
O2D CLA IB . -48.07 -29.82 22.62
CED CLA IB . -47.40 -30.84 23.35
C1 CLA IB . -51.20 -29.66 14.01
C2 CLA IB . -49.78 -29.94 13.65
C3 CLA IB . -49.20 -29.48 12.54
C4 CLA IB . -47.79 -29.78 12.21
C5 CLA IB . -49.95 -28.63 11.56
MG CLA JB . -39.90 -20.97 14.46
CHA CLA JB . -38.26 -18.11 15.51
CHB CLA JB . -39.61 -22.25 17.64
CHC CLA JB . -42.14 -23.45 13.64
CHD CLA JB . -40.68 -19.33 11.40
NA CLA JB . -39.06 -20.29 16.24
C1A CLA JB . -38.40 -19.06 16.47
C2A CLA JB . -37.90 -18.97 17.91
C3A CLA JB . -38.07 -20.42 18.43
C4A CLA JB . -38.99 -21.04 17.38
CMA CLA JB . -36.75 -21.14 18.53
CAA CLA JB . -38.72 -18.00 18.74
CBA CLA JB . -37.95 -17.60 19.98
CGA CLA JB . -36.93 -16.57 19.63
O1A CLA JB . -35.79 -16.43 20.06
O2A CLA JB . -37.39 -15.69 18.69
NB CLA JB . -40.67 -22.56 15.42
C1B CLA JB . -40.46 -22.90 16.73
C2B CLA JB . -41.24 -24.13 17.08
C3B CLA JB . -41.95 -24.47 15.95
C4B CLA JB . -41.60 -23.48 14.89
CMB CLA JB . -41.21 -24.72 18.42
CAB CLA JB . -42.90 -25.53 15.72
CBB CLA JB . -43.91 -25.87 16.54
NC CLA JB . -41.15 -21.33 12.82
C1C CLA JB . -41.93 -22.45 12.67
C2C CLA JB . -42.60 -22.44 11.37
C3C CLA JB . -42.24 -21.22 10.77
C4C CLA JB . -41.32 -20.55 11.67
CMC CLA JB . -43.50 -23.48 10.88
CAC CLA JB . -42.64 -20.74 9.43
CBC CLA JB . -41.65 -21.15 8.37
ND CLA JB . -39.66 -19.14 13.63
C1D CLA JB . -39.91 -18.65 12.31
C2D CLA JB . -39.23 -17.35 12.14
C3D CLA JB . -38.60 -17.08 13.34
C4D CLA JB . -38.89 -18.23 14.22
CMD CLA JB . -39.28 -16.54 10.91
CAD CLA JB . -37.80 -16.14 14.10
OBD CLA JB . -37.39 -15.03 13.77
CBD CLA JB . -37.50 -16.80 15.48
CGD CLA JB . -36.02 -17.04 15.60
O1D CLA JB . -35.23 -17.31 14.68
O2D CLA JB . -35.52 -16.94 16.86
CED CLA JB . -34.12 -16.62 16.98
C1 CLA JB . -36.67 -14.44 18.54
C2 CLA JB . -37.34 -13.75 17.40
C3 CLA JB . -38.48 -13.07 17.55
C4 CLA JB . -39.16 -12.94 18.86
C5 CLA JB . -39.12 -12.40 16.39
C6 CLA JB . -39.34 -10.91 16.61
C7 CLA JB . -39.99 -10.29 15.40
C8 CLA JB . -39.77 -8.78 15.36
C9 CLA JB . -41.04 -8.08 14.89
C10 CLA JB . -38.60 -8.44 14.44
C11 CLA JB . -38.53 -6.96 14.14
C12 CLA JB . -37.38 -6.64 13.19
C13 CLA JB . -37.67 -5.37 12.40
C14 CLA JB . -36.61 -5.13 11.34
C15 CLA JB . -37.79 -4.16 13.32
C16 CLA JB . -36.47 -3.89 14.03
C17 CLA JB . -36.62 -2.77 15.04
C18 CLA JB . -35.30 -2.04 15.25
C19 CLA JB . -34.87 -1.33 13.98
C20 CLA JB . -35.43 -1.04 16.39
MG CLA KB . -31.65 -22.14 11.31
CHA CLA KB . -29.14 -21.74 13.69
CHB CLA KB . -33.56 -19.87 13.07
CHC CLA KB . -33.64 -21.66 8.54
CHD CLA KB . -29.29 -23.82 9.24
NA CLA KB . -31.41 -21.08 13.11
C1A CLA KB . -30.28 -21.04 13.96
C2A CLA KB . -30.54 -20.16 15.18
C3A CLA KB . -32.07 -19.91 15.11
C4A CLA KB . -32.39 -20.29 13.66
CMA CLA KB . -32.83 -20.74 16.10
CAA CLA KB . -29.72 -18.88 15.18
CBA CLA KB . -29.71 -18.14 13.86
CGA CLA KB . -30.83 -17.14 13.81
O1A CLA KB . -31.30 -16.47 14.73
O2A CLA KB . -31.33 -16.98 12.54
NB CLA KB . -33.29 -21.03 10.91
C1B CLA KB . -33.92 -20.17 11.74
C2B CLA KB . -35.09 -19.54 11.06
C3B CLA KB . -35.11 -20.05 9.77
C4B CLA KB . -33.98 -21.00 9.66
CMB CLA KB . -35.94 -18.55 11.70
CAB CLA KB . -36.00 -19.77 8.68
CBB CLA KB . -37.33 -19.76 8.73
NC CLA KB . -31.52 -22.72 9.30
C1C CLA KB . -32.48 -22.48 8.36
C2C CLA KB . -32.12 -23.08 7.08
C3C CLA KB . -30.85 -23.62 7.27
C4C CLA KB . -30.49 -23.41 8.66
CMC CLA KB . -32.93 -23.01 5.86
CAC CLA KB . -30.05 -24.35 6.26
CBC CLA KB . -28.97 -23.48 5.64
ND CLA KB . -29.72 -22.74 11.41
C1D CLA KB . -28.91 -23.50 10.53
C2D CLA KB . -27.64 -23.85 11.21
C3D CLA KB . -27.67 -23.19 12.43
C4D CLA KB . -28.98 -22.50 12.49
CMD CLA KB . -26.59 -24.68 10.64
CAD CLA KB . -26.98 -22.93 13.67
OBD CLA KB . -25.89 -23.35 14.06
CBD CLA KB . -27.86 -21.93 14.48
CGD CLA KB . -28.11 -22.41 15.89
O1D CLA KB . -27.79 -21.85 16.94
O2D CLA KB . -28.74 -23.61 15.96
CED CLA KB . -28.32 -24.51 16.99
C1 CLA KB . -32.46 -16.10 12.40
C2 CLA KB . -32.94 -16.25 11.00
C3 CLA KB . -33.97 -15.56 10.50
C4 CLA KB . -34.72 -14.57 11.31
C5 CLA KB . -34.40 -15.74 9.09
C6 CLA KB . -35.90 -15.59 8.89
C7 CLA KB . -36.23 -15.40 7.42
C8 CLA KB . -37.66 -14.93 7.21
C9 CLA KB . -38.33 -15.73 6.12
C10 CLA KB . -37.69 -13.44 6.88
C11 CLA KB . -39.11 -12.90 6.86
C12 CLA KB . -39.14 -11.43 6.48
C13 CLA KB . -40.56 -10.89 6.40
C14 CLA KB . -40.67 -9.80 5.36
C15 CLA KB . -41.03 -10.39 7.77
C16 CLA KB . -42.39 -9.71 7.68
C17 CLA KB . -43.51 -10.71 7.53
C18 CLA KB . -44.85 -10.02 7.29
C19 CLA KB . -45.98 -11.04 7.20
C20 CLA KB . -45.15 -9.04 8.41
MG CLA LB . -22.94 -12.00 9.87
CHA CLA LB . -24.34 -14.88 11.21
CHB CLA LB . -19.81 -13.30 10.35
CHC CLA LB . -21.59 -9.55 7.84
CHD CLA LB . -26.19 -11.03 8.76
NA CLA LB . -22.22 -13.78 10.67
C1A CLA LB . -22.96 -14.86 11.19
C2A CLA LB . -22.04 -15.96 11.73
C3A CLA LB . -20.62 -15.37 11.56
C4A CLA LB . -20.88 -14.05 10.81
CMA CLA LB . -19.92 -15.16 12.86
CAA CLA LB . -22.21 -17.33 11.08
CBA CLA LB . -21.64 -17.46 9.68
CGA CLA LB . -22.01 -18.83 9.19
O1A CLA LB . -21.67 -19.92 9.65
O2A CLA LB . -22.83 -18.80 8.10
NB CLA LB . -21.08 -11.55 9.20
C1B CLA LB . -19.93 -12.10 9.63
C2B CLA LB . -18.76 -11.27 9.20
C3B CLA LB . -19.26 -10.21 8.50
C4B CLA LB . -20.73 -10.38 8.48
CMB CLA LB . -17.38 -11.64 9.52
CAB CLA LB . -18.61 -9.11 7.81
CBB CLA LB . -17.51 -8.46 8.20
NC CLA LB . -23.75 -10.54 8.59
C1C CLA LB . -23.01 -9.62 7.89
C2C CLA LB . -23.87 -8.73 7.15
C3C CLA LB . -25.17 -9.17 7.36
C4C CLA LB . -25.09 -10.30 8.28
CMC CLA LB . -23.39 -7.64 6.29
CAC CLA LB . -26.40 -8.58 6.80
CBC CLA LB . -26.85 -7.32 7.48
ND CLA LB . -24.84 -12.69 9.97
C1D CLA LB . -26.08 -12.16 9.55
C2D CLA LB . -27.18 -13.02 10.06
C3D CLA LB . -26.56 -14.06 10.71
C4D CLA LB . -25.11 -13.83 10.60
CMD CLA LB . -28.60 -12.77 9.87
CAD CLA LB . -26.76 -15.30 11.45
OBD CLA LB . -27.79 -15.85 11.82
CBD CLA LB . -25.34 -15.88 11.73
CGD CLA LB . -25.14 -16.27 13.17
O1D CLA LB . -24.73 -17.36 13.60
O2D CLA LB . -25.47 -15.32 14.09
CED CLA LB . -25.86 -15.76 15.39
C1 CLA LB . -22.35 -19.40 6.88
C2 CLA LB . -22.78 -20.82 6.88
C3 CLA LB . -23.03 -21.50 5.76
C4 CLA LB . -22.90 -20.87 4.42
C5 CLA LB . -23.47 -22.93 5.81
C6 CLA LB . -24.47 -23.29 4.73
C7 CLA LB . -23.92 -24.37 3.82
C8 CLA LB . -25.00 -25.01 2.96
C9 CLA LB . -25.87 -25.91 3.81
C10 CLA LB . -24.37 -25.80 1.82
C11 CLA LB . -25.41 -26.25 0.82
C12 CLA LB . -26.03 -25.08 0.10
C13 CLA LB . -27.15 -25.52 -0.85
C14 CLA LB . -26.70 -26.66 -1.73
MG CLA MB . -19.15 -22.77 6.88
CHA CLA MB . -18.87 -21.22 9.97
CHB CLA MB . -20.04 -25.68 8.47
CHC CLA MB . -20.24 -24.07 3.89
CHD CLA MB . -18.93 -19.57 5.34
NA CLA MB . -19.37 -23.34 8.88
C1A CLA MB . -19.20 -22.54 10.02
C2A CLA MB . -19.43 -23.35 11.30
C3A CLA MB . -19.56 -24.80 10.79
C4A CLA MB . -19.67 -24.62 9.27
CMA CLA MB . -18.39 -25.66 11.20
CAA CLA MB . -20.68 -22.89 12.05
CBA CLA MB . -21.92 -22.94 11.18
CGA CLA MB . -22.96 -22.01 11.71
O1A CLA MB . -23.12 -21.62 12.88
O2A CLA MB . -23.82 -21.57 10.75
NB CLA MB . -19.93 -24.53 6.29
C1B CLA MB . -20.19 -25.61 7.08
C2B CLA MB . -20.69 -26.75 6.27
C3B CLA MB . -20.76 -26.30 4.96
C4B CLA MB . -20.28 -24.89 4.97
CMB CLA MB . -21.08 -28.03 6.85
CAB CLA MB . -21.21 -26.94 3.76
CBB CLA MB . -20.96 -28.20 3.39
NC CLA MB . -19.48 -21.98 4.96
C1C CLA MB . -19.87 -22.70 3.88
C2C CLA MB . -19.92 -21.87 2.69
C3C CLA MB . -19.62 -20.57 3.12
C4C CLA MB . -19.32 -20.65 4.53
CMC CLA MB . -20.31 -22.32 1.35
CAC CLA MB . -19.54 -19.37 2.27
CBC CLA MB . -20.85 -18.59 2.23
ND CLA MB . -18.97 -20.83 7.44
C1D CLA MB . -18.78 -19.62 6.71
C2D CLA MB . -18.40 -18.54 7.65
C3D CLA MB . -18.42 -19.10 8.91
C4D CLA MB . -18.80 -20.51 8.72
CMD CLA MB . -18.10 -17.16 7.29
CAD CLA MB . -18.24 -18.87 10.32
OBD CLA MB . -17.92 -17.83 10.91
CBD CLA MB . -18.52 -20.21 11.05
CGD CLA MB . -17.32 -20.67 11.83
O1D CLA MB . -17.32 -21.25 12.91
O2D CLA MB . -16.13 -20.37 11.24
CED CLA MB . -15.40 -21.44 10.63
C1 CLA MB . -24.87 -20.68 11.16
C2 CLA MB . -25.67 -20.39 9.96
C3 CLA MB . -26.87 -19.78 10.03
C4 CLA MB . -27.46 -19.37 11.31
C5 CLA MB . -27.66 -19.50 8.80
C6 CLA MB . -29.07 -20.06 8.88
C7 CLA MB . -29.77 -19.98 7.54
C8 CLA MB . -30.71 -18.78 7.44
C9 CLA MB . -31.55 -18.64 8.69
C10 CLA MB . -31.60 -18.91 6.21
C11 CLA MB . -32.61 -17.79 6.10
C12 CLA MB . -33.28 -17.77 4.75
C13 CLA MB . -33.92 -19.11 4.43
C14 CLA MB . -33.75 -19.47 2.97
C15 CLA MB . -35.40 -19.14 4.80
C16 CLA MB . -35.92 -20.55 4.88
C17 CLA MB . -37.43 -20.59 4.85
C18 CLA MB . -38.01 -21.75 5.63
C19 CLA MB . -39.51 -21.80 5.47
C20 CLA MB . -37.39 -23.06 5.20
MG CLA NB . -23.64 -31.29 10.39
CHA CLA NB . -20.65 -32.60 11.64
CHB CLA NB . -22.19 -28.17 10.38
CHC CLA NB . -26.14 -30.15 8.34
CHD CLA NB . -24.74 -34.62 9.81
NA CLA NB . -21.76 -30.53 10.98
C1A CLA NB . -20.65 -31.24 11.46
C2A CLA NB . -19.50 -30.29 11.79
C3A CLA NB . -20.16 -28.89 11.68
C4A CLA NB . -21.46 -29.19 10.95
CMA CLA NB . -20.41 -28.29 13.04
CAA CLA NB . -18.32 -30.46 10.83
CBA CLA NB . -18.74 -30.48 9.37
CGA CLA NB . -18.18 -29.29 8.68
O1A CLA NB . -17.90 -28.18 9.15
O2A CLA NB . -17.98 -29.48 7.35
NB CLA NB . -24.08 -29.52 9.54
C1B CLA NB . -23.39 -28.35 9.69
C2B CLA NB . -24.10 -27.24 9.00
C3B CLA NB . -25.22 -27.78 8.42
C4B CLA NB . -25.22 -29.24 8.76
CMB CLA NB . -23.59 -25.86 8.97
CAB CLA NB . -26.23 -27.15 7.61
CBB CLA NB . -27.53 -27.06 7.92
NC CLA NB . -25.19 -32.21 9.35
C1C CLA NB . -26.14 -31.53 8.62
C2C CLA NB . -27.12 -32.47 8.08
C3C CLA NB . -26.69 -33.74 8.42
C4C CLA NB . -25.48 -33.57 9.24
CMC CLA NB . -28.27 -32.09 7.26
CAC CLA NB . -27.35 -35.02 8.10
CBC CLA NB . -26.89 -35.60 6.78
ND CLA NB . -22.97 -33.17 10.71
C1D CLA NB . -23.55 -34.45 10.49
C2D CLA NB . -22.68 -35.50 11.09
C3D CLA NB . -21.56 -34.83 11.55
C4D CLA NB . -21.77 -33.40 11.26
CMD CLA NB . -22.97 -36.93 11.13
CAD CLA NB . -20.28 -34.95 12.23
OBD CLA NB . -19.76 -35.95 12.73
CBD CLA NB . -19.62 -33.54 12.21
CGD CLA NB . -19.09 -33.11 13.56
O1D CLA NB . -18.28 -32.21 13.80
O2D CLA NB . -19.59 -33.81 14.62
CED CLA NB . -18.71 -34.03 15.73
C1 CLA NB . -17.42 -28.37 6.61
C2 CLA NB . -17.50 -28.73 5.17
C3 CLA NB . -17.09 -27.91 4.20
C4 CLA NB . -16.52 -26.56 4.49
C5 CLA NB . -17.19 -28.30 2.77
C6 CLA NB . -16.02 -29.17 2.34
C7 CLA NB . -15.86 -29.17 0.84
C8 CLA NB . -14.70 -30.05 0.39
C9 CLA NB . -13.47 -29.21 0.14
C10 CLA NB . -15.07 -30.84 -0.86
C11 CLA NB . -13.93 -31.70 -1.34
C12 CLA NB . -14.41 -33.02 -1.90
C13 CLA NB . -15.48 -32.83 -2.98
C14 CLA NB . -16.24 -34.12 -3.22
C15 CLA NB . -14.88 -32.30 -4.27
C16 CLA NB . -13.84 -33.26 -4.82
C17 CLA NB . -12.88 -32.58 -5.77
C18 CLA NB . -13.58 -32.11 -7.05
C19 CLA NB . -12.67 -31.21 -7.86
C20 CLA NB . -13.99 -33.31 -7.89
MG CLA OB . -12.56 -10.20 13.91
CHA CLA OB . -10.29 -9.86 16.51
CHB CLA OB . -15.11 -9.57 16.14
CHC CLA OB . -14.70 -9.51 11.29
CHD CLA OB . -9.83 -10.16 11.63
NA CLA OB . -12.66 -9.85 15.97
C1A CLA OB . -11.59 -9.73 16.87
C2A CLA OB . -12.11 -9.48 18.30
C3A CLA OB . -13.63 -9.76 18.17
C4A CLA OB . -13.84 -9.71 16.65
CMA CLA OB . -14.00 -11.10 18.75
CAA CLA OB . -11.84 -8.03 18.72
CBA CLA OB . -12.00 -7.05 17.59
CGA CLA OB . -11.89 -5.64 18.06
O1A CLA OB . -11.48 -5.23 19.14
O2A CLA OB . -12.31 -4.72 17.13
NB CLA OB . -14.51 -9.69 13.75
C1B CLA OB . -15.39 -9.51 14.77
C2B CLA OB . -16.75 -9.20 14.23
C3B CLA OB . -16.64 -9.18 12.87
C4B CLA OB . -15.22 -9.50 12.54
CMB CLA OB . -17.88 -8.93 15.12
CAB CLA OB . -17.61 -8.90 11.84
CBB CLA OB . -18.91 -9.26 11.85
NC CLA OB . -12.32 -9.95 11.84
C1C CLA OB . -13.33 -9.73 10.96
C2C CLA OB . -12.82 -9.67 9.60
C3C CLA OB . -11.43 -9.78 9.69
C4C CLA OB . -11.12 -9.98 11.10
CMC CLA OB . -13.64 -9.45 8.41
CAC CLA OB . -10.46 -9.77 8.58
CBC CLA OB . -9.82 -8.42 8.40
ND CLA OB . -10.55 -10.07 13.97
C1D CLA OB . -9.54 -10.19 12.98
C2D CLA OB . -8.22 -10.32 13.62
C3D CLA OB . -8.44 -10.18 14.98
C4D CLA OB . -9.90 -10.01 15.15
CMD CLA OB . -6.95 -10.51 12.91
CAD CLA OB . -7.85 -10.17 16.31
OBD CLA OB . -6.68 -10.31 16.64
CBD CLA OB . -9.01 -9.92 17.32
CGD CLA OB . -9.06 -11.00 18.38
O1D CLA OB . -9.03 -10.85 19.61
O2D CLA OB . -9.14 -12.26 17.87
CED CLA OB . -8.30 -13.26 18.46
C1 CLA OB . -11.55 -3.51 17.02
C2 CLA OB . -12.12 -2.72 15.90
C3 CLA OB . -11.71 -1.48 15.59
C4 CLA OB . -10.63 -0.81 16.36
C5 CLA OB . -12.29 -0.71 14.45
C6 CLA OB . -13.51 -1.35 13.83
C7 CLA OB . -13.98 -0.58 12.63
C8 CLA OB . -14.57 0.78 13.02
C9 CLA OB . -16.07 0.67 13.22
C10 CLA OB . -14.26 1.87 11.98
C11 CLA OB . -14.07 1.33 10.58
C12 CLA OB . -14.55 2.30 9.52
C13 CLA OB . -13.61 3.49 9.36
C14 CLA OB . -14.24 4.53 8.45
C15 CLA OB . -12.25 3.07 8.83
C16 CLA OB . -11.37 4.25 8.51
C17 CLA OB . -10.37 3.94 7.41
C18 CLA OB . -9.43 5.10 7.13
C19 CLA OB . -8.01 4.77 7.56
C20 CLA OB . -9.47 5.48 5.68
MG CLA PB . -39.57 -2.45 2.40
CHA CLA PB . -40.87 -3.77 -0.55
CHB CLA PB . -40.33 0.69 1.22
CHC CLA PB . -39.43 -1.20 5.62
CHD CLA PB . -39.74 -5.72 3.77
NA CLA PB . -40.34 -1.69 0.60
C1A CLA PB . -40.85 -2.40 -0.50
C2A CLA PB . -41.31 -1.45 -1.61
C3A CLA PB . -40.75 -0.09 -1.14
C4A CLA PB . -40.45 -0.35 0.34
CMA CLA PB . -39.53 0.33 -1.90
CAA CLA PB . -42.82 -1.45 -1.82
CBA CLA PB . -43.62 -0.93 -0.65
CGA CLA PB . -43.96 -2.07 0.27
O1A CLA PB . -44.07 -3.26 0.01
O2A CLA PB . -44.16 -1.67 1.57
NB CLA PB . -39.87 -0.64 3.25
C1B CLA PB . -40.07 0.53 2.59
C2B CLA PB . -39.98 1.68 3.52
C3B CLA PB . -39.71 1.17 4.77
C4B CLA PB . -39.64 -0.31 4.61
CMB CLA PB . -40.16 3.06 3.05
CAB CLA PB . -39.54 1.78 6.06
CBB CLA PB . -39.23 3.06 6.33
NC CLA PB . -39.46 -3.31 4.31
C1C CLA PB . -39.33 -2.61 5.47
C2C CLA PB . -39.20 -3.51 6.61
C3C CLA PB . -39.40 -4.80 6.10
C4C CLA PB . -39.56 -4.65 4.66
CMC CLA PB . -39.00 -3.10 7.99
CAC CLA PB . -39.37 -6.06 6.84
CBC CLA PB . -38.03 -6.75 6.70
ND CLA PB . -39.91 -4.34 1.74
C1D CLA PB . -39.92 -5.59 2.41
C2D CLA PB . -40.16 -6.67 1.42
C3D CLA PB . -40.49 -6.02 0.25
C4D CLA PB . -40.41 -4.58 0.54
CMD CLA PB . -40.07 -8.10 1.70
CAD CLA PB . -40.83 -6.15 -1.16
OBD CLA PB . -40.75 -7.12 -1.90
CBD CLA PB . -41.33 -4.75 -1.62
CGD CLA PB . -40.85 -4.40 -3.01
O1D CLA PB . -41.56 -4.23 -4.01
O2D CLA PB . -39.52 -4.26 -3.12
CED CLA PB . -39.07 -3.55 -4.27
C1 CLA PB . -44.14 -2.71 2.57
C2 CLA PB . -45.07 -2.28 3.64
C3 CLA PB . -44.65 -1.68 4.76
C4 CLA PB . -43.22 -1.37 5.02
C5 CLA PB . -45.63 -1.27 5.81
C6 CLA PB . -45.61 -2.19 7.01
C7 CLA PB . -46.81 -1.97 7.90
C8 CLA PB . -47.06 -3.16 8.82
C9 CLA PB . -47.56 -4.35 8.03
C10 CLA PB . -48.06 -2.80 9.91
C11 CLA PB . -47.82 -3.60 11.18
C12 CLA PB . -48.82 -3.23 12.26
C13 CLA PB . -48.61 -4.04 13.53
C14 CLA PB . -49.51 -3.50 14.64
C15 CLA PB . -47.14 -4.04 13.96
C16 CLA PB . -46.94 -4.28 15.44
C17 CLA PB . -45.49 -4.08 15.85
C18 CLA PB . -45.34 -3.87 17.35
C19 CLA PB . -45.39 -5.19 18.08
C20 CLA PB . -44.05 -3.15 17.65
MG CLA QB . -44.93 -17.67 -1.03
CHA CLA QB . -46.54 -15.78 -3.43
CHB CLA QB . -42.20 -15.58 -1.32
CHC CLA QB . -43.61 -18.99 1.88
CHD CLA QB . -48.04 -19.20 -0.24
NA CLA QB . -44.45 -16.00 -2.21
C1A CLA QB . -45.26 -15.37 -3.17
C2A CLA QB . -44.54 -14.21 -3.84
C3A CLA QB . -43.08 -14.35 -3.33
C4A CLA QB . -43.23 -15.37 -2.20
CMA CLA QB . -42.15 -14.84 -4.40
CAA CLA QB . -45.18 -12.87 -3.52
CBA CLA QB . -44.46 -12.03 -2.49
CGA CLA QB . -45.38 -10.94 -2.04
O1A CLA QB . -46.34 -10.47 -2.64
O2A CLA QB . -45.08 -10.43 -0.81
NB CLA QB . -43.22 -17.41 0.01
C1B CLA QB . -42.24 -16.48 -0.24
C2B CLA QB . -41.19 -16.55 0.81
C3B CLA QB . -41.59 -17.51 1.71
C4B CLA QB . -42.87 -18.06 1.21
CMB CLA QB . -40.02 -15.67 0.83
CAB CLA QB . -40.98 -17.96 2.95
CBB CLA QB . -39.70 -18.28 3.11
NC CLA QB . -45.67 -18.90 0.48
C1C CLA QB . -44.94 -19.38 1.54
C2C CLA QB . -45.73 -20.31 2.34
C3C CLA QB . -47.01 -20.29 1.81
C4C CLA QB . -46.95 -19.43 0.62
CMC CLA QB . -45.25 -21.00 3.54
CAC CLA QB . -48.17 -21.07 2.26
CBC CLA QB . -48.17 -22.48 1.73
ND CLA QB . -46.86 -17.53 -1.61
C1D CLA QB . -48.02 -18.30 -1.29
C2D CLA QB . -49.10 -17.97 -2.23
C3D CLA QB . -48.58 -17.04 -3.11
C4D CLA QB . -47.20 -16.79 -2.66
CMD CLA QB . -50.44 -18.56 -2.20
CAD CLA QB . -48.83 -16.18 -4.25
OBD CLA QB . -49.84 -16.07 -4.95
CBD CLA QB . -47.53 -15.36 -4.49
CGD CLA QB . -46.94 -15.58 -5.86
O1D CLA QB . -46.87 -14.78 -6.79
O2D CLA QB . -46.41 -16.82 -6.02
CED CLA QB . -47.13 -17.78 -6.80
C1 CLA QB . -46.03 -9.50 -0.25
C2 CLA QB . -45.31 -8.66 0.74
C3 CLA QB . -44.55 -7.61 0.39
C4 CLA QB . -44.39 -7.20 -1.03
C5 CLA QB . -43.85 -6.78 1.40
C6 CLA QB . -44.16 -7.18 2.84
C7 CLA QB . -43.41 -6.27 3.80
C8 CLA QB . -43.89 -6.38 5.24
C9 CLA QB . -45.40 -6.48 5.32
C10 CLA QB . -43.39 -5.19 6.06
C11 CLA QB . -43.58 -5.41 7.54
C12 CLA QB . -42.85 -4.35 8.35
C13 CLA QB . -43.19 -4.42 9.82
C14 CLA QB . -42.40 -3.39 10.60
C15 CLA QB . -42.94 -5.81 10.39
C16 CLA QB . -43.24 -5.87 11.87
C17 CLA QB . -44.71 -6.18 12.14
C18 CLA QB . -44.94 -7.68 12.28
C19 CLA QB . -44.58 -8.17 13.66
C20 CLA QB . -46.39 -8.01 11.98
MG CLA RB . -37.57 -14.09 -2.35
CHA CLA RB . -34.55 -15.78 -2.04
CHB CLA RB . -37.38 -13.23 0.96
CHC CLA RB . -40.12 -11.85 -2.81
CHD CLA RB . -37.29 -14.44 -5.89
NA CLA RB . -36.19 -14.47 -0.82
C1A CLA RB . -35.00 -15.19 -0.89
C2A CLA RB . -34.30 -15.25 0.47
C3A CLA RB . -35.31 -14.57 1.42
C4A CLA RB . -36.38 -14.04 0.48
CMA CLA RB . -35.88 -15.55 2.42
CAA CLA RB . -32.98 -14.49 0.46
CBA CLA RB . -32.27 -14.60 1.79
CGA CLA RB . -31.02 -15.40 1.64
O1A CLA RB . -29.90 -15.01 1.30
O2A CLA RB . -31.18 -16.73 1.93
NB CLA RB . -38.50 -12.73 -1.18
C1B CLA RB . -38.41 -12.70 0.18
C2B CLA RB . -39.62 -12.04 0.76
C3B CLA RB . -40.39 -11.64 -0.29
C4B CLA RB . -39.70 -12.06 -1.54
CMB CLA RB . -39.81 -11.86 2.20
CAB CLA RB . -41.65 -10.93 -0.27
CBB CLA RB . -41.93 -9.78 -0.89
NC CLA RB . -38.52 -13.30 -4.04
C1C CLA RB . -39.57 -12.41 -3.99
C2C CLA RB . -40.04 -12.11 -5.33
C3C CLA RB . -39.23 -12.81 -6.21
C4C CLA RB . -38.29 -13.57 -5.39
CMC CLA RB . -41.15 -11.20 -5.65
CAC CLA RB . -39.31 -12.84 -7.68
CBC CLA RB . -40.15 -13.99 -8.18
ND CLA RB . -36.31 -14.93 -3.69
C1D CLA RB . -36.36 -15.07 -5.11
C2D CLA RB . -35.27 -15.99 -5.54
C3D CLA RB . -34.57 -16.32 -4.40
C4D CLA RB . -35.23 -15.60 -3.29
CMD CLA RB . -35.04 -16.41 -6.92
CAD CLA RB . -33.46 -17.06 -3.84
OBD CLA RB . -32.69 -17.85 -4.38
CBD CLA RB . -33.38 -16.70 -2.33
CGD CLA RB . -33.43 -17.93 -1.47
O1D CLA RB . -32.58 -18.35 -0.68
O2D CLA RB . -34.60 -18.64 -1.61
CED CLA RB . -35.02 -19.46 -0.51
C1 CLA RB . -30.02 -17.44 2.40
C2 CLA RB . -30.32 -18.88 2.21
C3 CLA RB . -29.55 -19.87 2.68
C4 CLA RB . -28.31 -19.61 3.46
C5 CLA RB . -29.92 -21.29 2.45
C6 CLA RB . -28.91 -22.05 1.61
C7 CLA RB . -28.79 -21.44 0.22
C8 CLA RB . -30.07 -21.57 -0.59
C9 CLA RB . -30.40 -23.04 -0.83
C10 CLA RB . -29.95 -20.84 -1.93
C11 CLA RB . -29.36 -19.46 -1.77
C12 CLA RB . -29.53 -18.63 -3.03
C13 CLA RB . -28.96 -17.22 -2.88
C14 CLA RB . -29.20 -16.66 -1.50
C15 CLA RB . -29.54 -16.28 -3.93
C16 CLA RB . -28.77 -16.38 -5.23
C17 CLA RB . -29.28 -15.40 -6.27
C18 CLA RB . -30.72 -15.68 -6.66
C19 CLA RB . -31.23 -14.63 -7.63
C20 CLA RB . -30.85 -17.05 -7.28
MG CLA SB . -26.34 -2.35 -3.79
CHA CLA SB . -25.47 -0.29 -6.45
CHB CLA SB . -25.56 -5.08 -5.73
CHC CLA SB . -26.17 -4.32 -0.97
CHD CLA SB . -26.27 0.53 -1.70
NA CLA SB . -25.69 -2.61 -5.77
C1A CLA SB . -25.37 -1.62 -6.71
C2A CLA SB . -24.95 -2.24 -8.04
C3A CLA SB . -25.30 -3.74 -7.86
C4A CLA SB . -25.52 -3.84 -6.35
CMA CLA SB . -26.53 -4.10 -8.63
CAA CLA SB . -23.47 -2.02 -8.35
CBA CLA SB . -22.56 -2.09 -7.13
CGA CLA SB . -21.19 -1.66 -7.52
O1A CLA SB . -20.70 -1.61 -8.66
O2A CLA SB . -20.42 -1.26 -6.47
NB CLA SB . -25.90 -4.29 -3.43
C1B CLA SB . -25.76 -5.26 -4.37
C2B CLA SB . -25.84 -6.61 -3.74
C3B CLA SB . -26.01 -6.41 -2.38
C4B CLA SB . -26.05 -4.94 -2.17
CMB CLA SB . -25.70 -7.83 -4.54
CAB CLA SB . -26.13 -7.33 -1.27
CBB CLA SB . -26.41 -8.63 -1.30
NC CLA SB . -26.32 -1.96 -1.73
C1C CLA SB . -26.30 -2.92 -0.77
C2C CLA SB . -26.35 -2.31 0.55
C3C CLA SB . -26.29 -0.93 0.36
C4C CLA SB . -26.28 -0.73 -1.09
CMC CLA SB . -26.36 -3.04 1.82
CAC CLA SB . -26.30 0.12 1.39
CBC CLA SB . -24.92 0.67 1.68
ND CLA SB . -26.12 -0.35 -3.98
C1D CLA SB . -26.17 0.73 -3.06
C2D CLA SB . -26.13 2.01 -3.80
C3D CLA SB . -25.89 1.68 -5.12
C4D CLA SB . -25.82 0.20 -5.15
CMD CLA SB . -26.28 3.33 -3.19
CAD CLA SB . -25.70 2.17 -6.47
OBD CLA SB . -25.82 3.30 -6.92
CBD CLA SB . -25.28 0.94 -7.33
CGD CLA SB . -26.06 0.87 -8.61
O1D CLA SB . -25.66 0.49 -9.71
O2D CLA SB . -27.34 1.31 -8.52
CED CLA SB . -27.75 2.32 -9.44
C1 CLA SB . -19.07 -0.86 -6.79
C2 CLA SB . -18.34 -0.69 -5.51
C3 CLA SB . -17.03 -0.37 -5.46
C4 CLA SB . -16.23 -0.18 -6.70
C5 CLA SB . -16.31 -0.19 -4.16
C6 CLA SB . -17.23 -0.16 -2.96
C7 CLA SB . -16.45 -0.47 -1.69
C8 CLA SB . -17.25 -0.14 -0.43
C9 CLA SB . -17.62 1.33 -0.43
C10 CLA SB . -16.48 -0.47 0.84
C11 CLA SB . -15.79 -1.82 0.77
C12 CLA SB . -16.67 -2.95 1.28
C13 CLA SB . -15.85 -4.20 1.62
C14 CLA SB . -14.77 -4.45 0.58
C15 CLA SB . -16.72 -5.45 1.76
C16 CLA SB . -17.97 -5.19 2.57
C17 CLA SB . -18.28 -6.35 3.49
C18 CLA SB . -19.72 -6.84 3.37
C19 CLA SB . -20.07 -7.76 4.52
C20 CLA SB . -20.69 -5.67 3.34
MG CLA TB . -25.38 -10.64 -5.97
CHA CLA TB . -27.29 -12.22 -3.54
CHB CLA TB . -22.62 -10.93 -3.97
CHC CLA TB . -23.63 -8.50 -8.05
CHD CLA TB . -28.38 -9.76 -7.66
NA CLA TB . -25.03 -11.46 -4.08
C1A CLA TB . -25.95 -12.11 -3.23
C2A CLA TB . -25.27 -12.59 -1.96
C3A CLA TB . -23.80 -12.20 -2.14
C4A CLA TB . -23.79 -11.49 -3.49
CMA CLA TB . -23.33 -11.31 -1.02
CAA CLA TB . -25.34 -14.10 -1.91
CBA CLA TB . -24.34 -14.73 -2.87
CGA CLA TB . -24.86 -16.03 -3.41
O1A CLA TB . -25.63 -16.23 -4.35
O2A CLA TB . -24.38 -17.11 -2.74
NB CLA TB . -23.52 -9.86 -6.00
C1B CLA TB . -22.50 -10.23 -5.18
C2B CLA TB . -21.19 -9.80 -5.74
C3B CLA TB . -21.48 -9.10 -6.90
C4B CLA TB . -22.96 -9.12 -7.05
CMB CLA TB . -19.96 -10.06 -4.99
CAB CLA TB . -20.65 -8.38 -7.83
CBB CLA TB . -19.34 -8.17 -7.76
NC CLA TB . -25.91 -9.37 -7.57
C1C CLA TB . -25.03 -8.63 -8.30
C2C CLA TB . -25.73 -7.92 -9.38
C3C CLA TB . -27.08 -8.25 -9.23
C4C CLA TB . -27.18 -9.19 -8.11
CMC CLA TB . -25.09 -7.03 -10.34
CAC CLA TB . -28.21 -7.82 -10.08
CBC CLA TB . -29.03 -6.69 -9.48
ND CLA TB . -27.38 -10.88 -5.72
C1D CLA TB . -28.49 -10.54 -6.54
C2D CLA TB . -29.71 -11.17 -5.98
C3D CLA TB . -29.32 -11.82 -4.83
C4D CLA TB . -27.85 -11.60 -4.70
CMD CLA TB . -31.04 -11.04 -6.57
CAD CLA TB . -29.73 -12.62 -3.69
OBD CLA TB . -30.85 -13.06 -3.40
CBD CLA TB . -28.45 -12.88 -2.83
CGD CLA TB . -28.60 -12.39 -1.41
O1D CLA TB . -28.51 -13.08 -0.39
O2D CLA TB . -28.83 -11.06 -1.30
CED CLA TB . -29.08 -10.54 0.02
C1 CLA TB . -25.32 -17.84 -1.92
C2 CLA TB . -24.53 -18.80 -1.11
C3 CLA TB . -24.80 -19.08 0.17
C4 CLA TB . -23.98 -20.05 0.94
C5 CLA TB . -25.94 -18.45 0.90
C6 CLA TB . -25.49 -17.47 1.97
C7 CLA TB . -24.57 -16.42 1.36
C8 CLA TB . -24.20 -15.32 2.35
C9 CLA TB . -24.23 -13.99 1.62
C10 CLA TB . -22.81 -15.57 2.92
C11 CLA TB . -22.67 -15.10 4.34
C12 CLA TB . -23.44 -15.96 5.32
C13 CLA TB . -23.63 -15.22 6.65
C14 CLA TB . -22.30 -14.81 7.24
C15 CLA TB . -24.44 -16.05 7.64
C16 CLA TB . -25.81 -16.38 7.10
C17 CLA TB . -26.74 -15.17 7.14
C18 CLA TB . -27.63 -15.10 5.90
C19 CLA TB . -28.29 -16.45 5.62
C20 CLA TB . -28.70 -14.04 6.10
MG CLA UB . -19.83 -9.74 1.36
CHA CLA UB . -18.60 -7.62 -1.10
CHB CLA UB . -22.96 -8.45 0.86
CHC CLA UB . -20.95 -11.43 4.13
CHD CLA UB . -16.49 -10.53 2.26
NA CLA UB . -20.63 -8.28 0.08
C1A CLA UB . -19.95 -7.52 -0.89
C2A CLA UB . -20.92 -6.59 -1.63
C3A CLA UB . -22.28 -6.85 -0.95
C4A CLA UB . -21.96 -7.95 0.07
CMA CLA UB . -22.81 -5.62 -0.27
CAA CLA UB . -21.02 -7.01 -3.09
CBA CLA UB . -22.23 -6.45 -3.78
CGA CLA UB . -21.89 -5.13 -4.38
O1A CLA UB . -21.44 -4.88 -5.51
O2A CLA UB . -22.11 -4.09 -3.53
NB CLA UB . -21.60 -9.86 2.33
C1B CLA UB . -22.79 -9.44 1.84
C2B CLA UB . -23.92 -10.15 2.49
C3B CLA UB . -23.37 -10.99 3.43
C4B CLA UB . -21.88 -10.81 3.35
CMB CLA UB . -25.32 -9.89 2.18
CAB CLA UB . -24.04 -11.86 4.35
CBB CLA UB . -23.87 -11.88 5.67
NC CLA UB . -18.89 -10.76 2.92
C1C CLA UB . -19.54 -11.40 3.94
C2C CLA UB . -18.59 -12.05 4.82
C3C CLA UB . -17.32 -11.78 4.31
C4C CLA UB . -17.52 -10.99 3.10
CMC CLA UB . -18.94 -12.81 6.02
CAC CLA UB . -16.03 -12.24 4.84
CBC CLA UB . -15.32 -11.17 5.64
ND CLA UB . -17.96 -9.21 0.81
C1D CLA UB . -16.68 -9.71 1.18
C2D CLA UB . -15.65 -9.15 0.26
C3D CLA UB . -16.34 -8.35 -0.62
C4D CLA UB . -17.76 -8.41 -0.24
CMD CLA UB . -14.22 -9.44 0.34
CAD CLA UB . -16.22 -7.44 -1.75
OBD CLA UB . -15.23 -7.07 -2.36
CBD CLA UB . -17.67 -6.98 -2.11
CGD CLA UB . -17.82 -5.48 -2.16
O1D CLA UB . -17.77 -4.68 -1.23
O2D CLA UB . -18.04 -5.00 -3.42
CED CLA UB . -17.41 -3.77 -3.79
C1 CLA UB . -21.04 -3.14 -3.40
C2 CLA UB . -21.17 -2.52 -2.06
C3 CLA UB . -22.13 -1.63 -1.73
C4 CLA UB . -23.16 -1.20 -2.70
C5 CLA UB . -22.21 -1.03 -0.36
C6 CLA UB . -21.22 -1.65 0.61
C7 CLA UB . -21.95 -2.41 1.69
C8 CLA UB . -21.53 -1.97 3.09
C9 CLA UB . -22.52 -2.48 4.12
C10 CLA UB . -21.43 -0.45 3.18
C11 CLA UB . -20.59 -0.02 4.36
C12 CLA UB . -19.19 -0.59 4.31
C13 CLA UB . -18.77 -1.28 5.61
C14 CLA UB . -19.38 -0.60 6.83
C15 CLA UB . -17.26 -1.32 5.75
C16 CLA UB . -16.67 0.08 5.80
C17 CLA UB . -15.62 0.28 4.73
C18 CLA UB . -14.82 1.56 4.97
C19 CLA UB . -14.29 2.12 3.66
C20 CLA UB . -13.67 1.28 5.92
MG CLA VB . -15.48 -5.55 -8.77
CHA CLA VB . -14.95 -5.02 -12.17
CHB CLA VB . -16.39 -8.79 -9.51
CHC CLA VB . -14.94 -6.44 -5.49
CHD CLA VB . -13.81 -2.47 -8.15
NA CLA VB . -15.69 -6.66 -10.54
C1A CLA VB . -15.42 -6.26 -11.85
C2A CLA VB . -15.75 -7.38 -12.85
C3A CLA VB . -16.55 -8.38 -11.99
C4A CLA VB . -16.19 -7.94 -10.57
CMA CLA VB . -18.03 -8.27 -12.25
CAA CLA VB . -14.50 -8.00 -13.47
CBA CLA VB . -13.37 -8.18 -12.47
CGA CLA VB . -12.21 -8.89 -13.10
O1A CLA VB . -11.81 -8.84 -14.26
O2A CLA VB . -11.53 -9.68 -12.20
NB CLA VB . -15.63 -7.26 -7.72
C1B CLA VB . -16.07 -8.46 -8.17
C2B CLA VB . -16.22 -9.44 -7.06
C3B CLA VB . -15.82 -8.78 -5.92
C4B CLA VB . -15.44 -7.39 -6.32
CMB CLA VB . -16.68 -10.80 -7.27
CAB CLA VB . -15.72 -9.25 -4.56
CBB CLA VB . -16.61 -10.00 -3.91
NC CLA VB . -14.62 -4.58 -7.12
C1C CLA VB . -14.57 -5.11 -5.85
C2C CLA VB . -13.98 -4.16 -4.93
C3C CLA VB . -13.58 -3.06 -5.69
C4C CLA VB . -14.00 -3.34 -7.06
CMC CLA VB . -13.77 -4.39 -3.49
CAC CLA VB . -12.94 -1.83 -5.21
CBC CLA VB . -11.43 -1.93 -5.18
ND CLA VB . -14.68 -4.02 -9.83
C1D CLA VB . -14.10 -2.77 -9.45
C2D CLA VB . -13.88 -1.95 -10.66
C3D CLA VB . -14.19 -2.77 -11.74
C4D CLA VB . -14.64 -4.05 -11.17
CMD CLA VB . -13.38 -0.57 -10.66
CAD CLA VB . -14.28 -2.88 -13.18
OBD CLA VB . -14.07 -2.03 -14.04
CBD CLA VB . -14.69 -4.35 -13.50
CGD CLA VB . -15.89 -4.43 -14.41
O1D CLA VB . -16.24 -5.37 -15.13
O2D CLA VB . -16.66 -3.30 -14.41
CED CLA VB . -17.28 -2.95 -15.65
C1 CLA VB . -10.13 -9.37 -12.00
C2 CLA VB . -9.82 -9.75 -10.60
C3 CLA VB . -8.73 -9.31 -9.95
C4 CLA VB . -7.75 -8.40 -10.58
C5 CLA VB . -8.47 -9.72 -8.54
C6 CLA VB . -7.28 -10.65 -8.40
C7 CLA VB . -7.70 -11.99 -7.83
C8 CLA VB . -8.17 -11.91 -6.39
C9 CLA VB . -7.09 -11.35 -5.49
C10 CLA VB . -8.66 -13.27 -5.88
C11 CLA VB . -7.55 -14.13 -5.32
C12 CLA VB . -8.07 -15.43 -4.76
C13 CLA VB . -8.98 -15.21 -3.55
C14 CLA VB . -8.15 -14.87 -2.32
C15 CLA VB . -9.86 -16.42 -3.28
MG CLA WB . -29.80 -22.36 -8.32
CHA CLA WB . -27.31 -20.33 -6.97
CHB CLA WB . -28.79 -24.90 -6.25
CHC CLA WB . -31.53 -24.66 -10.25
CHD CLA WB . -30.16 -19.99 -10.95
NA CLA WB . -28.35 -22.54 -6.83
C1A CLA WB . -27.40 -21.57 -6.40
C2A CLA WB . -26.53 -22.15 -5.27
C3A CLA WB . -27.22 -23.49 -4.92
C4A CLA WB . -28.18 -23.67 -6.09
CMA CLA WB . -26.22 -24.62 -4.82
CAA CLA WB . -26.49 -21.29 -4.01
CBA CLA WB . -25.09 -21.30 -3.46
CGA CLA WB . -25.09 -21.91 -2.09
O1A CLA WB . -26.06 -22.18 -1.38
O2A CLA WB . -23.84 -22.19 -1.63
NB CLA WB . -30.09 -24.36 -8.27
C1B CLA WB . -29.67 -25.21 -7.29
C2B CLA WB . -30.28 -26.56 -7.46
C3B CLA WB . -31.06 -26.50 -8.60
C4B CLA WB . -30.94 -25.10 -9.12
CMB CLA WB . -29.98 -27.67 -6.56
CAB CLA WB . -31.85 -27.49 -9.29
CBB CLA WB . -32.47 -28.54 -8.75
NC CLA WB . -30.74 -22.29 -10.20
C1C CLA WB . -31.43 -23.32 -10.77
C2C CLA WB . -32.00 -22.93 -12.04
C3C CLA WB . -31.55 -21.63 -12.28
C4C CLA WB . -30.77 -21.24 -11.12
CMC CLA WB . -32.83 -23.78 -12.90
CAC CLA WB . -31.85 -20.80 -13.46
CBC CLA WB . -30.87 -21.02 -14.59
ND CLA WB . -29.06 -20.54 -8.83
C1D CLA WB . -29.35 -19.65 -9.90
C2D CLA WB . -28.64 -18.37 -9.67
C3D CLA WB . -27.87 -18.57 -8.56
C4D CLA WB . -28.12 -19.95 -8.10
CMD CLA WB . -28.77 -17.19 -10.52
CAD CLA WB . -26.90 -17.97 -7.64
OBD CLA WB . -26.49 -16.82 -7.59
CBD CLA WB . -26.45 -19.11 -6.68
CGD CLA WB . -24.98 -19.41 -6.82
O1D CLA WB . -24.42 -20.04 -7.72
O2D CLA WB . -24.22 -18.92 -5.80
CED CLA WB . -22.84 -19.28 -5.75
C1 CLA WB . -23.18 -23.34 -2.20
C2 CLA WB . -22.43 -23.98 -1.09
C3 CLA WB . -21.69 -25.08 -1.25
C4 CLA WB . -20.95 -25.70 -0.13
C5 CLA WB . -21.57 -25.75 -2.59
C6 CLA WB . -21.86 -27.23 -2.52
C7 CLA WB . -21.68 -27.89 -3.88
C8 CLA WB . -22.98 -27.96 -4.67
C9 CLA WB . -24.04 -28.71 -3.89
C10 CLA WB . -22.75 -28.63 -6.03
C11 CLA WB . -22.08 -27.69 -6.99
C12 CLA WB . -21.46 -28.42 -8.17
C13 CLA WB . -22.52 -28.83 -9.18
C14 CLA WB . -21.89 -29.47 -10.40
C15 CLA WB . -23.39 -27.65 -9.59
C16 CLA WB . -24.61 -28.14 -10.35
C17 CLA WB . -25.55 -27.00 -10.71
C18 CLA WB . -26.51 -26.64 -9.59
C19 CLA WB . -27.66 -25.82 -10.12
C20 CLA WB . -27.04 -27.88 -8.90
MG CLA XB . -22.32 -25.48 -12.00
CHA CLA XB . -20.75 -26.99 -14.70
CHB CLA XB . -19.45 -25.88 -10.16
CHC CLA XB . -23.58 -23.39 -9.60
CHD CLA XB . -24.98 -24.56 -14.17
NA CLA XB . -20.43 -26.30 -12.39
C1A CLA XB . -19.97 -26.89 -13.58
C2A CLA XB . -18.53 -27.38 -13.44
C3A CLA XB . -18.21 -27.16 -11.94
C4A CLA XB . -19.43 -26.38 -11.45
CMA CLA XB . -18.01 -28.45 -11.20
CAA CLA XB . -17.57 -26.59 -14.31
CBA CLA XB . -16.16 -27.15 -14.24
CGA CLA XB . -15.96 -28.18 -15.31
O1A CLA XB . -16.73 -28.51 -16.23
O2A CLA XB . -14.75 -28.81 -15.23
NB CLA XB . -21.62 -24.73 -10.27
C1B CLA XB . -20.52 -25.15 -9.60
C2B CLA XB . -20.58 -24.77 -8.16
C3B CLA XB . -21.75 -24.06 -8.00
C4B CLA XB . -22.42 -24.02 -9.33
CMB CLA XB . -19.51 -25.09 -7.21
CAB CLA XB . -22.32 -23.42 -6.84
CBB CLA XB . -22.35 -23.91 -5.60
NC CLA XB . -23.97 -24.21 -11.90
C1C CLA XB . -24.32 -23.47 -10.82
C2C CLA XB . -25.55 -22.73 -11.07
C3C CLA XB . -25.93 -23.04 -12.37
C4C CLA XB . -24.95 -23.98 -12.88
CMC CLA XB . -26.18 -21.84 -10.11
CAC CLA XB . -27.12 -22.56 -13.09
CBC CLA XB . -28.38 -23.31 -12.73
ND CLA XB . -22.82 -25.69 -13.95
C1D CLA XB . -24.00 -25.36 -14.68
C2D CLA XB . -23.93 -26.00 -16.02
C3D CLA XB . -22.71 -26.64 -16.07
C4D CLA XB . -22.06 -26.39 -14.77
CMD CLA XB . -24.99 -25.91 -17.03
CAD CLA XB . -21.82 -27.45 -16.87
OBD CLA XB . -21.98 -27.91 -18.00
CBD CLA XB . -20.52 -27.68 -16.03
CGD CLA XB . -20.28 -29.14 -15.85
O1D CLA XB . -19.30 -29.80 -16.21
O2D CLA XB . -21.29 -29.79 -15.20
CED CLA XB . -20.94 -30.77 -14.21
C1 CLA XB . -14.60 -29.77 -14.16
C2 CLA XB . -13.85 -30.93 -14.72
C3 CLA XB . -13.40 -31.94 -13.97
C4 CLA XB . -12.65 -33.08 -14.57
C5 CLA XB . -13.61 -31.99 -12.50
C6 CLA XB . -14.75 -32.90 -12.11
C7 CLA XB . -15.93 -32.09 -11.59
C8 CLA XB . -17.26 -32.65 -12.10
C9 CLA XB . -17.55 -32.13 -13.50
C10 CLA XB . -18.41 -32.28 -11.16
C11 CLA XB . -18.03 -32.44 -9.70
C12 CLA XB . -19.21 -32.25 -8.77
C13 CLA XB . -18.79 -31.67 -7.42
C14 CLA XB . -17.43 -32.19 -6.98
C15 CLA XB . -19.85 -31.92 -6.35
C16 CLA XB . -19.69 -33.30 -5.71
C17 CLA XB . -19.81 -33.22 -4.21
C18 CLA XB . -21.17 -33.69 -3.71
C19 CLA XB . -21.66 -32.82 -2.58
C20 CLA XB . -21.10 -35.13 -3.27
C10 WVN YB . -14.78 -14.21 -11.62
C11 WVN YB . -6.09 -6.26 8.23
C12 WVN YB . -13.79 -15.36 -11.65
C13 WVN YB . -12.85 -12.92 -10.64
C14 WVN YB . -12.95 -15.35 -10.37
C01 WVN YB . -4.42 -4.89 9.50
C02 WVN YB . -5.90 -5.25 9.38
C03 WVN YB . -4.05 -4.33 10.87
C04 WVN YB . -5.26 -3.97 11.73
C05 WVN YB . -6.43 -5.82 10.69
C06 WVN YB . -14.04 -12.88 -11.60
C07 WVN YB . -4.08 -3.86 8.44
C08 WVN YB . -3.53 -6.12 9.26
C09 WVN YB . -6.24 -5.13 11.79
C15 WVN YB . -12.19 -14.02 -10.34
C16 WVN YB . -7.14 -7.17 10.78
C17 WVN YB . -15.05 -11.80 -11.25
C18 WVN YB . -13.46 -12.56 -12.98
C19 WVN YB . -6.80 -5.97 7.17
C20 WVN YB . -13.13 -12.17 -9.33
C21 WVN YB . -10.68 -14.07 -10.58
C22 WVN YB . -6.92 -7.02 6.07
C23 WVN YB . -12.26 -11.27 -9.00
C24 WVN YB . -5.66 -7.76 5.62
C25 WVN YB . -12.34 -10.41 -7.77
C26 WVN YB . -8.08 -7.27 5.51
C27 WVN YB . -12.49 -8.90 -7.92
C28 WVN YB . -12.26 -10.97 -6.59
C29 WVN YB . -8.19 -8.31 4.40
C30 WVN YB . -12.31 -10.14 -5.33
C31 WVN YB . -8.79 -7.96 3.29
C32 WVN YB . -8.93 -8.92 2.13
C33 WVN YB . -11.24 -10.20 -4.57
C34 WVN YB . -11.15 -9.41 -3.28
C35 WVN YB . -7.87 -10.00 1.89
C36 WVN YB . -9.97 -8.80 1.33
C37 WVN YB . -10.36 -9.88 -2.33
C38 WVN YB . -11.96 -8.13 -3.09
C39 WVN YB . -10.13 -9.73 0.13
C40 WVN YB . -10.23 -9.13 -1.02
C10 WVN ZB . -14.30 -2.98 7.68
C11 WVN ZB . -6.61 -22.02 -2.68
C12 WVN ZB . -13.12 -2.03 7.46
C13 WVN ZB . -12.63 -4.82 7.81
C14 WVN ZB . -11.97 -2.71 6.72
C01 WVN ZB . -5.47 -24.04 -3.76
C02 WVN ZB . -6.74 -23.17 -3.68
C03 WVN ZB . -5.36 -24.76 -5.11
C04 WVN ZB . -6.69 -24.85 -5.85
C05 WVN ZB . -7.06 -22.59 -5.07
C06 WVN ZB . -13.85 -4.19 8.49
C07 WVN ZB . -4.22 -23.18 -3.56
C08 WVN ZB . -5.53 -25.10 -2.66
C09 WVN ZB . -7.26 -23.44 -6.05
C15 WVN ZB . -11.65 -4.02 7.45
C16 WVN ZB . -7.18 -21.09 -5.31
C17 WVN ZB . -15.00 -5.19 8.61
C18 WVN ZB . -13.49 -3.71 9.90
C19 WVN ZB . -7.41 -21.97 -1.64
C20 WVN ZB . -12.77 -6.12 7.02
C21 WVN ZB . -10.20 -4.37 7.81
C22 WVN ZB . -7.27 -20.79 -0.68
C23 WVN ZB . -12.96 -6.09 5.71
C24 WVN ZB . -5.87 -20.37 -0.20
C25 WVN ZB . -13.09 -7.36 4.89
C26 WVN ZB . -8.35 -20.16 -0.29
C27 WVN ZB . -14.34 -7.58 4.04
C28 WVN ZB . -12.13 -8.25 4.91
C29 WVN ZB . -8.27 -18.98 0.66
C30 WVN ZB . -12.22 -9.52 4.07
C31 WVN ZB . -8.80 -17.84 0.29
C32 WVN ZB . -8.73 -16.62 1.20
C33 WVN ZB . -11.45 -10.55 4.32
C34 WVN ZB . -11.57 -11.77 3.42
C35 WVN ZB . -7.52 -16.44 2.11
C36 WVN ZB . -9.70 -15.74 1.20
C37 WVN ZB . -10.56 -12.61 3.30
C38 WVN ZB . -12.86 -12.02 2.63
C39 WVN ZB . -9.61 -14.52 2.12
C40 WVN ZB . -10.69 -13.82 2.39
C10 WVN AC . -8.13 -21.98 -17.13
C11 WVN AC . -19.24 -31.58 1.26
C12 WVN AC . -8.90 -20.67 -16.96
C13 WVN AC . -10.26 -23.12 -16.38
C14 WVN AC . -10.31 -20.90 -17.49
C01 WVN AC . -20.66 -32.97 2.85
C02 WVN AC . -19.29 -32.81 2.18
C03 WVN AC . -20.56 -33.12 4.37
C04 WVN AC . -19.72 -32.00 4.98
C05 WVN AC . -18.15 -32.66 3.20
C06 WVN AC . -8.72 -23.04 -16.23
C07 WVN AC . -21.28 -34.26 2.30
C08 WVN AC . -21.63 -31.83 2.55
C09 WVN AC . -18.35 -32.01 4.31
C15 WVN AC . -10.99 -22.13 -16.86
C16 WVN AC . -16.74 -33.12 2.83
C17 WVN AC . -8.34 -22.73 -14.77
C18 WVN AC . -8.11 -24.38 -16.64
C19 WVN AC . -18.98 -31.72 -0.03
C20 WVN AC . -10.87 -23.80 -15.16
C21 WVN AC . -12.32 -22.48 -17.52
C22 WVN AC . -18.93 -30.48 -0.91
C23 WVN AC . -11.31 -25.05 -15.25
C24 WVN AC . -19.47 -29.16 -0.38
C25 WVN AC . -11.89 -25.83 -14.08
C26 WVN AC . -18.43 -30.59 -2.11
C27 WVN AC . -11.44 -27.28 -13.94
C28 WVN AC . -12.71 -25.31 -13.19
C29 WVN AC . -18.34 -29.39 -3.05
C30 WVN AC . -13.18 -26.24 -12.06
C31 WVN AC . -17.44 -29.45 -4.01
C32 WVN AC . -17.24 -28.33 -5.00
C33 WVN AC . -14.25 -26.04 -11.34
C34 WVN AC . -14.56 -27.05 -10.24
C35 WVN AC . -17.59 -26.89 -4.59
C36 WVN AC . -16.77 -28.60 -6.20
C37 WVN AC . -15.19 -26.69 -9.16
C38 WVN AC . -14.12 -28.51 -10.43
C39 WVN AC . -16.53 -27.54 -7.26
C40 WVN AC . -15.50 -27.70 -8.07
C1 LMG BC . -4.34 -7.58 19.22
O1 LMG BC . -5.39 -6.73 18.76
C2 LMG BC . -3.97 -7.21 20.66
O2 LMG BC . -3.61 -5.83 20.73
C3 LMG BC . -2.80 -8.08 21.11
O3 LMG BC . -2.53 -7.85 22.49
C4 LMG BC . -3.11 -9.56 20.90
O4 LMG BC . -4.02 -10.01 21.89
C5 LMG BC . -3.67 -9.84 19.50
O5 LMG BC . -4.67 -11.52 18.08
C6 LMG BC . -4.17 -11.27 19.41
O6 LMG BC . -4.75 -8.95 19.20
C7 LMG BC . -5.60 -6.88 17.36
C8 LMG BC . -6.41 -5.70 16.84
C9 LMG BC . -5.54 -4.45 16.81
O7 LMG BC . -6.84 -5.96 15.50
C10 LMG BC . -8.27 -6.24 15.46
O9 LMG BC . -8.84 -6.58 16.48
C11 LMG BC . -9.02 -6.13 14.15
C12 LMG BC . -10.43 -6.67 14.34
C13 LMG BC . -11.37 -6.22 13.23
C14 LMG BC . -12.71 -6.92 13.36
C15 LMG BC . -13.81 -6.18 12.61
C16 LMG BC . -14.27 -4.95 13.40
C17 LMG BC . -15.32 -5.34 14.44
C18 LMG BC . -16.65 -5.67 13.77
C19 LMG BC . -17.27 -4.43 13.15
C20 LMG BC . -17.51 -4.61 11.65
C21 LMG BC . -17.97 -3.32 11.00
C22 LMG BC . -19.32 -2.88 11.55
C23 LMG BC . -19.83 -1.64 10.81
C24 LMG BC . -18.91 -0.44 11.04
C25 LMG BC . -19.45 0.79 10.32
O8 LMG BC . -6.00 -3.63 15.74
C28 LMG BC . -5.81 -2.19 15.73
O10 LMG BC . -5.19 -1.65 16.63
C29 LMG BC . -6.40 -1.38 14.60
C30 LMG BC . -7.67 -2.08 14.13
C31 LMG BC . -8.27 -1.42 12.90
C32 LMG BC . -9.30 -2.34 12.25
C33 LMG BC . -10.02 -1.65 11.10
C34 LMG BC . -9.05 -1.08 10.08
C35 LMG BC . -9.79 -0.46 8.91
C36 LMG BC . -8.89 0.49 8.13
C37 LMG BC . -7.68 -0.24 7.57
C38 LMG BC . -8.05 -1.05 6.32
C39 LMG BC . -6.81 -1.66 5.69
C40 LMG BC . -7.13 -2.29 4.34
C41 LMG BC . -8.14 -3.42 4.48
C42 LMG BC . -8.24 -4.21 3.18
C43 LMG BC . -6.88 -4.77 2.79
O1 LHG CC . -23.73 9.53 -7.85
C1 LHG CC . -23.54 10.87 -8.30
C2 LHG CC . -24.60 11.27 -9.32
O2 LHG CC . -24.83 12.69 -9.24
C3 LHG CC . -25.90 10.54 -9.04
O3 LHG CC . -25.65 9.14 -9.18
P LHG CC . -26.64 8.03 -8.57
O4 LHG CC . -27.72 8.71 -7.77
O5 LHG CC . -26.99 7.05 -9.66
O6 LHG CC . -25.61 7.32 -7.54
C4 LHG CC . -26.08 6.50 -6.48
C5 LHG CC . -25.50 7.06 -5.19
C6 LHG CC . -26.66 7.49 -4.30
O7 LHG CC . -24.72 6.08 -4.49
C7 LHG CC . -23.35 6.52 -4.32
O9 LHG CC . -22.70 6.83 -5.31
C8 LHG CC . -22.72 6.56 -2.94
C9 LHG CC . -21.20 6.73 -3.02
C10 LHG CC . -20.61 6.76 -1.60
O8 LHG CC . -26.16 7.65 -2.98
C23 LHG CC . -27.10 7.99 -1.92
O10 LHG CC . -27.81 8.97 -2.05
C24 LHG CC . -27.20 7.11 -0.71
C11 LHG CC . -19.09 6.80 -1.58
C12 LHG CC . -18.58 6.81 -0.14
C13 LHG CC . -19.06 8.05 0.60
C14 LHG CC . -19.01 7.84 2.11
C15 LHG CC . -19.44 9.10 2.85
C16 LHG CC . -19.77 8.79 4.32
C25 LHG CC . -25.97 7.29 0.17
C26 LHG CC . -26.41 7.46 1.61
C27 LHG CC . -25.37 8.19 2.44
C28 LHG CC . -24.52 7.19 3.22
C29 LHG CC . -23.12 7.09 2.64
C30 LHG CC . -22.50 5.72 2.91
C31 LHG CC . -22.84 4.73 1.80
C32 LHG CC . -21.58 4.03 1.30
C33 LHG CC . -21.87 2.89 0.33
C34 LHG CC . -22.71 3.36 -0.86
C35 LHG CC . -22.56 2.42 -2.06
C36 LHG CC . -21.16 2.52 -2.65
C37 LHG CC . -20.92 1.51 -3.77
C38 LHG CC . -22.00 1.57 -4.82
CL CL DC . -13.49 34.24 44.37
MG CLA EC . -20.04 63.05 23.78
CHA CLA EC . -21.40 61.92 26.77
CHB CLA EC . -17.70 60.54 23.95
CHC CLA EC . -19.28 63.52 20.45
CHD CLA EC . -22.95 65.06 23.34
NA CLA EC . -19.62 61.52 25.16
C1A CLA EC . -20.31 61.21 26.33
C2A CLA EC . -19.66 60.02 27.06
C3A CLA EC . -18.34 59.82 26.27
C4A CLA EC . -18.56 60.67 25.02
CMA CLA EC . -17.13 60.25 27.07
CAA CLA EC . -20.48 58.74 27.07
CBA CLA EC . -21.63 58.66 26.08
CGA CLA EC . -21.15 58.58 24.66
O1A CLA EC . -21.67 59.11 23.67
O2A CLA EC . -20.03 57.83 24.50
NB CLA EC . -18.82 62.14 22.45
C1B CLA EC . -17.81 61.28 22.76
C2B CLA EC . -16.80 61.21 21.68
C3B CLA EC . -17.23 62.06 20.68
C4B CLA EC . -18.51 62.66 21.16
CMB CLA EC . -15.61 60.35 21.77
CAB CLA EC . -16.69 62.39 19.38
CBB CLA EC . -15.98 61.60 18.58
NC CLA EC . -20.92 64.15 22.21
C1C CLA EC . -20.41 64.24 20.95
C2C CLA EC . -21.23 65.12 20.12
C3C CLA EC . -22.30 65.50 20.93
C4C CLA EC . -22.09 64.89 22.24
CMC CLA EC . -20.97 65.45 18.73
CAC CLA EC . -23.41 66.39 20.54
CBC CLA EC . -24.59 65.64 19.98
ND CLA EC . -21.69 63.55 24.81
C1D CLA EC . -22.78 64.42 24.56
C2D CLA EC . -23.64 64.52 25.75
C3D CLA EC . -23.12 63.60 26.66
C4D CLA EC . -21.96 62.98 25.99
CMD CLA EC . -24.79 65.41 25.89
CAD CLA EC . -23.24 63.01 27.98
OBD CLA EC . -23.95 63.33 28.93
CBD CLA EC . -22.23 61.82 28.02
CGD CLA EC . -21.38 61.83 29.26
O1D CLA EC . -21.41 61.06 30.22
O2D CLA EC . -20.47 62.85 29.29
CED CLA EC . -20.50 63.72 30.42
C1 CLA EC . -19.93 57.03 23.30
C2 CLA EC . -19.27 57.87 22.27
C3 CLA EC . -19.28 57.55 20.96
C4 CLA EC . -19.96 56.34 20.45
C5 CLA EC . -18.62 58.43 19.96
C6 CLA EC . -17.62 57.67 19.10
C7 CLA EC . -17.34 58.43 17.82
C8 CLA EC . -16.05 57.96 17.15
C9 CLA EC . -14.88 58.06 18.11
C10 CLA EC . -15.78 58.79 15.90
C11 CLA EC . -16.50 58.22 14.70
C12 CLA EC . -16.22 59.01 13.45
C13 CLA EC . -17.20 58.64 12.35
C14 CLA EC . -16.78 57.34 11.66
C15 CLA EC . -17.33 59.75 11.31
C16 CLA EC . -16.06 59.95 10.52
C17 CLA EC . -16.32 60.77 9.27
C18 CLA EC . -15.20 60.62 8.25
C19 CLA EC . -15.51 61.39 6.99
C20 CLA EC . -13.88 61.09 8.83
MG CLA FC . -28.68 53.48 21.32
CHA CLA FC . -26.80 55.35 23.55
CHB CLA FC . -31.40 53.78 23.40
CHC CLA FC . -30.73 52.30 18.81
CHD CLA FC . -26.08 53.87 18.91
NA CLA FC . -29.02 54.40 23.17
C1A CLA FC . -28.10 55.11 23.94
C2A CLA FC . -28.74 55.61 25.25
C3A CLA FC . -30.13 54.92 25.24
C4A CLA FC . -30.22 54.33 23.84
CMA CLA FC . -30.24 53.87 26.32
CAA CLA FC . -28.85 57.13 25.30
CBA CLA FC . -29.63 57.71 24.14
CGA CLA FC . -28.77 58.68 23.38
O1A CLA FC . -27.83 58.43 22.62
O2A CLA FC . -29.12 59.98 23.59
NB CLA FC . -30.65 53.09 21.15
C1B CLA FC . -31.59 53.22 22.13
C2B CLA FC . -32.90 52.67 21.65
C3B CLA FC . -32.72 52.26 20.35
C4B CLA FC . -31.29 52.53 20.02
CMB CLA FC . -34.10 52.69 22.48
CAB CLA FC . -33.63 51.69 19.38
CBB CLA FC . -34.64 50.86 19.62
NC CLA FC . -28.42 53.11 19.27
C1C CLA FC . -29.38 52.57 18.46
C2C CLA FC . -28.86 52.36 17.12
C3C CLA FC . -27.56 52.88 17.12
C4C CLA FC . -27.29 53.33 18.47
CMC CLA FC . -29.63 51.79 16.02
CAC CLA FC . -26.62 52.88 15.99
CBC CLA FC . -26.00 51.52 15.77
ND CLA FC . -26.88 54.39 21.18
C1D CLA FC . -25.87 54.38 20.17
C2D CLA FC . -24.64 54.98 20.72
C3D CLA FC . -24.93 55.33 22.03
C4D CLA FC . -26.34 54.96 22.25
CMD CLA FC . -23.41 55.14 19.95
CAD CLA FC . -24.43 55.93 23.26
OBD CLA FC . -23.31 56.35 23.52
CBD CLA FC . -25.62 55.97 24.27
CGD CLA FC . -25.30 55.21 25.53
O1D CLA FC . -25.86 55.30 26.62
O2D CLA FC . -24.25 54.35 25.41
CED CLA FC . -24.45 52.99 25.82
C1 CLA FC . -28.22 60.99 23.05
C2 CLA FC . -28.75 61.36 21.72
C3 CLA FC . -29.47 62.48 21.50
C4 CLA FC . -29.97 62.83 20.14
C5 CLA FC . -29.78 63.42 22.60
C6 CLA FC . -29.73 64.87 22.16
C7 CLA FC . -28.32 65.42 22.21
C8 CLA FC . -28.25 66.76 22.90
C9 CLA FC . -27.19 67.64 22.25
C10 CLA FC . -27.96 66.59 24.39
C11 CLA FC . -27.63 67.90 25.07
C12 CLA FC . -27.60 67.74 26.58
C13 CLA FC . -27.17 69.02 27.28
C14 CLA FC . -26.29 68.71 28.47
C15 CLA FC . -28.37 69.86 27.70
C16 CLA FC . -27.97 71.10 28.48
C17 CLA FC . -29.15 72.03 28.67
C18 CLA FC . -28.76 73.35 29.34
C19 CLA FC . -28.57 73.17 30.83
C20 CLA FC . -27.51 73.94 28.72
MG CLA GC . -32.89 64.48 23.78
CHA CLA GC . -31.76 61.99 25.96
CHB CLA GC . -31.49 66.83 25.86
CHC CLA GC . -33.00 66.80 21.25
CHD CLA GC . -33.39 61.92 21.35
NA CLA GC . -31.88 64.41 25.63
C1A CLA GC . -31.49 63.27 26.37
C2A CLA GC . -30.79 63.68 27.67
C3A CLA GC . -30.94 65.22 27.70
C4A CLA GC . -31.47 65.53 26.30
CMA CLA GC . -31.85 65.72 28.78
CAA CLA GC . -29.34 63.24 27.79
CBA CLA GC . -28.60 63.15 26.47
CGA CLA GC . -27.28 62.49 26.72
O1A CLA GC . -26.36 62.89 27.43
O2A CLA GC . -27.15 61.29 26.06
NB CLA GC . -32.30 66.41 23.58
C1B CLA GC . -31.93 67.23 24.60
C2B CLA GC . -32.02 68.66 24.18
C3B CLA GC . -32.45 68.66 22.87
C4B CLA GC . -32.63 67.24 22.48
CMB CLA GC . -31.66 69.77 25.06
CAB CLA GC . -32.67 69.75 21.96
CBB CLA GC . -31.79 70.71 21.67
NC CLA GC . -33.23 64.37 21.72
C1C CLA GC . -33.29 65.46 20.89
C2C CLA GC . -33.61 65.05 19.52
C3C CLA GC . -33.63 63.66 19.53
C4C CLA GC . -33.40 63.25 20.91
CMC CLA GC . -33.76 65.96 18.39
CAC CLA GC . -33.90 62.76 18.39
CBC CLA GC . -32.64 62.31 17.68
ND CLA GC . -32.82 62.45 23.68
C1D CLA GC . -33.11 61.53 22.64
C2D CLA GC . -33.05 60.15 23.18
C3D CLA GC . -32.57 60.28 24.48
C4D CLA GC . -32.37 61.72 24.70
CMD CLA GC . -33.42 58.95 22.45
CAD CLA GC . -32.21 59.59 25.69
OBD CLA GC . -32.38 58.42 26.01
CBD CLA GC . -31.53 60.65 26.62
CGD CLA GC . -32.04 60.59 28.03
O1D CLA GC . -31.49 60.07 29.01
O2D CLA GC . -33.24 61.20 28.21
CED CLA GC . -33.87 61.06 29.48
C1 CLA GC . -25.86 60.67 26.06
C2 CLA GC . -25.02 61.39 25.07
C3 CLA GC . -24.59 60.82 23.93
C4 CLA GC . -24.90 59.41 23.58
C5 CLA GC . -23.75 61.58 22.97
C6 CLA GC . -23.96 61.17 21.52
C7 CLA GC . -22.81 61.68 20.67
C8 CLA GC . -22.62 60.82 19.43
C9 CLA GC . -21.41 61.29 18.64
C10 CLA GC . -23.86 60.84 18.55
C11 CLA GC . -24.12 59.47 17.96
C12 CLA GC . -25.60 59.11 18.05
C13 CLA GC . -25.78 57.61 17.99
C14 CLA GC . -25.22 57.04 16.71
C15 CLA GC . -27.25 57.23 18.11
C16 CLA GC . -27.76 57.38 19.54
C17 CLA GC . -29.04 56.59 19.74
C18 CLA GC . -30.15 57.40 20.39
C19 CLA GC . -30.24 58.79 19.77
C20 CLA GC . -31.47 56.69 20.24
MG CLA HC . -36.18 48.88 27.75
CHA CLA HC . -37.40 47.37 30.64
CHB CLA HC . -33.03 47.83 28.57
CHC CLA HC . -35.12 49.58 24.56
CHD CLA HC . -39.55 49.29 26.67
NA CLA HC . -35.37 47.79 29.34
C1A CLA HC . -36.04 47.25 30.45
C2A CLA HC . -35.07 46.54 31.40
C3A CLA HC . -33.69 46.88 30.81
C4A CLA HC . -34.03 47.54 29.47
CMA CLA HC . -32.91 47.81 31.71
CAA CLA HC . -35.31 45.03 31.42
CBA CLA HC . -35.07 44.36 30.08
CGA CLA HC . -36.37 44.08 29.38
O1A CLA HC . -37.04 44.85 28.68
O2A CLA HC . -36.81 42.81 29.57
NB CLA HC . -34.44 48.67 26.74
C1B CLA HC . -33.24 48.42 27.32
C2B CLA HC . -32.12 48.86 26.43
C3B CLA HC . -32.71 49.36 25.29
C4B CLA HC . -34.19 49.23 25.48
CMB CLA HC . -30.72 48.69 26.81
CAB CLA HC . -32.16 49.89 24.06
CBB CLA HC . -30.93 50.38 23.86
NC CLA HC . -37.16 49.37 25.96
C1C CLA HC . -36.52 49.64 24.79
C2C CLA HC . -37.49 49.99 23.75
C3C CLA HC . -38.75 49.87 24.34
C4C CLA HC . -38.53 49.49 25.73
CMC CLA HC . -37.15 50.33 22.37
CAC CLA HC . -40.06 50.11 23.70
CBC CLA HC . -40.74 48.84 23.28
ND CLA HC . -38.05 48.51 28.45
C1D CLA HC . -39.35 48.82 27.96
C2D CLA HC . -40.35 48.57 29.01
C3D CLA HC . -39.65 48.02 30.07
C4D CLA HC . -38.24 47.97 29.65
CMD CLA HC . -41.78 48.84 28.88
CAD CLA HC . -39.73 47.49 31.42
OBD CLA HC . -40.68 47.41 32.18
CBD CLA HC . -38.30 46.99 31.79
CGD CLA HC . -37.82 47.60 33.09
O1D CLA HC . -37.32 47.02 34.06
O2D CLA HC . -37.97 48.95 33.15
CED CLA HC . -37.99 49.56 34.44
C1 CLA HC . -36.21 41.78 28.76
C2 CLA HC . -36.75 41.92 27.38
C3 CLA HC . -36.35 41.16 26.36
C4 CLA HC . -35.30 40.11 26.52
C5 CLA HC . -36.92 41.34 25.00
C6 CLA HC . -35.91 41.82 23.98
C7 CLA HC . -35.77 40.81 22.84
C8 CLA HC . -35.73 41.50 21.48
C9 CLA HC . -37.09 41.37 20.80
C10 CLA HC . -34.62 40.92 20.61
C11 CLA HC . -34.74 41.36 19.16
C12 CLA HC . -33.47 41.06 18.39
C13 CLA HC . -33.66 41.32 16.90
C14 CLA HC . -32.33 41.24 16.17
C15 CLA HC . -34.32 42.67 16.64
MG CLA IC . -16.72 49.51 4.03
CHA CLA IC . -17.04 51.01 0.91
CHB CLA IC . -16.83 46.43 2.49
CHC CLA IC . -15.61 48.02 6.93
CHD CLA IC . -15.92 52.68 5.38
NA CLA IC . -16.94 48.86 2.05
C1A CLA IC . -17.06 49.65 0.90
C2A CLA IC . -17.21 48.80 -0.35
C3A CLA IC . -17.37 47.37 0.21
C4A CLA IC . -17.02 47.54 1.69
CMA CLA IC . -18.77 46.84 0.03
CAA CLA IC . -15.98 48.96 -1.22
CBA CLA IC . -14.68 48.56 -0.55
CGA CLA IC . -13.95 49.77 -0.05
O1A CLA IC . -13.92 50.91 -0.53
O2A CLA IC . -13.22 49.52 1.08
NB CLA IC . -16.31 47.62 4.60
C1B CLA IC . -16.49 46.49 3.84
C2B CLA IC . -16.25 45.28 4.69
C3B CLA IC . -15.90 45.72 5.93
C4B CLA IC . -15.93 47.21 5.90
CMB CLA IC . -16.35 43.91 4.15
CAB CLA IC . -15.51 44.99 7.11
CBB CLA IC . -14.53 44.10 7.18
NC CLA IC . -15.95 50.23 5.83
C1C CLA IC . -15.62 49.45 6.90
C2C CLA IC . -15.19 50.28 8.02
C3C CLA IC . -15.20 51.60 7.56
C4C CLA IC . -15.72 51.56 6.20
CMC CLA IC . -14.74 49.78 9.32
CAC CLA IC . -14.85 52.81 8.32
CBC CLA IC . -16.05 53.59 8.82
ND CLA IC . -16.53 51.41 3.39
C1D CLA IC . -16.30 52.64 4.06
C2D CLA IC . -16.50 53.76 3.12
C3D CLA IC . -16.78 53.20 1.90
C4D CLA IC . -16.77 51.74 2.11
CMD CLA IC . -16.38 55.17 3.48
CAD CLA IC . -17.08 53.45 0.49
OBD CLA IC . -17.17 54.51 -0.11
CBD CLA IC . -17.24 52.05 -0.18
CGD CLA IC . -18.55 51.87 -0.89
O1D CLA IC . -18.76 51.24 -1.94
O2D CLA IC . -19.62 52.48 -0.30
CED CLA IC . -20.81 52.61 -1.07
C1 CLA IC . -13.53 50.32 2.23
C2 CLA IC . -13.16 49.50 3.41
C3 CLA IC . -12.55 50.01 4.49
C4 CLA IC . -12.20 51.44 4.59
C5 CLA IC . -12.21 49.15 5.65
C6 CLA IC . -12.41 47.67 5.37
C7 CLA IC . -12.11 46.83 6.59
C8 CLA IC . -10.63 46.46 6.68
C9 CLA IC . -10.28 45.43 5.62
C10 CLA IC . -10.27 45.92 8.06
C11 CLA IC . -11.33 45.00 8.61
C12 CLA IC . -11.18 44.75 10.09
C13 CLA IC . -11.10 46.04 10.88
C14 CLA IC . -10.64 45.80 12.30
C15 CLA IC . -12.43 46.80 10.88
C16 CLA IC . -13.57 45.94 11.42
C17 CLA IC . -14.91 46.58 11.16
C18 CLA IC . -16.00 46.02 12.06
C19 CLA IC . -15.69 46.31 13.52
C20 CLA IC . -17.34 46.62 11.69
MG CLA JC . -15.06 66.29 6.12
CHA CLA JC . -13.12 65.87 3.27
CHB CLA JC . -17.21 63.88 4.95
CHC CLA JC . -16.46 66.02 9.26
CHD CLA JC . -12.45 68.27 7.50
NA CLA JC . -15.16 65.12 4.38
C1A CLA JC . -14.24 65.09 3.32
C2A CLA JC . -14.69 64.11 2.24
C3A CLA JC . -16.14 63.75 2.68
C4A CLA JC . -16.18 64.25 4.11
CMA CLA JC . -17.17 64.40 1.79
CAA CLA JC . -13.80 62.88 2.18
CBA CLA JC . -13.37 62.41 3.56
CGA CLA JC . -12.55 61.16 3.45
O1A CLA JC . -12.27 60.51 2.45
O2A CLA JC . -12.07 60.74 4.66
NB CLA JC . -16.55 65.19 6.93
C1B CLA JC . -17.34 64.30 6.28
C2B CLA JC . -18.40 63.79 7.18
C3B CLA JC . -18.19 64.38 8.42
C4B CLA JC . -17.01 65.28 8.26
CMB CLA JC . -19.38 62.81 6.72
CAB CLA JC . -18.88 64.25 9.68
CBB CLA JC . -19.88 63.43 10.00
NC CLA JC . -14.57 67.05 8.01
C1C CLA JC . -15.32 66.86 9.14
C2C CLA JC . -14.73 67.58 10.26
C3C CLA JC . -13.56 68.16 9.79
C4C CLA JC . -13.48 67.83 8.37
CMC CLA JC . -15.28 67.60 11.63
CAC CLA JC . -12.61 69.00 10.55
CBC CLA JC . -11.33 68.27 10.87
ND CLA JC . -13.23 66.95 5.59
C1D CLA JC . -12.32 67.85 6.20
C2D CLA JC . -11.25 68.21 5.23
C3D CLA JC . -11.51 67.46 4.09
C4D CLA JC . -12.74 66.70 4.38
CMD CLA JC . -10.15 69.14 5.51
CAD CLA JC . -11.08 67.14 2.75
OBD CLA JC . -10.12 67.57 2.11
CBD CLA JC . -12.11 66.11 2.18
CGD CLA JC . -12.75 66.60 0.93
O1D CLA JC . -12.69 66.11 -0.21
O2D CLA JC . -13.49 67.73 1.09
CED CLA JC . -13.05 68.92 0.44
C1 CLA JC . -10.66 60.41 4.71
C2 CLA JC . -10.41 59.85 6.06
C3 CLA JC . -9.17 59.59 6.51
C4 CLA JC . -7.96 59.84 5.69
C5 CLA JC . -8.96 59.02 7.87
C6 CLA JC . -8.31 60.01 8.81
C7 CLA JC . -8.43 59.53 10.25
C8 CLA JC . -7.66 60.42 11.22
C9 CLA JC . -6.17 60.25 11.03
C10 CLA JC . -8.04 60.10 12.66
C11 CLA JC . -7.90 58.63 12.94
C12 CLA JC . -8.72 58.21 14.15
C13 CLA JC . -8.51 56.74 14.47
C14 CLA JC . -7.03 56.47 14.71
C15 CLA JC . -9.05 55.85 13.37
C16 CLA JC . -10.57 55.88 13.34
C17 CLA JC . -11.15 54.99 14.41
C18 CLA JC . -12.66 55.15 14.51
C19 CLA JC . -13.05 56.51 15.06
C20 CLA JC . -13.26 54.04 15.33
MG CLA KC . -21.81 60.90 5.65
CHA CLA KC . -23.97 62.40 7.90
CHB CLA KC . -20.36 59.16 8.23
CHC CLA KC . -19.15 60.07 3.60
CHD CLA KC . -22.94 63.17 3.15
NA CLA KC . -22.17 60.78 7.70
C1A CLA KC . -23.13 61.47 8.47
C2A CLA KC . -23.06 61.05 9.94
C3A CLA KC . -22.04 59.88 9.94
C4A CLA KC . -21.46 59.93 8.52
CMA CLA KC . -20.95 60.07 10.96
CAA CLA KC . -24.40 60.51 10.44
CBA CLA KC . -24.40 60.12 11.91
CGA CLA KC . -23.85 61.23 12.76
O1A CLA KC . -24.17 62.41 12.76
O2A CLA KC . -22.89 60.79 13.62
NB CLA KC . -20.14 59.79 5.86
C1B CLA KC . -19.72 59.15 6.98
C2B CLA KC . -18.44 58.44 6.73
C3B CLA KC . -18.09 58.70 5.42
C4B CLA KC . -19.16 59.57 4.86
CMB CLA KC . -17.73 57.68 7.76
CAB CLA KC . -16.96 58.33 4.64
CBB CLA KC . -15.68 58.46 5.01
NC CLA KC . -21.21 61.47 3.73
C1C CLA KC . -20.13 60.95 3.06
C2C CLA KC . -20.04 61.51 1.71
C3C CLA KC . -21.06 62.44 1.61
C4C CLA KC . -21.81 62.39 2.87
CMC CLA KC . -19.00 61.17 0.73
CAC CLA KC . -21.41 63.27 0.44
CBC CLA KC . -20.85 64.66 0.55
ND CLA KC . -23.12 62.43 5.48
C1D CLA KC . -23.56 63.20 4.38
C2D CLA KC . -24.72 64.03 4.78
C3D CLA KC . -24.89 63.79 6.13
C4D CLA KC . -23.88 62.78 6.52
CMD CLA KC . -25.43 64.95 3.91
CAD CLA KC . -25.67 64.10 7.31
OBD CLA KC . -26.60 64.90 7.44
CBD CLA KC . -25.11 63.24 8.47
CGD CLA KC . -24.61 64.08 9.61
O1D CLA KC . -25.18 64.33 10.68
O2D CLA KC . -23.37 64.61 9.41
CED CLA KC . -22.84 65.44 10.44
C1 CLA KC . -22.27 61.77 14.48
C2 CLA KC . -21.16 62.40 13.70
C3 CLA KC . -20.06 62.92 14.26
C4 CLA KC . -19.85 62.90 15.73
C5 CLA KC . -19.00 63.54 13.42
C6 CLA KC . -17.66 62.84 13.55
C7 CLA KC . -16.62 63.76 14.16
C8 CLA KC . -15.21 63.41 13.71
C9 CLA KC . -14.19 63.92 14.70
C10 CLA KC . -14.93 63.99 12.32
C11 CLA KC . -13.61 63.53 11.76
C12 CLA KC . -13.14 64.43 10.64
C13 CLA KC . -11.82 63.97 10.04
C14 CLA KC . -10.79 63.67 11.11
C15 CLA KC . -11.26 65.00 9.07
C16 CLA KC . -11.58 64.64 7.63
C17 CLA KC . -10.43 63.89 6.97
C18 CLA KC . -9.74 64.74 5.91
C19 CLA KC . -8.63 65.58 6.52
C20 CLA KC . -9.20 63.86 4.80
MG CLA LC . -31.70 49.03 4.86
CHA CLA LC . -33.69 47.85 2.29
CHB CLA LC . -33.16 52.12 4.48
CHC CLA LC . -30.58 49.96 8.00
CHD CLA LC . -30.96 45.64 5.69
NA CLA LC . -33.12 49.84 3.55
C1A CLA LC . -33.85 49.18 2.55
C2A CLA LC . -34.78 50.14 1.81
C3A CLA LC . -34.33 51.52 2.33
C4A CLA LC . -33.48 51.16 3.55
CMA CLA LC . -33.55 52.29 1.30
CAA CLA LC . -36.25 49.86 2.09
CBA CLA LC . -36.55 49.64 3.56
CGA CLA LC . -37.99 49.29 3.75
O1A CLA LC . -38.93 49.42 2.95
O2A CLA LC . -38.26 48.76 4.98
NB CLA LC . -31.87 50.69 6.01
C1B CLA LC . -32.39 51.88 5.62
C2B CLA LC . -32.07 52.95 6.60
C3B CLA LC . -31.34 52.35 7.61
C4B CLA LC . -31.20 50.91 7.24
CMB CLA LC . -32.55 54.32 6.42
CAB CLA LC . -30.78 52.86 8.85
CBB CLA LC . -30.75 54.12 9.29
NC CLA LC . -30.84 48.01 6.49
C1C CLA LC . -30.40 48.61 7.63
C2C CLA LC . -29.80 47.62 8.52
C3C CLA LC . -29.99 46.38 7.91
C4C CLA LC . -30.63 46.63 6.63
CMC CLA LC . -29.21 47.92 9.83
CAC CLA LC . -29.55 45.06 8.42
CBC CLA LC . -30.66 44.30 9.11
ND CLA LC . -32.05 47.18 4.12
C1D CLA LC . -31.64 45.88 4.52
C2D CLA LC . -32.05 44.91 3.49
C3D CLA LC . -32.81 45.61 2.57
C4D CLA LC . -32.84 47.01 3.06
CMD CLA LC . -31.71 43.48 3.51
CAD CLA LC . -33.57 45.58 1.34
OBD CLA LC . -33.68 44.67 0.51
CBD CLA LC . -34.27 46.97 1.20
CGD CLA LC . -34.11 47.60 -0.16
O1D CLA LC . -35.00 47.89 -0.95
O2D CLA LC . -32.83 47.87 -0.51
CED CLA LC . -32.58 49.12 -1.16
C1 CLA LC . -39.43 47.91 5.07
C2 CLA LC . -39.58 47.52 6.49
C3 CLA LC . -39.92 46.28 6.87
C4 CLA LC . -40.17 45.19 5.89
C5 CLA LC . -40.06 45.94 8.31
C6 CLA LC . -39.05 44.92 8.78
C7 CLA LC . -39.28 44.56 10.24
C8 CLA LC . -38.10 43.83 10.87
C9 CLA LC . -37.76 42.60 10.06
C10 CLA LC . -38.42 43.45 12.31
C11 CLA LC . -37.18 43.51 13.19
C12 CLA LC . -37.53 43.36 14.65
C13 CLA LC . -38.29 44.58 15.16
C14 CLA LC . -37.41 45.81 15.15
C15 CLA LC . -38.85 44.34 16.56
C16 CLA LC . -40.28 44.85 16.67
C17 CLA LC . -41.23 43.77 17.15
C18 CLA LC . -42.55 43.80 16.39
C19 CLA LC . -42.46 42.99 15.12
C20 CLA LC . -43.68 43.30 17.26
MG CLA MC . -32.82 57.88 6.37
CHA CLA MC . -30.09 58.62 8.42
CHB CLA MC . -34.65 57.08 9.14
CHC CLA MC . -35.20 56.42 4.37
CHD CLA MC . -30.63 58.05 3.56
NA CLA MC . -32.42 57.88 8.43
C1A CLA MC . -31.24 58.22 9.09
C2A CLA MC . -31.39 58.10 10.61
C3A CLA MC . -32.88 57.71 10.78
C4A CLA MC . -33.37 57.54 9.36
CMA CLA MC . -33.03 56.46 11.59
CAA CLA MC . -31.15 59.40 11.36
CBA CLA MC . -30.11 59.22 12.43
CGA CLA MC . -30.67 59.52 13.79
O1A CLA MC . -31.62 60.25 14.08
O2A CLA MC . -30.01 58.87 14.79
NB CLA MC . -34.54 56.87 6.71
C1B CLA MC . -35.22 56.86 7.88
C2B CLA MC . -36.65 56.55 7.67
C3B CLA MC . -36.82 56.37 6.31
C4B CLA MC . -35.47 56.55 5.70
CMB CLA MC . -37.60 56.47 8.78
CAB CLA MC . -37.97 56.02 5.50
CBB CLA MC . -39.11 55.45 5.91
NC CLA MC . -32.90 57.35 4.35
C1C CLA MC . -33.99 56.79 3.74
C2C CLA MC . -33.74 56.60 2.31
C3C CLA MC . -32.43 57.03 2.09
C4C CLA MC . -31.92 57.52 3.36
CMC CLA MC . -34.69 56.02 1.37
CAC CLA MC . -31.71 57.03 0.80
CBC CLA MC . -31.16 55.68 0.44
ND CLA MC . -30.88 58.31 6.00
C1D CLA MC . -30.13 58.42 4.79
C2D CLA MC . -28.79 58.98 5.10
C3D CLA MC . -28.73 59.09 6.48
C4D CLA MC . -30.03 58.61 6.99
CMD CLA MC . -27.78 59.31 4.10
CAD CLA MC . -27.93 59.48 7.61
OBD CLA MC . -26.82 60.02 7.64
CBD CLA MC . -28.74 59.11 8.89
CGD CLA MC . -28.03 58.08 9.73
O1D CLA MC . -27.31 58.27 10.71
O2D CLA MC . -28.23 56.79 9.32
CED CLA MC . -27.60 55.75 10.06
C1 CLA MC . -29.40 59.68 15.82
C2 CLA MC . -28.67 60.77 15.12
C3 CLA MC . -28.01 61.76 15.75
C4 CLA MC . -27.93 61.85 17.23
C5 CLA MC . -27.31 62.81 14.96
C6 CLA MC . -28.25 63.49 13.99
C7 CLA MC . -27.48 64.18 12.88
C8 CLA MC . -28.28 64.37 11.60
C9 CLA MC . -29.06 65.67 11.63
C10 CLA MC . -29.24 63.20 11.35
C11 CLA MC . -29.92 63.31 10.00
C12 CLA MC . -28.95 63.15 8.85
C13 CLA MC . -29.69 63.03 7.52
C14 CLA MC . -30.77 61.98 7.59
C15 CLA MC . -28.74 62.72 6.37
C16 CLA MC . -29.44 62.83 5.03
C17 CLA MC . -29.49 64.26 4.53
C18 CLA MC . -30.17 64.35 3.17
C19 CLA MC . -31.59 64.88 3.29
C20 CLA MC . -29.37 65.21 2.22
MG CLA NC . -35.71 53.55 14.24
CHA CLA NC . -37.61 52.01 11.75
CHB CLA NC . -32.90 53.05 12.37
CHC CLA NC . -33.81 54.55 16.90
CHD CLA NC . -38.56 53.42 16.37
NA CLA NC . -35.35 52.68 12.37
C1A CLA NC . -36.27 52.12 11.48
C2A CLA NC . -35.59 51.64 10.21
C3A CLA NC . -34.09 51.94 10.44
C4A CLA NC . -34.10 52.62 11.82
CMA CLA NC . -33.24 50.70 10.43
CAA CLA NC . -36.07 52.48 9.03
CBA CLA NC . -35.28 52.23 7.77
CGA CLA NC . -36.22 51.76 6.69
O1A CLA NC . -36.70 52.40 5.75
O2A CLA NC . -36.56 50.45 6.83
NB CLA NC . -33.74 53.66 14.60
C1B CLA NC . -32.78 53.64 13.63
C2B CLA NC . -31.55 54.36 14.08
C3B CLA NC . -31.81 54.80 15.36
C4B CLA NC . -33.18 54.34 15.70
CMB CLA NC . -30.37 54.49 13.23
CAB CLA NC . -31.00 55.52 16.31
CBB CLA NC . -29.68 55.48 16.41
NC CLA NC . -36.12 53.92 16.25
C1C CLA NC . -35.19 54.34 17.16
C2C CLA NC . -35.82 54.55 18.47
C3C CLA NC . -37.15 54.20 18.32
C4C CLA NC . -37.35 53.81 16.93
CMC CLA NC . -35.11 55.00 19.67
CAC CLA NC . -38.21 54.23 19.34
CBC CLA NC . -38.35 52.93 20.07
ND CLA NC . -37.66 52.97 14.14
C1D CLA NC . -38.73 53.01 15.06
C2D CLA NC . -39.97 52.56 14.39
C3D CLA NC . -39.61 52.19 13.12
C4D CLA NC . -38.15 52.42 13.02
CMD CLA NC . -41.29 52.54 15.02
CAD CLA NC . -40.06 51.67 11.83
OBD CLA NC . -41.20 51.42 11.45
CBD CLA NC . -38.79 51.47 10.97
CGD CLA NC . -38.57 50.02 10.61
O1D CLA NC . -38.97 49.42 9.61
O2D CLA NC . -37.83 49.33 11.53
CED CLA NC . -37.94 47.90 11.54
C1 CLA NC . -35.47 49.52 6.98
C2 CLA NC . -35.91 48.47 7.93
C3 CLA NC . -35.19 47.35 8.11
C4 CLA NC . -33.95 47.09 7.36
C5 CLA NC . -35.63 46.30 9.07
C6 CLA NC . -34.46 45.72 9.87
C7 CLA NC . -34.15 46.58 11.07
C8 CLA NC . -33.02 46.02 11.93
C9 CLA NC . -33.05 44.50 11.97
C10 CLA NC . -33.08 46.56 13.35
C11 CLA NC . -33.39 48.04 13.39
C12 CLA NC . -34.23 48.39 14.61
C13 CLA NC . -34.28 49.89 14.84
C14 CLA NC . -32.90 50.43 15.13
C15 CLA NC . -35.24 50.25 15.96
C16 CLA NC . -36.59 49.59 15.76
C17 CLA NC . -37.53 49.89 16.90
C18 CLA NC . -38.78 49.02 16.86
C19 CLA NC . -39.79 49.50 17.88
C20 CLA NC . -39.40 49.03 15.47
MG CLA OC . -42.83 53.81 4.64
CHA CLA OC . -44.40 55.13 1.82
CHB CLA OC . -42.80 56.95 6.02
CHC CLA OC . -42.04 52.47 7.71
CHD CLA OC . -43.76 50.57 3.52
NA CLA OC . -43.47 55.71 4.00
C1A CLA OC . -44.09 56.05 2.78
C2A CLA OC . -44.38 57.56 2.72
C3A CLA OC . -43.74 58.11 4.01
C4A CLA OC . -43.30 56.85 4.74
CMA CLA OC . -42.61 59.05 3.73
CAA CLA OC . -45.85 57.93 2.64
CBA CLA OC . -46.77 56.92 3.29
CGA CLA OC . -48.19 57.15 2.90
O1A CLA OC . -48.66 57.30 1.77
O2A CLA OC . -49.03 57.17 3.97
NB CLA OC . -42.55 54.56 6.50
C1B CLA OC . -42.38 55.87 6.81
C2B CLA OC . -41.70 56.03 8.13
C3B CLA OC . -41.48 54.76 8.60
C4B CLA OC . -42.01 53.82 7.59
CMB CLA OC . -41.40 57.33 8.71
CAB CLA OC . -40.88 54.30 9.84
CBB CLA OC . -41.01 54.85 11.05
NC CLA OC . -42.84 51.88 5.42
C1C CLA OC . -42.41 51.55 6.69
C2C CLA OC . -42.48 50.11 6.89
C3C CLA OC . -43.05 49.57 5.74
C4C CLA OC . -43.26 50.69 4.82
CMC CLA OC . -42.09 49.43 8.13
CAC CLA OC . -43.31 48.16 5.47
CBC CLA OC . -44.73 47.75 5.82
ND CLA OC . -43.72 52.97 3.02
C1D CLA OC . -44.01 51.63 2.66
C2D CLA OC . -44.54 51.60 1.28
C3D CLA OC . -44.62 52.92 0.87
C4D CLA OC . -44.18 53.73 2.03
CMD CLA OC . -44.88 50.39 0.54
CAD CLA OC . -45.00 53.83 -0.19
OBD CLA OC . -45.26 53.59 -1.37
CBD CLA OC . -45.02 55.26 0.43
CGD CLA OC . -44.36 56.33 -0.42
O1D CLA OC . -44.44 57.54 -0.29
O2D CLA OC . -43.60 55.87 -1.46
CED CLA OC . -43.32 56.80 -2.50
C1 CLA OC . -50.38 56.70 3.76
C2 CLA OC . -50.86 56.23 5.07
C3 CLA OC . -51.97 56.70 5.67
C4 CLA OC . -52.81 57.75 5.03
C5 CLA OC . -52.40 56.19 7.00
C6 CLA OC . -51.48 56.63 8.13
C7 CLA OC . -51.81 58.06 8.53
C8 CLA OC . -50.79 58.63 9.52
C9 CLA OC . -49.39 58.61 8.92
C10 CLA OC . -50.79 57.87 10.84
C11 CLA OC . -49.87 58.52 11.84
C12 CLA OC . -50.38 58.38 13.26
C13 CLA OC . -49.88 59.52 14.13
C14 CLA OC . -50.17 59.26 15.59
C15 CLA OC . -50.50 60.85 13.70
C16 CLA OC . -49.88 62.02 14.44
C17 CLA OC . -50.63 63.31 14.17
C18 CLA OC . -49.83 64.53 14.61
C19 CLA OC . -50.64 65.80 14.42
C20 CLA OC . -49.40 64.41 16.06
MG CLA PC . -31.49 69.46 8.47
CHA CLA PC . -32.51 67.01 10.71
CHB CLA PC . -31.23 71.68 11.07
CHC CLA PC . -31.22 72.07 6.22
CHD CLA PC . -32.53 67.35 5.80
NA CLA PC . -31.78 69.33 10.55
C1A CLA PC . -32.19 68.21 11.30
C2A CLA PC . -32.26 68.55 12.80
C3A CLA PC . -31.73 70.00 12.87
C4A CLA PC . -31.56 70.38 11.39
CMA CLA PC . -32.69 70.94 13.54
CAA CLA PC . -31.37 67.63 13.63
CBA CLA PC . -30.80 68.26 14.89
CGA CLA PC . -29.69 67.41 15.41
O1A CLA PC . -28.65 67.08 14.85
O2A CLA PC . -29.91 66.96 16.69
NB CLA PC . -31.26 71.46 8.62
C1B CLA PC . -31.09 72.17 9.77
C2B CLA PC . -30.76 73.59 9.46
C3B CLA PC . -30.76 73.70 8.09
C4B CLA PC . -31.08 72.36 7.54
CMB CLA PC . -30.54 74.60 10.49
CAB CLA PC . -30.55 74.85 7.25
CBB CLA PC . -31.23 76.00 7.32
NC CLA PC . -31.77 69.65 6.40
C1C CLA PC . -31.55 70.80 5.68
C2C CLA PC . -31.77 70.56 4.26
C3C CLA PC . -32.21 69.24 4.14
C4C CLA PC . -32.19 68.67 5.49
CMC CLA PC . -31.61 71.56 3.20
CAC CLA PC . -32.57 68.53 2.91
CBC CLA PC . -34.03 68.63 2.59
ND CLA PC . -32.31 67.63 8.23
C1D CLA PC . -32.59 66.85 7.08
C2D CLA PC . -32.96 65.47 7.49
C3D CLA PC . -32.92 65.48 8.87
C4D CLA PC . -32.54 66.84 9.29
CMD CLA PC . -33.28 64.39 6.57
CAD CLA PC . -33.13 64.68 10.07
OBD CLA PC . -33.44 63.51 10.20
CBD CLA PC . -32.90 65.65 11.28
CGD CLA PC . -34.07 65.73 12.21
O1D CLA PC . -34.23 65.12 13.27
O2D CLA PC . -35.06 66.59 11.80
CED CLA PC . -36.06 66.94 12.75
C1 CLA PC . -28.75 66.76 17.50
C2 CLA PC . -28.22 68.10 17.86
C3 CLA PC . -28.75 68.84 18.85
C4 CLA PC . -29.90 68.38 19.67
C5 CLA PC . -28.19 70.19 19.18
C6 CLA PC . -29.14 71.31 18.79
C7 CLA PC . -29.01 72.48 19.75
C8 CLA PC . -27.99 73.50 19.26
C9 CLA PC . -27.46 74.31 20.44
C10 CLA PC . -28.59 74.43 18.21
C11 CLA PC . -27.62 75.52 17.80
C12 CLA PC . -27.93 76.07 16.42
C13 CLA PC . -26.90 77.11 16.00
C14 CLA PC . -26.86 78.27 16.96
C15 CLA PC . -27.15 77.61 14.58
C16 CLA PC . -26.50 76.71 13.55
C17 CLA PC . -26.10 77.47 12.31
C18 CLA PC . -26.20 76.61 11.05
C19 CLA PC . -27.55 76.78 10.38
C20 CLA PC . -25.09 76.95 10.08
MG CLA QC . -40.81 71.76 7.42
CHA CLA QC . -42.32 74.01 5.26
CHB CLA QC . -37.88 72.09 5.65
CHC CLA QC . -39.07 70.24 9.98
CHD CLA QC . -43.59 72.13 9.61
NA CLA QC . -40.22 72.86 5.74
C1A CLA QC . -41.01 73.74 4.97
C2A CLA QC . -40.20 74.34 3.82
C3A CLA QC . -38.88 73.54 3.86
C4A CLA QC . -38.98 72.77 5.17
CMA CLA QC . -38.73 72.61 2.68
CAA CLA QC . -39.94 75.83 4.01
CBA CLA QC . -39.25 76.13 5.34
CGA CLA QC . -38.41 77.36 5.24
O1A CLA QC . -38.12 78.02 4.25
O2A CLA QC . -37.92 77.75 6.46
NB CLA QC . -38.87 71.27 7.75
C1B CLA QC . -37.86 71.37 6.84
C2B CLA QC . -36.68 70.58 7.30
C3B CLA QC . -37.01 70.05 8.52
C4B CLA QC . -38.39 70.49 8.83
CMB CLA QC . -35.43 70.52 6.54
CAB CLA QC . -36.21 69.26 9.43
CBB CLA QC . -35.49 69.73 10.43
NC CLA QC . -41.26 71.26 9.41
C1C CLA QC . -40.41 70.61 10.26
C2C CLA QC . -41.06 70.38 11.54
C3C CLA QC . -42.31 70.97 11.47
C4C CLA QC . -42.45 71.49 10.11
CMC CLA QC . -40.42 69.72 12.69
CAC CLA QC . -43.34 71.01 12.52
CBC CLA QC . -43.41 72.38 13.17
ND CLA QC . -42.54 72.79 7.50
C1D CLA QC . -43.66 72.74 8.38
C2D CLA QC . -44.80 73.43 7.78
C3D CLA QC . -44.35 73.94 6.57
C4D CLA QC . -42.94 73.53 6.46
CMD CLA QC . -46.13 73.53 8.38
CAD CLA QC . -44.70 74.69 5.38
OBD CLA QC . -45.76 75.19 5.05
CBD CLA QC . -43.40 74.78 4.51
CGD CLA QC . -43.67 74.27 3.12
O1D CLA QC . -44.60 74.60 2.37
O2D CLA QC . -42.80 73.33 2.65
CED CLA QC . -43.26 71.98 2.53
C1 CLA QC . -38.11 79.14 6.82
C2 CLA QC . -37.58 79.30 8.19
C3 CLA QC . -38.32 79.07 9.29
C4 CLA QC . -39.74 78.64 9.21
C5 CLA QC . -37.74 79.24 10.65
C6 CLA QC . -38.57 80.16 11.54
C7 CLA QC . -38.41 79.77 13.00
C8 CLA QC . -36.99 79.98 13.50
C10 WVN RC . -43.93 70.76 34.03
C11 WVN RC . -37.20 73.40 11.88
C12 WVN RC . -44.88 69.59 33.84
C13 WVN RC . -44.50 71.04 31.58
C14 WVN RC . -46.14 70.09 33.15
C01 WVN RC . -35.58 74.21 10.09
C02 WVN RC . -36.94 73.54 10.37
C03 WVN RC . -35.40 74.36 8.57
C04 WVN RC . -36.57 75.12 7.94
C05 WVN RC . -38.06 74.33 9.70
C06 WVN RC . -43.46 71.30 32.68
C07 WVN RC . -35.46 75.57 10.79
C08 WVN RC . -34.45 73.32 10.56
C09 WVN RC . -37.93 74.64 8.42
C15 WVN RC . -45.78 70.80 31.85
C16 WVN RC . -39.47 74.41 10.32
C17 WVN RC . -43.15 72.79 32.85
C18 WVN RC . -42.16 70.59 32.33
C19 WVN RC . -37.26 72.17 12.34
C20 WVN RC . -44.37 72.02 30.39
C21 WVN RC . -46.82 70.72 30.73
C22 WVN RC . -37.50 71.77 13.79
C23 WVN RC . -43.80 71.64 29.27
C24 WVN RC . -36.63 70.68 14.41
C25 WVN RC . -43.65 72.56 28.06
C26 WVN RC . -38.46 72.34 14.49
C27 WVN RC . -43.92 74.06 28.18
C28 WVN RC . -43.30 72.01 26.93
C29 WVN RC . -38.70 71.89 15.93
C30 WVN RC . -43.08 72.72 25.61
C31 WVN RC . -39.81 72.26 16.54
C32 WVN RC . -40.09 71.79 17.96
C33 WVN RC . -42.10 72.26 24.86
C34 WVN RC . -41.78 72.86 23.51
C35 WVN RC . -39.66 70.40 18.37
C36 WVN RC . -40.74 72.57 18.81
C37 WVN RC . -42.11 72.20 22.42
C38 WVN RC . -41.09 74.23 23.43
C39 WVN RC . -41.04 72.06 20.21
C40 WVN RC . -41.83 72.74 21.02
C10 WVN SC . -12.33 62.32 26.11
C11 WVN SC . -12.10 55.64 3.21
C12 WVN SC . -13.76 61.81 26.26
C13 WVN SC . -13.06 62.48 23.73
C14 WVN SC . -14.71 62.75 25.53
C01 WVN SC . -12.17 54.96 0.74
C02 WVN SC . -11.69 56.00 1.78
C03 WVN SC . -11.02 54.23 0.06
C04 WVN SC . -9.91 53.81 1.02
C05 WVN SC . -10.17 56.14 1.75
C06 WVN SC . -11.91 62.10 24.66
C07 WVN SC . -13.11 53.93 1.36
C08 WVN SC . -12.94 55.68 -0.35
C09 WVN SC . -9.44 55.04 1.78
C15 WVN SC . -14.14 63.14 24.17
C16 WVN SC . -9.49 57.48 2.06
C17 WVN SC . -11.57 60.62 24.52
C18 WVN SC . -10.65 62.92 24.41
C19 WVN SC . -12.23 56.60 4.10
C20 WVN SC . -12.61 63.01 22.36
C21 WVN SC . -15.10 63.85 23.23
C22 WVN SC . -12.61 56.29 5.54
C23 WVN SC . -12.57 62.15 21.36
C24 WVN SC . -12.80 54.86 6.02
C25 WVN SC . -12.16 62.54 19.94
C26 WVN SC . -12.76 57.31 6.36
C27 WVN SC . -11.40 63.83 19.68
C28 WVN SC . -12.49 61.69 18.99
C29 WVN SC . -13.13 57.20 7.83
C30 WVN SC . -12.15 61.90 17.51
C31 WVN SC . -12.28 57.73 8.68
C32 WVN SC . -12.55 57.72 10.17
C33 WVN SC . -12.13 60.83 16.76
C34 WVN SC . -11.82 60.90 15.27
C35 WVN SC . -13.25 56.53 10.81
C36 WVN SC . -12.14 58.77 10.87
C37 WVN SC . -12.48 60.11 14.46
C38 WVN SC . -10.75 61.85 14.76
C39 WVN SC . -12.35 58.90 12.37
C40 WVN SC . -12.26 60.07 12.95
C10 WVN TC . -46.21 54.60 7.91
C11 WVN TC . -48.56 64.84 28.57
C12 WVN TC . -47.16 55.36 6.99
C13 WVN TC . -46.19 56.75 9.16
C14 WVN TC . -46.64 56.79 6.78
C01 WVN TC . -48.66 63.41 30.61
C02 WVN TC . -48.08 64.71 30.04
C03 WVN TC . -48.72 63.38 32.14
C04 WVN TC . -47.88 64.48 32.78
C05 WVN TC . -48.48 65.92 30.89
C06 WVN TC . -46.23 55.22 9.30
C07 WVN TC . -47.80 62.24 30.14
C08 WVN TC . -50.07 63.17 30.10
C09 WVN TC . -48.26 65.83 32.18
C15 WVN TC . -45.91 57.33 8.01
C16 WVN TC . -48.51 67.32 30.29
C17 WVN TC . -45.01 54.71 10.07
C18 WVN TC . -47.50 54.80 10.02
C19 WVN TC . -47.72 65.09 27.60
C20 WVN TC . -45.52 57.42 10.35
C21 WVN TC . -45.36 58.76 7.89
C22 WVN TC . -48.25 65.17 26.17
C23 WVN TC . -46.22 58.19 11.17
C24 WVN TC . -49.65 65.72 25.89
C25 WVN TC . -45.55 58.83 12.36
C26 WVN TC . -47.47 64.72 25.22
C27 WVN TC . -44.26 58.21 12.87
C28 WVN TC . -46.08 59.88 12.95
C29 WVN TC . -47.87 64.69 23.75
C30 WVN TC . -45.40 60.47 14.18
C31 WVN TC . -47.69 63.51 23.20
C32 WVN TC . -48.00 63.15 21.77
C33 WVN TC . -46.17 60.49 15.23
C34 WVN TC . -45.77 60.99 16.61
C35 WVN TC . -49.41 63.34 21.20
C36 WVN TC . -47.04 62.64 21.03
C37 WVN TC . -46.64 61.67 17.32
C38 WVN TC . -44.38 60.68 17.17
C39 WVN TC . -47.27 62.21 19.59
C40 WVN TC . -46.28 62.14 18.73
C1A DGD UC . -11.49 45.53 22.40
C2A DGD UC . -11.27 45.39 20.92
C3A DGD UC . -9.79 45.16 20.65
C4A DGD UC . -9.46 45.43 19.19
C5A DGD UC . -10.27 44.51 18.26
C6A DGD UC . -10.84 45.31 17.10
C7A DGD UC . -9.76 46.08 16.37
C8A DGD UC . -10.34 47.28 15.65
O1A DGD UC . -11.02 44.74 23.19
C1B DGD UC . -12.56 50.08 22.70
C2B DGD UC . -13.41 50.52 21.54
C3B DGD UC . -13.31 49.48 20.42
C4B DGD UC . -14.57 48.62 20.35
C5B DGD UC . -14.31 47.33 19.58
C6B DGD UC . -15.53 46.42 19.60
C7B DGD UC . -15.16 44.98 19.26
C8B DGD UC . -14.56 44.89 17.86
C9B DGD UC . -15.64 44.65 16.81
CAB DGD UC . -16.10 43.20 16.82
CBB DGD UC . -17.16 42.95 15.76
CCB DGD UC . -17.61 41.49 15.74
CDB DGD UC . -18.89 41.32 14.94
CEB DGD UC . -18.66 41.55 13.46
CFB DGD UC . -17.89 40.39 12.82
CGB DGD UC . -17.80 40.56 11.31
O1B DGD UC . -11.42 50.50 22.84
O1G DGD UC . -12.28 46.65 22.89
C1G DGD UC . -12.25 46.98 24.28
C2G DGD UC . -12.05 48.48 24.38
O2G DGD UC . -13.09 49.16 23.70
C3G DGD UC . -11.98 48.86 25.86
O3G DGD UC . -10.82 48.25 26.40
C1D DGD UC . -10.80 48.21 27.83
C2D DGD UC . -9.60 47.41 28.27
O2D DGD UC . -9.71 46.05 27.81
C3D DGD UC . -9.47 47.41 29.79
O3D DGD UC . -8.24 46.79 30.17
C4D DGD UC . -9.51 48.84 30.31
O4D DGD UC . -8.32 49.52 29.91
C5D DGD UC . -10.73 49.58 29.77
O5D DGD UC . -11.02 51.00 31.64
C6D DGD UC . -10.71 51.02 30.25
O6D DGD UC . -10.70 49.55 28.33
C1E DGD UC . -10.15 51.82 32.42
C2E DGD UC . -10.10 51.25 33.83
O2E DGD UC . -9.67 49.89 33.79
C3E DGD UC . -11.50 51.32 34.44
O3E DGD UC . -11.45 50.88 35.80
C4E DGD UC . -12.03 52.75 34.38
O4E DGD UC . -11.27 53.57 35.27
C5E DGD UC . -11.94 53.30 32.96
O6E DGD UC . -10.61 53.17 32.45
C6E DGD UC . -12.32 54.77 32.94
O5E DGD UC . -13.60 54.94 33.57
O1 LHG VC . -1.12 69.33 -5.81
C1 LHG VC . -2.26 68.52 -6.14
C2 LHG VC . -3.06 69.19 -7.25
O2 LHG VC . -4.39 69.41 -6.79
C3 LHG VC . -3.08 68.26 -8.45
O3 LHG VC . -3.74 67.07 -8.05
P LHG VC . -3.44 65.62 -8.69
O4 LHG VC . -1.95 65.38 -8.63
O5 LHG VC . -4.17 65.49 -10.00
O6 LHG VC . -4.15 64.70 -7.59
C4 LHG VC . -5.56 64.80 -7.39
C5 LHG VC . -5.82 64.81 -5.89
C6 LHG VC . -5.01 63.69 -5.27
O7 LHG VC . -5.39 66.05 -5.34
C7 LHG VC . -6.49 66.85 -4.81
O9 LHG VC . -7.63 66.54 -5.08
C8 LHG VC . -6.21 68.05 -3.93
C9 LHG VC . -4.89 67.88 -3.19
C10 LHG VC . -5.02 66.94 -1.99
O8 LHG VC . -5.10 63.76 -3.85
C23 LHG VC . -4.32 62.86 -3.03
O10 LHG VC . -3.44 62.20 -3.55
C24 LHG VC . -4.61 62.70 -1.56
C11 LHG VC . -5.85 67.56 -0.87
C12 LHG VC . -5.53 66.88 0.46
C13 LHG VC . -6.74 66.84 1.38
C14 LHG VC . -6.45 65.94 2.58
C15 LHG VC . -6.12 64.53 2.13
C16 LHG VC . -5.40 63.75 3.23
C17 LHG VC . -3.90 63.66 2.95
C25 LHG VC . -5.24 61.34 -1.32
C26 LHG VC . -5.02 60.91 0.12
C27 LHG VC . -6.35 60.65 0.83
C28 LHG VC . -6.10 60.06 2.21
C29 LHG VC . -5.19 58.84 2.10
C30 LHG VC . -4.64 58.40 3.45
C31 LHG VC . -3.42 57.51 3.22
C32 LHG VC . -3.19 56.56 4.40
C33 LHG VC . -2.20 55.47 4.00
C34 LHG VC . -2.18 54.34 5.01
C1 LMG WC . -32.52 71.75 39.91
O1 LMG WC . -33.30 72.08 38.77
C2 LMG WC . -33.38 70.91 40.85
O2 LMG WC . -34.01 71.76 41.80
C3 LMG WC . -32.54 69.86 41.57
O3 LMG WC . -32.50 68.65 40.79
C4 LMG WC . -31.12 70.34 41.84
O4 LMG WC . -30.36 69.31 42.47
C5 LMG WC . -30.43 70.78 40.53
O5 LMG WC . -28.24 69.80 40.89
C6 LMG WC . -29.41 69.76 40.05
O6 LMG WC . -31.41 70.95 39.51
C7 LMG WC . -33.22 71.04 37.80
C8 LMG WC . -33.30 71.65 36.40
C9 LMG WC . -32.09 72.54 36.15
O7 LMG WC . -33.32 70.61 35.43
C10 LMG WC . -34.57 70.59 34.68
O9 LMG WC . -35.51 71.26 35.06
C11 LMG WC . -34.68 69.76 33.43
C12 LMG WC . -33.56 70.17 32.49
C13 LMG WC . -34.04 70.14 31.05
C14 LMG WC . -32.86 70.23 30.08
C15 LMG WC . -33.12 69.53 28.75
C16 LMG WC . -34.47 68.81 28.69
C17 LMG WC . -34.66 68.15 27.33
C18 LMG WC . -35.41 69.06 26.35
C19 LMG WC . -35.38 68.50 24.94
C20 LMG WC . -36.77 68.49 24.31
C21 LMG WC . -36.70 68.74 22.81
C22 LMG WC . -36.39 67.47 22.03
C23 LMG WC . -36.63 67.67 20.54
C24 LMG WC . -35.84 68.87 20.00
C25 LMG WC . -36.14 69.09 18.52
O8 LMG WC . -32.49 73.54 35.23
C28 LMG WC . -31.92 73.56 33.90
O10 LMG WC . -30.91 72.93 33.67
C29 LMG WC . -32.61 74.33 32.81
C30 LMG WC . -32.36 73.61 31.49
C31 LMG WC . -32.76 74.54 30.36
C32 LMG WC . -33.31 73.81 29.14
C33 LMG WC . -34.83 73.92 29.15
C34 LMG WC . -35.44 73.89 27.75
C35 LMG WC . -34.87 72.72 26.95
C36 LMG WC . -35.42 72.69 25.53
C37 LMG WC . -36.94 72.71 25.54
C38 LMG WC . -37.51 72.09 24.27
C39 LMG WC . -36.94 72.77 23.03
C40 LMG WC . -37.70 72.31 21.79
C41 LMG WC . -37.44 73.21 20.59
C42 LMG WC . -36.12 72.86 19.90
C43 LMG WC . -36.16 73.29 18.43
MG CLA XC . -15.39 23.16 14.75
CHA CLA XC . -16.00 19.83 13.95
CHB CLA XC . -13.42 23.42 11.96
CHC CLA XC . -15.57 26.59 14.94
CHD CLA XC . -18.05 22.95 17.12
NA CLA XC . -14.78 21.82 13.26
C1A CLA XC . -15.16 20.48 13.09
C2A CLA XC . -14.47 19.86 11.87
C3A CLA XC . -13.47 20.96 11.43
C4A CLA XC . -13.92 22.16 12.26
CMA CLA XC . -12.05 20.56 11.72
CAA CLA XC . -15.47 19.51 10.77
CBA CLA XC . -15.72 20.66 9.82
CGA CLA XC . -17.18 20.99 9.83
O1A CLA XC . -17.87 21.40 10.76
O2A CLA XC . -17.77 20.80 8.60
NB CLA XC . -14.75 24.69 13.60
C1B CLA XC . -13.76 24.58 12.66
C2B CLA XC . -13.06 25.87 12.46
C3B CLA XC . -13.66 26.78 13.31
C4B CLA XC . -14.73 26.04 14.02
CMB CLA XC . -11.96 26.04 11.51
CAB CLA XC . -13.42 28.19 13.52
CBB CLA XC . -13.27 29.11 12.58
NC CLA XC . -16.54 24.50 15.87
C1C CLA XC . -16.42 25.87 15.82
C2C CLA XC . -17.33 26.50 16.74
C3C CLA XC . -18.08 25.47 17.33
C4C CLA XC . -17.57 24.23 16.78
CMC CLA XC . -17.44 27.96 16.94
CAC CLA XC . -19.13 25.59 18.35
CBC CLA XC . -18.58 25.99 19.70
ND CLA XC . -16.58 21.74 15.56
C1D CLA XC . -17.60 21.78 16.55
C2D CLA XC . -18.06 20.40 16.83
C3D CLA XC . -17.44 19.59 15.89
C4D CLA XC . -16.60 20.50 15.07
CMD CLA XC . -19.00 20.02 17.88
CAD CLA XC . -17.23 18.25 15.39
OBD CLA XC . -17.55 17.17 15.88
CBD CLA XC . -16.47 18.39 14.03
CGD CLA XC . -15.37 17.40 13.83
O1D CLA XC . -15.24 16.61 12.88
O2D CLA XC . -14.42 17.38 14.80
CED CLA XC . -13.21 16.68 14.49
C1 CLA XC . -18.46 21.93 8.04
C2 CLA XC . -17.48 22.75 7.29
C3 CLA XC . -16.95 22.38 6.11
C4 CLA XC . -17.31 21.10 5.45
C5 CLA XC . -15.96 23.25 5.41
C6 CLA XC . -14.56 22.66 5.42
C7 CLA XC . -13.90 22.90 6.76
C8 CLA XC . -12.64 22.07 6.96
C9 CLA XC . -12.93 20.60 6.80
C10 CLA XC . -12.03 22.35 8.33
C11 CLA XC . -10.54 22.57 8.23
C12 CLA XC . -9.94 22.96 9.57
C13 CLA XC . -8.46 23.28 9.47
C14 CLA XC . -7.96 23.90 10.76
C15 CLA XC . -8.16 24.17 8.27
C16 CLA XC . -6.75 24.73 8.30
C17 CLA XC . -5.73 23.72 7.85
C18 CLA XC . -4.42 24.39 7.41
C19 CLA XC . -4.65 25.28 6.22
C20 CLA XC . -3.84 25.19 8.56
CHA PHO YC . -39.44 15.99 6.19
CHB PHO YC . -39.07 17.33 10.80
CHC PHO YC . -34.16 17.20 10.53
CHD PHO YC . -34.45 16.04 5.80
NA PHO YC . -38.98 16.85 8.39
C1A PHO YC . -39.88 16.30 7.42
C2A PHO YC . -41.27 16.13 8.03
C3A PHO YC . -41.15 16.97 9.34
C4A PHO YC . -39.64 17.06 9.51
CMA PHO YC . -41.79 18.33 9.20
CAA PHO YC . -41.64 14.69 8.31
CBA PHO YC . -43.15 14.53 8.45
CGA PHO YC . -43.48 13.14 8.90
O1A PHO YC . -42.71 12.25 9.26
O2A PHO YC . -44.83 12.85 8.86
NB PHO YC . -36.64 17.10 10.31
C1B PHO YC . -37.74 17.43 11.11
C2B PHO YC . -37.20 17.95 12.40
C3B PHO YC . -35.83 17.92 12.33
C4B PHO YC . -35.43 17.37 10.99
CMB PHO YC . -38.10 18.41 13.46
CAB PHO YC . -34.83 18.32 13.29
CBB PHO YC . -34.88 18.12 14.61
NC PHO YC . -34.64 16.63 8.19
C1C PHO YC . -33.79 16.85 9.19
C2C PHO YC . -32.38 16.68 8.72
C3C PHO YC . -32.45 16.35 7.37
C4C PHO YC . -33.89 16.33 7.02
CMC PHO YC . -31.20 16.84 9.56
CAC PHO YC . -31.34 16.10 6.44
CBC PHO YC . -31.25 14.66 5.97
ND PHO YC . -36.85 15.85 6.49
C1D PHO YC . -35.83 15.82 5.52
C2D PHO YC . -36.44 15.51 4.25
C3D PHO YC . -37.83 15.51 4.47
C4D PHO YC . -38.04 15.81 5.85
CMD PHO YC . -35.73 15.26 3.00
CAD PHO YC . -39.13 15.31 3.83
OBD PHO YC . -39.40 14.89 2.73
CBD PHO YC . -40.20 15.77 4.89
CGD PHO YC . -40.87 17.01 4.37
O1D PHO YC . -41.79 17.11 3.56
O2D PHO YC . -40.37 18.14 4.92
CED PHO YC . -40.36 19.31 4.09
C1 PHO YC . -45.68 13.29 9.95
C2 PHO YC . -44.88 13.32 11.20
C3 PHO YC . -44.54 12.22 11.90
C4 PHO YC . -44.92 10.85 11.49
C5 PHO YC . -43.73 12.35 13.15
C6 PHO YC . -44.48 12.05 14.43
C7 PHO YC . -43.75 11.09 15.33
C8 PHO YC . -42.43 11.63 15.89
C9 PHO YC . -41.23 10.92 15.28
C10 PHO YC . -42.42 11.44 17.40
C11 PHO YC . -43.34 12.40 18.11
C12 PHO YC . -42.70 13.77 18.25
C13 PHO YC . -43.64 14.77 18.91
C14 PHO YC . -44.89 14.96 18.08
C15 PHO YC . -42.92 16.09 19.12
C16 PHO YC . -41.79 15.98 20.11
C17 PHO YC . -41.07 17.30 20.28
C18 PHO YC . -39.90 17.20 21.26
C19 PHO YC . -39.26 18.56 21.49
C20 PHO YC . -38.86 16.21 20.75
C1 LMG ZC . -52.40 -0.83 -9.12
O1 LMG ZC . -51.37 -1.56 -8.45
C2 LMG ZC . -51.79 0.45 -9.69
O2 LMG ZC . -52.61 1.57 -9.36
C3 LMG ZC . -51.64 0.33 -11.20
O3 LMG ZC . -50.73 -0.74 -11.51
C4 LMG ZC . -52.99 0.05 -11.86
O4 LMG ZC . -52.77 -0.47 -13.18
C5 LMG ZC . -53.82 -0.94 -11.05
O5 LMG ZC . -53.59 -2.66 -12.71
C6 LMG ZC . -54.54 -1.92 -11.95
O6 LMG ZC . -52.95 -1.65 -10.16
C7 LMG ZC . -51.88 -2.69 -7.72
C8 LMG ZC . -50.71 -3.31 -6.97
C9 LMG ZC . -49.84 -2.20 -6.42
O7 LMG ZC . -51.19 -4.09 -5.87
C10 LMG ZC . -51.22 -5.52 -6.17
O9 LMG ZC . -51.14 -5.89 -7.33
C11 LMG ZC . -51.36 -6.52 -5.05
C12 LMG ZC . -50.19 -6.37 -4.07
C13 LMG ZC . -50.66 -5.80 -2.74
C14 LMG ZC . -51.53 -6.80 -1.98
C15 LMG ZC . -50.69 -7.98 -1.49
C16 LMG ZC . -51.26 -8.52 -0.18
C17 LMG ZC . -51.14 -7.48 0.93
C18 LMG ZC . -51.76 -7.99 2.23
O8 LMG ZC . -50.35 -1.78 -5.16
C28 LMG ZC . -49.89 -0.55 -4.54
O10 LMG ZC . -49.57 0.38 -5.25
C29 LMG ZC . -49.81 -0.43 -3.03
C30 LMG ZC . -51.13 -0.80 -2.38
C31 LMG ZC . -51.25 -2.30 -2.14
C32 LMG ZC . -52.31 -2.61 -1.10
C33 LMG ZC . -51.92 -2.03 0.25
C34 LMG ZC . -51.89 -3.11 1.33
C35 LMG ZC . -53.29 -3.48 1.79
C36 LMG ZC . -53.24 -4.59 2.84
C37 LMG ZC . -52.32 -4.20 3.99
C38 LMG ZC . -52.07 -5.39 4.92
C39 LMG ZC . -51.02 -5.04 5.97
MG CLA AD . -25.07 16.74 18.35
CHA CLA AD . -26.92 13.87 17.62
CHB CLA AD . -25.02 17.52 15.03
CHC CLA AD . -22.73 19.17 18.98
CHD CLA AD . -24.57 15.46 21.64
NA CLA AD . -25.84 15.83 16.63
C1A CLA AD . -26.60 14.65 16.53
C2A CLA AD . -26.97 14.33 15.08
C3A CLA AD . -26.39 15.54 14.31
C4A CLA AD . -25.70 16.36 15.39
CMA CLA AD . -25.41 15.05 13.28
CAA CLA AD . -28.46 14.21 14.80
CBA CLA AD . -29.16 15.55 14.77
CGA CLA AD . -30.44 15.43 14.02
O1A CLA AD . -30.72 15.85 12.89
O2A CLA AD . -31.40 14.76 14.71
NB CLA AD . -24.02 18.02 17.21
C1B CLA AD . -24.33 18.34 15.92
C2B CLA AD . -23.79 19.68 15.57
C3B CLA AD . -23.14 20.16 16.68
C4B CLA AD . -23.26 19.11 17.73
CMB CLA AD . -23.96 20.29 14.25
CAB CLA AD . -22.42 21.39 16.87
CBB CLA AD . -22.74 22.35 17.74
NC CLA AD . -23.89 17.22 20.01
C1C CLA AD . -23.02 18.27 20.05
C2C CLA AD . -22.39 18.36 21.37
C3C CLA AD . -22.88 17.28 22.11
C4C CLA AD . -23.82 16.57 21.25
CMC CLA AD . -21.42 19.38 21.77
CAC CLA AD . -22.53 16.92 23.50
CBC CLA AD . -23.60 17.25 24.51
ND CLA AD . -25.62 15.13 19.44
C1D CLA AD . -25.42 14.77 20.81
C2D CLA AD . -26.26 13.60 21.12
C3D CLA AD . -26.86 13.21 19.94
C4D CLA AD . -26.40 14.17 18.92
CMD CLA AD . -26.39 13.01 22.45
CAD CLA AD . -27.75 12.27 19.31
OBD CLA AD . -28.41 11.34 19.80
CBD CLA AD . -27.75 12.62 17.79
CGD CLA AD . -27.22 11.51 16.94
O1D CLA AD . -26.06 11.11 16.81
O2D CLA AD . -28.18 10.89 16.21
CED CLA AD . -27.85 9.67 15.53
C1 CLA AD . -32.62 15.51 14.93
C2 CLA AD . -33.79 14.58 14.88
C3 CLA AD . -34.26 14.02 13.75
C4 CLA AD . -33.65 14.24 12.43
C5 CLA AD . -35.44 13.11 13.80
C6 CLA AD . -36.64 13.70 13.06
C7 CLA AD . -37.82 12.74 13.05
C8 CLA AD . -39.02 13.31 12.32
C9 CLA AD . -38.68 13.63 10.88
C10 CLA AD . -39.57 14.54 13.03
C11 CLA AD . -41.03 14.78 12.70
C12 CLA AD . -41.64 15.88 13.54
C13 CLA AD . -43.15 15.94 13.37
C14 CLA AD . -43.53 16.69 12.11
C15 CLA AD . -43.83 16.55 14.58
C16 CLA AD . -43.47 18.01 14.75
C17 CLA AD . -43.87 18.53 16.11
C18 CLA AD . -45.36 18.39 16.37
C19 CLA AD . -45.68 18.69 17.83
C20 CLA AD . -46.15 19.30 15.46
MG CLA BD . -52.11 1.62 17.68
CHA CLA BD . -50.66 0.10 20.46
CHB CLA BD . -49.88 -0.05 15.68
CHC CLA BD . -54.04 2.33 14.92
CHD CLA BD . -54.82 2.62 19.76
NA CLA BD . -50.52 0.28 18.03
C1A CLA BD . -50.08 -0.23 19.26
C2A CLA BD . -48.88 -1.16 19.08
C3A CLA BD . -48.52 -0.99 17.58
C4A CLA BD . -49.72 -0.21 17.03
CMA CLA BD . -47.23 -0.25 17.38
CAA CLA BD . -49.21 -2.61 19.43
CBA CLA BD . -50.17 -3.26 18.46
CGA CLA BD . -50.63 -4.56 19.01
O1A CLA BD . -49.96 -5.49 19.48
O2A CLA BD . -51.99 -4.70 18.96
NB CLA BD . -51.99 1.20 15.71
C1B CLA BD . -50.93 0.63 15.07
C2B CLA BD . -51.06 0.81 13.59
C3B CLA BD . -52.23 1.48 13.37
C4B CLA BD . -52.85 1.73 14.71
CMB CLA BD . -50.05 0.27 12.66
CAB CLA BD . -52.89 1.89 12.15
CBB CLA BD . -52.30 2.27 11.01
NC CLA BD . -54.04 2.38 17.41
C1C CLA BD . -54.61 2.63 16.18
C2C CLA BD . -55.94 3.22 16.35
C3C CLA BD . -56.19 3.24 17.72
C4C CLA BD . -54.99 2.72 18.38
CMC CLA BD . -56.81 3.63 15.26
CAC CLA BD . -57.39 3.75 18.40
CBC CLA BD . -58.33 2.64 18.81
ND CLA BD . -52.65 1.48 19.63
C1D CLA BD . -53.73 2.04 20.37
C2D CLA BD . -53.47 1.86 21.82
C3D CLA BD . -52.29 1.14 21.91
C4D CLA BD . -51.85 0.89 20.52
CMD CLA BD . -54.33 2.37 22.89
CAD CLA BD . -51.33 0.52 22.80
OBD CLA BD . -51.28 0.53 24.02
CBD CLA BD . -50.29 -0.22 21.89
CGD CLA BD . -48.86 0.18 22.20
O1D CLA BD . -47.83 -0.37 21.81
O2D CLA BD . -48.74 1.27 23.00
CED CLA BD . -47.59 1.31 23.85
C1 CLA BD . -52.50 -6.05 18.88
C2 CLA BD . -53.59 -6.06 17.88
C3 CLA BD . -53.37 -6.01 16.55
C4 CLA BD . -52.01 -5.95 15.96
C5 CLA BD . -54.52 -6.02 15.59
C6 CLA BD . -54.24 -6.95 14.42
C7 CLA BD . -55.50 -7.63 13.94
C8 CLA BD . -55.19 -8.80 13.00
C9 CLA BD . -54.14 -8.40 11.97
C10 CLA BD . -56.44 -9.30 12.30
C11 CLA BD . -56.62 -10.80 12.49
C12 CLA BD . -57.18 -11.12 13.86
C13 CLA BD . -57.30 -12.62 14.09
C14 CLA BD . -57.89 -13.33 12.89
C15 CLA BD . -58.14 -12.91 15.34
C16 CLA BD . -57.40 -13.84 16.27
C2 PL9 CD . -22.30 27.24 -5.34
C3 PL9 CD . -21.02 27.11 -5.81
C4 PL9 CD . -20.77 27.11 -7.23
C5 PL9 CD . -21.89 27.22 -8.13
C6 PL9 CD . -23.18 27.35 -7.64
C1 PL9 CD . -23.42 27.36 -6.22
C7 PL9 CD . -19.92 26.99 -4.84
C8 PL9 CD . -20.05 25.91 -3.83
C9 PL9 CD . -19.00 25.48 -3.12
C10 PL9 CD . -17.61 25.91 -3.35
C11 PL9 CD . -19.21 24.38 -2.14
C12 PL9 CD . -18.45 24.68 -0.85
C13 PL9 CD . -18.67 23.51 0.04
C14 PL9 CD . -18.10 23.39 1.24
C15 PL9 CD . -17.10 24.36 1.75
C16 PL9 CD . -18.41 22.27 2.17
C17 PL9 CD . -19.08 21.08 1.52
C18 PL9 CD . -19.38 20.03 2.55
C19 PL9 CD . -18.62 18.97 2.85
C20 PL9 CD . -17.34 18.72 2.17
C21 PL9 CD . -18.99 18.13 4.02
C22 PL9 CD . -18.86 16.61 3.73
C23 PL9 CD . -19.54 15.88 4.85
C24 PL9 CD . -20.02 14.64 4.67
C25 PL9 CD . -20.03 13.94 3.38
C26 PL9 CD . -20.60 13.94 5.83
C27 PL9 CD . -19.79 12.67 6.14
C28 PL9 CD . -18.51 13.07 6.75
C29 PL9 CD . -17.34 12.61 6.30
C30 PL9 CD . -17.26 11.58 5.23
C31 PL9 CD . -16.03 13.12 6.75
C32 PL9 CD . -16.16 14.28 7.75
C33 PL9 CD . -14.77 14.60 8.16
C34 PL9 CD . -14.42 14.81 9.42
C35 PL9 CD . -15.25 14.41 10.57
C36 PL9 CD . -13.00 15.14 9.69
C37 PL9 CD . -12.82 16.65 9.77
C38 PL9 CD . -11.50 16.88 10.43
C39 PL9 CD . -10.46 17.43 9.80
C40 PL9 CD . -10.56 17.87 8.40
C41 PL9 CD . -9.14 17.45 10.50
C42 PL9 CD . -8.85 18.87 10.98
C43 PL9 CD . -7.42 18.97 11.39
C44 PL9 CD . -7.02 19.60 12.48
C45 PL9 CD . -7.96 20.23 13.43
C46 PL9 CD . -5.61 20.06 12.65
C47 PL9 CD . -5.01 20.54 11.33
C48 PL9 CD . -3.72 21.20 11.70
C49 PL9 CD . -2.70 21.29 10.87
C50 PL9 CD . -1.39 21.66 11.44
C51 PL9 CD . -2.82 21.28 9.40
C52 PL9 CD . -21.62 27.22 -9.57
C53 PL9 CD . -24.36 27.48 -8.50
O1 PL9 CD . -19.59 26.99 -7.61
O2 PL9 CD . -24.54 27.46 -5.70
O1 LHG DD . -18.55 14.09 -11.00
C1 LHG DD . -18.16 15.30 -11.66
C2 LHG DD . -19.39 16.06 -12.13
O2 LHG DD . -19.92 15.46 -13.31
C3 LHG DD . -18.98 17.50 -12.43
O3 LHG DD . -18.08 17.92 -11.41
P LHG DD . -17.62 19.46 -11.26
O4 LHG DD . -16.79 19.84 -12.47
O5 LHG DD . -18.81 20.29 -10.87
O6 LHG DD . -16.64 19.34 -9.99
C4 LHG DD . -16.16 20.48 -9.30
C5 LHG DD . -15.72 20.05 -7.89
C6 LHG DD . -14.28 19.57 -7.89
O7 LHG DD . -15.87 21.12 -6.97
C7 LHG DD . -16.99 20.87 -6.07
O9 LHG DD . -17.71 19.92 -6.28
C8 LHG DD . -17.23 21.79 -4.90
C9 LHG DD . -16.11 21.63 -3.87
C10 LHG DD . -16.67 21.82 -2.48
O8 LHG DD . -13.96 19.16 -6.57
C23 LHG DD . -12.72 18.46 -6.28
O10 LHG DD . -11.80 18.55 -7.06
C24 LHG DD . -12.61 17.62 -5.03
C11 LHG DD . -15.60 22.29 -1.51
C12 LHG DD . -14.99 21.13 -0.72
C13 LHG DD . -14.01 21.67 0.31
C14 LHG DD . -13.33 20.55 1.08
C15 LHG DD . -12.33 21.15 2.06
C16 LHG DD . -11.55 20.08 2.81
C17 LHG DD . -10.50 20.73 3.70
C18 LHG DD . -9.70 19.72 4.50
C19 LHG DD . -8.63 20.43 5.31
C20 LHG DD . -7.81 19.44 6.12
C21 LHG DD . -6.64 20.15 6.80
C22 LHG DD . -5.75 19.15 7.50
C25 LHG DD . -11.86 18.38 -3.95
C26 LHG DD . -12.61 19.64 -3.54
C27 LHG DD . -11.83 20.37 -2.44
C28 LHG DD . -10.45 20.77 -2.93
C29 LHG DD . -10.38 22.25 -3.26
C30 LHG DD . -10.23 23.08 -1.98
C31 LHG DD . -10.41 24.56 -2.28
C32 LHG DD . -10.02 25.40 -1.06
C33 LHG DD . -8.51 25.53 -0.94
C34 LHG DD . -8.05 26.96 -1.18
C35 LHG DD . -8.80 27.94 -0.28
C36 LHG DD . -8.22 29.33 -0.37
C37 LHG DD . -8.25 29.88 -1.78
C38 LHG DD . -7.69 31.28 -1.84
C1 LMG ED . -47.68 1.82 -9.93
O1 LMG ED . -47.08 1.77 -8.63
C2 LMG ED . -48.60 3.04 -10.02
O2 LMG ED . -49.64 2.93 -9.04
C3 LMG ED . -49.21 3.15 -11.41
O3 LMG ED . -49.94 4.37 -11.52
C4 LMG ED . -48.12 3.11 -12.47
O4 LMG ED . -47.33 4.30 -12.40
C5 LMG ED . -47.22 1.89 -12.26
O5 LMG ED . -45.29 3.06 -13.13
C6 LMG ED . -46.08 1.88 -13.28
O6 LMG ED . -46.68 1.91 -10.94
C7 LMG ED . -46.38 0.56 -8.42
C8 LMG ED . -46.17 0.37 -6.92
C9 LMG ED . -45.94 -1.10 -6.61
O7 LMG ED . -45.02 1.10 -6.48
C10 LMG ED . -45.37 2.15 -5.54
O9 LMG ED . -46.49 2.66 -5.61
C11 LMG ED . -44.38 2.60 -4.50
C12 LMG ED . -45.10 3.03 -3.23
C13 LMG ED . -45.78 1.85 -2.55
C14 LMG ED . -46.54 2.30 -1.30
C15 LMG ED . -47.25 1.13 -0.63
C16 LMG ED . -47.89 1.56 0.68
C17 LMG ED . -48.54 0.37 1.38
C18 LMG ED . -49.08 0.78 2.75
O8 LMG ED . -46.25 -1.32 -5.23
C28 LMG ED . -45.97 -2.60 -4.60
O10 LMG ED . -45.15 -3.35 -5.12
C29 LMG ED . -46.70 -3.00 -3.35
C30 LMG ED . -46.30 -4.43 -2.96
C31 LMG ED . -47.21 -4.96 -1.86
C32 LMG ED . -47.13 -4.10 -0.61
C33 LMG ED . -48.00 -4.67 0.51
C34 LMG ED . -47.85 -3.85 1.78
C35 LMG ED . -48.75 -4.39 2.89
C36 LMG ED . -48.42 -5.84 3.21
C10 WVN FD . -55.26 6.08 22.97
C11 WVN FD . -48.61 28.19 19.76
C12 WVN FD . -54.48 6.17 24.26
C13 WVN FD . -55.05 8.63 23.09
C14 WVN FD . -53.35 7.16 24.06
C01 WVN FD . -47.06 28.91 17.93
C02 WVN FD . -48.07 29.40 18.98
C03 WVN FD . -46.08 30.02 17.55
C04 WVN FD . -45.32 30.48 18.78
C05 WVN FD . -47.50 30.43 19.99
C06 WVN FD . -55.83 7.43 22.53
C07 WVN FD . -46.27 27.69 18.37
C08 WVN FD . -47.84 28.52 16.67
C09 WVN FD . -46.30 30.98 19.83
C15 WVN FD . -53.95 8.54 23.81
C16 WVN FD . -48.49 31.20 20.85
C17 WVN FD . -55.85 7.40 21.01
C18 WVN FD . -57.27 7.51 23.03
C19 WVN FD . -49.91 28.00 19.89
C20 WVN FD . -54.87 9.79 22.11
C21 WVN FD . -53.67 9.59 24.89
C22 WVN FD . -50.39 26.78 20.67
C23 WVN FD . -55.65 10.86 22.17
C24 WVN FD . -50.38 26.79 22.20
C25 WVN FD . -55.46 12.01 21.19
C26 WVN FD . -50.81 25.73 19.99
C27 WVN FD . -55.15 11.71 19.72
C28 WVN FD . -55.57 13.25 21.63
C29 WVN FD . -51.27 24.45 20.66
C30 WVN FD . -55.37 14.46 20.71
C31 WVN FD . -52.31 23.78 20.22
C32 WVN FD . -52.68 22.51 20.95
C33 WVN FD . -54.69 15.47 21.20
C34 WVN FD . -54.40 16.72 20.37
C35 WVN FD . -52.46 22.42 22.46
C36 WVN FD . -53.15 21.49 20.26
C37 WVN FD . -54.25 17.87 21.00
C38 WVN FD . -54.27 16.64 18.85
C39 WVN FD . -53.50 20.18 20.96
C40 WVN FD . -53.93 19.15 20.25
CHA HEM GD . -67.11 23.11 8.45
CHB HEM GD . -69.92 21.62 12.08
CHC HEM GD . -66.16 22.22 15.12
CHD HEM GD . -63.81 24.62 11.65
C1A HEM GD . -68.16 22.60 9.18
C2A HEM GD . -69.36 22.13 8.61
C3A HEM GD . -70.15 21.71 9.62
C4A HEM GD . -69.46 21.92 10.83
CMA HEM GD . -71.53 21.12 9.50
CAA HEM GD . -69.68 22.10 7.14
CBA HEM GD . -70.49 23.33 6.72
CGA HEM GD . -69.58 24.53 6.61
O1A HEM GD . -69.58 25.40 7.50
O2A HEM GD . -68.82 24.66 5.62
C1B HEM GD . -69.09 21.62 13.20
C2B HEM GD . -69.50 21.07 14.44
C3B HEM GD . -68.47 21.21 15.31
C4B HEM GD . -67.39 21.89 14.55
CMB HEM GD . -70.85 20.45 14.72
CAB HEM GD . -68.41 20.80 16.72
CBB HEM GD . -68.27 19.52 17.04
C1C HEM GD . -65.23 23.01 14.47
C2C HEM GD . -64.12 23.62 15.07
C3C HEM GD . -63.44 24.30 14.08
C4C HEM GD . -64.17 24.11 12.87
CMC HEM GD . -63.72 23.53 16.52
CAC HEM GD . -62.21 25.10 14.24
CBC HEM GD . -62.25 26.42 14.30
C1D HEM GD . -64.53 24.32 10.50
C2D HEM GD . -64.03 24.72 9.18
C3D HEM GD . -64.95 24.30 8.28
C4D HEM GD . -66.00 23.65 9.07
CMD HEM GD . -62.74 25.45 8.90
CAD HEM GD . -64.91 24.45 6.78
CBD HEM GD . -64.03 23.39 6.13
CGD HEM GD . -64.64 22.02 6.30
O1D HEM GD . -64.26 21.28 7.25
O2D HEM GD . -65.53 21.63 5.52
NA HEM GD . -68.24 22.48 10.53
NB HEM GD . -67.84 22.09 13.30
NC HEM GD . -65.25 23.32 13.15
ND HEM GD . -65.71 23.69 10.38
FE HEM GD . -66.76 22.99 11.74
C1 LMG HD . -47.38 27.25 30.43
O1 LMG HD . -47.69 27.62 29.08
C2 LMG HD . -46.67 28.40 31.13
O2 LMG HD . -45.51 28.79 30.40
C3 LMG HD . -46.29 27.96 32.54
O3 LMG HD . -45.71 29.06 33.25
C4 LMG HD . -47.52 27.46 33.29
O4 LMG HD . -48.38 28.57 33.59
C5 LMG HD . -48.29 26.43 32.46
O5 LMG HD . -49.31 25.38 34.37
C6 LMG HD . -49.60 26.06 33.14
O6 LMG HD . -48.58 26.93 31.15
C7 LMG HD . -48.19 26.52 28.33
C8 LMG HD . -47.54 26.54 26.95
C9 LMG HD . -48.24 25.56 26.01
O7 LMG HD . -47.59 27.85 26.39
C10 LMG HD . -46.27 28.47 26.33
O9 LMG HD . -45.33 27.89 26.83
C11 LMG HD . -46.09 29.80 25.66
C12 LMG HD . -46.90 29.87 24.38
C13 LMG HD . -46.57 28.75 23.41
C14 LMG HD . -45.11 28.79 22.98
C15 LMG HD . -44.85 27.78 21.87
C16 LMG HD . -43.39 27.37 21.82
C17 LMG HD . -42.50 28.47 21.24
C18 LMG HD . -42.26 28.23 19.75
C19 LMG HD . -41.64 26.86 19.51
C20 LMG HD . -41.63 26.51 18.03
C21 LMG HD . -41.40 25.02 17.82
C22 LMG HD . -41.78 24.60 16.40
C23 LMG HD . -43.20 25.03 16.07
C24 LMG HD . -43.61 24.58 14.67
C25 LMG HD . -43.71 23.06 14.60
O8 LMG HD . -47.57 25.56 24.76
C28 LMG HD . -47.85 24.54 23.76
O10 LMG HD . -48.69 23.69 23.99
C29 LMG HD . -47.11 24.54 22.44
C30 LMG HD . -47.29 23.19 21.77
C31 LMG HD . -46.79 23.19 20.33
C32 LMG HD . -47.60 24.17 19.49
C33 LMG HD . -47.34 23.98 18.00
C34 LMG HD . -48.05 22.75 17.46
C35 LMG HD . -49.56 22.98 17.39
C36 LMG HD . -50.25 21.83 16.66
C37 LMG HD . -51.77 21.99 16.76
C38 LMG HD . -52.47 20.80 16.10
C10 WVN ID . -54.97 -22.13 24.27
C11 WVN ID . -44.91 -15.99 4.31
C12 WVN ID . -53.81 -22.30 25.24
C13 WVN ID . -53.05 -21.66 22.69
C14 WVN ID . -52.88 -21.10 25.10
C01 WVN ID . -43.91 -13.92 3.33
C02 WVN ID . -44.53 -15.29 3.00
C03 WVN ID . -44.08 -12.91 2.19
C04 WVN ID . -44.38 -13.58 0.85
C05 WVN ID . -45.75 -15.15 2.08
C06 WVN ID . -54.49 -22.16 22.82
C07 WVN ID . -44.51 -13.31 4.58
C08 WVN ID . -42.42 -14.11 3.58
C09 WVN ID . -45.58 -14.51 0.96
C15 WVN ID . -52.49 -20.91 23.63
C16 WVN ID . -46.96 -16.07 2.22
C17 WVN ID . -54.56 -23.61 22.33
C18 WVN ID . -55.47 -21.31 22.02
C19 WVN ID . -44.24 -17.06 4.62
C20 WVN ID . -52.82 -20.96 21.34
C21 WVN ID . -51.22 -20.12 23.36
C22 WVN ID . -44.45 -17.86 5.89
C23 WVN ID . -52.25 -21.53 20.30
C24 WVN ID . -43.21 -18.25 6.66
C25 WVN ID . -52.10 -20.71 19.03
C26 WVN ID . -45.66 -18.19 6.31
C27 WVN ID . -52.59 -19.26 19.01
C28 WVN ID . -51.55 -21.24 17.96
C29 WVN ID . -45.83 -18.96 7.61
C30 WVN ID . -51.39 -20.42 16.68
C31 WVN ID . -46.90 -18.71 8.34
C32 WVN ID . -47.17 -19.38 9.67
C33 WVN ID . -50.26 -20.49 16.01
C34 WVN ID . -50.05 -19.70 14.73
C35 WVN ID . -45.99 -19.80 10.56
C36 WVN ID . -48.40 -19.58 10.07
C37 WVN ID . -49.41 -20.27 13.74
C38 WVN ID . -50.57 -18.26 14.61
C39 WVN ID . -48.67 -20.25 11.42
C40 WVN ID . -49.17 -19.55 12.42
C1A DGD JD . -37.71 -5.62 22.32
C2A DGD JD . -38.96 -4.99 21.76
C3A DGD JD . -38.62 -4.25 20.46
C4A DGD JD . -39.73 -4.43 19.43
C5A DGD JD . -39.50 -3.57 18.20
C6A DGD JD . -39.91 -2.12 18.47
C7A DGD JD . -39.82 -1.28 17.21
C8A DGD JD . -40.57 -1.93 16.04
C9A DGD JD . -41.25 -0.88 15.18
CAA DGD JD . -40.26 0.14 14.62
CBA DGD JD . -39.67 -0.30 13.30
CCA DGD JD . -38.79 0.80 12.71
CDA DGD JD . -38.33 0.46 11.30
CEA DGD JD . -37.47 -0.80 11.27
CFA DGD JD . -36.55 -0.80 10.06
CGA DGD JD . -35.54 0.34 10.16
O1A DGD JD . -36.64 -5.50 21.77
C1B DGD JD . -37.44 -9.36 22.39
C2B DGD JD . -37.20 -9.98 21.04
C3B DGD JD . -35.70 -10.10 20.79
C4B DGD JD . -35.39 -10.55 19.37
C5B DGD JD . -34.84 -9.39 18.53
C6B DGD JD . -35.95 -8.50 17.98
C7B DGD JD . -35.58 -7.03 18.07
C8B DGD JD . -34.21 -6.78 17.45
C9B DGD JD . -33.86 -5.29 17.49
CAB DGD JD . -32.54 -5.04 18.22
CBB DGD JD . -32.64 -5.46 19.69
CCB DGD JD . -31.56 -4.79 20.51
CDB DGD JD . -30.18 -5.31 20.15
CEB DGD JD . -29.11 -4.25 20.41
CFB DGD JD . -29.37 -3.01 19.57
CGB DGD JD . -28.22 -2.02 19.66
O1B DGD JD . -38.56 -9.15 22.79
O1G DGD JD . -37.79 -6.42 23.53
C1G DGD JD . -36.61 -6.84 24.21
C2G DGD JD . -36.69 -8.34 24.42
O2G DGD JD . -36.30 -8.99 23.22
C3G DGD JD . -35.73 -8.73 25.54
O3G DGD JD . -36.11 -8.08 26.75
C1D DGD JD . -34.98 -7.84 27.58
C2D DGD JD . -35.42 -7.12 28.85
O2D DGD JD . -36.05 -5.88 28.52
C3D DGD JD . -34.21 -6.87 29.74
O3D DGD JD . -34.63 -6.31 31.00
C4D DGD JD . -33.44 -8.16 29.98
O4D DGD JD . -34.19 -9.01 30.85
C5D DGD JD . -33.15 -8.88 28.67
O5D DGD JD . -33.34 -10.97 29.82
C6D DGD JD . -32.51 -10.23 28.94
O6D DGD JD . -34.37 -9.07 27.94
C1E DGD JD . -32.92 -12.32 29.99
C2E DGD JD . -34.03 -13.14 30.62
O2E DGD JD . -35.24 -13.01 29.84
C3E DGD JD . -34.30 -12.66 32.05
O3E DGD JD . -35.26 -13.51 32.68
C4E DGD JD . -33.01 -12.66 32.85
O4E DGD JD . -32.55 -14.01 33.03
C5E DGD JD . -31.93 -11.86 32.12
O6E DGD JD . -31.74 -12.39 30.80
C6E DGD JD . -30.61 -11.91 32.88
O5E DGD JD . -30.78 -11.37 34.19
O1 LHG KD . -16.35 7.28 -12.02
C1 LHG KD . -17.40 8.22 -11.80
C2 LHG KD . -17.54 9.14 -13.01
O2 LHG KD . -16.44 10.07 -13.03
C3 LHG KD . -18.85 9.90 -12.92
O3 LHG KD . -19.09 10.19 -11.54
P LHG KD . -20.34 11.07 -11.05
O4 LHG KD . -20.10 12.51 -11.41
O5 LHG KD . -21.61 10.37 -11.47
O6 LHG KD . -20.19 10.88 -9.46
C4 LHG KD . -19.43 11.81 -8.68
C5 LHG KD . -18.88 11.03 -7.49
C6 LHG KD . -17.44 11.45 -7.20
O7 LHG KD . -19.68 11.28 -6.34
C7 LHG KD . -20.42 10.09 -5.94
O9 LHG KD . -20.33 9.08 -6.61
C8 LHG KD . -21.28 10.11 -4.70
C9 LHG KD . -20.42 10.21 -3.45
C10 LHG KD . -19.95 11.64 -3.19
O8 LHG KD . -17.11 11.00 -5.89
C23 LHG KD . -16.02 10.08 -5.67
O10 LHG KD . -15.41 9.65 -6.64
C24 LHG KD . -15.64 9.66 -4.28
C11 LHG KD . -18.88 11.66 -2.10
C12 LHG KD . -18.15 13.00 -2.13
C13 LHG KD . -17.04 13.04 -1.08
C14 LHG KD . -17.63 13.08 0.33
C15 LHG KD . -16.52 13.30 1.36
C16 LHG KD . -15.88 14.67 1.17
C17 LHG KD . -14.48 14.71 1.80
C18 LHG KD . -14.54 14.45 3.30
C19 LHG KD . -15.14 15.64 4.04
C20 LHG KD . -14.21 16.84 4.01
C21 LHG KD . -14.79 18.01 4.80
C22 LHG KD . -15.06 17.62 6.23
C25 LHG KD . -15.00 8.28 -4.30
C26 LHG KD . -14.56 7.86 -2.91
C27 LHG KD . -13.98 6.45 -2.91
C28 LHG KD . -15.10 5.42 -2.96
C29 LHG KD . -14.57 4.05 -3.38
C30 LHG KD . -13.64 3.47 -2.32
C31 LHG KD . -12.98 2.20 -2.84
C32 LHG KD . -12.08 1.56 -1.80
C33 LHG KD . -11.23 0.47 -2.43
C34 LHG KD . -10.45 -0.34 -1.40
C35 LHG KD . -11.20 -1.60 -0.99
C36 LHG KD . -11.98 -1.38 0.31
C37 LHG KD . -11.05 -0.93 1.43
C38 LHG KD . -11.82 -0.64 2.70
C1 LMG LD . -11.93 -2.71 -17.44
O1 LMG LD . -11.76 -2.02 -16.21
C2 LMG LD . -13.40 -2.69 -17.82
O2 LMG LD . -14.17 -3.35 -16.80
C3 LMG LD . -13.62 -3.38 -19.16
O3 LMG LD . -14.99 -3.21 -19.57
C4 LMG LD . -12.69 -2.79 -20.21
O4 LMG LD . -13.10 -1.45 -20.50
C5 LMG LD . -11.25 -2.80 -19.72
O5 LMG LD . -8.96 -2.32 -20.29
C6 LMG LD . -10.31 -2.16 -20.73
O6 LMG LD . -11.16 -2.09 -18.47
C7 LMG LD . -10.45 -2.14 -15.67
C8 LMG LD . -10.59 -2.35 -14.16
C9 LMG LD . -10.92 -3.82 -13.90
O7 LMG LD . -9.37 -2.03 -13.49
C10 LMG LD . -9.48 -0.74 -12.81
O9 LMG LD . -10.06 0.17 -13.35
C11 LMG LD . -8.84 -0.56 -11.44
C12 LMG LD . -9.38 -1.64 -10.51
C13 LMG LD . -8.26 -2.35 -9.76
C14 LMG LD . -7.61 -1.42 -8.74
C15 LMG LD . -6.74 -2.22 -7.78
C16 LMG LD . -6.12 -1.31 -6.72
C17 LMG LD . -5.30 -2.10 -5.72
C18 LMG LD . -6.17 -3.07 -4.94
O8 LMG LD . -11.07 -4.03 -12.50
C28 LMG LD . -11.02 -5.40 -12.01
O10 LMG LD . -10.57 -6.27 -12.74
C29 LMG LD . -11.51 -5.74 -10.62
C30 LMG LD . -10.64 -5.10 -9.56
C31 LMG LD . -10.68 -5.88 -8.27
C32 LMG LD . -10.67 -4.94 -7.07
C33 LMG LD . -10.35 -5.68 -5.77
C34 LMG LD . -8.88 -6.07 -5.73
C35 LMG LD . -8.43 -6.38 -4.30
C36 LMG LD . -8.75 -5.23 -3.36
C37 LMG LD . -7.78 -5.20 -2.18
C38 LMG LD . -7.73 -6.54 -1.47
C39 LMG LD . -6.66 -6.56 -0.39
C1 LMG MD . 0.92 48.67 20.82
O1 LMG MD . 0.32 48.81 19.53
C2 LMG MD . 2.38 48.26 20.66
O2 LMG MD . 2.46 47.01 19.97
C3 LMG MD . 3.06 48.15 22.02
O3 LMG MD . 4.47 47.95 21.83
C4 LMG MD . 2.84 49.40 22.85
O4 LMG MD . 3.59 50.49 22.29
C5 LMG MD . 1.35 49.77 22.88
O5 LMG MD . 1.59 50.93 24.99
C6 LMG MD . 1.13 51.07 23.64
O6 LMG MD . 0.86 49.90 21.55
C7 LMG MD . -0.75 49.74 19.53
C8 LMG MD . -1.90 49.28 18.64
C9 LMG MD . -2.97 50.37 18.66
O7 LMG MD . -1.48 49.10 17.28
C10 LMG MD . -2.26 48.04 16.65
O9 LMG MD . -2.89 47.28 17.36
C11 LMG MD . -2.29 47.88 15.15
C12 LMG MD . -3.32 46.81 14.82
C13 LMG MD . -3.29 46.40 13.35
C14 LMG MD . -4.02 47.39 12.46
C15 LMG MD . -4.35 46.77 11.12
C16 LMG MD . -5.11 47.75 10.22
C17 LMG MD . -5.62 47.03 8.97
C18 LMG MD . -6.23 48.02 7.98
C19 LMG MD . -7.42 48.75 8.58
C20 LMG MD . -8.10 49.62 7.53
C21 LMG MD . -7.13 50.65 6.96
C22 LMG MD . -7.84 51.56 5.96
O8 LMG MD . -3.01 51.03 17.40
C28 LMG MD . -3.35 52.44 17.39
O10 LMG MD . -3.06 53.11 18.36
C29 LMG MD . -4.07 53.06 16.21
C30 LMG MD . -4.77 54.34 16.63
C31 LMG MD . -6.00 54.04 17.49
C32 LMG MD . -6.96 53.08 16.80
C33 LMG MD . -8.08 52.67 17.73
C34 LMG MD . -9.01 51.68 17.04
C35 LMG MD . -10.31 51.50 17.82
C36 LMG MD . -11.23 50.53 17.10
C37 LMG MD . -11.43 50.95 15.66
C38 LMG MD . -12.54 50.17 14.99
C39 LMG MD . -12.79 50.68 13.58
C40 LMG MD . -11.51 50.61 12.74
C41 LMG MD . -11.72 51.26 11.38
C42 LMG MD . -10.47 51.11 10.52
C43 LMG MD . -10.65 51.75 9.14
C10 WVN ND . -48.32 41.69 9.10
C11 WVN ND . -50.37 59.64 22.46
C12 WVN ND . -49.42 41.69 8.05
C13 WVN ND . -50.24 42.56 10.53
C14 WVN ND . -50.14 43.03 8.11
C01 WVN ND . -52.03 60.88 23.98
C02 WVN ND . -50.89 59.81 23.91
C03 WVN ND . -51.70 62.15 24.77
C04 WVN ND . -50.80 61.88 25.98
C05 WVN ND . -49.67 60.09 24.81
C06 WVN ND . -48.86 41.87 10.51
C07 WVN ND . -52.50 61.33 22.60
C08 WVN ND . -53.22 60.20 24.64
C09 WVN ND . -49.54 61.23 25.44
C15 WVN ND . -50.76 43.21 9.49
C16 WVN ND . -48.97 58.88 25.43
C17 WVN ND . -47.81 42.63 11.32
C18 WVN ND . -49.02 40.47 11.11
C19 WVN ND . -50.62 58.47 21.90
C20 WVN ND . -50.41 43.44 11.79
C21 WVN ND . -52.25 43.55 9.51
C22 WVN ND . -50.21 58.05 20.50
C23 WVN ND . -51.14 43.02 12.82
C24 WVN ND . -49.09 58.75 19.74
C25 WVN ND . -51.26 43.94 14.03
C26 WVN ND . -50.89 57.04 20.01
C27 WVN ND . -50.99 43.40 15.42
C28 WVN ND . -51.62 45.19 13.83
C29 WVN ND . -50.68 56.38 18.65
C30 WVN ND . -51.76 46.19 14.97
C31 WVN ND . -50.89 55.09 18.69
C32 WVN ND . -50.77 54.13 17.52
C33 WVN ND . -51.68 47.47 14.69
C34 WVN ND . -51.77 48.51 15.79
C35 WVN ND . -49.90 54.48 16.32
C36 WVN ND . -51.42 52.99 17.56
C37 WVN ND . -51.82 49.78 15.48
C38 WVN ND . -51.77 48.04 17.24
C39 WVN ND . -51.33 51.99 16.43
C40 WVN ND . -51.90 50.81 16.60
C1 LMG OD . -50.87 75.52 8.17
O1 LMG OD . -50.32 75.31 9.48
C2 LMG OD . -50.49 76.91 7.69
O2 LMG OD . -51.67 77.61 7.27
C3 LMG OD . -49.48 76.85 6.56
O3 LMG OD . -48.24 76.31 7.04
C4 LMG OD . -50.00 75.98 5.40
O4 LMG OD . -48.89 75.55 4.61
C5 LMG OD . -50.75 74.76 5.92
O5 LMG OD . -51.31 72.45 5.51
C6 LMG OD . -50.48 73.53 5.06
O6 LMG OD . -50.37 74.52 7.28
C7 LMG OD . -50.85 74.17 10.13
C8 LMG OD . -50.55 74.25 11.63
C9 LMG OD . -51.25 73.11 12.37
O7 LMG OD . -49.15 74.14 11.85
C10 LMG OD . -48.53 75.41 12.19
O9 LMG OD . -48.78 76.40 11.52
C11 LMG OD . -47.61 75.53 13.38
C12 LMG OD . -46.60 74.39 13.39
C13 LMG OD . -46.08 74.13 14.80
C14 LMG OD . -45.49 75.40 15.40
C15 LMG OD . -45.06 75.17 16.85
O8 LMG OD . -50.36 72.58 13.34
C28 LMG OD . -50.73 71.45 14.17
O10 LMG OD . -51.87 71.02 14.11
C29 LMG OD . -49.71 70.84 15.11
C30 LMG OD . -50.41 69.95 16.13
C31 LMG OD . -49.40 69.39 17.12
C32 LMG OD . -50.08 68.65 18.27
C33 LMG OD . -50.91 67.47 17.75
O1 LHG PD . -54.79 80.56 8.22
C1 LHG PD . -53.49 81.00 8.62
C2 LHG PD . -53.28 80.70 10.10
O2 LHG PD . -54.22 81.43 10.88
C3 LHG PD . -51.86 81.08 10.50
O3 LHG PD . -51.68 80.81 11.89
P LHG PD . -50.29 81.16 12.63
O4 LHG PD . -49.26 80.14 12.23
O5 LHG PD . -50.02 82.63 12.44
O6 LHG PD . -50.69 80.92 14.18
C4 LHG PD . -49.70 80.94 15.21
C5 LHG PD . -50.41 80.57 16.53
C6 LHG PD . -51.48 79.52 16.28
O7 LHG PD . -49.52 80.13 17.58
C7 LHG PD . -48.29 79.42 17.27
O9 LHG PD . -48.25 78.53 16.42
C8 LHG PD . -47.04 79.73 18.06
C9 LHG PD . -47.20 79.15 19.46
C10 LHG PD . -45.90 79.28 20.25
O8 LHG PD . -50.89 78.42 15.58
C23 LHG PD . -51.62 77.18 15.36
O10 LHG PD . -52.84 77.20 15.38
C24 LHG PD . -50.86 75.91 15.13
C25 LHG PD . -50.00 75.65 16.36
C26 LHG PD . -49.38 74.25 16.32
MG CLA QD . 11.01 -90.26 -13.44
CHA CLA QD . 12.75 -92.84 -11.90
CHB CLA QD . 13.96 -88.54 -13.80
CHC CLA QD . 9.51 -88.16 -15.73
CHD CLA QD . 8.17 -92.41 -13.63
NA CLA QD . 13.00 -90.62 -12.90
C1A CLA QD . 13.51 -91.76 -12.26
C2A CLA QD . 15.02 -91.62 -12.01
C3A CLA QD . 15.30 -90.14 -12.38
C4A CLA QD . 14.01 -89.72 -13.08
CMA CLA QD . 15.57 -89.31 -11.15
CAA CLA QD . 15.81 -92.58 -12.89
CBA CLA QD . 15.43 -92.51 -14.34
CGA CLA QD . 14.89 -93.82 -14.83
O1A CLA QD . 15.46 -94.91 -14.92
O2A CLA QD . 13.57 -93.75 -15.21
NB CLA QD . 11.62 -88.68 -14.55
C1B CLA QD . 12.83 -88.07 -14.48
C2B CLA QD . 12.81 -86.78 -15.23
C3B CLA QD . 11.56 -86.66 -15.78
C4B CLA QD . 10.79 -87.87 -15.36
CMB CLA QD . 13.97 -85.91 -15.34
CAB CLA QD . 11.02 -85.63 -16.62
CBB CLA QD . 10.01 -84.83 -16.30
NC CLA QD . 9.17 -90.27 -14.45
C1C CLA QD . 8.74 -89.28 -15.30
C2C CLA QD . 7.40 -89.56 -15.77
C3C CLA QD . 7.05 -90.79 -15.23
C4C CLA QD . 8.16 -91.22 -14.39
CMC CLA QD . 6.63 -88.71 -16.68
CAC CLA QD . 5.77 -91.52 -15.40
CBC CLA QD . 5.90 -92.67 -16.37
ND CLA QD . 10.50 -92.14 -12.89
C1D CLA QD . 9.27 -92.86 -12.93
C2D CLA QD . 9.42 -94.11 -12.14
C3D CLA QD . 10.73 -94.14 -11.72
C4D CLA QD . 11.36 -92.92 -12.23
CMD CLA QD . 8.34 -95.08 -11.92
CAD CLA QD . 11.74 -94.88 -10.97
OBD CLA QD . 11.64 -95.92 -10.33
CBD CLA QD . 13.07 -94.08 -11.11
CGD CLA QD . 13.66 -93.75 -9.76
O1D CLA QD . 13.24 -92.92 -8.95
O2D CLA QD . 14.78 -94.45 -9.44
CED CLA QD . 15.30 -94.29 -8.12
C1 CLA QD . 13.24 -92.72 -16.16
C2 CLA QD . 11.82 -92.89 -16.51
C3 CLA QD . 11.22 -92.15 -17.46
C4 CLA QD . 11.94 -91.10 -18.21
C5 CLA QD . 9.77 -92.34 -17.80
C6 CLA QD . 9.24 -93.69 -17.35
C7 CLA QD . 9.50 -94.76 -18.38
C8 CLA QD . 8.60 -94.59 -19.61
C9 CLA QD . 7.16 -94.82 -19.25
C10 CLA QD . 9.04 -95.56 -20.71
C11 CLA QD . 10.20 -95.02 -21.51
C12 CLA QD . 9.77 -94.62 -22.91
C13 CLA QD . 10.22 -93.21 -23.28
C14 CLA QD . 10.00 -92.23 -22.14
C15 CLA QD . 9.51 -92.72 -24.53
C16 CLA QD . 9.90 -91.29 -24.86
C17 CLA QD . 8.86 -90.62 -25.74
C18 CLA QD . 9.29 -89.21 -26.13
C19 CLA QD . 8.20 -88.53 -26.93
C20 CLA QD . 9.61 -88.39 -24.90
MG CLA RD . -35.53 -35.44 -7.44
CHA CLA RD . -38.81 -36.18 -8.34
CHB CLA RD . -35.29 -33.35 -10.14
CHC CLA RD . -32.15 -35.16 -6.91
CHD CLA RD . -35.69 -37.95 -4.96
NA CLA RD . -36.84 -34.88 -8.98
C1A CLA RD . -38.18 -35.27 -9.16
C2A CLA RD . -38.77 -34.56 -10.37
C3A CLA RD . -37.64 -33.65 -10.90
C4A CLA RD . -36.50 -33.97 -9.93
CMA CLA RD . -37.25 -33.96 -12.33
CAA CLA RD . -39.88 -33.63 -9.92
CBA CLA RD . -40.69 -33.04 -11.04
CGA CLA RD . -41.75 -34.00 -11.46
O1A CLA RD . -42.68 -34.44 -10.80
O2A CLA RD . -41.59 -34.39 -12.76
NB CLA RD . -34.03 -34.46 -8.35
C1B CLA RD . -34.14 -33.58 -9.37
C2B CLA RD . -32.86 -32.87 -9.61
C3B CLA RD . -31.97 -33.38 -8.70
C4B CLA RD . -32.69 -34.40 -7.90
CMB CLA RD . -32.69 -31.87 -10.66
CAB CLA RD . -30.58 -33.06 -8.50
CBB CLA RD . -30.13 -32.03 -7.78
NC CLA RD . -34.18 -36.39 -6.18
C1C CLA RD . -32.85 -36.10 -6.11
C2C CLA RD . -32.20 -36.89 -5.08
C3C CLA RD . -33.19 -37.72 -4.53
C4C CLA RD . -34.43 -37.37 -5.22
CMC CLA RD . -30.76 -36.78 -4.78
CAC CLA RD . -33.07 -38.68 -3.42
CBC CLA RD . -32.18 -39.88 -3.65
ND CLA RD . -36.86 -36.82 -6.80
C1D CLA RD . -36.83 -37.69 -5.68
C2D CLA RD . -38.16 -38.29 -5.51
C3D CLA RD . -38.95 -37.79 -6.52
C4D CLA RD . -38.10 -36.86 -7.30
CMD CLA RD . -38.51 -39.26 -4.47
CAD CLA RD . -40.24 -37.83 -7.16
OBD CLA RD . -41.18 -38.59 -6.94
CBD CLA RD . -40.24 -36.72 -8.28
CGD CLA RD . -40.83 -37.25 -9.57
O1D CLA RD . -42.03 -37.43 -9.79
O2D CLA RD . -39.94 -37.55 -10.56
CED CLA RD . -40.43 -37.69 -11.91
C1 LMG SD . -29.91 -92.54 -23.55
O1 LMG SD . -30.42 -91.38 -22.91
C2 LMG SD . -30.18 -93.74 -22.66
O2 LMG SD . -29.47 -93.60 -21.42
C3 LMG SD . -29.76 -95.04 -23.34
O3 LMG SD . -30.21 -96.15 -22.56
C4 LMG SD . -30.37 -95.13 -24.73
O4 LMG SD . -31.79 -95.25 -24.62
C5 LMG SD . -30.03 -93.87 -25.53
O5 LMG SD . -29.88 -93.11 -27.81
C6 LMG SD . -30.64 -93.94 -26.93
O6 LMG SD . -30.51 -92.71 -24.84
C7 LMG SD . -29.84 -90.17 -23.42
C8 LMG SD . -29.71 -89.18 -22.26
C9 LMG SD . -31.03 -88.47 -22.01
O7 LMG SD . -29.37 -89.92 -21.09
C10 LMG SD . -28.00 -89.65 -20.66
O9 LMG SD . -27.44 -88.64 -21.03
C11 LMG SD . -27.30 -90.65 -19.76
C12 LMG SD . -26.02 -90.00 -19.22
C13 LMG SD . -24.94 -91.05 -19.00
C14 LMG SD . -24.48 -91.63 -20.33
C15 LMG SD . -22.99 -91.97 -20.29
C16 LMG SD . -22.18 -90.75 -19.88
C17 LMG SD . -20.68 -91.02 -20.01
C18 LMG SD . -19.87 -89.86 -19.45
O8 LMG SD . -30.94 -87.86 -20.72
C28 LMG SD . -31.97 -86.97 -20.23
O10 LMG SD . -32.86 -86.61 -20.99
C29 LMG SD . -31.94 -86.49 -18.80
C30 LMG SD . -30.74 -85.57 -18.59
C31 LMG SD . -29.83 -86.09 -17.48
C32 LMG SD . -28.79 -87.06 -18.02
C33 LMG SD . -28.03 -87.73 -16.88
C34 LMG SD . -27.32 -86.71 -15.99
C35 LMG SD . -25.83 -86.57 -16.36
C36 LMG SD . -25.14 -87.93 -16.28
C37 LMG SD . -23.66 -87.79 -15.91
C38 LMG SD . -22.91 -86.93 -16.92
C39 LMG SD . -21.41 -87.00 -16.69
FE FE2 TD . 19.30 -19.08 -29.93
MG CLA UD . 29.25 -26.63 -5.38
CHA CLA UD . 26.69 -28.89 -5.91
CHB CLA UD . 28.40 -25.10 -8.35
CHC CLA UD . 31.15 -23.88 -4.51
CHD CLA UD . 29.52 -27.80 -2.04
NA CLA UD . 27.82 -26.98 -6.87
C1A CLA UD . 26.84 -27.99 -6.90
C2A CLA UD . 26.00 -27.91 -8.17
C3A CLA UD . 26.77 -26.89 -9.04
C4A CLA UD . 27.73 -26.25 -8.03
CMA CLA UD . 27.51 -27.55 -10.17
CAA CLA UD . 24.62 -27.40 -7.85
CBA CLA UD . 23.79 -27.26 -9.12
CGA CLA UD . 22.37 -27.61 -8.82
O1A CLA UD . 21.47 -26.87 -8.41
O2A CLA UD . 22.09 -28.94 -9.03
NB CLA UD . 29.68 -24.87 -6.26
C1B CLA UD . 29.30 -24.45 -7.49
C2B CLA UD . 29.98 -23.18 -7.85
C3B CLA UD . 30.75 -22.84 -6.78
C4B CLA UD . 30.58 -23.89 -5.75
CMB CLA UD . 29.76 -22.47 -9.12
CAB CLA UD . 31.58 -21.68 -6.57
CBB CLA UD . 31.16 -20.45 -6.29
NC CLA UD . 30.19 -25.99 -3.62
C1C CLA UD . 30.97 -24.87 -3.50
C2C CLA UD . 31.54 -24.78 -2.17
C3C CLA UD . 31.02 -25.85 -1.45
C4C CLA UD . 30.19 -26.62 -2.38
CMC CLA UD . 32.42 -23.70 -1.71
CAC CLA UD . 31.30 -26.19 -0.04
CBC CLA UD . 30.27 -25.64 0.91
ND CLA UD . 28.37 -28.02 -4.20
C1D CLA UD . 28.65 -28.46 -2.88
C2D CLA UD . 27.86 -29.69 -2.62
C3D CLA UD . 27.11 -29.92 -3.75
C4D CLA UD . 27.45 -28.83 -4.69
CMD CLA UD . 27.90 -30.47 -1.39
CAD CLA UD . 26.13 -30.76 -4.41
OBD CLA UD . 25.59 -31.80 -4.01
CBD CLA UD . 25.80 -30.12 -5.78
CGD CLA UD . 26.06 -31.08 -6.91
O1D CLA UD . 27.17 -31.49 -7.29
O2D CLA UD . 24.95 -31.53 -7.54
CED CLA UD . 24.47 -32.83 -7.17
C1 CLA UD . 21.40 -29.30 -10.25
C2 CLA UD . 19.97 -28.94 -10.13
C3 CLA UD . 19.11 -29.40 -9.19
C4 CLA UD . 19.46 -30.34 -8.11
C5 CLA UD . 17.69 -28.95 -9.22
C6 CLA UD . 16.74 -30.11 -9.37
C7 CLA UD . 15.41 -29.64 -9.92
C8 CLA UD . 14.33 -30.69 -9.78
C9 CLA UD . 14.52 -31.79 -10.80
C10 CLA UD . 12.94 -30.07 -9.94
C11 CLA UD . 12.74 -28.93 -8.95
C12 CLA UD . 11.42 -28.23 -9.17
C13 CLA UD . 10.94 -27.54 -7.89
C14 CLA UD . 10.87 -28.53 -6.74
C15 CLA UD . 9.59 -26.88 -8.09
C16 CLA UD . 9.66 -25.78 -9.13
C17 CLA UD . 8.35 -25.02 -9.21
C18 CLA UD . 8.28 -24.11 -10.43
C19 CLA UD . 7.01 -23.30 -10.43
C20 CLA UD . 9.48 -23.19 -10.48
MG CLA VD . 37.82 -19.88 -10.41
CHA CLA VD . 37.18 -23.24 -11.10
CHB CLA VD . 39.52 -19.66 -13.38
CHC CLA VD . 37.65 -16.45 -10.26
CHD CLA VD . 35.41 -20.08 -7.80
NA CLA VD . 38.31 -21.24 -11.93
C1A CLA VD . 37.92 -22.59 -12.04
C2A CLA VD . 38.51 -23.23 -13.31
C3A CLA VD . 39.45 -22.14 -13.86
C4A CLA VD . 39.07 -20.92 -13.01
CMA CLA VD . 40.90 -22.49 -13.70
CAA CLA VD . 37.46 -23.67 -14.31
CBA CLA VD . 37.06 -22.57 -15.28
CGA CLA VD . 35.67 -22.12 -14.94
O1A CLA VD . 35.32 -21.34 -14.05
O2A CLA VD . 34.72 -22.68 -15.74
NB CLA VD . 38.36 -18.37 -11.63
C1B CLA VD . 39.22 -18.48 -12.69
C2B CLA VD . 39.86 -17.17 -13.01
C3B CLA VD . 39.33 -16.25 -12.12
C4B CLA VD . 38.39 -17.00 -11.25
CMB CLA VD . 40.82 -17.00 -14.10
CAB CLA VD . 39.56 -14.84 -11.98
CBB CLA VD . 40.73 -14.20 -12.07
NC CLA VD . 36.78 -18.53 -9.20
C1C CLA VD . 36.89 -17.17 -9.29
C2C CLA VD . 36.07 -16.52 -8.27
C3C CLA VD . 35.38 -17.53 -7.61
C4C CLA VD . 35.85 -18.80 -8.19
CMC CLA VD . 35.98 -15.07 -8.10
CAC CLA VD . 34.43 -17.39 -6.50
CBC CLA VD . 35.10 -17.04 -5.19
ND CLA VD . 36.73 -21.31 -9.47
C1D CLA VD . 35.83 -21.26 -8.37
C2D CLA VD . 35.43 -22.64 -8.03
C3D CLA VD . 35.94 -23.45 -9.03
C4D CLA VD . 36.67 -22.55 -9.94
CMD CLA VD . 34.64 -23.03 -6.88
CAD CLA VD . 36.10 -24.81 -9.52
OBD CLA VD . 35.81 -25.87 -8.99
CBD CLA VD . 36.72 -24.68 -10.95
CGD CLA VD . 37.78 -25.71 -11.23
O1D CLA VD . 37.78 -26.56 -12.12
O2D CLA VD . 38.84 -25.67 -10.38
CED CLA VD . 39.91 -26.58 -10.64
C1 CLA VD . 34.75 -22.30 -17.13
C2 CLA VD . 34.50 -20.83 -17.17
C3 CLA VD . 34.61 -20.11 -18.31
C4 CLA VD . 34.98 -20.74 -19.60
CHA PHO WD . 13.39 -28.05 -15.80
CHB PHO WD . 14.14 -26.22 -11.39
CHC PHO WD . 18.99 -26.13 -12.14
CHD PHO WD . 18.34 -27.93 -16.64
NA PHO WD . 14.03 -26.99 -13.73
C1A PHO WD . 13.06 -27.60 -14.57
C2A PHO WD . 11.70 -27.64 -13.87
C3A PHO WD . 11.94 -26.72 -12.65
C4A PHO WD . 13.47 -26.63 -12.59
CMA PHO WD . 11.30 -25.37 -12.83
CAA PHO WD . 11.26 -29.03 -13.43
CBA PHO WD . 9.81 -29.00 -12.99
CGA PHO WD . 9.43 -30.20 -12.19
O1A PHO WD . 10.15 -31.11 -11.77
O2A PHO WD . 8.10 -30.26 -11.93
NB PHO WD . 16.51 -26.31 -12.13
C1B PHO WD . 15.48 -26.09 -11.21
C2B PHO WD . 16.14 -25.68 -9.93
C3B PHO WD . 17.50 -25.65 -10.13
C4B PHO WD . 17.76 -26.04 -11.55
CMB PHO WD . 15.35 -25.36 -8.74
CAB PHO WD . 18.58 -25.30 -9.24
CBB PHO WD . 18.68 -25.66 -7.96
NC PHO WD . 18.33 -27.06 -14.32
C1C PHO WD . 19.25 -26.62 -13.48
C2C PHO WD . 20.60 -26.68 -14.11
C3C PHO WD . 20.43 -27.18 -15.38
C4C PHO WD . 18.97 -27.43 -15.54
CMC PHO WD . 21.84 -26.26 -13.45
CAC PHO WD . 21.44 -27.42 -16.42
CBC PHO WD . 21.68 -28.90 -16.69
ND PHO WD . 15.96 -27.63 -15.89
C1D PHO WD . 16.92 -28.04 -16.84
C2D PHO WD . 16.22 -28.57 -17.98
C3D PHO WD . 14.85 -28.55 -17.65
C4D PHO WD . 14.74 -28.03 -16.31
CMD PHO WD . 16.83 -29.03 -19.22
CAD PHO WD . 13.52 -28.89 -18.12
OBD PHO WD . 13.15 -29.27 -19.23
CBD PHO WD . 12.55 -28.65 -16.91
CGD PHO WD . 11.44 -27.75 -17.36
O1D PHO WD . 10.24 -28.01 -17.52
O2D PHO WD . 11.88 -26.49 -17.61
CED PHO WD . 10.91 -25.44 -17.58
C1 PHO WD . 7.45 -29.06 -11.44
C2 PHO WD . 7.13 -29.30 -10.01
C3 PHO WD . 6.20 -28.60 -9.36
C4 PHO WD . 5.40 -27.53 -10.00
C5 PHO WD . 5.90 -28.86 -7.92
C6 PHO WD . 7.02 -29.64 -7.24
C7 PHO WD . 7.27 -29.16 -5.82
C8 PHO WD . 7.78 -30.26 -4.91
C9 PHO WD . 7.06 -31.57 -5.16
C10 PHO WD . 7.61 -29.85 -3.46
C11 PHO WD . 8.92 -29.38 -2.85
C12 PHO WD . 9.96 -30.48 -2.91
C13 PHO WD . 11.37 -29.94 -3.04
C14 PHO WD . 12.38 -31.07 -3.01
C15 PHO WD . 11.65 -28.91 -1.95
C16 PHO WD . 13.11 -28.55 -1.83
C17 PHO WD . 13.30 -27.06 -1.62
C18 PHO WD . 14.60 -26.74 -0.90
C19 PHO WD . 15.79 -27.36 -1.60
C20 PHO WD . 14.78 -25.24 -0.80
MG CLA XD . 1.65 -41.96 -2.57
CHA CLA XD . 3.15 -43.49 0.16
CHB CLA XD . 3.57 -43.92 -4.65
CHC CLA XD . -0.44 -41.22 -5.21
CHD CLA XD . -0.80 -40.63 -0.36
NA CLA XD . 3.13 -43.41 -2.27
C1A CLA XD . 3.62 -43.91 -1.05
C2A CLA XD . 4.71 -44.95 -1.27
C3A CLA XD . 5.02 -44.81 -2.79
C4A CLA XD . 3.83 -44.01 -3.30
CMA CLA XD . 6.33 -44.13 -3.04
CAA CLA XD . 4.26 -46.34 -0.86
CBA CLA XD . 3.51 -47.09 -1.95
CGA CLA XD . 3.07 -48.41 -1.41
O1A CLA XD . 3.63 -49.12 -0.56
O2A CLA XD . 1.87 -48.84 -1.93
NB CLA XD . 1.60 -42.45 -4.53
C1B CLA XD . 2.50 -43.22 -5.20
C2B CLA XD . 2.20 -43.23 -6.67
C3B CLA XD . 1.06 -42.46 -6.83
C4B CLA XD . 0.67 -41.96 -5.48
CMB CLA XD . 2.98 -43.97 -7.63
CAB CLA XD . 0.29 -42.15 -8.00
CBB CLA XD . 0.78 -41.74 -9.17
NC CLA XD . -0.22 -41.03 -2.75
C1C CLA XD . -0.86 -40.77 -3.93
C2C CLA XD . -2.09 -40.03 -3.70
C3C CLA XD . -2.25 -39.96 -2.32
C4C CLA XD . -1.06 -40.57 -1.73
CMC CLA XD . -3.00 -39.57 -4.75
CAC CLA XD . -3.34 -39.31 -1.59
CBC CLA XD . -4.37 -40.31 -1.10
ND CLA XD . 1.24 -41.98 -0.58
C1D CLA XD . 0.27 -41.29 0.20
C2D CLA XD . 0.62 -41.43 1.64
C3D CLA XD . 1.73 -42.25 1.68
C4D CLA XD . 2.05 -42.59 0.27
CMD CLA XD . -0.12 -40.81 2.73
CAD CLA XD . 2.71 -42.91 2.52
OBD CLA XD . 2.87 -42.84 3.74
CBD CLA XD . 3.61 -43.77 1.59
CGD CLA XD . 5.07 -43.44 1.75
O1D CLA XD . 5.95 -44.11 2.30
O2D CLA XD . 5.42 -42.24 1.22
CED CLA XD . 6.42 -42.25 0.20
C1 CLA XD . 1.93 -49.52 -3.19
C2 CLA XD . 2.59 -50.83 -2.96
C3 CLA XD . 2.85 -51.71 -3.94
C4 CLA XD . 3.51 -53.01 -3.66
C5 CLA XD . 2.49 -51.42 -5.36
C6 CLA XD . 3.70 -51.15 -6.23
C7 CLA XD . 3.91 -52.25 -7.24
C8 CLA XD . 4.97 -51.89 -8.29
C9 CLA XD . 4.88 -52.83 -9.47
C10 CLA XD . 6.36 -51.91 -7.68
C11 CLA XD . 7.44 -51.67 -8.73
C12 CLA XD . 8.80 -51.49 -8.11
C13 CLA XD . 8.88 -50.22 -7.29
C14 CLA XD . 9.28 -49.04 -8.16
C15 CLA XD . 9.84 -50.36 -6.12
C10 WVN YD . 0.43 -32.23 11.28
C11 WVN YD . -5.58 -36.91 -11.53
C12 WVN YD . 1.11 -30.95 10.84
C13 WVN YD . 0.86 -32.81 8.88
C14 WVN YD . 2.37 -31.29 10.03
C01 WVN YD . -4.85 -37.45 -13.88
C02 WVN YD . -5.51 -37.99 -12.62
C03 WVN YD . -5.18 -38.31 -15.11
C04 WVN YD . -5.76 -39.67 -14.72
C05 WVN YD . -6.92 -38.51 -12.95
C06 WVN YD . -0.11 -32.97 10.05
C07 WVN YD . -3.33 -37.50 -13.69
C08 WVN YD . -5.26 -36.01 -14.16
C09 WVN YD . -6.98 -39.47 -13.84
C15 WVN YD . 2.12 -32.44 9.07
C16 WVN YD . -8.09 -38.29 -12.00
C17 WVN YD . -0.26 -34.45 10.40
C18 WVN YD . -1.48 -32.38 9.73
C19 WVN YD . -4.91 -37.11 -10.41
C20 WVN YD . 0.77 -33.91 7.82
C21 WVN YD . 3.22 -32.73 8.04
C22 WVN YD . -4.93 -36.10 -9.29
C23 WVN YD . 0.00 -33.69 6.78
C24 WVN YD . -5.43 -34.68 -9.51
C25 WVN YD . -0.14 -34.69 5.66
C26 WVN YD . -4.50 -36.51 -8.11
C27 WVN YD . 0.65 -35.99 5.65
C28 WVN YD . -0.98 -34.38 4.69
C29 WVN YD . -4.46 -35.60 -6.89
C30 WVN YD . -1.16 -35.30 3.50
C31 WVN YD . -3.70 -36.00 -5.90
C32 WVN YD . -3.57 -35.19 -4.61
C33 WVN YD . -1.71 -34.79 2.43
C34 WVN YD . -1.88 -35.65 1.19
C35 WVN YD . -3.94 -33.71 -4.55
C36 WVN YD . -3.12 -35.82 -3.55
C37 WVN YD . -2.45 -35.11 0.15
C38 WVN YD . -1.38 -37.10 1.18
C39 WVN YD . -2.93 -35.11 -2.22
C40 WVN YD . -2.66 -35.83 -1.16
O6 SQD ZD . 29.65 -30.03 -35.50
C44 SQD ZD . 29.10 -31.29 -35.12
C45 SQD ZD . 28.77 -31.30 -33.64
C46 SQD ZD . 28.53 -32.73 -33.18
O47 SQD ZD . 29.85 -30.75 -32.89
C7 SQD ZD . 29.50 -29.48 -32.27
O49 SQD ZD . 28.38 -29.02 -32.43
C8 SQD ZD . 30.51 -28.74 -31.42
C9 SQD ZD . 30.80 -29.56 -30.15
C10 SQD ZD . 31.87 -30.60 -30.42
C11 SQD ZD . 31.62 -31.88 -29.62
C12 SQD ZD . 31.79 -31.64 -28.13
C13 SQD ZD . 33.23 -31.28 -27.79
C14 SQD ZD . 33.42 -31.18 -26.29
C15 SQD ZD . 32.53 -30.08 -25.69
C16 SQD ZD . 32.58 -30.11 -24.18
C17 SQD ZD . 32.05 -31.44 -23.64
C18 SQD ZD . 32.27 -31.53 -22.13
C19 SQD ZD . 31.57 -30.40 -21.41
C20 SQD ZD . 32.02 -30.31 -19.96
C21 SQD ZD . 31.35 -29.16 -19.24
C22 SQD ZD . 32.00 -28.92 -17.89
O48 SQD ZD . 29.79 -33.30 -32.82
C23 SQD ZD . 29.82 -34.57 -32.13
O10 SQD ZD . 28.79 -35.22 -32.04
C24 SQD ZD . 31.10 -35.08 -31.51
C25 SQD ZD . 32.20 -35.11 -32.57
C26 SQD ZD . 33.54 -35.46 -31.93
C27 SQD ZD . 33.44 -36.78 -31.17
C28 SQD ZD . 34.53 -36.89 -30.12
C29 SQD ZD . 34.34 -38.16 -29.30
C30 SQD ZD . 35.34 -38.24 -28.15
C31 SQD ZD . 35.06 -37.19 -27.09
C32 SQD ZD . 35.96 -37.42 -25.88
C33 SQD ZD . 35.53 -36.55 -24.70
C34 SQD ZD . 36.17 -37.06 -23.41
C35 SQD ZD . 37.69 -36.98 -23.49
C36 SQD ZD . 38.34 -38.05 -22.61
C37 SQD ZD . 37.88 -37.92 -21.16
C38 SQD ZD . 38.51 -39.01 -20.31
C1 SQD ZD . 29.32 -29.73 -36.86
C2 SQD ZD . 30.07 -28.51 -37.35
O2 SQD ZD . 29.90 -27.40 -36.46
C3 SQD ZD . 29.54 -28.15 -38.73
O3 SQD ZD . 30.27 -27.04 -39.27
C4 SQD ZD . 29.69 -29.35 -39.67
O4 SQD ZD . 28.95 -29.09 -40.87
C5 SQD ZD . 29.17 -30.64 -39.05
C6 SQD ZD . 29.58 -31.84 -39.89
O5 SQD ZD . 29.65 -30.82 -37.71
S SQD ZD . 29.00 -33.25 -39.23
O7 SQD ZD . 27.70 -33.00 -38.65
O8 SQD ZD . 28.86 -34.38 -40.40
O9 SQD ZD . 29.89 -33.71 -38.22
C2 PL9 AE . 28.96 -17.62 -31.22
C3 PL9 AE . 27.87 -17.49 -30.39
C4 PL9 AE . 26.57 -17.19 -30.94
C5 PL9 AE . 26.45 -17.03 -32.38
C6 PL9 AE . 27.55 -17.18 -33.20
C1 PL9 AE . 28.84 -17.48 -32.64
C7 PL9 AE . 28.07 -17.64 -28.95
C8 PL9 AE . 29.29 -18.39 -28.54
C9 PL9 AE . 29.27 -19.35 -27.61
C10 PL9 AE . 28.20 -19.42 -26.61
C11 PL9 AE . 30.06 -20.58 -27.83
C12 PL9 AE . 31.45 -20.21 -28.40
C13 PL9 AE . 32.25 -19.75 -27.25
C14 PL9 AE . 33.59 -19.74 -27.25
C15 PL9 AE . 34.37 -20.29 -28.38
C16 PL9 AE . 34.40 -19.40 -26.06
C17 PL9 AE . 35.48 -20.42 -25.70
C18 PL9 AE . 36.20 -20.01 -24.45
C19 PL9 AE . 37.43 -19.47 -24.38
C20 PL9 AE . 38.29 -19.72 -23.22
C21 PL9 AE . 37.99 -18.77 -25.57
C22 PL9 AE . 38.33 -17.29 -25.30
C23 PL9 AE . 39.81 -17.16 -25.18
C24 PL9 AE . 40.38 -16.08 -24.65
C25 PL9 AE . 39.71 -14.77 -24.54
C26 PL9 AE . 41.59 -16.27 -23.81
C27 PL9 AE . 42.55 -15.08 -23.97
C28 PL9 AE . 43.88 -15.44 -23.44
C29 PL9 AE . 44.12 -16.62 -22.86
C52 PL9 AE . 25.12 -16.73 -32.92
C53 PL9 AE . 27.49 -17.04 -34.65
O1 PL9 AE . 25.62 -17.07 -30.16
O2 PL9 AE . 29.89 -17.63 -33.31
O6 SQD BE . -4.02 -41.68 12.18
C44 SQD BE . -4.47 -42.45 11.08
C45 SQD BE . -4.97 -41.52 9.97
C46 SQD BE . -3.95 -40.44 9.67
O47 SQD BE . -5.20 -42.25 8.77
C7 SQD BE . -6.62 -42.39 8.48
O49 SQD BE . -7.38 -42.78 9.34
C8 SQD BE . -7.13 -42.00 7.11
C9 SQD BE . -8.28 -42.90 6.69
C10 SQD BE . -9.07 -42.28 5.54
C11 SQD BE . -8.15 -41.81 4.41
C12 SQD BE . -8.92 -40.97 3.40
C13 SQD BE . -7.96 -40.39 2.35
O48 SQD BE . -4.50 -39.63 8.63
C23 SQD BE . -3.67 -39.03 7.61
O10 SQD BE . -2.45 -39.01 7.76
C24 SQD BE . -4.30 -38.45 6.37
C25 SQD BE . -3.22 -38.14 5.34
C26 SQD BE . -3.83 -37.59 4.06
C27 SQD BE . -4.63 -38.65 3.31
C28 SQD BE . -4.96 -38.17 1.90
C29 SQD BE . -5.80 -36.89 1.94
C30 SQD BE . -5.91 -36.24 0.57
C31 SQD BE . -6.47 -37.21 -0.47
C32 SQD BE . -6.54 -36.55 -1.85
C33 SQD BE . -7.11 -37.51 -2.89
C1 SQD BE . -3.87 -42.48 13.36
C2 SQD BE . -3.23 -41.64 14.47
O2 SQD BE . -1.84 -41.94 14.53
C3 SQD BE . -3.87 -41.93 15.82
O3 SQD BE . -5.06 -41.15 15.96
C4 SQD BE . -4.21 -43.41 15.98
O4 SQD BE . -3.00 -44.18 16.02
C5 SQD BE . -5.10 -43.90 14.84
C6 SQD BE . -6.51 -44.17 15.34
O5 SQD BE . -5.15 -42.92 13.79
S SQD BE . -7.43 -44.83 14.12
O7 SQD BE . -6.67 -45.83 13.43
O8 SQD BE . -8.78 -45.50 14.75
O9 SQD BE . -7.81 -43.80 13.18
C BCT CE . 18.37 -18.67 -32.31
O1 BCT CE . 18.17 -18.59 -33.52
O2 BCT CE . 17.78 -19.20 -31.38
O3 BCT CE . 19.59 -18.05 -31.86
O1 LHG DE . 23.59 -39.44 -34.97
C1 LHG DE . 22.21 -39.47 -35.36
C2 LHG DE . 21.35 -39.01 -34.19
O2 LHG DE . 20.07 -38.62 -34.70
C3 LHG DE . 22.03 -37.85 -33.47
O3 LHG DE . 21.24 -36.67 -33.52
P LHG DE . 21.64 -35.44 -34.46
O4 LHG DE . 20.81 -35.50 -35.70
O5 LHG DE . 23.15 -35.39 -34.58
O6 LHG DE . 21.15 -34.22 -33.55
C4 LHG DE . 22.06 -33.38 -32.85
C5 LHG DE . 22.24 -33.78 -31.39
C6 LHG DE . 20.91 -33.60 -30.66
O7 LHG DE . 22.66 -35.15 -31.31
C7 LHG DE . 24.09 -35.31 -31.10
O9 LHG DE . 24.88 -34.72 -31.80
C8 LHG DE . 24.57 -36.25 -30.00
C9 LHG DE . 26.06 -36.50 -30.11
C10 LHG DE . 26.71 -36.43 -28.74
O8 LHG DE . 21.16 -33.49 -29.26
C23 LHG DE . 20.22 -32.77 -28.41
O10 LHG DE . 19.03 -32.79 -28.68
C24 LHG DE . 20.72 -32.00 -27.21
C11 LHG DE . 28.22 -36.24 -28.88
C12 LHG DE . 28.80 -35.48 -27.70
C13 LHG DE . 30.25 -35.89 -27.48
C14 LHG DE . 30.88 -35.06 -26.37
C15 LHG DE . 30.72 -35.73 -25.01
C25 LHG DE . 20.24 -32.66 -25.93
C26 LHG DE . 21.16 -32.31 -24.76
C27 LHG DE . 21.62 -33.56 -24.04
C28 LHG DE . 22.98 -34.02 -24.55
C29 LHG DE . 23.00 -35.52 -24.81
C30 LHG DE . 24.32 -35.97 -25.41
C31 LHG DE . 24.92 -37.14 -24.61
C32 LHG DE . 26.42 -37.22 -24.81
C33 LHG DE . 26.89 -38.68 -24.74
C34 LHG DE . 28.09 -38.93 -25.65
C35 LHG DE . 27.80 -40.02 -26.67
C36 LHG DE . 28.77 -39.97 -27.84
C37 LHG DE . 28.29 -40.85 -28.99
C38 LHG DE . 28.09 -40.06 -30.27
CL CL EE . 25.86 -29.46 11.62
MN MN FE . 27.32 -39.38 7.15
MN MN GE . 30.56 -34.65 10.60
MG CLA HE . 52.36 23.44 -5.79
CHA CLA HE . 54.26 25.70 -3.94
CHB CLA HE . 50.12 25.92 -6.48
CHC CLA HE . 50.19 21.10 -7.06
CHD CLA HE . 54.34 20.81 -4.44
NA CLA HE . 52.23 25.47 -5.30
C1A CLA HE . 53.13 26.24 -4.54
C2A CLA HE . 52.67 27.70 -4.44
C3A CLA HE . 51.38 27.73 -5.29
C4A CLA HE . 51.21 26.28 -5.73
CMA CLA HE . 50.19 28.21 -4.49
CAA CLA HE . 53.64 28.73 -5.01
CBA CLA HE . 54.57 28.23 -6.11
CGA CLA HE . 53.85 27.93 -7.38
O1A CLA HE . 53.42 26.85 -7.80
O2A CLA HE . 53.65 29.04 -8.16
NB CLA HE . 50.49 23.50 -6.55
C1B CLA HE . 49.84 24.62 -6.94
C2B CLA HE . 48.75 24.32 -7.90
C3B CLA HE . 48.76 22.95 -8.08
C4B CLA HE . 49.86 22.42 -7.21
CMB CLA HE . 47.87 25.33 -8.48
CAB CLA HE . 47.90 22.12 -8.87
CBB CLA HE . 47.01 21.24 -8.39
NC CLA HE . 52.29 21.35 -5.76
C1C CLA HE . 51.32 20.60 -6.38
C2C CLA HE . 51.60 19.18 -6.21
C3C CLA HE . 52.74 19.08 -5.43
C4C CLA HE . 53.18 20.45 -5.17
CMC CLA HE . 50.77 18.08 -6.73
CAC CLA HE . 53.40 17.84 -5.01
CBC CLA HE . 52.89 17.35 -3.67
ND CLA HE . 53.94 23.23 -4.55
C1D CLA HE . 54.71 22.10 -4.15
C2D CLA HE . 55.89 22.56 -3.39
C3D CLA HE . 55.78 23.93 -3.30
C4D CLA HE . 54.54 24.29 -4.00
CMD CLA HE . 56.95 21.70 -2.85
CAD CLA HE . 56.38 25.16 -2.79
OBD CLA HE . 57.44 25.32 -2.20
CBD CLA HE . 55.39 26.31 -3.14
CGD CLA HE . 54.89 27.03 -1.91
O1D CLA HE . 54.43 28.17 -1.83
O2D CLA HE . 54.97 26.29 -0.76
CED CLA HE . 54.92 27.00 0.49
C1 CLA HE . 52.70 28.91 -9.24
C2 CLA HE . 51.36 29.15 -8.64
C3 CLA HE . 50.21 28.98 -9.31
C4 CLA HE . 48.89 29.23 -8.69
C5 CLA HE . 50.21 28.52 -10.73
MG CLA IE . 42.86 19.47 -5.07
CHA CLA IE . 41.84 16.29 -4.17
CHB CLA IE . 44.52 19.74 -2.07
CHC CLA IE . 44.47 22.29 -6.23
CHD CLA IE . 41.64 18.86 -8.35
NA CLA IE . 43.09 18.23 -3.41
C1A CLA IE . 42.57 16.94 -3.22
C2A CLA IE . 42.97 16.39 -1.84
C3A CLA IE . 43.53 17.63 -1.11
C4A CLA IE . 43.75 18.61 -2.27
CMA CLA IE . 42.55 18.18 -0.10
CAA CLA IE . 44.01 15.30 -1.94
CBA CLA IE . 44.04 14.48 -0.66
CGA CLA IE . 42.91 13.51 -0.66
O1A CLA IE . 42.20 13.15 0.27
O2A CLA IE . 42.68 12.99 -1.90
NB CLA IE . 44.18 20.79 -4.29
C1B CLA IE . 44.77 20.71 -3.05
C2B CLA IE . 45.72 21.84 -2.87
C3B CLA IE . 45.70 22.57 -4.04
C4B CLA IE . 44.73 21.90 -4.95
CMB CLA IE . 46.50 22.02 -1.65
CAB CLA IE . 46.45 23.73 -4.44
CBB CLA IE . 47.77 23.90 -4.29
NC CLA IE . 43.00 20.42 -6.94
C1C CLA IE . 43.67 21.59 -7.17
C2C CLA IE . 43.47 22.01 -8.55
C3C CLA IE . 42.74 21.00 -9.17
C4C CLA IE . 42.42 20.02 -8.14
CMC CLA IE . 44.04 23.23 -9.13
CAC CLA IE . 42.27 20.97 -10.56
CBC CLA IE . 40.90 21.59 -10.71
ND CLA IE . 42.03 17.95 -6.12
C1D CLA IE . 41.44 17.88 -7.41
C2D CLA IE . 40.68 16.63 -7.54
C3D CLA IE . 40.81 15.97 -6.33
C4D CLA IE . 41.65 16.84 -5.48
CMD CLA IE . 39.96 16.21 -8.75
CAD CLA IE . 40.49 14.79 -5.56
OBD CLA IE . 39.87 13.79 -5.91
CBD CLA IE . 41.08 14.99 -4.13
CGD CLA IE . 39.95 15.05 -3.15
O1D CLA IE . 38.81 15.49 -3.34
O2D CLA IE . 40.22 14.55 -1.91
CED CLA IE . 39.13 14.08 -1.13
C1 CLA IE . 41.89 11.79 -1.98
C2 CLA IE . 41.74 11.51 -3.43
C3 CLA IE . 42.70 10.92 -4.16
C4 CLA IE . 43.99 10.48 -3.56
C5 CLA IE . 42.51 10.67 -5.62
C6 CLA IE . 42.69 9.22 -5.99
C7 CLA IE . 42.49 9.03 -7.48
C8 CLA IE . 42.14 7.58 -7.83
C9 CLA IE . 42.86 7.17 -9.10
C10 CLA IE . 40.64 7.41 -7.98
C11 CLA IE . 40.28 6.09 -8.60
C12 CLA IE . 38.77 5.95 -8.78
C13 CLA IE . 38.45 5.00 -9.92
C14 CLA IE . 36.96 4.98 -10.22
C15 CLA IE . 38.95 3.58 -9.63
C16 CLA IE . 38.25 3.00 -8.42
C17 CLA IE . 38.83 1.66 -8.04
C18 CLA IE . 37.79 0.78 -7.34
C19 CLA IE . 36.66 0.44 -8.28
C20 CLA IE . 38.44 -0.48 -6.82
MG CLA JE . 34.42 20.75 -2.54
CHA CLA JE . 33.64 19.46 0.60
CHB CLA JE . 36.76 18.26 -2.91
CHC CLA JE . 34.45 21.28 -5.96
CHD CLA JE . 31.47 22.73 -2.34
NA CLA JE . 35.13 19.20 -1.32
C1A CLA JE . 34.67 18.82 -0.05
C2A CLA JE . 35.48 17.65 0.50
C3A CLA JE . 36.67 17.57 -0.48
C4A CLA JE . 36.17 18.38 -1.66
CMA CLA JE . 37.95 18.14 0.11
CAA CLA JE . 34.69 16.34 0.59
CBA CLA JE . 33.88 16.03 -0.65
CGA CLA JE . 34.67 15.19 -1.60
O1A CLA JE . 35.53 14.34 -1.34
O2A CLA JE . 34.37 15.44 -2.91
NB CLA JE . 35.43 19.96 -4.10
C1B CLA JE . 36.35 18.95 -4.05
C2B CLA JE . 36.87 18.66 -5.41
C3B CLA JE . 36.22 19.52 -6.28
C4B CLA JE . 35.31 20.35 -5.45
CMB CLA JE . 37.85 17.61 -5.68
CAB CLA JE . 36.31 19.65 -7.71
CBB CLA JE . 37.44 19.73 -8.42
NC CLA JE . 33.24 21.87 -3.86
C1C CLA JE . 33.49 22.00 -5.21
C2C CLA JE . 32.53 22.92 -5.81
C3C CLA JE . 31.63 23.27 -4.82
C4C CLA JE . 32.09 22.62 -3.59
CMC CLA JE . 32.50 23.28 -7.23
CAC CLA JE . 30.47 24.17 -4.93
CBC CLA JE . 29.16 23.42 -5.06
ND CLA JE . 32.94 21.12 -1.22
C1D CLA JE . 31.85 22.04 -1.22
C2D CLA JE . 31.22 22.05 0.12
C3D CLA JE . 31.87 21.08 0.85
C4D CLA JE . 32.91 20.51 -0.03
CMD CLA JE . 30.10 22.91 0.50
CAD CLA JE . 31.96 20.40 2.13
OBD CLA JE . 31.34 20.60 3.17
CBD CLA JE . 33.05 19.29 1.98
CGD CLA JE . 34.09 19.36 3.07
O1D CLA JE . 34.36 18.49 3.90
O2D CLA JE . 34.77 20.54 3.12
CED CLA JE . 35.06 21.07 4.41
C1 CLA JE . 35.14 14.76 -3.90
C2 CLA JE . 34.76 15.35 -5.21
C3 CLA JE . 35.27 14.93 -6.39
C4 CLA JE . 36.26 13.81 -6.46
C5 CLA JE . 34.85 15.55 -7.67
C6 CLA JE . 35.96 15.60 -8.70
C7 CLA JE . 35.39 15.87 -10.08
C8 CLA JE . 36.40 15.61 -11.19
C9 CLA JE . 36.41 16.75 -12.18
C10 CLA JE . 36.12 14.29 -11.90
C11 CLA JE . 37.22 13.90 -12.86
C12 CLA JE . 36.90 12.62 -13.59
C13 CLA JE . 37.98 12.25 -14.61
C14 CLA JE . 37.37 11.53 -15.79
C15 CLA JE . 39.08 11.42 -13.96
C16 CLA JE . 40.09 10.93 -14.98
C17 CLA JE . 41.03 12.02 -15.44
C18 CLA JE . 41.92 11.55 -16.57
C19 CLA JE . 42.89 12.66 -16.98
C20 CLA JE . 42.71 10.32 -16.16
MG CLA KE . 25.50 10.71 -1.73
CHA CLA KE . 27.66 13.20 -0.63
CHB CLA KE . 23.32 11.53 0.79
CHC CLA KE . 23.03 8.84 -3.24
CHD CLA KE . 27.46 10.41 -4.68
NA CLA KE . 25.52 12.11 -0.17
C1A CLA KE . 26.53 13.06 0.12
C2A CLA KE . 26.17 13.87 1.38
C3A CLA KE . 24.84 13.22 1.87
C4A CLA KE . 24.52 12.21 0.76
CMA CLA KE . 24.99 12.57 3.21
CAA CLA KE . 26.07 15.37 1.17
CBA CLA KE . 24.83 15.84 0.45
CGA CLA KE . 24.97 17.32 0.24
O1A CLA KE . 25.05 18.20 1.10
O2A CLA KE . 25.03 17.69 -1.07
NB CLA KE . 23.55 10.30 -1.32
C1B CLA KE . 22.90 10.61 -0.19
C2B CLA KE . 21.62 9.84 -0.10
C3B CLA KE . 21.53 9.07 -1.23
C4B CLA KE . 22.76 9.37 -2.03
CMB CLA KE . 20.69 9.98 1.01
CAB CLA KE . 20.52 8.17 -1.72
CBB CLA KE . 19.78 7.34 -1.00
NC CLA KE . 25.31 9.77 -3.59
C1C CLA KE . 24.23 9.02 -3.97
C2C CLA KE . 24.43 8.48 -5.30
C3C CLA KE . 25.67 8.94 -5.73
C4C CLA KE . 26.22 9.74 -4.65
CMC CLA KE . 23.46 7.64 -6.00
CAC CLA KE . 26.31 8.66 -7.02
CBC CLA KE . 26.95 7.30 -7.12
ND CLA KE . 27.19 11.52 -2.50
C1D CLA KE . 27.92 11.25 -3.69
C2D CLA KE . 29.19 12.02 -3.66
C3D CLA KE . 29.14 12.77 -2.50
C4D CLA KE . 27.86 12.45 -1.83
CMD CLA KE . 30.22 11.97 -4.68
CAD CLA KE . 29.83 13.75 -1.68
OBD CLA KE . 30.93 14.27 -1.83
CBD CLA KE . 28.87 14.10 -0.49
CGD CLA KE . 29.56 14.03 0.85
O1D CLA KE . 29.54 14.90 1.73
O2D CLA KE . 30.27 12.90 1.09
CED CLA KE . 31.35 12.98 2.04
C1 CLA KE . 24.02 18.57 -1.57
C2 CLA KE . 24.51 19.96 -1.40
C3 CLA KE . 24.15 20.96 -2.22
C4 CLA KE . 23.22 20.73 -3.36
C5 CLA KE . 24.66 22.34 -2.02
C6 CLA KE . 24.93 23.08 -3.31
C7 CLA KE . 24.06 24.33 -3.39
C8 CLA KE . 24.51 25.28 -4.47
C9 CLA KE . 25.79 25.98 -4.05
C10 CLA KE . 23.44 26.30 -4.79
C11 CLA KE . 23.77 27.11 -6.02
C12 CLA KE . 23.77 26.26 -7.27
C13 CLA KE . 24.21 27.06 -8.49
C14 CLA KE . 23.44 28.37 -8.61
MG CLA LE . 21.68 21.47 1.20
CHA CLA LE . 23.05 19.09 3.30
CHB CLA LE . 23.58 23.87 2.78
CHC CLA LE . 21.03 23.69 -1.36
CHD CLA LE . 20.35 18.85 -0.80
NA CLA LE . 23.04 21.47 2.79
C1A CLA LE . 23.48 20.37 3.54
C2A CLA LE . 24.46 20.78 4.64
C3A CLA LE . 24.41 22.32 4.58
C4A CLA LE . 23.63 22.61 3.30
CMA CLA LE . 23.75 22.92 5.80
CAA CLA LE . 25.86 20.24 4.39
CBA CLA LE . 26.40 20.66 3.03
CGA CLA LE . 27.48 19.72 2.60
O1A CLA LE . 28.23 19.02 3.29
O2A CLA LE . 27.59 19.65 1.24
NB CLA LE . 22.17 23.40 0.81
C1B CLA LE . 22.92 24.22 1.60
C2B CLA LE . 22.97 25.60 1.01
C3B CLA LE . 22.25 25.54 -0.16
C4B CLA LE . 21.74 24.15 -0.30
CMB CLA LE . 23.73 26.68 1.63
CAB CLA LE . 22.00 26.56 -1.17
CBB CLA LE . 21.71 27.84 -0.94
NC CLA LE . 20.81 21.30 -0.70
C1C CLA LE . 20.59 22.36 -1.56
C2C CLA LE . 19.89 21.90 -2.75
C3C CLA LE . 19.76 20.51 -2.62
C4C CLA LE . 20.32 20.15 -1.32
CMC CLA LE . 19.49 22.74 -3.86
CAC CLA LE . 19.11 19.60 -3.58
CBC CLA LE . 20.09 19.01 -4.56
ND CLA LE . 21.68 19.45 1.17
C1D CLA LE . 20.99 18.50 0.37
C2D CLA LE . 21.12 17.16 1.00
C3D CLA LE . 21.89 17.34 2.12
C4D CLA LE . 22.23 18.77 2.18
CMD CLA LE . 20.53 15.92 0.49
CAD CLA LE . 22.51 16.69 3.26
OBD CLA LE . 22.49 15.50 3.59
CBD CLA LE . 23.27 17.79 4.05
CGD CLA LE . 22.76 17.89 5.46
O1D CLA LE . 23.41 18.15 6.47
O2D CLA LE . 21.42 17.68 5.57
CED CLA LE . 20.57 18.79 5.83
C1 CLA LE . 28.61 18.79 0.71
C2 CLA LE . 28.57 18.93 -0.76
C3 CLA LE . 29.54 18.44 -1.55
C4 CLA LE . 30.71 17.72 -1.00
C5 CLA LE . 29.48 18.59 -3.03
C6 CLA LE . 30.73 19.23 -3.60
C7 CLA LE . 30.55 19.59 -5.05
C8 CLA LE . 31.16 18.57 -6.01
C9 CLA LE . 32.55 18.17 -5.55
C10 CLA LE . 31.21 19.13 -7.42
C11 CLA LE . 31.89 18.19 -8.39
C12 CLA LE . 31.69 18.63 -9.82
C13 CLA LE . 32.16 20.06 -10.05
C14 CLA LE . 31.23 20.80 -10.98
C15 CLA LE . 33.58 20.11 -10.57
C16 CLA LE . 34.18 21.48 -10.39
C17 CLA LE . 35.41 21.67 -11.26
C18 CLA LE . 36.43 22.60 -10.63
C19 CLA LE . 37.57 22.85 -11.59
C20 CLA LE . 35.79 23.91 -10.24
MG CLA ME . 28.13 29.00 3.87
CHA CLA ME . 26.48 29.62 6.88
CHB CLA ME . 26.65 25.90 3.77
CHC CLA ME . 28.94 28.72 0.53
CHD CLA ME . 29.02 32.43 3.76
NA CLA ME . 26.84 27.93 5.14
C1A CLA ME . 26.27 28.37 6.35
C2A CLA ME . 25.41 27.27 6.97
C3A CLA ME . 25.76 26.03 6.12
C4A CLA ME . 26.45 26.64 4.91
CMA CLA ME . 26.67 25.08 6.86
CAA CLA ME . 23.92 27.61 6.94
CBA CLA ME . 23.45 28.08 5.58
CGA CLA ME . 22.49 27.08 5.01
O1A CLA ME . 22.42 25.87 5.23
O2A CLA ME . 21.59 27.64 4.14
NB CLA ME . 27.85 27.59 2.45
C1B CLA ME . 27.27 26.38 2.61
C2B CLA ME . 27.37 25.58 1.36
C3B CLA ME . 28.01 26.36 0.44
C4B CLA ME . 28.33 27.66 1.12
CMB CLA ME . 26.80 24.23 1.22
CAB CLA ME . 28.34 26.09 -0.94
CBB CLA ME . 29.57 26.03 -1.45
NC CLA ME . 28.91 30.31 2.45
C1C CLA ME . 29.22 29.97 1.16
C2C CLA ME . 29.81 31.11 0.46
C3C CLA ME . 29.77 32.18 1.35
C4C CLA ME . 29.22 31.67 2.59
CMC CLA ME . 30.27 31.08 -0.93
CAC CLA ME . 30.26 33.55 1.10
CBC CLA ME . 29.19 34.46 0.52
ND CLA ME . 27.93 30.64 5.03
C1D CLA ME . 28.41 31.97 4.91
C2D CLA ME . 28.13 32.71 6.16
C3D CLA ME . 27.40 31.85 6.95
C4D CLA ME . 27.27 30.59 6.20
CMD CLA ME . 28.52 34.09 6.44
CAD CLA ME . 26.73 31.65 8.24
OBD CLA ME . 26.68 32.41 9.20
CBD CLA ME . 26.05 30.25 8.18
CGD CLA ME . 26.33 29.40 9.40
O1D CLA ME . 25.72 28.40 9.78
O2D CLA ME . 27.38 29.82 10.15
CED CLA ME . 27.31 29.61 11.56
C1 CLA ME . 20.64 26.74 3.56
C2 CLA ME . 19.90 27.52 2.52
C3 CLA ME . 18.94 26.97 1.76
C4 CLA ME . 18.55 25.55 1.88
C5 CLA ME . 18.23 27.79 0.74
C6 CLA ME . 17.15 28.65 1.35
C7 CLA ME . 16.11 29.01 0.30
C8 CLA ME . 14.99 29.87 0.86
C9 CLA ME . 13.73 29.05 1.07
C10 CLA ME . 14.71 31.04 -0.08
C11 CLA ME . 13.57 31.91 0.40
C12 CLA ME . 13.77 33.37 0.03
C13 CLA ME . 14.06 33.55 -1.45
C14 CLA ME . 14.69 34.90 -1.72
C15 CLA ME . 12.79 33.38 -2.29
C16 CLA ME . 11.72 34.37 -1.89
C17 CLA ME . 10.34 33.90 -2.29
C18 CLA ME . 10.14 33.91 -3.80
C19 CLA ME . 8.87 33.19 -4.18
C20 CLA ME . 10.11 35.32 -4.32
MG CLA NE . 19.05 6.89 6.72
CHA CLA NE . 18.61 5.59 9.91
CHB CLA NE . 22.34 5.89 6.83
CHC CLA NE . 19.28 7.27 3.30
CHD CLA NE . 15.51 7.20 6.46
NA CLA NE . 20.25 5.97 8.15
C1A CLA NE . 19.89 5.49 9.42
C2A CLA NE . 21.07 4.88 10.15
C3A CLA NE . 22.28 5.34 9.29
C4A CLA NE . 21.59 5.74 7.99
CMA CLA NE . 23.03 6.48 9.92
CAA CLA NE . 20.97 3.36 10.22
CBA CLA NE . 20.37 2.77 8.96
CGA CLA NE . 20.41 1.27 8.98
O1A CLA NE . 20.63 0.54 9.94
O2A CLA NE . 20.15 0.72 7.76
NB CLA NE . 20.52 6.67 5.36
C1B CLA NE . 21.79 6.25 5.59
C2B CLA NE . 22.58 6.24 4.33
C3B CLA NE . 21.73 6.63 3.32
C4B CLA NE . 20.41 6.91 3.96
CMB CLA NE . 23.98 5.81 4.30
CAB CLA NE . 21.93 6.74 1.90
CBB CLA NE . 23.04 7.16 1.29
NC CLA NE . 17.67 7.25 5.18
C1C CLA NE . 17.98 7.43 3.87
C2C CLA NE . 16.79 7.74 3.09
C3C CLA NE . 15.71 7.63 3.97
C4C CLA NE . 16.27 7.35 5.28
CMC CLA NE . 16.78 8.01 1.65
CAC CLA NE . 14.29 7.85 3.66
CBC CLA NE . 13.54 6.57 3.43
ND CLA NE . 17.41 6.54 7.86
C1D CLA NE . 16.03 6.81 7.67
C2D CLA NE . 15.31 6.60 8.94
C3D CLA NE . 16.25 6.14 9.84
C4D CLA NE . 17.53 6.09 9.11
CMD CLA NE . 13.88 6.83 9.14
CAD CLA NE . 16.51 5.70 11.21
OBD CLA NE . 15.76 5.63 12.16
CBD CLA NE . 18.02 5.28 11.27
CGD CLA NE . 18.74 6.00 12.37
O1D CLA NE . 19.39 5.51 13.30
O2D CLA NE . 18.64 7.36 12.30
CED CLA NE . 18.38 8.06 13.52
C1 CLA NE . 19.35 -0.49 7.75
C2 CLA NE . 19.13 -0.86 6.33
C3 CLA NE . 18.51 -2.00 5.97
C4 CLA NE . 18.00 -2.97 6.97
C5 CLA NE . 18.28 -2.36 4.54
C6 CLA NE . 19.00 -1.44 3.56
C7 CLA NE . 18.64 -1.80 2.13
C8 CLA NE . 19.22 -3.14 1.71
C9 CLA NE . 20.58 -2.96 1.07
C10 CLA NE . 18.30 -3.91 0.77
C11 CLA NE . 17.39 -3.02 -0.05
C12 CLA NE . 17.10 -3.59 -1.42
C13 CLA NE . 16.14 -4.77 -1.36
C14 CLA NE . 16.04 -5.43 -2.72
C15 CLA NE . 14.76 -4.35 -0.87
C16 CLA NE . 13.74 -5.47 -0.99
C17 CLA NE . 12.34 -4.93 -1.20
C18 CLA NE . 11.30 -6.06 -1.22
C19 CLA NE . 10.39 -5.97 -0.01
C20 CLA NE . 10.49 -6.00 -2.49
MG CLA OE . 34.13 5.28 -19.59
CHA CLA OE . 33.68 7.50 -22.23
CHB CLA OE . 33.81 2.69 -21.84
CHC CLA OE . 35.72 3.14 -17.38
CHD CLA OE . 35.34 8.01 -17.68
NA CLA OE . 33.70 5.14 -21.64
C1A CLA OE . 33.57 6.18 -22.57
C2A CLA OE . 33.23 5.64 -23.97
C3A CLA OE . 32.92 4.15 -23.69
C4A CLA OE . 33.51 3.95 -22.29
CMA CLA OE . 31.43 3.86 -23.71
CAA CLA OE . 34.36 5.83 -24.98
CBA CLA OE . 35.63 5.07 -24.66
CGA CLA OE . 36.53 5.92 -23.81
O1A CLA OE . 36.58 7.15 -23.74
O2A CLA OE . 37.39 5.18 -23.04
NB CLA OE . 34.69 3.33 -19.63
C1B CLA OE . 34.37 2.42 -20.58
C2B CLA OE . 34.71 1.05 -20.14
C3B CLA OE . 35.25 1.15 -18.87
C4B CLA OE . 35.23 2.61 -18.53
CMB CLA OE . 34.47 -0.11 -21.01
CAB CLA OE . 35.77 0.17 -17.94
CBB CLA OE . 35.53 -1.14 -17.93
NC CLA OE . 35.19 5.54 -17.80
C1C CLA OE . 35.67 4.52 -17.02
C2C CLA OE . 36.28 5.04 -15.81
C3C CLA OE . 36.29 6.42 -15.94
C4C CLA OE . 35.59 6.72 -17.19
CMC CLA OE . 36.86 4.23 -14.74
CAC CLA OE . 36.78 7.41 -14.98
CBC CLA OE . 35.67 7.98 -14.14
ND CLA OE . 34.23 7.30 -19.75
C1D CLA OE . 34.72 8.30 -18.87
C2D CLA OE . 34.46 9.63 -19.46
C3D CLA OE . 34.02 9.38 -20.75
C4D CLA OE . 33.98 7.91 -20.89
CMD CLA OE . 34.68 10.91 -18.78
CAD CLA OE . 33.52 9.94 -21.99
OBD CLA OE . 33.13 11.08 -22.24
CBD CLA OE . 33.54 8.78 -23.04
CGD CLA OE . 32.35 8.81 -23.95
O1D CLA OE . 32.34 9.00 -25.17
O2D CLA OE . 31.17 8.60 -23.32
CED CLA OE . 30.08 8.24 -24.16
C1 CLA OE . 38.02 5.89 -21.95
C2 CLA OE . 39.35 5.26 -21.76
C3 CLA OE . 39.59 4.31 -20.84
C4 CLA OE . 38.53 3.82 -19.92
C5 CLA OE . 40.95 3.71 -20.69
C6 CLA OE . 41.68 4.25 -19.47
C7 CLA OE . 43.15 3.88 -19.52
C8 CLA OE . 43.97 4.78 -18.60
C9 CLA OE . 44.05 6.18 -19.15
C10 CLA OE . 45.38 4.21 -18.42
C11 CLA OE . 45.96 4.58 -17.07
C12 CLA OE . 47.36 4.02 -16.90
C13 CLA OE . 47.96 4.39 -15.55
C14 CLA OE . 49.28 3.65 -15.35
C15 CLA OE . 47.00 4.14 -14.40
C16 CLA OE . 47.68 3.92 -13.07
C17 CLA OE . 46.70 3.48 -12.00
C18 CLA OE . 47.40 2.84 -10.81
C19 CLA OE . 47.97 3.88 -9.89
C20 CLA OE . 46.45 1.93 -10.06
MG CLA PE . 38.01 21.26 -20.87
CHA CLA PE . 37.83 20.29 -24.18
CHB CLA PE . 35.41 19.11 -20.15
CHC CLA PE . 38.68 21.56 -17.50
CHD CLA PE . 41.16 22.77 -21.55
NA CLA PE . 36.80 19.97 -22.00
C1A CLA PE . 36.88 19.73 -23.38
C2A CLA PE . 35.80 18.74 -23.83
C3A CLA PE . 34.91 18.60 -22.57
C4A CLA PE . 35.76 19.26 -21.48
CMA CLA PE . 33.58 19.29 -22.75
CAA CLA PE . 36.40 17.42 -24.32
CBA CLA PE . 36.31 16.28 -23.34
CGA CLA PE . 37.22 15.18 -23.83
O1A CLA PE . 37.63 15.00 -24.98
O2A CLA PE . 37.61 14.31 -22.86
NB CLA PE . 37.16 20.56 -19.17
C1B CLA PE . 36.14 19.66 -19.09
C2B CLA PE . 35.87 19.33 -17.66
C3B CLA PE . 36.78 20.01 -16.90
C4B CLA PE . 37.61 20.80 -17.85
CMB CLA PE . 34.83 18.38 -17.25
CAB CLA PE . 37.01 20.03 -15.49
CBB CLA PE . 36.09 20.17 -14.54
NC CLA PE . 39.59 22.07 -19.75
C1C CLA PE . 39.61 22.15 -18.38
C2C CLA PE . 40.80 22.87 -17.93
C3C CLA PE . 41.56 23.13 -19.07
C4C CLA PE . 40.78 22.65 -20.21
CMC CLA PE . 41.14 23.14 -16.53
CAC CLA PE . 42.84 23.85 -19.14
CBC CLA PE . 42.66 25.35 -19.14
ND CLA PE . 39.27 21.48 -22.44
C1D CLA PE . 40.48 22.21 -22.61
C2D CLA PE . 40.81 22.28 -24.05
C3D CLA PE . 39.80 21.59 -24.71
C4D CLA PE . 38.90 21.10 -23.65
CMD CLA PE . 41.98 22.96 -24.60
CAD CLA PE . 39.30 21.13 -25.98
OBD CLA PE . 39.72 21.32 -27.11
CBD CLA PE . 38.01 20.29 -25.68
CGD CLA PE . 36.78 20.84 -26.34
O1D CLA PE . 36.12 20.33 -27.25
O2D CLA PE . 36.36 22.03 -25.81
CED CLA PE . 36.61 23.23 -26.54
C1 CLA PE . 38.62 13.35 -23.24
C2 CLA PE . 38.50 12.20 -22.30
C3 CLA PE . 37.59 11.22 -22.46
C4 CLA PE . 36.62 11.23 -23.59
C5 CLA PE . 37.50 10.08 -21.51
C6 CLA PE . 38.59 10.06 -20.46
C7 CLA PE . 38.43 8.85 -19.56
C8 CLA PE . 39.65 8.60 -18.68
C9 CLA PE . 40.95 8.81 -19.43
C10 CLA PE . 39.59 7.18 -18.12
C11 CLA PE . 40.60 6.97 -16.99
C12 CLA PE . 40.35 5.66 -16.27
C13 CLA PE . 41.46 5.34 -15.29
C14 CLA PE . 41.15 4.06 -14.53
C15 CLA PE . 41.71 6.49 -14.31
C16 CLA PE . 42.79 6.14 -13.31
C17 CLA PE . 44.17 6.49 -13.83
C18 CLA PE . 44.59 7.89 -13.43
C19 CLA PE . 45.10 7.93 -12.01
C20 CLA PE . 45.64 8.42 -14.38
MG CLA QE . 30.90 17.55 -18.80
CHA CLA QE . 28.75 18.81 -16.38
CHB CLA QE . 32.53 15.77 -16.38
CHC CLA QE . 32.54 15.78 -21.24
CHD CLA QE . 28.73 18.89 -21.29
NA CLA QE . 30.66 17.34 -16.73
C1A CLA QE . 29.70 17.96 -15.91
C2A CLA QE . 29.90 17.55 -14.44
C3A CLA QE . 31.20 16.72 -14.47
C4A CLA QE . 31.49 16.58 -15.95
CMA CLA QE . 32.32 17.42 -13.73
CAA CLA QE . 28.74 16.70 -13.94
CBA CLA QE . 28.91 16.37 -12.47
CGA CLA QE . 27.86 17.05 -11.65
O1A CLA QE . 26.71 16.68 -11.40
O2A CLA QE . 28.29 18.25 -11.14
NB CLA QE . 32.19 16.00 -18.80
C1B CLA QE . 32.89 15.58 -17.71
C2B CLA QE . 34.14 14.89 -18.12
C3B CLA QE . 34.16 14.88 -19.50
C4B CLA QE . 32.92 15.58 -19.95
CMB CLA QE . 35.09 14.32 -17.17
CAB CLA QE . 35.14 14.31 -20.39
CBB CLA QE . 34.90 13.43 -21.36
NC CLA QE . 30.67 17.38 -20.88
C1C CLA QE . 31.48 16.61 -21.68
C2C CLA QE . 31.08 16.76 -23.07
C3C CLA QE . 29.98 17.61 -23.10
C4C CLA QE . 29.74 18.02 -21.71
CMC CLA QE . 31.73 16.08 -24.20
CAC CLA QE . 29.23 18.07 -24.27
CBC CLA QE . 29.75 19.39 -24.80
ND CLA QE . 29.18 18.64 -18.90
C1D CLA QE . 28.45 19.20 -19.98
C2D CLA QE . 27.40 20.09 -19.44
C3D CLA QE . 27.50 20.00 -18.07
C4D CLA QE . 28.59 19.06 -17.78
CMD CLA QE . 26.47 20.88 -20.26
CAD CLA QE . 26.96 20.45 -16.79
OBD CLA QE . 26.10 21.29 -16.56
CBD CLA QE . 27.71 19.66 -15.68
CGD CLA QE . 28.35 20.59 -14.69
O1D CLA QE . 28.13 20.69 -13.48
O2D CLA QE . 29.28 21.41 -15.24
CED CLA QE . 30.30 21.94 -14.40
C1 CLA QE . 27.65 18.69 -9.92
C2 CLA QE . 27.92 20.15 -9.81
C3 CLA QE . 27.64 20.88 -8.73
C4 CLA QE . 27.03 20.29 -7.51
C5 CLA QE . 27.95 22.34 -8.70
C6 CLA QE . 26.70 23.21 -8.58
C7 CLA QE . 25.78 23.02 -9.76
C8 CLA QE . 26.39 23.49 -11.06
C9 CLA QE . 26.66 24.99 -11.01
C10 CLA QE . 25.49 23.17 -12.25
C11 CLA QE . 24.96 21.76 -12.20
C12 CLA QE . 24.31 21.35 -13.52
C13 CLA QE . 23.79 19.91 -13.48
C14 CLA QE . 24.72 18.99 -12.71
C15 CLA QE . 23.59 19.38 -14.89
C16 CLA QE . 22.23 19.76 -15.44
C17 CLA QE . 21.99 19.19 -16.82
C18 CLA QE . 22.99 19.71 -17.84
C19 CLA QE . 22.78 19.05 -19.18
C20 CLA QE . 22.87 21.22 -17.98
MG CLA RE . 19.77 5.77 -17.02
CHA CLA RE . 17.37 4.48 -19.19
CHB CLA RE . 18.28 8.85 -17.31
CHC CLA RE . 21.38 6.81 -14.16
CHD CLA RE . 20.64 2.41 -16.19
NA CLA RE . 18.14 6.52 -18.11
C1A CLA RE . 17.27 5.81 -18.96
C2A CLA RE . 16.22 6.75 -19.57
C3A CLA RE . 16.76 8.15 -19.19
C4A CLA RE . 17.79 7.84 -18.11
CMA CLA RE . 17.37 8.85 -20.37
CAA CLA RE . 14.82 6.49 -19.04
CBA CLA RE . 14.77 6.14 -17.58
CGA CLA RE . 13.37 5.71 -17.24
O1A CLA RE . 12.34 5.95 -17.85
O2A CLA RE . 13.29 4.96 -16.09
NB CLA RE . 19.78 7.47 -15.93
C1B CLA RE . 19.23 8.66 -16.29
C2B CLA RE . 19.77 9.77 -15.46
C3B CLA RE . 20.65 9.20 -14.57
C4B CLA RE . 20.66 7.74 -14.85
CMB CLA RE . 19.32 11.15 -15.65
CAB CLA RE . 21.45 9.76 -13.50
CBB CLA RE . 21.78 11.04 -13.31
NC CLA RE . 20.87 4.80 -15.53
C1C CLA RE . 21.49 5.44 -14.48
C2C CLA RE . 22.22 4.48 -13.66
C3C CLA RE . 21.94 3.21 -14.19
C4C CLA RE . 21.11 3.43 -15.36
CMC CLA RE . 23.01 4.82 -12.48
CAC CLA RE . 22.46 1.92 -13.70
CBC CLA RE . 21.42 1.09 -12.99
ND CLA RE . 19.30 3.89 -17.62
C1D CLA RE . 19.78 2.60 -17.25
C2D CLA RE . 19.20 1.58 -18.15
C3D CLA RE . 18.30 2.26 -18.96
C4D CLA RE . 18.35 3.67 -18.52
CMD CLA RE . 19.56 0.16 -18.15
CAD CLA RE . 17.33 2.16 -20.04
OBD CLA RE . 17.09 1.22 -20.78
CBD CLA RE . 16.62 3.55 -20.12
CGD CLA RE . 16.55 4.06 -21.53
O1D CLA RE . 15.65 4.73 -22.04
O2D CLA RE . 17.61 3.71 -22.31
CED CLA RE . 17.32 3.06 -23.55
C1 CLA RE . 11.97 4.54 -15.70
C2 CLA RE . 12.07 3.94 -14.34
C3 CLA RE . 10.99 3.51 -13.67
C4 CLA RE . 9.62 3.61 -14.24
C5 CLA RE . 11.10 2.91 -12.31
C6 CLA RE . 12.53 2.61 -11.89
C7 CLA RE . 12.64 2.46 -10.39
C8 CLA RE . 13.96 1.86 -9.96
C9 CLA RE . 14.14 0.48 -10.59
C10 CLA RE . 14.07 1.74 -8.44
C11 CLA RE . 13.59 2.98 -7.72
C12 CLA RE . 14.71 3.99 -7.49
C13 CLA RE . 14.33 5.00 -6.41
C14 CLA RE . 12.88 5.45 -6.55
C15 CLA RE . 15.24 6.23 -6.42
C16 CLA RE . 16.70 5.86 -6.57
C17 CLA RE . 17.58 6.74 -5.69
C18 CLA RE . 18.74 7.37 -6.46
C19 CLA RE . 19.75 7.95 -5.49
C20 CLA RE . 19.41 6.36 -7.36
MG CLA SE . 18.51 14.21 -15.78
CHA CLA SE . 21.59 15.18 -14.51
CHB CLA SE . 17.39 13.65 -12.59
CHC CLA SE . 15.72 12.61 -17.03
CHD CLA SE . 19.96 14.14 -19.01
NA CLA SE . 19.36 14.42 -13.88
C1A CLA SE . 20.66 14.86 -13.55
C2A CLA SE . 20.85 14.90 -12.04
C3A CLA SE . 19.50 14.45 -11.46
C4A CLA SE . 18.67 14.16 -12.72
CMA CLA SE . 19.65 13.25 -10.57
CAA CLA SE . 21.07 16.33 -11.60
CBA CLA SE . 19.78 17.11 -11.60
CGA CLA SE . 20.02 18.56 -11.94
O1A CLA SE . 20.15 19.08 -13.05
O2A CLA SE . 20.09 19.36 -10.84
NB CLA SE . 16.89 13.32 -14.98
C1B CLA SE . 16.55 13.32 -13.66
C2B CLA SE . 15.12 12.95 -13.49
C3B CLA SE . 14.64 12.65 -14.75
C4B CLA SE . 15.77 12.84 -15.70
CMB CLA SE . 14.55 12.86 -12.15
CAB CLA SE . 13.39 12.15 -15.23
CBB CLA SE . 12.29 11.87 -14.51
NC CLA SE . 17.94 13.52 -17.68
C1C CLA SE . 16.73 12.94 -17.97
C2C CLA SE . 16.64 12.64 -19.40
C3C CLA SE . 17.86 13.04 -19.95
C4C CLA SE . 18.66 13.61 -18.87
CMC CLA SE . 15.49 12.02 -20.04
CAC CLA SE . 18.28 12.97 -21.36
CBC CLA SE . 19.18 11.81 -21.69
ND CLA SE . 20.31 14.55 -16.64
C1D CLA SE . 20.74 14.57 -17.98
C2D CLA SE . 22.12 15.12 -18.06
C3D CLA SE . 22.50 15.37 -16.76
C4D CLA SE . 21.35 14.99 -15.91
CMD CLA SE . 22.86 15.30 -19.31
CAD CLA SE . 23.55 15.85 -15.88
OBD CLA SE . 24.66 16.29 -16.15
CBD CLA SE . 23.01 15.72 -14.42
CGD CLA SE . 23.88 14.86 -13.54
O1D CLA SE . 24.46 15.21 -12.50
O2D CLA SE . 24.02 13.58 -13.98
CED CLA SE . 24.90 12.72 -13.24
C1 CLA SE . 21.40 19.88 -10.51
C2 CLA SE . 21.29 20.49 -9.16
C3 CLA SE . 22.25 20.42 -8.23
C4 CLA SE . 22.10 21.04 -6.91
C5 CLA SE . 23.54 19.71 -8.50
C6 CLA SE . 23.68 18.42 -7.70
C7 CLA SE . 22.50 17.52 -7.95
C8 CLA SE . 22.62 16.16 -7.31
C9 CLA SE . 22.12 15.11 -8.28
C10 CLA SE . 21.82 16.11 -6.01
C11 CLA SE . 22.47 15.23 -4.96
C12 CLA SE . 23.73 15.83 -4.38
C13 CLA SE . 24.57 14.77 -3.67
C14 CLA SE . 23.77 14.08 -2.59
C15 CLA SE . 25.86 15.34 -3.12
C16 CLA SE . 26.71 15.93 -4.21
C17 CLA SE . 27.39 14.86 -5.05
C18 CLA SE . 27.44 15.23 -6.53
C19 CLA SE . 27.93 16.65 -6.73
C20 CLA SE . 28.32 14.26 -7.28
MG CLA TE . 17.97 10.75 -7.25
CHA CLA TE . 15.38 9.31 -9.07
CHB CLA TE . 20.15 9.95 -9.77
CHC CLA TE . 20.60 11.66 -5.23
CHD CLA TE . 15.80 10.93 -4.44
NA CLA TE . 17.78 9.79 -9.10
C1A CLA TE . 16.61 9.28 -9.70
C2A CLA TE . 16.90 8.69 -11.07
C3A CLA TE . 18.43 8.88 -11.24
C4A CLA TE . 18.83 9.60 -9.95
CMA CLA TE . 19.14 7.56 -11.38
CAA CLA TE . 16.20 9.53 -12.14
CBA CLA TE . 16.75 9.33 -13.53
CGA CLA TE . 16.01 8.21 -14.18
O1A CLA TE . 15.00 8.25 -14.89
O2A CLA TE . 16.57 6.99 -13.92
NB CLA TE . 19.98 10.74 -7.44
C1B CLA TE . 20.64 10.59 -8.62
C2B CLA TE . 22.01 11.18 -8.53
C3B CLA TE . 22.15 11.66 -7.27
C4B CLA TE . 20.87 11.38 -6.54
CMB CLA TE . 22.97 11.16 -9.64
CAB CLA TE . 23.30 12.29 -6.67
CBB CLA TE . 23.91 11.90 -5.55
NC CLA TE . 18.16 11.18 -5.21
C1C CLA TE . 19.32 11.56 -4.60
C2C CLA TE . 19.10 11.84 -3.19
C3C CLA TE . 17.74 11.63 -2.97
C4C CLA TE . 17.16 11.23 -4.24
CMC CLA TE . 20.13 12.25 -2.24
CAC CLA TE . 17.02 11.79 -1.69
CBC CLA TE . 16.78 10.47 -0.99
ND CLA TE . 16.07 10.22 -6.77
C1D CLA TE . 15.26 10.47 -5.63
C2D CLA TE . 13.86 10.13 -5.92
C3D CLA TE . 13.85 9.66 -7.23
C4D CLA TE . 15.25 9.74 -7.71
CMD CLA TE . 12.75 10.25 -4.98
CAD CLA TE . 13.05 9.11 -8.30
OBD CLA TE . 11.86 8.83 -8.31
CBD CLA TE . 14.00 8.90 -9.52
CGD CLA TE . 13.95 7.50 -10.07
O1D CLA TE . 14.37 6.46 -9.55
O2D CLA TE . 13.40 7.42 -11.31
CED CLA TE . 12.55 6.30 -11.58
C1 CLA TE . 15.67 5.93 -13.53
C2 CLA TE . 16.45 4.96 -12.74
C3 CLA TE . 17.37 4.14 -13.28
C4 CLA TE . 17.68 4.16 -14.73
C5 CLA TE . 18.15 3.16 -12.45
C6 CLA TE . 18.02 3.37 -10.95
C7 CLA TE . 19.30 3.92 -10.35
C8 CLA TE . 19.85 3.01 -9.25
C9 CLA TE . 21.23 3.49 -8.85
C10 CLA TE . 19.90 1.57 -9.74
C11 CLA TE . 19.78 0.50 -8.68
C12 CLA TE . 18.47 0.58 -7.91
C13 CLA TE . 18.76 0.87 -6.44
C14 CLA TE . 19.81 -0.07 -5.88
C15 CLA TE . 17.48 0.90 -5.59
C16 CLA TE . 16.82 -0.45 -5.56
C17 CLA TE . 15.32 -0.36 -5.33
C18 CLA TE . 14.77 -1.70 -4.88
C19 CLA TE . 13.54 -2.10 -5.66
C20 CLA TE . 14.52 -1.69 -3.38
MG CLA UE . 8.32 9.25 -13.88
CHA CLA UE . 5.95 9.68 -16.38
CHB CLA UE . 8.96 12.63 -14.01
CHC CLA UE . 9.83 9.10 -10.77
CHD CLA UE . 7.02 5.98 -13.34
NA CLA UE . 7.62 10.84 -15.04
C1A CLA UE . 6.61 10.82 -16.04
C2A CLA UE . 6.43 12.20 -16.66
C3A CLA UE . 7.65 12.97 -16.14
C4A CLA UE . 8.11 12.11 -14.97
CMA CLA UE . 8.72 13.10 -17.20
CAA CLA UE . 5.11 12.85 -16.26
CBA CLA UE . 4.78 12.70 -14.79
CGA CLA UE . 3.55 13.47 -14.45
O1A CLA UE . 2.60 13.77 -15.17
O2A CLA UE . 3.51 13.87 -13.13
NB CLA UE . 9.21 10.59 -12.65
C1B CLA UE . 9.43 11.91 -12.91
C2B CLA UE . 10.26 12.52 -11.84
C3B CLA UE . 10.50 11.53 -10.92
C4B CLA UE . 9.85 10.29 -11.42
CMB CLA UE . 10.63 13.94 -11.86
CAB CLA UE . 11.23 11.57 -9.66
CBB CLA UE . 12.36 12.24 -9.41
NC CLA UE . 8.46 7.78 -12.39
C1C CLA UE . 9.18 7.91 -11.23
C2C CLA UE . 9.12 6.68 -10.45
C3C CLA UE . 8.26 5.82 -11.14
C4C CLA UE . 7.87 6.52 -12.37
CMC CLA UE . 9.78 6.46 -9.17
CAC CLA UE . 7.90 4.45 -10.76
CBC CLA UE . 6.67 4.39 -9.87
ND CLA UE . 6.92 8.03 -14.69
C1D CLA UE . 6.56 6.68 -14.44
C2D CLA UE . 5.63 6.22 -15.50
C3D CLA UE . 5.37 7.33 -16.27
C4D CLA UE . 6.17 8.44 -15.71
CMD CLA UE . 5.10 4.87 -15.61
CAD CLA UE . 4.66 7.86 -17.43
OBD CLA UE . 3.94 7.28 -18.23
CBD CLA UE . 4.94 9.39 -17.48
CGD CLA UE . 5.43 9.85 -18.82
O1D CLA UE . 5.40 10.98 -19.31
O2D CLA UE . 5.97 8.85 -19.58
CED CLA UE . 5.70 8.86 -20.98
C1 CLA UE . 2.43 13.37 -12.31
C2 CLA UE . 2.97 13.28 -10.93
C3 CLA UE . 2.42 12.55 -9.94
C4 CLA UE . 1.20 11.73 -10.14
C5 CLA UE . 3.03 12.53 -8.58
C6 CLA UE . 2.23 13.27 -7.53
C7 CLA UE . 3.03 14.43 -6.95
C8 CLA UE . 4.23 13.95 -6.11
C9 CLA UE . 3.77 13.06 -4.98
C10 CLA UE . 5.03 15.14 -5.59
C11 CLA UE . 4.52 15.70 -4.28
C12 CLA UE . 5.38 16.83 -3.77
C13 CLA UE . 6.78 16.35 -3.39
C14 CLA UE . 6.76 15.60 -2.07
C15 CLA UE . 7.76 17.52 -3.31
MG CLA VE . 21.91 26.46 -16.70
CHA CLA VE . 20.43 23.90 -14.85
CHB CLA VE . 22.46 28.19 -13.79
CHC CLA VE . 22.45 29.36 -18.50
CHD CLA VE . 20.50 24.99 -19.64
NA CLA VE . 21.56 26.06 -14.67
C1A CLA VE . 20.94 24.94 -14.10
C2A CLA VE . 20.92 25.07 -12.56
C3A CLA VE . 21.79 26.31 -12.29
C4A CLA VE . 21.96 26.92 -13.67
CMA CLA VE . 21.11 27.26 -11.33
CAA CLA VE . 21.53 23.89 -11.83
CBA CLA VE . 20.69 23.53 -10.64
CGA CLA VE . 21.49 23.77 -9.40
O1A CLA VE . 22.70 23.96 -9.30
O2A CLA VE . 20.73 23.74 -8.26
NB CLA VE . 22.36 28.37 -16.24
C1B CLA VE . 22.64 28.86 -15.01
C2B CLA VE . 23.16 30.26 -15.09
C3B CLA VE . 23.16 30.60 -16.42
C4B CLA VE . 22.65 29.41 -17.17
CMB CLA VE . 23.53 31.04 -13.90
CAB CLA VE . 23.51 31.81 -17.11
CBB CLA VE . 24.43 32.71 -16.75
NC CLA VE . 21.61 27.03 -18.70
C1C CLA VE . 21.97 28.24 -19.23
C2C CLA VE . 21.69 28.27 -20.66
C3C CLA VE . 21.05 27.07 -20.96
C4C CLA VE . 21.03 26.29 -19.73
CMC CLA VE . 21.95 29.42 -21.53
CAC CLA VE . 20.57 26.65 -22.28
CBC CLA VE . 19.16 27.12 -22.56
ND CLA VE . 20.85 24.80 -17.21
C1D CLA VE . 20.40 24.29 -18.46
C2D CLA VE . 19.83 22.94 -18.26
C3D CLA VE . 19.82 22.74 -16.89
C4D CLA VE . 20.43 23.95 -16.28
CMD CLA VE . 19.34 22.07 -19.33
CAD CLA VE . 19.50 21.82 -15.82
OBD CLA VE . 19.08 20.66 -15.88
CBD CLA VE . 19.77 22.58 -14.48
CGD CLA VE . 18.52 22.77 -13.67
O1D CLA VE . 17.60 23.58 -13.88
O2D CLA VE . 18.42 21.93 -12.60
CED CLA VE . 17.34 22.14 -11.69
C1 CLA VE . 19.97 24.94 -7.98
C2 CLA VE . 20.08 25.17 -6.52
C3 CLA VE . 19.49 26.20 -5.89
C4 CLA VE . 19.65 26.39 -4.43
C5 CLA VE . 18.66 27.19 -6.64
C6 CLA VE . 19.18 28.61 -6.47
C7 CLA VE . 18.27 29.61 -7.15
C8 CLA VE . 18.86 30.12 -8.46
C9 CLA VE . 20.23 30.73 -8.22
C10 CLA VE . 17.95 31.14 -9.14
C11 CLA VE . 16.77 30.45 -9.80
C12 CLA VE . 15.67 31.42 -10.16
C13 CLA VE . 16.02 32.20 -11.42
C14 CLA VE . 14.87 33.10 -11.82
C15 CLA VE . 16.40 31.29 -12.57
C16 CLA VE . 17.03 32.07 -13.69
C17 CLA VE . 17.49 31.19 -14.84
C18 CLA VE . 18.87 30.60 -14.60
C19 CLA VE . 19.45 30.08 -15.90
C20 CLA VE . 19.81 31.63 -14.00
MG CLA WE . 13.98 29.82 -14.46
CHA CLA WE . 11.32 31.90 -15.25
CHB CLA WE . 12.69 29.40 -11.32
CHC CLA WE . 16.18 27.24 -13.92
CHD CLA WE . 14.88 29.80 -17.91
NA CLA WE . 12.28 30.54 -13.47
C1A CLA WE . 11.29 31.41 -13.97
C2A CLA WE . 10.24 31.72 -12.91
C3A CLA WE . 10.79 31.02 -11.64
C4A CLA WE . 12.01 30.25 -12.16
CMA CLA WE . 11.15 32.02 -10.56
CAA CLA WE . 8.89 31.14 -13.28
CBA CLA WE . 7.82 31.53 -12.28
CGA CLA WE . 7.13 32.79 -12.71
O1A CLA WE . 7.27 33.42 -13.76
O2A CLA WE . 6.24 33.26 -11.79
NB CLA WE . 14.32 28.53 -12.94
C1B CLA WE . 13.82 28.66 -11.69
C2B CLA WE . 14.64 27.86 -10.72
C3B CLA WE . 15.62 27.25 -11.45
C4B CLA WE . 15.43 27.66 -12.87
CMB CLA WE . 14.31 27.80 -9.29
CAB CLA WE . 16.68 26.35 -11.06
CBB CLA WE . 17.45 26.47 -9.98
NC CLA WE . 15.28 28.73 -15.70
C1C CLA WE . 16.10 27.74 -15.25
C2C CLA WE . 16.92 27.23 -16.35
C3C CLA WE . 16.53 27.93 -17.49
C4C CLA WE . 15.52 28.89 -17.06
CMC CLA WE . 17.90 26.16 -16.22
CAC CLA WE . 17.06 27.78 -18.85
CBC CLA WE . 18.35 28.53 -19.06
ND CLA WE . 13.32 30.62 -16.20
C1D CLA WE . 13.85 30.63 -17.52
C2D CLA WE . 13.11 31.62 -18.34
C3D CLA WE . 12.14 32.14 -17.51
C4D CLA WE . 12.30 31.47 -16.21
CMD CLA WE . 13.40 31.92 -19.74
CAD CLA WE . 11.02 33.07 -17.39
OBD CLA WE . 10.57 33.84 -18.23
CBD CLA WE . 10.46 32.92 -15.96
CGD CLA WE . 10.49 34.24 -15.25
O1D CLA WE . 9.53 34.89 -14.79
O2D CLA WE . 11.74 34.77 -15.11
CED CLA WE . 12.09 35.37 -13.87
C1 CLA WE . 6.80 33.85 -10.60
C2 CLA WE . 5.96 35.03 -10.28
C3 CLA WE . 6.09 35.75 -9.14
C4 CLA WE . 5.23 36.92 -8.86
C5 CLA WE . 7.11 35.40 -8.12
C6 CLA WE . 8.34 36.27 -8.20
C7 CLA WE . 9.55 35.47 -8.65
C8 CLA WE . 10.39 36.24 -9.66
C9 CLA WE . 9.79 36.15 -11.04
C10 CLA WE . 11.83 35.71 -9.67
C11 CLA WE . 12.35 35.41 -8.28
C12 CLA WE . 13.82 35.05 -8.28
C13 CLA WE . 14.17 34.08 -7.14
C14 CLA WE . 13.34 34.34 -5.89
C15 CLA WE . 15.66 34.12 -6.81
C16 CLA WE . 16.00 35.22 -5.84
C17 CLA WE . 16.96 34.75 -4.78
C18 CLA WE . 18.40 35.16 -5.08
C19 CLA WE . 19.35 33.98 -4.92
C20 CLA WE . 18.82 36.29 -4.16
C10 WVN XE . 10.37 1.12 7.09
C11 WVN XE . 6.47 15.53 -10.85
C12 WVN XE . 11.69 1.49 7.75
C13 WVN XE . 10.83 3.27 5.79
C14 WVN XE . 11.66 2.97 8.08
C01 WVN XE . 6.47 17.01 -12.94
C02 WVN XE . 5.66 16.47 -11.74
C03 WVN XE . 6.35 18.53 -13.05
C04 WVN XE . 6.72 19.20 -11.73
C05 WVN XE . 5.11 17.58 -10.84
C06 WVN XE . 10.05 1.96 5.86
C07 WVN XE . 5.85 16.37 -14.16
C08 WVN XE . 7.96 16.64 -12.93
C09 WVN XE . 5.81 18.67 -10.62
C15 WVN XE . 11.63 3.72 6.75
C16 WVN XE . 3.89 17.28 -9.98
C17 WVN XE . 10.45 1.16 4.62
C18 WVN XE . 8.53 2.18 5.84
C19 WVN XE . 6.14 14.27 -10.90
C20 WVN XE . 10.07 4.43 5.14
C21 WVN XE . 12.94 4.36 6.32
C22 WVN XE . 6.79 13.19 -10.07
C23 WVN XE . 10.21 4.68 3.85
C24 WVN XE . 6.67 11.75 -10.54
C25 WVN XE . 9.47 5.83 3.19
C26 WVN XE . 7.42 13.50 -8.97
C27 WVN XE . 8.01 6.11 3.57
C28 WVN XE . 10.09 6.57 2.31
C29 WVN XE . 8.07 12.40 -8.13
C30 WVN XE . 9.44 7.74 1.59
C31 WVN XE . 7.54 12.14 -6.95
C32 WVN XE . 8.16 11.04 -6.10
C33 WVN XE . 9.62 7.85 0.30
C34 WVN XE . 9.01 8.99 -0.50
C35 WVN XE . 8.81 9.83 -6.76
C36 WVN XE . 8.14 11.18 -4.80
C37 WVN XE . 9.38 9.15 -1.76
C38 WVN XE . 8.00 9.92 0.15
C39 WVN XE . 8.75 10.11 -3.90
C40 WVN XE . 8.78 10.27 -2.60
C10 WVN YE . 17.16 1.81 0.66
C11 WVN YE . 5.98 22.68 0.66
C12 WVN YE . 17.64 1.47 -0.75
C13 WVN YE . 15.47 3.30 -0.42
C14 WVN YE . 16.49 1.47 -1.76
C01 WVN YE . 4.83 24.91 1.10
C02 WVN YE . 5.74 24.11 0.14
C03 WVN YE . 4.39 26.23 0.46
C04 WVN YE . 3.80 26.06 -0.94
C05 WVN YE . 5.11 24.04 -1.25
C06 WVN YE . 16.53 3.20 0.68
C07 WVN YE . 5.64 25.26 2.36
C08 WVN YE . 3.61 24.09 1.52
C09 WVN YE . 4.69 25.16 -1.80
C15 WVN YE . 15.32 2.38 -1.36
C16 WVN YE . 4.90 22.72 -1.99
C17 WVN YE . 15.83 3.38 2.03
C18 WVN YE . 17.62 4.26 0.52
C19 WVN YE . 7.22 22.29 0.88
C20 WVN YE . 15.34 4.69 -1.03
C21 WVN YE . 13.90 1.89 -1.65
C22 WVN YE . 7.50 20.87 1.37
C23 WVN YE . 14.32 5.45 -0.66
C24 WVN YE . 6.55 20.22 2.37
C25 WVN YE . 14.10 6.85 -1.21
C26 WVN YE . 8.56 20.25 0.91
C27 WVN YE . 14.68 7.27 -2.55
C28 WVN YE . 13.39 7.67 -0.47
C29 WVN YE . 8.90 18.83 1.35
C30 WVN YE . 13.09 9.11 -0.91
C31 WVN YE . 9.01 17.89 0.44
C32 WVN YE . 9.35 16.47 0.87
C33 WVN YE . 12.74 9.99 -0.01
C34 WVN YE . 12.42 11.41 -0.45
C35 WVN YE . 8.82 15.94 2.21
C36 WVN YE . 10.07 15.69 0.08
C37 WVN YE . 11.58 12.14 0.26
C38 WVN YE . 13.06 11.98 -1.71
C39 WVN YE . 10.41 14.27 0.52
C40 WVN YE . 11.25 13.56 -0.18
C10 WVN ZE . 21.71 32.97 1.14
C11 WVN ZE . 2.40 28.26 -11.06
C12 WVN ZE . 21.30 31.54 1.46
C13 WVN ZE . 19.35 33.09 0.26
C14 WVN ZE . 19.91 31.53 2.10
C01 WVN ZE . 1.01 27.56 -13.08
C02 WVN ZE . 1.68 27.11 -11.78
C03 WVN ZE . 0.02 26.52 -13.60
C04 WVN ZE . -0.98 26.06 -12.54
C05 WVN ZE . 0.64 26.52 -10.80
C06 WVN ZE . 20.79 33.59 0.09
C07 WVN ZE . 2.08 27.69 -14.16
C08 WVN ZE . 0.31 28.91 -12.92
C09 WVN ZE . -0.23 25.66 -11.27
C15 WVN ZE . 18.93 32.41 1.32
C16 WVN ZE . 0.89 26.54 -9.30
C17 WVN ZE . 20.78 35.11 0.30
C18 WVN ZE . 21.39 33.32 -1.30
C19 WVN ZE . 3.71 28.31 -11.07
C20 WVN ZE . 18.62 32.64 -1.00
C21 WVN ZE . 17.66 32.88 2.03
C22 WVN ZE . 4.47 29.42 -10.35
C23 WVN ZE . 18.52 31.35 -1.28
C24 WVN ZE . 3.89 30.83 -10.21
C25 WVN ZE . 17.81 30.80 -2.49
C26 WVN ZE . 5.63 29.09 -9.86
C27 WVN ZE . 18.14 29.38 -2.92
C28 WVN ZE . 16.90 31.50 -3.14
C29 WVN ZE . 6.56 30.00 -9.06
C30 WVN ZE . 16.20 30.87 -4.34
C31 WVN ZE . 7.76 29.55 -8.86
C32 WVN ZE . 8.80 30.30 -8.04
C33 WVN ZE . 14.90 30.70 -4.20
C34 WVN ZE . 14.04 30.06 -5.28
C35 WVN ZE . 8.60 31.78 -7.71
C36 WVN ZE . 9.82 29.62 -7.59
C37 WVN ZE . 13.07 30.72 -5.86
C38 WVN ZE . 14.32 28.60 -5.64
C39 WVN ZE . 10.89 30.23 -6.70
C40 WVN ZE . 12.18 30.05 -6.90
C1 LMG AF . 15.03 2.08 14.68
O1 LMG AF . 15.55 1.51 13.49
C2 LMG AF . 15.49 1.30 15.89
O2 LMG AF . 15.12 -0.08 15.76
C3 LMG AF . 14.85 1.88 17.15
O3 LMG AF . 15.37 1.24 18.31
C4 LMG AF . 15.11 3.38 17.25
O4 LMG AF . 16.46 3.61 17.64
C5 LMG AF . 14.84 4.10 15.92
O5 LMG AF . 15.03 6.20 14.75
C6 LMG AF . 15.33 5.54 15.98
O6 LMG AF . 15.47 3.43 14.83
C7 LMG AF . 14.96 2.08 12.33
C8 LMG AF . 15.21 1.17 11.13
C9 LMG AF . 14.36 -0.09 11.23
O7 LMG AF . 14.85 1.87 9.93
C10 LMG AF . 16.03 2.26 9.17
O9 LMG AF . 17.11 2.34 9.74
C11 LMG AF . 15.93 2.55 7.70
C12 LMG AF . 17.24 3.18 7.24
C13 LMG AF . 17.38 3.17 5.72
C14 LMG AF . 18.62 3.97 5.32
C15 LMG AF . 19.07 3.62 3.91
C16 LMG AF . 19.73 2.24 3.87
C17 LMG AF . 21.21 2.34 4.24
C18 LMG AF . 22.02 2.95 3.09
C19 LMG AF . 22.16 1.96 1.94
C20 LMG AF . 21.74 2.59 0.62
C21 LMG AF . 21.53 1.54 -0.46
C22 LMG AF . 22.84 1.09 -1.09
C23 LMG AF . 22.56 0.22 -2.31
C24 LMG AF . 21.85 -1.06 -1.91
C25 LMG AF . 21.69 -1.99 -3.11
O8 LMG AF . 14.08 -0.52 9.90
C28 LMG AF . 13.78 -1.91 9.59
O10 LMG AF . 13.73 -2.73 10.49
C29 LMG AF . 13.57 -2.31 8.15
C30 LMG AF . 14.41 -1.37 7.27
C31 LMG AF . 14.15 -1.60 5.79
C32 LMG AF . 14.72 -0.44 4.98
C33 LMG AF . 14.63 -0.70 3.48
C34 LMG AF . 13.20 -1.05 3.07
C35 LMG AF . 13.10 -1.22 1.55
C36 LMG AF . 11.83 -1.98 1.19
C37 LMG AF . 10.58 -1.22 1.63
C38 LMG AF . 10.25 -0.07 0.69
C39 LMG AF . 8.94 0.58 1.08
C40 LMG AF . 8.51 1.62 0.05
C41 LMG AF . 9.54 2.73 -0.10
C42 LMG AF . 8.99 3.88 -0.92
C43 LMG AF . 7.76 4.49 -0.25
O1 LHG BF . 13.97 -5.05 -23.15
C1 LHG BF . 14.17 -6.24 -23.92
C2 LHG BF . 14.43 -5.89 -25.38
O2 LHG BF . 14.77 -7.08 -26.10
C3 LHG BF . 15.58 -4.90 -25.47
O3 LHG BF . 15.46 -3.94 -24.42
P LHG BF . 16.64 -2.92 -24.08
O4 LHG BF . 17.96 -3.58 -24.42
O5 LHG BF . 16.29 -1.57 -24.66
O6 LHG BF . 16.51 -2.84 -22.47
C4 LHG BF . 17.46 -2.13 -21.69
C5 LHG BF . 17.81 -2.98 -20.48
C6 LHG BF . 19.26 -3.42 -20.58
O7 LHG BF . 17.61 -2.24 -19.28
C7 LHG BF . 16.46 -2.74 -18.53
O9 LHG BF . 15.57 -3.32 -19.12
C8 LHG BF . 16.39 -2.53 -17.04
C9 LHG BF . 15.27 -3.37 -16.46
C10 LHG BF . 15.48 -3.59 -14.96
O8 LHG BF . 19.71 -3.82 -19.28
C23 LHG BF . 21.02 -4.45 -19.14
O10 LHG BF . 21.52 -5.00 -20.11
C24 LHG BF . 21.74 -4.40 -17.82
C11 LHG BF . 14.27 -4.26 -14.32
C12 LHG BF . 14.53 -4.60 -12.86
C13 LHG BF . 15.55 -5.73 -12.75
C14 LHG BF . 15.86 -6.06 -11.30
C15 LHG BF . 16.81 -7.24 -11.20
C16 LHG BF . 17.24 -7.50 -9.76
C25 LHG BF . 21.05 -5.31 -16.80
C26 LHG BF . 21.81 -5.30 -15.48
C27 LHG BF . 21.14 -6.19 -14.45
C28 LHG BF . 21.09 -5.50 -13.09
C29 LHG BF . 20.30 -4.19 -13.20
C30 LHG BF . 20.36 -3.39 -11.90
C31 LHG BF . 19.63 -2.07 -12.07
C32 LHG BF . 18.14 -2.30 -12.33
C33 LHG BF . 17.48 -1.03 -12.87
C34 LHG BF . 17.98 -0.71 -14.27
C35 LHG BF . 17.28 0.51 -14.84
C36 LHG BF . 15.77 0.35 -14.82
C37 LHG BF . 15.07 1.62 -15.32
C38 LHG BF . 15.50 1.96 -16.72
CL CL CF . 31.69 -43.66 17.48
MG CLA DF . 24.08 -65.10 -10.99
CHA CLA DF . 26.98 -64.77 -9.12
CHB CLA DF . 22.49 -62.96 -8.84
CHC CLA DF . 21.55 -64.67 -13.30
CHD CLA DF . 26.05 -66.62 -13.55
NA CLA DF . 24.65 -64.09 -9.25
C1A CLA DF . 25.91 -64.07 -8.63
C2A CLA DF . 25.89 -63.21 -7.36
C3A CLA DF . 24.39 -62.89 -7.17
C4A CLA DF . 23.78 -63.32 -8.51
CMA CLA DF . 23.82 -63.63 -5.99
CAA CLA DF . 26.69 -61.91 -7.44
CBA CLA DF . 27.09 -61.45 -8.83
CGA CLA DF . 25.90 -61.00 -9.64
O1A CLA DF . 25.72 -61.17 -10.84
O2A CLA DF . 24.95 -60.34 -8.90
NB CLA DF . 22.41 -63.96 -11.09
C1B CLA DF . 21.85 -63.33 -10.03
C2B CLA DF . 20.40 -63.04 -10.28
C3B CLA DF . 20.13 -63.52 -11.54
C4B CLA DF . 21.40 -64.11 -12.06
CMB CLA DF . 19.56 -62.36 -9.29
CAB CLA DF . 18.92 -63.52 -12.33
CBB CLA DF . 17.95 -62.60 -12.32
NC CLA DF . 23.83 -65.61 -13.01
C1C CLA DF . 22.69 -65.38 -13.74
C2C CLA DF . 22.82 -65.91 -15.09
C3C CLA DF . 24.13 -66.40 -15.19
C4C CLA DF . 24.75 -66.22 -13.88
CMC CLA DF . 21.80 -65.84 -16.12
CAC CLA DF . 24.75 -67.04 -16.37
CBC CLA DF . 25.48 -66.06 -17.24
ND CLA DF . 25.98 -65.74 -11.26
C1D CLA DF . 26.65 -66.39 -12.33
C2D CLA DF . 28.02 -66.75 -11.90
C3D CLA DF . 28.18 -66.19 -10.65
C4D CLA DF . 26.92 -65.51 -10.33
CMD CLA DF . 28.96 -67.54 -12.70
CAD CLA DF . 29.07 -66.00 -9.51
OBD CLA DF . 30.16 -66.51 -9.26
CBD CLA DF . 28.38 -64.96 -8.57
CGD CLA DF . 28.37 -65.42 -7.13
O1D CLA DF . 29.01 -64.95 -6.19
O2D CLA DF . 27.54 -66.48 -6.90
CED CLA DF . 28.12 -67.64 -6.29
C1 CLA DF . 24.27 -59.24 -9.56
C2 CLA DF . 23.07 -59.81 -10.24
C3 CLA DF . 22.38 -59.13 -11.16
C4 CLA DF . 22.76 -57.76 -11.59
C5 CLA DF . 21.19 -59.73 -11.83
C6 CLA DF . 19.97 -58.84 -11.71
C7 CLA DF . 18.93 -59.22 -12.75
C8 CLA DF . 17.55 -58.70 -12.41
C9 CLA DF . 17.11 -59.16 -11.04
C10 CLA DF . 16.53 -59.12 -13.46
C11 CLA DF . 16.54 -58.18 -14.65
C12 CLA DF . 15.52 -58.59 -15.69
C13 CLA DF . 15.78 -57.87 -17.01
C14 CLA DF . 15.24 -56.45 -16.97
C15 CLA DF . 15.19 -58.64 -18.18
C16 CLA DF . 13.68 -58.65 -18.15
C17 CLA DF . 13.11 -59.08 -19.49
C18 CLA DF . 11.64 -58.71 -19.61
C19 CLA DF . 11.10 -59.08 -20.98
C20 CLA DF . 10.83 -59.42 -18.54
MG CLA EF . 30.69 -54.47 -14.96
CHA CLA EF . 30.23 -57.08 -12.72
CHB CLA EF . 34.07 -55.12 -14.96
CHC CLA EF . 31.09 -52.43 -17.71
CHD CLA EF . 27.17 -54.40 -15.48
NA CLA EF . 31.93 -55.86 -13.98
C1A CLA EF . 31.54 -56.85 -13.06
C2A CLA EF . 32.75 -57.64 -12.56
C3A CLA EF . 33.95 -56.86 -13.13
C4A CLA EF . 33.28 -55.87 -14.10
CMA CLA EF . 34.74 -56.15 -12.07
CAA CLA EF . 32.73 -59.10 -13.02
CBA CLA EF . 32.67 -59.24 -14.53
CGA CLA EF . 31.45 -60.02 -14.92
O1A CLA EF . 30.28 -59.66 -14.92
O2A CLA EF . 31.73 -61.30 -15.33
NB CLA EF . 32.26 -53.89 -16.08
C1B CLA EF . 33.56 -54.20 -15.89
C2B CLA EF . 34.43 -53.41 -16.82
C3B CLA EF . 33.59 -52.66 -17.61
C4B CLA EF . 32.20 -52.95 -17.15
CMB CLA EF . 35.88 -53.56 -16.87
CAB CLA EF . 33.84 -51.77 -18.71
CBB CLA EF . 34.89 -50.94 -18.86
NC CLA EF . 29.37 -53.56 -16.29
C1C CLA EF . 29.75 -52.72 -17.30
C2C CLA EF . 28.59 -52.18 -17.98
C3C CLA EF . 27.48 -52.79 -17.42
C4C CLA EF . 27.98 -53.63 -16.34
CMC CLA EF . 28.66 -51.24 -19.10
CAC CLA EF . 26.06 -52.56 -17.76
CBC CLA EF . 25.55 -51.25 -17.18
ND CLA EF . 29.05 -55.48 -14.32
C1D CLA EF . 27.66 -55.27 -14.53
C2D CLA EF . 26.89 -56.12 -13.59
C3D CLA EF . 27.83 -56.80 -12.84
C4D CLA EF . 29.15 -56.39 -13.35
CMD CLA EF . 25.43 -56.15 -13.54
CAD CLA EF . 28.06 -57.77 -11.78
OBD CLA EF . 27.24 -58.35 -11.07
CBD CLA EF . 29.60 -57.98 -11.68
CGD CLA EF . 30.11 -57.67 -10.31
O1D CLA EF . 31.19 -58.01 -9.79
O2D CLA EF . 29.26 -56.91 -9.56
CED CLA EF . 29.77 -55.72 -8.95
C1 CLA EF . 30.60 -62.18 -15.54
C2 CLA EF . 30.25 -62.10 -16.98
C3 CLA EF . 30.62 -63.03 -17.88
C4 CLA EF . 30.25 -62.93 -19.31
C5 CLA EF . 31.42 -64.23 -17.47
C6 CLA EF . 31.00 -65.49 -18.20
C7 CLA EF . 29.82 -66.14 -17.53
C8 CLA EF . 30.02 -67.64 -17.35
C9 CLA EF . 28.70 -68.38 -17.52
C10 CLA EF . 30.63 -67.93 -15.98
C11 CLA EF . 30.62 -69.41 -15.64
C12 CLA EF . 31.46 -69.70 -14.42
C13 CLA EF . 31.37 -71.16 -14.01
C14 CLA EF . 31.35 -71.29 -12.50
C15 CLA EF . 32.52 -71.97 -14.60
C16 CLA EF . 32.52 -73.41 -14.12
C17 CLA EF . 33.51 -74.24 -14.91
C18 CLA EF . 33.44 -75.73 -14.56
C19 CLA EF . 34.14 -76.01 -13.24
C20 CLA EF . 32.02 -76.22 -14.52
MG CLA FF . 34.54 -65.28 -18.60
CHA CLA FF . 35.07 -63.66 -15.55
CHB CLA FF . 34.35 -68.27 -16.89
CHC CLA FF . 33.01 -66.76 -21.31
CHD CLA FF . 33.82 -62.09 -20.02
NA CLA FF . 34.74 -65.85 -16.58
C1A CLA FF . 34.96 -65.02 -15.46
C2A CLA FF . 35.07 -65.85 -14.17
C3A CLA FF . 35.06 -67.32 -14.68
C4A CLA FF . 34.69 -67.15 -16.16
CMA CLA FF . 36.38 -68.02 -14.49
CAA CLA FF . 33.97 -65.60 -13.14
CBA CLA FF . 32.63 -65.20 -13.73
CGA CLA FF . 31.75 -64.77 -12.60
O1A CLA FF . 31.34 -65.43 -11.65
O2A CLA FF . 31.39 -63.44 -12.69
NB CLA FF . 33.78 -67.12 -18.99
C1B CLA FF . 33.97 -68.24 -18.24
C2B CLA FF . 33.69 -69.47 -19.03
C3B CLA FF . 33.31 -69.05 -20.28
C4B CLA FF . 33.36 -67.56 -20.27
CMB CLA FF . 33.80 -70.82 -18.47
CAB CLA FF . 32.90 -69.80 -21.43
CBB CLA FF . 31.90 -70.71 -21.45
NC CLA FF . 33.68 -64.56 -20.36
C1C CLA FF . 33.16 -65.35 -21.36
C2C CLA FF . 32.69 -64.53 -22.47
C3C CLA FF . 32.84 -63.20 -22.07
C4C CLA FF . 33.47 -63.23 -20.76
CMC CLA FF . 32.11 -65.05 -23.70
CAC CLA FF . 32.50 -62.00 -22.85
CBC CLA FF . 31.12 -61.47 -22.56
ND CLA FF . 34.60 -63.34 -18.05
C1D CLA FF . 34.35 -62.13 -18.75
C2D CLA FF . 34.73 -60.97 -17.89
C3D CLA FF . 35.05 -61.51 -16.66
C4D CLA FF . 34.87 -62.98 -16.79
CMD CLA FF . 34.73 -59.57 -18.32
CAD CLA FF . 35.49 -61.25 -15.31
OBD CLA FF . 35.91 -60.20 -14.82
CBD CLA FF . 35.35 -62.59 -14.52
CGD CLA FF . 36.57 -62.90 -13.69
O1D CLA FF . 36.71 -62.73 -12.48
O2D CLA FF . 37.60 -63.42 -14.41
CED CLA FF . 38.85 -63.60 -13.73
C1 CLA FF . 30.37 -62.97 -11.78
C2 CLA FF . 29.07 -63.44 -12.31
C3 CLA FF . 28.12 -62.61 -12.77
C4 CLA FF . 28.31 -61.15 -12.81
C5 CLA FF . 26.82 -63.13 -13.28
C6 CLA FF . 26.22 -62.30 -14.39
C7 CLA FF . 24.76 -62.64 -14.56
C8 CLA FF . 23.97 -61.48 -15.17
C9 CLA FF . 22.49 -61.81 -15.24
C10 CLA FF . 24.50 -61.14 -16.55
C11 CLA FF . 24.52 -59.64 -16.76
C12 CLA FF . 25.81 -59.18 -17.40
C13 CLA FF . 26.07 -57.71 -17.11
C14 CLA FF . 24.93 -56.85 -17.63
C15 CLA FF . 27.38 -57.26 -17.73
C16 CLA FF . 28.58 -57.77 -16.96
C17 CLA FF . 29.82 -56.96 -17.29
C18 CLA FF . 31.02 -57.82 -17.64
C19 CLA FF . 30.64 -58.95 -18.57
C20 CLA FF . 32.10 -56.96 -18.29
MG CLA GF . 40.90 -51.27 -12.83
CHA CLA GF . 43.64 -50.56 -10.82
CHB CLA GF . 38.85 -50.80 -10.12
CHC CLA GF . 38.17 -51.12 -14.91
CHD CLA GF . 43.03 -51.04 -15.67
NA CLA GF . 41.22 -50.78 -10.81
C1A CLA GF . 42.44 -50.52 -10.18
C2A CLA GF . 42.24 -50.21 -8.70
C3A CLA GF . 40.74 -50.49 -8.47
C4A CLA GF . 40.21 -50.70 -9.90
CMA CLA GF . 40.50 -51.71 -7.61
CAA CLA GF . 42.59 -48.76 -8.37
CBA CLA GF . 41.70 -47.75 -9.08
CGA CLA GF . 42.39 -47.17 -10.27
O1A CLA GF . 42.49 -47.63 -11.41
O2A CLA GF . 42.98 -45.96 -10.00
NB CLA GF . 38.92 -50.94 -12.57
C1B CLA GF . 38.27 -50.98 -11.38
C2B CLA GF . 36.81 -51.24 -11.58
C3B CLA GF . 36.61 -51.34 -12.93
C4B CLA GF . 37.94 -51.13 -13.58
CMB CLA GF . 35.89 -51.33 -10.44
CAB CLA GF . 35.42 -51.53 -13.73
CBB CLA GF . 34.26 -52.06 -13.34
NC CLA GF . 40.66 -51.13 -14.90
C1C CLA GF . 39.45 -51.11 -15.54
C2C CLA GF . 39.63 -51.04 -16.98
C3C CLA GF . 41.01 -50.99 -17.20
C4C CLA GF . 41.64 -51.05 -15.89
CMC CLA GF . 38.54 -51.00 -17.96
CAC CLA GF . 41.70 -50.91 -18.50
CBC CLA GF . 42.15 -49.51 -18.83
ND CLA GF . 42.85 -50.95 -13.22
C1D CLA GF . 43.62 -50.99 -14.42
C2D CLA GF . 45.06 -50.96 -14.09
C3D CLA GF . 45.12 -50.81 -12.72
C4D CLA GF . 43.73 -50.78 -12.23
CMD CLA GF . 46.14 -51.05 -15.06
CAD CLA GF . 45.99 -50.69 -11.55
OBD CLA GF . 47.22 -50.75 -11.48
CBD CLA GF . 45.07 -50.46 -10.32
CGD CLA GF . 45.35 -51.46 -9.23
O1D CLA GF . 45.54 -51.23 -8.02
O2D CLA GF . 45.38 -52.75 -9.65
CED CLA GF . 46.06 -53.70 -8.85
C1 CLA GF . 42.12 -44.82 -9.99
C2 CLA GF . 41.79 -44.49 -11.40
C3 CLA GF . 40.95 -43.50 -11.75
C4 CLA GF . 40.28 -42.65 -10.74
C5 CLA GF . 40.65 -43.22 -13.18
C6 CLA GF . 39.20 -43.48 -13.55
C7 CLA GF . 38.55 -42.21 -14.07
C8 CLA GF . 37.69 -42.47 -15.30
C9 CLA GF . 38.43 -42.01 -16.55
C10 CLA GF . 36.35 -41.76 -15.18
C11 CLA GF . 35.58 -41.76 -16.49
C12 CLA GF . 34.13 -41.36 -16.31
C13 CLA GF . 33.43 -41.16 -17.65
C14 CLA GF . 31.94 -40.99 -17.44
C15 CLA GF . 33.70 -42.31 -18.61
MG CLA HF . 11.54 -46.77 -20.53
CHA CLA HF . 9.91 -47.29 -23.55
CHB CLA HF . 11.03 -43.40 -20.89
CHC CLA HF . 12.37 -46.31 -17.22
CHD CLA HF . 11.38 -50.27 -19.95
NA CLA HF . 10.66 -45.57 -21.99
C1A CLA HF . 10.04 -45.98 -23.19
C2A CLA HF . 9.54 -44.80 -24.00
C3A CLA HF . 10.11 -43.57 -23.23
C4A CLA HF . 10.63 -44.20 -21.93
CMA CLA HF . 11.20 -42.89 -24.01
CAA CLA HF . 8.02 -44.81 -24.05
CBA CLA HF . 7.36 -44.73 -22.69
CGA CLA HF . 6.92 -46.09 -22.24
O1A CLA HF . 6.51 -47.03 -22.92
O2A CLA HF . 7.02 -46.24 -20.88
NB CLA HF . 11.68 -45.17 -19.31
C1B CLA HF . 11.50 -43.87 -19.66
C2B CLA HF . 11.87 -42.98 -18.53
C3B CLA HF . 12.27 -43.80 -17.49
C4B CLA HF . 12.14 -45.20 -17.97
CMB CLA HF . 11.78 -41.52 -18.60
CAB CLA HF . 12.68 -43.48 -16.15
CBB CLA HF . 11.99 -42.74 -15.29
NC CLA HF . 11.87 -48.07 -18.92
C1C CLA HF . 12.25 -47.66 -17.67
C2C CLA HF . 12.46 -48.81 -16.79
C3C CLA HF . 12.12 -49.94 -17.54
C4C CLA HF . 11.77 -49.45 -18.88
CMC CLA HF . 12.87 -48.74 -15.40
CAC CLA HF . 12.16 -51.33 -17.09
CBC CLA HF . 13.39 -52.08 -17.56
ND CLA HF . 10.85 -48.43 -21.48
C1D CLA HF . 10.95 -49.81 -21.17
C2D CLA HF . 10.50 -50.60 -22.35
C3D CLA HF . 10.08 -49.68 -23.29
C4D CLA HF . 10.31 -48.35 -22.69
CMD CLA HF . 10.48 -52.05 -22.41
CAD CLA HF . 9.51 -49.48 -24.61
OBD CLA HF . 9.13 -50.31 -25.43
CBD CLA HF . 9.38 -47.94 -24.82
CGD CLA HF . 10.08 -47.44 -26.06
O1D CLA HF . 9.71 -46.53 -26.79
O2D CLA HF . 11.23 -48.08 -26.38
CED CLA HF . 11.76 -47.89 -27.69
C1 CLA HF . 7.85 -47.30 -20.40
C2 CLA HF . 8.34 -46.89 -19.07
C3 CLA HF . 8.23 -47.68 -17.98
C4 CLA HF . 7.61 -49.02 -18.06
C5 CLA HF . 8.73 -47.24 -16.65
C6 CLA HF . 8.91 -45.74 -16.56
C7 CLA HF . 9.42 -45.36 -15.18
C8 CLA HF . 8.28 -45.20 -14.18
C9 CLA HF . 7.47 -43.95 -14.49
C10 CLA HF . 8.80 -45.12 -12.75
C11 CLA HF . 10.07 -44.29 -12.65
C12 CLA HF . 10.80 -44.50 -11.35
C13 CLA HF . 11.04 -45.97 -11.08
C14 CLA HF . 11.45 -46.19 -9.63
C15 CLA HF . 12.09 -46.58 -12.02
C16 CLA HF . 13.39 -45.81 -11.97
C17 CLA HF . 14.29 -46.22 -13.12
C18 CLA HF . 15.75 -45.85 -12.87
C19 CLA HF . 16.28 -46.58 -11.67
C20 CLA HF . 16.59 -46.19 -14.09
MG CLA IF . 9.80 -63.53 -22.86
CHA CLA IF . 6.65 -62.48 -23.86
CHB CLA IF . 11.14 -60.69 -24.27
CHC CLA IF . 12.74 -64.04 -21.12
CHD CLA IF . 8.25 -66.04 -20.89
NA CLA IF . 9.02 -61.89 -23.92
C1A CLA IF . 7.67 -61.65 -24.23
C2A CLA IF . 7.53 -60.36 -25.03
C3A CLA IF . 8.99 -60.00 -25.39
C4A CLA IF . 9.79 -60.91 -24.46
CMA CLA IF . 9.30 -60.28 -26.85
CAA CLA IF . 6.86 -59.25 -24.21
CBA CLA IF . 7.33 -59.24 -22.77
CGA CLA IF . 6.70 -58.10 -22.03
O1A CLA IF . 5.97 -57.21 -22.46
O2A CLA IF . 7.03 -58.08 -20.71
NB CLA IF . 11.58 -62.57 -22.73
C1B CLA IF . 11.95 -61.47 -23.43
C2B CLA IF . 13.37 -61.14 -23.16
C3B CLA IF . 13.84 -62.09 -22.28
C4B CLA IF . 12.71 -63.00 -21.99
CMB CLA IF . 14.01 -59.98 -23.79
CAB CLA IF . 15.13 -62.27 -21.63
CBB CLA IF . 16.20 -61.49 -21.70
NC CLA IF . 10.39 -64.84 -21.34
C1C CLA IF . 11.66 -64.92 -20.82
C2C CLA IF . 11.74 -65.99 -19.83
C3C CLA IF . 10.45 -66.51 -19.71
C4C CLA IF . 9.62 -65.80 -20.68
CMC CLA IF . 12.95 -66.35 -19.09
CAC CLA IF . 10.02 -67.61 -18.84
CBC CLA IF . 9.22 -67.14 -17.65
ND CLA IF . 7.93 -64.17 -22.44
C1D CLA IF . 7.44 -65.29 -21.71
C2D CLA IF . 5.99 -65.45 -21.97
C3D CLA IF . 5.64 -64.39 -22.78
C4D CLA IF . 6.87 -63.62 -23.03
CMD CLA IF . 5.16 -66.51 -21.42
CAD CLA IF . 4.57 -63.72 -23.50
OBD CLA IF . 3.38 -64.03 -23.58
CBD CLA IF . 5.18 -62.47 -24.20
CGD CLA IF . 4.96 -62.53 -25.69
O1D CLA IF . 4.32 -61.73 -26.39
O2D CLA IF . 5.57 -63.58 -26.30
CED CLA IF . 4.73 -64.57 -26.90
C1 CLA IF . 5.93 -57.93 -19.78
C2 CLA IF . 6.53 -57.80 -18.42
C3 CLA IF . 5.79 -57.79 -17.31
C4 CLA IF . 4.31 -57.91 -17.34
C5 CLA IF . 6.43 -57.66 -15.97
C6 CLA IF . 6.35 -58.94 -15.16
C7 CLA IF . 7.28 -58.88 -13.97
C8 CLA IF . 7.12 -60.07 -13.04
C9 CLA IF . 5.78 -60.01 -12.32
C10 CLA IF . 8.26 -60.12 -12.01
C11 CLA IF . 8.45 -58.80 -11.30
C12 CLA IF . 9.78 -58.73 -10.58
C13 CLA IF . 9.96 -57.42 -9.84
C14 CLA IF . 9.02 -57.34 -8.66
C15 CLA IF . 9.76 -56.22 -10.76
C16 CLA IF . 10.97 -55.99 -11.64
C17 CLA IF . 12.19 -55.62 -10.82
C18 CLA IF . 13.43 -55.48 -11.70
C19 CLA IF . 14.10 -56.81 -11.91
C20 CLA IF . 14.40 -54.49 -11.09
MG CLA JF . 15.58 -57.63 -25.43
CHA CLA JF . 18.50 -59.52 -25.33
CHB CLA JF . 16.00 -56.86 -22.12
CHC CLA JF . 12.32 -56.50 -25.29
CHD CLA JF . 14.91 -58.97 -28.66
NA CLA JF . 17.05 -58.08 -23.99
C1A CLA JF . 18.20 -58.88 -24.15
C2A CLA JF . 19.01 -58.90 -22.84
C3A CLA JF . 18.27 -57.89 -21.94
C4A CLA JF . 17.01 -57.58 -22.72
CMA CLA JF . 17.94 -58.46 -20.59
CAA CLA JF . 20.44 -58.41 -23.05
CBA CLA JF . 21.30 -58.47 -21.80
CGA CLA JF . 21.23 -59.82 -21.16
O1A CLA JF . 21.38 -60.93 -21.68
O2A CLA JF . 20.96 -59.74 -19.82
NB CLA JF . 14.42 -56.79 -24.01
C1B CLA JF . 14.78 -56.55 -22.72
C2B CLA JF . 13.63 -55.94 -21.98
C3B CLA JF . 12.59 -55.84 -22.87
C4B CLA JF . 13.08 -56.39 -24.16
CMB CLA JF . 13.71 -55.58 -20.56
CAB CLA JF . 11.24 -55.37 -22.72
CBB CLA JF . 10.43 -55.63 -21.70
NC CLA JF . 13.96 -57.67 -26.75
C1C CLA JF . 12.73 -57.09 -26.52
C2C CLA JF . 11.86 -57.24 -27.67
C3C CLA JF . 12.58 -58.00 -28.60
C4C CLA JF . 13.89 -58.25 -28.02
CMC CLA JF . 10.50 -56.74 -27.76
CAC CLA JF . 12.13 -58.41 -29.93
CBC CLA JF . 11.61 -59.83 -29.95
ND CLA JF . 16.43 -58.92 -26.74
C1D CLA JF . 16.11 -59.30 -28.07
C2D CLA JF . 17.21 -60.10 -28.64
C3D CLA JF . 18.14 -60.24 -27.62
C4D CLA JF . 17.61 -59.49 -26.46
CMD CLA JF . 17.24 -60.65 -29.99
CAD CLA JF . 19.41 -60.82 -27.24
OBD CLA JF . 20.17 -61.52 -27.88
CBD CLA JF . 19.67 -60.37 -25.77
CGD CLA JF . 19.82 -61.55 -24.85
O1D CLA JF . 20.87 -62.04 -24.41
O2D CLA JF . 18.65 -62.12 -24.47
CED CLA JF . 18.71 -63.25 -23.61
C1 CLA JF . 20.82 -60.98 -19.09
C2 CLA JF . 19.43 -61.46 -19.26
C3 CLA JF . 18.80 -62.22 -18.35
C4 CLA JF . 19.43 -62.65 -17.10
C5 CLA JF . 17.39 -62.66 -18.59
C6 CLA JF . 16.42 -62.15 -17.54
C7 CLA JF . 15.83 -63.30 -16.76
C8 CLA JF . 14.44 -62.97 -16.22
C9 CLA JF . 14.11 -63.84 -15.03
C10 CLA JF . 13.38 -63.15 -17.31
C11 CLA JF . 12.02 -62.66 -16.86
C12 CLA JF . 10.92 -63.24 -17.73
C13 CLA JF . 9.54 -62.75 -17.32
C14 CLA JF . 9.33 -62.86 -15.82
C15 CLA JF . 8.45 -63.50 -18.07
C16 CLA JF . 7.93 -62.71 -19.25
C17 CLA JF . 6.69 -61.92 -18.90
C18 CLA JF . 5.45 -62.48 -19.59
C19 CLA JF . 4.79 -63.54 -18.74
C20 CLA JF . 4.45 -61.37 -19.88
MG CLA KF . 24.37 -45.19 -28.12
CHA CLA KF . 24.68 -43.13 -30.90
CHB CLA KF . 25.08 -47.89 -30.14
CHC CLA KF . 25.12 -47.09 -25.34
CHD CLA KF . 24.53 -42.27 -26.09
NA CLA KF . 24.74 -45.45 -30.17
C1A CLA KF . 24.84 -44.46 -31.17
C2A CLA KF . 25.10 -45.08 -32.54
C3A CLA KF . 24.90 -46.59 -32.28
C4A CLA KF . 24.91 -46.67 -30.76
CMA CLA KF . 23.61 -47.09 -32.87
CAA CLA KF . 26.50 -44.76 -33.05
CBA CLA KF . 27.58 -44.92 -32.01
CGA CLA KF . 28.91 -44.52 -32.59
O1A CLA KF . 29.21 -44.34 -33.77
O2A CLA KF . 29.88 -44.36 -31.62
NB CLA KF . 25.00 -47.09 -27.81
C1B CLA KF . 25.11 -48.06 -28.75
C2B CLA KF . 25.29 -49.40 -28.11
C3B CLA KF . 25.31 -49.18 -26.76
C4B CLA KF . 25.12 -47.72 -26.55
CMB CLA KF . 25.46 -50.60 -28.93
CAB CLA KF . 25.50 -50.08 -25.64
CBB CLA KF . 25.60 -51.41 -25.64
NC CLA KF . 24.67 -44.77 -26.09
C1C CLA KF . 24.89 -45.71 -25.13
C2C CLA KF . 24.98 -45.08 -23.81
C3C CLA KF . 24.91 -43.70 -24.03
C4C CLA KF . 24.70 -43.51 -25.46
CMC CLA KF . 25.20 -45.80 -22.55
CAC CLA KF . 24.95 -42.65 -23.01
CBC CLA KF . 26.32 -42.02 -22.87
ND CLA KF . 24.42 -43.18 -28.36
C1D CLA KF . 24.42 -42.10 -27.44
C2D CLA KF . 24.27 -40.82 -28.20
C3D CLA KF . 24.31 -41.17 -29.53
C4D CLA KF . 24.47 -42.64 -29.58
CMD CLA KF . 24.13 -39.51 -27.57
CAD CLA KF . 24.25 -40.71 -30.91
OBD CLA KF . 23.96 -39.59 -31.35
CBD CLA KF . 24.63 -41.93 -31.81
CGD CLA KF . 23.68 -42.14 -32.96
O1D CLA KF . 23.95 -42.12 -34.17
O2D CLA KF . 22.40 -42.41 -32.59
CED CLA KF . 21.72 -43.44 -33.32
C1 CLA KF . 30.96 -43.47 -31.97
C2 CLA KF . 31.91 -43.50 -30.83
C3 CLA KF . 32.52 -42.39 -30.37
C4 CLA KF . 32.27 -41.05 -30.94
C5 CLA KF . 33.48 -42.46 -29.23
C6 CLA KF . 33.00 -41.73 -27.99
C7 CLA KF . 34.04 -41.80 -26.90
C8 CLA KF . 33.48 -41.39 -25.54
C9 CLA KF . 32.85 -40.01 -25.61
C10 CLA KF . 34.59 -41.41 -24.48
C11 CLA KF . 34.05 -41.82 -23.13
C12 CLA KF . 35.17 -42.09 -22.13
C13 CLA KF . 35.97 -43.32 -22.52
C14 CLA KF . 35.13 -44.57 -22.40
C15 CLA KF . 37.23 -43.46 -21.69
C16 CLA KF . 38.42 -43.83 -22.55
C17 CLA KF . 39.57 -42.86 -22.39
C18 CLA KF . 40.24 -42.55 -23.73
C19 CLA KF . 39.52 -41.42 -24.44
C20 CLA KF . 41.70 -42.22 -23.53
MG CLA LF . 25.33 -53.95 -30.15
CHA CLA LF . 24.17 -55.51 -27.25
CHB CLA LF . 28.47 -53.83 -28.79
CHC CLA LF . 26.32 -51.76 -32.62
CHD CLA LF . 21.95 -53.51 -31.16
NA CLA LF . 26.16 -54.58 -28.34
C1A CLA LF . 25.52 -55.22 -27.25
C2A CLA LF . 26.51 -55.52 -26.13
C3A CLA LF . 27.87 -55.07 -26.71
C4A CLA LF . 27.49 -54.44 -28.04
CMA CLA LF . 28.56 -54.09 -25.81
CAA CLA LF . 26.62 -57.00 -25.79
CBA CLA LF . 26.37 -57.24 -24.31
CGA CLA LF . 27.57 -57.86 -23.67
O1A CLA LF . 28.44 -58.56 -24.20
O2A CLA LF . 27.65 -57.60 -22.33
NB CLA LF . 27.03 -52.93 -30.56
C1B CLA LF . 28.24 -53.20 -30.02
C2B CLA LF . 29.34 -52.71 -30.90
C3B CLA LF . 28.74 -52.12 -32.00
C4B CLA LF . 27.27 -52.24 -31.78
CMB CLA LF . 30.75 -52.87 -30.54
CAB CLA LF . 29.27 -51.45 -33.16
CBB CLA LF . 30.48 -50.92 -33.32
NC CLA LF . 24.31 -52.85 -31.62
C1C CLA LF . 24.92 -52.04 -32.54
C2C CLA LF . 23.93 -51.47 -33.44
C3C CLA LF . 22.70 -51.94 -33.01
C4C CLA LF . 22.95 -52.81 -31.87
CMC CLA LF . 24.25 -50.55 -34.54
CAC CLA LF . 21.38 -51.63 -33.61
CBC CLA LF . 20.84 -50.29 -33.19
ND CLA LF . 23.48 -54.42 -29.48
C1D CLA LF . 22.18 -54.26 -30.03
C2D CLA LF . 21.21 -55.00 -29.21
C3D CLA LF . 21.91 -55.50 -28.13
C4D CLA LF . 23.32 -55.08 -28.33
CMD CLA LF . 19.79 -55.12 -29.51
CAD CLA LF . 21.85 -56.29 -26.92
OBD CLA LF . 20.92 -56.91 -26.44
CBD CLA LF . 23.27 -56.23 -26.27
CGD CLA LF . 23.25 -55.56 -24.93
O1D CLA LF . 23.19 -56.10 -23.81
O2D CLA LF . 23.31 -54.19 -24.98
CED CLA LF . 23.30 -53.47 -23.75
C1 CLA LF . 27.66 -58.73 -21.43
C2 CLA LF . 26.56 -59.64 -21.88
C3 CLA LF . 26.27 -60.81 -21.30
C4 CLA LF . 27.02 -61.35 -20.14
C5 CLA LF . 25.16 -61.66 -21.84
C6 CLA LF . 25.34 -61.92 -23.32
C7 CLA LF . 24.02 -62.34 -23.95
C8 CLA LF . 23.94 -62.07 -25.45
C9 CLA LF . 24.47 -63.25 -26.23
C10 CLA LF . 24.69 -60.79 -25.84
C11 CLA LF . 24.49 -60.45 -27.30
C12 CLA LF . 23.06 -60.05 -27.60
C13 CLA LF . 22.93 -59.49 -29.01
C14 CLA LF . 23.96 -58.40 -29.25
C15 CLA LF . 21.54 -58.94 -29.28
C16 CLA LF . 21.35 -58.58 -30.75
C17 CLA LF . 20.97 -59.79 -31.58
C18 CLA LF . 20.77 -59.42 -33.04
C19 CLA LF . 21.95 -59.84 -33.88
C20 CLA LF . 19.50 -60.05 -33.59
MG CLA MF . 32.51 -51.84 -24.41
CHA CLA MF . 32.81 -49.48 -26.95
CHB CLA MF . 29.20 -51.08 -24.14
CHC CLA MF . 32.34 -53.75 -21.57
CHD CLA MF . 36.07 -52.05 -24.30
NA CLA MF . 31.23 -50.51 -25.40
C1A CLA MF . 31.55 -49.63 -26.45
C2A CLA MF . 30.31 -48.86 -26.91
C3A CLA MF . 29.19 -49.37 -25.98
C4A CLA MF . 29.90 -50.41 -25.11
CMA CLA MF . 28.60 -48.26 -25.15
CAA CLA MF . 29.98 -49.29 -28.33
CBA CLA MF . 28.66 -48.74 -28.81
CGA CLA MF . 28.87 -47.91 -30.03
O1A CLA MF . 28.68 -48.20 -31.21
O2A CLA MF . 29.35 -46.66 -29.73
NB CLA MF . 31.08 -52.23 -23.05
C1B CLA MF . 29.75 -52.03 -23.27
C2B CLA MF . 28.93 -52.96 -22.44
C3B CLA MF . 29.81 -53.72 -21.71
C4B CLA MF . 31.18 -53.27 -22.09
CMB CLA MF . 27.46 -52.94 -22.48
CAB CLA MF . 29.61 -54.75 -20.73
CBB CLA MF . 28.58 -54.87 -19.89
NC CLA MF . 33.95 -52.74 -23.17
C1C CLA MF . 33.65 -53.50 -22.08
C2C CLA MF . 34.88 -54.02 -21.48
C3C CLA MF . 35.93 -53.51 -22.23
C4C CLA MF . 35.33 -52.72 -23.31
CMC CLA MF . 34.93 -54.87 -20.29
CAC CLA MF . 37.36 -53.74 -22.05
CBC CLA MF . 38.01 -52.70 -21.17
ND CLA MF . 34.10 -51.08 -25.40
C1D CLA MF . 35.50 -51.28 -25.29
C2D CLA MF . 36.19 -50.54 -26.37
C3D CLA MF . 35.20 -49.86 -27.06
C4D CLA MF . 33.93 -50.18 -26.39
CMD CLA MF . 37.63 -50.56 -26.61
CAD CLA MF . 34.91 -48.96 -28.16
OBD CLA MF . 35.65 -48.50 -29.01
CBD CLA MF . 33.38 -48.63 -28.06
CGD CLA MF . 33.14 -47.16 -27.79
O1D CLA MF . 32.98 -46.27 -28.61
O2D CLA MF . 33.12 -46.84 -26.47
CED CLA MF . 33.36 -45.48 -26.10
C1 CLA MF . 28.62 -45.92 -28.73
C2 CLA MF . 29.61 -45.16 -27.93
C3 CLA MF . 29.23 -44.21 -27.07
C4 CLA MF . 27.80 -43.86 -26.88
C5 CLA MF . 30.22 -43.44 -26.26
C6 CLA MF . 29.75 -43.23 -24.83
C7 CLA MF . 30.09 -44.42 -23.97
C8 CLA MF . 29.68 -44.24 -22.50
C9 CLA MF . 29.88 -42.80 -22.05
C10 CLA MF . 30.48 -45.16 -21.59
C11 CLA MF . 30.62 -46.56 -22.16
C12 CLA MF . 31.97 -47.17 -21.79
C13 CLA MF . 31.99 -48.67 -22.08
C14 CLA MF . 30.97 -49.39 -21.23
C15 CLA MF . 33.38 -49.25 -21.85
C16 CLA MF . 34.44 -48.43 -22.56
C17 CLA MF . 35.83 -48.97 -22.28
C18 CLA MF . 36.91 -48.02 -22.77
C19 CLA MF . 38.27 -48.71 -22.71
C20 CLA MF . 36.64 -47.57 -24.19
MG CLA NF . 32.97 -48.66 -35.92
CHA CLA NF . 32.55 -48.94 -39.38
CHB CLA NF . 33.45 -52.05 -35.75
CHC CLA NF . 34.15 -48.34 -32.71
CHD CLA NF . 33.40 -45.16 -36.38
NA CLA NF . 32.96 -50.22 -37.33
C1A CLA NF . 32.76 -50.14 -38.72
C2A CLA NF . 32.82 -51.52 -39.38
C3A CLA NF . 32.99 -52.48 -38.18
C4A CLA NF . 33.15 -51.54 -36.99
CMA CLA NF . 31.82 -53.42 -38.03
CAA CLA NF . 33.94 -51.72 -40.40
CBA CLA NF . 35.14 -50.83 -40.15
CGA CLA NF . 36.10 -50.86 -41.31
O1A CLA NF . 35.86 -50.68 -42.51
O2A CLA NF . 37.38 -51.10 -40.91
NB CLA NF . 33.73 -49.93 -34.54
C1B CLA NF . 33.64 -51.29 -34.60
C2B CLA NF . 33.78 -51.88 -33.23
C3B CLA NF . 33.99 -50.83 -32.36
C4B CLA NF . 33.95 -49.59 -33.19
CMB CLA NF . 33.75 -53.33 -32.99
CAB CLA NF . 34.22 -50.81 -30.93
CBB CLA NF . 34.96 -51.66 -30.23
NC CLA NF . 33.59 -47.05 -34.75
C1C CLA NF . 33.98 -47.14 -33.45
C2C CLA NF . 34.28 -45.82 -32.90
C3C CLA NF . 34.14 -44.92 -33.96
C4C CLA NF . 33.69 -45.69 -35.11
CMC CLA NF . 34.71 -45.57 -31.53
CAC CLA NF . 34.34 -43.46 -33.90
CBC CLA NF . 35.72 -43.05 -34.33
ND CLA NF . 32.86 -47.31 -37.43
C1D CLA NF . 33.03 -45.90 -37.47
C2D CLA NF . 32.69 -45.42 -38.84
C3D CLA NF . 32.41 -46.55 -39.58
C4D CLA NF . 32.61 -47.69 -38.67
CMD CLA NF . 32.67 -44.01 -39.25
CAD CLA NF . 32.03 -47.06 -40.88
OBD CLA NF . 31.61 -46.47 -41.87
CBD CLA NF . 32.27 -48.61 -40.83
CGD CLA NF . 31.15 -49.44 -41.44
O1D CLA NF . 31.19 -50.63 -41.74
O2D CLA NF . 29.99 -48.77 -41.67
CED CLA NF . 29.10 -49.39 -42.61
C1 CLA NF . 38.44 -50.50 -41.69
C2 CLA NF . 39.61 -50.38 -40.78
C3 CLA NF . 40.83 -50.85 -41.08
C4 CLA NF . 41.11 -51.54 -42.36
C5 CLA NF . 41.96 -50.69 -40.13
C6 CLA NF . 41.81 -51.56 -38.88
C7 CLA NF . 42.24 -52.98 -39.17
C8 CLA NF . 41.88 -53.93 -38.03
C9 CLA NF . 40.38 -53.92 -37.80
C10 CLA NF . 42.61 -53.56 -36.75
C11 CLA NF . 42.36 -54.58 -35.66
C12 CLA NF . 43.58 -54.80 -34.79
C13 CLA NF . 43.56 -56.19 -34.17
C14 CLA NF . 44.63 -56.33 -33.12
C15 CLA NF . 43.72 -57.27 -35.24
C16 CLA NF . 43.52 -58.66 -34.65
C17 CLA NF . 43.88 -59.75 -35.63
C18 CLA NF . 43.36 -61.11 -35.22
C19 CLA NF . 43.80 -62.18 -36.18
C20 CLA NF . 43.81 -61.44 -33.80
MG CLA OF . 24.36 -65.71 -31.14
CHA CLA OF . 26.69 -63.93 -29.26
CHB CLA OF . 25.39 -68.61 -29.61
CHC CLA OF . 22.64 -67.58 -33.50
CHD CLA OF . 23.92 -62.84 -33.19
NA CLA OF . 25.78 -66.16 -29.66
C1A CLA OF . 26.64 -65.28 -28.98
C2A CLA OF . 27.49 -66.04 -27.95
C3A CLA OF . 26.95 -67.49 -28.02
C4A CLA OF . 25.96 -67.43 -29.17
CMA CLA OF . 28.04 -68.49 -28.31
CAA CLA OF . 27.32 -65.48 -26.54
CBA CLA OF . 27.51 -66.50 -25.43
CGA CLA OF . 26.96 -65.94 -24.16
O1A CLA OF . 25.82 -65.56 -23.90
O2A CLA OF . 27.90 -65.86 -23.16
NB CLA OF . 24.06 -67.68 -31.47
C1B CLA OF . 24.49 -68.70 -30.69
C2B CLA OF . 23.93 -70.00 -31.16
C3B CLA OF . 23.16 -69.71 -32.26
C4B CLA OF . 23.23 -68.24 -32.48
CMB CLA OF . 24.24 -71.28 -30.53
CAB CLA OF . 22.42 -70.59 -33.13
CBB CLA OF . 22.92 -71.63 -33.79
NC CLA OF . 23.42 -65.27 -32.97
C1C CLA OF . 22.73 -66.17 -33.73
C2C CLA OF . 22.14 -65.51 -34.88
C3C CLA OF . 22.56 -64.19 -34.84
C4C CLA OF . 23.35 -64.04 -33.63
CMC CLA OF . 21.32 -66.18 -35.90
CAC CLA OF . 22.22 -63.11 -35.79
CBC CLA OF . 23.24 -62.98 -36.90
ND CLA OF . 25.08 -63.83 -31.26
C1D CLA OF . 24.73 -62.72 -32.09
C2D CLA OF . 25.39 -61.49 -31.57
C3D CLA OF . 26.14 -61.90 -30.49
C4D CLA OF . 25.93 -63.37 -30.35
CMD CLA OF . 25.24 -60.17 -32.16
CAD CLA OF . 27.05 -61.49 -29.43
OBD CLA OF . 27.48 -60.37 -29.17
CBD CLA OF . 27.44 -62.77 -28.64
CGD CLA OF . 28.93 -63.01 -28.61
O1D CLA OF . 29.71 -62.73 -27.69
O2D CLA OF . 29.43 -63.62 -29.71
CED CLA OF . 30.76 -64.14 -29.65
C1 CLA OF . 27.41 -66.02 -21.81
C2 CLA OF . 27.06 -67.45 -21.63
C3 CLA OF . 27.97 -68.40 -21.38
C4 CLA OF . 29.42 -68.09 -21.26
C5 CLA OF . 27.58 -69.83 -21.21
C6 CLA OF . 28.05 -70.70 -22.36
C7 CLA OF . 28.36 -72.10 -21.89
C8 CLA OF . 27.15 -73.02 -21.98
C9 CLA OF . 27.30 -74.18 -21.02
C10 CLA OF . 26.98 -73.55 -23.41
C11 CLA OF . 25.85 -74.55 -23.51
C12 CLA OF . 25.28 -74.64 -24.91
C13 CLA OF . 24.10 -75.60 -24.96
C14 CLA OF . 24.51 -76.99 -24.53
C15 CLA OF . 23.46 -75.65 -26.35
C16 CLA OF . 22.44 -74.55 -26.53
C17 CLA OF . 21.34 -74.96 -27.49
C18 CLA OF . 20.80 -73.76 -28.27
C19 CLA OF . 21.52 -73.61 -29.60
C20 CLA OF . 19.32 -73.90 -28.49
MG CLA PF . 31.18 -66.80 -37.83
CHA CLA PF . 31.05 -68.34 -40.94
CHB CLA PF . 27.75 -66.93 -37.68
CHC CLA PF . 31.28 -66.19 -34.44
CHD CLA PF . 34.67 -67.52 -37.74
NA CLA PF . 29.67 -67.50 -39.10
C1A CLA PF . 29.82 -68.12 -40.36
C2A CLA PF . 28.47 -68.48 -40.97
C3A CLA PF . 27.47 -67.80 -40.02
C4A CLA PF . 28.34 -67.39 -38.83
CMA CLA PF . 26.79 -66.60 -40.67
CAA CLA PF . 28.27 -69.99 -40.98
CBA CLA PF . 28.64 -70.67 -39.67
CGA CLA PF . 27.92 -71.98 -39.56
O1A CLA PF . 27.25 -72.54 -40.42
O2A CLA PF . 28.06 -72.58 -38.33
NB CLA PF . 29.80 -66.60 -36.36
C1B CLA PF . 28.45 -66.55 -36.53
C2B CLA PF . 27.79 -65.98 -35.32
C3B CLA PF . 28.78 -65.76 -34.40
C4B CLA PF . 30.07 -66.17 -35.04
CMB CLA PF . 26.34 -65.83 -35.21
CAB CLA PF . 28.70 -65.29 -33.03
CBB CLA PF . 28.66 -66.09 -31.96
NC CLA PF . 32.70 -66.83 -36.38
C1C CLA PF . 32.52 -66.51 -35.06
C2C CLA PF . 33.79 -66.58 -34.35
C3C CLA PF . 34.74 -67.01 -35.26
C4C CLA PF . 34.05 -67.14 -36.54
CMC CLA PF . 33.96 -66.31 -32.91
CAC CLA PF . 36.17 -67.26 -35.01
CBC CLA PF . 36.47 -68.73 -34.91
ND CLA PF . 32.58 -67.70 -39.00
C1D CLA PF . 33.99 -67.78 -38.91
C2D CLA PF . 34.55 -68.19 -40.21
C3D CLA PF . 33.47 -68.41 -41.04
C4D CLA PF . 32.26 -68.11 -40.22
CMD CLA PF . 35.98 -68.33 -40.50
CAD CLA PF . 33.01 -68.82 -42.35
OBD CLA PF . 33.67 -69.13 -43.33
CBD CLA PF . 31.45 -68.80 -42.33
CGD CLA PF . 30.94 -67.90 -43.44
O1D CLA PF . 31.23 -67.96 -44.64
O2D CLA PF . 30.08 -66.91 -43.06
CED CLA PF . 30.52 -65.56 -43.15
C1 CLA PF . 28.87 -73.76 -38.24
C2 CLA PF . 28.26 -74.61 -37.19
C3 CLA PF . 28.93 -75.52 -36.47
C4 CLA PF . 28.24 -76.33 -35.42
C5 CLA PF . 30.38 -75.77 -36.67
C6 CLA PF . 31.12 -76.04 -35.38
C7 CLA PF . 32.41 -75.24 -35.29
C10 WVN QF . 48.39 -72.43 -18.28
C11 WVN QF . 30.50 -69.40 -32.97
C12 WVN QF . 49.84 -72.17 -18.66
C13 WVN QF . 47.96 -72.70 -20.71
C14 WVN QF . 49.97 -71.50 -20.02
C01 WVN QF . 28.22 -70.46 -33.28
C02 WVN QF . 29.32 -69.60 -33.96
C03 WVN QF . 26.96 -70.52 -34.13
C04 WVN QF . 27.19 -69.97 -35.54
C05 WVN QF . 29.63 -70.23 -35.34
C06 WVN QF . 47.69 -73.29 -19.33
C07 WVN QF . 27.84 -69.77 -31.97
C08 WVN QF . 28.64 -71.90 -32.93
C09 WVN QF . 28.56 -70.36 -36.09
C15 WVN QF . 49.17 -72.28 -21.07
C16 WVN QF . 30.92 -69.95 -36.12
C17 WVN QF . 48.20 -74.73 -19.23
C18 WVN QF . 46.19 -73.29 -19.00
C19 WVN QF . 31.60 -70.11 -32.81
C20 WVN QF . 47.19 -73.37 -21.86
C21 WVN QF . 49.56 -72.03 -22.52
C22 WVN QF . 32.58 -69.64 -31.74
C23 WVN QF . 46.18 -72.75 -22.43
C24 WVN QF . 32.06 -68.87 -30.53
C25 WVN QF . 45.35 -73.33 -23.57
C26 WVN QF . 33.86 -69.93 -31.89
C27 WVN QF . 45.55 -74.76 -24.06
C28 WVN QF . 44.45 -72.53 -24.08
C29 WVN QF . 34.89 -69.50 -30.84
C30 WVN QF . 43.48 -72.88 -25.21
C31 WVN QF . 35.55 -70.43 -30.21
C32 WVN QF . 36.60 -70.11 -29.16
C33 WVN QF . 42.38 -72.17 -25.22
C34 WVN QF . 41.29 -72.37 -26.27
C35 WVN QF . 36.61 -68.75 -28.46
C36 WVN QF . 37.49 -71.03 -28.87
C37 WVN QF . 40.80 -71.32 -26.89
C38 WVN QF . 40.81 -73.79 -26.59
C39 WVN QF . 38.57 -70.83 -27.82
C40 WVN QF . 39.70 -71.49 -27.94
C10 WVN RF . 19.22 -64.60 -4.85
C11 WVN RF . 6.71 -52.68 -20.34
C12 WVN RF . 20.34 -65.57 -5.20
C13 WVN RF . 18.27 -65.13 -7.07
C14 WVN RF . 20.64 -65.57 -6.69
C01 WVN RF . 5.42 -51.23 -21.95
C02 WVN RF . 5.55 -52.63 -21.34
C03 WVN RF . 4.86 -50.22 -20.94
C04 WVN RF . 3.54 -50.70 -20.33
C05 WVN RF . 4.27 -53.02 -20.59
C06 WVN RF . 17.94 -64.96 -5.58
C07 WVN RF . 4.55 -51.26 -23.20
C08 WVN RF . 6.79 -50.72 -22.36
C09 WVN RF . 3.71 -52.13 -19.81
C15 WVN RF . 19.35 -65.78 -7.49
C16 WVN RF . 3.83 -54.48 -20.49
C17 WVN RF . 17.34 -66.23 -4.98
C18 WVN RF . 17.01 -63.80 -5.31
C19 WVN RF . 7.24 -53.84 -20.02
C20 WVN RF . 17.03 -65.37 -7.94
C21 WVN RF . 19.55 -66.17 -8.94
C22 WVN RF . 8.37 -53.94 -19.01
C23 WVN RF . 16.59 -64.33 -8.63
C24 WVN RF . 8.95 -52.69 -18.36
C25 WVN RF . 15.38 -64.32 -9.55
C26 WVN RF . 8.83 -55.14 -18.75
C27 WVN RF . 14.45 -65.53 -9.67
C28 WVN RF . 15.20 -63.20 -10.20
C29 WVN RF . 9.96 -55.45 -17.79
C30 WVN RF . 14.05 -62.95 -11.18
C31 WVN RF . 9.69 -56.28 -16.81
C32 WVN RF . 10.75 -56.68 -15.80
C33 WVN RF . 13.80 -61.69 -11.46
C34 WVN RF . 12.69 -61.30 -12.42
C35 WVN RF . 11.84 -55.69 -15.40
C36 WVN RF . 10.70 -57.90 -15.31
C37 WVN RF . 12.87 -60.23 -13.15
C38 WVN RF . 11.44 -62.16 -12.53
C39 WVN RF . 11.71 -58.43 -14.31
C40 WVN RF . 11.83 -59.73 -14.15
C10 WVN SF . 52.40 -65.63 -20.63
C11 WVN SF . 38.15 -53.37 -34.09
C12 WVN SF . 51.87 -66.87 -19.92
C13 WVN SF . 50.57 -66.27 -22.25
C14 WVN SF . 51.66 -68.02 -20.90
C01 WVN SF . 38.19 -50.94 -34.78
C02 WVN SF . 38.17 -52.40 -35.28
C03 WVN SF . 37.37 -50.00 -35.67
C04 WVN SF . 37.50 -50.43 -37.13
C05 WVN SF . 36.99 -52.64 -36.24
C06 WVN SF . 51.45 -65.15 -21.71
C07 WVN SF . 39.64 -50.47 -34.78
C08 WVN SF . 37.65 -50.81 -33.34
C09 WVN SF . 36.92 -51.83 -37.27
C15 WVN SF . 51.00 -67.53 -22.19
C16 WVN SF . 36.45 -54.05 -36.46
C17 WVN SF . 52.32 -64.57 -22.84
C18 WVN SF . 50.60 -64.02 -21.16
C19 WVN SF . 38.99 -54.38 -34.08
C20 WVN SF . 50.10 -65.92 -23.67
C21 WVN SF . 50.69 -68.57 -23.27
C22 WVN SF . 39.04 -55.36 -32.92
C23 WVN SF . 48.84 -65.67 -23.98
C24 WVN SF . 38.32 -54.96 -31.63
C25 WVN SF . 48.47 -65.30 -25.40
C26 WVN SF . 39.71 -56.48 -33.01
C27 WVN SF . 49.31 -65.80 -26.59
C28 WVN SF . 47.44 -64.52 -25.60
C29 WVN SF . 39.79 -57.43 -31.83
C30 WVN SF . 47.00 -64.06 -26.99
C31 WVN SF . 41.03 -57.79 -31.53
C32 WVN SF . 41.45 -58.69 -30.38
C33 WVN SF . 46.48 -62.86 -27.01
C34 WVN SF . 45.97 -62.12 -28.25
C35 WVN SF . 40.65 -58.69 -29.09
C36 WVN SF . 42.53 -59.43 -30.50
C37 WVN SF . 44.85 -61.43 -28.15
C38 WVN SF . 46.78 -62.16 -29.55
C39 WVN SF . 43.01 -60.29 -29.34
C40 WVN SF . 44.28 -60.61 -29.30
C1A DGD TF . 17.88 -48.81 -2.19
C2A DGD TF . 16.87 -48.26 -3.17
C3A DGD TF . 15.53 -48.10 -2.47
C4A DGD TF . 14.42 -47.94 -3.50
C5A DGD TF . 14.68 -46.74 -4.39
C6A DGD TF . 14.38 -47.08 -5.84
C7A DGD TF . 12.97 -47.65 -5.98
C8A DGD TF . 12.85 -48.50 -7.23
O1A DGD TF . 18.02 -48.32 -1.08
C1B DGD TF . 18.51 -53.14 -3.87
C2B DGD TF . 18.51 -53.12 -5.39
C3B DGD TF . 17.90 -51.83 -5.89
C4B DGD TF . 18.97 -50.87 -6.41
C5B DGD TF . 18.44 -49.45 -6.47
C6B DGD TF . 19.54 -48.47 -6.89
C7B DGD TF . 19.17 -47.04 -6.53
C8B DGD TF . 17.90 -46.60 -7.25
C9B DGD TF . 18.22 -45.97 -8.59
CAB DGD TF . 18.75 -44.54 -8.42
CBB DGD TF . 19.06 -43.90 -9.77
CCB DGD TF . 19.54 -42.47 -9.59
CDB DGD TF . 20.17 -41.95 -10.90
CEB DGD TF . 19.12 -41.76 -11.99
CFB DGD TF . 18.24 -40.55 -11.71
CGB DGD TF . 17.30 -40.28 -12.87
O1B DGD TF . 17.60 -53.67 -3.26
O1G DGD TF . 18.70 -49.94 -2.57
C1G DGD TF . 19.42 -50.66 -1.58
C2G DGD TF . 19.16 -52.14 -1.82
O2G DGD TF . 19.59 -52.49 -3.13
C3G DGD TF . 19.90 -52.94 -0.75
O3G DGD TF . 19.31 -52.61 0.50
C1D DGD TF . 20.09 -53.00 1.63
C2D DGD TF . 19.42 -52.47 2.89
O2D DGD TF . 19.39 -51.04 2.85
C3D DGD TF . 20.17 -52.94 4.13
O3D DGD TF . 19.43 -52.58 5.30
C4D DGD TF . 20.36 -54.44 4.10
O4D DGD TF . 19.09 -55.08 4.26
C5D DGD TF . 20.98 -54.88 2.78
O5D DGD TF . 22.16 -56.75 3.65
C6D DGD TF . 21.11 -56.40 2.74
O6D DGD TF . 20.17 -54.43 1.70
C1E DGD TF . 21.80 -57.83 4.51
C2E DGD TF . 22.61 -57.70 5.80
O2E DGD TF . 22.35 -56.43 6.39
C3E DGD TF . 24.09 -57.82 5.47
O3E DGD TF . 24.85 -57.81 6.67
C4E DGD TF . 24.35 -59.11 4.71
O4E DGD TF . 24.15 -60.22 5.58
C5E DGD TF . 23.43 -59.24 3.49
O6E DGD TF . 22.07 -59.08 3.89
C6E DGD TF . 23.61 -60.60 2.84
O5E DGD TF . 25.00 -60.82 2.56
O1 LHG UF . -6.84 -62.62 -25.37
C1 LHG UF . -8.10 -63.24 -25.67
C2 LHG UF . -8.23 -63.49 -27.16
O2 LHG UF . -7.13 -64.32 -27.60
C3 LHG UF . -8.20 -62.16 -27.91
O3 LHG UF . -8.72 -61.14 -27.07
P LHG UF . -8.32 -59.60 -27.31
O4 LHG UF . -9.33 -58.75 -26.58
O5 LHG UF . -8.03 -59.36 -28.77
O6 LHG UF . -6.95 -59.57 -26.47
C4 LHG UF . -5.72 -59.12 -27.04
C5 LHG UF . -4.61 -59.81 -26.27
C6 LHG UF . -4.93 -59.62 -24.80
O7 LHG UF . -4.67 -61.20 -26.57
C7 LHG UF . -3.46 -61.72 -27.20
O9 LHG UF . -2.58 -60.94 -27.53
C8 LHG UF . -3.31 -63.20 -27.42
C9 LHG UF . -3.51 -63.90 -26.09
C10 LHG UF . -2.48 -63.40 -25.08
O8 LHG UF . -4.07 -58.61 -24.24
C23 LHG UF . -4.26 -58.28 -22.84
O10 LHG UF . -5.31 -57.79 -22.50
C24 LHG UF . -3.19 -58.62 -21.85
C11 LHG UF . -3.08 -63.35 -23.68
C12 LHG UF . -2.14 -62.69 -22.68
C13 LHG UF . -0.93 -63.58 -22.37
C14 LHG UF . 0.17 -62.77 -21.70
C15 LHG UF . -0.41 -61.89 -20.61
C16 LHG UF . 0.64 -61.44 -19.60
C17 LHG UF . -0.04 -60.99 -18.31
C25 LHG UF . -2.16 -57.50 -21.76
C26 LHG UF . -1.43 -57.61 -20.42
C27 LHG UF . 0.05 -57.30 -20.54
C28 LHG UF . 0.69 -57.19 -19.16
C29 LHG UF . -0.14 -56.26 -18.29
C30 LHG UF . 0.35 -56.19 -16.84
C31 LHG UF . -0.66 -55.41 -16.00
C32 LHG UF . -0.02 -54.79 -14.76
C33 LHG UF . -1.00 -53.82 -14.11
C34 LHG UF . -0.33 -53.01 -12.99
C1 LMG VF . 42.43 -76.46 -10.27
O1 LMG VF . 42.83 -75.48 -11.21
C2 LMG VF . 43.00 -76.19 -8.88
O2 LMG VF . 43.86 -77.27 -8.50
C3 LMG VF . 41.90 -76.03 -7.83
O3 LMG VF . 41.34 -74.72 -7.95
C4 LMG VF . 40.81 -77.09 -7.93
O4 LMG VF . 39.62 -76.59 -7.32
C5 LMG VF . 40.51 -77.51 -9.36
O5 LMG VF . 38.79 -78.02 -10.99
C6 LMG VF . 39.02 -77.71 -9.61
O6 LMG VF . 41.00 -76.49 -10.24
C7 LMG VF . 43.08 -76.10 -12.46
C8 LMG VF . 42.03 -75.71 -13.50
C9 LMG VF . 41.64 -76.97 -14.27
O7 LMG VF . 40.86 -75.13 -12.91
C10 LMG VF . 40.74 -73.74 -13.31
O9 LMG VF . 41.70 -73.00 -13.19
C11 LMG VF . 39.44 -73.23 -13.89
C12 LMG VF . 39.55 -73.17 -15.41
C13 LMG VF . 38.19 -73.06 -16.09
C14 LMG VF . 37.53 -71.70 -15.84
C15 LMG VF . 37.97 -70.66 -16.86
C16 LMG VF . 37.54 -71.02 -18.28
C17 LMG VF . 37.67 -69.83 -19.23
C18 LMG VF . 37.53 -70.27 -20.68
C19 LMG VF . 36.51 -69.42 -21.44
C20 LMG VF . 37.12 -68.14 -22.00
C21 LMG VF . 36.14 -67.42 -22.93
C22 LMG VF . 35.60 -68.36 -24.01
C23 LMG VF . 34.63 -67.64 -24.93
C24 LMG VF . 33.91 -68.64 -25.83
C25 LMG VF . 32.42 -68.69 -25.51
O8 LMG VF . 41.91 -76.72 -15.64
C28 LMG VF . 43.16 -77.21 -16.19
O10 LMG VF . 43.80 -78.05 -15.57
C29 LMG VF . 43.68 -76.66 -17.50
C30 LMG VF . 42.97 -77.31 -18.67
C31 LMG VF . 41.67 -76.59 -19.00
C32 LMG VF . 41.33 -76.78 -20.48
C33 LMG VF . 40.14 -75.93 -20.89
C34 LMG VF . 38.90 -76.33 -20.10
C35 LMG VF . 38.11 -75.11 -19.66
C36 LMG VF . 36.86 -74.90 -20.51
C37 LMG VF . 35.62 -74.84 -19.63
C38 LMG VF . 34.35 -74.74 -20.46
C39 LMG VF . 33.12 -74.89 -19.58
MG CLA WF . 18.82 -24.91 -3.86
CHA CLA WF . 19.19 -21.46 -3.85
CHB CLA WF . 15.62 -24.52 -5.00
CHC CLA WF . 18.77 -28.22 -4.80
CHD CLA WF . 22.35 -25.15 -3.44
NA CLA WF . 17.61 -23.26 -4.29
C1A CLA WF . 17.96 -21.89 -4.24
C2A CLA WF . 16.76 -21.01 -4.62
C3A CLA WF . 15.59 -22.02 -4.73
C4A CLA WF . 16.31 -23.38 -4.68
CMA CLA WF . 14.61 -21.87 -3.59
CAA CLA WF . 16.99 -20.27 -5.93
CBA CLA WF . 16.56 -21.07 -7.15
CGA CLA WF . 17.73 -21.25 -8.06
O1A CLA WF . 18.79 -21.85 -7.85
O2A CLA WF . 17.55 -20.67 -9.28
NB CLA WF . 17.51 -26.10 -4.84
C1B CLA WF . 16.19 -25.80 -4.98
C2B CLA WF . 15.38 -27.05 -5.12
C3B CLA WF . 16.26 -28.10 -5.06
C4B CLA WF . 17.62 -27.50 -4.89
CMB CLA WF . 13.93 -27.03 -5.29
CAB CLA WF . 16.05 -29.52 -5.16
CBB CLA WF . 15.32 -30.15 -6.08
NC CLA WF . 20.28 -26.41 -4.02
C1C CLA WF . 20.02 -27.70 -4.38
C2C CLA WF . 21.24 -28.49 -4.37
C3C CLA WF . 22.27 -27.62 -4.03
C4C CLA WF . 21.65 -26.31 -3.81
CMC CLA WF . 21.30 -29.93 -4.69
CAC CLA WF . 23.70 -27.92 -3.86
CBC CLA WF . 23.96 -28.74 -2.61
ND CLA WF . 20.40 -23.68 -3.49
C1D CLA WF . 21.79 -23.91 -3.30
C2D CLA WF . 22.44 -22.63 -2.94
C3D CLA WF . 21.47 -21.65 -3.09
C4D CLA WF . 20.25 -22.35 -3.51
CMD CLA WF . 23.84 -22.49 -2.54
CAD CLA WF . 21.15 -20.24 -2.97
OBD CLA WF . 21.78 -19.32 -2.46
CBD CLA WF . 19.75 -20.06 -3.65
CGD CLA WF . 18.82 -19.15 -2.89
O1D CLA WF . 18.25 -18.15 -3.32
O2D CLA WF . 18.58 -19.51 -1.60
CED CLA WF . 17.47 -18.87 -0.95
C1 CLA WF . 17.71 -21.51 -10.44
C2 CLA WF . 16.40 -22.17 -10.70
C3 CLA WF . 15.33 -21.52 -11.22
C4 CLA WF . 15.38 -20.08 -11.57
C5 CLA WF . 14.05 -22.23 -11.46
C6 CLA WF . 12.96 -21.81 -10.49
C7 CLA WF . 13.15 -22.48 -9.16
C8 CLA WF . 12.29 -21.87 -8.06
C9 CLA WF . 12.59 -20.40 -7.92
C10 CLA WF . 12.53 -22.58 -6.73
C11 CLA WF . 11.23 -22.91 -6.03
C12 CLA WF . 11.45 -23.71 -4.77
C13 CLA WF . 10.15 -24.12 -4.10
C14 CLA WF . 10.41 -25.14 -3.00
C15 CLA WF . 9.16 -24.67 -5.13
C16 CLA WF . 7.96 -25.34 -4.48
C17 CLA WF . 6.95 -24.33 -3.97
C18 CLA WF . 5.58 -24.96 -3.76
C19 CLA WF . 5.01 -25.45 -5.09
C20 CLA WF . 5.67 -26.11 -2.78
CHA PHO XF . 34.49 -13.40 -21.91
CHB PHO XF . 36.64 -16.05 -18.51
CHC PHO XF . 32.47 -16.30 -15.93
CHD PHO XF . 30.15 -13.80 -19.43
NA PHO XF . 35.26 -14.91 -20.19
C1A PHO XF . 35.51 -14.01 -21.28
C2A PHO XF . 37.01 -13.91 -21.55
C3A PHO XF . 37.57 -15.10 -20.71
C4A PHO XF . 36.41 -15.37 -19.75
CMA PHO XF . 37.89 -16.29 -21.57
CAA PHO XF . 37.61 -12.59 -21.12
CBA PHO XF . 38.94 -12.33 -21.80
CGA PHO XF . 39.59 -11.10 -21.25
O1A PHO XF . 39.24 -10.43 -20.27
O2A PHO XF . 40.71 -10.70 -21.95
NB PHO XF . 34.39 -15.91 -17.46
C1B PHO XF . 35.71 -16.36 -17.56
C2B PHO XF . 35.95 -17.27 -16.40
C3B PHO XF . 34.78 -17.36 -15.67
C4B PHO XF . 33.75 -16.48 -16.33
CMB PHO XF . 37.24 -17.93 -16.21
CAB PHO XF . 34.46 -18.10 -14.48
CBB PHO XF . 35.26 -18.29 -13.43
NC PHO XF . 31.60 -15.04 -17.85
C1C PHO XF . 31.44 -15.60 -16.66
C2C PHO XF . 30.03 -15.42 -16.19
C3C PHO XF . 29.36 -14.74 -17.18
C4C PHO XF . 30.36 -14.47 -18.26
CMC PHO XF . 29.52 -15.94 -14.92
CAC PHO XF . 27.95 -14.31 -17.21
CBC PHO XF . 27.74 -12.82 -17.11
ND PHO XF . 32.54 -13.60 -20.18
C1D PHO XF . 31.16 -13.38 -20.36
C2D PHO XF . 30.97 -12.67 -21.58
C3D PHO XF . 32.24 -12.59 -22.20
C4D PHO XF . 33.17 -13.26 -21.33
CMD PHO XF . 29.71 -12.13 -22.10
CAD PHO XF . 32.97 -12.11 -23.37
OBD PHO XF . 32.62 -11.35 -24.26
CBD PHO XF . 34.39 -12.75 -23.27
CGD PHO XF . 34.56 -13.72 -24.41
O1D PHO XF . 34.84 -13.50 -25.59
O2D PHO XF . 34.34 -15.01 -24.04
CED PHO XF . 33.77 -15.89 -25.02
C1 PHO XF . 41.98 -11.35 -21.70
C2 PHO XF . 42.02 -11.81 -20.28
C3 PHO XF . 42.22 -11.00 -19.24
C4 PHO XF . 42.44 -9.54 -19.38
C5 PHO XF . 42.24 -11.55 -17.85
C6 PHO XF . 43.62 -11.57 -17.20
C7 PHO XF . 43.60 -10.99 -15.81
C8 PHO XF . 42.78 -11.77 -14.78
C9 PHO XF . 41.52 -11.03 -14.39
C10 PHO XF . 43.62 -12.04 -13.56
C11 PHO XF . 44.70 -13.08 -13.80
C12 PHO XF . 44.13 -14.48 -13.74
C13 PHO XF . 45.18 -15.54 -14.03
C14 PHO XF . 45.73 -15.37 -15.44
C15 PHO XF . 44.59 -16.93 -13.85
C16 PHO XF . 44.22 -17.21 -12.41
C17 PHO XF . 43.60 -18.58 -12.26
C18 PHO XF . 43.19 -18.87 -10.82
C19 PHO XF . 42.68 -20.29 -10.67
C20 PHO XF . 42.15 -17.88 -10.35
C1 LMG YF . 38.12 8.23 -36.20
O1 LMG YF . 37.70 8.65 -34.90
C2 LMG YF . 37.17 7.12 -36.65
O2 LMG YF . 37.93 6.02 -37.19
C3 LMG YF . 36.21 7.65 -37.71
O3 LMG YF . 35.39 8.68 -37.14
C4 LMG YF . 36.97 8.21 -38.90
O4 LMG YF . 36.09 9.07 -39.65
C5 LMG YF . 38.19 9.00 -38.46
O5 LMG YF . 37.23 11.12 -39.12
C6 LMG YF . 38.38 10.27 -39.29
O6 LMG YF . 38.05 9.36 -37.08
C7 LMG YF . 38.62 9.54 -34.28
C8 LMG YF . 38.14 9.82 -32.86
C9 LMG YF . 37.63 8.52 -32.27
O7 LMG YF . 39.22 10.29 -32.05
C10 LMG YF . 39.21 11.74 -31.89
O9 LMG YF . 38.53 12.42 -32.63
C11 LMG YF . 40.05 12.39 -30.80
C12 LMG YF . 39.61 11.86 -29.45
C13 LMG YF . 40.69 10.97 -28.84
C14 LMG YF . 41.92 11.76 -28.43
C15 LMG YF . 41.62 12.68 -27.25
C16 LMG YF . 42.88 12.86 -26.40
C17 LMG YF . 43.31 11.55 -25.77
C18 LMG YF . 44.59 11.72 -24.96
O8 LMG YF . 38.73 7.81 -31.69
C28 LMG YF . 38.58 6.42 -31.31
O10 LMG YF . 37.83 5.69 -31.96
C29 LMG YF . 39.34 5.86 -30.14
C30 LMG YF . 40.84 6.14 -30.26
C31 LMG YF . 41.20 7.51 -29.71
C32 LMG YF . 42.70 7.59 -29.41
C33 LMG YF . 43.07 6.62 -28.30
C34 LMG YF . 43.75 7.33 -27.14
C35 LMG YF . 45.19 7.68 -27.46
C36 LMG YF . 45.84 8.43 -26.29
C37 LMG YF . 45.70 7.65 -24.99
C38 LMG YF . 46.12 8.48 -23.80
C39 LMG YF . 45.82 7.76 -22.49
MG CLA ZF . 29.39 -18.94 -4.63
CHA CLA ZF . 30.76 -15.83 -5.41
CHB CLA ZF . 27.43 -18.74 -7.40
CHC CLA ZF . 27.60 -21.66 -3.53
CHD CLA ZF . 30.94 -18.72 -1.43
NA CLA ZF . 29.15 -17.51 -6.14
C1A CLA ZF . 29.82 -16.28 -6.30
C2A CLA ZF . 29.34 -15.53 -7.54
C3A CLA ZF . 28.32 -16.52 -8.16
C4A CLA ZF . 28.28 -17.67 -7.18
CMA CLA ZF . 26.99 -15.84 -8.28
CAA CLA ZF . 30.43 -15.20 -8.56
CBA CLA ZF . 30.86 -16.41 -9.36
CGA CLA ZF . 31.51 -15.95 -10.63
O1A CLA ZF . 31.07 -15.99 -11.78
O2A CLA ZF . 32.76 -15.42 -10.44
NB CLA ZF . 27.77 -19.93 -5.30
C1B CLA ZF . 27.27 -19.84 -6.56
C2B CLA ZF . 26.51 -21.06 -6.92
C3B CLA ZF . 26.56 -21.90 -5.83
C4B CLA ZF . 27.35 -21.19 -4.79
CMB CLA ZF . 25.85 -21.24 -8.22
CAB CLA ZF . 25.96 -23.19 -5.64
CBB CLA ZF . 26.63 -24.33 -5.42
NC CLA ZF . 29.30 -19.99 -2.82
C1C CLA ZF . 28.52 -21.09 -2.60
C2C CLA ZF . 28.73 -21.60 -1.26
C3C CLA ZF . 29.64 -20.75 -0.64
C4C CLA ZF . 30.01 -19.74 -1.63
CMC CLA ZF . 28.06 -22.78 -0.70
CAC CLA ZF . 30.17 -20.84 0.74
CBC CLA ZF . 31.59 -21.34 0.82
ND CLA ZF . 30.60 -17.67 -3.63
C1D CLA ZF . 31.25 -17.75 -2.37
C2D CLA ZF . 32.21 -16.64 -2.24
C3D CLA ZF . 32.08 -15.88 -3.38
C4D CLA ZF . 31.04 -16.54 -4.19
CMD CLA ZF . 33.11 -16.45 -1.11
CAD CLA ZF . 32.54 -14.72 -4.10
OBD CLA ZF . 33.44 -13.91 -3.82
CBD CLA ZF . 31.66 -14.62 -5.37
CGD CLA ZF . 30.84 -13.35 -5.42
O1D CLA ZF . 29.86 -13.05 -4.75
O2D CLA ZF . 31.30 -12.47 -6.35
CED CLA ZF . 30.74 -11.14 -6.33
C1 CLA ZF . 33.80 -16.09 -11.16
C2 CLA ZF . 34.82 -15.09 -11.59
C3 CLA ZF . 34.63 -14.18 -12.57
C4 CLA ZF . 33.37 -14.07 -13.32
C5 CLA ZF . 35.72 -13.23 -12.93
C6 CLA ZF . 36.23 -13.46 -14.34
C7 CLA ZF . 37.29 -12.44 -14.73
C8 CLA ZF . 37.82 -12.67 -16.14
C9 CLA ZF . 36.70 -12.58 -17.16
C10 CLA ZF . 38.56 -14.00 -16.26
C11 CLA ZF . 39.55 -13.99 -17.40
C12 CLA ZF . 40.43 -15.22 -17.41
C13 CLA ZF . 41.57 -15.09 -18.40
C14 CLA ZF . 41.11 -15.41 -19.81
C15 CLA ZF . 42.76 -15.97 -18.01
C16 CLA ZF . 42.42 -17.44 -18.11
C17 CLA ZF . 43.46 -18.30 -17.42
C18 CLA ZF . 44.85 -18.10 -18.02
C19 CLA ZF . 45.90 -18.76 -17.16
C20 CLA ZF . 44.91 -18.63 -19.43
MG CLA AG . 52.66 -1.87 -15.93
CHA CLA AG . 53.16 -1.36 -12.53
CHB CLA AG . 49.84 0.09 -15.76
CHC CLA AG . 52.63 -1.58 -19.37
CHD CLA AG . 55.96 -3.19 -16.13
NA CLA AG . 51.68 -0.85 -14.39
C1A CLA AG . 52.05 -0.75 -13.04
C2A CLA AG . 51.04 0.08 -12.24
C3A CLA AG . 49.90 0.32 -13.26
C4A CLA AG . 50.51 -0.17 -14.57
CMA CLA AG . 48.65 -0.45 -12.90
CAA CLA AG . 51.64 1.38 -11.73
CBA CLA AG . 51.94 2.37 -12.83
CGA CLA AG . 52.75 3.50 -12.29
O1A CLA AG . 52.55 4.18 -11.28
O2A CLA AG . 53.85 3.78 -13.04
NB CLA AG . 51.50 -0.92 -17.28
C1B CLA AG . 50.32 -0.29 -17.03
C2B CLA AG . 49.57 -0.02 -18.28
C3B CLA AG . 50.36 -0.49 -19.31
C4B CLA AG . 51.59 -1.06 -18.69
CMB CLA AG . 48.28 0.67 -18.30
CAB CLA AG . 50.18 -0.46 -20.75
CBB CLA AG . 49.03 -0.55 -21.40
NC CLA AG . 54.02 -2.34 -17.45
C1C CLA AG . 53.78 -2.19 -18.79
C2C CLA AG . 54.92 -2.68 -19.58
C3C CLA AG . 55.89 -3.07 -18.65
C4C CLA AG . 55.31 -2.87 -17.32
CMC CLA AG . 54.99 -2.68 -21.03
CAC CLA AG . 57.22 -3.65 -18.95
CBC CLA AG . 58.33 -2.62 -18.84
ND CLA AG . 54.21 -2.26 -14.68
C1D CLA AG . 55.46 -2.91 -14.87
C2D CLA AG . 56.08 -3.17 -13.55
C3D CLA AG . 55.23 -2.62 -12.62
C4D CLA AG . 54.11 -2.03 -13.38
CMD CLA AG . 57.34 -3.88 -13.35
CAD CLA AG . 54.98 -2.38 -11.21
OBD CLA AG . 55.63 -2.74 -10.23
CBD CLA AG . 53.69 -1.51 -11.11
CGD CLA AG . 52.66 -2.10 -10.19
O1D CLA AG . 51.63 -1.56 -9.75
O2D CLA AG . 52.90 -3.39 -9.82
CED CLA AG . 52.43 -3.78 -8.53
C1 CLA AG . 54.34 5.13 -13.00
C2 CLA AG . 54.68 5.52 -14.39
C3 CLA AG . 53.75 5.83 -15.31
C4 CLA AG . 52.30 5.82 -15.02
C5 CLA AG . 54.15 6.23 -16.70
C6 CLA AG . 53.37 7.43 -17.19
C7 CLA AG . 54.19 8.33 -18.08
C8 CLA AG . 53.52 9.68 -18.29
C9 CLA AG . 52.05 9.50 -18.62
C10 CLA AG . 54.21 10.47 -19.39
C11 CLA AG . 54.60 11.86 -18.91
C12 CLA AG . 55.85 11.83 -18.07
C13 CLA AG . 56.21 13.21 -17.52
C14 CLA AG . 56.11 14.29 -18.58
C15 CLA AG . 57.61 13.21 -16.91
C2 PL9 BG . 12.89 -22.36 -24.50
C3 PL9 BG . 11.58 -22.22 -24.12
C4 PL9 BG . 10.57 -21.82 -25.08
C5 PL9 BG . 10.99 -21.58 -26.44
C6 PL9 BG . 12.31 -21.72 -26.82
C1 PL9 BG . 13.31 -22.11 -25.85
C7 PL9 BG . 11.23 -22.48 -22.72
C8 PL9 BG . 11.99 -21.73 -21.69
C9 PL9 BG . 11.58 -21.63 -20.43
C10 PL9 BG . 10.26 -22.10 -19.96
C11 PL9 BG . 12.40 -20.85 -19.47
C12 PL9 BG . 12.47 -21.57 -18.12
C13 PL9 BG . 13.25 -20.69 -17.21
C14 PL9 BG . 13.48 -20.98 -15.93
C15 PL9 BG . 12.85 -22.14 -15.25
C16 PL9 BG . 14.35 -20.15 -15.06
C17 PL9 BG . 14.64 -18.76 -15.61
C18 PL9 BG . 15.56 -18.03 -14.67
C19 PL9 BG . 15.19 -17.18 -13.69
C20 PL9 BG . 13.78 -16.87 -13.44
C21 PL9 BG . 16.24 -16.68 -12.75
C22 PL9 BG . 16.10 -15.17 -12.45
C23 PL9 BG . 17.35 -14.73 -11.77
C24 PL9 BG . 17.76 -13.46 -11.82
C25 PL9 BG . 17.10 -12.42 -12.63
C26 PL9 BG . 18.96 -13.06 -11.05
C27 PL9 BG . 18.58 -12.02 -9.99
C28 PL9 BG . 17.83 -12.68 -8.90
C29 PL9 BG . 16.65 -12.23 -8.48
C30 PL9 BG . 16.07 -10.97 -8.98
C31 PL9 BG . 15.79 -12.97 -7.54
C32 PL9 BG . 16.34 -14.35 -7.17
C33 PL9 BG . 15.41 -14.90 -6.16
C34 PL9 BG . 15.81 -15.50 -5.05
C35 PL9 BG . 17.17 -15.39 -4.52
C36 PL9 BG . 14.75 -16.02 -4.14
C37 PL9 BG . 14.51 -17.50 -4.41
C38 PL9 BG . 13.77 -18.02 -3.22
C39 PL9 BG . 12.51 -18.46 -3.28
C40 PL9 BG . 11.78 -18.48 -4.56
C41 PL9 BG . 11.83 -18.80 -2.01
C42 PL9 BG . 11.72 -20.33 -1.89
C43 PL9 BG . 10.77 -20.67 -0.80
C44 PL9 BG . 10.99 -21.63 0.09
C45 PL9 BG . 12.25 -22.41 0.12
C46 PL9 BG . 9.88 -22.24 0.88
C47 PL9 BG . 8.60 -22.37 0.08
C48 PL9 BG . 7.68 -23.22 0.88
C49 PL9 BG . 6.37 -23.16 0.77
C50 PL9 BG . 5.57 -23.79 1.85
C51 PL9 BG . 5.65 -22.72 -0.43
C52 PL9 BG . 9.95 -21.18 -27.40
C53 PL9 BG . 12.80 -21.48 -28.18
O1 PL9 BG . 9.41 -21.71 -24.69
O2 PL9 BG . 14.51 -22.26 -26.10
O1 LHG CG . 7.83 -8.55 -23.02
C1 LHG CG . 7.02 -9.54 -23.65
C2 LHG CG . 7.71 -10.03 -24.93
O2 LHG CG . 7.54 -9.05 -25.96
C3 LHG CG . 7.06 -11.34 -25.35
O3 LHG CG . 6.86 -12.14 -24.18
P LHG CG . 6.43 -13.68 -24.26
O4 LHG CG . 5.04 -13.77 -24.83
O5 LHG CG . 7.56 -14.46 -24.88
O6 LHG CG . 6.37 -14.03 -22.69
C4 LHG CG . 6.24 -15.37 -22.20
C5 LHG CG . 6.72 -15.38 -20.76
C6 LHG CG . 5.57 -15.04 -19.81
O7 LHG CG . 7.24 -16.65 -20.43
C7 LHG CG . 8.69 -16.59 -20.27
O9 LHG CG . 9.26 -15.54 -20.54
C8 LHG CG . 9.46 -17.78 -19.77
C9 LHG CG . 9.11 -18.05 -18.31
C10 LHG CG . 10.34 -18.54 -17.56
O8 LHG CG . 6.11 -15.05 -18.48
C23 LHG CG . 5.30 -14.63 -17.35
O10 LHG CG . 4.08 -14.64 -17.46
C24 LHG CG . 5.97 -14.18 -16.08
C11 LHG CG . 9.97 -19.37 -16.35
C12 LHG CG . 10.03 -18.55 -15.06
C13 LHG CG . 9.74 -19.45 -13.87
C14 LHG CG . 9.72 -18.67 -12.57
C15 LHG CG . 9.38 -19.61 -11.41
C16 LHG CG . 9.25 -18.87 -10.09
C17 LHG CG . 8.82 -19.86 -9.01
C18 LHG CG . 8.71 -19.18 -7.64
C19 LHG CG . 8.22 -20.20 -6.62
C20 LHG CG . 8.09 -19.56 -5.24
C21 LHG CG . 7.45 -20.55 -4.26
C22 LHG CG . 7.20 -19.88 -2.93
C25 LHG CG . 5.90 -15.29 -15.03
C26 LHG CG . 6.63 -16.55 -15.48
C27 LHG CG . 6.52 -17.63 -14.42
C28 LHG CG . 5.05 -17.98 -14.16
C29 LHG CG . 4.69 -19.31 -14.79
C30 LHG CG . 5.20 -20.47 -13.95
C31 LHG CG . 5.05 -21.79 -14.69
C32 LHG CG . 5.34 -22.98 -13.77
C33 LHG CG . 4.16 -23.27 -12.87
C34 LHG CG . 3.51 -24.61 -13.22
C35 LHG CG . 4.55 -25.72 -13.22
C36 LHG CG . 3.89 -27.09 -13.36
C37 LHG CG . 3.08 -27.19 -14.64
C38 LHG CG . 2.46 -28.56 -14.77
C1 LMG DG . 33.53 5.50 -34.95
O1 LMG DG . 33.77 5.12 -33.60
C2 LMG DG . 34.12 4.45 -35.88
O2 LMG DG . 35.54 4.36 -35.67
C3 LMG DG . 33.83 4.80 -37.33
O3 LMG DG . 34.27 3.73 -38.19
C4 LMG DG . 32.35 5.05 -37.54
O4 LMG DG . 31.63 3.82 -37.39
C5 LMG DG . 31.83 6.06 -36.52
O5 LMG DG . 29.66 5.02 -36.45
C6 LMG DG . 30.33 6.27 -36.67
O6 LMG DG . 32.12 5.62 -35.20
C7 LMG DG . 33.42 6.15 -32.68
C8 LMG DG . 34.10 5.87 -31.35
C9 LMG DG . 34.23 7.17 -30.55
O7 LMG DG . 33.34 4.95 -30.57
C10 LMG DG . 34.06 3.70 -30.34
O9 LMG DG . 34.89 3.34 -31.17
C11 LMG DG . 33.78 2.89 -29.11
C12 LMG DG . 35.05 2.18 -28.65
C13 LMG DG . 36.10 3.17 -28.16
C14 LMG DG . 37.38 2.45 -27.75
C15 LMG DG . 38.44 3.44 -27.28
C16 LMG DG . 39.66 2.71 -26.75
C17 LMG DG . 40.69 3.70 -26.22
C18 LMG DG . 41.87 2.96 -25.58
O8 LMG DG . 35.27 7.01 -29.60
C28 LMG DG . 35.50 8.02 -28.58
O10 LMG DG . 34.61 8.81 -28.30
C29 LMG DG . 36.84 8.11 -27.89
C30 LMG DG . 36.87 9.32 -26.96
C31 LMG DG . 38.28 9.59 -26.46
C32 LMG DG . 38.84 8.40 -25.69
C33 LMG DG . 40.22 8.70 -25.14
C34 LMG DG . 40.75 7.53 -24.31
C35 LMG DG . 42.15 7.81 -23.80
C36 LMG DG . 42.20 9.08 -22.95
C10 WVN EG . 57.71 -7.48 -15.03
C11 WVN EG . 48.81 -28.50 -19.89
C12 WVN EG . 57.71 -7.87 -13.55
C13 WVN EG . 57.63 -10.01 -15.41
C14 WVN EG . 56.70 -8.99 -13.36
C01 WVN EG . 46.49 -28.90 -20.77
C02 WVN EG . 47.88 -29.52 -20.56
C03 WVN EG . 45.40 -29.97 -20.76
C04 WVN EG . 45.41 -30.71 -19.41
C05 WVN EG . 47.87 -30.83 -19.74
C06 WVN EG . 58.16 -8.65 -15.90
C07 WVN EG . 46.14 -27.82 -19.73
C08 WVN EG . 46.47 -28.25 -22.14
C09 WVN EG . 46.78 -31.34 -19.20
C15 WVN EG . 57.13 -10.19 -14.20
C16 WVN EG . 49.06 -31.78 -19.88
C17 WVN EG . 59.69 -8.70 -15.88
C18 WVN EG . 57.73 -8.32 -17.34
C19 WVN EG . 50.01 -28.27 -20.38
C20 WVN EG . 56.79 -10.79 -16.42
C21 WVN EG . 57.54 -11.44 -13.41
C22 WVN EG . 50.90 -27.24 -19.69
C23 WVN EG . 57.30 -11.87 -16.99
C24 WVN EG . 51.70 -27.63 -18.45
C25 WVN EG . 56.48 -12.66 -18.01
C26 WVN EG . 50.96 -26.03 -20.20
C27 WVN EG . 55.53 -11.94 -18.95
C28 WVN EG . 56.64 -13.98 -18.07
C29 WVN EG . 51.80 -24.92 -19.58
C30 WVN EG . 55.85 -14.85 -19.06
C31 WVN EG . 52.21 -23.91 -20.30
C32 WVN EG . 53.02 -22.81 -19.63
C33 WVN EG . 55.40 -16.00 -18.61
C34 WVN EG . 54.57 -16.95 -19.46
C35 WVN EG . 53.67 -23.07 -18.28
C36 WVN EG . 53.12 -21.63 -20.21
C37 WVN EG . 54.71 -18.25 -19.26
C38 WVN EG . 53.60 -16.43 -20.53
C39 WVN EG . 53.90 -20.50 -19.53
C40 WVN EG . 53.92 -19.29 -20.03
CHA HEM FG . 57.73 -18.37 -37.66
CHB HEM FG . 62.13 -17.42 -35.89
CHC HEM FG . 60.87 -19.59 -31.72
CHD HEM FG . 56.64 -20.88 -33.67
C1A HEM FG . 59.04 -17.99 -37.53
C2A HEM FG . 59.82 -17.45 -38.58
C3A HEM FG . 61.05 -17.18 -38.09
C4A HEM FG . 61.05 -17.55 -36.74
CMA HEM FG . 62.22 -16.58 -38.84
CAA HEM FG . 59.36 -17.21 -40.00
CBA HEM FG . 59.30 -18.54 -40.77
CGA HEM FG . 60.69 -19.06 -41.04
O1A HEM FG . 61.25 -19.82 -40.21
O2A HEM FG . 61.28 -18.73 -42.08
C1B HEM FG . 62.11 -17.91 -34.59
C2B HEM FG . 63.22 -17.75 -33.73
C3B HEM FG . 62.90 -18.34 -32.54
C4B HEM FG . 61.53 -18.89 -32.72
CMB HEM FG . 64.50 -17.03 -34.07
CAB HEM FG . 63.72 -18.43 -31.32
CBB HEM FG . 63.94 -17.35 -30.58
C1C HEM FG . 59.65 -20.19 -31.90
C2C HEM FG . 59.02 -21.06 -31.01
C3C HEM FG . 57.81 -21.43 -31.57
C4C HEM FG . 57.70 -20.77 -32.82
CMC HEM FG . 59.58 -21.51 -29.68
CAC HEM FG . 56.81 -22.35 -30.98
CBC HEM FG . 56.81 -23.63 -31.29
C1D HEM FG . 56.62 -20.24 -34.91
C2D HEM FG . 55.44 -20.33 -35.78
C3D HEM FG . 55.75 -19.64 -36.89
C4D HEM FG . 57.11 -19.13 -36.69
CMD HEM FG . 54.17 -21.07 -35.47
CAD HEM FG . 54.88 -19.41 -38.10
CBD HEM FG . 53.88 -18.28 -37.85
CGD HEM FG . 54.58 -16.97 -37.63
O1D HEM FG . 54.79 -16.56 -36.47
O2D HEM FG . 54.96 -16.29 -38.61
NA HEM FG . 59.81 -18.05 -36.41
NB HEM FG . 61.14 -18.61 -33.98
NC HEM FG . 58.84 -20.03 -33.00
ND HEM FG . 57.58 -19.52 -35.50
FE HEM FG . 59.27 -19.11 -34.82
C1 LMG GG . 53.69 -30.41 -10.74
O1 LMG GG . 53.14 -30.35 -12.06
C2 LMG GG . 53.40 -31.76 -10.13
O2 LMG GG . 52.00 -32.02 -10.13
C3 LMG GG . 53.93 -31.79 -8.70
O3 LMG GG . 53.76 -33.10 -8.14
C4 LMG GG . 55.41 -31.41 -8.68
O4 LMG GG . 56.18 -32.47 -9.23
C5 LMG GG . 55.66 -30.12 -9.46
O5 LMG GG . 57.69 -29.57 -8.27
C6 LMG GG . 57.16 -29.86 -9.57
O6 LMG GG . 55.10 -30.21 -10.77
C7 LMG GG . 53.23 -29.04 -12.62
C8 LMG GG . 51.92 -28.73 -13.33
C9 LMG GG . 52.05 -27.46 -14.17
O7 LMG GG . 51.54 -29.81 -14.17
C10 LMG GG . 50.37 -30.51 -13.65
O9 LMG GG . 49.92 -30.18 -12.56
C11 LMG GG . 49.72 -31.62 -14.44
C12 LMG GG . 49.67 -31.24 -15.91
C13 LMG GG . 48.94 -29.93 -16.16
C14 LMG GG . 47.49 -29.98 -15.68
C15 LMG GG . 46.73 -28.74 -16.14
C16 LMG GG . 45.54 -28.45 -15.24
C17 LMG GG . 44.39 -29.43 -15.48
C18 LMG GG . 43.35 -28.81 -16.41
C19 LMG GG . 42.85 -27.49 -15.85
C20 LMG GG . 42.02 -26.73 -16.88
C21 LMG GG . 41.86 -25.27 -16.49
C22 LMG GG . 41.39 -24.44 -17.68
C23 LMG GG . 42.33 -24.62 -18.87
C24 LMG GG . 41.91 -23.74 -20.05
C25 LMG GG . 42.09 -22.27 -19.72
O8 LMG GG . 50.78 -27.17 -14.75
C28 LMG GG . 50.54 -25.89 -15.40
O10 LMG GG . 51.44 -25.06 -15.44
C29 LMG GG . 49.19 -25.60 -16.02
C30 LMG GG . 49.09 -24.12 -16.32
C31 LMG GG . 47.92 -23.82 -17.26
C32 LMG GG . 48.10 -24.53 -18.59
C33 LMG GG . 47.03 -24.10 -19.60
C34 LMG GG . 47.27 -22.68 -20.09
C35 LMG GG . 48.55 -22.58 -20.92
C36 LMG GG . 48.71 -21.17 -21.49
C37 LMG GG . 50.01 -21.05 -22.29
C38 LMG GG . 50.20 -19.64 -22.81
C10 WVN HG . 61.05 18.72 -5.78
C11 WVN HG . 40.87 18.12 -17.21
C12 WVN HG . 60.72 18.51 -4.31
C13 WVN HG . 58.50 18.84 -5.94
C14 WVN HG . 59.64 17.44 -4.22
C01 WVN HG . 39.29 16.34 -18.00
C02 WVN HG . 39.76 17.80 -18.21
C03 WVN HG . 38.70 15.72 -19.27
C04 WVN HG . 38.24 16.78 -20.28
C05 WVN HG . 40.22 18.04 -19.66
C06 WVN HG . 59.85 19.28 -6.55
C07 WVN HG . 40.42 15.44 -17.54
C08 WVN HG . 38.22 16.32 -16.92
C09 WVN HG . 39.38 17.73 -20.61
C15 WVN HG . 58.43 17.86 -5.04
C16 WVN HG . 41.37 18.99 -19.96
C17 WVN HG . 59.92 20.80 -6.50
C18 WVN HG . 60.00 18.83 -8.01
C19 WVN HG . 40.57 18.99 -16.27
C20 WVN HG . 57.45 18.55 -7.01
C21 WVN HG . 57.07 17.46 -4.50
C22 WVN HG . 41.54 19.41 -15.18
C23 WVN HG . 56.47 19.37 -7.34
C24 WVN HG . 40.96 19.48 -13.78
C25 WVN HG . 55.52 18.91 -8.43
C26 WVN HG . 42.80 19.70 -15.44
C27 WVN HG . 55.85 17.64 -9.22
C28 WVN HG . 54.42 19.59 -8.70
C29 WVN HG . 43.74 20.09 -14.30
C30 WVN HG . 53.48 19.12 -9.79
C31 WVN HG . 44.99 19.71 -14.41
C32 WVN HG . 46.02 20.02 -13.32
C33 WVN HG . 52.25 19.57 -9.83
C34 WVN HG . 51.27 19.13 -10.90
C35 WVN HG . 45.58 20.12 -11.86
C36 WVN HG . 47.29 20.15 -13.65
C37 WVN HG . 50.24 19.89 -11.16
C38 WVN HG . 51.50 17.82 -11.66
C39 WVN HG . 48.34 20.44 -12.58
C40 WVN HG . 49.21 19.52 -12.23
C1A DGD IG . 44.06 2.38 -2.17
C2A DGD IG . 44.72 2.05 -3.49
C3A DGD IG . 43.66 1.68 -4.52
C4A DGD IG . 44.00 2.26 -5.89
C5A DGD IG . 43.04 1.77 -6.97
C6A DGD IG . 43.38 0.35 -7.40
C7A DGD IG . 42.53 -0.11 -8.58
C8A DGD IG . 42.56 0.92 -9.71
C9A DGD IG . 42.54 0.24 -11.07
CAA DGD IG . 41.33 -0.66 -11.24
CBA DGD IG . 40.14 0.10 -11.81
CCA DGD IG . 38.99 -0.87 -12.09
CDA DGD IG . 37.84 -0.19 -12.83
CEA DGD IG . 37.24 0.94 -12.01
CFA DGD IG . 35.80 1.21 -12.43
CGA DGD IG . 34.92 -0.01 -12.13
O1A DGD IG . 42.85 2.32 -2.04
C1B DGD IG . 44.22 5.89 -0.89
C2B DGD IG . 43.32 6.86 -1.62
C3B DGD IG . 41.96 6.89 -0.93
C4B DGD IG . 40.95 7.71 -1.74
C5B DGD IG . 39.93 6.79 -2.41
C6B DGD IG . 40.45 6.21 -3.72
C7B DGD IG . 40.05 4.76 -3.87
C8B DGD IG . 38.55 4.57 -3.65
C9B DGD IG . 38.14 3.10 -3.87
CAB DGD IG . 37.46 2.53 -2.63
CBB DGD IG . 38.39 2.52 -1.43
CCB DGD IG . 37.89 1.54 -0.37
CDB DGD IG . 36.60 2.01 0.26
CEB DGD IG . 35.77 0.83 0.76
CFB DGD IG . 35.42 -0.08 -0.39
CGB DGD IG . 34.42 -1.16 0.05
O1B DGD IG . 45.35 5.68 -1.27
O1G DGD IG . 44.88 2.78 -1.05
C1G DGD IG . 44.31 2.88 0.26
C2G DGD IG . 44.65 4.26 0.81
O2G DGD IG . 43.71 5.19 0.29
C3G DGD IG . 44.52 4.22 2.33
O3G DGD IG . 45.45 3.28 2.87
C1D DGD IG . 44.98 2.71 4.08
C2D DGD IG . 45.98 1.70 4.61
O2D DGD IG . 46.20 0.67 3.64
C3D DGD IG . 45.45 1.08 5.91
O3D DGD IG . 46.45 0.25 6.48
C4D DGD IG . 45.07 2.18 6.90
O4D DGD IG . 46.26 2.81 7.40
C5D DGD IG . 44.16 3.22 6.25
O5D DGD IG . 45.16 4.91 7.65
C6D DGD IG . 43.91 4.38 7.21
O6D DGD IG . 44.77 3.73 5.06
C1E DGD IG . 45.02 6.11 8.40
C2E DGD IG . 46.37 6.80 8.50
O2E DGD IG . 46.91 7.01 7.19
C3E DGD IG . 47.34 5.95 9.32
O3E DGD IG . 48.56 6.67 9.52
C4E DGD IG . 46.73 5.61 10.67
O4E DGD IG . 46.58 6.80 11.45
C5E DGD IG . 45.36 4.96 10.48
O6E DGD IG . 44.51 5.83 9.71
C6E DGD IG . 44.69 4.67 11.82
O5E DGD IG . 45.53 3.78 12.59
O1 LHG JG . 6.05 -1.92 -20.63
C1 LHG JG . 6.96 -2.79 -21.32
C2 LHG JG . 6.32 -3.32 -22.59
O2 LHG JG . 5.32 -4.29 -22.24
C3 LHG JG . 7.38 -3.97 -23.47
O3 LHG JG . 8.31 -4.60 -22.61
P LHG JG . 9.55 -5.47 -23.17
O4 LHG JG . 9.02 -6.78 -23.73
O5 LHG JG . 10.43 -4.58 -24.01
O6 LHG JG . 10.32 -5.76 -21.79
C4 LHG JG . 10.06 -6.95 -21.03
C5 LHG JG . 10.34 -6.60 -19.58
C6 LHG JG . 9.28 -7.23 -18.67
O7 LHG JG . 11.62 -7.10 -19.20
C7 LHG JG . 12.56 -6.02 -18.96
O9 LHG JG . 12.20 -4.86 -19.13
C8 LHG JG . 13.97 -6.30 -18.49
C9 LHG JG . 13.96 -6.84 -17.05
C10 LHG JG . 13.58 -8.32 -17.01
O8 LHG JG . 9.78 -7.20 -17.33
C23 LHG JG . 9.08 -6.48 -16.30
O10 LHG JG . 8.09 -5.84 -16.59
C24 LHG JG . 9.59 -6.51 -14.87
C11 LHG JG . 13.29 -8.77 -15.59
C12 LHG JG . 12.54 -10.10 -15.59
C13 LHG JG . 12.24 -10.56 -14.18
C14 LHG JG . 13.50 -11.00 -13.45
C15 LHG JG . 13.15 -11.61 -12.10
C16 LHG JG . 12.35 -12.88 -12.25
C17 LHG JG . 11.57 -13.20 -10.98
C18 LHG JG . 12.51 -13.36 -9.80
C19 LHG JG . 13.31 -14.66 -9.90
C20 LHG JG . 12.41 -15.88 -9.70
C21 LHG JG . 13.21 -17.16 -9.75
C22 LHG JG . 14.29 -17.18 -8.68
C25 LHG JG . 9.16 -5.25 -14.14
C26 LHG JG . 9.56 -5.31 -12.67
C27 LHG JG . 9.24 -4.00 -11.96
C28 LHG JG . 10.25 -2.93 -12.32
C29 LHG JG . 9.75 -1.54 -11.95
C30 LHG JG . 9.62 -1.39 -10.44
C31 LHG JG . 8.93 -0.07 -10.11
C32 LHG JG . 8.81 0.14 -8.60
C33 LHG JG . 7.85 1.30 -8.32
C34 LHG JG . 7.85 1.70 -6.84
C35 LHG JG . 8.81 2.84 -6.58
C36 LHG JG . 10.16 2.34 -6.07
C37 LHG JG . 9.98 1.50 -4.81
C38 LHG JG . 11.30 0.93 -4.34
C1 LMG KG . 0.35 8.71 -19.47
O1 LMG KG . 0.83 7.67 -18.63
C2 LMG KG . 1.34 8.93 -20.60
O2 LMG KG . 2.60 9.34 -20.05
C3 LMG KG . 0.84 9.99 -21.57
O3 LMG KG . 1.70 10.06 -22.71
C4 LMG KG . -0.57 9.64 -22.03
O4 LMG KG . -0.54 8.47 -22.87
C5 LMG KG . -1.49 9.38 -20.83
O5 LMG KG . -3.74 8.93 -20.14
C6 LMG KG . -2.88 8.99 -21.29
O6 LMG KG . -0.93 8.33 -20.02
C7 LMG KG . 0.06 7.52 -17.43
C8 LMG KG . 1.02 7.30 -16.28
C9 LMG KG . 1.54 8.65 -15.82
O7 LMG KG . 0.37 6.66 -15.19
C10 LMG KG . 0.74 5.26 -15.08
O9 LMG KG . 0.88 4.61 -16.10
C11 LMG KG . 0.95 4.65 -13.71
C12 LMG KG . 2.01 5.46 -12.98
C13 LMG KG . 1.57 5.79 -11.56
C14 LMG KG . 1.60 4.56 -10.66
C15 LMG KG . 1.43 4.96 -9.20
C16 LMG KG . 1.44 3.73 -8.30
C17 LMG KG . 1.38 4.14 -6.83
C18 LMG KG . 2.63 4.93 -6.44
O8 LMG KG . 2.49 8.49 -14.76
C28 LMG KG . 2.87 9.65 -13.98
O10 LMG KG . 2.20 10.66 -14.08
C29 LMG KG . 4.08 9.61 -13.08
C30 LMG KG . 3.92 8.54 -12.01
C31 LMG KG . 4.62 8.93 -10.73
C32 LMG KG . 5.29 7.71 -10.09
C33 LMG KG . 5.83 8.02 -8.70
C34 LMG KG . 4.69 8.23 -7.71
C35 LMG KG . 5.18 8.10 -6.27
C36 LMG KG . 5.86 6.76 -6.05
C37 LMG KG . 5.73 6.33 -4.59
C38 LMG KG . 6.29 7.39 -3.65
C39 LMG KG . 5.97 7.05 -2.19
C1 LMG LG . 6.44 -52.04 2.74
O1 LMG LG . 6.23 -51.76 1.36
C2 LMG LG . 5.16 -51.77 3.52
O2 LMG LG . 4.78 -50.40 3.37
C3 LMG LG . 5.35 -52.10 5.00
O3 LMG LG . 4.10 -52.02 5.67
C4 LMG LG . 5.94 -53.50 5.17
O4 LMG LG . 4.93 -54.47 4.84
C5 LMG LG . 7.15 -53.70 4.28
O5 LMG LG . 8.06 -55.41 5.73
C6 LMG LG . 7.68 -55.13 4.38
O6 LMG LG . 6.81 -53.41 2.92
C7 LMG LG . 7.05 -52.58 0.52
C8 LMG LG . 7.52 -51.82 -0.70
C9 LMG LG . 8.32 -52.79 -1.56
O7 LMG LG . 6.43 -51.32 -1.48
C10 LMG LG . 6.77 -50.05 -2.08
O9 LMG LG . 7.72 -49.42 -1.64
C11 LMG LG . 5.98 -49.51 -3.25
C12 LMG LG . 6.70 -48.28 -3.79
C13 LMG LG . 5.85 -47.51 -4.80
C14 LMG LG . 5.91 -48.13 -6.19
C15 LMG LG . 5.42 -47.12 -7.22
C16 LMG LG . 5.49 -47.67 -8.64
C17 LMG LG . 5.25 -46.55 -9.65
C18 LMG LG . 5.15 -47.10 -11.07
C19 LMG LG . 6.40 -47.86 -11.47
C20 LMG LG . 6.31 -48.33 -12.92
C21 LMG LG . 5.11 -49.26 -13.11
C22 LMG LG . 5.06 -49.79 -14.54
O8 LMG LG . 7.60 -53.10 -2.75
C28 LMG LG . 7.85 -54.38 -3.40
O10 LMG LG . 8.16 -55.33 -2.70
C29 LMG LG . 7.75 -54.50 -4.90
C30 LMG LG . 8.46 -55.76 -5.37
C31 LMG LG . 9.97 -55.63 -5.29
C32 LMG LG . 10.45 -54.37 -6.00
C33 LMG LG . 11.97 -54.25 -5.91
C34 LMG LG . 12.45 -52.98 -6.58
C35 LMG LG . 13.97 -52.98 -6.72
C36 LMG LG . 14.43 -51.79 -7.56
C37 LMG LG . 13.67 -51.72 -8.88
C38 LMG LG . 14.27 -50.69 -9.82
C39 LMG LG . 13.57 -50.75 -11.18
C40 LMG LG . 12.08 -50.44 -11.05
C41 LMG LG . 11.38 -50.58 -12.40
C42 LMG LG . 9.90 -50.28 -12.29
C43 LMG LG . 9.20 -50.51 -13.63
C10 WVN MG . 50.62 -60.72 -26.32
C11 WVN MG . 44.66 -39.57 -31.73
C12 WVN MG . 50.76 -61.21 -27.76
C13 WVN MG . 50.30 -58.45 -27.36
C14 WVN MG . 51.48 -60.19 -28.67
C01 WVN MG . 43.15 -38.39 -33.43
C02 WVN MG . 43.83 -38.32 -32.04
C03 WVN MG . 43.57 -37.26 -34.37
C04 WVN MG . 45.08 -37.04 -34.37
C05 WVN MG . 44.74 -37.09 -31.95
C06 WVN MG . 49.79 -59.43 -26.30
C07 WVN MG . 41.64 -38.28 -33.22
C08 WVN MG . 43.44 -39.71 -34.13
C09 WVN MG . 45.55 -36.79 -32.94
C15 WVN MG . 51.28 -58.74 -28.20
C16 WVN MG . 44.54 -36.08 -30.81
C17 WVN MG . 48.34 -59.80 -26.52
C18 WVN MG . 49.88 -58.77 -24.92
C19 WVN MG . 45.14 -39.77 -30.52
C20 WVN MG . 49.22 -57.53 -27.94
C21 WVN MG . 52.52 -57.87 -28.12
C22 WVN MG . 45.97 -41.00 -30.18
C23 WVN MG . 48.82 -57.52 -29.19
C24 WVN MG . 46.80 -40.99 -28.89
C25 WVN MG . 47.73 -56.51 -29.55
C26 WVN MG . 45.98 -42.04 -30.98
C27 WVN MG . 46.26 -56.91 -29.42
C28 WVN MG . 48.08 -55.31 -29.96
C29 WVN MG . 46.79 -43.29 -30.65
C30 WVN MG . 47.08 -54.21 -30.33
C31 WVN MG . 46.50 -44.41 -31.28
C32 WVN MG . 47.27 -45.69 -31.01
C33 WVN MG . 47.52 -52.98 -30.20
C34 WVN MG . 46.73 -51.71 -30.52
C35 WVN MG . 48.73 -45.64 -30.62
C36 WVN MG . 46.62 -46.84 -31.11
C37 WVN MG . 47.39 -50.59 -30.63
C38 WVN MG . 45.22 -51.76 -30.71
C39 WVN MG . 47.33 -48.15 -30.83
C40 WVN MG . 46.67 -49.28 -30.94
C1 LMG NG . 39.60 -69.51 -43.97
O1 LMG NG . 39.88 -69.75 -42.59
C2 LMG NG . 38.89 -70.74 -44.54
O2 LMG NG . 39.55 -71.16 -45.74
C3 LMG NG . 37.43 -70.43 -44.84
O3 LMG NG . 36.74 -70.18 -43.61
C4 LMG NG . 37.28 -69.22 -45.76
O4 LMG NG . 35.96 -68.67 -45.61
C5 LMG NG . 38.32 -68.16 -45.45
O5 LMG NG . 38.75 -65.78 -45.36
C6 LMG NG . 37.74 -66.76 -45.61
O6 LMG NG . 38.80 -68.34 -44.11
C7 LMG NG . 40.79 -68.82 -42.03
C8 LMG NG . 41.35 -69.39 -40.73
C9 LMG NG . 42.46 -68.48 -40.20
O7 LMG NG . 40.33 -69.47 -39.74
C10 LMG NG . 39.89 -70.83 -39.50
O9 LMG NG . 39.59 -71.54 -40.45
C11 LMG NG . 39.78 -71.37 -38.09
C12 LMG NG . 39.05 -70.38 -37.19
C13 LMG NG . 39.43 -70.61 -35.73
C14 LMG NG . 39.15 -72.06 -35.32
C15 LMG NG . 39.61 -72.29 -33.88
O8 LMG NG . 42.30 -68.34 -38.79
C28 LMG NG . 43.18 -67.47 -38.02
O10 LMG NG . 44.11 -66.91 -38.57
C29 LMG NG . 42.92 -67.27 -36.55
C30 LMG NG . 44.13 -66.63 -35.87
C31 LMG NG . 43.89 -66.50 -34.37
C32 LMG NG . 45.15 -66.07 -33.64
C33 LMG NG . 45.66 -64.72 -34.14
O1 LHG OG . 42.35 -73.95 -47.60
C1 LHG OG . 41.46 -74.60 -46.70
C2 LHG OG . 42.13 -74.77 -45.35
O2 LHG OG . 43.27 -75.62 -45.48
C3 LHG OG . 41.15 -75.40 -44.37
O3 LHG OG . 41.79 -75.55 -43.10
P LHG OG . 41.04 -76.25 -41.86
O4 LHG OG . 40.04 -75.26 -41.29
O5 LHG OG . 40.57 -77.61 -42.28
O6 LHG OG . 42.24 -76.43 -40.80
C4 LHG OG . 42.00 -76.85 -39.46
C5 LHG OG . 43.34 -76.83 -38.72
C6 LHG OG . 44.19 -75.65 -39.19
O7 LHG OG . 43.24 -76.81 -37.29
C7 LHG OG . 42.11 -76.16 -36.63
O9 LHG OG . 41.69 -75.07 -36.99
C8 LHG OG . 41.49 -76.81 -35.42
C9 LHG OG . 42.46 -76.68 -34.24
C10 LHG OG . 41.81 -77.15 -32.94
O8 LHG OG . 43.43 -74.46 -39.08
C23 LHG OG . 44.04 -73.16 -39.29
O10 LHG OG . 45.05 -73.07 -39.98
C24 LHG OG . 43.41 -71.95 -38.66
C25 LHG OG . 43.41 -72.16 -37.14
C26 LHG OG . 43.02 -70.87 -36.41
MG CLA PG . -77.43 -35.90 0.87
CHA CLA PG . -77.02 -39.13 -0.34
CHB CLA PG . -80.70 -35.96 -0.10
CHC CLA PG . -77.69 -32.56 1.59
CHD CLA PG . -73.90 -35.67 1.25
NA CLA PG . -78.64 -37.31 -0.08
C1A CLA PG . -78.30 -38.63 -0.49
C2A CLA PG . -79.50 -39.34 -1.12
C3A CLA PG . -80.63 -38.28 -1.04
C4A CLA PG . -79.96 -37.09 -0.36
CMA CLA PG . -81.16 -37.93 -2.41
CAA CLA PG . -79.92 -40.56 -0.33
CBA CLA PG . -80.60 -40.20 0.98
CGA CLA PG . -80.26 -41.21 2.03
O1A CLA PG . -80.08 -42.42 1.92
O2A CLA PG . -80.15 -40.66 3.28
NB CLA PG . -78.89 -34.52 0.71
C1B CLA PG . -80.20 -34.79 0.50
C2B CLA PG . -81.06 -33.67 0.99
C3B CLA PG . -80.20 -32.71 1.46
C4B CLA PG . -78.82 -33.23 1.28
CMB CLA PG . -82.52 -33.67 0.88
CAB CLA PG . -80.48 -31.41 2.01
CBB CLA PG . -81.17 -31.18 3.12
NC CLA PG . -76.04 -34.40 1.31
C1C CLA PG . -76.37 -33.10 1.60
C2C CLA PG . -75.19 -32.32 1.92
C3C CLA PG . -74.11 -33.19 1.80
C4C CLA PG . -74.65 -34.50 1.43
CMC CLA PG . -75.22 -30.90 2.27
CAC CLA PG . -72.68 -32.87 2.03
CBC CLA PG . -72.06 -32.07 0.90
ND CLA PG . -75.80 -37.06 0.53
C1D CLA PG . -74.42 -36.87 0.83
C2D CLA PG . -73.70 -38.15 0.62
C3D CLA PG . -74.66 -39.06 0.20
C4D CLA PG . -75.94 -38.32 0.13
CMD CLA PG . -72.28 -38.36 0.86
CAD CLA PG . -74.91 -40.42 -0.23
OBD CLA PG . -74.14 -41.38 -0.33
CBD CLA PG . -76.43 -40.51 -0.59
CGD CLA PG . -76.67 -41.03 -1.99
O1D CLA PG . -76.81 -42.21 -2.31
O2D CLA PG . -76.73 -40.09 -2.96
CED CLA PG . -77.07 -40.52 -4.27
C1 CLA PG . -81.05 -41.17 4.29
C2 CLA PG . -80.87 -40.33 5.50
C3 CLA PG . -79.77 -40.36 6.25
C5 CLA PG . -79.63 -39.49 7.45
MG CLA QG . -64.15 -40.53 -1.68
CHA CLA QG . -65.97 -39.43 -4.40
CHB CLA QG . -61.25 -39.86 -3.39
CHC CLA QG . -62.34 -40.94 1.23
CHD CLA QG . -67.15 -40.62 0.21
NA CLA QG . -63.70 -39.78 -3.58
C1A CLA QG . -64.61 -39.39 -4.58
C2A CLA QG . -63.88 -38.92 -5.84
C3A CLA QG . -62.42 -39.34 -5.57
C4A CLA QG . -62.43 -39.67 -4.07
CMA CLA QG . -62.03 -40.53 -6.40
CAA CLA QG . -64.02 -37.42 -6.06
CBA CLA QG . -63.97 -36.64 -4.76
CGA CLA QG . -62.55 -36.25 -4.45
O1A CLA QG . -61.70 -35.81 -5.22
O2A CLA QG . -62.22 -36.44 -3.13
NB CLA QG . -62.20 -40.41 -1.19
C1B CLA QG . -61.15 -40.20 -2.03
C2B CLA QG . -59.85 -40.37 -1.34
C3B CLA QG . -60.15 -40.68 -0.02
C4B CLA QG . -61.64 -40.71 0.08
CMB CLA QG . -58.56 -40.20 -2.00
CAB CLA QG . -59.30 -40.93 1.11
CBB CLA QG . -58.22 -40.21 1.46
NC CLA QG . -64.66 -40.77 0.34
C1C CLA QG . -63.76 -40.98 1.34
C2C CLA QG . -64.46 -41.19 2.60
C3C CLA QG . -65.82 -41.03 2.34
C4C CLA QG . -65.94 -40.78 0.91
CMC CLA QG . -63.82 -41.48 3.89
CAC CLA QG . -66.93 -41.16 3.28
CBC CLA QG . -67.36 -39.81 3.81
ND CLA QG . -66.11 -40.12 -1.94
C1D CLA QG . -67.25 -40.31 -1.13
C2D CLA QG . -68.47 -40.12 -1.94
C3D CLA QG . -68.04 -39.80 -3.21
C4D CLA QG . -66.56 -39.79 -3.15
CMD CLA QG . -69.84 -40.27 -1.44
CAD CLA QG . -68.42 -39.46 -4.58
OBD CLA QG . -69.54 -39.36 -5.08
CBD CLA QG . -67.11 -39.21 -5.38
CGD CLA QG . -66.97 -40.17 -6.53
O1D CLA QG . -67.21 -41.38 -6.52
O2D CLA QG . -66.51 -39.60 -7.67
CED CLA QG . -65.69 -40.40 -8.53
C1 CLA QG . -60.92 -35.96 -2.73
C2 CLA QG . -60.72 -36.35 -1.32
C3 CLA QG . -59.66 -35.95 -0.61
C4 CLA QG . -58.60 -35.10 -1.20
C5 CLA QG . -59.48 -36.36 0.81
C6 CLA QG . -59.87 -35.27 1.80
C7 CLA QG . -58.66 -34.56 2.35
C8 CLA QG . -59.04 -33.29 3.10
C9 CLA QG . -58.50 -32.06 2.40
C10 CLA QG . -58.53 -33.34 4.55
C11 CLA QG . -59.67 -33.28 5.55
C12 CLA QG . -60.70 -34.36 5.30
C13 CLA QG . -61.52 -34.67 6.55
C14 CLA QG . -61.35 -36.11 6.95
C15 CLA QG . -62.99 -34.34 6.33
C16 CLA QG . -63.47 -33.30 7.34
C17 CLA QG . -63.74 -33.94 8.68
C18 CLA QG . -63.61 -32.92 9.81
C19 CLA QG . -62.22 -32.33 9.86
C20 CLA QG . -63.96 -33.57 11.14
MG CLA RG . -53.82 -40.28 3.01
CHA CLA RG . -52.31 -39.14 0.09
CHB CLA RG . -56.10 -37.73 2.76
CHC CLA RG . -54.80 -40.81 6.28
CHD CLA RG . -50.95 -42.31 3.61
NA CLA RG . -54.18 -38.75 1.61
C1A CLA RG . -53.44 -38.45 0.45
C2A CLA RG . -54.06 -37.26 -0.30
C3A CLA RG . -55.34 -36.94 0.50
C4A CLA RG . -55.22 -37.87 1.70
CMA CLA RG . -55.38 -35.48 0.92
CAA CLA RG . -54.45 -37.65 -1.72
CBA CLA RG . -55.61 -36.88 -2.32
CGA CLA RG . -55.13 -35.64 -3.02
O1A CLA RG . -55.73 -34.97 -3.86
O2A CLA RG . -53.87 -35.28 -2.66
NB CLA RG . -55.18 -39.46 4.25
C1B CLA RG . -56.08 -38.48 3.93
C2B CLA RG . -57.07 -38.31 5.03
C3B CLA RG . -56.72 -39.18 6.03
C4B CLA RG . -55.49 -39.91 5.56
CMB CLA RG . -58.13 -37.31 4.95
CAB CLA RG . -57.26 -39.40 7.34
CBB CLA RG . -57.61 -38.43 8.20
NC CLA RG . -53.06 -41.42 4.60
C1C CLA RG . -53.66 -41.54 5.84
C2C CLA RG . -52.91 -42.47 6.67
C3C CLA RG . -51.77 -42.82 5.96
C4C CLA RG . -51.88 -42.18 4.65
CMC CLA RG . -53.29 -42.85 8.03
CAC CLA RG . -50.72 -43.76 6.40
CBC CLA RG . -50.93 -45.15 5.87
ND CLA RG . -52.08 -40.74 2.09
C1D CLA RG . -51.02 -41.63 2.42
C2D CLA RG . -50.06 -41.69 1.28
C3D CLA RG . -50.53 -40.78 0.36
C4D CLA RG . -51.76 -40.18 0.93
CMD CLA RG . -48.88 -42.54 1.22
CAD CLA RG . -50.33 -40.18 -0.94
OBD CLA RG . -49.53 -40.48 -1.82
CBD CLA RG . -51.38 -39.04 -1.10
CGD CLA RG . -50.70 -37.70 -1.17
O1D CLA RG . -50.90 -36.73 -0.44
O2D CLA RG . -49.77 -37.60 -2.16
CED CLA RG . -49.22 -36.30 -2.41
C1 CLA RG . -53.30 -34.12 -3.31
C2 CLA RG . -53.78 -32.92 -2.58
C3 CLA RG . -53.24 -32.48 -1.43
C4 CLA RG . -53.76 -31.27 -0.74
C5 CLA RG . -52.10 -33.19 -0.80
C6 CLA RG . -50.99 -32.24 -0.37
C7 CLA RG . -50.16 -32.84 0.74
C8 CLA RG . -50.99 -33.10 2.00
C9 CLA RG . -51.21 -31.80 2.75
C10 CLA RG . -50.30 -34.11 2.90
C11 CLA RG . -51.30 -34.81 3.81
C12 CLA RG . -51.75 -36.14 3.23
C13 CLA RG . -51.55 -37.27 4.22
C14 CLA RG . -52.26 -37.00 5.53
C15 CLA RG . -50.07 -37.54 4.47
C16 CLA RG . -49.34 -37.85 3.17
C17 CLA RG . -47.99 -38.52 3.43
C18 CLA RG . -46.93 -38.11 2.40
C19 CLA RG . -47.52 -37.85 1.03
C20 CLA RG . -45.86 -39.18 2.31
MG CLA SG . -52.45 -57.58 12.69
CHA CLA SG . -50.37 -58.84 15.16
CHB CLA SG . -50.06 -55.23 11.94
CHC CLA SG . -54.13 -56.82 9.77
CHD CLA SG . -54.52 -60.44 13.07
NA CLA SG . -50.54 -57.13 13.44
C1A CLA SG . -49.87 -57.77 14.48
C2A CLA SG . -48.50 -57.13 14.72
C3A CLA SG . -48.53 -55.87 13.84
C4A CLA SG . -49.79 -56.08 12.99
CMA CLA SG . -48.61 -54.60 14.65
CAA CLA SG . -47.38 -58.09 14.30
CBA CLA SG . -47.57 -58.68 12.92
CGA CLA SG . -48.29 -59.99 12.95
O1A CLA SG . -47.97 -61.04 13.50
O2A CLA SG . -49.48 -59.95 12.27
NB CLA SG . -52.15 -56.28 11.18
C1B CLA SG . -51.18 -55.34 11.10
C2B CLA SG . -51.45 -54.41 9.96
C3B CLA SG . -52.60 -54.86 9.35
C4B CLA SG . -53.05 -56.06 10.11
CMB CLA SG . -50.56 -53.30 9.63
CAB CLA SG . -53.29 -54.37 8.19
CBB CLA SG . -53.58 -53.09 7.91
NC CLA SG . -54.03 -58.46 11.64
C1C CLA SG . -54.58 -57.96 10.49
C2C CLA SG . -55.71 -58.77 10.07
C3C CLA SG . -55.79 -59.83 10.96
C4C CLA SG . -54.75 -59.62 11.96
CMC CLA SG . -56.53 -58.52 8.87
CAC CLA SG . -56.78 -60.92 10.96
CBC CLA SG . -56.28 -62.15 10.24
ND CLA SG . -52.47 -59.30 13.78
C1D CLA SG . -53.46 -60.31 13.94
C2D CLA SG . -53.13 -61.12 15.13
C3D CLA SG . -51.95 -60.61 15.64
C4D CLA SG . -51.58 -59.48 14.75
CMD CLA SG . -53.94 -62.24 15.62
CAD CLA SG . -50.95 -60.70 16.68
OBD CLA SG . -50.88 -61.47 17.63
CBD CLA SG . -49.89 -59.59 16.39
CGD CLA SG . -49.65 -58.68 17.56
O1D CLA SG . -48.79 -58.79 18.44
O2D CLA SG . -50.53 -57.64 17.66
CED CLA SG . -51.15 -57.40 18.92
C1 CLA SG . -50.18 -61.19 12.01
C2 CLA SG . -51.30 -60.87 11.12
C3 CLA SG . -51.63 -61.62 10.05
C4 CLA SG . -50.89 -62.85 9.69
C5 CLA SG . -52.78 -61.25 9.18
C6 CLA SG . -52.36 -60.41 7.98
C7 CLA SG . -53.35 -60.56 6.85
C8 CLA SG . -53.14 -59.50 5.77
C9 CLA SG . -53.43 -58.12 6.32
C10 CLA SG . -54.02 -59.77 4.56
C11 CLA SG . -53.22 -60.20 3.35
C12 CLA SG . -52.75 -59.01 2.53
C13 CLA SG . -51.96 -59.46 1.30
C14 CLA SG . -50.49 -59.16 1.48
C15 CLA SG . -52.49 -58.81 0.03
C16 CLA SG . -52.10 -59.62 -1.19
C17 CLA SG . -52.45 -58.90 -2.48
C18 CLA SG . -51.32 -57.97 -2.93
C19 CLA SG . -51.87 -56.79 -3.71
C20 CLA SG . -50.31 -58.72 -3.77
MG CLA TG . -40.35 -61.94 8.22
CHA CLA TG . -39.86 -61.75 11.64
CHB CLA TG . -37.47 -63.82 7.96
CHC CLA TG . -41.27 -62.89 5.04
CHD CLA TG . -43.59 -60.54 8.68
NA CLA TG . -38.91 -62.62 9.58
C1A CLA TG . -38.88 -62.43 10.97
C2A CLA TG . -37.64 -63.06 11.59
C3A CLA TG . -36.78 -63.41 10.35
C4A CLA TG . -37.78 -63.30 9.20
CMA CLA TG . -35.62 -62.47 10.18
CAA CLA TG . -38.03 -64.29 12.39
CBA CLA TG . -36.98 -65.39 12.36
CGA CLA TG . -37.22 -66.34 13.49
O1A CLA TG . -37.12 -66.13 14.70
O2A CLA TG . -37.62 -67.58 13.07
NB CLA TG . -39.51 -63.08 6.77
C1B CLA TG . -38.34 -63.77 6.85
C2B CLA TG . -38.08 -64.50 5.58
C3B CLA TG . -39.15 -64.23 4.75
C4B CLA TG . -40.07 -63.34 5.50
CMB CLA TG . -36.91 -65.34 5.36
CAB CLA TG . -39.43 -64.72 3.43
CBB CLA TG . -39.69 -66.00 3.14
NC CLA TG . -42.08 -61.70 7.07
C1C CLA TG . -42.21 -62.12 5.76
C2C CLA TG . -43.52 -61.72 5.23
C3C CLA TG . -44.20 -61.13 6.29
C4C CLA TG . -43.29 -61.10 7.43
CMC CLA TG . -43.99 -62.00 3.88
CAC CLA TG . -45.56 -60.56 6.24
CBC CLA TG . -45.58 -59.11 5.80
ND CLA TG . -41.51 -61.31 9.74
C1D CLA TG . -42.76 -60.64 9.78
C2D CLA TG . -43.02 -60.13 11.15
C3D CLA TG . -41.94 -60.56 11.91
C4D CLA TG . -41.04 -61.28 10.98
CMD CLA TG . -44.20 -59.38 11.56
CAD CLA TG . -41.33 -60.57 13.23
OBD CLA TG . -41.74 -60.10 14.29
CBD CLA TG . -39.98 -61.35 13.09
CGD CLA TG . -38.82 -60.50 13.55
O1D CLA TG . -38.36 -59.50 13.01
O2D CLA TG . -38.23 -60.95 14.70
CED CLA TG . -37.13 -60.22 15.23
C1 CLA TG . -39.00 -67.73 12.68
C2 CLA TG . -39.36 -69.15 12.85
C3 CLA TG . -40.54 -69.65 12.45
C4 CLA TG . -41.58 -68.82 11.82
C5 CLA TG . -40.85 -71.10 12.63
C6 CLA TG . -40.98 -71.85 11.32
MG CLA UG . -45.28 -46.59 12.15
CHA CLA UG . -42.04 -45.45 12.70
CHB CLA UG . -46.35 -43.32 12.30
CHC CLA UG . -48.20 -47.44 10.50
CHD CLA UG . -43.95 -49.75 11.30
NA CLA UG . -44.35 -44.73 12.50
C1A CLA UG . -42.99 -44.47 12.70
C2A CLA UG . -42.74 -42.98 12.97
C3A CLA UG . -44.16 -42.44 13.19
C4A CLA UG . -45.03 -43.55 12.61
CMA CLA UG . -44.45 -42.22 14.65
CAA CLA UG . -41.97 -42.25 11.86
CBA CLA UG . -42.41 -42.68 10.47
CGA CLA UG . -41.51 -42.05 9.46
O1A CLA UG . -40.48 -42.51 8.95
O2A CLA UG . -41.91 -40.79 9.10
NB CLA UG . -46.97 -45.61 11.63
C1B CLA UG . -47.20 -44.28 11.76
C2B CLA UG . -48.55 -43.93 11.24
C3B CLA UG . -49.10 -45.08 10.73
C4B CLA UG . -48.08 -46.15 10.93
CMB CLA UG . -49.07 -42.57 11.20
CAB CLA UG . -50.34 -45.25 10.03
CBB CLA UG . -51.23 -46.23 10.23
NC CLA UG . -45.96 -48.30 11.16
C1C CLA UG . -47.21 -48.45 10.60
C2C CLA UG . -47.37 -49.80 10.06
C3C CLA UG . -46.15 -50.44 10.24
C4C CLA UG . -45.28 -49.50 10.95
CMC CLA UG . -48.57 -50.30 9.41
CAC CLA UG . -45.82 -51.81 9.87
CBC CLA UG . -46.16 -52.75 11.03
ND CLA UG . -43.46 -47.45 11.97
C1D CLA UG . -43.07 -48.79 11.75
C2D CLA UG . -41.63 -48.95 12.07
C3D CLA UG . -41.18 -47.69 12.43
C4D CLA UG . -42.36 -46.79 12.35
CMD CLA UG . -40.88 -50.20 12.00
CAD CLA UG . -40.06 -46.90 12.90
OBD CLA UG . -38.92 -47.25 13.17
CBD CLA UG . -40.56 -45.42 13.03
CGD CLA UG . -40.30 -44.84 14.40
O1D CLA UG . -39.28 -44.26 14.79
O2D CLA UG . -41.34 -44.98 15.28
CED CLA UG . -41.11 -44.58 16.63
C1 CLA UG . -43.04 -40.72 8.19
C2 CLA UG . -44.11 -39.97 8.91
C3 CLA UG . -45.06 -39.24 8.33
C4 CLA UG . -45.16 -39.08 6.86
C5 CLA UG . -46.08 -38.54 9.15
C6 CLA UG . -46.34 -39.28 10.45
C7 CLA UG . -47.15 -38.43 11.42
C8 CLA UG . -46.39 -37.96 12.67
C9 CLA UG . -45.09 -38.71 12.87
C10 CLA UG . -47.30 -38.08 13.89
C11 CLA UG . -46.53 -38.20 15.20
C12 CLA UG . -47.45 -38.23 16.40
C13 CLA UG . -47.01 -39.23 17.45
C14 CLA UG . -47.73 -38.98 18.76
C15 CLA UG . -45.50 -39.20 17.67
MG CLA VG . -47.44 -46.28 -0.96
CHA CLA VG . -49.87 -44.19 -2.33
CHB CLA VG . -45.39 -45.49 -3.59
CHC CLA VG . -44.73 -47.43 0.83
CHD CLA VG . -49.38 -46.41 2.03
NA CLA VG . -47.64 -45.10 -2.68
C1A CLA VG . -48.73 -44.29 -3.06
C2A CLA VG . -48.46 -43.62 -4.41
C3A CLA VG . -47.20 -44.35 -4.91
C4A CLA VG . -46.68 -45.03 -3.65
CMA CLA VG . -47.53 -45.35 -5.99
CAA CLA VG . -48.25 -42.11 -4.28
CBA CLA VG . -47.09 -41.74 -3.38
CGA CLA VG . -46.87 -40.25 -3.41
O1A CLA VG . -46.78 -39.51 -4.38
O2A CLA VG . -46.77 -39.70 -2.15
NB CLA VG . -45.45 -46.38 -1.30
C1B CLA VG . -44.82 -46.13 -2.47
C2B CLA VG . -43.42 -46.63 -2.45
C3B CLA VG . -43.23 -47.18 -1.19
C4B CLA VG . -44.52 -47.03 -0.46
CMB CLA VG . -42.48 -46.49 -3.57
CAB CLA VG . -42.06 -47.77 -0.61
CBB CLA VG . -40.82 -47.27 -0.61
NC CLA VG . -47.15 -46.88 1.03
C1C CLA VG . -45.97 -47.37 1.53
C2C CLA VG . -46.12 -47.75 2.93
C3C CLA VG . -47.41 -47.39 3.29
C4C CLA VG . -48.06 -46.86 2.09
CMC CLA VG . -45.06 -48.32 3.75
CAC CLA VG . -48.05 -47.56 4.61
CBC CLA VG . -48.52 -48.97 4.88
ND CLA VG . -49.25 -45.64 -0.31
C1D CLA VG . -49.96 -45.82 0.91
C2D CLA VG . -51.33 -45.27 0.77
C3D CLA VG . -51.35 -44.65 -0.46
C4D CLA VG . -50.02 -44.86 -1.06
CMD CLA VG . -52.38 -45.37 1.78
CAD CLA VG . -52.15 -43.91 -1.42
OBD CLA VG . -53.34 -43.63 -1.40
CBD CLA VG . -51.19 -43.49 -2.57
CGD CLA VG . -51.76 -43.79 -3.94
O1D CLA VG . -52.07 -44.90 -4.39
O2D CLA VG . -51.93 -42.69 -4.71
CED CLA VG . -52.50 -42.86 -6.01
C1 CLA VG . -45.44 -39.61 -1.59
C2 CLA VG . -45.07 -38.17 -1.58
C3 CLA VG . -44.27 -37.64 -0.65
MG CLA WG . -61.31 -55.87 -3.11
CHA CLA WG . -60.42 -56.58 -6.40
CHB CLA WG . -64.58 -56.48 -3.90
CHC CLA WG . -62.09 -55.88 0.24
CHD CLA WG . -57.85 -55.88 -2.26
NA CLA WG . -62.30 -56.42 -4.87
C1A CLA WG . -61.75 -56.67 -6.14
C2A CLA WG . -62.85 -57.02 -7.15
C3A CLA WG . -64.16 -56.78 -6.37
C4A CLA WG . -63.67 -56.56 -4.93
CMA CLA WG . -64.92 -55.60 -6.89
CAA CLA WG . -62.72 -58.45 -7.67
CBA CLA WG . -63.77 -59.37 -7.09
CGA CLA WG . -63.36 -59.81 -5.74
O1A CLA WG . -62.26 -59.68 -5.19
O2A CLA WG . -64.35 -60.43 -5.05
NB CLA WG . -62.99 -56.19 -2.05
C1B CLA WG . -64.24 -56.28 -2.56
C2B CLA WG . -65.26 -56.10 -1.48
C3B CLA WG . -64.57 -55.92 -0.31
C4B CLA WG . -63.12 -55.98 -0.65
CMB CLA WG . -66.70 -56.15 -1.74
CAB CLA WG . -65.02 -55.73 1.04
CBB CLA WG . -65.99 -56.44 1.66
NC CLA WG . -60.17 -55.86 -1.36
C1C CLA WG . -60.70 -55.82 -0.09
C2C CLA WG . -59.64 -55.76 0.90
C3C CLA WG . -58.44 -55.81 0.19
C4C CLA WG . -58.78 -55.86 -1.22
CMC CLA WG . -59.84 -55.69 2.35
CAC CLA WG . -57.08 -55.77 0.76
CBC CLA WG . -56.47 -57.15 0.86
ND CLA WG . -59.52 -56.12 -4.05
C1D CLA WG . -58.17 -56.00 -3.60
C2D CLA WG . -57.26 -56.06 -4.77
C3D CLA WG . -58.08 -56.26 -5.87
C4D CLA WG . -59.46 -56.33 -5.36
CMD CLA WG . -55.81 -55.90 -4.70
CAD CLA WG . -58.13 -56.43 -7.31
OBD CLA WG . -57.23 -56.40 -8.14
CBD CLA WG . -59.62 -56.69 -7.68
CGD CLA WG . -60.11 -55.73 -8.73
O1D CLA WG . -59.82 -54.54 -8.85
O2D CLA WG . -61.00 -56.27 -9.61
CED CLA WG . -61.88 -55.39 -10.30
C1 CLA WG . -64.36 -60.23 -3.62
C2 CLA WG . -65.77 -60.39 -3.20
C3 CLA WG . -66.15 -60.38 -1.91
C4 CLA WG . -67.58 -60.54 -1.55
C5 CLA WG . -65.16 -60.23 -0.81
C6 CLA WG . -65.28 -61.31 0.26
C7 CLA WG . -64.04 -61.37 1.12
C8 CLA WG . -64.29 -62.03 2.47
C9 CLA WG . -65.26 -61.20 3.28
C10 CLA WG . -62.98 -62.22 3.26
C11 CLA WG . -63.24 -62.69 4.68
C12 CLA WG . -61.98 -62.71 5.51
C13 CLA WG . -62.25 -63.09 6.96
C14 CLA WG . -63.07 -62.02 7.65
C15 CLA WG . -60.94 -63.37 7.69
C16 CLA WG . -61.07 -63.31 9.21
C17 CLA WG . -61.28 -64.68 9.82
C18 CLA WG . -60.79 -64.74 11.25
C19 CLA WG . -61.63 -63.88 12.17
C20 CLA WG . -59.33 -64.32 11.34
MG CLA XG . -76.71 -49.12 3.23
CHA CLA XG . -75.24 -51.23 0.88
CHB CLA XG . -79.55 -48.98 1.31
CHC CLA XG . -77.92 -46.60 5.23
CHD CLA XG . -73.53 -48.78 4.79
NA CLA XG . -77.28 -49.98 1.40
C1A CLA XG . -76.54 -50.85 0.59
C2A CLA XG . -77.35 -51.26 -0.65
C3A CLA XG . -78.70 -50.55 -0.46
C4A CLA XG . -78.51 -49.77 0.84
CMA CLA XG . -79.02 -49.63 -1.61
CAA CLA XG . -77.60 -52.77 -0.68
CBA CLA XG . -78.74 -53.18 0.22
CGA CLA XG . -78.54 -54.56 0.76
O1A CLA XG . -78.19 -55.58 0.17
O2A CLA XG . -78.77 -54.64 2.11
NB CLA XG . -78.37 -47.98 3.22
C1B CLA XG . -79.48 -48.21 2.48
C2B CLA XG . -80.66 -47.51 3.06
C3B CLA XG . -80.21 -46.83 4.16
C4B CLA XG . -78.75 -47.11 4.28
CMB CLA XG . -82.00 -47.56 2.46
CAB CLA XG . -80.92 -45.96 5.07
CBB CLA XG . -80.71 -44.65 5.19
NC CLA XG . -75.87 -47.92 4.73
C1C CLA XG . -76.56 -46.98 5.44
C2C CLA XG . -75.71 -46.37 6.45
C3C CLA XG . -74.45 -46.95 6.30
C4C CLA XG . -74.57 -47.93 5.24
CMC CLA XG . -76.15 -45.33 7.38
CAC CLA XG . -73.25 -46.65 7.10
CBC CLA XG . -73.25 -47.34 8.45
ND CLA XG . -74.82 -49.80 2.96
C1D CLA XG . -73.63 -49.65 3.74
C2D CLA XG . -72.59 -50.57 3.20
C3D CLA XG . -73.17 -51.21 2.12
C4D CLA XG . -74.54 -50.68 2.00
CMD CLA XG . -71.25 -50.72 3.76
CAD CLA XG . -72.97 -52.17 1.05
OBD CLA XG . -71.99 -52.86 0.79
CBD CLA XG . -74.29 -52.18 0.21
CGD CLA XG . -74.05 -51.85 -1.24
O1D CLA XG . -74.36 -50.81 -1.84
O2D CLA XG . -73.40 -52.82 -1.94
CED CLA XG . -73.98 -54.13 -1.94
C1 CLA XG . -78.13 -55.72 2.83
C2 CLA XG . -78.51 -55.55 4.26
C3 CLA XG . -77.96 -56.26 5.26
C4 CLA XG . -78.38 -56.06 6.67
C5 CLA XG . -76.88 -57.26 5.00
C6 CLA XG . -75.80 -57.26 6.07
C7 CLA XG . -74.87 -58.44 5.90
C8 CLA XG . -73.64 -58.39 6.81
C9 CLA XG . -73.18 -56.96 7.03
C10 CLA XG . -72.51 -59.25 6.24
C11 CLA XG . -71.15 -58.94 6.83
C12 CLA XG . -70.93 -59.64 8.16
C13 CLA XG . -69.94 -58.86 9.02
C14 CLA XG . -68.97 -59.80 9.71
C15 CLA XG . -70.68 -58.00 10.05
NB KC2 YG . -68.59 -56.38 5.80
ND KC2 YG . -72.13 -55.06 4.29
C1A KC2 YG . -71.01 -57.40 2.27
C1B KC2 YG . -67.88 -57.42 5.34
C1C KC2 YG . -69.68 -54.29 7.72
C1D KC2 YG . -73.12 -54.25 4.78
C2A KC2 YG . -70.58 -58.57 1.48
C2B KC2 YG . -66.76 -57.75 6.26
C2C KC2 YG . -70.33 -53.40 8.70
C2D KC2 YG . -74.30 -54.31 3.89
C3A KC2 YG . -69.36 -58.99 2.20
C3B KC2 YG . -66.86 -56.77 7.35
C3C KC2 YG . -71.63 -53.06 8.09
C3D KC2 YG . -73.92 -55.22 2.81
C4A KC2 YG . -69.20 -58.03 3.31
C4B KC2 YG . -68.04 -55.97 6.95
C4C KC2 YG . -71.58 -53.79 6.79
C4D KC2 YG . -72.60 -55.65 3.08
CAA KC2 YG . -71.16 -59.23 0.28
CAB KC2 YG . -66.13 -56.46 8.61
CAC KC2 YG . -72.65 -52.16 8.74
CAD KC2 YG . -74.41 -55.85 1.53
CBA KC2 YG . -70.86 -59.10 -1.01
CBB KC2 YG . -65.45 -57.38 9.26
CBC KC2 YG . -72.60 -50.79 8.12
CBD KC2 YG . -73.40 -56.85 1.21
CED KC2 YG . -75.30 -60.09 0.75
CGA KC2 YG . -71.83 -58.36 -1.82
CGD KC2 YG . -73.98 -58.18 1.53
CHA KC2 YG . -72.19 -56.58 2.00
CHB KC2 YG . -68.02 -58.27 4.15
CHC KC2 YG . -68.36 -54.90 7.90
CHD KC2 YG . -72.84 -53.53 6.04
CMA KC2 YG . -68.43 -60.15 1.90
CMB KC2 YG . -65.74 -58.85 6.13
CMC KC2 YG . -69.76 -52.99 10.03
CMD KC2 YG . -75.52 -53.48 4.26
NA KC2 YG . -70.14 -57.06 3.42
NC KC2 YG . -70.32 -54.56 6.60
O1A KC2 YG . -72.01 -57.15 -1.57
O1D KC2 YG . -74.15 -58.56 2.68
O2A KC2 YG . -72.71 -59.07 -2.39
O2D KC2 YG . -74.49 -58.96 0.44
OBD KC2 YG . -75.41 -55.25 0.97
MG KC2 YG . -70.22 -55.58 4.83
MG CLA ZG . -65.89 -41.90 17.69
CHA CLA ZG . -66.26 -41.00 21.02
CHB CLA ZG . -68.90 -43.54 17.84
CHC CLA ZG . -65.93 -42.12 14.25
CHD CLA ZG . -63.10 -39.73 17.48
NA CLA ZG . -67.32 -42.21 19.19
C1A CLA ZG . -67.29 -41.75 20.52
C2A CLA ZG . -68.52 -42.22 21.30
C3A CLA ZG . -69.21 -43.19 20.32
C4A CLA ZG . -68.45 -42.97 19.01
CMA CLA ZG . -69.12 -44.63 20.78
CAA CLA ZG . -69.43 -41.07 21.69
CBA CLA ZG . -69.69 -40.13 20.54
CGA CLA ZG . -70.61 -39.03 20.98
O1A CLA ZG . -70.44 -38.20 21.87
O2A CLA ZG . -71.77 -39.00 20.27
NB CLA ZG . -67.18 -42.65 16.32
C1B CLA ZG . -68.28 -43.40 16.59
C2B CLA ZG . -68.76 -44.07 15.34
C3B CLA ZG . -67.93 -43.67 14.33
C4B CLA ZG . -66.93 -42.76 14.93
CMB CLA ZG . -69.94 -44.94 15.34
CAB CLA ZG . -67.93 -43.97 12.91
CBB CLA ZG . -68.23 -45.14 12.35
NC CLA ZG . -64.72 -41.08 16.16
C1C CLA ZG . -64.91 -41.31 14.82
C2C CLA ZG . -63.89 -40.63 14.04
C3C CLA ZG . -63.09 -39.93 14.95
C4C CLA ZG . -63.62 -40.24 16.28
CMC CLA ZG . -63.78 -40.68 12.58
CAC CLA ZG . -61.91 -39.11 14.64
CBC CLA ZG . -62.12 -37.62 14.81
ND CLA ZG . -64.89 -40.63 18.89
C1D CLA ZG . -63.69 -39.89 18.71
C2D CLA ZG . -63.23 -39.37 20.02
C3D CLA ZG . -64.18 -39.76 20.94
C4D CLA ZG . -65.20 -40.52 20.19
CMD CLA ZG . -62.01 -38.59 20.20
CAD CLA ZG . -64.59 -39.74 22.33
OBD CLA ZG . -64.03 -39.24 23.30
CBD CLA ZG . -65.94 -40.51 22.42
CGD CLA ZG . -65.88 -41.64 23.42
O1D CLA ZG . -66.07 -42.84 23.23
O2D CLA ZG . -65.59 -41.22 24.69
CED CLA ZG . -66.23 -41.90 25.78
C1 CLA ZG . -72.40 -37.71 20.14
C2 CLA ZG . -73.62 -37.89 19.32
C3 CLA ZG . -74.32 -36.86 18.82
C4 CLA ZG . -73.93 -35.44 19.06
C5 CLA ZG . -75.54 -37.09 17.99
C6 CLA ZG . -75.19 -37.60 16.61
C7 CLA ZG . -75.47 -36.54 15.57
C8 CLA ZG . -76.88 -36.62 15.02
C9 CLA ZG . -76.96 -37.62 13.89
C10 CLA ZG . -77.37 -35.25 14.56
C11 CLA ZG . -77.45 -34.27 15.71
C12 CLA ZG . -78.01 -32.94 15.26
C13 CLA ZG . -77.90 -31.89 16.37
C14 CLA ZG . -79.21 -31.77 17.13
C15 CLA ZG . -77.48 -30.53 15.81
MG CLA AH . -56.21 -37.08 14.92
CHA CLA AH . -55.40 -36.20 18.19
CHB CLA AH . -59.13 -35.30 15.22
CHC CLA AH . -56.57 -37.08 11.48
CHD CLA AH . -52.87 -38.23 14.51
NA CLA AH . -57.11 -36.00 16.46
C1A CLA AH . -56.62 -35.75 17.75
C2A CLA AH . -57.61 -34.92 18.57
C3A CLA AH . -58.89 -35.01 17.72
C4A CLA AH . -58.36 -35.44 16.35
CMA CLA AH . -59.84 -36.04 18.26
CAA CLA AH . -57.13 -33.49 18.67
CBA CLA AH . -57.51 -32.84 20.00
CGA CLA AH . -57.31 -31.37 19.89
O1A CLA AH . -56.34 -30.77 19.40
O2A CLA AH . -58.36 -30.65 20.39
NB CLA AH . -57.60 -36.40 13.62
C1B CLA AH . -58.72 -35.69 13.93
C2B CLA AH . -59.53 -35.40 12.72
C3B CLA AH . -58.79 -35.90 11.65
C4B CLA AH . -57.57 -36.52 12.21
CMB CLA AH . -60.77 -34.62 12.76
CAB CLA AH . -59.04 -35.84 10.23
CBB CLA AH . -59.23 -34.71 9.54
NC CLA AH . -54.97 -37.63 13.32
C1C CLA AH . -55.36 -37.62 11.99
C2C CLA AH . -54.29 -38.15 11.16
C3C CLA AH . -53.21 -38.39 12.00
C4C CLA AH . -53.65 -38.07 13.36
CMC CLA AH . -54.37 -38.30 9.70
CAC CLA AH . -51.89 -38.93 11.62
CBC CLA AH . -50.80 -37.88 11.55
ND CLA AH . -54.52 -37.23 16.02
C1D CLA AH . -53.25 -37.81 15.77
C2D CLA AH . -52.49 -37.91 17.03
C3D CLA AH . -53.27 -37.32 18.00
C4D CLA AH . -54.51 -36.89 17.31
CMD CLA AH . -51.16 -38.52 17.16
CAD CLA AH . -53.40 -36.96 19.40
OBD CLA AH . -52.63 -37.20 20.34
CBD CLA AH . -54.75 -36.20 19.56
CGD CLA AH . -55.65 -36.83 20.59
O1D CLA AH . -56.04 -38.01 20.64
O2D CLA AH . -56.06 -35.97 21.57
CED CLA AH . -56.55 -36.53 22.79
C03 II0 BH . -68.47 -48.73 16.79
C04 II0 BH . -60.29 -63.14 -1.44
C05 II0 BH . -68.29 -47.94 18.07
C06 II0 BH . -61.11 -63.73 -2.59
C07 II0 BH . -66.83 -47.81 18.47
C08 II0 BH . -60.93 -62.96 -3.81
C09 II0 BH . -67.47 -48.27 15.73
C10 II0 BH . -60.12 -61.61 -1.49
C11 II0 BH . -66.07 -47.14 17.33
C12 II0 BH . -60.16 -61.68 -3.92
C13 II0 BH . -66.75 -47.29 15.97
C14 II0 BH . -59.98 -60.96 -2.63
C15 II0 BH . -68.23 -50.21 17.07
C16 II0 BH . -69.88 -48.51 16.27
C17 II0 BH . -59.07 -64.06 -1.47
C18 II0 BH . -61.18 -63.43 -0.23
C19 II0 BH . -66.09 -46.56 14.80
C20 II0 BH . -60.12 -59.54 -2.65
C21 II0 BH . -67.62 -48.76 14.30
C22 II0 BH . -60.35 -60.86 -0.21
C23 II0 BH . -67.74 -49.17 13.15
C24 II0 BH . -60.56 -60.23 0.81
C25 II0 BH . -67.84 -49.65 11.82
C26 II0 BH . -60.87 -59.45 2.08
C27 II0 BH . -69.04 -49.29 10.95
C28 II0 BH . -59.61 -59.56 2.87
C29 II0 BH . -66.87 -50.42 11.35
C30 II0 BH . -62.03 -58.76 2.47
C31 II0 BH . -66.87 -50.97 10.02
C32 II0 BH . -62.05 -58.09 3.75
C33 II0 BH . -65.75 -51.52 9.59
C34 II0 BH . -62.98 -57.17 3.92
C35 II0 BH . -65.68 -52.11 8.25
C36 II0 BH . -63.13 -56.41 5.17
C37 II0 BH . -66.70 -51.71 7.17
C38 II0 BH . -62.39 -56.81 6.38
C39 II0 BH . -64.74 -53.00 8.00
C40 II0 BH . -63.94 -55.36 5.15
C41 II0 BH . -64.76 -53.55 6.58
C42 II0 BH . -64.03 -54.64 6.50
O01 II0 BH . -66.74 -46.98 19.63
O02 II0 BH . -60.89 -63.82 -4.95
C03 II0 CH . -51.15 -50.44 13.60
C04 II0 CH . -64.28 -33.82 1.08
C05 II0 CH . -50.72 -51.49 14.61
C06 II0 CH . -64.05 -32.82 -0.06
C07 II0 CH . -51.90 -52.17 15.31
C08 II0 CH . -64.28 -33.44 -1.36
C09 II0 CH . -52.32 -50.91 12.75
C10 II0 CH . -64.05 -35.27 0.70
C11 II0 CH . -52.85 -52.73 14.27
C12 II0 CH . -64.72 -34.85 -1.60
C13 II0 CH . -52.76 -52.07 12.90
C14 II0 CH . -64.55 -35.76 -0.43
C15 II0 CH . -51.56 -49.17 14.33
C16 II0 CH . -49.94 -50.17 12.71
C17 II0 CH . -65.64 -33.37 1.57
C18 II0 CH . -63.17 -33.46 2.06
C19 II0 CH . -53.70 -52.62 11.84
C20 II0 CH . -64.57 -37.18 -0.66
C21 II0 CH . -52.63 -50.18 11.45
C22 II0 CH . -63.63 -36.18 1.80
C23 II0 CH . -52.88 -49.59 10.41
C24 II0 CH . -63.25 -36.93 2.69
C25 II0 CH . -53.14 -48.86 9.21
C26 II0 CH . -62.70 -37.85 3.76
C27 II0 CH . -52.33 -49.12 7.95
C28 II0 CH . -63.76 -37.91 4.78
C29 II0 CH . -54.11 -47.95 9.22
C30 II0 CH . -61.47 -38.52 3.78
C31 II0 CH . -54.45 -47.16 8.08
C32 II0 CH . -61.12 -39.36 4.89
C33 II0 CH . -55.48 -46.33 8.19
C34 II0 CH . -60.16 -40.24 4.64
C35 II0 CH . -55.89 -45.48 7.08
C36 II0 CH . -59.66 -41.19 5.64
C37 II0 CH . -55.14 -45.53 5.74
C38 II0 CH . -60.22 -41.21 6.99
C39 II0 CH . -56.92 -44.66 7.26
C40 II0 CH . -58.68 -41.99 5.26
C41 II0 CH . -57.26 -43.82 6.05
C42 II0 CH . -58.21 -42.95 6.34
O01 II0 CH . -51.40 -53.25 16.09
O02 II0 CH . -64.77 -32.47 -2.30
C03 II0 DH . -62.35 -32.33 23.07
C04 II0 DH . -70.93 -44.77 3.16
C05 II0 DH . -61.41 -31.92 24.19
C06 II0 DH . -71.19 -45.11 1.69
C07 II0 DH . -61.11 -33.07 25.14
C08 II0 DH . -71.02 -43.93 0.84
C09 II0 DH . -61.85 -33.58 22.38
C10 II0 DH . -71.36 -43.36 3.61
C11 II0 DH . -60.62 -34.27 24.32
C12 II0 DH . -70.96 -42.52 1.33
C13 II0 DH . -60.81 -34.10 22.82
C14 II0 DH . -71.22 -42.33 2.78
C15 II0 DH . -63.73 -32.63 23.65
C16 II0 DH . -62.42 -31.18 22.06
C17 II0 DH . -69.47 -45.21 3.28
C18 II0 DH . -71.86 -45.73 3.88
C19 II0 DH . -59.91 -34.92 21.89
C20 II0 DH . -71.14 -41.00 3.31
C21 II0 DH . -62.27 -33.79 20.93
C22 II0 DH . -71.15 -43.11 5.07
C23 II0 DH . -62.56 -34.02 19.76
C24 II0 DH . -70.93 -42.87 6.25
C25 II0 DH . -62.98 -34.24 18.41
C26 II0 DH . -70.64 -42.50 7.69
C27 II0 DH . -62.40 -33.37 17.31
C28 II0 DH . -70.98 -43.74 8.45
C29 II0 DH . -63.83 -35.22 18.12
C30 II0 DH . -70.15 -41.31 8.24
C31 II0 DH . -64.23 -35.45 16.76
C32 II0 DH . -69.92 -41.19 9.65
C33 II0 DH . -65.12 -36.38 16.47
C34 II0 DH . -69.05 -40.26 10.00
C35 II0 DH . -65.50 -36.62 15.07
C36 II0 DH . -68.64 -39.97 11.38
C37 II0 DH . -65.08 -35.59 14.00
C38 II0 DH . -69.27 -40.68 12.51
C39 II0 DH . -66.19 -37.70 14.75
C40 II0 DH . -67.70 -39.07 11.56
C41 II0 DH . -66.50 -37.81 13.27
C42 II0 DH . -67.31 -38.82 13.00
O01 II0 DH . -60.07 -32.67 26.04
O02 II0 DH . -70.21 -44.24 -0.30
C03 II0 EH . -40.84 -66.96 16.96
C04 II0 EH . -53.08 -53.49 0.27
C05 II0 EH . -40.56 -66.91 18.46
C06 II0 EH . -53.50 -52.43 -0.74
C07 II0 EH . -39.22 -66.27 18.81
C08 II0 EH . -52.41 -52.15 -1.68
C09 II0 EH . -40.58 -65.61 16.31
C10 II0 EH . -51.62 -53.37 0.73
C11 II0 EH . -39.05 -64.95 18.06
C12 II0 EH . -50.98 -52.51 -1.46
C13 II0 EH . -40.17 -64.70 17.05
C14 II0 EH . -50.67 -53.14 -0.16
C15 II0 EH . -39.96 -68.01 16.32
C16 II0 EH . -42.32 -67.33 16.79
C17 II0 EH . -53.58 -54.75 -0.45
C18 II0 EH . -53.94 -53.16 1.47
C19 II0 EH . -40.73 -63.30 16.90
C20 II0 EH . -49.31 -53.42 0.17
C21 II0 EH . -41.29 -65.21 15.03
C22 II0 EH . -51.27 -54.06 2.02
C23 II0 EH . -41.88 -64.91 13.99
C24 II0 EH . -50.92 -54.62 3.05
C25 II0 EH . -42.53 -64.51 12.80
C26 II0 EH . -50.39 -55.36 4.28
C27 II0 EH . -41.90 -64.81 11.45
C28 II0 EH . -50.95 -54.60 5.42
C29 II0 EH . -43.71 -63.87 12.86
C30 II0 EH . -49.56 -56.50 4.36
C31 II0 EH . -44.39 -63.47 11.65
C32 II0 EH . -49.16 -57.02 5.65
C33 II0 EH . -45.63 -63.02 11.67
C34 II0 EH . -49.84 -57.97 6.26
C35 II0 EH . -46.23 -62.63 10.41
C36 II0 EH . -49.30 -58.47 7.56
C37 II0 EH . -45.88 -63.40 9.14
C38 II0 EH . -49.38 -57.62 8.76
C39 II0 EH . -47.08 -61.61 10.36
C40 II0 EH . -48.76 -59.66 7.56
C41 II0 EH . -47.62 -61.31 8.97
C42 II0 EH . -48.20 -60.11 8.90
O01 II0 EH . -39.19 -65.99 20.21
O02 II0 EH . -52.89 -52.23 -3.03
C02 IHT FH . -70.41 -36.23 4.69
C03 IHT FH . -49.63 -44.96 15.46
C04 IHT FH . -71.71 -35.56 4.32
C05 IHT FH . -48.84 -45.06 16.76
C06 IHT FH . -72.51 -35.27 5.56
C07 IHT FH . -70.47 -36.85 6.12
C08 IHT FH . -47.68 -44.05 16.68
C09 IHT FH . -72.86 -36.53 6.33
C10 IHT FH . -71.61 -37.37 6.63
C11 IHT FH . -49.92 -43.66 14.76
C12 IHT FH . -48.19 -42.69 16.27
C13 IHT FH . -69.34 -35.15 4.64
C14 IHT FH . -70.07 -37.35 3.69
C15 IHT FH . -49.39 -42.55 15.32
C16 IHT FH . -51.03 -45.38 15.92
C17 IHT FH . -49.24 -45.89 14.30
C18 IHT FH . -69.30 -36.66 7.01
C19 IHT FH . -71.91 -38.85 6.49
C20 IHT FH . -49.49 -41.19 14.66
C21 IHT FH . -51.10 -43.49 13.80
C22 IHT FH . -68.51 -37.76 7.35
C23 IHT FH . -67.29 -37.64 8.25
C24 IHT FH . -52.10 -43.33 13.11
C25 IHT FH . -66.99 -36.40 9.07
C26 IHT FH . -53.34 -43.17 12.23
C27 IHT FH . -66.38 -38.65 8.36
C28 IHT FH . -53.90 -44.27 11.33
C29 IHT FH . -54.06 -42.01 12.20
C30 IHT FH . -65.18 -38.55 9.24
C31 IHT FH . -55.24 -41.89 11.37
C32 IHT FH . -63.95 -38.20 8.79
C33 IHT FH . -62.77 -38.12 9.75
C34 IHT FH . -56.36 -41.27 11.87
C35 IHT FH . -57.59 -41.17 10.99
C36 IHT FH . -62.78 -37.13 10.94
C37 IHT FH . -61.75 -38.92 9.57
C38 IHT FH . -58.61 -40.18 11.31
C39 IHT FH . -57.78 -42.04 9.79
C40 IHT FH . -60.57 -38.92 10.45
C41 IHT FH . -59.80 -40.06 10.47
O01 IHT FH . -47.07 -43.95 17.98
O1 LHG GH . -80.53 -44.15 -2.15
C1 LHG GH . -79.22 -44.38 -1.61
C2 LHG GH . -79.31 -45.38 -0.46
O2 LHG GH . -80.04 -44.79 0.62
C3 LHG GH . -77.91 -45.74 0.01
O3 LHG GH . -77.43 -44.74 0.92
P LHG GH . -75.98 -44.90 1.59
O4 LHG GH . -75.93 -46.22 2.30
O5 LHG GH . -74.94 -44.55 0.55
O6 LHG GH . -75.98 -43.72 2.70
C4 LHG GH . -74.84 -43.53 3.54
C5 LHG GH . -74.98 -42.22 4.31
C6 LHG GH . -75.72 -41.20 3.46
O7 LHG GH . -75.71 -42.43 5.52
C7 LHG GH . -74.99 -41.97 6.69
O9 LHG GH . -73.80 -41.70 6.59
C8 LHG GH . -75.71 -41.82 8.01
C9 LHG GH . -75.51 -40.43 8.59
C10 LHG GH . -74.31 -40.37 9.52
O8 LHG GH . -75.45 -39.91 4.02
C23 LHG GH . -76.35 -38.79 3.80
O10 LHG GH . -77.51 -39.00 3.50
C24 LHG GH . -75.83 -37.38 3.99
C11 LHG GH . -74.50 -39.29 10.58
C12 LHG GH . -73.24 -39.12 11.42
C13 LHG GH . -72.15 -38.39 10.63
C14 LHG GH . -72.59 -36.96 10.31
C15 LHG GH . -72.83 -36.16 11.59
C16 LHG GH . -73.44 -34.81 11.27
C17 LHG GH . -72.51 -33.96 10.42
C18 LHG GH . -73.10 -32.58 10.17
C19 LHG GH . -73.36 -31.85 11.48
C20 LHG GH . -74.01 -30.49 11.24
C21 LHG GH . -74.31 -29.79 12.56
C22 LHG GH . -74.97 -28.45 12.32
C25 LHG GH . -76.91 -36.46 4.55
C26 LHG GH . -76.34 -35.05 4.65
C27 LHG GH . -76.99 -34.24 5.76
C28 LHG GH . -76.06 -33.12 6.20
C29 LHG GH . -76.71 -32.19 7.21
C30 LHG GH . -77.77 -31.33 6.55
C31 LHG GH . -78.08 -30.10 7.40
C32 LHG GH . -79.10 -29.20 6.70
C33 LHG GH . -78.60 -28.74 5.33
C34 LHG GH . -77.41 -27.79 5.47
C35 LHG GH . -76.92 -27.33 4.11
C1 LMG HH . -36.14 -49.83 11.58
O1 LMG HH . -37.24 -49.38 10.79
C2 LMG HH . -36.52 -49.75 13.05
O2 LMG HH . -36.73 -48.39 13.42
C3 LMG HH . -35.43 -50.36 13.92
O3 LMG HH . -35.89 -50.43 15.28
C4 LMG HH . -35.07 -51.75 13.43
O4 LMG HH . -36.18 -52.63 13.64
C5 LMG HH . -34.72 -51.71 11.95
O5 LMG HH . -33.98 -53.01 10.06
C6 LMG HH . -34.38 -53.10 11.43
O6 LMG HH . -35.82 -51.18 11.22
C7 LMG HH . -36.93 -49.35 9.39
C8 LMG HH . -38.18 -48.97 8.62
C9 LMG HH . -38.80 -47.72 9.24
O7 LMG HH . -37.84 -48.69 7.26
C10 LMG HH . -37.88 -49.87 6.41
O9 LMG HH . -38.23 -50.94 6.88
C11 LMG HH . -37.50 -49.76 4.95
C12 LMG HH . -37.62 -51.13 4.29
C13 LMG HH . -36.67 -51.23 3.10
C14 LMG HH . -37.06 -50.28 1.98
C15 LMG HH . -37.87 -50.99 0.91
C16 LMG HH . -37.09 -52.17 0.32
C17 LMG HH . -37.90 -52.90 -0.74
C18 LMG HH . -38.14 -52.01 -1.96
O8 LMG HH . -39.98 -47.34 8.53
C28 LMG HH . -40.60 -46.06 8.81
O10 LMG HH . -40.08 -45.32 9.64
C29 LMG HH . -41.86 -45.62 8.10
C30 LMG HH . -43.04 -46.46 8.58
C31 LMG HH . -44.32 -46.03 7.89
C32 LMG HH . -44.70 -44.60 8.27
C33 LMG HH . -45.82 -44.07 7.39
C34 LMG HH . -46.37 -42.76 7.94
C35 LMG HH . -47.38 -42.14 6.98
C36 LMG HH . -48.25 -41.11 7.70
C37 LMG HH . -49.20 -40.43 6.72
C38 LMG HH . -50.28 -39.66 7.45
C39 LMG HH . -49.71 -38.44 8.16
MG CLA IH . -47.68 -62.73 -10.56
CHA CLA IH . -46.41 -65.74 -11.75
CHB CLA IH . -50.84 -64.08 -10.70
CHC CLA IH . -48.84 -60.18 -8.58
CHD CLA IH . -44.34 -61.79 -9.77
NA CLA IH . -48.47 -64.59 -11.16
C1A CLA IH . -47.77 -65.72 -11.62
C2A CLA IH . -48.73 -66.87 -11.97
C3A CLA IH . -50.12 -66.21 -11.83
C4A CLA IH . -49.81 -64.87 -11.17
CMA CLA IH . -50.79 -66.03 -13.16
CAA CLA IH . -48.57 -68.07 -11.04
CBA CLA IH . -48.65 -67.72 -9.57
CGA CLA IH . -48.55 -68.97 -8.76
O1A CLA IH . -48.16 -70.09 -9.11
O2A CLA IH . -48.95 -68.80 -7.46
NB CLA IH . -49.46 -62.29 -9.72
C1B CLA IH . -50.65 -62.83 -10.08
C2B CLA IH . -51.78 -61.91 -9.74
C3B CLA IH . -51.22 -60.81 -9.15
C4B CLA IH . -49.75 -61.04 -9.12
CMB CLA IH . -53.19 -62.23 -10.01
CAB CLA IH . -51.85 -59.64 -8.60
CBB CLA IH . -51.90 -59.33 -7.30
NC CLA IH . -46.77 -61.24 -9.44
C1C CLA IH . -47.42 -60.27 -8.74
C2C CLA IH . -46.49 -59.36 -8.10
C3C CLA IH . -45.21 -59.84 -8.39
C4C CLA IH . -45.39 -61.02 -9.23
CMC CLA IH . -46.85 -58.20 -7.29
CAC CLA IH . -43.93 -59.27 -7.97
CBC CLA IH . -43.44 -59.88 -6.68
ND CLA IH . -45.80 -63.45 -10.83
C1D CLA IH . -44.51 -62.93 -10.50
C2D CLA IH . -43.48 -63.81 -11.09
C3D CLA IH . -44.16 -64.88 -11.63
C4D CLA IH . -45.59 -64.64 -11.37
CMD CLA IH . -42.05 -63.54 -11.07
CAD CLA IH . -44.06 -66.13 -12.36
OBD CLA IH . -43.09 -66.63 -12.93
CBD CLA IH . -45.46 -66.79 -12.32
CGD CLA IH . -45.89 -67.30 -13.66
O1D CLA IH . -46.60 -66.73 -14.50
O2D CLA IH . -45.43 -68.55 -13.94
CED CLA IH . -46.06 -69.27 -14.99
MG CLA JH . -34.62 -62.96 -14.13
CHA CLA JH . -36.86 -62.38 -16.70
CHB CLA JH . -32.28 -61.09 -15.80
CHC CLA JH . -32.67 -62.86 -11.29
CHD CLA JH . -37.28 -64.32 -12.20
NA CLA JH . -34.59 -61.93 -15.95
C1A CLA JH . -35.62 -61.82 -16.88
C2A CLA JH . -35.19 -61.01 -18.11
C3A CLA JH . -33.67 -60.88 -17.91
C4A CLA JH . -33.48 -61.30 -16.45
CMA CLA JH . -32.92 -61.79 -18.85
CAA CLA JH . -35.88 -59.64 -18.15
CBA CLA JH . -36.02 -59.02 -16.77
CGA CLA JH . -34.84 -58.17 -16.47
O1A CLA JH . -34.17 -57.48 -17.25
O2A CLA JH . -34.49 -58.17 -15.15
NB CLA JH . -32.84 -62.13 -13.65
C1B CLA JH . -32.01 -61.45 -14.48
C2B CLA JH . -30.72 -61.15 -13.79
C3B CLA JH . -30.83 -61.65 -12.51
C4B CLA JH . -32.17 -62.28 -12.41
CMB CLA JH . -29.64 -60.42 -14.47
CAB CLA JH . -29.94 -61.64 -11.37
CBB CLA JH . -28.73 -61.08 -11.25
NC CLA JH . -34.92 -63.53 -12.14
C1C CLA JH . -33.96 -63.45 -11.16
C2C CLA JH . -34.47 -64.00 -9.91
C3C CLA JH . -35.80 -64.34 -10.15
C4C CLA JH . -36.07 -64.06 -11.55
CMC CLA JH . -33.71 -64.11 -8.67
CAC CLA JH . -36.73 -64.95 -9.19
CBC CLA JH . -37.52 -63.90 -8.44
ND CLA JH . -36.61 -63.29 -14.33
C1D CLA JH . -37.55 -63.97 -13.51
C2D CLA JH . -38.79 -64.19 -14.28
C3D CLA JH . -38.58 -63.60 -15.52
C4D CLA JH . -37.22 -63.04 -15.49
CMD CLA JH . -39.97 -64.89 -13.78
CAD CLA JH . -39.14 -63.31 -16.83
OBD CLA JH . -40.25 -63.58 -17.29
CBD CLA JH . -38.05 -62.52 -17.62
CGD CLA JH . -37.64 -63.27 -18.87
O1D CLA JH . -37.27 -64.44 -18.95
O2D CLA JH . -37.69 -62.53 -20.02
CED CLA JH . -36.86 -62.94 -21.10
C1 CLA JH . -33.22 -57.57 -14.82
C2 CLA JH . -32.96 -57.89 -13.39
C3 CLA JH . -31.95 -57.35 -12.69
C4 CLA JH . -31.00 -56.38 -13.28
C5 CLA JH . -31.75 -57.71 -11.25
C6 CLA JH . -32.49 -56.78 -10.31
C7 CLA JH . -31.52 -55.97 -9.47
C8 CLA JH . -32.25 -55.16 -8.40
C9 CLA JH . -31.90 -53.69 -8.51
C10 CLA JH . -31.89 -55.67 -7.00
C11 CLA JH . -32.59 -56.99 -6.70
C12 CLA JH . -33.24 -56.98 -5.32
C13 CLA JH . -34.76 -56.96 -5.44
C14 CLA JH . -35.28 -55.53 -5.43
C15 CLA JH . -35.42 -57.78 -4.33
C16 CLA JH . -34.75 -57.58 -2.99
C17 CLA JH . -35.64 -56.84 -2.02
MG CLA KH . -24.32 -59.45 -9.95
CHA CLA KH . -23.62 -57.84 -12.96
CHB CLA KH . -27.47 -58.07 -10.02
CHC CLA KH . -24.80 -60.35 -6.66
CHD CLA KH . -20.85 -60.10 -9.57
NA CLA KH . -25.36 -58.21 -11.29
C1A CLA KH . -24.91 -57.67 -12.51
C2A CLA KH . -25.99 -56.84 -13.19
C3A CLA KH . -27.21 -57.00 -12.27
C4A CLA KH . -26.66 -57.82 -11.10
CMA CLA KH . -27.76 -55.66 -11.82
CAA CLA KH . -26.36 -57.44 -14.54
CBA CLA KH . -26.22 -56.46 -15.70
CGA CLA KH . -27.34 -55.49 -15.68
O1A CLA KH . -28.56 -55.71 -15.65
O2A CLA KH . -26.93 -54.19 -15.70
NB CLA KH . -25.84 -59.29 -8.63
C1B CLA KH . -27.07 -58.77 -8.87
C2B CLA KH . -27.99 -59.03 -7.73
C3B CLA KH . -27.24 -59.68 -6.78
C4B CLA KH . -25.85 -59.82 -7.32
CMB CLA KH . -29.37 -58.56 -7.70
CAB CLA KH . -27.58 -60.10 -5.43
CBB CLA KH . -28.20 -59.35 -4.51
NC CLA KH . -23.07 -60.16 -8.42
C1C CLA KH . -23.49 -60.54 -7.17
C2C CLA KH . -22.37 -61.07 -6.40
C3C CLA KH . -21.23 -60.92 -7.19
C4C CLA KH . -21.68 -60.38 -8.47
CMC CLA KH . -22.46 -61.58 -5.04
CAC CLA KH . -19.87 -61.33 -6.83
CBC CLA KH . -19.57 -62.75 -7.25
ND CLA KH . -22.60 -59.10 -10.96
C1D CLA KH . -21.26 -59.50 -10.73
C2D CLA KH . -20.44 -59.17 -11.92
C3D CLA KH . -21.31 -58.57 -12.82
C4D CLA KH . -22.64 -58.51 -12.16
CMD CLA KH . -19.02 -59.45 -12.06
CAD CLA KH . -21.44 -57.93 -14.11
OBD CLA KH . -20.60 -57.77 -15.00
CBD CLA KH . -22.91 -57.44 -14.25
CGD CLA KH . -22.96 -55.97 -14.54
O1D CLA KH . -22.77 -55.42 -15.64
O2D CLA KH . -23.25 -55.19 -13.47
CED CLA KH . -23.64 -53.83 -13.70
C1 CLA KH . -27.86 -53.23 -15.16
C2 CLA KH . -27.12 -52.36 -14.23
C3 CLA KH . -27.67 -51.91 -13.08
C4 CLA KH . -29.05 -52.29 -12.69
C5 CLA KH . -26.92 -51.03 -12.14
C6 CLA KH . -25.48 -50.82 -12.54
C7 CLA KH . -24.67 -50.30 -11.38
C8 CLA KH . -23.30 -50.96 -11.31
C9 CLA KH . -23.18 -51.84 -10.09
C10 CLA KH . -22.18 -49.92 -11.32
C11 CLA KH . -21.03 -50.35 -12.20
C12 CLA KH . -21.35 -50.20 -13.67
C13 CLA KH . -20.29 -50.85 -14.55
C14 CLA KH . -18.89 -50.50 -14.09
C15 CLA KH . -20.47 -50.46 -16.02
C16 CLA KH . -19.56 -51.28 -16.92
C17 CLA KH . -18.92 -50.41 -17.98
C18 CLA KH . -17.97 -51.18 -18.90
C19 CLA KH . -17.28 -52.34 -18.17
C20 CLA KH . -18.67 -51.68 -20.14
MG CLA LH . -16.50 -75.67 -2.12
CHA CLA LH . -13.93 -76.33 0.11
CHB CLA LH . -15.43 -72.42 -2.36
CHC CLA LH . -18.53 -75.20 -4.86
CHD CLA LH . -17.14 -79.16 -2.30
NA CLA LH . -14.94 -74.58 -1.25
C1A CLA LH . -13.98 -75.04 -0.34
C2A CLA LH . -13.02 -73.91 0.06
C3A CLA LH . -13.67 -72.66 -0.56
C4A CLA LH . -14.75 -73.24 -1.48
CMA CLA LH . -14.22 -71.73 0.48
CAA CLA LH . -11.61 -74.15 -0.49
CBA CLA LH . -11.55 -74.40 -1.98
CGA CLA LH . -11.50 -75.86 -2.27
O1A CLA LH . -10.71 -76.71 -1.84
O2A CLA LH . -12.51 -76.26 -3.11
NB CLA LH . -16.92 -74.11 -3.34
C1B CLA LH . -16.43 -72.85 -3.24
C2B CLA LH . -17.13 -71.93 -4.18
C3B CLA LH . -18.02 -72.72 -4.89
C4B CLA LH . -17.87 -74.11 -4.39
CMB CLA LH . -16.78 -70.52 -4.29
CAB CLA LH . -18.91 -72.42 -5.98
CBB CLA LH . -19.68 -71.34 -6.08
NC CLA LH . -17.63 -76.96 -3.33
C1C CLA LH . -18.41 -76.54 -4.37
C2C CLA LH . -19.11 -77.67 -4.96
C3C CLA LH . -18.70 -78.81 -4.27
C4C CLA LH . -17.78 -78.34 -3.23
CMC CLA LH . -20.04 -77.58 -6.10
CAC CLA LH . -19.14 -80.20 -4.47
CBC CLA LH . -18.12 -81.10 -5.14
ND CLA LH . -15.71 -77.38 -1.38
C1D CLA LH . -16.16 -78.73 -1.43
C2D CLA LH . -15.41 -79.53 -0.44
C3D CLA LH . -14.54 -78.65 0.20
C4D CLA LH . -14.77 -77.34 -0.44
CMD CLA LH . -15.61 -80.96 -0.21
CAD CLA LH . -13.50 -78.50 1.20
OBD CLA LH . -12.99 -79.35 1.93
CBD CLA LH . -13.10 -76.99 1.20
CGD CLA LH . -13.38 -76.36 2.54
O1D CLA LH . -12.66 -75.62 3.21
O2D CLA LH . -14.61 -76.67 3.05
CED CLA LH . -14.79 -76.55 4.46
C1 CLA LH . -12.72 -77.68 -3.25
C2 CLA LH . -13.91 -77.84 -4.12
C3 CLA LH . -14.00 -78.75 -5.10
C4 CLA LH . -12.90 -79.69 -5.41
C5 CLA LH . -15.22 -78.85 -5.93
C6 CLA LH . -15.17 -77.97 -7.17
C7 CLA LH . -16.15 -78.47 -8.21
C8 CLA LH . -16.60 -77.37 -9.17
C9 CLA LH . -17.17 -76.19 -8.42
C10 CLA LH . -17.64 -77.92 -10.14
C11 CLA LH . -17.11 -78.03 -11.55
C12 CLA LH . -17.83 -79.11 -12.33
C13 CLA LH . -17.91 -78.76 -13.81
C14 CLA LH . -19.04 -79.52 -14.49
C15 CLA LH . -16.59 -79.05 -14.52
C16 CLA LH . -16.46 -78.25 -15.79
C17 CLA LH . -15.25 -78.65 -16.60
C18 CLA LH . -14.89 -77.61 -17.65
NB KC2 MH . -1.86 -75.57 -8.18
ND KC2 MH . -4.61 -74.89 -5.23
C1A KC2 MH . -1.67 -75.40 -3.80
C1B KC2 MH . -0.56 -75.78 -8.03
C1C KC2 MH . -4.56 -75.05 -9.54
C1D KC2 MH . -5.95 -74.58 -5.24
C2A KC2 MH . -0.33 -75.56 -3.17
C2B KC2 MH . 0.14 -75.90 -9.33
C2C KC2 MH . -5.86 -74.73 -10.13
C2D KC2 MH . -6.37 -74.36 -3.84
C3A KC2 MH . 0.54 -75.79 -4.35
C3B KC2 MH . -0.92 -75.73 -10.32
C3C KC2 MH . -6.76 -74.50 -8.98
C3D KC2 MH . -5.18 -74.58 -3.00
C4A KC2 MH . -0.37 -75.73 -5.54
C4B KC2 MH . -2.13 -75.54 -9.51
C4C KC2 MH . -5.85 -74.72 -7.82
C4D KC2 MH . -4.14 -74.91 -3.89
CAA KC2 MH . 0.09 -75.52 -1.75
CAB KC2 MH . -0.98 -75.72 -11.81
CAC KC2 MH . -8.22 -74.15 -9.09
CAD KC2 MH . -4.68 -74.59 -1.59
CBA KC2 MH . 0.93 -74.70 -1.15
CBB KC2 MH . -1.18 -76.84 -12.48
CBC KC2 MH . -9.02 -75.37 -9.43
CBD KC2 MH . -3.23 -74.76 -1.70
CED KC2 MH . -1.39 -72.29 0.49
CGA KC2 MH . 1.63 -75.24 0.03
CGD KC2 MH . -2.55 -73.49 -1.32
CHA KC2 MH . -2.92 -75.15 -3.09
CHB KC2 MH . 0.28 -75.93 -6.84
CHC KC2 MH . -3.35 -75.35 -10.29
CHD KC2 MH . -6.62 -74.52 -6.56
CMA KC2 MH . 2.04 -76.02 -4.41
CMB KC2 MH . 1.61 -76.14 -9.60
CMC KC2 MH . -6.17 -74.66 -11.60
CMD KC2 MH . -7.82 -73.98 -3.59
NA KC2 MH . -1.67 -75.51 -5.27
NC KC2 MH . -4.46 -75.07 -8.22
O1A KC2 MH . 2.26 -76.32 -0.09
O1D KC2 MH . -1.95 -72.79 -2.13
O2A KC2 MH . 1.35 -74.72 1.14
O2D KC2 MH . -2.39 -73.22 0.09
OBD KC2 MH . -5.53 -74.20 -0.70
MG KC2 MH . -3.20 -75.38 -6.64
MG CLA NH . -16.51 -62.39 -13.86
CHA CLA NH . -19.37 -61.31 -15.49
CHB CLA NH . -14.62 -61.37 -16.51
CHC CLA NH . -13.75 -63.70 -12.35
CHD CLA NH . -18.55 -63.88 -11.36
NA CLA NH . -16.95 -61.53 -15.71
C1A CLA NH . -18.20 -61.12 -16.19
C2A CLA NH . -18.09 -60.50 -17.58
C3A CLA NH . -16.60 -60.70 -17.94
C4A CLA NH . -15.99 -61.23 -16.64
CMA CLA NH . -16.45 -61.68 -19.07
CAA CLA NH . -18.39 -59.00 -17.53
CBA CLA NH . -17.43 -58.25 -16.63
CGA CLA NH . -17.93 -56.90 -16.24
O1A CLA NH . -18.29 -55.97 -16.97
O2A CLA NH . -17.98 -56.71 -14.88
NB CLA NH . -14.58 -62.61 -14.40
C1B CLA NH . -13.99 -61.87 -15.37
C2B CLA NH . -12.55 -61.64 -15.07
C3B CLA NH . -12.29 -62.29 -13.89
C4B CLA NH . -13.57 -62.94 -13.47
CMB CLA NH . -11.68 -60.87 -15.97
CAB CLA NH . -11.09 -62.46 -13.11
CBB CLA NH . -9.82 -62.35 -13.52
NC CLA NH . -16.22 -63.64 -12.20
C1C CLA NH . -15.00 -64.06 -11.77
C2C CLA NH . -15.14 -64.88 -10.57
C3C CLA NH . -16.50 -64.91 -10.28
C4C CLA NH . -17.17 -64.12 -11.30
CMC CLA NH . -14.03 -65.50 -9.85
CAC CLA NH . -17.16 -65.61 -9.14
CBC CLA NH . -17.34 -67.09 -9.37
ND CLA NH . -18.48 -62.65 -13.49
C1D CLA NH . -19.19 -63.18 -12.38
C2D CLA NH . -20.62 -62.86 -12.51
C3D CLA NH . -20.75 -62.15 -13.68
C4D CLA NH . -19.39 -62.04 -14.26
CMD CLA NH . -21.65 -63.25 -11.55
CAD CLA NH . -21.66 -61.48 -14.59
OBD CLA NH . -22.89 -61.35 -14.52
CBD CLA NH . -20.81 -60.89 -15.75
CGD CLA NH . -21.33 -61.24 -17.12
O1D CLA NH . -20.95 -62.15 -17.87
O2D CLA NH . -22.32 -60.41 -17.53
CED CLA NH . -23.04 -60.74 -18.72
C1 CLA NH . -17.35 -55.51 -14.37
C2 CLA NH . -17.69 -55.40 -12.92
C3 CLA NH . -18.86 -54.89 -12.48
C4 CLA NH . -19.88 -54.39 -13.42
C5 CLA NH . -19.15 -54.79 -11.01
C6 CLA NH . -20.13 -55.83 -10.51
C7 CLA NH . -21.53 -55.26 -10.34
C8 CLA NH . -22.07 -55.32 -8.90
C9 CLA NH . -21.46 -56.45 -8.10
C10 CLA NH . -23.59 -55.47 -8.93
C11 CLA NH . -24.22 -55.22 -7.57
C12 CLA NH . -25.73 -55.34 -7.63
C13 CLA NH . -26.39 -54.98 -6.30
C14 CLA NH . -25.74 -55.73 -5.15
C15 CLA NH . -27.88 -55.24 -6.33
C16 CLA NH . -28.68 -54.03 -5.90
C17 CLA NH . -29.39 -54.26 -4.58
C18 CLA NH . -30.54 -53.28 -4.36
C19 CLA NH . -30.13 -51.85 -4.67
C20 CLA NH . -31.06 -53.38 -2.94
MG CLA OH . -26.50 -75.56 -17.79
CHA CLA OH . -25.76 -75.32 -21.18
CHB CLA OH . -29.44 -77.13 -18.58
CHC CLA OH . -26.85 -76.52 -14.51
CHD CLA OH . -23.17 -74.52 -17.09
NA CLA OH . -27.43 -76.11 -19.58
C1A CLA OH . -26.96 -75.92 -20.90
C2A CLA OH . -27.97 -76.44 -21.93
C3A CLA OH . -29.21 -76.77 -21.06
C4A CLA OH . -28.67 -76.69 -19.64
CMA CLA OH . -30.33 -75.79 -21.30
CAA CLA OH . -27.47 -77.67 -22.66
CBA CLA OH . -28.44 -78.84 -22.55
CGA CLA OH . -27.98 -79.75 -21.46
O1A CLA OH . -26.93 -79.69 -20.83
O2A CLA OH . -28.87 -80.75 -21.17
NB CLA OH . -27.84 -76.68 -16.77
C1B CLA OH . -29.05 -77.08 -17.24
C2B CLA OH . -29.94 -77.49 -16.12
C3B CLA OH . -29.22 -77.31 -14.95
C4B CLA OH . -27.88 -76.80 -15.35
CMB CLA OH . -31.31 -77.97 -16.33
CAB CLA OH . -29.57 -77.56 -13.57
CBB CLA OH . -30.17 -78.66 -13.11
NC CLA OH . -25.25 -75.50 -16.11
C1C CLA OH . -25.62 -75.91 -14.86
C2C CLA OH . -24.53 -75.67 -13.91
C3C CLA OH . -23.47 -75.15 -14.65
C4C CLA OH . -23.94 -75.03 -16.03
CMC CLA OH . -24.58 -75.97 -12.48
CAC CLA OH . -22.15 -74.75 -14.15
CBC CLA OH . -21.12 -75.84 -14.33
ND CLA OH . -24.85 -74.98 -18.81
C1D CLA OH . -23.58 -74.49 -18.40
C2D CLA OH . -22.85 -73.98 -19.59
C3D CLA OH . -23.64 -74.28 -20.68
C4D CLA OH . -24.86 -74.92 -20.15
CMD CLA OH . -21.53 -73.34 -19.54
CAD CLA OH . -23.79 -74.19 -22.13
OBD CLA OH . -23.06 -73.66 -22.95
CBD CLA OH . -25.13 -74.92 -22.48
CGD CLA OH . -26.04 -74.03 -23.29
O1D CLA OH . -26.37 -74.15 -24.47
O2D CLA OH . -26.52 -72.97 -22.59
CED CLA OH . -27.51 -72.14 -23.20
C1 CLA OH . -29.76 -80.56 -20.04
C2 CLA OH . -28.97 -80.58 -18.78
C3 CLA OH . -29.35 -81.22 -17.67
C4 CLA OH . -30.62 -81.99 -17.61
C5 CLA OH . -28.52 -81.19 -16.44
C6 CLA OH . -28.42 -82.52 -15.73
C7 CLA OH . -27.93 -82.32 -14.30
C8 CLA OH . -27.18 -83.54 -13.76
C9 CLA OH . -27.92 -84.12 -12.58
C10 CLA OH . -25.75 -83.16 -13.39
C11 CLA OH . -25.08 -84.17 -12.49
C12 CLA OH . -23.93 -83.58 -11.70
C13 CLA OH . -24.22 -83.56 -10.21
C14 CLA OH . -25.08 -82.38 -9.83
C15 CLA OH . -22.92 -83.56 -9.40
C16 CLA OH . -22.23 -82.22 -9.44
C17 CLA OH . -20.78 -82.33 -9.84
C18 CLA OH . -20.08 -80.98 -9.85
C19 CLA OH . -20.93 -79.91 -10.48
C20 CLA OH . -19.70 -80.58 -8.43
MG CLA PH . -42.57 -75.18 -10.38
CHA CLA PH . -40.74 -76.97 -12.75
CHB CLA PH . -45.46 -76.46 -11.75
CHC CLA PH . -44.31 -74.25 -7.56
CHD CLA PH . -39.53 -74.57 -8.64
NA CLA PH . -43.00 -76.46 -11.99
C1A CLA PH . -42.10 -77.10 -12.85
C2A CLA PH . -42.82 -77.94 -13.89
C3A CLA PH . -44.30 -77.50 -13.73
C4A CLA PH . -44.28 -76.77 -12.38
CMA CLA PH . -44.75 -76.61 -14.86
CAA CLA PH . -42.63 -79.44 -13.62
CBA CLA PH . -43.03 -79.84 -12.20
CGA CLA PH . -42.38 -81.12 -11.79
O1A CLA PH . -42.29 -82.18 -12.40
O2A CLA PH . -41.83 -81.04 -10.54
NB CLA PH . -44.49 -75.34 -9.78
C1B CLA PH . -45.54 -75.80 -10.51
C2B CLA PH . -46.83 -75.50 -9.83
C3B CLA PH . -46.52 -74.88 -8.65
C4B CLA PH . -45.02 -74.77 -8.60
CMB CLA PH . -48.13 -75.90 -10.37
CAB CLA PH . -47.37 -74.41 -7.58
CBB CLA PH . -47.44 -74.96 -6.37
NC CLA PH . -42.02 -74.49 -8.49
C1C CLA PH . -42.90 -74.12 -7.50
C2C CLA PH . -42.19 -73.62 -6.34
C3C CLA PH . -40.83 -73.77 -6.62
C4C CLA PH . -40.73 -74.30 -7.97
CMC CLA PH . -42.82 -73.13 -5.11
CAC CLA PH . -39.70 -73.41 -5.74
CBC CLA PH . -39.13 -74.62 -5.02
ND CLA PH . -40.60 -75.58 -10.60
C1D CLA PH . -39.44 -75.18 -9.87
C2D CLA PH . -38.23 -75.53 -10.64
C3D CLA PH . -38.67 -76.20 -11.76
C4D CLA PH . -40.14 -76.24 -11.67
CMD CLA PH . -36.86 -75.22 -10.22
CAD CLA PH . -38.30 -76.87 -13.00
OBD CLA PH . -37.19 -77.02 -13.51
CBD CLA PH . -39.61 -77.45 -13.63
CGD CLA PH . -39.79 -77.00 -15.06
O1D CLA PH . -40.57 -76.16 -15.49
O2D CLA PH . -38.94 -77.61 -15.93
CED CLA PH . -38.98 -77.20 -17.31
C1 CLA PH . -42.20 -82.08 -9.61
C2 CLA PH . -41.69 -81.72 -8.26
C3 CLA PH . -40.46 -82.01 -7.84
C4 CLA PH . -39.49 -82.71 -8.71
C5 CLA PH . -40.02 -81.63 -6.47
C6 CLA PH . -38.51 -81.69 -6.27
C7 CLA PH . -38.15 -82.70 -5.19
MG CLA QH . -33.99 -79.72 -9.66
CHA CLA QH . -36.03 -80.94 -12.21
CHB CLA QH . -31.32 -81.35 -11.08
CHC CLA QH . -32.15 -79.18 -6.79
CHD CLA QH . -36.91 -78.69 -7.92
NA CLA QH . -33.74 -80.91 -11.38
C1A CLA QH . -34.70 -81.28 -12.33
C2A CLA QH . -34.06 -82.13 -13.44
C3A CLA QH . -32.56 -82.10 -13.12
C4A CLA QH . -32.51 -81.40 -11.76
CMA CLA QH . -31.94 -83.48 -13.03
CAA CLA QH . -34.27 -81.51 -14.81
CBA CLA QH . -33.85 -82.40 -15.95
CGA CLA QH . -35.01 -82.68 -16.85
O1A CLA QH . -35.95 -81.93 -17.16
O2A CLA QH . -35.00 -83.94 -17.37
NB CLA QH . -32.11 -80.14 -9.07
C1B CLA QH . -31.16 -80.76 -9.82
C2B CLA QH . -29.86 -80.78 -9.08
C3B CLA QH . -30.08 -80.17 -7.87
C4B CLA QH . -31.52 -79.78 -7.84
CMB CLA QH . -28.67 -81.42 -9.64
CAB CLA QH . -29.21 -79.96 -6.75
CBB CLA QH . -28.64 -80.95 -6.05
NC CLA QH . -34.45 -79.00 -7.75
C1C CLA QH . -33.52 -78.81 -6.75
C2C CLA QH . -34.16 -78.22 -5.57
C3C CLA QH . -35.53 -78.16 -5.86
C4C CLA QH . -35.69 -78.63 -7.23
CMC CLA QH . -33.44 -77.88 -4.34
CAC CLA QH . -36.59 -77.63 -4.98
CBC CLA QH . -37.17 -78.68 -4.06
ND CLA QH . -36.01 -79.76 -9.93
C1D CLA QH . -37.08 -79.22 -9.17
C2D CLA QH . -38.34 -79.35 -9.95
C3D CLA QH . -37.99 -80.00 -11.12
C4D CLA QH . -36.53 -80.25 -11.05
CMD CLA QH . -39.64 -78.88 -9.49
CAD CLA QH . -38.47 -80.55 -12.38
OBD CLA QH . -39.60 -80.57 -12.85
CBD CLA QH . -37.23 -81.17 -13.09
CGD CLA QH . -37.43 -82.63 -13.40
O1D CLA QH . -37.40 -83.19 -14.49
O2D CLA QH . -37.67 -83.39 -12.29
CED CLA QH . -37.69 -84.81 -12.44
C1 CLA QH . -36.10 -84.79 -17.01
C2 CLA QH . -35.67 -85.62 -15.86
C3 CLA QH . -35.54 -86.95 -15.92
C4 CLA QH . -35.83 -87.70 -17.17
C5 CLA QH . -35.11 -87.76 -14.75
C6 CLA QH . -34.25 -86.99 -13.77
C7 CLA QH . -33.47 -87.95 -12.89
C8 CLA QH . -33.12 -87.35 -11.53
MG CLA RH . -34.31 -67.27 4.98
CHA CLA RH . -34.58 -66.88 8.42
CHB CLA RH . -36.38 -69.99 5.16
CHC CLA RH . -34.75 -67.14 1.56
CHD CLA RH . -32.64 -64.14 4.84
NA CLA RH . -35.30 -68.26 6.54
C1A CLA RH . -35.29 -67.93 7.91
C2A CLA RH . -36.13 -68.93 8.72
C3A CLA RH . -36.47 -70.02 7.68
C4A CLA RH . -36.04 -69.39 6.35
CMA CLA RH . -35.75 -71.31 7.95
CAA CLA RH . -37.36 -68.28 9.31
CBA CLA RH . -38.51 -68.17 8.32
CGA CLA RH . -39.44 -67.07 8.75
O1A CLA RH . -39.22 -66.15 9.54
O2A CLA RH . -40.68 -67.16 8.17
NB CLA RH . -35.42 -68.31 3.64
C1B CLA RH . -36.03 -69.50 3.90
C2B CLA RH . -36.31 -70.23 2.63
C3B CLA RH . -35.85 -69.42 1.60
C4B CLA RH . -35.29 -68.21 2.24
CMB CLA RH . -36.97 -71.53 2.62
CAB CLA RH . -35.86 -69.59 0.17
CBB CLA RH . -35.75 -70.73 -0.51
NC CLA RH . -33.79 -65.90 3.49
C1C CLA RH . -34.04 -66.06 2.15
C2C CLA RH . -33.49 -64.94 1.39
C3C CLA RH . -32.91 -64.07 2.31
C4C CLA RH . -33.08 -64.70 3.62
CMC CLA RH . -33.58 -64.79 -0.07
CAC CLA RH . -32.19 -62.83 2.01
CBC CLA RH . -32.82 -61.56 2.53
ND CLA RH . -33.70 -65.83 6.26
C1D CLA RH . -32.94 -64.65 6.08
C2D CLA RH . -32.55 -64.10 7.39
C3D CLA RH . -33.16 -64.92 8.34
C4D CLA RH . -33.88 -65.97 7.58
CMD CLA RH . -31.72 -62.91 7.57
CAD CLA RH . -33.37 -65.19 9.75
OBD CLA RH . -32.91 -64.62 10.73
CBD CLA RH . -34.32 -66.43 9.84
CGD CLA RH . -33.74 -67.52 10.69
O1D CLA RH . -32.99 -68.44 10.34
O2D CLA RH . -34.13 -67.47 12.00
CED CLA RH . -33.11 -67.66 13.00
C1 CLA RH . -41.32 -65.89 7.90
C2 CLA RH . -42.78 -66.12 7.73
C3 CLA RH . -43.35 -66.27 6.52
C4 CLA RH . -42.56 -66.20 5.27
C5 CLA RH . -44.82 -66.50 6.41
C6 CLA RH . -45.24 -67.24 5.15
C7 CLA RH . -46.01 -66.34 4.20
C8 CLA RH . -46.00 -66.83 2.76
C9 CLA RH . -47.16 -67.76 2.49
C10 CLA RH . -44.67 -67.51 2.40
MG CLA SH . -27.17 -58.88 2.71
CHA CLA SH . -26.54 -58.37 6.10
CHB CLA SH . -30.45 -58.04 3.25
CHC CLA SH . -27.62 -58.40 -0.68
CHD CLA SH . -23.67 -58.95 2.17
NA CLA SH . -28.29 -58.36 4.40
C1A CLA SH . -27.84 -58.19 5.72
C2A CLA SH . -28.99 -57.79 6.65
C3A CLA SH . -30.24 -58.05 5.77
C4A CLA SH . -29.64 -58.14 4.37
CMA CLA SH . -30.93 -59.34 6.12
CAA CLA SH . -28.87 -56.33 7.10
CBA CLA SH . -29.59 -55.33 6.21
CGA CLA SH . -28.59 -54.69 5.30
O1A CLA SH . -28.76 -54.14 4.21
O2A CLA SH . -27.32 -54.75 5.80
NB CLA SH . -28.72 -58.35 1.53
C1B CLA SH . -30.00 -58.11 1.93
C2B CLA SH . -30.91 -57.93 0.76
C3B CLA SH . -30.11 -58.03 -0.36
C4B CLA SH . -28.72 -58.29 0.12
CMB CLA SH . -32.33 -57.62 0.91
CAB CLA SH . -30.41 -57.89 -1.76
CBB CLA SH . -31.13 -56.92 -2.31
NC CLA SH . -25.89 -58.80 1.06
C1C CLA SH . -26.30 -58.66 -0.24
C2C CLA SH . -25.15 -58.70 -1.14
C3C CLA SH . -24.01 -58.77 -0.33
C4C CLA SH . -24.49 -58.85 1.05
CMC CLA SH . -25.24 -58.62 -2.61
CAC CLA SH . -22.61 -58.84 -0.78
CBC CLA SH . -21.87 -57.52 -0.70
ND CLA SH . -25.48 -58.80 3.82
C1D CLA SH . -24.10 -58.92 3.48
C2D CLA SH . -23.30 -59.00 4.72
C3D CLA SH . -24.20 -58.84 5.77
C4D CLA SH . -25.52 -58.67 5.15
CMD CLA SH . -21.87 -59.20 4.78
CAD CLA SH . -24.36 -58.77 7.21
OBD CLA SH . -23.54 -58.97 8.10
CBD CLA SH . -25.85 -58.36 7.46
CGD CLA SH . -26.54 -59.26 8.45
O1D CLA SH . -26.92 -58.98 9.59
O2D CLA SH . -26.75 -60.52 8.01
CED CLA SH . -28.09 -60.99 7.87
C03 II0 TH . -33.08 -74.45 3.09
C04 II0 TH . -23.79 -82.19 -18.11
C05 II0 TH . -33.53 -74.05 4.48
C06 II0 TH . -24.13 -82.73 -19.50
C07 II0 TH . -32.56 -73.09 5.15
C08 II0 TH . -24.24 -81.62 -20.47
C09 II0 TH . -32.63 -73.23 2.29
C10 II0 TH . -24.24 -80.76 -17.82
C11 II0 TH . -32.39 -71.87 4.27
C12 II0 TH . -23.93 -80.20 -20.16
C13 II0 TH . -32.75 -72.11 2.80
C14 II0 TH . -24.18 -79.82 -18.75
C15 II0 TH . -31.91 -75.42 3.20
C16 II0 TH . -34.26 -75.11 2.37
C17 II0 TH . -22.30 -82.58 -18.05
C18 II0 TH . -24.62 -83.09 -17.21
C19 II0 TH . -32.72 -70.89 1.87
C20 II0 TH . -24.82 -78.56 -18.50
C21 II0 TH . -32.63 -73.36 0.78
C22 II0 TH . -24.39 -80.40 -16.39
C23 II0 TH . -32.65 -73.52 -0.43
C24 II0 TH . -24.54 -80.08 -15.22
C25 II0 TH . -32.69 -73.77 -1.83
C26 II0 TH . -24.76 -79.70 -13.76
C27 II0 TH . -34.00 -73.67 -2.60
C28 II0 TH . -23.40 -79.46 -13.25
C29 II0 TH . -31.57 -74.11 -2.45
C30 II0 TH . -25.96 -79.58 -13.02
C31 II0 TH . -31.54 -74.40 -3.86
C32 II0 TH . -25.90 -79.20 -11.63
C33 II0 TH . -30.47 -74.96 -4.36
C34 II0 TH . -26.97 -78.59 -11.18
C35 II0 TH . -30.37 -75.31 -5.77
C36 II0 TH . -27.11 -78.11 -9.78
C37 II0 TH . -31.56 -75.02 -6.70
C38 II0 TH . -26.07 -78.40 -8.78
C39 II0 TH . -29.26 -75.88 -6.21
C40 II0 TH . -28.20 -77.43 -9.50
C41 II0 TH . -29.31 -76.21 -7.69
C42 II0 TH . -28.30 -76.98 -8.04
O01 II0 TH . -33.11 -72.68 6.41
O02 II0 TH . -23.98 -82.08 -21.79
C03 II0 UH . -17.94 -68.68 -0.35
C04 II0 UH . -37.04 -57.08 -10.26
C05 II0 UH . -17.10 -69.62 0.51
C06 II0 UH . -36.83 -55.96 -11.28
C07 II0 UH . -17.96 -70.72 1.10
C08 II0 UH . -37.03 -56.46 -12.65
C09 II0 UH . -18.97 -69.43 -1.20
C10 II0 UH . -36.56 -58.46 -10.71
C11 II0 UH . -18.53 -71.53 -0.05
C12 II0 UH . -37.03 -57.90 -13.04
C13 II0 UH . -18.96 -70.67 -1.24
C14 II0 UH . -36.63 -58.85 -11.97
C15 II0 UH . -18.71 -67.72 0.55
C16 II0 UH . -17.00 -67.93 -1.27
C17 II0 UH . -38.50 -56.84 -9.90
C18 II0 UH . -36.12 -56.63 -9.13
C19 II0 UH . -19.89 -71.33 -2.24
C20 II0 UH . -35.95 -60.04 -12.38
C21 II0 UH . -19.53 -68.66 -2.39
C22 II0 UH . -35.67 -59.21 -9.76
C23 II0 UH . -19.93 -68.02 -3.35
C24 II0 UH . -34.91 -59.81 -9.02
C25 II0 UH . -20.43 -67.24 -4.42
C26 II0 UH . -33.90 -60.52 -8.14
C27 II0 UH . -19.48 -66.82 -5.54
C28 II0 UH . -34.67 -60.94 -6.96
C29 II0 UH . -21.69 -66.91 -4.44
C30 II0 UH . -32.53 -60.75 -8.38
C31 II0 UH . -22.30 -66.13 -5.49
C32 II0 UH . -31.72 -61.45 -7.41
C33 II0 UH . -23.47 -65.57 -5.21
C34 II0 UH . -30.54 -61.84 -7.86
C35 II0 UH . -24.21 -64.77 -6.17
C36 II0 UH . -29.56 -62.56 -7.02
C37 II0 UH . -23.64 -64.53 -7.58
C38 II0 UH . -29.92 -63.03 -5.67
C39 II0 UH . -25.39 -64.30 -5.81
C40 II0 UH . -28.35 -62.75 -7.53
C41 II0 UH . -26.12 -63.50 -6.87
C42 II0 UH . -27.42 -63.48 -6.59
O01 II0 UH . -17.15 -71.58 1.91
O02 II0 UH . -37.89 -55.59 -13.38
C03 II0 VH . -32.15 -58.25 10.93
C04 II0 VH . -40.02 -67.97 -9.78
C05 II0 VH . -31.92 -57.74 12.36
C06 II0 VH . -39.05 -67.67 -10.92
C07 II0 VH . -33.18 -57.56 13.21
C08 II0 VH . -38.72 -68.92 -11.59
C09 II0 VH . -33.63 -58.27 10.54
C10 II0 VH . -39.64 -69.21 -8.93
C11 II0 VH . -34.19 -58.64 12.85
C12 II0 VH . -38.63 -70.24 -10.92
C13 II0 VH . -34.45 -58.70 11.35
C14 II0 VH . -39.00 -70.24 -9.47
C15 II0 VH . -31.41 -57.34 9.97
C16 II0 VH . -31.60 -59.66 10.84
C17 II0 VH . -41.32 -67.92 -10.56
C18 II0 VH . -39.88 -66.75 -8.89
C19 II0 VH . -35.90 -58.85 10.91
C20 II0 VH . -38.26 -71.11 -8.62
C21 II0 VH . -33.96 -58.42 9.06
C22 II0 VH . -39.52 -68.98 -7.46
C23 II0 VH . -34.23 -58.56 7.88
C24 II0 VH . -39.37 -68.77 -6.26
C25 II0 VH . -34.54 -58.78 6.50
C26 II0 VH . -39.20 -68.41 -4.79
C27 II0 VH . -34.34 -57.66 5.49
C28 II0 VH . -39.12 -69.73 -4.11
C29 II0 VH . -35.00 -59.96 6.11
C30 II0 VH . -39.11 -67.15 -4.18
C31 II0 VH . -35.33 -60.23 4.73
C32 II0 VH . -38.90 -67.06 -2.76
C33 II0 VH . -35.92 -61.36 4.40
C34 II0 VH . -38.26 -65.98 -2.37
C35 II0 VH . -36.25 -61.64 3.00
C36 II0 VH . -37.92 -65.67 -0.96
C37 II0 VH . -36.29 -60.48 2.00
C38 II0 VH . -38.10 -66.70 0.08
C39 II0 VH . -36.49 -62.88 2.62
C40 II0 VH . -37.46 -64.47 -0.70
C41 II0 VH . -36.81 -62.99 1.13
C42 II0 VH . -37.13 -64.23 0.76
O01 II0 VH . -32.82 -57.71 14.59
O02 II0 VH . -39.23 -68.93 -12.93
C03 II0 WH . -0.96 -79.63 -0.05
C04 II0 WH . -17.66 -68.96 -13.86
C05 II0 WH . -0.09 -79.63 1.20
C06 II0 WH . -18.13 -68.34 -15.17
C07 II0 WH . -0.55 -78.75 2.34
C08 II0 WH . -19.18 -69.14 -15.79
C09 II0 WH . -2.15 -78.66 -0.02
C10 II0 WH . -18.60 -69.95 -13.15
C11 II0 WH . -2.07 -78.77 2.39
C12 II0 WH . -20.14 -70.01 -15.05
C13 II0 WH . -2.66 -78.32 1.05
C14 II0 WH . -19.74 -70.38 -13.67
C15 II0 WH . -0.09 -79.23 -1.24
C16 II0 WH . -1.49 -81.04 -0.26
C17 II0 WH . -17.20 -67.70 -13.15
C18 II0 WH . -16.46 -69.80 -14.32
C19 II0 WH . -3.57 -77.10 1.07
C20 II0 WH . -20.44 -71.44 -13.03
C21 II0 WH . -3.04 -78.56 -1.25
C22 II0 WH . -18.05 -70.56 -11.91
C23 II0 WH . -3.76 -78.47 -2.23
C24 II0 WH . -17.52 -71.03 -10.91
C25 II0 WH . -4.60 -78.30 -3.38
C26 II0 WH . -16.80 -71.65 -9.72
C27 II0 WH . -4.00 -78.37 -4.78
C28 II0 WH . -17.15 -70.75 -8.60
C29 II0 WH . -5.90 -78.09 -3.21
C30 II0 WH . -15.96 -72.78 -9.65
C31 II0 WH . -6.78 -77.89 -4.34
C32 II0 WH . -15.35 -73.12 -8.39
C33 II0 WH . -8.06 -77.66 -4.16
C34 II0 WH . -14.24 -73.83 -8.51
C35 II0 WH . -8.90 -77.44 -5.35
C36 II0 WH . -13.42 -74.28 -7.36
C37 II0 WH . -8.51 -78.07 -6.69
C38 II0 WH . -13.81 -73.97 -5.98
C39 II0 WH . -9.98 -76.67 -5.22
C40 II0 WH . -12.33 -74.96 -7.66
C41 II0 WH . -10.75 -76.48 -6.53
C42 II0 WH . -11.49 -75.39 -6.46
O01 II0 WH . -0.06 -79.30 3.58
O02 II0 WH . -19.69 -68.49 -16.96
C10 WVN XH . -42.68 -64.21 -5.57
C11 WVN XH . -19.86 -63.41 0.66
C12 WVN XH . -42.71 -63.54 -6.94
C13 WVN XH . -40.43 -63.08 -5.34
C14 WVN XH . -41.32 -63.39 -7.54
C01 WVN XH . -17.39 -63.66 1.33
C02 WVN XH . -18.74 -62.98 1.62
C03 WVN XH . -16.90 -64.46 2.54
C04 WVN XH . -17.96 -65.41 3.08
C05 WVN XH . -19.24 -63.34 3.02
C06 WVN XH . -41.69 -63.55 -4.61
C07 WVN XH . -17.41 -64.56 0.10
C08 WVN XH . -16.36 -62.55 1.10
C09 WVN XH . -19.20 -64.59 3.43
C15 WVN XH . -40.46 -62.62 -6.57
C16 WVN XH . -19.95 -62.29 3.86
C17 WVN XH . -41.31 -64.60 -3.59
C18 WVN XH . -42.35 -62.39 -3.88
C19 WVN XH . -20.52 -62.49 0.00
C20 WVN XH . -39.42 -62.37 -4.44
C21 WVN XH . -39.92 -61.24 -6.97
C22 WVN XH . -21.65 -62.92 -0.92
C23 WVN XH . -38.25 -62.94 -4.30
C24 WVN XH . -21.41 -63.92 -2.06
C25 WVN XH . -37.16 -62.33 -3.43
C26 WVN XH . -22.83 -62.41 -0.68
C27 WVN XH . -37.46 -61.17 -2.48
C28 WVN XH . -35.96 -62.86 -3.53
C29 WVN XH . -24.09 -62.73 -1.49
C30 WVN XH . -34.79 -62.37 -2.72
C31 WVN XH . -25.24 -62.34 -0.98
C32 WVN XH . -26.52 -62.62 -1.73
C33 WVN XH . -33.59 -62.35 -3.26
C34 WVN XH . -32.44 -61.88 -2.39
C35 WVN XH . -26.54 -63.71 -2.79
C36 WVN XH . -27.62 -61.94 -1.45
C37 WVN XH . -31.28 -62.47 -2.52
C38 WVN XH . -32.68 -60.76 -1.38
C39 WVN XH . -28.89 -62.28 -2.21
C40 WVN XH . -30.07 -62.08 -1.68
O1 LHG YH . -47.22 -71.90 -11.41
C1 LHG YH . -47.55 -72.90 -12.39
C2 LHG YH . -46.74 -72.69 -13.66
O2 LHG YH . -47.01 -73.74 -14.58
C3 LHG YH . -45.26 -72.67 -13.31
O3 LHG YH . -45.07 -71.91 -12.13
P LHG YH . -43.62 -71.70 -11.46
O4 LHG YH . -43.01 -73.06 -11.18
O5 LHG YH . -42.87 -70.69 -12.29
O6 LHG YH . -44.01 -71.00 -10.06
C4 LHG YH . -43.03 -70.75 -9.06
C5 LHG YH . -43.53 -69.67 -8.11
C6 LHG YH . -44.43 -68.68 -8.85
O7 LHG YH . -44.27 -70.23 -7.03
C7 LHG YH . -43.70 -69.82 -5.76
O9 LHG YH . -42.48 -69.74 -5.66
C8 LHG YH . -44.61 -69.52 -4.60
C9 LHG YH . -44.53 -68.03 -4.28
C10 LHG YH . -43.39 -67.73 -3.30
O8 LHG YH . -45.19 -67.96 -7.88
C23 LHG YH . -45.30 -66.52 -7.98
O10 LHG YH . -44.54 -65.91 -8.73
C24 LHG YH . -46.34 -65.77 -7.18
C11 LHG YH . -43.84 -67.97 -1.87
C12 LHG YH . -42.81 -68.79 -1.08
C13 LHG YH . -42.74 -70.21 -1.61
C14 LHG YH . -41.95 -71.10 -0.67
C15 LHG YH . -40.55 -70.57 -0.47
C16 LHG YH . -40.09 -70.78 0.96
C17 LHG YH . -41.04 -70.09 1.94
C18 LHG YH . -40.57 -70.26 3.37
C19 LHG YH . -41.59 -69.66 4.34
C20 LHG YH . -41.13 -69.80 5.79
C21 LHG YH . -40.89 -71.26 6.15
C22 LHG YH . -40.52 -71.41 7.60
C25 LHG YH . -46.32 -64.30 -7.59
C26 LHG YH . -47.22 -63.45 -6.67
C27 LHG YH . -46.63 -63.41 -5.26
C28 LHG YH . -47.48 -62.53 -4.34
C29 LHG YH . -47.32 -61.05 -4.68
C30 LHG YH . -46.95 -60.26 -3.43
C31 LHG YH . -45.56 -60.66 -2.96
C32 LHG YH . -45.22 -60.02 -1.60
C33 LHG YH . -45.97 -60.69 -0.47
C34 LHG YH . -45.07 -61.63 0.34
C35 LHG YH . -45.04 -63.04 -0.25
C36 LHG YH . -44.48 -64.04 0.76
C37 LHG YH . -42.98 -63.89 0.93
C38 LHG YH . -42.21 -64.68 -0.09
MG CLA ZH . -54.18 -91.10 -9.40
CHA CLA ZH . -55.94 -90.46 -12.33
CHB CLA ZH . -51.35 -89.84 -10.89
CHC CLA ZH . -52.63 -90.99 -6.34
CHD CLA ZH . -57.28 -91.77 -7.78
NA CLA ZH . -53.75 -90.30 -11.30
C1A CLA ZH . -54.62 -90.13 -12.38
C2A CLA ZH . -53.90 -89.54 -13.59
C3A CLA ZH . -52.41 -89.61 -13.17
C4A CLA ZH . -52.48 -89.92 -11.68
CMA CLA ZH . -51.68 -90.70 -13.92
CAA CLA ZH . -54.32 -88.11 -13.87
CBA CLA ZH . -54.51 -87.31 -12.60
CGA CLA ZH . -53.62 -86.10 -12.62
O1A CLA ZH . -53.30 -85.41 -13.58
O2A CLA ZH . -53.13 -85.78 -11.38
NB CLA ZH . -52.37 -90.49 -8.75
C1B CLA ZH . -51.32 -90.12 -9.52
C2B CLA ZH . -50.06 -90.07 -8.71
C3B CLA ZH . -50.43 -90.39 -7.41
C4B CLA ZH . -51.90 -90.67 -7.43
CMB CLA ZH . -48.77 -89.69 -9.27
CAB CLA ZH . -49.66 -90.48 -6.20
CBB CLA ZH . -48.73 -89.63 -5.79
NC CLA ZH . -54.83 -91.37 -7.44
C1C CLA ZH . -54.01 -91.32 -6.34
C2C CLA ZH . -54.77 -91.63 -5.13
C3C CLA ZH . -56.10 -91.79 -5.52
C4C CLA ZH . -56.13 -91.63 -6.98
CMC CLA ZH . -54.20 -91.70 -3.78
CAC CLA ZH . -57.24 -92.12 -4.66
CBC CLA ZH . -57.84 -90.90 -4.00
ND CLA ZH . -56.15 -91.13 -9.87
C1D CLA ZH . -57.30 -91.54 -9.14
C2D CLA ZH . -58.46 -91.65 -10.06
C3D CLA ZH . -57.99 -91.25 -11.30
C4D CLA ZH . -56.56 -90.93 -11.12
CMD CLA ZH . -59.80 -92.08 -9.68
CAD CLA ZH . -58.30 -91.02 -12.71
OBD CLA ZH . -59.37 -91.19 -13.30
CBD CLA ZH . -57.01 -90.50 -13.39
CGD CLA ZH . -56.60 -91.41 -14.52
O1D CLA ZH . -56.49 -92.65 -14.49
O2D CLA ZH . -56.31 -90.78 -15.68
CED CLA ZH . -55.74 -91.56 -16.74
C1 CLA ZH . -51.86 -86.35 -11.02
C2 CLA ZH . -51.88 -86.55 -9.55
C3 CLA ZH . -51.08 -85.85 -8.71
C4 CLA ZH . -50.14 -84.83 -9.19
C5 CLA ZH . -51.14 -86.08 -7.23
C6 CLA ZH . -51.29 -84.79 -6.45
C7 CLA ZH . -51.30 -85.06 -4.97
C8 CLA ZH . -51.14 -83.78 -4.15
C9 CLA ZH . -52.35 -82.88 -4.35
C10 CLA ZH . -49.86 -83.06 -4.53
C11 CLA ZH . -49.49 -82.01 -3.51
C12 CLA ZH . -48.04 -81.57 -3.65
C13 CLA ZH . -47.06 -82.54 -3.02
C14 CLA ZH . -47.47 -82.86 -1.58
C15 CLA ZH . -45.65 -82.00 -3.05
C16 CLA ZH . -44.64 -82.99 -2.50
C17 CLA ZH . -44.04 -83.85 -3.60
C18 CLA ZH . -42.68 -84.39 -3.21
C19 CLA ZH . -42.81 -85.61 -2.32
C20 CLA ZH . -41.86 -84.72 -4.44
MG CLA AI . -44.21 -88.79 -4.18
CHA CLA AI . -43.04 -87.71 -7.26
CHB CLA AI . -47.08 -86.94 -4.72
CHC CLA AI . -45.05 -89.13 -0.86
CHD CLA AI . -40.93 -89.94 -3.40
NA CLA AI . -44.95 -87.61 -5.76
C1A CLA AI . -44.32 -87.29 -6.98
C2A CLA AI . -45.23 -86.43 -7.86
C3A CLA AI . -46.56 -86.35 -7.07
C4A CLA AI . -46.20 -87.03 -5.75
CMA CLA AI . -47.06 -84.93 -6.86
CAA CLA AI . -45.53 -87.15 -9.16
CBA CLA AI . -46.57 -86.50 -10.04
CGA CLA AI . -45.98 -85.28 -10.67
O1A CLA AI . -45.11 -85.21 -11.53
O2A CLA AI . -46.53 -84.12 -10.19
NB CLA AI . -45.80 -88.25 -3.06
C1B CLA AI . -46.85 -87.48 -3.44
C2B CLA AI . -47.77 -87.24 -2.31
C3B CLA AI . -47.21 -87.85 -1.22
C4B CLA AI . -45.93 -88.47 -1.67
CMB CLA AI . -48.97 -86.41 -2.43
CAB CLA AI . -47.64 -87.85 0.15
CBB CLA AI . -47.89 -86.74 0.86
NC CLA AI . -43.21 -89.50 -2.48
C1C CLA AI . -43.78 -89.64 -1.24
C2C CLA AI . -42.85 -90.27 -0.31
C3C CLA AI . -41.64 -90.40 -0.99
C4C CLA AI . -41.88 -89.95 -2.37
CMC CLA AI . -43.16 -90.58 1.09
CAC CLA AI . -40.40 -91.00 -0.45
CBC CLA AI . -40.27 -92.48 -0.78
ND CLA AI . -42.39 -88.85 -5.05
C1D CLA AI . -41.15 -89.41 -4.64
C2D CLA AI . -40.18 -89.33 -5.77
C3D CLA AI . -40.87 -88.69 -6.80
C4D CLA AI . -42.23 -88.40 -6.29
CMD CLA AI . -38.82 -89.82 -5.72
CAD CLA AI . -40.78 -88.19 -8.16
OBD CLA AI . -39.86 -88.24 -8.97
CBD CLA AI . -42.16 -87.52 -8.47
CGD CLA AI . -41.99 -86.05 -8.82
O1D CLA AI . -41.71 -85.15 -8.03
O2D CLA AI . -42.19 -85.76 -10.13
CED CLA AI . -41.05 -85.29 -10.86
C1 CLA AI . -45.61 -83.02 -10.08
C2 CLA AI . -46.04 -82.14 -8.95
C3 CLA AI . -46.40 -80.87 -9.13
C4 CLA AI . -46.39 -80.23 -10.47
C5 CLA AI . -46.84 -80.01 -7.98
C6 CLA AI . -46.00 -78.74 -7.88
C7 CLA AI . -44.93 -78.90 -6.82
C8 CLA AI . -43.64 -78.16 -7.16
C9 CLA AI . -43.27 -78.33 -8.62
C10 CLA AI . -42.50 -78.66 -6.29
C11 CLA AI . -41.68 -77.52 -5.74
C12 CLA AI . -41.15 -77.83 -4.35
C13 CLA AI . -42.28 -77.85 -3.33
C14 CLA AI . -42.10 -76.75 -2.31
C15 CLA AI . -42.38 -79.21 -2.65
C16 CLA AI . -41.04 -79.68 -2.13
C17 CLA AI . -40.81 -81.15 -2.43
C18 CLA AI . -39.97 -81.83 -1.35
C19 CLA AI . -38.72 -81.05 -1.04
C20 CLA AI . -40.79 -82.04 -0.10
MG CLA BI . -40.41 -104.15 6.48
CHA CLA BI . -38.35 -104.92 9.16
CHB CLA BI . -38.53 -101.32 5.93
CHC CLA BI . -41.76 -103.85 3.32
CHD CLA BI . -41.82 -107.40 6.73
NA CLA BI . -38.76 -103.28 7.41
C1A CLA BI . -38.04 -103.76 8.52
C2A CLA BI . -36.91 -102.82 8.92
C3A CLA BI . -37.21 -101.56 8.05
C4A CLA BI . -38.22 -102.08 7.04
CMA CLA BI . -37.74 -100.41 8.86
CAA CLA BI . -35.55 -103.42 8.60
CBA CLA BI . -35.45 -104.00 7.19
CGA CLA BI . -35.64 -105.49 7.19
O1A CLA BI . -34.89 -106.35 7.64
O2A CLA BI . -36.82 -105.87 6.60
NB CLA BI . -40.16 -102.88 4.93
C1B CLA BI . -39.46 -101.71 4.95
C2B CLA BI . -39.79 -100.86 3.77
C3B CLA BI . -40.70 -101.57 3.03
C4B CLA BI . -40.94 -102.86 3.75
CMB CLA BI . -39.16 -99.56 3.55
CAB CLA BI . -41.35 -101.27 1.78
CBB CLA BI . -41.77 -100.07 1.36
NC CLA BI . -41.59 -105.38 5.27
C1C CLA BI . -42.06 -105.04 4.03
C2C CLA BI . -42.91 -106.11 3.51
C3C CLA BI . -42.89 -107.13 4.45
C4C CLA BI . -42.08 -106.67 5.57
CMC CLA BI . -43.57 -106.08 2.20
CAC CLA BI . -43.61 -108.42 4.37
CBC CLA BI . -42.70 -109.56 4.01
ND CLA BI . -40.23 -105.78 7.65
C1D CLA BI . -40.95 -107.01 7.73
C2D CLA BI . -40.58 -107.72 8.98
C3D CLA BI . -39.57 -106.96 9.56
C4D CLA BI . -39.38 -105.79 8.69
CMD CLA BI . -41.16 -108.98 9.43
CAD CLA BI . -38.67 -106.83 10.68
OBD CLA BI . -38.53 -107.52 11.67
CBD CLA BI . -37.81 -105.54 10.43
CGD CLA BI . -37.87 -104.59 11.58
O1D CLA BI . -36.97 -103.83 11.98
O2D CLA BI . -39.07 -104.57 12.22
CED CLA BI . -39.07 -104.68 13.64
C1 CLA BI . -36.85 -107.17 5.98
C2 CLA BI . -38.01 -107.15 5.05
C3 CLA BI . -38.23 -108.09 4.13
C4 CLA BI . -37.32 -109.25 3.94
C5 CLA BI . -39.42 -108.02 3.23
C6 CLA BI . -39.06 -107.88 1.76
C7 CLA BI . -40.22 -108.28 0.89
C8 CLA BI . -40.08 -107.77 -0.54
C9 CLA BI . -40.72 -106.39 -0.66
C10 CLA BI . -40.70 -108.73 -1.54
C11 CLA BI . -40.73 -108.16 -2.94
C12 CLA BI . -41.40 -109.10 -3.92
C13 CLA BI . -40.40 -110.05 -4.58
C14 CLA BI . -39.97 -109.51 -5.93
C15 CLA BI . -40.95 -111.45 -4.71
C16 CLA BI . -40.03 -112.47 -4.08
NB KC2 CI . -31.69 -109.70 11.79
ND KC2 CI . -31.52 -113.78 11.99
C1A KC2 CI . -29.67 -112.55 14.48
C1B KC2 CI . -31.08 -108.83 12.61
C1C KC2 CI . -33.23 -110.80 9.40
C1D KC2 CI . -31.99 -114.77 11.19
C2A KC2 CI . -28.81 -111.99 15.54
C2B KC2 CI . -31.26 -107.43 12.16
C2C KC2 CI . -33.90 -111.40 8.25
C2D KC2 CI . -31.48 -116.06 11.69
C3A KC2 CI . -28.99 -110.53 15.35
C3B KC2 CI . -32.06 -107.54 10.94
C3C KC2 CI . -33.79 -112.85 8.44
C3D KC2 CI . -30.65 -115.74 12.87
C4A KC2 CI . -29.95 -110.39 14.21
C4B KC2 CI . -32.28 -108.99 10.81
C4C KC2 CI . -33.05 -112.94 9.73
C4D KC2 CI . -30.71 -114.34 13.01
CAA KC2 CI . -27.95 -112.70 16.54
CAB KC2 CI . -32.63 -106.59 9.94
CAC KC2 CI . -34.35 -113.89 7.50
CAD KC2 CI . -29.79 -116.35 13.94
CBA KC2 CI . -27.45 -112.29 17.70
CBB KC2 CI . -33.10 -105.40 10.31
CBC KC2 CI . -33.48 -114.00 6.28
CBD KC2 CI . -29.35 -115.21 14.76
CED KC2 CI . -31.64 -115.07 17.80
CGA KC2 CI . -28.42 -111.82 18.70
CGD KC2 CI . -29.84 -115.43 16.16
CHA KC2 CI . -29.88 -113.97 14.19
CHB KC2 CI . -30.29 -109.02 13.84
CHC KC2 CI . -33.08 -109.36 9.64
CHD KC2 CI . -32.87 -114.38 10.07
CMA KC2 CI . -28.39 -109.35 16.10
CMB KC2 CI . -30.72 -106.16 12.79
CMC KC2 CI . -34.55 -110.63 7.12
CMD KC2 CI . -31.88 -117.31 10.94
NA KC2 CI . -30.37 -111.53 13.66
NC KC2 CI . -32.70 -111.61 10.32
O1A KC2 CI . -28.04 -110.96 19.54
O1D KC2 CI . -29.08 -115.68 17.08
O2A KC2 CI . -29.44 -112.54 18.87
O2D KC2 CI . -31.22 -115.12 16.44
OBD KC2 CI . -29.85 -117.63 14.01
MG KC2 CI . -31.68 -111.73 12.09
MG CLA DI . -27.27 -106.29 1.87
CHA CLA DI . -27.20 -106.12 5.34
CHB CLA DI . -24.01 -107.33 1.89
CHC CLA DI . -27.63 -107.47 -1.35
CHD CLA DI . -30.75 -105.64 1.98
NA CLA DI . -25.86 -106.65 3.37
C1A CLA DI . -26.02 -106.51 4.76
C2A CLA DI . -24.73 -106.85 5.48
C3A CLA DI . -23.70 -106.81 4.34
C4A CLA DI . -24.57 -106.98 3.10
CMA CLA DI . -22.94 -105.52 4.27
CAA CLA DI . -24.85 -108.25 6.06
CBA CLA DI . -24.20 -108.39 7.41
CGA CLA DI . -23.40 -109.65 7.49
O1A CLA DI . -22.27 -109.83 7.94
O2A CLA DI . -24.04 -110.73 6.95
NB CLA DI . -26.05 -107.20 0.54
C1B CLA DI . -24.73 -107.50 0.71
C2B CLA DI . -24.16 -108.04 -0.54
C3B CLA DI . -25.17 -108.09 -1.46
C4B CLA DI . -26.40 -107.56 -0.79
CMB CLA DI . -22.76 -108.45 -0.67
CAB CLA DI . -25.17 -108.55 -2.82
CBB CLA DI . -25.18 -109.84 -3.18
NC CLA DI . -28.87 -106.46 0.55
C1C CLA DI . -28.79 -106.94 -0.73
C2C CLA DI . -30.09 -106.88 -1.38
C3C CLA DI . -30.99 -106.39 -0.42
C4C CLA DI . -30.21 -106.11 0.78
CMC CLA DI . -30.36 -107.32 -2.75
CAC CLA DI . -32.42 -106.15 -0.61
CBC CLA DI . -32.72 -104.79 -1.19
ND CLA DI . -28.70 -105.99 3.27
C1D CLA DI . -30.05 -105.58 3.17
C2D CLA DI . -30.54 -105.19 4.51
C3D CLA DI . -29.51 -105.45 5.39
C4D CLA DI . -28.38 -105.92 4.56
CMD CLA DI . -31.89 -104.72 4.81
CAD CLA DI . -29.08 -105.42 6.76
OBD CLA DI . -29.71 -105.20 7.78
CBD CLA DI . -27.56 -105.78 6.77
CGD CLA DI . -26.81 -104.61 7.32
O1D CLA DI . -26.56 -103.55 6.76
O2D CLA DI . -26.40 -104.79 8.61
CED CLA DI . -25.00 -104.90 8.84
C1 CLA DI . -24.43 -111.76 7.89
C2 CLA DI . -24.41 -113.04 7.14
C3 CLA DI . -25.52 -113.59 6.64
C4 CLA DI . -26.87 -112.97 6.80
C5 CLA DI . -25.47 -114.87 5.88
C6 CLA DI . -25.27 -114.65 4.39
C7 CLA DI . -24.12 -115.49 3.88
C8 CLA DI . -24.29 -115.95 2.44
C9 CLA DI . -22.95 -116.19 1.79
C10 CLA DI . -25.09 -114.92 1.62
MG CLA EI . -35.25 -91.99 5.56
CHA CLA EI . -32.29 -90.38 6.48
CHB CLA EI . -36.92 -89.03 6.11
CHC CLA EI . -37.88 -93.12 3.67
CHD CLA EI . -33.26 -94.62 4.20
NA CLA EI . -34.70 -90.08 6.24
C1A CLA EI . -33.42 -89.61 6.58
C2A CLA EI . -33.46 -88.15 7.03
C3A CLA EI . -34.97 -87.90 7.24
C4A CLA EI . -35.59 -89.06 6.47
CMA CLA EI . -35.34 -87.89 8.69
CAA CLA EI . -32.90 -87.24 5.95
CBA CLA EI . -31.68 -86.47 6.42
CGA CLA EI . -31.07 -85.72 5.28
NB CLA EI . -37.06 -91.26 5.06
C1B CLA EI . -37.56 -90.04 5.39
C2B CLA EI . -38.95 -89.90 4.89
C3B CLA EI . -39.25 -91.04 4.20
C4B CLA EI . -38.04 -91.92 4.28
CMB CLA EI . -39.75 -88.69 5.06
CAB CLA EI . -40.45 -91.34 3.46
CBB CLA EI . -41.00 -92.55 3.26
NC CLA EI . -35.54 -93.63 4.29
C1C CLA EI . -36.72 -93.94 3.69
C2C CLA EI . -36.62 -95.18 2.93
C3C CLA EI . -35.29 -95.57 2.99
C4C CLA EI . -34.62 -94.59 3.86
CMC CLA EI . -37.75 -95.78 2.20
CAC CLA EI . -34.69 -96.76 2.39
CBC CLA EI . -35.14 -98.02 3.09
ND CLA EI . -33.28 -92.49 5.41
C1D CLA EI . -32.61 -93.63 4.91
C2D CLA EI . -31.18 -93.57 5.30
C3D CLA EI . -31.02 -92.35 5.94
C4D CLA EI . -32.34 -91.70 5.94
CMD CLA EI . -30.19 -94.60 5.02
CAD CLA EI . -30.09 -91.46 6.62
OBD CLA EI . -28.92 -91.67 6.94
CBD CLA EI . -30.86 -90.13 6.89
CGD CLA EI . -30.77 -89.70 8.33
O1D CLA EI . -31.65 -89.75 9.21
O2D CLA EI . -29.54 -89.20 8.70
CED CLA EI . -29.47 -88.42 9.89
MG CLA FI . -36.95 -93.30 -7.00
CHA CLA FI . -39.41 -91.79 -8.94
CHB CLA FI . -34.59 -92.19 -9.20
CHC CLA FI . -34.50 -94.24 -4.78
CHD CLA FI . -39.40 -94.05 -4.56
NA CLA FI . -37.02 -92.18 -8.78
C1A CLA FI . -38.14 -91.66 -9.44
C2A CLA FI . -37.72 -90.99 -10.77
C3A CLA FI . -36.26 -91.44 -10.92
C4A CLA FI . -35.90 -91.96 -9.54
CMA CLA FI . -36.17 -92.53 -11.95
CAA CLA FI . -37.84 -89.47 -10.78
CBA CLA FI . -36.54 -88.73 -10.54
CGA CLA FI . -36.66 -88.00 -9.25
O1A CLA FI . -36.83 -88.46 -8.12
O2A CLA FI . -36.56 -86.64 -9.42
NB CLA FI . -34.93 -93.25 -7.00
C1B CLA FI . -34.15 -92.69 -7.96
C2B CLA FI . -32.73 -92.68 -7.52
C3B CLA FI . -32.69 -93.26 -6.27
C4B CLA FI . -34.10 -93.64 -5.93
CMB CLA FI . -31.63 -92.17 -8.34
CAB CLA FI . -31.59 -93.50 -5.40
CBB CLA FI . -31.20 -92.70 -4.40
NC CLA FI . -36.97 -94.06 -5.05
C1C CLA FI . -35.85 -94.47 -4.38
C2C CLA FI . -36.21 -95.07 -3.11
C3C CLA FI . -37.60 -94.93 -2.99
C4C CLA FI . -38.07 -94.31 -4.24
CMC CLA FI . -35.28 -95.64 -2.14
CAC CLA FI . -38.44 -95.40 -1.89
CBC CLA FI . -38.89 -96.84 -2.05
ND CLA FI . -38.94 -92.99 -6.73
C1D CLA FI . -39.83 -93.43 -5.71
C2D CLA FI . -41.21 -93.09 -6.11
C3D CLA FI . -41.10 -92.45 -7.34
C4D CLA FI . -39.67 -92.42 -7.68
CMD CLA FI . -42.39 -93.39 -5.31
CAD CLA FI . -41.82 -91.81 -8.43
OBD CLA FI . -43.01 -91.61 -8.54
CBD CLA FI . -40.76 -91.36 -9.49
CGD CLA FI . -41.06 -91.93 -10.85
O1D CLA FI . -41.29 -93.09 -11.16
O2D CLA FI . -41.06 -90.98 -11.84
CED CLA FI . -41.94 -91.16 -12.93
C1 CLA FI . -36.87 -85.80 -8.29
C2 CLA FI . -36.36 -84.45 -8.62
C3 CLA FI . -35.14 -84.00 -8.28
C4 CLA FI . -34.70 -82.64 -8.64
C5 CLA FI . -34.16 -84.84 -7.53
C6 CLA FI . -34.12 -84.52 -6.04
C7 CLA FI . -32.86 -83.77 -5.68
C8 CLA FI . -33.09 -82.84 -4.48
C9 CLA FI . -34.31 -81.98 -4.68
C10 CLA FI . -31.86 -81.96 -4.25
C11 CLA FI . -31.91 -81.28 -2.90
MG CLA GI . -47.93 -105.41 -10.14
CHA CLA GI . -46.78 -106.11 -13.33
CHB CLA GI . -51.00 -106.68 -11.01
CHC CLA GI . -48.84 -105.48 -6.81
CHD CLA GI . -44.58 -104.74 -9.17
NA CLA GI . -48.74 -106.22 -11.89
C1A CLA GI . -48.09 -106.43 -13.12
C2A CLA GI . -49.05 -107.03 -14.15
C3A CLA GI . -50.42 -106.92 -13.46
C4A CLA GI . -50.05 -106.60 -12.01
CMA CLA GI . -51.29 -105.84 -14.07
CAA CLA GI . -48.70 -108.46 -14.50
CBA CLA GI . -48.24 -109.26 -13.29
CGA CLA GI . -49.40 -109.99 -12.69
O1A CLA GI . -50.52 -110.21 -13.18
O2A CLA GI . -49.14 -110.45 -11.42
NB CLA GI . -49.58 -105.97 -9.12
C1B CLA GI . -50.76 -106.40 -9.66
C2B CLA GI . -51.79 -106.53 -8.60
C3B CLA GI . -51.19 -106.20 -7.40
C4B CLA GI . -49.78 -105.83 -7.72
CMB CLA GI . -53.15 -106.98 -8.89
CAB CLA GI . -51.69 -106.16 -6.06
CBB CLA GI . -52.90 -105.75 -5.66
NC CLA GI . -46.90 -105.12 -8.33
C1C CLA GI . -47.49 -105.14 -7.10
C2C CLA GI . -46.51 -104.82 -6.06
C3C CLA GI . -45.28 -104.69 -6.73
C4C CLA GI . -45.54 -104.86 -8.15
CMC CLA GI . -46.79 -104.74 -4.64
CAC CLA GI . -43.99 -104.36 -6.10
CBC CLA GI . -43.25 -105.60 -5.67
ND CLA GI . -46.09 -105.38 -10.98
C1D CLA GI . -44.81 -104.99 -10.50
C2D CLA GI . -43.86 -104.90 -11.63
C3D CLA GI . -44.58 -105.31 -12.75
C4D CLA GI . -45.94 -105.63 -12.28
CMD CLA GI . -42.47 -104.48 -11.53
CAD CLA GI . -44.54 -105.54 -14.18
OBD CLA GI . -43.62 -105.36 -14.98
CBD CLA GI . -45.94 -106.11 -14.58
CGD CLA GI . -46.59 -105.32 -15.68
O1D CLA GI . -47.28 -104.29 -15.57
O2D CLA GI . -46.35 -105.80 -16.94
CED CLA GI . -47.19 -105.34 -18.00
C1 CLA GI . -50.18 -110.25 -10.44
C2 CLA GI . -49.75 -110.97 -9.21
C3 CLA GI . -50.61 -111.28 -8.24
C4 CLA GI . -52.05 -110.93 -8.34
C5 CLA GI . -50.17 -112.02 -7.02
C6 CLA GI . -50.13 -111.14 -5.78
NB KC2 HI . -66.94 -100.20 -4.40
ND KC2 HI . -63.03 -101.33 -4.69
C1A KC2 HI . -64.72 -102.83 -7.10
C1B KC2 HI . -67.95 -100.59 -5.19
C1C KC2 HI . -65.37 -98.62 -2.31
C1D KC2 HI . -61.90 -100.94 -4.04
C2A KC2 HI . -65.46 -103.44 -8.23
C2B KC2 HI . -69.20 -99.84 -4.91
C2C KC2 HI . -64.54 -97.84 -1.38
C2D KC2 HI . -60.73 -101.56 -4.71
C3A KC2 HI . -66.85 -102.98 -7.96
C3B KC2 HI . -68.83 -98.94 -3.81
C3C KC2 HI . -63.18 -98.36 -1.55
C3D KC2 HI . -61.29 -102.35 -5.83
C4A KC2 HI . -66.76 -102.16 -6.71
C4B KC2 HI . -67.40 -99.24 -3.57
C4C KC2 HI . -63.36 -99.41 -2.58
C4D KC2 HI . -62.69 -102.18 -5.76
CAA KC2 HI . -64.99 -104.30 -9.36
CAB KC2 HI . -69.53 -97.89 -3.00
CAC KC2 HI . -61.96 -97.86 -0.79
CAD KC2 HI . -60.92 -103.26 -6.96
CBA KC2 HI . -65.65 -104.95 -10.31
CBB KC2 HI . -70.29 -96.99 -3.59
CBC KC2 HI . -61.99 -98.37 0.62
CBD KC2 HI . -62.17 -103.49 -7.69
CED KC2 HI . -61.64 -104.86 -10.31
CGA KC2 HI . -64.94 -106.08 -10.92
CGD KC2 HI . -62.08 -102.82 -9.01
CHA KC2 HI . -63.28 -102.97 -6.87
CHB KC2 HI . -68.03 -101.58 -6.26
CHC KC2 HI . -66.81 -98.45 -2.50
CHD KC2 HI . -62.05 -100.05 -2.87
CMA KC2 HI . -68.15 -103.21 -8.71
CMB KC2 HI . -70.55 -99.96 -5.56
CMC KC2 HI . -65.05 -96.73 -0.47
CMD KC2 HI . -59.35 -101.26 -4.16
NA KC2 HI . -65.53 -102.04 -6.17
NC KC2 HI . -64.78 -99.55 -3.05
O1A KC2 HI . -64.32 -106.86 -10.18
O1D KC2 HI . -62.83 -101.90 -9.33
O2A KC2 HI . -64.75 -106.00 -12.16
O2D KC2 HI . -61.34 -103.49 -10.04
OBD KC2 HI . -59.65 -103.50 -7.08
MG KC2 HI . -65.04 -100.99 -4.47
NB KC2 II . -55.47 -106.65 -1.53
ND KC2 II . -58.84 -106.16 -3.76
C1A KC2 II . -56.85 -108.25 -5.36
C1B KC2 II . -54.43 -107.46 -1.80
C1C KC2 II . -57.43 -104.96 0.11
C1D KC2 II . -60.05 -105.57 -3.51
C2A KC2 II . -56.01 -109.28 -5.99
C2B KC2 II . -53.50 -107.60 -0.65
C2C KC2 II . -58.47 -104.26 0.89
C2D KC2 II . -61.00 -105.95 -4.57
C3A KC2 II . -54.84 -109.32 -5.08
C3B KC2 II . -54.10 -106.76 0.39
C3C KC2 II . -59.62 -104.12 -0.02
C3D KC2 II . -60.24 -106.83 -5.49
C4A KC2 II . -55.12 -108.32 -4.02
C4B KC2 II . -55.32 -106.21 -0.25
C4C KC2 II . -59.09 -104.77 -1.26
C4D KC2 II . -58.94 -106.92 -4.95
CAA KC2 II . -56.18 -110.12 -7.22
CAB KC2 II . -53.76 -106.38 1.78
CAC KC2 II . -60.92 -103.46 0.35
CAD KC2 II . -60.34 -107.63 -6.75
CBA KC2 II . -56.57 -109.76 -8.43
CBB KC2 II . -53.22 -107.26 2.63
CBC KC2 II . -60.97 -102.04 -0.17
CBD KC2 II . -59.12 -108.44 -6.77
CED KC2 II . -60.50 -111.24 -4.58
CGA KC2 II . -56.55 -110.83 -9.43
CGD KC2 II . -59.48 -109.81 -6.32
CHA KC2 II . -58.15 -107.80 -5.85
CHB KC2 II . -54.07 -108.20 -3.00
CHC KC2 II . -56.10 -105.32 0.59
CHD KC2 II . -60.16 -104.72 -2.31
CMA KC2 II . -53.59 -110.18 -5.12
CMB KC2 II . -52.23 -108.41 -0.56
CMC KC2 II . -58.33 -103.80 2.32
CMD KC2 II . -62.41 -105.41 -4.52
NA KC2 II . -56.29 -107.64 -4.13
NC KC2 II . -57.70 -105.29 -1.15
O1A KC2 II . -56.51 -112.01 -9.06
O1D KC2 II . -59.36 -110.80 -7.04
O2A KC2 II . -56.84 -110.49 -10.61
O2D KC2 II . -60.04 -109.96 -4.99
OBD KC2 II . -61.28 -107.28 -7.57
MG KC2 II . -56.99 -106.19 -2.84
MG CLA JI . -57.07 -91.90 9.72
CHA CLA JI . -58.16 -90.82 12.84
CHB CLA JI . -59.03 -94.68 10.06
CHC CLA JI . -56.75 -92.54 6.35
CHD CLA JI . -55.61 -88.70 9.21
NA CLA JI . -58.34 -92.62 11.23
C1A CLA JI . -58.67 -92.02 12.45
C2A CLA JI . -59.64 -92.88 13.26
C3A CLA JI . -59.65 -94.21 12.46
C4A CLA JI . -58.98 -93.83 11.14
CMA CLA JI . -58.89 -95.29 13.17
CAA CLA JI . -61.04 -92.27 13.39
CBA CLA JI . -62.00 -92.75 12.31
CGA CLA JI . -63.28 -91.99 12.28
NB CLA JI . -57.74 -93.34 8.47
C1B CLA JI . -58.45 -94.43 8.80
C2B CLA JI . -58.54 -95.38 7.66
C3B CLA JI . -57.90 -94.76 6.60
C4B CLA JI . -57.40 -93.46 7.10
CMB CLA JI . -59.31 -96.63 7.74
CAB CLA JI . -57.74 -95.16 5.22
CBB CLA JI . -57.52 -96.40 4.80
NC CLA JI . -56.29 -90.83 8.10
C1C CLA JI . -56.22 -91.30 6.83
C2C CLA JI . -55.57 -90.32 5.95
C3C CLA JI . -55.29 -89.22 6.75
C4C CLA JI . -55.73 -89.55 8.09
CMC CLA JI . -55.34 -90.50 4.52
CAC CLA JI . -54.65 -87.97 6.30
CBC CLA JI . -53.16 -88.02 6.56
ND CLA JI . -56.88 -90.15 10.72
C1D CLA JI . -56.15 -88.97 10.45
C2D CLA JI . -56.12 -88.13 11.66
C3D CLA JI . -56.88 -88.78 12.61
C4D CLA JI . -57.34 -90.04 11.97
CMD CLA JI . -55.44 -86.84 11.75
CAD CLA JI . -57.41 -88.75 13.96
OBD CLA JI . -57.30 -87.89 14.82
CBD CLA JI . -58.26 -90.07 14.15
CGD CLA JI . -57.76 -90.89 15.32
O1D CLA JI . -58.34 -91.81 15.91
O2D CLA JI . -56.52 -90.55 15.74
CED CLA JI . -55.60 -91.61 16.05
MG CLA KI . -48.68 -84.87 7.69
CHA CLA KI . -48.78 -84.15 11.11
CHB CLA KI . -51.74 -83.37 7.36
CHC CLA KI . -48.20 -84.64 4.29
CHD CLA KI . -45.25 -85.70 8.07
NA CLA KI . -50.04 -83.99 9.03
C1A CLA KI . -49.89 -83.76 10.41
C2A CLA KI . -51.14 -83.09 11.01
C3A CLA KI . -52.16 -83.22 9.85
C4A CLA KI . -51.27 -83.53 8.65
CMA CLA KI . -53.16 -84.33 10.08
CAA CLA KI . -50.87 -81.63 11.40
CBA CLA KI . -50.39 -80.75 10.26
CGA CLA KI . -50.43 -79.30 10.59
NB CLA KI . -49.77 -84.18 6.13
C1B CLA KI . -51.01 -83.63 6.20
C2B CLA KI . -51.53 -83.34 4.83
C3B CLA KI . -50.54 -83.70 3.96
C4B CLA KI . -49.40 -84.23 4.77
CMB CLA KI . -52.83 -82.71 4.60
CAB CLA KI . -50.50 -83.59 2.52
CBB CLA KI . -49.67 -82.82 1.81
NC CLA KI . -47.06 -85.19 6.43
C1C CLA KI . -47.10 -85.11 5.06
C2C CLA KI . -45.81 -85.45 4.48
C3C CLA KI . -44.94 -85.67 5.54
C4C CLA KI . -45.74 -85.53 6.76
CMC CLA KI . -45.52 -85.47 3.04
CAC CLA KI . -43.52 -86.06 5.47
CBC CLA KI . -42.55 -84.90 5.57
ND CLA KI . -47.33 -85.01 9.19
C1D CLA KI . -45.98 -85.45 9.22
C2D CLA KI . -45.54 -85.57 10.62
C3D CLA KI . -46.59 -85.11 11.40
C4D CLA KI . -47.66 -84.73 10.45
CMD CLA KI . -44.24 -86.08 11.05
CAD CLA KI . -47.08 -84.87 12.74
OBD CLA KI . -46.56 -85.14 13.82
CBD CLA KI . -48.45 -84.14 12.59
CGD CLA KI . -49.55 -84.82 13.37
O1D CLA KI . -50.35 -85.67 12.99
O2D CLA KI . -49.62 -84.41 14.66
CED CLA KI . -50.26 -83.16 14.95
C03 II0 LI . -45.40 -112.44 -8.76
C04 II0 LI . -56.22 -100.47 9.41
C05 II0 LI . -45.46 -113.14 -10.11
C06 II0 LI . -55.20 -100.38 10.55
C07 II0 LI . -46.35 -112.44 -11.13
C08 II0 LI . -54.91 -98.98 10.87
C09 II0 LI . -45.93 -111.01 -8.82
C10 II0 LI . -56.13 -99.37 8.34
C11 II0 LI . -45.92 -110.98 -11.22
C12 II0 LI . -55.03 -97.84 9.92
C13 II0 LI . -45.72 -110.35 -9.85
C14 II0 LI . -55.69 -98.15 8.62
C15 II0 LI . -46.26 -113.22 -7.76
C16 II0 LI . -43.95 -112.42 -8.30
C17 II0 LI . -55.95 -101.92 9.01
C18 II0 LI . -57.57 -100.34 10.10
C19 II0 LI . -45.76 -108.83 -9.76
C20 II0 LI . -55.49 -97.22 7.55
C21 II0 LI . -46.21 -110.30 -7.52
C22 II0 LI . -56.02 -99.89 6.95
C23 II0 LI . -46.44 -109.74 -6.45
C24 II0 LI . -55.90 -100.34 5.83
C25 II0 LI . -46.72 -109.12 -5.20
C26 II0 LI . -55.66 -100.94 4.45
C27 II0 LI . -45.67 -109.17 -4.08
C28 II0 LI . -56.97 -100.77 3.76
C29 II0 LI . -47.88 -108.51 -5.01
C30 II0 LI . -54.49 -101.52 3.91
C31 II0 LI . -48.19 -107.88 -3.76
C32 II0 LI . -54.48 -102.04 2.57
C33 II0 LI . -49.30 -107.17 -3.64
C34 II0 LI . -53.29 -102.34 2.10
C35 II0 LI . -49.61 -106.54 -2.36
C36 II0 LI . -53.05 -102.90 0.76
C37 II0 LI . -48.70 -106.81 -1.15
C38 II0 LI . -53.95 -102.60 -0.37
C39 II0 LI . -50.66 -105.73 -2.26
C40 II0 LI . -52.00 -103.69 0.64
C41 II0 LI . -50.82 -105.17 -0.86
C42 II0 LI . -51.78 -104.27 -0.76
O01 II0 LI . -46.16 -113.05 -12.41
O02 II0 LI . -55.24 -98.70 12.23
C03 II0 MI . -40.52 -96.75 7.30
C04 II0 MI . -56.10 -86.28 -8.01
C05 II0 MI . -40.15 -97.66 8.46
C06 II0 MI . -55.63 -85.41 -9.18
C07 II0 MI . -41.38 -98.30 9.11
C08 II0 MI . -56.00 -84.02 -8.97
C09 II0 MI . -41.48 -97.47 6.35
C10 II0 MI . -56.22 -85.61 -6.64
C11 II0 MI . -42.22 -98.99 8.06
C12 II0 MI . -56.18 -83.36 -7.64
C13 II0 MI . -41.85 -98.61 6.62
C14 II0 MI . -56.37 -84.29 -6.50
C15 II0 MI . -41.21 -95.50 7.84
C16 II0 MI . -39.24 -96.38 6.56
C17 II0 MI . -55.13 -87.45 -8.19
C18 II0 MI . -57.51 -86.67 -8.43
C19 II0 MI . -42.45 -99.46 5.51
C20 II0 MI . -56.39 -83.73 -5.18
C21 II0 MI . -41.77 -96.87 4.98
C22 II0 MI . -55.53 -86.35 -5.55
C23 II0 MI . -42.02 -96.37 3.90
C24 II0 MI . -54.93 -86.97 -4.69
C25 II0 MI . -42.38 -95.79 2.66
C26 II0 MI . -54.11 -87.72 -3.64
C27 II0 MI . -41.47 -95.94 1.43
C28 II0 MI . -55.00 -87.75 -2.46
C29 II0 MI . -43.52 -95.12 2.58
C30 II0 MI . -52.81 -88.26 -3.73
C31 II0 MI . -43.99 -94.50 1.38
C32 II0 MI . -52.26 -88.93 -2.58
C33 II0 MI . -45.07 -93.73 1.47
C34 II0 MI . -51.03 -89.39 -2.70
C35 II0 MI . -45.63 -93.06 0.31
C36 II0 MI . -50.32 -90.08 -1.61
C37 II0 MI . -44.91 -93.13 -1.04
C38 II0 MI . -50.96 -90.22 -0.29
C39 II0 MI . -46.78 -92.40 0.45
C40 II0 MI . -49.13 -90.56 -1.87
C41 II0 MI . -47.27 -91.75 -0.82
C42 II0 MI . -48.48 -91.25 -0.68
O01 II0 MI . -40.93 -99.29 10.05
O02 II0 MI . -55.48 -83.18 -10.02
C03 II0 NI . -61.28 -93.85 -5.41
C04 II0 NI . -54.49 -79.21 13.25
C05 II0 NI . -60.84 -94.00 -6.86
C06 II0 NI . -53.17 -78.91 13.96
C07 II0 NI . -59.66 -94.94 -7.09
C08 II0 NI . -52.87 -79.91 14.99
C09 II0 NI . -60.41 -94.68 -4.47
C10 II0 NI . -54.90 -80.68 13.18
C11 II0 NI . -59.83 -96.19 -6.22
C12 II0 NI . -53.52 -81.24 15.11
C13 II0 NI . -60.19 -95.84 -4.79
C14 II0 NI . -54.62 -81.52 14.15
C15 II0 NI . -62.73 -94.29 -5.28
C16 II0 NI . -61.14 -92.38 -5.04
C17 II0 NI . -55.37 -78.20 13.98
C18 II0 NI . -54.20 -78.75 11.82
C19 II0 NI . -59.88 -96.88 -3.70
C20 II0 NI . -55.18 -82.84 14.14
C21 II0 NI . -60.34 -94.27 -3.00
C22 II0 NI . -55.29 -81.23 11.83
C23 II0 NI . -60.28 -93.97 -1.82
C24 II0 NI . -55.60 -81.72 10.76
C25 II0 NI . -60.14 -93.55 -0.46
C26 II0 NI . -56.01 -82.36 9.45
C27 II0 NI . -60.20 -94.60 0.64
C28 II0 NI . -55.62 -81.35 8.43
C29 II0 NI . -59.97 -92.27 -0.17
C30 II0 NI . -56.61 -83.62 9.19
C31 II0 NI . -59.83 -91.85 1.20
C32 II0 NI . -56.88 -83.99 7.82
C33 II0 NI . -59.55 -90.58 1.47
C34 II0 NI . -57.38 -85.20 7.62
C35 II0 NI . -59.40 -90.15 2.86
C36 II0 NI . -57.69 -85.73 6.29
C37 II0 NI . -59.33 -91.19 3.99
C38 II0 NI . -57.30 -84.98 5.08
C39 II0 NI . -59.30 -88.85 3.12
C40 II0 NI . -58.32 -86.90 6.22
C41 II0 NI . -59.13 -88.55 4.60
C42 II0 NI . -58.58 -87.36 4.79
O01 II0 NI . -59.64 -95.34 -8.45
O02 II0 NI . -51.49 -79.85 15.36
C03 II0 OI . -26.75 -108.90 11.45
C04 II0 OI . -38.93 -99.45 -6.46
C05 II0 OI . -26.81 -109.20 12.95
C06 II0 OI . -38.89 -99.33 -8.00
C07 II0 OI . -26.28 -110.56 13.37
C08 II0 OI . -40.11 -99.87 -8.60
C09 II0 OI . -27.38 -110.05 10.66
C10 II0 OI . -39.95 -100.46 -5.92
C11 II0 OI . -26.47 -111.62 12.29
C12 II0 OI . -41.37 -100.21 -7.86
C13 II0 OI . -27.37 -111.20 11.12
C14 II0 OI . -41.16 -100.51 -6.42
C15 II0 OI . -27.54 -107.64 11.15
C16 II0 OI . -25.29 -108.70 11.03
C17 II0 OI . -39.05 -97.98 -6.09
C18 II0 OI . -37.55 -100.02 -6.14
C19 II0 OI . -28.42 -112.19 10.64
C20 II0 OI . -42.18 -101.20 -5.70
C21 II0 OI . -28.01 -109.82 9.29
C22 II0 OI . -39.65 -101.09 -4.60
C23 II0 OI . -28.49 -109.59 8.19
C24 II0 OI . -39.37 -101.60 -3.53
C25 II0 OI . -29.08 -109.31 6.93
C26 II0 OI . -39.01 -102.21 -2.18
C27 II0 OI . -28.27 -109.48 5.65
C28 II0 OI . -39.36 -101.15 -1.21
C29 II0 OI . -30.36 -108.93 6.85
C30 II0 OI . -38.45 -103.47 -1.86
C31 II0 OI . -30.96 -108.67 5.56
C32 II0 OI . -38.17 -103.77 -0.48
C33 II0 OI . -32.27 -108.56 5.43
C34 II0 OI . -37.19 -104.62 -0.28
C35 II0 OI . -32.83 -108.28 4.12
C36 II0 OI . -36.71 -105.06 1.05
C37 II0 OI . -32.09 -108.80 2.89
C38 II0 OI . -37.20 -104.41 2.27
C39 II0 OI . -33.94 -107.57 4.00
C40 II0 OI . -35.81 -106.02 1.07
C41 II0 OI . -34.38 -107.34 2.56
C42 II0 OI . -35.30 -106.40 2.46
O01 II0 OI . -24.88 -110.45 13.68
O02 II0 OI . -40.28 -99.36 -9.93
C02 IHT PI . -60.54 -87.47 -3.41
C03 IHT PI . -40.34 -88.33 9.74
C04 IHT PI . -61.22 -88.64 -4.12
C05 IHT PI . -39.12 -87.84 10.51
C06 IHT PI . -62.52 -89.01 -3.46
C07 IHT PI . -60.60 -87.70 -1.88
C08 IHT PI . -38.27 -89.08 10.88
C09 IHT PI . -62.58 -89.11 -1.94
C10 IHT PI . -61.75 -88.03 -1.25
C11 IHT PI . -40.31 -89.39 8.68
C12 IHT PI . -38.17 -90.05 9.70
C13 IHT PI . -61.24 -86.17 -3.79
C14 IHT PI . -59.08 -87.40 -3.84
C15 IHT PI . -39.43 -90.39 8.92
C16 IHT PI . -40.71 -87.09 8.93
C17 IHT PI . -41.58 -88.73 10.56
C18 IHT PI . -59.38 -87.60 -1.06
C19 IHT PI . -62.63 -86.99 -0.55
C20 IHT PI . -39.89 -91.80 9.14
C21 IHT PI . -41.52 -89.65 7.81
C22 IHT PI . -59.12 -86.45 -0.31
C23 IHT PI . -57.88 -86.33 0.54
C24 IHT PI . -42.45 -89.83 7.01
C25 IHT PI . -57.39 -85.00 1.10
C26 IHT PI . -43.62 -90.03 6.06
C27 IHT PI . -57.11 -87.41 0.88
C28 IHT PI . -43.62 -91.12 4.99
C29 IHT PI . -44.76 -89.26 6.04
C30 IHT PI . -55.90 -87.26 1.73
C31 IHT PI . -45.82 -89.51 5.08
C32 IHT PI . -54.64 -87.37 1.26
C33 IHT PI . -53.51 -87.19 2.26
C34 IHT PI . -46.90 -88.68 5.01
C35 IHT PI . -48.00 -88.94 4.00
C36 IHT PI . -53.55 -86.00 3.24
C37 IHT PI . -52.50 -88.03 2.30
C38 IHT PI . -49.05 -87.95 3.88
C39 IHT PI . -48.00 -90.16 3.13
C40 IHT PI . -51.42 -87.84 3.29
C41 IHT PI . -50.13 -88.13 2.93
O01 IHT PI . -36.97 -88.64 11.30
C1 LMG QI . -25.28 -93.79 6.15
O1 LMG QI . -26.25 -93.40 5.19
C2 LMG QI . -25.91 -93.69 7.54
O2 LMG QI . -26.23 -92.33 7.82
C3 LMG QI . -24.97 -94.22 8.61
O3 LMG QI . -25.66 -94.30 9.86
C4 LMG QI . -24.46 -95.61 8.24
O4 LMG QI . -25.54 -96.54 8.29
C5 LMG QI . -23.87 -95.59 6.83
O5 LMG QI . -22.79 -96.92 5.13
C6 LMG QI . -23.39 -96.98 6.43
O6 LMG QI . -24.86 -95.14 5.90
C7 LMG QI . -25.79 -93.47 3.85
C8 LMG QI . -26.97 -93.23 2.90
C9 LMG QI . -27.44 -91.77 2.94
O7 LMG QI . -26.75 -93.69 1.56
C10 LMG QI . -25.72 -93.06 0.72
O9 LMG QI . -24.92 -92.26 1.15
C11 LMG QI . -25.66 -93.44 -0.74
C12 LMG QI . -26.96 -93.03 -1.44
C13 LMG QI . -26.89 -93.34 -2.94
C14 LMG QI . -26.69 -94.83 -3.17
C15 LMG QI . -26.28 -95.14 -4.61
C16 LMG QI . -27.43 -94.94 -5.57
C17 LMG QI . -27.01 -95.27 -7.00
C18 LMG QI . -26.48 -96.70 -7.08
O8 LMG QI . -28.87 -91.77 3.00
C28 LMG QI . -29.64 -90.59 2.69
O10 LMG QI . -29.07 -89.54 2.42
C29 LMG QI . -31.15 -90.66 2.68
C30 LMG QI . -31.74 -89.44 2.00
C31 LMG QI . -33.26 -89.57 1.87
C32 LMG QI . -33.64 -90.79 1.04
C33 LMG QI . -35.16 -90.99 1.02
C34 LMG QI . -35.52 -92.26 0.26
C35 LMG QI . -35.22 -92.11 -1.22
C36 LMG QI . -36.36 -91.42 -1.95
C37 LMG QI . -36.03 -91.23 -3.43
C38 LMG QI . -35.03 -90.09 -3.62
C39 LMG QI . -34.53 -90.02 -5.06
C40 LMG QI . -33.61 -88.83 -5.25
C41 LMG QI . -32.73 -88.96 -6.49
C42 LMG QI . -33.57 -88.94 -7.76
MG CLA RI . -31.51 -109.35 -16.78
CHA CLA RI . -29.11 -111.65 -17.79
CHB CLA RI . -33.91 -111.82 -17.00
CHC CLA RI . -33.68 -107.43 -14.92
CHD CLA RI . -28.85 -107.21 -15.76
NA CLA RI . -31.50 -111.37 -17.35
C1A CLA RI . -30.39 -112.15 -17.73
C2A CLA RI . -30.81 -113.57 -18.06
C3A CLA RI . -32.36 -113.49 -18.07
C4A CLA RI . -32.63 -112.14 -17.42
CMA CLA RI . -32.93 -113.58 -19.46
CAA CLA RI . -30.30 -114.52 -16.99
CBA CLA RI . -30.57 -115.98 -17.33
CGA CLA RI . -29.65 -116.86 -16.54
O1A CLA RI . -28.43 -116.97 -16.63
O2A CLA RI . -30.31 -117.63 -15.61
NB CLA RI . -33.39 -109.60 -16.06
C1B CLA RI . -34.24 -110.60 -16.39
C2B CLA RI . -35.64 -110.24 -16.01
C3B CLA RI . -35.59 -109.01 -15.42
C4B CLA RI . -34.16 -108.59 -15.44
CMB CLA RI . -36.79 -111.13 -16.22
CAB CLA RI . -36.63 -108.21 -14.83
CBB CLA RI . -37.01 -107.00 -15.25
NC CLA RI . -31.31 -107.62 -15.63
C1C CLA RI . -32.35 -106.97 -15.01
C2C CLA RI . -31.90 -105.77 -14.35
C3C CLA RI . -30.52 -105.74 -14.50
C4C CLA RI . -30.15 -106.91 -15.32
CMC CLA RI . -32.77 -104.84 -13.62
CAC CLA RI . -29.60 -104.74 -13.99
CBC CLA RI . -29.29 -105.09 -12.56
ND CLA RI . -29.49 -109.31 -16.86
C1D CLA RI . -28.52 -108.33 -16.49
C2D CLA RI . -27.19 -108.74 -16.99
C3D CLA RI . -27.37 -110.01 -17.53
C4D CLA RI . -28.80 -110.33 -17.36
CMD CLA RI . -25.97 -107.95 -16.88
CAD CLA RI . -26.74 -111.14 -18.20
OBD CLA RI . -25.61 -111.25 -18.64
CBD CLA RI . -27.81 -112.27 -18.27
CGD CLA RI . -27.93 -112.85 -19.65
O1D CLA RI . -27.66 -114.00 -20.02
O2D CLA RI . -28.39 -111.97 -20.58
CED CLA RI . -28.71 -112.46 -21.88
C1 CLA RI . -30.56 -117.02 -14.32
C2 CLA RI . -29.27 -117.03 -13.58
C3 CLA RI . -29.16 -116.70 -12.29
C4 CLA RI . -30.35 -116.32 -11.48
C5 CLA RI . -27.84 -116.73 -11.60
C6 CLA RI . -27.57 -118.04 -10.87
C7 CLA RI . -27.07 -117.78 -9.46
C8 CLA RI . -28.11 -117.09 -8.60
C9 CLA RI . -27.48 -116.57 -7.32
C10 CLA RI . -29.26 -118.03 -8.27
MG CLA SI . -18.45 -104.28 -19.35
CHA CLA SI . -20.71 -104.39 -21.98
CHB CLA SI . -16.90 -101.62 -20.87
CHC CLA SI . -16.79 -103.60 -16.42
CHD CLA SI . -20.51 -106.58 -17.59
NA CLA SI . -18.75 -103.22 -21.13
C1A CLA SI . -19.76 -103.42 -22.09
C2A CLA SI . -19.61 -102.45 -23.25
C3A CLA SI . -18.22 -101.83 -23.01
C4A CLA SI . -17.93 -102.22 -21.56
CMA CLA SI . -17.20 -102.39 -23.96
CAA CLA SI . -20.71 -101.40 -23.21
CBA CLA SI . -21.00 -100.89 -21.81
CGA CLA SI . -20.17 -99.68 -21.51
O1A CLA SI . -19.41 -99.07 -22.26
O2A CLA SI . -20.33 -99.21 -20.23
NB CLA SI . -17.13 -102.88 -18.76
C1B CLA SI . -16.55 -101.92 -19.55
C2B CLA SI . -15.46 -101.24 -18.82
C3B CLA SI . -15.41 -101.79 -17.56
C4B CLA SI . -16.48 -102.84 -17.51
CMB CLA SI . -14.66 -100.16 -19.40
CAB CLA SI . -14.58 -101.49 -16.43
CBB CLA SI . -14.44 -100.27 -15.89
NC CLA SI . -18.60 -104.99 -17.39
C1C CLA SI . -17.78 -104.61 -16.36
C2C CLA SI . -18.11 -105.36 -15.15
C3C CLA SI . -19.21 -106.16 -15.46
C4C CLA SI . -19.50 -105.93 -16.88
CMC CLA SI . -17.43 -105.23 -13.86
CAC CLA SI . -19.90 -107.10 -14.57
CBC CLA SI . -21.20 -106.53 -14.06
ND CLA SI . -20.18 -105.30 -19.65
C1D CLA SI . -20.86 -106.30 -18.89
C2D CLA SI . -21.92 -106.90 -19.72
C3D CLA SI . -21.91 -106.21 -20.91
C4D CLA SI . -20.83 -105.22 -20.81
CMD CLA SI . -22.79 -107.99 -19.28
CAD CLA SI . -22.51 -106.07 -22.23
OBD CLA SI . -23.41 -106.71 -22.76
CBD CLA SI . -21.78 -104.89 -22.94
CGD CLA SI . -21.16 -105.34 -24.23
O1D CLA SI . -20.74 -106.47 -24.51
O2D CLA SI . -21.07 -104.38 -25.20
CED CLA SI . -20.09 -104.55 -26.22
C1 CLA SI . -19.16 -99.25 -19.39
C2 CLA SI . -19.30 -98.15 -18.39
C3 CLA SI . -18.71 -98.19 -17.18
C4 CLA SI . -17.88 -99.34 -16.76
C5 CLA SI . -18.87 -97.05 -16.22
C6 CLA SI . -18.57 -97.43 -14.78
C7 CLA SI . -19.78 -97.20 -13.89
C8 CLA SI . -20.02 -95.73 -13.62
C9 CLA SI . -19.20 -95.26 -12.44
C10 CLA SI . -21.50 -95.46 -13.35
MG CLA TI . -11.02 -97.63 -14.33
CHA CLA TI . -11.33 -95.57 -17.11
CHB CLA TI . -14.43 -97.51 -13.91
CHC CLA TI . -10.68 -99.17 -11.28
CHD CLA TI . -7.50 -97.12 -14.41
NA CLA TI . -12.59 -96.74 -15.38
C1A CLA TI . -12.51 -95.94 -16.53
C2A CLA TI . -13.90 -95.54 -17.03
C3A CLA TI . -14.86 -96.18 -16.00
C4A CLA TI . -13.92 -96.89 -15.03
CMA CLA TI . -15.72 -95.15 -15.33
CAA CLA TI . -14.13 -96.37 -18.28
CBA CLA TI . -14.24 -95.61 -19.58
CGA CLA TI . -15.33 -94.60 -19.47
O1A CLA TI . -16.54 -94.78 -19.46
O2A CLA TI . -14.84 -93.34 -19.34
NB CLA TI . -12.31 -98.31 -12.94
C1B CLA TI . -13.65 -98.12 -12.92
C2B CLA TI . -14.23 -98.59 -11.62
C3B CLA TI . -13.18 -99.06 -10.88
C4B CLA TI . -11.94 -98.86 -11.69
CMB CLA TI . -15.65 -98.48 -11.28
CAB CLA TI . -13.17 -99.58 -9.53
CBB CLA TI . -12.64 -98.92 -8.50
NC CLA TI . -9.39 -98.13 -13.13
C1C CLA TI . -9.48 -98.84 -11.96
C2C CLA TI . -8.16 -99.13 -11.44
C3C CLA TI . -7.25 -98.45 -12.26
C4C CLA TI . -8.03 -97.86 -13.33
CMC CLA TI . -7.89 -99.90 -10.23
CAC CLA TI . -5.78 -98.49 -12.14
CBC CLA TI . -5.23 -99.70 -12.86
ND CLA TI . -9.67 -96.61 -15.45
C1D CLA TI . -8.26 -96.51 -15.39
C2D CLA TI . -7.78 -95.72 -16.54
C3D CLA TI . -8.91 -95.36 -17.25
C4D CLA TI . -10.07 -95.92 -16.51
CMD CLA TI . -6.38 -95.42 -16.82
CAD CLA TI . -9.45 -94.66 -18.41
OBD CLA TI . -8.86 -94.15 -19.35
CBD CLA TI . -11.00 -94.70 -18.30
CGD CLA TI . -11.54 -93.31 -18.11
O1D CLA TI . -12.23 -92.90 -17.17
O2D CLA TI . -11.20 -92.44 -19.09
CED CLA TI . -11.13 -91.06 -18.73
C1 CLA TI . -15.02 -92.46 -20.47
C2 CLA TI . -14.50 -91.12 -20.08
C3 CLA TI . -15.05 -90.34 -19.13
C4 CLA TI . -14.48 -89.01 -18.79
C5 CLA TI . -16.27 -90.73 -18.37
C6 CLA TI . -16.01 -90.87 -16.88
C7 CLA TI . -17.31 -90.96 -16.11
MG CLA UI . 1.45 -110.21 -6.27
CHA CLA UI . 3.99 -110.19 -3.88
CHB CLA UI . 1.67 -106.78 -6.44
CHC CLA UI . -0.29 -110.23 -9.23
CHD CLA UI . 1.82 -113.74 -6.48
NA CLA UI . 2.61 -108.75 -5.30
C1A CLA UI . 3.62 -108.96 -4.34
C2A CLA UI . 4.22 -107.64 -3.88
C3A CLA UI . 3.25 -106.59 -4.47
C4A CLA UI . 2.47 -107.40 -5.49
CMA CLA UI . 2.38 -106.00 -3.40
CAA CLA UI . 5.64 -107.51 -4.43
CBA CLA UI . 5.75 -107.79 -5.93
CGA CLA UI . 6.14 -109.21 -6.21
O1A CLA UI . 7.15 -109.82 -5.85
O2A CLA UI . 5.21 -109.88 -6.95
NB CLA UI . 0.85 -108.79 -7.58
C1B CLA UI . 0.92 -107.45 -7.41
C2B CLA UI . 0.07 -106.74 -8.41
C3B CLA UI . -0.50 -107.71 -9.20
C4B CLA UI . 0.00 -109.02 -8.69
CMB CLA UI . -0.03 -105.28 -8.45
CAB CLA UI . -1.36 -107.63 -10.35
CBB CLA UI . -2.35 -106.75 -10.54
NC CLA UI . 0.84 -111.71 -7.58
C1C CLA UI . 0.10 -111.50 -8.72
C2C CLA UI . -0.20 -112.78 -9.37
C3C CLA UI . 0.44 -113.76 -8.61
C4C CLA UI . 1.08 -113.09 -7.49
CMC CLA UI . -0.97 -112.93 -10.59
CAC CLA UI . 0.42 -115.21 -8.87
CBC CLA UI . 1.70 -115.74 -9.45
ND CLA UI . 2.55 -111.67 -5.40
C1D CLA UI . 2.53 -113.09 -5.50
C2D CLA UI . 3.36 -113.67 -4.42
C3D CLA UI . 3.94 -112.60 -3.77
C4D CLA UI . 3.43 -111.39 -4.44
CMD CLA UI . 3.54 -115.09 -4.15
CAD CLA UI . 4.81 -112.18 -2.68
OBD CLA UI . 5.38 -112.84 -1.83
CBD CLA UI . 4.92 -110.62 -2.78
CGD CLA UI . 4.61 -109.94 -1.47
O1D CLA UI . 5.23 -109.02 -0.94
O2D CLA UI . 3.51 -110.44 -0.83
CED CLA UI . 3.19 -109.90 0.45
C1 CLA UI . 5.63 -111.14 -7.54
C2 CLA UI . 4.57 -111.52 -8.52
C3 CLA UI . 4.75 -112.46 -9.47
C4 CLA UI . 6.03 -113.20 -9.63
C5 CLA UI . 3.65 -112.81 -10.41
C6 CLA UI . 4.05 -112.73 -11.87
C7 CLA UI . 3.92 -111.31 -12.40
C8 CLA UI . 2.71 -111.10 -13.31
C9 CLA UI . 1.49 -110.73 -12.50
C10 CLA UI . 2.43 -112.31 -14.18
C11 CLA UI . 2.02 -111.91 -15.58
C12 CLA UI . 1.78 -113.12 -16.47
C13 CLA UI . 2.87 -113.26 -17.53
C14 CLA UI . 2.66 -112.26 -18.64
C15 CLA UI . 2.93 -114.68 -18.08
MG CLA VI . 13.36 -105.43 -10.65
CHA CLA VI . 13.59 -104.59 -7.28
CHB CLA VI . 16.58 -104.36 -11.11
CHC CLA VI . 12.96 -105.75 -14.03
CHD CLA VI . 9.86 -105.87 -10.23
NA CLA VI . 14.82 -104.61 -9.39
C1A CLA VI . 14.73 -104.36 -8.01
C2A CLA VI . 16.04 -103.77 -7.47
C3A CLA VI . 16.94 -103.69 -8.71
C4A CLA VI . 16.07 -104.26 -9.83
CMA CLA VI . 17.35 -102.27 -8.99
CAA CLA VI . 16.69 -104.65 -6.40
CBA CLA VI . 17.59 -105.73 -6.99
CGA CLA VI . 17.59 -106.95 -6.10
O1A CLA VI . 16.62 -107.56 -5.66
O2A CLA VI . 18.83 -107.39 -5.77
NB CLA VI . 14.51 -105.04 -12.25
C1B CLA VI . 15.86 -104.84 -12.21
C2B CLA VI . 16.48 -105.19 -13.51
C3B CLA VI . 15.47 -105.59 -14.35
C4B CLA VI . 14.20 -105.49 -13.56
CMB CLA VI . 17.92 -105.06 -13.78
CAB CLA VI . 15.51 -105.99 -15.73
CBB CLA VI . 15.12 -107.18 -16.19
NC CLA VI . 11.70 -105.74 -11.89
C1C CLA VI . 11.77 -105.86 -13.25
C2C CLA VI . 10.45 -106.13 -13.81
C3C CLA VI . 9.56 -106.14 -12.74
C4C CLA VI . 10.36 -105.90 -11.54
CMC CLA VI . 10.17 -106.32 -15.24
CAC CLA VI . 8.11 -106.38 -12.79
CBC CLA VI . 7.29 -105.15 -13.10
ND CLA VI . 11.99 -105.30 -9.16
C1D CLA VI . 10.60 -105.59 -9.11
C2D CLA VI . 10.15 -105.53 -7.70
C3D CLA VI . 11.25 -105.18 -6.96
C4D CLA VI . 12.37 -105.02 -7.91
CMD CLA VI . 8.78 -105.80 -7.25
CAD CLA VI . 11.77 -104.89 -5.63
OBD CLA VI . 11.21 -104.96 -4.54
CBD CLA VI . 13.26 -104.45 -5.81
CGD CLA VI . 13.52 -103.07 -5.29
O1D CLA VI . 12.95 -102.02 -5.62
O2D CLA VI . 14.49 -103.01 -4.34
CED CLA VI . 14.08 -102.88 -2.98
C1 CLA VI . 19.56 -108.16 -6.75
C2 CLA VI . 18.66 -109.22 -7.28
C3 CLA VI . 18.61 -110.48 -6.80
C4 CLA VI . 19.47 -110.93 -5.68
C5 CLA VI . 17.67 -111.48 -7.39
C6 CLA VI . 18.37 -112.48 -8.29
C7 CLA VI . 18.60 -111.91 -9.67
C8 CLA VI . 19.47 -112.81 -10.54
C9 CLA VI . 20.77 -113.16 -9.83
C10 CLA VI . 19.78 -112.15 -11.88
C11 CLA VI . 19.03 -112.84 -13.01
C12 CLA VI . 19.03 -111.98 -14.27
C13 CLA VI . 18.24 -110.69 -14.06
C14 CLA VI . 16.80 -111.00 -13.75
C15 CLA VI . 18.37 -109.75 -15.25
C16 CLA VI . 17.32 -110.01 -16.31
C17 CLA VI . 17.69 -109.38 -17.64
C18 CLA VI . 18.83 -110.14 -18.32
C19 CLA VI . 18.45 -111.59 -18.56
C20 CLA VI . 19.20 -109.48 -19.63
MG CLA WI . -0.81 -97.52 -5.20
CHA CLA WI . 0.63 -94.62 -3.95
CHB CLA WI . -3.87 -96.36 -4.11
CHC CLA WI . -2.41 -99.89 -7.12
CHD CLA WI . 2.17 -98.12 -7.04
NA CLA WI . -1.48 -95.82 -4.17
C1A CLA WI . -0.71 -94.73 -3.74
C2A CLA WI . -1.56 -93.69 -3.01
C3A CLA WI . -2.94 -94.39 -2.88
C4A CLA WI . -2.77 -95.61 -3.78
CMA CLA WI . -3.27 -94.78 -1.46
CAA CLA WI . -1.70 -92.39 -3.80
CBA CLA WI . -1.66 -91.18 -2.89
CGA CLA WI . -1.85 -89.92 -3.68
NB CLA WI . -2.74 -98.02 -5.54
C1B CLA WI . -3.83 -97.50 -4.92
C2B CLA WI . -5.04 -98.34 -5.21
C3B CLA WI . -4.63 -99.34 -6.05
C4B CLA WI . -3.18 -99.13 -6.29
CMB CLA WI . -6.36 -97.98 -4.68
CAB CLA WI . -5.33 -100.41 -6.74
CBB CLA WI . -6.64 -100.51 -6.95
NC CLA WI . -0.20 -98.82 -6.73
C1C CLA WI . -1.01 -99.75 -7.31
C2C CLA WI . -0.27 -100.55 -8.26
C3C CLA WI . 1.01 -100.00 -8.34
C4C CLA WI . 1.05 -98.91 -7.35
CMC CLA WI . -0.85 -101.67 -9.02
CAC CLA WI . 2.12 -100.47 -9.17
CBC CLA WI . 1.99 -100.06 -10.62
ND CLA WI . 1.01 -96.68 -5.42
C1D CLA WI . 2.17 -97.06 -6.15
C2D CLA WI . 3.29 -96.18 -5.75
C3D CLA WI . 2.77 -95.26 -4.86
C4D CLA WI . 1.34 -95.58 -4.74
CMD CLA WI . 4.67 -96.31 -6.22
CAD CLA WI . 3.04 -94.11 -4.00
OBD CLA WI . 4.11 -93.58 -3.69
CBD CLA WI . 1.66 -93.61 -3.49
CGD CLA WI . 1.63 -93.46 -1.99
O1D CLA WI . 1.90 -92.45 -1.31
O2D CLA WI . 1.24 -94.57 -1.30
CED CLA WI . 1.57 -94.66 0.09
MG CLA XI . -2.65 -96.82 -18.88
CHA CLA XI . -5.89 -96.73 -20.11
CHB CLA XI . -1.83 -94.25 -21.03
CHC CLA XI . 0.28 -96.28 -17.14
CHD CLA XI . -3.73 -98.99 -16.31
NA CLA XI . -3.70 -95.71 -20.32
C1A CLA XI . -5.05 -95.83 -20.69
C2A CLA XI . -5.40 -94.84 -21.81
C3A CLA XI . -4.02 -94.27 -22.23
C4A CLA XI . -3.10 -94.76 -21.11
CMA CLA XI . -3.57 -94.79 -23.57
CAA CLA XI . -6.33 -93.73 -21.36
CBA CLA XI . -5.69 -92.73 -20.41
CGA CLA XI . -6.78 -91.99 -19.70
O1A CLA XI . -7.73 -91.40 -20.21
O2A CLA XI . -6.66 -92.04 -18.33
NB CLA XI . -1.10 -95.53 -19.06
C1B CLA XI . -0.90 -94.62 -20.04
C2B CLA XI . 0.45 -94.03 -19.96
C3B CLA XI . 1.05 -94.59 -18.86
C4B CLA XI . 0.08 -95.55 -18.28
CMB CLA XI . 0.96 -93.01 -20.88
CAB CLA XI . 2.35 -94.34 -18.29
CBB CLA XI . 2.52 -93.61 -17.20
NC CLA XI . -1.87 -97.53 -17.08
C1C CLA XI . -0.64 -97.20 -16.59
C2C CLA XI . -0.39 -97.90 -15.34
C3C CLA XI . -1.54 -98.65 -15.06
C4C CLA XI . -2.45 -98.43 -16.18
CMC CLA XI . 0.83 -97.75 -14.54
CAC CLA XI . -1.75 -99.50 -13.88
CBC CLA XI . -1.46 -100.97 -14.09
ND CLA XI . -4.37 -97.68 -18.28
C1D CLA XI . -4.65 -98.65 -17.28
C2D CLA XI . -6.02 -99.16 -17.47
C3D CLA XI . -6.54 -98.46 -18.54
C4D CLA XI . -5.48 -97.56 -19.01
CMD CLA XI . -6.66 -100.18 -16.64
CAD CLA XI . -7.69 -98.27 -19.40
OBD CLA XI . -8.76 -98.85 -19.38
CBD CLA XI . -7.33 -97.13 -20.41
CGD CLA XI . -7.56 -97.54 -21.84
O1D CLA XI . -7.25 -98.60 -22.39
O2D CLA XI . -8.17 -96.57 -22.57
CED CLA XI . -9.20 -96.98 -23.48
C1 CLA XI . -7.60 -91.25 -17.57
C2 CLA XI . -7.73 -91.89 -16.24
C3 CLA XI . -7.79 -91.17 -15.12
C4 CLA XI . -7.71 -89.69 -15.14
C5 CLA XI . -7.92 -91.81 -13.78
C6 CLA XI . -8.84 -93.01 -13.76
C7 CLA XI . -9.18 -93.36 -12.33
C8 CLA XI . -9.84 -94.72 -12.19
C9 CLA XI . -11.27 -94.66 -12.67
C10 CLA XI . -9.79 -95.20 -10.74
C11 CLA XI . -8.38 -95.23 -10.21
C12 CLA XI . -8.24 -96.13 -9.00
C13 CLA XI . -6.86 -96.07 -8.37
C14 CLA XI . -6.80 -94.99 -7.30
C15 CLA XI . -5.76 -95.81 -9.41
C16 CLA XI . -4.46 -96.45 -9.01
C17 CLA XI . -3.37 -96.09 -10.01
C18 CLA XI . -2.13 -96.97 -9.87
C19 CLA XI . -0.96 -96.37 -10.60
C20 CLA XI . -2.42 -98.35 -10.42
MG CLA YI . -6.16 -113.27 -22.67
CHA CLA YI . -5.13 -113.01 -25.98
CHB CLA YI . -8.18 -115.89 -23.55
CHC CLA YI . -6.52 -114.09 -19.35
CHD CLA YI . -3.56 -110.99 -21.77
NA CLA YI . -6.59 -114.24 -24.46
C1A CLA YI . -6.04 -113.99 -25.74
C2A CLA YI . -6.65 -114.91 -26.79
C3A CLA YI . -7.80 -115.61 -26.02
C4A CLA YI . -7.51 -115.25 -24.57
CMA CLA YI . -9.13 -115.09 -26.47
CAA CLA YI . -5.65 -115.92 -27.36
CBA CLA YI . -4.78 -116.55 -26.29
CGA CLA YI . -5.44 -117.77 -25.73
O1A CLA YI . -5.89 -118.75 -26.34
O2A CLA YI . -5.53 -117.73 -24.37
NB CLA YI . -7.10 -114.74 -21.66
C1B CLA YI . -7.99 -115.62 -22.19
C2B CLA YI . -8.78 -116.28 -21.11
C3B CLA YI . -8.32 -115.78 -19.92
C4B CLA YI . -7.25 -114.79 -20.25
CMB CLA YI . -9.82 -117.28 -21.38
CAB CLA YI . -8.71 -116.07 -18.56
CBB CLA YI . -8.76 -117.30 -18.03
NC CLA YI . -5.24 -112.62 -20.90
C1C CLA YI . -5.58 -113.07 -19.65
C2C CLA YI . -4.79 -112.37 -18.64
C3C CLA YI . -3.90 -111.55 -19.32
C4C CLA YI . -4.20 -111.69 -20.75
CMC CLA YI . -4.89 -112.59 -17.19
CAC CLA YI . -2.91 -110.64 -18.73
CBC CLA YI . -1.58 -111.34 -18.52
ND CLA YI . -4.72 -112.17 -23.59
C1D CLA YI . -3.79 -111.21 -23.12
C2D CLA YI . -3.15 -110.54 -24.28
C3D CLA YI . -3.64 -111.19 -25.41
C4D CLA YI . -4.58 -112.21 -24.91
CMD CLA YI . -2.19 -109.44 -24.19
CAD CLA YI . -3.64 -111.25 -26.85
OBD CLA YI . -3.08 -110.53 -27.67
CBD CLA YI . -4.51 -112.48 -27.25
CGD CLA YI . -5.57 -112.14 -28.27
O1D CLA YI . -6.35 -111.18 -28.26
O2D CLA YI . -5.63 -113.01 -29.32
CED CLA YI . -4.42 -113.32 -30.03
C1 CLA YI . -6.07 -118.90 -23.72
C2 CLA YI . -6.02 -118.61 -22.27
C3 CLA YI . -6.10 -119.56 -21.32
C4 CLA YI . -6.26 -121.00 -21.66
C5 CLA YI . -6.03 -119.19 -19.88
C6 CLA YI . -4.73 -119.64 -19.23
C7 CLA YI . -4.99 -120.74 -18.21
C8 CLA YI . -3.70 -121.36 -17.69
C9 CLA YI . -3.59 -122.81 -18.13
C10 CLA YI . -3.63 -121.25 -16.18
C11 CLA YI . -3.67 -119.82 -15.72
C12 CLA YI . -2.29 -119.18 -15.71
C13 CLA YI . -1.52 -119.55 -14.46
C14 CLA YI . -2.30 -119.17 -13.22
MG CLA ZI . -22.03 -119.16 -16.71
CHA CLA ZI . -19.46 -119.91 -18.93
CHB CLA ZI . -24.05 -121.36 -18.40
CHC CLA ZI . -24.23 -119.17 -14.05
CHD CLA ZI . -19.65 -117.52 -14.64
NA CLA ZI . -21.79 -120.37 -18.40
C1A CLA ZI . -20.64 -120.56 -19.18
C2A CLA ZI . -20.89 -121.52 -20.34
C3A CLA ZI . -22.42 -121.75 -20.28
C4A CLA ZI . -22.80 -121.14 -18.93
CMA CLA ZI . -23.14 -121.08 -21.43
CAA CLA ZI . -20.11 -122.82 -20.20
CBA CLA ZI . -20.32 -123.50 -18.86
CGA CLA ZI . -19.63 -124.83 -18.87
O1A CLA ZI . -19.13 -125.45 -17.92
O2A CLA ZI . -19.58 -125.39 -20.12
NB CLA ZI . -23.77 -120.12 -16.30
C1B CLA ZI . -24.50 -120.85 -17.17
C2B CLA ZI . -25.88 -121.06 -16.66
C3B CLA ZI . -25.95 -120.44 -15.43
C4B CLA ZI . -24.60 -119.85 -15.18
CMB CLA ZI . -26.89 -121.82 -17.40
CAB CLA ZI . -27.01 -120.35 -14.46
CBB CLA ZI . -28.29 -120.12 -14.73
NC CLA ZI . -21.97 -118.43 -14.74
C1C CLA ZI . -23.00 -118.51 -13.85
C2C CLA ZI . -22.64 -117.85 -12.59
C3C CLA ZI . -21.32 -117.43 -12.74
C4C CLA ZI . -20.91 -117.79 -14.09
CMC CLA ZI . -23.51 -117.74 -11.43
CAC CLA ZI . -20.50 -116.72 -11.74
CBC CLA ZI . -19.55 -117.63 -11.01
ND CLA ZI . -20.06 -118.70 -16.76
C1D CLA ZI . -19.24 -117.94 -15.89
C2D CLA ZI . -17.93 -117.72 -16.53
C3D CLA ZI . -17.96 -118.45 -17.71
C4D CLA ZI . -19.30 -119.07 -17.78
CMD CLA ZI . -16.85 -116.92 -15.96
CAD CLA ZI . -17.23 -118.83 -18.90
OBD CLA ZI . -16.12 -118.48 -19.28
CBD CLA ZI . -18.13 -119.85 -19.68
CGD CLA ZI . -18.31 -119.45 -21.13
O1D CLA ZI . -19.35 -119.19 -21.72
O2D CLA ZI . -17.13 -119.38 -21.81
CED CLA ZI . -17.13 -119.85 -23.17
C1 CLA ZI . -19.88 -126.79 -20.22
C2 CLA ZI . -21.23 -127.01 -19.66
C3 CLA ZI . -22.37 -126.66 -20.28
C4 CLA ZI . -22.38 -126.01 -21.62
C5 CLA ZI . -23.69 -126.92 -19.65
C6 CLA ZI . -24.32 -125.67 -19.05
C7 CLA ZI . -24.33 -125.74 -17.53
C8 CLA ZI . -22.97 -125.40 -16.93
C9 CLA ZI . -22.46 -126.56 -16.10
C10 CLA ZI . -23.05 -124.13 -16.08
C11 CLA ZI . -21.77 -123.83 -15.36
C12 CLA ZI . -21.75 -122.43 -14.77
C13 CLA ZI . -21.85 -122.43 -13.26
C14 CLA ZI . -23.29 -122.52 -12.82
C15 CLA ZI . -21.18 -121.21 -12.64
C16 CLA ZI . -20.15 -121.59 -11.60
C17 CLA ZI . -20.76 -121.82 -10.23
C18 CLA ZI . -21.52 -120.59 -9.72
C19 CLA ZI . -20.88 -120.05 -8.46
C20 CLA ZI . -22.97 -120.95 -9.44
NB KC2 AJ . -10.83 -119.80 -14.15
ND KC2 AJ . -14.49 -120.96 -15.53
C1A KC2 AJ . -12.28 -121.54 -17.91
C1B KC2 AJ . -9.66 -119.94 -14.78
C1C KC2 AJ . -12.84 -119.36 -11.89
C1D KC2 AJ . -15.71 -121.07 -14.94
C2A KC2 AJ . -11.26 -121.92 -18.92
C2B KC2 AJ . -8.51 -119.57 -13.90
C2C KC2 AJ . -13.83 -119.31 -10.81
C2D KC2 AJ . -16.64 -121.73 -15.89
C3A KC2 AJ . -10.01 -121.47 -18.27
C3B KC2 AJ . -9.14 -119.17 -12.64
C3C KC2 AJ . -15.10 -119.77 -11.41
C3D KC2 AJ . -15.85 -121.99 -17.10
C4A KC2 AJ . -10.41 -120.90 -16.96
C4B KC2 AJ . -10.58 -119.35 -12.90
C4C KC2 AJ . -14.68 -120.06 -12.81
C4D KC2 AJ . -14.55 -121.50 -16.84
CAA KC2 AJ . -11.39 -122.56 -20.26
CAB KC2 AJ . -8.68 -118.67 -11.31
CAC KC2 AJ . -16.41 -119.87 -10.68
CAD KC2 AJ . -15.92 -122.56 -18.49
CBA KC2 AJ . -11.15 -122.08 -21.47
CBB KC2 AJ . -7.47 -118.97 -10.83
CBC KC2 AJ . -16.61 -121.28 -10.18
CBD KC2 AJ . -14.54 -122.56 -18.97
CED KC2 AJ . -13.30 -125.70 -20.62
CGA KC2 AJ . -11.97 -122.68 -22.54
CGD KC2 AJ . -14.07 -123.98 -19.04
CHA KC2 AJ . -13.72 -121.75 -18.04
CHB KC2 AJ . -9.32 -120.39 -16.12
CHC KC2 AJ . -11.43 -119.00 -11.76
CHD KC2 AJ . -15.86 -120.55 -13.57
CMA KC2 AJ . -8.58 -121.58 -18.78
CMB KC2 AJ . -7.04 -119.60 -14.23
CMC KC2 AJ . -13.57 -118.85 -9.40
CMD KC2 AJ . -18.07 -121.96 -15.45
NA KC2 AJ . -11.74 -120.90 -16.70
NC KC2 AJ . -13.24 -119.79 -13.08
O1A KC2 AJ . -11.45 -123.54 -23.28
O1D KC2 AJ . -13.36 -124.47 -18.19
O2A KC2 AJ . -13.20 -122.46 -22.48
O2D KC2 AJ . -14.19 -124.63 -20.32
OBD KC2 AJ . -17.07 -123.05 -18.83
MG KC2 AJ . -12.66 -120.19 -15.00
MG CLA BJ . -19.09 -109.34 -1.06
CHA CLA BJ . -20.25 -109.53 2.24
CHB CLA BJ . -19.97 -112.60 -1.52
CHC CLA BJ . -18.86 -108.91 -4.48
CHD CLA BJ . -18.87 -105.81 -0.67
NA CLA BJ . -19.91 -110.81 0.18
C1A CLA BJ . -20.34 -110.70 1.51
C2A CLA BJ . -20.84 -112.06 2.03
C3A CLA BJ . -20.44 -113.04 0.90
C4A CLA BJ . -20.09 -112.10 -0.25
CMA CLA BJ . -19.27 -113.92 1.28
CAA CLA BJ . -22.33 -112.20 2.30
CBA CLA BJ . -23.22 -111.20 1.61
CGA CLA BJ . -24.14 -110.64 2.65
O1A CLA BJ . -23.86 -110.27 3.79
O2A CLA BJ . -25.42 -110.55 2.22
NB CLA BJ . -19.41 -110.50 -2.67
C1B CLA BJ . -19.66 -111.83 -2.65
C2B CLA BJ . -19.53 -112.42 -4.02
C3B CLA BJ . -19.21 -111.38 -4.86
C4B CLA BJ . -19.13 -110.16 -4.01
CMB CLA BJ . -19.74 -113.83 -4.30
CAB CLA BJ . -18.99 -111.34 -6.29
CBB CLA BJ . -18.11 -112.06 -6.99
NC CLA BJ . -18.85 -107.68 -2.32
C1C CLA BJ . -18.73 -107.75 -3.68
C2C CLA BJ . -18.51 -106.42 -4.24
C3C CLA BJ . -18.58 -105.53 -3.18
C4C CLA BJ . -18.77 -106.33 -1.98
CMC CLA BJ . -18.34 -106.14 -5.67
CAC CLA BJ . -18.42 -104.07 -3.23
CBC CLA BJ . -16.98 -103.64 -3.33
ND CLA BJ . -19.31 -107.97 0.41
C1D CLA BJ . -19.14 -106.56 0.45
C2D CLA BJ . -19.29 -106.09 1.84
C3D CLA BJ . -19.70 -107.19 2.56
C4D CLA BJ . -19.76 -108.32 1.62
CMD CLA BJ . -19.06 -104.71 2.28
CAD CLA BJ . -20.04 -107.69 3.88
OBD CLA BJ . -19.94 -107.12 4.96
CBD CLA BJ . -20.60 -109.14 3.67
CGD CLA BJ . -20.14 -110.12 4.73
O1D CLA BJ . -20.74 -111.15 5.08
O2D CLA BJ . -18.98 -109.83 5.39
CED CLA BJ . -19.02 -109.95 6.82
C1 CLA BJ . -26.40 -111.19 3.06
C2 CLA BJ . -27.53 -111.61 2.19
C3 CLA BJ . -28.46 -110.78 1.74
C4 CLA BJ . -28.46 -109.34 2.08
C5 CLA BJ . -29.57 -111.25 0.87
C6 CLA BJ . -29.54 -110.61 -0.50
C7 CLA BJ . -28.43 -111.19 -1.34
C8 CLA BJ . -28.84 -111.51 -2.77
C9 CLA BJ . -30.34 -111.70 -2.90
C10 CLA BJ . -28.11 -112.74 -3.28
MG CLA CJ . -14.60 -98.33 -1.45
CHA CLA CJ . -15.16 -98.29 1.99
CHB CLA CJ . -18.01 -98.32 -1.93
CHC CLA CJ . -14.13 -97.37 -4.73
CHD CLA CJ . -11.20 -97.54 -0.80
NA CLA CJ . -16.28 -98.38 -0.17
C1A CLA CJ . -16.30 -98.35 1.23
C2A CLA CJ . -17.73 -98.41 1.76
C3A CLA CJ . -18.53 -98.80 0.50
C4A CLA CJ . -17.55 -98.46 -0.63
CMA CLA CJ . -18.85 -100.27 0.49
CAA CLA CJ . -18.20 -97.07 2.34
CBA CLA CJ . -17.58 -95.88 1.64
CGA CLA CJ . -17.52 -94.73 2.58
O1A CLA CJ . -16.73 -94.54 3.51
O2A CLA CJ . -18.47 -93.78 2.33
NB CLA CJ . -15.82 -98.02 -3.03
C1B CLA CJ . -17.17 -98.02 -3.03
C2B CLA CJ . -17.71 -97.68 -4.37
C3B CLA CJ . -16.63 -97.42 -5.17
C4B CLA CJ . -15.41 -97.61 -4.32
CMB CLA CJ . -19.14 -97.57 -4.65
CAB CLA CJ . -16.57 -96.97 -6.54
CBB CLA CJ . -16.08 -97.67 -7.56
NC CLA CJ . -12.96 -97.67 -2.57
C1C CLA CJ . -12.98 -97.40 -3.91
C2C CLA CJ . -11.66 -97.05 -4.39
C3C CLA CJ . -10.83 -97.00 -3.26
C4C CLA CJ . -11.66 -97.42 -2.12
CMC CLA CJ . -11.33 -96.72 -5.77
CAC CLA CJ . -9.40 -96.69 -3.21
CBC CLA CJ . -9.08 -95.26 -2.78
ND CLA CJ . -13.40 -98.02 0.16
C1D CLA CJ . -12.00 -97.82 0.28
C2D CLA CJ . -11.62 -97.95 1.70
C3D CLA CJ . -12.79 -98.14 2.41
C4D CLA CJ . -13.87 -98.16 1.40
CMD CLA CJ . -10.26 -97.85 2.21
CAD CLA CJ . -13.39 -98.37 3.71
OBD CLA CJ . -12.86 -98.51 4.81
CBD CLA CJ . -14.93 -98.39 3.49
CGD CLA CJ . -15.58 -99.63 4.04
O1D CLA CJ . -16.18 -99.76 5.11
O2D CLA CJ . -15.46 -100.72 3.23
CED CLA CJ . -16.28 -101.84 3.55
C1 CLA CJ . -18.24 -92.46 2.84
C03 II0 DJ . -16.05 -115.73 -2.55
C04 II0 DJ . -0.60 -117.80 -21.72
C05 II0 DJ . -16.38 -115.25 -1.13
C06 II0 DJ . -0.89 -118.77 -22.87
C07 II0 DJ . -15.55 -114.06 -0.70
C08 II0 DJ . -1.45 -118.05 -24.02
C09 II0 DJ . -15.65 -114.57 -3.45
C10 II0 DJ . -1.59 -116.62 -21.59
C11 II0 DJ . -15.79 -112.93 -1.70
C12 II0 DJ . -1.96 -116.64 -24.00
C13 II0 DJ . -15.94 -113.41 -3.13
C14 II0 DJ . -2.09 -116.03 -22.66
C15 II0 DJ . -14.89 -116.72 -2.48
C16 II0 DJ . -17.29 -116.41 -3.11
C17 II0 DJ . 0.88 -117.55 -21.96
C18 II0 DJ . -0.82 -118.70 -20.50
C19 II0 DJ . -15.91 -112.34 -4.21
C20 II0 DJ . -3.11 -115.03 -22.49
C21 II0 DJ . -15.35 -114.88 -4.91
C22 II0 DJ . -2.13 -116.34 -20.23
C23 II0 DJ . -15.09 -115.12 -6.08
C24 II0 DJ . -2.60 -116.13 -19.12
C25 II0 DJ . -14.77 -115.38 -7.45
C26 II0 DJ . -3.22 -115.90 -17.75
C27 II0 DJ . -15.83 -115.90 -8.41
C28 II0 DJ . -2.16 -115.19 -17.00
C29 II0 DJ . -13.53 -115.14 -7.85
C30 II0 DJ . -4.50 -116.24 -17.27
C31 II0 DJ . -13.10 -115.36 -9.21
C32 II0 DJ . -4.86 -115.91 -15.92
C33 II0 DJ . -11.97 -114.80 -9.61
C34 II0 DJ . -6.15 -115.93 -15.65
C35 II0 DJ . -11.49 -115.01 -10.97
C36 II0 DJ . -6.72 -115.62 -14.32
C37 II0 DJ . -12.47 -115.49 -12.05
C38 II0 DJ . -5.85 -115.36 -13.17
C39 II0 DJ . -10.21 -114.80 -11.24
C40 II0 DJ . -8.04 -115.59 -14.23
C41 II0 DJ . -9.86 -115.07 -12.69
C42 II0 DJ . -8.56 -115.29 -12.83
O01 II0 DJ . -15.97 -113.63 0.59
O02 II0 DJ . -0.80 -118.46 -25.22
C03 II0 EJ . -2.12 -104.04 -4.55
C04 II0 EJ . -23.62 -99.73 -15.87
C05 II0 EJ . -1.07 -104.70 -3.66
C06 II0 EJ . -23.70 -98.58 -16.86
C07 II0 EJ . -1.62 -105.93 -2.96
C08 II0 EJ . -23.52 -99.05 -18.23
C09 II0 EJ . -2.81 -105.08 -5.42
C10 II0 EJ . -22.59 -100.82 -16.25
C11 II0 EJ . -2.14 -106.91 -4.00
C12 II0 EJ . -22.95 -100.37 -18.63
C13 II0 EJ . -2.44 -106.26 -5.34
C14 II0 EJ . -22.41 -101.19 -17.51
C15 II0 EJ . -3.17 -103.35 -3.68
C16 II0 EJ . -1.42 -103.03 -5.45
C17 II0 EJ . -25.09 -100.08 -15.73
C18 II0 EJ . -23.08 -99.05 -14.63
C19 II0 EJ . -2.77 -107.20 -6.50
C20 II0 EJ . -21.39 -102.14 -17.83
C21 II0 EJ . -3.57 -104.61 -6.64
C22 II0 EJ . -21.57 -101.20 -15.23
C23 II0 EJ . -4.19 -104.20 -7.61
C24 II0 EJ . -20.71 -101.51 -14.42
C25 II0 EJ . -4.92 -103.69 -8.73
C26 II0 EJ . -19.58 -101.85 -13.46
C27 II0 EJ . -4.21 -102.86 -9.79
C28 II0 EJ . -20.25 -102.65 -12.40
C29 II0 EJ . -6.21 -103.95 -8.80
C30 II0 EJ . -18.22 -101.51 -13.50
C31 II0 EJ . -7.05 -103.49 -9.87
C32 II0 EJ . -17.34 -101.96 -12.46
C33 II0 EJ . -8.34 -103.78 -9.77
C34 II0 EJ . -16.05 -101.91 -12.75
C35 II0 EJ . -9.28 -103.37 -10.80
C36 II0 EJ . -14.99 -102.33 -11.81
C37 II0 EJ . -8.78 -102.99 -12.20
C38 II0 EJ . -15.33 -102.70 -10.43
C39 II0 EJ . -10.57 -103.30 -10.49
C40 II0 EJ . -13.76 -102.35 -12.28
C41 II0 EJ . -11.46 -102.86 -11.63
C42 II0 EJ . -12.72 -102.79 -11.25
O01 II0 EJ . -0.56 -106.57 -2.24
O02 II0 EJ . -24.56 -98.54 -19.08
C03 II0 FJ . -20.58 -101.03 5.77
C04 II0 FJ . -20.67 -112.81 -15.59
C05 II0 FJ . -20.64 -100.90 7.29
C06 II0 FJ . -20.82 -113.10 -17.07
C07 II0 FJ . -21.78 -100.03 7.78
C08 II0 FJ . -21.50 -111.99 -17.74
C09 II0 FJ . -21.97 -100.94 5.15
C10 II0 FJ . -21.88 -112.10 -14.94
C11 II0 FJ . -23.09 -100.60 7.25
C12 II0 FJ . -22.34 -110.96 -17.07
C13 II0 FJ . -22.93 -101.23 5.87
C14 II0 FJ . -22.47 -111.10 -15.59
C15 II0 FJ . -19.70 -99.93 5.21
C16 II0 FJ . -20.00 -102.41 5.44
C17 II0 FJ . -19.29 -112.17 -15.56
C18 II0 FJ . -20.66 -114.20 -14.97
C19 II0 FJ . -23.99 -102.20 5.37
C20 II0 FJ . -23.00 -110.00 -14.86
C21 II0 FJ . -22.10 -101.12 3.65
C22 II0 FJ . -21.85 -112.05 -13.46
C23 II0 FJ . -22.18 -101.29 2.45
C24 II0 FJ . -21.83 -111.95 -12.24
C25 II0 FJ . -22.26 -101.52 1.03
C26 II0 FJ . -21.83 -111.70 -10.74
C27 II0 FJ . -22.70 -100.40 0.10
C28 II0 FJ . -21.64 -113.04 -10.13
C29 II0 FJ . -21.93 -102.71 0.56
C30 II0 FJ . -21.97 -110.47 -10.07
C31 II0 FJ . -21.98 -102.99 -0.85
C32 II0 FJ . -21.95 -110.38 -8.63
C33 II0 FJ . -22.10 -104.25 -1.26
C34 II0 FJ . -22.08 -109.15 -8.17
C35 II0 FJ . -22.14 -104.55 -2.68
C36 II0 FJ . -22.08 -108.79 -6.74
C37 II0 FJ . -22.15 -103.38 -3.69
C38 II0 FJ . -22.22 -109.82 -5.70
C39 II0 FJ . -22.16 -105.81 -3.08
C40 II0 FJ . -21.96 -107.50 -6.47
C41 II0 FJ . -22.20 -105.95 -4.60
C42 II0 FJ . -21.97 -107.20 -4.97
O01 II0 FJ . -21.82 -100.04 9.21
O02 II0 FJ . -20.73 -111.54 -18.86
C03 II0 GJ . 15.11 -107.30 -1.84
C04 II0 GJ . -1.91 -106.16 -18.50
C05 II0 GJ . 16.07 -107.39 -0.66
C06 II0 GJ . -2.86 -105.97 -19.68
C07 II0 GJ . 15.86 -108.65 0.17
C08 II0 GJ . -2.51 -104.75 -20.42
C09 II0 GJ . 15.00 -108.65 -2.54
C10 II0 GJ . -1.53 -104.86 -17.77
C11 II0 GJ . 16.05 -109.86 -0.74
C12 II0 GJ . -1.69 -103.63 -19.89
C13 II0 GJ . 15.78 -109.54 -2.21
C14 II0 GJ . -1.28 -103.76 -18.46
C15 II0 GJ . 13.74 -106.87 -1.34
C16 II0 GJ . 15.67 -106.26 -2.81
C17 II0 GJ . -0.84 -107.04 -19.14
C18 II0 GJ . -2.75 -106.95 -17.52
C19 II0 GJ . 16.21 -110.58 -3.24
C20 II0 GJ . -0.93 -102.55 -17.77
C21 II0 GJ . 14.34 -108.71 -3.91
C22 II0 GJ . -0.80 -105.09 -16.48
C23 II0 GJ . 13.83 -108.74 -5.02
C24 II0 GJ . -0.19 -105.31 -15.46
C25 II0 GJ . 13.22 -108.74 -6.31
C26 II0 GJ . 0.62 -105.64 -14.21
C27 II0 GJ . 14.05 -108.46 -7.56
C28 II0 GJ . 0.45 -104.45 -13.36
C29 II0 GJ . 11.92 -108.98 -6.42
C30 II0 GJ . 1.39 -106.78 -13.89
C31 II0 GJ . 11.25 -109.00 -7.70
C32 II0 GJ . 2.09 -106.82 -12.63
C33 II0 GJ . 9.96 -109.17 -7.73
C34 II0 GJ . 3.24 -107.46 -12.62
C35 II0 GJ . 9.23 -109.17 -9.00
C36 II0 GJ . 4.09 -107.59 -11.43
C37 II0 GJ . 9.95 -109.53 -10.30
C38 II0 GJ . 3.63 -107.09 -10.12
C39 II0 GJ . 7.95 -108.85 -8.99
C40 II0 GJ . 5.27 -108.17 -11.59
C41 II0 GJ . 7.28 -108.87 -10.35
C42 II0 GJ . 6.10 -108.27 -10.30
O01 II0 GJ . 16.85 -108.69 1.21
O02 II0 GJ . -2.36 -105.04 -21.81
C02 IHT HJ . -24.68 -105.73 -12.32
C03 IHT HJ . -5.90 -97.71 0.71
C04 IHT HJ . -24.25 -107.12 -12.77
C05 IHT HJ . -4.96 -97.05 1.71
C06 IHT HJ . -25.09 -108.21 -12.14
C07 IHT HJ . -24.92 -105.78 -10.80
C08 IHT HJ . -3.52 -97.60 1.62
C09 IHT HJ . -25.53 -108.07 -10.69
C10 IHT HJ . -25.85 -106.63 -10.33
C11 IHT HJ . -5.48 -98.55 -0.48
C12 IHT HJ . -3.20 -98.12 0.22
C13 IHT HJ . -23.67 -104.64 -12.67
C14 IHT HJ . -25.94 -105.39 -13.10
C15 IHT HJ . -4.22 -99.03 -0.45
C16 IHT HJ . -6.61 -98.75 1.59
C17 IHT HJ . -6.99 -96.84 0.07
C18 IHT HJ . -24.19 -104.89 -9.88
C19 IHT HJ . -26.38 -106.52 -8.91
C20 IHT HJ . -3.62 -99.69 -1.68
C21 IHT HJ . -6.50 -99.32 -1.30
C22 IHT HJ . -22.96 -105.21 -9.31
C23 IHT HJ . -22.29 -104.23 -8.38
C24 IHT HJ . -7.31 -99.94 -1.99
C25 IHT HJ . -23.05 -103.38 -7.38
C26 IHT HJ . -8.30 -100.65 -2.89
C27 IHT HJ . -20.94 -104.06 -8.38
C28 IHT HJ . -7.91 -101.88 -3.74
C29 IHT HJ . -9.59 -100.25 -2.99
C30 IHT HJ . -20.19 -103.13 -7.48
C31 IHT HJ . -10.57 -100.91 -3.83
C32 IHT HJ . -18.88 -102.87 -7.74
C33 IHT HJ . -18.05 -101.95 -6.86
C34 IHT HJ . -11.04 -100.34 -4.99
C35 IHT HJ . -12.07 -101.09 -5.79
C36 IHT HJ . -18.74 -101.08 -5.77
C37 IHT HJ . -16.76 -101.93 -7.03
C38 IHT HJ . -13.46 -100.74 -5.60
C39 IHT HJ . -11.65 -102.17 -6.74
C40 IHT HJ . -15.84 -101.10 -6.22
C41 IHT HJ . -14.50 -101.42 -6.33
O01 IHT HJ . -2.64 -96.53 1.94
O1 LHG IJ . -28.13 -119.10 -20.77
C1 LHG IJ . -26.86 -118.43 -20.78
C2 LHG IJ . -26.41 -118.19 -19.34
O2 LHG IJ . -27.37 -117.34 -18.69
C3 LHG IJ . -25.05 -117.49 -19.33
O3 LHG IJ . -24.69 -117.24 -17.97
P LHG IJ . -23.57 -116.15 -17.61
O4 LHG IJ . -22.22 -116.84 -17.60
O5 LHG IJ . -23.80 -114.93 -18.48
O6 LHG IJ . -23.95 -115.78 -16.10
C4 LHG IJ . -25.23 -115.21 -15.83
C5 LHG IJ . -25.17 -114.15 -14.73
C6 LHG IJ . -26.14 -113.04 -15.12
O7 LHG IJ . -25.61 -114.70 -13.50
C7 LHG IJ . -24.62 -114.58 -12.44
O9 LHG IJ . -23.43 -114.64 -12.73
C8 LHG IJ . -25.06 -114.37 -11.02
C9 LHG IJ . -25.51 -112.93 -10.85
C10 LHG IJ . -26.42 -112.76 -9.64
O8 LHG IJ . -26.52 -112.30 -13.98
C23 LHG IJ . -27.85 -111.72 -13.93
O10 LHG IJ . -28.68 -112.11 -14.73
C24 LHG IJ . -28.19 -110.66 -12.92
C11 LHG IJ . -26.59 -111.28 -9.29
C12 LHG IJ . -25.45 -110.80 -8.40
C13 LHG IJ . -25.94 -110.60 -6.97
C14 LHG IJ . -27.00 -109.50 -6.95
C15 LHG IJ . -27.98 -109.67 -5.80
C16 LHG IJ . -29.13 -108.68 -5.92
C17 LHG IJ . -29.78 -108.76 -7.30
C18 LHG IJ . -31.01 -107.87 -7.40
C19 LHG IJ . -30.64 -106.39 -7.25
C20 LHG IJ . -31.34 -105.76 -6.06
C21 LHG IJ . -32.82 -106.09 -6.07
C22 LHG IJ . -33.51 -105.57 -4.83
C25 LHG IJ . -29.69 -110.33 -13.05
C26 LHG IJ . -30.12 -109.30 -12.02
C27 LHG IJ . -31.64 -109.20 -11.97
C28 LHG IJ . -32.10 -108.19 -10.93
C29 LHG IJ . -33.61 -108.24 -10.75
C30 LHG IJ . -34.07 -107.12 -9.82
C31 LHG IJ . -35.13 -106.25 -10.49
C32 LHG IJ . -36.53 -106.70 -10.15
C33 LHG IJ . -37.56 -105.85 -10.87
C34 LHG IJ . -38.96 -106.06 -10.29
C35 LHG IJ . -39.02 -105.55 -8.85
MG CLA JJ . 8.07 -107.97 -29.93
CHA CLA JJ . 10.86 -109.45 -31.40
CHB CLA JJ . 6.34 -110.90 -30.43
CHC CLA JJ . 5.63 -106.90 -27.76
CHD CLA JJ . 10.14 -105.30 -28.87
NA CLA JJ . 8.53 -109.83 -30.81
C1A CLA JJ . 9.75 -110.25 -31.36
C2A CLA JJ . 9.66 -111.67 -31.91
C3A CLA JJ . 8.15 -112.00 -31.78
C4A CLA JJ . 7.62 -110.85 -30.94
CMA CLA JJ . 7.48 -112.07 -33.13
CAA CLA JJ . 10.52 -112.67 -31.15
CBA CLA JJ . 10.40 -112.56 -29.65
CGA CLA JJ . 11.39 -113.48 -29.03
O1A CLA JJ . 12.40 -113.96 -29.55
O2A CLA JJ . 11.10 -113.78 -27.72
NB CLA JJ . 6.37 -108.77 -29.19
C1B CLA JJ . 5.76 -109.90 -29.65
C2B CLA JJ . 4.34 -109.95 -29.18
C3B CLA JJ . 4.14 -108.83 -28.42
C4B CLA JJ . 5.41 -108.06 -28.42
CMB CLA JJ . 3.43 -111.05 -29.50
CAB CLA JJ . 2.96 -108.39 -27.72
CBB CLA JJ . 2.72 -108.62 -26.42
NC CLA JJ . 7.91 -106.37 -28.61
C1C CLA JJ . 6.80 -106.10 -27.85
C2C CLA JJ . 7.00 -104.88 -27.08
C3C CLA JJ . 8.30 -104.45 -27.34
C4C CLA JJ . 8.86 -105.39 -28.32
CMC CLA JJ . 6.01 -104.29 -26.18
CAC CLA JJ . 8.97 -103.25 -26.81
CBC CLA JJ . 9.46 -103.44 -25.39
ND CLA JJ . 10.00 -107.39 -30.14
C1D CLA JJ . 10.70 -106.24 -29.72
C2D CLA JJ . 12.05 -106.23 -30.33
C3D CLA JJ . 12.16 -107.44 -31.00
C4D CLA JJ . 10.87 -108.14 -30.81
CMD CLA JJ . 13.03 -105.16 -30.19
CAD CLA JJ . 13.00 -108.29 -31.83
OBD CLA JJ . 14.11 -108.06 -32.31
CBD CLA JJ . 12.23 -109.64 -32.03
CGD CLA JJ . 12.17 -110.06 -33.47
O1D CLA JJ . 13.07 -110.58 -34.13
O2D CLA JJ . 10.98 -109.79 -34.09
CED CLA JJ . 10.64 -110.59 -35.23
C1 CLA JJ . 11.62 -115.02 -27.19
C2 CLA JJ . 12.98 -114.75 -26.64
C3 CLA JJ . 13.19 -114.21 -25.43
C4 CLA JJ . 12.06 -113.83 -24.53
C5 CLA JJ . 14.57 -113.97 -24.94
C6 CLA JJ . 15.16 -115.17 -24.24
C7 CLA JJ . 15.36 -114.90 -22.76
C8 CLA JJ . 16.80 -115.14 -22.34
C9 CLA JJ . 17.13 -116.62 -22.37
C10 CLA JJ . 17.07 -114.56 -20.95
MG CLA KJ . 18.00 -98.65 -32.43
CHA CLA KJ . 15.90 -99.48 -35.07
CHB CLA KJ . 18.20 -95.44 -33.66
CHC CLA KJ . 19.42 -97.61 -29.46
CHD CLA KJ . 17.18 -101.75 -30.90
NA CLA KJ . 17.20 -97.66 -34.10
C1A CLA KJ . 16.35 -98.19 -35.08
C2A CLA KJ . 16.02 -97.13 -36.13
C3A CLA KJ . 16.97 -95.97 -35.80
C4A CLA KJ . 17.49 -96.36 -34.41
CMA CLA KJ . 18.07 -95.84 -36.80
CAA CLA KJ . 14.56 -96.70 -36.05
CBA CLA KJ . 14.08 -96.58 -34.61
CGA CLA KJ . 14.33 -95.19 -34.11
O1A CLA KJ . 14.26 -94.13 -34.74
O2A CLA KJ . 14.70 -95.14 -32.79
NB CLA KJ . 18.63 -96.87 -31.69
C1B CLA KJ . 18.74 -95.71 -32.39
C2B CLA KJ . 19.54 -94.71 -31.62
C3B CLA KJ . 19.89 -95.32 -30.44
C4B CLA KJ . 19.31 -96.69 -30.47
CMB CLA KJ . 19.83 -93.37 -32.13
CAB CLA KJ . 20.64 -94.84 -29.31
CBB CLA KJ . 20.48 -93.66 -28.71
NC CLA KJ . 18.27 -99.53 -30.55
C1C CLA KJ . 18.93 -98.95 -29.50
C2C CLA KJ . 19.01 -99.86 -28.38
C3C CLA KJ . 18.32 -101.01 -28.76
C4C CLA KJ . 17.87 -100.81 -30.13
CMC CLA KJ . 19.66 -99.58 -27.10
CAC CLA KJ . 18.13 -102.24 -27.97
CBC CLA KJ . 16.74 -102.31 -27.37
ND CLA KJ . 16.87 -100.28 -32.84
C1D CLA KJ . 16.70 -101.52 -32.18
C2D CLA KJ . 15.96 -102.45 -33.07
C3D CLA KJ . 15.65 -101.72 -34.19
C4D CLA KJ . 16.21 -100.37 -33.99
CMD CLA KJ . 15.65 -103.85 -32.74
CAD CLA KJ . 15.01 -101.74 -35.50
OBD CLA KJ . 14.48 -102.66 -36.10
CBD CLA KJ . 15.11 -100.28 -36.07
CGD CLA KJ . 15.77 -100.25 -37.42
O1D CLA KJ . 16.75 -100.91 -37.81
O2D CLA KJ . 15.20 -99.38 -38.30
CED CLA KJ . 16.04 -98.82 -39.33
C1 CLA KJ . 15.13 -93.86 -32.29
C2 CLA KJ . 15.60 -94.08 -30.90
C3 CLA KJ . 15.89 -93.07 -30.06
C4 CLA KJ . 15.78 -91.66 -30.49
C5 CLA KJ . 16.37 -93.34 -28.68
C6 CLA KJ . 15.25 -93.32 -27.66
C7 CLA KJ . 15.25 -92.03 -26.87
C8 CLA KJ . 14.09 -91.97 -25.88
C9 CLA KJ . 13.38 -90.62 -25.97
C10 CLA KJ . 14.57 -92.22 -24.46
C11 CLA KJ . 13.88 -93.42 -23.83
C12 CLA KJ . 14.74 -94.66 -23.92
C13 CLA KJ . 15.08 -95.21 -22.54
C14 CLA KJ . 16.52 -95.66 -22.47
C15 CLA KJ . 14.14 -96.34 -22.15
C16 CLA KJ . 13.74 -96.26 -20.69
C17 CLA KJ . 12.89 -97.42 -20.26
C18 CLA KJ . 12.37 -97.27 -18.84
C19 CLA KJ . 13.50 -96.96 -17.88
C20 CLA KJ . 11.64 -98.52 -18.40
MG CLA LJ . 22.66 -90.02 -26.67
CHA CLA LJ . 22.04 -88.02 -29.47
CHB CLA LJ . 19.40 -91.09 -26.79
CHC CLA LJ . 22.96 -91.37 -23.49
CHD CLA LJ . 25.62 -88.16 -26.12
NA CLA LJ . 21.04 -89.66 -27.97
C1A CLA LJ . 20.98 -88.81 -29.09
C2A CLA LJ . 19.61 -88.88 -29.77
C3A CLA LJ . 18.83 -89.90 -28.93
C4A CLA LJ . 19.82 -90.28 -27.82
CMA CLA LJ . 17.54 -89.31 -28.40
CAA CLA LJ . 19.76 -89.52 -31.14
CBA CLA LJ . 19.48 -88.61 -32.32
CGA CLA LJ . 18.02 -88.31 -32.41
O1A CLA LJ . 17.05 -89.04 -32.18
O2A CLA LJ . 17.78 -87.03 -32.81
NB CLA LJ . 21.43 -91.04 -25.42
C1B CLA LJ . 20.18 -91.48 -25.70
C2B CLA LJ . 19.72 -92.45 -24.66
C3B CLA LJ . 20.72 -92.53 -23.73
C4B CLA LJ . 21.81 -91.61 -24.18
CMB CLA LJ . 18.38 -93.05 -24.70
CAB CLA LJ . 20.80 -93.24 -22.48
CBB CLA LJ . 19.89 -93.19 -21.51
NC CLA LJ . 24.07 -89.86 -25.14
C1C CLA LJ . 24.03 -90.54 -23.95
C2C CLA LJ . 25.22 -90.26 -23.16
C3C CLA LJ . 25.93 -89.29 -23.86
C4C CLA LJ . 25.21 -89.06 -25.10
CMC CLA LJ . 25.50 -90.86 -21.85
CAC CLA LJ . 27.22 -88.68 -23.47
CBC CLA LJ . 27.07 -87.42 -22.63
ND CLA LJ . 23.68 -88.50 -27.56
C1D CLA LJ . 24.91 -87.88 -27.26
C2D CLA LJ . 25.27 -86.95 -28.34
C3D CLA LJ . 24.21 -86.97 -29.23
C4D CLA LJ . 23.22 -87.92 -28.67
CMD CLA LJ . 26.51 -86.17 -28.41
CAD CLA LJ . 23.67 -86.46 -30.47
OBD CLA LJ . 24.16 -85.70 -31.30
CBD CLA LJ . 22.24 -87.04 -30.62
CGD CLA LJ . 21.19 -85.97 -30.60
O1D CLA LJ . 20.60 -85.52 -29.61
O2D CLA LJ . 20.90 -85.47 -31.83
CED CLA LJ . 20.34 -84.16 -31.86
C1 CLA LJ . 17.12 -86.18 -31.84
C2 CLA LJ . 15.82 -85.83 -32.43
C3 CLA LJ . 14.65 -85.99 -31.80
C4 CLA LJ . 13.36 -85.62 -32.42
C5 CLA LJ . 14.58 -86.57 -30.42
C6 CLA LJ . 14.56 -85.49 -29.34
C7 CLA LJ . 14.36 -86.11 -27.97
C8 CLA LJ . 12.89 -86.36 -27.66
C9 CLA LJ . 12.07 -85.13 -27.90
C10 CLA LJ . 12.72 -86.84 -26.22
MG CLA MJ . 39.55 -96.26 -20.12
CHA CLA MJ . 41.91 -95.12 -17.82
CHB CLA MJ . 38.07 -93.16 -20.05
CHC CLA MJ . 37.78 -97.03 -22.97
CHD CLA MJ . 41.56 -99.14 -20.62
NA CLA MJ . 39.94 -94.46 -19.09
C1A CLA MJ . 40.97 -94.20 -18.17
C2A CLA MJ . 40.88 -92.77 -17.65
C3A CLA MJ . 39.51 -92.29 -18.19
C4A CLA MJ . 39.14 -93.36 -19.20
CMA CLA MJ . 38.48 -92.14 -17.11
CAA CLA MJ . 42.03 -91.90 -18.16
CBA CLA MJ . 42.12 -91.77 -19.66
CGA CLA MJ . 43.10 -92.77 -20.21
O1A CLA MJ . 44.22 -93.05 -19.77
O2A CLA MJ . 42.67 -93.39 -21.34
NB CLA MJ . 38.20 -95.29 -21.28
C1B CLA MJ . 37.63 -94.09 -21.01
C2B CLA MJ . 36.43 -93.86 -21.87
C3B CLA MJ . 36.34 -94.96 -22.70
C4B CLA MJ . 37.48 -95.86 -22.34
CMB CLA MJ . 35.64 -92.62 -21.79
CAB CLA MJ . 35.44 -95.29 -23.77
CBB CLA MJ . 34.14 -95.01 -23.83
NC CLA MJ . 39.64 -97.82 -21.51
C1C CLA MJ . 38.80 -97.95 -22.58
C2C CLA MJ . 39.11 -99.17 -23.31
C3C CLA MJ . 40.20 -99.76 -22.68
C4C CLA MJ . 40.52 -98.90 -21.54
CMC CLA MJ . 38.39 -99.61 -24.51
CAC CLA MJ . 40.89 -101.02 -23.04
CBC CLA MJ . 42.15 -100.82 -23.84
ND CLA MJ . 41.30 -97.00 -19.44
C1D CLA MJ . 41.94 -98.26 -19.64
C2D CLA MJ . 43.04 -98.41 -18.65
C3D CLA MJ . 43.07 -97.24 -17.92
C4D CLA MJ . 41.98 -96.40 -18.46
CMD CLA MJ . 43.88 -99.59 -18.54
CAD CLA MJ . 43.72 -96.50 -16.85
OBD CLA MJ . 44.66 -96.84 -16.13
CBD CLA MJ . 43.01 -95.11 -16.77
CGD CLA MJ . 42.44 -94.85 -15.39
O1D CLA MJ . 41.99 -93.80 -14.94
O2D CLA MJ . 42.44 -95.94 -14.58
CED CLA MJ . 42.79 -95.74 -13.22
C1 CLA MJ . 43.19 -94.72 -21.58
C2 CLA MJ . 42.77 -95.10 -22.96
C3 CLA MJ . 43.20 -96.22 -23.57
C4 CLA MJ . 44.11 -97.16 -22.90
C5 CLA MJ . 42.76 -96.58 -24.95
C6 CLA MJ . 41.81 -95.57 -25.58
C7 CLA MJ . 40.41 -96.16 -25.67
C8 CLA MJ . 39.94 -96.32 -27.12
C9 CLA MJ . 40.60 -97.53 -27.76
C10 CLA MJ . 40.21 -95.08 -27.95
C11 CLA MJ . 39.36 -95.06 -29.20
C12 CLA MJ . 39.96 -94.19 -30.28
C13 CLA MJ . 39.56 -94.64 -31.68
C14 CLA MJ . 38.21 -94.07 -32.08
C15 CLA MJ . 39.55 -96.17 -31.80
C16 CLA MJ . 40.36 -96.63 -33.00
C17 CLA MJ . 41.49 -97.54 -32.58
C18 CLA MJ . 41.02 -98.98 -32.40
C19 CLA MJ . 41.18 -99.43 -30.97
C20 CLA MJ . 41.79 -99.91 -33.32
NB KC2 NJ . 49.64 -84.33 -24.44
ND KC2 NJ . 46.86 -86.10 -22.04
C1A KC2 NJ . 49.15 -84.70 -20.10
C1B KC2 NJ . 50.81 -83.78 -24.06
C1C KC2 NJ . 47.36 -85.33 -26.23
C1D KC2 NJ . 45.72 -86.80 -22.29
C2A KC2 NJ . 50.18 -84.11 -19.23
C2B KC2 NJ . 51.50 -83.14 -25.23
C2C KC2 NJ . 46.27 -85.87 -27.03
C2D KC2 NJ . 45.05 -87.09 -20.99
C3A KC2 NJ . 51.18 -83.67 -20.23
C3B KC2 NJ . 50.61 -83.39 -26.37
C3C KC2 NJ . 45.42 -86.61 -26.09
C3D KC2 NJ . 45.93 -86.48 -19.95
C4A KC2 NJ . 50.65 -84.04 -21.58
C4B KC2 NJ . 49.48 -84.14 -25.77
C4C KC2 NJ . 46.14 -86.42 -24.79
C4D KC2 NJ . 47.00 -85.91 -20.64
CAA KC2 NJ . 50.24 -83.98 -17.74
CAB KC2 NJ . 50.59 -83.09 -27.81
CAC KC2 NJ . 44.17 -87.35 -26.49
CAD KC2 NJ . 46.08 -86.28 -18.48
CBA KC2 NJ . 51.26 -84.15 -16.93
CBB KC2 NJ . 50.97 -81.90 -28.26
CBC KC2 NJ . 42.93 -86.68 -25.95
CBD KC2 NJ . 47.25 -85.41 -18.32
CED KC2 NJ . 47.28 -84.14 -15.43
CGA KC2 NJ . 51.28 -83.31 -15.72
CGD KC2 NJ . 46.80 -84.08 -17.84
CHA KC2 NJ . 47.91 -85.30 -19.64
CHB KC2 NJ . 51.47 -83.70 -22.75
CHC KC2 NJ . 48.46 -84.51 -26.74
CHD KC2 NJ . 45.41 -87.11 -23.70
CMA KC2 NJ . 52.50 -82.98 -20.01
CMB KC2 NJ . 52.81 -82.41 -25.29
CMC KC2 NJ . 46.09 -85.67 -28.51
CMD KC2 NJ . 43.76 -87.84 -21.03
NA KC2 NJ . 49.44 -84.65 -21.55
NC KC2 NJ . 47.38 -85.59 -24.93
O1A KC2 NJ . 50.48 -83.55 -14.80
O1D KC2 NJ . 46.67 -83.10 -18.57
O2A KC2 NJ . 51.97 -82.27 -15.75
O2D KC2 NJ . 46.33 -83.99 -16.48
OBD KC2 NJ . 45.25 -86.95 -17.74
MG KC2 NJ . 48.38 -85.32 -23.17
MG CLA OJ . 30.32 -86.08 -30.41
CHA CLA OJ . 27.43 -86.99 -32.12
CHB CLA OJ . 30.40 -83.16 -32.18
CHC CLA OJ . 32.56 -84.77 -28.13
CHD CLA OJ . 29.81 -88.84 -28.25
NA CLA OJ . 29.13 -85.26 -31.92
C1A CLA OJ . 27.97 -85.79 -32.50
C2A CLA OJ . 27.44 -84.86 -33.60
C3A CLA OJ . 28.60 -83.85 -33.78
C4A CLA OJ . 29.44 -84.08 -32.54
CMA CLA OJ . 29.39 -84.15 -35.01
CAA CLA OJ . 26.13 -84.19 -33.22
CBA CLA OJ . 26.20 -82.68 -33.18
CGA CLA OJ . 25.25 -82.19 -32.14
O1A CLA OJ . 24.35 -81.34 -32.25
O2A CLA OJ . 25.44 -82.80 -30.93
NB CLA OJ . 31.29 -84.32 -30.21
C1B CLA OJ . 31.23 -83.26 -31.04
C2B CLA OJ . 32.17 -82.20 -30.62
C3B CLA OJ . 32.79 -82.65 -29.47
C4B CLA OJ . 32.23 -84.00 -29.20
CMB CLA OJ . 32.30 -80.94 -31.36
CAB CLA OJ . 33.75 -82.05 -28.59
CBB CLA OJ . 34.39 -80.88 -28.71
NC CLA OJ . 31.08 -86.72 -28.57
C1C CLA OJ . 32.02 -86.06 -27.84
C2C CLA OJ . 32.37 -86.81 -26.65
C3C CLA OJ . 31.56 -87.93 -26.65
C4C CLA OJ . 30.76 -87.89 -27.87
CMC CLA OJ . 33.36 -86.39 -25.65
CAC CLA OJ . 31.55 -89.03 -25.66
CBC CLA OJ . 32.49 -90.12 -26.08
ND CLA OJ . 29.01 -87.60 -30.20
C1D CLA OJ . 28.97 -88.72 -29.32
C2D CLA OJ . 27.90 -89.64 -29.75
C3D CLA OJ . 27.26 -89.01 -30.80
C4D CLA OJ . 27.98 -87.75 -31.04
CMD CLA OJ . 27.59 -90.90 -29.09
CAD CLA OJ . 26.20 -89.09 -31.78
OBD CLA OJ . 25.37 -89.98 -31.91
CBD CLA OJ . 26.25 -87.79 -32.64
CGD CLA OJ . 26.35 -88.07 -34.13
O1D CLA OJ . 27.22 -87.73 -34.93
O2D CLA OJ . 25.31 -88.80 -34.62
CED CLA OJ . 24.42 -88.14 -35.52
C1 CLA OJ . 25.82 -81.95 -29.84
C2 CLA OJ . 25.31 -82.57 -28.60
C3 CLA OJ . 24.06 -82.38 -28.12
C4 CLA OJ . 23.07 -81.52 -28.81
C5 CLA OJ . 23.59 -83.02 -26.87
C6 CLA OJ . 24.65 -83.91 -26.22
C7 CLA OJ . 25.12 -83.36 -24.90
C8 CLA OJ . 26.46 -83.96 -24.49
C9 CLA OJ . 26.91 -83.38 -23.15
C10 CLA OJ . 27.52 -83.69 -25.54
MG CLA PJ . 32.76 -101.25 -36.70
CHA CLA PJ . 33.22 -100.15 -39.97
CHB CLA PJ . 31.96 -104.36 -37.91
CHC CLA PJ . 33.05 -102.55 -33.54
CHD CLA PJ . 34.25 -98.23 -35.57
NA CLA PJ . 32.61 -102.08 -38.62
C1A CLA PJ . 32.84 -101.47 -39.85
C2A CLA PJ . 32.60 -102.43 -41.01
C3A CLA PJ . 31.98 -103.66 -40.33
C4A CLA PJ . 32.20 -103.38 -38.84
CMA CLA PJ . 30.51 -103.78 -40.64
CAA CLA PJ . 33.90 -102.79 -41.72
CBA CLA PJ . 34.98 -103.21 -40.75
CGA CLA PJ . 35.07 -104.71 -40.68
O1A CLA PJ . 35.50 -105.49 -41.53
O2A CLA PJ . 34.57 -105.21 -39.51
NB CLA PJ . 32.58 -103.08 -35.89
C1B CLA PJ . 32.13 -104.21 -36.53
C2B CLA PJ . 31.82 -105.29 -35.55
C3B CLA PJ . 32.13 -104.78 -34.30
C4B CLA PJ . 32.61 -103.39 -34.51
CMB CLA PJ . 31.34 -106.60 -35.98
CAB CLA PJ . 32.08 -105.35 -32.96
CBB CLA PJ . 31.80 -106.60 -32.61
NC CLA PJ . 33.48 -100.51 -34.89
C1C CLA PJ . 33.46 -101.19 -33.71
C2C CLA PJ . 33.98 -100.37 -32.63
C3C CLA PJ . 34.37 -99.16 -33.21
C4C CLA PJ . 34.05 -99.25 -34.63
CMC CLA PJ . 34.08 -100.77 -31.23
CAC CLA PJ . 34.96 -98.00 -32.53
CBC CLA PJ . 36.47 -98.01 -32.65
ND CLA PJ . 33.54 -99.56 -37.50
C1D CLA PJ . 34.01 -98.35 -36.92
C2D CLA PJ . 34.19 -97.32 -37.98
C3D CLA PJ . 33.88 -97.97 -39.18
C4D CLA PJ . 33.51 -99.36 -38.82
CMD CLA PJ . 34.62 -95.95 -37.75
CAD CLA PJ . 33.77 -97.84 -40.61
OBD CLA PJ . 33.92 -96.85 -41.33
CBD CLA PJ . 33.38 -99.25 -41.17
CGD CLA PJ . 32.13 -99.20 -41.99
O1D CLA PJ . 31.14 -98.47 -41.81
O2D CLA PJ . 32.10 -100.07 -43.04
CED CLA PJ . 30.96 -100.05 -43.90
C1 CLA PJ . 35.43 -106.13 -38.78
C2 CLA PJ . 35.33 -105.74 -37.35
C3 CLA PJ . 35.67 -106.58 -36.35
C4 CLA PJ . 36.16 -107.95 -36.60
C5 CLA PJ . 35.57 -106.14 -34.94
C6 CLA PJ . 36.84 -106.39 -34.16
C7 CLA PJ . 36.59 -107.30 -32.97
C8 CLA PJ . 37.88 -107.89 -32.41
C9 CLA PJ . 37.93 -109.38 -32.65
C10 CLA PJ . 38.01 -107.58 -30.93
C11 CLA PJ . 38.39 -106.13 -30.69
C12 CLA PJ . 38.32 -105.77 -29.22
MG CLA QJ . 20.45 -113.30 -30.76
CHA CLA QJ . 23.03 -112.78 -33.04
CHB CLA QJ . 19.27 -115.84 -32.74
CHC CLA QJ . 18.58 -114.51 -28.12
CHD CLA QJ . 22.23 -111.24 -28.46
NA CLA QJ . 21.03 -114.11 -32.59
C1A CLA QJ . 22.15 -113.77 -33.39
C2A CLA QJ . 22.19 -114.61 -34.66
C3A CLA QJ . 20.82 -115.32 -34.67
C4A CLA QJ . 20.32 -115.10 -33.23
CMA CLA QJ . 19.88 -114.73 -35.69
CAA CLA QJ . 23.36 -115.58 -34.63
CBA CLA QJ . 22.98 -116.98 -34.16
CGA CLA QJ . 23.70 -117.30 -32.88
O1A CLA QJ . 24.68 -116.75 -32.40
O2A CLA QJ . 23.16 -118.37 -32.20
NB CLA QJ . 19.21 -114.88 -30.48
C1B CLA QJ . 18.76 -115.72 -31.45
C2B CLA QJ . 17.62 -116.53 -30.94
C3B CLA QJ . 17.42 -116.17 -29.63
C4B CLA QJ . 18.42 -115.11 -29.33
CMB CLA QJ . 16.93 -117.55 -31.75
CAB CLA QJ . 16.48 -116.64 -28.66
CBB CLA QJ . 15.15 -116.59 -28.77
NC CLA QJ . 20.36 -112.88 -28.70
C1C CLA QJ . 19.49 -113.46 -27.82
C2C CLA QJ . 19.65 -112.91 -26.49
C3C CLA QJ . 20.75 -112.04 -26.56
C4C CLA QJ . 21.18 -112.02 -27.96
CMC CLA QJ . 18.87 -113.29 -25.31
CAC CLA QJ . 21.32 -111.23 -25.47
CBC CLA QJ . 20.55 -109.95 -25.22
ND CLA QJ . 22.11 -112.15 -30.74
C1D CLA QJ . 22.69 -111.29 -29.76
C2D CLA QJ . 23.80 -110.53 -30.37
C3D CLA QJ . 23.96 -111.05 -31.64
C4D CLA QJ . 22.92 -112.09 -31.79
CMD CLA QJ . 24.55 -109.48 -29.69
CAD CLA QJ . 24.69 -110.97 -32.89
OBD CLA QJ . 25.53 -110.15 -33.26
CBD CLA QJ . 24.21 -112.18 -33.76
CGD CLA QJ . 23.92 -111.79 -35.18
O1D CLA QJ . 23.44 -110.74 -35.60
O2D CLA QJ . 24.25 -112.75 -36.09
CED CLA QJ . 24.30 -112.39 -37.48
C1 CLA QJ . 21.77 -118.29 -31.85
C2 CLA QJ . 21.67 -118.45 -30.37
C3 CLA QJ . 21.86 -117.43 -29.51
C4 CLA QJ . 22.19 -116.07 -30.00
C5 CLA QJ . 21.75 -117.63 -28.04
C6 CLA QJ . 22.30 -116.46 -27.22
C7 CLA QJ . 21.64 -116.39 -25.85
C8 CLA QJ . 22.27 -115.31 -24.98
C9 CLA QJ . 23.76 -115.54 -24.83
C10 CLA QJ . 21.60 -115.26 -23.62
NB KC2 RJ . 31.04 -109.61 -27.94
ND KC2 RJ . 28.07 -111.80 -29.66
C1A KC2 RJ . 30.36 -111.19 -31.95
C1B KC2 RJ . 32.16 -109.20 -28.52
C1C KC2 RJ . 29.09 -110.44 -25.73
C1D KC2 RJ . 27.00 -112.46 -29.15
C2A KC2 RJ . 31.45 -111.03 -32.94
C2B KC2 RJ . 33.14 -108.65 -27.53
C2C KC2 RJ . 28.19 -110.97 -24.70
C2D KC2 RJ . 26.43 -113.33 -30.21
C3A KC2 RJ . 32.43 -110.22 -32.18
C3B KC2 RJ . 32.45 -108.78 -26.24
C3C KC2 RJ . 27.15 -111.71 -25.45
C3D KC2 RJ . 27.27 -113.11 -31.40
C4A KC2 RJ . 31.79 -109.99 -30.84
C4B KC2 RJ . 31.15 -109.39 -26.61
C4C KC2 RJ . 27.59 -111.51 -26.86
C4D KC2 RJ . 28.26 -112.17 -31.01
CAA KC2 RJ . 31.60 -111.54 -34.33
CAB KC2 RJ . 32.75 -108.47 -24.82
CAC KC2 RJ . 25.99 -112.45 -24.83
CAD KC2 RJ . 27.46 -113.51 -32.84
CBA KC2 RJ . 32.06 -110.97 -35.42
CBB KC2 RJ . 34.00 -108.52 -24.35
CBC KC2 RJ . 24.96 -111.49 -24.30
CBD KC2 RJ . 28.74 -112.93 -33.22
CED KC2 RJ . 30.98 -115.86 -32.28
CGA KC2 RJ . 32.21 -111.87 -36.57
CGD KC2 RJ . 29.72 -114.04 -33.35
CHA KC2 RJ . 29.12 -111.94 -32.19
CHB KC2 RJ . 32.60 -109.19 -29.91
CHC KC2 RJ . 30.28 -109.63 -25.46
CHD KC2 RJ . 26.63 -112.22 -27.75
CMA KC2 RJ . 33.78 -109.69 -32.59
CMB KC2 RJ . 34.52 -108.10 -27.78
CMC KC2 RJ . 28.33 -110.77 -23.21
CMD KC2 RJ . 25.22 -114.15 -29.86
NA KC2 RJ . 30.58 -110.53 -30.65
NC KC2 RJ . 28.83 -110.69 -27.00
O1A KC2 RJ . 32.37 -113.09 -36.33
O1D KC2 RJ . 30.09 -114.47 -34.43
O2A KC2 RJ . 31.81 -111.43 -37.68
O2D KC2 RJ . 30.14 -114.72 -32.15
OBD KC2 RJ . 26.65 -114.45 -33.24
MG KC2 RJ . 29.44 -110.43 -28.94
MG CLA SJ . 21.37 -104.52 -13.98
CHA CLA SJ . 20.93 -105.21 -10.58
CHB CLA SJ . 21.71 -107.88 -14.56
CHC CLA SJ . 20.82 -104.00 -17.34
CHD CLA SJ . 20.30 -101.20 -13.33
NA CLA SJ . 21.36 -106.22 -12.76
C1A CLA SJ . 21.15 -106.31 -11.37
C2A CLA SJ . 21.23 -107.75 -10.88
C3A CLA SJ . 21.75 -108.50 -12.11
C4A CLA SJ . 21.59 -107.48 -13.25
CMA CLA SJ . 23.18 -108.93 -11.94
CAA CLA SJ . 19.86 -108.28 -10.44
CBA CLA SJ . 18.75 -107.79 -11.35
CGA CLA SJ . 17.41 -107.96 -10.70
O1A CLA SJ . 17.06 -107.64 -9.56
O2A CLA SJ . 16.48 -108.53 -11.53
NB CLA SJ . 21.22 -105.71 -15.60
C1B CLA SJ . 21.58 -107.02 -15.66
C2B CLA SJ . 21.86 -107.45 -17.06
C3B CLA SJ . 21.61 -106.35 -17.84
C4B CLA SJ . 21.20 -105.24 -16.94
CMB CLA SJ . 22.24 -108.82 -17.38
CAB CLA SJ . 21.66 -106.17 -19.27
CBB CLA SJ . 22.65 -106.60 -20.06
NC CLA SJ . 20.72 -102.89 -15.11
C1C CLA SJ . 20.60 -102.89 -16.48
C2C CLA SJ . 20.15 -101.58 -16.95
C3C CLA SJ . 19.97 -100.80 -15.81
C4C CLA SJ . 20.35 -101.62 -14.67
CMC CLA SJ . 19.92 -101.24 -18.35
CAC CLA SJ . 19.53 -99.39 -15.78
CBC CLA SJ . 20.66 -98.46 -16.14
ND CLA SJ . 20.84 -103.40 -12.39
C1D CLA SJ . 20.52 -102.02 -12.26
C2D CLA SJ . 20.47 -101.68 -10.81
C3D CLA SJ . 20.62 -102.87 -10.13
C4D CLA SJ . 20.81 -103.91 -11.16
CMD CLA SJ . 20.23 -100.34 -10.30
CAD CLA SJ . 20.70 -103.51 -8.83
OBD CLA SJ . 20.71 -103.00 -7.71
CBD CLA SJ . 20.81 -105.05 -9.08
CGD CLA SJ . 21.97 -105.66 -8.34
O1D CLA SJ . 23.03 -106.11 -8.79
O2D CLA SJ . 21.78 -105.71 -6.99
CED CLA SJ . 22.77 -105.12 -6.15
C1 CLA SJ . 15.10 -108.29 -11.18
C2 CLA SJ . 14.29 -108.82 -12.31
C3 CLA SJ . 13.76 -110.05 -12.30
C4 CLA SJ . 13.94 -110.98 -11.16
C5 CLA SJ . 12.95 -110.56 -13.44
C6 CLA SJ . 13.03 -109.68 -14.68
C7 CLA SJ . 13.36 -110.50 -15.91
C8 CLA SJ . 12.33 -111.59 -16.16
MG CLA TJ . 21.09 -93.09 -14.06
CHA CLA TJ . 21.76 -92.91 -10.66
CHB CLA TJ . 18.31 -94.97 -13.37
CHC CLA TJ . 19.94 -92.57 -17.28
CHD CLA TJ . 23.58 -90.63 -14.60
NA CLA TJ . 20.21 -93.83 -12.31
C1A CLA TJ . 20.66 -93.64 -10.99
C2A CLA TJ . 19.74 -94.35 -10.00
C3A CLA TJ . 18.84 -95.22 -10.92
C4A CLA TJ . 19.11 -94.63 -12.30
CMA CLA TJ . 19.22 -96.68 -10.87
CAA CLA TJ . 18.94 -93.38 -9.15
CBA CLA TJ . 18.07 -92.43 -9.95
CGA CLA TJ . 18.69 -91.06 -9.96
O1A CLA TJ . 19.19 -90.46 -9.01
O2A CLA TJ . 18.67 -90.46 -11.18
NB CLA TJ . 19.46 -93.67 -15.12
C1B CLA TJ . 18.47 -94.49 -14.68
C2B CLA TJ . 17.54 -94.84 -15.79
C3B CLA TJ . 18.00 -94.16 -16.91
C4B CLA TJ . 19.22 -93.40 -16.48
CMB CLA TJ . 16.36 -95.68 -15.61
CAB CLA TJ . 17.48 -94.06 -18.25
CBB CLA TJ . 16.22 -93.70 -18.54
NC CLA TJ . 21.69 -91.86 -15.65
C1C CLA TJ . 21.11 -91.85 -16.90
C2C CLA TJ . 21.81 -90.94 -17.78
C3C CLA TJ . 22.81 -90.33 -17.01
C4C CLA TJ . 22.73 -90.93 -15.68
CMC CLA TJ . 21.46 -90.68 -19.19
CAC CLA TJ . 23.80 -89.33 -17.45
CBC CLA TJ . 23.47 -87.90 -17.07
ND CLA TJ . 22.40 -92.00 -12.97
C1D CLA TJ . 23.43 -91.11 -13.32
C2D CLA TJ . 24.26 -90.82 -12.13
C3D CLA TJ . 23.67 -91.50 -11.07
C4D CLA TJ . 22.51 -92.19 -11.65
CMD CLA TJ . 25.43 -89.96 -12.13
CAD CLA TJ . 23.74 -91.81 -9.66
OBD CLA TJ . 24.58 -91.47 -8.83
CBD CLA TJ . 22.48 -92.68 -9.34
CGD CLA TJ . 22.85 -93.99 -8.68
O1D CLA TJ . 23.40 -94.97 -9.18
O2D CLA TJ . 22.53 -94.06 -7.36
CED CLA TJ . 21.72 -95.14 -6.92
C1 CLA TJ . 19.87 -89.76 -11.62
C2 CLA TJ . 19.82 -89.74 -13.09
C3 CLA TJ . 19.11 -88.86 -13.82
C4 CLA TJ . 18.29 -87.79 -13.19
C5 CLA TJ . 19.11 -88.91 -15.31
C6 CLA TJ . 17.74 -89.17 -15.89
C7 CLA TJ . 17.76 -89.10 -17.40
C8 CLA TJ . 16.36 -88.97 -18.00
C9 CLA TJ . 15.45 -90.05 -17.45
C10 CLA TJ . 16.41 -89.03 -19.52
C11 CLA TJ . 17.16 -90.26 -20.00
C12 CLA TJ . 17.12 -90.38 -21.51
C13 CLA TJ . 17.66 -89.13 -22.18
C14 CLA TJ . 16.92 -88.86 -23.49
C15 CLA TJ . 19.16 -89.23 -22.44
C16 CLA TJ . 19.77 -87.86 -22.61
C17 CLA TJ . 20.64 -87.79 -23.85
C18 CLA TJ . 21.54 -86.56 -23.84
C19 CLA TJ . 22.83 -86.85 -23.09
C20 CLA TJ . 21.84 -86.11 -25.25
C03 II0 UJ . 26.53 -109.00 -16.25
C04 II0 UJ . 39.81 -103.23 -36.27
C05 II0 UJ . 26.09 -108.85 -14.81
C06 II0 UJ . 39.83 -104.13 -37.50
C07 II0 UJ . 26.40 -107.47 -14.24
C08 II0 UJ . 39.00 -103.54 -38.57
C09 II0 UJ . 26.33 -107.70 -17.04
C10 II0 UJ . 38.45 -102.59 -35.97
C11 II0 UJ . 25.66 -106.45 -15.08
C12 II0 UJ . 37.91 -102.55 -38.36
C13 II0 UJ . 25.60 -106.82 -16.57
C14 II0 UJ . 37.67 -102.14 -36.94
C15 II0 UJ . 28.00 -109.38 -16.30
C16 II0 UJ . 25.68 -110.11 -16.89
C17 II0 UJ . 41.04 -102.38 -36.55
C18 II0 UJ . 40.09 -104.24 -35.15
C19 II0 UJ . 25.03 -105.76 -17.50
C20 II0 UJ . 36.43 -101.52 -36.62
C21 II0 UJ . 26.54 -107.75 -18.54
C22 II0 UJ . 37.87 -102.80 -34.60
C23 II0 UJ . 26.71 -107.76 -19.76
C24 II0 UJ . 37.36 -102.96 -33.50
C25 II0 UJ . 26.91 -107.76 -21.17
C26 II0 UJ . 36.71 -103.22 -32.16
C27 II0 UJ . 25.82 -108.30 -22.09
C28 II0 UJ . 37.50 -102.39 -31.22
C29 II0 UJ . 28.04 -107.28 -21.66
C30 II0 UJ . 35.61 -104.04 -31.82
C31 II0 UJ . 28.29 -107.24 -23.08
C32 II0 UJ . 35.19 -104.09 -30.44
C33 II0 UJ . 29.01 -106.24 -23.57
C34 II0 UJ . 34.04 -104.67 -30.18
C35 II0 UJ . 29.30 -106.16 -24.99
C36 II0 UJ . 33.51 -104.78 -28.81
C37 II0 UJ . 28.28 -106.65 -26.02
C38 II0 UJ . 34.25 -104.18 -27.69
C39 II0 UJ . 30.47 -105.65 -25.37
C40 II0 UJ . 32.37 -105.42 -28.63
C41 II0 UJ . 30.65 -105.62 -26.87
C42 II0 UJ . 31.94 -105.46 -27.18
O01 II0 UJ . 25.93 -107.39 -12.89
O02 II0 UJ . 39.75 -103.42 -39.78
C03 II0 VJ . 33.49 -93.04 -17.66
C04 II0 VJ . 12.14 -96.74 -28.26
C05 II0 VJ . 34.75 -93.26 -16.84
C06 II0 VJ . 11.73 -95.61 -29.19
C07 II0 VJ . 34.88 -94.70 -16.40
C08 II0 VJ . 11.87 -96.06 -30.59
C09 II0 VJ . 33.41 -94.05 -18.79
C10 II0 VJ . 13.39 -97.53 -28.70
C11 II0 VJ . 34.87 -95.59 -17.65
C12 II0 VJ . 12.78 -97.13 -31.05
C13 II0 VJ . 34.25 -94.95 -18.88
C14 II0 VJ . 13.62 -97.76 -29.99
C15 II0 VJ . 32.26 -93.22 -16.78
C16 II0 VJ . 33.53 -91.63 -18.25
C17 II0 VJ . 10.79 -97.43 -28.08
C18 II0 VJ . 12.53 -95.97 -27.00
C19 II0 VJ . 34.21 -95.82 -20.13
C20 II0 VJ . 14.89 -98.28 -30.39
C21 II0 VJ . 32.58 -93.65 -20.00
C22 II0 VJ . 14.53 -97.58 -27.75
C23 II0 VJ . 31.87 -93.32 -20.95
C24 II0 VJ . 15.50 -97.58 -27.00
C25 II0 VJ . 31.03 -92.97 -22.03
C26 II0 VJ . 16.72 -97.49 -26.11
C27 II0 VJ . 31.46 -91.95 -23.08
C28 II0 VJ . 16.55 -98.59 -25.13
C29 II0 VJ . 29.84 -93.55 -22.09
C30 II0 VJ . 17.80 -96.59 -26.16
C31 II0 VJ . 28.85 -93.32 -23.11
C32 II0 VJ . 18.87 -96.66 -25.21
C33 II0 VJ . 27.69 -93.89 -22.89
C34 II0 VJ . 19.97 -96.02 -25.57
C35 II0 VJ . 26.56 -93.79 -23.81
C36 II0 VJ . 21.18 -95.96 -24.73
C37 II0 VJ . 26.68 -93.01 -25.13
C38 II0 VJ . 21.26 -96.70 -23.46
C39 II0 VJ . 25.44 -94.41 -23.47
C40 II0 VJ . 22.17 -95.21 -25.17
C41 II0 VJ . 24.32 -94.28 -24.49
C42 II0 VJ . 23.38 -95.18 -24.26
O01 II0 VJ . 36.13 -94.88 -15.72
O02 II0 VJ . 10.62 -95.95 -31.26
C03 II0 WJ . 17.62 -98.49 -6.25
C04 II0 WJ . 19.72 -106.94 -28.88
C05 II0 WJ . 17.70 -97.69 -4.94
C06 II0 WJ . 19.80 -106.51 -30.34
C07 II0 WJ . 16.43 -97.09 -4.33
C08 II0 WJ . 18.50 -106.57 -31.00
C09 II0 WJ . 16.29 -98.33 -6.97
C10 II0 WJ . 18.33 -106.98 -28.21
C11 II0 WJ . 15.20 -97.14 -5.23
C12 II0 WJ . 17.19 -106.44 -30.31
C13 II0 WJ . 15.28 -98.24 -6.29
C14 II0 WJ . 17.22 -106.63 -28.85
C15 II0 WJ . 18.73 -98.00 -7.17
C16 II0 WJ . 17.85 -99.96 -5.91
C17 II0 WJ . 20.79 -106.05 -28.30
C18 II0 WJ . 20.16 -108.40 -28.96
C19 II0 WJ . 13.99 -98.90 -6.75
C20 II0 WJ . 15.98 -106.59 -28.13
C21 II0 WJ . 16.20 -98.41 -8.48
C22 II0 WJ . 18.37 -106.85 -26.72
C23 II0 WJ . 16.10 -98.49 -9.69
C24 II0 WJ . 18.39 -106.70 -25.51
C25 II0 WJ . 15.93 -98.60 -11.11
C26 II0 WJ . 18.40 -106.49 -24.01
C27 II0 WJ . 15.15 -97.55 -11.87
C28 II0 WJ . 19.84 -106.59 -23.66
C29 II0 WJ . 16.47 -99.63 -11.75
C30 II0 WJ . 17.37 -106.24 -23.10
C31 II0 WJ . 16.30 -99.77 -13.17
C32 II0 WJ . 17.69 -106.06 -21.71
C33 II0 WJ . 16.44 -100.98 -13.71
C34 II0 WJ . 17.02 -105.12 -21.08
C35 II0 WJ . 16.26 -101.16 -15.14
C36 II0 WJ . 17.20 -104.80 -19.65
C37 II0 WJ . 15.37 -100.17 -15.92
C38 II0 WJ . 17.81 -105.78 -18.73
C39 II0 WJ . 16.86 -102.16 -15.75
C40 II0 WJ . 16.81 -103.61 -19.25
C41 II0 WJ . 16.58 -102.23 -17.24
C42 II0 WJ . 17.02 -103.36 -17.77
O01 II0 WJ . 16.12 -97.78 -3.11
O02 II0 WJ . 18.57 -106.02 -32.33
C03 II0 XJ . 52.75 -87.61 -16.44
C04 II0 XJ . 33.76 -91.20 -31.34
C05 II0 XJ . 53.20 -86.96 -15.13
C06 II0 XJ . 33.52 -91.08 -32.85
C07 II0 XJ . 52.35 -87.25 -13.89
C08 II0 XJ . 33.19 -92.37 -33.45
C09 II0 XJ . 51.24 -87.80 -16.53
C10 II0 XJ . 34.21 -92.57 -30.85
C11 II0 XJ . 50.90 -87.03 -14.27
C12 II0 XJ . 33.13 -93.68 -32.73
C13 II0 XJ . 50.55 -87.86 -15.51
C14 II0 XJ . 33.75 -93.70 -31.39
C15 II0 XJ . 53.18 -86.73 -17.61
C16 II0 XJ . 53.44 -88.96 -16.56
C17 II0 XJ . 32.47 -90.58 -30.82
C18 II0 XJ . 34.96 -90.28 -31.15
C19 II0 XJ . 49.11 -88.35 -15.60
C20 II0 XJ . 33.75 -94.91 -30.64
C21 II0 XJ . 50.60 -88.15 -17.86
C22 II0 XJ . 35.06 -92.58 -29.61
C23 II0 XJ . 50.02 -88.47 -18.90
C24 II0 XJ . 35.77 -92.54 -28.62
C25 II0 XJ . 49.41 -88.82 -20.14
C26 II0 XJ . 36.73 -92.44 -27.44
C27 II0 XJ . 49.89 -88.20 -21.46
C28 II0 XJ . 35.84 -92.64 -26.26
C29 II0 XJ . 48.41 -89.68 -20.12
C30 II0 XJ . 38.12 -92.22 -27.41
C31 II0 XJ . 47.72 -90.08 -21.31
C32 II0 XJ . 38.82 -92.15 -26.14
C33 II0 XJ . 46.89 -91.10 -21.30
C34 II0 XJ . 40.06 -91.69 -26.20
C35 II0 XJ . 46.21 -91.42 -22.56
C36 II0 XJ . 40.94 -91.53 -25.03
C37 II0 XJ . 47.01 -91.96 -23.75
C38 II0 XJ . 40.42 -91.73 -23.66
C39 II0 XJ . 44.91 -91.20 -22.62
C40 II0 XJ . 42.20 -91.21 -25.26
C41 II0 XJ . 44.28 -91.51 -23.97
C42 II0 XJ . 43.05 -91.04 -24.00
O01 II0 XJ . 52.50 -88.61 -13.43
O02 II0 XJ . 32.24 -92.20 -34.51
C10 WVN YJ . 12.17 -105.99 -24.89
C11 WVN YJ . 29.03 -90.92 -16.84
C12 WVN YJ . 12.98 -105.95 -26.18
C13 WVN YJ . 13.65 -104.06 -24.28
C14 WVN YJ . 13.20 -104.51 -26.64
C01 WVN YJ . 30.03 -90.33 -14.55
C02 WVN YJ . 29.84 -89.89 -16.02
C03 WVN YJ . 29.94 -89.16 -13.57
C04 WVN YJ . 28.63 -88.41 -13.73
C05 WVN YJ . 29.21 -88.48 -16.13
C06 WVN YJ . 12.95 -105.33 -23.76
C07 WVN YJ . 31.44 -90.88 -14.44
C08 WVN YJ . 29.06 -91.42 -14.09
C09 WVN YJ . 28.43 -87.99 -15.18
C15 WVN YJ . 13.33 -103.55 -25.45
C16 WVN YJ . 29.84 -87.50 -17.12
C17 WVN YJ . 14.01 -106.33 -23.31
C18 WVN YJ . 12.00 -105.03 -22.61
C19 WVN YJ . 27.85 -90.67 -17.39
C20 WVN YJ . 13.79 -102.96 -23.22
C21 WVN YJ . 13.17 -102.05 -25.73
C22 WVN YJ . 27.17 -91.78 -18.20
C23 WVN YJ . 14.97 -102.70 -22.69
C24 WVN YJ . 27.92 -92.30 -19.42
C25 WVN YJ . 15.15 -101.59 -21.64
C26 WVN YJ . 26.00 -92.25 -17.85
C27 WVN YJ . 13.96 -101.09 -20.82
C28 WVN YJ . 16.35 -101.10 -21.50
C29 WVN YJ . 25.32 -93.37 -18.65
C30 WVN YJ . 16.72 -99.99 -20.51
C31 WVN YJ . 24.03 -93.59 -18.51
C32 WVN YJ . 23.31 -94.67 -19.30
C33 WVN YJ . 17.76 -99.26 -20.84
C34 WVN YJ . 18.30 -98.13 -19.95
C35 WVN YJ . 23.99 -95.29 -20.52
C36 WVN YJ . 22.10 -95.08 -18.94
C37 WVN YJ . 19.45 -97.58 -20.27
C38 WVN YJ . 17.50 -97.70 -18.73
C39 WVN YJ . 21.37 -96.17 -19.70
C40 WVN YJ . 20.11 -96.47 -19.46
O1 LHG ZJ . 15.28 -114.01 -32.25
C1 LHG ZJ . 15.63 -114.42 -33.57
C2 LHG ZJ . 15.75 -113.18 -34.47
O2 LHG ZJ . 16.13 -113.59 -35.79
C3 LHG ZJ . 16.80 -112.25 -33.89
O3 LHG ZJ . 16.59 -112.13 -32.49
P LHG ZJ . 17.41 -111.05 -31.61
O4 LHG ZJ . 18.84 -111.52 -31.48
O5 LHG ZJ . 17.10 -109.67 -32.14
O6 LHG ZJ . 16.69 -111.21 -30.18
C4 LHG ZJ . 16.88 -110.25 -29.15
C5 LHG ZJ . 15.98 -110.62 -27.97
C6 LHG ZJ . 16.78 -110.53 -26.68
O7 LHG ZJ . 14.89 -109.69 -27.88
C7 LHG ZJ . 13.67 -110.19 -28.47
O9 LHG ZJ . 13.72 -111.05 -29.34
C8 LHG ZJ . 12.33 -109.66 -28.00
C9 LHG ZJ . 11.82 -110.52 -26.85
C10 LHG ZJ . 10.82 -109.77 -25.99
O8 LHG ZJ . 15.89 -110.69 -25.57
C23 LHG ZJ . 16.32 -110.36 -24.23
O10 LHG ZJ . 17.41 -109.82 -24.08
C24 LHG ZJ . 15.45 -110.68 -23.05
C11 LHG ZJ . 9.82 -108.98 -26.83
C12 LHG ZJ . 8.71 -108.39 -25.96
C13 LHG ZJ . 7.77 -109.49 -25.47
C14 LHG ZJ . 6.50 -108.89 -24.88
C15 LHG ZJ . 6.79 -108.19 -23.56
C16 LHG ZJ . 5.50 -107.75 -22.87
C17 LHG ZJ . 4.49 -108.89 -22.83
C18 LHG ZJ . 3.63 -108.83 -21.57
C19 LHG ZJ . 2.30 -109.53 -21.77
C20 LHG ZJ . 1.42 -108.74 -22.72
C21 LHG ZJ . 1.19 -107.32 -22.21
C22 LHG ZJ . 0.35 -106.51 -23.17
C25 LHG ZJ . 16.25 -110.49 -21.76
C26 LHG ZJ . 15.39 -110.75 -20.53
C27 LHG ZJ . 14.37 -109.63 -20.34
C28 LHG ZJ . 15.06 -108.29 -20.13
C29 LHG ZJ . 14.07 -107.24 -19.63
MG CLA AK . -8.01 89.00 21.91
CHA CLA AK . -8.42 90.78 24.87
CHB CLA AK . -10.86 87.22 22.66
CHC CLA AK . -8.23 87.96 18.64
CHD CLA AK . -5.60 91.41 20.94
NA CLA AK . -9.36 88.97 23.52
C1A CLA AK . -9.35 89.79 24.66
C2A CLA AK . -10.52 89.44 25.58
C3A CLA AK . -11.05 88.13 24.99
C4A CLA AK . -10.39 88.09 23.61
CMA CLA AK . -10.66 86.93 25.81
CAA CLA AK . -11.57 90.54 25.54
CBA CLA AK . -12.23 90.77 24.20
CGA CLA AK . -11.42 91.70 23.34
O1A CLA AK . -10.84 92.74 23.67
O2A CLA AK . -11.30 91.29 22.05
NB CLA AK . -9.30 87.85 20.87
C1B CLA AK . -10.33 87.13 21.37
C2B CLA AK . -10.87 86.20 20.34
C3B CLA AK . -10.14 86.39 19.21
C4B CLA AK . -9.13 87.45 19.52
CMB CLA AK . -12.00 85.29 20.59
CAB CLA AK . -10.24 85.79 17.91
CBB CLA AK . -9.62 84.67 17.53
NC CLA AK . -7.04 89.54 20.14
C1C CLA AK . -7.25 88.95 18.93
C2C CLA AK . -6.37 89.51 17.93
C3C CLA AK . -5.66 90.54 18.54
C4C CLA AK . -6.09 90.54 19.95
CMC CLA AK . -6.33 89.08 16.53
CAC CLA AK . -4.63 91.40 17.93
CBC CLA AK . -5.02 92.85 17.88
ND CLA AK . -7.11 90.63 22.70
C1D CLA AK . -6.09 91.49 22.22
C2D CLA AK . -5.66 92.40 23.29
C3D CLA AK . -6.53 92.18 24.35
C4D CLA AK . -7.43 91.09 23.90
CMD CLA AK . -4.56 93.35 23.18
CAD CLA AK . -6.89 92.52 25.70
OBD CLA AK . -6.35 93.29 26.49
CBD CLA AK . -8.18 91.70 26.04
CGD CLA AK . -8.05 90.96 27.35
O1D CLA AK . -7.32 89.99 27.58
O2D CLA AK . -8.86 91.44 28.34
CED CLA AK . -8.36 91.41 29.67
C1 CLA AK . -10.09 91.69 21.39
C2 CLA AK . -10.13 91.34 19.95
C3 CLA AK . -10.78 92.08 19.04
C4 CLA AK . -11.53 93.30 19.40
C5 CLA AK . -10.77 91.69 17.59
C6 CLA AK . -9.41 91.74 16.94
C7 CLA AK . -8.63 93.01 17.24
C8 CLA AK . -8.71 94.04 16.13
C9 CLA AK . -7.54 93.87 15.17
C10 CLA AK . -8.73 95.46 16.69
C11 CLA AK . -10.13 96.03 16.71
C12 CLA AK . -10.63 96.31 15.30
C13 CLA AK . -12.11 95.99 15.13
C14 CLA AK . -12.48 94.70 15.85
C15 CLA AK . -12.47 95.90 13.64
C16 CLA AK . -13.44 94.78 13.32
C17 CLA AK . -13.03 94.04 12.07
C18 CLA AK . -13.74 92.69 11.95
C19 CLA AK . -14.35 92.49 10.59
C20 CLA AK . -12.80 91.56 12.28
MG CLA BK . 28.17 39.51 -15.84
CHA CLA BK . 30.74 40.39 -18.00
CHB CLA BK . 26.63 37.86 -18.43
CHC CLA BK . 26.07 37.98 -13.60
CHD CLA BK . 30.21 40.56 -13.13
NA CLA BK . 28.62 39.20 -17.86
C1A CLA BK . 29.74 39.65 -18.58
C2A CLA BK . 29.69 39.21 -20.03
C3A CLA BK . 28.28 38.58 -20.17
C4A CLA BK . 27.79 38.52 -18.72
CMA CLA BK . 27.37 39.39 -21.04
CAA CLA BK . 30.77 38.18 -20.32
CBA CLA BK . 31.01 38.00 -21.80
CGA CLA BK . 31.35 39.31 -22.45
O1A CLA BK . 30.61 40.03 -23.12
O2A CLA BK . 32.65 39.69 -22.24
NB CLA BK . 26.71 38.12 -15.98
C1B CLA BK . 26.09 37.76 -17.14
C2B CLA BK . 24.73 37.23 -16.87
C3B CLA BK . 24.56 37.25 -15.51
C4B CLA BK . 25.81 37.81 -14.93
CMB CLA BK . 23.82 36.76 -17.92
CAB CLA BK . 23.44 36.83 -14.70
CBB CLA BK . 22.41 37.62 -14.38
NC CLA BK . 28.13 39.34 -13.76
C1C CLA BK . 27.15 38.70 -13.05
C2C CLA BK . 27.40 38.82 -11.62
C3C CLA BK . 28.61 39.50 -11.48
C4C CLA BK . 29.05 39.83 -12.83
CMC CLA BK . 26.54 38.26 -10.58
CAC CLA BK . 29.28 39.87 -10.23
CBC CLA BK . 30.33 38.88 -9.81
ND CLA BK . 29.98 40.36 -15.56
C1D CLA BK . 30.66 40.80 -14.41
C2D CLA BK . 31.88 41.55 -14.81
C3D CLA BK . 31.91 41.47 -16.19
C4D CLA BK . 30.75 40.67 -16.60
CMD CLA BK . 32.78 42.23 -13.89
CAD CLA BK . 32.62 41.85 -17.40
OBD CLA BK . 33.53 42.65 -17.52
CBD CLA BK . 31.97 41.06 -18.57
CGD CLA BK . 31.69 41.97 -19.75
O1D CLA BK . 32.52 42.37 -20.57
O2D CLA BK . 30.40 42.38 -19.87
CED CLA BK . 29.98 42.97 -21.11
C1 LMG CK . 19.97 97.66 -8.37
O1 LMG CK . 20.64 96.41 -8.50
C2 LMG CK . 20.82 98.58 -7.49
O2 LMG CK . 20.91 98.02 -6.17
C3 LMG CK . 20.21 99.97 -7.42
O3 LMG CK . 21.12 100.85 -6.74
C4 LMG CK . 19.93 100.51 -8.81
O4 LMG CK . 21.17 100.72 -9.50
C5 LMG CK . 19.09 99.51 -9.59
O5 LMG CK . 17.59 99.45 -11.48
C6 LMG CK . 18.79 100.04 -10.99
O6 LMG CK . 19.76 98.26 -9.65
C7 LMG CK . 19.77 95.36 -8.91
C8 LMG CK . 20.22 94.07 -8.22
C9 LMG CK . 21.39 93.44 -8.97
O7 LMG CK . 20.66 94.41 -6.91
C10 LMG CK . 19.76 93.90 -5.88
O9 LMG CK . 18.99 93.00 -6.15
C11 LMG CK . 19.78 94.52 -4.51
C12 LMG CK . 18.98 93.64 -3.56
C13 LMG CK . 18.30 94.48 -2.48
C14 LMG CK . 17.23 95.39 -3.08
C15 LMG CK . 16.07 95.57 -2.13
C16 LMG CK . 15.51 94.21 -1.70
C17 LMG CK . 14.24 94.38 -0.87
C18 LMG CK . 13.77 93.04 -0.32
O8 LMG CK . 21.98 92.48 -8.10
C28 LMG CK . 23.01 91.57 -8.56
O10 LMG CK . 23.29 91.54 -9.75
C29 LMG CK . 23.75 90.70 -7.57
C30 LMG CK . 22.79 89.67 -7.00
C31 LMG CK . 22.72 89.75 -5.48
C32 LMG CK . 21.65 90.73 -5.02
C33 LMG CK . 21.72 90.98 -3.52
C34 LMG CK . 21.54 89.69 -2.74
C35 LMG CK . 20.10 89.54 -2.22
C36 LMG CK . 19.70 90.74 -1.38
C37 LMG CK . 18.68 90.37 -0.31
C38 LMG CK . 17.42 89.77 -0.92
C39 LMG CK . 16.32 89.64 0.13
MG CLA DK . -91.12 4.80 6.81
CHA CLA DK . -92.11 1.46 6.81
CHB CLA DK . -94.28 5.72 5.89
CHC CLA DK . -89.99 7.98 6.15
CHD CLA DK . -87.74 3.71 7.09
NA CLA DK . -92.90 3.75 6.45
C1A CLA DK . -93.12 2.35 6.51
C2A CLA DK . -94.59 2.02 6.20
C3A CLA DK . -95.25 3.40 6.02
C4A CLA DK . -94.08 4.37 6.13
CMA CLA DK . -95.97 3.52 4.70
CAA CLA DK . -95.27 1.32 7.36
CBA CLA DK . -95.95 0.04 6.94
CGA CLA DK . -96.13 -0.85 8.14
O1A CLA DK . -97.10 -0.94 8.90
O2A CLA DK . -95.04 -1.64 8.38
NB CLA DK . -91.96 6.49 6.09
C1B CLA DK . -93.30 6.70 5.94
C2B CLA DK . -93.58 8.16 5.82
C3B CLA DK . -92.36 8.81 5.89
C4B CLA DK . -91.32 7.75 6.06
CMB CLA DK . -94.92 8.70 5.63
CAB CLA DK . -92.06 10.21 5.81
CBB CLA DK . -92.03 11.04 6.85
NC CLA DK . -89.22 5.67 6.69
C1C CLA DK . -88.99 7.00 6.45
C2C CLA DK . -87.57 7.30 6.50
C3C CLA DK . -86.93 6.08 6.70
C4C CLA DK . -87.97 5.06 6.84
CMC CLA DK . -86.99 8.62 6.30
CAC CLA DK . -85.47 5.84 6.84
CBC CLA DK . -84.76 5.76 5.51
ND CLA DK . -90.11 3.05 7.00
C1D CLA DK . -88.73 2.75 7.18
C2D CLA DK . -88.58 1.30 7.42
C3D CLA DK . -89.85 0.76 7.31
C4D CLA DK . -90.76 1.89 7.02
CMD CLA DK . -87.31 0.63 7.71
CAD CLA DK . -90.66 -0.45 7.38
OBD CLA DK . -90.32 -1.59 7.69
CBD CLA DK . -92.10 -0.04 6.97
CGD CLA DK . -92.54 -0.73 5.70
O1D CLA DK . -92.64 -0.23 4.57
O2D CLA DK . -92.87 -2.04 5.86
CED CLA DK . -93.80 -2.61 4.93
MG CLA EK . -81.59 -6.30 4.90
CHA CLA EK . -82.91 -4.98 1.98
CHB CLA EK . -78.81 -7.31 3.14
CHC CLA EK . -79.94 -6.91 7.86
CHD CLA EK . -84.17 -4.68 6.72
NA CLA EK . -80.98 -6.16 2.90
C1A CLA EK . -81.69 -5.58 1.84
C2A CLA EK . -80.91 -5.72 0.52
C3A CLA EK . -79.76 -6.68 0.89
C4A CLA EK . -79.83 -6.73 2.42
CMA CLA EK . -79.96 -8.04 0.29
CAA CLA EK . -80.40 -4.37 0.02
CBA CLA EK . -79.61 -3.62 1.06
CGA CLA EK . -78.15 -3.76 0.79
O1A CLA EK . -77.58 -3.99 -0.28
O2A CLA EK . -77.39 -3.65 1.92
NB CLA EK . -79.74 -6.94 5.39
C1B CLA EK . -78.79 -7.42 4.54
C2B CLA EK . -77.69 -8.10 5.29
C3B CLA EK . -78.01 -7.99 6.63
C4B CLA EK . -79.31 -7.26 6.72
CMB CLA EK . -76.54 -8.70 4.63
CAB CLA EK . -77.31 -8.43 7.80
CBB CLA EK . -76.02 -8.22 8.08
NC CLA EK . -82.00 -5.89 6.92
C1C CLA EK . -81.21 -6.27 7.96
C2C CLA EK . -81.83 -5.90 9.23
C3C CLA EK . -82.99 -5.21 8.90
C4C CLA EK . -83.11 -5.23 7.45
CMC CLA EK . -81.27 -6.16 10.56
CAC CLA EK . -83.97 -4.62 9.83
CBC CLA EK . -83.76 -3.14 10.00
ND CLA EK . -83.18 -5.11 4.52
C1D CLA EK . -84.22 -4.61 5.34
C2D CLA EK . -85.29 -4.04 4.49
C3D CLA EK . -84.84 -4.17 3.19
C4D CLA EK . -83.51 -4.82 3.27
CMD CLA EK . -86.53 -3.47 4.99
CAD CLA EK . -85.13 -3.93 1.78
OBD CLA EK . -86.13 -3.45 1.26
CBD CLA EK . -83.88 -4.41 0.98
CGD CLA EK . -84.27 -5.46 -0.03
O1D CLA EK . -85.10 -6.37 0.09
O2D CLA EK . -83.59 -5.37 -1.22
CED CLA EK . -83.52 -6.55 -2.03
C1 CLA EK . -76.51 -4.76 2.22
C2 CLA EK . -76.15 -4.64 3.65
C3 CLA EK . -74.92 -4.35 4.07
C4 CLA EK . -73.80 -4.10 3.13
C5 CLA EK . -74.61 -4.24 5.53
C6 CLA EK . -73.86 -2.97 5.86
C7 CLA EK . -73.85 -2.71 7.35
C8 CLA EK . -73.07 -1.45 7.70
C9 CLA EK . -71.65 -1.53 7.15
C10 CLA EK . -73.04 -1.21 9.20
C11 CLA EK . -74.42 -1.03 9.77
C12 CLA EK . -74.40 -0.89 11.27
C13 CLA EK . -75.71 -0.32 11.81
C14 CLA EK . -76.08 0.96 11.11
C15 CLA EK . -75.63 -0.09 13.32
MG CLA FK . -72.08 -9.97 9.67
CHA CLA FK . -70.54 -10.47 6.60
CHB CLA FK . -72.97 -6.80 8.63
CHC CLA FK . -72.91 -9.11 12.91
CHD CLA FK . -70.39 -12.83 10.92
NA CLA FK . -71.84 -8.87 7.90
C1A CLA FK . -71.18 -9.26 6.71
C2A CLA FK . -71.25 -8.16 5.65
C3A CLA FK . -72.10 -7.06 6.31
C4A CLA FK . -72.34 -7.61 7.71
CMA CLA FK . -71.38 -5.73 6.36
CAA CLA FK . -71.96 -8.64 4.40
CBA CLA FK . -72.29 -7.51 3.45
CGA CLA FK . -72.08 -7.93 2.03
O1A CLA FK . -72.88 -8.47 1.28
O2A CLA FK . -70.81 -7.67 1.57
NB CLA FK . -72.85 -8.33 10.56
C1B CLA FK . -73.21 -7.16 9.96
C2B CLA FK . -73.90 -6.27 10.92
C3B CLA FK . -73.88 -6.91 12.14
C4B CLA FK . -73.19 -8.21 11.93
CMB CLA FK . -74.35 -4.92 10.55
CAB CLA FK . -74.32 -6.47 13.44
CBB CLA FK . -73.93 -5.33 14.02
NC CLA FK . -71.76 -10.84 11.55
C1C CLA FK . -72.24 -10.35 12.74
C2C CLA FK . -71.92 -11.25 13.84
C3C CLA FK . -71.13 -12.27 13.29
C4C CLA FK . -71.06 -12.01 11.86
CMC CLA FK . -72.30 -11.03 15.23
CAC CLA FK . -70.56 -13.41 14.02
CBC CLA FK . -71.62 -14.47 14.31
ND CLA FK . -70.76 -11.35 9.00
C1D CLA FK . -70.23 -12.53 9.59
C2D CLA FK . -69.53 -13.32 8.55
C3D CLA FK . -69.63 -12.59 7.39
C4D CLA FK . -70.38 -11.36 7.72
CMD CLA FK . -68.89 -14.62 8.79
CAD CLA FK . -69.30 -12.53 5.98
OBD CLA FK . -68.72 -13.35 5.27
CBD CLA FK . -69.84 -11.17 5.44
CGD CLA FK . -68.74 -10.33 4.82
O1D CLA FK . -67.95 -9.59 5.42
O2D CLA FK . -68.65 -10.43 3.46
CED CLA FK . -67.73 -9.56 2.82
C1 CLA FK . -70.40 -6.29 1.55
C2 CLA FK . -69.18 -6.18 2.39
C3 CLA FK . -68.90 -5.10 3.13
C4 CLA FK . -69.79 -3.92 3.16
C5 CLA FK . -67.66 -5.03 3.97
C6 CLA FK . -66.60 -6.04 3.57
C7 CLA FK . -65.72 -6.38 4.76
C8 CLA FK . -64.83 -5.23 5.21
C9 CLA FK . -63.92 -4.78 4.08
C10 CLA FK . -64.01 -5.61 6.43
C11 CLA FK . -62.95 -6.63 6.11
C12 CLA FK . -61.88 -6.69 7.19
C13 CLA FK . -60.83 -7.76 6.89
C14 CLA FK . -60.13 -7.45 5.58
C15 CLA FK . -61.45 -9.15 6.85
MG CLA GK . -77.89 -23.32 22.83
CHA CLA GK . -76.75 -24.94 25.69
CHB CLA GK . -74.63 -22.69 21.95
CHC CLA GK . -78.90 -22.51 19.64
CHD CLA GK . -81.13 -24.61 23.50
NA CLA GK . -76.02 -23.74 23.69
C1A CLA GK . -75.77 -24.43 24.89
C2A CLA GK . -74.26 -24.51 25.17
C3A CLA GK . -73.65 -23.61 24.06
C4A CLA GK . -74.83 -23.33 23.15
CMA CLA GK . -73.06 -22.34 24.62
CAA CLA GK . -73.77 -25.94 25.06
CBA CLA GK . -74.12 -26.59 23.73
CGA CLA GK . -75.34 -27.45 23.85
O1A CLA GK . -75.52 -28.43 24.56
O2A CLA GK . -76.35 -27.04 23.02
NB CLA GK . -76.95 -22.78 21.12
C1B CLA GK . -75.65 -22.39 21.03
C2B CLA GK . -75.41 -21.61 19.78
C3B CLA GK . -76.62 -21.54 19.13
C4B CLA GK . -77.60 -22.29 19.97
CMB CLA GK . -74.10 -21.08 19.43
CAB CLA GK . -77.00 -20.95 17.86
CBB CLA GK . -76.57 -19.79 17.37
NC CLA GK . -79.69 -23.51 21.78
C1C CLA GK . -79.89 -23.09 20.49
C2C CLA GK . -81.26 -23.33 20.09
C3C CLA GK . -81.89 -23.96 21.17
C4C CLA GK . -80.90 -24.05 22.24
CMC CLA GK . -81.82 -22.99 18.78
CAC CLA GK . -83.29 -24.40 21.24
CBC CLA GK . -83.45 -25.88 21.00
ND CLA GK . -78.80 -24.45 24.24
C1D CLA GK . -80.16 -24.81 24.46
C2D CLA GK . -80.30 -25.41 25.81
C3D CLA GK . -79.02 -25.47 26.33
C4D CLA GK . -78.12 -24.90 25.30
CMD CLA GK . -81.55 -25.84 26.42
CAD CLA GK . -78.20 -25.85 27.46
OBD CLA GK . -78.55 -26.28 28.56
CBD CLA GK . -76.71 -25.59 27.06
CGD CLA GK . -75.99 -24.74 28.07
O1D CLA GK . -74.77 -24.70 28.27
O2D CLA GK . -76.81 -23.95 28.82
CED CLA GK . -76.23 -23.30 29.96
C1 CLA GK . -77.60 -27.75 23.12
C2 CLA GK . -78.51 -27.17 22.09
C3 CLA GK . -79.23 -27.93 21.25
C4 CLA GK . -79.17 -29.41 21.27
C5 CLA GK . -80.12 -27.30 20.23
C6 CLA GK . -79.52 -27.27 18.84
C7 CLA GK . -80.55 -27.63 17.79
C8 CLA GK . -80.87 -26.46 16.87
C9 CLA GK . -82.30 -26.56 16.36
C10 CLA GK . -79.89 -26.37 15.71
C11 CLA GK . -80.20 -27.34 14.60
C12 CLA GK . -79.75 -26.81 13.25
C13 CLA GK . -80.29 -27.68 12.11
C14 CLA GK . -81.80 -27.73 12.13
NB KC2 HK . -74.17 -32.57 28.99
ND KC2 HK . -76.75 -35.65 29.67
C1A KC2 HK . -74.58 -35.55 32.16
C1B KC2 HK . -73.11 -32.22 29.74
C1C KC2 HK . -76.37 -32.44 26.85
C1D KC2 HK . -77.87 -36.09 29.04
C2A KC2 HK . -73.63 -35.48 33.29
C2B KC2 HK . -72.51 -30.95 29.29
C2C KC2 HK . -77.47 -32.43 25.88
C2D KC2 HK . -78.52 -37.14 29.88
C3A KC2 HK . -72.72 -34.39 32.86
C3B KC2 HK . -73.33 -30.54 28.15
C3C KC2 HK . -78.26 -33.62 26.18
C3D KC2 HK . -77.65 -37.27 31.07
C4A KC2 HK . -73.23 -33.95 31.52
C4B KC2 HK . -74.33 -31.62 28.04
C4C KC2 HK . -77.52 -34.23 27.32
C4D KC2 HK . -76.58 -36.35 30.90
CAA KC2 HK . -73.59 -36.26 34.56
CAB KC2 HK . -73.32 -29.38 27.23
CAC KC2 HK . -79.51 -34.02 25.44
CAD KC2 HK . -77.47 -38.00 32.37
CBA KC2 HK . -72.54 -36.77 35.21
CBB KC2 HK . -72.54 -29.42 26.16
CBC KC2 HK . -79.13 -34.76 24.18
CBD KC2 HK . -76.49 -37.20 33.10
CED KC2 HK . -79.54 -35.64 34.58
CGA KC2 HK . -72.27 -36.20 36.53
CGD KC2 HK . -77.20 -36.26 34.01
CHA KC2 HK . -75.70 -36.47 32.07
CHB KC2 HK . -72.47 -32.87 30.89
CHC KC2 HK . -75.30 -31.45 26.95
CHD KC2 HK . -78.21 -35.48 27.74
CMA KC2 HK . -71.52 -33.81 33.58
CMB KC2 HK . -71.33 -30.20 29.85
CMC KC2 HK . -77.70 -31.37 24.83
CMD KC2 HK . -79.78 -37.76 29.38
NA KC2 HK . -74.32 -34.61 31.06
NC KC2 HK . -76.30 -33.45 27.72
O1A KC2 HK . -71.22 -35.52 36.69
O1D KC2 HK . -76.77 -35.94 35.11
O2A KC2 HK . -72.98 -36.61 37.49
O2D KC2 HK . -78.50 -35.77 33.60
OBD KC2 HK . -78.40 -38.86 32.63
MG KC2 HK . -75.27 -34.28 29.26
MG CLA IK . -69.58 -34.15 19.38
CHA CLA IK . -69.02 -33.65 22.77
CHB CLA IK . -67.80 -37.10 19.59
CHC CLA IK . -70.91 -35.16 16.37
CHD CLA IK . -71.88 -31.44 19.43
NA CLA IK . -68.56 -35.15 20.91
C1A CLA IK . -68.43 -34.78 22.26
C2A CLA IK . -67.58 -35.77 23.03
C3A CLA IK . -66.92 -36.60 21.91
C4A CLA IK . -67.83 -36.29 20.71
CMA CLA IK . -65.48 -36.21 21.67
CAA CLA IK . -68.45 -36.64 23.92
CBA CLA IK . -67.65 -37.27 25.04
CGA CLA IK . -68.37 -38.45 25.59
O1A CLA IK . -68.20 -39.04 26.67
O2A CLA IK . -69.34 -38.94 24.76
NB CLA IK . -69.35 -35.77 18.20
C1B CLA IK . -68.60 -36.87 18.46
C2B CLA IK . -68.74 -37.86 17.35
C3B CLA IK . -69.60 -37.32 16.44
C4B CLA IK . -70.02 -35.99 16.97
CMB CLA IK . -68.06 -39.16 17.35
CAB CLA IK . -70.13 -37.86 15.22
CBB CLA IK . -70.92 -38.93 15.14
NC CLA IK . -71.07 -33.39 18.12
C1C CLA IK . -71.41 -33.94 16.90
C2C CLA IK . -72.42 -33.12 16.25
C3C CLA IK . -72.76 -32.11 17.15
C4C CLA IK . -71.88 -32.27 18.31
CMC CLA IK . -73.01 -33.41 14.94
CAC CLA IK . -73.73 -31.02 16.94
CBC CLA IK . -73.21 -29.90 16.09
ND CLA IK . -70.32 -32.83 20.72
C1D CLA IK . -71.16 -31.69 20.59
C2D CLA IK . -71.14 -30.91 21.84
C3D CLA IK . -70.36 -31.64 22.73
C4D CLA IK . -69.87 -32.82 21.98
CMD CLA IK . -71.87 -29.67 22.06
CAD CLA IK . -69.81 -31.71 24.06
OBD CLA IK . -69.97 -30.96 25.02
CBD CLA IK . -68.93 -33.00 24.14
CGD CLA IK . -67.52 -32.64 24.51
O1D CLA IK . -66.81 -31.76 24.00
O2D CLA IK . -67.01 -33.38 25.54
CED CLA IK . -66.27 -32.69 26.55
C1 CLA IK . -70.38 -39.73 25.36
C2 CLA IK . -71.64 -39.43 24.63
C3 CLA IK . -72.81 -40.03 24.91
C4 CLA IK . -72.94 -41.04 25.98
C5 CLA IK . -74.04 -39.70 24.14
MG CLA JK . -66.23 -17.64 19.96
CHA CLA JK . -62.83 -18.23 20.50
CHB CLA JK . -65.56 -14.27 19.98
CHC CLA JK . -69.24 -17.03 18.41
CHD CLA JK . -66.57 -21.07 19.07
NA CLA JK . -64.51 -16.47 20.25
C1A CLA JK . -63.19 -16.90 20.46
C2A CLA JK . -62.23 -15.73 20.65
C3A CLA JK . -63.20 -14.53 20.82
C4A CLA JK . -64.53 -15.11 20.30
CMA CLA JK . -63.31 -14.07 22.25
CAA CLA JK . -61.28 -15.56 19.47
CBA CLA JK . -61.96 -15.87 18.15
CGA CLA JK . -60.99 -15.74 17.01
NB CLA JK . -67.24 -15.98 19.40
C1B CLA JK . -66.79 -14.70 19.49
C2B CLA JK . -67.83 -13.76 18.98
C3B CLA JK . -68.89 -14.52 18.54
C4B CLA JK . -68.51 -15.94 18.77
CMB CLA JK . -67.64 -12.31 18.91
CAB CLA JK . -70.09 -14.05 17.89
CBB CLA JK . -71.29 -14.61 17.90
NC CLA JK . -67.67 -18.85 19.03
C1C CLA JK . -68.86 -18.40 18.54
C2C CLA JK . -69.67 -19.49 18.04
C3C CLA JK . -68.89 -20.64 18.11
C4C CLA JK . -67.64 -20.22 18.75
CMC CLA JK . -71.02 -19.31 17.48
CAC CLA JK . -69.23 -22.02 17.71
CBC CLA JK . -70.42 -22.62 18.42
ND CLA JK . -65.06 -19.28 19.83
C1D CLA JK . -65.36 -20.65 19.56
C2D CLA JK . -64.18 -21.48 19.91
C3D CLA JK . -63.19 -20.60 20.30
C4D CLA JK . -63.78 -19.25 20.20
CMD CLA JK . -64.14 -22.93 19.83
CAD CLA JK . -61.83 -20.46 20.79
OBD CLA JK . -61.03 -21.33 21.11
CBD CLA JK . -61.54 -18.92 20.84
CGD CLA JK . -61.00 -18.48 22.17
O1D CLA JK . -61.49 -17.68 22.97
O2D CLA JK . -59.82 -19.08 22.52
CED CLA JK . -58.62 -18.65 21.89
MG CLA KK . -69.46 -18.75 7.81
CHA CLA KK . -70.69 -16.28 5.70
CHB CLA KK . -67.19 -19.61 5.39
CHC CLA KK . -67.64 -20.48 10.16
CHD CLA KK . -71.42 -17.37 10.43
NA CLA KK . -69.07 -18.09 5.86
C1A CLA KK . -69.69 -17.04 5.16
C2A CLA KK . -69.12 -16.94 3.73
C3A CLA KK . -68.36 -18.28 3.60
C4A CLA KK . -68.16 -18.70 5.05
CMA CLA KK . -69.20 -19.27 2.85
CAA CLA KK . -68.20 -15.74 3.52
CBA CLA KK . -66.72 -16.03 3.62
CGA CLA KK . -66.18 -15.46 4.90
O1A CLA KK . -66.58 -15.65 6.05
O2A CLA KK . -65.12 -14.63 4.70
NB CLA KK . -67.73 -19.78 7.78
C1B CLA KK . -66.97 -20.05 6.69
C2B CLA KK . -65.83 -20.95 7.07
C3B CLA KK . -65.96 -21.20 8.42
C4B CLA KK . -67.17 -20.48 8.89
CMB CLA KK . -64.84 -21.44 6.13
CAB CLA KK . -65.15 -22.00 9.29
CBB CLA KK . -64.09 -21.55 9.97
NC CLA KK . -69.58 -18.96 9.89
C1C CLA KK . -68.79 -19.80 10.62
C2C CLA KK . -69.19 -19.79 12.01
C3C CLA KK . -70.20 -18.82 12.13
C4C CLA KK . -70.45 -18.32 10.78
CMC CLA KK . -68.57 -20.61 13.05
CAC CLA KK . -70.94 -18.46 13.34
CBC CLA KK . -70.09 -17.65 14.31
ND CLA KK . -70.87 -17.31 8.04
C1D CLA KK . -71.62 -16.87 9.17
C2D CLA KK . -72.57 -15.84 8.72
C3D CLA KK . -72.27 -15.58 7.41
C4D CLA KK . -71.16 -16.49 7.04
CMD CLA KK . -73.58 -15.22 9.59
CAD CLA KK . -72.60 -14.81 6.22
OBD CLA KK . -73.52 -14.04 6.04
CBD CLA KK . -71.52 -15.15 5.14
CGD CLA KK . -72.15 -15.48 3.81
O1D CLA KK . -72.62 -16.56 3.43
O2D CLA KK . -72.16 -14.41 2.96
CED CLA KK . -72.47 -14.64 1.57
C1 CLA KK . -65.30 -13.23 5.00
MG CLA LK . -85.89 -21.62 6.70
CHA CLA LK . -85.76 -23.39 3.72
CHB CLA LK . -89.17 -20.81 6.03
CHC CLA LK . -86.30 -20.59 9.97
CHD CLA LK . -82.77 -23.06 7.59
NA CLA LK . -87.22 -22.02 5.12
C1A CLA LK . -86.96 -22.78 3.96
C2A CLA LK . -88.19 -22.80 3.05
C3A CLA LK . -89.12 -21.75 3.69
C4A CLA LK . -88.48 -21.51 5.05
CMA CLA LK . -89.16 -20.49 2.88
CAA CLA LK . -88.84 -24.17 3.00
CBA CLA LK . -88.90 -24.84 4.37
CGA CLA LK . -90.20 -24.54 5.05
O1A CLA LK . -91.28 -24.29 4.54
O2A CLA LK . -90.09 -24.56 6.41
NB CLA LK . -87.43 -20.88 7.78
C1B CLA LK . -88.66 -20.53 7.30
C2B CLA LK . -89.43 -19.78 8.34
C3B CLA LK . -88.63 -19.72 9.45
C4B CLA LK . -87.35 -20.41 9.12
CMB CLA LK . -90.78 -19.30 8.11
CAB CLA LK . -88.86 -19.15 10.75
CBB CLA LK . -89.39 -17.95 11.00
NC CLA LK . -84.74 -21.77 8.43
C1C CLA LK . -85.08 -21.23 9.65
C2C CLA LK . -84.02 -21.44 10.61
C3C CLA LK . -83.04 -22.21 9.97
C4C CLA LK . -83.50 -22.39 8.60
CMC CLA LK . -84.04 -20.99 12.01
CAC CLA LK . -81.77 -22.68 10.54
CBC CLA LK . -81.93 -24.05 11.18
ND CLA LK . -84.53 -22.88 5.90
C1D CLA LK . -83.24 -23.31 6.32
C2D CLA LK . -82.57 -24.01 5.21
C3D CLA LK . -83.49 -24.06 4.18
C4D CLA LK . -84.70 -23.37 4.67
CMD CLA LK . -81.21 -24.54 5.26
CAD CLA LK . -83.76 -24.48 2.81
OBD CLA LK . -83.02 -25.02 2.00
CBD CLA LK . -85.24 -24.12 2.50
CGD CLA LK . -85.38 -23.27 1.26
O1D CLA LK . -84.93 -22.15 1.06
O2D CLA LK . -86.08 -23.88 0.26
CED CLA LK . -86.50 -23.07 -0.85
C1 CLA LK . -91.10 -23.85 7.15
C2 CLA LK . -90.57 -23.70 8.54
C3 CLA LK . -91.33 -23.43 9.60
C4 CLA LK . -92.81 -23.25 9.47
C5 CLA LK . -90.75 -23.29 10.95
C6 CLA LK . -91.43 -24.21 11.97
C7 CLA LK . -90.73 -24.13 13.31
C8 CLA LK . -90.41 -25.52 13.87
C9 CLA LK . -91.61 -26.43 13.79
C10 CLA LK . -89.91 -25.42 15.31
C11 CLA LK . -88.41 -25.51 15.39
C12 CLA LK . -87.89 -26.85 14.88
C13 CLA LK . -88.32 -28.00 15.79
C14 CLA LK . -87.22 -28.36 16.76
C15 CLA LK . -88.72 -29.22 14.97
NB KC2 MK . -97.16 -5.33 11.18
ND KC2 MK . -94.41 -8.34 10.98
C1A KC2 MK . -96.98 -9.17 9.03
C1B KC2 MK . -98.34 -5.28 10.57
C1C KC2 MK . -94.89 -4.64 13.10
C1D KC2 MK . -93.26 -8.60 11.65
C2A KC2 MK . -98.18 -9.55 8.23
C2B KC2 MK . -99.15 -4.11 11.00
C2C KC2 MK . -93.81 -4.40 14.07
C2D KC2 MK . -92.78 -9.96 11.28
C3A KC2 MK . -99.06 -8.37 8.42
C3B KC2 MK . -98.28 -3.42 11.95
C3C KC2 MK . -92.90 -5.55 13.91
C3D KC2 MK . -93.77 -10.47 10.32
C4A KC2 MK . -98.30 -7.42 9.28
C4B KC2 MK . -97.07 -4.25 12.00
C4C KC2 MK . -93.57 -6.34 12.84
C4D KC2 MK . -94.75 -9.47 10.16
CAA KC2 MK . -98.48 -10.79 7.45
CAB KC2 MK . -98.39 -2.19 12.78
CAC KC2 MK . -91.63 -5.75 14.70
CAD KC2 MK . -94.11 -11.66 9.46
CBA KC2 MK . -99.22 -10.94 6.37
CBB KC2 MK . -98.91 -2.24 14.00
CBC KC2 MK . -91.91 -5.97 16.16
CBD KC2 MK . -95.40 -11.35 8.84
CED KC2 MK . -96.13 -12.66 5.36
CGA KC2 MK . -99.59 -12.32 6.03
CGD KC2 MK . -95.27 -11.53 7.36
CHA KC2 MK . -95.77 -9.96 9.21
CHB KC2 MK . -98.99 -6.17 9.60
CHC KC2 MK . -96.04 -3.76 12.90
CHD KC2 MK . -92.75 -7.54 12.55
CMA KC2 MK . -100.45 -8.09 7.89
CMB KC2 MK . -100.53 -3.69 10.57
CMC KC2 MK . -93.73 -3.22 15.00
CMD KC2 MK . -91.50 -10.45 11.91
NA KC2 MK . -97.08 -7.83 9.67
NC KC2 MK . -94.84 -5.73 12.34
O1A KC2 MK . -99.96 -12.58 4.86
O1D KC2 MK . -94.75 -10.69 6.63
O2A KC2 MK . -99.42 -13.20 6.91
O2D KC2 MK . -96.01 -12.61 6.77
OBD KC2 MK . -93.22 -12.59 9.44
MG KC2 MK . -95.76 -6.80 10.85
NB KC2 NK . -91.47 -16.17 15.68
ND KC2 NK . -94.09 -14.18 13.27
C1A KC2 NK . -93.90 -17.30 12.22
C1B KC2 NK . -91.16 -17.47 15.63
C1C KC2 NK . -91.83 -13.36 16.83
C1D KC2 NK . -94.67 -12.96 13.35
C2A KC2 NK . -93.92 -18.73 11.84
C2B KC2 NK . -90.38 -17.91 16.80
C2C KC2 NK . -92.15 -12.05 17.40
C2D KC2 NK . -95.75 -12.87 12.35
C3A KC2 NK . -92.94 -19.30 12.80
C3B KC2 NK . -90.22 -16.70 17.61
C3C KC2 NK . -93.10 -11.43 16.47
C3D KC2 NK . -95.74 -14.18 11.65
C4A KC2 NK . -92.46 -18.16 13.62
C4B KC2 NK . -90.94 -15.67 16.81
C4C KC2 NK . -93.21 -12.49 15.41
C4D KC2 NK . -94.72 -14.94 12.26
CAA KC2 NK . -94.67 -19.49 10.81
CAB KC2 NK . -89.58 -16.30 18.89
CAC KC2 NK . -93.72 -10.07 16.63
CAD KC2 NK . -96.42 -14.97 10.57
CBA KC2 NK . -94.85 -19.20 9.54
CBB KC2 NK . -89.13 -17.19 19.77
CBC KC2 NK . -93.05 -9.08 15.71
CBD KC2 NK . -95.95 -16.33 10.79
CED KC2 NK . -98.77 -18.79 11.50
CGA KC2 NK . -95.84 -20.02 8.82
CGD KC2 NK . -96.99 -17.08 11.54
CHA KC2 NK . -94.71 -16.26 11.58
CHB KC2 NK . -91.47 -18.50 14.64
CHC KC2 NK . -90.93 -14.35 17.43
CHD KC2 NK . -94.15 -12.01 14.36
CMA KC2 NK . -92.47 -20.74 12.96
CMB KC2 NK . -89.86 -19.29 17.11
CMC KC2 NK . -91.60 -11.50 18.71
CMD KC2 NK . -96.54 -11.59 12.26
NA KC2 NK . -92.98 -16.95 13.32
NC KC2 NK . -92.39 -13.70 15.67
O1A KC2 NK . -96.19 -19.67 7.67
O1D KC2 NK . -97.41 -16.73 12.63
O2A KC2 NK . -96.09 -21.16 9.31
O2D KC2 NK . -97.67 -18.15 10.85
OBD KC2 NK . -97.34 -14.34 9.91
MG KC2 NK . -92.55 -15.16 14.25
NB KC2 OK . -83.69 -3.53 23.43
ND KC2 OK . -80.51 -1.45 25.00
C1A KC2 OK . -82.92 -1.58 27.32
C1B KC2 OK . -84.84 -3.82 24.05
C1C KC2 OK . -81.57 -3.30 21.26
C1D KC2 OK . -79.31 -1.08 24.51
C2A KC2 OK . -83.99 -1.67 28.35
C2B KC2 OK . -85.76 -4.55 23.15
C2C KC2 OK . -80.49 -3.20 20.27
C2D KC2 OK . -78.59 -0.30 25.54
C3A KC2 OK . -85.03 -2.46 27.66
C3B KC2 OK . -85.03 -4.66 21.88
C3C KC2 OK . -79.39 -2.48 20.95
C3D KC2 OK . -79.52 -0.22 26.71
C4A KC2 OK . -84.48 -2.76 26.30
C4B KC2 OK . -83.76 -3.98 22.16
C4C KC2 OK . -79.98 -2.25 22.31
C4D KC2 OK . -80.68 -0.92 26.31
CAA KC2 OK . -84.03 -1.10 29.73
CAB KC2 OK . -85.29 -5.25 20.54
CAC KC2 OK . -78.04 -2.14 20.35
CAD KC2 OK . -79.69 0.31 28.11
CBA KC2 OK . -84.31 -1.68 30.88
CBB KC2 OK . -85.98 -4.60 19.60
CBC KC2 OK . -78.16 -1.29 19.11
CBD KC2 OK . -80.90 -0.35 28.61
CED KC2 OK . -78.77 -1.28 31.33
CGA KC2 OK . -83.88 -0.96 32.08
CGD KC2 OK . -80.48 -1.42 29.56
CHA KC2 OK . -81.64 -0.89 27.45
CHB KC2 OK . -85.33 -3.56 25.42
CHC KC2 OK . -82.85 -3.94 21.02
CHD KC2 OK . -78.97 -1.53 23.14
CMA KC2 OK . -86.39 -2.92 28.15
CMB KC2 OK . -87.13 -5.09 23.46
CMC KC2 OK . -80.56 -3.73 18.86
CMD KC2 OK . -77.21 0.19 25.19
NA KC2 OK . -83.24 -2.27 26.05
NC KC2 OK . -81.37 -2.79 22.47
O1A KC2 OK . -84.00 0.29 32.12
O1D KC2 OK . -80.00 -2.48 29.17
O2A KC2 OK . -83.47 -1.67 33.05
O2D KC2 OK . -80.08 -0.95 30.88
OBD KC2 OK . -78.88 1.27 28.44
MG KC2 OK . -82.17 -2.47 24.32
MG CLA PK . -85.94 2.74 32.14
CHA CLA PK . -84.42 3.61 35.15
CHB CLA PK . -88.64 1.58 33.87
CHC CLA PK . -87.10 1.19 29.27
CHD CLA PK . -82.85 3.35 30.49
NA CLA PK . -86.44 2.65 34.18
C1A CLA PK . -85.68 3.08 35.29
C2A CLA PK . -86.46 2.85 36.59
C3A CLA PK . -87.85 2.37 36.11
C4A CLA PK . -87.65 2.17 34.61
CMA CLA PK . -88.27 1.07 36.77
CAA CLA PK . -86.66 4.13 37.38
CBA CLA PK . -87.22 3.90 38.77
CGA CLA PK . -86.36 2.94 39.53
O1A CLA PK . -85.14 3.00 39.74
O2A CLA PK . -87.05 1.89 40.05
NB CLA PK . -87.56 1.64 31.67
C1B CLA PK . -88.58 1.31 32.49
C2B CLA PK . -89.64 0.57 31.75
C3B CLA PK . -89.20 0.46 30.44
C4B CLA PK . -87.88 1.12 30.38
CMB CLA PK . -90.86 0.07 32.39
CAB CLA PK . -89.77 -0.18 29.28
CBB CLA PK . -91.06 -0.30 28.97
NC CLA PK . -85.13 2.39 30.24
C1C CLA PK . -85.80 1.79 29.21
C2C CLA PK . -84.98 1.77 28.00
C3C CLA PK . -83.76 2.33 28.36
C4C CLA PK . -83.87 2.72 29.76
CMC CLA PK . -85.39 1.22 26.71
CAC CLA PK . -82.59 2.54 27.50
CBC CLA PK . -82.53 3.93 26.93
ND CLA PK . -84.06 3.33 32.63
C1D CLA PK . -82.92 3.64 31.84
C2D CLA PK . -81.90 4.28 32.69
C3D CLA PK . -82.41 4.29 33.97
C4D CLA PK . -83.76 3.67 33.88
CMD CLA PK . -80.60 4.77 32.20
CAD CLA PK . -82.18 4.67 35.34
OBD CLA PK . -81.21 5.21 35.85
CBD CLA PK . -83.45 4.23 36.14
CGD CLA PK . -83.10 3.29 37.27
O1D CLA PK . -83.42 2.10 37.40
O2D CLA PK . -82.35 3.88 38.24
CED CLA PK . -81.06 3.33 38.52
C1 CLA PK . -88.20 2.20 40.85
C2 CLA PK . -88.74 0.92 41.38
C3 CLA PK . -88.11 0.21 42.34
MG CLA QK . -71.09 -2.95 20.21
CHA CLA QK . -70.58 -1.83 23.46
CHB CLA QK . -73.31 -0.40 19.71
CHC CLA QK . -71.88 -4.27 17.16
CHD CLA QK . -69.27 -5.90 21.00
NA CLA QK . -71.83 -1.41 21.40
C1A CLA QK . -71.47 -1.09 22.73
C2A CLA QK . -72.23 0.14 23.23
C3A CLA QK . -73.24 0.42 22.10
C4A CLA QK . -72.76 -0.50 20.98
CMA CLA QK . -74.64 0.07 22.54
CAA CLA QK . -71.27 1.32 23.23
CBA CLA QK . -70.92 1.82 24.62
CGA CLA QK . -69.46 2.17 24.66
O1A CLA QK . -68.86 3.05 24.02
O2A CLA QK . -68.75 1.40 25.53
NB CLA QK . -72.43 -2.49 18.78
C1B CLA QK . -72.99 -1.24 18.64
C2B CLA QK . -73.21 -0.90 17.22
C3B CLA QK . -72.81 -2.00 16.49
C4B CLA QK . -72.34 -3.03 17.46
CMB CLA QK . -73.80 0.35 16.77
CAB CLA QK . -72.85 -2.23 15.07
CBB CLA QK . -71.89 -1.88 14.21
NC CLA QK . -70.69 -4.78 19.28
C1C CLA QK . -71.13 -5.11 18.02
C2C CLA QK . -70.65 -6.45 17.67
C3C CLA QK . -69.90 -6.90 18.75
C4C CLA QK . -69.92 -5.85 19.76
CMC CLA QK . -70.94 -7.12 16.41
CAC CLA QK . -69.22 -8.21 18.87
CBC CLA QK . -67.75 -8.10 18.50
ND CLA QK . -70.13 -3.75 21.80
C1D CLA QK . -69.36 -4.92 21.97
C2D CLA QK . -68.70 -4.89 23.30
C3D CLA QK . -69.12 -3.71 23.90
C4D CLA QK . -70.03 -3.06 22.94
CMD CLA QK . -67.79 -5.90 23.80
CAD CLA QK . -69.05 -2.87 25.08
OBD CLA QK . -68.36 -3.01 26.10
CBD CLA QK . -70.02 -1.67 24.86
CGD CLA QK . -71.13 -1.67 25.88
O1D CLA QK . -71.38 -0.81 26.72
O2D CLA QK . -71.92 -2.77 25.85
CED CLA QK . -73.31 -2.56 25.63
C1 CLA QK . -68.44 1.96 26.82
C2 CLA QK . -68.93 1.01 27.84
C03 II0 RK . -86.64 -9.43 25.19
C04 II0 RK . -88.17 -28.10 9.67
C05 II0 RK . -85.86 -8.91 26.40
C06 II0 RK . -89.04 -28.80 8.62
C07 II0 RK . -84.36 -9.14 26.30
C08 II0 RK . -88.78 -28.27 7.27
C09 II0 RK . -85.78 -9.41 23.94
C10 II0 RK . -87.54 -26.77 9.22
C11 II0 RK . -83.86 -8.47 25.02
C12 II0 RK . -87.64 -27.38 6.89
C13 II0 RK . -84.85 -8.61 23.87
C14 II0 RK . -87.06 -26.62 8.00
C15 II0 RK . -87.09 -10.86 25.48
C16 II0 RK . -87.84 -8.52 24.99
C17 II0 RK . -87.30 -29.27 10.10
C18 II0 RK . -89.20 -27.73 10.73
C19 II0 RK . -84.41 -8.09 22.50
C20 II0 RK . -86.34 -25.41 7.69
C21 II0 RK . -86.33 -10.04 22.66
C22 II0 RK . -87.25 -25.78 10.30
C23 II0 RK . -86.77 -10.54 21.65
C24 II0 RK . -87.03 -24.96 11.16
C25 II0 RK . -87.26 -11.16 20.46
C26 II0 RK . -86.82 -23.89 12.24
C27 II0 RK . -88.09 -10.37 19.46
C28 II0 RK . -85.63 -24.38 12.98
C29 II0 RK . -86.97 -12.44 20.25
C30 II0 RK . -87.53 -22.72 12.50
C31 II0 RK . -87.43 -13.13 19.07
C32 II0 RK . -87.09 -21.88 13.59
C33 II0 RK . -86.54 -13.60 18.22
C34 II0 RK . -87.49 -20.63 13.58
C35 II0 RK . -87.00 -14.31 17.02
C36 II0 RK . -87.11 -19.68 14.66
C37 II0 RK . -87.75 -13.57 15.92
C38 II0 RK . -86.30 -20.16 15.79
C39 II0 RK . -86.76 -15.60 16.95
C40 II0 RK . -87.50 -18.43 14.55
C41 II0 RK . -87.29 -16.26 15.68
C42 II0 RK . -87.05 -17.56 15.72
O01 II0 RK . -83.71 -8.52 27.41
O02 II0 RK . -89.21 -29.21 6.28
C03 II0 SK . -73.19 -17.36 22.41
C04 II0 SK . -78.58 0.33 6.28
C05 II0 SK . -73.26 -17.98 23.80
C06 II0 SK . -78.29 0.95 4.91
C07 II0 SK . -74.65 -17.84 24.41
C08 II0 SK . -78.73 0.08 3.82
C09 II0 SK . -74.52 -17.47 21.67
C10 II0 SK . -79.35 -1.00 6.32
C11 II0 SK . -75.62 -18.57 23.50
C12 II0 SK . -79.77 -0.99 3.92
C13 II0 SK . -75.37 -18.29 22.02
C14 II0 SK . -80.03 -1.47 5.30
C15 II0 SK . -72.81 -15.89 22.54
C16 II0 SK . -72.12 -18.10 21.61
C17 II0 SK . -79.14 1.56 6.98
C18 II0 SK . -77.17 0.00 6.77
C19 II0 SK . -76.52 -18.59 21.08
C20 II0 SK . -80.75 -2.71 5.44
C21 II0 SK . -74.53 -16.96 20.23
C22 II0 SK . -79.15 -1.83 7.55
C23 II0 SK . -74.52 -16.55 19.08
C24 II0 SK . -78.99 -2.53 8.53
C25 II0 SK . -74.48 -16.05 17.75
C26 II0 SK . -78.75 -3.43 9.73
C27 II0 SK . -73.79 -16.86 16.66
C28 II0 SK . -79.59 -2.83 10.79
C29 II0 SK . -75.04 -14.88 17.49
C30 II0 SK . -77.94 -4.57 9.86
C31 II0 SK . -75.06 -14.29 16.18
C32 II0 SK . -77.89 -5.25 11.12
C33 II0 SK . -75.78 -13.19 16.02
C34 II0 SK . -77.50 -6.51 11.08
C35 II0 SK . -75.86 -12.51 14.74
C36 II0 SK . -77.39 -7.37 12.29
C37 II0 SK . -75.29 -13.16 13.47
C38 II0 SK . -77.82 -6.87 13.60
C39 II0 SK . -76.42 -11.31 14.70
C40 II0 SK . -76.89 -8.58 12.12
C41 II0 SK . -76.46 -10.67 13.31
C42 II0 SK . -76.79 -9.39 13.40
O01 II0 SK . -74.66 -18.46 25.70
O02 II0 SK . -78.66 0.77 2.56
C03 II0 TK . -74.09 2.93 26.93
C04 II0 TK . -89.45 -5.97 10.38
C05 II0 TK . -73.07 3.13 28.04
C06 II0 TK . -89.49 -6.77 9.07
C07 II0 TK . -71.72 3.66 27.55
C08 II0 TK . -89.07 -5.96 7.93
C09 II0 TK . -73.83 3.89 25.77
C10 II0 TK . -88.52 -4.75 10.43
C11 II0 TK . -71.94 4.95 26.79
C12 II0 TK . -88.28 -4.69 7.99
C13 II0 TK . -73.24 4.96 26.01
C14 II0 TK . -88.11 -4.12 9.34
C15 II0 TK . -74.02 1.50 26.43
C16 II0 TK . -75.48 3.21 27.51
C17 II0 TK . -89.24 -7.14 11.34
C18 II0 TK . -90.87 -5.42 10.47
C19 II0 TK . -73.68 6.23 25.31
C20 II0 TK . -87.54 -2.81 9.46
C21 II0 TK . -74.57 3.72 24.45
C22 II0 TK . -88.09 -4.29 11.78
C23 II0 TK . -75.16 3.58 23.39
C24 II0 TK . -87.69 -3.88 12.86
C25 II0 TK . -75.88 3.40 22.18
C26 II0 TK . -87.12 -3.39 14.18
C27 II0 TK . -75.34 4.01 20.89
C28 II0 TK . -87.16 -4.60 15.04
C29 II0 TK . -76.99 2.68 22.17
C30 II0 TK . -86.63 -2.13 14.56
C31 II0 TK . -77.73 2.46 20.95
C32 II0 TK . -86.12 -1.96 15.89
C33 II0 TK . -78.88 1.81 20.99
C34 II0 TK . -84.97 -1.31 15.96
C35 II0 TK . -79.63 1.57 19.76
C36 II0 TK . -84.25 -1.03 17.22
C37 II0 TK . -79.10 2.14 18.44
C38 II0 TK . -84.87 -1.29 18.53
C39 II0 TK . -80.74 0.84 19.80
C40 II0 TK . -83.03 -0.54 17.11
C41 II0 TK . -81.38 0.67 18.43
C42 II0 TK . -82.32 -0.26 18.43
O01 II0 TK . -70.87 3.92 28.67
O02 II0 TK . -88.82 -6.80 6.79
C03 II0 UK . -72.50 -36.48 28.82
C04 II0 UK . -77.22 -22.20 9.49
C05 II0 UK . -71.95 -36.70 30.22
C06 II0 UK . -77.39 -21.54 8.13
C07 II0 UK . -70.43 -36.84 30.25
C08 II0 UK . -76.09 -21.56 7.43
C09 II0 UK . -71.61 -35.57 27.99
C10 II0 UK . -75.94 -21.83 10.24
C11 II0 UK . -69.77 -35.67 29.52
C12 II0 UK . -74.76 -21.59 8.11
C13 II0 UK . -70.73 -34.93 28.58
C14 II0 UK . -74.80 -21.63 9.60
C15 II0 UK . -72.66 -37.79 28.08
C16 II0 UK . -73.85 -35.80 28.96
C17 II0 UK . -77.53 -23.65 9.13
C18 II0 UK . -78.35 -21.57 10.29
C19 II0 UK . -70.26 -33.60 28.00
C20 II0 UK . -73.69 -21.07 10.31
C21 II0 UK . -72.12 -35.09 26.64
C22 II0 UK . -75.91 -22.32 11.65
C23 II0 UK . -72.51 -34.77 25.52
C24 II0 UK . -75.90 -22.77 12.79
C25 II0 UK . -72.89 -34.21 24.26
C26 II0 UK . -75.89 -23.38 14.19
C27 II0 UK . -72.44 -34.93 23.00
C28 II0 UK . -75.08 -22.42 14.97
C29 II0 UK . -73.66 -33.12 24.18
C30 II0 UK . -76.48 -24.56 14.69
C31 II0 UK . -74.05 -32.65 22.88
C32 II0 UK . -76.26 -24.87 16.08
C33 II0 UK . -74.88 -31.63 22.74
C34 II0 UK . -76.33 -26.15 16.41
C35 II0 UK . -75.23 -31.17 21.40
C36 II0 UK . -76.10 -26.64 17.78
C37 II0 UK . -75.25 -32.19 20.26
C38 II0 UK . -75.75 -25.69 18.86
C39 II0 UK . -75.54 -29.91 21.17
C40 II0 UK . -76.17 -27.93 17.98
C41 II0 UK . -75.87 -29.64 19.70
C42 II0 UK . -75.88 -28.35 19.42
O01 II0 UK . -69.99 -36.90 31.62
O02 II0 UK . -76.19 -22.28 6.20
C02 IHT VK . -84.97 1.06 11.80
C03 IHT VK . -68.00 -11.11 23.30
C04 IHT VK . -85.48 2.34 11.11
C05 IHT VK . -66.64 -11.35 23.96
C06 IHT VK . -84.69 2.82 9.92
C07 IHT VK . -83.52 0.69 11.38
C08 IHT VK . -66.70 -12.72 24.65
C09 IHT VK . -83.22 2.42 9.79
C10 IHT VK . -83.10 0.95 10.13
C11 IHT VK . -68.85 -12.20 22.69
C12 IHT VK . -67.22 -13.77 23.68
C13 IHT VK . -85.89 -0.10 11.49
C14 IHT VK . -84.99 1.32 13.31
C15 IHT VK . -68.32 -13.45 22.68
C16 IHT VK . -67.60 -10.30 22.05
C17 IHT VK . -69.05 -10.29 24.08
C18 IHT VK . -82.60 0.06 12.35
C19 IHT VK . -81.90 0.27 9.49
C20 IHT VK . -69.16 -14.64 22.30
C21 IHT VK . -70.02 -11.90 21.75
C22 IHT VK . -81.54 0.78 12.92
C23 IHT VK . -80.59 0.15 13.91
C24 IHT VK . -70.94 -11.60 20.98
C25 IHT VK . -79.47 0.93 14.57
C26 IHT VK . -72.06 -11.19 20.02
C27 IHT VK . -80.68 -1.16 14.27
C28 IHT VK . -73.12 -12.17 19.52
C29 IHT VK . -72.22 -9.92 19.56
C30 IHT VK . -79.70 -1.74 15.25
C31 IHT VK . -73.28 -9.55 18.65
C32 IHT VK . -78.71 -2.55 14.80
C33 IHT VK . -77.70 -3.14 15.78
C34 IHT VK . -73.65 -8.21 18.59
C35 IHT VK . -74.74 -7.73 17.67
C36 IHT VK . -76.42 -2.33 16.13
C37 IHT VK . -77.91 -4.32 16.32
C38 IHT VK . -74.94 -6.29 17.61
C39 IHT VK . -75.55 -8.66 16.83
C40 IHT VK . -76.94 -4.90 17.27
C41 IHT VK . -75.94 -5.70 16.75
O01 IHT VK . -65.37 -13.06 25.07
MG CLA WK . 67.18 40.82 -32.68
CHA CLA WK . 66.48 44.22 -32.46
CHB CLA WK . 69.33 41.44 -35.26
CHC CLA WK . 67.48 37.45 -33.24
CHD CLA WK . 64.47 40.18 -30.45
NA CLA WK . 67.78 42.56 -33.70
C1A CLA WK . 67.39 43.88 -33.44
C2A CLA WK . 68.09 44.85 -34.40
C3A CLA WK . 68.95 43.93 -35.29
C4A CLA WK . 68.67 42.53 -34.73
CMA CLA WK . 68.58 44.03 -36.75
CAA CLA WK . 68.99 45.83 -33.68
CBA CLA WK . 70.25 45.17 -33.15
CGA CLA WK . 70.67 45.78 -31.85
O1A CLA WK . 70.57 46.96 -31.49
O2A CLA WK . 71.23 44.89 -30.98
NB CLA WK . 68.15 39.68 -34.03
C1B CLA WK . 69.14 40.12 -34.85
C2B CLA WK . 70.01 38.98 -35.29
C3B CLA WK . 69.48 37.85 -34.72
C4B CLA WK . 68.29 38.27 -33.92
CMB CLA WK . 71.14 39.14 -36.20
CAB CLA WK . 69.89 36.47 -34.81
CBB CLA WK . 71.07 36.00 -34.40
NC CLA WK . 66.15 39.14 -31.98
C1C CLA WK . 66.46 37.85 -32.33
C2C CLA WK . 65.59 36.91 -31.64
C3C CLA WK . 64.72 37.68 -30.86
C4C CLA WK . 65.09 39.08 -31.08
CMC CLA WK . 65.68 35.46 -31.79
CAC CLA WK . 63.65 37.18 -29.97
CBC CLA WK . 62.43 36.70 -30.73
ND CLA WK . 65.76 41.87 -31.69
C1D CLA WK . 64.78 41.50 -30.73
C2D CLA WK . 64.20 42.71 -30.12
C3D CLA WK . 64.83 43.79 -30.72
C4D CLA WK . 65.78 43.21 -31.71
CMD CLA WK . 63.19 42.72 -29.07
CAD CLA WK . 64.94 45.23 -30.81
OBD CLA WK . 64.34 46.09 -30.17
CBD CLA WK . 65.99 45.54 -31.92
CGD CLA WK . 65.45 46.47 -32.98
O1D CLA WK . 65.50 47.71 -32.98
O2D CLA WK . 64.86 45.86 -34.05
CED CLA WK . 64.44 46.69 -35.12
C1 CLA WK . 72.58 45.16 -30.57
C2 CLA WK . 73.04 44.00 -29.78
C3 CLA WK . 72.55 43.71 -28.56
C5 CLA WK . 73.05 42.51 -27.80
MG CLA XK . 55.29 44.81 -25.82
CHA CLA XK . 55.15 44.72 -29.27
CHB CLA XK . 51.87 44.42 -25.70
CHC CLA XK . 55.48 44.20 -22.43
CHD CLA XK . 58.83 44.61 -26.02
NA CLA XK . 53.78 44.60 -27.25
C1A CLA XK . 53.93 44.60 -28.65
C2A CLA XK . 52.58 44.47 -29.35
C3A CLA XK . 51.57 44.65 -28.19
C4A CLA XK . 52.45 44.53 -26.95
CMA CLA XK . 50.89 45.99 -28.27
CAA CLA XK . 52.41 43.11 -30.02
CBA CLA XK . 53.03 41.98 -29.23
CGA CLA XK . 52.01 41.40 -28.30
O1A CLA XK . 50.83 41.12 -28.53
O2A CLA XK . 52.50 41.16 -27.04
NB CLA XK . 53.95 44.38 -24.36
C1B CLA XK . 52.60 44.33 -24.51
C2B CLA XK . 51.94 44.18 -23.17
C3B CLA XK . 52.96 44.12 -22.23
C4B CLA XK . 54.24 44.24 -22.99
CMB CLA XK . 50.50 44.10 -23.01
CAB CLA XK . 52.92 43.95 -20.80
CBB CLA XK . 52.17 43.08 -20.14
NC CLA XK . 56.87 44.49 -24.48
C1C CLA XK . 56.72 44.32 -23.13
C2C CLA XK . 58.02 44.22 -22.49
C3C CLA XK . 58.97 44.26 -23.51
C4C CLA XK . 58.23 44.46 -24.76
CMC CLA XK . 58.25 44.06 -21.06
CAC CLA XK . 60.43 44.21 -23.37
CBC CLA XK . 60.94 42.80 -23.60
ND CLA XK . 56.71 44.66 -27.26
C1D CLA XK . 58.13 44.71 -27.21
C2D CLA XK . 58.65 44.88 -28.59
C3D CLA XK . 57.56 44.90 -29.41
C4D CLA XK . 56.37 44.74 -28.53
CMD CLA XK . 60.08 44.99 -28.92
CAD CLA XK . 57.06 45.01 -30.78
OBD CLA XK . 57.68 45.16 -31.82
CBD CLA XK . 55.51 44.88 -30.72
CGD CLA XK . 54.84 46.12 -31.27
O1D CLA XK . 55.16 47.30 -31.05
O2D CLA XK . 53.76 45.88 -32.06
CED CLA XK . 52.69 46.81 -32.02
C1 CLA XK . 51.61 40.48 -26.14
C2 CLA XK . 52.29 40.42 -24.81
C3 CLA XK . 51.77 39.73 -23.77
C4 CLA XK . 50.49 39.00 -23.89
C5 CLA XK . 52.47 39.70 -22.46
C6 CLA XK . 53.23 38.40 -22.23
C7 CLA XK . 52.48 37.46 -21.32
C8 CLA XK . 53.10 36.07 -21.32
C9 CLA XK . 52.14 35.06 -21.92
C10 CLA XK . 53.50 35.64 -19.91
C11 CLA XK . 54.99 35.40 -19.79
C12 CLA XK . 55.80 36.59 -20.26
C13 CLA XK . 57.20 36.59 -19.66
C14 CLA XK . 57.43 37.84 -18.84
C15 CLA XK . 58.26 36.47 -20.76
C16 CLA XK . 59.11 35.23 -20.55
C17 CLA XK . 60.16 35.47 -19.47
C18 CLA XK . 60.59 34.17 -18.82
C19 CLA XK . 59.42 33.47 -18.16
C20 CLA XK . 61.69 34.42 -17.80
MG CLA YK . 49.45 42.30 -16.44
CHA CLA YK . 46.45 41.92 -18.17
CHB CLA YK . 50.93 40.12 -18.65
CHC CLA YK . 52.14 41.94 -14.30
CHD CLA YK . 47.61 43.79 -13.77
NA CLA YK . 48.81 41.28 -18.15
C1A CLA YK . 47.53 41.25 -18.73
C2A CLA YK . 47.50 40.38 -19.99
C3A CLA YK . 48.96 39.96 -20.19
C4A CLA YK . 49.64 40.50 -18.92
CMA CLA YK . 49.09 38.45 -20.30
CAA CLA YK . 47.05 41.21 -21.21
CBA CLA YK . 47.59 40.74 -22.54
CGA CLA YK . 46.67 39.75 -23.18
O1A CLA YK . 46.63 39.40 -24.36
O2A CLA YK . 45.79 39.19 -22.28
NB CLA YK . 51.17 41.26 -16.48
C1B CLA YK . 51.64 40.51 -17.51
C2B CLA YK . 53.06 40.12 -17.27
C3B CLA YK . 53.41 40.64 -16.05
C4B CLA YK . 52.22 41.34 -15.51
CMB CLA YK . 53.79 39.28 -18.21
CAB CLA YK . 54.62 40.50 -15.27
CBB CLA YK . 55.30 39.36 -15.09
NC CLA YK . 49.83 42.85 -14.44
C1C CLA YK . 51.02 42.67 -13.79
C2C CLA YK . 50.96 43.24 -12.45
C3C CLA YK . 49.66 43.69 -12.26
C4C CLA YK . 48.95 43.45 -13.52
CMC CLA YK . 52.08 43.23 -11.51
CAC CLA YK . 49.13 44.34 -11.06
CBC CLA YK . 49.15 45.85 -11.18
ND CLA YK . 47.54 42.85 -16.03
C1D CLA YK . 46.93 43.50 -14.93
C2D CLA YK . 45.52 43.81 -15.25
C3D CLA YK . 45.30 43.25 -16.49
C4D CLA YK . 46.57 42.62 -16.92
CMD CLA YK . 44.58 44.54 -14.39
CAD CLA YK . 44.34 43.04 -17.56
OBD CLA YK . 43.22 43.50 -17.71
CBD CLA YK . 45.01 42.08 -18.59
CGD CLA YK . 44.30 40.76 -18.64
O1D CLA YK . 44.78 39.65 -18.46
O2D CLA YK . 42.96 40.85 -18.91
CED CLA YK . 42.24 39.64 -19.09
C1 CLA YK . 44.85 38.23 -22.80
C2 CLA YK . 45.54 36.90 -22.86
C3 CLA YK . 45.71 36.10 -21.79
C4 CLA YK . 46.40 34.80 -21.89
C5 CLA YK . 45.20 36.50 -20.45
C6 CLA YK . 44.43 35.38 -19.77
C7 CLA YK . 44.44 35.56 -18.27
C8 CLA YK . 45.84 35.49 -17.69
C9 CLA YK . 46.33 34.06 -17.60
C10 CLA YK . 45.89 36.15 -16.31
C11 CLA YK . 47.29 36.63 -15.97
C12 CLA YK . 47.46 38.10 -16.29
C13 CLA YK . 47.95 38.88 -15.08
C14 CLA YK . 49.25 38.30 -14.54
C15 CLA YK . 46.91 38.93 -13.98
C16 CLA YK . 45.62 39.53 -14.47
C17 CLA YK . 44.71 39.98 -13.34
C18 CLA YK . 43.24 39.80 -13.64
C19 CLA YK . 42.92 40.00 -15.11
C20 CLA YK . 42.40 40.75 -12.80
MG CLA ZK . 55.43 55.84 -3.19
CHA CLA ZK . 55.24 56.14 0.27
CHB CLA ZK . 52.82 53.61 -3.10
CHC CLA ZK . 55.08 56.11 -6.61
CHD CLA ZK . 57.62 58.64 -3.23
NA CLA ZK . 54.24 55.03 -1.66
C1A CLA ZK . 54.33 55.28 -0.29
C2A CLA ZK . 53.29 54.48 0.49
C3A CLA ZK . 52.69 53.53 -0.58
C4A CLA ZK . 53.26 54.09 -1.88
CMA CLA ZK . 53.10 52.09 -0.36
CAA CLA ZK . 52.22 55.41 1.07
CBA CLA ZK . 51.66 56.40 0.07
CGA CLA ZK . 52.40 57.70 0.06
O1A CLA ZK . 52.54 58.51 0.97
O2A CLA ZK . 52.99 57.95 -1.15
NB CLA ZK . 54.21 55.03 -4.57
C1B CLA ZK . 53.28 54.06 -4.35
C2B CLA ZK . 52.76 53.52 -5.64
C3B CLA ZK . 53.40 54.22 -6.64
C4B CLA ZK . 54.32 55.19 -5.97
CMB CLA ZK . 51.74 52.49 -5.72
CAB CLA ZK . 53.27 54.16 -8.07
CBB CLA ZK . 53.23 53.05 -8.81
NC CLA ZK . 56.22 57.13 -4.64
C1C CLA ZK . 55.97 57.03 -5.99
C2C CLA ZK . 56.73 58.03 -6.71
C3C CLA ZK . 57.41 58.78 -5.76
C4C CLA ZK . 57.10 58.19 -4.46
CMC CLA ZK . 56.71 58.21 -8.17
CAC CLA ZK . 58.32 59.91 -6.00
CBC CLA ZK . 57.63 61.25 -5.93
ND CLA ZK . 56.23 57.16 -1.86
C1D CLA ZK . 57.22 58.16 -2.00
C2D CLA ZK . 57.70 58.57 -0.66
C3D CLA ZK . 56.97 57.82 0.25
C4D CLA ZK . 56.06 56.98 -0.55
CMD CLA ZK . 58.75 59.55 -0.42
CAD CLA ZK . 56.74 57.52 1.65
OBD CLA ZK . 57.30 57.96 2.65
CBD CLA ZK . 55.60 56.45 1.70
CGD CLA ZK . 56.00 55.23 2.48
O1D CLA ZK . 55.79 55.00 3.67
O2D CLA ZK . 56.65 54.29 1.76
CED CLA ZK . 57.85 53.74 2.31
C1 CLA ZK . 53.53 59.27 -1.38
C2 CLA ZK . 53.92 59.33 -2.81
C3 CLA ZK . 53.66 60.38 -3.60
C4 CLA ZK . 52.96 61.60 -3.10
C5 CLA ZK . 54.08 60.39 -5.03
C6 CLA ZK . 52.98 59.90 -5.96
C7 CLA ZK . 53.16 60.46 -7.35
C8 CLA ZK . 52.28 59.74 -8.37
C9 CLA ZK . 52.70 58.29 -8.50
C10 CLA ZK . 52.35 60.43 -9.73
C11 CLA ZK . 51.05 61.12 -10.08
C12 CLA ZK . 50.09 60.19 -10.81
C13 CLA ZK . 48.79 60.90 -11.18
C14 CLA ZK . 47.65 60.44 -10.30
C15 CLA ZK . 48.44 60.70 -12.65
C16 CLA ZK . 47.51 61.79 -13.14
C17 CLA ZK . 47.00 61.50 -14.53
C18 CLA ZK . 45.74 60.65 -14.52
C19 CLA ZK . 45.63 59.81 -15.77
C20 CLA ZK . 44.51 61.52 -14.37
MG CLA AL . 43.40 60.24 1.44
CHA CLA AL . 44.91 59.02 4.32
CHB CLA AL . 41.08 61.85 3.41
CHC CLA AL . 42.46 62.15 -1.26
CHD CLA AL . 46.18 59.05 -0.43
NA CLA AL . 43.05 60.36 3.50
C1A CLA AL . 43.79 59.78 4.54
C2A CLA AL . 43.18 60.08 5.90
C3A CLA AL . 41.81 60.69 5.54
C4A CLA AL . 41.98 61.02 4.05
CMA CLA AL . 40.67 59.74 5.79
CAA CLA AL . 44.07 61.05 6.67
CBA CLA AL . 43.30 62.01 7.55
CGA CLA AL . 44.22 62.61 8.56
O1A CLA AL . 44.80 62.05 9.50
O2A CLA AL . 44.44 63.95 8.37
NB CLA AL . 42.01 61.66 1.13
C1B CLA AL . 41.16 62.20 2.05
C2B CLA AL . 40.30 63.24 1.42
C3B CLA AL . 40.68 63.32 0.11
C4B CLA AL . 41.78 62.33 -0.10
CMB CLA AL . 39.29 64.00 2.16
CAB CLA AL . 40.23 64.19 -0.94
CBB CLA AL . 40.39 65.52 -0.94
NC CLA AL . 44.15 60.50 -0.49
C1C CLA AL . 43.57 61.29 -1.46
C2C CLA AL . 44.30 61.18 -2.71
C3C CLA AL . 45.39 60.36 -2.46
C4C CLA AL . 45.29 59.92 -1.07
CMC CLA AL . 43.95 61.87 -3.94
CAC CLA AL . 46.43 59.95 -3.42
CBC CLA AL . 46.06 58.70 -4.19
ND CLA AL . 45.16 59.29 1.78
C1D CLA AL . 46.14 58.75 0.91
C2D CLA AL . 47.07 57.89 1.68
C3D CLA AL . 46.66 57.99 3.01
C4D CLA AL . 45.47 58.86 3.00
CMD CLA AL . 48.20 57.17 1.12
CAD CLA AL . 46.90 57.55 4.37
OBD CLA AL . 47.78 56.84 4.82
CBD CLA AL . 45.78 58.21 5.25
CGD CLA AL . 45.01 57.18 6.02
O1D CLA AL . 44.23 56.32 5.57
O2D CLA AL . 45.22 57.22 7.37
CED CLA AL . 44.54 56.27 8.19
C1 CLA AL . 45.36 64.33 7.33
C2 CLA AL . 45.88 65.67 7.66
C3 CLA AL . 46.69 66.37 6.83
C4 CLA AL . 47.10 65.83 5.51
C5 CLA AL . 47.19 67.72 7.22
C6 CLA AL . 46.61 68.82 6.33
MG CLA BL . 48.18 44.89 -2.73
CHA CLA BL . 45.71 43.36 -0.80
CHB CLA BL . 48.83 41.83 -4.15
CHC CLA BL . 49.73 46.43 -5.40
CHD CLA BL . 46.91 48.05 -1.71
NA CLA BL . 47.44 42.94 -2.46
C1A CLA BL . 46.41 42.51 -1.62
C2A CLA BL . 46.21 41.00 -1.69
C3A CLA BL . 47.45 40.54 -2.48
C4A CLA BL . 47.95 41.84 -3.10
CMA CLA BL . 48.50 39.93 -1.58
CAA CLA BL . 44.89 40.56 -2.34
CBA CLA BL . 44.50 41.40 -3.53
CGA CLA BL . 43.13 41.02 -3.98
O1A CLA BL . 42.06 41.51 -3.66
O2A CLA BL . 43.15 39.97 -4.85
NB CLA BL . 49.18 44.26 -4.37
C1B CLA BL . 49.32 42.97 -4.77
C2B CLA BL . 50.11 42.92 -6.04
C3B CLA BL . 50.37 44.20 -6.40
C4B CLA BL . 49.75 45.08 -5.37
CMB CLA BL . 50.39 41.67 -6.75
CAB CLA BL . 51.02 44.69 -7.60
CBB CLA BL . 51.95 45.64 -7.66
NC CLA BL . 48.35 46.87 -3.39
C1C CLA BL . 49.08 47.29 -4.46
C2C CLA BL . 49.03 48.74 -4.58
C3C CLA BL . 48.19 49.19 -3.58
C4C CLA BL . 47.79 48.01 -2.81
CMC CLA BL . 49.69 49.52 -5.63
CAC CLA BL . 47.86 50.59 -3.27
CBC CLA BL . 48.88 51.16 -2.31
ND CLA BL . 46.67 45.60 -1.59
C1D CLA BL . 46.36 46.92 -1.15
C2D CLA BL . 45.38 46.85 -0.04
C3D CLA BL . 45.09 45.50 0.12
C4D CLA BL . 45.92 44.78 -0.86
CMD CLA BL . 44.84 48.00 0.68
CAD CLA BL . 44.35 44.51 0.90
OBD CLA BL . 43.60 44.67 1.85
CBD CLA BL . 44.69 43.12 0.29
CGD CLA BL . 45.20 42.14 1.32
O1D CLA BL . 44.52 41.38 2.04
O2D CLA BL . 46.56 42.11 1.45
CED CLA BL . 47.09 41.30 2.51
C1 CLA BL . 43.55 40.26 -6.21
C2 CLA BL . 44.76 39.43 -6.47
C3 CLA BL . 45.14 38.99 -7.68
C4 CLA BL . 44.38 39.27 -8.92
C5 CLA BL . 46.38 38.17 -7.81
C6 CLA BL . 47.39 38.51 -6.74
C7 CLA BL . 48.52 37.50 -6.70
C8 CLA BL . 48.55 36.63 -5.45
C9 CLA BL . 47.67 37.16 -4.34
C10 CLA BL . 50.00 36.47 -4.96
C11 CLA BL . 50.11 36.13 -3.49
C12 CLA BL . 51.55 35.89 -3.08
C13 CLA BL . 51.87 36.50 -1.72
C14 CLA BL . 53.18 35.95 -1.19
C15 CLA BL . 50.76 36.27 -0.70
MG CLA CL . 42.55 48.61 -14.17
CHA CLA CL . 43.57 47.24 -17.20
CHB CLA CL . 39.29 48.46 -15.27
CHC CLA CL . 41.44 48.93 -10.92
CHD CLA CL . 45.83 48.02 -12.92
NA CLA CL . 41.62 48.01 -15.95
C1A CLA CL . 42.22 47.45 -17.08
C2A CLA CL . 41.18 47.18 -18.18
C3A CLA CL . 39.93 47.91 -17.64
C4A CLA CL . 40.28 48.14 -16.17
CMA CLA CL . 39.70 49.21 -18.37
CAA CLA CL . 40.94 45.69 -18.39
CBA CLA CL . 40.50 44.96 -17.14
CGA CLA CL . 40.16 43.53 -17.46
O1A CLA CL . 39.47 43.11 -18.40
O2A CLA CL . 40.70 42.63 -16.59
NB CLA CL . 40.73 48.63 -13.27
C1B CLA CL . 39.53 48.69 -13.90
C2B CLA CL . 38.44 49.03 -12.94
C3B CLA CL . 39.05 49.17 -11.71
C4B CLA CL . 40.50 48.92 -11.90
CMB CLA CL . 37.04 49.16 -13.32
CAB CLA CL . 38.47 49.48 -10.43
CBB CLA CL . 37.42 48.87 -9.87
NC CLA CL . 43.48 48.57 -12.29
C1C CLA CL . 42.84 48.79 -11.10
C2C CLA CL . 43.79 48.75 -9.99
C3C CLA CL . 45.03 48.42 -10.54
C4C CLA CL . 44.83 48.32 -11.99
CMC CLA CL . 43.44 48.96 -8.59
CAC CLA CL . 46.30 48.25 -9.84
CBC CLA CL . 46.98 49.57 -9.50
ND CLA CL . 44.34 47.97 -14.87
C1D CLA CL . 45.62 47.84 -14.26
C2D CLA CL . 46.61 47.49 -15.31
C3D CLA CL . 45.87 47.26 -16.47
C4D CLA CL . 44.46 47.52 -16.11
CMD CLA CL . 48.05 47.37 -15.10
CAD CLA CL . 45.92 46.89 -17.87
OBD CLA CL . 46.89 46.73 -18.60
CBD CLA CL . 44.43 46.75 -18.34
CGD CLA CL . 44.17 47.48 -19.63
O1D CLA CL . 44.28 48.69 -19.86
O2D CLA CL . 43.77 46.67 -20.65
CED CLA CL . 43.56 47.25 -21.93
C1 CLA CL . 39.91 42.27 -15.44
C2 CLA CL . 39.49 40.86 -15.63
C3 CLA CL . 39.28 40.01 -14.61
MG CLA DL . 53.62 59.60 -20.89
CHA CLA DL . 51.12 61.14 -22.74
CHB CLA DL . 55.93 60.69 -23.18
CHC CLA DL . 56.16 58.69 -18.75
CHD CLA DL . 51.26 59.05 -18.28
NA CLA DL . 53.52 60.72 -22.66
C1A CLA DL . 52.37 61.27 -23.26
C2A CLA DL . 52.72 61.99 -24.57
C3A CLA DL . 54.23 61.66 -24.77
C4A CLA DL . 54.61 60.99 -23.45
CMA CLA DL . 54.45 60.75 -25.95
CAA CLA DL . 52.47 63.50 -24.48
CBA CLA DL . 53.75 64.30 -24.37
CGA CLA DL . 54.21 64.28 -22.95
O1A CLA DL . 53.60 63.90 -21.95
O2A CLA DL . 55.48 64.78 -22.80
NB CLA DL . 55.64 59.73 -20.93
C1B CLA DL . 56.39 60.07 -22.02
C2B CLA DL . 57.81 59.68 -21.81
C3B CLA DL . 57.89 59.12 -20.55
C4B CLA DL . 56.51 59.14 -19.99
CMB CLA DL . 58.86 59.93 -22.81
CAB CLA DL . 59.01 58.57 -19.82
CBB CLA DL . 60.21 59.15 -19.69
NC CLA DL . 53.69 58.97 -18.90
C1C CLA DL . 54.83 58.62 -18.24
C2C CLA DL . 54.51 58.17 -16.88
C3C CLA DL . 53.13 58.32 -16.73
C4C CLA DL . 52.63 58.81 -18.01
CMC CLA DL . 55.49 57.70 -15.90
CAC CLA DL . 52.33 58.00 -15.54
CBC CLA DL . 52.02 59.23 -14.73
ND CLA DL . 51.66 59.94 -20.53
C1D CLA DL . 50.80 59.58 -19.46
C2D CLA DL . 49.40 59.89 -19.84
C3D CLA DL . 49.47 60.47 -21.09
C4D CLA DL . 50.89 60.51 -21.46
CMD CLA DL . 48.23 59.62 -19.02
CAD CLA DL . 48.71 61.06 -22.19
OBD CLA DL . 47.50 61.20 -22.33
CBD CLA DL . 49.75 61.55 -23.25
CGD CLA DL . 49.48 60.98 -24.61
O1D CLA DL . 49.05 59.86 -24.88
O2D CLA DL . 49.75 61.84 -25.64
CED CLA DL . 50.00 61.26 -26.93
C1 CLA DL . 56.27 64.16 -21.76
C2 CLA DL . 57.67 64.31 -22.19
C3 CLA DL . 58.72 63.96 -21.42
C4 CLA DL . 60.11 64.14 -21.89
C5 CLA DL . 58.51 63.41 -20.04
C6 CLA DL . 59.31 64.13 -18.97
C7 CLA DL . 58.78 63.84 -17.58
C8 CLA DL . 59.81 64.09 -16.49
C9 CLA DL . 60.99 63.16 -16.65
C10 CLA DL . 59.21 63.93 -15.09
C11 CLA DL . 60.26 63.99 -14.01
C12 CLA DL . 59.70 63.66 -12.64
C13 CLA DL . 60.78 63.62 -11.56
C14 CLA DL . 61.74 62.47 -11.80
C15 CLA DL . 60.14 63.55 -10.18
C16 CLA DL . 61.10 63.07 -9.10
C17 CLA DL . 61.74 64.21 -8.36
C18 CLA DL . 62.14 63.82 -6.94
C19 CLA DL . 63.27 62.81 -6.97
C20 CLA DL . 60.96 63.26 -6.18
MG CLA EL . 69.19 52.67 -26.64
CHA CLA EL . 66.88 55.23 -27.02
CHB CLA EL . 70.42 53.35 -29.76
CHC CLA EL . 71.07 49.80 -26.50
CHD CLA EL . 67.43 51.61 -23.74
NA CLA EL . 68.71 54.06 -28.13
C1A CLA EL . 67.73 55.07 -28.09
C2A CLA EL . 67.73 55.90 -29.38
C3A CLA EL . 68.89 55.27 -30.21
C4A CLA EL . 69.39 54.14 -29.32
CMA CLA EL . 68.40 54.77 -31.55
CAA CLA EL . 68.06 57.36 -29.12
CBA CLA EL . 69.56 57.59 -28.95
CGA CLA EL . 69.83 58.73 -28.01
O1A CLA EL . 69.31 59.84 -27.99
O2A CLA EL . 70.79 58.43 -27.08
NB CLA EL . 70.44 51.72 -27.91
C1B CLA EL . 70.96 52.26 -29.05
C2B CLA EL . 72.18 51.52 -29.47
C3B CLA EL . 72.37 50.52 -28.56
C4B CLA EL . 71.27 50.63 -27.57
CMB CLA EL . 72.94 51.86 -30.67
CAB CLA EL . 73.38 49.50 -28.51
CBB CLA EL . 73.15 48.19 -28.66
NC CLA EL . 69.23 51.02 -25.35
C1C CLA EL . 70.11 49.98 -25.47
C2C CLA EL . 69.92 49.02 -24.39
C3C CLA EL . 68.86 49.50 -23.62
C4C CLA EL . 68.45 50.77 -24.22
CMC CLA EL . 70.70 47.80 -24.21
CAC CLA EL . 68.30 48.89 -22.40
CBC CLA EL . 69.13 49.15 -21.17
ND CLA EL . 67.56 53.23 -25.58
C1D CLA EL . 67.00 52.77 -24.35
C2D CLA EL . 65.94 53.70 -23.91
C3D CLA EL . 65.87 54.67 -24.90
C4D CLA EL . 66.87 54.32 -25.92
CMD CLA EL . 65.17 53.56 -22.68
CAD CLA EL . 65.19 55.88 -25.33
OBD CLA EL . 64.31 56.52 -24.78
CBD CLA EL . 65.80 56.26 -26.72
CGD CLA EL . 64.75 56.33 -27.81
O1D CLA EL . 64.58 55.55 -28.75
O2D CLA EL . 63.93 57.41 -27.70
CED CLA EL . 64.52 58.71 -27.65
C1 CLA EL . 70.76 59.19 -25.85
C2 CLA EL . 71.87 58.66 -25.02
C3 CLA EL . 72.05 58.98 -23.72
C4 CLA EL . 73.16 58.42 -22.93
C5 CLA EL . 71.12 59.92 -23.02
C6 CLA EL . 70.83 59.52 -21.59
C7 CLA EL . 70.09 60.61 -20.84
C8 CLA EL . 69.58 60.18 -19.46
C9 CLA EL . 69.19 58.72 -19.44
C10 CLA EL . 68.42 61.07 -19.03
C11 CLA EL . 67.61 60.48 -17.89
C12 CLA EL . 68.23 60.74 -16.54
C13 CLA EL . 67.85 59.67 -15.53
C14 CLA EL . 67.53 60.27 -14.19
C15 CLA EL . 68.94 58.61 -15.40
NB KC2 FL . 64.67 58.13 -17.98
ND KC2 FL . 66.61 57.61 -21.53
C1A KC2 FL . 64.77 60.33 -21.79
C1B KC2 FL . 63.95 59.19 -17.62
C1C KC2 FL . 66.45 55.66 -17.70
C1D KC2 FL . 67.62 56.79 -21.93
C2A KC2 FL . 64.09 61.64 -21.81
C2B KC2 FL . 63.57 59.13 -16.19
C2C KC2 FL . 67.46 54.60 -17.58
C2D KC2 FL . 68.09 57.20 -23.28
C3A KC2 FL . 63.53 61.72 -20.44
C3B KC2 FL . 64.18 57.89 -15.69
C3C KC2 FL . 68.14 54.56 -18.89
C3D KC2 FL . 67.25 58.35 -23.63
C4A KC2 FL . 63.94 60.46 -19.77
C4B KC2 FL . 64.83 57.34 -16.89
C4C KC2 FL . 67.44 55.62 -19.65
C4D KC2 FL . 66.36 58.57 -22.55
CAA KC2 FL . 63.96 62.67 -22.88
CAB KC2 FL . 64.25 57.16 -14.39
CAC KC2 FL . 69.26 53.60 -19.21
CAD KC2 FL . 67.01 59.37 -24.71
CBA KC2 FL . 62.97 62.90 -23.74
CBB KC2 FL . 64.14 57.79 -13.23
CBC KC2 FL . 68.74 52.47 -20.06
CBD KC2 FL . 66.09 60.33 -24.11
CED KC2 FL . 67.69 63.72 -24.60
CGA KC2 FL . 63.24 62.51 -25.13
CGD KC2 FL . 66.87 61.56 -23.81
CHA KC2 FL . 65.51 59.74 -22.89
CHB KC2 FL . 63.46 60.34 -18.39
CHC KC2 FL . 65.52 56.08 -16.65
CHD KC2 FL . 68.03 55.70 -21.02
CMA KC2 FL . 62.72 62.83 -19.82
CMB KC2 FL . 62.76 60.12 -15.39
CMC KC2 FL . 67.70 53.76 -16.34
CMD KC2 FL . 69.21 56.42 -23.92
NA KC2 FL . 64.67 59.60 -20.50
NC KC2 FL . 66.38 56.30 -18.86
O1A KC2 FL . 63.39 61.30 -25.38
O1D KC2 FL . 67.70 61.60 -22.90
O2A KC2 FL . 63.70 63.43 -25.87
O2D KC2 FL . 66.74 62.67 -24.71
OBD KC2 FL . 67.44 59.04 -25.89
MG KC2 FL . 65.40 57.78 -19.87
MG CLA GL . 67.76 40.64 -11.43
CHA CLA GL . 69.86 38.84 -9.32
CHB CLA GL . 70.47 42.42 -12.53
CHC CLA GL . 65.88 41.84 -14.05
CHD CLA GL . 65.14 38.38 -10.64
NA CLA GL . 69.82 40.62 -10.98
C1A CLA GL . 70.49 39.79 -10.07
C2A CLA GL . 71.99 40.12 -10.02
C3A CLA GL . 72.09 41.39 -10.89
C4A CLA GL . 70.70 41.49 -11.54
CMA CLA GL . 72.42 42.61 -10.08
CAA CLA GL . 72.84 38.99 -10.57
CBA CLA GL . 72.31 38.44 -11.88
CGA CLA GL . 73.22 37.36 -12.38
O1A CLA GL . 73.50 36.28 -11.83
O2A CLA GL . 73.77 37.63 -13.60
NB CLA GL . 68.12 41.86 -13.00
C1B CLA GL . 69.24 42.59 -13.20
C2B CLA GL . 69.01 43.63 -14.24
C3B CLA GL . 67.71 43.48 -14.67
C4B CLA GL . 67.14 42.34 -13.89
CMB CLA GL . 70.05 44.57 -14.66
CAB CLA GL . 66.95 44.18 -15.68
CBB CLA GL . 66.99 45.48 -15.94
NC CLA GL . 65.87 40.19 -12.20
C1C CLA GL . 65.28 40.83 -13.25
C2C CLA GL . 63.94 40.31 -13.48
C3C CLA GL . 63.73 39.31 -12.54
C4C CLA GL . 64.94 39.26 -11.71
CMC CLA GL . 63.03 40.76 -14.54
CAC CLA GL . 62.51 38.51 -12.34
CBC CLA GL . 62.64 37.06 -12.76
ND CLA GL . 67.49 38.98 -10.29
C1D CLA GL . 66.34 38.23 -9.97
C2D CLA GL . 66.64 37.32 -8.85
C3D CLA GL . 67.98 37.49 -8.57
C4D CLA GL . 68.46 38.54 -9.49
CMD CLA GL . 65.67 36.41 -8.25
CAD CLA GL . 69.11 37.11 -7.72
OBD CLA GL . 69.14 36.30 -6.80
CBD CLA GL . 70.34 37.94 -8.20
CGD CLA GL . 70.97 38.71 -7.07
O1D CLA GL . 71.11 39.93 -6.97
O2D CLA GL . 71.40 37.91 -6.05
CED CLA GL . 72.60 38.29 -5.36
C1 CLA GL . 74.08 36.48 -14.42
C2 CLA GL . 74.63 37.01 -15.70
C3 CLA GL . 74.83 36.24 -16.77
C4 CLA GL . 74.51 34.79 -16.78
C5 CLA GL . 75.39 36.80 -18.03
C6 CLA GL . 74.38 37.66 -18.76
C7 CLA GL . 73.90 36.98 -20.03
C8 CLA GL . 74.77 37.34 -21.23
C9 CLA GL . 74.29 38.62 -21.86
C10 CLA GL . 74.78 36.21 -22.25
C11 CLA GL . 75.39 34.95 -21.69
C12 CLA GL . 75.47 33.85 -22.74
C13 CLA GL . 75.91 32.53 -22.12
C14 CLA GL . 77.40 32.31 -22.30
C15 CLA GL . 75.13 31.36 -22.71
MG CLA HL . 57.79 35.99 -9.49
CHA CLA HL . 58.89 34.13 -6.77
CHB CLA HL . 60.19 34.48 -11.42
CHC CLA HL . 56.15 37.03 -12.35
CHD CLA HL . 54.93 36.91 -7.59
NA CLA HL . 59.31 34.60 -9.13
C1A CLA HL . 59.60 33.93 -7.93
C2A CLA HL . 60.79 33.00 -8.09
C3A CLA HL . 61.37 33.44 -9.44
C4A CLA HL . 60.22 34.20 -10.07
CMA CLA HL . 62.55 34.35 -9.26
CAA CLA HL . 60.33 31.56 -8.15
CBA CLA HL . 61.32 30.59 -7.52
CGA CLA HL . 60.94 29.20 -7.92
O1A CLA HL . 59.82 28.69 -7.92
O2A CLA HL . 62.02 28.46 -8.34
NB CLA HL . 58.14 35.84 -11.47
C1B CLA HL . 59.17 35.18 -12.08
C2B CLA HL . 59.11 35.32 -13.55
C3B CLA HL . 57.96 36.05 -13.82
C4B CLA HL . 57.33 36.37 -12.51
CMB CLA HL . 60.08 34.69 -14.45
CAB CLA HL . 57.36 36.42 -15.07
CBB CLA HL . 57.02 35.56 -16.04
NC CLA HL . 55.94 36.88 -9.89
C1C CLA HL . 55.50 37.29 -11.12
C2C CLA HL . 54.20 37.95 -11.01
C3C CLA HL . 53.81 37.82 -9.68
C4C CLA HL . 54.91 37.18 -8.97
CMC CLA HL . 53.47 38.52 -12.13
CAC CLA HL . 52.57 38.34 -9.07
CBC CLA HL . 51.53 37.27 -8.83
ND CLA HL . 57.04 35.66 -7.65
C1D CLA HL . 55.91 36.20 -6.96
C2D CLA HL . 56.01 35.85 -5.52
C3D CLA HL . 57.14 35.07 -5.38
C4D CLA HL . 57.73 34.96 -6.74
CMD CLA HL . 55.05 36.27 -4.50
CAD CLA HL . 58.00 34.34 -4.47
OBD CLA HL . 57.92 34.22 -3.25
CBD CLA HL . 59.12 33.67 -5.34
CGD CLA HL . 60.50 34.05 -4.86
O1D CLA HL . 60.96 35.19 -4.70
O2D CLA HL . 61.31 33.00 -4.59
CED CLA HL . 62.45 33.20 -3.77
C03 II0 IL . 70.02 47.63 -11.62
C04 II0 IL . 54.44 65.93 -16.94
C05 II0 IL . 70.53 46.49 -10.75
C06 II0 IL . 54.53 66.91 -18.11
C07 II0 IL . 69.54 46.11 -9.65
C08 II0 IL . 53.61 66.51 -19.19
C09 II0 IL . 68.57 47.41 -12.00
C10 II0 IL . 54.13 64.48 -17.32
C11 II0 IL . 68.22 45.74 -10.30
C12 II0 IL . 52.80 65.26 -19.20
C13 II0 IL . 68.01 46.34 -11.69
C14 II0 IL . 53.30 64.18 -18.32
C15 II0 IL . 70.13 48.94 -10.84
C16 II0 IL . 70.88 47.69 -12.87
C17 II0 IL . 53.52 66.71 -16.01
C18 II0 IL . 55.87 65.94 -16.42
C19 II0 IL . 66.74 45.94 -12.43
C20 II0 IL . 53.26 62.84 -18.81
C21 II0 IL . 67.94 48.30 -13.05
C22 II0 IL . 54.96 63.41 -16.68
C23 II0 IL . 67.43 49.04 -13.88
C24 II0 IL . 55.64 62.53 -16.18
C25 II0 IL . 66.80 49.90 -14.84
C26 II0 IL . 56.54 61.44 -15.60
C27 II0 IL . 67.27 49.91 -16.29
C28 II0 IL . 55.97 61.22 -14.26
C29 II0 IL . 65.82 50.68 -14.42
C30 II0 IL . 57.65 60.78 -16.15
C31 II0 IL . 65.13 51.59 -15.30
C32 II0 IL . 58.32 59.78 -15.37
C33 II0 IL . 64.02 52.15 -14.85
C34 II0 IL . 59.09 58.93 -16.04
C35 II0 IL . 63.27 53.09 -15.66
C36 II0 IL . 59.84 57.85 -15.37
C37 II0 IL . 63.45 53.10 -17.18
C38 II0 IL . 59.96 57.82 -13.90
C39 II0 IL . 62.42 53.92 -15.06
C40 II0 IL . 60.40 56.93 -16.14
C41 II0 IL . 61.71 54.86 -16.02
C42 II0 IL . 61.16 55.87 -15.35
O01 II0 IL . 70.05 44.98 -8.94
O02 II0 IL . 53.02 67.66 -19.80
C03 II0 JL . 54.18 48.65 -3.80
C04 II0 JL . 56.30 37.62 -25.69
C05 II0 JL . 54.51 49.33 -2.48
C06 II0 JL . 55.38 36.97 -26.73
C07 II0 JL . 55.93 49.87 -2.41
C08 II0 JL . 54.90 37.97 -27.70
C09 II0 JL . 54.72 49.47 -4.98
C10 II0 JL . 56.05 39.10 -25.45
C11 II0 JL . 56.18 50.80 -3.60
C12 II0 JL . 55.26 39.42 -27.71
C13 II0 JL . 55.26 50.56 -4.79
C14 II0 JL . 55.87 39.93 -26.45
C15 II0 JL . 54.81 47.27 -3.83
C16 II0 JL . 52.67 48.55 -3.88
C17 II0 JL . 57.66 37.16 -26.21
C18 II0 JL . 55.91 36.89 -24.42
C19 II0 JL . 55.49 51.47 -5.97
C20 II0 JL . 55.89 41.34 -26.23
C21 II0 JL . 54.17 49.17 -6.39
C22 II0 JL . 56.41 39.61 -24.09
C23 II0 JL . 53.74 48.94 -7.50
C24 II0 JL . 56.67 40.02 -22.98
C25 II0 JL . 53.19 48.62 -8.78
C26 II0 JL . 56.91 40.54 -21.57
C27 II0 JL . 51.85 49.14 -9.22
C28 II0 JL . 58.37 40.39 -21.36
C29 II0 JL . 53.92 47.82 -9.58
C30 II0 JL . 55.98 41.06 -20.66
C31 II0 JL . 53.46 47.42 -10.88
C32 II0 JL . 56.40 41.52 -19.36
C33 II0 JL . 54.29 46.71 -11.62
C34 II0 JL . 55.55 42.33 -18.77
C35 II0 JL . 53.92 46.25 -12.96
C36 II0 JL . 55.80 42.91 -17.43
C37 II0 JL . 52.56 46.62 -13.55
C38 II0 JL . 57.03 42.59 -16.70
C39 II0 JL . 54.79 45.51 -13.63
C40 II0 JL . 54.85 43.70 -16.95
C41 II0 JL . 54.31 45.08 -15.00
C42 II0 JL . 55.18 44.25 -15.57
O01 II0 JL . 56.06 50.64 -1.21
O02 II0 JL . 54.68 37.36 -28.98
C03 II0 KL . 66.97 29.63 -8.03
C04 II0 KL . 63.98 48.02 -24.68
C05 II0 KL . 66.79 28.83 -6.75
C06 II0 KL . 63.40 48.81 -25.87
C07 II0 KL . 67.18 29.63 -5.51
C08 II0 KL . 62.68 47.92 -26.77
C09 II0 KL . 66.26 30.97 -7.92
C10 II0 KL . 64.45 46.60 -24.98
C11 II0 KL . 66.44 30.96 -5.51
C12 II0 KL . 62.77 46.43 -26.77
C13 II0 KL . 65.73 31.26 -6.83
C14 II0 KL . 63.78 45.84 -25.84
C15 II0 KL . 68.45 29.87 -8.27
C16 II0 KL . 66.35 28.83 -9.18
C17 II0 KL . 62.90 48.29 -23.64
C18 II0 KL . 65.24 48.82 -24.38
C19 II0 KL . 64.55 32.22 -6.83
C20 II0 KL . 63.88 44.42 -25.78
C21 II0 KL . 65.82 31.68 -9.19
C22 II0 KL . 65.09 45.92 -23.81
C23 II0 KL . 65.48 32.23 -10.23
C24 II0 KL . 65.54 45.33 -22.84
C25 II0 KL . 65.05 32.87 -11.43
C26 II0 KL . 66.08 44.54 -21.67
C27 II0 KL . 63.86 32.30 -12.20
C28 II0 KL . 66.91 45.51 -20.92
C29 II0 KL . 65.67 33.95 -11.86
C30 II0 KL . 65.87 43.19 -21.31
C31 II0 KL . 65.24 34.61 -13.08
C32 II0 KL . 66.47 42.65 -20.12
C33 II0 KL . 65.92 35.65 -13.53
C34 II0 KL . 65.86 41.59 -19.64
C35 II0 KL . 65.45 36.32 -14.75
C36 II0 KL . 66.28 40.87 -18.41
C37 II0 KL . 64.42 35.63 -15.64
C38 II0 KL . 67.50 41.27 -17.69
C39 II0 KL . 65.94 37.51 -15.07
C40 II0 KL . 65.53 39.88 -18.01
C41 II0 KL . 65.38 38.08 -16.36
C42 II0 KL . 65.99 39.19 -16.74
O01 II0 KL . 66.81 28.90 -4.33
O02 II0 KL . 61.40 48.47 -27.11
C03 II0 LL . 49.21 62.52 9.37
C04 II0 LL . 48.55 55.62 -14.33
C05 II0 LL . 49.82 62.00 10.67
C06 II0 LL . 48.23 54.94 -15.65
C07 II0 LL . 48.85 61.17 11.52
C08 II0 LL . 46.78 54.86 -15.84
C09 II0 LL . 48.50 61.38 8.64
C10 II0 LL . 47.61 55.24 -13.18
C11 II0 LL . 48.17 60.13 10.65
C12 II0 LL . 45.75 55.01 -14.76
C13 II0 LL . 48.49 60.28 9.17
C14 II0 LL . 46.30 55.19 -13.39
C15 II0 LL . 48.22 63.63 9.68
C16 II0 LL . 50.36 63.05 8.52
C17 II0 LL . 48.68 57.07 -14.80
C18 II0 LL . 49.91 55.03 -13.98
C19 II0 LL . 48.73 59.03 8.33
C20 II0 LL . 45.40 55.24 -12.30
C21 II0 LL . 48.33 61.46 7.12
C22 II0 LL . 48.11 55.49 -11.79
C23 II0 LL . 48.19 61.51 5.91
C24 II0 LL . 48.45 55.69 -10.63
C25 II0 LL . 48.03 61.54 4.49
C26 II0 LL . 48.79 55.99 -9.17
C27 II0 LL . 46.77 62.16 3.89
C28 II0 LL . 49.81 54.98 -8.83
C29 II0 LL . 48.96 61.02 3.70
C30 II0 LL . 48.26 56.97 -8.31
C31 II0 LL . 48.80 61.05 2.27
C32 II0 LL . 48.71 57.07 -6.95
C33 II0 LL . 49.79 60.71 1.45
C34 II0 LL . 49.71 57.86 -6.57
C35 II0 LL . 49.53 60.77 0.01
C36 II0 LL . 50.04 57.90 -5.13
C37 II0 LL . 48.60 61.85 -0.54
C38 II0 LL . 50.70 56.74 -4.48
C39 II0 LL . 50.10 59.87 -0.80
C40 II0 LL . 49.71 58.99 -4.47
C41 II0 LL . 49.73 60.05 -2.26
C42 II0 LL . 50.05 58.99 -2.98
O01 II0 LL . 49.59 60.50 12.54
O02 II0 LL . 46.42 55.37 -17.13
C02 IHT ML . 63.61 39.40 -25.66
C03 IHT ML . 53.46 42.77 -3.09
C04 IHT ML . 64.39 38.98 -26.89
C05 IHT ML . 53.56 42.41 -1.61
C06 IHT ML . 65.72 38.42 -26.45
C07 IHT ML . 64.51 39.59 -24.42
C08 IHT ML . 52.45 41.38 -1.30
C09 IHT ML . 66.56 39.43 -25.69
C10 IHT ML . 65.78 40.03 -24.53
C11 IHT ML . 53.17 41.75 -4.17
C12 IHT ML . 52.51 40.24 -2.31
C13 IHT ML . 62.59 38.30 -25.41
C14 IHT ML . 62.87 40.72 -25.92
C15 IHT ML . 52.95 40.49 -3.75
C16 IHT ML . 54.90 43.14 -3.41
C17 IHT ML . 52.57 43.95 -3.49
C18 IHT ML . 64.05 39.05 -23.13
C19 IHT ML . 66.09 41.51 -24.37
C20 IHT ML . 52.52 39.38 -4.70
C21 IHT ML . 53.62 41.95 -5.62
C22 IHT ML . 63.69 39.92 -22.10
C23 IHT ML . 63.19 39.44 -20.76
C24 IHT ML . 54.02 42.14 -6.77
C25 IHT ML . 63.29 38.00 -20.29
C26 IHT ML . 54.52 42.32 -8.19
C27 IHT ML . 62.60 40.29 -19.86
C28 IHT ML . 54.55 43.69 -8.90
C29 IHT ML . 54.98 41.29 -8.96
C30 IHT ML . 62.10 39.83 -18.53
C31 IHT ML . 55.46 41.52 -10.31
C32 IHT ML . 60.80 39.52 -18.28
C33 IHT ML . 60.37 39.07 -16.89
C34 IHT ML . 56.61 40.88 -10.74
C35 IHT ML . 57.12 41.14 -12.15
C36 IHT ML . 60.96 37.78 -16.26
C37 IHT ML . 59.50 39.79 -16.23
C38 IHT ML . 58.05 40.20 -12.74
C39 IHT ML . 56.67 42.36 -12.91
C40 IHT ML . 59.04 39.44 -14.88
C41 IHT ML . 58.54 40.45 -14.09
O01 IHT ML . 52.68 40.85 0.01
O1 LHG NL . 68.82 49.82 -34.39
C1 LHG NL . 68.07 49.77 -33.17
C2 LHG NL . 68.88 50.40 -32.04
O2 LHG NL . 70.03 49.59 -31.79
C3 LHG NL . 68.03 50.48 -30.78
O3 LHG NL . 68.06 49.24 -30.10
P LHG NL . 67.26 49.05 -28.71
O4 LHG NL . 67.75 50.11 -27.75
O5 LHG NL . 65.79 48.94 -29.03
O6 LHG NL . 67.78 47.62 -28.20
C4 LHG NL . 67.29 47.09 -26.96
C5 LHG NL . 67.72 45.63 -26.81
C6 LHG NL . 67.75 44.96 -28.18
O7 LHG NL . 69.02 45.53 -26.23
C7 LHG NL . 69.04 44.69 -25.05
O9 LHG NL . 67.98 44.37 -24.53
C8 LHG NL . 70.36 44.23 -24.48
C9 LHG NL . 70.40 42.71 -24.32
C10 LHG NL . 69.92 42.29 -22.95
O8 LHG NL . 67.71 43.55 -27.98
C23 LHG NL . 68.23 42.62 -28.97
O10 LHG NL . 69.03 43.01 -29.81
C24 LHG NL . 67.77 41.19 -28.94
C11 LHG NL . 70.57 40.97 -22.54
C12 LHG NL . 69.99 40.44 -21.23
C13 LHG NL . 68.59 39.88 -21.43
C14 LHG NL . 68.62 38.66 -22.34
C15 LHG NL . 69.46 37.54 -21.72
C16 LHG NL . 69.66 36.40 -22.70
C17 LHG NL . 68.33 35.76 -23.08
C18 LHG NL . 68.54 34.57 -24.01
C19 LHG NL . 69.42 33.51 -23.35
C20 LHG NL . 69.69 32.35 -24.29
C21 LHG NL . 70.61 31.32 -23.64
C22 LHG NL . 70.90 30.17 -24.58
C25 LHG NL . 68.88 40.23 -29.37
C26 LHG NL . 68.33 38.81 -29.38
C27 LHG NL . 69.42 37.77 -29.14
C28 LHG NL . 68.79 36.50 -28.58
C29 LHG NL . 69.80 35.38 -28.44
C30 LHG NL . 70.22 34.84 -29.80
C31 LHG NL . 70.83 33.45 -29.68
C32 LHG NL . 71.19 32.89 -31.05
C33 LHG NL . 69.96 32.80 -31.95
C34 LHG NL . 68.98 31.76 -31.45
C35 LHG NL . 67.76 31.66 -32.37
C1 LMG OL . 40.67 47.35 2.92
O1 LMG OL . 41.09 47.24 1.56
C2 LMG OL . 41.81 46.88 3.82
O2 LMG OL . 42.06 45.49 3.60
C3 LMG OL . 41.46 47.11 5.30
O3 LMG OL . 42.62 46.82 6.11
C4 LMG OL . 41.02 48.54 5.53
O4 LMG OL . 42.13 49.42 5.31
C5 LMG OL . 39.90 48.90 4.56
O5 LMG OL . 38.35 50.63 3.89
C6 LMG OL . 39.46 50.35 4.76
O6 LMG OL . 40.34 48.71 3.22
C7 LMG OL . 40.05 47.59 0.65
C8 LMG OL . 40.60 47.57 -0.76
C9 LMG OL . 41.34 46.25 -0.99
O7 LMG OL . 39.53 47.67 -1.71
C10 LMG OL . 39.19 49.04 -2.03
O9 LMG OL . 39.85 49.95 -1.56
C11 LMG OL . 38.04 49.34 -2.98
C12 LMG OL . 37.90 50.84 -3.17
C13 LMG OL . 36.46 51.20 -3.52
C14 LMG OL . 36.05 50.65 -4.88
C15 LMG OL . 36.19 51.71 -5.96
C16 LMG OL . 35.33 52.93 -5.64
C17 LMG OL . 35.48 54.01 -6.71
C18 LMG OL . 34.89 53.54 -8.03
O8 LMG OL . 41.87 46.20 -2.31
C28 LMG OL . 42.41 44.94 -2.81
O10 LMG OL . 42.37 43.96 -2.09
C29 LMG OL . 43.00 44.86 -4.19
C30 LMG OL . 44.33 45.61 -4.24
C31 LMG OL . 44.95 45.52 -5.63
C32 LMG OL . 45.34 44.08 -5.97
C33 LMG OL . 45.70 43.93 -7.43
C34 LMG OL . 46.34 42.57 -7.70
C35 LMG OL . 46.56 42.34 -9.18
C36 LMG OL . 47.58 41.23 -9.42
C37 LMG OL . 47.75 40.95 -10.91
C38 LMG OL . 48.98 40.09 -11.17
C39 LMG OL . 48.78 38.68 -10.66
MG CLA PL . 38.92 67.10 -16.99
CHA CLA PL . 37.49 70.20 -16.32
CHB CLA PL . 41.55 68.69 -18.48
CHC CLA PL . 40.75 64.18 -16.84
CHD CLA PL . 36.54 65.65 -14.76
NA CLA PL . 39.41 69.11 -17.35
C1A CLA PL . 38.69 70.25 -16.98
C2A CLA PL . 39.38 71.52 -17.46
C3A CLA PL . 40.54 70.99 -18.34
C4A CLA PL . 40.53 69.49 -18.04
CMA CLA PL . 40.31 71.27 -19.80
CAA CLA PL . 39.89 72.39 -16.32
CBA CLA PL . 40.75 71.64 -15.33
CGA CLA PL . 41.25 72.59 -14.28
O1A CLA PL . 40.84 73.72 -14.02
O2A CLA PL . 42.29 72.09 -13.56
NB CLA PL . 40.82 66.58 -17.47
C1B CLA PL . 41.64 67.31 -18.27
C2B CLA PL . 42.67 66.43 -18.90
C3B CLA PL . 42.44 65.17 -18.44
C4B CLA PL . 41.27 65.23 -17.52
CMB CLA PL . 43.69 66.94 -19.81
CAB CLA PL . 43.16 63.94 -18.72
CBB CLA PL . 43.89 63.27 -17.82
NC CLA PL . 38.66 65.25 -16.03
C1C CLA PL . 39.50 64.19 -16.14
C2C CLA PL . 39.01 63.05 -15.38
C3C CLA PL . 37.84 63.48 -14.74
C4C CLA PL . 37.62 64.86 -15.16
CMC CLA PL . 39.67 61.74 -15.29
CAC CLA PL . 36.98 62.70 -13.86
CBC CLA PL . 37.35 62.88 -12.41
ND CLA PL . 37.30 67.68 -15.92
C1D CLA PL . 36.38 66.97 -15.09
C2D CLA PL . 35.28 67.88 -14.71
C3D CLA PL . 35.63 69.13 -15.20
C4D CLA PL . 36.93 68.95 -15.88
CMD CLA PL . 34.09 67.50 -13.95
CAD CLA PL . 35.25 70.53 -15.34
OBD CLA PL . 34.19 71.08 -15.09
CBD CLA PL . 36.50 71.26 -15.91
CGD CLA PL . 36.14 72.17 -17.05
O1D CLA PL . 36.22 71.96 -18.26
O2D CLA PL . 35.66 73.38 -16.63
CED CLA PL . 35.79 74.47 -17.54
MG CLA QL . 26.21 67.21 -12.30
CHA CLA QL . 26.55 67.60 -15.73
CHB CLA QL . 23.16 65.70 -12.82
CHC CLA QL . 26.20 66.11 -9.04
CHD CLA QL . 29.61 68.17 -11.93
NA CLA QL . 25.06 66.75 -13.99
C1A CLA QL . 25.37 67.01 -15.34
C2A CLA QL . 24.25 66.55 -16.26
C3A CLA QL . 23.10 66.24 -15.29
C4A CLA QL . 23.80 66.20 -13.93
CMA CLA QL . 22.05 67.31 -15.33
CAA CLA QL . 24.66 65.32 -17.08
CBA CLA QL . 25.50 64.35 -16.28
CGA CLA QL . 24.61 63.34 -15.62
O1A CLA QL . 23.55 62.86 -16.04
O2A CLA QL . 25.07 62.93 -14.40
NB CLA QL . 24.94 66.13 -11.17
C1B CLA QL . 23.72 65.64 -11.53
C2B CLA QL . 23.02 65.03 -10.37
C3B CLA QL . 23.88 65.15 -9.28
C4B CLA QL . 25.10 65.84 -9.79
CMB CLA QL . 21.69 64.44 -10.49
CAB CLA QL . 23.80 64.74 -7.90
CBB CLA QL . 22.83 64.06 -7.30
NC CLA QL . 27.63 67.18 -10.77
C1C CLA QL . 27.39 66.74 -9.49
C2C CLA QL . 28.56 66.96 -8.66
C3C CLA QL . 29.56 67.47 -9.50
C4C CLA QL . 28.96 67.62 -10.81
CMC CLA QL . 28.65 66.63 -7.24
CAC CLA QL . 30.91 67.85 -9.10
CBC CLA QL . 31.88 66.70 -9.27
ND CLA QL . 27.76 67.75 -13.48
C1D CLA QL . 29.06 68.25 -13.19
C2D CLA QL . 29.66 68.79 -14.43
C3D CLA QL . 28.74 68.57 -15.44
C4D CLA QL . 27.59 67.91 -14.80
CMD CLA QL . 30.98 69.41 -14.50
CAD CLA QL . 28.43 68.72 -16.84
OBD CLA QL . 29.10 69.21 -17.75
CBD CLA QL . 27.01 68.10 -17.07
CGD CLA QL . 26.05 69.14 -17.58
O1D CLA QL . 25.81 70.25 -17.10
O2D CLA QL . 25.37 68.78 -18.71
CED CLA QL . 24.12 69.41 -18.97
C1 CLA QL . 24.16 62.15 -13.59
C2 CLA QL . 24.79 62.01 -12.25
C3 CLA QL . 24.30 61.20 -11.30
C4 CLA QL . 23.08 60.38 -11.50
C5 CLA QL . 24.97 61.11 -9.97
C6 CLA QL . 26.02 60.01 -9.93
C7 CLA QL . 25.63 58.91 -8.97
C8 CLA QL . 26.74 57.89 -8.78
C9 CLA QL . 26.25 56.51 -9.10
C10 CLA QL . 27.29 57.94 -7.36
C11 CLA QL . 28.15 59.17 -7.13
C12 CLA QL . 29.46 58.83 -6.44
C13 CLA QL . 30.65 58.97 -7.39
C14 CLA QL . 30.94 57.65 -8.09
C15 CLA QL . 31.89 59.49 -6.68
C16 CLA QL . 32.08 58.85 -5.32
C17 CLA QL . 33.28 57.94 -5.28
MG CLA RL . 19.78 61.73 -4.27
CHA CLA RL . 17.35 61.03 -6.67
CHB CLA RL . 22.19 60.71 -6.50
CHC CLA RL . 22.11 61.69 -1.73
CHD CLA RL . 17.20 61.95 -1.83
NA CLA RL . 19.75 61.04 -6.25
C1A CLA RL . 18.64 60.84 -7.09
C2A CLA RL . 19.07 60.34 -8.47
C3A CLA RL . 20.61 60.33 -8.40
C4A CLA RL . 20.89 60.73 -6.95
CMA CLA RL . 21.16 58.98 -8.76
CAA CLA RL . 18.67 61.33 -9.56
CBA CLA RL . 17.80 60.73 -10.64
CGA CLA RL . 18.65 59.89 -11.55
O1A CLA RL . 19.67 60.20 -12.16
O2A CLA RL . 18.17 58.62 -11.70
NB CLA RL . 21.75 61.33 -4.15
C1B CLA RL . 22.57 61.02 -5.19
C2B CLA RL . 23.99 61.01 -4.74
C3B CLA RL . 23.98 61.29 -3.39
C4B CLA RL . 22.55 61.46 -2.99
CMB CLA RL . 25.09 60.67 -5.64
CAB CLA RL . 25.05 61.33 -2.43
CBB CLA RL . 26.01 60.40 -2.28
NC CLA RL . 19.68 61.87 -2.18
C1C CLA RL . 20.76 61.89 -1.35
C2C CLA RL . 20.33 62.08 0.04
C3C CLA RL . 18.93 62.07 0.03
C4C CLA RL . 18.54 61.95 -1.37
CMC CLA RL . 21.22 62.17 1.20
CAC CLA RL . 18.05 62.24 1.20
CBC CLA RL . 17.72 63.68 1.45
ND CLA RL . 17.76 61.54 -4.18
C1D CLA RL . 16.83 61.75 -3.13
C2D CLA RL . 15.45 61.70 -3.69
C3D CLA RL . 15.61 61.47 -5.04
C4D CLA RL . 17.05 61.35 -5.30
CMD CLA RL . 14.24 61.88 -2.91
CAD CLA RL . 14.92 61.25 -6.31
OBD CLA RL . 13.72 61.27 -6.56
CBD CLA RL . 16.00 60.95 -7.37
CGD CLA RL . 15.74 59.63 -8.06
O1D CLA RL . 14.90 59.42 -8.95
O2D CLA RL . 16.50 58.61 -7.62
CED CLA RL . 16.55 57.42 -8.40
C1 CLA RL . 19.16 57.64 -12.08
C2 CLA RL . 19.00 56.47 -11.19
C3 CLA RL . 20.05 55.75 -10.76
C4 CLA RL . 21.43 56.10 -11.15
C5 CLA RL . 19.87 54.57 -9.85
C6 CLA RL . 18.44 54.39 -9.39
C7 CLA RL . 18.39 53.47 -8.18
C8 CLA RL . 17.35 53.95 -7.18
C9 CLA RL . 18.03 54.42 -5.90
C10 CLA RL . 16.33 52.86 -6.86
C11 CLA RL . 14.93 53.42 -6.77
C12 CLA RL . 14.35 53.74 -8.14
C13 CLA RL . 13.05 54.53 -8.04
C14 CLA RL . 12.12 53.94 -6.98
C15 CLA RL . 12.33 54.60 -9.38
C16 CLA RL . 11.17 55.56 -9.34
C17 CLA RL . 9.95 54.99 -10.03
C18 CLA RL . 8.73 55.91 -9.97
C19 CLA RL . 8.69 56.75 -8.71
C20 CLA RL . 8.65 56.79 -11.21
MG CLA SL . 19.33 74.22 10.88
CHA CLA SL . 18.54 73.97 14.25
CHB CLA SL . 17.99 71.11 10.36
CHC CLA SL . 19.40 74.75 7.48
CHD CLA SL . 20.09 77.66 11.39
NA CLA SL . 18.43 72.79 12.11
C1A CLA SL . 18.21 72.87 13.50
C2A CLA SL . 17.53 71.61 14.03
C3A CLA SL . 17.59 70.66 12.81
C4A CLA SL . 18.02 71.57 11.66
CMA CLA SL . 18.55 69.51 13.04
CAA CLA SL . 16.09 71.87 14.47
CBA CLA SL . 15.23 72.53 13.42
CGA CLA SL . 15.17 74.01 13.65
O1A CLA SL . 14.84 74.62 14.66
O2A CLA SL . 15.56 74.73 12.54
NB CLA SL . 18.84 73.13 9.25
C1B CLA SL . 18.38 71.86 9.24
C2B CLA SL . 18.34 71.32 7.85
C3B CLA SL . 18.73 72.35 7.03
C4B CLA SL . 19.03 73.52 7.90
CMB CLA SL . 17.84 69.97 7.55
CAB CLA SL . 18.82 72.46 5.60
CBB CLA SL . 19.29 71.52 4.78
NC CLA SL . 19.70 75.89 9.67
C1C CLA SL . 19.71 75.88 8.31
C2C CLA SL . 20.07 77.20 7.78
C3C CLA SL . 20.22 78.03 8.89
C4C CLA SL . 20.01 77.20 10.06
CMC CLA SL . 20.19 77.52 6.35
CAC CLA SL . 20.61 79.46 8.87
CBC CLA SL . 19.48 80.41 9.19
ND CLA SL . 19.26 75.57 12.39
C1D CLA SL . 19.73 76.90 12.49
C2D CLA SL . 19.76 77.31 13.91
C3D CLA SL . 19.31 76.23 14.63
C4D CLA SL . 19.02 75.18 13.64
CMD CLA SL . 20.19 78.62 14.38
CAD CLA SL . 19.01 75.69 15.95
OBD CLA SL . 19.09 76.25 17.05
CBD CLA SL . 18.54 74.22 15.75
CGD CLA SL . 19.47 73.25 16.44
O1D CLA SL . 19.18 72.29 17.15
O2D CLA SL . 20.79 73.52 16.23
CED CLA SL . 21.72 73.01 17.19
C1 CLA SL . 15.79 76.14 12.73
C2 CLA SL . 16.30 76.64 11.42
C3 CLA SL . 15.90 77.81 10.88
C4 CLA SL . 14.92 78.69 11.54
C5 CLA SL . 16.44 78.25 9.56
C6 CLA SL . 15.62 77.77 8.38
C7 CLA SL . 15.88 78.62 7.17
C8 CLA SL . 15.61 77.90 5.85
C9 CLA SL . 16.39 76.61 5.78
C10 CLA SL . 15.97 78.80 4.68
C11 CLA SL . 14.75 79.27 3.93
C12 CLA SL . 15.00 80.59 3.23
C13 CLA SL . 14.20 80.70 1.94
C14 CLA SL . 14.82 81.71 0.99
C15 CLA SL . 12.74 81.07 2.21
C16 CLA SL . 11.85 80.65 1.07
C17 CLA SL . 10.43 81.17 1.25
C18 CLA SL . 9.45 80.44 0.35
NB KC2 TL . 3.90 74.61 14.42
ND KC2 TL . 7.75 73.34 14.96
C1A KC2 TL . 6.18 73.16 17.88
C1B KC2 TL . 2.94 74.65 15.35
C1C KC2 TL . 5.29 74.74 11.71
C1D KC2 TL . 8.81 73.16 14.11
C2A KC2 TL . 5.47 73.01 19.16
C2B KC2 TL . 1.63 75.08 14.77
C2C KC2 TL . 6.00 74.72 10.42
C2D KC2 TL . 9.93 72.58 14.89
C3A KC2 TL . 4.11 73.49 18.81
C3B KC2 TL . 1.93 75.30 13.35
C3C KC2 TL . 7.36 74.25 10.74
C3D KC2 TL . 9.44 72.45 16.28
C4A KC2 TL . 4.17 73.86 17.36
C4B KC2 TL . 3.37 74.99 13.24
C4C KC2 TL . 7.30 74.04 12.22
C4D KC2 TL . 8.11 72.94 16.27
CAA KC2 TL . 5.92 72.52 20.49
CAB KC2 TL . 1.14 75.73 12.16
CAC KC2 TL . 8.47 74.07 9.72
CAD KC2 TL . 9.82 72.00 17.66
CBA KC2 TL . 5.48 71.49 21.19
CBB KC2 TL . 1.04 77.01 11.86
CBC KC2 TL . 9.04 75.41 9.37
CBD KC2 TL . 8.59 72.07 18.44
CED KC2 TL . 8.08 68.92 20.46
CGA KC2 TL . 5.62 71.60 22.65
CGD KC2 TL . 8.13 70.68 18.74
CHA KC2 TL . 7.59 72.82 17.65
CHB KC2 TL . 2.93 74.37 16.78
CHC KC2 TL . 3.90 75.14 11.90
CHD KC2 TL . 8.61 73.55 12.70
CMA KC2 TL . 2.87 73.60 19.67
CMB KC2 TL . 0.30 75.25 15.45
CMC KC2 TL . 5.41 75.11 9.09
CMD KC2 TL . 11.21 72.28 14.17
NA KC2 TL . 5.37 73.68 16.77
NC KC2 TL . 5.96 74.37 12.80
O1A KC2 TL . 5.14 72.60 23.23
O1D KC2 TL . 7.11 70.21 18.25
O2A KC2 TL . 6.43 70.81 23.20
O2D KC2 TL . 8.76 70.01 19.85
OBD KC2 TL . 10.99 71.44 17.74
MG KC2 TL . 5.85 74.09 14.81
MG CLA UL . 11.45 64.99 -2.03
CHA CLA UL . 12.78 64.68 -5.22
CHB CLA UL . 8.32 64.62 -3.32
CHC CLA UL . 10.15 65.56 1.07
CHD CLA UL . 14.68 65.86 -0.83
NA CLA UL . 10.68 64.75 -3.96
C1A CLA UL . 11.41 64.60 -5.16
C2A CLA UL . 10.47 64.40 -6.35
C3A CLA UL . 9.06 64.57 -5.73
C4A CLA UL . 9.34 64.65 -4.23
CMA CLA UL . 8.39 65.82 -6.24
CAA CLA UL . 10.61 62.99 -6.91
CBA CLA UL . 10.25 61.93 -5.89
CGA CLA UL . 10.75 60.57 -6.27
O1A CLA UL . 10.55 59.94 -7.30
O2A CLA UL . 11.53 60.00 -5.29
NB CLA UL . 9.58 65.19 -1.31
C1B CLA UL . 8.48 64.71 -1.94
C2B CLA UL . 7.44 64.27 -0.96
C3B CLA UL . 7.96 64.53 0.30
C4B CLA UL . 9.31 65.14 0.09
CMB CLA UL . 6.16 63.72 -1.39
CAB CLA UL . 7.42 64.36 1.63
CBB CLA UL . 6.14 64.27 1.99
NC CLA UL . 12.27 65.67 -0.23
C1C CLA UL . 11.55 65.84 0.92
C2C CLA UL . 12.41 66.28 2.00
C3C CLA UL . 13.70 66.36 1.47
C4C CLA UL . 13.60 65.96 0.07
CMC CLA UL . 11.97 66.56 3.36
CAC CLA UL . 14.94 66.74 2.17
CBC CLA UL . 15.12 68.24 2.31
ND CLA UL . 13.30 65.30 -2.79
C1D CLA UL . 14.56 65.55 -2.17
C2D CLA UL . 15.63 65.41 -3.18
C3D CLA UL . 15.01 65.08 -4.36
C4D CLA UL . 13.56 65.03 -4.07
CMD CLA UL . 17.05 65.59 -2.90
CAD CLA UL . 15.19 64.78 -5.77
OBD CLA UL . 16.20 64.75 -6.45
CBD CLA UL . 13.76 64.49 -6.36
CGD CLA UL . 13.45 65.26 -7.61
O1D CLA UL . 12.82 66.32 -7.72
O2D CLA UL . 13.95 64.68 -8.72
CED CLA UL . 13.91 65.40 -9.96
C1 CLA UL . 11.19 58.65 -4.89
C2 CLA UL . 12.27 58.16 -4.00
C3 CLA UL . 13.42 57.65 -4.45
C4 CLA UL . 13.70 57.54 -5.91
C5 CLA UL . 14.48 57.16 -3.52
C6 CLA UL . 15.67 58.09 -3.38
C7 CLA UL . 16.87 57.62 -4.20
C8 CLA UL . 18.12 57.31 -3.38
C9 CLA UL . 18.18 58.10 -2.09
C10 CLA UL . 19.37 57.59 -4.22
C11 CLA UL . 20.62 57.01 -3.59
C12 CLA UL . 21.84 57.27 -4.44
C13 CLA UL . 23.10 56.60 -3.90
C14 CLA UL . 23.30 56.92 -2.43
C15 CLA UL . 24.34 56.99 -4.69
C16 CLA UL . 25.11 55.77 -5.16
C17 CLA UL . 26.46 55.67 -4.47
C18 CLA UL . 27.43 54.78 -5.24
C19 CLA UL . 26.79 53.48 -5.66
C20 CLA UL . 28.66 54.50 -4.40
MG CLA VL . 18.69 79.56 -6.92
CHA CLA VL . 16.16 80.25 -9.19
CHB CLA VL . 20.82 81.55 -8.74
CHC CLA VL . 20.93 79.55 -4.30
CHD CLA VL . 16.26 78.08 -4.80
NA CLA VL . 18.51 80.68 -8.68
C1A CLA VL . 17.36 80.85 -9.48
C2A CLA VL . 17.66 81.72 -10.69
C3A CLA VL . 19.20 81.90 -10.63
C4A CLA VL . 19.55 81.36 -9.25
CMA CLA VL . 19.89 81.14 -11.73
CAA CLA VL . 16.95 83.06 -10.62
CBA CLA VL . 17.91 84.23 -10.76
CGA CLA VL . 18.25 84.75 -9.39
O1A CLA VL . 17.73 84.41 -8.33
O2A CLA VL . 19.24 85.69 -9.37
NB CLA VL . 20.49 80.44 -6.56
C1B CLA VL . 21.25 81.07 -7.49
C2B CLA VL . 22.66 81.20 -7.01
C3B CLA VL . 22.69 80.65 -5.75
C4B CLA VL . 21.32 80.16 -5.45
CMB CLA VL . 23.71 81.85 -7.80
CAB CLA VL . 23.78 80.52 -4.82
CBB CLA VL . 24.65 81.47 -4.47
NC CLA VL . 18.62 78.90 -4.93
C1C CLA VL . 19.66 78.95 -4.05
C2C CLA VL . 19.28 78.36 -2.77
C3C CLA VL . 17.94 77.99 -2.90
C4C CLA VL . 17.54 78.32 -4.26
CMC CLA VL . 20.16 78.23 -1.61
CAC CLA VL . 17.10 77.34 -1.88
CBC CLA VL . 16.26 78.35 -1.13
ND CLA VL . 16.71 79.16 -6.95
C1D CLA VL . 15.85 78.46 -6.05
C2D CLA VL . 14.54 78.26 -6.70
C3D CLA VL . 14.60 78.92 -7.91
C4D CLA VL . 15.96 79.49 -8.00
CMD CLA VL . 13.42 77.52 -6.12
CAD CLA VL . 13.90 79.27 -9.13
OBD CLA VL . 12.78 78.95 -9.51
CBD CLA VL . 14.87 80.19 -9.96
CGD CLA VL . 15.07 79.65 -11.35
O1D CLA VL . 14.69 80.14 -12.41
O2D CLA VL . 15.76 78.48 -11.39
CED CLA VL . 16.16 77.96 -12.66
C1 CLA VL . 20.59 85.26 -9.06
C2 CLA VL . 20.64 84.84 -7.63
C3 CLA VL . 21.65 85.16 -6.81
C4 CLA VL . 22.80 85.97 -7.26
C5 CLA VL . 21.66 84.70 -5.39
C6 CLA VL . 22.11 85.76 -4.40
C7 CLA VL . 22.48 85.12 -3.08
C8 CLA VL . 22.29 86.05 -1.89
C9 CLA VL . 23.62 86.32 -1.22
C10 CLA VL . 21.30 85.44 -0.90
C11 CLA VL . 21.35 86.10 0.47
C12 CLA VL . 20.79 85.20 1.54
C13 CLA VL . 21.86 84.77 2.54
C14 CLA VL . 22.68 83.61 2.01
C15 CLA VL . 21.26 84.43 3.90
C16 CLA VL . 20.54 83.10 3.86
C17 CLA VL . 19.13 83.20 4.41
C18 CLA VL . 18.42 81.85 4.42
C19 CLA VL . 18.66 81.08 3.14
C20 CLA VL . 18.88 81.02 5.61
MG CLA WL . 36.02 78.46 -10.37
CHA CLA WL . 33.37 80.68 -10.65
CHB CLA WL . 37.76 80.33 -12.69
CHC CLA WL . 38.96 76.90 -9.44
CHD CLA WL . 34.45 77.09 -7.48
NA CLA WL . 35.60 80.18 -11.49
C1A CLA WL . 34.43 80.96 -11.46
C2A CLA WL . 34.52 82.14 -12.43
C3A CLA WL . 35.79 81.79 -13.27
C4A CLA WL . 36.45 80.70 -12.43
CMA CLA WL . 35.43 81.31 -14.65
CAA CLA WL . 34.67 83.46 -11.68
CBA CLA WL . 35.82 83.45 -10.69
CGA CLA WL . 35.66 84.50 -9.64
O1A CLA WL . 35.34 85.68 -9.77
O2A CLA WL . 35.90 84.03 -8.38
NB CLA WL . 37.96 78.60 -10.94
C1B CLA WL . 38.45 79.34 -11.97
C2B CLA WL . 39.86 78.98 -12.25
C3B CLA WL . 40.21 78.01 -11.34
C4B CLA WL . 39.01 77.76 -10.50
CMB CLA WL . 40.66 79.62 -13.29
CAB CLA WL . 41.46 77.34 -11.15
CBB CLA WL . 42.25 77.50 -10.09
NC CLA WL . 36.57 77.19 -8.80
C1C CLA WL . 37.81 76.64 -8.64
C2C CLA WL . 37.83 75.76 -7.48
C3C CLA WL . 36.58 75.87 -6.88
C4C CLA WL . 35.79 76.75 -7.72
CMC CLA WL . 39.00 74.99 -7.03
CAC CLA WL . 36.11 75.17 -5.67
CBC CLA WL . 36.18 76.06 -4.45
ND CLA WL . 34.32 78.73 -9.31
C1D CLA WL . 33.75 78.03 -8.21
C2D CLA WL . 32.35 78.48 -8.02
C3D CLA WL . 32.14 79.49 -8.95
C4D CLA WL . 33.41 79.62 -9.70
CMD CLA WL . 31.43 77.94 -7.01
CAD CLA WL . 31.21 80.46 -9.50
OBD CLA WL . 30.02 80.64 -9.22
CBD CLA WL . 31.98 81.29 -10.56
CGD CLA WL . 31.28 81.30 -11.89
O1D CLA WL . 31.61 80.70 -12.91
O2D CLA WL . 30.15 82.07 -11.91
CED CLA WL . 29.38 82.08 -13.11
C1 CLA WL . 36.83 84.78 -7.57
C2 CLA WL . 37.14 84.00 -6.35
C3 CLA WL . 36.39 84.04 -5.24
C4 CLA WL . 35.16 84.87 -5.17
C5 CLA WL . 36.75 83.23 -4.05
C6 CLA WL . 35.64 83.10 -3.01
C7 CLA WL . 36.05 83.72 -1.70
MG CLA XL . 29.83 81.82 -3.66
CHA CLA XL . 30.19 83.89 -6.43
CHB CLA XL . 27.00 83.54 -2.79
CHC CLA XL . 29.88 80.30 -0.56
CHD CLA XL . 33.11 80.58 -4.26
NA CLA XL . 28.76 83.41 -4.51
C1A CLA XL . 29.05 84.14 -5.68
C2A CLA XL . 27.99 85.22 -5.93
C3A CLA XL . 26.93 84.96 -4.84
C4A CLA XL . 27.60 83.89 -3.97
CMA CLA XL . 26.61 86.19 -4.03
CAA CLA XL . 27.33 85.02 -7.30
CBA CLA XL . 26.43 86.18 -7.68
CGA CLA XL . 26.91 86.80 -8.95
O1A CLA XL . 27.40 86.27 -9.94
O2A CLA XL . 26.74 88.16 -8.96
NB CLA XL . 28.65 81.88 -2.03
C1B CLA XL . 27.52 82.60 -1.88
C2B CLA XL . 26.87 82.30 -0.58
C3B CLA XL . 27.67 81.37 0.06
C4B CLA XL . 28.82 81.12 -0.85
CMB CLA XL . 25.64 82.96 -0.15
CAB CLA XL . 27.57 80.78 1.36
CBB CLA XL . 27.58 81.45 2.52
NC CLA XL . 31.21 80.62 -2.64
C1C CLA XL . 31.00 80.05 -1.41
C2C CLA XL . 32.12 79.22 -1.02
C3C CLA XL . 33.09 79.35 -2.03
C4C CLA XL . 32.49 80.21 -3.05
CMC CLA XL . 32.20 78.46 0.23
CAC CLA XL . 34.39 78.69 -2.12
CBC CLA XL . 35.50 79.47 -1.43
ND CLA XL . 31.34 82.10 -4.99
C1D CLA XL . 32.59 81.47 -5.17
C2D CLA XL . 33.20 81.93 -6.45
C3D CLA XL . 32.32 82.86 -6.96
C4D CLA XL . 31.18 82.95 -6.02
CMD CLA XL . 34.48 81.46 -6.96
CAD CLA XL . 32.06 83.79 -8.06
OBD CLA XL . 32.71 84.05 -9.05
CBD CLA XL . 30.70 84.48 -7.73
CGD CLA XL . 30.83 85.97 -7.64
O1D CLA XL . 30.23 86.83 -8.30
O2D CLA XL . 31.73 86.39 -6.71
CED CLA XL . 31.79 87.79 -6.42
C1 CLA XL . 27.95 88.95 -9.04
C2 CLA XL . 28.30 89.38 -7.67
C3 CLA XL . 28.28 90.66 -7.28
C4 CLA XL . 27.89 91.75 -8.21
C5 CLA XL . 28.63 91.07 -5.90
C6 CLA XL . 28.43 89.97 -4.87
C7 CLA XL . 28.37 90.56 -3.48
C8 CLA XL . 28.80 89.56 -2.41
MG CLA YL . 37.14 65.72 3.88
CHA CLA YL . 39.26 64.37 6.28
CHB CLA YL . 39.19 68.45 3.65
CHC CLA YL . 35.57 66.64 0.96
CHD CLA YL . 35.38 62.64 3.82
NA CLA YL . 38.92 66.29 4.82
C1A CLA YL . 39.65 65.59 5.80
C2A CLA YL . 40.89 66.37 6.23
C3A CLA YL . 40.70 67.75 5.54
C4A CLA YL . 39.54 67.49 4.58
CMA CLA YL . 40.39 68.84 6.54
CAA CLA YL . 42.18 65.69 5.80
CBA CLA YL . 42.55 65.97 4.36
CGA CLA YL . 43.46 64.90 3.86
O1A CLA YL . 43.62 63.76 4.32
O2A CLA YL . 44.15 65.24 2.73
NB CLA YL . 37.38 67.20 2.54
C1B CLA YL . 38.15 68.31 2.72
C2B CLA YL . 37.73 69.40 1.80
C3B CLA YL . 36.71 68.90 1.03
C4B CLA YL . 36.49 67.49 1.48
CMB CLA YL . 38.40 70.70 1.79
CAB CLA YL . 35.93 69.46 -0.04
CBB CLA YL . 35.56 70.75 -0.17
NC CLA YL . 35.73 64.80 2.64
C1C CLA YL . 35.21 65.37 1.51
C2C CLA YL . 34.21 64.48 0.90
C3C CLA YL . 34.18 63.33 1.70
C4C CLA YL . 35.11 63.56 2.79
CMC CLA YL . 33.46 64.77 -0.31
CAC CLA YL . 33.29 62.16 1.51
CBC CLA YL . 33.99 60.87 1.19
ND CLA YL . 37.22 63.92 4.81
C1D CLA YL . 36.38 62.78 4.76
C2D CLA YL . 36.75 61.85 5.84
C3D CLA YL . 37.86 62.41 6.46
C4D CLA YL . 38.12 63.69 5.77
CMD CLA YL . 36.06 60.59 6.10
CAD CLA YL . 38.85 62.27 7.51
OBD CLA YL . 38.98 61.39 8.36
CBD CLA YL . 39.80 63.51 7.40
CGD CLA YL . 39.92 64.25 8.70
O1D CLA YL . 39.19 65.16 9.12
O2D CLA YL . 40.96 63.85 9.48
CED CLA YL . 40.71 63.65 10.88
C1 CLA YL . 44.41 64.18 1.80
C2 CLA YL . 45.52 64.58 0.90
C3 CLA YL . 45.33 65.12 -0.32
C4 CLA YL . 43.97 65.34 -0.85
C5 CLA YL . 46.49 65.50 -1.17
C6 CLA YL . 46.20 66.61 -2.17
C7 CLA YL . 46.21 66.09 -3.60
C8 CLA YL . 45.43 66.97 -4.57
C9 CLA YL . 46.32 68.04 -5.16
C10 CLA YL . 44.21 67.60 -3.90
MG CLA ZL . 29.20 57.76 3.75
CHA CLA ZL . 30.53 56.23 6.58
CHB CLA ZL . 32.11 57.09 2.07
CHC CLA ZL . 27.60 58.33 0.73
CHD CLA ZL . 26.02 57.68 5.33
NA CLA ZL . 31.01 56.87 4.27
C1A CLA ZL . 31.37 56.28 5.49
C2A CLA ZL . 32.80 55.74 5.45
C3A CLA ZL . 33.35 56.36 4.14
C4A CLA ZL . 32.08 56.79 3.42
CMA CLA ZL . 34.25 57.53 4.40
CAA CLA ZL . 32.82 54.21 5.44
CBA CLA ZL . 32.81 53.58 4.07
CGA CLA ZL . 31.40 53.14 3.74
O1A CLA ZL . 30.88 52.95 2.65
O2A CLA ZL . 30.66 52.94 4.87
NB CLA ZL . 29.75 57.74 1.81
C1B CLA ZL . 31.01 57.50 1.33
C2B CLA ZL . 31.07 57.75 -0.15
C3B CLA ZL . 29.79 58.11 -0.52
C4B CLA ZL . 28.94 58.09 0.70
CMB CLA ZL . 32.30 57.54 -0.92
CAB CLA ZL . 29.24 58.41 -1.82
CBB CLA ZL . 29.43 57.70 -2.94
NC CLA ZL . 27.20 58.05 3.17
C1C CLA ZL . 26.79 58.34 1.89
C2C CLA ZL . 25.35 58.54 1.86
C3C CLA ZL . 24.88 58.27 3.14
C4C CLA ZL . 26.05 57.98 3.97
CMC CLA ZL . 24.58 58.89 0.65
CAC CLA ZL . 23.48 58.34 3.62
CBC CLA ZL . 22.78 57.00 3.71
ND CLA ZL . 28.42 57.22 5.54
C1D CLA ZL . 27.11 57.31 6.08
C2D CLA ZL . 27.17 56.95 7.52
C3D CLA ZL . 28.47 56.57 7.78
C4D CLA ZL . 29.19 56.71 6.50
CMD CLA ZL . 26.03 57.00 8.43
CAD CLA ZL . 29.41 56.09 8.78
OBD CLA ZL . 29.26 55.96 9.99
CBD CLA ZL . 30.74 55.77 8.01
CGD CLA ZL . 31.95 56.39 8.65
O1D CLA ZL . 32.87 55.82 9.23
O2D CLA ZL . 31.98 57.75 8.56
CED CLA ZL . 33.05 58.35 7.83
C03 II0 AM . 35.75 73.00 5.19
C04 II0 AM . 16.92 85.74 -3.72
C05 II0 AM . 36.87 72.26 5.90
C06 II0 AM . 16.49 86.67 -4.84
C07 II0 AM . 36.36 71.06 6.68
C08 II0 AM . 15.92 85.92 -5.96
C09 II0 AM . 34.82 72.03 4.47
C10 II0 AM . 17.33 84.32 -4.17
C11 II0 AM . 35.60 70.14 5.75
C12 II0 AM . 15.69 84.44 -5.96
C13 II0 AM . 35.09 70.83 4.48
C14 II0 AM . 16.66 83.69 -5.13
C15 II0 AM . 34.94 73.79 6.22
C16 II0 AM . 36.38 73.94 4.16
C17 II0 AM . 15.79 85.95 -2.73
C18 II0 AM . 18.21 86.39 -3.23
C19 II0 AM . 34.43 69.94 3.44
C20 II0 AM . 17.21 82.47 -5.65
C21 II0 AM . 33.97 72.60 3.34
C22 II0 AM . 18.23 83.57 -3.25
C23 II0 AM . 33.33 73.10 2.44
C24 II0 AM . 18.97 82.94 -2.52
C25 II0 AM . 32.60 73.76 1.41
C26 II0 AM . 19.95 82.18 -1.63
C27 II0 AM . 33.23 73.99 0.04
C28 II0 AM . 19.09 81.68 -0.53
C29 II0 AM . 31.36 74.16 1.66
C30 II0 AM . 21.33 81.96 -1.76
C31 II0 AM . 30.58 74.85 0.67
C32 II0 AM . 22.02 81.18 -0.77
C33 II0 AM . 29.46 75.43 1.06
C34 II0 AM . 23.10 80.55 -1.19
C35 II0 AM . 28.63 76.16 0.12
C36 II0 AM . 23.95 79.71 -0.34
C37 II0 AM . 29.05 76.27 -1.36
C38 II0 AM . 23.70 79.61 1.12
C39 II0 AM . 27.52 76.74 0.56
C40 II0 AM . 24.95 79.08 -0.92
C41 II0 AM . 26.75 77.49 -0.52
C42 II0 AM . 25.81 78.24 0.01
O01 II0 AM . 37.48 70.35 7.22
O02 II0 AM . 15.00 86.71 -6.71
C03 II0 BM . 20.84 67.17 9.42
C04 II0 BM . 29.80 60.68 -12.38
C05 II0 BM . 20.73 67.74 10.82
C06 II0 BM . 28.96 59.89 -13.38
C07 II0 BM . 21.86 68.70 11.12
C08 II0 BM . 28.39 60.79 -14.38
C09 II0 BM . 21.27 68.23 8.40
C10 II0 BM . 29.30 62.10 -12.05
C11 II0 BM . 21.76 69.86 10.14
C12 II0 BM . 28.32 62.28 -14.29
C13 II0 BM . 21.36 69.42 8.73
C14 II0 BM . 28.68 62.84 -12.97
C15 II0 BM . 21.87 66.06 9.41
C16 II0 BM . 19.47 66.65 9.00
C17 II0 BM . 31.19 60.48 -12.99
C18 II0 BM . 29.64 59.85 -11.11
C19 II0 BM . 21.62 70.43 7.62
C20 II0 BM . 28.01 64.04 -12.55
C21 II0 BM . 20.98 67.89 6.96
C22 II0 BM . 29.18 62.45 -10.61
C23 II0 BM . 20.73 67.60 5.79
C24 II0 BM . 29.03 62.74 -9.43
C25 II0 BM . 20.43 67.21 4.45
C26 II0 BM . 28.75 63.08 -7.97
C27 II0 BM . 19.00 67.06 3.99
C28 II0 BM . 30.10 63.20 -7.37
C29 II0 BM . 21.44 67.01 3.62
C30 II0 BM . 27.52 63.23 -7.31
C31 II0 BM . 21.29 66.63 2.25
C32 II0 BM . 27.47 63.55 -5.91
C33 II0 BM . 22.33 66.11 1.65
C34 II0 BM . 26.29 63.95 -5.47
C35 II0 BM . 22.32 65.70 0.25
C36 II0 BM . 26.02 64.30 -4.06
C37 II0 BM . 21.05 65.83 -0.60
C38 II0 BM . 27.13 64.39 -3.09
C39 II0 BM . 23.45 65.24 -0.27
C40 II0 BM . 24.77 64.52 -3.73
C41 II0 BM . 23.38 64.86 -1.73
C42 II0 BM . 24.59 64.88 -2.26
O01 II0 BM . 21.75 69.21 12.46
O02 II0 BM . 28.62 60.26 -15.70
C03 II0 CM . 37.86 55.22 7.10
C04 II0 CM . 33.58 71.19 -10.54
C05 II0 CM . 38.41 54.30 8.19
C06 II0 CM . 32.11 71.14 -10.97
C07 II0 CM . 39.89 53.97 8.11
C08 II0 CM . 31.58 72.50 -10.94
C09 II0 CM . 38.86 55.48 5.97
C10 II0 CM . 33.86 72.09 -9.32
C11 II0 CM . 40.64 55.18 7.58
C12 II0 CM . 32.01 73.56 -9.98
C13 II0 CM . 40.03 55.72 6.29
C14 II0 CM . 33.13 73.17 -9.08
C15 II0 CM . 36.62 54.56 6.51
C16 II0 CM . 37.48 56.53 7.76
C17 II0 CM . 34.21 71.48 -11.90
C18 II0 CM . 33.85 69.75 -10.13
C19 II0 CM . 40.97 56.12 5.14
C20 II0 CM . 33.09 73.70 -7.75
C21 II0 CM . 38.32 56.05 4.67
C22 II0 CM . 34.57 71.43 -8.17
C23 II0 CM . 37.86 56.61 3.68
C24 II0 CM . 35.10 70.87 -7.23
C25 II0 CM . 37.36 57.21 2.49
C26 II0 CM . 35.75 70.09 -6.10
C27 II0 CM . 36.51 56.43 1.51
C28 II0 CM . 36.20 71.14 -5.15
C29 II0 CM . 37.64 58.50 2.25
C30 II0 CM . 35.90 68.70 -5.94
C31 II0 CM . 37.16 59.17 1.08
C32 II0 CM . 36.53 68.18 -4.76
C33 II0 CM . 37.56 60.41 0.82
C34 II0 CM . 36.11 66.98 -4.39
C35 II0 CM . 37.06 61.10 -0.37
C36 II0 CM . 36.60 66.26 -3.20
C37 II0 CM . 36.43 60.29 -1.50
C38 II0 CM . 37.43 66.94 -2.21
C39 II0 CM . 37.17 62.42 -0.44
C40 II0 CM . 36.25 64.98 -3.09
C41 II0 CM . 36.60 62.98 -1.73
C42 II0 CM . 36.78 64.29 -1.84
O01 II0 CM . 40.40 53.69 9.42
O02 II0 CM . 31.25 72.94 -12.26
C03 II0 DM . 8.13 76.03 22.38
C04 II0 DM . 13.02 71.36 -0.78
C05 II0 DM . 8.12 75.59 23.85
C06 II0 DM . 12.61 71.17 -2.24
C07 II0 DM . 9.07 74.46 24.23
C08 II0 DM . 13.20 72.22 -3.09
C09 II0 DM . 9.03 75.20 21.46
C10 II0 DM . 14.28 72.17 -0.49
C11 II0 DM . 10.33 74.59 23.40
C12 II0 DM . 14.49 72.91 -2.81
C13 II0 DM . 10.02 74.61 21.92
C14 II0 DM . 14.97 72.83 -1.41
C15 II0 DM . 6.70 75.92 21.85
C16 II0 DM . 8.59 77.48 22.35
C17 II0 DM . 12.93 69.89 -0.33
C18 II0 DM . 11.86 72.19 -0.23
C19 II0 DM . 10.66 73.52 21.06
C20 II0 DM . 16.01 73.72 -1.00
C21 II0 DM . 9.05 75.54 19.98
C22 II0 DM . 14.59 72.34 0.96
C23 II0 DM . 9.08 75.80 18.78
C24 II0 DM . 14.78 72.44 2.16
C25 II0 DM . 9.11 76.05 17.38
C26 II0 DM . 14.90 72.63 3.67
C27 II0 DM . 7.84 76.47 16.65
C28 II0 DM . 15.74 71.47 4.08
C29 II0 DM . 10.25 75.90 16.71
C30 II0 DM . 14.37 73.61 4.52
C31 II0 DM . 10.31 76.13 15.29
C32 II0 DM . 14.61 73.52 5.94
C33 II0 DM . 11.45 75.97 14.64
C34 II0 DM . 13.71 74.13 6.69
C35 II0 DM . 11.45 76.18 13.19
C36 II0 DM . 13.72 74.16 8.16
C37 II0 DM . 10.43 77.12 12.56
C38 II0 DM . 14.79 73.49 8.92
C39 II0 DM . 12.33 75.50 12.45
C40 II0 DM . 12.72 74.80 8.75
C41 II0 DM . 12.21 75.78 10.95
C42 II0 DM . 12.75 74.78 10.27
O01 II0 DM . 9.40 74.58 25.62
O02 II0 DM . 12.89 71.98 -4.46
C10 WVN EM . 37.77 66.61 -9.87
C11 WVN EM . 22.47 62.02 7.59
C12 WVN EM . 36.97 66.37 -11.14
C13 WVN EM . 35.95 65.27 -8.75
C14 WVN EM . 35.47 66.30 -10.86
C01 WVN EM . 20.85 61.85 9.59
C02 WVN EM . 22.06 61.25 8.85
C03 WVN EM . 21.21 62.22 11.02
C04 WVN EM . 22.48 63.05 11.12
C05 WVN EM . 23.30 61.22 9.76
C06 WVN EM . 37.43 65.62 -8.76
C07 WVN EM . 20.26 63.07 8.88
C08 WVN EM . 19.77 60.77 9.66
C09 WVN EM . 23.60 62.29 10.46
C15 WVN EM . 35.23 65.19 -9.84
C16 WVN EM . 24.24 60.03 9.71
C17 WVN EM . 37.80 66.30 -7.45
C18 WVN EM . 38.28 64.35 -8.90
C19 WVN EM . 22.57 61.40 6.45
C20 WVN EM . 35.55 64.25 -7.69
C21 WVN EM . 34.44 63.95 -10.26
C22 WVN EM . 23.01 62.18 5.22
C23 WVN EM . 34.73 64.65 -6.75
C24 WVN EM . 22.26 63.44 4.76
C25 WVN EM . 34.27 63.72 -5.63
C26 WVN EM . 24.07 61.73 4.59
C27 WVN EM . 34.94 62.37 -5.40
C28 WVN EM . 33.28 64.14 -4.89
C29 WVN EM . 24.67 62.38 3.36
C30 WVN EM . 32.73 63.34 -3.73
C31 WVN EM . 25.86 61.96 2.99
C32 WVN EM . 26.53 62.57 1.76
C33 WVN EM . 31.44 63.38 -3.49
C34 WVN EM . 30.94 62.58 -2.30
C35 WVN EM . 26.04 63.90 1.24
C36 WVN EM . 27.51 61.93 1.17
C37 WVN EM . 29.97 63.07 -1.57
C38 WVN EM . 31.58 61.24 -1.98
C39 WVN EM . 28.15 62.59 -0.05
C40 WVN EM . 29.41 62.35 -0.35
O1 LHG FM . 38.94 76.04 -14.74
C1 LHG FM . 38.77 77.31 -15.38
C2 LHG FM . 37.36 77.40 -15.98
O2 LHG FM . 37.17 78.71 -16.53
C3 LHG FM . 36.34 77.16 -14.88
O3 LHG FM . 36.78 76.06 -14.08
P LHG FM . 35.95 75.54 -12.81
O4 LHG FM . 35.74 76.69 -11.86
O5 LHG FM . 34.76 74.75 -13.32
O6 LHG FM . 36.99 74.51 -12.15
C4 LHG FM . 36.72 73.89 -10.89
C5 LHG FM . 37.56 72.62 -10.75
C6 LHG FM . 37.79 71.99 -12.11
O7 LHG FM . 38.82 72.92 -10.16
C7 LHG FM . 39.03 72.11 -8.98
O9 LHG FM . 38.09 71.90 -8.24
C8 LHG FM . 40.41 71.56 -8.69
C9 LHG FM . 40.38 70.03 -8.82
C10 LHG FM . 39.97 69.37 -7.51
O8 LHG FM . 38.89 71.08 -12.00
C23 LHG FM . 38.79 69.74 -12.56
O10 LHG FM . 37.69 69.31 -12.87
C24 LHG FM . 40.02 68.88 -12.74
C11 LHG FM . 41.17 69.22 -6.58
C12 LHG FM . 40.85 69.68 -5.17
C13 LHG FM . 40.63 71.19 -5.12
C14 LHG FM . 40.60 71.70 -3.70
C15 LHG FM . 39.49 71.01 -2.90
C16 LHG FM . 39.96 70.75 -1.47
C17 LHG FM . 41.21 69.89 -1.46
C18 LHG FM . 41.66 69.60 -0.03
C19 LHG FM . 42.98 68.83 -0.03
C20 LHG FM . 43.41 68.50 1.39
C21 LHG FM . 43.58 69.76 2.22
C22 LHG FM . 44.11 69.44 3.60
C25 LHG FM . 39.64 67.60 -13.47
C26 LHG FM . 40.79 66.61 -13.51
C27 LHG FM . 41.11 66.10 -12.10
C28 LHG FM . 42.23 65.07 -12.12
C29 LHG FM . 41.78 63.75 -12.72
C30 LHG FM . 42.09 62.59 -11.78
C31 LHG FM . 41.26 62.72 -10.51
C32 LHG FM . 41.68 61.69 -9.45
C33 LHG FM . 43.00 62.07 -8.80
C34 LHG FM . 42.81 62.65 -7.40
C35 LHG FM . 42.58 64.15 -7.44
C36 LHG FM . 42.79 64.77 -6.06
C37 LHG FM . 41.65 64.43 -5.11
C38 LHG FM . 40.52 65.43 -5.24
MG CLA GM . 47.63 94.35 -11.59
CHA CLA GM . 47.37 94.76 -15.02
CHB CLA GM . 44.35 93.34 -11.50
CHC CLA GM . 48.08 93.23 -8.37
CHD CLA GM . 51.15 94.79 -11.88
NA CLA GM . 46.13 94.11 -13.03
C1A CLA GM . 46.22 94.33 -14.41
C2A CLA GM . 44.89 94.07 -15.11
C3A CLA GM . 43.91 93.88 -13.93
C4A CLA GM . 44.85 93.74 -12.72
CMA CLA GM . 43.00 95.07 -13.79
CAA CLA GM . 44.94 92.83 -15.98
CBA CLA GM . 45.74 91.70 -15.33
CGA CLA GM . 44.88 90.48 -15.19
O1A CLA GM . 44.01 90.07 -15.96
O2A CLA GM . 45.15 89.77 -14.06
NB CLA GM . 46.45 93.43 -10.23
C1B CLA GM . 45.12 93.20 -10.34
C2B CLA GM . 44.55 92.81 -9.02
C3B CLA GM . 45.60 92.78 -8.13
C4B CLA GM . 46.82 93.17 -8.89
CMB CLA GM . 43.13 92.50 -8.83
CAB CLA GM . 45.67 92.45 -6.73
CBB CLA GM . 45.05 91.42 -6.14
NC CLA GM . 49.30 94.09 -10.35
C1C CLA GM . 49.25 93.67 -9.06
C2C CLA GM . 50.57 93.67 -8.47
C3C CLA GM . 51.45 94.06 -9.47
C4C CLA GM . 50.65 94.33 -10.65
CMC CLA GM . 50.87 93.29 -7.09
CAC CLA GM . 52.91 94.22 -9.35
CBC CLA GM . 53.65 92.92 -9.54
ND CLA GM . 49.00 94.70 -13.05
C1D CLA GM . 50.39 94.98 -13.01
C2D CLA GM . 50.81 95.45 -14.36
C3D CLA GM . 49.70 95.39 -15.16
C4D CLA GM . 48.60 94.90 -14.31
CMD CLA GM . 52.18 95.86 -14.69
CAD CLA GM . 49.16 95.61 -16.49
OBD CLA GM . 49.71 96.04 -17.50
CBD CLA GM . 47.65 95.20 -16.44
CGD CLA GM . 46.76 96.36 -16.81
O1D CLA GM . 46.81 97.51 -16.38
O2D CLA GM . 45.81 96.07 -17.74
CED CLA GM . 44.82 97.06 -18.01
C1 CLA GM . 44.36 90.09 -12.90
C2 CLA GM . 45.22 89.86 -11.71
C3 CLA GM . 44.98 88.89 -10.81
C4 CLA GM . 43.82 87.97 -10.95
C5 CLA GM . 45.87 88.68 -9.64
C6 CLA GM . 46.32 87.24 -9.50
C7 CLA GM . 47.19 87.07 -8.27
C8 CLA GM . 47.39 85.60 -7.92
C9 CLA GM . 48.19 84.90 -9.01
C10 CLA GM . 46.06 84.89 -7.71
C11 CLA GM . 46.23 83.58 -6.99
C12 CLA GM . 44.92 83.05 -6.43
C13 CLA GM . 44.58 83.72 -5.10
C14 CLA GM . 45.74 83.65 -4.13
C15 CLA GM . 43.33 83.09 -4.48
C16 CLA GM . 42.92 83.79 -3.20
C17 CLA GM . 41.89 84.87 -3.47
C18 CLA GM . 41.04 85.15 -2.23
C19 CLA GM . 41.76 86.07 -1.27
C20 CLA GM . 39.70 85.75 -2.62
MG CLA HM . 42.17 89.76 -2.59
CHA CLA HM . 39.37 89.52 -4.62
CHB CLA HM . 44.05 88.40 -5.16
CHC CLA HM . 44.76 89.19 -0.39
CHD CLA HM . 40.04 90.34 0.21
NA CLA HM . 41.78 89.16 -4.57
C1A CLA HM . 40.55 89.16 -5.24
C2A CLA HM . 40.71 88.66 -6.68
C3A CLA HM . 42.24 88.49 -6.85
C4A CLA HM . 42.74 88.71 -5.43
CMA CLA HM . 42.63 87.11 -7.37
CAA CLA HM . 40.28 89.76 -7.65
CBA CLA HM . 40.59 89.49 -9.11
CGA CLA HM . 39.63 88.45 -9.61
O1A CLA HM . 38.42 88.57 -9.80
O2A CLA HM . 40.24 87.26 -9.88
NB CLA HM . 44.06 89.06 -2.77
C1B CLA HM . 44.63 88.53 -3.88
C2B CLA HM . 46.00 88.05 -3.60
C3B CLA HM . 46.22 88.27 -2.26
C4B CLA HM . 44.97 88.88 -1.71
CMB CLA HM . 46.83 87.40 -4.60
CAB CLA HM . 47.34 87.90 -1.44
CBB CLA HM . 47.84 86.67 -1.36
NC CLA HM . 42.38 89.85 -0.50
C1C CLA HM . 43.55 89.68 0.18
C2C CLA HM . 43.38 89.92 1.61
C3C CLA HM . 42.02 90.15 1.81
C4C CLA HM . 41.40 90.13 0.47
CMC CLA HM . 44.45 89.83 2.59
CAC CLA HM . 41.36 90.44 3.09
CBC CLA HM . 41.21 91.93 3.33
ND CLA HM . 40.19 89.92 -2.22
C1D CLA HM . 39.45 90.22 -1.03
C2D CLA HM . 38.02 90.38 -1.38
C3D CLA HM . 37.94 90.14 -2.75
C4D CLA HM . 39.31 89.83 -3.22
CMD CLA HM . 36.97 90.71 -0.43
CAD CLA HM . 37.07 90.05 -3.90
OBD CLA HM . 35.85 90.25 -3.99
CBD CLA HM . 37.95 89.62 -5.11
CGD CLA HM . 37.48 88.31 -5.70
O1D CLA HM . 37.59 87.19 -5.19
O2D CLA HM . 36.86 88.43 -6.92
CED CLA HM . 35.48 88.09 -6.98
C1 CLA HM . 39.44 86.09 -9.59
C2 CLA HM . 40.35 84.98 -9.22
C3 CLA HM . 40.42 83.85 -9.94
C4 CLA HM . 39.59 83.63 -11.15
C5 CLA HM . 41.33 82.73 -9.54
C6 CLA HM . 40.60 81.42 -9.35
C7 CLA HM . 40.32 81.17 -7.88
C8 CLA HM . 39.00 80.45 -7.62
C9 CLA HM . 37.89 81.00 -8.50
C10 CLA HM . 38.60 80.57 -6.17
C11 CLA HM . 38.13 79.25 -5.60
C12 CLA HM . 38.51 79.10 -4.15
C13 CLA HM . 40.01 78.92 -3.99
C14 CLA HM . 40.34 77.56 -3.41
C15 CLA HM . 40.61 80.03 -3.13
C16 CLA HM . 39.84 80.20 -1.83
C17 CLA HM . 39.63 81.66 -1.52
C18 CLA HM . 39.62 81.94 -0.01
C19 CLA HM . 38.69 80.99 0.72
C20 CLA HM . 41.02 81.84 0.56
MG CLA IM . 46.53 100.96 12.23
CHA CLA IM . 46.43 100.73 15.70
CHB CLA IM . 44.42 98.26 12.06
CHC CLA IM . 45.84 101.71 8.95
CHD CLA IM . 48.16 104.10 12.57
NA CLA IM . 45.62 99.71 13.64
C1A CLA IM . 45.71 99.78 15.04
C2A CLA IM . 44.90 98.68 15.72
C3A CLA IM . 44.54 97.76 14.53
C4A CLA IM . 44.85 98.63 13.31
CMA CLA IM . 45.33 96.48 14.50
CAA CLA IM . 43.67 99.23 16.41
CBA CLA IM . 42.86 100.17 15.54
CGA CLA IM . 43.15 101.60 15.87
O1A CLA IM . 42.86 102.23 16.87
O2A CLA IM . 43.83 102.23 14.86
NB CLA IM . 45.33 100.17 10.81
C1B CLA IM . 44.65 98.99 10.89
C2B CLA IM . 44.18 98.56 9.55
C3B CLA IM . 44.59 99.53 8.66
C4B CLA IM . 45.31 100.56 9.45
CMB CLA IM . 43.42 97.33 9.36
CAB CLA IM . 44.39 99.67 7.24
CBB CLA IM . 44.37 98.68 6.33
NC CLA IM . 46.96 102.59 10.99
C1C CLA IM . 46.60 102.67 9.67
C2C CLA IM . 47.10 103.91 9.09
C3C CLA IM . 47.72 104.60 10.13
C4C CLA IM . 47.64 103.76 11.31
CMC CLA IM . 46.91 104.32 7.69
CAC CLA IM . 48.39 105.92 10.03
CBC CLA IM . 47.54 107.04 10.59
ND CLA IM . 47.21 102.16 13.72
C1D CLA IM . 47.96 103.37 13.72
C2D CLA IM . 48.42 103.65 15.10
C3D CLA IM . 47.86 102.67 15.90
C4D CLA IM . 47.09 101.80 14.99
CMD CLA IM . 49.28 104.77 15.49
CAD CLA IM . 47.73 102.12 17.24
OBD CLA IM . 48.24 102.50 18.29
CBD CLA IM . 46.76 100.91 17.16
CGD CLA IM . 47.37 99.66 17.74
O1D CLA IM . 46.79 98.75 18.34
O2D CLA IM . 48.71 99.57 17.55
CED CLA IM . 49.53 99.26 18.68
C1 CLA IM . 43.63 103.66 14.72
C2 CLA IM . 44.06 104.02 13.35
C3 CLA IM . 43.80 105.21 12.79
C4 CLA IM . 43.06 106.29 13.48
C5 CLA IM . 44.27 105.50 11.40
C6 CLA IM . 43.13 105.76 10.43
C7 CLA IM . 43.63 106.51 9.21
C8 CLA IM . 42.66 106.42 8.04
C9 CLA IM . 42.98 105.20 7.19
C10 CLA IM . 42.70 107.68 7.19
C11 CLA IM . 41.88 107.55 5.92
C12 CLA IM . 41.97 108.79 5.06
C13 CLA IM . 40.87 109.78 5.39
C14 CLA IM . 39.70 109.63 4.43
C15 CLA IM . 41.38 111.22 5.38
C16 CLA IM . 41.07 111.93 6.69
NB KC2 JM . 42.91 103.92 22.87
ND KC2 JM . 43.28 107.75 24.28
C1A KC2 JM . 43.04 105.69 26.90
C1B KC2 JM . 42.79 102.81 23.59
C1C KC2 JM . 42.93 105.81 20.47
C1D KC2 JM . 43.30 108.97 23.69
C2A KC2 JM . 42.87 104.77 28.06
C2B KC2 JM . 42.54 101.62 22.75
C2C KC2 JM . 42.89 106.78 19.37
C2D KC2 JM . 43.29 110.01 24.73
C3A KC2 JM . 42.78 103.45 27.38
C3B KC2 JM . 42.53 102.15 21.37
C3C KC2 JM . 43.05 108.10 20.00
C3D KC2 JM . 43.23 109.28 26.02
C4A KC2 JM . 42.90 103.73 25.92
C4B KC2 JM . 42.77 103.60 21.56
C4C KC2 JM . 43.18 107.74 21.44
C4D KC2 JM . 43.23 107.91 25.69
CAA KC2 JM . 42.80 105.07 29.52
CAB KC2 JM . 42.34 101.59 20.01
CAC KC2 JM . 43.07 109.41 19.26
CAD KC2 JM . 43.20 109.47 27.52
CBA KC2 JM . 43.01 104.31 30.58
CBB KC2 JM . 42.82 100.40 19.69
CBC KC2 JM . 41.68 109.79 18.83
CBD KC2 JM . 43.20 108.12 28.07
CED KC2 JM . 46.77 107.29 29.08
CGA KC2 JM . 44.32 103.65 30.66
CGD KC2 JM . 44.40 107.95 28.94
CHA KC2 JM . 43.18 107.14 26.96
CHB KC2 JM . 42.85 102.56 25.04
CHC KC2 JM . 42.80 104.36 20.33
CHD KC2 JM . 43.34 108.99 22.22
CMA KC2 JM . 42.60 102.05 27.96
CMB KC2 JM . 42.34 100.19 23.16
CMC KC2 JM . 42.71 106.43 17.90
CMD KC2 JM . 43.31 111.45 24.30
NA KC2 JM . 43.06 105.02 25.59
NC KC2 JM . 43.09 106.27 21.72
O1A KC2 JM . 44.41 102.56 31.28
O1D KC2 JM . 44.34 107.86 30.16
O2A KC2 JM . 45.32 104.37 30.41
O2D KC2 JM . 45.66 107.71 28.28
OBD KC2 JM . 43.41 110.68 27.91
MG KC2 JM . 43.26 105.78 23.68
MG CLA KM . 33.44 103.15 16.61
CHA CLA KM . 35.24 101.97 19.32
CHB CLA KM . 30.83 103.88 18.74
CHC CLA KM . 32.05 105.20 14.21
CHD CLA KM . 36.35 102.86 14.62
NA CLA KM . 33.10 102.91 18.66
C1A CLA KM . 33.98 102.40 19.63
C2A CLA KM . 33.33 102.38 21.02
C3A CLA KM . 31.85 102.65 20.69
C4A CLA KM . 31.91 103.21 19.28
CMA CLA KM . 31.00 101.41 20.78
CAA CLA KM . 33.91 103.49 21.88
CBA CLA KM . 34.37 102.98 23.23
CGA CLA KM . 33.28 103.07 24.24
O1A CLA KM . 32.75 102.17 24.90
O2A CLA KM . 32.83 104.35 24.41
NB CLA KM . 31.77 104.29 16.50
C1B CLA KM . 30.81 104.43 17.45
C2B CLA KM . 29.69 105.29 16.95
C3B CLA KM . 30.03 105.66 15.68
C4B CLA KM . 31.35 105.04 15.37
CMB CLA KM . 28.54 105.64 17.77
CAB CLA KM . 29.35 106.52 14.75
CBB CLA KM . 29.04 107.79 14.97
NC CLA KM . 34.06 103.84 14.74
C1C CLA KM . 33.32 104.63 13.91
C2C CLA KM . 34.04 104.88 12.66
C3C CLA KM . 35.28 104.27 12.79
C4C CLA KM . 35.29 103.59 14.10
CMC CLA KM . 33.54 105.69 11.55
CAC CLA KM . 36.38 104.24 11.80
CBC CLA KM . 36.15 103.23 10.70
ND CLA KM . 35.35 102.56 16.84
C1D CLA KM . 36.41 102.37 15.91
C2D CLA KM . 37.52 101.64 16.58
C3D CLA KM . 37.13 101.49 17.89
C4D CLA KM . 35.78 102.08 18.01
CMD CLA KM . 38.77 101.25 15.93
CAD CLA KM . 37.50 100.98 19.21
OBD CLA KM . 38.53 100.43 19.57
CBD CLA KM . 36.29 101.26 20.16
CGD CLA KM . 35.77 100.00 20.77
O1D CLA KM . 35.63 98.90 20.23
O2D CLA KM . 35.46 100.11 22.09
CED CLA KM . 34.89 98.96 22.73
C1 CLA KM . 33.67 105.26 25.15
C2 CLA KM . 34.08 106.34 24.22
C3 CLA KM . 34.92 107.34 24.55
C4 CLA KM . 35.49 107.46 25.92
C5 CLA KM . 35.30 108.39 23.57
C6 CLA KM . 34.16 109.33 23.25
C7 CLA KM . 34.69 110.62 22.64
C8 CLA KM . 33.56 111.53 22.16
C9 CLA KM . 32.69 111.94 23.32
C10 CLA KM . 32.74 110.85 21.08
MG CLA LM . 40.62 89.19 10.94
CHA CLA LM . 38.56 87.13 12.85
CHB CLA LM . 42.00 86.35 9.55
CHC CLA LM . 41.82 91.04 8.32
CHD CLA LM . 38.47 91.93 11.77
NA CLA LM . 40.37 87.11 11.22
C1A CLA LM . 39.45 86.46 12.07
C2A CLA LM . 39.60 84.95 11.97
C3A CLA LM . 40.94 84.78 11.21
C4A CLA LM . 41.13 86.17 10.60
CMA CLA LM . 42.06 84.39 12.12
CAA CLA LM . 38.44 84.35 11.19
CBA CLA LM . 37.63 83.37 12.02
CGA CLA LM . 36.42 82.93 11.26
NB CLA LM . 41.75 88.80 9.32
C1B CLA LM . 42.22 87.58 8.93
C2B CLA LM . 43.07 87.71 7.72
C3B CLA LM . 43.04 89.03 7.35
C4B CLA LM . 42.17 89.73 8.34
CMB CLA LM . 43.69 86.58 7.05
CAB CLA LM . 43.63 89.64 6.18
CBB CLA LM . 44.09 90.89 6.06
NC CLA LM . 40.29 91.15 10.26
C1C CLA LM . 40.96 91.71 9.22
C2C CLA LM . 40.58 93.11 9.05
C3C CLA LM . 39.55 93.34 9.96
C4C CLA LM . 39.38 92.10 10.72
CMC CLA LM . 41.15 94.00 8.02
CAC CLA LM . 38.83 94.61 10.17
CBC CLA LM . 39.71 95.64 10.82
ND CLA LM . 38.96 89.53 12.07
C1D CLA LM . 38.24 90.71 12.40
C2D CLA LM . 37.28 90.41 13.48
C3D CLA LM . 37.39 89.06 13.72
C4D CLA LM . 38.41 88.55 12.78
CMD CLA LM . 36.41 91.38 14.13
CAD CLA LM . 36.92 87.93 14.51
OBD CLA LM . 36.17 87.92 15.49
CBD CLA LM . 37.58 86.65 13.91
CGD CLA LM . 38.28 85.81 14.95
O1D CLA LM . 39.50 85.67 15.15
O2D CLA LM . 37.43 85.12 15.77
CED CLA LM . 37.96 84.01 16.52
MG CLA MM . 35.20 93.70 0.75
CHA CLA MM . 35.92 93.62 -2.66
CHB CLA MM . 31.86 93.64 0.03
CHC CLA MM . 34.48 94.31 4.05
CHD CLA MM . 38.59 94.48 1.39
NA CLA MM . 34.10 93.64 -1.04
C1A CLA MM . 34.58 93.60 -2.35
C2A CLA MM . 33.42 93.55 -3.35
C3A CLA MM . 32.18 93.69 -2.46
C4A CLA MM . 32.72 93.63 -1.05
CMA CLA MM . 31.52 95.01 -2.71
CAA CLA MM . 33.37 92.22 -4.11
CBA CLA MM . 32.33 91.25 -3.63
CGA CLA MM . 32.95 90.24 -2.70
O1A CLA MM . 33.68 90.44 -1.73
O2A CLA MM . 32.63 88.96 -3.04
NB CLA MM . 33.49 93.97 1.82
C1B CLA MM . 32.25 93.65 1.37
C2B CLA MM . 31.34 93.36 2.51
C3B CLA MM . 32.08 93.55 3.65
C4B CLA MM . 33.45 93.97 3.22
CMB CLA MM . 29.92 93.04 2.35
CAB CLA MM . 31.68 93.46 5.03
CBB CLA MM . 31.75 92.35 5.77
NC CLA MM . 36.32 94.33 2.39
C1C CLA MM . 35.82 94.51 3.65
C2C CLA MM . 36.88 94.90 4.57
C3C CLA MM . 38.06 94.96 3.82
C4C CLA MM . 37.70 94.58 2.46
CMC CLA MM . 36.68 95.18 6.00
CAC CLA MM . 39.40 95.30 4.31
CBC CLA MM . 39.70 96.78 4.30
ND CLA MM . 36.89 94.03 -0.33
C1D CLA MM . 38.23 94.22 0.08
C2D CLA MM . 39.11 94.09 -1.10
C3D CLA MM . 38.28 93.85 -2.17
C4D CLA MM . 36.90 93.84 -1.65
CMD CLA MM . 40.57 94.21 -1.04
CAD CLA MM . 38.19 93.62 -3.60
OBD CLA MM . 39.08 93.54 -4.43
CBD CLA MM . 36.69 93.47 -3.96
CGD CLA MM . 36.26 94.44 -5.05
O1D CLA MM . 36.45 95.65 -5.11
O2D CLA MM . 35.59 93.83 -6.07
CED CLA MM . 35.62 94.43 -7.36
C1 CLA MM . 33.44 87.90 -2.49
C2 CLA MM . 32.85 86.63 -2.94
C3 CLA MM . 32.04 85.86 -2.18
C4 CLA MM . 31.47 84.59 -2.70
C5 CLA MM . 31.68 86.24 -0.79
C6 CLA MM . 32.42 85.43 0.26
C7 CLA MM . 31.49 84.48 0.99
C8 CLA MM . 32.26 83.31 1.60
C9 CLA MM . 33.07 82.59 0.55
C10 CLA MM . 31.29 82.34 2.28
C11 CLA MM . 32.03 81.31 3.08
MG CLA NM . 43.47 107.65 -4.50
CHA CLA NM . 40.79 109.14 -6.12
CHB CLA NM . 45.62 109.39 -6.54
CHC CLA NM . 46.09 106.84 -2.42
CHD CLA NM . 41.21 106.45 -2.03
NA CLA NM . 43.22 109.01 -6.07
C1A CLA NM . 42.02 109.51 -6.60
C2A CLA NM . 42.28 110.46 -7.77
C3A CLA NM . 43.80 110.28 -8.04
C4A CLA NM . 44.27 109.52 -6.80
CMA CLA NM . 44.05 109.51 -9.31
CAA CLA NM . 41.94 111.90 -7.43
CBA CLA NM . 42.33 112.27 -6.00
CGA CLA NM . 43.68 112.88 -5.98
O1A CLA NM . 44.34 113.34 -6.92
O2A CLA NM . 44.22 112.93 -4.72
NB CLA NM . 45.45 108.04 -4.48
C1B CLA NM . 46.15 108.70 -5.44
C2B CLA NM . 47.61 108.62 -5.17
C3B CLA NM . 47.75 107.89 -4.00
C4B CLA NM . 46.38 107.53 -3.56
CMB CLA NM . 48.60 109.25 -6.02
CAB CLA NM . 48.93 107.52 -3.25
CBB CLA NM . 50.10 107.12 -3.75
NC CLA NM . 43.61 106.76 -2.61
C1C CLA NM . 44.79 106.48 -1.97
C2C CLA NM . 44.53 105.79 -0.72
C3C CLA NM . 43.15 105.74 -0.57
C4C CLA NM . 42.58 106.35 -1.77
CMC CLA NM . 45.56 105.31 0.21
CAC CLA NM . 42.41 105.14 0.55
CBC CLA NM . 42.16 106.13 1.66
ND CLA NM . 41.48 107.71 -4.12
C1D CLA NM . 40.67 107.09 -3.13
C2D CLA NM . 39.24 107.25 -3.50
C3D CLA NM . 39.23 108.03 -4.65
C4D CLA NM . 40.65 108.31 -4.97
CMD CLA NM . 38.12 106.69 -2.75
CAD CLA NM . 38.42 108.66 -5.67
OBD CLA NM . 37.20 108.63 -5.83
CBD CLA NM . 39.40 109.45 -6.61
CGD CLA NM . 39.22 109.05 -8.05
O1D CLA NM . 39.76 108.12 -8.65
O2D CLA NM . 38.38 109.87 -8.75
CED CLA NM . 38.43 109.81 -10.18
C1 CLA NM . 45.61 112.55 -4.61
C2 CLA NM . 46.02 112.84 -3.21
C3 CLA NM . 47.31 112.93 -2.85
C4 CLA NM . 48.40 112.75 -3.84
C5 CLA NM . 47.70 113.24 -1.45
C6 CLA NM . 48.28 112.04 -0.73
NB KC2 OM . 61.80 102.70 -12.30
ND KC2 OM . 58.54 103.50 -9.98
C1A KC2 OM . 58.71 105.80 -12.38
C1B KC2 OM . 62.22 103.38 -13.38
C1C KC2 OM . 61.53 100.44 -10.25
C1D KC2 OM . 57.94 102.85 -8.96
C2A KC2 OM . 58.75 106.77 -13.50
C2B KC2 OM . 63.33 102.70 -14.07
C2C KC2 OM . 61.30 99.35 -9.29
C2D KC2 OM . 56.66 103.53 -8.64
C3A KC2 OM . 59.99 106.36 -14.20
C3B KC2 OM . 63.56 101.48 -13.28
C3C KC2 OM . 60.14 99.78 -8.50
C3D KC2 OM . 56.57 104.66 -9.59
C4A KC2 OM . 60.53 105.21 -13.43
C4B KC2 OM . 62.56 101.58 -12.20
C4C KC2 OM . 59.82 101.10 -9.10
C4D KC2 OM . 57.73 104.60 -10.38
CAA KC2 OM . 57.81 107.87 -13.85
CAB KC2 OM . 64.48 100.32 -13.34
CAC KC2 OM . 59.53 98.98 -7.38
CAD KC2 OM . 55.71 105.82 -10.00
CBA KC2 OM . 57.87 108.82 -14.77
CBB KC2 OM . 64.70 99.68 -14.49
CBC KC2 OM . 60.39 99.05 -6.15
CBD KC2 OM . 56.35 106.37 -11.20
CED KC2 OM . 54.57 108.38 -12.53
CGA KC2 OM . 57.06 110.01 -14.52
CGD KC2 OM . 55.46 106.10 -12.37
CHA KC2 OM . 57.67 105.73 -11.35
CHB KC2 OM . 61.78 104.64 -13.95
CHC KC2 OM . 62.59 100.46 -11.26
CHD KC2 OM . 58.64 101.68 -8.41
CMA KC2 OM . 60.66 106.92 -15.45
CMB KC2 OM . 64.08 103.12 -15.31
CMC KC2 OM . 62.12 98.08 -9.20
CMD KC2 OM . 55.82 102.97 -7.53
NA KC2 OM . 59.83 104.84 -12.34
NC KC2 OM . 60.73 101.48 -10.22
O1A KC2 OM . 57.03 110.49 -13.36
O1D KC2 OM . 55.81 105.39 -13.31
O2A KC2 OM . 56.19 110.29 -15.40
O2D KC2 OM . 54.33 106.98 -12.54
OBD KC2 OM . 54.62 105.98 -9.31
MG KC2 OM . 60.28 103.29 -11.06
NB KC2 PM . 54.63 106.99 -1.74
ND KC2 PM . 56.09 107.47 -5.51
C1A KC2 PM . 53.75 109.75 -5.02
C1B KC2 PM . 53.70 107.75 -1.14
C1C KC2 PM . 57.00 105.07 -2.07
C1D KC2 PM . 57.16 106.94 -6.17
C2A KC2 PM . 52.81 110.85 -4.73
C2B KC2 PM . 53.60 107.47 0.31
C2C KC2 PM . 58.22 104.28 -2.26
C2D KC2 PM . 57.37 107.70 -7.42
C3A KC2 PM . 52.37 110.52 -3.36
C3B KC2 PM . 54.59 106.42 0.54
C3C KC2 PM . 58.63 104.50 -3.64
C3D KC2 PM . 56.32 108.74 -7.45
C4A KC2 PM . 53.10 109.27 -2.99
C4B KC2 PM . 55.18 106.20 -0.81
C4C KC2 PM . 57.58 105.44 -4.13
C4D KC2 PM . 55.57 108.55 -6.26
CAA KC2 PM . 52.34 112.03 -5.54
CAB KC2 PM . 55.07 105.62 1.70
CAC KC2 PM . 59.84 103.89 -4.30
CAD KC2 PM . 55.77 109.88 -8.25
CBA KC2 PM . 51.94 112.06 -6.80
CBB KC2 PM . 55.18 106.17 2.91
CBC KC2 PM . 59.45 102.70 -5.13
CBD KC2 PM . 54.85 110.54 -7.34
CED KC2 PM . 57.47 112.70 -5.62
CGA KC2 PM . 51.47 113.36 -7.27
CGD KC2 PM . 55.52 111.76 -6.80
CHA KC2 PM . 54.50 109.59 -6.27
CHB KC2 PM . 52.80 108.78 -1.65
CHC KC2 PM . 56.21 105.16 -0.83
CHD KC2 PM . 57.85 105.79 -5.54
CMA KC2 PM . 51.40 111.24 -2.45
CMB KC2 PM . 52.69 108.10 1.34
CMC KC2 PM . 58.87 103.42 -1.20
CMD KC2 PM . 58.52 107.30 -8.32
NA KC2 PM . 53.93 108.77 -3.93
NC KC2 PM . 56.55 105.79 -3.11
O1A KC2 PM . 51.75 114.38 -6.60
O1D KC2 PM . 55.12 112.89 -7.01
O2A KC2 PM . 51.01 113.41 -8.44
O2D KC2 PM . 56.74 111.56 -6.05
OBD KC2 PM . 56.06 109.86 -9.51
MG KC2 PM . 55.09 107.07 -3.74
MG CLA QM . 60.85 89.81 1.81
CHA CLA QM . 63.40 87.97 3.29
CHB CLA QM . 62.92 92.53 1.76
CHC CLA QM . 58.75 91.36 -0.44
CHD CLA QM . 59.06 86.78 1.31
NA CLA QM . 62.81 90.17 2.46
C1A CLA QM . 63.72 89.27 3.04
C2A CLA QM . 65.06 89.95 3.38
C3A CLA QM . 64.73 91.44 3.13
C4A CLA QM . 63.40 91.41 2.38
CMA CLA QM . 64.62 92.20 4.42
CAA CLA QM . 66.21 89.45 2.50
CBA CLA QM . 66.43 90.30 1.26
CGA CLA QM . 67.41 89.70 0.29
NB CLA QM . 60.83 91.60 0.88
C1B CLA QM . 61.71 92.61 1.05
C2B CLA QM . 61.24 93.85 0.38
C3B CLA QM . 60.05 93.52 -0.25
C4B CLA QM . 59.80 92.08 0.04
CMB CLA QM . 62.03 95.09 0.37
CAB CLA QM . 59.18 94.28 -1.11
CBB CLA QM . 58.87 95.57 -0.95
NC CLA QM . 59.20 89.20 0.69
C1C CLA QM . 58.47 90.01 -0.13
C2C CLA QM . 57.35 89.27 -0.72
C3C CLA QM . 57.46 87.97 -0.27
C4C CLA QM . 58.61 87.92 0.63
CMC CLA QM . 56.37 89.83 -1.65
CAC CLA QM . 56.56 86.85 -0.61
CBC CLA QM . 55.49 86.70 0.45
ND CLA QM . 61.10 87.85 2.18
C1D CLA QM . 60.23 86.73 2.04
C2D CLA QM . 60.81 85.56 2.75
C3D CLA QM . 62.02 85.99 3.25
C4D CLA QM . 62.16 87.41 2.86
CMD CLA QM . 60.18 84.25 2.83
CAD CLA QM . 63.22 85.62 3.97
OBD CLA QM . 63.54 84.52 4.46
CBD CLA QM . 64.15 86.87 4.03
CGD CLA QM . 64.47 87.27 5.44
O1D CLA QM . 65.37 88.03 5.84
O2D CLA QM . 63.66 86.72 6.38
CED CLA QM . 63.19 87.56 7.44
MG CLA RM . 52.16 82.97 2.95
CHA CLA RM . 54.10 81.29 5.32
CHB CLA RM . 54.34 81.90 0.53
CHC CLA RM . 49.81 83.69 0.52
CHD CLA RM . 49.63 83.34 5.41
NA CLA RM . 53.94 81.86 2.96
C1A CLA RM . 54.57 81.22 4.05
C2A CLA RM . 55.86 80.52 3.60
C3A CLA RM . 56.06 81.08 2.17
C4A CLA RM . 54.68 81.65 1.83
CMA CLA RM . 57.12 82.15 2.11
CAA CLA RM . 55.74 78.99 3.64
CBA CLA RM . 54.60 78.45 2.78
CGA CLA RM . 54.69 76.97 2.60
NB CLA RM . 52.09 82.85 0.92
C1B CLA RM . 53.10 82.42 0.12
C2B CLA RM . 52.73 82.58 -1.32
C3B CLA RM . 51.46 83.10 -1.33
C4B CLA RM . 51.03 83.27 0.10
CMB CLA RM . 53.60 82.17 -2.42
CAB CLA RM . 50.61 83.41 -2.46
CBB CLA RM . 49.45 82.81 -2.75
NC CLA RM . 50.13 83.50 2.97
C1C CLA RM . 49.39 83.81 1.87
C2C CLA RM . 48.04 84.20 2.25
C3C CLA RM . 47.96 84.03 3.63
C4C CLA RM . 49.28 83.61 4.08
CMC CLA RM . 47.00 84.61 1.30
CAC CLA RM . 46.77 84.29 4.48
CBC CLA RM . 45.92 83.07 4.78
ND CLA RM . 51.89 82.54 4.90
C1D CLA RM . 50.85 82.84 5.81
C2D CLA RM . 51.30 82.51 7.19
C3D CLA RM . 52.54 81.93 7.06
C4D CLA RM . 52.85 81.94 5.62
CMD CLA RM . 50.51 82.74 8.40
CAD CLA RM . 53.68 81.36 7.75
OBD CLA RM . 53.89 81.26 8.97
CBD CLA RM . 54.66 80.83 6.65
CGD CLA RM . 56.06 81.34 6.83
O1D CLA RM . 56.58 82.34 6.33
O2D CLA RM . 56.80 80.57 7.67
CED CLA RM . 57.38 79.37 7.18
C03 II0 SM . 42.85 113.73 0.02
C04 II0 SM . 60.80 98.00 4.51
C05 II0 SM . 42.20 114.79 -0.85
C06 II0 SM . 60.60 97.48 5.95
C07 II0 SM . 42.29 114.50 -2.35
C08 II0 SM . 60.41 96.03 5.95
C09 II0 SM . 43.10 112.43 -0.74
C10 II0 SM . 60.03 97.25 3.42
C11 II0 SM . 41.75 113.10 -2.60
C12 II0 SM . 59.87 95.22 4.82
C13 II0 SM . 42.29 112.08 -1.61
C14 II0 SM . 59.70 95.96 3.54
C15 II0 SM . 44.18 114.27 0.54
C16 II0 SM . 41.90 113.45 1.19
C17 II0 SM . 60.50 99.46 4.77
C18 II0 SM . 62.29 97.78 4.25
C19 II0 SM . 42.23 110.61 -2.00
C20 II0 SM . 58.85 95.37 2.56
C21 II0 SM . 44.01 111.39 -0.10
C22 II0 SM . 59.20 98.14 2.56
C23 II0 SM . 44.74 110.58 0.44
C24 II0 SM . 58.51 98.88 1.89
C25 II0 SM . 45.61 109.64 1.07
C26 II0 SM . 57.60 99.83 1.13
C27 II0 SM . 45.39 109.27 2.54
C28 II0 SM . 58.26 99.98 -0.19
C29 II0 SM . 46.61 109.12 0.39
C30 II0 SM . 56.40 100.44 1.54
C31 II0 SM . 47.52 108.17 1.00
C32 II0 SM . 55.67 101.32 0.65
C33 II0 SM . 48.42 107.56 0.26
C34 II0 SM . 54.46 101.65 1.06
C35 II0 SM . 49.33 106.61 0.89
C36 II0 SM . 53.57 102.55 0.31
C37 II0 SM . 49.30 106.45 2.42
C38 II0 SM . 53.64 102.67 -1.16
C39 II0 SM . 50.18 105.91 0.15
C40 II0 SM . 52.71 103.24 1.04
C41 II0 SM . 51.05 104.99 0.98
C42 II0 SM . 51.81 104.18 0.25
O01 II0 SM . 41.47 115.44 -3.05
O02 II0 SM . 61.42 95.40 6.74
C03 II0 TM . 46.38 93.68 10.67
C04 II0 TM . 49.52 89.52 -12.98
C05 II0 TM . 46.81 94.19 12.04
C06 II0 TM . 48.39 89.00 -13.88
C07 II0 TM . 48.24 94.70 12.04
C08 II0 TM . 48.69 87.64 -14.33
C09 II0 TM . 46.69 94.72 9.61
C10 II0 TM . 50.34 88.49 -12.19
C11 II0 TM . 48.42 95.74 10.94
C12 II0 TM . 49.52 86.65 -13.58
C13 II0 TM . 47.27 95.76 9.94
C14 II0 TM . 50.41 87.22 -12.54
C15 II0 TM . 47.13 92.39 10.34
C16 II0 TM . 44.88 93.43 10.71
C17 II0 TM . 48.74 90.60 -12.24
C18 II0 TM . 50.48 90.14 -13.99
C19 II0 TM . 47.21 96.95 8.98
C20 II0 TM . 51.11 86.30 -11.70
C21 II0 TM . 46.12 94.57 8.22
C22 II0 TM . 50.45 88.83 -10.73
C23 II0 TM . 45.66 94.44 7.09
C24 II0 TM . 50.50 89.11 -9.55
C25 II0 TM . 45.20 94.28 5.75
C26 II0 TM . 50.49 89.45 -8.07
C27 II0 TM . 43.78 94.70 5.37
C28 II0 TM . 51.89 89.22 -7.64
C29 II0 TM . 46.02 93.76 4.86
C30 II0 TM . 49.44 89.89 -7.25
C31 II0 TM . 45.68 93.56 3.48
C32 II0 TM . 49.69 90.14 -5.85
C33 II0 TM . 46.54 92.90 2.73
C34 II0 TM . 48.65 90.50 -5.12
C35 II0 TM . 46.28 92.64 1.31
C36 II0 TM . 48.76 90.78 -3.68
C37 II0 TM . 44.93 93.04 0.70
C38 II0 TM . 50.04 90.59 -2.98
C39 II0 TM . 47.23 92.08 0.60
C40 II0 TM . 47.68 91.20 -3.06
C41 II0 TM . 46.85 91.88 -0.86
C42 II0 TM . 47.89 91.46 -1.57
O01 II0 TM . 48.51 95.34 13.30
O02 II0 TM . 47.59 87.11 -15.08
C03 II0 UM . 55.97 96.44 -11.72
C04 II0 UM . 59.50 76.46 2.32
C05 II0 UM . 54.81 96.97 -12.55
C06 II0 UM . 58.78 75.85 3.53
C07 II0 UM . 53.81 97.82 -11.78
C08 II0 UM . 59.22 76.48 4.78
C09 II0 UM . 55.88 96.88 -10.27
C10 II0 UM . 59.94 77.92 2.46
C11 II0 UM . 54.54 98.77 -10.85
C12 II0 UM . 59.96 77.78 4.91
C13 II0 UM . 55.62 98.07 -10.05
C14 II0 UM . 60.34 78.41 3.63
C15 II0 UM . 57.29 96.94 -12.31
C16 II0 UM . 55.92 94.92 -11.78
C17 II0 UM . 60.55 75.37 2.10
C18 II0 UM . 58.41 76.42 1.26
C19 II0 UM . 56.07 98.70 -8.74
C20 II0 UM . 60.91 79.72 3.67
C21 II0 UM . 56.59 96.06 -9.20
C22 II0 UM . 59.56 78.87 1.37
C23 II0 UM . 57.16 95.42 -8.32
C24 II0 UM . 59.26 79.67 0.50
C25 II0 UM . 57.80 94.62 -7.32
C26 II0 UM . 58.91 80.71 -0.56
C27 II0 UM . 58.57 95.30 -6.20
C28 II0 UM . 57.92 80.01 -1.41
C29 II0 UM . 57.70 93.30 -7.37
C30 II0 UM . 59.38 82.03 -0.74
C31 II0 UM . 58.32 92.47 -6.36
C32 II0 UM . 58.86 82.81 -1.84
C33 II0 UM . 58.11 91.17 -6.35
C34 II0 UM . 59.28 84.06 -1.92
C35 II0 UM . 58.73 90.34 -5.32
C36 II0 UM . 58.83 84.99 -2.99
C37 II0 UM . 59.41 91.00 -4.12
C38 II0 UM . 57.76 84.60 -3.91
C39 II0 UM . 58.67 89.02 -5.44
C40 II0 UM . 59.43 86.17 -3.06
C41 II0 UM . 59.33 88.28 -4.29
C42 II0 UM . 58.87 87.05 -4.17
O01 II0 UM . 53.05 98.60 -12.71
O02 II0 UM . 58.29 76.20 5.84
C03 II0 VM . 38.58 102.85 25.15
C04 II0 VM . 37.58 100.12 1.70
C05 II0 VM . 39.50 102.69 26.36
C06 II0 VM . 36.67 100.44 0.51
C07 II0 VM . 39.44 103.82 27.39
C08 II0 VM . 37.39 101.24 -0.50
C09 II0 VM . 38.77 104.22 24.53
C10 II0 VM . 38.81 101.01 1.85
C11 II0 VM . 39.08 105.15 26.76
C12 II0 VM . 38.86 101.46 -0.54
C13 II0 VM . 39.13 105.18 25.23
C14 II0 VM . 39.54 101.31 0.79
C15 II0 VM . 38.94 101.78 24.13
C16 II0 VM . 37.14 102.65 25.60
C17 II0 VM . 37.74 98.62 1.50
C18 II0 VM . 36.68 100.43 2.89
C19 II0 VM . 39.82 106.36 24.53
C20 II0 VM . 40.85 101.85 0.96
C21 II0 VM . 38.48 104.44 23.05
C22 II0 VM . 39.37 101.19 3.22
C23 II0 VM . 38.26 104.61 21.85
C24 II0 VM . 39.80 101.35 4.35
C25 II0 VM . 38.00 104.76 20.46
C26 II0 VM . 40.32 101.52 5.77
C27 II0 VM . 36.62 105.22 19.98
C28 II0 VM . 41.05 100.25 6.02
C29 II0 VM . 38.96 104.53 19.59
C30 II0 VM . 40.16 102.57 6.69
C31 II0 VM . 38.71 104.68 18.17
C32 II0 VM . 40.74 102.42 8.00
C33 II0 VM . 39.69 104.75 17.31
C34 II0 VM . 40.14 103.10 8.96
C35 II0 VM . 39.38 104.90 15.88
C36 II0 VM . 40.52 103.07 10.39
C37 II0 VM . 38.13 105.70 15.49
C38 II0 VM . 41.56 102.14 10.87
C39 II0 VM . 40.18 104.37 14.95
C40 II0 VM . 39.89 103.91 11.19
C41 II0 VM . 39.69 104.61 13.53
C42 II0 VM . 40.30 103.81 12.66
O01 II0 VM . 38.47 103.51 28.40
O02 II0 VM . 36.72 101.16 -1.77
C02 IHT WM . 55.88 89.72 -11.59
C03 IHT WM . 46.82 84.91 10.25
C04 IHT WM . 56.14 91.10 -12.18
C05 IHT WM . 46.18 84.14 11.39
C06 IHT WM . 57.62 91.37 -12.31
C07 IHT WM . 56.82 89.50 -10.37
C08 IHT WM . 45.81 85.15 12.51
C09 IHT WM . 58.54 91.02 -11.13
C10 IHT WM . 58.15 89.72 -10.45
C11 IHT WM . 46.30 86.24 9.74
C12 IHT WM . 45.16 86.40 11.92
C13 IHT WM . 56.11 88.65 -12.64
C14 IHT WM . 54.44 89.65 -11.12
C15 IHT WM . 45.78 87.06 10.69
C16 IHT WM . 46.53 84.02 9.05
C17 IHT WM . 48.34 85.17 10.29
C18 IHT WM . 56.26 89.05 -9.08
C19 IHT WM . 59.17 88.61 -10.70
C20 IHT WM . 46.44 88.40 11.04
C21 IHT WM . 46.77 86.81 8.41
C22 IHT WM . 56.37 87.72 -8.68
C23 IHT WM . 55.81 87.25 -7.37
C24 IHT WM . 47.15 87.30 7.34
C25 IHT WM . 55.60 85.77 -7.04
C26 IHT WM . 47.58 87.93 6.03
C27 IHT WM . 55.47 88.10 -6.37
C28 IHT WM . 47.07 89.28 5.51
C29 IHT WM . 48.41 87.30 5.15
C30 IHT WM . 54.94 87.61 -5.06
C31 IHT WM . 48.77 87.90 3.89
C32 IHT WM . 53.65 87.76 -4.67
C33 IHT WM . 53.27 87.19 -3.32
C34 IHT WM . 49.53 87.21 2.97
C35 IHT WM . 49.89 87.85 1.64
C36 IHT WM . 53.75 85.76 -2.92
C37 IHT WM . 52.56 87.89 -2.47
C38 IHT WM . 50.60 87.04 0.67
C39 IHT WM . 49.55 89.28 1.35
C40 IHT WM . 52.21 87.30 -1.16
C41 IHT WM . 50.99 87.58 -0.62
O01 IHT WM . 44.93 84.50 13.43
C1 LMG XM . 32.95 89.86 17.55
O1 LMG XM . 33.16 89.85 16.13
C2 LMG XM . 34.24 89.41 18.23
O2 LMG XM . 34.52 88.06 17.87
C3 LMG XM . 34.11 89.53 19.75
O3 LMG XM . 35.40 89.29 20.34
C4 LMG XM . 33.62 90.91 20.14
O4 LMG XM . 34.63 91.88 19.84
C5 LMG XM . 32.34 91.25 19.38
O5 LMG XM . 30.63 92.92 19.06
C6 LMG XM . 31.85 92.65 19.75
O6 LMG XM . 32.59 91.18 17.98
C7 LMG XM . 32.02 90.27 15.38
C8 LMG XM . 32.44 90.42 13.91
C9 LMG XM . 32.71 89.05 13.25
O7 LMG XM . 31.54 91.22 13.13
C10 LMG XM . 30.17 90.78 12.88
O9 LMG XM . 29.68 89.81 13.43
C11 LMG XM . 29.34 91.56 11.89
C12 LMG XM . 29.97 91.49 10.51
C13 LMG XM . 29.09 92.21 9.48
C14 LMG XM . 28.95 93.68 9.84
C15 LMG XM . 27.83 94.35 9.05
C16 LMG XM . 28.21 94.55 7.59
C17 LMG XM . 27.09 95.24 6.82
C18 LMG XM . 26.74 96.59 7.47
O8 LMG XM . 33.91 89.17 12.49
C28 LMG XM . 34.26 88.20 11.47
O10 LMG XM . 33.55 87.22 11.29
C29 LMG XM . 35.50 88.41 10.64
C30 LMG XM . 35.48 87.49 9.42
C31 LMG XM . 36.67 87.77 8.51
C32 LMG XM . 36.63 89.21 8.00
C33 LMG XM . 37.88 89.55 7.19
C34 LMG XM . 37.88 91.00 6.76
C35 LMG XM . 36.78 91.29 5.73
C36 LMG XM . 37.23 90.92 4.33
C37 LMG XM . 36.12 91.15 3.32
C38 LMG XM . 35.08 90.03 3.41
C39 LMG XM . 33.85 90.34 2.56
C40 LMG XM . 32.88 89.17 2.59
C41 LMG XM . 31.47 89.59 2.17
C42 LMG XM . 31.43 90.02 0.70
MG CLA YM . 26.63 111.89 0.76
CHA CLA YM . 24.33 114.18 2.01
CHB CLA YM . 28.71 114.52 -0.04
CHC CLA YM . 29.28 109.71 0.43
CHD CLA YM . 24.82 109.32 2.44
NA CLA YM . 26.50 113.98 0.92
C1A CLA YM . 25.45 114.73 1.47
C2A CLA YM . 25.74 116.23 1.39
C3A CLA YM . 27.00 116.29 0.49
C4A CLA YM . 27.46 114.83 0.46
CMA CLA YM . 26.70 116.83 -0.89
CAA CLA YM . 26.02 116.77 2.78
CBA CLA YM . 26.20 118.28 2.79
CGA CLA YM . 25.96 118.82 4.17
O1A CLA YM . 24.92 118.84 4.83
O2A CLA YM . 27.11 119.33 4.73
NB CLA YM . 28.60 112.08 0.34
C1B CLA YM . 29.22 113.21 -0.10
C2B CLA YM . 30.54 112.88 -0.70
C3B CLA YM . 30.72 111.53 -0.57
C4B CLA YM . 29.49 111.01 0.09
CMB CLA YM . 31.45 113.89 -1.26
CAB CLA YM . 31.82 110.69 -0.94
CBB CLA YM . 31.79 109.69 -1.84
NC CLA YM . 26.95 109.89 1.27
C1C CLA YM . 28.09 109.19 0.98
C2C CLA YM . 27.98 107.80 1.40
C3C CLA YM . 26.76 107.72 2.05
C4C CLA YM . 26.11 109.01 1.97
CMC CLA YM . 29.01 106.78 1.21
CAC CLA YM . 26.20 106.52 2.68
CBC CLA YM . 26.77 106.41 4.07
ND CLA YM . 24.93 111.69 1.84
C1D CLA YM . 24.24 110.57 2.39
C2D CLA YM . 22.91 110.99 2.88
C3D CLA YM . 22.87 112.37 2.72
C4D CLA YM . 24.18 112.75 2.13
CMD CLA YM . 21.90 110.10 3.42
CAD CLA YM . 22.09 113.58 2.88
OBD CLA YM . 20.92 113.72 3.21
CBD CLA YM . 23.04 114.77 2.54
CGD CLA YM . 22.42 115.74 1.58
O1D CLA YM . 22.10 116.92 1.79
O2D CLA YM . 22.18 115.21 0.35
CED CLA YM . 21.76 116.10 -0.69
C1 CLA YM . 27.97 118.41 5.42
C2 CLA YM . 27.32 118.08 6.73
C3 CLA YM . 27.94 117.39 7.69
C4 CLA YM . 29.33 116.89 7.54
C5 CLA YM . 27.26 117.09 8.98
C6 CLA YM . 27.57 118.10 10.06
C7 CLA YM . 27.92 117.42 11.37
C8 CLA YM . 29.19 116.58 11.24
C9 CLA YM . 29.34 115.67 12.44
C10 CLA YM . 30.42 117.48 11.12
MG CLA ZM . 13.98 106.67 4.70
CHA CLA ZM . 14.37 107.74 1.42
CHB CLA ZM . 11.59 104.43 3.63
CHC CLA ZM . 14.20 105.01 7.71
CHD CLA ZM . 16.88 108.52 5.56
NA CLA ZM . 13.13 106.20 2.85
C1A CLA ZM . 13.42 106.77 1.60
C2A CLA ZM . 12.56 106.16 0.50
C3A CLA ZM . 11.50 105.37 1.29
C4A CLA ZM . 12.11 105.30 2.69
CMA CLA ZM . 10.17 106.09 1.30
CAA CLA ZM . 13.38 105.24 -0.39
CBA CLA ZM . 14.36 104.38 0.38
CGA CLA ZM . 13.73 103.05 0.72
O1A CLA ZM . 12.62 102.62 0.41
O2A CLA ZM . 14.53 102.25 1.49
NB CLA ZM . 13.09 105.04 5.50
C1B CLA ZM . 12.08 104.31 4.94
C2B CLA ZM . 11.53 103.34 5.93
C3B CLA ZM . 12.26 103.50 7.08
C4B CLA ZM . 13.26 104.58 6.83
CMB CLA ZM . 10.44 102.42 5.61
CAB CLA ZM . 12.18 102.82 8.35
CBB CLA ZM . 12.25 101.49 8.50
NC CLA ZM . 15.27 106.79 6.34
C1C CLA ZM . 15.14 106.05 7.49
C2C CLA ZM . 16.16 106.44 8.45
C3C CLA ZM . 16.97 107.39 7.82
C4C CLA ZM . 16.39 107.61 6.50
CMC CLA ZM . 16.32 105.88 9.80
CAC CLA ZM . 18.13 108.09 8.39
CBC CLA ZM . 19.43 107.51 7.89
ND CLA ZM . 15.33 107.87 3.79
C1D CLA ZM . 16.40 108.66 4.28
C2D CLA ZM . 16.87 109.57 3.21
C3D CLA ZM . 16.12 109.27 2.09
C4D CLA ZM . 15.20 108.19 2.49
CMD CLA ZM . 17.94 110.56 3.37
CAD CLA ZM . 15.85 109.57 0.70
OBD CLA ZM . 16.36 110.41 -0.04
CBD CLA ZM . 14.74 108.58 0.22
CGD CLA ZM . 13.55 109.34 -0.30
O1D CLA ZM . 13.16 110.45 0.06
O2D CLA ZM . 12.85 108.69 -1.28
CED CLA ZM . 11.48 109.06 -1.45
C1 CLA ZM . 14.06 101.94 2.82
C2 CLA ZM . 14.62 100.61 3.19
C3 CLA ZM . 14.82 100.25 4.47
C4 CLA ZM . 14.51 101.15 5.60
C5 CLA ZM . 15.39 98.91 4.80
C6 CLA ZM . 15.99 98.81 6.19
C7 CLA ZM . 17.46 98.45 6.13
C8 CLA ZM . 17.68 96.99 5.78
C9 CLA ZM . 17.61 96.12 7.02
C10 CLA ZM . 19.01 96.79 5.07
MG CLA AN . 10.07 98.22 10.86
CHA CLA AN . 8.56 97.08 7.95
CHB CLA AN . 13.10 98.27 9.23
CHC CLA AN . 11.66 98.76 13.85
CHD CLA AN . 7.08 97.45 12.64
NA CLA AN . 10.68 97.81 8.90
C1A CLA AN . 9.90 97.38 7.82
C2A CLA AN . 10.72 97.27 6.55
C3A CLA AN . 12.13 97.66 6.98
C4A CLA AN . 11.97 97.97 8.47
CMA CLA AN . 13.13 96.55 6.73
CAA CLA AN . 10.28 98.44 5.69
CBA CLA AN . 9.56 98.10 4.40
CGA CLA AN . 10.43 97.20 3.59
O1A CLA AN . 11.44 97.48 2.95
O2A CLA AN . 9.97 95.91 3.60
NB CLA AN . 11.97 98.57 11.41
C1B CLA AN . 13.08 98.50 10.61
C2B CLA AN . 14.31 98.63 11.41
C3B CLA AN . 13.93 98.76 12.73
C4B CLA AN . 12.44 98.71 12.74
CMB CLA AN . 15.67 98.55 10.86
CAB CLA AN . 14.72 98.86 13.92
CBB CLA AN . 14.81 97.88 14.83
NC CLA AN . 9.45 98.20 12.86
C1C CLA AN . 10.25 98.54 13.91
C2C CLA AN . 9.49 98.54 15.15
C3C CLA AN . 8.22 98.07 14.83
C4C CLA AN . 8.20 97.87 13.38
CMC CLA AN . 10.04 98.91 16.46
CAC CLA AN . 7.08 97.93 15.76
CBC CLA AN . 6.35 99.25 15.86
ND CLA AN . 8.24 97.44 10.46
C1D CLA AN . 7.10 97.21 11.28
C2D CLA AN . 5.98 96.75 10.43
C3D CLA AN . 6.48 96.72 9.14
C4D CLA AN . 7.89 97.13 9.22
CMD CLA AN . 4.65 96.43 10.91
CAD CLA AN . 6.20 96.44 7.74
OBD CLA AN . 5.13 96.16 7.20
CBD CLA AN . 7.53 96.57 6.96
CGD CLA AN . 7.96 95.24 6.41
O1D CLA AN . 9.01 94.63 6.62
O2D CLA AN . 7.04 94.66 5.58
CED CLA AN . 7.06 93.24 5.49
C1 CLA AN . 9.40 95.42 2.36
C2 CLA AN . 9.07 94.00 2.58
C3 CLA AN . 9.98 93.02 2.77
C4 CLA AN . 9.56 91.61 2.97
C5 CLA AN . 11.45 93.28 2.78
C6 CLA AN . 12.07 92.95 4.12
C7 CLA AN . 13.59 92.93 4.01
MG CLA BN . 5.59 106.75 27.76
CHA CLA BN . 4.86 105.82 31.03
CHB CLA BN . 4.99 103.51 26.77
CHC CLA BN . 5.35 107.79 24.49
CHD CLA BN . 5.51 110.14 28.82
NA CLA BN . 5.04 104.98 28.75
C1A CLA BN . 4.79 104.81 30.12
C2A CLA BN . 4.41 103.37 30.44
C3A CLA BN . 4.77 102.63 29.12
C4A CLA BN . 4.92 103.78 28.13
CMA CLA BN . 6.04 101.83 29.29
CAA CLA BN . 2.93 103.28 30.77
CBA CLA BN . 2.02 103.97 29.76
CGA CLA BN . 1.68 105.37 30.17
O1A CLA BN . 1.11 105.75 31.20
O2A CLA BN . 2.08 106.31 29.27
NB CLA BN . 5.20 105.84 26.00
C1B CLA BN . 5.12 104.51 25.79
C2B CLA BN . 5.18 104.19 24.32
C3B CLA BN . 5.29 105.40 23.67
C4B CLA BN . 5.29 106.46 24.72
CMB CLA BN . 5.09 102.83 23.81
CAB CLA BN . 5.35 105.73 22.27
CBB CLA BN . 5.98 105.04 21.32
NC CLA BN . 5.49 108.62 26.84
C1C CLA BN . 5.43 108.82 25.48
C2C CLA BN . 5.44 110.24 25.17
C3C CLA BN . 5.43 110.91 26.40
C4C CLA BN . 5.49 109.89 27.44
CMC CLA BN . 5.40 110.81 23.83
CAC CLA BN . 5.46 112.36 26.62
CBC CLA BN . 4.13 112.93 27.05
ND CLA BN . 5.31 107.80 29.48
C1D CLA BN . 5.42 109.18 29.80
C2D CLA BN . 5.40 109.34 31.27
C3D CLA BN . 5.18 108.09 31.79
C4D CLA BN . 5.11 107.17 30.64
CMD CLA BN . 5.54 110.61 31.98
CAD CLA BN . 5.04 107.28 33.00
OBD CLA BN . 5.12 107.64 34.17
CBD CLA BN . 4.75 105.83 32.54
CGD CLA BN . 5.67 104.83 33.18
O1D CLA BN . 5.38 103.73 33.68
O2D CLA BN . 6.99 105.21 33.20
CED CLA BN . 7.92 104.35 33.85
C1 CLA BN . 1.54 107.65 29.40
C2 CLA BN . 1.89 108.39 28.17
C3 CLA BN . 1.30 109.54 27.80
C4 CLA BN . 0.23 110.17 28.61
C5 CLA BN . 1.70 110.24 26.55
C6 CLA BN . 0.53 110.55 25.63
C7 CLA BN . 0.21 109.37 24.73
C8 CLA BN . 0.67 109.54 23.29
C9 CLA BN . 2.10 109.06 23.12
C10 CLA BN . 0.53 110.98 22.81
C11 CLA BN . 0.04 111.04 21.37
C12 CLA BN . -0.15 112.47 20.90
C13 CLA BN . -1.62 112.80 20.74
C14 CLA BN . -2.18 112.20 19.47
C15 CLA BN . -1.85 114.31 20.75
MG CLA CN . -7.11 102.43 29.72
CHA CLA CN . -5.47 100.64 32.21
CHB CLA CN . -10.11 101.26 30.88
CHC CLA CN . -8.66 103.76 26.96
CHD CLA CN . -3.95 103.03 28.19
NA CLA CN . -7.68 101.16 31.28
C1A CLA CN . -6.85 100.52 32.23
C2A CLA CN . -7.67 99.69 33.23
C3A CLA CN . -9.13 99.89 32.75
C4A CLA CN . -8.98 100.84 31.56
CMA CLA CN . -9.76 98.59 32.35
CAA CLA CN . -7.53 100.16 34.66
CBA CLA CN . -8.49 101.28 35.03
CGA CLA CN . -7.87 102.17 36.06
O1A CLA CN . -6.77 102.72 36.03
O2A CLA CN . -8.67 102.40 37.16
NB CLA CN . -9.00 102.43 29.02
C1B CLA CN . -10.10 102.11 29.76
C2B CLA CN . -11.31 102.76 29.20
C3B CLA CN . -10.91 103.47 28.10
C4B CLA CN . -9.44 103.26 27.96
CMB CLA CN . -12.65 102.59 29.78
CAB CLA CN . -11.69 104.26 27.17
CBB CLA CN . -11.51 105.56 26.94
NC CLA CN . -6.42 103.24 27.92
C1C CLA CN . -7.23 103.74 26.94
C2C CLA CN . -6.43 104.27 25.84
C3C CLA CN . -5.10 104.05 26.17
C4C CLA CN . -5.10 103.41 27.48
CMC CLA CN . -6.98 104.89 24.63
CAC CLA CN . -3.92 104.41 25.38
CBC CLA CN . -3.53 103.40 24.33
ND CLA CN . -5.16 102.00 30.06
C1D CLA CN . -3.97 102.37 29.40
C2D CLA CN . -2.80 101.95 30.21
C3D CLA CN . -3.32 101.31 31.31
C4D CLA CN . -4.80 101.33 31.16
CMD CLA CN . -1.40 102.20 29.87
CAD CLA CN . -3.03 100.60 32.55
OBD CLA CN . -1.95 100.39 33.09
CBD CLA CN . -4.39 100.11 33.13
CGD CLA CN . -4.45 98.61 33.28
O1D CLA CN . -4.27 97.76 32.40
O2D CLA CN . -4.71 98.19 34.55
CED CLA CN . -3.62 97.71 35.33
C1 CLA CN . -9.74 103.36 37.02
C2 CLA CN . -9.19 104.59 36.41
C3 CLA CN . -8.76 105.66 37.12
C4 CLA CN . -8.79 105.68 38.60
C5 CLA CN . -8.22 106.86 36.43
C6 CLA CN . -9.20 108.02 36.41
C7 CLA CN . -10.24 107.85 35.31
C8 CLA CN . -11.35 108.89 35.39
C9 CLA CN . -11.98 108.90 36.76
C10 CLA CN . -12.42 108.63 34.33
C11 CLA CN . -12.39 109.67 33.23
C12 CLA CN . -13.16 109.23 32.01
C13 CLA CN . -12.53 108.01 31.36
C14 CLA CN . -11.14 108.33 30.88
C15 CLA CN . -13.40 107.44 30.24
C16 CLA CN . -13.11 108.09 28.91
C17 CLA CN . -14.22 107.85 27.90
C18 CLA CN . -15.47 108.68 28.24
C19 CLA CN . -15.14 110.15 28.26
C20 CLA CN . -16.57 108.39 27.24
MG CLA DN . 6.83 94.56 23.65
CHA CLA DN . 6.05 91.30 24.60
CHB CLA DN . 9.84 93.41 22.44
CHC CLA DN . 7.29 97.51 21.95
CHD CLA DN . 3.39 95.40 24.09
NA CLA DN . 7.78 92.69 23.59
C1A CLA DN . 7.30 91.45 24.04
C2A CLA DN . 8.30 90.33 23.81
C3A CLA DN . 9.57 91.08 23.34
C4A CLA DN . 9.05 92.50 23.09
CMA CLA DN . 10.68 91.07 24.36
CAA CLA DN . 7.84 89.34 22.76
CBA CLA DN . 8.20 87.92 23.13
CGA CLA DN . 7.81 86.96 22.05
NB CLA DN . 8.27 95.31 22.45
C1B CLA DN . 9.47 94.72 22.17
C2B CLA DN . 10.38 95.70 21.51
C3B CLA DN . 9.66 96.87 21.36
C4B CLA DN . 8.31 96.62 21.94
CMB CLA DN . 11.71 95.32 21.06
CAB CLA DN . 9.95 98.15 20.76
CBB CLA DN . 10.91 98.42 19.87
NC CLA DN . 5.59 96.18 23.19
C1C CLA DN . 6.02 97.31 22.55
C2C CLA DN . 4.95 98.29 22.46
C3C CLA DN . 3.80 97.66 22.97
C4C CLA DN . 4.21 96.34 23.44
CMC CLA DN . 5.09 99.62 21.87
CAC CLA DN . 2.46 98.26 23.08
CBC CLA DN . 1.72 98.27 21.77
ND CLA DN . 5.12 93.66 24.27
C1D CLA DN . 3.80 94.13 24.46
C2D CLA DN . 3.01 93.08 25.15
C3D CLA DN . 3.85 91.99 25.29
C4D CLA DN . 5.13 92.39 24.65
CMD CLA DN . 1.63 93.22 25.60
CAD CLA DN . 4.00 90.62 25.76
OBD CLA DN . 3.25 89.93 26.45
CBD CLA DN . 5.38 90.11 25.24
CGD CLA DN . 6.23 89.53 26.35
O1D CLA DN . 6.28 88.35 26.73
O2D CLA DN . 7.04 90.43 26.98
CED CLA DN . 7.58 90.08 28.26
MG CLA EN . 0.55 98.02 11.82
CHA CLA EN . 2.52 98.59 9.02
CHB CLA EN . -1.56 96.12 9.88
CHC CLA EN . -0.93 96.74 14.65
CHD CLA EN . 3.09 99.45 13.82
NA CLA EN . 0.49 97.48 9.79
C1A CLA EN . 1.41 97.82 8.78
C2A CLA EN . 0.97 97.24 7.43
C3A CLA EN . -0.44 96.69 7.72
C4A CLA EN . -0.53 96.75 9.24
CMA CLA EN . -1.53 97.53 7.08
CAA CLA EN . 1.88 96.14 6.94
CBA CLA EN . 1.80 94.87 7.75
CGA CLA EN . 3.01 94.04 7.45
O1A CLA EN . 3.42 93.69 6.35
O2A CLA EN . 3.68 93.66 8.58
NB CLA EN . -0.95 96.70 12.18
C1B CLA EN . -1.73 96.10 11.27
C2B CLA EN . -2.84 95.37 11.93
C3B CLA EN . -2.67 95.54 13.28
C4B CLA EN . -1.47 96.38 13.46
CMB CLA EN . -3.86 94.61 11.20
CAB CLA EN . -3.44 95.01 14.37
CBB CLA EN . -3.04 93.98 15.10
NC CLA EN . 1.00 98.11 13.85
C1C CLA EN . 0.23 97.56 14.83
C2C CLA EN . 0.79 97.84 16.15
C3C CLA EN . 1.95 98.57 15.93
C4C CLA EN . 2.07 98.76 14.48
CMC CLA EN . 0.22 97.37 17.41
CAC CLA EN . 2.88 99.07 16.96
CBC CLA EN . 2.65 100.49 17.42
ND CLA EN . 2.39 98.82 11.57
C1D CLA EN . 3.28 99.49 12.46
C2D CLA EN . 4.34 100.15 11.69
C3D CLA EN . 4.09 99.85 10.36
C4D CLA EN . 2.88 99.02 10.33
CMD CLA EN . 5.42 100.94 12.26
CAD CLA EN . 4.53 100.02 9.00
OBD CLA EN . 5.48 100.65 8.58
CBD CLA EN . 3.56 99.19 8.09
CGD CLA EN . 2.96 100.02 6.98
O1D CLA EN . 2.53 101.18 7.03
O2D CLA EN . 2.91 99.37 5.79
CED CLA EN . 3.39 100.04 4.64
C1 CLA EN . 4.79 92.76 8.40
C2 CLA EN . 5.73 92.99 9.53
C3 CLA EN . 6.31 91.97 10.18
C4 CLA EN . 6.05 90.57 9.81
C5 CLA EN . 7.25 92.21 11.32
C6 CLA EN . 8.12 93.44 11.15
C7 CLA EN . 9.26 93.37 12.13
C8 CLA EN . 9.98 94.70 12.30
C9 CLA EN . 10.88 94.96 11.11
C10 CLA EN . 10.81 94.72 13.58
C11 CLA EN . 9.96 94.45 14.80
C12 CLA EN . 10.63 94.95 16.07
C13 CLA EN . 9.84 94.59 17.33
C14 CLA EN . 10.34 93.27 17.90
C15 CLA EN . 8.34 94.51 17.08
C16 CLA EN . 7.54 94.95 18.29
C17 CLA EN . 6.07 94.76 18.05
C18 CLA EN . 5.21 95.46 19.10
C19 CLA EN . 3.77 95.00 19.00
C20 CLA EN . 5.28 96.95 18.90
MG CLA FN . 2.89 115.11 11.67
CHA CLA FN . 0.16 115.73 9.62
CHB CLA FN . 4.31 118.04 10.60
CHC CLA FN . 5.14 114.96 14.27
CHD CLA FN . 1.03 112.46 13.17
NA CLA FN . 2.32 116.60 10.31
C1A CLA FN . 1.13 116.69 9.56
C2A CLA FN . 1.12 117.93 8.68
C3A CLA FN . 2.56 118.46 8.82
C4A CLA FN . 3.12 117.67 10.00
CMA CLA FN . 3.37 118.21 7.58
CAA CLA FN . 0.09 118.96 9.09
CBA CLA FN . 0.03 119.17 10.59
CGA CLA FN . 1.01 120.23 11.00
O1A CLA FN . 1.14 121.38 10.56
O2A CLA FN . 1.85 119.81 11.99
NB CLA FN . 4.38 116.30 12.34
C1B CLA FN . 4.89 117.37 11.68
C2B CLA FN . 6.21 117.76 12.25
C3B CLA FN . 6.45 116.89 13.30
C4B CLA FN . 5.29 115.96 13.36
CMB CLA FN . 7.00 118.87 11.75
CAB CLA FN . 7.56 116.81 14.21
CBB CLA FN . 8.03 117.83 14.95
NC CLA FN . 3.07 113.91 13.37
C1C CLA FN . 4.10 113.99 14.27
C2C CLA FN . 3.95 112.96 15.31
C3C CLA FN . 2.76 112.29 15.03
C4C CLA FN . 2.22 112.88 13.80
CMC CLA FN . 4.87 112.75 16.41
CAC CLA FN . 2.18 111.18 15.79
CBC CLA FN . 1.28 111.67 16.89
ND CLA FN . 1.09 114.21 11.44
C1D CLA FN . 0.49 113.08 12.07
C2D CLA FN . -0.75 112.72 11.34
C3D CLA FN . -0.91 113.70 10.37
C4D CLA FN . 0.23 114.62 10.51
CMD CLA FN . -1.60 111.56 11.64
CAD CLA FN . -1.74 114.19 9.28
OBD CLA FN . -2.72 113.68 8.75
CBD CLA FN . -1.12 115.55 8.83
CGD CLA FN . -0.87 115.61 7.34
O1D CLA FN . -0.31 114.77 6.63
O2D CLA FN . -1.31 116.75 6.75
CED CLA FN . -2.67 117.14 6.97
C1 CLA FN . 2.77 120.77 12.52
C2 CLA FN . 3.51 120.07 13.60
C3 CLA FN . 4.20 120.72 14.56
C4 CLA FN . 4.29 122.19 14.62
C5 CLA FN . 4.92 119.94 15.60
C6 CLA FN . 4.27 120.06 16.97
C7 CLA FN . 5.16 120.83 17.92
C8 CLA FN . 4.45 121.15 19.23
C9 CLA FN . 4.25 122.66 19.38
C10 CLA FN . 5.24 120.61 20.42
C11 CLA FN . 5.40 119.11 20.34
C12 CLA FN . 4.21 118.39 20.93
C13 CLA FN . 4.31 118.29 22.45
C14 CLA FN . 5.61 117.65 22.85
MG CLA GN . 19.84 120.38 9.01
CHA CLA GN . 16.55 121.51 8.97
CHB CLA GN . 20.76 123.15 7.18
CHC CLA GN . 23.15 119.83 9.82
CHD CLA GN . 18.89 118.01 11.48
NA CLA GN . 18.81 122.01 8.19
C1A CLA GN . 17.43 122.31 8.29
C2A CLA GN . 17.09 123.59 7.52
C3A CLA GN . 18.40 123.92 6.78
C4A CLA GN . 19.41 122.98 7.42
CMA CLA GN . 18.27 123.69 5.30
CAA CLA GN . 16.65 124.72 8.45
CBA CLA GN . 17.64 124.99 9.57
CGA CLA GN . 17.20 126.20 10.33
O1A CLA GN . 17.38 126.47 11.53
O2A CLA GN . 16.51 127.09 9.56
NB CLA GN . 21.59 121.33 8.62
C1B CLA GN . 21.76 122.35 7.74
C2B CLA GN . 23.21 122.52 7.41
C3B CLA GN . 23.90 121.58 8.16
C4B CLA GN . 22.87 120.82 8.93
CMB CLA GN . 23.70 123.55 6.49
CAB CLA GN . 25.31 121.30 8.27
CBB CLA GN . 26.19 121.28 7.28
NC CLA GN . 20.82 119.11 10.36
C1C CLA GN . 22.18 119.02 10.49
C2C CLA GN . 22.53 118.00 11.46
C3C CLA GN . 21.33 117.53 11.99
C4C CLA GN . 20.27 118.22 11.27
CMC CLA GN . 23.90 117.63 11.85
CAC CLA GN . 21.15 116.48 13.01
CBC CLA GN . 20.86 117.05 14.38
ND CLA GN . 18.16 119.78 9.95
C1D CLA GN . 17.90 118.73 10.87
C2D CLA GN . 16.44 118.60 11.05
C3D CLA GN . 15.86 119.64 10.33
C4D CLA GN . 16.99 120.37 9.70
CMD CLA GN . 15.80 117.58 11.88
CAD CLA GN . 14.63 120.29 9.92
OBD CLA GN . 13.47 119.98 10.15
CBD CLA GN . 15.04 121.56 9.11
CGD CLA GN . 14.33 121.62 7.79
O1D CLA GN . 14.82 121.64 6.66
O2D CLA GN . 12.97 121.65 7.89
CED CLA GN . 12.24 122.48 6.98
C1 CLA GN . 16.83 128.49 9.71
C2 CLA GN . 18.27 128.66 9.45
C3 CLA GN . 18.83 128.60 8.21
C4 CLA GN . 18.02 128.37 6.99
C5 CLA GN . 20.30 128.78 8.04
C6 CLA GN . 21.03 127.47 7.78
C7 CLA GN . 21.88 127.09 8.97
C8 CLA GN . 21.09 126.47 10.10
C9 CLA GN . 21.25 127.29 11.37
C10 CLA GN . 21.51 125.02 10.35
C11 CLA GN . 20.83 124.42 11.56
C12 CLA GN . 21.01 122.91 11.61
C13 CLA GN . 21.95 122.49 12.73
C14 CLA GN . 23.40 122.56 12.27
C15 CLA GN . 21.63 121.08 13.23
C16 CLA GN . 21.40 121.04 14.72
C17 CLA GN . 22.70 120.92 15.50
C18 CLA GN . 23.50 119.68 15.11
C19 CLA GN . 23.62 118.73 16.29
C20 CLA GN . 24.88 120.06 14.61
NB KC2 HN . 12.16 119.27 17.50
ND KC2 HN . 14.49 121.09 14.69
C1A KC2 HN . 11.39 122.14 14.27
C1B KC2 HN . 10.85 119.49 17.71
C1C KC2 HN . 15.03 118.37 17.99
C1D KC2 HN . 15.84 121.13 14.49
C2A KC2 HN . 10.02 122.71 14.17
C2B KC2 HN . 10.36 118.77 18.93
C2C KC2 HN . 16.46 118.08 18.24
C2D KC2 HN . 16.12 122.12 13.42
C3A KC2 HN . 9.32 121.99 15.26
C3B KC2 HN . 11.55 118.08 19.44
C3C KC2 HN . 17.19 118.82 17.20
C3D KC2 HN . 14.82 122.65 13.01
C4A KC2 HN . 10.34 121.09 15.88
C4B KC2 HN . 12.61 118.44 18.47
C4C KC2 HN . 16.09 119.46 16.43
C4D KC2 HN . 13.86 122.00 13.81
CAA KC2 HN . 9.44 123.73 13.26
CAB KC2 HN . 11.88 117.18 20.58
CAC KC2 HN . 18.69 118.82 17.04
CAD KC2 HN . 14.15 123.61 12.07
CBA KC2 HN . 8.52 123.60 12.32
CBB KC2 HN . 11.19 117.21 21.71
CBC KC2 HN . 19.27 120.02 17.73
CBD KC2 HN . 12.74 123.62 12.47
CED KC2 HN . 11.10 126.98 12.80
CGA KC2 HN . 8.65 124.55 11.20
CGD KC2 HN . 12.46 124.95 13.09
CHA KC2 HN . 12.52 122.51 13.42
CHB KC2 HN . 9.85 120.27 17.00
CHC KC2 HN . 13.92 117.87 18.78
CHD KC2 HN . 16.68 120.25 15.32
CMA KC2 HN . 7.88 122.10 15.70
CMB KC2 HN . 8.98 118.76 19.51
CMC KC2 HN . 16.99 117.21 19.35
CMD KC2 HN . 17.56 122.34 13.03
NA KC2 HN . 11.57 121.14 15.34
NC KC2 HN . 14.73 119.16 16.97
O1A KC2 HN . 7.87 125.54 11.16
O1D KC2 HN . 12.40 125.12 14.30
O2A KC2 HN . 9.66 124.43 10.48
O2D KC2 HN . 11.90 125.95 12.22
OBD KC2 HN . 14.94 124.27 11.29
MG KC2 HN . 13.21 120.05 15.93
MG CLA IN . 25.28 106.21 19.98
CHA CLA IN . 28.09 105.54 21.94
CHB CLA IN . 26.06 109.53 20.06
CHC CLA IN . 23.14 106.77 17.33
CHD CLA IN . 24.97 102.73 19.40
NA CLA IN . 26.79 107.32 20.91
C1A CLA IN . 27.88 106.87 21.67
C2A CLA IN . 28.71 108.06 22.18
C3A CLA IN . 27.84 109.29 21.81
C4A CLA IN . 26.82 108.70 20.84
CMA CLA IN . 27.19 109.92 23.01
CAA CLA IN . 30.10 108.24 21.58
CBA CLA IN . 30.33 107.59 20.25
CGA CLA IN . 31.61 106.82 20.35
O1A CLA IN . 32.01 106.10 21.27
O2A CLA IN . 32.41 107.00 19.26
NB CLA IN . 24.75 107.82 18.88
C1B CLA IN . 25.09 109.10 19.14
C2B CLA IN . 24.28 110.04 18.31
C3B CLA IN . 23.44 109.27 17.55
C4B CLA IN . 23.74 107.85 17.90
CMB CLA IN . 24.43 111.50 18.38
CAB CLA IN . 22.47 109.62 16.54
CBB CLA IN . 21.42 110.43 16.71
NC CLA IN . 24.21 104.97 18.67
C1C CLA IN . 23.35 105.42 17.69
C2C CLA IN . 22.74 104.30 16.99
C3C CLA IN . 23.30 103.15 17.53
C4C CLA IN . 24.21 103.59 18.60
CMC CLA IN . 21.77 104.44 15.90
CAC CLA IN . 23.01 101.76 17.16
CBC CLA IN . 21.71 101.26 17.74
ND CLA IN . 26.15 104.49 20.62
C1D CLA IN . 25.89 103.13 20.33
C2D CLA IN . 26.74 102.29 21.19
C3D CLA IN . 27.60 103.16 21.83
C4D CLA IN . 27.22 104.52 21.40
CMD CLA IN . 26.67 100.83 21.26
CAD CLA IN . 28.66 103.28 22.80
OBD CLA IN . 29.15 102.42 23.53
CBD CLA IN . 29.14 104.78 22.74
CGD CLA IN . 29.46 105.37 24.11
O1D CLA IN . 30.23 106.30 24.32
O2D CLA IN . 28.88 104.77 25.19
CED CLA IN . 29.75 104.49 26.29
C1 CLA IN . 33.76 107.42 19.54
C2 CLA IN . 34.23 108.18 18.36
C3 CLA IN . 34.67 107.59 17.23
C4 CLA IN . 34.73 106.12 17.08
C5 CLA IN . 35.14 108.41 16.08
C6 CLA IN . 34.25 108.23 14.86
C7 CLA IN . 32.97 109.01 15.03
C8 CLA IN . 32.51 109.70 13.75
C9 CLA IN . 33.69 110.05 12.85
C10 CLA IN . 31.72 110.96 14.06
MG CLA JN . 20.34 95.44 19.00
CHA CLA JN . 22.73 94.46 21.34
CHB CLA JN . 22.85 95.88 16.70
CHC CLA JN . 18.02 95.45 16.45
CHD CLA JN . 17.83 94.21 21.20
NA CLA JN . 22.43 95.28 19.05
C1A CLA JN . 23.23 94.83 20.12
C2A CLA JN . 24.71 94.86 19.74
C3A CLA JN . 24.70 95.67 18.42
C4A CLA JN . 23.23 95.60 18.00
CMA CLA JN . 25.10 97.10 18.66
CAA CLA JN . 25.29 93.47 19.54
CBA CLA JN . 24.28 92.48 19.00
CGA CLA JN . 24.64 91.10 19.43
O1A CLA JN . 24.52 90.59 20.55
O2A CLA JN . 25.19 90.36 18.42
NB CLA JN . 20.40 95.71 17.00
C1B CLA JN . 21.53 95.84 16.24
C2B CLA JN . 21.18 95.96 14.80
C3B CLA JN . 19.81 95.85 14.71
C4B CLA JN . 19.31 95.67 16.11
CMB CLA JN . 22.18 96.06 13.75
CAB CLA JN . 18.95 95.81 13.57
CBB CLA JN . 18.03 96.73 13.25
NC CLA JN . 18.29 95.01 18.88
C1C CLA JN . 17.53 95.14 17.75
C2C CLA JN . 16.14 94.82 18.03
C3C CLA JN . 16.10 94.38 19.35
C4C CLA JN . 17.45 94.51 19.88
CMC CLA JN . 15.05 94.88 17.05
CAC CLA JN . 14.91 93.94 20.10
CBC CLA JN . 14.76 92.43 20.20
ND CLA JN . 20.22 94.58 20.82
C1D CLA JN . 19.13 94.23 21.65
C2D CLA JN . 19.62 93.90 23.01
C3D CLA JN . 21.00 93.99 22.95
C4D CLA JN . 21.32 94.39 21.56
CMD CLA JN . 18.78 93.55 24.14
CAD CLA JN . 22.25 93.87 23.68
OBD CLA JN . 22.45 93.64 24.88
CBD CLA JN . 23.39 94.10 22.64
CGD CLA JN . 24.35 95.18 23.07
O1D CLA JN . 25.46 95.03 23.59
O2D CLA JN . 23.91 96.43 22.82
CED CLA JN . 24.86 97.49 22.93
C1 CLA JN . 25.16 88.93 18.56
C03 II0 KN . 22.58 112.47 22.35
C04 II0 KN . -0.70 118.66 16.84
C05 II0 KN . 23.60 111.64 23.11
C06 II0 KN . -1.01 119.94 16.07
C07 II0 KN . 23.05 110.30 23.58
C08 II0 KN . -1.28 119.64 14.66
C09 II0 KN . 21.63 111.60 21.54
C10 II0 KN . 0.07 117.60 16.05
C11 II0 KN . 22.58 109.54 22.35
C12 II0 KN . -0.99 118.34 13.98
C13 II0 KN . 21.94 110.42 21.29
C14 II0 KN . -0.17 117.38 14.77
C15 II0 KN . 21.77 113.29 23.34
C16 II0 KN . 23.35 113.39 21.41
C17 II0 KN . -2.07 118.36 17.43
C18 II0 KN . 0.25 119.18 17.92
C19 II0 KN . 21.20 109.70 20.17
C20 II0 KN . 0.65 116.46 14.04
C21 II0 KN . 20.59 112.28 20.67
C22 II0 KN . 1.25 116.97 16.71
C23 II0 KN . 19.74 112.83 19.98
C24 II0 KN . 2.24 116.49 17.25
C25 II0 KN . 18.73 113.45 19.18
C26 II0 KN . 3.50 115.93 17.88
C27 II0 KN . 19.11 114.33 17.99
C28 II0 KN . 2.99 114.95 18.87
C29 II0 KN . 17.46 113.23 19.50
C30 II0 KN . 4.86 116.23 17.63
C31 II0 KN . 16.37 113.80 18.76
C32 II0 KN . 5.89 115.55 18.37
C33 II0 KN . 15.17 113.28 18.92
C34 II0 KN . 7.10 115.60 17.86
C35 II0 KN . 14.03 113.84 18.20
C36 II0 KN . 8.28 114.97 18.48
C37 II0 KN . 14.27 114.69 16.95
C38 II0 KN . 8.19 114.31 19.79
C39 II0 KN . 12.81 113.60 18.65
C40 II0 KN . 9.41 115.03 17.80
C41 II0 KN . 11.72 114.25 17.82
C42 II0 KN . 10.60 114.38 18.50
O01 II0 KN . 24.09 109.55 24.22
O02 II0 KN . -2.45 120.33 14.20
C03 II0 LN . 8.90 100.69 25.29
C04 II0 LN . 19.73 101.78 3.16
C05 II0 LN . 8.60 100.96 26.76
C06 II0 LN . 19.14 100.96 2.02
C07 II0 LN . 9.56 101.99 27.35
C08 II0 LN . 18.27 101.80 1.19
C09 II0 LN . 9.07 102.00 24.54
C10 II0 LN . 18.79 102.83 3.76
C11 II0 LN . 9.50 103.27 26.54
C12 II0 LN . 17.70 103.12 1.59
C13 II0 LN . 8.92 103.07 25.14
C14 II0 LN . 17.97 103.53 2.99
C15 II0 LN . 10.18 99.87 25.18
C16 II0 LN . 7.71 99.93 24.71
C17 II0 LN . 21.07 102.20 2.53
C18 II0 LN . 19.94 100.72 4.23
C19 II0 LN . 8.63 104.33 24.33
C20 II0 LN . 17.05 104.44 3.60
C21 II0 LN . 8.97 101.97 23.02
C22 II0 LN . 18.57 102.80 5.23
C23 II0 LN . 8.89 101.91 21.81
C24 II0 LN . 18.34 102.78 6.44
C25 II0 LN . 8.81 101.82 20.39
C26 II0 LN . 17.99 102.73 7.92
C27 II0 LN . 7.55 101.28 19.72
C28 II0 LN . 19.21 103.25 8.59
C29 II0 LN . 9.85 102.21 19.68
C30 II0 LN . 16.82 102.30 8.55
C31 II0 LN . 9.90 102.15 18.24
C32 II0 LN . 16.72 102.35 9.99
C33 II0 LN . 11.03 102.52 17.67
C34 II0 LN . 15.50 102.27 10.48
C35 II0 LN . 11.18 102.50 16.23
C36 II0 LN . 15.20 102.30 11.91
C37 II0 LN . 9.95 102.52 15.31
C38 II0 LN . 16.29 102.30 12.91
C39 II0 LN . 12.41 102.47 15.73
C40 II0 LN . 13.93 102.35 12.26
C41 II0 LN . 12.45 102.45 14.21
C42 II0 LN . 13.70 102.37 13.77
O01 II0 LN . 9.16 102.28 28.69
O02 II0 LN . 18.59 101.65 -0.19
C03 II0 MN . 29.57 96.45 21.99
C04 II0 MN . 18.76 113.89 8.81
C05 II0 MN . 30.46 95.89 23.09
C06 II0 MN . 18.06 114.62 7.67
C07 II0 MN . 31.59 95.01 22.57
C08 II0 MN . 18.13 113.81 6.44
C09 II0 MN . 30.35 96.65 20.70
C10 II0 MN . 20.02 113.13 8.43
C11 II0 MN . 32.42 95.83 21.58
C12 II0 MN . 19.11 112.71 6.20
C13 II0 MN . 31.57 96.81 20.80
C14 II0 MN . 20.06 112.43 7.31
C15 II0 MN . 28.41 95.48 21.73
C16 II0 MN . 29.04 97.80 22.46
C17 II0 MN . 17.56 113.16 9.43
C18 II0 MN . 19.23 115.02 9.70
C19 II0 MN . 32.25 97.97 20.09
C20 II0 MN . 20.79 111.20 7.26
C21 II0 MN . 29.62 97.28 19.51
C22 II0 MN . 20.84 112.66 9.58
C23 II0 MN . 29.03 97.81 18.59
C24 II0 MN . 21.49 112.20 10.51
C25 II0 MN . 28.31 98.43 17.53
C26 II0 MN . 22.32 111.53 11.59
C27 II0 MN . 28.05 97.68 16.22
C28 II0 MN . 22.64 112.61 12.55
C29 II0 MN . 27.90 99.68 17.68
C30 II0 MN . 22.70 110.17 11.68
C31 II0 MN . 27.17 100.36 16.64
C32 II0 MN . 23.48 109.67 12.77
C33 II0 MN . 27.16 101.69 16.63
C34 II0 MN . 23.72 108.38 12.70
C35 II0 MN . 26.42 102.39 15.58
C36 II0 MN . 24.49 107.60 13.70
C37 II0 MN . 25.75 101.58 14.47
C38 II0 MN . 25.28 108.30 14.73
C39 II0 MN . 26.33 103.71 15.62
C40 II0 MN . 24.43 106.30 13.62
C41 II0 MN . 25.52 104.29 14.48
C42 II0 MN . 25.24 105.57 14.68
O01 II0 MN . 32.43 94.62 23.66
O02 II0 MN . 16.83 113.64 5.88
C03 II0 NN . -3.42 101.49 38.07
C04 II0 NN . 1.06 106.75 15.24
C05 II0 NN . -3.52 101.14 39.54
C06 II0 NN . 1.16 107.00 13.73
C07 II0 NN . -2.75 102.13 40.43
C08 II0 NN . 0.34 106.03 13.01
C09 II0 NN . -3.58 103.00 37.85
C10 II0 NN . 1.04 105.27 15.64
C11 II0 NN . -3.31 103.53 40.18
C12 II0 NN . -0.14 104.73 13.56
C13 II0 NN . -3.95 103.68 38.81
C14 II0 NN . 0.34 104.40 14.94
C15 II0 NN . -2.04 101.06 37.54
C16 II0 NN . -4.51 100.75 37.33
C17 II0 NN . -0.08 107.68 15.60
C18 II0 NN . 2.39 107.29 15.76
C19 II0 NN . -4.79 104.93 38.55
C20 II0 NN . 0.32 103.02 15.32
C21 II0 NN . -3.82 103.51 36.43
C22 II0 NN . 1.19 105.05 17.12
C23 II0 NN . -4.01 103.90 35.30
C24 II0 NN . 1.28 104.91 18.32
C25 II0 NN . -4.23 104.33 33.95
C26 II0 NN . 1.35 104.79 19.84
C27 II0 NN . -5.65 104.36 33.38
C28 II0 NN . 1.86 103.41 20.06
C29 II0 NN . -3.20 104.72 33.21
C30 II0 NN . 1.01 105.71 20.85
C31 II0 NN . -3.38 105.15 31.85
C32 II0 NN . 1.15 105.33 22.23
C33 II0 NN . -2.31 105.45 31.14
C34 II0 NN . 0.27 105.83 23.06
C35 II0 NN . -2.43 105.88 29.75
C36 II0 NN . 0.26 105.53 24.51
C37 II0 NN . -3.73 106.53 29.25
C38 II0 NN . 1.33 104.72 25.12
C39 II0 NN . -1.40 105.68 28.94
C40 II0 NN . -0.73 106.02 25.23
C41 II0 NN . -1.61 106.15 27.51
C42 II0 NN . -0.68 105.67 26.70
O01 II0 NN . -2.98 101.78 41.80
O02 II0 NN . -0.54 106.69 12.10
C02 IHT ON . 23.48 106.92 7.62
C03 IHT ON . 14.33 93.41 25.45
C04 IHT ON . 24.27 107.60 6.52
C05 IHT ON . 14.08 92.40 26.56
C06 IHT ON . 25.55 108.22 7.03
C07 IHT ON . 24.42 106.19 8.60
C08 IHT ON . 12.88 92.80 27.45
C09 IHT ON . 26.35 107.49 8.11
C10 IHT ON . 25.40 106.92 9.15
C11 IHT ON . 13.38 94.52 25.03
C12 IHT ON . 11.88 93.68 26.72
C13 IHT ON . 22.50 105.93 6.97
C14 IHT ON . 22.75 107.99 8.42
C15 IHT ON . 12.41 94.84 25.90
C16 IHT ON . 15.50 94.20 26.01
C17 IHT ON . 14.77 92.87 24.09
C18 IHT ON . 24.10 104.89 9.24
C19 IHT ON . 26.17 106.37 10.35
C20 IHT ON . 11.30 95.79 25.50
C21 IHT ON . 13.83 95.60 24.05
C22 IHT ON . 23.14 104.77 10.25
C23 IHT ON . 22.88 103.44 10.90
C24 IHT ON . 14.14 96.47 23.25
C25 IHT ON . 23.90 102.31 10.94
C26 IHT ON . 14.52 97.50 22.21
C27 IHT ON . 21.69 103.16 11.50
C28 IHT ON . 13.86 98.89 22.14
C29 IHT ON . 15.46 97.23 21.27
C30 IHT ON . 21.41 101.86 12.17
C31 IHT ON . 15.86 98.17 20.24
C32 IHT ON . 20.67 101.90 13.30
C33 IHT ON . 20.32 100.67 14.12
C34 IHT ON . 15.38 98.10 18.96
C35 IHT ON . 15.88 99.13 17.99
C36 IHT ON . 21.37 99.56 14.34
C37 IHT ON . 19.13 100.58 14.64
C38 IHT ON . 17.13 98.82 17.31
C39 IHT ON . 15.15 100.41 17.75
C40 IHT ON . 18.68 99.45 15.47
C41 IHT ON . 17.69 99.77 16.37
O01 IHT ON . 12.24 91.59 27.87
O1 LHG PN . 22.55 122.05 2.41
C1 LHG PN . 21.43 121.30 2.92
C2 LHG PN . 21.86 120.60 4.21
O2 LHG PN . 22.94 119.70 3.94
C3 LHG PN . 20.69 119.82 4.80
O3 LHG PN . 21.12 119.16 5.99
P LHG PN . 20.31 117.91 6.58
O4 LHG PN . 19.27 118.46 7.54
O5 LHG PN . 19.89 117.02 5.43
O6 LHG PN . 21.44 117.15 7.43
C4 LHG PN . 22.58 116.64 6.74
C5 LHG PN . 23.04 115.32 7.32
C6 LHG PN . 23.52 114.46 6.15
O7 LHG PN . 24.16 115.52 8.18
C7 LHG PN . 23.93 115.00 9.53
O9 LHG PN . 22.80 115.05 10.00
C8 LHG PN . 25.07 114.44 10.32
C9 LHG PN . 25.40 113.05 9.77
C10 LHG PN . 26.81 112.62 10.15
O8 LHG PN . 24.41 113.45 6.61
C23 LHG PN . 25.47 113.00 5.72
O10 LHG PN . 25.74 113.67 4.75
C24 LHG PN . 26.22 111.72 6.00
C11 LHG PN . 27.01 111.13 9.90
C12 LHG PN . 26.53 110.31 11.10
C13 LHG PN . 27.72 109.74 11.86
C14 LHG PN . 28.49 108.78 10.96
C15 LHG PN . 29.96 108.68 11.35
C16 LHG PN . 30.74 107.89 10.32
C17 LHG PN . 30.50 108.43 8.91
C18 LHG PN . 31.36 107.70 7.88
C19 LHG PN . 31.00 106.23 7.79
C20 LHG PN . 32.20 105.35 8.13
C21 LHG PN . 33.43 105.79 7.37
C22 LHG PN . 34.65 104.99 7.80
C25 LHG PN . 27.33 111.59 4.97
C26 LHG PN . 28.17 110.34 5.22
C27 LHG PN . 29.43 110.37 4.37
C28 LHG PN . 30.30 109.14 4.62
C29 LHG PN . 31.64 109.27 3.92
C30 LHG PN . 32.45 107.97 4.06
C31 LHG PN . 32.84 107.43 2.70
C32 LHG PN . 34.24 107.88 2.31
C33 LHG PN . 34.59 107.37 0.91
C34 LHG PN . 36.08 107.52 0.64
C35 LHG PN . 36.90 106.63 1.56
MG CLA QN . -13.39 110.94 12.55
CHA CLA QN . -16.36 112.52 13.42
CHB CLA QN . -11.96 114.02 12.04
CHC CLA QN . -10.26 109.49 12.55
CHD CLA QN . -14.75 107.89 13.78
NA CLA QN . -14.08 112.92 12.68
C1A CLA QN . -15.35 113.37 13.07
C2A CLA QN . -15.45 114.90 13.00
C3A CLA QN . -14.11 115.30 12.33
C4A CLA QN . -13.31 114.00 12.36
CMA CLA QN . -14.30 115.82 10.93
CAA CLA QN . -15.63 115.55 14.35
CBA CLA QN . -14.69 115.02 15.41
CGA CLA QN . -15.07 115.63 16.73
O1A CLA QN . -16.14 116.15 17.03
O2A CLA QN . -14.07 115.55 17.67
NB CLA QN . -11.50 111.63 12.40
C1B CLA QN . -11.14 112.89 12.03
C2B CLA QN . -9.71 112.93 11.61
C3B CLA QN . -9.23 111.65 11.75
C4B CLA QN . -10.34 110.82 12.26
CMB CLA QN . -9.04 114.15 11.16
CAB CLA QN . -7.90 111.14 11.50
CBB CLA QN . -6.96 111.00 12.43
NC CLA QN . -12.66 109.04 13.03
C1C CLA QN . -11.35 108.65 12.92
C2C CLA QN . -11.20 107.24 13.27
C3C CLA QN . -12.45 106.80 13.67
C4C CLA QN . -13.37 107.93 13.51
CMC CLA QN . -9.93 106.52 13.24
CAC CLA QN . -12.82 105.44 14.12
CBC CLA QN . -12.40 105.17 15.55
ND CLA QN . -15.13 110.27 13.32
C1D CLA QN . -15.59 108.98 13.70
C2D CLA QN . -17.04 109.04 14.00
C3D CLA QN . -17.40 110.38 13.88
C4D CLA QN . -16.16 111.10 13.51
CMD CLA QN . -17.88 107.89 14.35
CAD CLA QN . -18.47 111.36 13.97
OBD CLA QN . -19.67 111.18 14.16
CBD CLA QN . -17.82 112.76 13.77
CGD CLA QN . -18.54 113.59 12.74
O1D CLA QN . -19.60 114.21 12.89
O2D CLA QN . -17.94 113.62 11.52
CED CLA QN . -18.23 114.74 10.67
C1 CLA QN . -14.09 116.55 18.71
C2 CLA QN . -14.90 116.00 19.83
C3 CLA QN . -14.45 115.12 20.73
C4 CLA QN . -13.05 114.60 20.69
C5 CLA QN . -15.33 114.61 21.81
C6 CLA QN . -15.30 115.52 23.04
C7 CLA QN . -14.66 114.81 24.22
C8 CLA QN . -15.59 114.79 25.43
C9 CLA QN . -15.72 116.17 26.01
C10 CLA QN . -15.07 113.82 26.49
MG CLA RN . -23.84 101.91 13.55
CHA CLA RN . -23.53 103.65 10.56
CHB CLA RN . -25.00 99.19 11.79
CHC CLA RN . -23.43 99.93 16.34
CHD CLA RN . -22.01 104.49 15.16
NA CLA RN . -24.21 101.52 11.53
C1A CLA RN . -24.02 102.38 10.44
C2A CLA RN . -24.44 101.72 9.13
C3A CLA RN . -25.15 100.43 9.60
C4A CLA RN . -24.76 100.34 11.07
CMA CLA RN . -26.64 100.50 9.40
CAA CLA RN . -23.23 101.40 8.25
CBA CLA RN . -22.04 100.91 9.04
CGA CLA RN . -22.11 99.42 9.18
O1A CLA RN . -22.51 98.60 8.35
O2A CLA RN . -21.67 98.96 10.39
NB CLA RN . -24.12 99.95 13.96
C1B CLA RN . -24.70 99.03 13.14
C2B CLA RN . -25.03 97.79 13.91
C3B CLA RN . -24.59 97.99 15.20
C4B CLA RN . -24.00 99.35 15.25
CMB CLA RN . -25.67 96.63 13.29
CAB CLA RN . -24.62 97.14 16.35
CBB CLA RN . -24.26 95.86 16.38
NC CLA RN . -22.92 102.18 15.41
C1C CLA RN . -22.93 101.26 16.42
C2C CLA RN . -22.28 101.80 17.60
C3C CLA RN . -21.81 103.07 17.25
C4C CLA RN . -22.24 103.30 15.87
CMC CLA RN . -22.11 101.10 18.88
CAC CLA RN . -21.09 104.02 18.10
CBC CLA RN . -19.61 104.03 17.81
ND CLA RN . -23.00 103.67 13.06
C1D CLA RN . -22.36 104.69 13.84
C2D CLA RN . -22.16 105.89 13.00
C3D CLA RN . -22.62 105.56 11.74
C4D CLA RN . -23.09 104.16 11.82
CMD CLA RN . -21.58 107.15 13.48
CAD CLA RN . -22.82 106.00 10.37
OBD CLA RN . -22.63 107.11 9.88
CBD CLA RN . -23.37 104.77 9.57
CGD CLA RN . -24.67 105.08 8.89
O1D CLA RN . -25.62 105.74 9.33
O2D CLA RN . -24.79 104.56 7.64
CED CLA RN . -26.10 104.25 7.15
C1 CLA RN . -21.86 97.56 10.66
C2 CLA RN . -21.45 97.31 12.06
C3 CLA RN . -21.32 96.09 12.58
C4 CLA RN . -21.60 94.87 11.77
C5 CLA RN . -20.89 95.89 14.00
C6 CLA RN . -19.41 95.68 14.14
C7 CLA RN . -19.07 94.22 14.38
C8 CLA RN . -17.57 93.98 14.48
C9 CLA RN . -17.17 92.80 13.62
C10 CLA RN . -17.14 93.76 15.92
C11 CLA RN . -16.12 94.78 16.36
C12 CLA RN . -16.75 95.92 17.13
C13 CLA RN . -16.20 96.00 18.55
C14 CLA RN . -17.31 96.29 19.54
C15 CLA RN . -15.11 97.06 18.66
C16 CLA RN . -13.96 96.58 19.53
C17 CLA RN . -12.90 97.65 19.70
C18 CLA RN . -11.69 97.13 20.48
C19 CLA RN . -12.12 96.47 21.78
C20 CLA RN . -10.73 98.26 20.76
MG CLA SN . -25.07 91.26 18.62
CHA CLA SN . -26.63 90.01 15.78
CHB CLA SN . -22.58 92.56 16.67
CHC CLA SN . -23.19 91.86 21.43
CHD CLA SN . -27.38 89.42 20.61
NA CLA SN . -24.69 91.28 16.56
C1A CLA SN . -25.48 90.72 15.54
C2A CLA SN . -24.86 91.02 14.17
C3A CLA SN . -23.62 91.89 14.49
C4A CLA SN . -23.62 91.93 16.02
CMA CLA SN . -22.36 91.30 13.95
CAA CLA SN . -25.81 91.86 13.35
CBA CLA SN . -25.98 91.34 11.94
CGA CLA SN . -25.20 92.19 10.99
O1A CLA SN . -24.51 93.18 11.23
O2A CLA SN . -25.30 91.76 9.69
NB CLA SN . -23.25 92.03 18.97
C1B CLA SN . -22.44 92.64 18.07
C2B CLA SN . -21.35 93.38 18.74
C3B CLA SN . -21.52 93.19 20.09
C4B CLA SN . -22.71 92.32 20.25
CMB CLA SN . -20.32 94.11 18.01
CAB CLA SN . -20.73 93.65 21.21
CBB CLA SN . -19.47 93.32 21.47
NC CLA SN . -25.27 90.74 20.63
C1C CLA SN . -24.39 91.13 21.62
C2C CLA SN . -24.84 90.64 22.91
C3C CLA SN . -26.02 89.93 22.68
C4C CLA SN . -26.28 90.02 21.25
CMC CLA SN . -24.13 90.86 24.16
CAC CLA SN . -26.86 89.24 23.68
CBC CLA SN . -26.48 87.80 23.89
ND CLA SN . -26.63 90.00 18.34
C1D CLA SN . -27.56 89.41 19.24
C2D CLA SN . -28.65 88.78 18.47
C3D CLA SN . -28.33 88.96 17.14
C4D CLA SN . -27.07 89.73 17.11
CMD CLA SN . -29.78 88.07 19.06
CAD CLA SN . -28.74 88.72 15.78
OBD CLA SN . -29.72 88.12 15.36
CBD CLA SN . -27.66 89.37 14.87
CGD CLA SN . -27.04 88.34 13.97
O1D CLA SN . -26.04 87.64 14.19
O2D CLA SN . -27.71 88.17 12.79
CED CLA SN . -26.98 87.76 11.64
C1 CLA SN . -24.65 90.52 9.33
C2 CLA SN . -23.19 90.74 9.44
C3 CLA SN . -22.40 89.92 10.15
C4 CLA SN . -22.92 88.74 10.87
C5 CLA SN . -20.94 90.18 10.24
C6 CLA SN . -20.14 89.36 9.25
C7 CLA SN . -18.90 88.79 9.91
C8 CLA SN . -17.83 89.86 10.10
C9 CLA SN . -17.06 90.08 8.81
C10 CLA SN . -16.88 89.48 11.22
MG CLA TN . -34.82 94.15 34.54
CHA CLA TN . -35.57 92.19 37.34
CHB CLA TN . -33.86 91.31 32.87
CHC CLA TN . -34.90 95.88 31.57
CHD CLA TN . -36.47 96.86 36.12
NA CLA TN . -34.73 92.11 35.04
C1A CLA TN . -35.09 91.50 36.26
C2A CLA TN . -34.85 89.99 36.20
C3A CLA TN . -34.09 89.81 34.87
C4A CLA TN . -34.25 91.16 34.19
CMA CLA TN . -32.64 89.45 35.09
CAA CLA TN . -36.16 89.21 36.21
CBA CLA TN . -37.10 89.52 35.05
CGA CLA TN . -38.12 90.53 35.48
O1A CLA TN . -38.76 90.58 36.53
O2A CLA TN . -38.34 91.51 34.54
NB CLA TN . -34.47 93.68 32.61
C1B CLA TN . -33.96 92.52 32.15
C2B CLA TN . -33.48 92.65 30.74
C3B CLA TN . -33.77 93.95 30.37
C4B CLA TN . -34.42 94.61 31.55
CMB CLA TN . -32.90 91.52 30.00
CAB CLA TN . -33.61 94.65 29.12
CBB CLA TN . -32.59 94.51 28.27
NC CLA TN . -35.53 96.03 33.97
C1C CLA TN . -35.43 96.54 32.71
C2C CLA TN . -35.98 97.89 32.67
C3C CLA TN . -36.46 98.17 33.95
C4C CLA TN . -36.16 96.99 34.76
CMC CLA TN . -36.02 98.73 31.47
CAC CLA TN . -37.10 99.41 34.41
CBC CLA TN . -38.62 99.35 34.46
ND CLA TN . -35.80 94.51 36.28
C1D CLA TN . -36.32 95.70 36.85
C2D CLA TN . -36.65 95.47 38.27
C3D CLA TN . -36.37 94.13 38.52
C4D CLA TN . -35.87 93.59 37.25
CMD CLA TN . -37.17 96.48 39.18
CAD CLA TN . -36.38 93.07 39.51
OBD CLA TN . -36.71 93.10 40.69
CBD CLA TN . -35.88 91.78 38.76
CGD CLA TN . -34.67 91.19 39.43
O1D CLA TN . -34.15 90.09 39.22
O2D CLA TN . -34.10 91.99 40.37
CED CLA TN . -33.65 91.36 41.57
C1 CLA TN . -38.78 92.80 35.02
C2 CLA TN . -39.18 93.59 33.83
C3 CLA TN . -39.76 94.80 33.93
C4 CLA TN . -40.04 95.43 35.24
C5 CLA TN . -40.15 95.57 32.72
C6 CLA TN . -39.81 94.90 31.40
C7 CLA TN . -38.66 95.60 30.71
C8 CLA TN . -39.08 96.22 29.38
C9 CLA TN . -39.87 97.49 29.60
C10 CLA TN . -39.88 95.24 28.53
C11 CLA TN . -39.89 95.67 27.08
C12 CLA TN . -41.08 95.09 26.33
C13 CLA TN . -41.50 95.98 25.15
C14 CLA TN . -40.67 95.67 23.92
C15 CLA TN . -41.41 97.46 25.49
C16 CLA TN . -42.70 98.18 25.16
C17 CLA TN . -43.31 98.83 26.37
C18 CLA TN . -42.68 100.19 26.67
C19 CLA TN . -41.96 100.18 27.99
C20 CLA TN . -43.74 101.27 26.66
NB KC2 UN . -46.59 83.45 33.27
ND KC2 UN . -42.91 84.64 34.56
C1A KC2 UN . -43.97 82.20 36.55
C1B KC2 UN . -47.43 82.60 33.86
C1C KC2 UN . -45.47 85.43 31.21
C1D KC2 UN . -42.02 85.58 34.13
C2A KC2 UN . -44.46 81.14 37.45
C2B KC2 UN . -48.63 82.34 33.01
C2C KC2 UN . -44.89 86.43 30.30
C2D KC2 UN . -40.78 85.44 34.94
C3A KC2 UN . -45.84 80.94 36.97
C3B KC2 UN . -48.42 83.15 31.82
C3C KC2 UN . -43.67 86.89 30.96
C3D KC2 UN . -41.04 84.35 35.90
C4A KC2 UN . -46.03 81.90 35.83
C4B KC2 UN . -47.13 83.81 32.08
C4C KC2 UN . -43.67 86.10 32.22
C4D KC2 UN . -42.35 83.90 35.63
CAA KC2 UN . -43.75 80.42 38.57
CAB KC2 UN . -49.15 83.43 30.55
CAC KC2 UN . -42.74 87.93 30.37
CAD KC2 UN . -40.44 83.55 37.02
CBA KC2 UN . -44.00 80.35 39.86
CBB KC2 UN . -49.65 82.42 29.85
CBC KC2 UN . -41.44 87.32 29.93
CBD KC2 UN . -41.41 82.50 37.31
CED KC2 UN . -39.92 80.17 38.93
CGA KC2 UN . -43.03 79.62 40.68
CGD KC2 UN . -40.83 81.19 36.89
CHA KC2 UN . -42.64 82.80 36.58
CHB KC2 UN . -47.35 81.91 35.17
CHC KC2 UN . -46.71 84.70 31.00
CHD KC2 UN . -42.46 86.45 33.02
CMA KC2 UN . -46.91 79.97 37.45
CMB KC2 UN . -49.83 81.46 33.26
CMC KC2 UN . -45.49 86.83 28.98
CMD KC2 UN . -39.64 86.38 34.62
NA KC2 UN . -44.96 82.67 35.55
NC KC2 UN . -44.83 85.18 32.35
O1A KC2 UN . -42.18 80.29 41.34
O1D KC2 UN . -41.18 80.60 35.88
O2A KC2 UN . -43.00 78.38 40.51
O2D KC2 UN . -39.69 80.70 37.63
OBD KC2 UN . -39.35 84.04 37.53
MG KC2 UN . -44.83 84.11 34.09
MG CLA VN . -33.43 87.91 18.44
CHA CLA VN . -32.47 89.89 15.75
CHB CLA VN . -35.32 86.00 16.34
CHC CLA VN . -34.65 86.19 21.14
CHD CLA VN . -32.13 90.37 20.63
NA CLA VN . -33.84 87.97 16.39
C1A CLA VN . -33.31 88.85 15.43
C2A CLA VN . -33.86 88.53 14.04
C3A CLA VN . -34.80 87.35 14.29
C4A CLA VN . -34.66 87.07 15.78
CMA CLA VN . -36.21 87.75 13.96
CAA CLA VN . -32.76 88.15 13.06
CBA CLA VN . -32.67 86.67 12.76
CGA CLA VN . -31.27 86.21 13.05
O1A CLA VN . -30.27 86.33 12.34
O2A CLA VN . -31.16 85.62 14.27
NB CLA VN . -34.76 86.42 18.69
C1B CLA VN . -35.29 85.67 17.70
C2B CLA VN . -35.86 84.40 18.24
C3B CLA VN . -35.67 84.45 19.61
C4B CLA VN . -34.98 85.73 19.90
CMB CLA VN . -36.50 83.40 17.39
CAB CLA VN . -36.03 83.54 20.67
CBB CLA VN . -36.94 82.55 20.63
NC CLA VN . -33.39 88.24 20.50
C1C CLA VN . -33.90 87.37 21.43
C2C CLA VN . -33.60 87.83 22.77
C3C CLA VN . -32.98 89.06 22.63
C4C CLA VN . -32.84 89.30 21.20
CMC CLA VN . -33.98 87.11 24.00
CAC CLA VN . -32.48 89.92 23.71
CBC CLA VN . -33.44 91.04 24.04
ND CLA VN . -32.56 89.74 18.30
C1D CLA VN . -31.98 90.59 19.28
C2D CLA VN . -31.21 91.65 18.60
C3D CLA VN . -31.31 91.39 17.25
C4D CLA VN . -32.19 90.21 17.12
CMD CLA VN . -30.46 92.69 19.31
CAD CLA VN . -30.95 91.82 15.92
OBD CLA VN . -30.19 92.72 15.59
CBD CLA VN . -31.71 90.90 14.90
CGD CLA VN . -32.57 91.66 13.93
O1D CLA VN . -33.80 91.59 13.75
O2D CLA VN . -31.89 92.51 13.14
CED CLA VN . -31.88 92.24 11.73
C1 CLA VN . -30.49 84.35 14.31
C2 CLA VN . -29.30 84.53 15.20
C3 CLA VN . -28.03 84.42 14.76
C4 CLA VN . -27.71 84.09 13.36
C5 CLA VN . -26.90 84.60 15.69
C6 CLA VN . -27.26 85.40 16.92
C7 CLA VN . -26.75 84.73 18.18
C8 CLA VN . -27.60 85.09 19.39
C9 CLA VN . -26.76 85.08 20.65
C10 CLA VN . -28.78 84.15 19.53
MG CLA WN . -38.11 104.32 19.33
CHA CLA WN . -40.43 104.20 16.75
CHB CLA WN . -37.82 107.72 18.84
CHC CLA WN . -36.44 104.62 22.32
CHD CLA WN . -38.98 100.99 20.17
NA CLA WN . -38.98 105.70 18.01
C1A CLA WN . -39.93 105.44 17.01
C2A CLA WN . -40.30 106.72 16.25
C3A CLA WN . -39.27 107.74 16.78
C4A CLA WN . -38.65 107.03 17.97
CMA CLA WN . -38.24 108.08 15.74
CAA CLA WN . -41.73 107.15 16.53
CBA CLA WN . -42.03 107.18 18.02
CGA CLA WN . -41.91 108.57 18.55
O1A CLA WN . -42.67 109.53 18.38
O2A CLA WN . -40.80 108.76 19.33
NB CLA WN . -37.33 105.86 20.38
C1B CLA WN . -37.20 107.15 19.97
C2B CLA WN . -36.30 107.93 20.86
C3B CLA WN . -35.90 107.05 21.85
C4B CLA WN . -36.55 105.74 21.56
CMB CLA WN . -36.01 109.34 20.63
CAB CLA WN . -35.05 107.20 23.02
CBB CLA WN . -34.50 108.33 23.50
NC CLA WN . -37.75 103.03 20.92
C1C CLA WN . -37.00 103.35 22.02
C2C CLA WN . -36.90 102.19 22.92
C3C CLA WN . -37.67 101.18 22.34
C4C CLA WN . -38.19 101.71 21.08
CMC CLA WN . -36.17 102.16 24.18
CAC CLA WN . -37.88 99.83 22.86
CBC CLA WN . -39.17 99.73 23.64
ND CLA WN . -39.36 102.88 18.67
C1D CLA WN . -39.53 101.52 19.03
C2D CLA WN . -40.38 100.84 18.01
C3D CLA WN . -40.74 101.82 17.11
C4D CLA WN . -40.10 103.07 17.57
CMD CLA WN . -40.73 99.42 18.03
CAD CLA WN . -41.47 102.13 15.89
OBD CLA WN . -42.08 101.38 15.13
CBD CLA WN . -41.33 103.67 15.65
CGD CLA WN . -40.76 103.97 14.29
O1D CLA WN . -39.92 103.32 13.67
O2D CLA WN . -41.25 105.10 13.72
CED CLA WN . -40.80 105.44 12.40
C1 CLA WN . -41.00 109.34 20.63
C2 CLA WN . -40.16 108.57 21.58
C3 CLA WN . -39.79 109.04 22.78
C4 CLA WN . -40.20 110.38 23.26
C5 CLA WN . -38.94 108.23 23.69
C6 CLA WN . -39.53 108.13 25.08
C7 CLA WN . -38.56 108.67 26.12
C8 CLA WN . -39.26 108.95 27.45
C9 CLA WN . -39.28 110.45 27.73
C10 CLA WN . -38.55 108.22 28.59
C11 CLA WN . -38.86 106.74 28.56
C12 CLA WN . -38.02 105.97 29.56
MG CLA XN . -23.49 115.16 20.45
CHA CLA XN . -26.95 115.11 19.99
CHB CLA XN . -23.41 118.26 18.98
CHC CLA XN . -20.36 115.71 21.79
CHD CLA XN . -23.86 112.37 22.63
NA CLA XN . -24.93 116.42 19.59
C1A CLA XN . -26.32 116.22 19.51
C2A CLA XN . -27.00 117.39 18.79
C3A CLA XN . -25.81 118.19 18.21
C4A CLA XN . -24.62 117.61 18.98
CMA CLA XN . -25.67 118.01 16.72
CAA CLA XN . -27.84 118.22 19.76
CBA CLA XN . -27.14 119.44 20.31
CGA CLA XN . -26.97 119.31 21.79
O1A CLA XN . -27.55 118.54 22.56
O2A CLA XN . -26.05 120.18 22.32
NB CLA XN . -22.17 116.69 20.42
C1B CLA XN . -22.26 117.82 19.65
C2B CLA XN . -20.96 118.55 19.64
C3B CLA XN . -20.10 117.83 20.43
C4B CLA XN . -20.86 116.65 20.93
CMB CLA XN . -20.76 119.80 18.92
CAB CLA XN . -18.73 118.08 20.79
CBB CLA XN . -17.72 118.18 19.93
NC CLA XN . -22.31 114.18 21.87
C1C CLA XN . -21.04 114.54 22.21
C2C CLA XN . -20.48 113.61 23.19
C3C CLA XN . -21.50 112.71 23.49
C4C CLA XN . -22.63 113.06 22.66
CMC CLA XN . -19.13 113.70 23.76
CAC CLA XN . -21.43 111.58 24.43
CBC CLA XN . -20.78 110.36 23.82
ND CLA XN . -24.96 113.91 21.07
C1D CLA XN . -24.96 112.76 21.91
C2D CLA XN . -26.29 112.11 21.84
C3D CLA XN . -27.09 112.96 21.10
C4D CLA XN . -26.22 114.10 20.70
CMD CLA XN . -26.63 110.85 22.49
CAD CLA XN . -28.40 113.19 20.52
OBD CLA XN . -29.37 112.44 20.47
CBD CLA XN . -28.39 114.64 19.93
CGD CLA XN . -28.99 114.71 18.55
O1D CLA XN . -28.93 113.87 17.64
O2D CLA XN . -29.68 115.86 18.31
CED CLA XN . -30.53 115.91 17.16
C1 CLA XN . -24.71 120.11 21.78
C2 CLA XN . -23.78 119.85 22.92
C3 CLA XN . -23.56 118.61 23.39
C4 CLA XN . -24.22 117.42 22.82
C5 CLA XN . -22.61 118.38 24.53
C6 CLA XN . -22.72 117.00 25.14
C7 CLA XN . -21.42 116.58 25.80
C8 CLA XN . -21.54 115.23 26.52
C9 CLA XN . -22.65 115.28 27.54
C10 CLA XN . -20.22 114.84 27.18
NB KC2 YN . -30.95 109.89 27.54
ND KC2 YN . -29.28 112.74 25.17
C1A KC2 YN . -32.51 112.63 24.51
C1B KC2 YN . -32.25 109.57 27.61
C1C KC2 YN . -28.03 110.20 28.39
C1D KC2 YN . -28.06 113.32 25.14
C2A KC2 YN . -33.98 112.67 24.32
C2B KC2 YN . -32.54 108.69 28.76
C2C KC2 YN . -26.66 110.51 28.83
C2D KC2 YN . -28.10 114.50 24.25
C3A KC2 YN . -34.43 111.58 25.22
C3B KC2 YN . -31.24 108.49 29.41
C3C KC2 YN . -26.16 111.51 27.88
C3D KC2 YN . -29.48 114.57 23.74
C4A KC2 YN . -33.17 111.04 25.84
C4B KC2 YN . -30.32 109.29 28.57
C4C KC2 YN . -27.34 111.70 26.99
C4D KC2 YN . -30.15 113.48 24.33
CAA KC2 YN . -34.83 113.55 23.47
CAB KC2 YN . -30.72 107.75 30.59
CAC KC2 YN . -24.78 112.14 27.92
CAD KC2 YN . -30.39 115.36 22.86
CBA KC2 YN . -35.87 113.28 22.72
CBB KC2 YN . -31.46 107.55 31.68
CBC KC2 YN . -23.74 111.17 27.47
CBD KC2 YN . -31.72 114.79 23.12
CED KC2 YN . -32.74 117.12 25.95
CGA KC2 YN . -36.56 114.45 22.19
CGD KC2 YN . -32.49 115.80 23.90
CHA KC2 YN . -31.55 113.52 23.85
CHB KC2 YN . -33.39 109.93 26.78
CHC KC2 YN . -28.93 109.25 29.03
CHD KC2 YN . -26.98 112.71 25.96
CMA KC2 YN . -35.82 111.08 25.52
CMB KC2 YN . -33.87 108.11 29.19
CMC KC2 YN . -25.96 109.87 30.00
CMD KC2 YN . -26.83 115.29 24.09
NA KC2 YN . -32.01 111.61 25.45
NC KC2 YN . -28.51 110.85 27.32
O1A KC2 YN . -36.44 115.54 22.81
O1D KC2 YN . -33.37 116.49 23.40
O2A KC2 YN . -36.90 114.40 20.98
O2D KC2 YN . -32.09 116.06 25.26
OBD KC2 YN . -29.88 116.43 22.36
MG KC2 YN . -30.13 111.10 26.10
MG CLA ZN . -15.65 101.84 31.41
CHA CLA ZN . -13.30 101.55 33.99
CHB CLA ZN . -15.92 105.17 32.12
CHC CLA ZN . -17.14 102.36 28.35
CHD CLA ZN . -14.73 98.57 30.35
NA CLA ZN . -14.79 103.10 32.85
C1A CLA ZN . -13.83 102.80 33.82
C2A CLA ZN . -13.47 104.02 34.66
C3A CLA ZN . -14.53 105.06 34.22
C4A CLA ZN . -15.12 104.42 32.95
CMA CLA ZN . -15.56 105.28 35.29
CAA CLA ZN . -12.06 104.52 34.38
CBA CLA ZN . -11.70 104.41 32.90
CGA CLA ZN . -10.22 104.50 32.70
O1A CLA ZN . -9.32 103.90 33.29
O2A CLA ZN . -9.86 105.37 31.70
NB CLA ZN . -16.33 103.45 30.42
C1B CLA ZN . -16.53 104.68 30.96
C2B CLA ZN . -17.51 105.47 30.15
C3B CLA ZN . -17.85 104.67 29.08
C4B CLA ZN . -17.10 103.40 29.23
CMB CLA ZN . -17.87 106.85 30.51
CAB CLA ZN . -18.71 104.92 27.96
CBB CLA ZN . -19.92 105.48 28.03
NC CLA ZN . -15.92 100.67 29.71
C1C CLA ZN . -16.58 101.07 28.58
C2C CLA ZN . -16.60 100.01 27.59
C3C CLA ZN . -15.90 98.94 28.14
C4C CLA ZN . -15.48 99.35 29.46
CMC CLA ZN . -17.23 100.11 26.26
CAC CLA ZN . -15.66 97.64 27.50
CBC CLA ZN . -16.87 96.74 27.60
ND CLA ZN . -14.43 100.35 32.02
C1D CLA ZN . -14.22 99.02 31.55
C2D CLA ZN . -13.40 98.28 32.53
C3D CLA ZN . -13.02 99.21 33.49
C4D CLA ZN . -13.66 100.48 33.10
CMD CLA ZN . -13.05 96.88 32.41
CAD CLA ZN . -12.31 99.43 34.73
OBD CLA ZN . -11.72 98.63 35.46
CBD CLA ZN . -12.38 100.96 35.04
CGD CLA ZN . -12.85 101.23 36.44
O1D CLA ZN . -13.93 101.70 36.81
O2D CLA ZN . -11.94 100.90 37.39
CED CLA ZN . -12.32 100.00 38.43
C1 CLA ZN . -8.56 105.17 31.12
C2 CLA ZN . -8.48 106.07 29.95
C3 CLA ZN . -7.92 107.29 30.00
C4 CLA ZN . -7.34 107.83 31.26
C5 CLA ZN . -7.86 108.17 28.81
C6 CLA ZN . -8.69 107.69 27.65
C7 CLA ZN . -9.59 108.80 27.12
C8 CLA ZN . -8.78 110.01 26.66
MG CLA AO . -16.56 90.99 27.89
CHA CLA AO . -15.21 89.77 30.85
CHB CLA AO . -13.70 92.81 27.39
CHC CLA AO . -17.48 91.53 24.61
CHD CLA AO . -19.15 88.59 28.17
NA CLA AO . -14.79 91.26 28.97
C1A CLA AO . -14.42 90.66 30.17
C2A CLA AO . -13.04 91.13 30.63
C3A CLA AO . -12.73 92.29 29.66
C4A CLA AO . -13.79 92.12 28.57
CMA CLA AO . -12.88 93.63 30.33
CAA CLA AO . -12.00 90.02 30.55
CBA CLA AO . -11.84 89.43 29.16
CGA CLA AO . -12.48 88.07 29.12
O1A CLA AO . -12.41 87.18 29.97
O2A CLA AO . -13.20 87.83 27.98
NB CLA AO . -15.76 91.99 26.33
C1B CLA AO . -14.62 92.73 26.33
C2B CLA AO . -14.45 93.45 25.04
C3B CLA AO . -15.53 93.10 24.26
C4B CLA AO . -16.36 92.16 25.05
CMB CLA AO . -13.29 94.31 24.76
CAB CLA AO . -15.86 93.44 22.89
CBB CLA AO . -15.02 93.31 21.85
NC CLA AO . -18.07 90.24 26.64
C1C CLA AO . -18.29 90.64 25.35
C2C CLA AO . -19.46 89.95 24.81
C3C CLA AO . -19.90 89.07 25.79
C4C CLA AO . -19.03 89.27 26.95
CMC CLA AO . -19.98 90.16 23.46
CAC CLA AO . -21.06 88.16 25.72
CBC CLA AO . -20.72 86.71 25.42
ND CLA AO . -17.12 89.52 29.16
C1D CLA AO . -18.26 88.69 29.22
C2D CLA AO . -18.29 88.00 30.52
C3D CLA AO . -17.16 88.38 31.20
C4D CLA AO . -16.45 89.32 30.30
CMD CLA AO . -19.34 87.08 30.94
CAD CLA AO . -16.38 88.27 32.42
OBD CLA AO . -16.63 87.63 33.45
CBD CLA AO . -15.09 89.11 32.21
CGD CLA AO . -14.90 90.13 33.31
O1D CLA AO . -15.53 91.17 33.52
O2D CLA AO . -13.88 89.84 34.17
CED CLA AO . -12.85 90.82 34.36
C1 CLA AO . -14.49 87.22 28.13
C2 CLA AO . -15.30 87.65 26.95
C3 CLA AO . -15.23 87.07 25.74
C4 CLA AO . -14.34 85.91 25.46
C5 CLA AO . -16.06 87.56 24.61
C6 CLA AO . -15.23 88.08 23.45
C7 CLA AO . -16.11 88.46 22.29
C8 CLA AO . -15.31 88.60 20.99
C9 CLA AO . -14.14 89.54 21.18
C10 CLA AO . -16.20 89.12 19.86
C11 CLA AO . -16.96 90.37 20.25
C12 CLA AO . -17.76 90.93 19.11
C13 CLA AO . -18.70 89.89 18.53
C14 CLA AO . -18.86 90.06 17.04
C15 CLA AO . -20.07 89.92 19.21
C16 CLA AO . -20.80 88.61 19.03
C17 CLA AO . -22.22 88.82 18.54
C18 CLA AO . -23.07 87.57 18.70
C19 CLA AO . -23.68 87.51 20.09
C20 CLA AO . -24.16 87.53 17.65
C03 II0 BO . -20.73 106.31 33.85
C04 II0 BO . -43.45 105.47 24.22
C05 II0 BO . -19.57 105.79 34.69
C06 II0 BO . -44.09 106.69 23.53
C07 II0 BO . -19.65 104.28 34.90
C08 II0 BO . -44.05 106.51 22.08
C09 II0 BO . -21.13 105.33 32.77
C10 II0 BO . -42.23 104.89 23.50
C11 II0 BO . -19.60 103.62 33.54
C12 II0 BO . -43.14 105.59 21.33
C13 II0 BO . -20.36 104.41 32.47
C14 II0 BO . -42.20 104.82 22.17
C15 II0 BO . -21.92 106.55 34.77
C16 II0 BO . -20.28 107.63 33.21
C17 II0 BO . -44.71 104.63 24.45
C18 II0 BO . -42.96 106.07 25.52
C19 II0 BO . -20.52 103.72 31.12
C20 II0 BO . -41.05 104.24 21.54
C21 II0 BO . -22.16 105.77 31.73
C22 II0 BO . -40.98 104.74 24.29
C23 II0 BO . -22.97 106.13 30.89
C24 II0 BO . -39.92 104.63 24.90
C25 II0 BO . -23.93 106.53 29.92
C26 II0 BO . -38.60 104.54 25.64
C27 II0 BO . -23.51 107.41 28.74
C28 II0 BO . -38.80 103.41 26.58
C29 II0 BO . -25.18 106.12 30.03
C30 II0 BO . -37.42 105.31 25.52
C31 II0 BO . -26.20 106.47 29.08
C32 II0 BO . -36.30 104.99 26.37
C33 II0 BO . -27.14 105.59 28.81
C34 II0 BO . -35.15 105.58 26.08
C35 II0 BO . -28.20 105.90 27.84
C36 II0 BO . -33.93 105.33 26.87
C37 II0 BO . -27.90 106.76 26.61
C38 II0 BO . -33.97 104.37 27.98
C39 II0 BO . -29.41 105.41 28.06
C40 II0 BO . -32.83 105.99 26.55
C41 II0 BO . -30.43 105.81 27.00
C42 II0 BO . -31.66 105.64 27.45
O01 II0 BO . -18.51 103.85 35.66
O02 II0 BO . -45.37 106.68 21.52
C03 II0 CO . -28.77 90.90 32.10
C04 II0 CO . -16.87 99.38 12.92
C05 II0 CO . -29.32 90.76 33.51
C06 II0 CO . -17.17 98.61 11.63
C07 II0 CO . -29.05 92.00 34.34
C08 II0 CO . -18.02 99.43 10.76
C09 II0 CO . -29.25 92.20 31.46
C10 II0 CO . -18.06 100.16 13.49
C11 II0 CO . -29.66 93.20 33.63
C12 II0 CO . -18.93 100.52 11.23
C13 II0 CO . -29.90 93.01 32.13
C14 II0 CO . -18.96 100.73 12.70
C15 II0 CO . -27.25 90.92 32.14
C16 II0 CO . -29.27 89.73 31.27
C17 II0 CO . -15.59 100.11 12.49
C18 II0 CO . -16.55 98.25 13.88
C19 II0 CO . -30.48 94.21 31.40
C20 II0 CO . -20.18 101.23 13.26
C21 II0 CO . -29.28 92.25 29.94
C22 II0 CO . -18.47 99.83 14.90
C23 II0 CO . -29.27 92.26 28.73
C24 II0 CO . -18.83 99.53 16.02
C25 II0 CO . -29.21 92.32 27.30
C26 II0 CO . -19.34 99.07 17.38
C27 II0 CO . -30.27 91.62 26.45
C28 II0 CO . -18.55 99.85 18.35
C29 II0 CO . -28.22 92.99 26.75
C30 II0 CO . -20.34 98.13 17.68
C31 II0 CO . -28.01 93.17 25.34
C32 II0 CO . -20.68 97.84 19.05
C33 II0 CO . -26.88 93.75 25.03
C34 II0 CO . -21.84 97.24 19.21
C35 II0 CO . -26.47 94.03 23.65
C36 II0 CO . -22.37 96.82 20.53
C37 II0 CO . -27.39 93.65 22.48
C38 II0 CO . -21.66 97.14 21.77
C39 II0 CO . -25.31 94.61 23.46
C40 II0 CO . -23.50 96.14 20.52
C41 II0 CO . -24.97 94.88 22.00
C42 II0 CO . -23.98 95.74 21.90
O01 II0 CO . -29.66 91.85 35.62
O02 II0 CO . -17.38 99.64 9.50
C03 II0 DO . -8.80 94.16 33.54
C04 II0 DO . -22.44 108.63 19.65
C05 II0 DO . -8.20 93.01 34.36
C06 II0 DO . -23.39 108.62 18.44
C07 II0 DO . -6.87 92.38 33.94
C08 II0 DO . -22.69 108.99 17.22
C09 II0 DO . -8.13 94.34 32.18
C10 II0 DO . -20.93 108.59 19.40
C11 II0 DO . -6.37 92.81 32.57
C12 II0 DO . -21.23 108.79 16.97
C13 II0 DO . -6.92 94.14 32.11
C14 II0 DO . -20.41 108.53 18.18
C15 II0 DO . -10.27 93.87 33.31
C16 II0 DO . -8.65 95.45 34.34
C17 II0 DO . -23.10 107.51 20.46
C18 II0 DO . -22.72 109.99 20.26
C19 II0 DO . -6.07 95.03 31.21
C20 II0 DO . -19.00 108.40 18.03
C21 II0 DO . -8.89 94.87 30.98
C22 II0 DO . -20.14 108.03 20.53
C23 II0 DO . -9.49 95.30 30.01
C24 II0 DO . -19.48 107.53 21.44
C25 II0 DO . -10.14 95.83 28.86
C26 II0 DO . -18.68 106.88 22.56
C27 II0 DO . -10.02 95.13 27.51
C28 II0 DO . -19.65 106.76 23.66
C29 II0 DO . -10.84 96.95 28.96
C30 II0 DO . -17.33 106.48 22.60
C31 II0 DO . -11.49 97.53 27.81
C32 II0 DO . -16.83 105.87 23.81
C33 II0 DO . -11.80 98.80 27.82
C34 II0 DO . -16.02 104.85 23.64
C35 II0 DO . -12.44 99.41 26.66
C36 II0 DO . -15.40 104.11 24.76
C37 II0 DO . -12.24 98.78 25.27
C38 II0 DO . -15.28 104.72 26.09
C39 II0 DO . -13.19 100.50 26.81
C40 II0 DO . -14.95 102.90 24.49
C41 II0 DO . -13.78 101.02 25.51
C42 II0 DO . -14.32 102.21 25.69
O01 II0 DO . -5.86 92.71 34.91
O02 II0 DO . -23.55 108.85 16.07
C03 II0 EO . -44.39 83.68 42.36
C04 II0 EO . -36.88 93.11 21.15
C05 II0 EO . -44.07 82.65 43.44
C06 II0 EO . -37.55 93.45 19.81
C07 II0 EO . -42.67 82.72 44.07
C08 II0 EO . -37.48 94.89 19.52
C09 II0 EO . -43.18 84.02 41.48
C10 II0 EO . -36.84 94.24 22.18
C11 II0 EO . -41.66 82.84 42.94
C12 II0 EO . -36.91 95.93 20.42
C13 II0 EO . -42.04 83.93 41.94
C14 II0 EO . -36.65 95.50 21.82
C15 II0 EO . -45.50 83.15 41.45
C16 II0 EO . -44.89 84.95 43.05
C17 II0 EO . -35.59 92.47 20.63
C18 II0 EO . -37.84 92.07 21.70
C19 II0 EO . -40.89 84.51 41.13
C20 II0 EO . -36.11 96.45 22.75
C21 II0 EO . -43.37 84.80 40.19
C22 II0 EO . -36.84 93.80 23.61
C23 II0 EO . -43.51 85.43 39.15
C24 II0 EO . -36.87 93.41 24.77
C25 II0 EO . -43.64 86.20 37.95
C26 II0 EO . -36.99 92.90 26.20
C27 II0 EO . -44.83 85.97 37.03
C28 II0 EO . -35.58 92.82 26.66
C29 II0 EO . -42.72 87.10 37.66
C30 II0 EO . -38.14 92.55 26.94
C31 II0 EO . -42.79 87.89 36.47
C32 II0 EO . -38.01 92.06 28.29
C33 II0 EO . -42.00 88.93 36.29
C34 II0 EO . -39.10 91.53 28.81
C35 II0 EO . -42.13 89.66 35.03
C36 II0 EO . -39.18 90.95 30.17
C37 II0 EO . -43.40 90.46 34.71
C38 II0 EO . -37.97 90.79 30.99
C39 II0 EO . -41.12 89.58 34.18
C40 II0 EO . -40.38 90.60 30.61
C41 II0 EO . -41.33 90.34 32.87
C42 II0 EO . -40.38 90.00 32.01
O01 II0 EO . -42.54 83.84 44.96
O02 II0 EO . -37.32 95.11 18.12
C10 WVN FO . -14.13 107.23 18.19
C11 WVN FO . -24.68 88.90 29.60
C12 WVN FO . -15.52 107.50 17.64
C13 WVN FO . -15.19 105.10 18.97
C14 WVN FO . -16.11 106.23 17.02
C01 WVN FO . -24.35 87.59 31.77
C02 WVN FO . -24.94 87.56 30.34
C03 WVN FO . -23.91 86.20 32.21
C04 WVN FO . -22.86 85.62 31.27
C05 WVN FO . -24.41 86.37 29.51
C06 WVN FO . -14.20 106.21 19.33
C07 WVN FO . -25.49 88.01 32.70
C08 WVN FO . -23.20 88.58 31.97
C09 WVN FO . -23.29 85.75 29.82
C15 WVN FO . -15.64 104.98 17.74
C16 WVN FO . -25.40 85.63 28.61
C17 WVN FO . -14.70 106.98 20.55
C18 WVN FO . -12.80 105.68 19.60
C19 WVN FO . -23.97 89.02 28.51
C20 WVN FO . -14.81 103.72 19.55
C21 WVN FO . -15.76 103.63 16.99
C22 WVN FO . -23.83 90.40 27.90
C23 WVN FO . -15.51 103.21 20.55
C24 WVN FO . -25.12 91.17 27.63
C25 WVN FO . -15.16 101.85 21.13
C26 WVN FO . -22.64 90.91 27.63
C27 WVN FO . -13.78 101.24 20.93
C28 WVN FO . -16.10 101.22 21.80
C29 WVN FO . -22.47 92.30 27.00
C30 WVN FO . -15.95 99.85 22.45
C31 WVN FO . -21.42 92.51 26.22
C32 WVN FO . -21.17 93.85 25.54
C33 WVN FO . -17.05 99.15 22.57
C34 WVN FO . -17.09 97.77 23.22
C35 WVN FO . -22.35 94.74 25.18
C36 WVN FO . -19.93 94.21 25.26
C37 WVN FO . -18.27 97.24 23.48
C38 WVN FO . -15.78 97.06 23.57
C39 WVN FO . -19.65 95.56 24.59
C40 WVN FO . -18.46 95.87 24.14
O1 LHG GO . -20.02 116.74 16.58
C1 LHG GO . -21.03 117.47 15.87
C2 LHG GO . -21.74 116.55 14.89
O2 LHG GO . -22.76 117.28 14.20
C3 LHG GO . -22.37 115.39 15.65
O3 LHG GO . -21.42 114.88 16.59
P LHG GO . -21.69 113.53 17.42
O4 LHG GO . -22.75 113.82 18.47
O5 LHG GO . -21.88 112.41 16.44
O6 LHG GO . -20.28 113.33 18.17
C4 LHG GO . -19.95 112.10 18.80
C5 LHG GO . -18.52 112.18 19.31
C6 LHG GO . -18.45 111.65 20.73
O7 LHG GO . -17.66 111.37 18.50
C7 LHG GO . -16.94 112.14 17.48
O9 LHG GO . -17.39 113.19 17.09
C8 LHG GO . -15.64 111.59 16.94
C9 LHG GO . -14.48 112.14 17.79
C10 LHG GO . -13.24 111.26 17.67
O8 LHG GO . -17.09 111.56 21.12
C23 LHG GO . -16.72 110.82 22.32
O10 LHG GO . -17.57 110.17 22.89
C24 LHG GO . -15.30 110.87 22.83
C11 LHG GO . -12.98 110.84 16.24
C12 LHG GO . -11.64 110.12 16.11
C13 LHG GO . -10.48 111.11 16.27
C14 LHG GO . -9.16 110.49 15.85
C15 LHG GO . -8.73 109.40 16.83
C16 LHG GO . -7.32 108.90 16.50
C17 LHG GO . -6.36 110.06 16.29
C18 LHG GO . -4.96 109.70 16.77
C19 LHG GO . -3.90 110.54 16.06
C20 LHG GO . -3.79 110.15 14.60
C21 LHG GO . -3.46 108.66 14.46
C22 LHG GO . -3.38 108.25 13.00
C25 LHG GO . -15.26 110.23 24.22
C26 LHG GO . -13.84 110.19 24.76
C27 LHG GO . -12.99 109.17 24.01
C28 LHG GO . -13.56 107.77 24.19
C29 LHG GO . -12.58 106.71 23.70
MG CLA HO . 77.84 1.53 -47.55
CHA CLA HO . 78.98 4.79 -47.15
CHB CLA HO . 79.83 1.20 -50.32
CHC CLA HO . 76.23 -1.41 -48.34
CHD CLA HO . 75.34 2.19 -45.11
NA CLA HO . 79.20 2.79 -48.54
C1A CLA HO . 79.55 4.11 -48.21
C2A CLA HO . 80.60 4.66 -49.18
C3A CLA HO . 80.91 3.45 -50.10
C4A CLA HO . 79.92 2.39 -49.63
CMA CLA HO . 80.76 3.79 -51.56
CAA CLA HO . 81.89 5.04 -48.47
CBA CLA HO . 82.34 6.45 -48.81
CGA CLA HO . 83.24 6.96 -47.73
O1A CLA HO . 84.47 6.92 -47.67
O2A CLA HO . 82.55 7.55 -46.70
NB CLA HO . 77.96 0.21 -49.07
C1B CLA HO . 78.95 0.16 -50.01
C2B CLA HO . 78.97 -1.16 -50.68
C3B CLA HO . 77.95 -1.91 -50.12
C4B CLA HO . 77.30 -1.05 -49.10
CMB CLA HO . 79.92 -1.51 -51.74
CAB CLA HO . 77.52 -3.25 -50.42
CBB CLA HO . 78.00 -4.36 -49.84
NC CLA HO . 76.13 0.57 -46.83
C1C CLA HO . 75.69 -0.65 -47.27
C2C CLA HO . 74.50 -1.08 -46.51
C3C CLA HO . 74.22 -0.03 -45.64
C4C CLA HO . 75.25 0.98 -45.83
CMC CLA HO . 73.79 -2.33 -46.72
CAC CLA HO . 73.12 0.02 -44.65
CBC CLA HO . 71.79 0.43 -45.24
ND CLA HO . 77.29 3.04 -46.33
C1D CLA HO . 76.28 3.16 -45.33
C2D CLA HO . 76.44 4.46 -44.64
C3D CLA HO . 77.47 5.11 -45.29
C4D CLA HO . 77.94 4.21 -46.35
CMD CLA HO . 75.63 4.90 -43.51
CAD CLA HO . 78.28 6.31 -45.34
OBD CLA HO . 78.30 7.29 -44.58
CBD CLA HO . 79.20 6.17 -46.59
CGD CLA HO . 78.91 7.24 -47.62
O1D CLA HO . 78.30 7.10 -48.69
O2D CLA HO . 79.40 8.46 -47.31
CED CLA HO . 79.69 9.36 -48.38
MG CLA IO . 70.02 11.82 -40.44
CHA CLA IO . 69.32 11.53 -43.83
CHB CLA IO . 66.84 13.06 -39.95
CHC CLA IO . 70.39 11.41 -37.05
CHD CLA IO . 73.00 9.97 -40.96
NA CLA IO . 68.38 12.23 -41.70
C1A CLA IO . 68.29 12.04 -43.08
C2A CLA IO . 66.94 12.47 -43.62
C3A CLA IO . 66.29 13.19 -42.41
C4A CLA IO . 67.22 12.78 -41.25
CMA CLA IO . 66.25 14.68 -42.59
CAA CLA IO . 66.11 11.30 -44.11
CBA CLA IO . 65.97 10.20 -43.08
CGA CLA IO . 64.64 10.30 -42.41
O1A CLA IO . 63.59 10.77 -42.87
O2A CLA IO . 64.63 9.80 -41.14
NB CLA IO . 68.84 12.12 -38.83
C1B CLA IO . 67.63 12.74 -38.83
C2B CLA IO . 67.21 13.08 -37.43
C3B CLA IO . 68.21 12.61 -36.60
C4B CLA IO . 69.26 12.01 -37.49
CMB CLA IO . 65.95 13.74 -37.11
CAB CLA IO . 68.35 12.63 -35.17
CBB CLA IO . 67.43 12.24 -34.29
NC CLA IO . 71.45 10.88 -39.24
C1C CLA IO . 71.43 10.88 -37.87
C2C CLA IO . 72.61 10.20 -37.36
C3C CLA IO . 73.32 9.75 -38.46
C4C CLA IO . 72.59 10.19 -39.64
CMC CLA IO . 72.92 10.02 -35.93
CAC CLA IO . 74.59 9.00 -38.46
CBC CLA IO . 74.37 7.52 -38.64
ND CLA IO . 70.99 10.94 -41.98
C1D CLA IO . 72.26 10.32 -42.08
C2D CLA IO . 72.61 10.12 -43.50
C3D CLA IO . 71.51 10.57 -44.23
C4D CLA IO . 70.53 11.05 -43.22
CMD CLA IO . 73.85 9.53 -43.99
CAD CLA IO . 70.94 10.78 -45.54
OBD CLA IO . 71.42 10.55 -46.64
CBD CLA IO . 69.51 11.37 -45.32
CGD CLA IO . 69.35 12.69 -46.02
O1D CLA IO . 70.20 13.58 -46.12
O2D CLA IO . 68.12 12.89 -46.58
CED CLA IO . 67.72 14.24 -46.82
C1 CLA IO . 64.17 10.70 -40.11
C2 CLA IO . 64.69 10.16 -38.83
C3 CLA IO . 63.90 9.64 -37.89
C4 CLA IO . 62.42 9.57 -38.05
C5 CLA IO . 64.47 9.11 -36.62
C6 CLA IO . 63.94 7.72 -36.32
C7 CLA IO . 64.79 7.02 -35.28
C8 CLA IO . 64.23 5.65 -34.94
C9 CLA IO . 62.76 5.74 -34.61
C10 CLA IO . 64.99 5.02 -33.78
C11 CLA IO . 66.43 4.76 -34.16
C12 CLA IO . 67.22 4.16 -33.01
C13 CLA IO . 68.54 3.57 -33.49
C14 CLA IO . 68.31 2.58 -34.62
C15 CLA IO . 69.29 2.90 -32.35
MG CLA JO . 65.25 13.09 -30.33
CHA CLA JO . 62.30 14.33 -31.69
CHB CLA JO . 65.09 10.46 -32.55
CHC CLA JO . 67.68 11.39 -28.55
CHD CLA JO . 64.85 15.30 -27.58
NA CLA JO . 63.95 12.53 -31.89
C1A CLA JO . 62.78 13.20 -32.31
C2A CLA JO . 62.13 12.46 -33.49
C3A CLA JO . 63.09 11.30 -33.79
C4A CLA JO . 64.14 11.43 -32.68
CMA CLA JO . 62.41 9.96 -33.72
CAA CLA JO . 62.05 13.35 -34.73
CBA CLA JO . 61.69 12.58 -35.98
CGA CLA JO . 60.77 13.38 -36.83
O1A CLA JO . 61.06 14.20 -37.70
O2A CLA JO . 59.43 13.15 -36.56
NB CLA JO . 66.23 11.33 -30.55
C1B CLA JO . 66.08 10.43 -31.56
C2B CLA JO . 67.09 9.36 -31.46
C3B CLA JO . 67.83 9.61 -30.33
C4B CLA JO . 67.27 10.85 -29.72
CMB CLA JO . 67.13 8.23 -32.39
CAB CLA JO . 68.88 8.85 -29.70
CBB CLA JO . 68.78 7.57 -29.35
NC CLA JO . 66.13 13.35 -28.44
C1C CLA JO . 67.15 12.58 -27.95
C2C CLA JO . 67.58 13.09 -26.65
C3C CLA JO . 66.74 14.15 -26.33
C4C CLA JO . 65.84 14.31 -27.47
CMC CLA JO . 68.66 12.49 -25.86
CAC CLA JO . 66.80 14.98 -25.12
CBC CLA JO . 67.92 15.98 -25.18
ND CLA JO . 63.92 14.48 -29.70
C1D CLA JO . 63.93 15.39 -28.62
C2D CLA JO . 62.86 16.39 -28.79
C3D CLA JO . 62.21 16.04 -29.96
C4D CLA JO . 62.90 14.83 -30.48
CMD CLA JO . 62.58 17.49 -27.87
CAD CLA JO . 61.13 16.36 -30.88
OBD CLA JO . 60.34 17.29 -30.87
CBD CLA JO . 61.14 15.26 -31.99
CGD CLA JO . 59.82 14.55 -32.09
O1D CLA JO . 59.43 13.61 -31.40
O2D CLA JO . 58.99 15.03 -33.06
CED CLA JO . 57.78 14.32 -33.29
C1 CLA JO . 58.94 11.80 -36.70
C2 CLA JO . 58.47 11.37 -35.36
C3 CLA JO . 58.56 10.11 -34.91
C4 CLA JO . 59.15 9.03 -35.75
C5 CLA JO . 58.08 9.73 -33.56
C6 CLA JO . 57.02 10.65 -33.01
C7 CLA JO . 56.94 10.56 -31.51
C8 CLA JO . 56.35 9.24 -31.03
C9 CLA JO . 54.94 9.07 -31.56
C10 CLA JO . 56.37 9.14 -29.52
C11 CLA JO . 55.43 10.13 -28.87
C12 CLA JO . 55.16 9.79 -27.42
C13 CLA JO . 54.23 10.80 -26.77
C14 CLA JO . 52.89 10.84 -27.48
C15 CLA JO . 54.86 12.20 -26.74
MG CLA KO . 78.72 22.49 -19.58
CHA CLA KO . 79.56 23.10 -16.27
CHB CLA KO . 75.48 21.87 -18.61
CHC CLA KO . 77.68 22.73 -22.86
CHD CLA KO . 81.88 23.81 -20.53
NA CLA KO . 77.71 22.47 -17.74
C1A CLA KO . 78.24 22.76 -16.47
C2A CLA KO . 77.17 22.63 -15.39
C3A CLA KO . 75.96 22.04 -16.15
C4A CLA KO . 76.39 22.14 -17.61
CMA CLA KO . 75.67 20.61 -15.76
CAA CLA KO . 76.84 23.99 -14.78
CBA CLA KO . 76.44 25.02 -15.82
CGA CLA KO . 77.60 25.91 -16.17
O1A CLA KO . 78.25 26.65 -15.44
O2A CLA KO . 77.93 25.84 -17.50
NB CLA KO . 76.93 22.38 -20.53
C1B CLA KO . 75.77 21.94 -19.99
C2B CLA KO . 74.80 21.53 -21.04
C3B CLA KO . 75.42 21.77 -22.25
C4B CLA KO . 76.77 22.33 -21.93
CMB CLA KO . 73.47 21.02 -20.73
CAB CLA KO . 74.96 21.61 -23.60
CBB CLA KO . 74.23 20.60 -24.08
NC CLA KO . 79.63 23.13 -21.36
C1C CLA KO . 79.02 23.12 -22.59
C2C CLA KO . 79.95 23.59 -23.61
C3C CLA KO . 81.12 23.94 -22.95
C4C CLA KO . 80.92 23.63 -21.53
CMC CLA KO . 79.63 23.70 -25.03
CAC CLA KO . 82.36 24.45 -23.55
CBC CLA KO . 82.49 25.94 -23.39
ND CLA KO . 80.37 23.24 -18.69
C1D CLA KO . 81.64 23.65 -19.18
C2D CLA KO . 82.57 23.83 -18.04
C3D CLA KO . 81.82 23.63 -16.91
C4D CLA KO . 80.46 23.30 -17.36
CMD CLA KO . 83.99 24.17 -18.16
CAD CLA KO . 81.83 23.58 -15.45
OBD CLA KO . 82.77 23.70 -14.68
CBD CLA KO . 80.35 23.32 -15.01
CGD CLA KO . 80.24 22.15 -14.06
O1D CLA KO . 79.36 21.94 -13.22
O2D CLA KO . 81.26 21.26 -14.16
CED CLA KO . 81.38 20.25 -13.16
C1 CLA KO . 79.07 26.60 -17.92
C2 CLA KO . 79.19 26.43 -19.40
C3 CLA KO . 79.37 27.45 -20.24
C4 CLA KO . 79.48 28.85 -19.76
C5 CLA KO . 79.48 27.23 -21.71
C6 CLA KO . 78.19 27.55 -22.46
C7 CLA KO . 78.47 28.30 -23.75
C8 CLA KO . 78.11 27.47 -24.98
C9 CLA KO . 79.00 27.85 -26.15
C10 CLA KO . 76.64 27.64 -25.35
C11 CLA KO . 76.37 28.92 -26.10
C12 CLA KO . 75.18 28.77 -27.05
C13 CLA KO . 75.06 29.98 -27.97
C14 CLA KO . 76.32 30.14 -28.80
NB KC2 LO . 80.03 29.18 -10.06
ND KC2 LO . 82.83 32.15 -10.10
C1A KC2 LO . 82.43 31.14 -6.98
C1B KC2 LO . 79.55 28.55 -8.98
C1C KC2 LO . 80.60 29.88 -12.99
C1D KC2 LO . 83.44 32.85 -11.09
C2A KC2 LO . 82.29 30.66 -5.59
C2B KC2 LO . 78.68 27.40 -9.36
C2C KC2 LO . 80.97 30.24 -14.36
C2D KC2 LO . 84.53 33.66 -10.50
C3A KC2 LO . 81.20 29.67 -5.72
C3B KC2 LO . 78.67 27.42 -10.82
C3C KC2 LO . 81.90 31.36 -14.24
C3D KC2 LO . 84.51 33.36 -9.05
C4A KC2 LO . 80.81 29.69 -7.17
C4B KC2 LO . 79.54 28.57 -11.16
C4C KC2 LO . 81.99 31.54 -12.77
C4D KC2 LO . 83.45 32.45 -8.86
CAA KC2 LO . 83.05 31.03 -4.36
CAB KC2 LO . 78.03 26.59 -11.87
CAC KC2 LO . 82.55 32.06 -15.41
CAD KC2 LO . 85.17 33.67 -7.75
CBA KC2 LO . 82.61 31.22 -3.12
CBB KC2 LO . 76.78 26.86 -12.23
CBC KC2 LO . 81.60 33.10 -15.95
CBD KC2 LO . 84.68 32.60 -6.86
CED KC2 LO . 87.87 30.95 -7.89
CGA KC2 LO . 83.07 30.28 -2.11
CGD KC2 LO . 85.70 31.50 -6.83
CHA KC2 LO . 83.39 32.14 -7.41
CHB KC2 LO . 79.73 28.77 -7.55
CHC KC2 LO . 79.69 28.81 -12.60
CHD KC2 LO . 82.92 32.67 -12.46
CMA KC2 LO . 80.55 28.80 -4.66
CMB KC2 LO . 77.95 26.43 -8.47
CMC KC2 LO . 80.46 29.56 -15.62
CMD KC2 LO . 85.36 34.51 -11.42
NA KC2 LO . 81.50 30.53 -7.95
NC KC2 LO . 81.15 30.58 -12.00
O1A KC2 LO . 82.23 29.50 -1.60
O1D KC2 LO . 85.95 30.85 -5.82
O2A KC2 LO . 84.22 30.46 -1.64
O2D KC2 LO . 86.48 31.27 -8.02
OBD KC2 LO . 86.15 34.50 -7.82
MG KC2 LO . 81.26 30.83 -9.98
MG CLA MO . 71.00 33.08 -14.44
CHA CLA MO . 72.40 31.57 -11.65
CHB CLA MO . 69.94 35.67 -12.42
CHC CLA MO . 70.50 35.04 -17.23
CHD CLA MO . 72.66 30.69 -16.48
NA CLA MO . 71.12 33.50 -12.39
C1A CLA MO . 71.74 32.73 -11.39
C2A CLA MO . 71.57 33.39 -10.02
C3A CLA MO . 70.48 34.45 -10.28
C4A CLA MO . 70.51 34.58 -11.80
CMA CLA MO . 69.12 34.02 -9.77
CAA CLA MO . 72.87 34.02 -9.57
CBA CLA MO . 72.91 34.24 -8.07
CGA CLA MO . 73.92 35.27 -7.71
O1A CLA MO . 74.44 35.50 -6.62
O2A CLA MO . 74.29 36.05 -8.78
NB CLA MO . 70.31 34.95 -14.77
C1B CLA MO . 69.94 35.86 -13.81
C2B CLA MO . 69.52 37.14 -14.46
C3B CLA MO . 69.68 36.96 -15.82
C4B CLA MO . 70.18 35.57 -16.03
CMB CLA MO . 69.09 38.32 -13.71
CAB CLA MO . 69.47 37.88 -16.90
CBB CLA MO . 70.18 38.99 -17.09
NC CLA MO . 71.44 32.87 -16.48
C1C CLA MO . 71.08 33.77 -17.45
C2C CLA MO . 71.48 33.26 -18.76
C3C CLA MO . 72.15 32.06 -18.55
C4C CLA MO . 72.10 31.81 -17.12
CMC CLA MO . 71.24 33.98 -20.03
CAC CLA MO . 72.74 31.18 -19.57
CBC CLA MO . 71.72 30.31 -20.26
ND CLA MO . 72.25 31.50 -14.20
C1D CLA MO . 72.74 30.53 -15.11
C2D CLA MO . 73.36 29.42 -14.35
C3D CLA MO . 73.29 29.78 -13.02
C4D CLA MO . 72.58 31.08 -12.98
CMD CLA MO . 73.96 28.23 -14.95
CAD CLA MO . 73.59 29.42 -11.65
OBD CLA MO . 74.19 28.44 -11.21
CBD CLA MO . 73.04 30.55 -10.73
CGD CLA MO . 72.06 29.97 -9.74
O1D CLA MO . 71.10 29.23 -9.98
O2D CLA MO . 72.30 30.33 -8.45
CED CLA MO . 72.18 29.32 -7.44
C1 CLA MO . 75.56 36.73 -8.66
C2 CLA MO . 76.16 36.77 -10.02
C3 CLA MO . 77.33 37.35 -10.30
C4 CLA MO . 78.14 38.02 -9.25
C5 CLA MO . 77.87 37.37 -11.68
MG CLA NO . 66.98 16.89 -16.87
CHA CLA NO . 64.56 17.00 -14.35
CHB CLA NO . 66.12 13.61 -17.45
CHC CLA NO . 68.52 17.03 -19.94
CHD CLA NO . 67.11 20.45 -16.75
NA CLA NO . 65.63 15.54 -15.99
C1A CLA NO . 64.70 15.78 -14.96
C2A CLA NO . 63.90 14.53 -14.61
C3A CLA NO . 64.67 13.42 -15.38
C4A CLA NO . 65.53 14.23 -16.36
CMA CLA NO . 65.53 12.57 -14.47
CAA CLA NO . 62.44 14.64 -15.03
CBA CLA NO . 62.29 15.36 -16.36
CGA CLA NO . 60.85 15.49 -16.73
NB CLA NO . 67.34 15.56 -18.34
C1B CLA NO . 66.90 14.27 -18.39
C2B CLA NO . 67.38 13.62 -19.64
C3B CLA NO . 68.06 14.56 -20.36
C4B CLA NO . 68.02 15.82 -19.55
CMB CLA NO . 67.05 12.25 -20.00
CAB CLA NO . 68.64 14.41 -21.68
CBB CLA NO . 69.70 15.04 -22.18
NC CLA NO . 67.76 18.44 -18.05
C1C CLA NO . 68.42 18.26 -19.23
C2C CLA NO . 68.91 19.51 -19.76
C3C CLA NO . 68.42 20.52 -18.92
C4C CLA NO . 67.71 19.82 -17.84
CMC CLA NO . 69.69 19.62 -21.00
CAC CLA NO . 68.61 21.98 -19.04
CBC CLA NO . 70.05 22.45 -18.99
ND CLA NO . 66.12 18.40 -15.83
C1D CLA NO . 66.35 19.80 -15.81
C2D CLA NO . 65.66 20.38 -14.64
C3D CLA NO . 64.98 19.35 -14.02
C4D CLA NO . 65.27 18.14 -14.83
CMD CLA NO . 65.72 21.79 -14.26
CAD CLA NO . 64.12 18.95 -12.91
OBD CLA NO . 63.74 19.61 -11.96
CBD CLA NO . 63.76 17.45 -13.16
CGD CLA NO . 64.02 16.59 -11.95
O1D CLA NO . 64.81 15.64 -11.84
O2D CLA NO . 63.31 16.96 -10.85
CED CLA NO . 61.93 16.62 -10.77
MG CLA OO . 62.73 21.29 -27.48
CHA CLA OO . 62.57 20.15 -30.75
CHB CLA OO . 59.85 23.05 -27.99
CHC CLA OO . 63.05 22.69 -24.37
CHD CLA OO . 66.04 20.06 -27.26
NA CLA OO . 61.47 21.58 -29.13
C1A CLA OO . 61.55 20.98 -30.39
C2A CLA OO . 60.41 21.45 -31.30
C3A CLA OO . 59.73 22.53 -30.45
C4A CLA OO . 60.37 22.39 -29.08
CMA CLA OO . 60.03 23.87 -31.05
CAA CLA OO . 59.44 20.31 -31.61
CBA CLA OO . 58.14 20.37 -30.83
CGA CLA OO . 58.05 19.21 -29.90
O1A CLA OO . 57.29 18.23 -29.94
O2A CLA OO . 58.94 19.29 -28.86
NB CLA OO . 61.66 22.62 -26.41
C1B CLA OO . 60.41 23.04 -26.72
C2B CLA OO . 59.72 23.55 -25.50
C3B CLA OO . 60.63 23.44 -24.47
C4B CLA OO . 61.88 22.89 -25.04
CMB CLA OO . 58.38 24.12 -25.51
CAB CLA OO . 60.51 23.86 -23.09
CBB CLA OO . 59.95 23.14 -22.13
NC CLA OO . 64.29 21.39 -26.10
C1C CLA OO . 64.20 22.02 -24.89
C2C CLA OO . 65.43 21.85 -24.13
C3C CLA OO . 66.30 21.13 -24.96
C4C CLA OO . 65.57 20.83 -26.18
CMC CLA OO . 65.68 22.39 -22.80
CAC CLA OO . 67.67 20.71 -24.64
CBC CLA OO . 67.69 19.37 -23.96
ND CLA OO . 64.10 20.44 -28.72
C1D CLA OO . 65.37 19.85 -28.44
C2D CLA OO . 65.77 19.02 -29.59
C3D CLA OO . 64.74 19.08 -30.50
C4D CLA OO . 63.72 19.98 -29.91
CMD CLA OO . 67.03 18.27 -29.68
CAD CLA OO . 64.25 18.69 -31.81
OBD CLA OO . 64.80 18.02 -32.68
CBD CLA OO . 62.82 19.30 -31.98
CGD CLA OO . 62.68 20.04 -33.29
O1D CLA OO . 62.99 21.20 -33.56
O2D CLA OO . 62.13 19.27 -34.27
CED CLA OO . 61.47 19.94 -35.36
C1 CLA OO . 58.40 19.48 -27.54
MG CLA PO . 76.04 26.27 -37.07
CHA CLA PO . 74.42 28.80 -38.80
CHB CLA PO . 78.26 25.99 -39.67
CHC CLA PO . 78.12 24.38 -35.08
CHD CLA PO . 74.12 27.12 -34.20
NA CLA PO . 76.26 27.22 -38.92
C1A CLA PO . 75.49 28.26 -39.45
C2A CLA PO . 75.98 28.66 -40.85
C3A CLA PO . 77.00 27.55 -41.18
C4A CLA PO . 77.23 26.87 -39.84
CMA CLA PO . 76.46 26.59 -42.20
CAA CLA PO . 76.62 30.04 -40.87
CBA CLA PO . 77.49 30.29 -39.65
CGA CLA PO . 78.91 29.91 -39.94
O1A CLA PO . 79.50 29.91 -41.02
O2A CLA PO . 79.60 29.52 -38.82
NB CLA PO . 77.83 25.39 -37.32
C1B CLA PO . 78.54 25.30 -38.48
C2B CLA PO . 79.69 24.35 -38.32
C3B CLA PO . 79.65 23.90 -37.03
C4B CLA PO . 78.48 24.54 -36.37
CMB CLA PO . 80.62 24.08 -39.42
CAB CLA PO . 80.52 23.00 -36.33
CBB CLA PO . 80.97 21.82 -36.78
NC CLA PO . 76.08 25.80 -35.03
C1C CLA PO . 76.99 24.97 -34.44
C2C CLA PO . 76.68 24.81 -33.03
C3C CLA PO . 75.60 25.63 -32.76
C4C CLA PO . 75.21 26.24 -34.03
CMC CLA PO . 77.45 23.97 -32.10
CAC CLA PO . 74.92 25.81 -31.47
CBC CLA PO . 75.54 26.93 -30.68
ND CLA PO . 74.59 27.59 -36.55
C1D CLA PO . 73.81 27.75 -35.38
C2D CLA PO . 72.70 28.70 -35.66
C3D CLA PO . 72.88 29.12 -36.96
C4D CLA PO . 74.08 28.43 -37.46
CMD CLA PO . 71.66 29.07 -34.70
CAD CLA PO . 72.37 29.95 -38.05
OBD CLA PO . 71.35 30.63 -38.09
CBD CLA PO . 73.38 29.81 -39.24
CGD CLA PO . 72.70 29.38 -40.50
O1D CLA PO . 72.11 28.32 -40.73
O2D CLA PO . 72.77 30.31 -41.51
CED CLA PO . 72.42 29.90 -42.83
C1 CLA PO . 80.78 28.72 -39.02
C2 CLA PO . 81.10 28.13 -37.69
C3 CLA PO . 82.31 27.63 -37.39
C4 CLA PO . 83.42 27.61 -38.36
C5 CLA PO . 82.58 27.05 -36.04
C6 CLA PO . 83.78 27.68 -35.38
C7 CLA PO . 83.98 27.16 -33.97
C8 CLA PO . 84.16 28.29 -32.95
C9 CLA PO . 85.19 29.28 -33.43
C10 CLA PO . 84.56 27.74 -31.59
C11 CLA PO . 83.37 27.67 -30.65
C12 CLA PO . 82.79 29.05 -30.37
C13 CLA PO . 83.75 29.91 -29.58
C14 CLA PO . 83.44 29.87 -28.10
C15 CLA PO . 83.75 31.35 -30.08
NB KC2 QO . 86.23 10.43 -44.66
ND KC2 QO . 84.16 13.13 -42.40
C1A KC2 QO . 85.24 14.70 -45.13
C1B KC2 QO . 86.86 10.67 -45.82
C1C KC2 QO . 85.39 9.02 -42.10
C1D KC2 QO . 83.61 13.08 -41.15
C2A KC2 QO . 85.81 15.40 -46.30
C2B KC2 QO . 87.64 9.50 -46.28
C2C KC2 QO . 85.03 8.42 -40.81
C2D KC2 QO . 83.14 14.43 -40.78
C3A KC2 QO . 86.53 14.30 -47.00
C3B KC2 QO . 87.40 8.48 -45.25
C3C KC2 QO . 84.30 9.47 -40.08
C3D KC2 QO . 83.47 15.29 -41.94
C4A KC2 QO . 86.30 13.08 -46.17
C4B KC2 QO . 86.51 9.17 -44.29
C4C KC2 QO . 84.32 10.60 -41.07
C4D KC2 QO . 84.08 14.45 -42.89
CAA KC2 QO . 85.74 16.83 -46.72
CAB KC2 QO . 87.85 7.08 -45.03
CAC KC2 QO . 83.71 9.33 -38.70
CAD KC2 QO . 83.38 16.70 -42.44
CBA KC2 QO . 85.76 17.36 -47.93
CBB KC2 QO . 88.95 6.82 -44.37
CBC KC2 QO . 84.79 9.13 -37.67
CBD KC2 QO . 84.06 16.68 -43.74
CED KC2 QO . 82.82 19.02 -46.47
CGA KC2 QO . 85.99 18.82 -48.00
CGD KC2 QO . 83.13 17.29 -44.76
CHA KC2 QO . 84.42 15.30 -44.07
CHB KC2 QO . 86.92 11.86 -46.67
CHC KC2 QO . 86.12 8.34 -43.15
CHD KC2 QO . 83.60 11.76 -40.47
CMA KC2 QO . 87.35 14.30 -48.28
CMB KC2 QO . 88.49 9.35 -47.51
CMC KC2 QO . 85.37 7.01 -40.38
CMD KC2 QO . 82.50 14.61 -39.44
NA KC2 QO . 85.55 13.25 -45.07
NC KC2 QO . 85.01 10.27 -42.35
O1A KC2 QO . 85.67 19.44 -49.04
O1D KC2 QO . 82.22 16.65 -45.27
O2A KC2 QO . 86.43 19.37 -46.97
O2D KC2 QO . 83.51 18.55 -45.32
OBD KC2 QO . 82.72 17.52 -41.70
MG KC2 QO . 85.04 11.80 -43.70
NB KC2 RO . 85.15 18.95 -34.85
ND KC2 RO . 85.75 17.99 -38.76
C1A KC2 RO . 85.30 21.25 -38.57
C1B KC2 RO . 85.00 20.18 -34.34
C1C KC2 RO . 85.82 15.98 -34.97
C1D KC2 RO . 86.15 16.86 -39.39
C2A KC2 RO . 85.25 22.72 -38.46
C2B KC2 RO . 85.05 20.18 -32.85
C2C KC2 RO . 86.28 14.58 -35.09
C2D KC2 RO . 86.46 17.15 -40.79
C3A KC2 RO . 85.04 22.91 -37.00
C3B KC2 RO . 85.27 18.78 -32.50
C3C KC2 RO . 86.47 14.36 -36.53
C3D KC2 RO . 86.20 18.60 -40.95
C4A KC2 RO . 84.99 21.53 -36.42
C4B KC2 RO . 85.31 18.09 -33.82
C4C KC2 RO . 86.07 15.69 -37.10
C4D KC2 RO . 85.76 19.06 -39.69
CAA KC2 RO . 85.35 23.81 -39.47
CAB KC2 RO . 85.42 17.98 -31.26
CAC KC2 RO . 86.94 13.07 -37.14
CAD KC2 RO . 86.22 19.73 -41.93
CBA KC2 RO . 84.75 23.93 -40.64
CBB KC2 RO . 85.63 18.53 -30.07
CBC KC2 RO . 85.79 12.33 -37.76
CBD KC2 RO . 86.08 20.92 -41.10
CED KC2 RO . 89.03 23.30 -41.45
CGA KC2 RO . 85.23 25.00 -41.51
CGD KC2 RO . 87.44 21.51 -40.90
CHA KC2 RO . 85.50 20.51 -39.82
CHB KC2 RO . 84.79 21.47 -34.98
CHC KC2 RO . 85.50 16.66 -33.72
CHD KC2 RO . 86.20 15.62 -38.58
CMA KC2 RO . 84.88 24.19 -36.20
CMB KC2 RO . 84.93 21.36 -31.93
CMC KC2 RO . 86.51 13.64 -33.93
CMD KC2 RO . 86.93 16.03 -41.68
NA KC2 RO . 85.14 20.51 -37.31
NC KC2 RO . 85.67 16.68 -36.08
O1A KC2 RO . 84.84 25.04 -42.69
O1D KC2 RO . 88.35 20.89 -40.39
O2A KC2 RO . 85.83 25.96 -40.95
O2D KC2 RO . 87.70 22.80 -41.51
OBD KC2 RO . 86.53 19.41 -43.15
MG KC2 RO . 85.14 18.50 -36.86
NB KC2 SO . 81.90 3.97 -28.10
ND KC2 SO . 79.98 1.26 -25.70
C1A KC2 SO . 83.28 0.92 -25.23
C1B KC2 SO . 83.23 4.17 -28.19
C1C KC2 SO . 78.92 4.20 -28.65
C1D KC2 SO . 78.68 0.95 -25.49
C2A KC2 SO . 84.73 0.80 -25.00
C2B KC2 SO . 83.55 5.22 -29.19
C2C KC2 SO . 77.47 4.29 -28.83
C2D KC2 SO . 78.61 -0.17 -24.52
C3A KC2 SO . 85.28 1.84 -25.90
C3B KC2 SO . 82.25 5.62 -29.74
C3C KC2 SO . 76.88 3.32 -27.89
C3D KC2 SO . 80.01 -0.50 -24.16
C4A KC2 SO . 84.09 2.47 -26.55
C4B KC2 SO . 81.29 4.78 -28.99
C4C KC2 SO . 78.11 2.76 -27.24
C4D KC2 SO . 80.81 0.39 -24.93
CAA KC2 SO . 85.49 -0.15 -24.13
CAB KC2 SO . 81.75 6.60 -30.75
CAC KC2 SO . 75.40 3.06 -27.70
CAD KC2 SO . 80.89 -1.40 -23.34
CBA KC2 SO . 86.43 0.10 -23.23
CBB KC2 SO . 81.74 6.32 -32.05
CBC KC2 SO . 74.72 2.60 -28.96
CBD KC2 SO . 82.23 -0.81 -23.44
CED KC2 SO . 82.10 -0.90 -19.86
CGA KC2 SO . 86.69 -0.98 -22.26
CGD KC2 SO . 82.52 -0.11 -22.16
CHA KC2 SO . 82.23 0.11 -24.60
CHB KC2 SO . 84.37 3.57 -27.48
CHC KC2 SO . 79.90 5.00 -29.37
CHD KC2 SO . 77.68 1.74 -26.24
CMA KC2 SO . 86.72 2.25 -26.15
CMB KC2 SO . 84.90 5.76 -29.58
CMC KC2 SO . 76.77 5.21 -29.81
CMD KC2 SO . 77.22 -0.65 -24.16
NA KC2 SO . 82.90 1.98 -26.19
NC KC2 SO . 79.39 3.34 -27.75
O1A KC2 SO . 86.69 -2.17 -22.67
O1D KC2 SO . 82.01 0.97 -21.89
O2A KC2 SO . 86.97 -0.61 -21.08
O2D KC2 SO . 82.89 -0.96 -21.05
OBD KC2 SO . 80.31 -2.48 -22.91
MG KC2 SO . 81.06 2.57 -26.86
MG CLA TO . 88.05 -4.34 -24.44
CHA CLA TO . 88.42 -6.18 -21.51
CHB CLA TO . 91.36 -3.49 -24.31
CHC CLA TO . 87.53 -1.92 -26.86
CHD CLA TO . 84.53 -4.72 -24.15
NA CLA TO . 89.62 -4.79 -23.13
C1A CLA TO . 89.58 -5.60 -21.96
C2A CLA TO . 90.99 -5.69 -21.33
C3A CLA TO . 91.90 -4.96 -22.35
C4A CLA TO . 90.91 -4.36 -23.34
CMA CLA TO . 92.73 -3.89 -21.69
CAA CLA TO . 91.46 -7.13 -21.20
CBA CLA TO . 92.73 -7.26 -20.37
CGA CLA TO . 92.54 -6.64 -19.02
O1A CLA TO . 91.66 -6.87 -18.19
O2A CLA TO . 93.51 -5.72 -18.72
NB CLA TO . 89.22 -3.00 -25.41
C1B CLA TO . 90.56 -2.85 -25.25
C2B CLA TO . 91.08 -1.83 -26.22
C3B CLA TO . 89.99 -1.38 -26.95
C4B CLA TO . 88.81 -2.11 -26.43
CMB CLA TO . 92.49 -1.43 -26.27
CAB CLA TO . 89.87 -0.37 -27.97
CBB CLA TO . 90.77 -0.07 -28.92
NC CLA TO . 86.36 -3.52 -25.36
C1C CLA TO . 86.38 -2.59 -26.37
C2C CLA TO . 85.03 -2.29 -26.83
C3C CLA TO . 84.17 -3.03 -26.01
C4C CLA TO . 85.02 -3.81 -25.11
CMC CLA TO . 84.70 -1.36 -27.89
CAC CLA TO . 82.71 -3.08 -26.08
CBC CLA TO . 82.21 -4.25 -26.89
ND CLA TO . 86.73 -5.20 -23.18
C1D CLA TO . 85.32 -5.37 -23.24
C2D CLA TO . 84.89 -6.33 -22.18
C3D CLA TO . 86.04 -6.66 -21.50
C4D CLA TO . 87.15 -5.92 -22.14
CMD CLA TO . 83.51 -6.76 -21.97
CAD CLA TO . 86.59 -7.44 -20.41
OBD CLA TO . 86.02 -8.20 -19.62
CBD CLA TO . 88.12 -7.14 -20.37
CGD CLA TO . 88.57 -6.61 -19.04
O1D CLA TO . 89.01 -5.48 -18.77
O2D CLA TO . 88.44 -7.51 -18.03
CED CLA TO . 87.58 -7.19 -16.92
C1 CLA TO . 94.87 -6.17 -18.83
C2 CLA TO . 95.73 -5.05 -18.36
C3 CLA TO . 95.83 -4.71 -17.06
MG CLA UO . 69.70 3.25 -23.64
CHA CLA UO . 71.00 1.20 -21.17
CHB CLA UO . 71.00 1.16 -26.02
CHC CLA UO . 68.77 5.47 -26.07
CHD CLA UO . 68.94 5.67 -21.16
NA CLA UO . 70.84 1.50 -23.59
C1A CLA UO . 71.26 0.78 -22.45
C2A CLA UO . 72.03 -0.47 -22.85
C3A CLA UO . 72.20 -0.32 -24.37
C4A CLA UO . 71.27 0.84 -24.70
CMA CLA UO . 73.64 0.00 -24.72
CAA CLA UO . 71.14 -1.69 -22.64
CBA CLA UO . 71.58 -2.60 -21.52
CGA CLA UO . 70.37 -3.07 -20.77
O1A CLA UO . 69.44 -3.77 -21.17
O2A CLA UO . 70.35 -2.64 -19.46
NB CLA UO . 69.95 3.34 -25.65
C1B CLA UO . 70.21 2.24 -26.42
C2B CLA UO . 69.56 2.36 -27.75
C3B CLA UO . 68.91 3.57 -27.77
C4B CLA UO . 69.19 4.23 -26.46
CMB CLA UO . 69.67 1.33 -28.79
CAB CLA UO . 68.18 4.22 -28.82
CBB CLA UO . 66.88 4.06 -29.04
NC CLA UO . 69.03 5.23 -23.61
C1C CLA UO . 68.70 5.95 -24.73
C2C CLA UO . 68.24 7.28 -24.36
C3C CLA UO . 68.29 7.34 -22.96
C4C CLA UO . 68.77 6.04 -22.51
CMC CLA UO . 67.83 8.33 -25.31
CAC CLA UO . 67.91 8.48 -22.11
CBC CLA UO . 66.49 8.36 -21.60
ND CLA UO . 69.90 3.46 -21.65
C1D CLA UO . 69.46 4.46 -20.74
C2D CLA UO . 69.67 3.98 -19.35
C3D CLA UO . 70.24 2.73 -19.45
C4D CLA UO . 70.38 2.46 -20.90
CMD CLA UO . 69.30 4.74 -18.15
CAD CLA UO . 70.75 1.57 -18.74
OBD CLA UO . 70.79 1.35 -17.54
CBD CLA UO . 71.32 0.59 -19.82
CGD CLA UO . 72.80 0.38 -19.65
O1D CLA UO . 73.40 -0.66 -19.40
O2D CLA UO . 73.54 1.52 -19.80
CED CLA UO . 74.55 1.49 -20.81
C1 CLA UO . 70.77 -3.59 -18.46
C2 CLA UO . 71.84 -2.93 -17.67
C03 II0 VO . 85.90 9.34 -26.70
C04 II0 VO . 80.20 31.78 -34.20
C05 II0 VO . 85.88 8.42 -25.48
C06 II0 VO . 80.39 32.82 -35.30
C07 II0 VO . 84.60 8.54 -24.65
C08 II0 VO . 79.37 32.70 -36.35
C09 II0 VO . 84.48 9.62 -27.19
C10 II0 VO . 79.30 30.59 -34.56
C11 II0 VO . 83.43 8.23 -25.54
C12 II0 VO . 78.13 31.86 -36.25
C13 II0 VO . 83.59 8.78 -26.96
C14 II0 VO . 78.20 30.74 -35.28
C15 II0 VO . 86.55 10.66 -26.33
C16 II0 VO . 86.68 8.64 -27.81
C17 II0 VO . 79.85 32.69 -33.03
C18 II0 VO . 81.60 31.20 -34.07
C19 II0 VO . 82.42 8.66 -27.91
C20 II0 VO . 77.32 29.63 -35.47
C21 II0 VO . 84.27 10.63 -28.30
C22 II0 VO . 79.58 29.31 -33.86
C23 II0 VO . 84.11 11.44 -29.19
C24 II0 VO . 79.81 28.24 -33.30
C25 II0 VO . 83.90 12.42 -30.21
C26 II0 VO . 80.12 26.91 -32.66
C27 II0 VO . 83.95 12.02 -31.69
C28 II0 VO . 79.62 27.05 -31.27
C29 II0 VO . 83.67 13.68 -29.86
C30 II0 VO . 80.76 25.77 -33.19
C31 II0 VO . 83.45 14.72 -30.82
C32 II0 VO . 80.93 24.62 -32.34
C33 II0 VO . 82.28 15.33 -30.85
C34 II0 VO . 81.13 23.46 -32.94
C35 II0 VO . 82.06 16.40 -31.83
C36 II0 VO . 81.33 22.22 -32.17
C37 II0 VO . 81.99 16.08 -33.32
C38 II0 VO . 81.36 22.27 -30.69
C39 II0 VO . 81.94 17.64 -31.37
C40 II0 VO . 81.48 21.10 -32.83
C41 II0 VO . 81.73 18.68 -32.45
C42 II0 VO . 81.67 19.89 -31.93
O01 II0 VO . 84.65 7.57 -23.59
O02 II0 VO . 79.24 33.92 -37.09
C03 II0 WO . 74.05 16.53 -18.97
C04 II0 WO . 67.68 4.83 -39.59
C05 II0 WO . 74.96 16.72 -17.77
C06 II0 WO . 66.62 4.61 -40.67
C07 II0 WO . 76.41 16.53 -18.12
C08 II0 WO . 66.44 5.80 -41.51
C09 II0 WO . 74.73 16.95 -20.28
C10 II0 WO . 68.47 6.15 -39.61
C11 II0 WO . 76.77 17.58 -19.15
C12 II0 WO . 67.45 6.88 -41.71
C13 II0 WO . 75.71 17.72 -20.24
C14 II0 WO . 68.50 6.96 -40.66
C15 II0 WO . 73.68 15.05 -19.09
C16 II0 WO . 72.80 17.37 -18.77
C17 II0 WO . 68.43 3.51 -39.71
C18 II0 WO . 66.84 4.88 -38.33
C19 II0 WO . 76.15 18.37 -21.53
C20 II0 WO . 69.28 8.17 -40.59
C21 II0 WO . 73.89 16.90 -21.54
C22 II0 WO . 69.08 6.58 -38.32
C23 II0 WO . 73.18 16.83 -22.54
C24 II0 WO . 69.57 6.94 -37.26
C25 II0 WO . 72.36 16.75 -23.69
C26 II0 WO . 70.12 7.43 -35.94
C27 II0 WO . 71.25 17.78 -23.91
C28 II0 WO . 71.35 6.63 -35.76
C29 II0 WO . 72.56 15.76 -24.54
C30 II0 WO . 69.65 8.41 -35.05
C31 II0 WO . 71.78 15.58 -25.73
C32 II0 WO . 70.38 8.69 -33.84
C33 II0 WO . 72.18 14.64 -26.58
C34 II0 WO . 70.16 9.87 -33.29
C35 II0 WO . 71.45 14.37 -27.82
C36 II0 WO . 70.82 10.32 -32.06
C37 II0 WO . 70.33 15.31 -28.29
C38 II0 WO . 71.88 9.50 -31.43
C39 II0 WO . 71.77 13.30 -28.51
C40 II0 WO . 70.44 11.47 -31.55
C41 II0 WO . 70.96 13.09 -29.78
C42 II0 WO . 71.17 11.87 -30.27
O01 II0 WO . 77.22 16.75 -16.95
O02 II0 WO . 65.61 5.50 -42.64
C03 II0 XO . 75.38 -4.05 -21.84
C04 II0 XO . 79.52 10.61 -40.75
C05 II0 XO . 75.14 -4.66 -20.46
C06 II0 XO . 78.89 11.75 -41.56
C07 II0 XO . 73.71 -5.13 -20.23
C08 II0 XO . 77.82 11.27 -42.44
C09 II0 XO . 74.41 -4.64 -22.86
C10 II0 XO . 78.67 9.34 -40.54
C11 II0 XO . 73.34 -6.13 -21.32
C12 II0 XO . 77.10 9.98 -42.31
C13 II0 XO . 73.97 -5.78 -22.65
C14 II0 XO . 77.66 9.02 -41.32
C15 II0 XO . 75.19 -2.54 -21.78
C16 II0 XO . 76.82 -4.37 -22.26
C17 II0 XO . 80.00 11.41 -39.55
C18 II0 XO . 80.68 10.17 -41.63
C19 II0 XO . 73.81 -6.75 -23.81
C20 II0 XO . 77.12 7.69 -41.29
C21 II0 XO . 74.30 -4.04 -24.25
C22 II0 XO . 79.03 8.48 -39.38
C23 II0 XO . 74.21 -3.54 -25.37
C24 II0 XO . 79.27 7.73 -38.43
C25 II0 XO . 74.12 -2.94 -26.66
C26 II0 XO . 79.50 6.83 -37.23
C27 II0 XO . 72.90 -3.21 -27.53
C28 II0 XO . 80.13 7.73 -36.25
C29 II0 XO . 75.10 -2.16 -27.09
C30 II0 XO . 79.19 5.47 -37.03
C31 II0 XO . 75.04 -1.53 -28.38
C32 II0 XO . 79.51 4.89 -35.76
C33 II0 XO . 76.08 -0.83 -28.82
C34 II0 XO . 78.54 4.15 -35.24
C35 II0 XO . 76.01 -0.17 -30.12
C36 II0 XO . 78.62 3.45 -33.94
C37 II0 XO . 74.79 -0.38 -31.01
C38 II0 XO . 79.90 3.36 -33.21
C39 II0 XO . 77.02 0.61 -30.50
C40 II0 XO . 77.51 2.91 -33.49
C41 II0 XO . 76.79 1.23 -31.88
C42 II0 XO . 77.65 2.19 -32.14
O01 II0 XO . 73.63 -5.78 -18.96
O02 II0 XO . 77.06 12.37 -42.94
C03 II0 YO . 78.94 32.82 -8.13
C04 II0 YO . 70.55 25.25 -29.84
C05 II0 YO . 79.29 32.57 -6.67
C06 II0 YO . 69.84 25.04 -31.18
C07 II0 YO . 78.08 32.57 -5.74
C08 II0 YO . 68.40 25.14 -30.99
C09 II0 YO . 77.65 32.12 -8.52
C10 II0 YO . 69.88 24.56 -28.65
C11 II0 YO . 77.02 31.60 -6.28
C12 II0 YO . 67.69 24.85 -29.71
C13 II0 YO . 77.20 31.27 -7.76
C14 II0 YO . 68.57 24.46 -28.56
C15 II0 YO . 78.79 34.31 -8.39
C16 II0 YO . 80.07 32.24 -8.97
C17 II0 YO . 70.74 26.76 -29.88
C18 II0 YO . 71.86 24.51 -30.05
C19 II0 YO . 76.38 30.13 -8.33
C20 II0 YO . 68.00 23.63 -27.55
C21 II0 YO . 77.22 32.07 -9.99
C22 II0 YO . 70.70 24.62 -27.40
C23 II0 YO . 76.88 32.03 -11.16
C24 II0 YO . 71.37 24.71 -26.38
C25 II0 YO . 76.47 32.00 -12.52
C26 II0 YO . 72.21 24.88 -25.13
C27 II0 YO . 75.48 33.05 -13.01
C28 II0 YO . 71.89 23.67 -24.34
C29 II0 YO . 76.94 31.08 -13.34
C30 II0 YO . 73.09 25.92 -24.73
C31 II0 YO . 76.51 31.05 -14.71
C32 II0 YO . 73.72 25.80 -23.44
C33 II0 YO . 76.98 30.15 -15.56
C34 II0 YO . 74.09 26.92 -22.86
C35 II0 YO . 76.50 30.16 -16.94
C36 II0 YO . 74.71 26.96 -21.52
C37 II0 YO . 75.97 31.47 -17.53
C38 II0 YO . 74.97 25.72 -20.77
C39 II0 YO . 76.49 29.04 -17.65
C40 II0 YO . 75.02 28.14 -21.03
C41 II0 YO . 75.92 29.25 -19.05
C42 II0 YO . 75.64 28.10 -19.64
O01 II0 YO . 78.49 32.18 -4.42
O02 II0 YO . 67.85 26.19 -31.79
C02 IHT ZO . 75.96 3.09 -39.14
C03 IHT ZO . 69.70 9.85 -17.17
C04 IHT ZO . 75.87 2.13 -40.33
C05 IHT ZO . 68.97 9.77 -15.84
C06 IHT ZO . 74.50 1.94 -40.94
C07 IHT ZO . 74.58 3.44 -38.55
C08 IHT ZO . 69.54 10.88 -14.92
C09 IHT ZO . 73.27 2.23 -40.11
C10 IHT ZO . 73.50 3.52 -39.34
C11 IHT ZO . 70.15 11.15 -17.80
C12 IHT ZO . 69.51 12.20 -15.66
C13 IHT ZO . 76.66 4.37 -39.57
C14 IHT ZO . 76.80 2.41 -38.07
C15 IHT ZO . 69.82 12.28 -17.14
C16 IHT ZO . 68.59 9.45 -18.14
C17 IHT ZO . 70.92 8.95 -17.39
C18 IHT ZO . 74.43 3.68 -37.09
C19 IHT ZO . 72.21 4.25 -38.96
C20 IHT ZO . 70.41 13.62 -17.56
C21 IHT ZO . 70.55 11.25 -19.27
C22 IHT ZO . 73.81 2.74 -36.26
C23 IHT ZO . 73.64 2.97 -34.78
C24 IHT ZO . 70.84 11.24 -20.48
C25 IHT ZO . 73.02 1.93 -33.86
C26 IHT ZO . 71.19 11.23 -21.96
C27 IHT ZO . 74.05 4.11 -34.16
C28 IHT ZO . 71.86 12.43 -22.67
C29 IHT ZO . 70.93 10.18 -22.78
C30 IHT ZO . 73.86 4.30 -32.70
C31 IHT ZO . 71.25 10.17 -24.19
C32 IHT ZO . 72.87 5.10 -32.24
C33 IHT ZO . 72.65 5.29 -30.75
C34 IHT ZO . 71.40 8.96 -24.82
C35 IHT ZO . 71.71 8.86 -26.30
C36 IHT ZO . 71.71 4.31 -29.99
C37 IHT ZO . 73.24 6.28 -30.12
C38 IHT ZO . 71.72 7.53 -26.87
C39 IHT ZO . 72.00 10.06 -27.12
C40 IHT ZO . 73.02 6.48 -28.67
C41 IHT ZO . 72.00 7.31 -28.28
O01 IHT ZO . 68.72 10.95 -13.74
#